data_8Z5X
#
_entry.id   8Z5X
#
_cell.length_a   1.00
_cell.length_b   1.00
_cell.length_c   1.00
_cell.angle_alpha   90.00
_cell.angle_beta   90.00
_cell.angle_gamma   90.00
#
_symmetry.space_group_name_H-M   'P 1'
#
loop_
_entity.id
_entity.type
_entity.pdbx_description
1 polymer 'Flagellar biosynthetic protein FliP'
2 polymer 'Flagellar M-ring protein'
3 polymer 'Flagellar biosynthetic protein FliQ'
4 polymer 'Flagellar biosynthetic protein FliR'
5 polymer 'Flagellar basal body rod protein FlgB'
6 polymer 'Flagellar basal-body rod protein FlgC'
7 polymer 'Flagellar hook-basal body complex protein FliE'
8 polymer 'Flagellar biosynthetic protein FlhB'
9 polymer 'Alanine-modelled FlgB-Dc loop'
10 polymer 'FliE-helix 1'
#
loop_
_entity_poly.entity_id
_entity_poly.type
_entity_poly.pdbx_seq_one_letter_code
_entity_poly.pdbx_strand_id
1 'polypeptide(L)'
;MTKGNPIRLLLSTLLLFVGVLFSSFSFAEAEESALPDNLADGSSVTVQAMQSDTGASRAMSVSSGGGIPAFTMTTNPDGS
EDYSVTLQILALMTMLGFLPAMVILMTSFTRIVVVMSILRQAMGLQQTPSNQVIIGIALFLTFFVMSPVLNEINDKAVQP
YLNEQVTAREAFDAAQAPMKAFMLKQTRIKDLETFVTMSGEQVDNPEDVSMAVLIPAFITSELKTAFQIGFMLFLPFLII
DLVVASVLMAMGMMMLSPMIVSLPFKLMLFVLVDGWNLILSTLAGSFAL
;
0,9,AP,Ak,Al
2 'polypeptide(L)'
;MADKSTDLTVTEGGSDGALVASSDVDVESQNPDLEERSASKFDMAVGDLDLLRQVVLVLSISICVALIVMLFFWVKEPEM
RPLGAYETEELIPVLDYLDQQKINYKLDGNTISVESSEYNSIKLGMVRSGVNQATEAGDDILLQDMGFGVSQRLEQERLK
LSRERQLAQAIEEMKQVRKARVLLALPKHSVFVRHNQEASASVFLTLSTGTNLKQQEVDSIVDMVASAVPGMKTSRITVT
DQHGRLLSSGSQDPASAARRKEQELERSQEQALREKIDSVLLPILGYGNYTAQVDIQMDFSAVEQTRKRFDPNTPATRSE
YALEDYNNGNMVAGIPGALSNQPPADASIPQDVAQMKDGSVMGQGSVRKESTRNFELDTTISHERKQTGTVARQTVSVAI
KDRRQVNPDTGEVTYTPMSESEINAIRQVLIGTVGFDQGRGDLLNVLSVKFAEPEAEQLEEPPIWEHPNFSDWVRWFASA
LVIIVVVLVLVRPAMKKLLNPTSDDEDEMYGPDGLPIGADGETSLIGSDIESSELFEFGSSIDLPNLHKDEDVLKAVRAL
VANEPELAAQVVKNWMNDNG
;
1,2,3,4,5,A,AA,AB,AC,AD,AE,AF,AG,AH,AI,AJ,AK,AL,AM,AN,AO,B,C,D,E,F,G,H,I,J,K,L,M,N,O,P,Q,R,S,T,U,V,W,X,Y,Z,a,b,c,d,e,f,g,h,i,j,k,l,m,n,o,p,q,r,s,t,u,v,w,x,y,z
3 'polypeptide(L)'
;MTPEMFVELFREALWMVLIMVCAIIIPSLLIGLIVAIFQAATSINEQTLSFLPRLIVTLLALMLFGHWMTQMLMEYFYGL
IERLPQVLY
;
6,7,AQ,AR
4 'polypeptide(L)'
;MEYPTSVVLDWIANYFWPYVRISSMLMVMTVTGARFVSPRIRLYLGLAITFAVMPAIPAVPQDIELLSFRGFMTIAEQMI
IGIAMGMVTQFMIQTFVLLGQILGMQSSLGFASMVDPANGQNTPLLGQLFMFLTTMFFLATDGHLKMLQLVVFSFKTLPI
GSGSLNAVDFREMAGWLGIMFQTALSMSLSGIIALLTINLSFGVMTRAAPQLNIFSLGFAFALMVGLLLCWYILAGLYSH
YEMFWTVGEAQICRLIRLEC
;
8
5 'polypeptide(L)'
;MAISFDNALGIHQHTVGVRERNAEVISTNIAQANTPGYKARGLDFAKELQAATSGASIGLSRTDGRHIPATTTLVGDKLY
RLPTQPDTGDGNTVDLDLERNLFMQNQIRHQASLDFLGSKFKNLTKAIKGE
;
AS,AT,AU,AV,AW
6 'polypeptide(L)'
;MSLFNVFNVTGSAMSAESVRLNTTSSNLANADSVSSSAKDTYKARHAVFGAELSNAMRGGDTVPVKVMGIVESDKPLSAE
YNPDHPLANEEGYIYKPNVNVMEEMANMISASRAYQTNVQVADSSKQMLLRTLQMGQ
;
AX,AY,AZ,Aa,Ab,Ac
7 'polypeptide(L)'
;MKVDGIQAEMRAMMVEATNTAPTASGAKVGADFNDLLTKAINNVNTLQKASGDLQTRFDRGDADVSLSDVMIARNKSSVA
FDATVQIRNKLVEAYKDLMNMPV
;
Ad,Ae,Af,Ag,Ah,Ai
8 'polypeptide(L)'
;MAESDGQERTEEATPRRLQQAREKGQVARSKELASASVLIVGAISLMWFGEALARSLFSIMSRLFDLQREEIFDTAKLFD
IALGAMTDLLFPLFLVLATLFTAAMIGAAGVGGISFSAQAAMPKLSKMNPLSGLKRMVGMQSWVELIKSILKVVLVTGVA
IYLIQASQADLIQLSMDVYPQNIFHALDILLNFILLISCSLLIVVAIDIPFQIWQHADQLKMTKQEVKDEYKETEGKPEV
KGRIRMLQREAAQRRMMADVPQADVIVTNPEHFSVALRYKQKTDRAPVVIAKGTDHMAMKIREVAREHDITIVPAPPLAR
ALYHTTELEQEIPDGLFTAVAQVLAFVFQLKQYRKRGGQRPKIQDYDLPIPPEHRH
;
Aj
9 'polypeptide(L)' IGLSRTDGRHIPA Am,An,Ao,Ap,Aq
10 'polypeptide(L)' VDGIQAEMRAMMVEATN Ar,As,At,Au,Av,Aw
#
# COMPACT_ATOMS: atom_id res chain seq x y z
N GLU A 81 19.65 20.35 -34.73
CA GLU A 81 18.47 21.11 -34.32
C GLU A 81 18.12 20.83 -32.87
N ASP A 82 18.38 21.79 -32.00
CA ASP A 82 18.11 21.63 -30.58
C ASP A 82 16.62 21.49 -30.33
N TYR A 83 16.26 20.68 -29.34
CA TYR A 83 14.86 20.48 -29.00
C TYR A 83 14.27 21.74 -28.38
N SER A 84 12.95 21.86 -28.46
CA SER A 84 12.26 22.98 -27.84
C SER A 84 12.37 22.89 -26.32
N VAL A 85 12.15 24.02 -25.67
CA VAL A 85 12.26 24.09 -24.21
C VAL A 85 11.26 23.16 -23.55
N THR A 86 10.05 23.06 -24.11
CA THR A 86 9.03 22.20 -23.53
C THR A 86 9.45 20.74 -23.57
N LEU A 87 10.02 20.29 -24.69
CA LEU A 87 10.48 18.91 -24.78
C LEU A 87 11.65 18.65 -23.84
N GLN A 88 12.58 19.60 -23.73
CA GLN A 88 13.72 19.42 -22.84
C GLN A 88 13.30 19.29 -21.38
N ILE A 89 12.32 20.10 -20.96
CA ILE A 89 11.76 19.96 -19.63
C ILE A 89 11.12 18.58 -19.47
N LEU A 90 10.36 18.16 -20.47
CA LEU A 90 9.70 16.86 -20.41
C LEU A 90 10.73 15.73 -20.46
N ALA A 91 11.87 15.96 -21.09
CA ALA A 91 12.88 14.90 -21.22
C ALA A 91 13.58 14.65 -19.90
N LEU A 92 13.99 15.71 -19.19
CA LEU A 92 14.72 15.52 -17.94
C LEU A 92 13.80 15.33 -16.74
N MET A 93 12.50 15.61 -16.88
CA MET A 93 11.56 15.21 -15.84
C MET A 93 11.32 13.71 -15.88
N THR A 94 11.54 13.09 -17.04
CA THR A 94 11.45 11.63 -17.14
C THR A 94 12.64 10.96 -16.49
N MET A 95 13.80 11.62 -16.47
CA MET A 95 14.97 11.05 -15.82
C MET A 95 14.73 10.87 -14.32
N LEU A 96 14.01 11.80 -13.70
CA LEU A 96 13.65 11.64 -12.29
C LEU A 96 12.80 10.40 -12.07
N GLY A 97 11.93 10.07 -13.02
CA GLY A 97 11.14 8.85 -12.90
C GLY A 97 11.98 7.60 -12.90
N PHE A 98 13.02 7.56 -13.73
CA PHE A 98 13.92 6.42 -13.82
C PHE A 98 15.09 6.51 -12.86
N LEU A 99 15.11 7.52 -11.99
CA LEU A 99 16.20 7.67 -11.02
C LEU A 99 16.39 6.45 -10.11
N PRO A 100 15.35 5.85 -9.53
CA PRO A 100 15.60 4.64 -8.73
C PRO A 100 16.22 3.51 -9.53
N ALA A 101 15.85 3.36 -10.80
CA ALA A 101 16.45 2.32 -11.63
C ALA A 101 17.93 2.53 -11.82
N MET A 102 18.35 3.78 -12.02
CA MET A 102 19.77 4.07 -12.21
C MET A 102 20.59 3.69 -10.98
N VAL A 103 20.05 3.98 -9.78
CA VAL A 103 20.78 3.68 -8.56
C VAL A 103 20.98 2.19 -8.39
N ILE A 104 19.93 1.40 -8.65
CA ILE A 104 20.00 -0.03 -8.36
C ILE A 104 20.74 -0.79 -9.47
N LEU A 105 20.90 -0.19 -10.65
CA LEU A 105 21.52 -0.87 -11.79
C LEU A 105 22.86 -0.27 -12.20
N MET A 106 22.92 1.03 -12.43
CA MET A 106 24.11 1.65 -13.02
C MET A 106 25.10 2.18 -12.00
N THR A 107 24.82 2.05 -10.70
CA THR A 107 25.65 2.61 -9.66
C THR A 107 26.27 1.51 -8.80
N SER A 108 26.92 1.93 -7.72
CA SER A 108 27.56 1.03 -6.76
C SER A 108 26.61 0.59 -5.66
N PHE A 109 25.34 1.00 -5.69
CA PHE A 109 24.41 0.68 -4.62
C PHE A 109 24.16 -0.82 -4.54
N THR A 110 24.25 -1.53 -5.66
CA THR A 110 23.94 -2.94 -5.69
C THR A 110 24.96 -3.76 -4.87
N ARG A 111 26.25 -3.54 -5.13
CA ARG A 111 27.27 -4.34 -4.46
C ARG A 111 27.31 -4.07 -2.96
N ILE A 112 27.20 -2.81 -2.57
CA ILE A 112 27.33 -2.45 -1.15
C ILE A 112 26.21 -3.07 -0.34
N VAL A 113 24.99 -3.06 -0.86
CA VAL A 113 23.86 -3.66 -0.15
C VAL A 113 24.06 -5.17 0.00
N VAL A 114 24.50 -5.82 -1.08
CA VAL A 114 24.67 -7.27 -1.06
C VAL A 114 25.73 -7.68 -0.04
N VAL A 115 26.87 -6.98 -0.04
CA VAL A 115 27.95 -7.36 0.87
C VAL A 115 27.53 -7.20 2.32
N MET A 116 26.85 -6.09 2.64
CA MET A 116 26.37 -5.90 4.01
C MET A 116 25.22 -6.85 4.34
N SER A 117 24.44 -7.27 3.33
CA SER A 117 23.40 -8.26 3.57
C SER A 117 24.00 -9.62 3.93
N ILE A 118 25.04 -10.04 3.20
CA ILE A 118 25.72 -11.30 3.52
C ILE A 118 26.46 -11.16 4.84
N LEU A 119 27.05 -9.99 5.11
CA LEU A 119 27.74 -9.77 6.37
C LEU A 119 26.79 -9.91 7.55
N ARG A 120 25.57 -9.38 7.41
CA ARG A 120 24.58 -9.51 8.48
C ARG A 120 24.22 -10.97 8.72
N GLN A 121 24.06 -11.75 7.65
CA GLN A 121 23.76 -13.17 7.79
C GLN A 121 24.93 -13.95 8.37
N ALA A 122 26.16 -13.47 8.18
CA ALA A 122 27.31 -14.16 8.74
C ALA A 122 27.29 -14.15 10.25
N MET A 123 26.91 -13.02 10.85
CA MET A 123 26.77 -12.94 12.30
C MET A 123 25.43 -13.52 12.73
N GLY A 124 25.34 -13.84 14.02
CA GLY A 124 24.15 -14.50 14.52
C GLY A 124 22.89 -13.66 14.44
N LEU A 125 23.02 -12.34 14.58
CA LEU A 125 21.87 -11.45 14.55
C LEU A 125 21.17 -11.55 13.20
N GLN A 126 19.83 -11.71 13.24
CA GLN A 126 19.07 -11.92 12.02
C GLN A 126 18.81 -10.60 11.29
N GLN A 127 18.23 -9.63 11.98
CA GLN A 127 17.85 -8.36 11.37
C GLN A 127 18.18 -7.18 12.29
N THR A 128 19.21 -7.33 13.11
CA THR A 128 19.59 -6.23 14.01
C THR A 128 20.05 -4.98 13.27
N PRO A 129 20.95 -5.06 12.27
CA PRO A 129 21.33 -3.82 11.57
C PRO A 129 20.18 -3.14 10.84
N SER A 130 19.09 -3.87 10.56
CA SER A 130 17.88 -3.34 9.94
C SER A 130 18.11 -2.95 8.48
N ASN A 131 17.05 -3.07 7.67
CA ASN A 131 17.18 -2.77 6.24
C ASN A 131 17.40 -1.29 5.98
N GLN A 132 16.68 -0.43 6.72
CA GLN A 132 16.77 1.00 6.47
C GLN A 132 18.15 1.55 6.79
N VAL A 133 18.76 1.08 7.89
CA VAL A 133 20.10 1.52 8.24
C VAL A 133 21.12 1.01 7.22
N ILE A 134 20.92 -0.22 6.73
CA ILE A 134 21.80 -0.77 5.70
C ILE A 134 21.72 0.07 4.43
N ILE A 135 20.50 0.44 4.03
CA ILE A 135 20.34 1.27 2.85
C ILE A 135 20.90 2.67 3.08
N GLY A 136 20.73 3.19 4.30
CA GLY A 136 21.23 4.53 4.59
C GLY A 136 22.73 4.63 4.45
N ILE A 137 23.46 3.66 5.02
CA ILE A 137 24.91 3.66 4.90
C ILE A 137 25.32 3.41 3.44
N ALA A 138 24.56 2.57 2.74
CA ALA A 138 24.87 2.31 1.33
C ALA A 138 24.69 3.56 0.49
N LEU A 139 23.64 4.35 0.77
CA LEU A 139 23.42 5.58 0.01
C LEU A 139 24.56 6.58 0.21
N PHE A 140 25.03 6.71 1.46
CA PHE A 140 26.19 7.57 1.71
C PHE A 140 27.44 7.03 1.03
N LEU A 141 27.62 5.71 1.05
CA LEU A 141 28.79 5.12 0.41
C LEU A 141 28.76 5.28 -1.11
N THR A 142 27.61 5.05 -1.72
CA THR A 142 27.51 5.18 -3.18
C THR A 142 27.60 6.62 -3.62
N PHE A 143 27.27 7.57 -2.74
CA PHE A 143 27.42 8.98 -3.07
C PHE A 143 28.89 9.39 -3.04
N PHE A 144 29.67 8.84 -2.11
CA PHE A 144 31.07 9.22 -1.99
C PHE A 144 31.94 8.60 -3.07
N VAL A 145 31.61 7.39 -3.52
CA VAL A 145 32.41 6.75 -4.55
C VAL A 145 32.03 7.19 -5.95
N MET A 146 30.82 7.72 -6.15
CA MET A 146 30.40 8.22 -7.44
C MET A 146 30.58 9.72 -7.59
N SER A 147 31.17 10.38 -6.60
CA SER A 147 31.45 11.81 -6.72
C SER A 147 32.34 12.16 -7.90
N PRO A 148 33.44 11.45 -8.19
CA PRO A 148 34.22 11.80 -9.39
C PRO A 148 33.43 11.73 -10.68
N VAL A 149 32.55 10.72 -10.83
CA VAL A 149 31.74 10.63 -12.04
C VAL A 149 30.68 11.73 -12.04
N LEU A 150 30.09 12.01 -10.88
CA LEU A 150 29.12 13.11 -10.81
C LEU A 150 29.79 14.45 -11.08
N ASN A 151 30.98 14.66 -10.54
CA ASN A 151 31.72 15.89 -10.81
C ASN A 151 32.08 15.99 -12.30
N GLU A 152 32.47 14.88 -12.91
CA GLU A 152 32.79 14.90 -14.33
C GLU A 152 31.56 15.21 -15.17
N ILE A 153 30.40 14.69 -14.79
CA ILE A 153 29.16 15.00 -15.50
C ILE A 153 28.88 16.50 -15.44
N ASN A 154 29.00 17.09 -14.24
CA ASN A 154 28.74 18.51 -14.09
C ASN A 154 29.74 19.35 -14.88
N ASP A 155 31.02 18.99 -14.81
CA ASP A 155 32.07 19.78 -15.42
C ASP A 155 32.24 19.51 -16.91
N LYS A 156 31.54 18.52 -17.47
CA LYS A 156 31.58 18.25 -18.90
C LYS A 156 30.25 18.46 -19.60
N ALA A 157 29.14 18.24 -18.91
CA ALA A 157 27.82 18.31 -19.54
C ALA A 157 26.92 19.37 -18.93
N VAL A 158 26.80 19.41 -17.59
CA VAL A 158 25.85 20.32 -16.97
C VAL A 158 26.27 21.78 -17.17
N GLN A 159 27.53 22.08 -16.89
CA GLN A 159 28.00 23.47 -17.01
C GLN A 159 27.95 23.97 -18.44
N PRO A 160 28.43 23.25 -19.47
CA PRO A 160 28.24 23.75 -20.84
C PRO A 160 26.78 23.89 -21.23
N TYR A 161 25.91 23.01 -20.73
CA TYR A 161 24.49 23.11 -21.06
C TYR A 161 23.86 24.34 -20.41
N LEU A 162 24.22 24.63 -19.16
CA LEU A 162 23.70 25.82 -18.50
C LEU A 162 24.27 27.10 -19.10
N ASN A 163 25.48 27.04 -19.66
CA ASN A 163 26.14 28.20 -20.21
C ASN A 163 25.98 28.30 -21.73
N GLU A 164 25.09 27.50 -22.32
CA GLU A 164 24.79 27.53 -23.74
C GLU A 164 26.03 27.31 -24.60
N GLN A 165 26.89 26.38 -24.17
CA GLN A 165 28.05 26.01 -24.96
C GLN A 165 27.77 24.83 -25.89
N VAL A 166 26.92 23.91 -25.46
CA VAL A 166 26.54 22.75 -26.25
C VAL A 166 25.02 22.64 -26.25
N THR A 167 24.50 21.82 -27.16
CA THR A 167 23.06 21.64 -27.30
C THR A 167 22.58 20.55 -26.33
N ALA A 168 21.31 20.16 -26.46
CA ALA A 168 20.75 19.18 -25.54
C ALA A 168 21.34 17.79 -25.79
N ARG A 169 21.42 17.37 -27.05
CA ARG A 169 21.95 16.04 -27.36
C ARG A 169 23.41 15.93 -26.99
N GLU A 170 24.21 16.97 -27.27
CA GLU A 170 25.62 16.94 -26.89
C GLU A 170 25.79 16.91 -25.38
N ALA A 171 24.94 17.66 -24.66
CA ALA A 171 24.98 17.59 -23.20
C ALA A 171 24.59 16.21 -22.70
N PHE A 172 23.59 15.59 -23.35
CA PHE A 172 23.19 14.24 -22.95
C PHE A 172 24.32 13.24 -23.19
N ASP A 173 25.00 13.33 -24.34
CA ASP A 173 26.11 12.45 -24.62
C ASP A 173 27.29 12.72 -23.68
N ALA A 174 27.56 14.00 -23.40
CA ALA A 174 28.67 14.33 -22.51
C ALA A 174 28.41 13.85 -21.09
N ALA A 175 27.15 13.75 -20.68
CA ALA A 175 26.84 13.22 -19.36
C ALA A 175 26.95 11.70 -19.30
N GLN A 176 26.67 11.02 -20.42
CA GLN A 176 26.66 9.57 -20.43
C GLN A 176 28.07 8.99 -20.46
N ALA A 177 29.02 9.69 -21.08
CA ALA A 177 30.36 9.14 -21.25
C ALA A 177 31.07 8.81 -19.93
N PRO A 178 31.12 9.71 -18.94
CA PRO A 178 31.71 9.31 -17.65
C PRO A 178 30.97 8.17 -16.98
N MET A 179 29.65 8.09 -17.13
CA MET A 179 28.90 6.99 -16.56
C MET A 179 29.31 5.66 -17.19
N LYS A 180 29.47 5.64 -18.52
CA LYS A 180 29.87 4.42 -19.20
C LYS A 180 31.28 3.99 -18.82
N ALA A 181 32.17 4.98 -18.59
CA ALA A 181 33.53 4.65 -18.19
C ALA A 181 33.56 3.97 -16.82
N PHE A 182 32.65 4.37 -15.93
CA PHE A 182 32.61 3.77 -14.59
C PHE A 182 32.12 2.33 -14.64
N MET A 183 31.07 2.07 -15.42
CA MET A 183 30.55 0.70 -15.52
C MET A 183 31.55 -0.22 -16.21
N LEU A 184 32.22 0.27 -17.26
CA LEU A 184 33.19 -0.56 -17.97
C LEU A 184 34.43 -0.83 -17.12
N LYS A 185 34.77 0.09 -16.22
CA LYS A 185 35.95 -0.12 -15.38
C LYS A 185 35.73 -1.28 -14.41
N GLN A 186 34.53 -1.41 -13.86
CA GLN A 186 34.22 -2.40 -12.84
C GLN A 186 33.37 -3.55 -13.39
N THR A 187 33.61 -3.96 -14.63
CA THR A 187 32.89 -5.08 -15.24
C THR A 187 33.88 -6.20 -15.57
N ARG A 188 33.33 -7.31 -16.10
CA ARG A 188 34.17 -8.47 -16.48
C ARG A 188 34.13 -8.61 -18.00
N ILE A 189 35.22 -9.06 -18.60
CA ILE A 189 35.19 -9.32 -20.07
C ILE A 189 34.17 -10.40 -20.38
N LYS A 190 34.32 -11.58 -19.81
CA LYS A 190 33.39 -12.68 -20.19
C LYS A 190 31.94 -12.19 -20.12
N ASP A 191 31.59 -11.36 -19.14
CA ASP A 191 30.23 -10.84 -19.04
C ASP A 191 29.90 -9.96 -20.24
N LEU A 192 30.85 -9.11 -20.64
CA LEU A 192 30.67 -8.34 -21.87
C LEU A 192 30.61 -9.26 -23.08
N GLU A 193 31.43 -10.30 -23.11
CA GLU A 193 31.39 -11.15 -24.32
C GLU A 193 30.02 -11.83 -24.33
N THR A 194 29.56 -12.31 -23.18
CA THR A 194 28.28 -13.04 -23.17
C THR A 194 27.16 -12.21 -23.79
N PHE A 195 27.12 -10.92 -23.46
CA PHE A 195 25.97 -10.10 -23.86
C PHE A 195 26.10 -9.55 -25.28
N VAL A 196 27.34 -9.32 -25.74
CA VAL A 196 27.50 -8.82 -27.11
C VAL A 196 27.10 -9.88 -28.12
N THR A 197 27.39 -11.15 -27.84
CA THR A 197 27.03 -12.22 -28.75
C THR A 197 25.51 -12.41 -28.81
N MET A 198 24.85 -12.36 -27.65
CA MET A 198 23.39 -12.52 -27.63
C MET A 198 22.69 -11.38 -28.34
N SER A 199 23.15 -10.14 -28.12
CA SER A 199 22.57 -9.00 -28.81
C SER A 199 22.81 -9.09 -30.32
N GLY A 200 23.99 -9.51 -30.72
CA GLY A 200 24.31 -9.67 -32.13
C GLY A 200 24.81 -8.41 -32.79
N GLU A 201 25.89 -7.84 -32.25
CA GLU A 201 26.50 -6.65 -32.83
C GLU A 201 28.02 -6.85 -32.87
N GLN A 202 28.65 -6.19 -33.84
CA GLN A 202 30.10 -6.25 -33.98
C GLN A 202 30.78 -5.47 -32.87
N VAL A 203 31.80 -6.08 -32.26
CA VAL A 203 32.58 -5.45 -31.22
C VAL A 203 34.06 -5.77 -31.47
N ASP A 204 34.90 -4.73 -31.39
CA ASP A 204 36.34 -4.90 -31.59
C ASP A 204 37.09 -4.33 -30.40
N ASN A 205 36.49 -3.35 -29.72
CA ASN A 205 37.04 -2.75 -28.52
C ASN A 205 35.98 -2.67 -27.45
N PRO A 206 36.37 -2.69 -26.17
CA PRO A 206 35.36 -2.61 -25.10
C PRO A 206 34.53 -1.33 -25.13
N GLU A 207 35.11 -0.22 -25.59
CA GLU A 207 34.43 1.08 -25.53
C GLU A 207 33.66 1.37 -26.82
N ASP A 208 32.83 0.40 -27.23
CA ASP A 208 31.92 0.60 -28.33
C ASP A 208 30.52 0.05 -28.09
N VAL A 209 30.28 -0.59 -26.94
CA VAL A 209 28.99 -1.23 -26.70
C VAL A 209 27.95 -0.20 -26.27
N SER A 210 26.73 -0.40 -26.72
CA SER A 210 25.63 0.47 -26.34
C SER A 210 25.27 0.25 -24.87
N MET A 211 24.70 1.29 -24.26
CA MET A 211 24.33 1.20 -22.85
C MET A 211 23.28 0.11 -22.61
N ALA A 212 22.51 -0.23 -23.64
CA ALA A 212 21.50 -1.27 -23.49
C ALA A 212 22.13 -2.63 -23.22
N VAL A 213 23.35 -2.85 -23.72
CA VAL A 213 24.04 -4.12 -23.52
C VAL A 213 25.10 -4.05 -22.43
N LEU A 214 25.40 -2.86 -21.91
CA LEU A 214 26.36 -2.71 -20.83
C LEU A 214 25.70 -2.85 -19.46
N ILE A 215 24.46 -2.38 -19.33
CA ILE A 215 23.77 -2.46 -18.04
C ILE A 215 23.60 -3.88 -17.55
N PRO A 216 23.09 -4.83 -18.34
CA PRO A 216 22.95 -6.19 -17.79
C PRO A 216 24.27 -6.89 -17.56
N ALA A 217 25.32 -6.51 -18.31
CA ALA A 217 26.63 -7.10 -18.09
C ALA A 217 27.28 -6.54 -16.83
N PHE A 218 27.00 -5.28 -16.51
CA PHE A 218 27.61 -4.66 -15.33
C PHE A 218 27.05 -5.23 -14.04
N ILE A 219 25.72 -5.37 -13.97
CA ILE A 219 25.09 -5.85 -12.74
C ILE A 219 25.47 -7.31 -12.47
N THR A 220 25.61 -8.10 -13.53
CA THR A 220 26.07 -9.48 -13.38
C THR A 220 27.49 -9.52 -12.82
N SER A 221 28.36 -8.63 -13.31
CA SER A 221 29.71 -8.55 -12.78
C SER A 221 29.72 -8.13 -11.32
N GLU A 222 28.86 -7.17 -10.96
CA GLU A 222 28.81 -6.70 -9.58
C GLU A 222 28.33 -7.80 -8.63
N LEU A 223 27.34 -8.58 -9.05
CA LEU A 223 26.83 -9.65 -8.19
C LEU A 223 27.90 -10.70 -7.93
N LYS A 224 28.66 -11.08 -8.96
CA LYS A 224 29.75 -12.02 -8.74
C LYS A 224 30.80 -11.43 -7.82
N THR A 225 31.16 -10.16 -8.02
CA THR A 225 32.15 -9.52 -7.16
C THR A 225 31.64 -9.41 -5.74
N ALA A 226 30.35 -9.08 -5.57
CA ALA A 226 29.78 -8.97 -4.23
C ALA A 226 29.77 -10.33 -3.52
N PHE A 227 29.45 -11.39 -4.25
CA PHE A 227 29.45 -12.73 -3.64
C PHE A 227 30.85 -13.13 -3.19
N GLN A 228 31.87 -12.80 -3.99
CA GLN A 228 33.25 -13.14 -3.62
C GLN A 228 33.66 -12.41 -2.35
N ILE A 229 33.32 -11.13 -2.24
CA ILE A 229 33.64 -10.37 -1.04
C ILE A 229 32.88 -10.93 0.17
N GLY A 230 31.60 -11.25 -0.02
CA GLY A 230 30.83 -11.81 1.07
C GLY A 230 31.38 -13.13 1.57
N PHE A 231 31.90 -13.94 0.66
CA PHE A 231 32.49 -15.23 1.04
C PHE A 231 33.69 -15.02 1.95
N MET A 232 34.54 -14.06 1.61
CA MET A 232 35.74 -13.83 2.43
C MET A 232 35.29 -13.43 3.84
N LEU A 233 34.36 -12.48 3.95
CA LEU A 233 33.95 -11.98 5.26
C LEU A 233 33.24 -13.07 6.07
N PHE A 234 32.62 -14.04 5.39
CA PHE A 234 31.88 -15.09 6.09
C PHE A 234 32.81 -16.07 6.80
N LEU A 235 33.97 -16.35 6.19
CA LEU A 235 34.87 -17.39 6.69
C LEU A 235 35.29 -17.23 8.14
N PRO A 236 35.73 -16.06 8.62
CA PRO A 236 36.16 -15.97 10.02
C PRO A 236 35.04 -16.29 11.01
N PHE A 237 33.80 -15.94 10.69
CA PHE A 237 32.69 -16.27 11.58
C PHE A 237 32.37 -17.76 11.50
N LEU A 238 32.56 -18.38 10.34
CA LEU A 238 32.36 -19.82 10.23
C LEU A 238 33.38 -20.58 11.08
N ILE A 239 34.61 -20.09 11.15
CA ILE A 239 35.64 -20.73 11.97
C ILE A 239 35.24 -20.70 13.44
N ILE A 240 34.74 -19.55 13.90
CA ILE A 240 34.32 -19.44 15.31
C ILE A 240 33.18 -20.41 15.59
N ASP A 241 32.21 -20.51 14.67
CA ASP A 241 31.07 -21.38 14.88
C ASP A 241 31.50 -22.83 14.97
N LEU A 242 32.44 -23.25 14.12
CA LEU A 242 32.94 -24.63 14.18
C LEU A 242 33.71 -24.89 15.47
N VAL A 243 34.52 -23.92 15.91
CA VAL A 243 35.31 -24.12 17.13
C VAL A 243 34.39 -24.28 18.33
N VAL A 244 33.44 -23.37 18.49
CA VAL A 244 32.60 -23.37 19.68
C VAL A 244 31.68 -24.60 19.70
N ALA A 245 31.23 -25.03 18.51
CA ALA A 245 30.39 -26.23 18.45
C ALA A 245 31.20 -27.48 18.77
N SER A 246 32.45 -27.54 18.30
CA SER A 246 33.29 -28.70 18.56
C SER A 246 33.70 -28.78 20.03
N VAL A 247 33.96 -27.63 20.66
CA VAL A 247 34.36 -27.63 22.06
C VAL A 247 33.23 -28.15 22.95
N LEU A 248 32.00 -27.73 22.68
CA LEU A 248 30.86 -28.22 23.45
C LEU A 248 30.70 -29.74 23.29
N MET A 249 30.93 -30.24 22.08
CA MET A 249 30.88 -31.68 21.87
C MET A 249 32.04 -32.40 22.57
N ALA A 250 33.15 -31.69 22.80
CA ALA A 250 34.26 -32.30 23.53
C ALA A 250 33.88 -32.62 24.96
N MET A 251 33.15 -31.72 25.63
CA MET A 251 32.66 -32.01 26.97
C MET A 251 31.49 -32.98 26.95
N GLY A 252 30.80 -33.12 25.82
CA GLY A 252 29.71 -34.05 25.69
C GLY A 252 28.31 -33.46 25.79
N MET A 253 28.19 -32.14 25.90
CA MET A 253 26.89 -31.48 25.99
C MET A 253 26.42 -31.18 24.57
N MET A 254 25.76 -32.16 23.95
CA MET A 254 25.29 -32.00 22.58
C MET A 254 24.04 -31.14 22.48
N MET A 255 23.18 -31.18 23.49
CA MET A 255 21.91 -30.46 23.43
C MET A 255 22.08 -28.95 23.52
N LEU A 256 23.17 -28.47 24.11
CA LEU A 256 23.40 -27.03 24.21
C LEU A 256 23.60 -26.45 22.81
N SER A 257 22.87 -25.38 22.51
CA SER A 257 22.89 -24.81 21.18
C SER A 257 24.18 -24.03 20.95
N PRO A 258 24.98 -24.37 19.93
CA PRO A 258 26.17 -23.55 19.63
C PRO A 258 25.84 -22.13 19.25
N MET A 259 24.69 -21.89 18.61
CA MET A 259 24.38 -20.56 18.10
C MET A 259 24.26 -19.54 19.22
N ILE A 260 23.60 -19.91 20.31
CA ILE A 260 23.44 -18.98 21.43
C ILE A 260 24.80 -18.73 22.10
N VAL A 261 25.61 -19.78 22.25
CA VAL A 261 26.90 -19.66 22.93
C VAL A 261 27.97 -19.12 22.01
N SER A 262 27.65 -18.82 20.75
CA SER A 262 28.62 -18.26 19.81
C SER A 262 28.35 -16.81 19.44
N LEU A 263 27.12 -16.32 19.64
CA LEU A 263 26.80 -14.95 19.27
C LEU A 263 27.66 -13.92 19.99
N PRO A 264 27.89 -14.00 21.31
CA PRO A 264 28.76 -12.99 21.94
C PRO A 264 30.16 -12.94 21.35
N PHE A 265 30.70 -14.10 20.97
CA PHE A 265 32.05 -14.12 20.42
C PHE A 265 32.08 -13.62 18.99
N LYS A 266 31.03 -13.90 18.21
CA LYS A 266 30.93 -13.34 16.87
C LYS A 266 30.83 -11.82 16.91
N LEU A 267 30.02 -11.29 17.83
CA LEU A 267 29.90 -9.83 17.97
C LEU A 267 31.21 -9.22 18.43
N MET A 268 31.88 -9.84 19.40
CA MET A 268 33.12 -9.29 19.93
C MET A 268 34.21 -9.25 18.86
N LEU A 269 34.29 -10.30 18.03
CA LEU A 269 35.27 -10.30 16.96
C LEU A 269 35.04 -9.11 16.02
N PHE A 270 33.78 -8.83 15.70
CA PHE A 270 33.46 -7.68 14.87
C PHE A 270 33.80 -6.36 15.55
N VAL A 271 33.97 -6.36 16.87
CA VAL A 271 34.25 -5.11 17.60
C VAL A 271 35.74 -4.83 17.63
N LEU A 272 36.53 -5.73 18.21
CA LEU A 272 37.96 -5.49 18.36
C LEU A 272 38.69 -5.46 17.03
N VAL A 273 38.14 -6.09 15.99
CA VAL A 273 38.68 -5.92 14.64
C VAL A 273 38.18 -4.64 13.99
N ASP A 274 37.13 -4.02 14.54
CA ASP A 274 36.55 -2.79 14.01
C ASP A 274 36.06 -3.01 12.58
N GLY A 275 35.07 -3.90 12.46
CA GLY A 275 34.58 -4.31 11.15
C GLY A 275 33.86 -3.20 10.41
N TRP A 276 33.10 -2.38 11.13
CA TRP A 276 32.24 -1.40 10.45
C TRP A 276 33.03 -0.32 9.73
N ASN A 277 34.34 -0.22 9.97
CA ASN A 277 35.17 0.76 9.28
C ASN A 277 35.98 0.16 8.14
N LEU A 278 36.65 -0.97 8.37
CA LEU A 278 37.48 -1.56 7.32
C LEU A 278 36.63 -2.18 6.22
N ILE A 279 35.49 -2.77 6.56
CA ILE A 279 34.64 -3.39 5.55
C ILE A 279 34.07 -2.33 4.61
N LEU A 280 33.61 -1.21 5.16
CA LEU A 280 33.17 -0.10 4.32
C LEU A 280 34.33 0.48 3.53
N SER A 281 35.52 0.53 4.14
CA SER A 281 36.70 1.01 3.43
C SER A 281 37.04 0.10 2.26
N THR A 282 36.95 -1.23 2.46
CA THR A 282 37.22 -2.15 1.37
C THR A 282 36.20 -2.00 0.25
N LEU A 283 34.91 -1.81 0.61
CA LEU A 283 33.90 -1.59 -0.41
C LEU A 283 34.18 -0.33 -1.22
N ALA A 284 34.55 0.76 -0.53
CA ALA A 284 34.99 1.96 -1.24
C ALA A 284 36.27 1.69 -2.02
N GLY A 285 37.20 0.96 -1.43
CA GLY A 285 38.45 0.66 -2.13
C GLY A 285 38.26 -0.25 -3.32
N SER A 286 37.30 -1.18 -3.23
CA SER A 286 37.11 -2.16 -4.30
C SER A 286 36.66 -1.50 -5.59
N PHE A 287 35.93 -0.39 -5.51
CA PHE A 287 35.49 0.32 -6.70
C PHE A 287 36.59 1.19 -7.32
N ALA A 288 37.72 1.34 -6.64
CA ALA A 288 38.80 2.17 -7.15
C ALA A 288 40.16 1.64 -6.70
N ALA B 255 18.95 -35.11 -53.61
CA ALA B 255 17.92 -35.13 -54.64
C ALA B 255 18.44 -35.80 -55.92
N SER B 256 19.76 -35.83 -56.11
CA SER B 256 20.30 -36.49 -57.29
C SER B 256 20.03 -37.98 -57.26
N ALA B 257 19.97 -38.57 -56.07
CA ALA B 257 19.52 -39.96 -55.97
C ALA B 257 18.10 -40.11 -56.48
N ALA B 258 17.24 -39.13 -56.17
CA ALA B 258 15.89 -39.14 -56.71
C ALA B 258 15.91 -39.07 -58.23
N ARG B 259 16.78 -38.24 -58.80
CA ARG B 259 16.89 -38.17 -60.25
C ARG B 259 17.36 -39.50 -60.84
N ARG B 260 18.30 -40.15 -60.18
CA ARG B 260 18.75 -41.47 -60.61
C ARG B 260 17.59 -42.46 -60.63
N LYS B 261 16.78 -42.47 -59.57
CA LYS B 261 15.65 -43.40 -59.53
C LYS B 261 14.59 -43.02 -60.56
N GLU B 262 14.47 -41.74 -60.92
CA GLU B 262 13.59 -41.36 -62.02
C GLU B 262 14.07 -41.94 -63.34
N GLN B 263 15.38 -41.88 -63.57
CA GLN B 263 15.95 -42.53 -64.76
C GLN B 263 15.66 -44.03 -64.75
N GLU B 264 15.76 -44.65 -63.57
CA GLU B 264 15.46 -46.06 -63.45
C GLU B 264 13.99 -46.35 -63.80
N LEU B 265 13.09 -45.48 -63.34
CA LEU B 265 11.68 -45.64 -63.67
C LEU B 265 11.44 -45.56 -65.18
N GLU B 266 12.07 -44.57 -65.83
CA GLU B 266 11.91 -44.44 -67.27
C GLU B 266 12.42 -45.67 -68.00
N ARG B 267 13.59 -46.17 -67.60
CA ARG B 267 14.15 -47.36 -68.23
C ARG B 267 13.28 -48.59 -68.00
N SER B 268 12.70 -48.71 -66.81
CA SER B 268 11.80 -49.82 -66.52
C SER B 268 10.56 -49.78 -67.40
N GLN B 269 9.99 -48.58 -67.58
CA GLN B 269 8.84 -48.44 -68.47
C GLN B 269 9.21 -48.85 -69.89
N GLU B 270 10.36 -48.40 -70.37
CA GLU B 270 10.79 -48.76 -71.72
C GLU B 270 10.95 -50.28 -71.85
N GLN B 271 11.53 -50.91 -70.82
CA GLN B 271 11.72 -52.35 -70.86
C GLN B 271 10.40 -53.09 -70.90
N ALA B 272 9.42 -52.64 -70.10
CA ALA B 272 8.12 -53.27 -70.10
C ALA B 272 7.44 -53.16 -71.46
N LEU B 273 7.52 -51.97 -72.07
CA LEU B 273 6.93 -51.80 -73.39
C LEU B 273 7.62 -52.68 -74.42
N ARG B 274 8.95 -52.80 -74.32
CA ARG B 274 9.66 -53.70 -75.23
C ARG B 274 9.23 -55.14 -75.03
N GLU B 275 9.00 -55.55 -73.78
CA GLU B 275 8.54 -56.91 -73.51
C GLU B 275 7.19 -57.15 -74.15
N LYS B 276 6.27 -56.19 -74.04
CA LYS B 276 4.97 -56.33 -74.68
C LYS B 276 5.09 -56.40 -76.21
N ILE B 277 5.96 -55.57 -76.77
CA ILE B 277 6.19 -55.59 -78.22
C ILE B 277 6.67 -56.96 -78.64
N ASP B 278 7.62 -57.53 -77.90
CA ASP B 278 8.09 -58.87 -78.22
C ASP B 278 6.96 -59.89 -78.10
N SER B 279 6.17 -59.80 -77.03
CA SER B 279 5.10 -60.77 -76.81
C SER B 279 4.09 -60.75 -77.95
N VAL B 280 3.93 -59.62 -78.61
CA VAL B 280 3.02 -59.51 -79.74
C VAL B 280 3.69 -59.95 -81.05
N LEU B 281 4.94 -59.52 -81.29
CA LEU B 281 5.53 -59.71 -82.61
C LEU B 281 6.24 -61.04 -82.78
N LEU B 282 6.71 -61.65 -81.69
CA LEU B 282 7.41 -62.92 -81.80
C LEU B 282 6.57 -64.02 -82.44
N PRO B 283 5.29 -64.24 -82.06
CA PRO B 283 4.46 -65.19 -82.81
C PRO B 283 4.20 -64.76 -84.24
N ILE B 284 3.87 -63.47 -84.43
CA ILE B 284 3.43 -63.00 -85.74
C ILE B 284 4.58 -63.05 -86.75
N LEU B 285 5.74 -62.51 -86.37
CA LEU B 285 6.85 -62.39 -87.32
C LEU B 285 7.86 -63.50 -87.18
N GLY B 286 8.17 -63.90 -85.96
CA GLY B 286 9.17 -64.93 -85.71
C GLY B 286 10.35 -64.38 -84.92
N TYR B 287 11.30 -65.26 -84.67
CA TYR B 287 12.47 -64.92 -83.88
C TYR B 287 13.57 -64.37 -84.79
N GLY B 288 14.01 -63.15 -84.52
CA GLY B 288 15.07 -62.54 -85.29
C GLY B 288 14.65 -61.90 -86.59
N ASN B 289 13.36 -61.87 -86.90
CA ASN B 289 12.87 -61.23 -88.11
C ASN B 289 12.48 -59.77 -87.89
N TYR B 290 12.67 -59.24 -86.69
CA TYR B 290 12.28 -57.87 -86.39
C TYR B 290 13.23 -57.32 -85.34
N THR B 291 13.27 -55.99 -85.25
CA THR B 291 13.93 -55.30 -84.16
C THR B 291 13.10 -54.08 -83.80
N ALA B 292 13.01 -53.78 -82.50
CA ALA B 292 12.20 -52.67 -82.04
C ALA B 292 12.82 -52.05 -80.80
N GLN B 293 12.77 -50.72 -80.74
CA GLN B 293 13.24 -49.99 -79.57
C GLN B 293 12.21 -48.93 -79.20
N VAL B 294 12.15 -48.61 -77.92
CA VAL B 294 11.14 -47.73 -77.37
C VAL B 294 11.80 -46.62 -76.56
N ASP B 295 11.39 -45.38 -76.80
CA ASP B 295 11.82 -44.24 -76.00
C ASP B 295 10.63 -43.68 -75.25
N ILE B 296 10.76 -43.54 -73.94
CA ILE B 296 9.71 -42.99 -73.10
C ILE B 296 10.27 -41.81 -72.33
N GLN B 297 9.66 -40.63 -72.51
CA GLN B 297 10.01 -39.42 -71.81
C GLN B 297 8.95 -39.16 -70.75
N MET B 298 9.36 -39.01 -69.50
CA MET B 298 8.44 -38.85 -68.39
C MET B 298 8.70 -37.53 -67.68
N ASP B 299 7.64 -36.75 -67.48
CA ASP B 299 7.70 -35.53 -66.71
C ASP B 299 7.55 -35.84 -65.23
N PHE B 300 8.30 -35.12 -64.40
CA PHE B 300 8.28 -35.32 -62.95
C PHE B 300 8.05 -34.00 -62.24
N SER B 301 7.18 -33.15 -62.81
CA SER B 301 6.83 -31.90 -62.16
C SER B 301 5.98 -32.18 -60.92
N ALA B 302 5.66 -31.13 -60.19
CA ALA B 302 4.88 -31.20 -58.95
C ALA B 302 3.73 -30.23 -58.99
N VAL B 303 2.93 -30.29 -60.07
CA VAL B 303 1.80 -29.40 -60.23
C VAL B 303 0.79 -29.60 -59.10
N GLU B 304 0.20 -28.51 -58.65
CA GLU B 304 -0.80 -28.56 -57.59
C GLU B 304 -1.72 -27.35 -57.78
N GLN B 305 -2.94 -27.59 -58.25
CA GLN B 305 -3.82 -26.54 -58.73
C GLN B 305 -5.05 -26.41 -57.85
N THR B 306 -5.53 -25.18 -57.69
CA THR B 306 -6.77 -24.90 -56.96
C THR B 306 -7.63 -23.99 -57.83
N ARG B 307 -8.84 -24.45 -58.14
CA ARG B 307 -9.74 -23.73 -59.02
C ARG B 307 -11.00 -23.35 -58.25
N LYS B 308 -11.41 -22.09 -58.38
CA LYS B 308 -12.64 -21.59 -57.76
C LYS B 308 -13.50 -21.01 -58.86
N ARG B 309 -14.55 -21.73 -59.24
CA ARG B 309 -15.39 -21.40 -60.38
C ARG B 309 -16.78 -21.03 -59.91
N PHE B 310 -17.38 -20.06 -60.60
CA PHE B 310 -18.73 -19.58 -60.31
C PHE B 310 -19.63 -19.84 -61.51
N ASP B 311 -20.90 -19.49 -61.36
CA ASP B 311 -21.89 -19.67 -62.43
C ASP B 311 -22.60 -18.34 -62.66
N PRO B 312 -22.12 -17.51 -63.58
CA PRO B 312 -22.70 -16.17 -63.73
C PRO B 312 -24.15 -16.16 -64.15
N ASN B 313 -24.61 -17.16 -64.90
CA ASN B 313 -25.90 -17.11 -65.57
C ASN B 313 -27.06 -17.61 -64.74
N THR B 314 -26.82 -18.10 -63.53
CA THR B 314 -27.89 -18.55 -62.63
C THR B 314 -27.69 -17.99 -61.23
N PRO B 315 -27.88 -16.68 -61.06
CA PRO B 315 -27.82 -16.10 -59.71
C PRO B 315 -29.14 -16.27 -58.97
N ALA B 316 -29.05 -16.28 -57.64
CA ALA B 316 -30.21 -16.39 -56.78
C ALA B 316 -30.26 -15.19 -55.85
N THR B 317 -31.32 -14.39 -55.96
CA THR B 317 -31.40 -13.18 -55.15
C THR B 317 -31.65 -13.52 -53.69
N ARG B 318 -30.79 -13.00 -52.81
CA ARG B 318 -30.89 -13.23 -51.37
C ARG B 318 -31.71 -12.15 -50.68
N SER B 319 -31.33 -10.89 -50.86
CA SER B 319 -32.10 -9.76 -50.38
C SER B 319 -32.26 -8.77 -51.53
N GLU B 320 -33.29 -7.93 -51.44
CA GLU B 320 -33.58 -7.03 -52.53
C GLU B 320 -34.29 -5.80 -52.01
N TYR B 321 -33.87 -4.63 -52.48
CA TYR B 321 -34.54 -3.37 -52.21
C TYR B 321 -34.83 -2.70 -53.55
N ALA B 322 -36.00 -2.09 -53.67
CA ALA B 322 -36.39 -1.47 -54.93
C ALA B 322 -37.30 -0.29 -54.63
N LEU B 323 -36.81 0.92 -54.86
CA LEU B 323 -37.58 2.14 -54.72
C LEU B 323 -37.84 2.73 -56.10
N GLU B 324 -39.11 3.04 -56.38
CA GLU B 324 -39.53 3.51 -57.71
C GLU B 324 -40.63 4.55 -57.53
N ASP B 325 -40.25 5.83 -57.51
CA ASP B 325 -41.21 6.91 -57.35
C ASP B 325 -41.28 7.77 -58.61
N TYR B 326 -42.45 8.34 -58.83
CA TYR B 326 -42.72 9.20 -59.99
C TYR B 326 -43.23 10.55 -59.50
N ASN B 327 -43.43 11.46 -60.44
CA ASN B 327 -44.01 12.77 -60.14
C ASN B 327 -44.68 13.34 -61.39
N GLY B 365 -42.40 13.61 -66.23
CA GLY B 365 -41.93 14.18 -64.98
C GLY B 365 -40.77 13.43 -64.36
N SER B 366 -40.52 13.68 -63.09
CA SER B 366 -39.44 13.00 -62.38
C SER B 366 -39.73 11.51 -62.27
N VAL B 367 -38.70 10.70 -62.54
CA VAL B 367 -38.78 9.25 -62.43
C VAL B 367 -37.48 8.77 -61.80
N ARG B 368 -37.54 8.35 -60.54
CA ARG B 368 -36.38 7.88 -59.79
C ARG B 368 -36.52 6.38 -59.55
N LYS B 369 -35.52 5.62 -59.97
CA LYS B 369 -35.55 4.16 -59.87
C LYS B 369 -34.30 3.69 -59.13
N GLU B 370 -34.36 3.68 -57.81
CA GLU B 370 -33.27 3.12 -57.02
C GLU B 370 -33.46 1.62 -56.84
N SER B 371 -32.34 0.91 -56.68
CA SER B 371 -32.38 -0.53 -56.56
C SER B 371 -31.10 -1.02 -55.92
N THR B 372 -31.24 -2.00 -55.03
CA THR B 372 -30.11 -2.66 -54.39
C THR B 372 -30.41 -4.15 -54.38
N ARG B 373 -29.40 -4.97 -54.70
CA ARG B 373 -29.62 -6.39 -54.86
C ARG B 373 -28.40 -7.17 -54.40
N ASN B 374 -28.62 -8.25 -53.65
CA ASN B 374 -27.57 -9.15 -53.23
C ASN B 374 -27.84 -10.53 -53.82
N PHE B 375 -26.78 -11.21 -54.25
CA PHE B 375 -26.92 -12.46 -54.97
C PHE B 375 -26.14 -13.57 -54.27
N GLU B 376 -26.57 -14.80 -54.55
CA GLU B 376 -25.89 -16.03 -54.19
C GLU B 376 -25.64 -16.80 -55.46
N LEU B 377 -24.43 -17.36 -55.60
CA LEU B 377 -23.98 -17.95 -56.85
C LEU B 377 -23.46 -19.36 -56.59
N ASP B 378 -23.58 -20.21 -57.61
CA ASP B 378 -23.02 -21.56 -57.53
C ASP B 378 -21.51 -21.46 -57.43
N THR B 379 -20.93 -22.13 -56.44
CA THR B 379 -19.50 -22.02 -56.16
C THR B 379 -18.91 -23.42 -56.12
N THR B 380 -18.00 -23.70 -57.05
CA THR B 380 -17.25 -24.95 -57.07
C THR B 380 -15.79 -24.66 -56.72
N ILE B 381 -15.24 -25.41 -55.78
CA ILE B 381 -13.86 -25.24 -55.35
C ILE B 381 -13.19 -26.60 -55.44
N SER B 382 -12.34 -26.78 -56.44
CA SER B 382 -11.69 -28.06 -56.71
C SER B 382 -10.19 -27.93 -56.52
N HIS B 383 -9.62 -28.78 -55.68
CA HIS B 383 -8.18 -28.82 -55.45
C HIS B 383 -7.64 -30.11 -56.05
N GLU B 384 -6.81 -30.00 -57.07
CA GLU B 384 -6.24 -31.13 -57.78
C GLU B 384 -4.73 -31.18 -57.54
N ARG B 385 -4.19 -32.40 -57.42
CA ARG B 385 -2.76 -32.59 -57.23
C ARG B 385 -2.32 -33.69 -58.19
N LYS B 386 -1.64 -33.30 -59.27
CA LYS B 386 -1.28 -34.24 -60.31
C LYS B 386 -0.22 -35.21 -59.82
N GLN B 387 -0.25 -36.42 -60.37
CA GLN B 387 0.82 -37.38 -60.10
C GLN B 387 2.12 -36.90 -60.70
N THR B 388 3.23 -37.15 -59.99
CA THR B 388 4.53 -36.63 -60.37
C THR B 388 4.97 -37.14 -61.74
N GLY B 389 5.29 -38.42 -61.83
CA GLY B 389 5.82 -38.97 -63.07
C GLY B 389 4.76 -39.41 -64.05
N THR B 390 4.62 -38.68 -65.15
CA THR B 390 3.65 -39.00 -66.19
C THR B 390 4.35 -39.06 -67.54
N VAL B 391 3.99 -40.05 -68.34
CA VAL B 391 4.56 -40.20 -69.67
C VAL B 391 4.12 -39.03 -70.54
N ALA B 392 5.03 -38.12 -70.84
CA ALA B 392 4.72 -36.94 -71.64
C ALA B 392 4.81 -37.20 -73.14
N ARG B 393 5.67 -38.13 -73.55
CA ARG B 393 5.83 -38.46 -74.96
C ARG B 393 6.39 -39.88 -75.06
N GLN B 394 5.90 -40.62 -76.04
CA GLN B 394 6.32 -42.00 -76.26
C GLN B 394 6.66 -42.21 -77.72
N THR B 395 7.83 -42.77 -77.98
CA THR B 395 8.32 -43.03 -79.32
C THR B 395 8.64 -44.50 -79.46
N VAL B 396 8.07 -45.14 -80.48
CA VAL B 396 8.31 -46.55 -80.76
C VAL B 396 8.67 -46.71 -82.23
N SER B 397 9.74 -47.44 -82.51
CA SER B 397 10.14 -47.74 -83.88
C SER B 397 10.36 -49.25 -84.00
N VAL B 398 9.80 -49.83 -85.06
CA VAL B 398 9.92 -51.26 -85.34
C VAL B 398 10.44 -51.43 -86.76
N ALA B 399 11.47 -52.26 -86.93
CA ALA B 399 12.04 -52.56 -88.23
C ALA B 399 11.88 -54.04 -88.50
N ILE B 400 11.35 -54.36 -89.67
CA ILE B 400 11.03 -55.73 -90.06
C ILE B 400 12.02 -56.17 -91.14
N LYS B 401 12.59 -57.35 -90.95
CA LYS B 401 13.56 -57.88 -91.91
C LYS B 401 12.86 -58.17 -93.24
N ASP B 402 13.52 -57.78 -94.33
CA ASP B 402 12.99 -58.07 -95.66
C ASP B 402 13.25 -59.53 -96.02
N ARG B 403 12.41 -60.04 -96.92
CA ARG B 403 12.51 -61.43 -97.40
C ARG B 403 12.50 -62.43 -96.25
N PRO B 417 10.97 -57.69 -99.09
CA PRO B 417 10.25 -56.68 -98.32
C PRO B 417 8.88 -57.15 -97.85
N MET B 418 8.12 -56.25 -97.23
CA MET B 418 6.79 -56.55 -96.73
C MET B 418 5.79 -55.58 -97.35
N SER B 419 4.62 -56.11 -97.71
CA SER B 419 3.61 -55.32 -98.40
C SER B 419 3.05 -54.23 -97.49
N GLU B 420 2.48 -53.20 -98.11
CA GLU B 420 1.92 -52.09 -97.35
C GLU B 420 0.77 -52.54 -96.46
N SER B 421 -0.06 -53.46 -96.95
CA SER B 421 -1.20 -53.93 -96.18
C SER B 421 -0.76 -54.59 -94.88
N GLU B 422 0.24 -55.46 -94.94
CA GLU B 422 0.70 -56.12 -93.72
C GLU B 422 1.44 -55.15 -92.81
N ILE B 423 2.14 -54.17 -93.38
CA ILE B 423 2.78 -53.13 -92.56
C ILE B 423 1.73 -52.37 -91.78
N ASN B 424 0.64 -51.98 -92.44
CA ASN B 424 -0.43 -51.26 -91.76
C ASN B 424 -1.14 -52.13 -90.74
N ALA B 425 -1.28 -53.44 -91.02
CA ALA B 425 -1.88 -54.35 -90.05
C ALA B 425 -1.01 -54.46 -88.80
N ILE B 426 0.30 -54.57 -88.98
CA ILE B 426 1.21 -54.60 -87.83
C ILE B 426 1.12 -53.30 -87.07
N ARG B 427 1.04 -52.18 -87.78
CA ARG B 427 0.88 -50.89 -87.11
C ARG B 427 -0.41 -50.83 -86.30
N GLN B 428 -1.49 -51.39 -86.85
CA GLN B 428 -2.75 -51.43 -86.12
C GLN B 428 -2.65 -52.28 -84.86
N VAL B 429 -1.96 -53.42 -84.94
CA VAL B 429 -1.77 -54.25 -83.75
C VAL B 429 -0.97 -53.49 -82.70
N LEU B 430 0.12 -52.83 -83.13
CA LEU B 430 0.94 -52.08 -82.20
C LEU B 430 0.14 -50.96 -81.54
N ILE B 431 -0.75 -50.31 -82.30
CA ILE B 431 -1.66 -49.33 -81.74
C ILE B 431 -2.67 -50.10 -80.89
N GLY B 432 -2.48 -50.09 -79.59
CA GLY B 432 -3.24 -50.97 -78.72
C GLY B 432 -2.32 -51.93 -78.01
N THR B 433 -1.31 -52.45 -78.71
CA THR B 433 -0.24 -53.15 -78.02
C THR B 433 0.53 -52.20 -77.11
N VAL B 434 0.83 -51.00 -77.61
CA VAL B 434 1.59 -50.03 -76.83
C VAL B 434 0.72 -48.96 -76.18
N GLY B 435 -0.48 -48.74 -76.69
CA GLY B 435 -1.31 -47.65 -76.20
C GLY B 435 -1.00 -46.35 -76.91
N PHE B 436 -0.96 -46.39 -78.23
CA PHE B 436 -0.59 -45.23 -79.02
C PHE B 436 -1.55 -44.07 -78.75
N ASP B 437 -0.99 -42.89 -78.50
CA ASP B 437 -1.76 -41.70 -78.15
C ASP B 437 -1.16 -40.53 -78.94
N GLN B 438 -1.72 -40.28 -80.13
CA GLN B 438 -1.20 -39.22 -80.99
C GLN B 438 -1.38 -37.85 -80.36
N GLY B 439 -2.51 -37.63 -79.67
CA GLY B 439 -2.75 -36.35 -79.03
C GLY B 439 -1.73 -36.01 -77.96
N ARG B 440 -1.05 -37.02 -77.40
CA ARG B 440 0.03 -36.79 -76.45
C ARG B 440 1.34 -36.43 -77.14
N GLY B 441 1.41 -36.56 -78.46
CA GLY B 441 2.65 -36.35 -79.19
C GLY B 441 3.42 -37.63 -79.45
N ASP B 442 2.84 -38.79 -79.19
CA ASP B 442 3.55 -40.05 -79.40
C ASP B 442 3.76 -40.29 -80.88
N LEU B 443 4.76 -41.13 -81.18
CA LEU B 443 5.15 -41.41 -82.54
C LEU B 443 5.43 -42.91 -82.69
N LEU B 444 4.97 -43.48 -83.79
CA LEU B 444 5.11 -44.91 -84.04
C LEU B 444 5.55 -45.09 -85.49
N ASN B 445 6.78 -45.56 -85.67
CA ASN B 445 7.33 -45.84 -87.00
C ASN B 445 7.43 -47.34 -87.20
N VAL B 446 6.95 -47.83 -88.33
CA VAL B 446 7.10 -49.22 -88.73
C VAL B 446 7.71 -49.23 -90.12
N LEU B 447 8.90 -49.82 -90.24
CA LEU B 447 9.64 -49.83 -91.50
C LEU B 447 10.02 -51.25 -91.86
N SER B 448 10.26 -51.47 -93.15
CA SER B 448 10.77 -52.74 -93.66
C SER B 448 12.17 -52.49 -94.18
N VAL B 449 13.17 -53.03 -93.46
CA VAL B 449 14.57 -52.78 -93.77
C VAL B 449 15.26 -54.11 -94.07
N LYS B 450 16.48 -54.02 -94.60
CA LYS B 450 17.26 -55.18 -94.98
C LYS B 450 18.26 -55.48 -93.88
N PHE B 451 18.04 -56.57 -93.15
CA PHE B 451 18.99 -56.99 -92.13
C PHE B 451 20.23 -57.58 -92.77
N ALA B 452 21.39 -57.34 -92.16
CA ALA B 452 22.64 -57.85 -92.67
C ALA B 452 22.99 -59.17 -91.99
N ALA C 255 29.00 -28.56 -52.85
CA ALA C 255 28.13 -28.55 -54.02
C ALA C 255 28.87 -29.07 -55.25
N SER C 256 30.21 -28.99 -55.25
CA SER C 256 30.96 -29.49 -56.39
C SER C 256 30.82 -31.00 -56.52
N ALA C 257 30.64 -31.70 -55.41
CA ALA C 257 30.30 -33.11 -55.48
C ALA C 257 28.97 -33.32 -56.20
N ALA C 258 28.01 -32.44 -55.95
CA ALA C 258 26.74 -32.49 -56.68
C ALA C 258 26.96 -32.27 -58.16
N ARG C 259 27.84 -31.34 -58.53
CA ARG C 259 28.14 -31.13 -59.95
C ARG C 259 28.80 -32.35 -60.57
N ARG C 260 29.69 -33.01 -59.82
CA ARG C 260 30.31 -34.24 -60.29
C ARG C 260 29.25 -35.30 -60.56
N LYS C 261 28.30 -35.47 -59.64
CA LYS C 261 27.26 -36.47 -59.83
C LYS C 261 26.32 -36.08 -60.98
N GLU C 262 26.15 -34.79 -61.25
CA GLU C 262 25.40 -34.37 -62.42
C GLU C 262 26.11 -34.79 -63.70
N GLN C 263 27.44 -34.62 -63.74
CA GLN C 263 28.21 -35.11 -64.88
C GLN C 263 28.04 -36.62 -65.03
N GLU C 264 28.04 -37.33 -63.91
CA GLU C 264 27.83 -38.78 -63.95
C GLU C 264 26.47 -39.12 -64.53
N LEU C 265 25.43 -38.37 -64.14
CA LEU C 265 24.10 -38.61 -64.69
C LEU C 265 24.08 -38.40 -66.20
N GLU C 266 24.70 -37.31 -66.67
CA GLU C 266 24.72 -37.06 -68.10
C GLU C 266 25.44 -38.19 -68.84
N ARG C 267 26.57 -38.63 -68.31
CA ARG C 267 27.32 -39.71 -68.95
C ARG C 267 26.52 -41.01 -68.96
N SER C 268 25.80 -41.29 -67.87
CA SER C 268 24.97 -42.48 -67.81
C SER C 268 23.86 -42.45 -68.85
N GLN C 269 23.23 -41.28 -69.02
CA GLN C 269 22.20 -41.14 -70.06
C GLN C 269 22.79 -41.39 -71.43
N GLU C 270 23.96 -40.81 -71.71
CA GLU C 270 24.60 -41.02 -73.00
C GLU C 270 24.91 -42.50 -73.22
N GLN C 271 25.38 -43.18 -72.18
CA GLN C 271 25.71 -44.60 -72.30
C GLN C 271 24.46 -45.42 -72.60
N ALA C 272 23.36 -45.11 -71.92
CA ALA C 272 22.11 -45.84 -72.16
C ALA C 272 21.62 -45.64 -73.59
N LEU C 273 21.68 -44.41 -74.08
CA LEU C 273 21.27 -44.16 -75.45
C LEU C 273 22.18 -44.88 -76.44
N ARG C 274 23.48 -44.92 -76.16
CA ARG C 274 24.39 -45.68 -77.02
C ARG C 274 24.05 -47.16 -77.01
N GLU C 275 23.70 -47.70 -75.85
CA GLU C 275 23.31 -49.10 -75.76
C GLU C 275 22.08 -49.38 -76.62
N LYS C 276 21.08 -48.50 -76.55
CA LYS C 276 19.89 -48.67 -77.39
C LYS C 276 20.24 -48.60 -78.87
N ILE C 277 21.11 -47.65 -79.24
CA ILE C 277 21.53 -47.52 -80.63
C ILE C 277 22.18 -48.82 -81.10
N ASP C 278 23.06 -49.38 -80.28
CA ASP C 278 23.68 -50.66 -80.62
C ASP C 278 22.64 -51.75 -80.75
N SER C 279 21.70 -51.82 -79.81
CA SER C 279 20.70 -52.88 -79.83
C SER C 279 19.85 -52.82 -81.09
N VAL C 280 19.70 -51.65 -81.67
CA VAL C 280 18.96 -51.51 -82.93
C VAL C 280 19.83 -51.77 -84.15
N LEU C 281 21.06 -51.24 -84.17
CA LEU C 281 21.84 -51.25 -85.41
C LEU C 281 22.67 -52.52 -85.57
N LEU C 282 23.03 -53.19 -84.47
CA LEU C 282 23.85 -54.39 -84.58
C LEU C 282 23.20 -55.48 -85.43
N PRO C 283 21.91 -55.82 -85.26
CA PRO C 283 21.27 -56.76 -86.19
C PRO C 283 21.17 -56.21 -87.62
N ILE C 284 20.76 -54.95 -87.75
CA ILE C 284 20.48 -54.38 -89.06
C ILE C 284 21.76 -54.26 -89.89
N LEU C 285 22.80 -53.67 -89.31
CA LEU C 285 24.01 -53.39 -90.06
C LEU C 285 25.09 -54.44 -89.88
N GLY C 286 25.26 -54.93 -88.66
CA GLY C 286 26.30 -55.90 -88.35
C GLY C 286 27.30 -55.34 -87.36
N TYR C 287 28.29 -56.17 -87.04
CA TYR C 287 29.30 -55.82 -86.06
C TYR C 287 30.46 -55.12 -86.76
N GLY C 288 30.76 -53.90 -86.33
CA GLY C 288 31.86 -53.15 -86.88
C GLY C 288 31.57 -52.42 -88.17
N ASN C 289 30.34 -52.45 -88.66
CA ASN C 289 29.97 -51.74 -89.88
C ASN C 289 29.44 -50.34 -89.60
N TYR C 290 29.41 -49.91 -88.33
CA TYR C 290 28.87 -48.60 -87.98
C TYR C 290 29.61 -48.09 -86.76
N THR C 291 29.53 -46.77 -86.57
CA THR C 291 29.97 -46.14 -85.34
C THR C 291 29.00 -45.02 -85.00
N ALA C 292 28.71 -44.85 -83.72
CA ALA C 292 27.76 -43.85 -83.29
C ALA C 292 28.15 -43.30 -81.93
N GLN C 293 27.98 -41.99 -81.76
CA GLN C 293 28.22 -41.34 -80.49
C GLN C 293 27.06 -40.40 -80.19
N VAL C 294 26.80 -40.19 -78.90
CA VAL C 294 25.64 -39.44 -78.43
C VAL C 294 26.09 -38.37 -77.46
N ASP C 295 25.62 -37.15 -77.65
CA ASP C 295 25.84 -36.07 -76.71
C ASP C 295 24.51 -35.65 -76.09
N ILE C 296 24.45 -35.62 -74.77
CA ILE C 296 23.24 -35.24 -74.05
C ILE C 296 23.59 -34.09 -73.12
N GLN C 297 22.92 -32.96 -73.29
CA GLN C 297 23.06 -31.79 -72.43
C GLN C 297 21.84 -31.70 -71.54
N MET C 298 22.07 -31.65 -70.22
CA MET C 298 21.00 -31.65 -69.25
C MET C 298 21.04 -30.39 -68.41
N ASP C 299 19.90 -29.71 -68.29
CA ASP C 299 19.76 -28.56 -67.43
C ASP C 299 19.43 -29.01 -66.03
N PHE C 300 19.99 -28.32 -65.04
CA PHE C 300 19.79 -28.66 -63.64
C PHE C 300 19.35 -27.43 -62.86
N SER C 301 18.50 -26.60 -63.47
CA SER C 301 17.96 -25.45 -62.78
C SER C 301 16.97 -25.89 -61.71
N ALA C 302 16.46 -24.93 -60.94
CA ALA C 302 15.54 -25.17 -59.85
C ALA C 302 14.32 -24.29 -59.97
N VAL C 303 13.69 -24.31 -61.16
CA VAL C 303 12.52 -23.48 -61.40
C VAL C 303 11.39 -23.87 -60.46
N GLU C 304 10.64 -22.86 -60.01
CA GLU C 304 9.51 -23.07 -59.11
C GLU C 304 8.53 -21.93 -59.34
N GLN C 305 7.42 -22.21 -60.00
CA GLN C 305 6.53 -21.18 -60.52
C GLN C 305 5.18 -21.23 -59.81
N THR C 306 4.58 -20.05 -59.63
CA THR C 306 3.23 -19.92 -59.07
C THR C 306 2.43 -19.00 -59.97
N ARG C 307 1.32 -19.51 -60.49
CA ARG C 307 0.49 -18.78 -61.43
C ARG C 307 -0.89 -18.57 -60.82
N LYS C 308 -1.38 -17.34 -60.90
CA LYS C 308 -2.72 -16.99 -60.44
C LYS C 308 -3.46 -16.36 -61.61
N ARG C 309 -4.39 -17.13 -62.19
CA ARG C 309 -5.08 -16.74 -63.41
C ARG C 309 -6.57 -16.52 -63.12
N PHE C 310 -7.14 -15.54 -63.80
CA PHE C 310 -8.54 -15.18 -63.68
C PHE C 310 -9.24 -15.40 -65.02
N ASP C 311 -10.55 -15.15 -65.03
CA ASP C 311 -11.37 -15.30 -66.23
C ASP C 311 -12.15 -14.02 -66.45
N PRO C 312 -11.61 -13.08 -67.23
CA PRO C 312 -12.27 -11.76 -67.35
C PRO C 312 -13.64 -11.81 -67.98
N ASN C 313 -13.91 -12.77 -68.86
CA ASN C 313 -15.09 -12.74 -69.71
C ASN C 313 -16.32 -13.41 -69.10
N THR C 314 -16.21 -13.99 -67.91
CA THR C 314 -17.35 -14.60 -67.22
C THR C 314 -17.39 -14.15 -65.76
N PRO C 315 -17.71 -12.89 -65.51
CA PRO C 315 -17.89 -12.43 -64.13
C PRO C 315 -19.28 -12.76 -63.60
N ALA C 316 -19.38 -12.88 -62.28
CA ALA C 316 -20.63 -13.16 -61.61
C ALA C 316 -20.90 -12.04 -60.61
N THR C 317 -22.00 -11.33 -60.79
CA THR C 317 -22.31 -10.20 -59.92
C THR C 317 -22.72 -10.69 -58.53
N ARG C 318 -22.02 -10.20 -57.50
CA ARG C 318 -22.31 -10.57 -56.12
C ARG C 318 -23.31 -9.62 -55.47
N SER C 319 -23.02 -8.33 -55.49
CA SER C 319 -23.93 -7.29 -55.04
C SER C 319 -24.02 -6.23 -56.11
N GLU C 320 -25.11 -5.47 -56.10
CA GLU C 320 -25.32 -4.49 -57.14
C GLU C 320 -26.20 -3.37 -56.64
N TYR C 321 -25.82 -2.14 -56.94
CA TYR C 321 -26.62 -0.95 -56.68
C TYR C 321 -26.77 -0.18 -57.98
N ALA C 322 -27.97 0.34 -58.23
CA ALA C 322 -28.24 1.06 -59.48
C ALA C 322 -29.27 2.13 -59.20
N LEU C 323 -28.85 3.39 -59.28
CA LEU C 323 -29.73 4.54 -59.14
C LEU C 323 -29.86 5.23 -60.50
N GLU C 324 -31.09 5.48 -60.94
CA GLU C 324 -31.35 6.03 -62.26
C GLU C 324 -32.55 6.97 -62.16
N ASP C 325 -32.28 8.27 -61.99
CA ASP C 325 -33.34 9.26 -61.88
C ASP C 325 -33.31 10.22 -63.05
N TYR C 326 -34.49 10.73 -63.41
CA TYR C 326 -34.66 11.67 -64.51
C TYR C 326 -35.34 12.93 -64.00
N ASN C 327 -35.49 13.91 -64.87
CA ASN C 327 -36.21 15.15 -64.57
C ASN C 327 -36.75 15.78 -65.84
N GLY C 365 -33.84 16.65 -70.26
CA GLY C 365 -33.61 17.14 -68.91
C GLY C 365 -32.48 16.41 -68.20
N SER C 366 -32.44 16.56 -66.88
CA SER C 366 -31.41 15.90 -66.08
C SER C 366 -31.58 14.40 -66.14
N VAL C 367 -30.46 13.69 -66.32
CA VAL C 367 -30.45 12.23 -66.34
C VAL C 367 -29.21 11.78 -65.56
N ARG C 368 -29.41 11.25 -64.37
CA ARG C 368 -28.33 10.80 -63.51
C ARG C 368 -28.37 9.28 -63.40
N LYS C 369 -27.26 8.62 -63.74
CA LYS C 369 -27.19 7.16 -63.76
C LYS C 369 -26.02 6.72 -62.89
N GLU C 370 -26.25 6.57 -61.60
CA GLU C 370 -25.25 6.03 -60.70
C GLU C 370 -25.33 4.51 -60.68
N SER C 371 -24.19 3.88 -60.42
CA SER C 371 -24.13 2.42 -60.42
C SER C 371 -22.91 1.96 -59.64
N THR C 372 -23.09 0.91 -58.86
CA THR C 372 -22.01 0.26 -58.12
C THR C 372 -22.17 -1.24 -58.28
N ARG C 373 -21.08 -1.94 -58.51
CA ARG C 373 -21.15 -3.36 -58.82
C ARG C 373 -19.94 -4.09 -58.25
N ASN C 374 -20.18 -5.24 -57.64
CA ASN C 374 -19.13 -6.11 -57.14
C ASN C 374 -19.19 -7.45 -57.87
N PHE C 375 -18.03 -8.00 -58.19
CA PHE C 375 -17.96 -9.18 -59.02
C PHE C 375 -17.20 -10.30 -58.32
N GLU C 376 -17.49 -11.52 -58.75
CA GLU C 376 -16.76 -12.72 -58.39
C GLU C 376 -16.26 -13.37 -59.68
N LEU C 377 -15.01 -13.81 -59.68
CA LEU C 377 -14.33 -14.26 -60.89
C LEU C 377 -13.75 -15.64 -60.68
N ASP C 378 -13.66 -16.41 -61.77
CA ASP C 378 -13.01 -17.70 -61.72
C ASP C 378 -11.53 -17.51 -61.40
N THR C 379 -11.04 -18.23 -60.39
CA THR C 379 -9.68 -18.05 -59.90
C THR C 379 -8.98 -19.40 -59.89
N THR C 380 -7.93 -19.53 -60.69
CA THR C 380 -7.08 -20.71 -60.70
C THR C 380 -5.72 -20.35 -60.12
N ILE C 381 -5.25 -21.15 -59.18
CA ILE C 381 -3.96 -20.91 -58.53
C ILE C 381 -3.18 -22.22 -58.64
N SER C 382 -2.18 -22.24 -59.52
CA SER C 382 -1.40 -23.43 -59.78
C SER C 382 0.05 -23.21 -59.37
N HIS C 383 0.57 -24.10 -58.53
CA HIS C 383 1.96 -24.07 -58.09
C HIS C 383 2.68 -25.26 -58.71
N GLU C 384 3.63 -24.98 -59.59
CA GLU C 384 4.39 -26.00 -60.30
C GLU C 384 5.85 -25.98 -59.84
N ARG C 385 6.46 -27.15 -59.75
CA ARG C 385 7.86 -27.26 -59.38
C ARG C 385 8.53 -28.23 -60.35
N LYS C 386 9.31 -27.69 -61.27
CA LYS C 386 9.90 -28.51 -62.33
C LYS C 386 10.95 -29.45 -61.76
N GLN C 387 11.11 -30.60 -62.42
CA GLN C 387 12.20 -31.49 -62.07
C GLN C 387 13.53 -30.87 -62.43
N THR C 388 14.54 -31.10 -61.59
CA THR C 388 15.84 -30.46 -61.74
C THR C 388 16.51 -30.81 -63.06
N GLY C 389 16.93 -32.06 -63.21
CA GLY C 389 17.68 -32.45 -64.39
C GLY C 389 16.81 -32.86 -65.55
N THR C 390 16.76 -32.05 -66.60
CA THR C 390 15.97 -32.34 -67.79
C THR C 390 16.85 -32.22 -69.02
N VAL C 391 16.69 -33.17 -69.95
CA VAL C 391 17.46 -33.15 -71.19
C VAL C 391 17.04 -31.94 -72.02
N ALA C 392 17.92 -30.94 -72.11
CA ALA C 392 17.62 -29.73 -72.85
C ALA C 392 17.94 -29.84 -74.32
N ARG C 393 18.93 -30.65 -74.68
CA ARG C 393 19.30 -30.84 -76.07
C ARG C 393 19.98 -32.20 -76.21
N GLN C 394 19.70 -32.88 -77.31
CA GLN C 394 20.26 -34.20 -77.56
C GLN C 394 20.82 -34.25 -78.98
N THR C 395 22.06 -34.70 -79.12
CA THR C 395 22.75 -34.80 -80.39
C THR C 395 23.20 -36.23 -80.60
N VAL C 396 22.83 -36.81 -81.74
CA VAL C 396 23.23 -38.17 -82.10
C VAL C 396 23.80 -38.16 -83.50
N SER C 397 24.95 -38.79 -83.69
CA SER C 397 25.57 -38.93 -85.00
C SER C 397 25.93 -40.39 -85.22
N VAL C 398 25.58 -40.92 -86.39
CA VAL C 398 25.85 -42.30 -86.76
C VAL C 398 26.57 -42.30 -88.10
N ALA C 399 27.67 -43.04 -88.17
CA ALA C 399 28.45 -43.17 -89.40
C ALA C 399 28.46 -44.63 -89.82
N ILE C 400 28.11 -44.88 -91.08
CA ILE C 400 27.97 -46.23 -91.62
C ILE C 400 29.13 -46.49 -92.57
N LYS C 401 29.78 -47.65 -92.40
CA LYS C 401 30.89 -48.00 -93.26
C LYS C 401 30.43 -48.23 -94.68
N ASP C 402 31.18 -47.69 -95.63
CA ASP C 402 30.88 -47.90 -97.04
C ASP C 402 31.30 -49.29 -97.48
N ARG C 403 30.64 -49.78 -98.53
CA ARG C 403 30.92 -51.10 -99.10
C ARG C 403 30.84 -52.20 -98.04
N PRO C 417 29.33 -47.35 -100.69
CA PRO C 417 28.43 -46.47 -99.95
C PRO C 417 27.05 -47.08 -99.73
N MET C 418 26.14 -46.29 -99.16
CA MET C 418 24.77 -46.72 -98.88
C MET C 418 23.80 -45.78 -99.56
N SER C 419 22.74 -46.35 -100.13
CA SER C 419 21.78 -45.57 -100.88
C SER C 419 21.01 -44.61 -99.98
N GLU C 420 20.44 -43.58 -100.59
CA GLU C 420 19.69 -42.58 -99.83
C GLU C 420 18.46 -43.19 -99.17
N SER C 421 17.80 -44.12 -99.85
CA SER C 421 16.60 -44.74 -99.29
C SER C 421 16.90 -45.47 -98.00
N GLU C 422 17.97 -46.27 -97.98
CA GLU C 422 18.32 -47.00 -96.77
C GLU C 422 18.83 -46.08 -95.67
N ILE C 423 19.53 -44.99 -96.05
CA ILE C 423 19.96 -44.01 -95.08
C ILE C 423 18.74 -43.38 -94.38
N ASN C 424 17.73 -43.02 -95.17
CA ASN C 424 16.54 -42.44 -94.59
C ASN C 424 15.75 -43.46 -93.77
N ALA C 425 15.76 -44.73 -94.18
CA ALA C 425 15.11 -45.76 -93.37
C ALA C 425 15.80 -45.93 -92.03
N ILE C 426 17.14 -45.94 -92.02
CA ILE C 426 17.87 -46.01 -90.77
C ILE C 426 17.57 -44.79 -89.91
N ARG C 427 17.49 -43.61 -90.54
CA ARG C 427 17.14 -42.41 -89.79
C ARG C 427 15.75 -42.52 -89.18
N GLN C 428 14.80 -43.10 -89.92
CA GLN C 428 13.46 -43.29 -89.39
C GLN C 428 13.46 -44.24 -88.20
N VAL C 429 14.25 -45.32 -88.27
CA VAL C 429 14.33 -46.25 -87.14
C VAL C 429 14.93 -45.53 -85.93
N LEU C 430 16.00 -44.76 -86.14
CA LEU C 430 16.62 -44.05 -85.04
C LEU C 430 15.64 -43.06 -84.41
N ILE C 431 14.82 -42.40 -85.24
CA ILE C 431 13.75 -41.55 -84.74
C ILE C 431 12.69 -42.45 -84.12
N GLY C 432 12.71 -42.55 -82.80
CA GLY C 432 11.91 -43.56 -82.13
C GLY C 432 12.80 -44.51 -81.36
N THR C 433 13.94 -44.90 -81.96
CA THR C 433 14.95 -45.58 -81.17
C THR C 433 15.51 -44.66 -80.09
N VAL C 434 15.78 -43.40 -80.43
CA VAL C 434 16.34 -42.46 -79.48
C VAL C 434 15.30 -41.53 -78.88
N GLY C 435 14.17 -41.33 -79.55
CA GLY C 435 13.18 -40.36 -79.10
C GLY C 435 13.49 -38.98 -79.63
N PHE C 436 13.72 -38.89 -80.94
CA PHE C 436 14.09 -37.64 -81.57
C PHE C 436 13.01 -36.59 -81.35
N ASP C 437 13.43 -35.39 -80.92
CA ASP C 437 12.52 -34.29 -80.60
C ASP C 437 13.12 -33.02 -81.20
N GLN C 438 12.72 -32.70 -82.42
CA GLN C 438 13.27 -31.53 -83.11
C GLN C 438 12.88 -30.24 -82.40
N GLY C 439 11.66 -30.18 -81.87
CA GLY C 439 11.22 -28.98 -81.16
C GLY C 439 12.05 -28.66 -79.94
N ARG C 440 12.72 -29.66 -79.38
CA ARG C 440 13.63 -29.45 -78.26
C ARG C 440 15.00 -28.94 -78.71
N GLY C 441 15.26 -28.94 -80.02
CA GLY C 441 16.56 -28.59 -80.54
C GLY C 441 17.48 -29.77 -80.79
N ASP C 442 16.97 -30.99 -80.71
CA ASP C 442 17.79 -32.17 -80.92
C ASP C 442 18.24 -32.26 -82.37
N LEU C 443 19.32 -32.99 -82.58
CA LEU C 443 19.93 -33.12 -83.90
C LEU C 443 20.35 -34.57 -84.12
N LEU C 444 20.10 -35.07 -85.32
CA LEU C 444 20.38 -36.46 -85.66
C LEU C 444 21.04 -36.47 -87.04
N ASN C 445 22.31 -36.83 -87.09
CA ASN C 445 23.07 -36.95 -88.33
C ASN C 445 23.32 -38.42 -88.63
N VAL C 446 23.04 -38.82 -89.86
CA VAL C 446 23.37 -40.17 -90.35
C VAL C 446 24.16 -40.01 -91.64
N LEU C 447 25.40 -40.49 -91.63
CA LEU C 447 26.30 -40.32 -92.75
C LEU C 447 26.84 -41.69 -93.17
N SER C 448 27.28 -41.76 -94.43
CA SER C 448 27.96 -42.93 -94.96
C SER C 448 29.41 -42.55 -95.24
N VAL C 449 30.33 -43.07 -94.44
CA VAL C 449 31.73 -42.71 -94.52
C VAL C 449 32.56 -43.95 -94.82
N LYS C 450 33.83 -43.72 -95.17
CA LYS C 450 34.76 -44.79 -95.52
C LYS C 450 35.62 -45.11 -94.31
N PHE C 451 35.39 -46.28 -93.71
CA PHE C 451 36.21 -46.73 -92.60
C PHE C 451 37.58 -47.17 -93.10
N ALA C 452 38.61 -46.90 -92.31
CA ALA C 452 39.96 -47.28 -92.66
C ALA C 452 40.33 -48.62 -92.05
N ALA D 255 38.26 -21.41 -50.10
CA ALA D 255 37.57 -21.35 -51.38
C ALA D 255 38.51 -21.70 -52.53
N SER D 256 39.82 -21.53 -52.33
CA SER D 256 40.77 -21.86 -53.38
C SER D 256 40.77 -23.36 -53.65
N ALA D 257 40.49 -24.17 -52.63
CA ALA D 257 40.29 -25.60 -52.88
C ALA D 257 39.10 -25.83 -53.79
N ALA D 258 38.03 -25.04 -53.61
CA ALA D 258 36.90 -25.11 -54.52
C ALA D 258 37.31 -24.75 -55.94
N ARG D 259 38.14 -23.73 -56.09
CA ARG D 259 38.62 -23.37 -57.43
C ARG D 259 39.45 -24.48 -58.04
N ARG D 260 40.29 -25.13 -57.24
CA ARG D 260 41.06 -26.27 -57.71
C ARG D 260 40.14 -27.38 -58.22
N LYS D 261 39.10 -27.70 -57.46
CA LYS D 261 38.18 -28.74 -57.88
C LYS D 261 37.38 -28.31 -59.12
N GLU D 262 37.14 -27.02 -59.30
CA GLU D 262 36.52 -26.55 -60.53
C GLU D 262 37.45 -26.79 -61.73
N GLN D 263 38.74 -26.53 -61.56
CA GLN D 263 39.70 -26.86 -62.61
C GLN D 263 39.67 -28.35 -62.91
N GLU D 264 39.59 -29.17 -61.86
CA GLU D 264 39.50 -30.62 -62.04
C GLU D 264 38.27 -31.00 -62.85
N LEU D 265 37.14 -30.37 -62.55
CA LEU D 265 35.91 -30.63 -63.30
C LEU D 265 36.09 -30.29 -64.77
N GLU D 266 36.67 -29.13 -65.06
CA GLU D 266 36.87 -28.74 -66.45
C GLU D 266 37.77 -29.74 -67.17
N ARG D 267 38.86 -30.16 -66.51
CA ARG D 267 39.77 -31.12 -67.14
C ARG D 267 39.10 -32.45 -67.36
N SER D 268 38.25 -32.89 -66.41
CA SER D 268 37.52 -34.14 -66.57
C SER D 268 36.58 -34.09 -67.76
N GLN D 269 35.87 -32.96 -67.92
CA GLN D 269 35.00 -32.79 -69.08
C GLN D 269 35.79 -32.88 -70.37
N GLU D 270 36.93 -32.19 -70.42
CA GLU D 270 37.76 -32.23 -71.62
C GLU D 270 38.22 -33.66 -71.92
N GLN D 271 38.60 -34.40 -70.88
CA GLN D 271 39.05 -35.77 -71.07
C GLN D 271 37.94 -36.64 -71.61
N ALA D 272 36.72 -36.49 -71.07
CA ALA D 272 35.59 -37.27 -71.54
C ALA D 272 35.29 -36.99 -73.01
N LEU D 273 35.32 -35.70 -73.39
CA LEU D 273 35.08 -35.35 -74.78
C LEU D 273 36.17 -35.93 -75.68
N ARG D 274 37.42 -35.89 -75.22
CA ARG D 274 38.50 -36.50 -76.00
C ARG D 274 38.29 -38.00 -76.16
N GLU D 275 37.82 -38.66 -75.10
CA GLU D 275 37.55 -40.10 -75.19
C GLU D 275 36.47 -40.38 -76.23
N LYS D 276 35.41 -39.58 -76.25
CA LYS D 276 34.36 -39.76 -77.25
C LYS D 276 34.91 -39.52 -78.66
N ILE D 277 35.74 -38.49 -78.82
CA ILE D 277 36.34 -38.20 -80.12
C ILE D 277 37.16 -39.39 -80.60
N ASP D 278 37.95 -39.97 -79.70
CA ASP D 278 38.72 -41.16 -80.04
C ASP D 278 37.80 -42.32 -80.42
N SER D 279 36.74 -42.54 -79.63
CA SER D 279 35.85 -43.66 -79.88
C SER D 279 35.19 -43.55 -81.26
N VAL D 280 35.01 -42.34 -81.75
CA VAL D 280 34.44 -42.13 -83.08
C VAL D 280 35.50 -42.22 -84.18
N LEU D 281 36.67 -41.60 -83.98
CA LEU D 281 37.61 -41.44 -85.09
C LEU D 281 38.56 -42.62 -85.23
N LEU D 282 38.82 -43.37 -84.15
CA LEU D 282 39.74 -44.50 -84.24
C LEU D 282 39.31 -45.55 -85.26
N PRO D 283 38.04 -45.99 -85.30
CA PRO D 283 37.63 -46.88 -86.40
C PRO D 283 37.67 -46.22 -87.76
N ILE D 284 37.19 -44.97 -87.85
CA ILE D 284 37.04 -44.31 -89.14
C ILE D 284 38.41 -44.02 -89.76
N LEU D 285 39.31 -43.42 -88.99
CA LEU D 285 40.59 -42.98 -89.53
C LEU D 285 41.71 -43.97 -89.28
N GLY D 286 41.75 -44.56 -88.09
CA GLY D 286 42.80 -45.47 -87.72
C GLY D 286 43.61 -44.94 -86.55
N TYR D 287 44.61 -45.72 -86.17
CA TYR D 287 45.45 -45.40 -85.01
C TYR D 287 46.63 -44.55 -85.48
N GLY D 288 46.77 -43.36 -84.91
CA GLY D 288 47.87 -42.48 -85.24
C GLY D 288 47.71 -41.66 -86.49
N ASN D 289 46.55 -41.73 -87.15
CA ASN D 289 46.30 -40.94 -88.34
C ASN D 289 45.62 -39.61 -88.04
N TYR D 290 45.38 -39.30 -86.77
CA TYR D 290 44.70 -38.08 -86.39
C TYR D 290 45.21 -37.62 -85.04
N THR D 291 44.99 -36.34 -84.76
CA THR D 291 45.21 -35.80 -83.41
C THR D 291 44.11 -34.78 -83.14
N ALA D 292 43.62 -34.76 -81.90
CA ALA D 292 42.54 -33.87 -81.54
C ALA D 292 42.69 -33.42 -80.10
N GLN D 293 42.39 -32.15 -79.84
CA GLN D 293 42.40 -31.60 -78.50
C GLN D 293 41.13 -30.78 -78.30
N VAL D 294 40.68 -30.71 -77.05
CA VAL D 294 39.41 -30.09 -76.70
C VAL D 294 39.63 -29.09 -75.58
N ASP D 295 39.09 -27.89 -75.75
CA ASP D 295 39.09 -26.88 -74.69
C ASP D 295 37.66 -26.62 -74.26
N ILE D 296 37.41 -26.72 -72.94
CA ILE D 296 36.09 -26.49 -72.38
C ILE D 296 36.21 -25.41 -71.31
N GLN D 297 35.47 -24.31 -71.49
CA GLN D 297 35.40 -23.23 -70.53
C GLN D 297 34.06 -23.31 -69.83
N MET D 298 34.10 -23.36 -68.49
CA MET D 298 32.90 -23.53 -67.68
C MET D 298 32.72 -22.35 -66.74
N ASP D 299 31.53 -21.77 -66.75
CA ASP D 299 31.17 -20.71 -65.82
C ASP D 299 30.69 -21.32 -64.52
N PHE D 300 31.05 -20.69 -63.41
CA PHE D 300 30.69 -21.16 -62.09
C PHE D 300 30.03 -20.05 -61.28
N SER D 301 29.22 -19.23 -61.94
CA SER D 301 28.49 -18.18 -61.24
C SER D 301 27.40 -18.80 -60.37
N ALA D 302 26.72 -17.95 -59.61
CA ALA D 302 25.67 -18.36 -58.67
C ALA D 302 24.41 -17.55 -58.92
N VAL D 303 23.96 -17.51 -60.17
CA VAL D 303 22.77 -16.75 -60.52
C VAL D 303 21.55 -17.30 -59.78
N GLU D 304 20.67 -16.40 -59.37
CA GLU D 304 19.45 -16.76 -58.67
C GLU D 304 18.43 -15.67 -58.94
N GLN D 305 17.43 -15.97 -59.77
CA GLN D 305 16.54 -14.96 -60.33
C GLN D 305 15.11 -15.17 -59.84
N THR D 306 14.40 -14.06 -59.65
CA THR D 306 12.99 -14.08 -59.27
C THR D 306 12.24 -13.14 -60.21
N ARG D 307 11.26 -13.68 -60.93
CA ARG D 307 10.50 -12.92 -61.92
C ARG D 307 9.05 -12.87 -61.50
N LYS D 308 8.47 -11.67 -61.56
CA LYS D 308 7.05 -11.46 -61.27
C LYS D 308 6.42 -10.79 -62.47
N ARG D 309 5.66 -11.56 -63.24
CA ARG D 309 5.11 -11.12 -64.51
C ARG D 309 3.60 -11.03 -64.43
N PHE D 310 3.05 -10.02 -65.11
CA PHE D 310 1.61 -9.79 -65.15
C PHE D 310 1.12 -9.92 -66.60
N ASP D 311 -0.19 -9.77 -66.79
CA ASP D 311 -0.81 -9.86 -68.10
C ASP D 311 -1.66 -8.63 -68.33
N PRO D 312 -1.10 -7.58 -68.93
CA PRO D 312 -1.84 -6.31 -69.04
C PRO D 312 -3.11 -6.40 -69.86
N ASN D 313 -3.17 -7.29 -70.85
CA ASN D 313 -4.22 -7.26 -71.85
C ASN D 313 -5.46 -8.07 -71.49
N THR D 314 -5.46 -8.76 -70.34
CA THR D 314 -6.63 -9.50 -69.87
C THR D 314 -6.92 -9.19 -68.41
N PRO D 315 -7.38 -7.98 -68.11
CA PRO D 315 -7.78 -7.67 -66.74
C PRO D 315 -9.20 -8.14 -66.45
N ALA D 316 -9.47 -8.39 -65.17
CA ALA D 316 -10.78 -8.81 -64.71
C ALA D 316 -11.28 -7.82 -63.68
N THR D 317 -12.40 -7.17 -63.96
CA THR D 317 -12.91 -6.16 -63.05
C THR D 317 -13.47 -6.80 -61.79
N ARG D 318 -12.98 -6.36 -60.62
CA ARG D 318 -13.42 -6.87 -59.33
C ARG D 318 -14.57 -6.07 -58.77
N SER D 319 -14.39 -4.76 -58.63
CA SER D 319 -15.44 -3.84 -58.24
C SER D 319 -15.46 -2.68 -59.21
N GLU D 320 -16.61 -2.01 -59.31
CA GLU D 320 -16.75 -0.95 -60.30
C GLU D 320 -17.79 0.05 -59.83
N TYR D 321 -17.46 1.32 -59.97
CA TYR D 321 -18.39 2.42 -59.74
C TYR D 321 -18.42 3.30 -60.97
N ALA D 322 -19.61 3.76 -61.35
CA ALA D 322 -19.77 4.56 -62.55
C ALA D 322 -20.92 5.53 -62.36
N LEU D 323 -20.59 6.82 -62.26
CA LEU D 323 -21.58 7.89 -62.17
C LEU D 323 -21.56 8.68 -63.46
N GLU D 324 -22.74 8.88 -64.05
CA GLU D 324 -22.88 9.54 -65.36
C GLU D 324 -24.15 10.38 -65.36
N ASP D 325 -24.01 11.67 -65.05
CA ASP D 325 -25.15 12.57 -65.00
C ASP D 325 -25.03 13.64 -66.08
N TYR D 326 -26.19 14.09 -66.56
CA TYR D 326 -26.29 15.11 -67.60
C TYR D 326 -27.14 16.26 -67.08
N ASN D 327 -27.24 17.31 -67.89
CA ASN D 327 -28.10 18.45 -67.59
C ASN D 327 -28.51 19.17 -68.88
N GLY D 365 -25.10 20.65 -72.74
CA GLY D 365 -25.08 21.02 -71.34
C GLY D 365 -24.02 20.31 -70.53
N SER D 366 -24.17 20.35 -69.21
CA SER D 366 -23.22 19.69 -68.33
C SER D 366 -23.25 18.19 -68.53
N VAL D 367 -22.07 17.57 -68.60
CA VAL D 367 -21.92 16.14 -68.74
C VAL D 367 -20.77 15.71 -67.84
N ARG D 368 -21.09 15.05 -66.72
CA ARG D 368 -20.10 14.60 -65.76
C ARG D 368 -20.03 13.07 -65.79
N LYS D 369 -18.84 12.54 -66.01
CA LYS D 369 -18.63 11.10 -66.14
C LYS D 369 -17.57 10.65 -65.14
N GLU D 370 -17.98 10.38 -63.91
CA GLU D 370 -17.05 9.83 -62.92
C GLU D 370 -17.01 8.31 -63.05
N SER D 371 -15.87 7.74 -62.67
CA SER D 371 -15.69 6.29 -62.78
C SER D 371 -14.56 5.86 -61.87
N THR D 372 -14.76 4.72 -61.21
CA THR D 372 -13.74 4.09 -60.39
C THR D 372 -13.76 2.60 -60.68
N ARG D 373 -12.58 2.00 -60.80
CA ARG D 373 -12.49 0.61 -61.24
C ARG D 373 -11.32 -0.07 -60.56
N ASN D 374 -11.54 -1.29 -60.09
CA ASN D 374 -10.50 -2.13 -59.51
C ASN D 374 -10.35 -3.39 -60.34
N PHE D 375 -9.12 -3.82 -60.54
CA PHE D 375 -8.83 -4.93 -61.45
C PHE D 375 -8.08 -6.05 -60.74
N GLU D 376 -8.20 -7.24 -61.30
CA GLU D 376 -7.43 -8.42 -60.95
C GLU D 376 -6.72 -8.90 -62.19
N LEU D 377 -5.44 -9.24 -62.05
CA LEU D 377 -4.57 -9.54 -63.17
C LEU D 377 -3.91 -10.89 -63.00
N ASP D 378 -3.60 -11.53 -64.12
CA ASP D 378 -2.85 -12.79 -64.07
C ASP D 378 -1.46 -12.52 -63.54
N THR D 379 -1.06 -13.30 -62.53
CA THR D 379 0.20 -13.05 -61.83
C THR D 379 1.00 -14.35 -61.83
N THR D 380 2.16 -14.33 -62.47
CA THR D 380 3.09 -15.44 -62.46
C THR D 380 4.33 -15.04 -61.67
N ILE D 381 4.73 -15.88 -60.72
CA ILE D 381 5.90 -15.63 -59.88
C ILE D 381 6.79 -16.85 -59.99
N SER D 382 7.89 -16.72 -60.70
CA SER D 382 8.81 -17.83 -60.94
C SER D 382 10.16 -17.55 -60.31
N HIS D 383 10.63 -18.47 -59.48
CA HIS D 383 11.93 -18.38 -58.85
C HIS D 383 12.83 -19.46 -59.44
N GLU D 384 13.87 -19.03 -60.15
CA GLU D 384 14.81 -19.93 -60.82
C GLU D 384 16.17 -19.84 -60.16
N ARG D 385 16.86 -20.97 -60.07
CA ARG D 385 18.21 -21.02 -59.51
C ARG D 385 19.07 -21.84 -60.44
N LYS D 386 19.94 -21.17 -61.21
CA LYS D 386 20.73 -21.84 -62.22
C LYS D 386 21.77 -22.75 -61.59
N GLN D 387 22.11 -23.81 -62.30
CA GLN D 387 23.21 -24.66 -61.88
C GLN D 387 24.53 -23.91 -62.00
N THR D 388 25.42 -24.15 -61.03
CA THR D 388 26.67 -23.41 -60.94
C THR D 388 27.54 -23.59 -62.17
N GLY D 389 28.09 -24.78 -62.36
CA GLY D 389 29.02 -25.01 -63.44
C GLY D 389 28.37 -25.37 -64.75
N THR D 390 28.39 -24.47 -65.72
CA THR D 390 27.80 -24.70 -67.03
C THR D 390 28.84 -24.41 -68.11
N VAL D 391 28.88 -25.27 -69.13
CA VAL D 391 29.81 -25.09 -70.24
C VAL D 391 29.41 -23.85 -71.01
N ALA D 392 30.20 -22.78 -70.89
CA ALA D 392 29.90 -21.52 -71.57
C ALA D 392 30.44 -21.48 -72.99
N ARG D 393 31.53 -22.19 -73.26
CA ARG D 393 32.10 -22.22 -74.61
C ARG D 393 32.91 -23.50 -74.74
N GLN D 394 32.85 -24.10 -75.93
CA GLN D 394 33.55 -25.34 -76.20
C GLN D 394 34.29 -25.22 -77.52
N THR D 395 35.57 -25.58 -77.50
CA THR D 395 36.43 -25.50 -78.67
C THR D 395 37.03 -26.87 -78.93
N VAL D 396 36.88 -27.37 -80.15
CA VAL D 396 37.43 -28.66 -80.56
C VAL D 396 38.19 -28.47 -81.86
N SER D 397 39.40 -29.00 -81.92
CA SER D 397 40.21 -28.98 -83.14
C SER D 397 40.72 -30.38 -83.42
N VAL D 398 40.58 -30.83 -84.67
CA VAL D 398 41.02 -32.14 -85.10
C VAL D 398 41.91 -31.96 -86.32
N ALA D 399 43.07 -32.62 -86.31
CA ALA D 399 44.01 -32.58 -87.41
C ALA D 399 44.20 -33.99 -87.94
N ILE D 400 44.06 -34.15 -89.25
CA ILE D 400 44.11 -35.44 -89.91
C ILE D 400 45.41 -35.54 -90.70
N LYS D 401 46.12 -36.65 -90.53
CA LYS D 401 47.37 -36.85 -91.24
C LYS D 401 47.12 -36.97 -92.74
N ASP D 402 47.96 -36.30 -93.52
CA ASP D 402 47.87 -36.39 -94.97
C ASP D 402 48.47 -37.71 -95.45
N ARG D 403 48.00 -38.15 -96.62
CA ARG D 403 48.47 -39.38 -97.25
C ARG D 403 48.33 -40.58 -96.32
N PRO D 417 46.80 -35.62 -98.75
CA PRO D 417 45.74 -34.88 -98.08
C PRO D 417 44.39 -35.60 -98.12
N MET D 418 43.35 -34.94 -97.61
CA MET D 418 42.00 -35.49 -97.58
C MET D 418 41.05 -34.56 -98.31
N SER D 419 40.13 -35.15 -99.07
CA SER D 419 39.22 -34.37 -99.90
C SER D 419 38.26 -33.57 -99.03
N GLU D 420 37.71 -32.52 -99.64
CA GLU D 420 36.77 -31.65 -98.92
C GLU D 420 35.52 -32.40 -98.49
N SER D 421 35.04 -33.32 -99.33
CA SER D 421 33.83 -34.06 -99.01
C SER D 421 34.02 -34.89 -97.74
N GLU D 422 35.13 -35.61 -97.64
CA GLU D 422 35.37 -36.42 -96.46
C GLU D 422 35.65 -35.56 -95.24
N ILE D 423 36.29 -34.41 -95.41
CA ILE D 423 36.50 -33.49 -94.31
C ILE D 423 35.15 -33.02 -93.75
N ASN D 424 34.23 -32.67 -94.65
CA ASN D 424 32.92 -32.22 -94.21
C ASN D 424 32.11 -33.37 -93.59
N ALA D 425 32.28 -34.58 -94.09
CA ALA D 425 31.62 -35.73 -93.48
C ALA D 425 32.13 -35.97 -92.06
N ILE D 426 33.44 -35.89 -91.86
CA ILE D 426 34.01 -36.02 -90.52
C ILE D 426 33.49 -34.90 -89.62
N ARG D 427 33.40 -33.69 -90.16
CA ARG D 427 32.85 -32.59 -89.38
C ARG D 427 31.40 -32.86 -88.99
N GLN D 428 30.62 -33.43 -89.90
CA GLN D 428 29.23 -33.77 -89.59
C GLN D 428 29.14 -34.83 -88.50
N VAL D 429 30.03 -35.83 -88.54
CA VAL D 429 30.04 -36.84 -87.49
C VAL D 429 30.39 -36.21 -86.14
N LEU D 430 31.41 -35.35 -86.13
CA LEU D 430 31.81 -34.69 -84.90
C LEU D 430 30.67 -33.84 -84.35
N ILE D 431 29.93 -33.16 -85.22
CA ILE D 431 28.73 -32.44 -84.82
C ILE D 431 27.68 -33.47 -84.43
N GLY D 432 27.51 -33.69 -83.14
CA GLY D 432 26.73 -34.81 -82.68
C GLY D 432 27.57 -35.77 -81.87
N THR D 433 28.81 -36.01 -82.33
CA THR D 433 29.76 -36.69 -81.45
C THR D 433 30.08 -35.84 -80.23
N VAL D 434 30.29 -34.54 -80.43
CA VAL D 434 30.63 -33.64 -79.32
C VAL D 434 29.44 -32.85 -78.81
N GLY D 435 28.40 -32.68 -79.62
CA GLY D 435 27.30 -31.83 -79.24
C GLY D 435 27.56 -30.38 -79.62
N PHE D 436 27.95 -30.16 -80.86
CA PHE D 436 28.31 -28.83 -81.32
C PHE D 436 27.12 -27.88 -81.18
N ASP D 437 27.37 -26.70 -80.61
CA ASP D 437 26.33 -25.71 -80.32
C ASP D 437 26.90 -24.34 -80.72
N GLN D 438 26.64 -23.94 -81.98
CA GLN D 438 27.19 -22.68 -82.47
C GLN D 438 26.60 -21.49 -81.72
N GLY D 439 25.32 -21.56 -81.37
CA GLY D 439 24.69 -20.46 -80.64
C GLY D 439 25.31 -20.21 -79.29
N ARG D 440 25.99 -21.20 -78.72
CA ARG D 440 26.72 -21.03 -77.47
C ARG D 440 28.07 -20.39 -77.67
N GLY D 441 28.51 -20.24 -78.92
CA GLY D 441 29.85 -19.76 -79.21
C GLY D 441 30.88 -20.84 -79.43
N ASP D 442 30.47 -22.09 -79.52
CA ASP D 442 31.40 -23.19 -79.70
C ASP D 442 32.06 -23.12 -81.08
N LEU D 443 33.21 -23.74 -81.19
CA LEU D 443 34.01 -23.71 -82.40
C LEU D 443 34.57 -25.10 -82.67
N LEU D 444 34.53 -25.50 -83.94
CA LEU D 444 34.98 -26.83 -84.35
C LEU D 444 35.82 -26.67 -85.61
N ASN D 445 37.12 -26.93 -85.51
CA ASN D 445 38.04 -26.88 -86.63
C ASN D 445 38.45 -28.29 -87.02
N VAL D 446 38.37 -28.61 -88.30
CA VAL D 446 38.88 -29.87 -88.84
C VAL D 446 39.83 -29.53 -89.97
N LEU D 447 41.10 -29.93 -89.82
CA LEU D 447 42.12 -29.59 -90.79
C LEU D 447 42.83 -30.87 -91.24
N SER D 448 43.45 -30.80 -92.42
CA SER D 448 44.29 -31.87 -92.94
C SER D 448 45.72 -31.36 -92.97
N VAL D 449 46.57 -31.89 -92.10
CA VAL D 449 47.93 -31.41 -91.93
C VAL D 449 48.89 -32.56 -92.21
N LYS D 450 50.16 -32.21 -92.35
CA LYS D 450 51.23 -33.17 -92.65
C LYS D 450 51.93 -33.55 -91.36
N PHE D 451 51.72 -34.77 -90.90
CA PHE D 451 52.42 -35.26 -89.72
C PHE D 451 53.87 -35.55 -90.05
N ALA D 452 54.76 -35.29 -89.10
CA ALA D 452 56.18 -35.54 -89.28
C ALA D 452 56.56 -36.91 -88.74
N ALA E 255 46.42 -13.90 -45.45
CA ALA E 255 45.92 -13.78 -46.81
C ALA E 255 47.03 -13.95 -47.84
N SER E 256 48.28 -13.71 -47.43
CA SER E 256 49.39 -13.87 -48.36
C SER E 256 49.56 -15.34 -48.75
N ALA E 257 49.22 -16.26 -47.85
CA ALA E 257 49.17 -17.67 -48.24
C ALA E 257 48.13 -17.89 -49.34
N ALA E 258 46.99 -17.20 -49.25
CA ALA E 258 46.01 -17.27 -50.32
C ALA E 258 46.58 -16.76 -51.62
N ARG E 259 47.33 -15.67 -51.58
CA ARG E 259 47.96 -15.15 -52.79
C ARG E 259 48.96 -16.13 -53.37
N ARG E 260 49.73 -16.80 -52.50
CA ARG E 260 50.65 -17.83 -52.95
C ARG E 260 49.91 -18.95 -53.67
N LYS E 261 48.80 -19.41 -53.09
CA LYS E 261 48.03 -20.47 -53.74
C LYS E 261 47.39 -19.99 -55.03
N GLU E 262 47.06 -18.71 -55.15
CA GLU E 262 46.59 -18.16 -56.41
C GLU E 262 47.68 -18.23 -57.48
N GLN E 263 48.91 -17.90 -57.10
CA GLN E 263 50.03 -18.06 -58.02
C GLN E 263 50.18 -19.51 -58.44
N GLU E 264 50.02 -20.42 -57.49
CA GLU E 264 50.07 -21.85 -57.80
C GLU E 264 49.00 -22.25 -58.80
N LEU E 265 47.78 -21.73 -58.63
CA LEU E 265 46.70 -22.01 -59.56
C LEU E 265 47.06 -21.53 -60.96
N GLU E 266 47.57 -20.30 -61.07
CA GLU E 266 47.94 -19.77 -62.38
C GLU E 266 49.01 -20.64 -63.03
N ARG E 267 50.03 -21.03 -62.27
CA ARG E 267 51.09 -21.86 -62.82
C ARG E 267 50.57 -23.23 -63.25
N SER E 268 49.64 -23.79 -62.48
CA SER E 268 49.05 -25.08 -62.84
C SER E 268 48.27 -24.98 -64.14
N GLN E 269 47.51 -23.90 -64.31
CA GLN E 269 46.79 -23.69 -65.57
C GLN E 269 47.76 -23.59 -66.74
N GLU E 270 48.84 -22.83 -66.57
CA GLU E 270 49.82 -22.70 -67.62
C GLU E 270 50.44 -24.06 -67.97
N GLN E 271 50.73 -24.86 -66.95
CA GLN E 271 51.32 -26.17 -67.18
C GLN E 271 50.37 -27.08 -67.95
N ALA E 272 49.08 -27.05 -67.58
CA ALA E 272 48.10 -27.87 -68.28
C ALA E 272 47.98 -27.46 -69.75
N LEU E 273 47.94 -26.16 -70.01
CA LEU E 273 47.88 -25.70 -71.38
C LEU E 273 49.12 -26.11 -72.16
N ARG E 274 50.29 -26.02 -71.53
CA ARG E 274 51.51 -26.48 -72.18
C ARG E 274 51.46 -27.97 -72.50
N GLU E 275 50.90 -28.77 -71.58
CA GLU E 275 50.75 -30.20 -71.82
C GLU E 275 49.87 -30.46 -73.03
N LYS E 276 48.76 -29.74 -73.13
CA LYS E 276 47.89 -29.90 -74.30
C LYS E 276 48.59 -29.49 -75.58
N ILE E 277 49.35 -28.39 -75.54
CA ILE E 277 50.10 -27.95 -76.70
C ILE E 277 51.07 -29.03 -77.15
N ASP E 278 51.78 -29.62 -76.20
CA ASP E 278 52.69 -30.72 -76.52
C ASP E 278 51.93 -31.89 -77.12
N SER E 279 50.80 -32.27 -76.52
CA SER E 279 50.04 -33.42 -76.98
C SER E 279 49.57 -33.23 -78.42
N VAL E 280 49.37 -31.99 -78.84
CA VAL E 280 48.97 -31.71 -80.22
C VAL E 280 50.17 -31.62 -81.15
N LEU E 281 51.25 -30.94 -80.74
CA LEU E 281 52.31 -30.62 -81.68
C LEU E 281 53.38 -31.71 -81.78
N LEU E 282 53.54 -32.53 -80.75
CA LEU E 282 54.57 -33.57 -80.78
C LEU E 282 54.36 -34.55 -81.94
N PRO E 283 53.14 -35.08 -82.20
CA PRO E 283 52.96 -35.89 -83.41
C PRO E 283 53.15 -35.10 -84.70
N ILE E 284 52.58 -33.89 -84.75
CA ILE E 284 52.55 -33.13 -86.00
C ILE E 284 53.96 -32.69 -86.38
N LEU E 285 54.69 -32.10 -85.44
CA LEU E 285 56.00 -31.52 -85.76
C LEU E 285 57.16 -32.44 -85.41
N GLY E 286 57.08 -33.14 -84.30
CA GLY E 286 58.15 -34.01 -83.84
C GLY E 286 58.73 -33.52 -82.53
N TYR E 287 59.73 -34.27 -82.07
CA TYR E 287 60.37 -33.99 -80.79
C TYR E 287 61.53 -33.02 -81.00
N GLY E 288 61.48 -31.88 -80.33
CA GLY E 288 62.55 -30.91 -80.41
C GLY E 288 62.49 -29.99 -81.61
N ASN E 289 61.45 -30.07 -82.44
CA ASN E 289 61.30 -29.19 -83.58
C ASN E 289 60.47 -27.95 -83.27
N TYR E 290 60.04 -27.78 -82.02
CA TYR E 290 59.21 -26.64 -81.66
C TYR E 290 59.49 -26.28 -80.21
N THR E 291 59.13 -25.06 -79.86
CA THR E 291 59.11 -24.62 -78.47
C THR E 291 57.91 -23.72 -78.27
N ALA E 292 57.25 -23.85 -77.12
CA ALA E 292 56.06 -23.07 -76.85
C ALA E 292 55.97 -22.75 -75.36
N GLN E 293 55.53 -21.53 -75.06
CA GLN E 293 55.30 -21.11 -73.69
C GLN E 293 53.96 -20.39 -73.61
N VAL E 294 53.33 -20.47 -72.43
CA VAL E 294 51.98 -19.99 -72.23
C VAL E 294 51.96 -19.08 -71.01
N ASP E 295 51.35 -17.91 -71.14
CA ASP E 295 51.12 -17.00 -70.03
C ASP E 295 49.61 -16.90 -69.77
N ILE E 296 49.20 -17.14 -68.54
CA ILE E 296 47.80 -17.05 -68.15
C ILE E 296 47.69 -16.06 -67.00
N GLN E 297 46.89 -15.01 -67.20
CA GLN E 297 46.60 -14.02 -66.17
C GLN E 297 45.18 -14.26 -65.66
N MET E 298 45.03 -14.44 -64.35
CA MET E 298 43.76 -14.77 -63.75
C MET E 298 43.35 -13.70 -62.75
N ASP E 299 42.12 -13.20 -62.88
CA ASP E 299 41.56 -12.27 -61.94
C ASP E 299 40.95 -13.02 -60.77
N PHE E 300 41.10 -12.47 -59.57
CA PHE E 300 40.60 -13.09 -58.35
C PHE E 300 39.75 -12.10 -57.56
N SER E 301 38.97 -11.28 -58.27
CA SER E 301 38.06 -10.36 -57.60
C SER E 301 36.92 -11.13 -56.95
N ALA E 302 36.07 -10.41 -56.23
CA ALA E 302 34.94 -10.97 -55.50
C ALA E 302 33.66 -10.24 -55.85
N VAL E 303 33.38 -10.11 -57.15
CA VAL E 303 32.20 -9.41 -57.61
C VAL E 303 30.94 -10.11 -57.10
N GLU E 304 29.93 -9.31 -56.75
CA GLU E 304 28.66 -9.84 -56.27
C GLU E 304 27.60 -8.80 -56.59
N GLN E 305 26.77 -9.09 -57.58
CA GLN E 305 25.88 -8.09 -58.19
C GLN E 305 24.42 -8.45 -57.93
N THR E 306 23.59 -7.42 -57.75
CA THR E 306 22.15 -7.57 -57.58
C THR E 306 21.46 -6.61 -58.54
N ARG E 307 20.64 -7.14 -59.44
CA ARG E 307 19.97 -6.35 -60.46
C ARG E 307 18.47 -6.43 -60.25
N LYS E 308 17.81 -5.29 -60.30
CA LYS E 308 16.36 -5.20 -60.20
C LYS E 308 15.84 -4.47 -61.43
N ARG E 309 15.27 -5.21 -62.36
CA ARG E 309 14.86 -4.70 -63.65
C ARG E 309 13.34 -4.72 -63.79
N PHE E 310 12.81 -3.71 -64.45
CA PHE E 310 11.38 -3.57 -64.70
C PHE E 310 11.11 -3.60 -66.20
N ASP E 311 9.83 -3.53 -66.55
CA ASP E 311 9.41 -3.54 -67.95
C ASP E 311 8.49 -2.35 -68.20
N PRO E 312 9.04 -1.21 -68.63
CA PRO E 312 8.23 0.00 -68.75
C PRO E 312 7.10 -0.10 -69.75
N ASN E 313 7.25 -0.90 -70.80
CA ASN E 313 6.35 -0.86 -71.94
C ASN E 313 5.14 -1.78 -71.83
N THR E 314 5.04 -2.57 -70.75
CA THR E 314 3.88 -3.43 -70.53
C THR E 314 3.36 -3.28 -69.10
N PRO E 315 2.77 -2.14 -68.77
CA PRO E 315 2.16 -1.99 -67.45
C PRO E 315 0.76 -2.58 -67.41
N ALA E 316 0.34 -2.97 -66.21
CA ALA E 316 -0.99 -3.52 -65.98
C ALA E 316 -1.71 -2.67 -64.95
N THR E 317 -2.82 -2.08 -65.34
CA THR E 317 -3.54 -1.19 -64.43
C THR E 317 -4.21 -1.98 -63.32
N ARG E 318 -3.93 -1.62 -62.08
CA ARG E 318 -4.49 -2.28 -60.91
C ARG E 318 -5.78 -1.61 -60.45
N SER E 319 -5.73 -0.31 -60.19
CA SER E 319 -6.90 0.49 -59.87
C SER E 319 -6.88 1.73 -60.75
N GLU E 320 -8.05 2.32 -60.95
CA GLU E 320 -8.15 3.45 -61.86
C GLU E 320 -9.31 4.33 -61.46
N TYR E 321 -9.08 5.64 -61.46
CA TYR E 321 -10.12 6.63 -61.27
C TYR E 321 -10.06 7.62 -62.43
N ALA E 322 -11.22 8.02 -62.93
CA ALA E 322 -11.26 8.93 -64.07
C ALA E 322 -12.51 9.79 -63.96
N LEU E 323 -12.31 11.08 -63.72
CA LEU E 323 -13.39 12.06 -63.69
C LEU E 323 -13.26 12.98 -64.90
N GLU E 324 -14.36 13.15 -65.64
CA GLU E 324 -14.36 13.91 -66.89
C GLU E 324 -15.69 14.65 -67.00
N ASP E 325 -15.71 15.92 -66.57
CA ASP E 325 -16.91 16.72 -66.63
C ASP E 325 -16.73 17.89 -67.58
N TYR E 326 -17.85 18.31 -68.19
CA TYR E 326 -17.88 19.41 -69.14
C TYR E 326 -18.89 20.46 -68.66
N ASN E 327 -18.96 21.56 -69.40
CA ASN E 327 -19.95 22.60 -69.12
C ASN E 327 -20.23 23.40 -70.40
N GLY E 365 -16.45 25.47 -73.59
CA GLY E 365 -16.67 25.71 -72.17
C GLY E 365 -15.67 25.01 -71.28
N SER E 366 -16.01 24.91 -70.00
CA SER E 366 -15.13 24.25 -69.04
C SER E 366 -15.01 22.76 -69.38
N VAL E 367 -13.77 22.25 -69.32
CA VAL E 367 -13.50 20.84 -69.55
C VAL E 367 -12.46 20.42 -68.52
N ARG E 368 -12.87 19.64 -67.53
CA ARG E 368 -12.00 19.17 -66.46
C ARG E 368 -11.80 17.66 -66.61
N LYS E 369 -10.55 17.23 -66.69
CA LYS E 369 -10.20 15.82 -66.91
C LYS E 369 -9.25 15.38 -65.81
N GLU E 370 -9.80 14.95 -64.68
CA GLU E 370 -8.98 14.38 -63.62
C GLU E 370 -8.80 12.89 -63.85
N SER E 371 -7.68 12.36 -63.36
CA SER E 371 -7.36 10.96 -63.57
C SER E 371 -6.34 10.52 -62.53
N THR E 372 -6.52 9.33 -62.01
CA THR E 372 -5.58 8.69 -61.09
C THR E 372 -5.44 7.23 -61.51
N ARG E 373 -4.21 6.73 -61.52
CA ARG E 373 -3.95 5.40 -62.04
C ARG E 373 -2.83 4.74 -61.26
N ASN E 374 -3.01 3.47 -60.92
CA ASN E 374 -2.00 2.66 -60.27
C ASN E 374 -1.62 1.50 -61.17
N PHE E 375 -0.34 1.16 -61.22
CA PHE E 375 0.16 0.18 -62.17
C PHE E 375 0.89 -0.94 -61.45
N GLU E 376 0.95 -2.09 -62.11
CA GLU E 376 1.76 -3.24 -61.75
C GLU E 376 2.68 -3.55 -62.91
N LEU E 377 3.94 -3.81 -62.62
CA LEU E 377 4.98 -3.94 -63.63
C LEU E 377 5.74 -5.25 -63.46
N ASP E 378 6.24 -5.77 -64.58
CA ASP E 378 7.07 -6.96 -64.53
C ASP E 378 8.35 -6.65 -63.77
N THR E 379 8.68 -7.48 -62.78
CA THR E 379 9.79 -7.23 -61.88
C THR E 379 10.70 -8.44 -61.87
N THR E 380 11.93 -8.28 -62.34
CA THR E 380 12.94 -9.33 -62.28
C THR E 380 14.02 -8.92 -61.29
N ILE E 381 14.36 -9.81 -60.37
CA ILE E 381 15.36 -9.56 -59.35
C ILE E 381 16.37 -10.69 -59.42
N SER E 382 17.55 -10.42 -59.95
CA SER E 382 18.58 -11.44 -60.15
C SER E 382 19.79 -11.12 -59.30
N HIS E 383 20.21 -12.08 -58.49
CA HIS E 383 21.41 -11.95 -57.67
C HIS E 383 22.47 -12.90 -58.21
N GLU E 384 23.56 -12.34 -58.72
CA GLU E 384 24.64 -13.11 -59.32
C GLU E 384 25.89 -12.98 -58.46
N ARG E 385 26.66 -14.06 -58.37
CA ARG E 385 27.91 -14.07 -57.62
C ARG E 385 28.97 -14.73 -58.48
N LYS E 386 29.86 -13.93 -59.05
CA LYS E 386 30.84 -14.45 -60.00
C LYS E 386 31.86 -15.34 -59.29
N GLN E 387 32.38 -16.30 -60.03
CA GLN E 387 33.48 -17.11 -59.53
C GLN E 387 34.74 -16.26 -59.38
N THR E 388 35.50 -16.53 -58.33
CA THR E 388 36.66 -15.71 -57.99
C THR E 388 37.71 -15.70 -59.09
N GLY E 389 38.37 -16.83 -59.30
CA GLY E 389 39.46 -16.90 -60.25
C GLY E 389 39.03 -17.19 -61.67
N THR E 390 39.11 -16.20 -62.55
CA THR E 390 38.73 -16.35 -63.94
C THR E 390 39.87 -15.89 -64.84
N VAL E 391 40.13 -16.65 -65.89
CA VAL E 391 41.19 -16.29 -66.85
C VAL E 391 40.79 -15.01 -67.56
N ALA E 392 41.48 -13.91 -67.24
CA ALA E 392 41.17 -12.62 -67.85
C ALA E 392 41.89 -12.41 -69.17
N ARG E 393 43.07 -13.01 -69.34
CA ARG E 393 43.82 -12.88 -70.57
C ARG E 393 44.74 -14.08 -70.71
N GLN E 394 44.90 -14.58 -71.93
CA GLN E 394 45.73 -15.74 -72.20
C GLN E 394 46.64 -15.44 -73.37
N THR E 395 47.93 -15.70 -73.20
CA THR E 395 48.94 -15.45 -74.23
C THR E 395 49.68 -16.75 -74.51
N VAL E 396 49.73 -17.14 -75.77
CA VAL E 396 50.44 -18.34 -76.20
C VAL E 396 51.36 -17.99 -77.36
N SER E 397 52.61 -18.42 -77.28
CA SER E 397 53.57 -18.23 -78.37
C SER E 397 54.22 -19.57 -78.68
N VAL E 398 54.30 -19.90 -79.97
CA VAL E 398 54.90 -21.14 -80.44
C VAL E 398 55.93 -20.78 -81.50
N ALA E 399 57.13 -21.35 -81.36
CA ALA E 399 58.22 -21.15 -82.31
C ALA E 399 58.60 -22.48 -82.92
N ILE E 400 58.65 -22.53 -84.25
CA ILE E 400 58.90 -23.75 -85.01
C ILE E 400 60.29 -23.68 -85.60
N LYS E 401 61.06 -24.74 -85.42
CA LYS E 401 62.42 -24.79 -85.94
C LYS E 401 62.39 -24.79 -87.48
N ASP E 402 63.27 -23.99 -88.07
CA ASP E 402 63.39 -23.96 -89.52
C ASP E 402 64.15 -25.18 -90.01
N ARG E 403 63.89 -25.54 -91.27
CA ARG E 403 64.55 -26.67 -91.92
C ARG E 403 64.39 -27.96 -91.12
N PRO E 417 62.79 -22.92 -93.34
CA PRO E 417 61.59 -22.32 -92.77
C PRO E 417 60.33 -23.12 -93.05
N MET E 418 59.18 -22.59 -92.67
CA MET E 418 57.89 -23.24 -92.87
C MET E 418 56.98 -22.31 -93.65
N SER E 419 56.23 -22.89 -94.59
CA SER E 419 55.38 -22.10 -95.47
C SER E 419 54.24 -21.45 -94.69
N GLU E 420 53.68 -20.39 -95.28
CA GLU E 420 52.59 -19.66 -94.64
C GLU E 420 51.37 -20.54 -94.46
N SER E 421 51.07 -21.41 -95.44
CA SER E 421 49.90 -22.27 -95.35
C SER E 421 49.98 -23.19 -94.14
N GLU E 422 51.13 -23.84 -93.94
CA GLU E 422 51.26 -24.74 -92.81
C GLU E 422 51.30 -23.98 -91.48
N ILE E 423 51.87 -22.76 -91.48
CA ILE E 423 51.83 -21.94 -90.28
C ILE E 423 50.39 -21.62 -89.90
N ASN E 424 49.58 -21.25 -90.88
CA ASN E 424 48.18 -20.94 -90.60
C ASN E 424 47.40 -22.20 -90.20
N ALA E 425 47.74 -23.35 -90.77
CA ALA E 425 47.09 -24.59 -90.36
C ALA E 425 47.42 -24.93 -88.91
N ILE E 426 48.69 -24.76 -88.51
CA ILE E 426 49.06 -24.98 -87.12
C ILE E 426 48.34 -23.99 -86.22
N ARG E 427 48.22 -22.75 -86.66
CA ARG E 427 47.47 -21.75 -85.89
C ARG E 427 46.01 -22.17 -85.73
N GLN E 428 45.42 -22.71 -86.79
CA GLN E 428 44.03 -23.17 -86.71
C GLN E 428 43.88 -24.32 -85.73
N VAL E 429 44.84 -25.25 -85.73
CA VAL E 429 44.79 -26.36 -84.78
C VAL E 429 44.90 -25.82 -83.34
N LEU E 430 45.83 -24.90 -83.11
CA LEU E 430 46.00 -24.33 -81.78
C LEU E 430 44.73 -23.62 -81.34
N ILE E 431 44.06 -22.93 -82.25
CA ILE E 431 42.77 -22.32 -81.97
C ILE E 431 41.76 -23.45 -81.83
N GLY E 432 41.44 -23.81 -80.60
CA GLY E 432 40.68 -25.02 -80.34
C GLY E 432 41.49 -25.98 -79.50
N THR E 433 42.80 -26.10 -79.79
CA THR E 433 43.67 -26.79 -78.85
C THR E 433 43.75 -26.04 -77.53
N VAL E 434 43.87 -24.70 -77.58
CA VAL E 434 43.98 -23.89 -76.37
C VAL E 434 42.67 -23.24 -75.98
N GLY E 435 41.73 -23.06 -76.91
CA GLY E 435 40.52 -22.33 -76.62
C GLY E 435 40.71 -20.85 -76.85
N PHE E 436 41.26 -20.48 -78.01
CA PHE E 436 41.56 -19.09 -78.30
C PHE E 436 40.29 -18.25 -78.26
N ASP E 437 40.36 -17.11 -77.55
CA ASP E 437 39.22 -16.22 -77.34
C ASP E 437 39.72 -14.79 -77.53
N GLN E 438 39.60 -14.30 -78.77
CA GLN E 438 40.10 -12.96 -79.09
C GLN E 438 39.32 -11.89 -78.34
N GLY E 439 38.01 -12.07 -78.19
CA GLY E 439 37.20 -11.10 -77.47
C GLY E 439 37.60 -10.93 -76.03
N ARG E 440 38.26 -11.92 -75.44
CA ARG E 440 38.80 -11.82 -74.09
C ARG E 440 40.12 -11.07 -74.04
N GLY E 441 40.72 -10.78 -75.20
CA GLY E 441 42.03 -10.17 -75.25
C GLY E 441 43.17 -11.15 -75.40
N ASP E 442 42.87 -12.43 -75.65
CA ASP E 442 43.92 -13.42 -75.79
C ASP E 442 44.75 -13.17 -77.04
N LEU E 443 45.96 -13.71 -77.03
CA LEU E 443 46.91 -13.50 -78.11
C LEU E 443 47.62 -14.82 -78.40
N LEU E 444 47.79 -15.11 -79.69
CA LEU E 444 48.40 -16.36 -80.15
C LEU E 444 49.39 -16.02 -81.25
N ASN E 445 50.68 -16.20 -80.98
CA ASN E 445 51.73 -15.97 -81.95
C ASN E 445 52.31 -17.31 -82.38
N VAL E 446 52.45 -17.51 -83.68
CA VAL E 446 53.13 -18.68 -84.24
C VAL E 446 54.20 -18.18 -85.20
N LEU E 447 55.45 -18.49 -84.90
CA LEU E 447 56.57 -18.00 -85.68
C LEU E 447 57.44 -19.17 -86.13
N SER E 448 58.20 -18.96 -87.19
CA SER E 448 59.20 -19.91 -87.67
C SER E 448 60.57 -19.29 -87.45
N VAL E 449 61.33 -19.84 -86.50
CA VAL E 449 62.62 -19.28 -86.11
C VAL E 449 63.69 -20.33 -86.34
N LYS E 450 64.95 -19.89 -86.25
CA LYS E 450 66.11 -20.74 -86.47
C LYS E 450 66.65 -21.17 -85.13
N PHE E 451 66.49 -22.46 -84.81
CA PHE E 451 67.05 -23.00 -83.59
C PHE E 451 68.56 -23.15 -83.72
N ALA E 452 69.28 -22.91 -82.63
CA ALA E 452 70.72 -23.04 -82.62
C ALA E 452 71.14 -24.43 -82.15
N ALA F 255 53.21 -6.30 -39.07
CA ALA F 255 52.89 -6.09 -40.48
C ALA F 255 54.15 -6.08 -41.34
N SER F 256 55.30 -5.80 -40.74
CA SER F 256 56.54 -5.79 -41.50
C SER F 256 56.88 -7.20 -41.98
N ALA F 257 56.49 -8.23 -41.23
CA ALA F 257 56.62 -9.59 -41.73
C ALA F 257 55.77 -9.78 -42.97
N ALA F 258 54.57 -9.19 -43.00
CA ALA F 258 53.75 -9.23 -44.20
C ALA F 258 54.45 -8.56 -45.37
N ARG F 259 55.11 -7.42 -45.12
CA ARG F 259 55.84 -6.74 -46.18
C ARG F 259 57.00 -7.61 -46.69
N ARG F 260 57.69 -8.30 -45.77
CA ARG F 260 58.75 -9.21 -46.16
C ARG F 260 58.21 -10.31 -47.07
N LYS F 261 57.07 -10.89 -46.71
CA LYS F 261 56.50 -11.95 -47.55
C LYS F 261 56.00 -11.40 -48.88
N GLU F 262 55.58 -10.13 -48.93
CA GLU F 262 55.25 -9.51 -50.20
C GLU F 262 56.48 -9.41 -51.09
N GLN F 263 57.62 -9.01 -50.52
CA GLN F 263 58.87 -9.01 -51.27
C GLN F 263 59.19 -10.40 -51.78
N GLU F 264 58.97 -11.41 -50.95
CA GLU F 264 59.20 -12.80 -51.36
C GLU F 264 58.30 -13.18 -52.54
N LEU F 265 57.04 -12.77 -52.50
CA LEU F 265 56.12 -13.03 -53.61
C LEU F 265 56.62 -12.40 -54.90
N GLU F 266 57.05 -11.13 -54.82
CA GLU F 266 57.54 -10.46 -56.01
C GLU F 266 58.76 -11.18 -56.59
N ARG F 267 59.69 -11.57 -55.70
CA ARG F 267 60.89 -12.26 -56.16
C ARG F 267 60.55 -13.62 -56.77
N SER F 268 59.58 -14.32 -56.19
CA SER F 268 59.14 -15.60 -56.74
C SER F 268 58.55 -15.44 -58.14
N GLN F 269 57.73 -14.41 -58.32
CA GLN F 269 57.18 -14.13 -59.65
C GLN F 269 58.29 -13.87 -60.66
N GLU F 270 59.27 -13.04 -60.26
CA GLU F 270 60.38 -12.75 -61.16
C GLU F 270 61.14 -14.02 -61.51
N GLN F 271 61.36 -14.89 -60.53
CA GLN F 271 62.09 -16.13 -60.78
C GLN F 271 61.32 -17.03 -61.75
N ALA F 272 60.00 -17.12 -61.58
CA ALA F 272 59.19 -17.94 -62.47
C ALA F 272 59.25 -17.41 -63.91
N LEU F 273 59.14 -16.10 -64.06
CA LEU F 273 59.23 -15.52 -65.39
C LEU F 273 60.61 -15.76 -66.01
N ARG F 274 61.67 -15.65 -65.21
CA ARG F 274 63.00 -15.97 -65.71
C ARG F 274 63.11 -17.42 -66.15
N GLU F 275 62.50 -18.33 -65.38
CA GLU F 275 62.51 -19.73 -65.75
C GLU F 275 61.83 -19.95 -67.10
N LYS F 276 60.68 -19.30 -67.31
CA LYS F 276 59.99 -19.42 -68.59
C LYS F 276 60.83 -18.85 -69.73
N ILE F 277 61.48 -17.70 -69.49
CA ILE F 277 62.34 -17.10 -70.50
C ILE F 277 63.45 -18.06 -70.88
N ASP F 278 64.08 -18.70 -69.88
CA ASP F 278 65.11 -19.68 -70.17
C ASP F 278 64.54 -20.86 -70.96
N SER F 279 63.37 -21.36 -70.55
CA SER F 279 62.79 -22.51 -71.23
C SER F 279 62.51 -22.23 -72.69
N VAL F 280 62.25 -20.97 -73.04
CA VAL F 280 62.04 -20.59 -74.43
C VAL F 280 63.34 -20.33 -75.16
N LEU F 281 64.29 -19.61 -74.55
CA LEU F 281 65.45 -19.13 -75.29
C LEU F 281 66.60 -20.14 -75.32
N LEU F 282 66.69 -21.03 -74.34
CA LEU F 282 67.79 -21.99 -74.32
C LEU F 282 67.83 -22.87 -75.57
N PRO F 283 66.71 -23.46 -76.05
CA PRO F 283 66.78 -24.17 -77.34
C PRO F 283 67.07 -23.25 -78.51
N ILE F 284 66.40 -22.09 -78.55
CA ILE F 284 66.49 -21.22 -79.71
C ILE F 284 67.90 -20.64 -79.85
N LEU F 285 68.44 -20.09 -78.77
CA LEU F 285 69.72 -19.39 -78.85
C LEU F 285 70.90 -20.26 -78.42
N GLY F 286 70.72 -21.05 -77.39
CA GLY F 286 71.78 -21.89 -76.85
C GLY F 286 72.15 -21.49 -75.44
N TYR F 287 73.13 -22.20 -74.89
CA TYR F 287 73.56 -21.99 -73.51
C TYR F 287 74.65 -20.93 -73.49
N GLY F 288 74.41 -19.87 -72.72
CA GLY F 288 75.39 -18.81 -72.58
C GLY F 288 75.43 -17.80 -73.69
N ASN F 289 74.52 -17.88 -74.66
CA ASN F 289 74.46 -16.91 -75.74
C ASN F 289 73.50 -15.77 -75.46
N TYR F 290 72.89 -15.74 -74.28
CA TYR F 290 71.92 -14.70 -73.94
C TYR F 290 71.96 -14.45 -72.45
N THR F 291 71.46 -13.29 -72.05
CA THR F 291 71.21 -13.00 -70.65
C THR F 291 69.91 -12.20 -70.56
N ALA F 292 69.12 -12.48 -69.53
CA ALA F 292 67.84 -11.82 -69.37
C ALA F 292 67.52 -11.64 -67.89
N GLN F 293 66.94 -10.50 -67.55
CA GLN F 293 66.49 -10.22 -66.20
C GLN F 293 65.10 -9.62 -66.26
N VAL F 294 64.33 -9.85 -65.20
CA VAL F 294 62.91 -9.48 -65.16
C VAL F 294 62.66 -8.69 -63.88
N ASP F 295 61.97 -7.55 -64.01
CA ASP F 295 61.51 -6.77 -62.87
C ASP F 295 59.99 -6.79 -62.84
N ILE F 296 59.43 -7.17 -61.70
CA ILE F 296 57.99 -7.23 -61.51
C ILE F 296 57.62 -6.36 -60.32
N GLN F 297 56.78 -5.36 -60.54
CA GLN F 297 56.27 -4.50 -59.48
C GLN F 297 54.82 -4.88 -59.21
N MET F 298 54.51 -5.18 -57.95
CA MET F 298 53.19 -5.65 -57.57
C MET F 298 52.56 -4.71 -56.56
N ASP F 299 51.33 -4.30 -56.82
CA ASP F 299 50.56 -3.49 -55.90
C ASP F 299 49.85 -4.40 -54.90
N PHE F 300 49.80 -3.95 -53.65
CA PHE F 300 49.18 -4.70 -52.57
C PHE F 300 48.16 -3.87 -51.85
N SER F 301 47.41 -3.04 -52.58
CA SER F 301 46.35 -2.25 -51.98
C SER F 301 45.20 -3.16 -51.57
N ALA F 302 44.20 -2.56 -50.92
CA ALA F 302 43.03 -3.28 -50.42
C ALA F 302 41.75 -2.61 -50.89
N VAL F 303 41.66 -2.38 -52.20
CA VAL F 303 40.48 -1.72 -52.76
C VAL F 303 39.23 -2.55 -52.51
N GLU F 304 38.12 -1.86 -52.24
CA GLU F 304 36.85 -2.52 -51.99
C GLU F 304 35.76 -1.53 -52.38
N GLN F 305 35.09 -1.79 -53.51
CA GLN F 305 34.22 -0.82 -54.15
C GLN F 305 32.77 -1.29 -54.13
N THR F 306 31.84 -0.34 -54.00
CA THR F 306 30.42 -0.61 -54.06
C THR F 306 29.79 0.39 -55.02
N ARG F 307 29.14 -0.12 -56.06
CA ARG F 307 28.56 0.72 -57.11
C ARG F 307 27.06 0.51 -57.14
N LYS F 308 26.31 1.60 -57.18
CA LYS F 308 24.87 1.57 -57.28
C LYS F 308 24.47 2.38 -58.51
N ARG F 309 24.09 1.68 -59.57
CA ARG F 309 23.82 2.29 -60.87
C ARG F 309 22.35 2.17 -61.22
N PHE F 310 21.83 3.20 -61.88
CA PHE F 310 20.44 3.26 -62.31
C PHE F 310 20.38 3.34 -63.83
N ASP F 311 19.16 3.37 -64.37
CA ASP F 311 18.95 3.44 -65.81
C ASP F 311 17.98 4.59 -66.08
N PRO F 312 18.49 5.80 -66.34
CA PRO F 312 17.59 6.95 -66.47
C PRO F 312 16.62 6.87 -67.64
N ASN F 313 17.00 6.18 -68.72
CA ASN F 313 16.26 6.27 -69.97
C ASN F 313 15.13 5.25 -70.11
N THR F 314 14.93 4.36 -69.13
CA THR F 314 13.83 3.40 -69.14
C THR F 314 13.12 3.39 -67.79
N PRO F 315 12.39 4.45 -67.47
CA PRO F 315 11.59 4.43 -66.24
C PRO F 315 10.25 3.74 -66.46
N ALA F 316 9.70 3.22 -65.36
CA ALA F 316 8.41 2.54 -65.38
C ALA F 316 7.49 3.25 -64.40
N THR F 317 6.39 3.80 -64.90
CA THR F 317 5.48 4.54 -64.03
C THR F 317 4.73 3.60 -63.10
N ARG F 318 4.81 3.87 -61.80
CA ARG F 318 4.14 3.07 -60.79
C ARG F 318 2.75 3.59 -60.46
N SER F 319 2.66 4.86 -60.09
CA SER F 319 1.40 5.55 -59.89
C SER F 319 1.43 6.86 -60.64
N GLU F 320 0.26 7.38 -60.97
CA GLU F 320 0.20 8.58 -61.79
C GLU F 320 -1.09 9.34 -61.49
N TYR F 321 -0.97 10.66 -61.36
CA TYR F 321 -2.11 11.55 -61.24
C TYR F 321 -1.96 12.64 -62.29
N ALA F 322 -3.07 13.01 -62.92
CA ALA F 322 -3.04 14.01 -63.98
C ALA F 322 -4.35 14.77 -63.99
N LEU F 323 -4.29 16.05 -63.61
CA LEU F 323 -5.45 16.94 -63.66
C LEU F 323 -5.22 17.96 -64.76
N GLU F 324 -6.23 18.13 -65.63
CA GLU F 324 -6.11 19.00 -66.81
C GLU F 324 -7.46 19.66 -67.05
N ASP F 325 -7.66 20.86 -66.52
CA ASP F 325 -8.91 21.58 -66.68
C ASP F 325 -8.70 22.85 -67.51
N TYR F 326 -9.74 23.24 -68.23
CA TYR F 326 -9.73 24.42 -69.09
C TYR F 326 -10.88 25.34 -68.68
N ASN F 327 -10.95 26.50 -69.33
CA ASN F 327 -12.04 27.44 -69.12
C ASN F 327 -12.21 28.33 -70.35
N GLY F 365 -8.22 30.94 -72.77
CA GLY F 365 -8.64 31.04 -71.38
C GLY F 365 -7.72 30.33 -70.42
N SER F 366 -8.22 30.10 -69.20
CA SER F 366 -7.44 29.41 -68.20
C SER F 366 -7.14 27.98 -68.62
N VAL F 367 -5.90 27.55 -68.43
CA VAL F 367 -5.47 26.19 -68.73
C VAL F 367 -4.54 25.74 -67.61
N ARG F 368 -5.03 24.85 -66.75
CA ARG F 368 -4.28 24.35 -65.61
C ARG F 368 -3.94 22.88 -65.85
N LYS F 369 -2.64 22.55 -65.77
CA LYS F 369 -2.17 21.19 -66.06
C LYS F 369 -1.33 20.71 -64.87
N GLU F 370 -2.00 20.15 -63.87
CA GLU F 370 -1.30 19.55 -62.76
C GLU F 370 -0.96 18.09 -63.09
N SER F 371 0.12 17.61 -62.48
CA SER F 371 0.58 16.26 -62.75
C SER F 371 1.49 15.80 -61.61
N THR F 372 1.32 14.54 -61.22
CA THR F 372 2.18 13.90 -60.24
C THR F 372 2.50 12.50 -60.75
N ARG F 373 3.75 12.08 -60.60
CA ARG F 373 4.20 10.83 -61.20
C ARG F 373 5.25 10.19 -60.32
N ASN F 374 5.13 8.88 -60.11
CA ASN F 374 6.11 8.08 -59.39
C ASN F 374 6.70 7.04 -60.31
N PHE F 375 8.00 6.81 -60.21
CA PHE F 375 8.70 5.95 -61.15
C PHE F 375 9.42 4.82 -60.42
N GLU F 376 9.66 3.75 -61.17
CA GLU F 376 10.51 2.64 -60.78
C GLU F 376 11.61 2.50 -61.82
N LEU F 377 12.84 2.29 -61.36
CA LEU F 377 14.01 2.33 -62.22
C LEU F 377 14.84 1.07 -62.06
N ASP F 378 15.54 0.70 -63.13
CA ASP F 378 16.45 -0.44 -63.05
C ASP F 378 17.58 -0.11 -62.09
N THR F 379 17.83 -0.99 -61.14
CA THR F 379 18.79 -0.74 -60.07
C THR F 379 19.78 -1.90 -60.02
N THR F 380 21.05 -1.61 -60.30
CA THR F 380 22.13 -2.57 -60.17
C THR F 380 23.01 -2.18 -59.00
N ILE F 381 23.29 -3.13 -58.12
CA ILE F 381 24.13 -2.90 -56.94
C ILE F 381 25.22 -3.96 -56.96
N SER F 382 26.44 -3.55 -57.30
CA SER F 382 27.56 -4.47 -57.43
C SER F 382 28.62 -4.14 -56.38
N HIS F 383 29.01 -5.15 -55.60
CA HIS F 383 30.06 -5.01 -54.60
C HIS F 383 31.27 -5.83 -55.06
N GLU F 384 32.36 -5.15 -55.36
CA GLU F 384 33.58 -5.77 -55.85
C GLU F 384 34.69 -5.64 -54.82
N ARG F 385 35.51 -6.67 -54.70
CA ARG F 385 36.64 -6.65 -53.78
C ARG F 385 37.86 -7.16 -54.53
N LYS F 386 38.77 -6.25 -54.90
CA LYS F 386 39.90 -6.61 -55.73
C LYS F 386 40.88 -7.48 -54.96
N GLN F 387 41.58 -8.33 -55.70
CA GLN F 387 42.66 -9.11 -55.10
C GLN F 387 43.81 -8.18 -54.70
N THR F 388 44.44 -8.49 -53.57
CA THR F 388 45.47 -7.63 -53.01
C THR F 388 46.66 -7.45 -53.94
N GLY F 389 47.43 -8.51 -54.14
CA GLY F 389 48.65 -8.40 -54.92
C GLY F 389 48.44 -8.59 -56.40
N THR F 390 48.56 -7.52 -57.18
CA THR F 390 48.39 -7.57 -58.63
C THR F 390 49.61 -6.95 -59.30
N VAL F 391 50.08 -7.58 -60.37
CA VAL F 391 51.22 -7.07 -61.12
C VAL F 391 50.82 -5.76 -61.78
N ALA F 392 51.35 -4.64 -61.28
CA ALA F 392 51.03 -3.34 -61.82
C ALA F 392 51.91 -2.95 -62.99
N ARG F 393 53.14 -3.44 -63.04
CA ARG F 393 54.05 -3.15 -64.14
C ARG F 393 55.07 -4.26 -64.23
N GLN F 394 55.44 -4.63 -65.45
CA GLN F 394 56.39 -5.70 -65.69
C GLN F 394 57.43 -5.23 -66.70
N THR F 395 58.70 -5.42 -66.36
CA THR F 395 59.81 -5.00 -67.20
C THR F 395 60.69 -6.21 -67.47
N VAL F 396 60.96 -6.48 -68.75
CA VAL F 396 61.82 -7.59 -69.16
C VAL F 396 62.84 -7.07 -70.14
N SER F 397 64.12 -7.40 -69.92
CA SER F 397 65.19 -7.05 -70.83
C SER F 397 66.00 -8.30 -71.15
N VAL F 398 66.28 -8.51 -72.44
CA VAL F 398 67.04 -9.65 -72.92
C VAL F 398 68.18 -9.13 -73.79
N ALA F 399 69.38 -9.61 -73.52
CA ALA F 399 70.57 -9.25 -74.28
C ALA F 399 71.14 -10.50 -74.94
N ILE F 400 71.38 -10.41 -76.25
CA ILE F 400 71.83 -11.54 -77.05
C ILE F 400 73.29 -11.31 -77.43
N LYS F 401 74.11 -12.34 -77.22
CA LYS F 401 75.52 -12.23 -77.55
C LYS F 401 75.71 -12.10 -79.06
N ASP F 402 76.59 -11.19 -79.46
CA ASP F 402 76.91 -11.01 -80.86
C ASP F 402 77.84 -12.12 -81.34
N ARG F 403 77.79 -12.38 -82.65
CA ARG F 403 78.62 -13.40 -83.29
C ARG F 403 78.45 -14.76 -82.63
N PRO F 417 76.77 -9.66 -84.63
CA PRO F 417 75.45 -9.20 -84.20
C PRO F 417 74.32 -10.07 -84.73
N MET F 418 73.08 -9.66 -84.48
CA MET F 418 71.90 -10.38 -84.91
C MET F 418 71.02 -9.45 -85.75
N SER F 419 70.46 -9.99 -86.82
CA SER F 419 69.68 -9.19 -87.75
C SER F 419 68.40 -8.69 -87.09
N GLU F 420 67.84 -7.62 -87.68
CA GLU F 420 66.61 -7.04 -87.14
C GLU F 420 65.44 -8.02 -87.22
N SER F 421 65.37 -8.81 -88.29
CA SER F 421 64.27 -9.74 -88.45
C SER F 421 64.26 -10.77 -87.32
N GLU F 422 65.42 -11.35 -87.01
CA GLU F 422 65.46 -12.34 -85.94
C GLU F 422 65.26 -11.70 -84.57
N ILE F 423 65.71 -10.47 -84.39
CA ILE F 423 65.45 -9.76 -83.13
C ILE F 423 63.95 -9.58 -82.94
N ASN F 424 63.25 -9.17 -84.00
CA ASN F 424 61.81 -9.00 -83.90
C ASN F 424 61.08 -10.33 -83.72
N ALA F 425 61.59 -11.40 -84.33
CA ALA F 425 61.00 -12.72 -84.12
C ALA F 425 61.15 -13.16 -82.67
N ILE F 426 62.33 -12.94 -82.09
CA ILE F 426 62.52 -13.27 -80.67
C ILE F 426 61.60 -12.42 -79.81
N ARG F 427 61.44 -11.15 -80.16
CA ARG F 427 60.53 -10.29 -79.42
C ARG F 427 59.09 -10.82 -79.51
N GLN F 428 58.70 -11.29 -80.70
CA GLN F 428 57.36 -11.86 -80.86
C GLN F 428 57.17 -13.11 -80.01
N VAL F 429 58.19 -13.96 -79.94
CA VAL F 429 58.09 -15.15 -79.09
C VAL F 429 57.96 -14.75 -77.63
N LEU F 430 58.78 -13.79 -77.19
CA LEU F 430 58.71 -13.33 -75.81
C LEU F 430 57.33 -12.75 -75.49
N ILE F 431 56.75 -12.02 -76.44
CA ILE F 431 55.38 -11.55 -76.30
C ILE F 431 54.46 -12.76 -76.41
N GLY F 432 54.00 -13.25 -75.26
CA GLY F 432 53.32 -14.52 -75.22
C GLY F 432 54.08 -15.50 -74.35
N THR F 433 55.41 -15.49 -74.45
CA THR F 433 56.20 -16.19 -73.45
C THR F 433 56.04 -15.57 -72.08
N VAL F 434 56.05 -14.24 -72.01
CA VAL F 434 55.93 -13.54 -70.73
C VAL F 434 54.52 -13.01 -70.48
N GLY F 435 53.71 -12.82 -71.52
CA GLY F 435 52.42 -12.21 -71.36
C GLY F 435 52.51 -10.70 -71.43
N PHE F 436 53.18 -10.19 -72.46
CA PHE F 436 53.40 -8.76 -72.58
C PHE F 436 52.08 -8.02 -72.66
N ASP F 437 51.95 -6.95 -71.86
CA ASP F 437 50.73 -6.17 -71.75
C ASP F 437 51.13 -4.69 -71.76
N GLN F 438 51.14 -4.10 -72.95
CA GLN F 438 51.56 -2.70 -73.08
C GLN F 438 50.61 -1.76 -72.36
N GLY F 439 49.30 -2.06 -72.42
CA GLY F 439 48.32 -1.22 -71.76
C GLY F 439 48.51 -1.14 -70.26
N ARG F 440 49.17 -2.14 -69.67
CA ARG F 440 49.49 -2.12 -68.25
C ARG F 440 50.73 -1.28 -67.95
N GLY F 441 51.45 -0.85 -68.97
CA GLY F 441 52.70 -0.15 -68.79
C GLY F 441 53.93 -1.03 -68.84
N ASP F 442 53.78 -2.28 -69.24
CA ASP F 442 54.91 -3.20 -69.30
C ASP F 442 55.88 -2.77 -70.40
N LEU F 443 57.12 -3.22 -70.26
CA LEU F 443 58.20 -2.86 -71.17
C LEU F 443 59.04 -4.08 -71.47
N LEU F 444 59.41 -4.24 -72.73
CA LEU F 444 60.19 -5.39 -73.18
C LEU F 444 61.29 -4.89 -74.11
N ASN F 445 62.53 -5.00 -73.66
CA ASN F 445 63.70 -4.61 -74.45
C ASN F 445 64.44 -5.86 -74.90
N VAL F 446 64.76 -5.92 -76.19
CA VAL F 446 65.61 -6.98 -76.73
C VAL F 446 66.75 -6.33 -77.48
N LEU F 447 67.98 -6.57 -77.03
CA LEU F 447 69.16 -5.93 -77.59
C LEU F 447 70.17 -6.99 -78.00
N SER F 448 71.05 -6.61 -78.92
CA SER F 448 72.18 -7.45 -79.32
C SER F 448 73.46 -6.76 -78.86
N VAL F 449 74.11 -7.34 -77.86
CA VAL F 449 75.29 -6.74 -77.24
C VAL F 449 76.47 -7.68 -77.39
N LYS F 450 77.66 -7.15 -77.09
CA LYS F 450 78.91 -7.90 -77.21
C LYS F 450 79.30 -8.42 -75.83
N PHE F 451 79.19 -9.73 -75.65
CA PHE F 451 79.63 -10.35 -74.41
C PHE F 451 81.15 -10.38 -74.33
N ALA F 452 81.68 -10.20 -73.14
CA ALA F 452 83.12 -10.22 -72.93
C ALA F 452 83.58 -11.61 -72.51
N MET G 1 11.01 -34.08 -19.64
CA MET G 1 10.95 -35.35 -20.35
C MET G 1 10.09 -36.36 -19.60
N THR G 2 10.60 -37.60 -19.47
CA THR G 2 9.89 -38.66 -18.78
C THR G 2 10.29 -38.70 -17.31
N PRO G 3 9.38 -39.11 -16.42
CA PRO G 3 9.71 -39.15 -14.98
C PRO G 3 10.88 -40.07 -14.66
N GLU G 4 11.07 -41.15 -15.43
CA GLU G 4 12.18 -42.06 -15.16
C GLU G 4 13.52 -41.35 -15.32
N MET G 5 13.65 -40.50 -16.33
CA MET G 5 14.90 -39.75 -16.51
C MET G 5 15.16 -38.82 -15.34
N PHE G 6 14.12 -38.22 -14.78
CA PHE G 6 14.29 -37.42 -13.57
C PHE G 6 14.77 -38.28 -12.41
N VAL G 7 14.26 -39.51 -12.30
CA VAL G 7 14.71 -40.42 -11.25
C VAL G 7 16.21 -40.71 -11.43
N GLU G 8 16.64 -40.91 -12.68
CA GLU G 8 18.05 -41.15 -12.94
C GLU G 8 18.90 -39.96 -12.52
N LEU G 9 18.41 -38.75 -12.76
CA LEU G 9 19.11 -37.54 -12.33
C LEU G 9 19.22 -37.48 -10.81
N PHE G 10 18.13 -37.76 -10.11
CA PHE G 10 18.13 -37.65 -8.65
C PHE G 10 18.94 -38.78 -8.02
N ARG G 11 18.89 -39.97 -8.59
CA ARG G 11 19.75 -41.05 -8.11
C ARG G 11 21.22 -40.72 -8.35
N GLU G 12 21.52 -40.11 -9.51
CA GLU G 12 22.90 -39.71 -9.81
C GLU G 12 23.39 -38.66 -8.82
N ALA G 13 22.53 -37.70 -8.48
CA ALA G 13 22.90 -36.67 -7.51
C ALA G 13 23.10 -37.26 -6.13
N LEU G 14 22.19 -38.13 -5.69
CA LEU G 14 22.35 -38.78 -4.40
C LEU G 14 23.56 -39.69 -4.39
N TRP G 15 23.88 -40.30 -5.53
CA TRP G 15 25.08 -41.11 -5.62
C TRP G 15 26.33 -40.27 -5.39
N MET G 16 26.35 -39.06 -5.94
CA MET G 16 27.52 -38.18 -5.78
C MET G 16 27.71 -37.79 -4.32
N VAL G 17 26.62 -37.41 -3.65
CA VAL G 17 26.75 -37.00 -2.25
C VAL G 17 27.17 -38.19 -1.39
N LEU G 18 26.80 -39.40 -1.80
CA LEU G 18 27.29 -40.59 -1.10
C LEU G 18 28.81 -40.72 -1.25
N ILE G 19 29.32 -40.44 -2.45
CA ILE G 19 30.77 -40.43 -2.64
C ILE G 19 31.42 -39.31 -1.83
N MET G 20 30.79 -38.13 -1.83
CA MET G 20 31.32 -37.02 -1.06
C MET G 20 31.36 -37.34 0.43
N VAL G 21 30.26 -37.86 0.96
CA VAL G 21 30.20 -38.10 2.40
C VAL G 21 31.08 -39.29 2.79
N CYS G 22 31.20 -40.29 1.91
CA CYS G 22 32.03 -41.45 2.19
C CYS G 22 33.50 -41.05 2.31
N ALA G 23 33.98 -40.22 1.38
CA ALA G 23 35.38 -39.79 1.41
C ALA G 23 35.71 -39.04 2.68
N ILE G 24 34.73 -38.31 3.23
CA ILE G 24 34.97 -37.52 4.44
C ILE G 24 34.84 -38.40 5.68
N ILE G 25 33.81 -39.25 5.73
CA ILE G 25 33.46 -39.95 6.97
C ILE G 25 34.37 -41.14 7.20
N ILE G 26 34.60 -41.95 6.17
CA ILE G 26 35.33 -43.22 6.30
C ILE G 26 36.68 -43.04 6.99
N PRO G 27 37.47 -42.01 6.69
CA PRO G 27 38.68 -41.78 7.49
C PRO G 27 38.40 -41.60 8.97
N SER G 28 37.28 -40.98 9.34
CA SER G 28 36.93 -40.85 10.75
C SER G 28 36.38 -42.15 11.33
N LEU G 29 35.65 -42.93 10.52
CA LEU G 29 35.12 -44.20 11.01
C LEU G 29 36.24 -45.17 11.33
N LEU G 30 37.28 -45.22 10.49
CA LEU G 30 38.40 -46.12 10.73
C LEU G 30 39.12 -45.75 12.02
N ILE G 31 39.36 -44.47 12.25
CA ILE G 31 40.03 -44.02 13.47
C ILE G 31 39.16 -44.32 14.69
N GLY G 32 37.85 -44.16 14.56
CA GLY G 32 36.96 -44.47 15.66
C GLY G 32 37.04 -45.92 16.10
N LEU G 33 37.09 -46.83 15.12
CA LEU G 33 37.24 -48.25 15.43
C LEU G 33 38.61 -48.54 16.03
N ILE G 34 39.65 -47.92 15.49
CA ILE G 34 41.01 -48.18 15.96
C ILE G 34 41.14 -47.81 17.43
N VAL G 35 40.63 -46.64 17.81
CA VAL G 35 40.68 -46.21 19.21
C VAL G 35 39.78 -47.10 20.06
N ALA G 36 38.59 -47.43 19.55
CA ALA G 36 37.65 -48.23 20.33
C ALA G 36 38.20 -49.61 20.64
N ILE G 37 38.81 -50.27 19.64
CA ILE G 37 39.40 -51.58 19.87
C ILE G 37 40.60 -51.47 20.80
N PHE G 38 41.39 -50.41 20.65
CA PHE G 38 42.52 -50.18 21.56
C PHE G 38 42.05 -50.03 23.00
N GLN G 39 40.98 -49.28 23.22
CA GLN G 39 40.41 -49.15 24.55
C GLN G 39 39.88 -50.49 25.05
N ALA G 40 39.24 -51.27 24.18
CA ALA G 40 38.74 -52.58 24.58
C ALA G 40 39.87 -53.51 24.99
N ALA G 41 40.97 -53.49 24.24
CA ALA G 41 42.12 -54.32 24.60
C ALA G 41 42.74 -53.88 25.93
N THR G 42 42.83 -52.57 26.15
CA THR G 42 43.45 -52.02 27.34
C THR G 42 42.44 -51.81 28.48
N SER G 43 41.19 -52.21 28.28
CA SER G 43 40.13 -52.05 29.29
C SER G 43 40.00 -50.59 29.72
N ILE G 44 40.03 -49.68 28.74
CA ILE G 44 39.84 -48.26 28.97
C ILE G 44 38.42 -47.89 28.57
N ASN G 45 37.73 -47.15 29.44
CA ASN G 45 36.30 -46.88 29.28
C ASN G 45 36.01 -45.39 29.27
N GLU G 46 36.77 -44.65 28.46
CA GLU G 46 36.51 -43.22 28.26
C GLU G 46 35.74 -43.07 26.95
N GLN G 47 34.43 -42.82 27.07
CA GLN G 47 33.58 -42.79 25.88
C GLN G 47 33.84 -41.55 25.01
N THR G 48 34.19 -40.43 25.63
CA THR G 48 34.41 -39.19 24.89
C THR G 48 35.84 -39.02 24.42
N LEU G 49 36.70 -40.02 24.62
CA LEU G 49 38.10 -39.91 24.23
C LEU G 49 38.25 -39.80 22.72
N SER G 50 37.48 -40.59 21.97
CA SER G 50 37.66 -40.69 20.52
C SER G 50 36.74 -39.72 19.79
N PHE G 51 36.90 -38.44 20.09
CA PHE G 51 36.22 -37.36 19.37
C PHE G 51 37.20 -36.48 18.60
N LEU G 52 38.23 -35.98 19.26
CA LEU G 52 39.26 -35.21 18.56
C LEU G 52 39.96 -36.00 17.47
N PRO G 53 40.36 -37.26 17.67
CA PRO G 53 40.96 -38.01 16.55
C PRO G 53 40.05 -38.12 15.34
N ARG G 54 38.74 -38.29 15.55
CA ARG G 54 37.82 -38.31 14.42
C ARG G 54 37.71 -36.93 13.78
N LEU G 55 37.74 -35.87 14.60
CA LEU G 55 37.67 -34.52 14.06
C LEU G 55 38.91 -34.16 13.27
N ILE G 56 40.09 -34.60 13.73
CA ILE G 56 41.34 -34.25 13.05
C ILE G 56 41.35 -34.84 11.64
N VAL G 57 41.05 -36.13 11.52
CA VAL G 57 41.08 -36.77 10.20
C VAL G 57 39.98 -36.22 9.31
N THR G 58 38.83 -35.88 9.88
CA THR G 58 37.75 -35.30 9.09
C THR G 58 38.16 -33.96 8.48
N LEU G 59 38.80 -33.11 9.28
CA LEU G 59 39.30 -31.85 8.74
C LEU G 59 40.42 -32.09 7.73
N LEU G 60 41.31 -33.04 8.02
CA LEU G 60 42.38 -33.37 7.09
C LEU G 60 41.83 -33.91 5.77
N ALA G 61 40.77 -34.73 5.84
CA ALA G 61 40.16 -35.27 4.64
C ALA G 61 39.57 -34.14 3.78
N LEU G 62 38.94 -33.16 4.42
CA LEU G 62 38.38 -32.04 3.67
C LEU G 62 39.48 -31.26 2.95
N MET G 63 40.60 -31.03 3.62
CA MET G 63 41.72 -30.34 2.97
C MET G 63 42.32 -31.18 1.85
N LEU G 64 42.45 -32.50 2.08
CA LEU G 64 43.07 -33.36 1.08
C LEU G 64 42.19 -33.52 -0.16
N PHE G 65 40.87 -33.61 0.03
CA PHE G 65 39.94 -33.78 -1.08
C PHE G 65 39.34 -32.45 -1.53
N GLY G 66 40.01 -31.33 -1.24
CA GLY G 66 39.46 -30.04 -1.63
C GLY G 66 39.38 -29.86 -3.14
N HIS G 67 40.45 -30.22 -3.85
CA HIS G 67 40.46 -30.05 -5.30
C HIS G 67 39.48 -30.99 -5.98
N TRP G 68 39.46 -32.25 -5.55
CA TRP G 68 38.63 -33.26 -6.21
C TRP G 68 37.14 -32.93 -6.08
N MET G 69 36.72 -32.53 -4.89
CA MET G 69 35.30 -32.24 -4.67
C MET G 69 34.87 -30.98 -5.43
N THR G 70 35.80 -30.04 -5.53
CA THR G 70 35.49 -28.85 -6.34
C THR G 70 35.31 -29.34 -7.78
N GLN G 71 36.36 -29.90 -8.35
CA GLN G 71 36.28 -30.30 -9.78
C GLN G 71 34.98 -31.05 -10.03
N MET G 72 34.46 -31.75 -9.03
CA MET G 72 33.34 -32.67 -9.25
C MET G 72 32.01 -31.92 -9.20
N LEU G 73 31.88 -30.96 -8.28
CA LEU G 73 30.66 -30.15 -8.22
C LEU G 73 30.53 -29.27 -9.46
N MET G 74 31.63 -28.64 -9.87
CA MET G 74 31.58 -27.78 -11.04
C MET G 74 31.25 -28.55 -12.31
N GLU G 75 31.85 -29.73 -12.47
CA GLU G 75 31.59 -30.54 -13.66
C GLU G 75 30.16 -31.10 -13.64
N TYR G 76 29.63 -31.40 -12.46
CA TYR G 76 28.23 -31.81 -12.37
C TYR G 76 27.30 -30.68 -12.80
N PHE G 77 27.62 -29.45 -12.41
CA PHE G 77 26.82 -28.31 -12.86
C PHE G 77 26.90 -28.16 -14.38
N TYR G 78 28.10 -28.32 -14.95
CA TYR G 78 28.25 -28.25 -16.40
C TYR G 78 27.53 -29.41 -17.07
N GLY G 79 27.56 -30.59 -16.45
CA GLY G 79 26.85 -31.73 -17.01
C GLY G 79 25.35 -31.50 -17.10
N LEU G 80 24.77 -30.93 -16.04
CA LEU G 80 23.36 -30.58 -16.06
C LEU G 80 23.07 -29.51 -17.11
N ILE G 81 23.92 -28.49 -17.18
CA ILE G 81 23.71 -27.40 -18.13
C ILE G 81 23.73 -27.94 -19.56
N GLU G 82 24.71 -28.79 -19.88
CA GLU G 82 24.75 -29.40 -21.20
C GLU G 82 23.61 -30.39 -21.41
N ARG G 83 22.97 -30.86 -20.34
CA ARG G 83 21.81 -31.73 -20.45
C ARG G 83 20.49 -30.97 -20.51
N LEU G 84 20.52 -29.65 -20.40
CA LEU G 84 19.30 -28.86 -20.56
C LEU G 84 18.60 -29.05 -21.90
N PRO G 85 19.35 -29.19 -23.02
CA PRO G 85 18.77 -29.49 -24.31
C PRO G 85 17.87 -30.71 -24.18
N GLN G 86 18.19 -31.65 -23.31
CA GLN G 86 17.29 -32.84 -23.27
C GLN G 86 15.90 -32.30 -22.93
N VAL G 87 15.84 -31.40 -21.95
CA VAL G 87 14.54 -30.84 -21.50
C VAL G 87 13.87 -30.08 -22.65
N LEU G 88 14.64 -29.24 -23.34
CA LEU G 88 14.06 -28.39 -24.41
C LEU G 88 13.60 -29.26 -25.60
N TYR G 89 14.16 -30.47 -25.78
CA TYR G 89 13.82 -31.27 -26.99
C TYR G 89 12.81 -32.37 -26.67
N MET H 1 37.16 -15.84 -9.24
CA MET H 1 37.54 -16.90 -8.32
C MET H 1 37.97 -18.15 -9.07
N THR H 2 39.27 -18.46 -9.00
CA THR H 2 39.77 -19.70 -9.55
C THR H 2 39.60 -20.84 -8.54
N PRO H 3 39.41 -22.07 -9.03
CA PRO H 3 39.27 -23.20 -8.08
C PRO H 3 40.47 -23.39 -7.18
N GLU H 4 41.68 -23.09 -7.67
CA GLU H 4 42.87 -23.26 -6.84
C GLU H 4 42.83 -22.35 -5.62
N MET H 5 42.43 -21.09 -5.81
CA MET H 5 42.34 -20.17 -4.67
C MET H 5 41.25 -20.60 -3.69
N PHE H 6 40.15 -21.15 -4.21
CA PHE H 6 39.06 -21.59 -3.33
C PHE H 6 39.54 -22.68 -2.39
N VAL H 7 40.32 -23.64 -2.89
CA VAL H 7 40.85 -24.69 -2.02
C VAL H 7 41.85 -24.10 -1.03
N GLU H 8 42.54 -23.05 -1.44
CA GLU H 8 43.58 -22.48 -0.53
C GLU H 8 42.87 -21.81 0.63
N LEU H 9 41.80 -21.06 0.36
CA LEU H 9 41.04 -20.46 1.45
C LEU H 9 40.34 -21.52 2.30
N PHE H 10 39.85 -22.58 1.66
CA PHE H 10 39.22 -23.66 2.42
C PHE H 10 40.23 -24.34 3.33
N ARG H 11 41.44 -24.61 2.81
CA ARG H 11 42.45 -25.30 3.61
C ARG H 11 42.93 -24.46 4.78
N GLU H 12 43.18 -23.17 4.54
CA GLU H 12 43.70 -22.32 5.62
C GLU H 12 42.63 -22.11 6.70
N ALA H 13 41.36 -22.08 6.32
CA ALA H 13 40.29 -22.01 7.31
C ALA H 13 40.20 -23.29 8.12
N LEU H 14 40.28 -24.44 7.45
CA LEU H 14 40.24 -25.72 8.15
C LEU H 14 41.48 -25.95 8.98
N TRP H 15 42.63 -25.42 8.51
CA TRP H 15 43.85 -25.54 9.30
C TRP H 15 43.77 -24.69 10.57
N MET H 16 43.12 -23.52 10.49
CA MET H 16 43.00 -22.66 11.66
C MET H 16 42.09 -23.26 12.71
N VAL H 17 40.92 -23.75 12.29
CA VAL H 17 40.00 -24.35 13.25
C VAL H 17 40.60 -25.60 13.87
N LEU H 18 41.35 -26.37 13.07
CA LEU H 18 42.00 -27.57 13.59
C LEU H 18 43.00 -27.23 14.68
N ILE H 19 43.79 -26.17 14.47
CA ILE H 19 44.76 -25.74 15.46
C ILE H 19 44.07 -25.30 16.74
N MET H 20 43.00 -24.52 16.60
CA MET H 20 42.29 -24.00 17.77
C MET H 20 41.59 -25.12 18.54
N VAL H 21 40.88 -26.00 17.82
CA VAL H 21 40.10 -27.03 18.50
C VAL H 21 41.02 -28.06 19.16
N CYS H 22 42.15 -28.38 18.51
CA CYS H 22 43.06 -29.36 19.10
C CYS H 22 43.74 -28.81 20.34
N ALA H 23 44.09 -27.51 20.32
CA ALA H 23 44.74 -26.92 21.48
C ALA H 23 43.82 -26.91 22.69
N ILE H 24 42.51 -26.89 22.46
CA ILE H 24 41.56 -26.83 23.57
C ILE H 24 41.20 -28.24 24.05
N ILE H 25 40.95 -29.16 23.11
CA ILE H 25 40.46 -30.48 23.47
C ILE H 25 41.56 -31.30 24.16
N ILE H 26 42.80 -31.18 23.68
CA ILE H 26 43.91 -32.02 24.13
C ILE H 26 44.07 -31.99 25.65
N PRO H 27 44.03 -30.83 26.32
CA PRO H 27 44.07 -30.86 27.79
C PRO H 27 42.95 -31.66 28.42
N SER H 28 41.76 -31.66 27.82
CA SER H 28 40.66 -32.48 28.33
C SER H 28 40.85 -33.95 27.96
N LEU H 29 41.40 -34.22 26.78
CA LEU H 29 41.61 -35.60 26.35
C LEU H 29 42.67 -36.29 27.22
N LEU H 30 43.74 -35.56 27.56
CA LEU H 30 44.78 -36.14 28.41
C LEU H 30 44.25 -36.47 29.79
N ILE H 31 43.49 -35.55 30.38
CA ILE H 31 42.94 -35.78 31.72
C ILE H 31 41.95 -36.94 31.71
N GLY H 32 41.09 -36.98 30.70
CA GLY H 32 40.14 -38.08 30.60
C GLY H 32 40.83 -39.43 30.44
N LEU H 33 41.94 -39.45 29.70
CA LEU H 33 42.72 -40.68 29.58
C LEU H 33 43.35 -41.07 30.92
N ILE H 34 43.87 -40.08 31.66
CA ILE H 34 44.52 -40.37 32.93
C ILE H 34 43.53 -40.96 33.93
N VAL H 35 42.34 -40.35 34.02
CA VAL H 35 41.32 -40.86 34.94
C VAL H 35 40.87 -42.26 34.52
N ALA H 36 40.69 -42.48 33.21
CA ALA H 36 40.29 -43.80 32.73
C ALA H 36 41.37 -44.83 33.05
N ILE H 37 42.63 -44.47 32.89
CA ILE H 37 43.72 -45.37 33.26
C ILE H 37 43.69 -45.65 34.75
N PHE H 38 43.46 -44.61 35.56
CA PHE H 38 43.41 -44.79 37.01
C PHE H 38 42.27 -45.72 37.41
N GLN H 39 41.11 -45.57 36.77
CA GLN H 39 39.97 -46.43 37.10
C GLN H 39 40.28 -47.89 36.77
N ALA H 40 40.94 -48.14 35.62
CA ALA H 40 41.29 -49.50 35.24
C ALA H 40 42.28 -50.11 36.23
N ALA H 41 43.25 -49.31 36.68
CA ALA H 41 44.25 -49.82 37.61
C ALA H 41 43.62 -50.24 38.94
N THR H 42 42.70 -49.42 39.45
CA THR H 42 42.02 -49.74 40.70
C THR H 42 40.74 -50.55 40.48
N SER H 43 40.37 -50.81 39.23
CA SER H 43 39.22 -51.65 38.89
C SER H 43 37.92 -51.09 39.48
N ILE H 44 37.57 -49.90 39.04
CA ILE H 44 36.28 -49.28 39.35
C ILE H 44 35.62 -48.89 38.05
N ASN H 45 34.29 -48.83 38.05
CA ASN H 45 33.52 -48.61 36.83
C ASN H 45 32.56 -47.43 36.94
N GLU H 46 32.93 -46.40 37.69
CA GLU H 46 32.15 -45.17 37.66
C GLU H 46 32.34 -44.46 36.33
N GLN H 47 31.24 -43.95 35.78
CA GLN H 47 31.26 -43.35 34.44
C GLN H 47 31.55 -41.85 34.51
N THR H 48 30.71 -41.10 35.22
CA THR H 48 30.84 -39.65 35.28
C THR H 48 31.97 -39.18 36.20
N LEU H 49 32.81 -40.10 36.68
CA LEU H 49 33.94 -39.72 37.52
C LEU H 49 34.94 -38.85 36.77
N SER H 50 34.96 -38.93 35.44
CA SER H 50 35.93 -38.20 34.62
C SER H 50 35.26 -37.08 33.83
N PHE H 51 34.31 -36.39 34.43
CA PHE H 51 33.67 -35.24 33.79
C PHE H 51 34.14 -33.91 34.36
N LEU H 52 34.05 -33.73 35.68
CA LEU H 52 34.49 -32.47 36.29
C LEU H 52 35.95 -32.17 36.03
N PRO H 53 36.90 -33.11 36.15
CA PRO H 53 38.29 -32.79 35.79
C PRO H 53 38.44 -32.33 34.35
N ARG H 54 37.68 -32.93 33.42
CA ARG H 54 37.74 -32.49 32.02
C ARG H 54 37.24 -31.06 31.88
N LEU H 55 36.15 -30.73 32.57
CA LEU H 55 35.60 -29.39 32.48
C LEU H 55 36.56 -28.35 33.05
N ILE H 56 37.21 -28.67 34.17
CA ILE H 56 38.11 -27.71 34.80
C ILE H 56 39.29 -27.39 33.89
N VAL H 57 39.92 -28.43 33.31
CA VAL H 57 41.09 -28.19 32.47
C VAL H 57 40.69 -27.52 31.16
N THR H 58 39.47 -27.80 30.67
CA THR H 58 39.01 -27.12 29.47
C THR H 58 38.80 -25.62 29.73
N LEU H 59 38.14 -25.28 30.83
CA LEU H 59 37.95 -23.87 31.18
C LEU H 59 39.28 -23.20 31.46
N LEU H 60 40.19 -23.88 32.16
CA LEU H 60 41.51 -23.32 32.41
C LEU H 60 42.28 -23.12 31.11
N ALA H 61 42.12 -24.03 30.16
CA ALA H 61 42.79 -23.87 28.86
C ALA H 61 42.28 -22.63 28.14
N LEU H 62 40.97 -22.38 28.18
CA LEU H 62 40.41 -21.22 27.51
C LEU H 62 40.92 -19.92 28.13
N MET H 63 41.10 -19.90 29.46
CA MET H 63 41.66 -18.73 30.11
C MET H 63 43.10 -18.48 29.64
N LEU H 64 43.90 -19.54 29.55
CA LEU H 64 45.30 -19.40 29.18
C LEU H 64 45.48 -19.09 27.70
N PHE H 65 44.66 -19.67 26.84
CA PHE H 65 44.75 -19.45 25.40
C PHE H 65 43.82 -18.34 24.91
N GLY H 66 43.32 -17.51 25.84
CA GLY H 66 42.47 -16.41 25.42
C GLY H 66 43.19 -15.39 24.57
N HIS H 67 44.40 -15.00 24.99
CA HIS H 67 45.20 -14.06 24.22
C HIS H 67 45.58 -14.66 22.87
N TRP H 68 45.99 -15.93 22.87
CA TRP H 68 46.47 -16.55 21.63
C TRP H 68 45.35 -16.71 20.61
N MET H 69 44.18 -17.19 21.04
CA MET H 69 43.07 -17.38 20.12
C MET H 69 42.55 -16.05 19.59
N THR H 70 42.49 -15.02 20.45
CA THR H 70 42.01 -13.72 20.01
C THR H 70 42.90 -13.13 18.93
N GLN H 71 44.22 -13.23 19.12
CA GLN H 71 45.15 -12.65 18.15
C GLN H 71 45.07 -13.35 16.80
N MET H 72 44.94 -14.68 16.82
CA MET H 72 44.87 -15.43 15.56
C MET H 72 43.60 -15.11 14.79
N LEU H 73 42.47 -14.99 15.49
CA LEU H 73 41.23 -14.64 14.81
C LEU H 73 41.29 -13.23 14.22
N MET H 74 41.88 -12.28 14.95
CA MET H 74 42.06 -10.94 14.40
C MET H 74 43.01 -10.95 13.21
N GLU H 75 44.10 -11.71 13.33
CA GLU H 75 45.10 -11.79 12.22
C GLU H 75 44.42 -12.38 10.99
N TYR H 76 43.63 -13.45 11.16
CA TYR H 76 42.99 -14.11 10.03
C TYR H 76 42.04 -13.17 9.30
N PHE H 77 41.25 -12.39 10.05
CA PHE H 77 40.35 -11.43 9.42
C PHE H 77 41.13 -10.38 8.66
N TYR H 78 42.22 -9.88 9.24
CA TYR H 78 43.06 -8.91 8.55
C TYR H 78 43.70 -9.52 7.30
N GLY H 79 44.09 -10.79 7.38
CA GLY H 79 44.69 -11.43 6.23
C GLY H 79 43.73 -11.54 5.05
N LEU H 80 42.48 -11.91 5.32
CA LEU H 80 41.49 -12.02 4.25
C LEU H 80 41.20 -10.66 3.63
N ILE H 81 41.15 -9.61 4.45
CA ILE H 81 40.94 -8.27 3.93
C ILE H 81 42.10 -7.88 3.01
N GLU H 82 43.33 -8.16 3.44
CA GLU H 82 44.50 -7.83 2.61
C GLU H 82 44.57 -8.70 1.37
N ARG H 83 44.04 -9.92 1.43
CA ARG H 83 44.07 -10.81 0.28
C ARG H 83 42.95 -10.52 -0.73
N LEU H 84 42.03 -9.61 -0.39
CA LEU H 84 40.90 -9.32 -1.28
C LEU H 84 41.31 -8.84 -2.67
N PRO H 85 42.27 -7.91 -2.83
CA PRO H 85 42.65 -7.49 -4.19
C PRO H 85 43.15 -8.64 -5.06
N GLN H 86 43.82 -9.63 -4.47
CA GLN H 86 44.28 -10.76 -5.25
C GLN H 86 43.12 -11.61 -5.75
N VAL H 87 42.07 -11.74 -4.94
CA VAL H 87 40.92 -12.58 -5.32
C VAL H 87 40.22 -12.00 -6.55
N LEU H 88 39.90 -10.70 -6.50
CA LEU H 88 39.24 -10.03 -7.61
C LEU H 88 40.18 -8.97 -8.17
N TYR H 89 40.62 -9.18 -9.42
CA TYR H 89 41.58 -8.29 -10.04
C TYR H 89 40.87 -7.15 -10.78
N GLU I 2 -33.31 -4.43 -26.41
CA GLU I 2 -32.86 -4.96 -25.13
C GLU I 2 -32.42 -3.83 -24.20
N TYR I 3 -32.43 -4.09 -22.89
CA TYR I 3 -31.83 -3.16 -21.95
C TYR I 3 -30.39 -3.59 -21.70
N PRO I 4 -29.40 -2.72 -21.91
CA PRO I 4 -28.00 -3.17 -21.89
C PRO I 4 -27.56 -3.77 -20.56
N THR I 5 -28.34 -3.59 -19.49
CA THR I 5 -27.96 -4.14 -18.20
C THR I 5 -27.85 -5.66 -18.23
N SER I 6 -28.78 -6.30 -18.95
CA SER I 6 -28.79 -7.77 -19.00
C SER I 6 -27.55 -8.32 -19.69
N VAL I 7 -27.12 -7.68 -20.79
CA VAL I 7 -26.01 -8.22 -21.56
C VAL I 7 -24.71 -8.11 -20.78
N VAL I 8 -24.45 -6.94 -20.19
CA VAL I 8 -23.17 -6.71 -19.52
C VAL I 8 -23.09 -7.52 -18.23
N LEU I 9 -24.18 -7.56 -17.46
CA LEU I 9 -24.17 -8.27 -16.19
C LEU I 9 -23.95 -9.76 -16.37
N ASP I 10 -24.58 -10.35 -17.39
CA ASP I 10 -24.49 -11.80 -17.59
C ASP I 10 -23.06 -12.23 -17.89
N TRP I 11 -22.35 -11.47 -18.74
CA TRP I 11 -20.98 -11.85 -19.09
C TRP I 11 -20.07 -11.82 -17.87
N ILE I 12 -20.21 -10.79 -17.04
CA ILE I 12 -19.43 -10.73 -15.80
C ILE I 12 -19.77 -11.90 -14.90
N ALA I 13 -21.07 -12.23 -14.80
CA ALA I 13 -21.48 -13.39 -14.04
C ALA I 13 -21.02 -14.68 -14.71
N ASN I 14 -21.04 -14.74 -16.04
CA ASN I 14 -20.65 -15.94 -16.76
C ASN I 14 -19.14 -16.12 -16.84
N TYR I 15 -18.35 -15.09 -16.53
CA TYR I 15 -16.89 -15.19 -16.57
C TYR I 15 -16.27 -15.28 -15.19
N PHE I 16 -16.59 -14.34 -14.30
CA PHE I 16 -15.91 -14.28 -13.01
C PHE I 16 -16.20 -15.51 -12.17
N TRP I 17 -17.47 -15.94 -12.13
CA TRP I 17 -17.82 -17.12 -11.34
C TRP I 17 -17.07 -18.38 -11.79
N PRO I 18 -17.01 -18.72 -13.08
CA PRO I 18 -16.10 -19.82 -13.48
C PRO I 18 -14.65 -19.53 -13.16
N TYR I 19 -14.23 -18.27 -13.30
CA TYR I 19 -12.84 -17.92 -13.05
C TYR I 19 -12.48 -18.12 -11.58
N VAL I 20 -13.40 -17.78 -10.67
CA VAL I 20 -13.12 -17.90 -9.24
C VAL I 20 -12.76 -19.33 -8.88
N ARG I 21 -13.55 -20.29 -9.38
CA ARG I 21 -13.24 -21.70 -9.12
C ARG I 21 -11.89 -22.07 -9.71
N ILE I 22 -11.62 -21.62 -10.94
CA ILE I 22 -10.35 -21.92 -11.58
C ILE I 22 -9.20 -21.27 -10.82
N SER I 23 -9.36 -19.99 -10.48
CA SER I 23 -8.30 -19.28 -9.78
C SER I 23 -8.05 -19.86 -8.39
N SER I 24 -9.11 -20.24 -7.69
CA SER I 24 -8.96 -20.80 -6.35
C SER I 24 -8.22 -22.12 -6.37
N MET I 25 -8.42 -22.92 -7.41
CA MET I 25 -7.66 -24.16 -7.54
C MET I 25 -6.20 -23.88 -7.79
N LEU I 26 -5.89 -22.83 -8.57
CA LEU I 26 -4.51 -22.51 -8.89
C LEU I 26 -3.73 -22.06 -7.67
N MET I 27 -4.34 -21.24 -6.80
CA MET I 27 -3.60 -20.71 -5.66
C MET I 27 -3.26 -21.79 -4.64
N VAL I 28 -4.06 -22.87 -4.60
CA VAL I 28 -3.77 -24.01 -3.73
C VAL I 28 -3.04 -25.12 -4.46
N MET I 29 -2.89 -25.02 -5.78
CA MET I 29 -2.28 -26.08 -6.56
C MET I 29 -0.79 -26.19 -6.25
N THR I 30 -0.22 -27.34 -6.60
CA THR I 30 1.18 -27.61 -6.30
C THR I 30 2.11 -26.69 -7.09
N VAL I 31 1.91 -26.58 -8.40
CA VAL I 31 2.83 -25.86 -9.27
C VAL I 31 2.42 -24.40 -9.43
N THR I 32 1.17 -24.15 -9.79
CA THR I 32 0.72 -22.77 -10.01
C THR I 32 0.61 -21.99 -8.70
N GLY I 33 0.49 -22.68 -7.56
CA GLY I 33 0.42 -22.01 -6.29
C GLY I 33 1.76 -21.92 -5.59
N ALA I 34 2.83 -22.16 -6.34
CA ALA I 34 4.17 -22.14 -5.77
C ALA I 34 4.59 -20.70 -5.44
N ARG I 35 5.56 -20.60 -4.54
CA ARG I 35 6.08 -19.30 -4.12
C ARG I 35 7.00 -18.68 -5.17
N PHE I 36 7.52 -19.47 -6.10
CA PHE I 36 8.42 -18.93 -7.11
C PHE I 36 7.68 -18.01 -8.08
N VAL I 37 6.51 -18.45 -8.56
CA VAL I 37 5.77 -17.65 -9.54
C VAL I 37 5.16 -16.44 -8.85
N SER I 38 5.16 -15.31 -9.57
CA SER I 38 4.53 -14.11 -9.05
C SER I 38 3.01 -14.23 -9.13
N PRO I 39 2.29 -13.52 -8.27
CA PRO I 39 0.82 -13.51 -8.40
C PRO I 39 0.33 -12.98 -9.73
N ARG I 40 1.06 -12.02 -10.33
CA ARG I 40 0.63 -11.45 -11.60
C ARG I 40 0.66 -12.48 -12.72
N ILE I 41 1.71 -13.30 -12.78
CA ILE I 41 1.77 -14.37 -13.77
C ILE I 41 0.67 -15.38 -13.53
N ARG I 42 0.44 -15.73 -12.26
CA ARG I 42 -0.65 -16.64 -11.93
C ARG I 42 -2.01 -16.03 -12.26
N LEU I 43 -2.17 -14.72 -12.00
CA LEU I 43 -3.43 -14.05 -12.31
C LEU I 43 -3.72 -14.08 -13.81
N TYR I 44 -2.71 -13.81 -14.63
CA TYR I 44 -2.90 -13.85 -16.07
C TYR I 44 -3.19 -15.27 -16.55
N LEU I 45 -2.56 -16.27 -15.92
CA LEU I 45 -2.82 -17.66 -16.28
C LEU I 45 -4.28 -18.02 -16.01
N GLY I 46 -4.79 -17.61 -14.85
CA GLY I 46 -6.19 -17.88 -14.54
C GLY I 46 -7.14 -17.15 -15.48
N LEU I 47 -6.80 -15.92 -15.84
CA LEU I 47 -7.61 -15.17 -16.79
C LEU I 47 -7.59 -15.83 -18.17
N ALA I 48 -6.41 -16.28 -18.62
CA ALA I 48 -6.30 -16.87 -19.94
C ALA I 48 -6.99 -18.23 -20.00
N ILE I 49 -6.87 -19.04 -18.95
CA ILE I 49 -7.52 -20.35 -18.94
C ILE I 49 -9.03 -20.21 -18.98
N THR I 50 -9.58 -19.28 -18.18
CA THR I 50 -11.03 -19.10 -18.14
C THR I 50 -11.56 -18.64 -19.48
N PHE I 51 -10.84 -17.74 -20.16
CA PHE I 51 -11.29 -17.25 -21.46
C PHE I 51 -11.26 -18.37 -22.50
N ALA I 52 -10.26 -19.24 -22.45
CA ALA I 52 -10.12 -20.28 -23.46
C ALA I 52 -11.16 -21.38 -23.27
N VAL I 53 -11.46 -21.75 -22.04
CA VAL I 53 -12.34 -22.88 -21.76
C VAL I 53 -13.78 -22.40 -21.62
N MET I 54 -14.02 -21.12 -21.92
CA MET I 54 -15.36 -20.56 -21.84
C MET I 54 -16.40 -21.31 -22.68
N PRO I 55 -16.14 -21.72 -23.92
CA PRO I 55 -17.18 -22.43 -24.68
C PRO I 55 -17.65 -23.72 -24.02
N ALA I 56 -16.77 -24.42 -23.30
CA ALA I 56 -17.17 -25.66 -22.65
C ALA I 56 -17.95 -25.43 -21.36
N ILE I 57 -17.93 -24.21 -20.83
CA ILE I 57 -18.64 -23.89 -19.60
C ILE I 57 -20.09 -23.56 -19.92
N PRO I 58 -21.06 -24.27 -19.32
CA PRO I 58 -22.46 -23.95 -19.56
C PRO I 58 -22.82 -22.60 -18.95
N ALA I 59 -23.86 -21.97 -19.54
CA ALA I 59 -24.31 -20.68 -19.06
C ALA I 59 -24.83 -20.78 -17.65
N VAL I 60 -24.39 -19.85 -16.79
CA VAL I 60 -24.81 -19.82 -15.39
C VAL I 60 -26.28 -19.44 -15.32
N PRO I 61 -27.01 -19.86 -14.28
CA PRO I 61 -28.41 -19.44 -14.15
C PRO I 61 -28.53 -17.93 -13.98
N GLN I 62 -29.53 -17.35 -14.64
CA GLN I 62 -29.75 -15.92 -14.55
C GLN I 62 -30.57 -15.51 -13.34
N ASP I 63 -31.09 -16.47 -12.57
CA ASP I 63 -31.92 -16.14 -11.42
C ASP I 63 -31.11 -15.40 -10.35
N ILE I 64 -29.88 -15.84 -10.11
CA ILE I 64 -29.06 -15.25 -9.06
C ILE I 64 -28.44 -13.96 -9.56
N GLU I 65 -28.60 -12.89 -8.78
CA GLU I 65 -28.10 -11.57 -9.15
C GLU I 65 -26.68 -11.37 -8.63
N LEU I 66 -25.90 -10.59 -9.39
CA LEU I 66 -24.53 -10.31 -8.99
C LEU I 66 -24.48 -9.54 -7.68
N LEU I 67 -25.37 -8.55 -7.50
CA LEU I 67 -25.45 -7.80 -6.25
C LEU I 67 -26.64 -8.31 -5.45
N SER I 68 -26.39 -9.39 -4.70
CA SER I 68 -27.36 -9.97 -3.79
C SER I 68 -26.62 -10.96 -2.90
N PHE I 69 -27.23 -11.27 -1.75
CA PHE I 69 -26.57 -12.17 -0.82
C PHE I 69 -26.44 -13.58 -1.39
N ARG I 70 -27.39 -14.00 -2.23
CA ARG I 70 -27.29 -15.29 -2.88
C ARG I 70 -26.08 -15.33 -3.82
N GLY I 71 -25.84 -14.25 -4.55
CA GLY I 71 -24.66 -14.19 -5.39
C GLY I 71 -23.38 -14.18 -4.58
N PHE I 72 -23.42 -13.57 -3.39
CA PHE I 72 -22.25 -13.58 -2.51
C PHE I 72 -21.91 -14.99 -2.06
N MET I 73 -22.94 -15.78 -1.73
CA MET I 73 -22.71 -17.17 -1.36
C MET I 73 -22.14 -17.98 -2.53
N THR I 74 -22.55 -17.64 -3.75
CA THR I 74 -22.05 -18.36 -4.92
C THR I 74 -20.55 -18.19 -5.07
N ILE I 75 -20.03 -16.99 -4.82
CA ILE I 75 -18.60 -16.75 -4.92
C ILE I 75 -17.85 -17.61 -3.91
N ALA I 76 -18.36 -17.69 -2.67
CA ALA I 76 -17.70 -18.47 -1.64
C ALA I 76 -17.66 -19.94 -1.98
N GLU I 77 -18.78 -20.49 -2.48
CA GLU I 77 -18.83 -21.93 -2.75
C GLU I 77 -18.07 -22.29 -4.02
N GLN I 78 -17.78 -21.33 -4.88
CA GLN I 78 -16.89 -21.59 -6.01
C GLN I 78 -15.46 -21.77 -5.52
N MET I 79 -15.04 -20.98 -4.53
CA MET I 79 -13.71 -21.13 -3.96
C MET I 79 -13.54 -22.47 -3.26
N ILE I 80 -14.56 -22.91 -2.51
CA ILE I 80 -14.46 -24.14 -1.75
C ILE I 80 -14.22 -25.33 -2.67
N ILE I 81 -14.87 -25.35 -3.83
CA ILE I 81 -14.61 -26.38 -4.82
C ILE I 81 -13.18 -26.30 -5.32
N GLY I 82 -12.71 -25.09 -5.61
CA GLY I 82 -11.36 -24.92 -6.11
C GLY I 82 -10.30 -25.31 -5.09
N ILE I 83 -10.48 -24.92 -3.83
CA ILE I 83 -9.54 -25.28 -2.78
C ILE I 83 -9.53 -26.79 -2.56
N ALA I 84 -10.69 -27.44 -2.74
CA ALA I 84 -10.75 -28.89 -2.56
C ALA I 84 -9.82 -29.61 -3.52
N MET I 85 -9.83 -29.22 -4.80
CA MET I 85 -8.90 -29.80 -5.77
C MET I 85 -7.46 -29.44 -5.43
N GLY I 86 -7.22 -28.19 -5.01
CA GLY I 86 -5.87 -27.78 -4.70
C GLY I 86 -5.26 -28.52 -3.53
N MET I 87 -6.06 -28.76 -2.49
CA MET I 87 -5.55 -29.45 -1.30
C MET I 87 -5.18 -30.88 -1.62
N VAL I 88 -5.88 -31.54 -2.55
CA VAL I 88 -5.55 -32.90 -2.92
C VAL I 88 -4.14 -32.96 -3.50
N THR I 89 -3.81 -32.01 -4.38
CA THR I 89 -2.46 -31.97 -4.94
C THR I 89 -1.43 -31.73 -3.86
N GLN I 90 -1.73 -30.84 -2.91
CA GLN I 90 -0.80 -30.61 -1.80
C GLN I 90 -0.66 -31.86 -0.93
N PHE I 91 -1.73 -32.64 -0.82
CA PHE I 91 -1.69 -33.86 -0.01
C PHE I 91 -0.69 -34.86 -0.59
N MET I 92 -0.69 -35.03 -1.91
CA MET I 92 0.22 -35.98 -2.53
C MET I 92 1.67 -35.58 -2.34
N ILE I 93 2.00 -34.32 -2.66
CA ILE I 93 3.39 -33.87 -2.62
C ILE I 93 3.93 -33.95 -1.20
N GLN I 94 3.15 -33.46 -0.23
CA GLN I 94 3.58 -33.50 1.16
C GLN I 94 3.67 -34.92 1.70
N THR I 95 2.91 -35.87 1.15
CA THR I 95 3.09 -37.28 1.49
C THR I 95 4.46 -37.76 1.05
N PHE I 96 4.91 -37.35 -0.13
CA PHE I 96 6.28 -37.65 -0.54
C PHE I 96 7.29 -36.91 0.33
N VAL I 97 6.96 -35.69 0.74
CA VAL I 97 7.77 -35.01 1.75
C VAL I 97 7.77 -35.80 3.05
N LEU I 98 6.63 -36.41 3.38
CA LEU I 98 6.59 -37.33 4.52
C LEU I 98 7.49 -38.52 4.27
N LEU I 99 7.48 -39.06 3.05
CA LEU I 99 8.34 -40.19 2.72
C LEU I 99 9.81 -39.80 2.83
N GLY I 100 10.16 -38.59 2.39
CA GLY I 100 11.54 -38.16 2.48
C GLY I 100 12.02 -38.01 3.91
N GLN I 101 11.17 -37.45 4.78
CA GLN I 101 11.60 -37.16 6.14
C GLN I 101 11.62 -38.42 7.02
N ILE I 102 10.73 -39.38 6.78
CA ILE I 102 10.79 -40.61 7.56
C ILE I 102 12.07 -41.38 7.24
N LEU I 103 12.46 -41.43 5.96
CA LEU I 103 13.73 -42.02 5.60
C LEU I 103 14.90 -41.24 6.21
N GLY I 104 14.82 -39.91 6.16
CA GLY I 104 15.88 -39.10 6.76
C GLY I 104 15.95 -39.26 8.26
N MET I 105 14.79 -39.29 8.92
CA MET I 105 14.77 -39.50 10.37
C MET I 105 15.34 -40.86 10.73
N GLN I 106 14.96 -41.90 9.99
CA GLN I 106 15.50 -43.23 10.22
C GLN I 106 16.97 -43.33 9.79
N SER I 107 17.43 -42.43 8.94
CA SER I 107 18.82 -42.41 8.49
C SER I 107 19.71 -41.62 9.45
N SER I 108 19.29 -41.44 10.70
CA SER I 108 20.03 -40.66 11.69
C SER I 108 20.30 -39.24 11.19
N LEU I 109 19.29 -38.62 10.57
CA LEU I 109 19.43 -37.28 10.01
C LEU I 109 18.12 -36.50 10.17
N LEU I 125 15.49 -31.94 5.20
CA LEU I 125 16.24 -31.63 3.98
C LEU I 125 16.13 -32.75 2.96
N LEU I 126 16.01 -33.99 3.44
CA LEU I 126 15.74 -35.10 2.54
C LEU I 126 14.31 -35.06 2.02
N GLY I 127 13.40 -34.40 2.74
CA GLY I 127 12.06 -34.17 2.23
C GLY I 127 12.07 -33.27 1.00
N GLN I 128 12.96 -32.27 1.00
CA GLN I 128 13.08 -31.39 -0.16
C GLN I 128 13.52 -32.16 -1.40
N LEU I 129 14.43 -33.12 -1.23
CA LEU I 129 14.87 -33.95 -2.36
C LEU I 129 13.69 -34.71 -2.95
N PHE I 130 12.83 -35.25 -2.09
CA PHE I 130 11.64 -35.95 -2.59
C PHE I 130 10.60 -34.96 -3.10
N MET I 131 10.49 -33.80 -2.45
CA MET I 131 9.51 -32.80 -2.88
C MET I 131 9.83 -32.30 -4.29
N PHE I 132 11.11 -32.01 -4.56
CA PHE I 132 11.50 -31.56 -5.89
C PHE I 132 11.24 -32.64 -6.93
N LEU I 133 11.64 -33.88 -6.63
CA LEU I 133 11.45 -34.97 -7.59
C LEU I 133 9.97 -35.25 -7.83
N THR I 134 9.16 -35.21 -6.76
CA THR I 134 7.74 -35.43 -6.93
C THR I 134 7.10 -34.31 -7.75
N THR I 135 7.60 -33.08 -7.60
CA THR I 135 7.15 -31.99 -8.46
C THR I 135 7.49 -32.28 -9.92
N MET I 136 8.68 -32.85 -10.17
CA MET I 136 9.01 -33.27 -11.52
C MET I 136 8.08 -34.35 -12.02
N PHE I 137 7.69 -35.29 -11.14
CA PHE I 137 6.71 -36.30 -11.52
C PHE I 137 5.38 -35.66 -11.88
N PHE I 138 4.96 -34.66 -11.10
CA PHE I 138 3.71 -33.98 -11.37
C PHE I 138 3.74 -33.28 -12.73
N LEU I 139 4.87 -32.65 -13.05
CA LEU I 139 4.99 -31.94 -14.33
C LEU I 139 5.18 -32.92 -15.49
N ALA I 140 6.01 -33.94 -15.31
CA ALA I 140 6.31 -34.86 -16.41
C ALA I 140 5.10 -35.67 -16.82
N THR I 141 4.31 -36.12 -15.84
CA THR I 141 3.10 -36.89 -16.11
C THR I 141 1.93 -36.03 -16.54
N ASP I 142 2.18 -34.75 -16.85
CA ASP I 142 1.12 -33.81 -17.23
C ASP I 142 0.03 -33.74 -16.16
N GLY I 143 0.44 -33.77 -14.89
CA GLY I 143 -0.52 -33.67 -13.81
C GLY I 143 -1.25 -32.34 -13.79
N HIS I 144 -0.56 -31.26 -14.17
CA HIS I 144 -1.21 -29.96 -14.22
C HIS I 144 -2.29 -29.92 -15.29
N LEU I 145 -2.04 -30.54 -16.45
CA LEU I 145 -3.06 -30.59 -17.49
C LEU I 145 -4.29 -31.36 -17.04
N LYS I 146 -4.08 -32.48 -16.34
CA LYS I 146 -5.21 -33.27 -15.86
C LYS I 146 -6.06 -32.48 -14.86
N MET I 147 -5.42 -31.74 -13.97
CA MET I 147 -6.16 -30.92 -13.02
C MET I 147 -6.99 -29.86 -13.72
N LEU I 148 -6.41 -29.22 -14.75
CA LEU I 148 -7.18 -28.25 -15.53
C LEU I 148 -8.34 -28.92 -16.26
N GLN I 149 -8.13 -30.14 -16.77
CA GLN I 149 -9.23 -30.89 -17.37
C GLN I 149 -10.27 -31.26 -16.32
N LEU I 150 -9.85 -31.50 -15.08
CA LEU I 150 -10.80 -31.85 -14.02
C LEU I 150 -11.68 -30.67 -13.66
N VAL I 151 -11.11 -29.46 -13.60
CA VAL I 151 -11.89 -28.31 -13.14
C VAL I 151 -12.90 -27.89 -14.20
N VAL I 152 -12.56 -28.01 -15.48
CA VAL I 152 -13.52 -27.69 -16.53
C VAL I 152 -14.61 -28.74 -16.59
N PHE I 153 -14.25 -30.01 -16.36
CA PHE I 153 -15.28 -31.05 -16.22
C PHE I 153 -16.16 -30.78 -15.01
N SER I 154 -15.63 -30.16 -13.96
CA SER I 154 -16.43 -29.83 -12.79
C SER I 154 -17.55 -28.87 -13.16
N PHE I 155 -17.30 -27.98 -14.12
CA PHE I 155 -18.34 -27.06 -14.57
C PHE I 155 -19.52 -27.81 -15.18
N LYS I 156 -19.23 -28.89 -15.92
CA LYS I 156 -20.30 -29.67 -16.55
C LYS I 156 -21.13 -30.41 -15.51
N THR I 157 -20.50 -31.32 -14.77
CA THR I 157 -21.22 -32.22 -13.88
C THR I 157 -21.58 -31.59 -12.54
N LEU I 158 -20.96 -30.45 -12.19
CA LEU I 158 -21.25 -29.75 -10.94
C LEU I 158 -21.52 -28.28 -11.29
N PRO I 159 -22.74 -27.94 -11.67
CA PRO I 159 -23.00 -26.58 -12.17
C PRO I 159 -22.80 -25.52 -11.08
N ILE I 160 -22.53 -24.30 -11.56
CA ILE I 160 -22.19 -23.20 -10.65
C ILE I 160 -23.39 -22.84 -9.77
N GLY I 161 -24.56 -22.70 -10.39
CA GLY I 161 -25.74 -22.25 -9.67
C GLY I 161 -26.15 -23.14 -8.52
N SER I 162 -26.64 -24.34 -8.83
CA SER I 162 -27.05 -25.30 -7.82
C SER I 162 -25.94 -26.34 -7.66
N GLY I 163 -25.34 -26.38 -6.48
CA GLY I 163 -24.29 -27.34 -6.21
C GLY I 163 -23.15 -26.81 -5.36
N SER I 164 -22.75 -27.60 -4.38
CA SER I 164 -21.61 -27.27 -3.51
C SER I 164 -21.18 -28.55 -2.82
N LEU I 165 -20.00 -28.48 -2.19
CA LEU I 165 -19.51 -29.63 -1.43
C LEU I 165 -20.42 -29.90 -0.24
N ASN I 166 -20.81 -31.16 -0.06
CA ASN I 166 -21.68 -31.55 1.03
C ASN I 166 -20.83 -31.89 2.26
N ALA I 167 -21.49 -32.37 3.32
CA ALA I 167 -20.76 -32.77 4.52
C ALA I 167 -19.90 -34.00 4.28
N VAL I 168 -20.35 -34.93 3.44
CA VAL I 168 -19.59 -36.15 3.18
C VAL I 168 -18.27 -35.82 2.48
N ASP I 169 -18.29 -34.83 1.59
CA ASP I 169 -17.06 -34.43 0.91
C ASP I 169 -16.04 -33.88 1.90
N PHE I 170 -16.51 -33.11 2.89
CA PHE I 170 -15.61 -32.59 3.91
C PHE I 170 -14.98 -33.72 4.73
N ARG I 171 -15.77 -34.73 5.09
CA ARG I 171 -15.24 -35.84 5.88
C ARG I 171 -14.27 -36.68 5.08
N GLU I 172 -14.56 -36.92 3.79
CA GLU I 172 -13.63 -37.65 2.95
C GLU I 172 -12.31 -36.90 2.79
N MET I 173 -12.38 -35.58 2.63
CA MET I 173 -11.17 -34.78 2.53
C MET I 173 -10.43 -34.68 3.86
N ALA I 174 -11.16 -34.75 4.97
CA ALA I 174 -10.52 -34.70 6.28
C ALA I 174 -9.85 -36.03 6.62
N GLY I 175 -10.25 -37.10 5.94
CA GLY I 175 -9.70 -38.42 6.21
C GLY I 175 -8.43 -38.73 5.45
N TRP I 176 -7.90 -37.74 4.74
CA TRP I 176 -6.70 -37.96 3.94
C TRP I 176 -5.42 -37.99 4.77
N LEU I 177 -5.48 -37.61 6.05
CA LEU I 177 -4.30 -37.76 6.90
C LEU I 177 -3.93 -39.23 7.08
N GLY I 178 -4.93 -40.09 7.28
CA GLY I 178 -4.68 -41.51 7.32
C GLY I 178 -4.16 -42.04 5.99
N ILE I 179 -4.61 -41.45 4.89
CA ILE I 179 -4.10 -41.81 3.58
C ILE I 179 -2.62 -41.49 3.48
N MET I 180 -2.20 -40.36 4.06
CA MET I 180 -0.80 -39.97 4.03
C MET I 180 0.08 -41.02 4.72
N PHE I 181 -0.25 -41.35 5.97
CA PHE I 181 0.60 -42.25 6.74
C PHE I 181 0.60 -43.65 6.15
N GLN I 182 -0.57 -44.15 5.74
CA GLN I 182 -0.63 -45.49 5.16
C GLN I 182 0.18 -45.57 3.87
N THR I 183 0.06 -44.55 3.02
CA THR I 183 0.82 -44.55 1.76
C THR I 183 2.31 -44.32 2.02
N ALA I 184 2.64 -43.43 2.94
CA ALA I 184 4.04 -43.18 3.25
C ALA I 184 4.71 -44.40 3.88
N LEU I 185 4.00 -45.07 4.79
CA LEU I 185 4.54 -46.29 5.39
C LEU I 185 4.67 -47.40 4.36
N SER I 186 3.70 -47.50 3.45
CA SER I 186 3.75 -48.55 2.43
C SER I 186 4.96 -48.38 1.53
N MET I 187 5.29 -47.14 1.16
CA MET I 187 6.45 -46.89 0.32
C MET I 187 7.75 -47.20 1.05
N SER I 188 7.81 -46.91 2.35
CA SER I 188 9.06 -47.00 3.09
C SER I 188 9.20 -48.27 3.93
N LEU I 189 8.19 -49.16 3.92
CA LEU I 189 8.24 -50.32 4.81
C LEU I 189 9.43 -51.20 4.51
N SER I 190 9.72 -51.44 3.23
CA SER I 190 10.87 -52.28 2.89
C SER I 190 12.18 -51.63 3.30
N GLY I 191 12.32 -50.33 3.04
CA GLY I 191 13.54 -49.63 3.42
C GLY I 191 13.70 -49.49 4.92
N ILE I 192 12.60 -49.19 5.63
CA ILE I 192 12.68 -48.96 7.06
C ILE I 192 13.05 -50.25 7.79
N ILE I 193 12.56 -51.39 7.30
CA ILE I 193 12.97 -52.67 7.86
C ILE I 193 14.46 -52.89 7.63
N ALA I 194 14.95 -52.54 6.44
CA ALA I 194 16.37 -52.66 6.16
C ALA I 194 17.20 -51.77 7.07
N LEU I 195 16.73 -50.54 7.32
CA LEU I 195 17.44 -49.64 8.22
C LEU I 195 17.51 -50.20 9.63
N LEU I 196 16.40 -50.77 10.12
CA LEU I 196 16.38 -51.31 11.47
C LEU I 196 17.27 -52.54 11.60
N THR I 197 17.18 -53.47 10.64
CA THR I 197 17.89 -54.73 10.79
C THR I 197 19.40 -54.54 10.75
N ILE I 198 19.89 -53.62 9.91
CA ILE I 198 21.33 -53.38 9.86
C ILE I 198 21.79 -52.68 11.13
N ASN I 199 20.99 -51.75 11.65
CA ASN I 199 21.35 -51.07 12.89
C ASN I 199 21.28 -52.03 14.07
N LEU I 200 20.25 -52.87 14.13
CA LEU I 200 20.19 -53.89 15.17
C LEU I 200 21.32 -54.90 15.01
N SER I 201 21.62 -55.29 13.77
CA SER I 201 22.75 -56.19 13.54
C SER I 201 24.07 -55.55 13.96
N PHE I 202 24.24 -54.26 13.64
CA PHE I 202 25.44 -53.55 14.07
C PHE I 202 25.50 -53.44 15.59
N GLY I 203 24.35 -53.22 16.23
CA GLY I 203 24.34 -53.13 17.69
C GLY I 203 24.70 -54.44 18.35
N VAL I 204 24.10 -55.54 17.90
CA VAL I 204 24.35 -56.84 18.53
C VAL I 204 25.78 -57.31 18.25
N MET I 205 26.28 -57.05 17.04
CA MET I 205 27.61 -57.52 16.67
C MET I 205 28.69 -56.79 17.46
N THR I 206 28.49 -55.52 17.75
CA THR I 206 29.44 -54.73 18.51
C THR I 206 29.10 -54.68 20.00
N ARG I 207 28.06 -55.40 20.44
CA ARG I 207 27.71 -55.43 21.84
C ARG I 207 28.65 -56.31 22.67
N ALA I 208 29.48 -57.13 22.01
CA ALA I 208 30.42 -57.96 22.75
C ALA I 208 31.36 -57.11 23.60
N ALA I 209 31.88 -56.02 23.02
CA ALA I 209 32.74 -55.11 23.76
C ALA I 209 31.99 -53.82 24.05
N PRO I 210 31.59 -53.56 25.30
CA PRO I 210 30.91 -52.30 25.62
C PRO I 210 31.81 -51.08 25.57
N GLN I 211 33.12 -51.27 25.35
CA GLN I 211 34.04 -50.15 25.25
C GLN I 211 33.85 -49.37 23.96
N LEU I 212 33.55 -50.06 22.86
CA LEU I 212 33.38 -49.38 21.58
C LEU I 212 32.12 -48.52 21.57
N ASN I 213 30.99 -49.11 22.01
CA ASN I 213 29.67 -48.49 21.88
C ASN I 213 29.43 -48.03 20.45
N ILE I 214 28.49 -47.12 20.26
CA ILE I 214 28.28 -46.52 18.94
C ILE I 214 28.39 -45.00 19.02
N PHE I 215 27.47 -44.38 19.78
CA PHE I 215 27.28 -42.93 19.81
C PHE I 215 27.53 -42.31 18.44
N SER I 216 28.48 -41.39 18.36
CA SER I 216 28.78 -40.72 17.09
C SER I 216 29.29 -41.69 16.04
N LEU I 217 30.03 -42.73 16.45
CA LEU I 217 30.42 -43.76 15.50
C LEU I 217 29.19 -44.44 14.88
N GLY I 218 28.14 -44.63 15.69
CA GLY I 218 26.89 -45.12 15.14
C GLY I 218 26.19 -44.10 14.27
N PHE I 219 26.37 -42.81 14.55
CA PHE I 219 25.79 -41.76 13.71
C PHE I 219 26.34 -41.85 12.29
N ALA I 220 27.66 -42.01 12.15
CA ALA I 220 28.27 -42.09 10.83
C ALA I 220 27.81 -43.32 10.08
N PHE I 221 27.79 -44.48 10.75
CA PHE I 221 27.39 -45.71 10.10
C PHE I 221 25.93 -45.65 9.66
N ALA I 222 25.06 -45.12 10.52
CA ALA I 222 23.63 -45.08 10.21
C ALA I 222 23.34 -44.19 9.01
N LEU I 223 24.01 -43.03 8.95
CA LEU I 223 23.69 -42.06 7.89
C LEU I 223 24.19 -42.55 6.52
N MET I 224 25.34 -43.23 6.50
CA MET I 224 25.85 -43.75 5.22
C MET I 224 24.90 -44.78 4.64
N VAL I 225 24.41 -45.70 5.48
CA VAL I 225 23.45 -46.70 5.01
C VAL I 225 22.12 -46.05 4.65
N GLY I 226 21.70 -45.05 5.42
CA GLY I 226 20.43 -44.38 5.15
C GLY I 226 20.43 -43.68 3.81
N LEU I 227 21.52 -43.00 3.47
CA LEU I 227 21.65 -42.41 2.14
C LEU I 227 21.65 -43.48 1.06
N LEU I 228 22.32 -44.60 1.31
CA LEU I 228 22.34 -45.69 0.35
C LEU I 228 20.94 -46.27 0.14
N LEU I 229 20.17 -46.41 1.22
CA LEU I 229 18.81 -46.92 1.09
C LEU I 229 17.92 -45.94 0.33
N CYS I 230 18.13 -44.63 0.53
CA CYS I 230 17.38 -43.65 -0.25
C CYS I 230 17.68 -43.77 -1.74
N TRP I 231 18.90 -44.21 -2.08
CA TRP I 231 19.21 -44.50 -3.47
C TRP I 231 18.35 -45.65 -3.99
N TYR I 232 18.10 -46.65 -3.14
CA TYR I 232 17.17 -47.72 -3.50
C TYR I 232 15.73 -47.21 -3.59
N ILE I 233 15.36 -46.29 -2.69
CA ILE I 233 14.00 -45.77 -2.69
C ILE I 233 13.69 -45.03 -3.97
N LEU I 234 14.63 -44.20 -4.44
CA LEU I 234 14.42 -43.47 -5.69
C LEU I 234 14.40 -44.41 -6.90
N ALA I 235 14.93 -45.62 -6.75
CA ALA I 235 14.95 -46.56 -7.87
C ALA I 235 13.57 -47.08 -8.20
N GLY I 236 12.70 -47.23 -7.20
CA GLY I 236 11.37 -47.77 -7.43
C GLY I 236 10.25 -46.87 -6.94
N LEU I 237 10.52 -45.58 -6.82
CA LEU I 237 9.52 -44.64 -6.34
C LEU I 237 8.45 -44.31 -7.38
N TYR I 238 8.77 -44.42 -8.67
CA TYR I 238 7.83 -43.99 -9.71
C TYR I 238 6.56 -44.83 -9.69
N SER I 239 6.70 -46.15 -9.47
CA SER I 239 5.52 -47.01 -9.45
C SER I 239 4.58 -46.63 -8.31
N HIS I 240 5.14 -46.30 -7.15
CA HIS I 240 4.31 -45.88 -6.02
C HIS I 240 3.57 -44.58 -6.33
N TYR I 241 4.22 -43.66 -7.03
CA TYR I 241 3.57 -42.40 -7.40
C TYR I 241 2.39 -42.64 -8.33
N GLU I 242 2.53 -43.57 -9.27
CA GLU I 242 1.44 -43.84 -10.21
C GLU I 242 0.21 -44.39 -9.49
N MET I 243 0.42 -45.30 -8.54
CA MET I 243 -0.70 -45.80 -7.75
C MET I 243 -1.28 -44.70 -6.86
N PHE I 244 -0.41 -43.84 -6.30
CA PHE I 244 -0.89 -42.76 -5.45
C PHE I 244 -1.73 -41.76 -6.24
N TRP I 245 -1.30 -41.43 -7.46
CA TRP I 245 -2.05 -40.47 -8.27
C TRP I 245 -3.44 -41.00 -8.62
N THR I 246 -3.55 -42.30 -8.87
CA THR I 246 -4.85 -42.90 -9.17
C THR I 246 -5.81 -42.75 -7.99
N VAL I 247 -5.30 -42.95 -6.78
CA VAL I 247 -6.12 -42.77 -5.58
C VAL I 247 -6.55 -41.31 -5.46
N GLY I 248 -5.61 -40.39 -5.67
CA GLY I 248 -5.93 -38.97 -5.55
C GLY I 248 -6.89 -38.51 -6.63
N GLU I 249 -6.68 -38.95 -7.87
CA GLU I 249 -7.57 -38.54 -8.97
C GLU I 249 -8.98 -39.04 -8.74
N ALA I 250 -9.13 -40.26 -8.21
CA ALA I 250 -10.45 -40.79 -7.92
C ALA I 250 -11.16 -39.95 -6.87
N GLN I 251 -10.42 -39.49 -5.86
CA GLN I 251 -11.00 -38.61 -4.85
C GLN I 251 -11.48 -37.30 -5.47
N ILE I 252 -10.70 -36.73 -6.39
CA ILE I 252 -11.07 -35.47 -7.02
C ILE I 252 -12.35 -35.62 -7.82
N CYS I 253 -12.47 -36.71 -8.59
CA CYS I 253 -13.68 -36.94 -9.37
C CYS I 253 -14.88 -37.15 -8.45
N ARG I 254 -14.65 -37.75 -7.28
CA ARG I 254 -15.73 -37.91 -6.30
C ARG I 254 -16.22 -36.55 -5.81
N LEU I 255 -15.30 -35.60 -5.60
CA LEU I 255 -15.69 -34.27 -5.17
C LEU I 255 -16.56 -33.58 -6.21
N ILE I 256 -16.19 -33.68 -7.48
CA ILE I 256 -16.90 -33.01 -8.56
C ILE I 256 -18.05 -33.89 -9.05
N ARG I 257 -18.23 -35.05 -8.42
CA ARG I 257 -19.30 -35.99 -8.76
C ARG I 257 -19.24 -36.41 -10.22
N LEU I 258 -18.04 -36.82 -10.66
CA LEU I 258 -17.86 -37.27 -12.03
C LEU I 258 -17.80 -38.79 -12.11
N ASP J 82 -13.50 2.19 -42.84
CA ASP J 82 -12.54 2.17 -41.75
C ASP J 82 -13.02 3.03 -40.60
N TYR J 83 -12.48 2.78 -39.40
CA TYR J 83 -12.83 3.59 -38.23
C TYR J 83 -12.33 5.02 -38.41
N SER J 84 -13.06 5.95 -37.82
CA SER J 84 -12.71 7.37 -37.93
C SER J 84 -11.40 7.65 -37.21
N VAL J 85 -10.79 8.78 -37.56
CA VAL J 85 -9.50 9.16 -36.99
C VAL J 85 -9.60 9.28 -35.47
N THR J 86 -10.71 9.85 -34.98
CA THR J 86 -10.86 10.03 -33.55
C THR J 86 -10.96 8.69 -32.83
N LEU J 87 -11.63 7.71 -33.44
CA LEU J 87 -11.79 6.41 -32.80
C LEU J 87 -10.50 5.60 -32.83
N GLN J 88 -9.77 5.62 -33.95
CA GLN J 88 -8.56 4.80 -34.04
C GLN J 88 -7.41 5.38 -33.22
N ILE J 89 -7.47 6.67 -32.87
CA ILE J 89 -6.54 7.19 -31.88
C ILE J 89 -6.89 6.66 -30.50
N LEU J 90 -8.19 6.56 -30.21
CA LEU J 90 -8.63 6.01 -28.92
C LEU J 90 -8.26 4.53 -28.80
N ALA J 91 -8.27 3.81 -29.92
CA ALA J 91 -7.97 2.37 -29.87
C ALA J 91 -6.52 2.13 -29.48
N LEU J 92 -5.58 2.80 -30.18
CA LEU J 92 -4.17 2.58 -29.88
C LEU J 92 -3.80 3.12 -28.49
N MET J 93 -4.46 4.20 -28.07
CA MET J 93 -4.20 4.74 -26.74
C MET J 93 -4.61 3.75 -25.65
N THR J 94 -5.73 3.07 -25.84
CA THR J 94 -6.20 2.11 -24.84
C THR J 94 -5.27 0.91 -24.74
N MET J 95 -4.93 0.30 -25.87
CA MET J 95 -4.04 -0.86 -25.86
C MET J 95 -2.60 -0.48 -25.55
N LEU J 96 -2.27 0.81 -25.54
CA LEU J 96 -0.95 1.23 -25.09
C LEU J 96 -0.75 0.93 -23.61
N GLY J 97 -1.83 0.90 -22.84
CA GLY J 97 -1.80 0.54 -21.45
C GLY J 97 -1.85 -0.94 -21.17
N PHE J 98 -2.07 -1.77 -22.19
CA PHE J 98 -2.03 -3.22 -22.06
C PHE J 98 -0.66 -3.78 -22.42
N LEU J 99 0.33 -2.92 -22.63
CA LEU J 99 1.67 -3.40 -22.96
C LEU J 99 2.26 -4.31 -21.88
N PRO J 100 2.15 -4.02 -20.58
CA PRO J 100 2.60 -5.01 -19.59
C PRO J 100 1.87 -6.33 -19.69
N ALA J 101 0.58 -6.30 -20.02
CA ALA J 101 -0.17 -7.54 -20.17
C ALA J 101 0.37 -8.38 -21.32
N MET J 102 0.69 -7.73 -22.45
CA MET J 102 1.23 -8.46 -23.59
C MET J 102 2.57 -9.11 -23.26
N VAL J 103 3.41 -8.41 -22.50
CA VAL J 103 4.75 -8.92 -22.20
C VAL J 103 4.67 -10.19 -21.37
N ILE J 104 3.82 -10.18 -20.34
CA ILE J 104 3.86 -11.25 -19.35
C ILE J 104 3.40 -12.57 -19.97
N LEU J 105 2.33 -12.55 -20.77
CA LEU J 105 1.72 -13.78 -21.26
C LEU J 105 1.92 -14.03 -22.75
N MET J 106 2.86 -13.33 -23.41
CA MET J 106 3.08 -13.65 -24.84
C MET J 106 4.56 -13.76 -25.18
N THR J 107 5.42 -13.05 -24.45
CA THR J 107 6.85 -13.06 -24.76
C THR J 107 7.62 -13.84 -23.70
N SER J 108 8.94 -13.85 -23.82
CA SER J 108 9.82 -14.67 -23.00
C SER J 108 10.05 -14.10 -21.61
N PHE J 109 9.22 -13.15 -21.16
CA PHE J 109 9.39 -12.59 -19.82
C PHE J 109 9.05 -13.62 -18.75
N THR J 110 8.06 -14.49 -19.03
CA THR J 110 7.57 -15.41 -18.01
C THR J 110 8.60 -16.45 -17.62
N ARG J 111 9.23 -17.10 -18.61
CA ARG J 111 10.14 -18.19 -18.31
C ARG J 111 11.36 -17.71 -17.54
N ILE J 112 11.92 -16.57 -17.94
CA ILE J 112 13.16 -16.08 -17.32
C ILE J 112 12.92 -15.71 -15.86
N VAL J 113 11.80 -15.04 -15.58
CA VAL J 113 11.53 -14.60 -14.20
C VAL J 113 11.37 -15.80 -13.28
N VAL J 114 10.64 -16.83 -13.73
CA VAL J 114 10.43 -18.01 -12.89
C VAL J 114 11.76 -18.72 -12.63
N VAL J 115 12.59 -18.87 -13.66
CA VAL J 115 13.90 -19.49 -13.48
C VAL J 115 14.75 -18.65 -12.54
N MET J 116 14.71 -17.33 -12.69
CA MET J 116 15.43 -16.45 -11.79
C MET J 116 14.92 -16.58 -10.36
N SER J 117 13.60 -16.67 -10.19
CA SER J 117 13.03 -16.81 -8.86
C SER J 117 13.40 -18.15 -8.22
N ILE J 118 13.37 -19.23 -9.01
CA ILE J 118 13.72 -20.55 -8.49
C ILE J 118 15.18 -20.58 -8.07
N LEU J 119 16.07 -20.02 -8.89
CA LEU J 119 17.48 -20.01 -8.54
C LEU J 119 17.75 -19.14 -7.32
N ARG J 120 17.00 -18.04 -7.17
CA ARG J 120 17.15 -17.20 -5.99
C ARG J 120 16.84 -17.98 -4.72
N GLN J 121 15.78 -18.79 -4.74
CA GLN J 121 15.46 -19.64 -3.61
C GLN J 121 16.47 -20.77 -3.43
N ALA J 122 17.22 -21.12 -4.46
CA ALA J 122 18.18 -22.21 -4.35
C ALA J 122 19.30 -21.87 -3.38
N MET J 123 19.87 -20.67 -3.49
CA MET J 123 20.86 -20.22 -2.53
C MET J 123 20.19 -19.80 -1.23
N GLY J 124 20.99 -19.72 -0.16
CA GLY J 124 20.46 -19.35 1.13
C GLY J 124 19.96 -17.92 1.21
N LEU J 125 20.42 -17.05 0.32
CA LEU J 125 19.93 -15.69 0.27
C LEU J 125 18.48 -15.65 -0.18
N GLN J 126 17.67 -14.87 0.51
CA GLN J 126 16.23 -14.83 0.25
C GLN J 126 15.86 -13.76 -0.78
N GLN J 127 16.27 -12.51 -0.55
CA GLN J 127 15.95 -11.43 -1.47
C GLN J 127 17.18 -10.59 -1.78
N THR J 128 18.38 -11.19 -1.71
CA THR J 128 19.60 -10.46 -2.03
C THR J 128 19.63 -9.96 -3.47
N PRO J 129 19.28 -10.76 -4.50
CA PRO J 129 19.19 -10.19 -5.85
C PRO J 129 18.10 -9.14 -5.99
N SER J 130 17.11 -9.12 -5.10
CA SER J 130 16.01 -8.16 -5.12
C SER J 130 15.10 -8.36 -6.33
N ASN J 131 13.83 -7.97 -6.19
CA ASN J 131 12.88 -8.17 -7.27
C ASN J 131 13.16 -7.26 -8.46
N GLN J 132 13.53 -6.01 -8.20
CA GLN J 132 13.73 -5.06 -9.29
C GLN J 132 14.88 -5.47 -10.20
N VAL J 133 15.98 -5.96 -9.62
CA VAL J 133 17.10 -6.40 -10.44
C VAL J 133 16.74 -7.65 -11.22
N ILE J 134 15.96 -8.55 -10.63
CA ILE J 134 15.52 -9.74 -11.33
C ILE J 134 14.68 -9.35 -12.55
N ILE J 135 13.77 -8.40 -12.36
CA ILE J 135 12.93 -7.93 -13.46
C ILE J 135 13.77 -7.22 -14.52
N GLY J 136 14.72 -6.38 -14.07
CA GLY J 136 15.53 -5.63 -15.02
C GLY J 136 16.35 -6.52 -15.94
N ILE J 137 16.88 -7.63 -15.40
CA ILE J 137 17.62 -8.57 -16.23
C ILE J 137 16.67 -9.26 -17.21
N ALA J 138 15.47 -9.62 -16.74
CA ALA J 138 14.51 -10.29 -17.61
C ALA J 138 14.06 -9.38 -18.75
N LEU J 139 13.86 -8.09 -18.47
CA LEU J 139 13.44 -7.16 -19.50
C LEU J 139 14.51 -7.00 -20.58
N PHE J 140 15.77 -6.96 -20.18
CA PHE J 140 16.85 -6.90 -21.18
C PHE J 140 16.95 -8.21 -21.95
N LEU J 141 16.81 -9.35 -21.26
CA LEU J 141 16.86 -10.64 -21.93
C LEU J 141 15.70 -10.83 -22.89
N THR J 142 14.48 -10.48 -22.46
CA THR J 142 13.31 -10.67 -23.32
C THR J 142 13.33 -9.75 -24.54
N PHE J 143 14.21 -8.76 -24.57
CA PHE J 143 14.34 -7.90 -25.74
C PHE J 143 15.38 -8.46 -26.71
N PHE J 144 16.51 -8.94 -26.19
CA PHE J 144 17.53 -9.54 -27.04
C PHE J 144 17.02 -10.85 -27.66
N VAL J 145 16.39 -11.70 -26.85
CA VAL J 145 15.95 -13.01 -27.35
C VAL J 145 14.80 -12.86 -28.33
N MET J 146 13.82 -12.02 -28.01
CA MET J 146 12.65 -11.83 -28.86
C MET J 146 12.88 -10.76 -29.92
N SER J 147 14.13 -10.33 -30.11
CA SER J 147 14.43 -9.35 -31.15
C SER J 147 13.98 -9.75 -32.55
N PRO J 148 14.13 -11.01 -33.00
CA PRO J 148 13.57 -11.36 -34.31
C PRO J 148 12.07 -11.16 -34.41
N VAL J 149 11.34 -11.36 -33.31
CA VAL J 149 9.90 -11.14 -33.33
C VAL J 149 9.59 -9.66 -33.56
N LEU J 150 10.30 -8.77 -32.87
CA LEU J 150 10.05 -7.34 -33.02
C LEU J 150 10.44 -6.86 -34.41
N ASN J 151 11.45 -7.48 -35.01
CA ASN J 151 11.86 -7.09 -36.36
C ASN J 151 10.76 -7.38 -37.38
N GLU J 152 10.15 -8.56 -37.29
CA GLU J 152 9.11 -8.93 -38.24
C GLU J 152 7.86 -8.07 -38.05
N ILE J 153 7.50 -7.78 -36.80
CA ILE J 153 6.34 -6.94 -36.54
C ILE J 153 6.54 -5.54 -37.11
N ASN J 154 7.74 -5.00 -36.93
CA ASN J 154 8.04 -3.65 -37.42
C ASN J 154 7.91 -3.57 -38.94
N ASP J 155 8.59 -4.49 -39.66
CA ASP J 155 8.64 -4.39 -41.11
C ASP J 155 7.35 -4.85 -41.79
N LYS J 156 6.53 -5.63 -41.10
CA LYS J 156 5.30 -6.16 -41.70
C LYS J 156 4.05 -5.43 -41.26
N ALA J 157 4.06 -4.79 -40.09
CA ALA J 157 2.89 -4.09 -39.58
C ALA J 157 3.12 -2.60 -39.38
N VAL J 158 4.21 -2.22 -38.72
CA VAL J 158 4.45 -0.80 -38.44
C VAL J 158 4.75 -0.04 -39.74
N GLN J 159 5.66 -0.57 -40.54
CA GLN J 159 6.06 0.13 -41.76
C GLN J 159 4.93 0.30 -42.76
N PRO J 160 4.14 -0.75 -43.09
CA PRO J 160 3.04 -0.53 -44.04
C PRO J 160 2.01 0.46 -43.55
N TYR J 161 1.77 0.54 -42.23
CA TYR J 161 0.76 1.43 -41.71
C TYR J 161 1.19 2.89 -41.82
N LEU J 162 2.47 3.17 -41.59
CA LEU J 162 2.96 4.53 -41.67
C LEU J 162 3.05 5.04 -43.10
N ASN J 163 3.10 4.14 -44.08
CA ASN J 163 3.12 4.51 -45.49
C ASN J 163 1.74 4.50 -46.12
N GLU J 164 0.69 4.29 -45.31
CA GLU J 164 -0.69 4.20 -45.79
C GLU J 164 -0.88 3.06 -46.78
N GLN J 165 0.01 2.06 -46.71
CA GLN J 165 -0.10 0.88 -47.56
C GLN J 165 -1.01 -0.19 -46.98
N VAL J 166 -1.51 0.02 -45.76
CA VAL J 166 -2.33 -0.97 -45.07
C VAL J 166 -3.24 -0.25 -44.10
N THR J 167 -4.38 -0.88 -43.79
CA THR J 167 -5.37 -0.25 -42.91
C THR J 167 -5.11 -0.66 -41.46
N ALA J 168 -5.96 -0.17 -40.56
CA ALA J 168 -5.76 -0.41 -39.13
C ALA J 168 -5.91 -1.88 -38.77
N ARG J 169 -7.01 -2.51 -39.20
CA ARG J 169 -7.26 -3.90 -38.84
C ARG J 169 -6.24 -4.82 -39.49
N GLU J 170 -5.89 -4.58 -40.76
CA GLU J 170 -4.90 -5.43 -41.43
C GLU J 170 -3.53 -5.30 -40.78
N ALA J 171 -3.14 -4.09 -40.37
CA ALA J 171 -1.87 -3.91 -39.70
C ALA J 171 -1.85 -4.65 -38.36
N PHE J 172 -2.95 -4.59 -37.61
CA PHE J 172 -3.02 -5.31 -36.34
C PHE J 172 -2.93 -6.81 -36.55
N ASP J 173 -3.62 -7.33 -37.57
CA ASP J 173 -3.50 -8.74 -37.89
C ASP J 173 -2.09 -9.09 -38.36
N ALA J 174 -1.45 -8.18 -39.10
CA ALA J 174 -0.09 -8.42 -39.58
C ALA J 174 0.91 -8.49 -38.42
N ALA J 175 0.56 -7.95 -37.25
CA ALA J 175 1.45 -8.03 -36.11
C ALA J 175 1.22 -9.30 -35.30
N GLN J 176 -0.01 -9.83 -35.33
CA GLN J 176 -0.32 -11.04 -34.57
C GLN J 176 0.43 -12.24 -35.14
N ALA J 177 0.53 -12.33 -36.47
CA ALA J 177 1.13 -13.51 -37.10
C ALA J 177 2.57 -13.78 -36.66
N PRO J 178 3.48 -12.80 -36.64
CA PRO J 178 4.83 -13.09 -36.14
C PRO J 178 4.86 -13.52 -34.69
N MET J 179 3.99 -12.97 -33.84
CA MET J 179 3.95 -13.33 -32.44
C MET J 179 3.23 -14.65 -32.21
N LYS J 180 2.20 -14.96 -33.00
CA LYS J 180 1.52 -16.23 -32.87
C LYS J 180 2.42 -17.38 -33.30
N ALA J 181 3.26 -17.15 -34.32
CA ALA J 181 4.20 -18.18 -34.76
C ALA J 181 5.23 -18.47 -33.68
N PHE J 182 5.75 -17.42 -33.01
CA PHE J 182 6.74 -17.62 -31.96
C PHE J 182 6.14 -18.39 -30.78
N MET J 183 4.91 -18.03 -30.38
CA MET J 183 4.27 -18.73 -29.28
C MET J 183 3.95 -20.17 -29.63
N LEU J 184 3.57 -20.44 -30.87
CA LEU J 184 3.19 -21.79 -31.27
C LEU J 184 4.38 -22.74 -31.22
N LYS J 185 5.56 -22.27 -31.59
CA LYS J 185 6.74 -23.13 -31.63
C LYS J 185 7.38 -23.34 -30.27
N GLN J 186 6.98 -22.56 -29.25
CA GLN J 186 7.60 -22.62 -27.94
C GLN J 186 6.66 -23.25 -26.91
N THR J 187 5.70 -24.04 -27.38
CA THR J 187 4.77 -24.73 -26.50
C THR J 187 4.89 -26.24 -26.71
N ARG J 188 4.19 -26.99 -25.88
CA ARG J 188 4.22 -28.44 -25.92
C ARG J 188 2.98 -28.97 -26.61
N ILE J 189 3.18 -30.03 -27.40
CA ILE J 189 2.03 -30.60 -28.15
C ILE J 189 0.99 -31.02 -27.12
N LYS J 190 1.42 -31.75 -26.10
CA LYS J 190 0.46 -32.29 -25.14
C LYS J 190 -0.41 -31.19 -24.54
N ASP J 191 0.20 -30.05 -24.21
CA ASP J 191 -0.57 -28.94 -23.64
C ASP J 191 -1.59 -28.39 -24.64
N LEU J 192 -1.18 -28.23 -25.91
CA LEU J 192 -2.12 -27.76 -26.92
C LEU J 192 -3.22 -28.77 -27.16
N GLU J 193 -2.89 -30.07 -27.15
CA GLU J 193 -3.91 -31.10 -27.29
C GLU J 193 -4.90 -31.04 -26.13
N THR J 194 -4.40 -30.79 -24.93
CA THR J 194 -5.29 -30.64 -23.77
C THR J 194 -6.18 -29.42 -23.93
N PHE J 195 -5.62 -28.30 -24.39
CA PHE J 195 -6.39 -27.05 -24.41
C PHE J 195 -7.43 -27.03 -25.52
N VAL J 196 -7.12 -27.62 -26.67
CA VAL J 196 -8.12 -27.67 -27.74
C VAL J 196 -9.30 -28.55 -27.32
N THR J 197 -9.03 -29.61 -26.57
CA THR J 197 -10.11 -30.41 -26.00
C THR J 197 -10.94 -29.59 -25.02
N MET J 198 -10.27 -28.82 -24.17
CA MET J 198 -11.00 -28.01 -23.18
C MET J 198 -11.74 -26.86 -23.84
N SER J 199 -11.18 -26.26 -24.89
CA SER J 199 -11.84 -25.15 -25.57
C SER J 199 -13.02 -25.61 -26.41
N GLY J 200 -13.11 -26.88 -26.76
CA GLY J 200 -14.22 -27.38 -27.54
C GLY J 200 -14.29 -26.87 -28.96
N GLU J 201 -13.15 -26.72 -29.63
CA GLU J 201 -13.09 -26.32 -31.02
C GLU J 201 -12.37 -27.40 -31.84
N GLN J 202 -12.88 -27.66 -33.04
CA GLN J 202 -12.35 -28.70 -33.90
C GLN J 202 -11.29 -28.08 -34.82
N VAL J 203 -10.02 -28.42 -34.57
CA VAL J 203 -8.91 -27.96 -35.39
C VAL J 203 -8.08 -29.19 -35.77
N ASP J 204 -7.81 -29.36 -37.06
CA ASP J 204 -7.16 -30.58 -37.54
C ASP J 204 -5.65 -30.56 -37.36
N ASN J 205 -5.03 -29.38 -37.42
CA ASN J 205 -3.58 -29.30 -37.38
C ASN J 205 -3.13 -28.32 -36.30
N PRO J 206 -1.96 -28.56 -35.70
CA PRO J 206 -1.50 -27.68 -34.62
C PRO J 206 -1.29 -26.24 -35.03
N GLU J 207 -0.87 -25.98 -36.27
CA GLU J 207 -0.49 -24.64 -36.69
C GLU J 207 -1.68 -23.75 -37.04
N ASP J 208 -2.91 -24.22 -36.84
CA ASP J 208 -4.10 -23.42 -37.13
C ASP J 208 -4.92 -23.11 -35.88
N VAL J 209 -4.38 -23.37 -34.68
CA VAL J 209 -5.12 -23.11 -33.46
C VAL J 209 -5.30 -21.60 -33.27
N SER J 210 -6.43 -21.23 -32.66
CA SER J 210 -6.71 -19.82 -32.41
C SER J 210 -5.81 -19.28 -31.31
N MET J 211 -5.59 -17.96 -31.34
CA MET J 211 -4.75 -17.33 -30.33
C MET J 211 -5.42 -17.33 -28.96
N ALA J 212 -6.75 -17.38 -28.93
CA ALA J 212 -7.45 -17.41 -27.64
C ALA J 212 -7.08 -18.65 -26.83
N VAL J 213 -6.83 -19.77 -27.50
CA VAL J 213 -6.42 -21.00 -26.83
C VAL J 213 -4.90 -21.17 -26.82
N LEU J 214 -4.17 -20.47 -27.68
CA LEU J 214 -2.72 -20.60 -27.71
C LEU J 214 -2.05 -19.88 -26.56
N ILE J 215 -2.59 -18.72 -26.15
CA ILE J 215 -1.98 -17.97 -25.06
C ILE J 215 -1.97 -18.76 -23.75
N PRO J 216 -3.09 -19.32 -23.27
CA PRO J 216 -2.99 -20.16 -22.06
C PRO J 216 -2.13 -21.39 -22.24
N ALA J 217 -2.13 -21.96 -23.44
CA ALA J 217 -1.29 -23.13 -23.70
C ALA J 217 0.20 -22.76 -23.67
N PHE J 218 0.52 -21.55 -24.13
CA PHE J 218 1.91 -21.12 -24.15
C PHE J 218 2.46 -20.95 -22.73
N ILE J 219 1.72 -20.22 -21.88
CA ILE J 219 2.20 -19.96 -20.52
C ILE J 219 2.21 -21.24 -19.68
N THR J 220 1.24 -22.13 -19.90
CA THR J 220 1.23 -23.39 -19.17
C THR J 220 2.45 -24.24 -19.51
N SER J 221 2.81 -24.29 -20.80
CA SER J 221 4.00 -25.04 -21.20
C SER J 221 5.27 -24.34 -20.74
N GLU J 222 5.31 -23.00 -20.81
CA GLU J 222 6.49 -22.28 -20.36
C GLU J 222 6.70 -22.40 -18.86
N LEU J 223 5.60 -22.50 -18.10
CA LEU J 223 5.72 -22.75 -16.66
C LEU J 223 6.36 -24.10 -16.39
N LYS J 224 5.95 -25.14 -17.12
CA LYS J 224 6.55 -26.46 -16.96
C LYS J 224 8.03 -26.43 -17.33
N THR J 225 8.37 -25.74 -18.43
CA THR J 225 9.76 -25.64 -18.84
C THR J 225 10.58 -24.89 -17.79
N ALA J 226 10.04 -23.78 -17.28
CA ALA J 226 10.77 -23.01 -16.28
C ALA J 226 10.98 -23.81 -15.00
N PHE J 227 9.95 -24.54 -14.55
CA PHE J 227 10.09 -25.37 -13.36
C PHE J 227 11.10 -26.49 -13.57
N GLN J 228 11.06 -27.14 -14.74
CA GLN J 228 12.01 -28.22 -15.02
C GLN J 228 13.44 -27.70 -15.13
N ILE J 229 13.63 -26.55 -15.78
CA ILE J 229 14.96 -25.96 -15.87
C ILE J 229 15.43 -25.47 -14.50
N GLY J 230 14.53 -24.80 -13.77
CA GLY J 230 14.92 -24.21 -12.51
C GLY J 230 15.32 -25.24 -11.46
N PHE J 231 14.55 -26.32 -11.35
CA PHE J 231 14.82 -27.32 -10.32
C PHE J 231 16.07 -28.12 -10.62
N MET J 232 16.45 -28.26 -11.89
CA MET J 232 17.73 -28.87 -12.21
C MET J 232 18.89 -28.00 -11.72
N LEU J 233 18.75 -26.68 -11.80
CA LEU J 233 19.73 -25.79 -11.19
C LEU J 233 19.71 -25.91 -9.67
N PHE J 234 18.56 -26.28 -9.11
CA PHE J 234 18.45 -26.45 -7.66
C PHE J 234 19.29 -27.62 -7.18
N LEU J 235 19.42 -28.67 -8.00
CA LEU J 235 20.06 -29.91 -7.59
C LEU J 235 21.50 -29.74 -7.12
N PRO J 236 22.39 -29.03 -7.82
CA PRO J 236 23.76 -28.87 -7.29
C PRO J 236 23.81 -28.16 -5.96
N PHE J 237 22.92 -27.20 -5.72
CA PHE J 237 22.88 -26.53 -4.42
C PHE J 237 22.26 -27.40 -3.34
N LEU J 238 21.40 -28.36 -3.73
CA LEU J 238 20.91 -29.33 -2.77
C LEU J 238 21.97 -30.38 -2.44
N ILE J 239 22.87 -30.66 -3.40
CA ILE J 239 23.95 -31.59 -3.15
C ILE J 239 24.87 -31.07 -2.05
N ILE J 240 25.19 -29.77 -2.10
CA ILE J 240 26.05 -29.18 -1.08
C ILE J 240 25.40 -29.27 0.29
N ASP J 241 24.09 -28.99 0.36
CA ASP J 241 23.38 -29.03 1.63
C ASP J 241 23.43 -30.43 2.25
N LEU J 242 23.20 -31.46 1.44
CA LEU J 242 23.21 -32.82 1.96
C LEU J 242 24.61 -33.24 2.42
N VAL J 243 25.64 -32.82 1.69
CA VAL J 243 27.00 -33.21 2.05
C VAL J 243 27.40 -32.58 3.38
N VAL J 244 27.17 -31.27 3.53
CA VAL J 244 27.60 -30.58 4.74
C VAL J 244 26.77 -31.02 5.95
N ALA J 245 25.47 -31.25 5.74
CA ALA J 245 24.62 -31.67 6.85
C ALA J 245 25.02 -33.04 7.37
N SER J 246 25.32 -33.98 6.46
CA SER J 246 25.74 -35.31 6.89
C SER J 246 27.09 -35.26 7.60
N VAL J 247 28.00 -34.40 7.12
CA VAL J 247 29.30 -34.27 7.76
C VAL J 247 29.15 -33.73 9.18
N LEU J 248 28.30 -32.72 9.35
CA LEU J 248 28.07 -32.18 10.69
C LEU J 248 27.43 -33.21 11.61
N MET J 249 26.49 -34.01 11.07
CA MET J 249 25.86 -35.05 11.86
C MET J 249 26.81 -36.22 12.13
N ALA J 250 27.89 -36.35 11.34
CA ALA J 250 28.84 -37.43 11.55
C ALA J 250 29.59 -37.25 12.87
N MET J 251 29.89 -36.01 13.23
CA MET J 251 30.66 -35.72 14.44
C MET J 251 29.78 -35.56 15.68
N GLY J 252 28.48 -35.78 15.56
CA GLY J 252 27.57 -35.60 16.67
C GLY J 252 27.10 -34.17 16.89
N MET J 253 27.52 -33.23 16.05
CA MET J 253 27.11 -31.83 16.15
C MET J 253 25.71 -31.69 15.57
N MET J 254 24.75 -32.29 16.27
CA MET J 254 23.37 -32.33 15.80
C MET J 254 22.64 -31.00 15.95
N MET J 255 23.18 -30.07 16.74
CA MET J 255 22.49 -28.82 17.00
C MET J 255 22.94 -27.71 16.05
N LEU J 256 24.11 -27.82 15.45
CA LEU J 256 24.59 -26.82 14.50
C LEU J 256 23.72 -26.86 13.25
N SER J 257 23.14 -25.72 12.89
CA SER J 257 22.27 -25.68 11.72
C SER J 257 23.10 -25.77 10.45
N PRO J 258 22.86 -26.78 9.60
CA PRO J 258 23.67 -26.89 8.38
C PRO J 258 23.47 -25.76 7.39
N MET J 259 22.34 -25.04 7.46
CA MET J 259 22.04 -24.02 6.47
C MET J 259 23.01 -22.86 6.54
N ILE J 260 23.39 -22.43 7.75
CA ILE J 260 24.34 -21.34 7.89
C ILE J 260 25.73 -21.78 7.46
N VAL J 261 26.08 -23.05 7.67
CA VAL J 261 27.37 -23.56 7.24
C VAL J 261 27.40 -23.74 5.72
N SER J 262 26.29 -24.18 5.13
CA SER J 262 26.25 -24.42 3.70
C SER J 262 26.19 -23.13 2.89
N LEU J 263 25.72 -22.04 3.49
CA LEU J 263 25.55 -20.78 2.76
C LEU J 263 26.83 -20.27 2.10
N PRO J 264 27.98 -20.21 2.77
CA PRO J 264 29.20 -19.77 2.06
C PRO J 264 29.58 -20.65 0.89
N PHE J 265 29.35 -21.97 1.01
CA PHE J 265 29.71 -22.88 -0.07
C PHE J 265 28.70 -22.83 -1.21
N LYS J 266 27.44 -22.54 -0.91
CA LYS J 266 26.44 -22.39 -1.98
C LYS J 266 26.79 -21.22 -2.88
N LEU J 267 27.21 -20.10 -2.29
CA LEU J 267 27.61 -18.94 -3.09
C LEU J 267 28.85 -19.24 -3.93
N MET J 268 29.80 -19.98 -3.35
CA MET J 268 31.05 -20.27 -4.06
C MET J 268 30.80 -21.13 -5.29
N LEU J 269 29.91 -22.13 -5.18
CA LEU J 269 29.61 -22.97 -6.33
C LEU J 269 29.07 -22.16 -7.49
N PHE J 270 28.20 -21.19 -7.20
CA PHE J 270 27.59 -20.39 -8.26
C PHE J 270 28.60 -19.46 -8.92
N VAL J 271 29.57 -18.94 -8.16
CA VAL J 271 30.53 -18.00 -8.73
C VAL J 271 31.66 -18.74 -9.44
N LEU J 272 32.00 -19.95 -9.01
CA LEU J 272 33.07 -20.70 -9.65
C LEU J 272 32.67 -21.16 -11.05
N VAL J 273 31.39 -21.47 -11.26
CA VAL J 273 30.91 -21.97 -12.53
C VAL J 273 30.48 -20.81 -13.42
N ASP J 274 30.70 -19.59 -12.94
CA ASP J 274 30.21 -18.37 -13.61
C ASP J 274 28.71 -18.49 -13.88
N GLY J 275 27.96 -18.63 -12.78
CA GLY J 275 26.55 -18.96 -12.90
C GLY J 275 25.74 -17.89 -13.59
N TRP J 276 26.01 -16.61 -13.27
CA TRP J 276 25.22 -15.53 -13.85
C TRP J 276 25.36 -15.43 -15.36
N ASN J 277 26.44 -15.98 -15.92
CA ASN J 277 26.58 -16.05 -17.37
C ASN J 277 26.09 -17.37 -17.94
N LEU J 278 26.20 -18.45 -17.16
CA LEU J 278 25.85 -19.77 -17.67
C LEU J 278 24.35 -19.93 -17.84
N ILE J 279 23.57 -19.49 -16.84
CA ILE J 279 22.12 -19.65 -16.93
C ILE J 279 21.54 -18.76 -18.02
N LEU J 280 22.04 -17.53 -18.15
CA LEU J 280 21.51 -16.61 -19.14
C LEU J 280 21.84 -17.05 -20.56
N SER J 281 23.05 -17.59 -20.76
CA SER J 281 23.42 -18.09 -22.08
C SER J 281 22.51 -19.23 -22.50
N THR J 282 22.25 -20.18 -21.59
CA THR J 282 21.36 -21.29 -21.91
C THR J 282 19.92 -20.81 -22.06
N LEU J 283 19.49 -19.88 -21.22
CA LEU J 283 18.13 -19.35 -21.32
C LEU J 283 17.92 -18.64 -22.65
N ALA J 284 18.91 -17.86 -23.09
CA ALA J 284 18.81 -17.20 -24.38
C ALA J 284 18.78 -18.21 -25.51
N GLY J 285 19.63 -19.23 -25.45
CA GLY J 285 19.67 -20.25 -26.48
C GLY J 285 18.55 -21.27 -26.39
N SER J 286 17.84 -21.31 -25.27
CA SER J 286 16.75 -22.26 -25.11
C SER J 286 15.59 -21.95 -26.07
N PHE J 287 15.30 -20.68 -26.29
CA PHE J 287 14.18 -20.28 -27.16
C PHE J 287 14.58 -20.54 -28.61
N ALA J 288 13.95 -21.55 -29.20
CA ALA J 288 14.18 -21.95 -30.59
C ALA J 288 15.66 -22.23 -30.85
N ALA K 255 58.39 1.14 -31.17
CA ALA K 255 58.25 1.46 -32.59
C ALA K 255 59.60 1.63 -33.25
N SER K 256 60.64 1.95 -32.47
CA SER K 256 61.97 2.10 -33.04
C SER K 256 62.49 0.78 -33.58
N ALA K 257 62.08 -0.34 -32.98
CA ALA K 257 62.39 -1.64 -33.56
C ALA K 257 61.74 -1.78 -34.93
N ALA K 258 60.52 -1.26 -35.08
CA ALA K 258 59.88 -1.26 -36.39
C ALA K 258 60.68 -0.43 -37.39
N ARG K 259 61.19 0.72 -36.95
CA ARG K 259 62.01 1.54 -37.84
C ARG K 259 63.30 0.81 -38.24
N ARG K 260 63.90 0.10 -37.29
CA ARG K 260 65.08 -0.70 -37.60
C ARG K 260 64.77 -1.75 -38.66
N LYS K 261 63.64 -2.45 -38.51
CA LYS K 261 63.28 -3.45 -39.51
C LYS K 261 62.92 -2.82 -40.85
N GLU K 262 62.42 -1.58 -40.86
CA GLU K 262 62.21 -0.87 -42.11
C GLU K 262 63.55 -0.60 -42.80
N GLN K 263 64.56 -0.19 -42.04
CA GLN K 263 65.89 -0.02 -42.61
C GLN K 263 66.40 -1.34 -43.18
N GLU K 264 66.14 -2.43 -42.46
CA GLU K 264 66.54 -3.75 -42.95
C GLU K 264 65.85 -4.08 -44.27
N LEU K 265 64.57 -3.77 -44.38
CA LEU K 265 63.84 -4.00 -45.62
C LEU K 265 64.46 -3.21 -46.77
N GLU K 266 64.76 -1.93 -46.54
CA GLU K 266 65.36 -1.12 -47.59
C GLU K 266 66.71 -1.70 -48.02
N ARG K 267 67.54 -2.09 -47.05
CA ARG K 267 68.84 -2.66 -47.39
C ARG K 267 68.70 -3.97 -48.15
N SER K 268 67.71 -4.79 -47.78
CA SER K 268 67.48 -6.05 -48.48
C SER K 268 67.07 -5.79 -49.94
N GLN K 269 66.20 -4.81 -50.15
CA GLN K 269 65.82 -4.46 -51.52
C GLN K 269 67.03 -4.02 -52.33
N GLU K 270 67.87 -3.17 -51.74
CA GLU K 270 69.07 -2.72 -52.43
C GLU K 270 69.97 -3.89 -52.78
N GLN K 271 70.12 -4.83 -51.84
CA GLN K 271 70.98 -5.99 -52.09
C GLN K 271 70.43 -6.84 -53.22
N ALA K 272 69.11 -7.05 -53.25
CA ALA K 272 68.51 -7.83 -54.32
C ALA K 272 68.72 -7.17 -55.68
N LEU K 273 68.53 -5.85 -55.74
CA LEU K 273 68.75 -5.15 -57.00
C LEU K 273 70.21 -5.24 -57.42
N ARG K 274 71.14 -5.14 -56.47
CA ARG K 274 72.55 -5.30 -56.80
C ARG K 274 72.84 -6.69 -57.33
N GLU K 275 72.20 -7.72 -56.75
CA GLU K 275 72.39 -9.08 -57.22
C GLU K 275 71.92 -9.21 -58.66
N LYS K 276 70.76 -8.63 -58.99
CA LYS K 276 70.28 -8.68 -60.36
C LYS K 276 71.22 -7.95 -61.31
N ILE K 277 71.73 -6.79 -60.88
CA ILE K 277 72.66 -6.03 -61.71
C ILE K 277 73.90 -6.88 -62.00
N ASP K 278 74.43 -7.55 -60.98
CA ASP K 278 75.55 -8.43 -61.19
C ASP K 278 75.21 -9.56 -62.14
N SER K 279 74.03 -10.18 -61.96
CA SER K 279 73.66 -11.31 -62.80
C SER K 279 73.56 -10.91 -64.26
N VAL K 280 73.25 -9.65 -64.54
CA VAL K 280 73.20 -9.15 -65.91
C VAL K 280 74.56 -8.74 -66.43
N LEU K 281 75.36 -8.02 -65.62
CA LEU K 281 76.56 -7.39 -66.14
C LEU K 281 77.78 -8.30 -66.09
N LEU K 282 77.82 -9.27 -65.18
CA LEU K 282 78.98 -10.15 -65.09
C LEU K 282 79.26 -10.90 -66.37
N PRO K 283 78.28 -11.52 -67.06
CA PRO K 283 78.57 -12.10 -68.38
C PRO K 283 78.95 -11.06 -69.42
N ILE K 284 78.21 -9.96 -69.45
CA ILE K 284 78.38 -8.97 -70.52
C ILE K 284 79.74 -8.29 -70.41
N LEU K 285 80.08 -7.80 -69.22
CA LEU K 285 81.30 -7.01 -69.06
C LEU K 285 82.46 -7.83 -68.53
N GLY K 286 82.22 -8.73 -67.59
CA GLY K 286 83.27 -9.53 -66.98
C GLY K 286 83.38 -9.24 -65.50
N TYR K 287 84.34 -9.93 -64.89
CA TYR K 287 84.56 -9.82 -63.45
C TYR K 287 85.54 -8.69 -63.16
N GLY K 288 85.11 -7.72 -62.37
CA GLY K 288 85.97 -6.62 -62.00
C GLY K 288 86.08 -5.50 -63.01
N ASN K 289 85.33 -5.56 -64.10
CA ASN K 289 85.33 -4.50 -65.10
C ASN K 289 84.25 -3.46 -64.87
N TYR K 290 83.48 -3.58 -63.79
CA TYR K 290 82.40 -2.66 -63.51
C TYR K 290 82.21 -2.54 -62.02
N THR K 291 81.56 -1.46 -61.60
CA THR K 291 81.09 -1.32 -60.23
C THR K 291 79.73 -0.62 -60.26
N ALA K 292 78.83 -1.05 -59.38
CA ALA K 292 77.49 -0.50 -59.36
C ALA K 292 76.96 -0.49 -57.94
N GLN K 293 76.25 0.59 -57.60
CA GLN K 293 75.59 0.70 -56.31
C GLN K 293 74.17 1.20 -56.52
N VAL K 294 73.28 0.82 -55.60
CA VAL K 294 71.85 1.08 -55.73
C VAL K 294 71.35 1.73 -54.45
N ASP K 295 70.60 2.82 -54.59
CA ASP K 295 69.92 3.46 -53.47
C ASP K 295 68.42 3.33 -53.66
N ILE K 296 67.73 2.80 -52.65
CA ILE K 296 66.29 2.63 -52.67
C ILE K 296 65.70 3.36 -51.48
N GLN K 297 64.81 4.31 -51.74
CA GLN K 297 64.08 5.04 -50.71
C GLN K 297 62.66 4.52 -50.68
N MET K 298 62.20 4.09 -49.51
CA MET K 298 60.88 3.49 -49.36
C MET K 298 60.05 4.29 -48.38
N ASP K 299 58.83 4.63 -48.79
CA ASP K 299 57.87 5.30 -47.92
C ASP K 299 57.12 4.26 -47.12
N PHE K 300 56.85 4.59 -45.85
CA PHE K 300 56.16 3.68 -44.94
C PHE K 300 54.97 4.38 -44.30
N SER K 301 54.27 5.21 -45.08
CA SER K 301 53.07 5.87 -44.57
C SER K 301 51.95 4.84 -44.41
N ALA K 302 50.83 5.31 -43.87
CA ALA K 302 49.67 4.47 -43.59
C ALA K 302 48.41 5.09 -44.19
N VAL K 303 48.48 5.43 -45.49
CA VAL K 303 47.35 6.05 -46.16
C VAL K 303 46.15 5.12 -46.15
N GLU K 304 44.96 5.70 -46.00
CA GLU K 304 43.71 4.93 -45.99
C GLU K 304 42.61 5.87 -46.45
N GLN K 305 42.14 5.67 -47.67
CA GLN K 305 41.29 6.64 -48.36
C GLN K 305 39.89 6.06 -48.59
N THR K 306 38.88 6.92 -48.52
CA THR K 306 37.50 6.57 -48.80
C THR K 306 36.93 7.60 -49.76
N ARG K 307 36.49 7.15 -50.93
CA ARG K 307 35.99 8.02 -51.98
C ARG K 307 34.52 7.71 -52.24
N LYS K 308 33.70 8.76 -52.30
CA LYS K 308 32.28 8.63 -52.62
C LYS K 308 32.01 9.52 -53.82
N ARG K 309 31.83 8.90 -54.98
CA ARG K 309 31.70 9.61 -56.24
C ARG K 309 30.30 9.41 -56.82
N PHE K 310 29.79 10.46 -57.46
CA PHE K 310 28.48 10.47 -58.09
C PHE K 310 28.63 10.68 -59.59
N ASP K 311 27.50 10.67 -60.29
CA ASP K 311 27.48 10.87 -61.73
C ASP K 311 26.46 11.96 -62.06
N PRO K 312 26.90 13.22 -62.13
CA PRO K 312 25.94 14.31 -62.30
C PRO K 312 25.16 14.26 -63.59
N ASN K 313 25.72 13.71 -64.67
CA ASN K 313 25.17 13.86 -66.00
C ASN K 313 24.16 12.78 -66.38
N THR K 314 23.91 11.79 -65.52
CA THR K 314 22.91 10.77 -65.77
C THR K 314 22.01 10.57 -64.55
N PRO K 315 21.15 11.55 -64.25
CA PRO K 315 20.19 11.36 -63.15
C PRO K 315 18.97 10.60 -63.62
N ALA K 316 18.31 9.94 -62.66
CA ALA K 316 17.09 9.18 -62.92
C ALA K 316 15.99 9.73 -62.03
N THR K 317 14.93 10.23 -62.64
CA THR K 317 13.85 10.83 -61.85
C THR K 317 13.06 9.76 -61.12
N ARG K 318 12.93 9.92 -59.81
CA ARG K 318 12.20 8.97 -58.97
C ARG K 318 10.74 9.37 -58.81
N SER K 319 10.49 10.59 -58.36
CA SER K 319 9.16 11.16 -58.28
C SER K 319 9.20 12.54 -58.92
N GLU K 320 8.03 13.01 -59.36
CA GLU K 320 7.98 14.27 -60.08
C GLU K 320 6.61 14.90 -59.92
N TYR K 321 6.60 16.20 -59.66
CA TYR K 321 5.39 17.00 -59.63
C TYR K 321 5.59 18.19 -60.56
N ALA K 322 4.55 18.53 -61.31
CA ALA K 322 4.66 19.63 -62.28
C ALA K 322 3.29 20.29 -62.41
N LEU K 323 3.19 21.52 -61.93
CA LEU K 323 1.99 22.34 -62.07
C LEU K 323 2.27 23.47 -63.03
N GLU K 324 1.39 23.64 -64.03
CA GLU K 324 1.59 24.62 -65.10
C GLU K 324 0.23 25.20 -65.48
N ASP K 325 -0.12 26.35 -64.89
CA ASP K 325 -1.39 26.99 -65.18
C ASP K 325 -1.19 28.33 -65.86
N TYR K 326 -2.15 28.72 -66.69
CA TYR K 326 -2.12 29.96 -67.44
C TYR K 326 -3.38 30.76 -67.13
N ASN K 327 -3.45 31.96 -67.68
CA ASN K 327 -4.65 32.81 -67.56
C ASN K 327 -4.71 33.79 -68.72
N GLY K 365 -0.65 36.90 -70.31
CA GLY K 365 -1.27 36.84 -69.01
C GLY K 365 -0.44 36.10 -67.97
N SER K 366 -1.08 35.72 -66.87
CA SER K 366 -0.39 35.00 -65.82
C SER K 366 0.08 33.64 -66.31
N VAL K 367 1.32 33.28 -65.98
CA VAL K 367 1.89 31.99 -66.32
C VAL K 367 2.69 31.51 -65.12
N ARG K 368 2.17 30.51 -64.41
CA ARG K 368 2.79 29.96 -63.22
C ARG K 368 3.28 28.55 -63.52
N LYS K 369 4.57 28.31 -63.29
CA LYS K 369 5.20 27.02 -63.62
C LYS K 369 5.89 26.49 -62.36
N GLU K 370 5.14 25.79 -61.52
CA GLU K 370 5.73 25.14 -60.36
C GLU K 370 6.23 23.75 -60.75
N SER K 371 7.25 23.30 -60.04
CA SER K 371 7.86 22.00 -60.35
C SER K 371 8.63 21.50 -59.13
N THR K 372 8.53 20.21 -58.88
CA THR K 372 9.29 19.54 -57.84
C THR K 372 9.79 18.22 -58.40
N ARG K 373 11.05 17.89 -58.12
CA ARG K 373 11.67 16.73 -58.74
C ARG K 373 12.64 16.08 -57.77
N ASN K 374 12.60 14.75 -57.69
CA ASN K 374 13.53 13.97 -56.90
C ASN K 374 14.32 13.06 -57.81
N PHE K 375 15.62 12.91 -57.53
CA PHE K 375 16.51 12.19 -58.43
C PHE K 375 17.21 11.06 -57.70
N GLU K 376 17.65 10.09 -58.49
CA GLU K 376 18.52 9.00 -58.07
C GLU K 376 19.76 9.04 -58.95
N LEU K 377 20.92 8.87 -58.33
CA LEU K 377 22.20 9.08 -59.01
C LEU K 377 23.09 7.87 -58.83
N ASP K 378 23.96 7.64 -59.81
CA ASP K 378 24.96 6.58 -59.69
C ASP K 378 25.91 6.90 -58.55
N THR K 379 26.10 5.94 -57.65
CA THR K 379 26.88 6.16 -56.44
C THR K 379 27.95 5.08 -56.34
N THR K 380 29.20 5.49 -56.40
CA THR K 380 30.34 4.59 -56.20
C THR K 380 31.01 4.93 -54.89
N ILE K 381 31.25 3.92 -54.05
CA ILE K 381 31.88 4.11 -52.75
C ILE K 381 33.06 3.14 -52.69
N SER K 382 34.27 3.66 -52.82
CA SER K 382 35.48 2.84 -52.85
C SER K 382 36.35 3.14 -51.65
N HIS K 383 36.70 2.11 -50.90
CA HIS K 383 37.60 2.22 -49.75
C HIS K 383 38.91 1.53 -50.10
N GLU K 384 39.98 2.32 -50.18
CA GLU K 384 41.30 1.82 -50.54
C GLU K 384 42.23 1.94 -49.34
N ARG K 385 43.12 0.97 -49.19
CA ARG K 385 44.12 0.98 -48.12
C ARG K 385 45.46 0.63 -48.72
N LYS K 386 46.32 1.63 -48.88
CA LYS K 386 47.59 1.44 -49.56
C LYS K 386 48.52 0.57 -48.73
N GLN K 387 49.39 -0.17 -49.42
CA GLN K 387 50.44 -0.91 -48.74
C GLN K 387 51.43 0.04 -48.11
N THR K 388 51.93 -0.31 -46.93
CA THR K 388 52.79 0.56 -46.15
C THR K 388 54.08 0.91 -46.87
N GLY K 389 54.96 -0.07 -47.05
CA GLY K 389 56.26 0.20 -47.63
C GLY K 389 56.28 0.13 -49.14
N THR K 390 56.42 1.28 -49.81
CA THR K 390 56.45 1.35 -51.25
C THR K 390 57.69 2.11 -51.69
N VAL K 391 58.36 1.61 -52.73
CA VAL K 391 59.55 2.27 -53.27
C VAL K 391 59.14 3.61 -53.87
N ALA K 392 59.51 4.70 -53.21
CA ALA K 392 59.15 6.03 -53.67
C ALA K 392 60.15 6.59 -54.68
N ARG K 393 61.41 6.19 -54.58
CA ARG K 393 62.44 6.65 -55.51
C ARG K 393 63.56 5.61 -55.54
N GLN K 394 64.11 5.40 -56.72
CA GLN K 394 65.17 4.43 -56.91
C GLN K 394 66.30 5.06 -57.71
N THR K 395 67.52 4.93 -57.21
CA THR K 395 68.70 5.50 -57.84
C THR K 395 69.71 4.39 -58.08
N VAL K 396 70.17 4.26 -59.32
CA VAL K 396 71.17 3.25 -59.69
C VAL K 396 72.28 3.94 -60.47
N SER K 397 73.53 3.67 -60.09
CA SER K 397 74.69 4.19 -60.81
C SER K 397 75.63 3.02 -61.11
N VAL K 398 76.10 2.96 -62.36
CA VAL K 398 77.02 1.93 -62.80
C VAL K 398 78.21 2.61 -63.45
N ALA K 399 79.41 2.18 -63.05
CA ALA K 399 80.66 2.70 -63.60
C ALA K 399 81.41 1.56 -64.27
N ILE K 400 81.83 1.78 -65.51
CA ILE K 400 82.48 0.77 -66.33
C ILE K 400 83.95 1.13 -66.47
N LYS K 401 84.82 0.15 -66.24
CA LYS K 401 86.25 0.38 -66.35
C LYS K 401 86.64 0.67 -67.79
N ASP K 402 87.48 1.68 -67.98
CA ASP K 402 87.97 2.01 -69.31
C ASP K 402 89.05 1.02 -69.73
N ARG K 403 89.20 0.87 -71.06
CA ARG K 403 90.19 -0.02 -71.64
C ARG K 403 90.05 -1.45 -71.13
N PRO K 417 88.24 3.68 -72.94
CA PRO K 417 86.84 4.01 -72.67
C PRO K 417 85.87 3.11 -73.43
N MET K 418 84.59 3.41 -73.32
CA MET K 418 83.54 2.66 -73.98
C MET K 418 82.71 3.59 -74.85
N SER K 419 82.35 3.12 -76.04
CA SER K 419 81.63 3.94 -77.00
C SER K 419 80.24 4.28 -76.50
N GLU K 420 79.68 5.35 -77.07
CA GLU K 420 78.35 5.80 -76.67
C GLU K 420 77.30 4.76 -77.00
N SER K 421 77.44 4.07 -78.14
CA SER K 421 76.45 3.07 -78.52
C SER K 421 76.36 1.94 -77.51
N GLU K 422 77.51 1.43 -77.06
CA GLU K 422 77.49 0.34 -76.09
C GLU K 422 77.05 0.83 -74.72
N ILE K 423 77.36 2.08 -74.37
CA ILE K 423 76.86 2.66 -73.12
C ILE K 423 75.35 2.71 -73.13
N ASN K 424 74.77 3.16 -74.25
CA ASN K 424 73.32 3.22 -74.34
C ASN K 424 72.69 1.83 -74.39
N ALA K 425 73.37 0.86 -74.99
CA ALA K 425 72.87 -0.51 -74.98
C ALA K 425 72.86 -1.08 -73.56
N ILE K 426 73.91 -0.84 -72.79
CA ILE K 426 73.94 -1.27 -71.40
C ILE K 426 72.83 -0.57 -70.61
N ARG K 427 72.62 0.72 -70.88
CA ARG K 427 71.54 1.43 -70.22
C ARG K 427 70.18 0.82 -70.56
N GLN K 428 70.00 0.42 -71.82
CA GLN K 428 68.74 -0.22 -72.22
C GLN K 428 68.55 -1.56 -71.51
N VAL K 429 69.62 -2.34 -71.36
CA VAL K 429 69.51 -3.61 -70.65
C VAL K 429 69.14 -3.35 -69.19
N LEU K 430 69.80 -2.38 -68.55
CA LEU K 430 69.50 -2.06 -67.16
C LEU K 430 68.05 -1.61 -67.01
N ILE K 431 67.54 -0.84 -67.96
CA ILE K 431 66.14 -0.48 -67.99
C ILE K 431 65.34 -1.73 -68.32
N GLY K 432 64.77 -2.35 -67.31
CA GLY K 432 64.20 -3.67 -67.47
C GLY K 432 64.91 -4.67 -66.57
N THR K 433 66.24 -4.56 -66.48
CA THR K 433 66.94 -5.31 -65.45
C THR K 433 66.53 -4.81 -64.06
N VAL K 434 66.43 -3.50 -63.88
CA VAL K 434 66.07 -2.93 -62.59
C VAL K 434 64.61 -2.54 -62.50
N GLY K 435 63.95 -2.30 -63.63
CA GLY K 435 62.58 -1.80 -63.61
C GLY K 435 62.56 -0.29 -63.54
N PHE K 436 63.32 0.36 -64.41
CA PHE K 436 63.43 1.82 -64.39
C PHE K 436 62.07 2.46 -64.60
N ASP K 437 61.76 3.44 -63.74
CA ASP K 437 60.46 4.12 -63.75
C ASP K 437 60.73 5.61 -63.58
N GLN K 438 60.87 6.32 -64.70
CA GLN K 438 61.19 7.74 -64.65
C GLN K 438 60.06 8.55 -64.01
N GLY K 439 58.81 8.16 -64.28
CA GLY K 439 57.68 8.86 -63.70
C GLY K 439 57.65 8.81 -62.19
N ARG K 440 58.30 7.82 -61.59
CA ARG K 440 58.42 7.72 -60.14
C ARG K 440 59.53 8.62 -59.60
N GLY K 441 60.35 9.20 -60.47
CA GLY K 441 61.50 9.96 -60.04
C GLY K 441 62.78 9.18 -60.00
N ASP K 442 62.81 7.96 -60.52
CA ASP K 442 64.01 7.13 -60.49
C ASP K 442 65.08 7.72 -61.39
N LEU K 443 66.33 7.36 -61.10
CA LEU K 443 67.48 7.89 -61.82
C LEU K 443 68.46 6.76 -62.08
N LEU K 444 69.01 6.74 -63.30
CA LEU K 444 69.93 5.69 -63.72
C LEU K 444 71.11 6.36 -64.43
N ASN K 445 72.29 6.29 -63.82
CA ASN K 445 73.51 6.84 -64.39
C ASN K 445 74.41 5.69 -64.83
N VAL K 446 74.91 5.77 -66.05
CA VAL K 446 75.92 4.82 -66.55
C VAL K 446 77.09 5.63 -67.07
N LEU K 447 78.26 5.43 -66.47
CA LEU K 447 79.44 6.20 -66.79
C LEU K 447 80.59 5.25 -67.13
N SER K 448 81.56 5.77 -67.88
CA SER K 448 82.79 5.06 -68.19
C SER K 448 83.94 5.79 -67.49
N VAL K 449 84.49 5.17 -66.46
CA VAL K 449 85.51 5.80 -65.62
C VAL K 449 86.78 4.96 -65.67
N LYS K 450 87.86 5.53 -65.17
CA LYS K 450 89.17 4.90 -65.17
C LYS K 450 89.41 4.28 -63.79
N PHE K 451 89.39 2.95 -63.73
CA PHE K 451 89.70 2.26 -62.49
C PHE K 451 91.19 2.32 -62.20
N ALA K 452 91.53 2.44 -60.92
CA ALA K 452 92.93 2.49 -60.51
C ALA K 452 93.44 1.11 -60.15
N ALA L 338 -53.89 22.92 -16.87
CA ALA L 338 -54.97 21.94 -16.76
C ALA L 338 -54.92 20.94 -17.90
N LEU L 339 -54.94 19.65 -17.57
CA LEU L 339 -54.89 18.58 -18.55
C LEU L 339 -56.25 17.90 -18.65
N SER L 340 -56.62 17.51 -19.87
CA SER L 340 -57.89 16.84 -20.13
C SER L 340 -57.66 15.71 -21.13
N ASN L 341 -58.68 14.86 -21.22
CA ASN L 341 -58.61 13.68 -22.12
C ASN L 341 -59.20 14.02 -23.48
N GLN L 342 -60.13 14.96 -23.55
CA GLN L 342 -60.73 15.40 -24.83
C GLN L 342 -59.84 16.49 -25.42
N PRO L 343 -59.48 16.42 -26.72
CA PRO L 343 -58.71 17.50 -27.35
C PRO L 343 -59.49 18.80 -27.36
N PRO L 344 -58.82 19.93 -27.14
CA PRO L 344 -59.54 21.21 -27.13
C PRO L 344 -60.23 21.48 -28.45
N ALA L 345 -61.41 22.08 -28.37
CA ALA L 345 -62.18 22.39 -29.56
C ALA L 345 -61.53 23.55 -30.33
N ASP L 346 -61.79 23.58 -31.62
CA ASP L 346 -61.25 24.62 -32.49
C ASP L 346 -62.11 25.87 -32.40
N ALA L 347 -61.46 27.03 -32.49
CA ALA L 347 -62.18 28.29 -32.45
C ALA L 347 -63.00 28.49 -33.72
N SER L 348 -64.02 29.35 -33.62
CA SER L 348 -64.94 29.57 -34.73
C SER L 348 -64.67 30.88 -35.46
N ILE L 349 -64.65 32.00 -34.74
CA ILE L 349 -64.53 33.33 -35.33
C ILE L 349 -65.54 33.48 -36.46
N PRO L 350 -66.84 33.40 -36.20
CA PRO L 350 -67.82 33.48 -37.28
C PRO L 350 -67.98 34.89 -37.82
N GLN L 351 -68.19 34.98 -39.13
CA GLN L 351 -68.47 36.27 -39.74
C GLN L 351 -69.80 36.83 -39.23
N ASP L 352 -70.82 35.99 -39.19
CA ASP L 352 -72.10 36.32 -38.58
C ASP L 352 -72.52 35.15 -37.71
N VAL L 353 -72.84 35.42 -36.44
CA VAL L 353 -73.18 34.36 -35.50
C VAL L 353 -74.45 33.65 -35.92
N ALA L 354 -75.41 34.40 -36.48
CA ALA L 354 -76.67 33.79 -36.90
C ALA L 354 -76.46 32.70 -37.94
N GLN L 355 -75.40 32.82 -38.75
CA GLN L 355 -75.08 31.81 -39.76
C GLN L 355 -74.30 30.69 -39.08
N MET L 356 -75.03 29.83 -38.34
CA MET L 356 -74.41 28.67 -37.64
C MET L 356 -75.39 28.17 -36.57
N ALA M 338 -39.86 49.62 8.06
CA ALA M 338 -41.12 50.24 7.66
C ALA M 338 -42.21 49.19 7.48
N LEU M 339 -42.18 48.16 8.31
CA LEU M 339 -43.15 47.07 8.26
C LEU M 339 -44.11 47.17 9.44
N SER M 340 -45.40 47.10 9.15
CA SER M 340 -46.43 47.14 10.17
C SER M 340 -47.32 45.91 10.08
N ASN M 341 -47.95 45.58 11.21
CA ASN M 341 -48.87 44.46 11.29
C ASN M 341 -50.29 44.81 10.87
N GLN M 342 -50.53 46.09 10.55
CA GLN M 342 -51.87 46.52 10.07
C GLN M 342 -51.74 47.05 8.64
N PRO M 343 -52.47 46.51 7.64
CA PRO M 343 -52.31 46.89 6.24
C PRO M 343 -52.46 48.39 6.06
N PRO M 344 -51.69 48.99 5.16
CA PRO M 344 -51.87 50.42 4.86
C PRO M 344 -53.23 50.65 4.22
N ALA M 345 -53.74 51.87 4.44
CA ALA M 345 -55.07 52.23 3.98
C ALA M 345 -55.03 52.59 2.49
N ASP M 346 -56.09 52.22 1.78
CA ASP M 346 -56.21 52.58 0.38
C ASP M 346 -56.36 54.10 0.25
N ALA M 347 -55.62 54.67 -0.70
CA ALA M 347 -55.69 56.10 -0.93
C ALA M 347 -57.05 56.50 -1.48
N SER M 348 -57.47 57.72 -1.16
CA SER M 348 -58.74 58.27 -1.59
C SER M 348 -58.48 59.48 -2.47
N ILE M 349 -59.07 59.50 -3.65
CA ILE M 349 -58.93 60.60 -4.60
C ILE M 349 -60.29 61.24 -4.79
N PRO M 350 -60.75 62.07 -3.86
CA PRO M 350 -62.05 62.71 -4.02
C PRO M 350 -61.97 63.95 -4.90
N GLN M 351 -63.10 64.26 -5.53
CA GLN M 351 -63.22 65.45 -6.36
C GLN M 351 -63.71 66.66 -5.59
N ASP M 352 -64.11 66.50 -4.33
CA ASP M 352 -64.62 67.61 -3.53
C ASP M 352 -64.04 67.69 -2.12
N VAL M 353 -63.48 66.60 -1.58
CA VAL M 353 -62.86 66.56 -0.27
C VAL M 353 -63.90 66.73 0.83
N ALA M 354 -64.74 67.75 0.72
CA ALA M 354 -65.78 67.99 1.71
C ALA M 354 -66.75 66.81 1.78
N GLN M 355 -67.20 66.32 0.63
CA GLN M 355 -68.08 65.15 0.61
C GLN M 355 -67.32 63.91 1.07
N MET M 356 -66.14 63.67 0.51
CA MET M 356 -65.29 62.54 0.85
C MET M 356 -66.03 61.21 0.70
N GLY N 337 -9.79 64.01 -7.03
CA GLY N 337 -9.08 65.19 -7.49
C GLY N 337 -8.12 65.76 -6.46
N ALA N 338 -8.25 67.07 -6.21
CA ALA N 338 -7.43 67.75 -5.22
C ALA N 338 -8.16 67.79 -3.88
N LEU N 339 -8.06 66.67 -3.15
CA LEU N 339 -8.71 66.52 -1.86
C LEU N 339 -8.18 67.53 -0.86
N SER N 340 -9.07 68.31 -0.27
CA SER N 340 -8.75 69.27 0.77
C SER N 340 -9.41 68.87 2.08
N ASN N 341 -8.91 69.45 3.18
CA ASN N 341 -9.37 69.10 4.51
C ASN N 341 -10.45 70.04 5.04
N GLN N 342 -10.88 71.02 4.25
CA GLN N 342 -11.96 71.93 4.64
C GLN N 342 -13.00 71.96 3.53
N PRO N 343 -14.28 71.97 3.86
CA PRO N 343 -15.32 71.93 2.83
C PRO N 343 -15.28 73.17 1.95
N PRO N 344 -15.45 73.01 0.64
CA PRO N 344 -15.49 74.19 -0.24
C PRO N 344 -16.76 75.00 0.01
N ALA N 345 -16.65 76.30 -0.23
CA ALA N 345 -17.77 77.20 -0.03
C ALA N 345 -18.74 77.11 -1.20
N ASP N 346 -19.95 77.62 -0.97
CA ASP N 346 -20.98 77.69 -1.99
C ASP N 346 -20.76 78.90 -2.89
N ALA N 347 -21.00 78.71 -4.18
CA ALA N 347 -20.87 79.82 -5.12
C ALA N 347 -21.97 80.85 -4.87
N SER N 348 -21.62 82.12 -5.07
CA SER N 348 -22.54 83.23 -4.87
C SER N 348 -22.88 83.80 -6.24
N ILE N 349 -24.18 83.91 -6.53
CA ILE N 349 -24.66 84.46 -7.79
C ILE N 349 -25.43 85.74 -7.49
N PRO N 350 -24.74 86.87 -7.29
CA PRO N 350 -25.45 88.11 -6.96
C PRO N 350 -25.92 88.86 -8.20
N GLN N 351 -27.08 89.48 -8.08
CA GLN N 351 -27.57 90.35 -9.15
C GLN N 351 -26.72 91.61 -9.27
N ASP N 352 -26.18 92.09 -8.15
CA ASP N 352 -25.22 93.19 -8.14
C ASP N 352 -24.09 92.80 -7.21
N VAL N 353 -22.85 92.86 -7.71
CA VAL N 353 -21.72 92.40 -6.91
C VAL N 353 -21.42 93.35 -5.75
N ALA N 354 -21.88 94.60 -5.81
CA ALA N 354 -21.69 95.50 -4.68
C ALA N 354 -22.47 95.03 -3.47
N GLN N 355 -23.69 94.53 -3.68
CA GLN N 355 -24.53 94.05 -2.58
C GLN N 355 -24.16 92.62 -2.22
N MET N 356 -22.90 92.39 -1.85
CA MET N 356 -22.42 91.05 -1.53
C MET N 356 -21.66 91.03 -0.22
N ALA O 338 3.58 57.81 -41.86
CA ALA O 338 4.91 58.36 -42.16
C ALA O 338 5.50 59.02 -40.91
N LEU O 339 6.13 58.21 -40.07
CA LEU O 339 6.71 58.71 -38.83
C LEU O 339 8.05 59.39 -39.13
N SER O 340 8.11 60.71 -38.92
CA SER O 340 9.34 61.44 -39.09
C SER O 340 9.98 61.72 -37.72
N ASN O 341 11.11 62.39 -37.71
CA ASN O 341 11.80 62.67 -36.42
C ASN O 341 11.72 64.17 -36.10
N GLN O 342 11.27 64.98 -37.04
CA GLN O 342 11.25 66.45 -36.85
C GLN O 342 9.80 66.92 -36.90
N PRO O 343 9.31 67.61 -35.85
CA PRO O 343 7.89 68.00 -35.77
C PRO O 343 7.46 68.73 -37.03
N PRO O 344 6.26 68.42 -37.54
CA PRO O 344 5.76 69.14 -38.73
C PRO O 344 5.59 70.62 -38.45
N ALA O 345 5.82 71.42 -39.49
CA ALA O 345 5.63 72.86 -39.37
C ALA O 345 4.15 73.22 -39.48
N ASP O 346 3.80 74.34 -38.84
CA ASP O 346 2.42 74.81 -38.85
C ASP O 346 2.03 75.32 -40.23
N ALA O 347 0.80 75.00 -40.65
CA ALA O 347 0.29 75.54 -41.90
C ALA O 347 0.06 77.05 -41.77
N SER O 348 0.16 77.75 -42.89
CA SER O 348 0.02 79.19 -42.93
C SER O 348 -1.09 79.55 -43.89
N ILE O 349 -1.97 80.45 -43.47
CA ILE O 349 -3.11 80.88 -44.28
C ILE O 349 -3.07 82.40 -44.40
N PRO O 350 -2.16 82.98 -45.17
CA PRO O 350 -2.01 84.43 -45.23
C PRO O 350 -3.00 85.09 -46.20
N GLN O 351 -3.18 86.39 -45.99
CA GLN O 351 -3.98 87.18 -46.93
C GLN O 351 -3.24 87.37 -48.24
N ASP O 352 -1.94 87.62 -48.18
CA ASP O 352 -1.07 87.74 -49.35
C ASP O 352 0.10 86.79 -49.18
N VAL O 353 0.37 85.99 -50.21
CA VAL O 353 1.52 85.09 -50.17
C VAL O 353 2.83 85.87 -50.18
N ALA O 354 2.81 87.12 -50.64
CA ALA O 354 4.02 87.94 -50.64
C ALA O 354 4.49 88.22 -49.21
N GLN O 355 3.58 88.65 -48.35
CA GLN O 355 3.89 88.92 -46.94
C GLN O 355 3.71 87.63 -46.13
N MET O 356 4.60 86.68 -46.39
CA MET O 356 4.56 85.39 -45.73
C MET O 356 5.96 84.88 -45.43
N ALA P 338 -21.70 37.24 -63.58
CA ALA P 338 -20.79 36.12 -63.41
C ALA P 338 -19.35 36.64 -63.49
N LEU P 339 -18.38 35.73 -63.55
CA LEU P 339 -16.97 36.08 -63.59
C LEU P 339 -16.41 35.85 -64.99
N SER P 340 -15.27 36.48 -65.25
CA SER P 340 -14.56 36.34 -66.52
C SER P 340 -13.07 36.49 -66.28
N ASN P 341 -12.28 36.02 -67.25
CA ASN P 341 -10.83 36.04 -67.14
C ASN P 341 -10.21 37.31 -67.71
N GLN P 342 -11.01 38.22 -68.26
CA GLN P 342 -10.51 39.47 -68.78
C GLN P 342 -11.36 40.62 -68.27
N PRO P 343 -10.77 41.81 -68.09
CA PRO P 343 -11.54 42.95 -67.59
C PRO P 343 -12.66 43.32 -68.54
N PRO P 344 -13.81 43.71 -68.01
CA PRO P 344 -14.89 44.21 -68.88
C PRO P 344 -14.50 45.56 -69.47
N ALA P 345 -15.01 45.83 -70.67
CA ALA P 345 -14.76 47.11 -71.31
C ALA P 345 -15.53 48.22 -70.61
N ASP P 346 -15.10 49.45 -70.86
CA ASP P 346 -15.71 50.62 -70.24
C ASP P 346 -17.04 50.90 -70.94
N ALA P 347 -17.69 52.00 -70.55
CA ALA P 347 -18.95 52.41 -71.13
C ALA P 347 -18.75 53.61 -72.04
N SER P 348 -19.39 53.58 -73.20
CA SER P 348 -19.29 54.63 -74.20
C SER P 348 -20.49 55.54 -74.07
N ILE P 349 -20.25 56.83 -73.94
CA ILE P 349 -21.33 57.82 -73.83
C ILE P 349 -21.08 58.89 -74.91
N PRO P 350 -21.26 58.56 -76.18
CA PRO P 350 -20.96 59.53 -77.23
C PRO P 350 -22.11 60.48 -77.49
N GLN P 351 -21.75 61.69 -77.88
CA GLN P 351 -22.73 62.67 -78.33
C GLN P 351 -23.19 62.42 -79.76
N ASP P 352 -22.54 61.50 -80.47
CA ASP P 352 -22.96 61.12 -81.82
C ASP P 352 -22.44 59.69 -82.04
N VAL P 353 -23.37 58.73 -82.09
CA VAL P 353 -23.01 57.32 -82.18
C VAL P 353 -22.24 57.03 -83.47
N ALA P 354 -22.46 57.84 -84.51
CA ALA P 354 -21.75 57.61 -85.78
C ALA P 354 -20.26 57.74 -85.62
N GLN P 355 -19.78 58.48 -84.61
CA GLN P 355 -18.36 58.70 -84.37
C GLN P 355 -17.99 57.98 -83.08
N MET P 356 -17.62 56.72 -83.19
CA MET P 356 -17.18 55.93 -82.05
C MET P 356 -15.91 55.14 -82.36
N GLY Q 334 -67.60 34.11 -8.22
CA GLY Q 334 -67.30 34.54 -9.60
C GLY Q 334 -67.48 36.04 -9.77
N ILE Q 335 -66.92 36.63 -10.84
CA ILE Q 335 -67.01 38.11 -11.02
C ILE Q 335 -68.32 38.40 -11.73
N PRO Q 336 -69.03 39.48 -11.35
CA PRO Q 336 -70.31 39.82 -11.94
C PRO Q 336 -70.14 40.59 -13.27
N GLY Q 337 -70.99 40.33 -14.26
CA GLY Q 337 -70.83 40.99 -15.54
C GLY Q 337 -69.74 40.44 -16.42
N ALA Q 338 -69.12 39.32 -16.06
CA ALA Q 338 -68.03 38.77 -16.86
C ALA Q 338 -68.56 38.27 -18.20
N LEU Q 339 -67.79 38.53 -19.25
CA LEU Q 339 -68.17 38.07 -20.58
C LEU Q 339 -68.02 36.56 -20.68
N SER Q 340 -68.74 35.97 -21.63
CA SER Q 340 -68.69 34.55 -21.89
C SER Q 340 -68.01 34.28 -23.22
N ASN Q 341 -67.35 33.12 -23.31
CA ASN Q 341 -66.62 32.71 -24.49
C ASN Q 341 -67.47 31.87 -25.45
N GLN Q 342 -68.78 32.09 -25.41
CA GLN Q 342 -69.68 31.29 -26.28
C GLN Q 342 -70.58 32.25 -27.06
N PRO Q 343 -71.02 31.90 -28.28
CA PRO Q 343 -71.86 32.79 -29.05
C PRO Q 343 -72.97 33.27 -28.14
N PRO Q 344 -73.50 34.50 -28.32
CA PRO Q 344 -74.48 35.05 -27.38
C PRO Q 344 -75.92 34.67 -27.72
N ALA Q 345 -76.53 33.76 -26.97
CA ALA Q 345 -77.88 33.31 -27.34
C ALA Q 345 -78.71 34.56 -27.67
N ASP Q 346 -79.40 34.56 -28.81
CA ASP Q 346 -80.09 35.81 -29.23
C ASP Q 346 -81.58 35.62 -29.55
N ALA Q 347 -82.09 36.35 -30.55
CA ALA Q 347 -83.54 36.35 -30.81
C ALA Q 347 -83.93 35.47 -32.00
N SER Q 348 -83.66 35.93 -33.22
CA SER Q 348 -84.14 35.16 -34.39
C SER Q 348 -83.71 33.69 -34.27
N ILE Q 349 -84.41 32.79 -34.95
CA ILE Q 349 -84.16 31.33 -34.82
C ILE Q 349 -84.69 30.97 -33.43
N PRO Q 350 -85.98 30.62 -33.29
CA PRO Q 350 -86.57 30.37 -31.99
C PRO Q 350 -85.58 29.53 -31.20
N GLN Q 351 -84.88 28.64 -31.90
CA GLN Q 351 -83.93 27.76 -31.20
C GLN Q 351 -83.27 28.49 -30.01
N ASP Q 352 -82.69 29.70 -30.20
CA ASP Q 352 -82.04 30.19 -28.98
C ASP Q 352 -83.10 30.78 -28.06
N VAL Q 353 -84.03 31.55 -28.62
CA VAL Q 353 -84.90 32.26 -27.63
C VAL Q 353 -85.49 31.25 -26.65
N ALA Q 354 -85.66 29.99 -27.04
CA ALA Q 354 -86.36 29.06 -26.14
C ALA Q 354 -85.37 28.24 -25.31
N GLN Q 355 -84.49 27.46 -25.95
CA GLN Q 355 -83.62 26.57 -25.12
C GLN Q 355 -82.84 27.40 -24.12
N MET Q 356 -82.90 27.03 -22.82
CA MET Q 356 -82.13 27.75 -21.77
C MET Q 356 -80.64 27.66 -22.10
N GLY R 334 -39.86 68.29 11.64
CA GLY R 334 -40.54 68.39 10.37
C GLY R 334 -40.13 69.62 9.56
N ILE R 335 -40.30 69.55 8.25
CA ILE R 335 -39.97 70.68 7.38
C ILE R 335 -40.92 71.83 7.68
N PRO R 336 -40.44 73.06 7.83
CA PRO R 336 -41.35 74.18 8.08
C PRO R 336 -42.11 74.60 6.83
N GLY R 337 -43.20 73.90 6.54
CA GLY R 337 -43.99 74.19 5.35
C GLY R 337 -44.13 73.00 4.43
N ALA R 338 -44.09 71.80 4.99
CA ALA R 338 -44.24 70.57 4.22
C ALA R 338 -45.72 70.22 4.14
N LEU R 339 -46.17 69.85 2.94
CA LEU R 339 -47.57 69.51 2.74
C LEU R 339 -47.93 68.25 3.51
N SER R 340 -49.17 68.19 4.00
CA SER R 340 -49.67 67.01 4.67
C SER R 340 -50.20 66.02 3.63
N ASN R 341 -50.69 64.87 4.08
CA ASN R 341 -51.20 63.84 3.20
C ASN R 341 -52.64 63.46 3.50
N GLN R 342 -53.31 64.23 4.35
CA GLN R 342 -54.71 64.06 4.70
C GLN R 342 -55.47 65.30 4.26
N PRO R 343 -56.79 65.21 4.12
CA PRO R 343 -57.57 66.37 3.70
C PRO R 343 -57.34 67.56 4.62
N PRO R 344 -57.24 68.77 4.04
CA PRO R 344 -56.85 69.94 4.85
C PRO R 344 -57.76 70.23 6.02
N GLY S 334 0.36 82.40 -14.48
CA GLY S 334 -0.67 81.79 -15.30
C GLY S 334 -0.86 82.47 -16.64
N ILE S 335 -2.01 82.24 -17.24
CA ILE S 335 -2.36 82.86 -18.53
C ILE S 335 -2.47 84.37 -18.32
N PRO S 336 -1.81 85.18 -19.16
CA PRO S 336 -1.87 86.64 -18.94
C PRO S 336 -3.27 87.21 -18.99
N GLY S 337 -4.13 86.69 -19.85
CA GLY S 337 -5.49 87.20 -19.96
C GLY S 337 -6.51 86.36 -19.21
N ALA S 338 -6.03 85.55 -18.27
CA ALA S 338 -6.91 84.65 -17.55
C ALA S 338 -7.91 85.41 -16.70
N LEU S 339 -9.12 84.86 -16.59
CA LEU S 339 -10.19 85.47 -15.83
C LEU S 339 -10.22 84.90 -14.42
N SER S 340 -10.58 85.75 -13.45
CA SER S 340 -10.66 85.33 -12.07
C SER S 340 -12.07 84.84 -11.74
N ASN S 341 -12.13 83.88 -10.81
CA ASN S 341 -13.39 83.30 -10.37
C ASN S 341 -13.93 83.96 -9.11
N GLN S 342 -13.28 85.03 -8.65
CA GLN S 342 -13.66 85.76 -7.46
C GLN S 342 -14.25 87.11 -7.86
N PRO S 343 -15.09 87.72 -7.01
CA PRO S 343 -15.68 89.01 -7.35
C PRO S 343 -14.62 90.06 -7.60
N PRO S 344 -14.86 90.99 -8.52
CA PRO S 344 -13.83 91.95 -8.90
C PRO S 344 -13.34 92.78 -7.71
N GLY T 334 2.75 63.10 -59.32
CA GLY T 334 3.12 63.12 -60.74
C GLY T 334 1.89 63.28 -61.60
N ILE T 335 0.71 63.06 -61.02
CA ILE T 335 -0.50 63.32 -61.82
C ILE T 335 -0.16 64.59 -62.59
N PRO T 336 -0.07 64.54 -63.93
CA PRO T 336 0.37 65.71 -64.65
C PRO T 336 -0.37 66.96 -64.16
N GLY T 337 0.35 68.05 -63.90
CA GLY T 337 -0.31 69.32 -63.53
C GLY T 337 -1.08 69.25 -62.22
N ALA T 338 -0.45 68.73 -61.18
CA ALA T 338 -1.13 68.73 -59.87
C ALA T 338 -0.85 70.04 -59.16
N LEU T 339 -1.76 70.42 -58.29
CA LEU T 339 -1.54 71.65 -57.50
C LEU T 339 -0.48 71.29 -56.47
N SER T 340 0.26 72.27 -55.98
CA SER T 340 1.26 72.00 -54.93
C SER T 340 0.73 72.52 -53.60
N ASN T 341 1.48 72.30 -52.52
CA ASN T 341 1.00 72.67 -51.18
C ASN T 341 2.00 73.64 -50.57
N GLN T 342 2.70 74.39 -51.42
CA GLN T 342 3.74 75.29 -50.89
C GLN T 342 3.55 76.67 -51.51
N PRO T 343 3.70 77.78 -50.74
CA PRO T 343 3.45 79.11 -51.26
C PRO T 343 4.05 79.22 -52.67
N PRO T 344 3.31 79.73 -53.66
CA PRO T 344 3.80 79.77 -55.04
C PRO T 344 5.26 80.26 -55.13
N ALA U 333 -38.53 31.70 -73.22
CA ALA U 333 -37.93 33.04 -73.24
C ALA U 333 -38.62 33.94 -72.21
N GLY U 334 -39.22 35.05 -72.65
CA GLY U 334 -39.90 35.99 -71.73
C GLY U 334 -40.45 37.20 -72.47
N ILE U 335 -40.04 38.41 -72.06
CA ILE U 335 -40.52 39.66 -72.72
C ILE U 335 -40.13 39.61 -74.20
N PRO U 336 -40.97 40.14 -75.10
CA PRO U 336 -40.69 40.10 -76.54
C PRO U 336 -39.98 41.35 -77.07
N GLY U 337 -40.04 42.46 -76.33
CA GLY U 337 -39.47 43.69 -76.84
C GLY U 337 -38.36 44.31 -76.02
N ALA U 338 -37.48 43.48 -75.46
CA ALA U 338 -36.37 43.98 -74.68
C ALA U 338 -35.35 44.69 -75.57
N LEU U 339 -34.63 45.63 -74.97
CA LEU U 339 -33.69 46.46 -75.71
C LEU U 339 -32.31 45.79 -75.77
N SER U 340 -31.35 46.49 -76.38
CA SER U 340 -29.98 46.04 -76.47
C SER U 340 -29.06 47.18 -76.07
N ASN U 341 -28.11 46.91 -75.19
CA ASN U 341 -27.22 47.95 -74.72
C ASN U 341 -26.03 48.18 -75.64
N GLN U 342 -25.79 47.28 -76.58
CA GLN U 342 -24.68 47.46 -77.50
C GLN U 342 -24.98 48.62 -78.45
N PRO U 343 -23.97 49.38 -78.86
CA PRO U 343 -24.20 50.47 -79.80
C PRO U 343 -24.69 49.95 -81.14
N PRO U 344 -25.55 50.70 -81.84
CA PRO U 344 -26.05 50.22 -83.13
C PRO U 344 -24.92 50.03 -84.13
N ALA U 345 -24.99 48.91 -84.86
CA ALA U 345 -23.97 48.59 -85.86
C ALA U 345 -24.64 48.23 -87.18
N ASP U 346 -25.86 47.71 -87.09
CA ASP U 346 -26.70 47.30 -88.21
C ASP U 346 -26.14 46.10 -88.97
N ALA U 347 -25.01 45.55 -88.55
CA ALA U 347 -24.39 44.40 -89.22
C ALA U 347 -24.28 43.18 -88.34
N SER U 348 -24.23 43.32 -87.03
CA SER U 348 -24.11 42.21 -86.10
C SER U 348 -25.41 42.07 -85.31
N ILE U 349 -25.92 40.85 -85.23
CA ILE U 349 -27.12 40.56 -84.44
C ILE U 349 -26.77 40.71 -82.96
N PRO U 350 -27.49 41.53 -82.21
CA PRO U 350 -27.18 41.71 -80.79
C PRO U 350 -27.44 40.45 -80.00
N GLN U 351 -26.40 39.94 -79.33
CA GLN U 351 -26.52 38.76 -78.49
C GLN U 351 -26.67 39.10 -77.01
N ASP U 352 -26.66 40.38 -76.65
CA ASP U 352 -26.88 40.82 -75.28
C ASP U 352 -28.27 40.39 -74.82
N VAL U 353 -29.27 40.70 -75.65
CA VAL U 353 -30.64 40.31 -75.35
C VAL U 353 -30.84 38.82 -75.63
N ALA U 354 -31.84 38.22 -74.98
CA ALA U 354 -32.20 36.84 -75.23
C ALA U 354 -32.90 36.73 -76.58
N GLN U 355 -32.12 36.59 -77.65
CA GLN U 355 -32.62 36.74 -79.02
C GLN U 355 -33.51 35.59 -79.46
N MET U 356 -33.74 34.61 -78.59
CA MET U 356 -34.66 33.54 -78.96
C MET U 356 -36.10 34.03 -78.90
N ASN V 330 -53.28 9.47 -39.46
CA ASN V 330 -53.96 10.77 -39.29
C ASN V 330 -52.92 11.88 -39.23
N MET V 331 -53.15 12.97 -39.97
CA MET V 331 -52.18 14.08 -40.03
C MET V 331 -52.88 15.38 -39.65
N VAL V 332 -52.12 16.41 -39.33
CA VAL V 332 -52.70 17.75 -39.04
C VAL V 332 -51.90 18.73 -39.88
N ALA V 333 -52.40 19.12 -41.04
CA ALA V 333 -51.56 19.95 -41.90
C ALA V 333 -52.28 21.25 -42.22
N GLY V 334 -51.48 22.28 -42.46
CA GLY V 334 -52.03 23.57 -42.87
C GLY V 334 -50.92 24.58 -43.04
N ILE V 335 -51.26 25.68 -43.69
CA ILE V 335 -50.29 26.76 -43.87
C ILE V 335 -50.08 27.47 -42.54
N PRO V 336 -48.86 27.53 -42.03
CA PRO V 336 -48.59 28.28 -40.80
C PRO V 336 -48.38 29.76 -41.10
N GLY V 337 -48.38 30.55 -40.04
CA GLY V 337 -48.13 31.97 -40.14
C GLY V 337 -49.40 32.80 -40.22
N ALA V 338 -49.27 33.91 -40.94
CA ALA V 338 -50.33 34.92 -41.04
C ALA V 338 -51.52 34.45 -41.87
N LEU V 339 -51.33 33.52 -42.80
CA LEU V 339 -52.40 33.13 -43.71
C LEU V 339 -53.48 32.31 -43.02
N SER V 340 -53.17 31.70 -41.88
CA SER V 340 -54.13 30.88 -41.14
C SER V 340 -54.61 31.54 -39.85
N ASN V 341 -53.93 32.58 -39.38
CA ASN V 341 -54.26 33.24 -38.12
C ASN V 341 -55.21 34.42 -38.31
N GLN V 342 -56.02 34.39 -39.34
CA GLN V 342 -57.02 35.41 -39.60
C GLN V 342 -58.36 34.72 -39.85
N PRO V 343 -59.47 35.42 -39.67
CA PRO V 343 -60.79 34.77 -39.78
C PRO V 343 -60.97 34.17 -41.16
N PRO V 344 -61.70 33.05 -41.25
CA PRO V 344 -61.85 32.35 -42.53
C PRO V 344 -62.53 33.17 -43.60
N ALA V 345 -63.23 34.24 -43.19
CA ALA V 345 -63.87 35.13 -44.15
C ALA V 345 -62.87 35.80 -45.08
N ASP V 346 -61.60 35.86 -44.68
CA ASP V 346 -60.56 36.39 -45.55
C ASP V 346 -60.33 35.51 -46.77
N ALA V 347 -60.43 34.19 -46.60
CA ALA V 347 -60.34 33.22 -47.69
C ALA V 347 -59.06 33.39 -48.50
N SER V 348 -57.94 33.18 -47.82
CA SER V 348 -56.63 33.17 -48.45
C SER V 348 -56.09 31.77 -48.66
N ILE V 349 -56.26 30.89 -47.66
CA ILE V 349 -55.87 29.49 -47.76
C ILE V 349 -56.71 28.79 -48.83
N PRO V 350 -56.12 27.98 -49.69
CA PRO V 350 -56.93 27.14 -50.59
C PRO V 350 -57.84 26.21 -49.82
N GLN V 351 -59.05 26.00 -50.35
CA GLN V 351 -60.07 25.16 -49.71
C GLN V 351 -59.55 23.76 -49.43
N ASP V 352 -58.86 23.16 -50.38
CA ASP V 352 -58.32 21.81 -50.20
C ASP V 352 -57.35 21.76 -49.03
N VAL V 353 -56.46 22.75 -48.94
CA VAL V 353 -55.47 22.77 -47.86
C VAL V 353 -56.16 22.96 -46.51
N ALA V 354 -57.16 23.85 -46.45
CA ALA V 354 -57.83 24.13 -45.19
C ALA V 354 -58.56 22.91 -44.65
N ASN W 330 0.24 47.76 -63.77
CA ASN W 330 -0.11 49.12 -64.17
C ASN W 330 -0.99 49.80 -63.13
N MET W 331 -1.00 51.13 -63.13
CA MET W 331 -1.76 51.90 -62.17
C MET W 331 -2.87 52.64 -62.87
N VAL W 332 -4.07 52.59 -62.30
CA VAL W 332 -5.25 53.24 -62.85
C VAL W 332 -5.75 54.25 -61.82
N ALA W 333 -6.19 55.41 -62.31
CA ALA W 333 -6.52 56.52 -61.41
C ALA W 333 -7.42 57.51 -62.12
N GLY W 334 -7.89 58.49 -61.36
CA GLY W 334 -8.66 59.57 -61.92
C GLY W 334 -9.40 60.30 -60.83
N ILE W 335 -10.10 61.35 -61.26
CA ILE W 335 -10.96 62.09 -60.34
C ILE W 335 -12.22 61.28 -60.07
N PRO W 336 -12.60 61.05 -58.82
CA PRO W 336 -13.83 60.33 -58.52
C PRO W 336 -15.02 61.26 -58.41
N GLY W 337 -16.19 60.67 -58.17
CA GLY W 337 -17.37 61.44 -57.86
C GLY W 337 -18.04 62.12 -59.03
N ALA W 338 -18.46 63.37 -58.82
CA ALA W 338 -19.34 64.04 -59.76
C ALA W 338 -18.70 64.21 -61.13
N LEU W 339 -17.44 64.64 -61.18
CA LEU W 339 -16.83 65.00 -62.46
C LEU W 339 -16.69 63.80 -63.37
N SER W 340 -16.27 62.65 -62.84
CA SER W 340 -16.06 61.49 -63.68
C SER W 340 -17.38 60.86 -64.11
N ASN W 341 -18.40 60.91 -63.25
CA ASN W 341 -19.71 60.35 -63.58
C ASN W 341 -20.49 61.32 -64.48
N GLN W 342 -19.86 61.67 -65.59
CA GLN W 342 -20.39 62.59 -66.57
C GLN W 342 -20.10 62.04 -67.96
N PRO W 343 -20.90 62.40 -68.95
CA PRO W 343 -20.54 62.07 -70.33
C PRO W 343 -19.28 62.81 -70.75
N PRO W 344 -18.47 62.22 -71.63
CA PRO W 344 -17.19 62.83 -72.01
C PRO W 344 -17.33 64.21 -72.64
N ALA W 345 -18.49 64.50 -73.21
CA ALA W 345 -18.69 65.81 -73.86
C ALA W 345 -18.53 66.94 -72.85
N ASP W 346 -19.05 66.76 -71.64
CA ASP W 346 -18.83 67.71 -70.56
C ASP W 346 -17.38 67.64 -70.12
N ALA W 347 -16.55 68.53 -70.66
CA ALA W 347 -15.11 68.45 -70.44
C ALA W 347 -14.70 69.01 -69.08
N SER W 348 -15.30 68.48 -68.01
CA SER W 348 -14.88 68.87 -66.67
C SER W 348 -13.54 68.23 -66.31
N ILE W 349 -13.34 66.97 -66.68
CA ILE W 349 -12.11 66.25 -66.38
C ILE W 349 -10.98 66.78 -67.25
N PRO W 350 -9.82 67.12 -66.66
CA PRO W 350 -8.66 67.49 -67.48
C PRO W 350 -8.24 66.38 -68.42
N GLN W 351 -7.65 66.75 -69.57
CA GLN W 351 -7.37 65.77 -70.61
C GLN W 351 -6.35 64.72 -70.14
N ASP W 352 -5.30 65.17 -69.46
CA ASP W 352 -4.27 64.22 -69.03
C ASP W 352 -4.76 63.30 -67.91
N VAL W 353 -5.66 63.78 -67.05
CA VAL W 353 -6.20 62.92 -66.00
C VAL W 353 -7.08 61.82 -66.60
N ALA W 354 -7.81 62.15 -67.67
CA ALA W 354 -8.63 61.14 -68.33
C ALA W 354 -7.76 60.05 -68.97
N GLN W 355 -6.54 60.41 -69.38
CA GLN W 355 -5.61 59.42 -69.92
C GLN W 355 -5.22 58.40 -68.85
N MET W 356 -5.05 58.85 -67.61
CA MET W 356 -4.63 57.97 -66.53
C MET W 356 -5.66 56.87 -66.29
N LYS W 357 -6.93 57.15 -66.57
CA LYS W 357 -8.02 56.21 -66.34
C LYS W 357 -7.90 54.97 -67.23
N ASP W 358 -6.95 54.92 -68.14
CA ASP W 358 -6.79 53.64 -68.90
C ASP W 358 -5.77 52.71 -68.22
N GLY W 359 -4.49 52.97 -68.40
CA GLY W 359 -3.44 52.18 -67.73
C GLY W 359 -2.17 53.00 -67.69
N SER W 360 -1.24 52.71 -66.77
CA SER W 360 -0.01 53.53 -66.65
C SER W 360 1.12 52.67 -66.09
N VAL W 361 2.38 53.02 -66.28
CA VAL W 361 3.44 52.20 -65.60
C VAL W 361 4.74 52.99 -65.58
N GLY X 329 -63.66 33.22 1.30
CA GLY X 329 -63.19 34.09 0.24
C GLY X 329 -61.94 34.88 0.59
N ASN X 330 -62.15 36.10 1.06
CA ASN X 330 -61.05 37.01 1.42
C ASN X 330 -60.10 37.18 0.24
N MET X 331 -60.65 37.38 -0.95
CA MET X 331 -59.88 37.50 -2.17
C MET X 331 -60.03 38.90 -2.75
N VAL X 332 -58.90 39.51 -3.11
CA VAL X 332 -58.88 40.87 -3.65
C VAL X 332 -58.66 40.78 -5.15
N ALA X 333 -59.46 41.52 -5.91
CA ALA X 333 -59.43 41.42 -7.36
C ALA X 333 -59.93 42.72 -7.98
N GLY X 334 -59.64 42.88 -9.26
CA GLY X 334 -60.10 44.04 -9.99
C GLY X 334 -59.43 44.14 -11.34
N ILE X 335 -59.76 45.20 -12.06
CA ILE X 335 -59.18 45.47 -13.37
C ILE X 335 -57.81 46.10 -13.19
N PRO X 336 -56.74 45.50 -13.69
CA PRO X 336 -55.41 46.11 -13.61
C PRO X 336 -55.18 47.09 -14.77
N GLY X 337 -54.07 47.81 -14.67
CA GLY X 337 -53.64 48.68 -15.74
C GLY X 337 -54.08 50.12 -15.55
N ALA X 338 -54.22 50.79 -16.69
CA ALA X 338 -54.53 52.22 -16.73
C ALA X 338 -55.96 52.54 -16.33
N LEU X 339 -56.87 51.56 -16.40
CA LEU X 339 -58.26 51.85 -16.06
C LEU X 339 -58.44 52.06 -14.56
N SER X 340 -57.73 51.28 -13.74
CA SER X 340 -57.88 51.39 -12.30
C SER X 340 -57.15 52.60 -11.73
N ASN X 341 -56.00 52.96 -12.30
CA ASN X 341 -55.18 54.03 -11.74
C ASN X 341 -55.69 55.40 -12.21
N GLN X 342 -56.93 55.67 -11.88
CA GLN X 342 -57.59 56.93 -12.17
C GLN X 342 -58.48 57.29 -11.01
N PRO X 343 -58.82 58.56 -10.82
CA PRO X 343 -59.76 58.93 -9.78
C PRO X 343 -61.10 58.27 -10.02
N PRO X 344 -61.82 57.89 -8.95
CA PRO X 344 -63.12 57.23 -9.13
C PRO X 344 -64.17 58.10 -9.81
N ALA X 345 -63.90 59.40 -10.00
CA ALA X 345 -64.86 60.25 -10.69
C ALA X 345 -65.03 59.83 -12.16
N ASP X 346 -64.05 59.14 -12.72
CA ASP X 346 -64.17 58.69 -14.11
C ASP X 346 -65.29 57.67 -14.26
N ALA X 347 -65.46 56.81 -13.26
CA ALA X 347 -66.52 55.79 -13.27
C ALA X 347 -66.43 54.90 -14.51
N SER X 348 -65.20 54.58 -14.92
CA SER X 348 -64.97 53.68 -16.03
C SER X 348 -64.91 52.22 -15.60
N ILE X 349 -65.00 51.95 -14.30
CA ILE X 349 -64.99 50.59 -13.78
C ILE X 349 -66.38 50.26 -13.27
N PRO X 350 -66.93 49.09 -13.58
CA PRO X 350 -68.24 48.71 -13.05
C PRO X 350 -68.23 48.66 -11.52
N GLN X 351 -69.37 49.01 -10.93
CA GLN X 351 -69.47 49.07 -9.48
C GLN X 351 -69.28 47.70 -8.84
N ASP X 352 -69.68 46.64 -9.54
CA ASP X 352 -69.44 45.29 -9.04
C ASP X 352 -67.95 45.02 -8.88
N VAL X 353 -67.17 45.35 -9.91
CA VAL X 353 -65.71 45.15 -9.84
C VAL X 353 -65.09 46.11 -8.83
N ALA X 354 -65.59 47.34 -8.77
CA ALA X 354 -65.01 48.34 -7.88
C ALA X 354 -65.12 47.90 -6.42
N GLN X 355 -66.25 47.35 -6.00
CA GLN X 355 -66.33 46.87 -4.60
C GLN X 355 -65.41 45.67 -4.43
N MET X 356 -65.27 44.86 -5.48
CA MET X 356 -64.49 43.64 -5.33
C MET X 356 -63.07 43.95 -4.86
N LYS X 357 -62.55 45.11 -5.25
CA LYS X 357 -61.22 45.54 -4.83
C LYS X 357 -61.10 45.59 -3.30
N ASP X 358 -62.14 46.09 -2.64
CA ASP X 358 -62.10 46.36 -1.21
C ASP X 358 -61.61 45.18 -0.40
N GLY X 359 -62.19 44.00 -0.62
CA GLY X 359 -61.77 42.83 0.11
C GLY X 359 -62.93 42.15 0.84
N SER X 360 -64.08 42.81 0.84
CA SER X 360 -65.26 42.23 1.49
C SER X 360 -65.69 40.95 0.78
N VAL X 361 -65.62 40.94 -0.54
CA VAL X 361 -65.99 39.77 -1.31
C VAL X 361 -64.80 38.81 -1.41
N GLY Y 329 8.49 72.63 -18.43
CA GLY Y 329 7.35 73.50 -18.63
C GLY Y 329 7.15 73.94 -20.07
N ASN Y 330 7.71 73.16 -20.99
CA ASN Y 330 7.63 73.47 -22.43
C ASN Y 330 6.30 72.93 -22.97
N MET Y 331 5.27 73.75 -22.82
CA MET Y 331 3.91 73.40 -23.19
C MET Y 331 3.48 74.15 -24.44
N VAL Y 332 2.36 73.69 -25.00
CA VAL Y 332 1.68 74.34 -26.11
C VAL Y 332 0.26 74.65 -25.66
N ALA Y 333 -0.25 75.81 -26.11
CA ALA Y 333 -1.51 76.31 -25.58
C ALA Y 333 -2.26 77.08 -26.66
N GLY Y 334 -3.57 77.19 -26.45
CA GLY Y 334 -4.42 77.99 -27.32
C GLY Y 334 -5.88 77.69 -27.12
N ILE Y 335 -6.76 78.53 -27.64
CA ILE Y 335 -8.19 78.31 -27.52
C ILE Y 335 -8.60 77.19 -28.47
N PRO Y 336 -9.15 76.09 -27.96
CA PRO Y 336 -9.55 75.00 -28.86
C PRO Y 336 -10.84 75.33 -29.59
N GLY Y 337 -11.02 74.64 -30.71
CA GLY Y 337 -12.28 74.68 -31.41
C GLY Y 337 -12.37 75.68 -32.54
N ALA Y 338 -13.47 76.43 -32.56
CA ALA Y 338 -13.80 77.32 -33.66
C ALA Y 338 -12.90 78.55 -33.74
N LEU Y 339 -12.52 79.11 -32.60
CA LEU Y 339 -11.78 80.37 -32.61
C LEU Y 339 -10.41 80.19 -33.28
N SER Y 340 -9.71 79.10 -32.97
CA SER Y 340 -8.36 78.94 -33.49
C SER Y 340 -8.37 78.52 -34.96
N ASN Y 341 -9.39 77.79 -35.38
CA ASN Y 341 -9.36 77.20 -36.72
C ASN Y 341 -9.80 78.19 -37.79
N GLN Y 342 -10.17 79.40 -37.39
CA GLN Y 342 -10.32 80.48 -38.36
C GLN Y 342 -8.93 80.91 -38.82
N PRO Y 343 -8.79 81.50 -40.00
CA PRO Y 343 -7.49 82.00 -40.42
C PRO Y 343 -7.06 83.18 -39.54
N PRO Y 344 -5.75 83.41 -39.44
CA PRO Y 344 -5.26 84.43 -38.48
C PRO Y 344 -5.78 85.83 -38.72
N ALA Y 345 -6.27 86.15 -39.93
CA ALA Y 345 -6.76 87.49 -40.21
C ALA Y 345 -8.02 87.83 -39.42
N ASP Y 346 -8.71 86.83 -38.86
CA ASP Y 346 -9.89 87.09 -38.05
C ASP Y 346 -9.57 87.84 -36.76
N ALA Y 347 -8.41 87.58 -36.16
CA ALA Y 347 -7.96 88.26 -34.95
C ALA Y 347 -8.99 88.13 -33.82
N SER Y 348 -9.41 86.89 -33.56
CA SER Y 348 -10.32 86.60 -32.46
C SER Y 348 -9.60 86.15 -31.20
N ILE Y 349 -8.52 85.39 -31.35
CA ILE Y 349 -7.72 84.98 -30.19
C ILE Y 349 -6.87 86.15 -29.72
N PRO Y 350 -6.76 86.39 -28.42
CA PRO Y 350 -5.81 87.41 -27.93
C PRO Y 350 -4.39 87.06 -28.36
N GLN Y 351 -3.61 88.10 -28.69
CA GLN Y 351 -2.27 87.88 -29.21
C GLN Y 351 -1.39 87.15 -28.20
N ASP Y 352 -1.57 87.44 -26.91
CA ASP Y 352 -0.80 86.76 -25.88
C ASP Y 352 -1.06 85.26 -25.89
N VAL Y 353 -2.34 84.88 -25.98
CA VAL Y 353 -2.70 83.47 -26.02
C VAL Y 353 -2.27 82.83 -27.34
N ALA Y 354 -2.38 83.58 -28.45
CA ALA Y 354 -2.07 83.01 -29.75
C ALA Y 354 -0.59 82.70 -29.90
N GLN Y 355 0.26 83.39 -29.15
CA GLN Y 355 1.70 83.17 -29.25
C GLN Y 355 2.20 82.01 -28.40
N MET Y 356 1.33 81.33 -27.64
CA MET Y 356 1.71 80.16 -26.87
C MET Y 356 1.48 78.88 -27.67
N LYS Y 357 1.41 79.00 -28.99
CA LYS Y 357 1.17 77.86 -29.87
C LYS Y 357 2.45 77.24 -30.42
N ASP Y 358 3.57 77.96 -30.34
CA ASP Y 358 4.84 77.47 -30.87
C ASP Y 358 5.70 76.79 -29.82
N GLY Y 359 5.17 76.60 -28.60
CA GLY Y 359 5.91 76.01 -27.52
C GLY Y 359 6.44 76.98 -26.50
N SER Y 360 6.18 78.28 -26.67
CA SER Y 360 6.67 79.28 -25.73
C SER Y 360 5.98 79.15 -24.39
N VAL Y 361 6.57 79.77 -23.38
CA VAL Y 361 6.08 79.73 -22.00
C VAL Y 361 5.95 78.30 -21.51
N ASN Z 330 -26.69 66.92 11.45
CA ASN Z 330 -26.90 68.18 10.74
C ASN Z 330 -27.16 67.91 9.27
N MET Z 331 -28.43 67.86 8.90
CA MET Z 331 -28.80 67.57 7.53
C MET Z 331 -28.63 68.80 6.65
N VAL Z 332 -28.24 68.57 5.40
CA VAL Z 332 -28.25 69.58 4.35
C VAL Z 332 -29.40 69.27 3.42
N ALA Z 333 -30.31 70.23 3.25
CA ALA Z 333 -31.56 69.94 2.56
C ALA Z 333 -31.88 71.06 1.57
N GLY Z 334 -32.76 70.75 0.63
CA GLY Z 334 -33.26 71.74 -0.31
C GLY Z 334 -34.01 71.05 -1.42
N ILE Z 335 -34.55 71.87 -2.32
CA ILE Z 335 -35.26 71.36 -3.49
C ILE Z 335 -34.24 70.94 -4.54
N PRO Z 336 -34.21 69.68 -4.92
CA PRO Z 336 -33.22 69.22 -5.91
C PRO Z 336 -33.62 69.58 -7.34
N GLY Z 337 -32.66 70.05 -8.12
CA GLY Z 337 -32.89 70.20 -9.55
C GLY Z 337 -32.99 71.62 -10.06
N ALA Z 338 -34.12 71.94 -10.68
CA ALA Z 338 -34.31 73.20 -11.39
C ALA Z 338 -34.42 74.41 -10.47
N LEU Z 339 -35.13 74.30 -9.36
CA LEU Z 339 -35.32 75.47 -8.51
C LEU Z 339 -34.02 75.88 -7.84
N SER Z 340 -33.21 74.91 -7.41
CA SER Z 340 -31.97 75.23 -6.71
C SER Z 340 -30.90 75.77 -7.64
N ASN Z 341 -30.77 75.20 -8.84
CA ASN Z 341 -29.72 75.63 -9.76
C ASN Z 341 -30.14 76.87 -10.54
N GLN Z 342 -30.53 77.91 -9.82
CA GLN Z 342 -30.85 79.21 -10.39
C GLN Z 342 -30.34 80.27 -9.44
N PRO Z 343 -30.09 81.49 -9.94
CA PRO Z 343 -29.64 82.56 -9.05
C PRO Z 343 -30.68 82.84 -8.00
N PRO Z 344 -30.25 83.24 -6.79
CA PRO Z 344 -31.22 83.55 -5.73
C PRO Z 344 -32.15 84.70 -6.09
N ALA Z 345 -31.78 85.54 -7.05
CA ALA Z 345 -32.67 86.62 -7.48
C ALA Z 345 -33.98 86.10 -8.03
N ASP Z 346 -34.01 84.87 -8.56
CA ASP Z 346 -35.26 84.28 -9.01
C ASP Z 346 -36.24 84.10 -7.85
N ALA Z 347 -35.75 83.64 -6.71
CA ALA Z 347 -36.52 83.53 -5.47
C ALA Z 347 -37.79 82.68 -5.64
N SER Z 348 -37.58 81.46 -6.15
CA SER Z 348 -38.65 80.49 -6.30
C SER Z 348 -38.66 79.44 -5.20
N ILE Z 349 -37.78 79.57 -4.21
CA ILE Z 349 -37.69 78.60 -3.12
C ILE Z 349 -38.13 79.29 -1.83
N PRO Z 350 -38.95 78.65 -1.00
CA PRO Z 350 -39.29 79.25 0.30
C PRO Z 350 -38.04 79.49 1.13
N GLN Z 351 -38.05 80.58 1.90
CA GLN Z 351 -36.86 81.00 2.61
C GLN Z 351 -36.45 79.97 3.66
N ASP Z 352 -37.42 79.26 4.24
CA ASP Z 352 -37.09 78.23 5.23
C ASP Z 352 -36.28 77.10 4.60
N VAL Z 353 -36.67 76.67 3.39
CA VAL Z 353 -35.95 75.59 2.73
C VAL Z 353 -34.55 76.06 2.32
N ALA Z 354 -34.41 77.32 1.91
CA ALA Z 354 -33.12 77.84 1.48
C ALA Z 354 -32.13 77.85 2.63
N GLN Z 355 -32.62 77.99 3.87
CA GLN Z 355 -31.73 77.98 5.03
C GLN Z 355 -31.15 76.59 5.27
N MET Z 356 -31.92 75.54 4.97
CA MET Z 356 -31.48 74.19 5.28
C MET Z 356 -30.22 73.80 4.52
N LYS Z 357 -30.02 74.39 3.33
CA LYS Z 357 -28.86 74.03 2.53
C LYS Z 357 -27.57 74.57 3.14
N ASP Z 358 -27.67 75.61 3.98
CA ASP Z 358 -26.51 76.19 4.64
C ASP Z 358 -25.83 75.19 5.57
N GLY Z 359 -26.58 74.22 6.05
CA GLY Z 359 -26.06 73.19 6.92
C GLY Z 359 -26.57 73.21 8.37
N SER Z 360 -27.79 73.66 8.60
CA SER Z 360 -28.35 73.69 9.95
C SER Z 360 -29.83 73.40 9.87
N VAL Z 361 -30.31 72.52 10.73
CA VAL Z 361 -31.72 72.15 10.76
C VAL Z 361 -32.17 71.90 12.19
N GLU AA 81 -36.62 1.81 10.24
CA GLU AA 81 -36.04 1.09 11.35
C GLU AA 81 -34.96 0.12 10.88
N ASP AA 82 -35.31 -0.68 9.87
CA ASP AA 82 -34.36 -1.63 9.30
C ASP AA 82 -33.19 -0.91 8.64
N TYR AA 83 -32.02 -1.53 8.72
CA TYR AA 83 -30.82 -0.92 8.16
C TYR AA 83 -30.97 -0.73 6.65
N SER AA 84 -30.43 0.38 6.15
CA SER AA 84 -30.48 0.66 4.72
C SER AA 84 -29.54 -0.29 3.97
N VAL AA 85 -29.73 -0.36 2.66
CA VAL AA 85 -28.94 -1.27 1.83
C VAL AA 85 -27.46 -0.91 1.93
N THR AA 86 -27.15 0.38 1.97
CA THR AA 86 -25.75 0.80 2.09
C THR AA 86 -25.16 0.34 3.42
N LEU AA 87 -25.92 0.44 4.51
CA LEU AA 87 -25.40 0.06 5.82
C LEU AA 87 -25.28 -1.45 5.96
N GLN AA 88 -26.22 -2.20 5.38
CA GLN AA 88 -26.15 -3.66 5.42
C GLN AA 88 -24.92 -4.18 4.69
N ILE AA 89 -24.57 -3.55 3.57
CA ILE AA 89 -23.36 -3.94 2.84
C ILE AA 89 -22.13 -3.70 3.70
N LEU AA 90 -22.10 -2.56 4.41
CA LEU AA 90 -20.96 -2.25 5.27
C LEU AA 90 -20.80 -3.30 6.36
N ALA AA 91 -21.90 -3.74 6.95
CA ALA AA 91 -21.84 -4.79 7.97
C ALA AA 91 -21.37 -6.11 7.37
N LEU AA 92 -21.83 -6.43 6.15
CA LEU AA 92 -21.44 -7.67 5.51
C LEU AA 92 -19.92 -7.72 5.26
N MET AA 93 -19.37 -6.63 4.75
CA MET AA 93 -17.93 -6.58 4.49
C MET AA 93 -17.14 -6.63 5.79
N THR AA 94 -17.69 -6.07 6.86
CA THR AA 94 -16.99 -6.10 8.14
C THR AA 94 -16.84 -7.53 8.66
N MET AA 95 -17.90 -8.32 8.56
CA MET AA 95 -17.84 -9.69 9.04
C MET AA 95 -16.89 -10.54 8.19
N LEU AA 96 -16.78 -10.22 6.91
CA LEU AA 96 -15.81 -10.91 6.06
C LEU AA 96 -14.39 -10.60 6.48
N GLY AA 97 -14.14 -9.36 6.92
CA GLY AA 97 -12.81 -9.02 7.41
C GLY AA 97 -12.45 -9.77 8.69
N PHE AA 98 -13.43 -10.00 9.56
CA PHE AA 98 -13.23 -10.74 10.78
C PHE AA 98 -13.43 -12.25 10.61
N LEU AA 99 -13.62 -12.71 9.38
CA LEU AA 99 -13.86 -14.13 9.15
C LEU AA 99 -12.80 -15.06 9.71
N PRO AA 100 -11.49 -14.79 9.58
CA PRO AA 100 -10.51 -15.68 10.22
C PRO AA 100 -10.69 -15.79 11.72
N ALA AA 101 -11.10 -14.71 12.39
CA ALA AA 101 -11.33 -14.76 13.83
C ALA AA 101 -12.49 -15.67 14.18
N MET AA 102 -13.58 -15.62 13.40
CA MET AA 102 -14.75 -16.43 13.71
C MET AA 102 -14.44 -17.91 13.56
N VAL AA 103 -13.54 -18.27 12.66
CA VAL AA 103 -13.16 -19.67 12.48
C VAL AA 103 -12.37 -20.16 13.70
N ILE AA 104 -11.39 -19.36 14.15
CA ILE AA 104 -10.46 -19.83 15.17
C ILE AA 104 -10.89 -19.47 16.58
N LEU AA 105 -11.99 -18.73 16.76
CA LEU AA 105 -12.47 -18.36 18.08
C LEU AA 105 -13.89 -18.83 18.37
N MET AA 106 -14.70 -19.06 17.34
CA MET AA 106 -16.09 -19.46 17.54
C MET AA 106 -16.40 -20.88 17.06
N THR AA 107 -15.74 -21.34 16.00
CA THR AA 107 -15.99 -22.67 15.47
C THR AA 107 -15.09 -23.69 16.17
N SER AA 108 -15.03 -24.90 15.62
CA SER AA 108 -14.28 -25.99 16.21
C SER AA 108 -12.83 -26.06 15.73
N PHE AA 109 -12.35 -25.00 15.08
CA PHE AA 109 -11.02 -25.04 14.50
C PHE AA 109 -9.94 -25.16 15.56
N THR AA 110 -10.12 -24.50 16.71
CA THR AA 110 -9.09 -24.49 17.74
C THR AA 110 -8.86 -25.88 18.30
N ARG AA 111 -9.94 -26.61 18.60
CA ARG AA 111 -9.78 -27.94 19.19
C ARG AA 111 -9.11 -28.91 18.23
N ILE AA 112 -9.51 -28.88 16.96
CA ILE AA 112 -8.96 -29.83 15.99
C ILE AA 112 -7.46 -29.60 15.79
N VAL AA 113 -7.05 -28.34 15.65
CA VAL AA 113 -5.64 -28.05 15.40
C VAL AA 113 -4.78 -28.43 16.60
N VAL AA 114 -5.26 -28.12 17.81
CA VAL AA 114 -4.50 -28.48 19.01
C VAL AA 114 -4.34 -29.99 19.12
N VAL AA 115 -5.42 -30.74 18.88
CA VAL AA 115 -5.35 -32.20 18.93
C VAL AA 115 -4.40 -32.71 17.86
N MET AA 116 -4.51 -32.19 16.63
CA MET AA 116 -3.60 -32.61 15.57
C MET AA 116 -2.18 -32.15 15.84
N SER AA 117 -2.01 -31.05 16.60
CA SER AA 117 -0.67 -30.65 17.00
C SER AA 117 -0.04 -31.67 17.95
N ILE AA 118 -0.84 -32.22 18.86
CA ILE AA 118 -0.33 -33.26 19.76
C ILE AA 118 0.06 -34.50 18.98
N LEU AA 119 -0.75 -34.89 18.00
CA LEU AA 119 -0.47 -36.09 17.24
C LEU AA 119 0.85 -35.99 16.49
N ARG AA 120 1.11 -34.84 15.87
CA ARG AA 120 2.41 -34.63 15.22
C ARG AA 120 3.54 -34.63 16.24
N GLN AA 121 3.33 -34.01 17.40
CA GLN AA 121 4.36 -33.95 18.42
C GLN AA 121 4.60 -35.32 19.05
N ALA AA 122 3.55 -36.13 19.20
CA ALA AA 122 3.70 -37.43 19.83
C ALA AA 122 4.62 -38.35 19.04
N MET AA 123 4.40 -38.43 17.73
CA MET AA 123 5.29 -39.21 16.87
C MET AA 123 6.62 -38.49 16.70
N GLY AA 124 7.63 -39.26 16.27
CA GLY AA 124 8.98 -38.74 16.14
C GLY AA 124 9.13 -37.66 15.09
N LEU AA 125 8.13 -37.47 14.23
CA LEU AA 125 8.19 -36.44 13.21
C LEU AA 125 7.98 -35.06 13.84
N GLN AA 126 8.86 -34.11 13.50
CA GLN AA 126 8.76 -32.77 14.06
C GLN AA 126 7.92 -31.85 13.19
N GLN AA 127 8.32 -31.68 11.92
CA GLN AA 127 7.59 -30.86 10.97
C GLN AA 127 7.17 -31.65 9.74
N THR AA 128 7.24 -32.98 9.81
CA THR AA 128 7.03 -33.81 8.63
C THR AA 128 5.64 -33.66 8.02
N PRO AA 129 4.53 -33.70 8.78
CA PRO AA 129 3.23 -33.43 8.17
C PRO AA 129 3.10 -32.03 7.60
N SER AA 130 3.91 -31.08 8.07
CA SER AA 130 3.91 -29.69 7.62
C SER AA 130 2.65 -28.96 8.08
N ASN AA 131 2.75 -27.64 8.22
CA ASN AA 131 1.63 -26.87 8.78
C ASN AA 131 0.49 -26.72 7.79
N GLN AA 132 0.78 -26.76 6.48
CA GLN AA 132 -0.24 -26.45 5.48
C GLN AA 132 -1.36 -27.49 5.48
N VAL AA 133 -1.00 -28.78 5.44
CA VAL AA 133 -2.02 -29.81 5.31
C VAL AA 133 -2.84 -29.96 6.59
N ILE AA 134 -2.24 -29.66 7.74
CA ILE AA 134 -2.96 -29.78 9.00
C ILE AA 134 -4.08 -28.75 9.08
N ILE AA 135 -3.79 -27.51 8.70
CA ILE AA 135 -4.81 -26.48 8.66
C ILE AA 135 -5.87 -26.80 7.62
N GLY AA 136 -5.44 -27.29 6.44
CA GLY AA 136 -6.40 -27.62 5.41
C GLY AA 136 -7.32 -28.76 5.80
N ILE AA 137 -6.77 -29.78 6.46
CA ILE AA 137 -7.62 -30.86 6.97
C ILE AA 137 -8.51 -30.35 8.09
N ALA AA 138 -7.96 -29.48 8.95
CA ALA AA 138 -8.77 -28.90 10.02
C ALA AA 138 -9.92 -28.08 9.47
N LEU AA 139 -9.66 -27.29 8.43
CA LEU AA 139 -10.73 -26.50 7.81
C LEU AA 139 -11.83 -27.39 7.27
N PHE AA 140 -11.46 -28.46 6.58
CA PHE AA 140 -12.46 -29.39 6.04
C PHE AA 140 -13.19 -30.11 7.17
N LEU AA 141 -12.47 -30.46 8.24
CA LEU AA 141 -13.12 -31.10 9.37
C LEU AA 141 -14.12 -30.16 10.03
N THR AA 142 -13.77 -28.86 10.15
CA THR AA 142 -14.70 -27.91 10.74
C THR AA 142 -15.95 -27.76 9.88
N PHE AA 143 -15.78 -27.62 8.57
CA PHE AA 143 -16.94 -27.52 7.69
C PHE AA 143 -17.82 -28.76 7.79
N PHE AA 144 -17.22 -29.92 8.09
CA PHE AA 144 -18.01 -31.12 8.31
C PHE AA 144 -18.82 -31.03 9.59
N VAL AA 145 -18.18 -30.63 10.69
CA VAL AA 145 -18.88 -30.63 11.97
C VAL AA 145 -19.75 -29.39 12.14
N MET AA 146 -19.41 -28.28 11.47
CA MET AA 146 -20.22 -27.08 11.52
C MET AA 146 -21.35 -27.11 10.49
N SER AA 147 -21.41 -28.16 9.66
CA SER AA 147 -22.49 -28.26 8.68
C SER AA 147 -23.88 -28.23 9.30
N PRO AA 148 -24.18 -28.93 10.40
CA PRO AA 148 -25.51 -28.77 11.01
C PRO AA 148 -25.82 -27.34 11.44
N VAL AA 149 -24.87 -26.68 12.11
CA VAL AA 149 -25.11 -25.32 12.58
C VAL AA 149 -25.15 -24.35 11.41
N LEU AA 150 -24.26 -24.53 10.43
CA LEU AA 150 -24.26 -23.65 9.27
C LEU AA 150 -25.55 -23.79 8.46
N ASN AA 151 -26.05 -25.02 8.32
CA ASN AA 151 -27.34 -25.21 7.65
C ASN AA 151 -28.48 -24.61 8.45
N GLU AA 152 -28.42 -24.70 9.78
CA GLU AA 152 -29.44 -24.10 10.63
C GLU AA 152 -29.44 -22.59 10.48
N ILE AA 153 -28.27 -21.98 10.36
CA ILE AA 153 -28.18 -20.55 10.08
C ILE AA 153 -28.75 -20.24 8.70
N ASN AA 154 -28.43 -21.08 7.72
CA ASN AA 154 -28.90 -20.88 6.35
C ASN AA 154 -30.43 -20.88 6.29
N ASP AA 155 -31.05 -21.88 6.90
CA ASP AA 155 -32.51 -22.01 6.88
C ASP AA 155 -33.19 -20.89 7.66
N LYS AA 156 -32.75 -20.65 8.90
CA LYS AA 156 -33.48 -19.74 9.78
C LYS AA 156 -33.23 -18.28 9.41
N ALA AA 157 -32.01 -17.95 9.00
CA ALA AA 157 -31.64 -16.55 8.80
C ALA AA 157 -31.54 -16.18 7.32
N VAL AA 158 -30.77 -16.94 6.54
CA VAL AA 158 -30.49 -16.55 5.17
C VAL AA 158 -31.75 -16.64 4.32
N GLN AA 159 -32.50 -17.73 4.45
CA GLN AA 159 -33.66 -17.92 3.58
C GLN AA 159 -34.73 -16.86 3.77
N PRO AA 160 -35.18 -16.53 5.00
CA PRO AA 160 -36.12 -15.41 5.13
C PRO AA 160 -35.55 -14.09 4.65
N TYR AA 161 -34.24 -13.87 4.83
CA TYR AA 161 -33.63 -12.62 4.40
C TYR AA 161 -33.56 -12.52 2.89
N LEU AA 162 -33.18 -13.60 2.22
CA LEU AA 162 -33.14 -13.59 0.75
C LEU AA 162 -34.52 -13.38 0.16
N ASN AA 163 -35.54 -14.04 0.72
CA ASN AA 163 -36.91 -13.89 0.26
C ASN AA 163 -37.56 -12.61 0.76
N GLU AA 164 -36.82 -11.77 1.49
CA GLU AA 164 -37.33 -10.51 2.04
C GLU AA 164 -38.50 -10.75 2.99
N GLN AA 165 -38.48 -11.91 3.67
CA GLN AA 165 -39.52 -12.21 4.65
C GLN AA 165 -39.31 -11.44 5.95
N VAL AA 166 -38.06 -11.27 6.36
CA VAL AA 166 -37.73 -10.60 7.61
C VAL AA 166 -36.75 -9.48 7.34
N THR AA 167 -36.64 -8.57 8.31
CA THR AA 167 -35.73 -7.44 8.18
C THR AA 167 -34.29 -7.88 8.47
N ALA AA 168 -33.34 -6.97 8.24
CA ALA AA 168 -31.94 -7.31 8.41
C ALA AA 168 -31.58 -7.47 9.89
N ARG AA 169 -32.19 -6.64 10.76
CA ARG AA 169 -31.85 -6.68 12.18
C ARG AA 169 -32.21 -8.03 12.78
N GLU AA 170 -33.42 -8.52 12.52
CA GLU AA 170 -33.83 -9.80 13.07
C GLU AA 170 -33.14 -10.97 12.38
N ALA AA 171 -32.79 -10.82 11.10
CA ALA AA 171 -32.07 -11.87 10.41
C ALA AA 171 -30.68 -12.06 11.01
N PHE AA 172 -30.02 -10.95 11.38
CA PHE AA 172 -28.72 -11.05 12.03
C PHE AA 172 -28.84 -11.76 13.38
N ASP AA 173 -29.87 -11.44 14.15
CA ASP AA 173 -30.10 -12.14 15.41
C ASP AA 173 -30.43 -13.60 15.18
N ALA AA 174 -31.18 -13.90 14.12
CA ALA AA 174 -31.53 -15.29 13.82
C ALA AA 174 -30.30 -16.09 13.40
N ALA AA 175 -29.26 -15.42 12.89
CA ALA AA 175 -28.03 -16.12 12.55
C ALA AA 175 -27.11 -16.26 13.76
N GLN AA 176 -27.16 -15.28 14.67
CA GLN AA 176 -26.30 -15.32 15.85
C GLN AA 176 -26.69 -16.44 16.79
N ALA AA 177 -27.99 -16.72 16.91
CA ALA AA 177 -28.46 -17.70 17.90
C ALA AA 177 -27.89 -19.10 17.69
N PRO AA 178 -27.90 -19.68 16.49
CA PRO AA 178 -27.31 -21.03 16.34
C PRO AA 178 -25.84 -21.09 16.73
N MET AA 179 -25.08 -20.03 16.45
CA MET AA 179 -23.68 -20.00 16.90
C MET AA 179 -23.59 -19.99 18.42
N LYS AA 180 -24.48 -19.23 19.08
CA LYS AA 180 -24.48 -19.20 20.54
C LYS AA 180 -24.85 -20.56 21.11
N ALA AA 181 -25.84 -21.23 20.51
CA ALA AA 181 -26.24 -22.55 20.99
C ALA AA 181 -25.11 -23.56 20.85
N PHE AA 182 -24.39 -23.52 19.72
CA PHE AA 182 -23.29 -24.45 19.52
C PHE AA 182 -22.16 -24.21 20.50
N MET AA 183 -21.86 -22.94 20.80
CA MET AA 183 -20.80 -22.64 21.76
C MET AA 183 -21.20 -23.07 23.17
N LEU AA 184 -22.49 -23.03 23.50
CA LEU AA 184 -22.95 -23.52 24.79
C LEU AA 184 -22.79 -25.03 24.90
N LYS AA 185 -22.98 -25.75 23.79
CA LYS AA 185 -22.86 -27.21 23.81
C LYS AA 185 -21.42 -27.67 23.98
N GLN AA 186 -20.44 -26.78 23.81
CA GLN AA 186 -19.04 -27.15 23.90
C GLN AA 186 -18.31 -26.42 25.02
N THR AA 187 -19.06 -25.84 25.97
CA THR AA 187 -18.48 -25.13 27.09
C THR AA 187 -18.84 -25.83 28.39
N ARG AA 188 -18.25 -25.35 29.48
CA ARG AA 188 -18.49 -25.89 30.81
C ARG AA 188 -19.12 -24.83 31.70
N ILE AA 189 -19.84 -25.28 32.72
CA ILE AA 189 -20.53 -24.36 33.61
C ILE AA 189 -19.53 -23.54 34.43
N LYS AA 190 -18.44 -24.18 34.87
CA LYS AA 190 -17.44 -23.47 35.66
C LYS AA 190 -16.80 -22.35 34.84
N ASP AA 191 -16.51 -22.61 33.56
CA ASP AA 191 -15.91 -21.58 32.73
C ASP AA 191 -16.83 -20.38 32.56
N LEU AA 192 -18.13 -20.62 32.35
CA LEU AA 192 -19.07 -19.51 32.22
C LEU AA 192 -19.15 -18.71 33.50
N GLU AA 193 -19.15 -19.39 34.65
CA GLU AA 193 -19.26 -18.68 35.93
C GLU AA 193 -18.07 -17.75 36.14
N THR AA 194 -16.87 -18.20 35.80
CA THR AA 194 -15.68 -17.38 35.99
C THR AA 194 -15.76 -16.09 35.18
N PHE AA 195 -16.13 -16.19 33.90
CA PHE AA 195 -16.14 -15.01 33.04
C PHE AA 195 -17.34 -14.11 33.29
N VAL AA 196 -18.50 -14.67 33.66
CA VAL AA 196 -19.65 -13.82 33.93
C VAL AA 196 -19.41 -13.00 35.20
N THR AA 197 -18.73 -13.57 36.20
CA THR AA 197 -18.30 -12.79 37.35
C THR AA 197 -17.18 -11.83 36.98
N MET AA 198 -16.29 -12.26 36.07
CA MET AA 198 -15.21 -11.40 35.61
C MET AA 198 -15.75 -10.16 34.89
N SER AA 199 -16.78 -10.35 34.06
CA SER AA 199 -17.39 -9.22 33.36
C SER AA 199 -18.14 -8.28 34.29
N GLY AA 200 -18.49 -8.74 35.49
CA GLY AA 200 -19.22 -7.91 36.43
C GLY AA 200 -20.61 -7.55 35.98
N GLU AA 201 -21.31 -8.49 35.37
CA GLU AA 201 -22.67 -8.30 34.90
C GLU AA 201 -23.63 -9.19 35.69
N GLN AA 202 -24.93 -8.98 35.45
CA GLN AA 202 -25.98 -9.72 36.12
C GLN AA 202 -26.71 -10.59 35.10
N VAL AA 203 -26.82 -11.88 35.41
CA VAL AA 203 -27.54 -12.82 34.56
C VAL AA 203 -27.97 -14.00 35.42
N ASP AA 204 -29.03 -14.69 34.98
CA ASP AA 204 -29.53 -15.87 35.67
C ASP AA 204 -29.64 -17.10 34.78
N ASN AA 205 -29.73 -16.92 33.47
CA ASN AA 205 -29.83 -18.02 32.53
C ASN AA 205 -28.60 -18.05 31.63
N PRO AA 206 -27.94 -19.20 31.48
CA PRO AA 206 -26.84 -19.28 30.51
C PRO AA 206 -27.27 -19.06 29.07
N GLU AA 207 -28.56 -19.22 28.76
CA GLU AA 207 -29.03 -19.16 27.38
C GLU AA 207 -29.04 -17.75 26.82
N ASP AA 208 -29.04 -16.71 27.67
CA ASP AA 208 -29.11 -15.34 27.18
C ASP AA 208 -27.90 -14.52 27.63
N VAL AA 209 -26.75 -15.18 27.78
CA VAL AA 209 -25.52 -14.46 28.09
C VAL AA 209 -24.95 -13.87 26.81
N SER AA 210 -24.30 -12.71 26.93
CA SER AA 210 -23.77 -12.02 25.77
C SER AA 210 -22.66 -12.85 25.11
N MET AA 211 -22.60 -12.79 23.78
CA MET AA 211 -21.59 -13.54 23.06
C MET AA 211 -20.18 -13.03 23.35
N ALA AA 212 -20.06 -11.78 23.80
CA ALA AA 212 -18.74 -11.26 24.14
C ALA AA 212 -18.14 -12.00 25.33
N VAL AA 213 -18.99 -12.48 26.25
CA VAL AA 213 -18.50 -13.26 27.38
C VAL AA 213 -18.47 -14.75 27.08
N LEU AA 214 -19.30 -15.22 26.15
CA LEU AA 214 -19.32 -16.65 25.83
C LEU AA 214 -18.05 -17.06 25.10
N ILE AA 215 -17.49 -16.19 24.26
CA ILE AA 215 -16.32 -16.54 23.46
C ILE AA 215 -15.12 -16.92 24.32
N PRO AA 216 -14.68 -16.12 25.30
CA PRO AA 216 -13.54 -16.54 26.12
C PRO AA 216 -13.80 -17.83 26.88
N ALA AA 217 -15.04 -18.05 27.33
CA ALA AA 217 -15.37 -19.29 28.03
C ALA AA 217 -15.35 -20.47 27.07
N PHE AA 218 -15.77 -20.24 25.81
CA PHE AA 218 -15.82 -21.33 24.84
C PHE AA 218 -14.43 -21.85 24.52
N ILE AA 219 -13.50 -20.95 24.18
CA ILE AA 219 -12.16 -21.38 23.81
C ILE AA 219 -11.42 -21.95 25.01
N THR AA 220 -11.63 -21.39 26.20
CA THR AA 220 -11.00 -21.93 27.39
C THR AA 220 -11.43 -23.39 27.63
N SER AA 221 -12.71 -23.67 27.44
CA SER AA 221 -13.18 -25.04 27.50
C SER AA 221 -12.60 -25.87 26.36
N GLU AA 222 -12.49 -25.28 25.16
CA GLU AA 222 -11.94 -26.00 24.02
C GLU AA 222 -10.49 -26.39 24.25
N LEU AA 223 -9.68 -25.48 24.81
CA LEU AA 223 -8.29 -25.79 25.06
C LEU AA 223 -8.15 -26.90 26.09
N LYS AA 224 -8.95 -26.85 27.15
CA LYS AA 224 -8.91 -27.91 28.16
C LYS AA 224 -9.37 -29.25 27.58
N THR AA 225 -10.44 -29.22 26.77
CA THR AA 225 -10.92 -30.45 26.15
C THR AA 225 -9.89 -31.02 25.19
N ALA AA 226 -9.23 -30.16 24.41
CA ALA AA 226 -8.23 -30.62 23.45
C ALA AA 226 -7.04 -31.25 24.17
N PHE AA 227 -6.62 -30.66 25.29
CA PHE AA 227 -5.52 -31.25 26.06
C PHE AA 227 -5.90 -32.63 26.60
N GLN AA 228 -7.16 -32.81 26.99
CA GLN AA 228 -7.62 -34.13 27.44
C GLN AA 228 -7.50 -35.15 26.31
N ILE AA 229 -8.00 -34.82 25.13
CA ILE AA 229 -7.91 -35.73 24.00
C ILE AA 229 -6.45 -35.97 23.61
N GLY AA 230 -5.65 -34.89 23.56
CA GLY AA 230 -4.26 -35.04 23.22
C GLY AA 230 -3.50 -35.90 24.21
N PHE AA 231 -3.82 -35.77 25.50
CA PHE AA 231 -3.19 -36.60 26.51
C PHE AA 231 -3.52 -38.08 26.29
N MET AA 232 -4.78 -38.37 25.93
CA MET AA 232 -5.15 -39.75 25.65
C MET AA 232 -4.47 -40.26 24.38
N LEU AA 233 -4.29 -39.39 23.39
CA LEU AA 233 -3.58 -39.79 22.18
C LEU AA 233 -2.09 -39.98 22.43
N PHE AA 234 -1.53 -39.25 23.40
CA PHE AA 234 -0.10 -39.34 23.65
C PHE AA 234 0.27 -40.63 24.37
N LEU AA 235 -0.65 -41.18 25.16
CA LEU AA 235 -0.35 -42.38 25.95
C LEU AA 235 0.08 -43.59 25.12
N PRO AA 236 -0.65 -44.00 24.07
CA PRO AA 236 -0.20 -45.20 23.33
C PRO AA 236 1.17 -45.04 22.71
N PHE AA 237 1.52 -43.85 22.23
CA PHE AA 237 2.85 -43.64 21.67
C PHE AA 237 3.91 -43.65 22.76
N LEU AA 238 3.60 -43.12 23.94
CA LEU AA 238 4.50 -43.26 25.08
C LEU AA 238 4.64 -44.73 25.49
N ILE AA 239 3.54 -45.49 25.39
CA ILE AA 239 3.57 -46.90 25.75
C ILE AA 239 4.55 -47.65 24.83
N ILE AA 240 4.45 -47.40 23.52
CA ILE AA 240 5.31 -48.09 22.57
C ILE AA 240 6.78 -47.73 22.81
N ASP AA 241 7.06 -46.44 23.03
CA ASP AA 241 8.44 -46.00 23.20
C ASP AA 241 9.07 -46.60 24.45
N LEU AA 242 8.32 -46.67 25.55
CA LEU AA 242 8.86 -47.23 26.78
C LEU AA 242 9.13 -48.72 26.65
N VAL AA 243 8.26 -49.43 25.92
CA VAL AA 243 8.47 -50.87 25.74
C VAL AA 243 9.74 -51.12 24.92
N VAL AA 244 9.94 -50.37 23.84
CA VAL AA 244 11.11 -50.57 23.01
C VAL AA 244 12.38 -50.26 23.79
N ALA AA 245 12.37 -49.18 24.57
CA ALA AA 245 13.54 -48.83 25.36
C ALA AA 245 13.85 -49.92 26.38
N SER AA 246 12.82 -50.45 27.05
CA SER AA 246 13.02 -51.50 28.03
C SER AA 246 13.58 -52.77 27.37
N VAL AA 247 13.07 -53.11 26.18
CA VAL AA 247 13.55 -54.29 25.48
C VAL AA 247 15.01 -54.15 25.11
N LEU AA 248 15.39 -52.99 24.57
CA LEU AA 248 16.79 -52.79 24.18
C LEU AA 248 17.71 -52.82 25.39
N MET AA 249 17.30 -52.18 26.50
CA MET AA 249 18.12 -52.22 27.71
C MET AA 249 18.20 -53.63 28.27
N ALA AA 250 17.09 -54.37 28.24
CA ALA AA 250 17.10 -55.74 28.77
C ALA AA 250 18.01 -56.65 27.94
N MET AA 251 18.06 -56.44 26.63
CA MET AA 251 18.97 -57.22 25.78
C MET AA 251 20.43 -56.84 26.00
N GLY AA 252 20.70 -55.78 26.74
CA GLY AA 252 22.06 -55.40 27.11
C GLY AA 252 22.65 -54.28 26.29
N MET AA 253 22.07 -53.94 25.15
CA MET AA 253 22.60 -52.90 24.27
C MET AA 253 22.19 -51.54 24.83
N MET AA 254 22.96 -51.04 25.79
CA MET AA 254 22.75 -49.74 26.39
C MET AA 254 23.26 -48.59 25.52
N MET AA 255 23.60 -48.88 24.27
CA MET AA 255 24.23 -47.92 23.38
C MET AA 255 23.32 -47.40 22.28
N LEU AA 256 22.21 -48.07 22.02
CA LEU AA 256 21.33 -47.71 20.92
C LEU AA 256 20.19 -46.82 21.39
N SER AA 257 19.94 -45.75 20.64
CA SER AA 257 18.87 -44.81 20.97
C SER AA 257 17.52 -45.44 20.67
N PRO AA 258 16.57 -45.45 21.61
CA PRO AA 258 15.28 -46.08 21.35
C PRO AA 258 14.46 -45.39 20.26
N MET AA 259 14.71 -44.11 19.97
CA MET AA 259 13.84 -43.37 19.08
C MET AA 259 13.85 -43.93 17.67
N ILE AA 260 15.04 -44.28 17.16
CA ILE AA 260 15.14 -44.75 15.77
C ILE AA 260 14.40 -46.07 15.60
N VAL AA 261 14.54 -46.98 16.56
CA VAL AA 261 13.87 -48.27 16.46
C VAL AA 261 12.36 -48.11 16.67
N SER AA 262 11.96 -47.24 17.59
CA SER AA 262 10.55 -47.13 17.97
C SER AA 262 9.73 -46.46 16.88
N LEU AA 263 10.35 -45.58 16.09
CA LEU AA 263 9.59 -44.79 15.11
C LEU AA 263 8.84 -45.65 14.10
N PRO AA 264 9.45 -46.64 13.44
CA PRO AA 264 8.66 -47.49 12.54
C PRO AA 264 7.53 -48.23 13.26
N PHE AA 265 7.78 -48.70 14.49
CA PHE AA 265 6.75 -49.41 15.23
C PHE AA 265 5.58 -48.50 15.55
N LYS AA 266 5.85 -47.25 15.93
CA LYS AA 266 4.78 -46.29 16.16
C LYS AA 266 4.01 -46.00 14.88
N LEU AA 267 4.72 -45.88 13.76
CA LEU AA 267 4.06 -45.63 12.49
C LEU AA 267 3.29 -46.85 12.01
N MET AA 268 3.88 -48.04 12.14
CA MET AA 268 3.18 -49.25 11.73
C MET AA 268 1.90 -49.46 12.53
N LEU AA 269 1.97 -49.28 13.85
CA LEU AA 269 0.77 -49.43 14.67
C LEU AA 269 -0.21 -48.28 14.45
N PHE AA 270 0.26 -47.15 13.92
CA PHE AA 270 -0.67 -46.08 13.58
C PHE AA 270 -1.42 -46.37 12.28
N VAL AA 271 -0.87 -47.26 11.44
CA VAL AA 271 -1.47 -47.50 10.13
C VAL AA 271 -2.37 -48.72 10.16
N LEU AA 272 -1.89 -49.84 10.72
CA LEU AA 272 -2.65 -51.08 10.69
C LEU AA 272 -3.89 -51.03 11.58
N VAL AA 273 -3.98 -50.06 12.50
CA VAL AA 273 -5.22 -49.82 13.24
C VAL AA 273 -6.06 -48.72 12.59
N ASP AA 274 -5.57 -48.11 11.51
CA ASP AA 274 -6.22 -46.97 10.87
C ASP AA 274 -6.50 -45.86 11.88
N GLY AA 275 -5.40 -45.34 12.45
CA GLY AA 275 -5.52 -44.46 13.59
C GLY AA 275 -6.28 -43.18 13.31
N TRP AA 276 -6.06 -42.59 12.13
CA TRP AA 276 -6.70 -41.31 11.82
C TRP AA 276 -8.22 -41.45 11.74
N ASN AA 277 -8.72 -42.54 11.19
CA ASN AA 277 -10.16 -42.76 11.14
C ASN AA 277 -10.75 -42.84 12.54
N LEU AA 278 -10.04 -43.51 13.46
CA LEU AA 278 -10.48 -43.55 14.85
C LEU AA 278 -10.45 -42.15 15.47
N ILE AA 279 -9.43 -41.37 15.16
CA ILE AA 279 -9.33 -40.01 15.69
C ILE AA 279 -10.45 -39.14 15.13
N LEU AA 280 -10.81 -39.34 13.86
CA LEU AA 280 -11.92 -38.60 13.28
C LEU AA 280 -13.21 -38.88 14.03
N SER AA 281 -13.47 -40.16 14.36
CA SER AA 281 -14.70 -40.51 15.05
C SER AA 281 -14.76 -39.88 16.44
N THR AA 282 -13.63 -39.88 17.16
CA THR AA 282 -13.61 -39.33 18.51
C THR AA 282 -13.47 -37.81 18.54
N LEU AA 283 -13.15 -37.18 17.41
CA LEU AA 283 -13.03 -35.73 17.35
C LEU AA 283 -14.27 -35.07 16.74
N ALA AA 284 -14.68 -35.53 15.56
CA ALA AA 284 -15.90 -35.00 14.95
C ALA AA 284 -17.12 -35.28 15.81
N GLY AA 285 -17.20 -36.50 16.37
CA GLY AA 285 -18.33 -36.85 17.21
C GLY AA 285 -18.25 -36.32 18.62
N SER AA 286 -17.11 -35.73 19.01
CA SER AA 286 -16.96 -35.23 20.37
C SER AA 286 -17.86 -34.03 20.63
N PHE AA 287 -18.27 -33.32 19.57
CA PHE AA 287 -19.08 -32.12 19.75
C PHE AA 287 -20.55 -32.47 19.95
N ALA AA 288 -21.15 -33.13 18.96
CA ALA AA 288 -22.55 -33.55 19.01
C ALA AA 288 -23.49 -32.39 19.31
N MET BA 1 10.97 -10.67 42.51
CA MET BA 1 10.78 -10.35 43.92
C MET BA 1 12.12 -10.25 44.65
N THR BA 2 12.07 -10.39 45.98
CA THR BA 2 13.28 -10.31 46.78
C THR BA 2 14.18 -11.51 46.49
N PRO BA 3 15.50 -11.34 46.63
CA PRO BA 3 16.40 -12.48 46.44
C PRO BA 3 16.13 -13.64 47.38
N GLU BA 4 15.65 -13.37 48.59
CA GLU BA 4 15.34 -14.43 49.54
C GLU BA 4 14.08 -15.20 49.16
N MET BA 5 13.10 -14.51 48.56
CA MET BA 5 11.89 -15.21 48.11
C MET BA 5 12.23 -16.23 47.02
N PHE BA 6 13.15 -15.87 46.12
CA PHE BA 6 13.58 -16.81 45.08
C PHE BA 6 14.21 -18.04 45.70
N VAL BA 7 15.08 -17.86 46.70
CA VAL BA 7 15.73 -19.00 47.32
C VAL BA 7 14.71 -19.86 48.06
N GLU BA 8 13.73 -19.21 48.69
CA GLU BA 8 12.66 -20.00 49.34
C GLU BA 8 11.97 -20.83 48.28
N LEU BA 9 11.52 -20.18 47.20
CA LEU BA 9 10.83 -20.91 46.13
C LEU BA 9 11.73 -21.96 45.51
N PHE BA 10 13.01 -21.64 45.31
CA PHE BA 10 13.93 -22.59 44.69
C PHE BA 10 14.12 -23.83 45.56
N ARG BA 11 14.29 -23.64 46.87
CA ARG BA 11 14.49 -24.77 47.76
C ARG BA 11 13.25 -25.65 47.83
N GLU BA 12 12.06 -25.05 47.86
CA GLU BA 12 10.83 -25.83 47.97
C GLU BA 12 10.66 -26.76 46.78
N ALA BA 13 10.94 -26.26 45.57
CA ALA BA 13 10.89 -27.13 44.40
C ALA BA 13 11.98 -28.19 44.48
N LEU BA 14 13.19 -27.82 44.93
CA LEU BA 14 14.26 -28.79 45.06
C LEU BA 14 13.92 -29.83 46.12
N TRP BA 15 13.31 -29.42 47.23
CA TRP BA 15 12.83 -30.39 48.20
C TRP BA 15 11.72 -31.25 47.61
N MET BA 16 10.86 -30.65 46.79
CA MET BA 16 9.76 -31.39 46.20
C MET BA 16 10.26 -32.44 45.20
N VAL BA 17 11.17 -32.03 44.30
CA VAL BA 17 11.68 -32.97 43.30
C VAL BA 17 12.48 -34.08 43.98
N LEU BA 18 13.18 -33.76 45.06
CA LEU BA 18 13.92 -34.78 45.79
C LEU BA 18 12.99 -35.83 46.36
N ILE BA 19 11.89 -35.40 46.97
CA ILE BA 19 10.92 -36.34 47.54
C ILE BA 19 10.23 -37.13 46.43
N MET BA 20 9.90 -36.46 45.33
CA MET BA 20 9.18 -37.12 44.23
C MET BA 20 10.02 -38.24 43.63
N VAL BA 21 11.32 -38.01 43.44
CA VAL BA 21 12.16 -39.02 42.81
C VAL BA 21 12.61 -40.08 43.82
N CYS BA 22 12.80 -39.71 45.09
CA CYS BA 22 13.34 -40.63 46.07
C CYS BA 22 12.40 -41.80 46.33
N ALA BA 23 11.09 -41.55 46.33
CA ALA BA 23 10.12 -42.60 46.62
C ALA BA 23 10.17 -43.72 45.59
N ILE BA 24 10.62 -43.41 44.37
CA ILE BA 24 10.62 -44.40 43.30
C ILE BA 24 11.97 -45.08 43.19
N ILE BA 25 13.06 -44.32 43.33
CA ILE BA 25 14.39 -44.90 43.11
C ILE BA 25 14.93 -45.62 44.34
N ILE BA 26 14.38 -45.36 45.52
CA ILE BA 26 14.81 -46.07 46.73
C ILE BA 26 14.53 -47.56 46.59
N PRO BA 27 13.31 -48.00 46.24
CA PRO BA 27 13.10 -49.45 46.10
C PRO BA 27 13.98 -50.09 45.02
N SER BA 28 14.19 -49.39 43.91
CA SER BA 28 15.05 -49.94 42.86
C SER BA 28 16.50 -50.04 43.32
N LEU BA 29 16.96 -49.05 44.10
CA LEU BA 29 18.33 -49.09 44.60
C LEU BA 29 18.55 -50.28 45.52
N LEU BA 30 17.60 -50.53 46.43
CA LEU BA 30 17.74 -51.66 47.34
C LEU BA 30 17.71 -52.99 46.60
N ILE BA 31 16.82 -53.12 45.61
CA ILE BA 31 16.76 -54.34 44.82
C ILE BA 31 18.06 -54.54 44.04
N GLY BA 32 18.67 -53.44 43.57
CA GLY BA 32 19.94 -53.55 42.89
C GLY BA 32 21.03 -54.14 43.77
N LEU BA 33 21.08 -53.71 45.04
CA LEU BA 33 22.01 -54.30 45.99
C LEU BA 33 21.69 -55.77 46.24
N ILE BA 34 20.40 -56.11 46.35
CA ILE BA 34 20.01 -57.49 46.59
C ILE BA 34 20.42 -58.38 45.44
N VAL BA 35 20.26 -57.90 44.20
CA VAL BA 35 20.76 -58.64 43.05
C VAL BA 35 22.28 -58.66 43.05
N ALA BA 36 22.89 -57.55 43.49
CA ALA BA 36 24.35 -57.47 43.50
C ALA BA 36 24.97 -58.48 44.46
N ILE BA 37 24.42 -58.61 45.66
CA ILE BA 37 24.95 -59.59 46.60
C ILE BA 37 24.67 -61.00 46.13
N PHE BA 38 23.57 -61.22 45.43
CA PHE BA 38 23.29 -62.53 44.85
C PHE BA 38 24.36 -62.90 43.81
N GLN BA 39 24.72 -61.94 42.95
CA GLN BA 39 25.77 -62.20 41.98
C GLN BA 39 27.15 -62.27 42.62
N ALA BA 40 27.32 -61.67 43.80
CA ALA BA 40 28.56 -61.83 44.54
C ALA BA 40 28.63 -63.21 45.20
N ALA BA 41 27.49 -63.81 45.53
CA ALA BA 41 27.48 -65.14 46.11
C ALA BA 41 27.74 -66.24 45.07
N THR BA 42 27.19 -66.10 43.87
CA THR BA 42 27.36 -67.10 42.83
C THR BA 42 28.51 -66.77 41.88
N SER BA 43 29.18 -65.64 42.06
CA SER BA 43 30.34 -65.22 41.29
C SER BA 43 30.04 -65.05 39.81
N ILE BA 44 28.78 -64.90 39.43
CA ILE BA 44 28.43 -64.67 38.03
C ILE BA 44 28.64 -63.19 37.71
N ASN BA 45 29.31 -62.92 36.60
CA ASN BA 45 29.70 -61.57 36.22
C ASN BA 45 28.73 -60.94 35.22
N GLU BA 46 27.57 -61.54 34.99
CA GLU BA 46 26.58 -60.95 34.10
C GLU BA 46 26.02 -59.66 34.71
N GLN BA 47 25.78 -58.68 33.85
CA GLN BA 47 25.37 -57.35 34.29
C GLN BA 47 24.02 -56.91 33.72
N THR BA 48 23.30 -57.81 33.04
CA THR BA 48 22.03 -57.44 32.45
C THR BA 48 20.83 -58.09 33.13
N LEU BA 49 21.05 -59.07 34.01
CA LEU BA 49 19.93 -59.70 34.69
C LEU BA 49 19.24 -58.77 35.68
N SER BA 50 19.98 -57.79 36.22
CA SER BA 50 19.43 -56.92 37.25
C SER BA 50 18.45 -55.89 36.69
N PHE BA 51 18.39 -55.73 35.37
CA PHE BA 51 17.50 -54.72 34.79
C PHE BA 51 16.04 -55.05 35.07
N LEU BA 52 15.66 -56.32 34.92
CA LEU BA 52 14.27 -56.71 35.11
C LEU BA 52 13.76 -56.47 36.52
N PRO BA 53 14.45 -56.91 37.59
CA PRO BA 53 13.92 -56.62 38.95
C PRO BA 53 13.77 -55.15 39.24
N ARG BA 54 14.70 -54.30 38.77
CA ARG BA 54 14.57 -52.87 38.98
C ARG BA 54 13.36 -52.31 38.24
N LEU BA 55 13.15 -52.75 37.00
CA LEU BA 55 12.03 -52.24 36.21
C LEU BA 55 10.69 -52.65 36.82
N ILE BA 56 10.58 -53.89 37.29
CA ILE BA 56 9.33 -54.35 37.89
C ILE BA 56 9.02 -53.59 39.17
N VAL BA 57 10.02 -53.43 40.03
CA VAL BA 57 9.81 -52.72 41.29
C VAL BA 57 9.53 -51.24 41.04
N THR BA 58 10.17 -50.66 40.02
CA THR BA 58 9.92 -49.25 39.70
C THR BA 58 8.46 -49.02 39.34
N LEU BA 59 7.88 -49.90 38.52
CA LEU BA 59 6.46 -49.79 38.19
C LEU BA 59 5.60 -50.04 39.43
N LEU BA 60 6.04 -50.93 40.31
CA LEU BA 60 5.32 -51.14 41.57
C LEU BA 60 5.31 -49.88 42.42
N ALA BA 61 6.45 -49.18 42.47
CA ALA BA 61 6.50 -47.93 43.22
C ALA BA 61 5.60 -46.88 42.59
N LEU BA 62 5.58 -46.81 41.26
CA LEU BA 62 4.70 -45.85 40.58
C LEU BA 62 3.23 -46.14 40.87
N MET BA 63 2.86 -47.42 40.85
CA MET BA 63 1.47 -47.78 41.15
C MET BA 63 1.11 -47.48 42.59
N LEU BA 64 2.04 -47.69 43.52
CA LEU BA 64 1.74 -47.48 44.94
C LEU BA 64 1.68 -46.00 45.29
N PHE BA 65 2.61 -45.21 44.75
CA PHE BA 65 2.73 -43.79 45.08
C PHE BA 65 2.19 -42.88 43.98
N GLY BA 66 1.45 -43.41 43.01
CA GLY BA 66 0.96 -42.58 41.93
C GLY BA 66 0.00 -41.50 42.38
N HIS BA 67 -0.98 -41.89 43.22
CA HIS BA 67 -1.95 -40.91 43.70
C HIS BA 67 -1.28 -39.89 44.62
N TRP BA 68 -0.39 -40.34 45.50
CA TRP BA 68 0.25 -39.42 46.44
C TRP BA 68 1.13 -38.40 45.72
N MET BA 69 1.88 -38.85 44.70
CA MET BA 69 2.74 -37.92 43.96
C MET BA 69 1.92 -36.91 43.18
N THR BA 70 0.88 -37.36 42.48
CA THR BA 70 0.04 -36.45 41.70
C THR BA 70 -0.65 -35.43 42.59
N GLN BA 71 -1.16 -35.87 43.74
CA GLN BA 71 -1.79 -34.94 44.67
C GLN BA 71 -0.79 -33.93 45.21
N MET BA 72 0.44 -34.37 45.50
CA MET BA 72 1.45 -33.46 46.02
C MET BA 72 1.77 -32.36 45.01
N LEU BA 73 1.94 -32.72 43.74
CA LEU BA 73 2.22 -31.72 42.71
C LEU BA 73 1.01 -30.84 42.46
N MET BA 74 -0.20 -31.42 42.46
CA MET BA 74 -1.40 -30.63 42.25
C MET BA 74 -1.60 -29.61 43.35
N GLU BA 75 -1.39 -30.02 44.61
CA GLU BA 75 -1.46 -29.06 45.72
C GLU BA 75 -0.32 -28.05 45.64
N TYR BA 76 0.84 -28.46 45.13
CA TYR BA 76 1.94 -27.53 44.94
C TYR BA 76 1.59 -26.46 43.92
N PHE BA 77 0.89 -26.84 42.85
CA PHE BA 77 0.44 -25.87 41.86
C PHE BA 77 -0.55 -24.89 42.49
N TYR BA 78 -1.46 -25.38 43.33
CA TYR BA 78 -2.36 -24.50 44.06
C TYR BA 78 -1.60 -23.61 45.04
N GLY BA 79 -0.55 -24.15 45.66
CA GLY BA 79 0.18 -23.38 46.66
C GLY BA 79 0.87 -22.16 46.08
N LEU BA 80 1.46 -22.31 44.88
CA LEU BA 80 2.07 -21.15 44.23
C LEU BA 80 1.03 -20.10 43.86
N ILE BA 81 -0.16 -20.55 43.45
CA ILE BA 81 -1.25 -19.62 43.15
C ILE BA 81 -1.67 -18.87 44.41
N GLU BA 82 -1.78 -19.58 45.53
CA GLU BA 82 -2.18 -18.93 46.78
C GLU BA 82 -1.16 -17.89 47.23
N ARG BA 83 0.13 -18.18 47.07
CA ARG BA 83 1.17 -17.24 47.47
C ARG BA 83 1.46 -16.19 46.40
N LEU BA 84 0.83 -16.29 45.23
CA LEU BA 84 1.03 -15.29 44.18
C LEU BA 84 0.66 -13.87 44.60
N PRO BA 85 -0.48 -13.63 45.25
CA PRO BA 85 -0.74 -12.26 45.74
C PRO BA 85 0.32 -11.76 46.71
N GLN BA 86 0.88 -12.64 47.54
CA GLN BA 86 1.90 -12.24 48.49
C GLN BA 86 3.13 -11.69 47.77
N VAL BA 87 3.57 -12.36 46.71
CA VAL BA 87 4.72 -11.90 45.95
C VAL BA 87 4.41 -10.58 45.25
N LEU BA 88 3.22 -10.48 44.66
CA LEU BA 88 2.82 -9.27 43.94
C LEU BA 88 2.37 -8.15 44.86
N TYR BA 89 2.29 -8.38 46.17
CA TYR BA 89 1.91 -7.36 47.13
C TYR BA 89 2.91 -6.21 47.13
N MET CA 1 36.52 -2.19 21.91
CA MET CA 1 37.35 -2.22 23.09
C MET CA 1 38.71 -2.81 22.79
N THR CA 2 39.66 -2.61 23.71
CA THR CA 2 40.97 -3.21 23.56
C THR CA 2 40.87 -4.74 23.71
N PRO CA 3 41.64 -5.50 22.93
CA PRO CA 3 41.57 -6.96 23.07
C PRO CA 3 41.90 -7.47 24.46
N GLU CA 4 42.81 -6.80 25.18
CA GLU CA 4 43.15 -7.24 26.52
C GLU CA 4 41.94 -7.13 27.46
N MET CA 5 41.13 -6.09 27.29
CA MET CA 5 39.92 -5.95 28.10
C MET CA 5 38.94 -7.08 27.81
N PHE CA 6 38.84 -7.50 26.56
CA PHE CA 6 37.97 -8.61 26.21
C PHE CA 6 38.40 -9.91 26.87
N VAL CA 7 39.71 -10.16 26.91
CA VAL CA 7 40.21 -11.39 27.54
C VAL CA 7 39.96 -11.36 29.05
N GLU CA 8 40.11 -10.17 29.62
CA GLU CA 8 39.83 -10.03 31.06
C GLU CA 8 38.39 -10.48 31.29
N LEU CA 9 37.46 -9.86 30.57
CA LEU CA 9 36.05 -10.18 30.73
C LEU CA 9 35.79 -11.67 30.45
N PHE CA 10 36.46 -12.21 29.43
CA PHE CA 10 36.29 -13.63 29.11
C PHE CA 10 36.79 -14.50 30.26
N ARG CA 11 37.95 -14.16 30.83
CA ARG CA 11 38.51 -14.98 31.90
C ARG CA 11 37.63 -14.97 33.14
N GLU CA 12 37.15 -13.80 33.54
CA GLU CA 12 36.35 -13.71 34.76
C GLU CA 12 35.00 -14.40 34.58
N ALA CA 13 34.50 -14.47 33.34
CA ALA CA 13 33.28 -15.23 33.08
C ALA CA 13 33.54 -16.73 33.18
N LEU CA 14 34.67 -17.18 32.64
CA LEU CA 14 35.03 -18.59 32.76
C LEU CA 14 35.37 -18.95 34.20
N TRP CA 15 35.97 -18.01 34.94
CA TRP CA 15 36.22 -18.25 36.35
C TRP CA 15 34.92 -18.31 37.15
N MET CA 16 33.92 -17.53 36.73
CA MET CA 16 32.63 -17.52 37.43
C MET CA 16 31.93 -18.86 37.30
N VAL CA 17 31.91 -19.43 36.08
CA VAL CA 17 31.26 -20.72 35.89
C VAL CA 17 32.07 -21.83 36.55
N LEU CA 18 33.39 -21.76 36.47
CA LEU CA 18 34.24 -22.79 37.07
C LEU CA 18 34.03 -22.89 38.57
N ILE CA 19 34.02 -21.74 39.25
CA ILE CA 19 33.76 -21.74 40.70
C ILE CA 19 32.36 -22.24 40.98
N MET CA 20 31.38 -21.76 40.22
CA MET CA 20 29.99 -22.17 40.45
C MET CA 20 29.80 -23.65 40.16
N VAL CA 21 30.36 -24.14 39.05
CA VAL CA 21 30.13 -25.53 38.66
C VAL CA 21 30.85 -26.48 39.60
N CYS CA 22 32.04 -26.11 40.07
CA CYS CA 22 32.80 -27.01 40.94
C CYS CA 22 32.15 -27.13 42.32
N ALA CA 23 31.62 -26.02 42.85
CA ALA CA 23 30.97 -26.06 44.14
C ALA CA 23 29.73 -26.97 44.13
N ILE CA 24 29.17 -27.22 42.95
CA ILE CA 24 27.98 -28.06 42.87
C ILE CA 24 28.35 -29.51 42.55
N ILE CA 25 29.45 -29.75 41.83
CA ILE CA 25 29.75 -31.08 41.32
C ILE CA 25 30.71 -31.82 42.25
N ILE CA 26 31.60 -31.09 42.90
CA ILE CA 26 32.60 -31.69 43.79
C ILE CA 26 31.91 -32.56 44.84
N PRO CA 27 30.83 -32.13 45.50
CA PRO CA 27 30.12 -33.05 46.39
C PRO CA 27 29.64 -34.31 45.70
N SER CA 28 29.18 -34.20 44.45
CA SER CA 28 28.75 -35.38 43.71
C SER CA 28 29.93 -36.24 43.29
N LEU CA 29 31.05 -35.59 42.95
CA LEU CA 29 32.23 -36.34 42.52
C LEU CA 29 32.78 -37.21 43.65
N LEU CA 30 32.83 -36.68 44.87
CA LEU CA 30 33.34 -37.44 46.00
C LEU CA 30 32.42 -38.61 46.34
N ILE CA 31 31.10 -38.37 46.32
CA ILE CA 31 30.15 -39.43 46.65
C ILE CA 31 30.24 -40.56 45.63
N GLY CA 32 30.31 -40.21 44.34
CA GLY CA 32 30.47 -41.24 43.32
C GLY CA 32 31.74 -42.04 43.50
N LEU CA 33 32.83 -41.37 43.90
CA LEU CA 33 34.08 -42.08 44.16
C LEU CA 33 33.95 -42.99 45.38
N ILE CA 34 33.27 -42.52 46.43
CA ILE CA 34 33.10 -43.32 47.63
C ILE CA 34 32.30 -44.59 47.33
N VAL CA 35 31.21 -44.46 46.57
CA VAL CA 35 30.39 -45.62 46.25
C VAL CA 35 31.18 -46.59 45.38
N ALA CA 36 31.97 -46.09 44.43
CA ALA CA 36 32.74 -46.96 43.56
C ALA CA 36 33.75 -47.79 44.36
N ILE CA 37 34.41 -47.17 45.33
CA ILE CA 37 35.34 -47.90 46.19
C ILE CA 37 34.60 -48.96 46.99
N PHE CA 38 33.43 -48.61 47.53
CA PHE CA 38 32.63 -49.58 48.28
C PHE CA 38 32.21 -50.75 47.41
N GLN CA 39 31.80 -50.48 46.17
CA GLN CA 39 31.42 -51.56 45.26
C GLN CA 39 32.63 -52.44 44.93
N ALA CA 40 33.79 -51.82 44.73
CA ALA CA 40 35.00 -52.59 44.48
C ALA CA 40 35.38 -53.44 45.69
N ALA CA 41 35.15 -52.91 46.90
CA ALA CA 41 35.47 -53.66 48.11
C ALA CA 41 34.62 -54.92 48.24
N THR CA 42 33.37 -54.87 47.80
CA THR CA 42 32.49 -56.03 47.81
C THR CA 42 32.43 -56.73 46.45
N SER CA 43 33.30 -56.34 45.52
CA SER CA 43 33.45 -57.02 44.23
C SER CA 43 32.15 -57.05 43.43
N ILE CA 44 31.45 -55.92 43.37
CA ILE CA 44 30.27 -55.79 42.52
C ILE CA 44 30.47 -54.58 41.61
N ASN CA 45 29.83 -54.65 40.44
CA ASN CA 45 29.91 -53.59 39.42
C ASN CA 45 28.50 -53.32 38.90
N GLU CA 46 27.79 -52.41 39.55
CA GLU CA 46 26.45 -52.00 39.13
C GLU CA 46 26.52 -50.54 38.71
N GLN CA 47 26.31 -50.28 37.42
CA GLN CA 47 26.44 -48.92 36.90
C GLN CA 47 25.35 -48.01 37.43
N THR CA 48 24.11 -48.50 37.51
CA THR CA 48 22.98 -47.67 37.91
C THR CA 48 22.86 -47.48 39.42
N LEU CA 49 23.70 -48.16 40.21
CA LEU CA 49 23.57 -48.08 41.65
C LEU CA 49 23.93 -46.69 42.18
N SER CA 50 25.04 -46.12 41.68
CA SER CA 50 25.54 -44.84 42.19
C SER CA 50 24.86 -43.67 41.47
N PHE CA 51 23.53 -43.65 41.55
CA PHE CA 51 22.73 -42.56 41.01
C PHE CA 51 21.91 -41.85 42.08
N LEU CA 52 21.24 -42.60 42.95
CA LEU CA 52 20.49 -41.99 44.04
C LEU CA 52 21.37 -41.13 44.94
N PRO CA 53 22.52 -41.60 45.45
CA PRO CA 53 23.34 -40.72 46.30
C PRO CA 53 23.81 -39.46 45.59
N ARG CA 54 24.19 -39.57 44.31
CA ARG CA 54 24.67 -38.39 43.59
C ARG CA 54 23.56 -37.38 43.38
N LEU CA 55 22.38 -37.85 42.99
CA LEU CA 55 21.25 -36.94 42.74
C LEU CA 55 20.84 -36.21 44.01
N ILE CA 56 20.74 -36.93 45.13
CA ILE CA 56 20.33 -36.32 46.39
C ILE CA 56 21.38 -35.32 46.86
N VAL CA 57 22.66 -35.71 46.81
CA VAL CA 57 23.71 -34.81 47.27
C VAL CA 57 23.76 -33.55 46.42
N THR CA 58 23.61 -33.71 45.10
CA THR CA 58 23.61 -32.53 44.21
C THR CA 58 22.43 -31.62 44.54
N LEU CA 59 21.25 -32.18 44.78
CA LEU CA 59 20.10 -31.38 45.17
C LEU CA 59 20.34 -30.69 46.51
N LEU CA 60 20.95 -31.40 47.45
CA LEU CA 60 21.30 -30.78 48.73
C LEU CA 60 22.33 -29.66 48.54
N ALA CA 61 23.29 -29.87 47.63
CA ALA CA 61 24.26 -28.82 47.34
C ALA CA 61 23.60 -27.58 46.74
N LEU CA 62 22.63 -27.78 45.84
CA LEU CA 62 21.93 -26.66 45.25
C LEU CA 62 21.14 -25.90 46.31
N MET CA 63 20.48 -26.61 47.21
CA MET CA 63 19.71 -25.95 48.28
C MET CA 63 20.63 -25.18 49.22
N LEU CA 64 21.77 -25.77 49.59
CA LEU CA 64 22.65 -25.14 50.56
C LEU CA 64 23.26 -23.85 50.01
N PHE CA 65 23.70 -23.86 48.75
CA PHE CA 65 24.34 -22.72 48.13
C PHE CA 65 23.36 -21.85 47.35
N GLY CA 66 22.08 -21.88 47.70
CA GLY CA 66 21.10 -21.05 47.00
C GLY CA 66 21.37 -19.57 47.16
N HIS CA 67 21.64 -19.14 48.40
CA HIS CA 67 21.93 -17.74 48.65
C HIS CA 67 23.28 -17.34 48.06
N TRP CA 68 24.26 -18.26 48.10
CA TRP CA 68 25.59 -17.93 47.60
C TRP CA 68 25.60 -17.75 46.09
N MET CA 69 24.91 -18.65 45.37
CA MET CA 69 24.86 -18.53 43.91
C MET CA 69 24.12 -17.26 43.49
N THR CA 70 23.00 -16.96 44.14
CA THR CA 70 22.25 -15.75 43.82
C THR CA 70 23.07 -14.50 44.10
N GLN CA 71 23.76 -14.47 45.24
CA GLN CA 71 24.60 -13.31 45.56
C GLN CA 71 25.73 -13.16 44.56
N MET CA 72 26.36 -14.27 44.16
CA MET CA 72 27.44 -14.21 43.18
C MET CA 72 26.95 -13.70 41.84
N LEU CA 73 25.80 -14.18 41.38
CA LEU CA 73 25.29 -13.76 40.07
C LEU CA 73 24.85 -12.30 40.09
N MET CA 74 24.15 -11.87 41.15
CA MET CA 74 23.68 -10.50 41.22
C MET CA 74 24.84 -9.51 41.25
N GLU CA 75 25.89 -9.83 42.02
CA GLU CA 75 27.05 -8.95 42.07
C GLU CA 75 27.82 -8.95 40.76
N TYR CA 76 27.88 -10.09 40.07
CA TYR CA 76 28.55 -10.14 38.78
C TYR CA 76 27.82 -9.28 37.74
N PHE CA 77 26.48 -9.32 37.75
CA PHE CA 77 25.72 -8.48 36.84
C PHE CA 77 25.95 -7.00 37.14
N TYR CA 78 25.98 -6.64 38.42
CA TYR CA 78 26.28 -5.26 38.79
C TYR CA 78 27.71 -4.88 38.42
N GLY CA 79 28.64 -5.84 38.55
CA GLY CA 79 30.02 -5.56 38.21
C GLY CA 79 30.21 -5.23 36.75
N LEU CA 80 29.54 -5.96 35.86
CA LEU CA 80 29.61 -5.65 34.44
C LEU CA 80 28.97 -4.30 34.14
N ILE CA 81 27.86 -3.99 34.81
CA ILE CA 81 27.20 -2.70 34.62
C ILE CA 81 28.13 -1.56 35.02
N GLU CA 82 28.77 -1.68 36.18
CA GLU CA 82 29.69 -0.64 36.63
C GLU CA 82 30.98 -0.61 35.83
N ARG CA 83 31.34 -1.72 35.18
CA ARG CA 83 32.53 -1.75 34.33
C ARG CA 83 32.25 -1.20 32.94
N LEU CA 84 30.98 -1.04 32.57
CA LEU CA 84 30.63 -0.53 31.25
C LEU CA 84 31.16 0.88 30.96
N PRO CA 85 31.01 1.87 31.85
CA PRO CA 85 31.57 3.20 31.53
C PRO CA 85 33.09 3.20 31.35
N GLN CA 86 33.80 2.27 31.99
CA GLN CA 86 35.24 2.17 31.78
C GLN CA 86 35.57 1.76 30.34
N VAL CA 87 34.78 0.85 29.77
CA VAL CA 87 35.02 0.39 28.41
C VAL CA 87 34.65 1.46 27.40
N LEU CA 88 33.39 1.89 27.43
CA LEU CA 88 32.91 2.77 26.32
C LEU CA 88 33.87 3.92 26.05
N TYR CA 89 34.88 4.14 26.88
CA TYR CA 89 35.78 5.32 26.69
C TYR CA 89 37.24 4.91 26.83
N ALA DA 2 -32.74 -8.06 1.38
CA ALA DA 2 -32.33 -6.76 0.83
C ALA DA 2 -31.07 -6.91 0.01
N ILE DA 3 -30.23 -5.87 0.03
CA ILE DA 3 -29.03 -5.77 -0.79
C ILE DA 3 -29.40 -6.05 -2.24
N SER DA 4 -30.18 -5.15 -2.84
CA SER DA 4 -30.55 -5.24 -4.24
C SER DA 4 -30.54 -3.84 -4.85
N PHE DA 5 -30.34 -3.84 -6.16
CA PHE DA 5 -30.27 -2.56 -6.90
C PHE DA 5 -31.63 -1.89 -6.81
N ASP DA 6 -32.75 -2.62 -6.86
CA ASP DA 6 -34.03 -1.88 -6.76
C ASP DA 6 -34.10 -1.19 -5.40
N ASN DA 7 -33.97 -1.97 -4.32
CA ASN DA 7 -34.09 -1.41 -2.95
C ASN DA 7 -33.02 -0.35 -2.70
N ALA DA 8 -31.98 -0.28 -3.53
CA ALA DA 8 -30.88 0.66 -3.26
C ALA DA 8 -31.08 1.95 -4.06
N LEU DA 9 -31.52 1.84 -5.30
CA LEU DA 9 -31.64 3.02 -6.20
C LEU DA 9 -32.95 3.74 -5.92
N GLY DA 10 -33.99 2.97 -5.58
CA GLY DA 10 -35.24 3.62 -5.26
C GLY DA 10 -36.06 3.94 -6.50
N ILE DA 11 -36.71 5.10 -6.50
CA ILE DA 11 -37.48 5.54 -7.66
C ILE DA 11 -36.69 6.56 -8.49
N HIS DA 12 -35.41 6.76 -8.18
CA HIS DA 12 -34.58 7.71 -8.90
C HIS DA 12 -34.15 7.19 -10.27
N GLN DA 13 -34.32 5.90 -10.54
CA GLN DA 13 -34.03 5.34 -11.86
C GLN DA 13 -35.23 5.45 -12.79
N HIS DA 14 -36.44 5.26 -12.27
CA HIS DA 14 -37.63 5.43 -13.09
C HIS DA 14 -37.94 6.90 -13.33
N THR DA 15 -37.66 7.75 -12.34
CA THR DA 15 -37.96 9.18 -12.48
C THR DA 15 -37.17 9.81 -13.61
N VAL DA 16 -35.90 9.41 -13.77
CA VAL DA 16 -35.07 9.99 -14.83
C VAL DA 16 -35.68 9.71 -16.20
N GLY DA 17 -36.14 8.48 -16.42
CA GLY DA 17 -36.75 8.15 -17.71
C GLY DA 17 -37.99 8.97 -17.99
N VAL DA 18 -38.81 9.20 -16.96
CA VAL DA 18 -40.03 9.98 -17.14
C VAL DA 18 -39.69 11.44 -17.43
N ARG DA 19 -38.67 11.98 -16.76
CA ARG DA 19 -38.29 13.37 -16.99
C ARG DA 19 -37.77 13.57 -18.40
N GLU DA 20 -37.04 12.59 -18.93
CA GLU DA 20 -36.63 12.65 -20.33
C GLU DA 20 -37.82 12.49 -21.27
N ARG DA 21 -38.79 11.67 -20.88
CA ARG DA 21 -40.01 11.55 -21.67
C ARG DA 21 -40.77 12.86 -21.69
N ASN DA 22 -40.86 13.55 -20.54
CA ASN DA 22 -41.55 14.82 -20.48
C ASN DA 22 -40.86 15.87 -21.35
N ALA DA 23 -39.53 15.89 -21.36
CA ALA DA 23 -38.80 16.84 -22.18
C ALA DA 23 -39.05 16.59 -23.66
N GLU DA 24 -39.19 15.32 -24.05
CA GLU DA 24 -39.54 15.02 -25.44
C GLU DA 24 -40.93 15.52 -25.78
N VAL DA 25 -41.87 15.44 -24.83
CA VAL DA 25 -43.22 15.94 -25.08
C VAL DA 25 -43.22 17.47 -25.13
N ILE DA 26 -42.52 18.11 -24.20
CA ILE DA 26 -42.49 19.57 -24.17
C ILE DA 26 -41.81 20.12 -25.41
N SER DA 27 -40.69 19.51 -25.81
CA SER DA 27 -39.99 19.97 -27.01
C SER DA 27 -40.86 19.79 -28.25
N THR DA 28 -41.67 18.74 -28.28
CA THR DA 28 -42.57 18.53 -29.41
C THR DA 28 -43.59 19.65 -29.51
N ASN DA 29 -44.14 20.10 -28.39
CA ASN DA 29 -45.10 21.20 -28.41
C ASN DA 29 -44.46 22.49 -28.90
N ILE DA 30 -43.22 22.75 -28.47
CA ILE DA 30 -42.51 23.95 -28.91
C ILE DA 30 -42.27 23.91 -30.41
N ALA DA 31 -41.80 22.76 -30.92
CA ALA DA 31 -41.56 22.64 -32.35
C ALA DA 31 -42.84 22.75 -33.15
N GLN DA 32 -43.92 22.14 -32.67
CA GLN DA 32 -45.20 22.16 -33.36
C GLN DA 32 -46.06 23.34 -32.97
N ALA DA 33 -45.47 24.41 -32.43
CA ALA DA 33 -46.26 25.57 -32.02
C ALA DA 33 -46.93 26.25 -33.20
N ASN DA 34 -46.23 26.36 -34.32
CA ASN DA 34 -46.75 27.09 -35.48
C ASN DA 34 -47.58 26.22 -36.41
N THR DA 35 -47.63 24.91 -36.19
CA THR DA 35 -48.43 24.05 -37.05
C THR DA 35 -49.91 24.23 -36.74
N PRO DA 36 -50.73 24.67 -37.69
CA PRO DA 36 -52.15 24.83 -37.41
C PRO DA 36 -52.84 23.48 -37.20
N GLY DA 37 -53.83 23.49 -36.31
CA GLY DA 37 -54.58 22.29 -35.99
C GLY DA 37 -53.91 21.36 -35.00
N TYR DA 38 -52.65 21.61 -34.65
CA TYR DA 38 -51.95 20.77 -33.70
C TYR DA 38 -52.38 21.12 -32.28
N LYS DA 39 -52.71 20.10 -31.49
CA LYS DA 39 -53.17 20.28 -30.12
C LYS DA 39 -52.03 19.98 -29.16
N ALA DA 40 -51.86 20.85 -28.17
CA ALA DA 40 -50.77 20.70 -27.21
C ALA DA 40 -50.94 19.42 -26.40
N ARG DA 41 -49.83 18.72 -26.20
CA ARG DA 41 -49.82 17.43 -25.52
C ARG DA 41 -49.27 17.59 -24.12
N GLY DA 42 -49.97 17.03 -23.13
CA GLY DA 42 -49.53 17.05 -21.76
C GLY DA 42 -49.18 15.65 -21.30
N LEU DA 43 -48.41 15.58 -20.21
CA LEU DA 43 -47.98 14.32 -19.65
C LEU DA 43 -48.22 14.32 -18.15
N ASP DA 44 -48.80 13.23 -17.65
CA ASP DA 44 -49.03 13.07 -16.21
C ASP DA 44 -47.83 12.36 -15.61
N PHE DA 45 -47.14 13.07 -14.70
CA PHE DA 45 -45.95 12.48 -14.09
C PHE DA 45 -46.30 11.33 -13.16
N ALA DA 46 -47.36 11.48 -12.37
CA ALA DA 46 -47.72 10.44 -11.40
C ALA DA 46 -48.08 9.14 -12.11
N LYS DA 47 -48.88 9.21 -13.17
CA LYS DA 47 -49.26 8.01 -13.90
C LYS DA 47 -48.07 7.40 -14.63
N GLU DA 48 -47.22 8.24 -15.22
CA GLU DA 48 -46.05 7.73 -15.94
C GLU DA 48 -45.08 7.05 -14.98
N LEU DA 49 -44.86 7.64 -13.80
CA LEU DA 49 -43.98 7.02 -12.81
C LEU DA 49 -44.54 5.69 -12.33
N GLN DA 50 -45.87 5.62 -12.13
CA GLN DA 50 -46.49 4.36 -11.74
C GLN DA 50 -46.33 3.31 -12.82
N ALA DA 51 -46.52 3.69 -14.09
CA ALA DA 51 -46.36 2.75 -15.19
C ALA DA 51 -44.91 2.28 -15.31
N ALA DA 52 -43.96 3.19 -15.12
CA ALA DA 52 -42.55 2.82 -15.22
C ALA DA 52 -42.16 1.84 -14.09
N THR DA 53 -42.67 2.07 -12.89
CA THR DA 53 -42.32 1.21 -11.76
C THR DA 53 -42.82 -0.21 -11.95
N SER DA 54 -43.94 -0.38 -12.67
CA SER DA 54 -44.54 -1.69 -12.88
C SER DA 54 -45.04 -1.75 -14.32
N GLY DA 55 -44.23 -2.34 -15.20
CA GLY DA 55 -44.59 -2.46 -16.60
C GLY DA 55 -43.41 -2.80 -17.49
N ASP DA 77 -55.68 7.77 -22.31
CA ASP DA 77 -54.26 7.85 -22.02
C ASP DA 77 -53.69 9.20 -22.44
N LYS DA 78 -54.07 9.64 -23.64
CA LYS DA 78 -53.59 10.91 -24.18
C LYS DA 78 -54.19 12.06 -23.38
N LEU DA 79 -53.35 12.89 -22.79
CA LEU DA 79 -53.79 14.07 -22.05
C LEU DA 79 -53.48 15.32 -22.86
N TYR DA 80 -54.50 16.16 -23.04
CA TYR DA 80 -54.37 17.41 -23.78
C TYR DA 80 -54.45 18.58 -22.81
N ARG DA 81 -53.75 19.66 -23.15
CA ARG DA 81 -53.67 20.84 -22.30
C ARG DA 81 -54.73 21.85 -22.73
N LEU DA 82 -55.55 22.27 -21.77
CA LEU DA 82 -56.62 23.22 -22.07
C LEU DA 82 -56.03 24.61 -22.32
N PRO DA 83 -56.32 25.23 -23.47
CA PRO DA 83 -55.75 26.55 -23.74
C PRO DA 83 -56.30 27.62 -22.81
N THR DA 84 -55.45 28.58 -22.49
CA THR DA 84 -55.87 29.72 -21.67
C THR DA 84 -56.70 30.71 -22.46
N GLN DA 85 -56.46 30.83 -23.76
CA GLN DA 85 -57.16 31.75 -24.64
C GLN DA 85 -57.49 31.04 -25.95
N PRO DA 86 -58.52 31.50 -26.65
CA PRO DA 86 -58.87 30.86 -27.93
C PRO DA 86 -57.77 31.06 -28.97
N ASP DA 87 -57.69 30.11 -29.90
CA ASP DA 87 -56.76 30.25 -31.00
C ASP DA 87 -57.23 31.32 -31.97
N THR DA 88 -56.27 31.86 -32.72
CA THR DA 88 -56.56 32.91 -33.71
C THR DA 88 -57.10 32.37 -35.02
N GLY DA 89 -57.50 31.10 -35.06
CA GLY DA 89 -58.09 30.56 -36.27
C GLY DA 89 -57.36 29.32 -36.77
N ASP DA 90 -56.06 29.24 -36.51
CA ASP DA 90 -55.28 28.09 -36.97
C ASP DA 90 -55.75 26.81 -36.30
N GLY DA 91 -56.09 26.88 -35.01
CA GLY DA 91 -56.49 25.73 -34.25
C GLY DA 91 -55.43 25.19 -33.30
N ASN DA 92 -54.26 25.81 -33.23
CA ASN DA 92 -53.16 25.34 -32.41
C ASN DA 92 -53.32 25.89 -31.00
N THR DA 93 -53.29 25.01 -30.00
CA THR DA 93 -53.51 25.38 -28.61
C THR DA 93 -52.21 25.37 -27.80
N VAL DA 94 -51.07 25.54 -28.47
CA VAL DA 94 -49.78 25.55 -27.80
C VAL DA 94 -49.51 26.96 -27.29
N ASP DA 95 -49.39 27.10 -25.97
CA ASP DA 95 -49.05 28.37 -25.34
C ASP DA 95 -47.55 28.36 -25.11
N LEU DA 96 -46.80 28.99 -26.02
CA LEU DA 96 -45.35 28.93 -25.98
C LEU DA 96 -44.77 29.58 -24.72
N ASP DA 97 -45.51 30.49 -24.09
CA ASP DA 97 -45.07 31.05 -22.82
C ASP DA 97 -45.03 29.98 -21.74
N LEU DA 98 -46.04 29.11 -21.71
CA LEU DA 98 -46.08 28.04 -20.72
C LEU DA 98 -45.10 26.92 -21.04
N GLU DA 99 -44.90 26.62 -22.33
CA GLU DA 99 -44.02 25.52 -22.70
C GLU DA 99 -42.58 25.77 -22.26
N ARG DA 100 -42.10 27.00 -22.44
CA ARG DA 100 -40.75 27.34 -22.00
C ARG DA 100 -40.63 27.22 -20.48
N ASN DA 101 -41.65 27.66 -19.75
CA ASN DA 101 -41.60 27.59 -18.29
C ASN DA 101 -41.57 26.14 -17.82
N LEU DA 102 -42.37 25.27 -18.45
CA LEU DA 102 -42.37 23.86 -18.07
C LEU DA 102 -41.07 23.17 -18.47
N PHE DA 103 -40.52 23.52 -19.63
CA PHE DA 103 -39.25 22.93 -20.05
C PHE DA 103 -38.13 23.32 -19.09
N MET DA 104 -38.12 24.57 -18.64
CA MET DA 104 -37.11 25.01 -17.66
C MET DA 104 -37.26 24.25 -16.35
N GLN DA 105 -38.50 24.07 -15.88
CA GLN DA 105 -38.71 23.32 -14.64
C GLN DA 105 -38.32 21.86 -14.81
N ASN DA 106 -38.66 21.27 -15.95
CA ASN DA 106 -38.35 19.85 -16.18
C ASN DA 106 -36.85 19.61 -16.18
N GLN DA 107 -36.08 20.54 -16.75
CA GLN DA 107 -34.63 20.36 -16.79
C GLN DA 107 -34.01 20.44 -15.40
N ILE DA 108 -34.53 21.31 -14.54
CA ILE DA 108 -34.00 21.43 -13.18
C ILE DA 108 -34.29 20.15 -12.39
N ARG DA 109 -35.53 19.67 -12.45
CA ARG DA 109 -35.90 18.46 -11.71
C ARG DA 109 -35.20 17.24 -12.28
N HIS DA 110 -34.92 17.22 -13.58
CA HIS DA 110 -34.15 16.13 -14.16
C HIS DA 110 -32.71 16.14 -13.68
N GLN DA 111 -32.13 17.33 -13.53
CA GLN DA 111 -30.77 17.42 -13.01
C GLN DA 111 -30.69 16.93 -11.57
N ALA DA 112 -31.70 17.24 -10.76
CA ALA DA 112 -31.74 16.73 -9.40
C ALA DA 112 -31.86 15.21 -9.38
N SER DA 113 -32.68 14.65 -10.28
CA SER DA 113 -32.84 13.21 -10.32
C SER DA 113 -31.55 12.49 -10.69
N LEU DA 114 -30.78 13.06 -11.63
CA LEU DA 114 -29.48 12.50 -11.96
C LEU DA 114 -28.54 12.58 -10.76
N ASP DA 115 -28.56 13.69 -10.03
CA ASP DA 115 -27.76 13.80 -8.82
C ASP DA 115 -28.21 12.81 -7.76
N PHE DA 116 -29.54 12.65 -7.61
CA PHE DA 116 -30.05 11.67 -6.66
C PHE DA 116 -29.68 10.25 -7.06
N LEU DA 117 -29.85 9.92 -8.34
CA LEU DA 117 -29.52 8.58 -8.80
C LEU DA 117 -28.01 8.35 -8.83
N GLY DA 118 -27.25 9.38 -9.22
CA GLY DA 118 -25.80 9.23 -9.25
C GLY DA 118 -25.21 9.00 -7.88
N SER DA 119 -25.80 9.63 -6.84
CA SER DA 119 -25.30 9.43 -5.50
C SER DA 119 -25.65 8.05 -4.95
N LYS DA 120 -26.68 7.41 -5.51
CA LYS DA 120 -27.01 6.05 -5.09
C LYS DA 120 -25.90 5.07 -5.48
N PHE DA 121 -25.35 5.22 -6.68
CA PHE DA 121 -24.26 4.35 -7.11
C PHE DA 121 -22.97 4.66 -6.37
N LYS DA 122 -22.70 5.95 -6.12
CA LYS DA 122 -21.48 6.31 -5.40
C LYS DA 122 -21.48 5.77 -3.99
N ASN DA 123 -22.63 5.84 -3.30
CA ASN DA 123 -22.71 5.29 -1.95
C ASN DA 123 -22.59 3.77 -1.95
N LEU DA 124 -23.18 3.10 -2.95
CA LEU DA 124 -23.05 1.65 -3.05
C LEU DA 124 -21.59 1.26 -3.30
N THR DA 125 -20.91 1.97 -4.19
CA THR DA 125 -19.50 1.69 -4.43
C THR DA 125 -18.66 1.99 -3.19
N LYS DA 126 -19.01 3.04 -2.46
CA LYS DA 126 -18.27 3.39 -1.25
C LYS DA 126 -18.37 2.30 -0.20
N ALA DA 127 -19.56 1.71 -0.03
CA ALA DA 127 -19.73 0.68 0.99
C ALA DA 127 -19.06 -0.62 0.60
N ILE DA 128 -19.14 -1.00 -0.68
CA ILE DA 128 -18.56 -2.27 -1.11
C ILE DA 128 -17.04 -2.23 -1.21
N LYS DA 129 -16.44 -1.05 -1.05
CA LYS DA 129 -14.99 -0.91 -1.11
C LYS DA 129 -14.40 -0.21 0.10
N GLY DA 130 -15.21 0.40 0.95
CA GLY DA 130 -14.70 1.06 2.13
C GLY DA 130 -13.76 2.21 1.83
N GLU DA 131 -14.01 2.94 0.75
CA GLU DA 131 -13.13 4.03 0.34
C GLU DA 131 -13.85 5.37 0.43
N ALA EA 2 -2.51 5.71 -41.53
CA ALA EA 2 -3.20 7.00 -41.55
C ALA EA 2 -2.90 7.80 -40.28
N ILE EA 3 -3.96 8.38 -39.70
CA ILE EA 3 -3.86 9.18 -38.49
C ILE EA 3 -2.87 10.32 -38.70
N SER EA 4 -3.24 11.26 -39.56
CA SER EA 4 -2.36 12.41 -39.89
C SER EA 4 -3.19 13.69 -39.81
N PHE EA 5 -2.55 14.85 -39.66
CA PHE EA 5 -3.31 16.12 -39.49
C PHE EA 5 -4.09 16.44 -40.76
N ASP EA 6 -3.53 16.10 -41.93
CA ASP EA 6 -4.22 16.34 -43.22
C ASP EA 6 -5.59 15.66 -43.22
N ASN EA 7 -5.67 14.43 -42.72
CA ASN EA 7 -6.95 13.68 -42.73
C ASN EA 7 -7.79 14.04 -41.51
N ALA EA 8 -7.15 14.44 -40.40
CA ALA EA 8 -7.90 14.73 -39.15
C ALA EA 8 -8.62 16.06 -39.31
N LEU EA 9 -7.98 17.00 -39.97
CA LEU EA 9 -8.54 18.34 -40.13
C LEU EA 9 -9.43 18.45 -41.36
N GLY EA 10 -9.34 17.51 -42.30
CA GLY EA 10 -10.13 17.64 -43.51
C GLY EA 10 -9.69 18.83 -44.34
N ILE EA 11 -10.65 19.41 -45.06
CA ILE EA 11 -10.38 20.62 -45.82
C ILE EA 11 -10.69 21.89 -45.04
N HIS EA 12 -11.12 21.77 -43.77
CA HIS EA 12 -11.42 22.96 -42.97
C HIS EA 12 -10.18 23.76 -42.65
N GLN EA 13 -8.98 23.17 -42.81
CA GLN EA 13 -7.76 23.91 -42.58
C GLN EA 13 -7.48 24.93 -43.68
N HIS EA 14 -7.99 24.67 -44.88
CA HIS EA 14 -7.80 25.56 -46.02
C HIS EA 14 -8.93 26.56 -46.21
N THR EA 15 -10.16 26.20 -45.82
CA THR EA 15 -11.30 27.07 -46.05
C THR EA 15 -11.17 28.40 -45.31
N VAL EA 16 -10.63 28.35 -44.10
CA VAL EA 16 -10.46 29.58 -43.31
C VAL EA 16 -9.58 30.58 -44.05
N GLY EA 17 -8.54 30.09 -44.71
CA GLY EA 17 -7.67 30.97 -45.47
C GLY EA 17 -8.36 31.58 -46.67
N VAL EA 18 -9.19 30.80 -47.36
CA VAL EA 18 -9.88 31.30 -48.55
C VAL EA 18 -10.91 32.36 -48.16
N ARG EA 19 -11.60 32.15 -47.04
CA ARG EA 19 -12.58 33.13 -46.58
C ARG EA 19 -11.90 34.43 -46.16
N GLU EA 20 -10.64 34.34 -45.71
CA GLU EA 20 -9.89 35.56 -45.43
C GLU EA 20 -9.50 36.28 -46.72
N ARG EA 21 -9.02 35.53 -47.72
CA ARG EA 21 -8.70 36.12 -49.01
C ARG EA 21 -9.94 36.73 -49.66
N ASN EA 22 -11.06 36.03 -49.58
CA ASN EA 22 -12.30 36.55 -50.15
C ASN EA 22 -12.72 37.85 -49.46
N ALA EA 23 -12.58 37.91 -48.14
CA ALA EA 23 -12.92 39.13 -47.42
C ALA EA 23 -12.01 40.29 -47.81
N GLU EA 24 -10.73 40.00 -48.07
CA GLU EA 24 -9.81 41.05 -48.50
C GLU EA 24 -10.23 41.63 -49.84
N VAL EA 25 -10.62 40.76 -50.78
CA VAL EA 25 -10.99 41.23 -52.11
C VAL EA 25 -12.25 42.08 -52.05
N ILE EA 26 -13.24 41.66 -51.27
CA ILE EA 26 -14.46 42.45 -51.14
C ILE EA 26 -14.17 43.79 -50.49
N SER EA 27 -13.26 43.81 -49.52
CA SER EA 27 -12.85 45.08 -48.91
C SER EA 27 -12.18 45.98 -49.92
N THR EA 28 -11.38 45.40 -50.82
CA THR EA 28 -10.76 46.19 -51.89
C THR EA 28 -11.82 46.77 -52.82
N ASN EA 29 -12.83 45.97 -53.17
CA ASN EA 29 -13.85 46.44 -54.10
C ASN EA 29 -14.63 47.62 -53.53
N ILE EA 30 -15.00 47.55 -52.25
CA ILE EA 30 -15.75 48.63 -51.62
C ILE EA 30 -14.91 49.90 -51.55
N ALA EA 31 -13.64 49.77 -51.18
CA ALA EA 31 -12.76 50.94 -51.10
C ALA EA 31 -12.54 51.57 -52.46
N GLN EA 32 -12.35 50.75 -53.49
CA GLN EA 32 -12.07 51.23 -54.84
C GLN EA 32 -13.35 51.50 -55.64
N ALA EA 33 -14.49 51.64 -54.96
CA ALA EA 33 -15.75 51.85 -55.68
C ALA EA 33 -15.79 53.22 -56.36
N ASN EA 34 -15.17 54.22 -55.74
CA ASN EA 34 -15.21 55.57 -56.28
C ASN EA 34 -14.07 55.88 -57.25
N THR EA 35 -12.99 55.10 -57.21
CA THR EA 35 -11.84 55.39 -58.07
C THR EA 35 -12.17 54.95 -59.50
N PRO EA 36 -12.16 55.85 -60.47
CA PRO EA 36 -12.50 55.46 -61.84
C PRO EA 36 -11.43 54.56 -62.45
N GLY EA 37 -11.87 53.72 -63.38
CA GLY EA 37 -10.99 52.80 -64.09
C GLY EA 37 -10.72 51.50 -63.36
N TYR EA 38 -11.09 51.39 -62.09
CA TYR EA 38 -10.90 50.15 -61.35
C TYR EA 38 -11.98 49.14 -61.75
N LYS EA 39 -11.55 47.92 -62.03
CA LYS EA 39 -12.44 46.83 -62.40
C LYS EA 39 -12.63 45.91 -61.20
N ALA EA 40 -13.88 45.64 -60.85
CA ALA EA 40 -14.17 44.82 -59.68
C ALA EA 40 -13.57 43.43 -59.84
N ARG EA 41 -12.90 42.97 -58.80
CA ARG EA 41 -12.22 41.68 -58.80
C ARG EA 41 -13.05 40.68 -58.00
N GLY EA 42 -13.24 39.49 -58.57
CA GLY EA 42 -13.92 38.41 -57.89
C GLY EA 42 -12.99 37.23 -57.73
N LEU EA 43 -13.17 36.48 -56.64
CA LEU EA 43 -12.36 35.32 -56.34
C LEU EA 43 -13.17 34.06 -56.56
N ASP EA 44 -12.60 33.11 -57.29
CA ASP EA 44 -13.28 31.85 -57.57
C ASP EA 44 -12.98 30.85 -56.47
N PHE EA 45 -14.03 30.42 -55.75
CA PHE EA 45 -13.84 29.53 -54.61
C PHE EA 45 -13.23 28.20 -55.02
N ALA EA 46 -13.69 27.65 -56.15
CA ALA EA 46 -13.20 26.34 -56.58
C ALA EA 46 -11.72 26.37 -56.93
N LYS EA 47 -11.20 27.54 -57.33
CA LYS EA 47 -9.78 27.63 -57.65
C LYS EA 47 -8.91 27.42 -56.43
N GLU EA 48 -9.22 28.10 -55.33
CA GLU EA 48 -8.49 27.87 -54.09
C GLU EA 48 -8.77 26.49 -53.50
N LEU EA 49 -9.92 25.89 -53.85
CA LEU EA 49 -10.15 24.49 -53.51
C LEU EA 49 -9.16 23.59 -54.24
N GLN EA 50 -8.94 23.86 -55.53
CA GLN EA 50 -7.95 23.11 -56.29
C GLN EA 50 -6.53 23.41 -55.78
N ALA EA 51 -6.26 24.67 -55.44
CA ALA EA 51 -4.96 25.02 -54.89
C ALA EA 51 -4.72 24.33 -53.56
N ALA EA 52 -5.78 24.09 -52.80
CA ALA EA 52 -5.64 23.39 -51.52
C ALA EA 52 -5.34 21.90 -51.74
N THR EA 53 -6.09 21.26 -52.62
CA THR EA 53 -5.90 19.83 -52.86
C THR EA 53 -4.77 19.58 -53.85
N ASP EA 77 -8.83 32.21 -60.65
CA ASP EA 77 -8.33 32.84 -59.44
C ASP EA 77 -8.11 34.33 -59.68
N LYS EA 78 -8.73 35.15 -58.82
CA LYS EA 78 -8.68 36.61 -58.93
C LYS EA 78 -9.20 37.07 -60.29
N LEU EA 79 -10.47 36.77 -60.52
CA LEU EA 79 -11.12 37.06 -61.79
C LEU EA 79 -11.74 38.45 -61.78
N TYR EA 80 -12.46 38.78 -62.85
CA TYR EA 80 -13.15 40.05 -62.98
C TYR EA 80 -14.65 39.83 -62.97
N ARG EA 81 -15.38 40.78 -62.40
CA ARG EA 81 -16.84 40.70 -62.31
C ARG EA 81 -17.47 41.51 -63.44
N LEU EA 82 -18.29 40.84 -64.24
CA LEU EA 82 -18.97 41.53 -65.33
C LEU EA 82 -20.15 42.33 -64.79
N PRO EA 83 -20.25 43.62 -65.12
CA PRO EA 83 -21.31 44.45 -64.54
C PRO EA 83 -22.68 44.08 -65.06
N THR EA 84 -23.68 44.34 -64.21
CA THR EA 84 -25.08 44.19 -64.62
C THR EA 84 -25.65 45.48 -65.17
N GLN EA 85 -25.01 46.61 -64.90
CA GLN EA 85 -25.39 47.91 -65.42
C GLN EA 85 -24.18 48.60 -66.03
N PRO EA 86 -24.38 49.48 -67.01
CA PRO EA 86 -23.26 50.18 -67.63
C PRO EA 86 -22.64 51.18 -66.66
N ASP EA 87 -21.40 51.54 -66.96
CA ASP EA 87 -20.72 52.56 -66.17
C ASP EA 87 -21.31 53.93 -66.47
N THR EA 88 -20.77 54.95 -65.81
CA THR EA 88 -21.22 56.32 -66.03
C THR EA 88 -20.05 57.21 -66.43
N GLY EA 89 -19.08 56.65 -67.14
CA GLY EA 89 -17.88 57.36 -67.53
C GLY EA 89 -16.68 57.07 -66.66
N ASP EA 90 -16.88 56.53 -65.45
CA ASP EA 90 -15.77 56.18 -64.59
C ASP EA 90 -15.06 54.91 -65.07
N GLY EA 91 -15.82 53.96 -65.61
CA GLY EA 91 -15.30 52.66 -65.90
C GLY EA 91 -15.24 51.73 -64.70
N ASN EA 92 -15.78 52.15 -63.56
CA ASN EA 92 -15.74 51.38 -62.33
C ASN EA 92 -16.90 50.42 -62.31
N THR EA 93 -16.62 49.12 -62.16
CA THR EA 93 -17.63 48.07 -62.23
C THR EA 93 -17.97 47.49 -60.87
N VAL EA 94 -17.95 48.31 -59.82
CA VAL EA 94 -18.23 47.87 -58.46
C VAL EA 94 -19.67 48.23 -58.13
N ASP EA 95 -20.45 47.23 -57.73
CA ASP EA 95 -21.82 47.43 -57.27
C ASP EA 95 -21.82 47.27 -55.75
N LEU EA 96 -22.05 48.39 -55.05
CA LEU EA 96 -21.92 48.38 -53.59
C LEU EA 96 -23.02 47.56 -52.94
N ASP EA 97 -24.17 47.42 -53.60
CA ASP EA 97 -25.21 46.52 -53.08
C ASP EA 97 -24.73 45.07 -53.09
N LEU EA 98 -24.04 44.66 -54.15
CA LEU EA 98 -23.54 43.28 -54.23
C LEU EA 98 -22.42 43.05 -53.22
N GLU EA 99 -21.50 44.01 -53.09
CA GLU EA 99 -20.33 43.82 -52.24
C GLU EA 99 -20.73 43.64 -50.78
N ARG EA 100 -21.68 44.43 -50.29
CA ARG EA 100 -22.11 44.32 -48.91
C ARG EA 100 -22.71 42.95 -48.63
N ASN EA 101 -23.56 42.45 -49.54
CA ASN EA 101 -24.14 41.14 -49.36
C ASN EA 101 -23.09 40.04 -49.41
N LEU EA 102 -22.13 40.15 -50.33
CA LEU EA 102 -21.07 39.15 -50.44
C LEU EA 102 -20.11 39.21 -49.25
N PHE EA 103 -19.95 40.38 -48.65
CA PHE EA 103 -19.12 40.48 -47.45
C PHE EA 103 -19.84 39.91 -46.24
N MET EA 104 -21.16 40.11 -46.16
CA MET EA 104 -21.94 39.52 -45.07
C MET EA 104 -21.94 38.01 -45.14
N GLN EA 105 -22.13 37.45 -46.35
CA GLN EA 105 -22.15 36.00 -46.49
C GLN EA 105 -20.79 35.39 -46.15
N ASN EA 106 -19.71 36.02 -46.62
CA ASN EA 106 -18.37 35.49 -46.35
C ASN EA 106 -18.05 35.51 -44.87
N GLN EA 107 -18.44 36.58 -44.16
CA GLN EA 107 -18.16 36.67 -42.73
C GLN EA 107 -18.92 35.61 -41.95
N ILE EA 108 -20.17 35.34 -42.31
CA ILE EA 108 -20.94 34.30 -41.63
C ILE EA 108 -20.32 32.94 -41.88
N ARG EA 109 -19.95 32.65 -43.12
CA ARG EA 109 -19.35 31.37 -43.44
C ARG EA 109 -17.96 31.23 -42.84
N HIS EA 110 -17.24 32.35 -42.67
CA HIS EA 110 -15.92 32.31 -42.06
C HIS EA 110 -16.00 31.86 -40.60
N GLN EA 111 -17.02 32.34 -39.87
CA GLN EA 111 -17.19 31.94 -38.48
C GLN EA 111 -17.53 30.45 -38.38
N ALA EA 112 -18.33 29.94 -39.31
CA ALA EA 112 -18.66 28.52 -39.31
C ALA EA 112 -17.43 27.67 -39.56
N SER EA 113 -16.55 28.12 -40.46
CA SER EA 113 -15.31 27.38 -40.72
C SER EA 113 -14.43 27.33 -39.49
N LEU EA 114 -14.36 28.43 -38.74
CA LEU EA 114 -13.63 28.43 -37.48
C LEU EA 114 -14.24 27.46 -36.49
N ASP EA 115 -15.58 27.41 -36.43
CA ASP EA 115 -16.24 26.46 -35.55
C ASP EA 115 -15.96 25.02 -35.97
N PHE EA 116 -15.98 24.75 -37.28
CA PHE EA 116 -15.69 23.40 -37.76
C PHE EA 116 -14.25 23.01 -37.47
N LEU EA 117 -13.30 23.88 -37.84
CA LEU EA 117 -11.89 23.56 -37.64
C LEU EA 117 -11.51 23.60 -36.16
N GLY EA 118 -12.14 24.47 -35.39
CA GLY EA 118 -11.84 24.51 -33.96
C GLY EA 118 -12.26 23.24 -33.24
N SER EA 119 -13.42 22.68 -33.60
CA SER EA 119 -13.89 21.45 -32.98
C SER EA 119 -13.08 20.23 -33.42
N LYS EA 120 -12.35 20.33 -34.53
CA LYS EA 120 -11.50 19.21 -34.94
C LYS EA 120 -10.41 18.94 -33.91
N PHE EA 121 -9.80 20.00 -33.36
CA PHE EA 121 -8.80 19.82 -32.33
C PHE EA 121 -9.42 19.49 -30.98
N LYS EA 122 -10.60 20.03 -30.69
CA LYS EA 122 -11.26 19.73 -29.41
C LYS EA 122 -11.61 18.26 -29.31
N ASN EA 123 -12.12 17.67 -30.40
CA ASN EA 123 -12.35 16.24 -30.41
C ASN EA 123 -11.04 15.47 -30.41
N LEU EA 124 -10.03 15.98 -31.14
CA LEU EA 124 -8.74 15.31 -31.19
C LEU EA 124 -8.06 15.27 -29.83
N THR EA 125 -8.14 16.37 -29.08
CA THR EA 125 -7.52 16.41 -27.76
C THR EA 125 -8.27 15.50 -26.78
N LYS EA 126 -9.60 15.41 -26.91
CA LYS EA 126 -10.36 14.57 -26.00
C LYS EA 126 -10.08 13.09 -26.25
N ALA EA 127 -9.82 12.71 -27.50
CA ALA EA 127 -9.47 11.33 -27.79
C ALA EA 127 -8.12 10.96 -27.16
N ILE EA 128 -7.15 11.86 -27.23
CA ILE EA 128 -5.82 11.56 -26.71
C ILE EA 128 -5.82 11.53 -25.19
N LYS EA 129 -6.36 12.58 -24.57
CA LYS EA 129 -6.35 12.66 -23.12
C LYS EA 129 -7.39 11.77 -22.46
N GLY EA 130 -8.43 11.36 -23.19
CA GLY EA 130 -9.47 10.55 -22.60
C GLY EA 130 -10.32 11.26 -21.58
N GLU EA 131 -10.26 12.59 -21.52
CA GLU EA 131 -11.02 13.35 -20.54
C GLU EA 131 -11.41 14.72 -21.09
N ALA FA 2 19.72 25.35 -21.91
CA ALA FA 2 18.94 26.17 -22.84
C ALA FA 2 17.58 26.49 -22.26
N ILE FA 3 17.22 25.81 -21.17
CA ILE FA 3 15.93 26.01 -20.52
C ILE FA 3 16.02 27.32 -19.73
N SER FA 4 15.43 28.39 -20.27
CA SER FA 4 15.46 29.70 -19.58
C SER FA 4 14.23 30.50 -19.98
N PHE FA 5 13.81 31.46 -19.18
CA PHE FA 5 12.55 32.18 -19.48
C PHE FA 5 12.70 32.97 -20.77
N ASP FA 6 13.87 33.56 -21.02
CA ASP FA 6 14.10 34.33 -22.26
C ASP FA 6 13.88 33.43 -23.47
N ASN FA 7 14.41 32.20 -23.43
CA ASN FA 7 14.28 31.25 -24.57
C ASN FA 7 12.86 30.72 -24.66
N ALA FA 8 12.17 30.54 -23.52
CA ALA FA 8 10.82 29.93 -23.54
C ALA FA 8 9.76 30.98 -23.87
N LEU FA 9 9.93 32.19 -23.36
CA LEU FA 9 8.84 33.19 -23.56
C LEU FA 9 9.02 33.93 -24.89
N GLY FA 10 10.19 33.86 -25.51
CA GLY FA 10 10.39 34.49 -26.80
C GLY FA 10 10.29 36.01 -26.69
N ILE FA 11 9.82 36.62 -27.78
CA ILE FA 11 9.63 38.07 -27.82
C ILE FA 11 8.28 38.50 -27.26
N HIS FA 12 7.42 37.56 -26.91
CA HIS FA 12 6.08 37.90 -26.45
C HIS FA 12 6.09 38.52 -25.05
N GLN FA 13 7.16 38.31 -24.28
CA GLN FA 13 7.29 38.96 -22.99
C GLN FA 13 7.58 40.44 -23.13
N HIS FA 14 8.07 40.88 -24.30
CA HIS FA 14 8.36 42.28 -24.56
C HIS FA 14 7.30 42.97 -25.40
N THR FA 15 6.62 42.23 -26.29
CA THR FA 15 5.66 42.85 -27.19
C THR FA 15 4.48 43.43 -26.44
N VAL FA 16 4.05 42.77 -25.36
CA VAL FA 16 2.89 43.24 -24.60
C VAL FA 16 3.15 44.63 -24.04
N GLY FA 17 4.34 44.83 -23.48
CA GLY FA 17 4.68 46.14 -22.94
C GLY FA 17 4.77 47.21 -24.01
N VAL FA 18 5.25 46.84 -25.20
CA VAL FA 18 5.39 47.81 -26.29
C VAL FA 18 4.01 48.23 -26.80
N ARG FA 19 3.09 47.28 -26.96
CA ARG FA 19 1.77 47.61 -27.45
C ARG FA 19 0.96 48.37 -26.40
N GLU FA 20 1.25 48.15 -25.12
CA GLU FA 20 0.68 49.01 -24.08
C GLU FA 20 1.20 50.44 -24.22
N ARG FA 21 2.49 50.59 -24.50
CA ARG FA 21 3.05 51.92 -24.75
C ARG FA 21 2.41 52.57 -25.96
N ASN FA 22 2.19 51.80 -27.02
CA ASN FA 22 1.57 52.35 -28.22
C ASN FA 22 0.14 52.81 -27.94
N ALA FA 23 -0.59 52.05 -27.12
CA ALA FA 23 -1.95 52.45 -26.76
C ALA FA 23 -1.96 53.77 -26.00
N GLU FA 24 -0.98 53.97 -25.12
CA GLU FA 24 -0.88 55.24 -24.41
C GLU FA 24 -0.58 56.38 -25.37
N VAL FA 25 0.31 56.15 -26.33
CA VAL FA 25 0.66 57.19 -27.29
C VAL FA 25 -0.53 57.51 -28.19
N ILE FA 26 -1.30 56.49 -28.58
CA ILE FA 26 -2.48 56.74 -29.41
C ILE FA 26 -3.56 57.43 -28.59
N SER FA 27 -3.75 57.00 -27.34
CA SER FA 27 -4.82 57.57 -26.52
C SER FA 27 -4.59 59.05 -26.24
N THR FA 28 -3.34 59.43 -25.97
CA THR FA 28 -3.05 60.84 -25.70
C THR FA 28 -3.19 61.68 -26.96
N ASN FA 29 -3.11 61.07 -28.14
CA ASN FA 29 -3.39 61.80 -29.37
C ASN FA 29 -4.88 62.03 -29.55
N ILE FA 30 -5.70 61.04 -29.18
CA ILE FA 30 -7.15 61.20 -29.25
C ILE FA 30 -7.63 62.23 -28.24
N ALA FA 31 -7.09 62.18 -27.02
CA ALA FA 31 -7.51 63.13 -25.99
C ALA FA 31 -7.08 64.55 -26.33
N GLN FA 32 -5.88 64.71 -26.89
CA GLN FA 32 -5.34 66.02 -27.24
C GLN FA 32 -5.65 66.42 -28.68
N ALA FA 33 -6.77 65.93 -29.24
CA ALA FA 33 -7.10 66.21 -30.62
C ALA FA 33 -7.41 67.69 -30.84
N ASN FA 34 -8.05 68.32 -29.86
CA ASN FA 34 -8.45 69.72 -29.99
C ASN FA 34 -7.42 70.71 -29.48
N THR FA 35 -6.35 70.24 -28.83
CA THR FA 35 -5.34 71.15 -28.31
C THR FA 35 -4.53 71.73 -29.46
N PRO FA 36 -4.51 73.05 -29.65
CA PRO FA 36 -3.72 73.62 -30.75
C PRO FA 36 -2.24 73.61 -30.42
N GLY FA 37 -1.43 73.44 -31.46
CA GLY FA 37 0.00 73.33 -31.29
C GLY FA 37 0.50 71.95 -30.94
N TYR FA 38 -0.41 70.98 -30.74
CA TYR FA 38 -0.02 69.62 -30.40
C TYR FA 38 0.22 68.83 -31.68
N LYS FA 39 1.40 68.23 -31.80
CA LYS FA 39 1.75 67.42 -32.95
C LYS FA 39 1.50 65.96 -32.61
N ALA FA 40 0.77 65.27 -33.47
CA ALA FA 40 0.47 63.86 -33.25
C ALA FA 40 1.75 63.05 -33.16
N ARG FA 41 1.84 62.19 -32.16
CA ARG FA 41 3.03 61.39 -31.90
C ARG FA 41 2.81 59.96 -32.32
N GLY FA 42 3.87 59.33 -32.78
CA GLY FA 42 3.82 57.94 -33.20
C GLY FA 42 5.03 57.19 -32.68
N LEU FA 43 4.82 55.91 -32.42
CA LEU FA 43 5.85 55.05 -31.84
C LEU FA 43 6.20 53.97 -32.85
N ASP FA 44 7.47 53.91 -33.23
CA ASP FA 44 7.92 52.88 -34.16
C ASP FA 44 7.98 51.53 -33.46
N PHE FA 45 7.28 50.54 -34.02
CA PHE FA 45 7.20 49.24 -33.37
C PHE FA 45 8.51 48.46 -33.51
N ALA FA 46 9.12 48.51 -34.69
CA ALA FA 46 10.35 47.75 -34.92
C ALA FA 46 11.49 48.25 -34.03
N LYS FA 47 11.63 49.57 -33.92
CA LYS FA 47 12.68 50.13 -33.08
C LYS FA 47 12.43 49.85 -31.61
N GLU FA 48 11.19 50.03 -31.15
CA GLU FA 48 10.89 49.85 -29.74
C GLU FA 48 11.04 48.39 -29.31
N LEU FA 49 10.64 47.47 -30.18
CA LEU FA 49 10.81 46.04 -29.87
C LEU FA 49 12.29 45.67 -29.79
N GLN FA 50 13.10 46.18 -30.72
CA GLN FA 50 14.53 45.91 -30.69
C GLN FA 50 15.18 46.50 -29.44
N ALA FA 51 14.78 47.71 -29.05
CA ALA FA 51 15.33 48.32 -27.84
C ALA FA 51 14.98 47.50 -26.61
N ALA FA 52 13.74 47.02 -26.53
CA ALA FA 52 13.34 46.19 -25.40
C ALA FA 52 14.09 44.87 -25.37
N THR FA 53 14.31 44.26 -26.53
CA THR FA 53 14.96 42.96 -26.58
C THR FA 53 16.39 43.03 -26.07
N SER FA 54 17.14 44.05 -26.49
CA SER FA 54 18.54 44.22 -26.06
C SER FA 54 18.68 45.62 -25.50
N GLY FA 55 18.67 45.73 -24.18
CA GLY FA 55 18.82 47.02 -23.53
C GLY FA 55 20.25 47.50 -23.47
N ASP FA 77 11.04 59.14 -26.65
CA ASP FA 77 11.67 58.99 -27.96
C ASP FA 77 10.63 58.56 -29.00
N LYS FA 78 9.43 59.13 -28.90
CA LYS FA 78 8.37 58.83 -29.84
C LYS FA 78 8.45 59.77 -31.04
N LEU FA 79 8.23 59.22 -32.23
CA LEU FA 79 8.37 59.97 -33.46
C LEU FA 79 7.15 60.84 -33.72
N TYR FA 80 7.25 61.66 -34.76
CA TYR FA 80 6.18 62.56 -35.16
C TYR FA 80 5.47 62.01 -36.40
N ARG FA 81 4.15 62.15 -36.40
CA ARG FA 81 3.30 61.62 -37.46
C ARG FA 81 3.01 62.74 -38.46
N LEU FA 82 3.38 62.51 -39.72
CA LEU FA 82 3.21 63.54 -40.74
C LEU FA 82 1.74 63.67 -41.12
N PRO FA 83 1.22 64.89 -41.22
CA PRO FA 83 -0.20 65.06 -41.56
C PRO FA 83 -0.46 64.84 -43.04
N THR FA 84 -1.60 64.20 -43.34
CA THR FA 84 -2.03 64.01 -44.71
C THR FA 84 -2.64 65.26 -45.31
N GLN FA 85 -3.12 66.18 -44.47
CA GLN FA 85 -3.69 67.45 -44.91
C GLN FA 85 -3.25 68.54 -43.95
N PRO FA 86 -3.17 69.78 -44.42
CA PRO FA 86 -2.73 70.87 -43.53
C PRO FA 86 -3.73 71.12 -42.42
N ASP FA 87 -3.22 71.58 -41.29
CA ASP FA 87 -4.10 71.98 -40.20
C ASP FA 87 -4.85 73.26 -40.56
N THR FA 88 -6.01 73.44 -39.94
CA THR FA 88 -6.92 74.53 -40.27
C THR FA 88 -6.56 75.83 -39.55
N GLY FA 89 -5.33 75.96 -39.07
CA GLY FA 89 -4.90 77.18 -38.40
C GLY FA 89 -4.60 77.01 -36.93
N ASP FA 90 -4.79 75.84 -36.34
CA ASP FA 90 -4.48 75.61 -34.94
C ASP FA 90 -3.11 74.97 -34.72
N GLY FA 91 -2.48 74.46 -35.77
CA GLY FA 91 -1.21 73.80 -35.64
C GLY FA 91 -1.29 72.35 -35.18
N ASN FA 92 -2.46 71.87 -34.81
CA ASN FA 92 -2.62 70.50 -34.37
C ASN FA 92 -2.71 69.57 -35.57
N THR FA 93 -1.88 68.53 -35.59
CA THR FA 93 -1.81 67.60 -36.71
C THR FA 93 -2.32 66.21 -36.33
N VAL FA 94 -3.35 66.16 -35.49
CA VAL FA 94 -3.95 64.89 -35.08
C VAL FA 94 -5.13 64.60 -36.01
N ASP FA 95 -5.04 63.49 -36.74
CA ASP FA 95 -6.12 63.02 -37.60
C ASP FA 95 -6.94 62.02 -36.78
N LEU FA 96 -7.99 62.53 -36.12
CA LEU FA 96 -8.77 61.68 -35.22
C LEU FA 96 -9.41 60.51 -35.96
N ASP FA 97 -9.64 60.66 -37.26
CA ASP FA 97 -10.12 59.54 -38.07
C ASP FA 97 -9.08 58.42 -38.11
N LEU FA 98 -7.80 58.78 -38.24
CA LEU FA 98 -6.74 57.79 -38.30
C LEU FA 98 -6.42 57.22 -36.93
N GLU FA 99 -6.49 58.05 -35.88
CA GLU FA 99 -6.11 57.60 -34.55
C GLU FA 99 -7.01 56.47 -34.05
N ARG FA 100 -8.30 56.56 -34.34
CA ARG FA 100 -9.22 55.49 -33.94
C ARG FA 100 -8.85 54.17 -34.61
N ASN FA 101 -8.45 54.22 -35.88
CA ASN FA 101 -8.10 53.01 -36.60
C ASN FA 101 -6.87 52.34 -36.00
N LEU FA 102 -5.87 53.14 -35.63
CA LEU FA 102 -4.65 52.57 -35.05
C LEU FA 102 -4.90 52.03 -33.65
N PHE FA 103 -5.75 52.70 -32.87
CA PHE FA 103 -6.06 52.21 -31.53
C PHE FA 103 -6.78 50.86 -31.59
N MET FA 104 -7.69 50.71 -32.56
CA MET FA 104 -8.39 49.44 -32.71
C MET FA 104 -7.42 48.33 -33.11
N GLN FA 105 -6.53 48.60 -34.06
CA GLN FA 105 -5.56 47.60 -34.48
C GLN FA 105 -4.63 47.21 -33.33
N ASN FA 106 -4.14 48.21 -32.59
CA ASN FA 106 -3.21 47.91 -31.50
C ASN FA 106 -3.90 47.11 -30.41
N GLN FA 107 -5.18 47.37 -30.15
CA GLN FA 107 -5.91 46.62 -29.13
C GLN FA 107 -6.04 45.15 -29.52
N ILE FA 108 -6.32 44.87 -30.79
CA ILE FA 108 -6.43 43.49 -31.24
C ILE FA 108 -5.08 42.79 -31.18
N ARG FA 109 -4.02 43.47 -31.64
CA ARG FA 109 -2.69 42.87 -31.60
C ARG FA 109 -2.18 42.73 -30.18
N HIS FA 110 -2.60 43.62 -29.28
CA HIS FA 110 -2.25 43.48 -27.88
C HIS FA 110 -2.87 42.21 -27.28
N GLN FA 111 -4.14 41.94 -27.62
CA GLN FA 111 -4.78 40.73 -27.13
C GLN FA 111 -4.14 39.48 -27.72
N ALA FA 112 -3.76 39.52 -29.00
CA ALA FA 112 -3.12 38.38 -29.61
C ALA FA 112 -1.78 38.07 -28.95
N SER FA 113 -1.03 39.10 -28.57
CA SER FA 113 0.22 38.87 -27.87
C SER FA 113 -0.02 38.30 -26.48
N LEU FA 114 -1.12 38.72 -25.82
CA LEU FA 114 -1.46 38.13 -24.53
C LEU FA 114 -1.78 36.65 -24.66
N ASP FA 115 -2.49 36.26 -25.72
CA ASP FA 115 -2.78 34.85 -25.93
C ASP FA 115 -1.50 34.07 -26.24
N PHE FA 116 -0.57 34.66 -26.97
CA PHE FA 116 0.69 33.99 -27.26
C PHE FA 116 1.52 33.85 -25.99
N LEU FA 117 1.66 34.94 -25.23
CA LEU FA 117 2.46 34.90 -24.01
C LEU FA 117 1.81 34.01 -22.95
N GLY FA 118 0.48 34.05 -22.85
CA GLY FA 118 -0.20 33.23 -21.86
C GLY FA 118 -0.01 31.75 -22.10
N SER FA 119 0.02 31.35 -23.38
CA SER FA 119 0.24 29.94 -23.70
C SER FA 119 1.65 29.50 -23.38
N LYS FA 120 2.61 30.42 -23.39
CA LYS FA 120 3.99 30.07 -23.07
C LYS FA 120 4.12 29.56 -21.64
N PHE FA 121 3.45 30.22 -20.70
CA PHE FA 121 3.50 29.76 -19.31
C PHE FA 121 2.70 28.48 -19.12
N LYS FA 122 1.55 28.38 -19.78
CA LYS FA 122 0.73 27.18 -19.66
C LYS FA 122 1.44 25.96 -20.24
N ASN FA 123 2.16 26.14 -21.35
CA ASN FA 123 2.91 25.01 -21.92
C ASN FA 123 4.04 24.58 -21.00
N LEU FA 124 4.71 25.52 -20.34
CA LEU FA 124 5.74 25.16 -19.37
C LEU FA 124 5.16 24.42 -18.18
N THR FA 125 3.99 24.86 -17.69
CA THR FA 125 3.40 24.25 -16.51
C THR FA 125 2.99 22.80 -16.78
N LYS FA 126 2.39 22.54 -17.94
CA LYS FA 126 1.95 21.18 -18.24
C LYS FA 126 3.11 20.25 -18.52
N ALA FA 127 4.23 20.79 -19.01
CA ALA FA 127 5.43 19.98 -19.16
C ALA FA 127 6.04 19.65 -17.81
N ILE FA 128 6.06 20.63 -16.90
CA ILE FA 128 6.63 20.39 -15.57
C ILE FA 128 5.77 19.44 -14.76
N LYS FA 129 4.46 19.67 -14.75
CA LYS FA 129 3.56 18.84 -13.95
C LYS FA 129 3.19 17.53 -14.63
N GLY FA 130 3.50 17.36 -15.91
CA GLY FA 130 3.20 16.14 -16.61
C GLY FA 130 1.73 15.88 -16.86
N GLU FA 131 0.88 16.88 -16.66
CA GLU FA 131 -0.56 16.71 -16.85
C GLU FA 131 -1.14 17.84 -17.69
N ALA GA 2 9.65 34.72 9.58
CA ALA GA 2 8.80 33.68 10.14
C ALA GA 2 7.57 33.47 9.27
N ILE GA 3 6.92 32.31 9.45
CA ILE GA 3 5.71 31.98 8.70
C ILE GA 3 4.54 32.53 9.49
N SER GA 4 3.89 33.56 8.93
CA SER GA 4 2.70 34.14 9.52
C SER GA 4 1.87 34.77 8.41
N PHE GA 5 0.60 35.05 8.69
CA PHE GA 5 -0.29 35.57 7.61
C PHE GA 5 0.08 37.02 7.31
N ASP GA 6 0.54 37.76 8.31
CA ASP GA 6 0.94 39.19 8.12
C ASP GA 6 2.13 39.28 7.16
N ASN GA 7 2.97 38.25 7.13
CA ASN GA 7 4.15 38.22 6.23
C ASN GA 7 3.80 37.46 4.94
N ALA GA 8 2.78 36.60 4.98
CA ALA GA 8 2.45 35.76 3.80
C ALA GA 8 1.47 36.50 2.90
N LEU GA 9 0.49 37.16 3.50
CA LEU GA 9 -0.51 37.89 2.75
C LEU GA 9 -0.03 39.29 2.36
N GLY GA 10 0.93 39.85 3.09
CA GLY GA 10 1.39 41.19 2.77
C GLY GA 10 0.32 42.23 3.04
N ILE GA 11 0.37 43.32 2.28
CA ILE GA 11 -0.62 44.39 2.41
C ILE GA 11 -1.93 44.08 1.72
N HIS GA 12 -1.98 43.00 0.93
CA HIS GA 12 -3.18 42.72 0.14
C HIS GA 12 -4.38 42.39 1.01
N GLN GA 13 -4.16 41.99 2.26
CA GLN GA 13 -5.28 41.74 3.16
C GLN GA 13 -5.97 43.03 3.56
N HIS GA 14 -5.23 44.14 3.63
CA HIS GA 14 -5.79 45.44 3.99
C HIS GA 14 -6.24 46.23 2.78
N THR GA 15 -5.58 46.07 1.63
CA THR GA 15 -5.91 46.86 0.45
C THR GA 15 -7.32 46.55 -0.05
N VAL GA 16 -7.71 45.29 0.00
CA VAL GA 16 -9.05 44.90 -0.45
C VAL GA 16 -10.12 45.63 0.35
N GLY GA 17 -9.95 45.67 1.67
CA GLY GA 17 -10.93 46.35 2.51
C GLY GA 17 -11.02 47.84 2.24
N VAL GA 18 -9.88 48.48 2.00
CA VAL GA 18 -9.88 49.93 1.79
C VAL GA 18 -10.63 50.30 0.52
N ARG GA 19 -10.42 49.53 -0.55
CA ARG GA 19 -11.07 49.84 -1.81
C ARG GA 19 -12.59 49.63 -1.72
N GLU GA 20 -13.03 48.73 -0.85
CA GLU GA 20 -14.47 48.60 -0.59
C GLU GA 20 -15.01 49.86 0.06
N ARG GA 21 -14.27 50.43 1.00
CA ARG GA 21 -14.66 51.70 1.60
C ARG GA 21 -14.70 52.80 0.54
N ASN GA 22 -13.69 52.83 -0.33
CA ASN GA 22 -13.64 53.84 -1.38
C ASN GA 22 -14.82 53.70 -2.34
N ALA GA 23 -15.30 52.47 -2.54
CA ALA GA 23 -16.50 52.27 -3.35
C ALA GA 23 -17.71 52.94 -2.70
N GLU GA 24 -17.84 52.79 -1.37
CA GLU GA 24 -18.93 53.43 -0.66
C GLU GA 24 -18.85 54.95 -0.76
N VAL GA 25 -17.65 55.50 -0.61
CA VAL GA 25 -17.47 56.95 -0.65
C VAL GA 25 -17.86 57.50 -2.02
N ILE GA 26 -17.45 56.81 -3.09
CA ILE GA 26 -17.85 57.23 -4.43
C ILE GA 26 -19.35 57.01 -4.64
N SER GA 27 -19.89 55.91 -4.10
CA SER GA 27 -21.31 55.62 -4.26
C SER GA 27 -22.17 56.68 -3.60
N THR GA 28 -21.80 57.12 -2.39
CA THR GA 28 -22.56 58.15 -1.71
C THR GA 28 -22.40 59.51 -2.37
N ASN GA 29 -21.36 59.71 -3.18
CA ASN GA 29 -21.24 60.94 -3.95
C ASN GA 29 -22.20 60.96 -5.12
N ILE GA 30 -22.35 59.83 -5.81
CA ILE GA 30 -23.22 59.76 -6.97
C ILE GA 30 -24.69 59.91 -6.55
N ALA GA 31 -25.07 59.29 -5.45
CA ALA GA 31 -26.45 59.38 -4.99
C ALA GA 31 -26.81 60.81 -4.59
N GLN GA 32 -25.90 61.50 -3.91
CA GLN GA 32 -26.15 62.86 -3.45
C GLN GA 32 -25.84 63.91 -4.50
N ALA GA 33 -25.80 63.53 -5.78
CA ALA GA 33 -25.48 64.49 -6.83
C ALA GA 33 -26.54 65.58 -6.92
N ASN GA 34 -27.80 65.23 -6.72
CA ASN GA 34 -28.89 66.19 -6.82
C ASN GA 34 -29.26 66.83 -5.49
N THR GA 35 -28.67 66.39 -4.39
CA THR GA 35 -28.98 66.98 -3.09
C THR GA 35 -28.22 68.29 -2.93
N PRO GA 36 -28.91 69.42 -2.80
CA PRO GA 36 -28.19 70.69 -2.60
C PRO GA 36 -27.52 70.75 -1.24
N GLY GA 37 -26.38 71.43 -1.20
CA GLY GA 37 -25.62 71.58 0.02
C GLY GA 37 -24.70 70.43 0.34
N TYR GA 38 -24.69 69.38 -0.48
CA TYR GA 38 -23.80 68.25 -0.26
C TYR GA 38 -22.46 68.51 -0.92
N LYS GA 39 -21.39 68.30 -0.16
CA LYS GA 39 -20.03 68.47 -0.64
C LYS GA 39 -19.43 67.10 -0.93
N ALA GA 40 -18.94 66.92 -2.16
CA ALA GA 40 -18.33 65.65 -2.53
C ALA GA 40 -17.11 65.38 -1.67
N ARG GA 41 -17.05 64.18 -1.10
CA ARG GA 41 -15.96 63.78 -0.23
C ARG GA 41 -15.16 62.67 -0.88
N GLY GA 42 -13.83 62.71 -0.65
CA GLY GA 42 -12.93 61.71 -1.18
C GLY GA 42 -12.24 60.94 -0.06
N LEU GA 43 -11.48 59.94 -0.46
CA LEU GA 43 -10.75 59.08 0.47
C LEU GA 43 -9.32 58.97 0.00
N ASP GA 44 -8.37 59.30 0.88
CA ASP GA 44 -6.95 59.25 0.54
C ASP GA 44 -6.46 57.83 0.72
N PHE GA 45 -6.19 57.14 -0.39
CA PHE GA 45 -5.85 55.72 -0.33
C PHE GA 45 -4.56 55.48 0.42
N ALA GA 46 -3.55 56.33 0.20
CA ALA GA 46 -2.26 56.15 0.84
C ALA GA 46 -2.38 56.27 2.36
N LYS GA 47 -3.16 57.24 2.83
CA LYS GA 47 -3.31 57.45 4.26
C LYS GA 47 -4.18 56.37 4.90
N GLU GA 48 -5.28 56.01 4.23
CA GLU GA 48 -6.17 54.99 4.78
C GLU GA 48 -5.49 53.63 4.85
N LEU GA 49 -4.72 53.27 3.82
CA LEU GA 49 -4.01 52.00 3.83
C LEU GA 49 -2.99 51.95 4.97
N GLN GA 50 -2.29 53.06 5.20
CA GLN GA 50 -1.31 53.10 6.28
C GLN GA 50 -1.98 52.95 7.64
N ALA GA 51 -3.15 53.57 7.82
CA ALA GA 51 -3.87 53.44 9.08
C ALA GA 51 -4.30 52.00 9.32
N ALA GA 52 -4.80 51.32 8.28
CA ALA GA 52 -5.22 49.94 8.44
C ALA GA 52 -4.03 49.03 8.71
N THR GA 53 -2.91 49.25 8.03
CA THR GA 53 -1.73 48.41 8.21
C THR GA 53 -1.19 48.52 9.64
N SER GA 54 -1.09 49.74 10.16
CA SER GA 54 -0.56 50.00 11.50
C SER GA 54 -1.69 50.57 12.34
N GLY GA 55 -2.43 49.69 13.01
CA GLY GA 55 -3.54 50.11 13.86
C GLY GA 55 -3.91 49.08 14.91
N LYS GA 78 -11.91 61.04 4.73
CA LYS GA 78 -13.11 61.79 4.38
C LYS GA 78 -12.80 63.24 4.04
N LEU GA 79 -11.79 63.45 3.20
CA LEU GA 79 -11.45 64.79 2.76
C LEU GA 79 -12.45 65.28 1.72
N TYR GA 80 -12.47 66.60 1.51
CA TYR GA 80 -13.40 67.23 0.59
C TYR GA 80 -12.71 67.45 -0.75
N ARG GA 81 -13.41 67.14 -1.82
CA ARG GA 81 -12.89 67.35 -3.17
C ARG GA 81 -13.14 68.78 -3.63
N LEU GA 82 -12.13 69.38 -4.25
CA LEU GA 82 -12.29 70.74 -4.74
C LEU GA 82 -13.00 70.74 -6.08
N PRO GA 83 -13.97 71.64 -6.28
CA PRO GA 83 -14.71 71.66 -7.53
C PRO GA 83 -13.90 72.27 -8.67
N THR GA 84 -14.01 71.65 -9.84
CA THR GA 84 -13.35 72.19 -11.02
C THR GA 84 -14.05 73.44 -11.52
N GLN GA 85 -15.36 73.53 -11.34
CA GLN GA 85 -16.17 74.68 -11.72
C GLN GA 85 -17.10 75.04 -10.58
N PRO GA 86 -17.52 76.30 -10.49
CA PRO GA 86 -18.48 76.68 -9.44
C PRO GA 86 -19.81 75.97 -9.63
N ASP GA 87 -20.47 75.68 -8.51
CA ASP GA 87 -21.77 75.03 -8.58
C ASP GA 87 -22.81 75.96 -9.16
N THR GA 88 -23.88 75.35 -9.70
CA THR GA 88 -24.90 76.12 -10.41
C THR GA 88 -25.73 76.98 -9.46
N GLY GA 89 -25.63 76.73 -8.16
CA GLY GA 89 -26.34 77.54 -7.18
C GLY GA 89 -26.92 76.74 -6.04
N ASP GA 90 -27.07 75.43 -6.25
CA ASP GA 90 -27.63 74.57 -5.21
C ASP GA 90 -26.68 74.45 -4.03
N GLY GA 91 -25.38 74.39 -4.29
CA GLY GA 91 -24.40 74.23 -3.23
C GLY GA 91 -23.75 72.87 -3.29
N ASN GA 92 -24.04 72.12 -4.36
CA ASN GA 92 -23.56 70.77 -4.54
C ASN GA 92 -22.31 70.79 -5.41
N THR GA 93 -21.25 70.14 -4.93
CA THR GA 93 -19.97 70.11 -5.61
C THR GA 93 -19.63 68.72 -6.13
N VAL GA 94 -20.65 67.92 -6.45
CA VAL GA 94 -20.43 66.58 -6.99
C VAL GA 94 -20.35 66.67 -8.50
N ASP GA 95 -19.19 66.29 -9.05
CA ASP GA 95 -18.97 66.23 -10.49
C ASP GA 95 -19.23 64.78 -10.90
N LEU GA 96 -20.38 64.54 -11.54
CA LEU GA 96 -20.84 63.17 -11.76
C LEU GA 96 -19.93 62.40 -12.71
N ASP GA 97 -19.40 63.06 -13.74
CA ASP GA 97 -18.54 62.36 -14.69
C ASP GA 97 -17.21 61.96 -14.05
N LEU GA 98 -16.73 62.75 -13.08
CA LEU GA 98 -15.53 62.36 -12.35
C LEU GA 98 -15.80 61.15 -11.46
N GLU GA 99 -16.99 61.10 -10.84
CA GLU GA 99 -17.32 59.98 -9.97
C GLU GA 99 -17.38 58.67 -10.75
N ARG GA 100 -17.94 58.71 -11.96
CA ARG GA 100 -17.98 57.50 -12.78
C ARG GA 100 -16.58 57.03 -13.14
N ASN GA 101 -15.70 57.96 -13.50
CA ASN GA 101 -14.34 57.59 -13.84
C ASN GA 101 -13.59 57.02 -12.64
N LEU GA 102 -13.79 57.62 -11.46
CA LEU GA 102 -13.11 57.11 -10.26
C LEU GA 102 -13.68 55.78 -9.82
N PHE GA 103 -15.00 55.59 -9.94
CA PHE GA 103 -15.60 54.31 -9.58
C PHE GA 103 -15.13 53.21 -10.51
N MET GA 104 -14.99 53.51 -11.80
CA MET GA 104 -14.54 52.51 -12.75
C MET GA 104 -13.11 52.05 -12.44
N GLN GA 105 -12.22 53.00 -12.16
CA GLN GA 105 -10.84 52.64 -11.82
C GLN GA 105 -10.77 51.87 -10.52
N ASN GA 106 -11.55 52.29 -9.52
CA ASN GA 106 -11.53 51.62 -8.23
C ASN GA 106 -12.02 50.18 -8.35
N GLN GA 107 -12.99 49.94 -9.23
CA GLN GA 107 -13.51 48.58 -9.42
C GLN GA 107 -12.47 47.69 -10.11
N ILE GA 108 -11.69 48.27 -11.04
CA ILE GA 108 -10.67 47.49 -11.72
C ILE GA 108 -9.57 47.08 -10.74
N ARG GA 109 -9.08 48.05 -9.95
CA ARG GA 109 -8.01 47.75 -9.01
C ARG GA 109 -8.48 46.87 -7.86
N HIS GA 110 -9.78 46.95 -7.51
CA HIS GA 110 -10.33 46.06 -6.50
C HIS GA 110 -10.28 44.61 -6.97
N GLN GA 111 -10.59 44.37 -8.24
CA GLN GA 111 -10.49 43.02 -8.78
C GLN GA 111 -9.06 42.53 -8.80
N ALA GA 112 -8.11 43.41 -9.11
CA ALA GA 112 -6.70 43.05 -9.05
C ALA GA 112 -6.27 42.73 -7.61
N SER GA 113 -6.77 43.50 -6.65
CA SER GA 113 -6.44 43.25 -5.25
C SER GA 113 -6.98 41.88 -4.81
N LEU GA 114 -8.20 41.54 -5.24
CA LEU GA 114 -8.73 40.21 -4.97
C LEU GA 114 -7.89 39.13 -5.65
N ASP GA 115 -7.43 39.40 -6.87
CA ASP GA 115 -6.61 38.43 -7.58
C ASP GA 115 -5.29 38.18 -6.85
N PHE GA 116 -4.65 39.25 -6.38
CA PHE GA 116 -3.39 39.10 -5.65
C PHE GA 116 -3.59 38.41 -4.32
N LEU GA 117 -4.57 38.88 -3.54
CA LEU GA 117 -4.81 38.31 -2.22
C LEU GA 117 -5.28 36.85 -2.30
N GLY GA 118 -6.15 36.56 -3.27
CA GLY GA 118 -6.63 35.20 -3.43
C GLY GA 118 -5.52 34.25 -3.82
N SER GA 119 -4.61 34.70 -4.68
CA SER GA 119 -3.49 33.85 -5.09
C SER GA 119 -2.52 33.60 -3.93
N LYS GA 120 -2.47 34.50 -2.96
CA LYS GA 120 -1.62 34.27 -1.80
C LYS GA 120 -2.05 33.03 -1.02
N PHE GA 121 -3.36 32.86 -0.82
CA PHE GA 121 -3.86 31.68 -0.13
C PHE GA 121 -3.64 30.42 -0.95
N LYS GA 122 -3.88 30.49 -2.26
CA LYS GA 122 -3.74 29.31 -3.10
C LYS GA 122 -2.30 28.83 -3.17
N ASN GA 123 -1.34 29.76 -3.29
CA ASN GA 123 0.06 29.37 -3.23
C ASN GA 123 0.45 28.91 -1.82
N LEU GA 124 -0.19 29.46 -0.80
CA LEU GA 124 0.06 29.02 0.57
C LEU GA 124 -0.46 27.60 0.78
N THR GA 125 -1.64 27.29 0.23
CA THR GA 125 -2.18 25.94 0.34
C THR GA 125 -1.33 24.93 -0.42
N LYS GA 126 -0.80 25.34 -1.58
CA LYS GA 126 0.01 24.42 -2.38
C LYS GA 126 1.28 24.01 -1.63
N ALA GA 127 1.87 24.94 -0.87
CA ALA GA 127 3.07 24.63 -0.12
C ALA GA 127 2.80 23.65 1.02
N ILE GA 128 1.73 23.89 1.78
CA ILE GA 128 1.43 23.02 2.92
C ILE GA 128 0.92 21.65 2.48
N LYS GA 129 0.48 21.52 1.22
CA LYS GA 129 -0.05 20.26 0.73
C LYS GA 129 0.92 19.54 -0.19
N GLY GA 130 1.84 20.25 -0.82
CA GLY GA 130 2.87 19.62 -1.63
C GLY GA 130 2.45 19.27 -3.04
N GLU GA 131 1.26 19.66 -3.47
CA GLU GA 131 0.80 19.40 -4.84
C GLU GA 131 -0.39 20.28 -5.21
N ALA HA 2 -20.66 17.99 22.35
CA ALA HA 2 -20.38 18.62 21.07
C ALA HA 2 -20.40 17.59 19.94
N ILE HA 3 -19.75 17.93 18.83
CA ILE HA 3 -19.78 17.11 17.61
C ILE HA 3 -21.22 16.76 17.27
N SER HA 4 -22.04 17.78 17.05
CA SER HA 4 -23.41 17.61 16.57
C SER HA 4 -23.62 18.48 15.35
N PHE HA 5 -24.56 18.06 14.52
CA PHE HA 5 -24.82 18.81 13.27
C PHE HA 5 -25.34 20.19 13.66
N ASP HA 6 -26.07 20.33 14.76
CA ASP HA 6 -26.46 21.69 15.19
C ASP HA 6 -25.19 22.49 15.46
N ASN HA 7 -24.37 22.05 16.40
CA ASN HA 7 -23.13 22.77 16.77
C ASN HA 7 -22.20 22.86 15.55
N ALA HA 8 -22.35 21.96 14.58
CA ALA HA 8 -21.40 21.94 13.45
C ALA HA 8 -21.79 22.95 12.38
N LEU HA 9 -23.09 23.15 12.15
CA LEU HA 9 -23.52 24.04 11.04
C LEU HA 9 -23.95 25.40 11.61
N GLY HA 10 -24.35 25.44 12.87
CA GLY HA 10 -24.76 26.74 13.38
C GLY HA 10 -26.07 27.18 12.77
N ILE HA 11 -26.22 28.50 12.62
CA ILE HA 11 -27.43 29.08 12.05
C ILE HA 11 -27.45 29.00 10.53
N HIS HA 12 -26.38 28.51 9.89
CA HIS HA 12 -26.32 28.46 8.44
C HIS HA 12 -27.32 27.47 7.86
N GLN HA 13 -27.67 26.41 8.60
CA GLN HA 13 -28.66 25.45 8.12
C GLN HA 13 -30.07 26.02 8.13
N HIS HA 14 -30.30 27.11 8.86
CA HIS HA 14 -31.62 27.73 8.93
C HIS HA 14 -31.74 28.99 8.08
N THR HA 15 -30.64 29.70 7.87
CA THR HA 15 -30.69 30.93 7.08
C THR HA 15 -31.04 30.64 5.62
N VAL HA 16 -30.66 29.47 5.11
CA VAL HA 16 -30.96 29.12 3.72
C VAL HA 16 -32.46 29.05 3.52
N GLY HA 17 -33.18 28.41 4.44
CA GLY HA 17 -34.62 28.31 4.30
C GLY HA 17 -35.32 29.65 4.43
N VAL HA 18 -34.85 30.49 5.34
CA VAL HA 18 -35.49 31.79 5.56
C VAL HA 18 -35.36 32.67 4.31
N ARG HA 19 -34.17 32.70 3.71
CA ARG HA 19 -33.97 33.53 2.53
C ARG HA 19 -34.69 32.97 1.32
N GLU HA 20 -34.91 31.64 1.28
CA GLU HA 20 -35.78 31.08 0.26
C GLU HA 20 -37.23 31.55 0.46
N ARG HA 21 -37.68 31.59 1.72
CA ARG HA 21 -39.01 32.14 2.00
C ARG HA 21 -39.07 33.61 1.63
N ASN HA 22 -38.01 34.36 1.94
CA ASN HA 22 -38.00 35.79 1.62
C ASN HA 22 -38.06 36.00 0.11
N ALA HA 23 -37.35 35.18 -0.65
CA ALA HA 23 -37.41 35.28 -2.11
C ALA HA 23 -38.82 34.99 -2.61
N GLU HA 24 -39.52 34.03 -1.99
CA GLU HA 24 -40.89 33.73 -2.38
C GLU HA 24 -41.81 34.92 -2.08
N VAL HA 25 -41.63 35.57 -0.94
CA VAL HA 25 -42.46 36.71 -0.59
C VAL HA 25 -42.15 37.90 -1.50
N ILE HA 26 -40.87 38.12 -1.81
CA ILE HA 26 -40.52 39.22 -2.71
C ILE HA 26 -41.00 38.94 -4.12
N SER HA 27 -40.93 37.67 -4.56
CA SER HA 27 -41.32 37.33 -5.91
C SER HA 27 -42.81 37.55 -6.13
N THR HA 28 -43.64 37.19 -5.15
CA THR HA 28 -45.08 37.37 -5.32
C THR HA 28 -45.48 38.84 -5.25
N ASN HA 29 -44.67 39.67 -4.61
CA ASN HA 29 -44.91 41.11 -4.65
C ASN HA 29 -44.73 41.65 -6.07
N ILE HA 30 -43.71 41.17 -6.77
CA ILE HA 30 -43.48 41.61 -8.15
C ILE HA 30 -44.60 41.13 -9.06
N ALA HA 31 -45.03 39.88 -8.90
CA ALA HA 31 -46.08 39.33 -9.74
C ALA HA 31 -47.41 40.04 -9.49
N GLN HA 32 -47.73 40.31 -8.23
CA GLN HA 32 -48.98 40.96 -7.86
C GLN HA 32 -48.89 42.48 -7.90
N ALA HA 33 -47.88 43.03 -8.58
CA ALA HA 33 -47.73 44.47 -8.65
C ALA HA 33 -48.90 45.13 -9.37
N ASN HA 34 -49.36 44.51 -10.47
CA ASN HA 34 -50.46 45.07 -11.25
C ASN HA 34 -51.83 44.70 -10.69
N THR HA 35 -51.91 43.77 -9.75
CA THR HA 35 -53.20 43.41 -9.17
C THR HA 35 -53.69 44.53 -8.27
N PRO HA 36 -54.84 45.14 -8.56
CA PRO HA 36 -55.32 46.23 -7.71
C PRO HA 36 -55.77 45.75 -6.35
N GLY HA 37 -55.55 46.59 -5.34
CA GLY HA 37 -55.98 46.29 -3.99
C GLY HA 37 -55.07 45.36 -3.23
N TYR HA 38 -53.97 44.92 -3.82
CA TYR HA 38 -53.03 44.02 -3.15
C TYR HA 38 -52.00 44.83 -2.39
N LYS HA 39 -51.85 44.54 -1.10
CA LYS HA 39 -50.93 45.26 -0.23
C LYS HA 39 -49.61 44.51 -0.19
N ALA HA 40 -48.52 45.22 -0.44
CA ALA HA 40 -47.20 44.62 -0.45
C ALA HA 40 -46.90 43.98 0.89
N ARG HA 41 -46.35 42.77 0.86
CA ARG HA 41 -46.12 41.97 2.06
C ARG HA 41 -44.62 41.87 2.32
N GLY HA 42 -44.24 42.10 3.58
CA GLY HA 42 -42.84 42.00 3.95
C GLY HA 42 -42.59 40.88 4.92
N LEU HA 43 -41.32 40.50 5.08
CA LEU HA 43 -40.94 39.44 6.00
C LEU HA 43 -39.86 39.97 6.95
N ASP HA 44 -40.01 39.64 8.24
CA ASP HA 44 -39.06 40.07 9.25
C ASP HA 44 -38.02 38.98 9.43
N PHE HA 45 -36.78 39.27 8.98
CA PHE HA 45 -35.74 38.25 8.97
C PHE HA 45 -35.36 37.82 10.39
N ALA HA 46 -35.24 38.78 11.30
CA ALA HA 46 -34.83 38.46 12.66
C ALA HA 46 -35.87 37.58 13.35
N LYS HA 47 -37.15 37.87 13.15
CA LYS HA 47 -38.21 37.08 13.78
C LYS HA 47 -38.30 35.69 13.16
N GLU HA 48 -38.22 35.61 11.83
CA GLU HA 48 -38.32 34.31 11.16
C GLU HA 48 -37.12 33.43 11.46
N LEU HA 49 -35.92 34.03 11.52
CA LEU HA 49 -34.73 33.25 11.86
C LEU HA 49 -34.81 32.71 13.28
N GLN HA 50 -35.33 33.52 14.21
CA GLN HA 50 -35.50 33.05 15.59
C GLN HA 50 -36.49 31.90 15.66
N ALA HA 51 -37.60 31.98 14.91
CA ALA HA 51 -38.58 30.92 14.93
C ALA HA 51 -38.00 29.61 14.41
N ALA HA 52 -37.23 29.68 13.32
CA ALA HA 52 -36.65 28.47 12.76
C ALA HA 52 -35.58 27.88 13.67
N THR HA 53 -34.79 28.75 14.31
CA THR HA 53 -33.72 28.26 15.20
C THR HA 53 -34.29 27.51 16.40
N SER HA 54 -35.39 27.98 16.96
CA SER HA 54 -36.06 27.35 18.11
C SER HA 54 -37.45 26.92 17.64
N GLY HA 55 -37.54 25.71 17.11
CA GLY HA 55 -38.80 25.19 16.61
C GLY HA 55 -39.81 24.90 17.70
N LYS HA 78 -45.93 37.32 8.53
CA LYS HA 78 -45.63 38.25 7.45
C LYS HA 78 -46.33 39.59 7.68
N LEU HA 79 -45.59 40.67 7.52
CA LEU HA 79 -46.07 42.02 7.79
C LEU HA 79 -46.29 42.77 6.48
N TYR HA 80 -46.88 43.95 6.61
CA TYR HA 80 -47.20 44.79 5.47
C TYR HA 80 -46.18 45.91 5.33
N ARG HA 81 -45.95 46.32 4.08
CA ARG HA 81 -44.91 47.29 3.75
C ARG HA 81 -45.57 48.65 3.55
N LEU HA 82 -45.13 49.64 4.32
CA LEU HA 82 -45.71 50.97 4.25
C LEU HA 82 -45.27 51.66 2.96
N PRO HA 83 -46.18 52.26 2.20
CA PRO HA 83 -45.80 52.85 0.91
C PRO HA 83 -45.05 54.16 1.07
N THR HA 84 -44.12 54.41 0.16
CA THR HA 84 -43.41 55.69 0.14
C THR HA 84 -44.30 56.78 -0.44
N GLN HA 85 -45.11 56.44 -1.44
CA GLN HA 85 -46.04 57.36 -2.07
C GLN HA 85 -47.42 56.74 -2.11
N PRO HA 86 -48.47 57.55 -2.10
CA PRO HA 86 -49.82 57.00 -2.20
C PRO HA 86 -50.05 56.34 -3.54
N ASP HA 87 -50.86 55.28 -3.53
CA ASP HA 87 -51.19 54.60 -4.76
C ASP HA 87 -52.05 55.50 -5.65
N THR HA 88 -52.08 55.16 -6.94
CA THR HA 88 -52.75 55.97 -7.94
C THR HA 88 -54.25 55.68 -8.03
N GLY HA 89 -54.77 54.77 -7.21
CA GLY HA 89 -56.21 54.55 -7.19
C GLY HA 89 -56.61 53.09 -7.23
N ASP HA 90 -55.63 52.20 -7.40
CA ASP HA 90 -55.89 50.77 -7.46
C ASP HA 90 -55.74 50.08 -6.10
N GLY HA 91 -55.34 50.81 -5.06
CA GLY HA 91 -55.16 50.21 -3.76
C GLY HA 91 -53.93 49.33 -3.64
N ASN HA 92 -53.00 49.41 -4.58
CA ASN HA 92 -51.81 48.57 -4.61
C ASN HA 92 -50.62 49.35 -4.08
N THR HA 93 -49.93 48.78 -3.09
CA THR HA 93 -48.81 49.45 -2.43
C THR HA 93 -47.49 48.77 -2.76
N VAL HA 94 -47.36 48.22 -3.97
CA VAL HA 94 -46.14 47.53 -4.39
C VAL HA 94 -45.29 48.50 -5.19
N ASP HA 95 -44.10 48.80 -4.68
CA ASP HA 95 -43.11 49.63 -5.38
C ASP HA 95 -42.10 48.66 -6.02
N LEU HA 96 -42.15 48.55 -7.35
CA LEU HA 96 -41.35 47.55 -8.03
C LEU HA 96 -39.86 47.87 -7.95
N ASP HA 97 -39.51 49.16 -7.83
CA ASP HA 97 -38.10 49.51 -7.65
C ASP HA 97 -37.56 48.96 -6.33
N LEU HA 98 -38.39 48.99 -5.28
CA LEU HA 98 -37.97 48.42 -4.01
C LEU HA 98 -37.94 46.89 -4.07
N GLU HA 99 -38.91 46.29 -4.76
CA GLU HA 99 -38.95 44.84 -4.85
C GLU HA 99 -37.77 44.28 -5.64
N ARG HA 100 -37.39 44.97 -6.73
CA ARG HA 100 -36.22 44.54 -7.48
C ARG HA 100 -34.95 44.64 -6.64
N ASN HA 101 -34.81 45.74 -5.90
CA ASN HA 101 -33.60 45.95 -5.11
C ASN HA 101 -33.47 44.91 -4.00
N LEU HA 102 -34.58 44.59 -3.34
CA LEU HA 102 -34.53 43.61 -2.26
C LEU HA 102 -34.33 42.20 -2.78
N PHE HA 103 -34.77 41.92 -4.01
CA PHE HA 103 -34.63 40.57 -4.55
C PHE HA 103 -33.17 40.23 -4.82
N MET HA 104 -32.41 41.17 -5.39
CA MET HA 104 -31.01 40.91 -5.70
C MET HA 104 -30.16 40.83 -4.43
N GLN HA 105 -30.49 41.64 -3.41
CA GLN HA 105 -29.76 41.54 -2.15
C GLN HA 105 -29.99 40.19 -1.49
N ASN HA 106 -31.23 39.69 -1.53
CA ASN HA 106 -31.53 38.38 -0.97
C ASN HA 106 -30.80 37.29 -1.75
N GLN HA 107 -30.73 37.41 -3.07
CA GLN HA 107 -30.06 36.40 -3.88
C GLN HA 107 -28.57 36.33 -3.57
N ILE HA 108 -27.92 37.49 -3.39
CA ILE HA 108 -26.51 37.48 -3.02
C ILE HA 108 -26.31 36.87 -1.64
N ARG HA 109 -27.16 37.24 -0.69
CA ARG HA 109 -27.06 36.66 0.64
C ARG HA 109 -27.41 35.18 0.66
N HIS HA 110 -28.36 34.76 -0.19
CA HIS HA 110 -28.68 33.34 -0.30
C HIS HA 110 -27.50 32.56 -0.84
N GLN HA 111 -26.82 33.09 -1.86
CA GLN HA 111 -25.64 32.43 -2.39
C GLN HA 111 -24.52 32.38 -1.36
N ALA HA 112 -24.31 33.49 -0.64
CA ALA HA 112 -23.30 33.51 0.41
C ALA HA 112 -23.64 32.54 1.52
N SER HA 113 -24.93 32.39 1.83
CA SER HA 113 -25.35 31.43 2.86
C SER HA 113 -25.02 30.00 2.45
N LEU HA 114 -25.22 29.67 1.17
CA LEU HA 114 -24.89 28.33 0.68
C LEU HA 114 -23.38 28.09 0.73
N ASP HA 115 -22.58 29.12 0.45
CA ASP HA 115 -21.13 28.98 0.58
C ASP HA 115 -20.73 28.70 2.01
N PHE HA 116 -21.34 29.40 2.96
CA PHE HA 116 -21.03 29.16 4.37
C PHE HA 116 -21.48 27.77 4.81
N LEU HA 117 -22.72 27.40 4.49
CA LEU HA 117 -23.23 26.10 4.89
C LEU HA 117 -22.52 24.97 4.15
N GLY HA 118 -22.22 25.17 2.87
CA GLY HA 118 -21.57 24.12 2.10
C GLY HA 118 -20.18 23.79 2.63
N SER HA 119 -19.42 24.81 3.01
CA SER HA 119 -18.07 24.58 3.52
C SER HA 119 -18.08 23.98 4.92
N LYS HA 120 -19.18 24.14 5.67
CA LYS HA 120 -19.28 23.47 6.96
C LYS HA 120 -19.25 21.95 6.78
N PHE HA 121 -19.97 21.44 5.78
CA PHE HA 121 -19.93 20.01 5.49
C PHE HA 121 -18.57 19.59 4.95
N LYS HA 122 -17.98 20.39 4.06
CA LYS HA 122 -16.70 20.01 3.47
C LYS HA 122 -15.58 20.00 4.51
N ASN HA 123 -15.57 20.99 5.41
CA ASN HA 123 -14.60 20.96 6.50
C ASN HA 123 -14.88 19.79 7.45
N LEU HA 124 -16.16 19.49 7.68
CA LEU HA 124 -16.51 18.35 8.51
C LEU HA 124 -16.06 17.04 7.86
N THR HA 125 -16.21 16.94 6.55
CA THR HA 125 -15.75 15.75 5.83
C THR HA 125 -14.22 15.68 5.82
N LYS HA 126 -13.55 16.83 5.76
CA LYS HA 126 -12.10 16.84 5.79
C LYS HA 126 -11.55 16.29 7.10
N ALA HA 127 -12.19 16.63 8.22
CA ALA HA 127 -11.71 16.18 9.52
C ALA HA 127 -11.89 14.67 9.68
N ILE HA 128 -13.06 14.15 9.29
CA ILE HA 128 -13.33 12.73 9.49
C ILE HA 128 -12.46 11.85 8.61
N LYS HA 129 -12.10 12.31 7.41
CA LYS HA 129 -11.28 11.54 6.49
C LYS HA 129 -9.80 11.85 6.60
N GLY HA 130 -9.42 12.94 7.27
CA GLY HA 130 -8.04 13.29 7.40
C GLY HA 130 -7.37 13.76 6.13
N GLU HA 131 -8.15 14.17 5.13
CA GLU HA 131 -7.60 14.58 3.85
C GLU HA 131 -8.40 15.74 3.26
N SER IA 2 -33.01 7.62 -31.25
CA SER IA 2 -33.22 6.93 -29.98
C SER IA 2 -32.57 7.70 -28.83
N LEU IA 3 -31.27 7.94 -28.92
CA LEU IA 3 -30.55 8.72 -27.93
C LEU IA 3 -30.66 10.21 -28.18
N PHE IA 4 -31.19 10.63 -29.33
CA PHE IA 4 -31.26 12.03 -29.71
C PHE IA 4 -32.61 12.40 -30.29
N ASN IA 5 -33.69 11.92 -29.68
CA ASN IA 5 -35.04 12.18 -30.19
C ASN IA 5 -35.36 13.67 -30.24
N VAL IA 6 -34.92 14.42 -29.24
CA VAL IA 6 -35.20 15.86 -29.21
C VAL IA 6 -34.51 16.56 -30.38
N PHE IA 7 -33.29 16.12 -30.71
CA PHE IA 7 -32.57 16.73 -31.83
C PHE IA 7 -33.30 16.54 -33.15
N ASN IA 8 -33.90 15.35 -33.36
CA ASN IA 8 -34.60 15.10 -34.61
C ASN IA 8 -35.85 15.99 -34.75
N VAL IA 9 -36.46 16.36 -33.63
CA VAL IA 9 -37.67 17.18 -33.65
C VAL IA 9 -37.29 18.65 -33.76
N THR IA 10 -36.38 19.11 -32.89
CA THR IA 10 -35.92 20.49 -32.97
C THR IA 10 -35.25 20.75 -34.31
N GLY IA 11 -34.40 19.82 -34.76
CA GLY IA 11 -33.77 19.98 -36.07
C GLY IA 11 -34.77 20.02 -37.20
N SER IA 12 -35.83 19.22 -37.11
CA SER IA 12 -36.87 19.25 -38.14
C SER IA 12 -37.56 20.60 -38.16
N ALA IA 13 -37.80 21.19 -36.99
CA ALA IA 13 -38.37 22.53 -36.94
C ALA IA 13 -37.44 23.55 -37.59
N MET IA 14 -36.13 23.43 -37.34
CA MET IA 14 -35.18 24.34 -37.96
C MET IA 14 -35.24 24.25 -39.48
N SER IA 15 -35.33 23.03 -40.02
CA SER IA 15 -35.47 22.87 -41.45
C SER IA 15 -36.85 23.34 -41.93
N ALA IA 16 -37.88 23.12 -41.12
CA ALA IA 16 -39.22 23.54 -41.50
C ALA IA 16 -39.35 25.07 -41.50
N GLU IA 17 -38.89 25.72 -40.44
CA GLU IA 17 -38.96 27.17 -40.37
C GLU IA 17 -38.03 27.85 -41.36
N SER IA 18 -36.96 27.16 -41.78
CA SER IA 18 -36.07 27.72 -42.80
C SER IA 18 -36.79 27.84 -44.14
N VAL IA 19 -37.60 26.83 -44.48
CA VAL IA 19 -38.32 26.86 -45.75
C VAL IA 19 -39.33 28.01 -45.76
N ARG IA 20 -39.98 28.25 -44.63
CA ARG IA 20 -40.97 29.33 -44.57
C ARG IA 20 -40.31 30.70 -44.76
N LEU IA 21 -39.07 30.86 -44.32
CA LEU IA 21 -38.37 32.13 -44.54
C LEU IA 21 -37.95 32.28 -46.00
N ASN IA 22 -37.52 31.19 -46.63
CA ASN IA 22 -37.20 31.23 -48.05
C ASN IA 22 -38.43 31.57 -48.87
N THR IA 23 -39.58 31.01 -48.50
CA THR IA 23 -40.83 31.32 -49.20
C THR IA 23 -41.21 32.79 -49.00
N THR IA 24 -41.02 33.32 -47.80
CA THR IA 24 -41.31 34.73 -47.55
C THR IA 24 -40.41 35.64 -48.38
N SER IA 25 -39.12 35.27 -48.49
CA SER IA 25 -38.19 36.08 -49.26
C SER IA 25 -38.59 36.12 -50.74
N SER IA 26 -39.03 34.98 -51.27
CA SER IA 26 -39.45 34.94 -52.66
C SER IA 26 -40.71 35.76 -52.88
N ASN IA 27 -41.64 35.75 -51.92
CA ASN IA 27 -42.88 36.53 -52.06
C ASN IA 27 -42.60 38.03 -52.07
N LEU IA 28 -41.68 38.49 -51.21
CA LEU IA 28 -41.36 39.91 -51.18
C LEU IA 28 -40.51 40.34 -52.37
N ALA IA 29 -39.62 39.47 -52.84
CA ALA IA 29 -38.79 39.79 -54.00
C ALA IA 29 -39.57 39.74 -55.30
N ASN IA 30 -40.75 39.10 -55.32
CA ASN IA 30 -41.56 38.99 -56.51
C ASN IA 30 -42.93 39.63 -56.32
N ALA IA 31 -43.01 40.62 -55.44
CA ALA IA 31 -44.27 41.34 -55.21
C ALA IA 31 -44.61 42.29 -56.35
N ASP IA 32 -43.63 42.66 -57.19
CA ASP IA 32 -43.85 43.59 -58.29
C ASP IA 32 -43.44 42.97 -59.63
N SER IA 33 -43.36 41.65 -59.71
CA SER IA 33 -42.98 40.96 -60.94
C SER IA 33 -44.25 40.67 -61.74
N VAL IA 34 -44.54 41.55 -62.70
CA VAL IA 34 -45.74 41.38 -63.51
C VAL IA 34 -45.62 40.16 -64.43
N SER IA 35 -44.40 39.83 -64.85
CA SER IA 35 -44.15 38.76 -65.81
C SER IA 35 -45.03 38.93 -67.05
N SER IA 36 -45.52 37.82 -67.60
CA SER IA 36 -46.32 37.85 -68.82
C SER IA 36 -47.60 37.07 -68.63
N SER IA 37 -48.54 37.30 -69.54
CA SER IA 37 -49.84 36.63 -69.59
C SER IA 37 -50.62 36.98 -68.32
N ALA IA 38 -51.55 36.12 -67.91
CA ALA IA 38 -52.31 36.34 -66.68
C ALA IA 38 -52.42 35.08 -65.83
N LYS IA 39 -51.90 33.95 -66.29
CA LYS IA 39 -51.87 32.73 -65.50
C LYS IA 39 -50.47 32.28 -65.13
N ASP IA 40 -49.45 32.75 -65.84
CA ASP IA 40 -48.05 32.54 -65.47
C ASP IA 40 -47.56 33.58 -64.48
N THR IA 41 -48.41 34.54 -64.10
CA THR IA 41 -48.02 35.55 -63.14
C THR IA 41 -47.69 34.93 -61.79
N TYR IA 42 -46.67 35.46 -61.14
CA TYR IA 42 -46.26 34.94 -59.83
C TYR IA 42 -47.39 35.07 -58.83
N LYS IA 43 -47.50 34.07 -57.96
CA LYS IA 43 -48.48 34.07 -56.88
C LYS IA 43 -47.77 33.73 -55.58
N ALA IA 44 -48.25 34.33 -54.49
CA ALA IA 44 -47.62 34.13 -53.19
C ALA IA 44 -47.64 32.65 -52.81
N ARG IA 45 -46.47 32.12 -52.49
CA ARG IA 45 -46.32 30.73 -52.11
C ARG IA 45 -46.20 30.62 -50.59
N HIS IA 46 -46.66 29.49 -50.05
CA HIS IA 46 -46.63 29.26 -48.62
C HIS IA 46 -46.39 27.78 -48.36
N ALA IA 47 -45.47 27.48 -47.45
CA ALA IA 47 -45.21 26.10 -47.06
C ALA IA 47 -46.33 25.57 -46.20
N VAL IA 48 -46.52 24.25 -46.20
CA VAL IA 48 -47.51 23.60 -45.37
C VAL IA 48 -46.80 22.70 -44.38
N PHE IA 49 -46.98 22.95 -43.09
CA PHE IA 49 -46.42 22.11 -42.05
C PHE IA 49 -47.35 20.95 -41.75
N GLY IA 50 -46.77 19.84 -41.31
CA GLY IA 50 -47.56 18.66 -41.02
C GLY IA 50 -46.98 17.90 -39.84
N ALA IA 51 -47.85 17.21 -39.13
CA ALA IA 51 -47.45 16.41 -37.96
C ALA IA 51 -48.21 15.10 -37.99
N GLU IA 52 -47.49 13.99 -38.13
CA GLU IA 52 -48.09 12.67 -38.19
C GLU IA 52 -48.07 12.07 -36.78
N LEU IA 53 -49.23 12.04 -36.14
CA LEU IA 53 -49.37 11.50 -34.78
C LEU IA 53 -50.01 10.12 -34.89
N SER IA 54 -49.18 9.11 -35.14
CA SER IA 54 -49.65 7.74 -35.28
C SER IA 54 -49.84 7.09 -33.91
N ASP IA 61 -44.41 10.02 -27.39
CA ASP IA 61 -43.00 10.34 -27.60
C ASP IA 61 -42.84 11.69 -28.32
N THR IA 62 -42.36 11.64 -29.56
CA THR IA 62 -42.07 12.84 -30.33
C THR IA 62 -42.76 12.80 -31.69
N VAL IA 63 -43.29 13.93 -32.11
CA VAL IA 63 -43.96 14.07 -33.39
C VAL IA 63 -43.19 15.08 -34.23
N PRO IA 64 -42.41 14.63 -35.21
CA PRO IA 64 -41.65 15.57 -36.05
C PRO IA 64 -42.56 16.41 -36.92
N VAL IA 65 -42.03 17.56 -37.33
CA VAL IA 65 -42.74 18.49 -38.22
C VAL IA 65 -42.15 18.34 -39.61
N LYS IA 66 -43.01 18.02 -40.58
CA LYS IA 66 -42.59 17.75 -41.95
C LYS IA 66 -43.29 18.72 -42.89
N VAL IA 67 -42.53 19.37 -43.76
CA VAL IA 67 -43.10 20.22 -44.78
C VAL IA 67 -43.67 19.37 -45.91
N MET IA 68 -44.94 19.59 -46.23
CA MET IA 68 -45.66 18.78 -47.22
C MET IA 68 -45.80 19.48 -48.56
N GLY IA 69 -44.88 20.36 -48.90
CA GLY IA 69 -44.92 21.00 -50.20
C GLY IA 69 -45.32 22.46 -50.12
N ILE IA 70 -44.99 23.20 -51.17
CA ILE IA 70 -45.33 24.62 -51.25
C ILE IA 70 -46.66 24.77 -51.97
N VAL IA 71 -47.54 25.60 -51.41
CA VAL IA 71 -48.89 25.81 -51.94
C VAL IA 71 -49.08 27.28 -52.25
N GLU IA 72 -49.61 27.57 -53.43
CA GLU IA 72 -49.87 28.94 -53.84
C GLU IA 72 -51.12 29.48 -53.15
N SER IA 73 -51.09 30.77 -52.84
CA SER IA 73 -52.23 31.42 -52.20
C SER IA 73 -53.43 31.48 -53.15
N ASP IA 74 -54.62 31.46 -52.56
CA ASP IA 74 -55.86 31.50 -53.31
C ASP IA 74 -56.40 32.92 -53.49
N LYS IA 75 -55.69 33.92 -52.98
CA LYS IA 75 -56.14 35.29 -53.12
C LYS IA 75 -56.15 35.70 -54.59
N PRO IA 76 -57.17 36.44 -55.04
CA PRO IA 76 -57.18 36.90 -56.43
C PRO IA 76 -56.02 37.85 -56.71
N LEU IA 77 -55.55 37.81 -57.96
CA LEU IA 77 -54.43 38.67 -58.35
C LEU IA 77 -54.82 40.14 -58.29
N SER IA 78 -53.84 40.97 -57.93
CA SER IA 78 -54.04 42.41 -57.83
C SER IA 78 -54.07 43.00 -59.24
N ALA IA 79 -55.22 43.50 -59.66
CA ALA IA 79 -55.35 44.09 -60.98
C ALA IA 79 -54.98 45.56 -60.96
N GLU IA 80 -54.30 46.00 -62.01
CA GLU IA 80 -53.91 47.40 -62.16
C GLU IA 80 -54.19 47.84 -63.58
N TYR IA 81 -54.73 49.05 -63.70
CA TYR IA 81 -55.04 49.65 -65.00
C TYR IA 81 -53.79 50.36 -65.50
N ASN IA 82 -53.25 49.89 -66.61
CA ASN IA 82 -52.02 50.44 -67.18
C ASN IA 82 -51.96 50.08 -68.66
N PRO IA 83 -52.71 50.80 -69.52
CA PRO IA 83 -52.66 50.56 -70.97
C PRO IA 83 -51.43 51.17 -71.63
N ASP IA 84 -50.30 51.04 -70.97
CA ASP IA 84 -48.99 51.48 -71.45
C ASP IA 84 -47.96 50.36 -71.42
N HIS IA 85 -48.03 49.49 -70.43
CA HIS IA 85 -47.15 48.34 -70.37
C HIS IA 85 -47.41 47.44 -71.58
N PRO IA 86 -46.39 47.10 -72.37
CA PRO IA 86 -46.63 46.25 -73.55
C PRO IA 86 -47.17 44.88 -73.22
N LEU IA 87 -47.01 44.41 -71.97
CA LEU IA 87 -47.53 43.13 -71.55
C LEU IA 87 -48.92 43.25 -70.93
N ALA IA 88 -49.70 44.27 -71.30
CA ALA IA 88 -51.04 44.46 -70.78
C ALA IA 88 -52.02 43.62 -71.59
N ASN IA 89 -53.32 43.85 -71.38
CA ASN IA 89 -54.35 43.10 -72.07
C ASN IA 89 -55.32 44.03 -72.80
N GLU IA 90 -56.44 43.48 -73.26
CA GLU IA 90 -57.39 44.26 -74.06
C GLU IA 90 -57.86 45.51 -73.32
N GLU IA 91 -58.17 45.38 -72.04
CA GLU IA 91 -58.69 46.48 -71.25
C GLU IA 91 -57.58 47.28 -70.56
N GLY IA 92 -56.32 47.06 -70.94
CA GLY IA 92 -55.22 47.78 -70.33
C GLY IA 92 -54.98 47.44 -68.88
N TYR IA 93 -55.08 46.15 -68.52
CA TYR IA 93 -54.88 45.69 -67.16
C TYR IA 93 -53.67 44.78 -67.10
N ILE IA 94 -52.82 44.99 -66.10
CA ILE IA 94 -51.71 44.10 -65.81
C ILE IA 94 -51.98 43.48 -64.44
N TYR IA 95 -52.05 42.16 -64.39
CA TYR IA 95 -52.31 41.46 -63.13
C TYR IA 95 -51.00 41.22 -62.39
N LYS IA 96 -50.99 41.54 -61.11
CA LYS IA 96 -49.78 41.49 -60.29
C LYS IA 96 -49.92 40.43 -59.19
N PRO IA 97 -48.80 39.95 -58.65
CA PRO IA 97 -48.88 38.90 -57.63
C PRO IA 97 -49.68 39.33 -56.40
N ASN IA 98 -50.39 38.37 -55.82
CA ASN IA 98 -51.25 38.61 -54.67
C ASN IA 98 -50.45 38.51 -53.37
N VAL IA 99 -49.38 39.29 -53.30
CA VAL IA 99 -48.49 39.33 -52.14
C VAL IA 99 -48.88 40.51 -51.27
N ASN IA 100 -49.19 40.24 -50.01
CA ASN IA 100 -49.53 41.27 -49.03
C ASN IA 100 -48.33 41.51 -48.14
N VAL IA 101 -47.85 42.76 -48.11
CA VAL IA 101 -46.63 43.06 -47.38
C VAL IA 101 -46.81 42.83 -45.89
N MET IA 102 -47.97 43.19 -45.34
CA MET IA 102 -48.19 43.08 -43.91
C MET IA 102 -48.12 41.63 -43.45
N GLU IA 103 -48.68 40.70 -44.24
CA GLU IA 103 -48.62 39.29 -43.85
C GLU IA 103 -47.23 38.72 -44.05
N GLU IA 104 -46.44 39.28 -44.98
CA GLU IA 104 -45.07 38.82 -45.14
C GLU IA 104 -44.19 39.29 -43.98
N MET IA 105 -44.43 40.51 -43.49
CA MET IA 105 -43.68 40.99 -42.33
C MET IA 105 -43.98 40.16 -41.09
N ALA IA 106 -45.25 39.81 -40.88
CA ALA IA 106 -45.61 38.99 -39.74
C ALA IA 106 -44.99 37.59 -39.83
N ASN IA 107 -44.99 37.01 -41.03
CA ASN IA 107 -44.35 35.71 -41.21
C ASN IA 107 -42.86 35.79 -40.94
N MET IA 108 -42.22 36.89 -41.36
CA MET IA 108 -40.79 37.07 -41.08
C MET IA 108 -40.52 37.11 -39.58
N ILE IA 109 -41.37 37.83 -38.84
CA ILE IA 109 -41.22 37.88 -37.39
C ILE IA 109 -41.49 36.51 -36.77
N SER IA 110 -42.57 35.85 -37.20
CA SER IA 110 -42.93 34.56 -36.62
C SER IA 110 -41.90 33.49 -36.95
N ALA IA 111 -41.40 33.47 -38.19
CA ALA IA 111 -40.45 32.43 -38.59
C ALA IA 111 -39.12 32.59 -37.84
N SER IA 112 -38.62 33.82 -37.74
CA SER IA 112 -37.32 34.03 -37.10
C SER IA 112 -37.37 33.68 -35.62
N ARG IA 113 -38.41 34.12 -34.92
CA ARG IA 113 -38.49 33.86 -33.49
C ARG IA 113 -38.70 32.38 -33.20
N ALA IA 114 -39.59 31.73 -33.96
CA ALA IA 114 -39.82 30.30 -33.74
C ALA IA 114 -38.59 29.47 -34.10
N TYR IA 115 -37.86 29.89 -35.12
CA TYR IA 115 -36.63 29.19 -35.49
C TYR IA 115 -35.60 29.27 -34.37
N GLN IA 116 -35.43 30.45 -33.78
CA GLN IA 116 -34.45 30.62 -32.71
C GLN IA 116 -34.91 29.99 -31.41
N THR IA 117 -36.22 29.82 -31.21
CA THR IA 117 -36.71 29.14 -30.02
C THR IA 117 -36.29 27.67 -30.02
N ASN IA 118 -36.34 27.02 -31.19
CA ASN IA 118 -35.92 25.63 -31.27
C ASN IA 118 -34.42 25.48 -31.13
N VAL IA 119 -33.65 26.54 -31.41
CA VAL IA 119 -32.22 26.50 -31.15
C VAL IA 119 -31.97 26.35 -29.65
N GLN IA 120 -32.70 27.10 -28.83
CA GLN IA 120 -32.56 27.00 -27.39
C GLN IA 120 -32.91 25.62 -26.88
N VAL IA 121 -34.00 25.04 -27.38
CA VAL IA 121 -34.41 23.71 -26.95
C VAL IA 121 -33.38 22.67 -27.35
N ALA IA 122 -32.89 22.74 -28.59
CA ALA IA 122 -31.88 21.79 -29.04
C ALA IA 122 -30.57 21.98 -28.27
N ASP IA 123 -30.18 23.22 -28.01
CA ASP IA 123 -28.97 23.48 -27.24
C ASP IA 123 -29.11 23.00 -25.81
N SER IA 124 -30.28 23.22 -25.19
CA SER IA 124 -30.50 22.75 -23.83
C SER IA 124 -30.65 21.24 -23.77
N SER IA 125 -31.13 20.62 -24.85
CA SER IA 125 -31.23 19.17 -24.88
C SER IA 125 -29.86 18.51 -24.81
N LYS IA 126 -28.86 19.11 -25.46
CA LYS IA 126 -27.50 18.58 -25.39
C LYS IA 126 -26.96 18.61 -23.97
N GLN IA 127 -27.28 19.68 -23.24
CA GLN IA 127 -26.80 19.79 -21.86
C GLN IA 127 -27.33 18.66 -21.00
N MET IA 128 -28.62 18.30 -21.19
CA MET IA 128 -29.18 17.19 -20.43
C MET IA 128 -28.47 15.88 -20.77
N LEU IA 129 -28.13 15.68 -22.05
CA LEU IA 129 -27.38 14.49 -22.44
C LEU IA 129 -25.99 14.50 -21.82
N LEU IA 130 -25.34 15.66 -21.78
CA LEU IA 130 -24.01 15.74 -21.18
C LEU IA 130 -24.05 15.46 -19.68
N ARG IA 131 -25.08 15.96 -19.01
CA ARG IA 131 -25.20 15.69 -17.57
C ARG IA 131 -25.50 14.23 -17.30
N THR IA 132 -26.19 13.54 -18.22
CA THR IA 132 -26.47 12.12 -18.03
C THR IA 132 -25.18 11.31 -18.00
N LEU IA 133 -24.20 11.69 -18.82
CA LEU IA 133 -22.92 10.99 -18.83
C LEU IA 133 -22.17 11.13 -17.52
N GLN IA 134 -22.50 12.14 -16.70
CA GLN IA 134 -21.85 12.36 -15.43
C GLN IA 134 -22.54 11.65 -14.27
N MET IA 135 -23.57 10.84 -14.56
CA MET IA 135 -24.24 10.08 -13.52
C MET IA 135 -23.27 9.10 -12.87
N GLY IA 136 -23.26 9.07 -11.54
CA GLY IA 136 -22.38 8.17 -10.81
C GLY IA 136 -20.95 8.63 -10.72
N GLN IA 137 -20.64 9.85 -11.11
CA GLN IA 137 -19.27 10.36 -11.06
C GLN IA 137 -19.16 11.56 -10.13
N SER JA 2 -5.14 37.67 -44.37
CA SER JA 2 -4.73 38.64 -43.37
C SER JA 2 -5.75 39.77 -43.26
N LEU JA 3 -6.65 39.67 -42.28
CA LEU JA 3 -7.65 40.71 -42.08
C LEU JA 3 -7.06 42.02 -41.56
N PHE JA 4 -5.81 42.02 -41.12
CA PHE JA 4 -5.17 43.29 -40.75
C PHE JA 4 -4.89 44.12 -42.00
N ASN JA 5 -4.70 43.46 -43.15
CA ASN JA 5 -4.58 44.18 -44.40
C ASN JA 5 -5.89 44.87 -44.77
N VAL JA 6 -7.02 44.29 -44.34
CA VAL JA 6 -8.32 44.90 -44.59
C VAL JA 6 -8.40 46.27 -43.92
N PHE JA 7 -7.90 46.36 -42.69
CA PHE JA 7 -7.91 47.61 -41.95
C PHE JA 7 -7.11 48.69 -42.68
N ASN JA 8 -6.03 48.29 -43.35
CA ASN JA 8 -5.28 49.24 -44.16
C ASN JA 8 -6.11 49.73 -45.35
N VAL JA 9 -6.84 48.83 -46.01
CA VAL JA 9 -7.63 49.22 -47.17
C VAL JA 9 -8.79 50.11 -46.76
N THR JA 10 -9.52 49.71 -45.71
CA THR JA 10 -10.60 50.55 -45.20
C THR JA 10 -10.06 51.84 -44.61
N GLY JA 11 -8.94 51.76 -43.88
CA GLY JA 11 -8.33 52.95 -43.34
C GLY JA 11 -7.87 53.91 -44.41
N SER JA 12 -7.29 53.38 -45.49
CA SER JA 12 -6.89 54.24 -46.61
C SER JA 12 -8.12 54.79 -47.33
N ALA JA 13 -9.19 54.01 -47.40
CA ALA JA 13 -10.42 54.50 -48.02
C ALA JA 13 -11.01 55.68 -47.25
N MET JA 14 -11.06 55.57 -45.92
CA MET JA 14 -11.61 56.66 -45.12
C MET JA 14 -10.77 57.92 -45.25
N SER JA 15 -9.45 57.77 -45.34
CA SER JA 15 -8.59 58.92 -45.56
C SER JA 15 -8.87 59.55 -46.91
N ALA JA 16 -9.08 58.74 -47.94
CA ALA JA 16 -9.37 59.26 -49.26
C ALA JA 16 -10.69 60.00 -49.29
N GLU JA 17 -11.73 59.44 -48.66
CA GLU JA 17 -13.03 60.09 -48.62
C GLU JA 17 -13.03 61.35 -47.78
N SER JA 18 -12.19 61.41 -46.74
CA SER JA 18 -12.10 62.61 -45.93
C SER JA 18 -11.40 63.74 -46.68
N VAL JA 19 -10.43 63.39 -47.53
CA VAL JA 19 -9.77 64.39 -48.38
C VAL JA 19 -10.78 64.99 -49.35
N ARG JA 20 -11.61 64.15 -49.96
CA ARG JA 20 -12.61 64.66 -50.90
C ARG JA 20 -13.63 65.56 -50.20
N LEU JA 21 -13.98 65.26 -48.96
CA LEU JA 21 -14.94 66.09 -48.24
C LEU JA 21 -14.38 67.48 -47.97
N ASN JA 22 -13.11 67.56 -47.57
CA ASN JA 22 -12.48 68.86 -47.32
C ASN JA 22 -12.33 69.64 -48.62
N THR JA 23 -12.04 68.94 -49.72
CA THR JA 23 -12.01 69.58 -51.03
C THR JA 23 -13.38 70.12 -51.39
N THR JA 24 -14.44 69.36 -51.09
CA THR JA 24 -15.79 69.86 -51.30
C THR JA 24 -16.09 71.05 -50.41
N SER JA 25 -15.61 71.03 -49.17
CA SER JA 25 -15.84 72.14 -48.25
C SER JA 25 -15.17 73.41 -48.76
N SER JA 26 -13.97 73.29 -49.32
CA SER JA 26 -13.27 74.47 -49.84
C SER JA 26 -13.91 74.98 -51.12
N ASN JA 27 -14.57 74.10 -51.88
CA ASN JA 27 -15.28 74.52 -53.07
C ASN JA 27 -16.53 75.33 -52.74
N LEU JA 28 -17.31 74.86 -51.76
CA LEU JA 28 -18.50 75.58 -51.35
C LEU JA 28 -18.16 76.93 -50.74
N ALA JA 29 -17.08 76.98 -49.96
CA ALA JA 29 -16.66 78.24 -49.33
C ALA JA 29 -16.06 79.23 -50.33
N ASN JA 30 -15.69 78.77 -51.52
CA ASN JA 30 -15.05 79.63 -52.51
C ASN JA 30 -15.80 79.62 -53.84
N ALA JA 31 -17.12 79.40 -53.80
CA ALA JA 31 -17.92 79.48 -55.01
C ALA JA 31 -18.20 80.90 -55.45
N ASP JA 32 -17.84 81.90 -54.63
CA ASP JA 32 -18.10 83.30 -54.95
C ASP JA 32 -16.88 84.18 -54.66
N SER JA 33 -15.68 83.61 -54.70
CA SER JA 33 -14.46 84.33 -54.33
C SER JA 33 -13.73 84.76 -55.61
N VAL JA 34 -13.63 86.06 -55.81
CA VAL JA 34 -12.94 86.58 -56.99
C VAL JA 34 -11.45 86.72 -56.73
N SER JA 35 -11.06 87.23 -55.56
CA SER JA 35 -9.67 87.43 -55.22
C SER JA 35 -9.08 86.15 -54.64
N SER JA 36 -7.80 86.21 -54.29
CA SER JA 36 -7.11 85.09 -53.66
C SER JA 36 -5.78 85.58 -53.13
N SER JA 37 -5.19 84.80 -52.21
CA SER JA 37 -3.86 85.09 -51.71
C SER JA 37 -2.86 85.03 -52.86
N ALA JA 38 -2.74 83.88 -53.49
CA ALA JA 38 -2.02 83.78 -54.75
C ALA JA 38 -2.83 84.49 -55.84
N LYS JA 39 -2.16 85.30 -56.65
CA LYS JA 39 -2.85 86.12 -57.64
C LYS JA 39 -3.26 85.24 -58.82
N ASP JA 40 -4.27 84.40 -58.56
CA ASP JA 40 -4.90 83.58 -59.59
C ASP JA 40 -6.26 83.16 -59.07
N THR JA 41 -7.28 83.26 -59.92
CA THR JA 41 -8.64 82.96 -59.51
C THR JA 41 -8.77 81.50 -59.09
N TYR JA 42 -9.51 81.27 -58.00
CA TYR JA 42 -9.73 79.93 -57.50
C TYR JA 42 -10.44 79.07 -58.55
N LYS JA 43 -9.93 77.87 -58.76
CA LYS JA 43 -10.55 76.88 -59.63
C LYS JA 43 -10.99 75.68 -58.80
N ALA JA 44 -12.13 75.10 -59.17
CA ALA JA 44 -12.68 73.99 -58.42
C ALA JA 44 -11.68 72.86 -58.33
N ARG JA 45 -11.45 72.37 -57.12
CA ARG JA 45 -10.44 71.35 -56.87
C ARG JA 45 -11.09 69.98 -56.76
N HIS JA 46 -10.31 68.96 -57.12
CA HIS JA 46 -10.78 67.58 -57.09
C HIS JA 46 -9.61 66.66 -56.82
N ALA JA 47 -9.62 66.01 -55.66
CA ALA JA 47 -8.56 65.06 -55.32
C ALA JA 47 -8.63 63.86 -56.26
N VAL JA 48 -7.47 63.35 -56.67
CA VAL JA 48 -7.38 62.24 -57.62
C VAL JA 48 -7.10 60.97 -56.84
N PHE JA 49 -8.04 60.03 -56.85
CA PHE JA 49 -7.82 58.72 -56.25
C PHE JA 49 -6.99 57.85 -57.19
N GLY JA 50 -6.36 56.83 -56.61
CA GLY JA 50 -5.53 55.92 -57.38
C GLY JA 50 -5.53 54.53 -56.81
N ALA JA 51 -5.27 53.55 -57.68
CA ALA JA 51 -5.21 52.14 -57.30
C ALA JA 51 -3.98 51.51 -57.91
N GLU JA 52 -3.17 50.85 -57.09
CA GLU JA 52 -1.97 50.15 -57.54
C GLU JA 52 -2.25 48.67 -57.76
N LEU JA 53 -3.26 48.38 -58.58
CA LEU JA 53 -3.61 46.99 -58.86
C LEU JA 53 -2.49 46.33 -59.64
N SER JA 54 -2.22 45.07 -59.29
CA SER JA 54 -1.16 44.31 -59.94
C SER JA 54 -1.36 42.82 -59.73
N ASP JA 61 -4.56 40.68 -54.18
CA ASP JA 61 -5.00 40.65 -52.79
C ASP JA 61 -5.66 41.97 -52.38
N THR JA 62 -4.94 42.76 -51.59
CA THR JA 62 -5.45 44.03 -51.07
C THR JA 62 -4.79 45.17 -51.84
N VAL JA 63 -5.62 46.03 -52.42
CA VAL JA 63 -5.16 47.19 -53.17
C VAL JA 63 -5.68 48.44 -52.46
N PRO JA 64 -4.85 49.12 -51.69
CA PRO JA 64 -5.30 50.36 -51.05
C PRO JA 64 -5.56 51.46 -52.06
N VAL JA 65 -6.50 52.34 -51.73
CA VAL JA 65 -6.80 53.52 -52.53
C VAL JA 65 -5.97 54.68 -51.98
N LYS JA 66 -5.24 55.36 -52.86
CA LYS JA 66 -4.34 56.42 -52.47
C LYS JA 66 -4.71 57.72 -53.19
N VAL JA 67 -4.57 58.83 -52.49
CA VAL JA 67 -4.76 60.15 -53.11
C VAL JA 67 -3.42 60.61 -53.65
N MET JA 68 -3.35 60.80 -54.96
CA MET JA 68 -2.11 61.15 -55.64
C MET JA 68 -2.02 62.63 -55.98
N GLY JA 69 -2.93 63.44 -55.45
CA GLY JA 69 -2.84 64.88 -55.68
C GLY JA 69 -4.16 65.52 -56.01
N ILE JA 70 -4.22 66.85 -55.84
CA ILE JA 70 -5.43 67.61 -56.15
C ILE JA 70 -5.29 68.22 -57.54
N VAL JA 71 -6.31 68.01 -58.37
CA VAL JA 71 -6.31 68.48 -59.75
C VAL JA 71 -7.53 69.37 -59.96
N GLU JA 72 -7.29 70.57 -60.47
CA GLU JA 72 -8.37 71.54 -60.69
C GLU JA 72 -9.16 71.20 -61.94
N SER JA 73 -10.44 71.58 -61.92
CA SER JA 73 -11.28 71.44 -63.10
C SER JA 73 -10.84 72.42 -64.18
N ASP JA 74 -10.93 71.99 -65.43
CA ASP JA 74 -10.47 72.78 -66.56
C ASP JA 74 -11.57 73.64 -67.18
N LYS JA 75 -12.76 73.64 -66.60
CA LYS JA 75 -13.84 74.46 -67.13
C LYS JA 75 -13.49 75.93 -67.00
N PRO JA 76 -13.94 76.76 -67.94
CA PRO JA 76 -13.60 78.19 -67.90
C PRO JA 76 -14.22 78.88 -66.69
N LEU JA 77 -13.51 79.88 -66.19
CA LEU JA 77 -14.02 80.70 -65.10
C LEU JA 77 -15.24 81.49 -65.58
N SER JA 78 -16.28 81.50 -64.76
CA SER JA 78 -17.53 82.16 -65.12
C SER JA 78 -17.31 83.68 -65.07
N ALA JA 79 -17.38 84.32 -66.23
CA ALA JA 79 -17.17 85.75 -66.32
C ALA JA 79 -18.46 86.51 -66.00
N GLU JA 80 -18.31 87.60 -65.25
CA GLU JA 80 -19.43 88.46 -64.89
C GLU JA 80 -19.15 89.87 -65.39
N TYR JA 81 -20.18 90.49 -65.97
CA TYR JA 81 -20.07 91.87 -66.46
C TYR JA 81 -20.25 92.80 -65.27
N ASN JA 82 -19.13 93.24 -64.70
CA ASN JA 82 -19.10 94.17 -63.57
C ASN JA 82 -18.13 95.30 -63.91
N PRO JA 83 -18.53 96.21 -64.81
CA PRO JA 83 -17.59 97.21 -65.32
C PRO JA 83 -17.02 98.13 -64.26
N ASP JA 84 -17.79 98.47 -63.22
CA ASP JA 84 -17.32 99.37 -62.18
C ASP JA 84 -16.51 98.66 -61.10
N HIS JA 85 -16.39 97.34 -61.17
CA HIS JA 85 -15.58 96.63 -60.19
C HIS JA 85 -14.10 96.98 -60.38
N PRO JA 86 -13.36 97.16 -59.28
CA PRO JA 86 -11.94 97.55 -59.42
C PRO JA 86 -11.09 96.54 -60.17
N LEU JA 87 -11.45 95.26 -60.13
CA LEU JA 87 -10.68 94.21 -60.80
C LEU JA 87 -11.15 93.93 -62.22
N ALA JA 88 -12.06 94.73 -62.75
CA ALA JA 88 -12.58 94.51 -64.10
C ALA JA 88 -11.48 94.67 -65.14
N ASN JA 89 -11.59 93.87 -66.20
CA ASN JA 89 -10.64 93.92 -67.30
C ASN JA 89 -11.00 95.05 -68.27
N GLU JA 90 -10.38 95.07 -69.45
CA GLU JA 90 -10.62 96.14 -70.41
C GLU JA 90 -12.07 96.17 -70.87
N GLU JA 91 -12.77 95.04 -70.84
CA GLU JA 91 -14.15 94.96 -71.28
C GLU JA 91 -15.14 94.89 -70.12
N GLY JA 92 -14.67 95.03 -68.88
CA GLY JA 92 -15.55 95.08 -67.74
C GLY JA 92 -16.00 93.73 -67.21
N TYR JA 93 -15.25 92.67 -67.46
CA TYR JA 93 -15.61 91.33 -67.00
C TYR JA 93 -14.72 90.92 -65.84
N ILE JA 94 -15.34 90.43 -64.77
CA ILE JA 94 -14.61 89.81 -63.66
C ILE JA 94 -14.89 88.32 -63.71
N TYR JA 95 -13.86 87.54 -63.37
CA TYR JA 95 -13.90 86.09 -63.51
C TYR JA 95 -14.06 85.44 -62.14
N LYS JA 96 -14.92 84.44 -62.06
CA LYS JA 96 -15.31 83.78 -60.83
C LYS JA 96 -15.06 82.29 -60.96
N PRO JA 97 -14.93 81.58 -59.82
CA PRO JA 97 -14.66 80.15 -59.89
C PRO JA 97 -15.77 79.39 -60.60
N ASN JA 98 -15.39 78.27 -61.21
CA ASN JA 98 -16.30 77.42 -61.97
C ASN JA 98 -16.96 76.35 -61.12
N VAL JA 99 -17.16 76.61 -59.83
CA VAL JA 99 -17.77 75.63 -58.95
C VAL JA 99 -19.24 75.45 -59.31
N ASN JA 100 -19.65 74.20 -59.47
CA ASN JA 100 -21.04 73.86 -59.75
C ASN JA 100 -21.70 73.35 -58.48
N VAL JA 101 -22.80 73.98 -58.09
CA VAL JA 101 -23.43 73.68 -56.80
C VAL JA 101 -23.95 72.25 -56.77
N MET JA 102 -24.63 71.82 -57.84
CA MET JA 102 -25.26 70.51 -57.86
C MET JA 102 -24.23 69.40 -57.75
N GLU JA 103 -23.09 69.54 -58.44
CA GLU JA 103 -22.08 68.50 -58.42
C GLU JA 103 -21.34 68.45 -57.08
N GLU JA 104 -21.31 69.57 -56.36
CA GLU JA 104 -20.67 69.57 -55.05
C GLU JA 104 -21.55 68.90 -54.01
N MET JA 105 -22.86 69.06 -54.11
CA MET JA 105 -23.77 68.40 -53.18
C MET JA 105 -23.73 66.89 -53.35
N ALA JA 106 -23.61 66.42 -54.59
CA ALA JA 106 -23.47 64.98 -54.83
C ALA JA 106 -22.16 64.45 -54.25
N ASN JA 107 -21.08 65.24 -54.36
CA ASN JA 107 -19.82 64.85 -53.75
C ASN JA 107 -19.92 64.80 -52.24
N MET JA 108 -20.65 65.74 -51.64
CA MET JA 108 -20.87 65.71 -50.19
C MET JA 108 -21.64 64.46 -49.79
N ILE JA 109 -22.70 64.13 -50.53
CA ILE JA 109 -23.46 62.91 -50.25
C ILE JA 109 -22.61 61.68 -50.48
N SER JA 110 -21.88 61.63 -51.60
CA SER JA 110 -21.09 60.45 -51.92
C SER JA 110 -19.94 60.26 -50.94
N ALA JA 111 -19.27 61.35 -50.54
CA ALA JA 111 -18.13 61.22 -49.63
C ALA JA 111 -18.57 60.75 -48.26
N SER JA 112 -19.73 61.20 -47.79
CA SER JA 112 -20.22 60.78 -46.48
C SER JA 112 -20.62 59.32 -46.48
N ARG JA 113 -21.37 58.89 -47.51
CA ARG JA 113 -21.81 57.50 -47.57
C ARG JA 113 -20.64 56.54 -47.75
N ALA JA 114 -19.68 56.91 -48.60
CA ALA JA 114 -18.51 56.07 -48.79
C ALA JA 114 -17.66 56.00 -47.53
N TYR JA 115 -17.64 57.08 -46.76
CA TYR JA 115 -16.92 57.08 -45.49
C TYR JA 115 -17.57 56.12 -44.50
N GLN JA 116 -18.90 56.12 -44.43
CA GLN JA 116 -19.58 55.34 -43.41
C GLN JA 116 -19.58 53.85 -43.72
N THR JA 117 -19.60 53.49 -45.01
CA THR JA 117 -19.61 52.07 -45.36
C THR JA 117 -18.25 51.42 -45.11
N ASN JA 118 -17.16 52.18 -45.13
CA ASN JA 118 -15.86 51.62 -44.79
C ASN JA 118 -15.72 51.38 -43.29
N VAL JA 119 -16.46 52.12 -42.47
CA VAL JA 119 -16.50 51.85 -41.04
C VAL JA 119 -17.16 50.50 -40.78
N GLN JA 120 -18.21 50.19 -41.54
CA GLN JA 120 -18.89 48.90 -41.39
C GLN JA 120 -17.96 47.75 -41.74
N VAL JA 121 -17.18 47.89 -42.81
CA VAL JA 121 -16.25 46.83 -43.20
C VAL JA 121 -15.18 46.65 -42.14
N ALA JA 122 -14.63 47.76 -41.63
CA ALA JA 122 -13.61 47.67 -40.60
C ALA JA 122 -14.15 47.04 -39.33
N ASP JA 123 -15.36 47.43 -38.93
CA ASP JA 123 -15.97 46.83 -37.74
C ASP JA 123 -16.28 45.35 -37.95
N SER JA 124 -16.79 44.99 -39.13
CA SER JA 124 -17.08 43.59 -39.42
C SER JA 124 -15.79 42.78 -39.50
N SER JA 125 -14.75 43.33 -40.11
CA SER JA 125 -13.47 42.63 -40.17
C SER JA 125 -12.84 42.49 -38.78
N LYS JA 126 -13.11 43.45 -37.89
CA LYS JA 126 -12.60 43.35 -36.52
C LYS JA 126 -13.19 42.15 -35.80
N GLN JA 127 -14.48 41.87 -36.03
CA GLN JA 127 -15.11 40.72 -35.38
C GLN JA 127 -14.50 39.41 -35.85
N MET JA 128 -14.14 39.34 -37.15
CA MET JA 128 -13.53 38.11 -37.66
C MET JA 128 -12.21 37.81 -36.99
N LEU JA 129 -11.38 38.82 -36.78
CA LEU JA 129 -10.09 38.61 -36.12
C LEU JA 129 -10.27 38.17 -34.67
N LEU JA 130 -11.22 38.78 -33.96
CA LEU JA 130 -11.48 38.38 -32.58
C LEU JA 130 -12.00 36.96 -32.51
N ARG JA 131 -12.83 36.57 -33.47
CA ARG JA 131 -13.33 35.20 -33.52
C ARG JA 131 -12.22 34.20 -33.80
N THR JA 132 -11.20 34.61 -34.56
CA THR JA 132 -10.07 33.72 -34.82
C THR JA 132 -9.24 33.51 -33.55
N LEU JA 133 -9.16 34.53 -32.69
CA LEU JA 133 -8.43 34.38 -31.44
C LEU JA 133 -9.05 33.32 -30.55
N GLN JA 134 -10.36 33.07 -30.70
CA GLN JA 134 -11.06 32.07 -29.91
C GLN JA 134 -10.94 30.67 -30.49
N MET JA 135 -10.28 30.51 -31.64
CA MET JA 135 -10.16 29.20 -32.26
C MET JA 135 -9.42 28.23 -31.36
N GLY JA 136 -9.96 27.02 -31.23
CA GLY JA 136 -9.35 26.00 -30.39
C GLY JA 136 -9.56 26.24 -28.91
N GLN JA 137 -9.17 27.40 -28.42
CA GLN JA 137 -9.30 27.74 -27.01
C GLN JA 137 -10.76 27.86 -26.61
N SER KA 2 -31.74 26.88 -47.84
CA SER KA 2 -31.23 27.23 -46.52
C SER KA 2 -31.40 28.72 -46.26
N LEU KA 3 -30.90 29.18 -45.10
CA LEU KA 3 -30.97 30.60 -44.80
C LEU KA 3 -30.02 31.41 -45.68
N PHE KA 4 -29.00 30.76 -46.24
CA PHE KA 4 -28.10 31.46 -47.16
C PHE KA 4 -28.78 31.71 -48.50
N ASN KA 5 -29.72 30.86 -48.87
CA ASN KA 5 -30.49 31.10 -50.10
C ASN KA 5 -31.29 32.39 -50.00
N VAL KA 6 -31.69 32.78 -48.78
CA VAL KA 6 -32.39 34.05 -48.60
C VAL KA 6 -31.51 35.21 -49.04
N PHE KA 7 -30.21 35.14 -48.74
CA PHE KA 7 -29.30 36.20 -49.16
C PHE KA 7 -29.24 36.30 -50.68
N ASN KA 8 -29.22 35.17 -51.37
CA ASN KA 8 -29.25 35.19 -52.83
C ASN KA 8 -30.56 35.74 -53.36
N VAL KA 9 -31.68 35.35 -52.73
CA VAL KA 9 -32.99 35.79 -53.20
C VAL KA 9 -33.20 37.27 -52.89
N THR KA 10 -32.93 37.68 -51.64
CA THR KA 10 -33.08 39.07 -51.27
C THR KA 10 -32.06 39.94 -52.00
N GLY KA 11 -30.82 39.46 -52.13
CA GLY KA 11 -29.81 40.22 -52.85
C GLY KA 11 -30.19 40.46 -54.30
N SER KA 12 -30.84 39.48 -54.93
CA SER KA 12 -31.30 39.66 -56.30
C SER KA 12 -32.34 40.77 -56.39
N ALA KA 13 -33.23 40.86 -55.41
CA ALA KA 13 -34.22 41.94 -55.40
C ALA KA 13 -33.56 43.29 -55.19
N MET KA 14 -32.50 43.34 -54.38
CA MET KA 14 -31.78 44.58 -54.18
C MET KA 14 -31.19 45.09 -55.50
N SER KA 15 -30.62 44.18 -56.30
CA SER KA 15 -30.15 44.57 -57.63
C SER KA 15 -31.33 44.87 -58.55
N ALA KA 16 -32.42 44.11 -58.41
CA ALA KA 16 -33.58 44.31 -59.28
C ALA KA 16 -34.17 45.69 -59.09
N GLU KA 17 -34.40 46.10 -57.84
CA GLU KA 17 -34.95 47.43 -57.57
C GLU KA 17 -33.96 48.53 -57.93
N SER KA 18 -32.66 48.23 -57.95
CA SER KA 18 -31.68 49.22 -58.38
C SER KA 18 -31.78 49.48 -59.88
N VAL KA 19 -32.07 48.43 -60.66
CA VAL KA 19 -32.24 48.59 -62.10
C VAL KA 19 -33.43 49.47 -62.41
N ARG KA 20 -34.55 49.24 -61.72
CA ARG KA 20 -35.74 50.06 -61.93
C ARG KA 20 -35.51 51.50 -61.48
N LEU KA 21 -34.71 51.73 -60.43
CA LEU KA 21 -34.41 53.08 -60.00
C LEU KA 21 -33.60 53.83 -61.05
N ASN KA 22 -32.61 53.16 -61.64
CA ASN KA 22 -31.79 53.81 -62.66
C ASN KA 22 -32.60 54.07 -63.93
N THR KA 23 -33.50 53.14 -64.28
CA THR KA 23 -34.36 53.35 -65.43
C THR KA 23 -35.27 54.56 -65.21
N THR KA 24 -35.82 54.70 -64.00
CA THR KA 24 -36.64 55.86 -63.69
C THR KA 24 -35.84 57.14 -63.72
N SER KA 25 -34.59 57.10 -63.25
CA SER KA 25 -33.73 58.28 -63.29
C SER KA 25 -33.48 58.73 -64.72
N SER KA 26 -33.25 57.79 -65.64
CA SER KA 26 -33.06 58.15 -67.03
C SER KA 26 -34.37 58.63 -67.67
N ASN KA 27 -35.51 58.18 -67.15
CA ASN KA 27 -36.79 58.68 -67.65
C ASN KA 27 -37.03 60.12 -67.22
N LEU KA 28 -36.73 60.44 -65.96
CA LEU KA 28 -36.93 61.80 -65.47
C LEU KA 28 -35.98 62.78 -66.15
N ALA KA 29 -34.78 62.33 -66.50
CA ALA KA 29 -33.79 63.20 -67.12
C ALA KA 29 -33.98 63.35 -68.62
N ASN KA 30 -34.89 62.58 -69.22
CA ASN KA 30 -35.10 62.63 -70.66
C ASN KA 30 -36.57 62.93 -71.00
N ALA KA 31 -37.30 63.54 -70.06
CA ALA KA 31 -38.69 63.87 -70.29
C ALA KA 31 -38.87 65.07 -71.21
N ASP KA 32 -37.82 65.85 -71.46
CA ASP KA 32 -37.91 67.06 -72.26
C ASP KA 32 -36.79 67.11 -73.30
N SER KA 33 -36.26 65.96 -73.69
CA SER KA 33 -35.16 65.88 -74.64
C SER KA 33 -35.72 65.58 -76.03
N VAL KA 34 -35.80 66.61 -76.87
CA VAL KA 34 -36.30 66.43 -78.24
C VAL KA 34 -35.30 65.63 -79.07
N SER KA 35 -34.01 65.88 -78.90
CA SER KA 35 -32.97 65.23 -79.68
C SER KA 35 -32.34 64.10 -78.88
N SER KA 36 -31.60 63.24 -79.61
CA SER KA 36 -30.96 62.07 -78.97
C SER KA 36 -29.92 61.47 -79.89
N SER KA 37 -28.75 61.11 -79.35
CA SER KA 37 -27.76 60.36 -80.17
C SER KA 37 -28.41 59.01 -80.45
N ALA KA 38 -28.04 58.34 -81.55
CA ALA KA 38 -28.62 57.03 -81.94
C ALA KA 38 -29.86 57.25 -82.82
N LYS KA 39 -30.13 58.48 -83.23
CA LYS KA 39 -31.23 58.73 -84.20
C LYS KA 39 -32.55 58.12 -83.72
N ASP KA 40 -32.83 58.21 -82.42
CA ASP KA 40 -34.11 57.68 -81.86
C ASP KA 40 -34.64 58.64 -80.81
N THR KA 41 -35.85 59.19 -81.01
CA THR KA 41 -36.44 60.03 -79.95
C THR KA 41 -36.71 59.15 -78.74
N TYR KA 42 -35.85 59.21 -77.73
CA TYR KA 42 -36.04 58.49 -76.47
C TYR KA 42 -37.52 58.27 -76.18
N LYS KA 43 -37.85 57.06 -75.77
CA LYS KA 43 -39.19 56.71 -75.30
C LYS KA 43 -39.06 56.11 -73.91
N ALA KA 44 -40.10 56.29 -73.10
CA ALA KA 44 -40.05 55.87 -71.70
C ALA KA 44 -39.72 54.39 -71.60
N ARG KA 45 -38.74 54.06 -70.78
CA ARG KA 45 -38.29 52.69 -70.58
C ARG KA 45 -38.82 52.15 -69.26
N HIS KA 46 -39.07 50.84 -69.24
CA HIS KA 46 -39.58 50.17 -68.06
C HIS KA 46 -38.80 48.88 -67.84
N ALA KA 47 -38.47 48.61 -66.58
CA ALA KA 47 -37.82 47.35 -66.23
C ALA KA 47 -38.89 46.34 -65.83
N VAL KA 48 -39.00 45.27 -66.60
CA VAL KA 48 -40.01 44.24 -66.37
C VAL KA 48 -39.37 43.12 -65.57
N PHE KA 49 -39.78 42.98 -64.32
CA PHE KA 49 -39.26 41.93 -63.46
C PHE KA 49 -39.84 40.58 -63.88
N GLY KA 50 -39.17 39.51 -63.47
CA GLY KA 50 -39.65 38.17 -63.75
C GLY KA 50 -39.11 37.15 -62.78
N ALA KA 51 -39.99 36.30 -62.27
CA ALA KA 51 -39.58 35.25 -61.34
C ALA KA 51 -38.91 34.11 -62.11
N GLU KA 52 -37.66 33.85 -61.72
CA GLU KA 52 -36.89 32.76 -62.36
C GLU KA 52 -37.07 31.52 -61.50
N LEU KA 53 -38.19 30.83 -61.65
CA LEU KA 53 -38.44 29.68 -60.74
C LEU KA 53 -37.15 28.85 -60.69
N SER KA 54 -36.67 28.39 -61.85
CA SER KA 54 -35.46 27.54 -61.90
C SER KA 54 -35.09 27.07 -60.49
N ASP KA 61 -40.01 26.89 -53.32
CA ASP KA 61 -39.11 27.23 -52.22
C ASP KA 61 -38.49 28.60 -52.41
N THR KA 62 -37.31 28.65 -53.02
CA THR KA 62 -36.59 29.88 -53.28
C THR KA 62 -36.76 30.28 -54.74
N VAL KA 63 -37.33 31.45 -54.96
CA VAL KA 63 -37.60 31.97 -56.29
C VAL KA 63 -36.95 33.35 -56.42
N PRO KA 64 -35.74 33.42 -56.96
CA PRO KA 64 -35.11 34.72 -57.19
C PRO KA 64 -35.85 35.52 -58.26
N VAL KA 65 -35.68 36.83 -58.20
CA VAL KA 65 -36.25 37.74 -59.19
C VAL KA 65 -35.12 38.23 -60.10
N LYS KA 66 -35.37 38.25 -61.40
CA LYS KA 66 -34.39 38.67 -62.38
C LYS KA 66 -35.00 39.70 -63.32
N VAL KA 67 -34.18 40.65 -63.76
CA VAL KA 67 -34.58 41.56 -64.82
C VAL KA 67 -34.31 40.88 -66.16
N MET KA 68 -35.36 40.70 -66.95
CA MET KA 68 -35.25 40.00 -68.23
C MET KA 68 -34.97 40.92 -69.40
N GLY KA 69 -34.83 42.22 -69.15
CA GLY KA 69 -34.61 43.18 -70.21
C GLY KA 69 -35.48 44.41 -70.01
N ILE KA 70 -35.00 45.55 -70.51
CA ILE KA 70 -35.73 46.80 -70.40
C ILE KA 70 -36.65 46.95 -71.61
N VAL KA 71 -37.89 47.34 -71.36
CA VAL KA 71 -38.91 47.45 -72.39
C VAL KA 71 -39.36 48.90 -72.49
N GLU KA 72 -39.57 49.38 -73.70
CA GLU KA 72 -39.96 50.77 -73.93
C GLU KA 72 -41.48 50.93 -73.84
N SER KA 73 -41.90 52.15 -73.55
CA SER KA 73 -43.32 52.46 -73.43
C SER KA 73 -44.03 52.36 -74.79
N ASP KA 74 -45.29 51.95 -74.74
CA ASP KA 74 -46.13 51.83 -75.92
C ASP KA 74 -46.93 53.08 -76.22
N LYS KA 75 -46.90 54.08 -75.34
CA LYS KA 75 -47.68 55.28 -75.57
C LYS KA 75 -47.10 56.08 -76.73
N PRO KA 76 -47.94 56.72 -77.54
CA PRO KA 76 -47.42 57.55 -78.63
C PRO KA 76 -46.66 58.75 -78.11
N LEU KA 77 -45.65 59.16 -78.87
CA LEU KA 77 -44.86 60.33 -78.50
C LEU KA 77 -45.72 61.59 -78.51
N SER KA 78 -45.38 62.53 -77.65
CA SER KA 78 -46.14 63.78 -77.52
C SER KA 78 -45.70 64.73 -78.64
N ALA KA 79 -46.60 64.99 -79.58
CA ALA KA 79 -46.30 65.87 -80.70
C ALA KA 79 -46.61 67.31 -80.35
N GLU KA 80 -45.67 68.20 -80.65
CA GLU KA 80 -45.81 69.62 -80.37
C GLU KA 80 -45.45 70.42 -81.61
N TYR KA 81 -46.30 71.40 -81.93
CA TYR KA 81 -46.14 72.20 -83.15
C TYR KA 81 -45.09 73.26 -82.92
N ASN KA 82 -43.89 73.03 -83.47
CA ASN KA 82 -42.77 73.97 -83.37
C ASN KA 82 -42.20 74.14 -84.78
N PRO KA 83 -42.89 74.91 -85.63
CA PRO KA 83 -42.50 74.95 -87.05
C PRO KA 83 -41.10 75.47 -87.32
N ASP KA 84 -40.62 76.39 -86.52
CA ASP KA 84 -39.33 77.03 -86.75
C ASP KA 84 -38.15 76.24 -86.20
N HIS KA 85 -38.40 75.11 -85.55
CA HIS KA 85 -37.30 74.30 -85.03
C HIS KA 85 -36.61 73.57 -86.17
N PRO KA 86 -35.28 73.40 -86.11
CA PRO KA 86 -34.59 72.65 -87.17
C PRO KA 86 -34.99 71.20 -87.27
N LEU KA 87 -35.54 70.60 -86.22
CA LEU KA 87 -36.00 69.22 -86.24
C LEU KA 87 -37.48 69.11 -86.63
N ALA KA 88 -38.12 70.22 -86.96
CA ALA KA 88 -39.53 70.18 -87.34
C ALA KA 88 -39.71 69.48 -88.69
N ASN KA 89 -40.76 68.67 -88.77
CA ASN KA 89 -41.11 68.02 -90.03
C ASN KA 89 -41.79 69.03 -90.96
N GLU KA 90 -42.31 68.52 -92.09
CA GLU KA 90 -42.99 69.39 -93.04
C GLU KA 90 -44.22 70.04 -92.40
N GLU KA 91 -44.98 69.28 -91.61
CA GLU KA 91 -46.14 69.84 -90.94
C GLU KA 91 -45.72 70.80 -89.83
N GLY KA 92 -44.50 70.66 -89.34
CA GLY KA 92 -43.97 71.57 -88.33
C GLY KA 92 -43.98 71.06 -86.90
N TYR KA 93 -44.29 69.77 -86.69
CA TYR KA 93 -44.40 69.23 -85.35
C TYR KA 93 -43.09 68.55 -84.95
N ILE KA 94 -42.60 68.87 -83.75
CA ILE KA 94 -41.50 68.14 -83.14
C ILE KA 94 -42.08 67.20 -82.11
N TYR KA 95 -41.41 66.07 -81.90
CA TYR KA 95 -41.92 65.01 -81.05
C TYR KA 95 -41.06 64.90 -79.80
N LYS KA 96 -41.70 64.69 -78.65
CA LYS KA 96 -41.00 64.58 -77.39
C LYS KA 96 -41.32 63.25 -76.72
N PRO KA 97 -40.43 62.75 -75.87
CA PRO KA 97 -40.67 61.45 -75.22
C PRO KA 97 -41.99 61.37 -74.49
N ASN KA 98 -42.53 60.15 -74.37
CA ASN KA 98 -43.80 59.91 -73.71
C ASN KA 98 -43.64 59.62 -72.23
N VAL KA 99 -42.62 60.20 -71.59
CA VAL KA 99 -42.39 59.99 -70.18
C VAL KA 99 -43.53 60.61 -69.38
N ASN KA 100 -44.16 59.82 -68.52
CA ASN KA 100 -45.20 60.28 -67.63
C ASN KA 100 -44.59 60.52 -66.26
N VAL KA 101 -44.65 61.77 -65.78
CA VAL KA 101 -43.97 62.12 -64.54
C VAL KA 101 -44.58 61.37 -63.37
N MET KA 102 -45.91 61.27 -63.33
CA MET KA 102 -46.58 60.70 -62.16
C MET KA 102 -46.19 59.25 -61.93
N GLU KA 103 -46.09 58.47 -63.01
CA GLU KA 103 -45.72 57.06 -62.84
C GLU KA 103 -44.27 56.92 -62.41
N GLU KA 104 -43.40 57.83 -62.85
CA GLU KA 104 -42.00 57.78 -62.40
C GLU KA 104 -41.88 58.09 -60.92
N MET KA 105 -42.65 59.06 -60.44
CA MET KA 105 -42.66 59.35 -59.01
C MET KA 105 -43.24 58.18 -58.21
N ALA KA 106 -44.29 57.55 -58.74
CA ALA KA 106 -44.83 56.36 -58.10
C ALA KA 106 -43.84 55.21 -58.15
N ASN KA 107 -43.15 55.04 -59.29
CA ASN KA 107 -42.11 54.03 -59.38
C ASN KA 107 -40.95 54.35 -58.44
N MET KA 108 -40.62 55.63 -58.30
CA MET KA 108 -39.55 56.02 -57.39
C MET KA 108 -39.88 55.65 -55.94
N ILE KA 109 -41.13 55.87 -55.53
CA ILE KA 109 -41.55 55.52 -54.17
C ILE KA 109 -41.56 54.00 -54.00
N SER KA 110 -42.18 53.29 -54.95
CA SER KA 110 -42.31 51.84 -54.82
C SER KA 110 -40.95 51.16 -54.83
N ALA KA 111 -40.04 51.61 -55.70
CA ALA KA 111 -38.72 50.99 -55.77
C ALA KA 111 -37.95 51.19 -54.47
N SER KA 112 -38.07 52.37 -53.86
CA SER KA 112 -37.37 52.62 -52.59
C SER KA 112 -37.99 51.81 -51.46
N ARG KA 113 -39.32 51.74 -51.41
CA ARG KA 113 -39.98 50.98 -50.35
C ARG KA 113 -39.69 49.48 -50.47
N ALA KA 114 -39.70 48.95 -51.70
CA ALA KA 114 -39.39 47.54 -51.90
C ALA KA 114 -37.93 47.23 -51.63
N TYR KA 115 -37.03 48.18 -51.94
CA TYR KA 115 -35.61 47.98 -51.68
C TYR KA 115 -35.34 47.86 -50.19
N GLN KA 116 -35.98 48.70 -49.38
CA GLN KA 116 -35.69 48.72 -47.95
C GLN KA 116 -36.28 47.51 -47.22
N THR KA 117 -37.41 47.00 -47.71
CA THR KA 117 -38.00 45.83 -47.05
C THR KA 117 -37.25 44.55 -47.40
N ASN KA 118 -36.46 44.55 -48.47
CA ASN KA 118 -35.58 43.42 -48.74
C ASN KA 118 -34.38 43.42 -47.80
N VAL KA 119 -34.01 44.59 -47.28
CA VAL KA 119 -32.91 44.66 -46.33
C VAL KA 119 -33.30 44.01 -45.01
N GLN KA 120 -34.56 44.17 -44.61
CA GLN KA 120 -35.03 43.57 -43.36
C GLN KA 120 -34.98 42.05 -43.41
N VAL KA 121 -35.36 41.47 -44.56
CA VAL KA 121 -35.33 40.01 -44.68
C VAL KA 121 -33.91 39.49 -44.61
N ALA KA 122 -32.97 40.17 -45.27
CA ALA KA 122 -31.57 39.78 -45.17
C ALA KA 122 -31.05 39.93 -43.75
N ASP KA 123 -31.45 41.00 -43.07
CA ASP KA 123 -31.08 41.15 -41.66
C ASP KA 123 -31.72 40.08 -40.80
N SER KA 124 -32.98 39.73 -41.08
CA SER KA 124 -33.67 38.71 -40.30
C SER KA 124 -32.99 37.35 -40.46
N SER KA 125 -32.59 37.01 -41.68
CA SER KA 125 -31.92 35.73 -41.90
C SER KA 125 -30.52 35.72 -41.29
N LYS KA 126 -29.88 36.90 -41.21
CA LYS KA 126 -28.55 36.96 -40.61
C LYS KA 126 -28.57 36.56 -39.14
N GLN KA 127 -29.57 37.03 -38.39
CA GLN KA 127 -29.65 36.71 -36.98
C GLN KA 127 -29.90 35.22 -36.76
N MET KA 128 -30.71 34.61 -37.62
CA MET KA 128 -31.00 33.19 -37.48
C MET KA 128 -29.75 32.34 -37.70
N LEU KA 129 -28.88 32.74 -38.61
CA LEU KA 129 -27.64 32.01 -38.84
C LEU KA 129 -26.67 32.18 -37.67
N LEU KA 130 -26.62 33.38 -37.09
CA LEU KA 130 -25.73 33.59 -35.95
C LEU KA 130 -26.16 32.77 -34.75
N ARG KA 131 -27.47 32.68 -34.50
CA ARG KA 131 -27.95 31.83 -33.42
C ARG KA 131 -27.72 30.35 -33.72
N THR KA 132 -27.88 29.96 -34.99
CA THR KA 132 -27.60 28.58 -35.38
C THR KA 132 -26.14 28.23 -35.15
N LEU KA 133 -25.24 29.22 -35.21
CA LEU KA 133 -23.79 28.99 -34.95
C LEU KA 133 -23.51 28.92 -33.44
N GLN KA 134 -24.25 29.67 -32.64
CA GLN KA 134 -24.07 29.66 -31.15
C GLN KA 134 -24.41 28.26 -30.62
N MET KA 135 -25.16 27.47 -31.38
CA MET KA 135 -25.43 26.06 -30.97
C MET KA 135 -24.18 25.25 -31.28
N GLY KA 136 -23.63 24.54 -30.30
CA GLY KA 136 -22.38 23.79 -30.50
C GLY KA 136 -21.23 24.45 -29.77
N GLN KA 137 -21.48 25.62 -29.18
CA GLN KA 137 -20.41 26.39 -28.48
C GLN KA 137 -20.58 26.23 -26.96
N SER LA 2 1.23 50.80 -18.89
CA SER LA 2 0.42 51.35 -17.81
C SER LA 2 -0.88 51.93 -18.35
N LEU LA 3 -1.87 51.07 -18.56
CA LEU LA 3 -3.16 51.53 -19.08
C LEU LA 3 -3.94 52.36 -18.09
N PHE LA 4 -3.54 52.39 -16.82
CA PHE LA 4 -4.19 53.27 -15.87
C PHE LA 4 -3.83 54.72 -16.13
N ASN LA 5 -2.66 54.96 -16.73
CA ASN LA 5 -2.31 56.30 -17.17
C ASN LA 5 -3.27 56.81 -18.24
N VAL LA 6 -3.84 55.91 -19.04
CA VAL LA 6 -4.83 56.31 -20.04
C VAL LA 6 -6.06 56.89 -19.36
N PHE LA 7 -6.47 56.31 -18.24
CA PHE LA 7 -7.60 56.85 -17.48
C PHE LA 7 -7.31 58.26 -16.98
N ASN LA 8 -6.05 58.58 -16.73
CA ASN LA 8 -5.69 59.94 -16.35
C ASN LA 8 -5.72 60.88 -17.55
N VAL LA 9 -5.53 60.35 -18.76
CA VAL LA 9 -5.51 61.20 -19.95
C VAL LA 9 -6.92 61.40 -20.50
N THR LA 10 -7.63 60.30 -20.74
CA THR LA 10 -9.00 60.42 -21.24
C THR LA 10 -9.89 61.11 -20.22
N GLY LA 11 -9.74 60.76 -18.94
CA GLY LA 11 -10.54 61.40 -17.91
C GLY LA 11 -10.30 62.90 -17.83
N SER LA 12 -9.06 63.32 -18.04
CA SER LA 12 -8.75 64.76 -18.05
C SER LA 12 -9.45 65.45 -19.22
N ALA LA 13 -9.52 64.77 -20.37
CA ALA LA 13 -10.23 65.34 -21.51
C ALA LA 13 -11.72 65.45 -21.25
N MET LA 14 -12.27 64.50 -20.48
CA MET LA 14 -13.69 64.57 -20.13
C MET LA 14 -14.00 65.86 -19.37
N SER LA 15 -13.15 66.19 -18.40
CA SER LA 15 -13.33 67.46 -17.67
C SER LA 15 -13.03 68.65 -18.57
N ALA LA 16 -12.00 68.54 -19.41
CA ALA LA 16 -11.61 69.67 -20.27
C ALA LA 16 -12.71 69.98 -21.28
N GLU LA 17 -13.32 68.95 -21.86
CA GLU LA 17 -14.41 69.19 -22.81
C GLU LA 17 -15.69 69.62 -22.11
N SER LA 18 -15.83 69.31 -20.82
CA SER LA 18 -17.00 69.79 -20.07
C SER LA 18 -16.88 71.27 -19.77
N VAL LA 19 -15.66 71.74 -19.50
CA VAL LA 19 -15.45 73.17 -19.26
C VAL LA 19 -15.78 73.97 -20.51
N ARG LA 20 -15.34 73.49 -21.67
CA ARG LA 20 -15.64 74.18 -22.93
C ARG LA 20 -17.13 74.16 -23.24
N LEU LA 21 -17.86 73.14 -22.79
CA LEU LA 21 -19.30 73.11 -23.01
C LEU LA 21 -20.01 74.11 -22.11
N ASN LA 22 -19.61 74.18 -20.83
CA ASN LA 22 -20.19 75.18 -19.94
C ASN LA 22 -19.79 76.58 -20.35
N THR LA 23 -18.59 76.73 -20.93
CA THR LA 23 -18.19 78.02 -21.49
C THR LA 23 -19.10 78.40 -22.65
N THR LA 24 -19.46 77.44 -23.50
CA THR LA 24 -20.37 77.70 -24.61
C THR LA 24 -21.75 78.12 -24.08
N SER LA 25 -22.24 77.45 -23.04
CA SER LA 25 -23.56 77.77 -22.51
C SER LA 25 -23.61 79.20 -21.98
N SER LA 26 -22.55 79.63 -21.29
CA SER LA 26 -22.50 81.01 -20.81
C SER LA 26 -22.46 82.01 -21.95
N ASN LA 27 -21.84 81.63 -23.07
CA ASN LA 27 -21.80 82.50 -24.24
C ASN LA 27 -23.15 82.55 -24.95
N LEU LA 28 -23.86 81.41 -25.02
CA LEU LA 28 -25.16 81.39 -25.67
C LEU LA 28 -26.19 82.19 -24.87
N ALA LA 29 -26.16 82.07 -23.55
CA ALA LA 29 -27.14 82.73 -22.70
C ALA LA 29 -26.89 84.22 -22.52
N ASN LA 30 -25.67 84.69 -22.76
CA ASN LA 30 -25.31 86.09 -22.55
C ASN LA 30 -24.95 86.78 -23.86
N ALA LA 31 -25.53 86.33 -24.97
CA ALA LA 31 -25.28 86.97 -26.26
C ALA LA 31 -26.10 88.23 -26.45
N ASP LA 32 -27.11 88.47 -25.62
CA ASP LA 32 -27.98 89.64 -25.74
C ASP LA 32 -28.03 90.44 -24.45
N SER LA 33 -27.14 90.15 -23.49
CA SER LA 33 -27.15 90.79 -22.18
C SER LA 33 -26.30 92.05 -22.23
N VAL LA 34 -26.95 93.21 -22.06
CA VAL LA 34 -26.23 94.48 -22.14
C VAL LA 34 -25.69 94.91 -20.79
N SER LA 35 -26.27 94.46 -19.68
CA SER LA 35 -25.83 94.84 -18.35
C SER LA 35 -25.04 93.70 -17.72
N SER LA 36 -24.51 93.97 -16.53
CA SER LA 36 -23.71 92.98 -15.81
C SER LA 36 -23.68 93.34 -14.33
N SER LA 37 -23.45 92.34 -13.50
CA SER LA 37 -23.32 92.55 -12.06
C SER LA 37 -21.95 93.05 -11.65
N ALA LA 38 -20.95 92.96 -12.52
CA ALA LA 38 -19.60 93.39 -12.21
C ALA LA 38 -19.21 94.67 -12.96
N LYS LA 39 -20.20 95.37 -13.51
CA LYS LA 39 -20.05 96.66 -14.18
C LYS LA 39 -19.20 96.61 -15.44
N ASP LA 40 -18.88 95.43 -15.95
CA ASP LA 40 -18.19 95.28 -17.22
C ASP LA 40 -19.01 94.42 -18.16
N THR LA 41 -19.19 94.89 -19.39
CA THR LA 41 -20.02 94.17 -20.35
C THR LA 41 -19.45 92.78 -20.62
N TYR LA 42 -20.34 91.80 -20.70
CA TYR LA 42 -19.92 90.42 -20.94
C TYR LA 42 -19.21 90.30 -22.27
N LYS LA 43 -18.16 89.48 -22.29
CA LYS LA 43 -17.43 89.17 -23.51
C LYS LA 43 -17.33 87.66 -23.66
N ALA LA 44 -17.32 87.20 -24.92
CA ALA LA 44 -17.30 85.77 -25.19
C ALA LA 44 -16.09 85.10 -24.56
N ARG LA 45 -16.34 84.30 -23.53
CA ARG LA 45 -15.28 83.60 -22.82
C ARG LA 45 -14.90 82.34 -23.56
N HIS LA 46 -13.64 81.91 -23.39
CA HIS LA 46 -13.15 80.71 -24.02
C HIS LA 46 -12.10 80.05 -23.15
N ALA LA 47 -12.09 78.73 -23.14
CA ALA LA 47 -11.12 77.97 -22.35
C ALA LA 47 -9.79 77.85 -23.09
N VAL LA 48 -8.72 77.61 -22.34
CA VAL LA 48 -7.39 77.43 -22.90
C VAL LA 48 -6.91 76.02 -22.55
N PHE LA 49 -6.65 75.21 -23.57
CA PHE LA 49 -6.12 73.87 -23.38
C PHE LA 49 -4.60 73.89 -23.41
N GLY LA 50 -3.99 72.95 -22.70
CA GLY LA 50 -2.55 72.87 -22.62
C GLY LA 50 -2.07 71.44 -22.72
N ALA LA 51 -0.84 71.29 -23.19
CA ALA LA 51 -0.20 69.98 -23.28
C ALA LA 51 1.26 70.14 -22.89
N GLU LA 52 1.64 69.58 -21.74
CA GLU LA 52 3.00 69.70 -21.22
C GLU LA 52 3.88 68.62 -21.83
N LEU LA 53 4.03 68.70 -23.16
CA LEU LA 53 4.82 67.71 -23.88
C LEU LA 53 6.30 67.89 -23.57
N SER LA 54 6.99 66.77 -23.37
CA SER LA 54 8.40 66.80 -23.02
C SER LA 54 9.09 65.48 -23.38
N ASP LA 61 5.32 59.66 -23.10
CA ASP LA 61 4.32 58.65 -22.79
C ASP LA 61 2.91 59.21 -22.84
N THR LA 62 2.39 59.62 -21.69
CA THR LA 62 1.04 60.14 -21.57
C THR LA 62 1.09 61.62 -21.20
N VAL LA 63 0.41 62.45 -21.98
CA VAL LA 63 0.38 63.89 -21.75
C VAL LA 63 -1.05 64.32 -21.44
N PRO LA 64 -1.38 64.57 -20.17
CA PRO LA 64 -2.74 65.00 -19.84
C PRO LA 64 -3.06 66.38 -20.40
N VAL LA 65 -4.34 66.62 -20.65
CA VAL LA 65 -4.83 67.91 -21.11
C VAL LA 65 -5.46 68.62 -19.93
N LYS LA 66 -4.98 69.83 -19.63
CA LYS LA 66 -5.47 70.60 -18.50
C LYS LA 66 -5.87 71.99 -18.96
N VAL LA 67 -7.01 72.46 -18.46
CA VAL LA 67 -7.43 73.84 -18.69
C VAL LA 67 -6.66 74.75 -17.76
N MET LA 68 -5.98 75.74 -18.34
CA MET LA 68 -5.14 76.66 -17.59
C MET LA 68 -5.81 78.01 -17.34
N GLY LA 69 -7.08 78.15 -17.69
CA GLY LA 69 -7.81 79.39 -17.46
C GLY LA 69 -8.71 79.77 -18.61
N ILE LA 70 -9.74 80.54 -18.30
CA ILE LA 70 -10.71 81.01 -19.28
C ILE LA 70 -10.32 82.42 -19.72
N VAL LA 71 -10.36 82.66 -21.03
CA VAL LA 71 -9.90 83.91 -21.63
C VAL LA 71 -11.01 84.48 -22.50
N GLU LA 72 -11.22 85.79 -22.41
CA GLU LA 72 -12.24 86.46 -23.20
C GLU LA 72 -11.77 86.66 -24.64
N SER LA 73 -12.73 86.72 -25.56
CA SER LA 73 -12.42 86.91 -26.97
C SER LA 73 -11.88 88.31 -27.23
N ASP LA 74 -11.07 88.42 -28.28
CA ASP LA 74 -10.45 89.69 -28.65
C ASP LA 74 -11.30 90.52 -29.60
N LYS LA 75 -12.44 90.00 -30.05
CA LYS LA 75 -13.27 90.76 -30.97
C LYS LA 75 -13.84 92.00 -30.26
N PRO LA 76 -13.98 93.12 -30.97
CA PRO LA 76 -14.60 94.30 -30.35
C PRO LA 76 -16.07 94.05 -30.06
N LEU LA 77 -16.57 94.75 -29.05
CA LEU LA 77 -17.97 94.64 -28.69
C LEU LA 77 -18.86 95.17 -29.81
N SER LA 78 -20.03 94.53 -29.97
CA SER LA 78 -20.96 94.91 -31.02
C SER LA 78 -21.74 96.14 -30.55
N ALA LA 79 -21.56 97.25 -31.26
CA ALA LA 79 -22.24 98.49 -30.91
C ALA LA 79 -23.61 98.58 -31.58
N GLU LA 80 -24.57 99.12 -30.84
CA GLU LA 80 -25.92 99.30 -31.34
C GLU LA 80 -26.40 100.70 -31.05
N TYR LA 81 -27.04 101.33 -32.03
CA TYR LA 81 -27.53 102.70 -31.89
C TYR LA 81 -28.88 102.66 -31.17
N ASN LA 82 -28.84 102.90 -29.87
CA ASN LA 82 -30.04 102.96 -29.01
C ASN LA 82 -29.98 104.27 -28.24
N PRO LA 83 -30.35 105.40 -28.86
CA PRO LA 83 -30.13 106.70 -28.22
C PRO LA 83 -30.98 106.94 -26.97
N ASP LA 84 -32.10 106.24 -26.81
CA ASP LA 84 -32.99 106.47 -25.68
C ASP LA 84 -32.81 105.43 -24.57
N HIS LA 85 -31.88 104.49 -24.73
CA HIS LA 85 -31.62 103.52 -23.68
C HIS LA 85 -30.98 104.21 -22.48
N PRO LA 86 -31.29 103.77 -21.25
CA PRO LA 86 -30.65 104.38 -20.08
C PRO LA 86 -29.13 104.26 -20.06
N LEU LA 87 -28.57 103.22 -20.67
CA LEU LA 87 -27.14 102.97 -20.64
C LEU LA 87 -26.41 103.51 -21.87
N ALA LA 88 -27.10 104.27 -22.71
CA ALA LA 88 -26.49 104.81 -23.91
C ALA LA 88 -25.45 105.88 -23.57
N ASN LA 89 -24.50 106.07 -24.48
CA ASN LA 89 -23.45 107.05 -24.32
C ASN LA 89 -23.84 108.35 -25.01
N GLU LA 90 -22.89 109.28 -25.11
CA GLU LA 90 -23.18 110.57 -25.74
C GLU LA 90 -23.55 110.40 -27.21
N GLU LA 91 -22.85 109.52 -27.92
CA GLU LA 91 -23.15 109.29 -29.32
C GLU LA 91 -24.41 108.45 -29.53
N GLY LA 92 -24.99 107.91 -28.47
CA GLY LA 92 -26.22 107.15 -28.59
C GLY LA 92 -26.07 105.66 -28.77
N TYR LA 93 -24.89 105.11 -28.51
CA TYR LA 93 -24.62 103.70 -28.74
C TYR LA 93 -24.57 102.93 -27.43
N ILE LA 94 -25.10 101.71 -27.46
CA ILE LA 94 -24.94 100.75 -26.38
C ILE LA 94 -24.10 99.59 -26.93
N TYR LA 95 -23.41 98.92 -26.02
CA TYR LA 95 -22.48 97.86 -26.40
C TYR LA 95 -22.99 96.51 -25.90
N LYS LA 96 -22.84 95.49 -26.75
CA LYS LA 96 -23.33 94.15 -26.49
C LYS LA 96 -22.20 93.16 -26.65
N PRO LA 97 -22.29 91.98 -26.02
CA PRO LA 97 -21.21 91.00 -26.11
C PRO LA 97 -20.92 90.58 -27.54
N ASN LA 98 -19.65 90.29 -27.79
CA ASN LA 98 -19.18 89.87 -29.12
C ASN LA 98 -19.28 88.37 -29.31
N VAL LA 99 -20.47 87.81 -29.09
CA VAL LA 99 -20.69 86.37 -29.22
C VAL LA 99 -21.20 86.08 -30.62
N ASN LA 100 -20.53 85.17 -31.32
CA ASN LA 100 -20.91 84.79 -32.67
C ASN LA 100 -21.62 83.45 -32.64
N VAL LA 101 -22.82 83.40 -33.24
CA VAL LA 101 -23.66 82.21 -33.16
C VAL LA 101 -22.99 81.02 -33.84
N MET LA 102 -22.41 81.24 -35.02
CA MET LA 102 -21.91 80.12 -35.82
C MET LA 102 -20.78 79.39 -35.10
N GLU LA 103 -19.86 80.13 -34.48
CA GLU LA 103 -18.74 79.47 -33.80
C GLU LA 103 -19.20 78.77 -32.52
N GLU LA 104 -20.25 79.28 -31.87
CA GLU LA 104 -20.78 78.59 -30.69
C GLU LA 104 -21.38 77.23 -31.07
N MET LA 105 -22.07 77.17 -32.21
CA MET LA 105 -22.62 75.90 -32.67
C MET LA 105 -21.51 74.91 -32.98
N ALA LA 106 -20.43 75.37 -33.61
CA ALA LA 106 -19.30 74.48 -33.89
C ALA LA 106 -18.65 74.00 -32.60
N ASN LA 107 -18.53 74.89 -31.61
CA ASN LA 107 -17.99 74.49 -30.32
C ASN LA 107 -18.89 73.46 -29.64
N MET LA 108 -20.21 73.65 -29.71
CA MET LA 108 -21.14 72.69 -29.14
C MET LA 108 -21.01 71.32 -29.82
N ILE LA 109 -20.87 71.31 -31.14
CA ILE LA 109 -20.70 70.06 -31.87
C ILE LA 109 -19.34 69.44 -31.60
N SER LA 110 -18.29 70.26 -31.61
CA SER LA 110 -16.95 69.73 -31.43
C SER LA 110 -16.73 69.23 -30.00
N ALA LA 111 -17.19 69.99 -29.00
CA ALA LA 111 -16.98 69.59 -27.61
C ALA LA 111 -17.75 68.33 -27.27
N SER LA 112 -19.00 68.22 -27.74
CA SER LA 112 -19.80 67.04 -27.45
C SER LA 112 -19.20 65.79 -28.09
N ARG LA 113 -18.74 65.90 -29.34
CA ARG LA 113 -18.14 64.75 -30.00
C ARG LA 113 -16.78 64.39 -29.38
N ALA LA 114 -16.01 65.40 -28.98
CA ALA LA 114 -14.74 65.14 -28.32
C ALA LA 114 -14.94 64.50 -26.95
N TYR LA 115 -16.02 64.89 -26.25
CA TYR LA 115 -16.33 64.27 -24.97
C TYR LA 115 -16.64 62.78 -25.13
N GLN LA 116 -17.39 62.43 -26.16
CA GLN LA 116 -17.83 61.05 -26.33
C GLN LA 116 -16.73 60.16 -26.86
N THR LA 117 -15.81 60.70 -27.67
CA THR LA 117 -14.74 59.87 -28.22
C THR LA 117 -13.70 59.51 -27.17
N ASN LA 118 -13.68 60.24 -26.04
CA ASN LA 118 -12.80 59.86 -24.95
C ASN LA 118 -13.43 58.80 -24.06
N VAL LA 119 -14.76 58.70 -24.07
CA VAL LA 119 -15.43 57.62 -23.35
C VAL LA 119 -15.07 56.28 -23.96
N GLN LA 120 -15.04 56.21 -25.30
CA GLN LA 120 -14.71 54.95 -25.98
C GLN LA 120 -13.28 54.51 -25.66
N VAL LA 121 -12.33 55.45 -25.64
CA VAL LA 121 -10.96 55.10 -25.31
C VAL LA 121 -10.86 54.66 -23.85
N ALA LA 122 -11.54 55.36 -22.95
CA ALA LA 122 -11.54 54.98 -21.55
C ALA LA 122 -12.26 53.64 -21.34
N ASP LA 123 -13.30 53.38 -22.13
CA ASP LA 123 -13.98 52.09 -22.04
C ASP LA 123 -13.15 50.97 -22.65
N SER LA 124 -12.50 51.24 -23.79
CA SER LA 124 -11.69 50.22 -24.43
C SER LA 124 -10.43 49.93 -23.62
N SER LA 125 -9.81 50.95 -23.05
CA SER LA 125 -8.65 50.72 -22.20
C SER LA 125 -9.02 49.93 -20.95
N LYS LA 126 -10.28 50.00 -20.51
CA LYS LA 126 -10.73 49.18 -19.39
C LYS LA 126 -10.69 47.71 -19.74
N GLN LA 127 -11.09 47.36 -20.97
CA GLN LA 127 -11.12 45.96 -21.37
C GLN LA 127 -9.71 45.37 -21.48
N MET LA 128 -8.75 46.17 -21.97
CA MET LA 128 -7.38 45.67 -22.08
C MET LA 128 -6.78 45.34 -20.73
N LEU LA 129 -7.20 46.06 -19.67
CA LEU LA 129 -6.72 45.75 -18.34
C LEU LA 129 -7.33 44.47 -17.80
N LEU LA 130 -8.63 44.25 -18.07
CA LEU LA 130 -9.29 43.04 -17.58
C LEU LA 130 -8.69 41.79 -18.21
N ARG LA 131 -8.39 41.84 -19.51
CA ARG LA 131 -7.75 40.71 -20.16
C ARG LA 131 -6.33 40.51 -19.66
N THR LA 132 -5.65 41.58 -19.25
CA THR LA 132 -4.31 41.45 -18.70
C THR LA 132 -4.33 40.66 -17.40
N LEU LA 133 -5.34 40.89 -16.56
CA LEU LA 133 -5.51 40.10 -15.35
C LEU LA 133 -5.75 38.63 -15.67
N GLN LA 134 -6.39 38.35 -16.80
CA GLN LA 134 -6.72 36.99 -17.19
C GLN LA 134 -5.53 36.26 -17.83
N MET LA 135 -4.42 36.96 -18.08
CA MET LA 135 -3.28 36.31 -18.71
C MET LA 135 -2.69 35.24 -17.82
N GLY LA 136 -2.26 34.14 -18.43
CA GLY LA 136 -1.60 33.05 -17.73
C GLY LA 136 -2.55 31.99 -17.20
N GLN LA 137 -3.85 32.23 -17.24
CA GLN LA 137 -4.82 31.26 -16.76
C GLN LA 137 -5.86 30.94 -17.82
N SER MA 2 -18.25 47.10 4.40
CA SER MA 2 -19.63 46.68 4.24
C SER MA 2 -20.17 47.13 2.90
N LEU MA 3 -19.80 46.42 1.84
CA LEU MA 3 -20.19 46.80 0.49
C LEU MA 3 -21.70 46.68 0.27
N PHE MA 4 -22.41 45.97 1.15
CA PHE MA 4 -23.86 45.90 1.02
C PHE MA 4 -24.52 47.25 1.31
N ASN MA 5 -23.85 48.11 2.08
CA ASN MA 5 -24.39 49.44 2.35
C ASN MA 5 -24.49 50.29 1.10
N VAL MA 6 -23.79 49.92 0.03
CA VAL MA 6 -23.96 50.60 -1.25
C VAL MA 6 -25.38 50.44 -1.75
N PHE MA 7 -25.97 49.25 -1.55
CA PHE MA 7 -27.34 49.01 -1.96
C PHE MA 7 -28.32 49.88 -1.20
N ASN MA 8 -28.04 50.17 0.07
CA ASN MA 8 -28.91 51.07 0.83
C ASN MA 8 -28.83 52.50 0.32
N VAL MA 9 -27.70 52.88 -0.25
CA VAL MA 9 -27.53 54.24 -0.75
C VAL MA 9 -28.11 54.39 -2.16
N THR MA 10 -27.71 53.48 -3.05
CA THR MA 10 -28.26 53.52 -4.42
C THR MA 10 -29.76 53.30 -4.41
N GLY MA 11 -30.22 52.36 -3.58
CA GLY MA 11 -31.66 52.14 -3.48
C GLY MA 11 -32.42 53.36 -2.99
N SER MA 12 -31.86 54.05 -1.99
CA SER MA 12 -32.49 55.27 -1.49
C SER MA 12 -32.51 56.35 -2.56
N ALA MA 13 -31.43 56.47 -3.35
CA ALA MA 13 -31.41 57.42 -4.45
C ALA MA 13 -32.46 57.08 -5.49
N MET MA 14 -32.63 55.78 -5.79
CA MET MA 14 -33.65 55.36 -6.74
C MET MA 14 -35.04 55.75 -6.27
N SER MA 15 -35.30 55.59 -4.96
CA SER MA 15 -36.58 56.00 -4.40
C SER MA 15 -36.72 57.52 -4.41
N ALA MA 16 -35.64 58.22 -4.11
CA ALA MA 16 -35.68 59.69 -4.09
C ALA MA 16 -35.98 60.25 -5.47
N GLU MA 17 -35.33 59.73 -6.50
CA GLU MA 17 -35.57 60.21 -7.86
C GLU MA 17 -36.93 59.80 -8.39
N SER MA 18 -37.51 58.73 -7.83
CA SER MA 18 -38.86 58.33 -8.24
C SER MA 18 -39.89 59.31 -7.67
N VAL MA 19 -39.66 59.80 -6.45
CA VAL MA 19 -40.57 60.80 -5.87
C VAL MA 19 -40.51 62.09 -6.68
N ARG MA 20 -39.31 62.53 -7.06
CA ARG MA 20 -39.18 63.77 -7.81
C ARG MA 20 -39.81 63.67 -9.20
N LEU MA 21 -39.81 62.47 -9.81
CA LEU MA 21 -40.46 62.33 -11.11
C LEU MA 21 -41.97 62.41 -10.99
N ASN MA 22 -42.54 61.78 -9.96
CA ASN MA 22 -43.98 61.83 -9.75
C ASN MA 22 -44.44 63.26 -9.47
N THR MA 23 -43.65 64.00 -8.68
CA THR MA 23 -43.99 65.39 -8.43
C THR MA 23 -43.97 66.21 -9.71
N THR MA 24 -43.01 65.94 -10.59
CA THR MA 24 -42.99 66.60 -11.90
C THR MA 24 -44.21 66.21 -12.73
N SER MA 25 -44.62 64.95 -12.63
CA SER MA 25 -45.81 64.50 -13.36
C SER MA 25 -47.05 65.25 -12.89
N SER MA 26 -47.18 65.44 -11.58
CA SER MA 26 -48.33 66.16 -11.04
C SER MA 26 -48.27 67.64 -11.41
N ASN MA 27 -47.07 68.22 -11.47
CA ASN MA 27 -46.94 69.61 -11.90
C ASN MA 27 -47.32 69.81 -13.36
N LEU MA 28 -46.89 68.90 -14.25
CA LEU MA 28 -47.23 69.01 -15.65
C LEU MA 28 -48.72 68.82 -15.89
N ALA MA 29 -49.36 67.91 -15.15
CA ALA MA 29 -50.77 67.64 -15.32
C ALA MA 29 -51.65 68.72 -14.70
N ASN MA 30 -51.10 69.58 -13.84
CA ASN MA 30 -51.87 70.60 -13.14
C ASN MA 30 -51.30 71.99 -13.38
N ALA MA 31 -50.76 72.24 -14.57
CA ALA MA 31 -50.29 73.58 -14.92
C ALA MA 31 -51.40 74.48 -15.43
N ASP MA 32 -52.60 73.94 -15.67
CA ASP MA 32 -53.72 74.70 -16.21
C ASP MA 32 -54.99 74.47 -15.41
N SER MA 33 -54.86 74.10 -14.14
CA SER MA 33 -56.00 73.74 -13.30
C SER MA 33 -56.30 74.88 -12.35
N VAL MA 34 -57.32 75.68 -12.68
CA VAL MA 34 -57.73 76.79 -11.82
C VAL MA 34 -58.41 76.30 -10.54
N SER MA 35 -59.21 75.26 -10.62
CA SER MA 35 -59.97 74.76 -9.48
C SER MA 35 -59.24 73.59 -8.82
N SER MA 36 -59.71 73.21 -7.64
CA SER MA 36 -59.09 72.14 -6.88
C SER MA 36 -60.12 71.52 -5.95
N SER MA 37 -59.92 70.25 -5.62
CA SER MA 37 -60.86 69.53 -4.77
C SER MA 37 -60.94 70.16 -3.38
N ALA MA 38 -59.79 70.54 -2.82
CA ALA MA 38 -59.72 71.19 -1.53
C ALA MA 38 -59.47 72.70 -1.65
N LYS MA 39 -59.80 73.27 -2.79
CA LYS MA 39 -59.55 74.69 -3.11
C LYS MA 39 -58.05 74.93 -2.96
N ASP MA 40 -57.63 76.10 -2.48
CA ASP MA 40 -56.26 76.50 -2.20
C ASP MA 40 -55.44 76.80 -3.45
N THR MA 41 -55.99 76.56 -4.66
CA THR MA 41 -55.36 76.95 -5.91
C THR MA 41 -53.96 76.32 -6.05
N TYR MA 42 -53.98 75.00 -6.30
CA TYR MA 42 -52.79 74.16 -6.33
C TYR MA 42 -51.57 74.89 -6.87
N LYS MA 43 -50.48 74.80 -6.11
CA LYS MA 43 -49.20 75.39 -6.47
C LYS MA 43 -48.20 74.29 -6.76
N ALA MA 44 -47.18 74.61 -7.57
CA ALA MA 44 -46.20 73.63 -7.97
C ALA MA 44 -45.51 73.03 -6.75
N ARG MA 45 -45.49 71.71 -6.68
CA ARG MA 45 -44.90 70.98 -5.56
C ARG MA 45 -43.48 70.54 -5.91
N HIS MA 46 -42.67 70.35 -4.87
CA HIS MA 46 -41.29 69.90 -5.04
C HIS MA 46 -40.88 69.07 -3.84
N ALA MA 47 -40.26 67.92 -4.11
CA ALA MA 47 -39.70 67.11 -3.03
C ALA MA 47 -38.46 67.81 -2.46
N VAL MA 48 -38.13 67.45 -1.22
CA VAL MA 48 -36.96 68.00 -0.53
C VAL MA 48 -36.03 66.85 -0.19
N PHE MA 49 -34.85 66.82 -0.79
CA PHE MA 49 -33.88 65.79 -0.49
C PHE MA 49 -33.05 66.17 0.73
N GLY MA 50 -32.48 65.16 1.38
CA GLY MA 50 -31.66 65.40 2.55
C GLY MA 50 -30.52 64.41 2.70
N ALA MA 51 -29.42 64.86 3.29
CA ALA MA 51 -28.26 64.02 3.57
C ALA MA 51 -27.89 64.20 5.04
N GLU MA 52 -28.12 63.17 5.84
CA GLU MA 52 -27.84 63.21 7.28
C GLU MA 52 -26.36 62.90 7.50
N LEU MA 53 -25.52 63.89 7.19
CA LEU MA 53 -24.08 63.77 7.36
C LEU MA 53 -23.68 64.29 8.73
N SER MA 54 -22.94 63.48 9.48
CA SER MA 54 -22.52 63.84 10.82
C SER MA 54 -21.31 63.05 11.25
N ASP MA 61 -18.62 57.13 5.75
CA ASP MA 61 -19.02 55.88 5.14
C ASP MA 61 -20.11 56.09 4.09
N THR MA 62 -21.34 55.74 4.43
CA THR MA 62 -22.48 55.83 3.53
C THR MA 62 -23.53 56.78 4.11
N VAL MA 63 -23.99 57.71 3.30
CA VAL MA 63 -25.00 58.69 3.70
C VAL MA 63 -26.17 58.58 2.73
N PRO MA 64 -27.22 57.84 3.10
CA PRO MA 64 -28.39 57.74 2.22
C PRO MA 64 -29.10 59.06 2.06
N VAL MA 65 -29.72 59.25 0.89
CA VAL MA 65 -30.50 60.44 0.59
C VAL MA 65 -31.96 60.13 0.90
N LYS MA 66 -32.58 60.97 1.72
CA LYS MA 66 -33.94 60.73 2.19
C LYS MA 66 -34.81 61.95 1.89
N VAL MA 67 -36.04 61.69 1.44
CA VAL MA 67 -37.02 62.75 1.20
C VAL MA 67 -37.71 63.08 2.51
N MET MA 68 -37.67 64.35 2.90
CA MET MA 68 -38.25 64.80 4.15
C MET MA 68 -39.59 65.49 3.97
N GLY MA 69 -40.15 65.48 2.76
CA GLY MA 69 -41.45 66.07 2.54
C GLY MA 69 -41.54 66.89 1.26
N ILE MA 70 -42.75 67.28 0.91
CA ILE MA 70 -43.01 68.05 -0.31
C ILE MA 70 -43.26 69.50 0.08
N VAL MA 71 -42.60 70.42 -0.63
CA VAL MA 71 -42.71 71.85 -0.38
C VAL MA 71 -43.21 72.54 -1.64
N GLU MA 72 -44.28 73.32 -1.51
CA GLU MA 72 -44.82 74.04 -2.65
C GLU MA 72 -43.90 75.19 -3.05
N SER MA 73 -43.87 75.49 -4.34
CA SER MA 73 -43.05 76.58 -4.84
C SER MA 73 -43.55 77.92 -4.30
N ASP MA 74 -42.61 78.83 -4.07
CA ASP MA 74 -42.92 80.15 -3.55
C ASP MA 74 -43.20 81.17 -4.64
N LYS MA 75 -43.21 80.75 -5.90
CA LYS MA 75 -43.48 81.68 -6.99
C LYS MA 75 -44.94 82.13 -6.93
N PRO MA 76 -45.21 83.40 -7.24
CA PRO MA 76 -46.59 83.88 -7.21
C PRO MA 76 -47.46 83.16 -8.24
N LEU MA 77 -48.73 82.98 -7.89
CA LEU MA 77 -49.68 82.38 -8.81
C LEU MA 77 -49.90 83.29 -10.01
N SER MA 78 -49.96 82.70 -11.20
CA SER MA 78 -50.21 83.46 -12.41
C SER MA 78 -51.65 83.97 -12.41
N ALA MA 79 -51.82 85.27 -12.65
CA ALA MA 79 -53.13 85.88 -12.65
C ALA MA 79 -53.60 86.11 -14.08
N GLU MA 80 -54.78 85.59 -14.40
CA GLU MA 80 -55.38 85.72 -15.72
C GLU MA 80 -56.66 86.53 -15.62
N TYR MA 81 -56.81 87.50 -16.52
CA TYR MA 81 -57.98 88.37 -16.54
C TYR MA 81 -59.09 87.68 -17.32
N ASN MA 82 -60.00 87.03 -16.60
CA ASN MA 82 -61.15 86.36 -17.19
C ASN MA 82 -62.38 86.83 -16.43
N PRO MA 83 -62.85 88.05 -16.70
CA PRO MA 83 -63.91 88.65 -15.88
C PRO MA 83 -65.23 87.89 -15.92
N ASP MA 84 -65.50 87.13 -16.96
CA ASP MA 84 -66.74 86.37 -17.07
C ASP MA 84 -66.65 84.98 -16.45
N HIS MA 85 -65.48 84.58 -15.98
CA HIS MA 85 -65.35 83.28 -15.34
C HIS MA 85 -66.05 83.31 -13.98
N PRO MA 86 -66.71 82.21 -13.58
CA PRO MA 86 -67.41 82.21 -12.29
C PRO MA 86 -66.50 82.45 -11.10
N LEU MA 87 -65.22 82.11 -11.20
CA LEU MA 87 -64.28 82.25 -10.10
C LEU MA 87 -63.56 83.59 -10.09
N ALA MA 88 -63.92 84.51 -10.99
CA ALA MA 88 -63.28 85.81 -11.02
C ALA MA 88 -63.55 86.58 -9.74
N ASN MA 89 -62.54 87.32 -9.28
CA ASN MA 89 -62.65 88.12 -8.06
C ASN MA 89 -63.31 89.45 -8.38
N GLU MA 90 -63.25 90.38 -7.43
CA GLU MA 90 -63.87 91.69 -7.62
C GLU MA 90 -63.23 92.49 -8.74
N GLU MA 91 -62.03 92.11 -9.17
CA GLU MA 91 -61.34 92.80 -10.25
C GLU MA 91 -61.40 92.05 -11.57
N GLY MA 92 -61.99 90.85 -11.59
CA GLY MA 92 -62.10 90.07 -12.80
C GLY MA 92 -60.98 89.09 -13.07
N TYR MA 93 -60.05 88.93 -12.13
CA TYR MA 93 -58.91 88.05 -12.31
C TYR MA 93 -59.18 86.67 -11.74
N ILE MA 94 -58.52 85.66 -12.33
CA ILE MA 94 -58.48 84.33 -11.78
C ILE MA 94 -57.01 83.93 -11.62
N TYR MA 95 -56.76 82.98 -10.73
CA TYR MA 95 -55.40 82.59 -10.38
C TYR MA 95 -55.14 81.15 -10.81
N LYS MA 96 -53.96 80.92 -11.34
CA LYS MA 96 -53.56 79.65 -11.92
C LYS MA 96 -52.23 79.21 -11.33
N PRO MA 97 -51.92 77.92 -11.38
CA PRO MA 97 -50.67 77.43 -10.80
C PRO MA 97 -49.45 78.08 -11.44
N ASN MA 98 -48.36 78.11 -10.68
CA ASN MA 98 -47.12 78.75 -11.09
C ASN MA 98 -46.13 77.77 -11.72
N VAL MA 99 -46.62 76.77 -12.43
CA VAL MA 99 -45.76 75.76 -13.04
C VAL MA 99 -45.07 76.36 -14.26
N ASN MA 100 -43.75 76.24 -14.30
CA ASN MA 100 -42.94 76.72 -15.41
C ASN MA 100 -42.49 75.53 -16.24
N VAL MA 101 -42.79 75.57 -17.55
CA VAL MA 101 -42.55 74.42 -18.41
C VAL MA 101 -41.06 74.11 -18.52
N MET MA 102 -40.23 75.13 -18.71
CA MET MA 102 -38.82 74.90 -18.99
C MET MA 102 -38.11 74.24 -17.81
N GLU MA 103 -38.57 74.50 -16.58
CA GLU MA 103 -37.92 73.90 -15.43
C GLU MA 103 -38.48 72.52 -15.11
N GLU MA 104 -39.71 72.22 -15.52
CA GLU MA 104 -40.23 70.87 -15.34
C GLU MA 104 -39.58 69.90 -16.31
N MET MA 105 -39.29 70.35 -17.53
CA MET MA 105 -38.65 69.48 -18.51
C MET MA 105 -37.24 69.11 -18.08
N ALA MA 106 -36.52 70.06 -17.46
CA ALA MA 106 -35.19 69.75 -16.95
C ALA MA 106 -35.25 68.72 -15.83
N ASN MA 107 -36.25 68.84 -14.96
CA ASN MA 107 -36.42 67.86 -13.88
C ASN MA 107 -36.76 66.48 -14.44
N MET MA 108 -37.51 66.43 -15.54
CA MET MA 108 -37.78 65.15 -16.18
C MET MA 108 -36.50 64.51 -16.69
N ILE MA 109 -35.62 65.31 -17.31
CA ILE MA 109 -34.35 64.79 -17.79
C ILE MA 109 -33.44 64.46 -16.61
N SER MA 110 -33.36 65.36 -15.63
CA SER MA 110 -32.43 65.16 -14.52
C SER MA 110 -32.81 63.95 -13.68
N ALA MA 111 -34.10 63.79 -13.37
CA ALA MA 111 -34.53 62.68 -12.53
C ALA MA 111 -34.33 61.34 -13.23
N SER MA 112 -34.60 61.29 -14.54
CA SER MA 112 -34.46 60.04 -15.27
C SER MA 112 -33.00 59.61 -15.36
N ARG MA 113 -32.10 60.55 -15.68
CA ARG MA 113 -30.70 60.19 -15.81
C ARG MA 113 -30.07 59.89 -14.46
N ALA MA 114 -30.49 60.60 -13.42
CA ALA MA 114 -30.01 60.28 -12.07
C ALA MA 114 -30.51 58.92 -11.62
N TYR MA 115 -31.74 58.56 -11.99
CA TYR MA 115 -32.25 57.24 -11.66
C TYR MA 115 -31.45 56.15 -12.35
N GLN MA 116 -31.08 56.35 -13.61
CA GLN MA 116 -30.43 55.30 -14.38
C GLN MA 116 -28.98 55.11 -13.95
N THR MA 117 -28.32 56.19 -13.53
CA THR MA 117 -26.91 56.05 -13.13
C THR MA 117 -26.76 55.36 -11.78
N ASN MA 118 -27.79 55.41 -10.94
CA ASN MA 118 -27.75 54.66 -9.69
C ASN MA 118 -27.98 53.18 -9.91
N VAL MA 119 -28.59 52.80 -11.04
CA VAL MA 119 -28.68 51.39 -11.40
C VAL MA 119 -27.30 50.85 -11.75
N GLN MA 120 -26.50 51.65 -12.46
CA GLN MA 120 -25.16 51.21 -12.85
C GLN MA 120 -24.29 50.98 -11.62
N VAL MA 121 -24.38 51.87 -10.62
CA VAL MA 121 -23.59 51.71 -9.40
C VAL MA 121 -24.06 50.47 -8.64
N ALA MA 122 -25.37 50.27 -8.53
CA ALA MA 122 -25.88 49.09 -7.86
C ALA MA 122 -25.51 47.81 -8.60
N ASP MA 123 -25.58 47.84 -9.93
CA ASP MA 123 -25.19 46.67 -10.72
C ASP MA 123 -23.70 46.41 -10.61
N SER MA 124 -22.87 47.45 -10.67
CA SER MA 124 -21.43 47.27 -10.55
C SER MA 124 -21.05 46.81 -9.16
N SER MA 125 -21.71 47.33 -8.13
CA SER MA 125 -21.44 46.89 -6.77
C SER MA 125 -21.87 45.44 -6.57
N LYS MA 126 -22.88 44.99 -7.31
CA LYS MA 126 -23.29 43.59 -7.23
C LYS MA 126 -22.21 42.67 -7.76
N GLN MA 127 -21.51 43.08 -8.82
CA GLN MA 127 -20.46 42.25 -9.39
C GLN MA 127 -19.27 42.12 -8.44
N MET MA 128 -18.93 43.20 -7.73
CA MET MA 128 -17.80 43.16 -6.82
C MET MA 128 -18.05 42.20 -5.67
N LEU MA 129 -19.30 42.13 -5.17
CA LEU MA 129 -19.62 41.21 -4.09
C LEU MA 129 -19.47 39.76 -4.54
N LEU MA 130 -19.89 39.45 -5.77
CA LEU MA 130 -19.77 38.08 -6.27
C LEU MA 130 -18.31 37.67 -6.39
N ARG MA 131 -17.45 38.57 -6.86
CA ARG MA 131 -16.02 38.28 -6.94
C ARG MA 131 -15.43 38.09 -5.55
N THR MA 132 -15.93 38.80 -4.55
CA THR MA 132 -15.46 38.60 -3.18
C THR MA 132 -15.78 37.19 -2.70
N LEU MA 133 -16.97 36.69 -3.03
CA LEU MA 133 -17.34 35.33 -2.67
C LEU MA 133 -16.40 34.30 -3.32
N GLN MA 134 -15.82 34.64 -4.46
CA GLN MA 134 -14.94 33.72 -5.17
C GLN MA 134 -13.47 33.88 -4.77
N MET MA 135 -13.17 34.74 -3.81
CA MET MA 135 -11.79 34.93 -3.38
C MET MA 135 -11.24 33.66 -2.74
N GLY MA 136 -10.14 33.15 -3.29
CA GLY MA 136 -9.51 31.96 -2.76
C GLY MA 136 -10.24 30.68 -3.10
N GLN MA 137 -11.54 30.66 -2.87
CA GLN MA 137 -12.36 29.49 -3.14
C GLN MA 137 -12.63 29.35 -4.64
N SER NA 2 -38.61 26.60 -1.11
CA SER NA 2 -38.86 25.94 -2.38
C SER NA 2 -39.08 26.95 -3.49
N LEU NA 3 -38.02 27.22 -4.26
CA LEU NA 3 -38.11 28.20 -5.34
C LEU NA 3 -38.98 27.73 -6.51
N PHE NA 4 -39.37 26.46 -6.53
CA PHE NA 4 -40.28 26.00 -7.59
C PHE NA 4 -41.63 26.70 -7.50
N ASN NA 5 -42.00 27.17 -6.32
CA ASN NA 5 -43.22 27.96 -6.17
C ASN NA 5 -43.11 29.27 -6.93
N VAL NA 6 -41.92 29.87 -6.93
CA VAL NA 6 -41.66 31.12 -7.65
C VAL NA 6 -41.98 30.92 -9.14
N PHE NA 7 -41.63 29.74 -9.66
CA PHE NA 7 -41.92 29.45 -11.07
C PHE NA 7 -43.42 29.46 -11.33
N ASN NA 8 -44.21 28.92 -10.41
CA ASN NA 8 -45.66 28.97 -10.56
C ASN NA 8 -46.18 30.40 -10.52
N VAL NA 9 -45.64 31.21 -9.60
CA VAL NA 9 -46.13 32.58 -9.46
C VAL NA 9 -45.76 33.43 -10.66
N THR NA 10 -44.49 33.36 -11.08
CA THR NA 10 -44.06 34.12 -12.26
C THR NA 10 -44.76 33.61 -13.51
N GLY NA 11 -44.93 32.30 -13.63
CA GLY NA 11 -45.65 31.76 -14.77
C GLY NA 11 -47.10 32.21 -14.81
N SER NA 12 -47.76 32.25 -13.65
CA SER NA 12 -49.13 32.75 -13.60
C SER NA 12 -49.18 34.24 -13.90
N ALA NA 13 -48.18 34.99 -13.45
CA ALA NA 13 -48.12 36.42 -13.77
C ALA NA 13 -47.90 36.62 -15.27
N MET NA 14 -46.99 35.85 -15.87
CA MET NA 14 -46.74 35.98 -17.30
C MET NA 14 -47.97 35.62 -18.12
N SER NA 15 -48.72 34.61 -17.68
CA SER NA 15 -49.97 34.27 -18.35
C SER NA 15 -50.99 35.40 -18.22
N ALA NA 16 -51.04 36.03 -17.04
CA ALA NA 16 -51.98 37.14 -16.84
C ALA NA 16 -51.62 38.32 -17.73
N GLU NA 17 -50.34 38.63 -17.85
CA GLU NA 17 -49.92 39.74 -18.71
C GLU NA 17 -50.22 39.44 -20.18
N SER NA 18 -50.06 38.18 -20.59
CA SER NA 18 -50.39 37.80 -21.97
C SER NA 18 -51.87 37.99 -22.24
N VAL NA 19 -52.73 37.65 -21.27
CA VAL NA 19 -54.16 37.87 -21.44
C VAL NA 19 -54.46 39.37 -21.55
N ARG NA 20 -53.80 40.19 -20.73
CA ARG NA 20 -54.01 41.63 -20.80
C ARG NA 20 -53.55 42.19 -22.14
N LEU NA 21 -52.43 41.68 -22.66
CA LEU NA 21 -51.91 42.18 -23.94
C LEU NA 21 -52.88 41.87 -25.07
N ASN NA 22 -53.45 40.66 -25.07
CA ASN NA 22 -54.41 40.31 -26.12
C ASN NA 22 -55.67 41.15 -26.01
N THR NA 23 -56.09 41.46 -24.78
CA THR NA 23 -57.23 42.34 -24.58
C THR NA 23 -56.95 43.74 -25.13
N THR NA 24 -55.74 44.25 -24.90
CA THR NA 24 -55.36 45.54 -25.47
C THR NA 24 -55.30 45.46 -26.99
N SER NA 25 -54.82 44.34 -27.54
CA SER NA 25 -54.73 44.20 -28.98
C SER NA 25 -56.11 44.25 -29.63
N SER NA 26 -57.11 43.63 -28.99
CA SER NA 26 -58.45 43.65 -29.54
C SER NA 26 -59.08 45.03 -29.45
N ASN NA 27 -58.81 45.76 -28.36
CA ASN NA 27 -59.37 47.10 -28.21
C ASN NA 27 -58.83 48.05 -29.28
N LEU NA 28 -57.53 47.98 -29.55
CA LEU NA 28 -56.95 48.83 -30.59
C LEU NA 28 -57.49 48.48 -31.96
N ALA NA 29 -57.67 47.20 -32.25
CA ALA NA 29 -58.22 46.76 -33.52
C ALA NA 29 -59.71 47.03 -33.66
N ASN NA 30 -60.45 47.08 -32.56
CA ASN NA 30 -61.90 47.27 -32.59
C ASN NA 30 -62.30 48.60 -31.98
N ALA NA 31 -61.44 49.61 -32.09
CA ALA NA 31 -61.76 50.95 -31.62
C ALA NA 31 -62.55 51.76 -32.63
N ASP NA 32 -62.84 51.19 -33.80
CA ASP NA 32 -63.50 51.91 -34.88
C ASP NA 32 -64.59 51.06 -35.54
N SER NA 33 -65.13 50.06 -34.83
CA SER NA 33 -66.05 49.10 -35.41
C SER NA 33 -67.46 49.38 -34.90
N VAL NA 34 -68.33 49.89 -35.79
CA VAL NA 34 -69.72 50.12 -35.44
C VAL NA 34 -70.56 48.85 -35.47
N SER NA 35 -70.07 47.79 -36.10
CA SER NA 35 -70.77 46.52 -36.21
C SER NA 35 -70.18 45.52 -35.21
N SER NA 36 -70.68 44.29 -35.27
CA SER NA 36 -70.22 43.23 -34.39
C SER NA 36 -70.59 41.89 -35.01
N SER NA 37 -70.07 40.82 -34.40
CA SER NA 37 -70.36 39.48 -34.89
C SER NA 37 -71.84 39.17 -34.80
N ALA NA 38 -72.40 39.09 -33.58
CA ALA NA 38 -73.82 38.75 -33.45
C ALA NA 38 -74.73 39.98 -33.52
N LYS NA 39 -74.82 40.73 -32.41
CA LYS NA 39 -75.74 41.88 -32.41
C LYS NA 39 -75.37 43.02 -31.47
N ASP NA 40 -74.16 43.07 -30.90
CA ASP NA 40 -73.91 44.01 -29.83
C ASP NA 40 -72.60 44.75 -30.05
N THR NA 41 -72.68 46.08 -30.04
CA THR NA 41 -71.52 46.92 -30.31
C THR NA 41 -70.38 46.61 -29.34
N TYR NA 42 -69.17 46.53 -29.87
CA TYR NA 42 -67.99 46.23 -29.06
C TYR NA 42 -67.80 47.27 -27.97
N LYS NA 43 -67.48 46.78 -26.78
CA LYS NA 43 -67.19 47.66 -25.62
C LYS NA 43 -65.81 47.28 -25.10
N ALA NA 44 -64.98 48.26 -24.74
CA ALA NA 44 -63.60 48.03 -24.33
C ALA NA 44 -63.52 46.97 -23.23
N ARG NA 45 -62.84 45.86 -23.55
CA ARG NA 45 -62.73 44.75 -22.62
C ARG NA 45 -61.53 44.95 -21.69
N HIS NA 46 -61.60 44.33 -20.52
CA HIS NA 46 -60.54 44.40 -19.54
C HIS NA 46 -60.51 43.12 -18.73
N ALA NA 47 -59.36 42.46 -18.69
CA ALA NA 47 -59.18 41.29 -17.86
C ALA NA 47 -59.20 41.69 -16.39
N VAL NA 48 -59.60 40.76 -15.53
CA VAL NA 48 -59.67 40.98 -14.08
C VAL NA 48 -58.62 40.09 -13.42
N PHE NA 49 -57.64 40.71 -12.77
CA PHE NA 49 -56.64 39.97 -12.01
C PHE NA 49 -57.15 39.77 -10.58
N GLY NA 50 -56.67 38.69 -9.95
CA GLY NA 50 -57.08 38.40 -8.59
C GLY NA 50 -56.00 37.76 -7.75
N ALA NA 51 -55.98 38.07 -6.46
CA ALA NA 51 -55.03 37.50 -5.51
C ALA NA 51 -55.80 36.84 -4.38
N GLU NA 52 -55.70 35.51 -4.29
CA GLU NA 52 -56.45 34.74 -3.30
C GLU NA 52 -55.64 34.62 -2.01
N LEU NA 53 -55.41 35.78 -1.39
CA LEU NA 53 -54.64 35.81 -0.15
C LEU NA 53 -55.42 35.12 0.97
N SER NA 54 -54.70 34.40 1.81
CA SER NA 54 -55.31 33.68 2.91
C SER NA 54 -54.90 34.29 4.26
N ASP NA 61 -45.30 32.15 2.30
CA ASP NA 61 -45.61 31.43 1.08
C ASP NA 61 -45.84 32.38 -0.10
N THR NA 62 -46.53 31.89 -1.12
CA THR NA 62 -46.75 32.65 -2.34
C THR NA 62 -48.23 32.69 -2.68
N VAL NA 63 -48.63 33.77 -3.34
CA VAL NA 63 -50.01 33.97 -3.78
C VAL NA 63 -50.01 34.16 -5.29
N PRO NA 64 -50.34 33.12 -6.06
CA PRO NA 64 -50.41 33.27 -7.52
C PRO NA 64 -51.50 34.24 -7.94
N VAL NA 65 -51.27 34.91 -9.06
CA VAL NA 65 -52.23 35.84 -9.65
C VAL NA 65 -52.97 35.13 -10.77
N LYS NA 66 -54.29 35.14 -10.72
CA LYS NA 66 -55.12 34.43 -11.67
C LYS NA 66 -56.11 35.38 -12.32
N VAL NA 67 -56.29 35.23 -13.64
CA VAL NA 67 -57.31 35.96 -14.37
C VAL NA 67 -58.65 35.26 -14.16
N MET NA 68 -59.66 36.03 -13.75
CA MET NA 68 -60.95 35.47 -13.38
C MET NA 68 -62.08 35.88 -14.32
N GLY NA 69 -61.75 36.37 -15.51
CA GLY NA 69 -62.77 36.74 -16.48
C GLY NA 69 -62.52 38.09 -17.10
N ILE NA 70 -63.19 38.34 -18.23
CA ILE NA 70 -63.07 39.61 -18.94
C ILE NA 70 -64.32 40.43 -18.70
N VAL NA 71 -64.13 41.70 -18.36
CA VAL NA 71 -65.22 42.61 -18.04
C VAL NA 71 -65.10 43.84 -18.94
N GLU NA 72 -66.18 44.20 -19.60
CA GLU NA 72 -66.20 45.37 -20.47
C GLU NA 72 -66.20 46.65 -19.64
N SER NA 73 -65.61 47.70 -20.22
CA SER NA 73 -65.61 49.00 -19.56
C SER NA 73 -67.03 49.56 -19.52
N ASP NA 74 -67.30 50.33 -18.46
CA ASP NA 74 -68.62 50.89 -18.23
C ASP NA 74 -68.79 52.28 -18.81
N LYS NA 75 -67.78 52.78 -19.52
CA LYS NA 75 -67.89 54.09 -20.16
C LYS NA 75 -68.96 54.05 -21.25
N PRO NA 76 -69.72 55.13 -21.42
CA PRO NA 76 -70.74 55.14 -22.47
C PRO NA 76 -70.12 55.07 -23.86
N LEU NA 77 -70.86 54.45 -24.79
CA LEU NA 77 -70.42 54.41 -26.17
C LEU NA 77 -70.45 55.79 -26.79
N SER NA 78 -69.42 56.10 -27.57
CA SER NA 78 -69.29 57.42 -28.18
C SER NA 78 -70.26 57.52 -29.35
N ALA NA 79 -71.28 58.33 -29.19
CA ALA NA 79 -72.28 58.52 -30.23
C ALA NA 79 -71.79 59.49 -31.29
N GLU NA 80 -71.94 59.11 -32.55
CA GLU NA 80 -71.55 59.94 -33.67
C GLU NA 80 -72.76 60.19 -34.57
N TYR NA 81 -72.82 61.39 -35.13
CA TYR NA 81 -73.92 61.79 -35.99
C TYR NA 81 -73.58 61.37 -37.41
N ASN NA 82 -74.11 60.23 -37.83
CA ASN NA 82 -73.98 59.71 -39.19
C ASN NA 82 -75.38 59.40 -39.70
N PRO NA 83 -76.17 60.43 -39.97
CA PRO NA 83 -77.60 60.22 -40.29
C PRO NA 83 -77.84 59.42 -41.56
N ASP NA 84 -76.96 59.50 -42.55
CA ASP NA 84 -77.13 58.74 -43.78
C ASP NA 84 -76.61 57.31 -43.67
N HIS NA 85 -76.03 56.95 -42.53
CA HIS NA 85 -75.52 55.59 -42.35
C HIS NA 85 -76.69 54.61 -42.29
N PRO NA 86 -76.53 53.39 -42.82
CA PRO NA 86 -77.62 52.41 -42.74
C PRO NA 86 -78.03 52.05 -41.32
N LEU NA 87 -77.09 52.07 -40.36
CA LEU NA 87 -77.34 51.66 -39.00
C LEU NA 87 -77.75 52.81 -38.10
N ALA NA 88 -77.98 54.00 -38.65
CA ALA NA 88 -78.37 55.14 -37.84
C ALA NA 88 -79.73 54.92 -37.19
N ASN NA 89 -79.88 55.43 -35.98
CA ASN NA 89 -81.12 55.31 -35.22
C ASN NA 89 -82.13 56.35 -35.69
N GLU NA 90 -83.18 56.56 -34.89
CA GLU NA 90 -84.21 57.53 -35.27
C GLU NA 90 -83.67 58.96 -35.29
N GLU NA 91 -82.63 59.24 -34.52
CA GLU NA 91 -82.05 60.58 -34.47
C GLU NA 91 -80.81 60.72 -35.35
N GLY NA 92 -80.46 59.69 -36.11
CA GLY NA 92 -79.29 59.76 -36.96
C GLY NA 92 -77.98 59.51 -36.29
N TYR NA 93 -77.98 58.96 -35.08
CA TYR NA 93 -76.77 58.68 -34.33
C TYR NA 93 -76.35 57.22 -34.52
N ILE NA 94 -75.05 57.01 -34.67
CA ILE NA 94 -74.47 55.68 -34.60
C ILE NA 94 -73.50 55.65 -33.44
N TYR NA 95 -73.38 54.49 -32.80
CA TYR NA 95 -72.56 54.33 -31.60
C TYR NA 95 -71.32 53.53 -31.93
N LYS NA 96 -70.21 53.90 -31.31
CA LYS NA 96 -68.91 53.31 -31.57
C LYS NA 96 -68.26 52.92 -30.25
N PRO NA 97 -67.32 51.98 -30.27
CA PRO NA 97 -66.74 51.48 -29.01
C PRO NA 97 -66.09 52.59 -28.21
N ASN NA 98 -66.13 52.43 -26.89
CA ASN NA 98 -65.60 53.41 -25.94
C ASN NA 98 -64.10 53.25 -25.70
N VAL NA 99 -63.38 52.64 -26.64
CA VAL NA 99 -61.94 52.45 -26.48
C VAL NA 99 -61.25 53.82 -26.49
N ASN NA 100 -60.44 54.07 -25.47
CA ASN NA 100 -59.65 55.29 -25.37
C ASN NA 100 -58.20 54.95 -25.72
N VAL NA 101 -57.64 55.71 -26.66
CA VAL NA 101 -56.31 55.39 -27.17
C VAL NA 101 -55.25 55.53 -26.08
N MET NA 102 -55.34 56.59 -25.27
CA MET NA 102 -54.28 56.87 -24.31
C MET NA 102 -54.14 55.76 -23.27
N GLU NA 103 -55.26 55.24 -22.76
CA GLU NA 103 -55.17 54.21 -21.73
C GLU NA 103 -54.81 52.86 -22.32
N GLU NA 104 -55.17 52.60 -23.58
CA GLU NA 104 -54.77 51.34 -24.20
C GLU NA 104 -53.27 51.31 -24.50
N MET NA 105 -52.69 52.47 -24.85
CA MET NA 105 -51.25 52.54 -25.05
C MET NA 105 -50.51 52.33 -23.73
N ALA NA 106 -51.03 52.89 -22.64
CA ALA NA 106 -50.42 52.66 -21.33
C ALA NA 106 -50.48 51.18 -20.95
N ASN NA 107 -51.59 50.52 -21.26
CA ASN NA 107 -51.68 49.08 -21.01
C ASN NA 107 -50.65 48.31 -21.83
N MET NA 108 -50.44 48.72 -23.08
CA MET NA 108 -49.42 48.08 -23.91
C MET NA 108 -48.04 48.23 -23.30
N ILE NA 109 -47.72 49.42 -22.80
CA ILE NA 109 -46.42 49.62 -22.16
C ILE NA 109 -46.35 48.88 -20.83
N SER NA 110 -47.41 48.99 -20.01
CA SER NA 110 -47.37 48.41 -18.68
C SER NA 110 -47.33 46.88 -18.73
N ALA NA 111 -48.14 46.27 -19.60
CA ALA NA 111 -48.18 44.82 -19.68
C ALA NA 111 -46.85 44.25 -20.18
N SER NA 112 -46.23 44.91 -21.15
CA SER NA 112 -44.96 44.40 -21.69
C SER NA 112 -43.84 44.50 -20.66
N ARG NA 113 -43.75 45.63 -19.96
CA ARG NA 113 -42.71 45.79 -18.95
C ARG NA 113 -42.94 44.87 -17.77
N ALA NA 114 -44.20 44.65 -17.41
CA ALA NA 114 -44.52 43.71 -16.33
C ALA NA 114 -44.24 42.27 -16.74
N TYR NA 115 -44.46 41.95 -18.02
CA TYR NA 115 -44.18 40.61 -18.51
C TYR NA 115 -42.70 40.30 -18.45
N GLN NA 116 -41.87 41.28 -18.82
CA GLN NA 116 -40.43 41.02 -18.95
C GLN NA 116 -39.76 40.92 -17.58
N THR NA 117 -40.26 41.66 -16.59
CA THR NA 117 -39.64 41.61 -15.27
C THR NA 117 -39.95 40.31 -14.54
N ASN NA 118 -41.06 39.65 -14.88
CA ASN NA 118 -41.35 38.34 -14.29
C ASN NA 118 -40.46 37.25 -14.89
N VAL NA 119 -40.03 37.43 -16.14
CA VAL NA 119 -39.04 36.52 -16.72
C VAL NA 119 -37.72 36.65 -15.98
N GLN NA 120 -37.36 37.88 -15.61
CA GLN NA 120 -36.11 38.10 -14.87
C GLN NA 120 -36.14 37.39 -13.52
N VAL NA 121 -37.28 37.45 -12.82
CA VAL NA 121 -37.38 36.79 -11.52
C VAL NA 121 -37.27 35.28 -11.67
N ALA NA 122 -37.97 34.72 -12.66
CA ALA NA 122 -37.91 33.28 -12.89
C ALA NA 122 -36.50 32.83 -13.27
N ASP NA 123 -35.83 33.61 -14.12
CA ASP NA 123 -34.46 33.29 -14.49
C ASP NA 123 -33.52 33.38 -13.30
N SER NA 124 -33.69 34.42 -12.48
CA SER NA 124 -32.88 34.54 -11.27
C SER NA 124 -33.20 33.42 -10.28
N SER NA 125 -34.49 33.10 -10.13
CA SER NA 125 -34.87 32.00 -9.26
C SER NA 125 -34.38 30.66 -9.77
N LYS NA 126 -34.28 30.51 -11.10
CA LYS NA 126 -33.74 29.29 -11.67
C LYS NA 126 -32.29 29.09 -11.27
N GLN NA 127 -31.51 30.17 -11.24
CA GLN NA 127 -30.11 30.07 -10.84
C GLN NA 127 -29.99 29.65 -9.38
N MET NA 128 -30.84 30.18 -8.51
CA MET NA 128 -30.73 29.89 -7.08
C MET NA 128 -30.94 28.41 -6.81
N LEU NA 129 -31.87 27.77 -7.54
CA LEU NA 129 -32.06 26.33 -7.40
C LEU NA 129 -30.82 25.57 -7.83
N LEU NA 130 -30.17 26.02 -8.91
CA LEU NA 130 -28.97 25.35 -9.39
C LEU NA 130 -27.83 25.42 -8.39
N ARG NA 131 -27.65 26.57 -7.73
CA ARG NA 131 -26.59 26.70 -6.75
C ARG NA 131 -26.86 25.84 -5.51
N THR NA 132 -28.13 25.59 -5.22
CA THR NA 132 -28.46 24.69 -4.11
C THR NA 132 -28.06 23.25 -4.44
N LEU NA 133 -28.21 22.85 -5.71
CA LEU NA 133 -27.78 21.52 -6.12
C LEU NA 133 -26.28 21.34 -5.95
N GLN NA 134 -25.51 22.38 -6.23
CA GLN NA 134 -24.06 22.32 -6.12
C GLN NA 134 -23.55 22.54 -4.71
N MET NA 135 -24.43 22.80 -3.75
CA MET NA 135 -24.00 22.99 -2.36
C MET NA 135 -23.38 21.72 -1.81
N GLY NA 136 -22.24 21.86 -1.14
CA GLY NA 136 -21.56 20.75 -0.52
C GLY NA 136 -20.51 20.07 -1.37
N GLN NA 137 -20.54 20.26 -2.69
CA GLN NA 137 -19.57 19.64 -3.57
C GLN NA 137 -19.02 20.64 -4.59
N ASP OA 32 8.55 25.10 26.15
CA ASP OA 32 9.04 23.73 25.87
C ASP OA 32 8.34 23.18 24.61
N PHE OA 33 8.75 22.02 24.12
CA PHE OA 33 8.15 21.43 22.89
C PHE OA 33 6.67 21.08 23.13
N ASN OA 34 6.35 20.62 24.33
CA ASN OA 34 4.93 20.32 24.65
C ASN OA 34 4.12 21.62 24.53
N ASP OA 35 4.64 22.70 25.10
CA ASP OA 35 3.88 23.96 25.10
C ASP OA 35 3.80 24.46 23.66
N LEU OA 36 4.83 24.19 22.85
CA LEU OA 36 4.79 24.57 21.41
C LEU OA 36 3.60 23.88 20.75
N LEU OA 37 3.52 22.56 20.92
CA LEU OA 37 2.38 21.82 20.30
C LEU OA 37 1.07 22.41 20.82
N THR OA 38 0.99 22.74 22.12
CA THR OA 38 -0.29 23.23 22.67
C THR OA 38 -0.65 24.58 22.04
N LYS OA 39 0.31 25.49 21.93
CA LYS OA 39 0.06 26.84 21.39
C LYS OA 39 -0.36 26.74 19.92
N ALA OA 40 0.28 25.86 19.17
CA ALA OA 40 -0.06 25.76 17.74
C ALA OA 40 -1.54 25.42 17.56
N ILE OA 41 -2.05 24.47 18.35
CA ILE OA 41 -3.45 24.08 18.21
C ILE OA 41 -4.37 25.21 18.67
N ASN OA 42 -3.99 25.90 19.74
CA ASN OA 42 -4.80 27.02 20.22
C ASN OA 42 -4.84 28.16 19.20
N ASN OA 43 -3.80 28.27 18.37
CA ASN OA 43 -3.87 29.20 17.25
C ASN OA 43 -4.89 28.74 16.21
N VAL OA 44 -4.99 27.43 15.99
CA VAL OA 44 -5.90 26.92 14.97
C VAL OA 44 -7.35 27.17 15.36
N ASN OA 45 -7.72 26.86 16.60
CA ASN OA 45 -9.11 27.04 17.01
C ASN OA 45 -9.46 28.52 17.15
N THR OA 46 -8.49 29.36 17.51
CA THR OA 46 -8.73 30.80 17.55
C THR OA 46 -9.08 31.34 16.18
N LEU OA 47 -8.37 30.90 15.14
CA LEU OA 47 -8.73 31.26 13.78
C LEU OA 47 -10.09 30.68 13.40
N GLN OA 48 -10.34 29.42 13.78
CA GLN OA 48 -11.62 28.81 13.49
C GLN OA 48 -12.75 29.46 14.27
N LYS OA 49 -12.50 29.81 15.53
CA LYS OA 49 -13.53 30.49 16.32
C LYS OA 49 -13.83 31.88 15.76
N ALA OA 50 -12.79 32.62 15.39
CA ALA OA 50 -12.99 33.94 14.82
C ALA OA 50 -13.70 33.85 13.47
N SER OA 51 -13.32 32.88 12.64
CA SER OA 51 -13.97 32.71 11.35
C SER OA 51 -15.44 32.35 11.51
N GLY OA 52 -15.75 31.46 12.46
CA GLY OA 52 -17.14 31.08 12.66
C GLY OA 52 -18.00 32.22 13.14
N ASP OA 53 -17.46 33.06 14.03
CA ASP OA 53 -18.23 34.20 14.54
C ASP OA 53 -18.54 35.19 13.44
N LEU OA 54 -17.56 35.48 12.58
CA LEU OA 54 -17.79 36.41 11.47
C LEU OA 54 -18.80 35.86 10.48
N GLN OA 55 -18.76 34.54 10.24
CA GLN OA 55 -19.75 33.93 9.35
C GLN OA 55 -21.16 34.05 9.91
N THR OA 56 -21.32 33.82 11.22
CA THR OA 56 -22.65 33.91 11.81
C THR OA 56 -23.16 35.34 11.85
N ARG OA 57 -22.28 36.29 12.17
CA ARG OA 57 -22.70 37.70 12.21
C ARG OA 57 -23.14 38.19 10.84
N PHE OA 58 -22.39 37.84 9.79
CA PHE OA 58 -22.80 38.23 8.44
C PHE OA 58 -24.07 37.52 8.02
N ASP OA 59 -24.19 36.23 8.35
CA ASP OA 59 -25.33 35.45 7.89
C ASP OA 59 -26.64 35.94 8.52
N ARG OA 60 -26.61 36.34 9.78
CA ARG OA 60 -27.82 36.79 10.46
C ARG OA 60 -28.18 38.23 10.13
N GLY OA 61 -27.45 38.89 9.24
CA GLY OA 61 -27.83 40.19 8.74
C GLY OA 61 -27.25 41.38 9.46
N ASP OA 62 -26.20 41.20 10.26
CA ASP OA 62 -25.56 42.33 10.91
C ASP OA 62 -24.95 43.26 9.87
N ALA OA 63 -25.12 44.56 10.07
CA ALA OA 63 -24.71 45.56 9.11
C ALA OA 63 -23.31 46.10 9.37
N ASP OA 64 -22.63 45.60 10.39
CA ASP OA 64 -21.27 46.02 10.71
C ASP OA 64 -20.22 45.01 10.27
N VAL OA 65 -20.60 44.01 9.50
CA VAL OA 65 -19.69 42.95 9.05
C VAL OA 65 -19.65 42.99 7.52
N SER OA 66 -18.43 43.06 6.98
CA SER OA 66 -18.21 43.09 5.54
C SER OA 66 -17.83 41.71 5.02
N LEU OA 67 -18.13 41.48 3.74
CA LEU OA 67 -17.85 40.19 3.13
C LEU OA 67 -16.36 39.93 3.01
N SER OA 68 -15.56 40.98 2.78
CA SER OA 68 -14.11 40.81 2.68
C SER OA 68 -13.54 40.31 4.00
N ASP OA 69 -14.02 40.83 5.12
CA ASP OA 69 -13.57 40.35 6.42
C ASP OA 69 -13.90 38.87 6.60
N VAL OA 70 -15.09 38.46 6.16
CA VAL OA 70 -15.47 37.05 6.27
C VAL OA 70 -14.58 36.18 5.39
N MET OA 71 -14.35 36.60 4.14
CA MET OA 71 -13.61 35.77 3.21
C MET OA 71 -12.13 35.66 3.60
N ILE OA 72 -11.54 36.76 4.07
CA ILE OA 72 -10.16 36.70 4.54
C ILE OA 72 -10.05 35.78 5.74
N ALA OA 73 -11.00 35.89 6.67
CA ALA OA 73 -10.95 35.07 7.88
C ALA OA 73 -11.19 33.60 7.59
N ARG OA 74 -12.15 33.30 6.71
CA ARG OA 74 -12.48 31.89 6.45
C ARG OA 74 -11.40 31.21 5.64
N ASN OA 75 -10.74 31.95 4.75
CA ASN OA 75 -9.58 31.41 4.05
C ASN OA 75 -8.40 31.28 5.02
N LYS OA 76 -8.31 32.18 5.99
CA LYS OA 76 -7.24 32.11 6.98
C LYS OA 76 -7.33 30.84 7.82
N SER OA 77 -8.54 30.46 8.21
CA SER OA 77 -8.71 29.25 9.00
C SER OA 77 -8.58 28.00 8.13
N SER OA 78 -8.96 28.10 6.85
CA SER OA 78 -8.86 26.95 5.96
C SER OA 78 -7.41 26.53 5.76
N VAL OA 79 -6.51 27.50 5.58
CA VAL OA 79 -5.09 27.18 5.44
C VAL OA 79 -4.54 26.59 6.74
N ALA OA 80 -4.94 27.16 7.88
CA ALA OA 80 -4.48 26.67 9.16
C ALA OA 80 -4.94 25.24 9.42
N PHE OA 81 -6.21 24.94 9.12
CA PHE OA 81 -6.73 23.60 9.37
C PHE OA 81 -6.14 22.59 8.39
N ASP OA 82 -5.90 23.00 7.15
CA ASP OA 82 -5.19 22.13 6.22
C ASP OA 82 -3.77 21.86 6.69
N ALA OA 83 -3.11 22.88 7.24
CA ALA OA 83 -1.75 22.70 7.73
C ALA OA 83 -1.71 21.72 8.90
N THR OA 84 -2.66 21.83 9.83
CA THR OA 84 -2.66 20.92 10.98
C THR OA 84 -3.08 19.51 10.59
N VAL OA 85 -3.84 19.36 9.50
CA VAL OA 85 -4.14 18.03 8.99
C VAL OA 85 -2.90 17.40 8.38
N GLN OA 86 -2.17 18.17 7.57
CA GLN OA 86 -0.97 17.63 6.92
C GLN OA 86 0.10 17.29 7.96
N ILE OA 87 0.30 18.17 8.95
CA ILE OA 87 1.30 17.90 9.98
C ILE OA 87 0.94 16.64 10.76
N ARG OA 88 -0.34 16.49 11.10
CA ARG OA 88 -0.79 15.29 11.80
C ARG OA 88 -0.57 14.04 10.95
N ASN OA 89 -0.85 14.14 9.64
CA ASN OA 89 -0.67 12.99 8.76
C ASN OA 89 0.80 12.58 8.68
N LYS OA 90 1.70 13.55 8.56
CA LYS OA 90 3.12 13.24 8.47
C LYS OA 90 3.64 12.60 9.76
N LEU OA 91 3.18 13.11 10.91
CA LEU OA 91 3.62 12.55 12.19
C LEU OA 91 3.13 11.12 12.37
N VAL OA 92 1.90 10.83 11.96
CA VAL OA 92 1.38 9.47 12.08
C VAL OA 92 2.12 8.53 11.14
N GLU OA 93 2.42 8.99 9.93
CA GLU OA 93 3.20 8.16 8.99
C GLU OA 93 4.58 7.86 9.57
N ALA OA 94 5.21 8.85 10.19
CA ALA OA 94 6.50 8.61 10.82
C ALA OA 94 6.38 7.59 11.95
N TYR OA 95 5.33 7.69 12.76
CA TYR OA 95 5.11 6.73 13.83
C TYR OA 95 4.89 5.33 13.27
N LYS OA 96 4.08 5.22 12.22
CA LYS OA 96 3.81 3.91 11.63
C LYS OA 96 5.08 3.30 11.04
N ASP OA 97 5.90 4.11 10.38
CA ASP OA 97 7.14 3.59 9.81
C ASP OA 97 8.08 3.10 10.90
N LEU OA 98 8.23 3.86 11.99
CA LEU OA 98 9.14 3.46 13.06
C LEU OA 98 8.67 2.18 13.74
N MET OA 99 7.37 2.05 13.98
CA MET OA 99 6.84 0.90 14.70
C MET OA 99 6.77 -0.36 13.84
N ASN OA 100 6.77 -0.23 12.50
CA ASN OA 100 6.68 -1.37 11.62
C ASN OA 100 8.03 -1.84 11.11
N MET OA 101 9.09 -1.60 11.89
CA MET OA 101 10.40 -2.12 11.54
C MET OA 101 10.77 -3.27 12.47
N PRO OA 102 11.33 -4.35 11.93
CA PRO OA 102 11.82 -5.43 12.80
C PRO OA 102 12.92 -4.94 13.71
N VAL OA 103 12.89 -5.40 14.95
CA VAL OA 103 13.84 -4.95 15.96
C VAL OA 103 14.85 -6.06 16.26
N ALA PA 24 -27.23 -23.72 -22.99
CA ALA PA 24 -26.46 -22.55 -23.39
C ALA PA 24 -25.07 -22.57 -22.77
N SER PA 25 -24.10 -22.04 -23.49
CA SER PA 25 -22.72 -21.98 -23.03
C SER PA 25 -22.32 -20.54 -22.71
N GLY PA 26 -21.16 -20.42 -22.06
CA GLY PA 26 -20.64 -19.10 -21.73
C GLY PA 26 -20.07 -18.34 -22.91
N ALA PA 27 -19.72 -19.04 -23.99
CA ALA PA 27 -19.22 -18.36 -25.18
C ALA PA 27 -20.32 -17.56 -25.86
N LYS PA 28 -21.56 -18.06 -25.82
CA LYS PA 28 -22.68 -17.33 -26.42
C LYS PA 28 -22.89 -16.00 -25.72
N VAL PA 29 -22.79 -15.98 -24.40
CA VAL PA 29 -22.91 -14.72 -23.65
C VAL PA 29 -21.74 -13.79 -24.00
N GLY PA 30 -20.54 -14.35 -24.09
CA GLY PA 30 -19.39 -13.54 -24.47
C GLY PA 30 -19.50 -12.99 -25.87
N ALA PA 31 -19.96 -13.81 -26.82
CA ALA PA 31 -20.17 -13.33 -28.18
C ALA PA 31 -21.28 -12.29 -28.23
N ASP PA 32 -22.35 -12.48 -27.46
CA ASP PA 32 -23.42 -11.49 -27.42
C ASP PA 32 -22.92 -10.17 -26.85
N PHE PA 33 -22.08 -10.22 -25.81
CA PHE PA 33 -21.47 -9.01 -25.28
C PHE PA 33 -20.53 -8.37 -26.32
N ASN PA 34 -19.79 -9.21 -27.05
CA ASN PA 34 -18.88 -8.68 -28.06
C ASN PA 34 -19.64 -7.99 -29.19
N ASP PA 35 -20.76 -8.58 -29.63
CA ASP PA 35 -21.54 -7.96 -30.69
C ASP PA 35 -22.19 -6.66 -30.22
N LEU PA 36 -22.55 -6.58 -28.93
CA LEU PA 36 -23.10 -5.34 -28.40
C LEU PA 36 -22.07 -4.21 -28.47
N LEU PA 37 -20.82 -4.51 -28.11
CA LEU PA 37 -19.76 -3.49 -28.19
C LEU PA 37 -19.46 -3.12 -29.65
N THR PA 38 -19.40 -4.12 -30.53
CA THR PA 38 -19.14 -3.85 -31.94
C THR PA 38 -20.25 -3.01 -32.56
N LYS PA 39 -21.50 -3.31 -32.22
CA LYS PA 39 -22.62 -2.53 -32.74
C LYS PA 39 -22.55 -1.08 -32.29
N ALA PA 40 -22.21 -0.86 -31.01
CA ALA PA 40 -22.11 0.51 -30.50
C ALA PA 40 -20.98 1.27 -31.19
N ILE PA 41 -19.83 0.62 -31.38
CA ILE PA 41 -18.70 1.29 -32.03
C ILE PA 41 -19.04 1.65 -33.46
N ASN PA 42 -19.72 0.76 -34.18
CA ASN PA 42 -20.14 1.06 -35.54
C ASN PA 42 -21.14 2.22 -35.56
N ASN PA 43 -22.06 2.25 -34.59
CA ASN PA 43 -23.01 3.35 -34.53
C ASN PA 43 -22.31 4.68 -34.25
N VAL PA 44 -21.34 4.69 -33.33
CA VAL PA 44 -20.57 5.90 -33.07
C VAL PA 44 -19.74 6.28 -34.29
N ASN PA 45 -19.11 5.29 -34.94
CA ASN PA 45 -18.34 5.57 -36.14
C ASN PA 45 -19.22 6.08 -37.27
N THR PA 46 -20.43 5.52 -37.39
CA THR PA 46 -21.35 5.99 -38.43
C THR PA 46 -21.71 7.45 -38.22
N LEU PA 47 -21.98 7.84 -36.96
CA LEU PA 47 -22.30 9.23 -36.67
C LEU PA 47 -21.12 10.15 -36.95
N GLN PA 48 -19.91 9.72 -36.58
CA GLN PA 48 -18.74 10.55 -36.79
C GLN PA 48 -18.47 10.77 -38.28
N LYS PA 49 -18.61 9.72 -39.10
CA LYS PA 49 -18.45 9.89 -40.53
C LYS PA 49 -19.58 10.70 -41.13
N ALA PA 50 -20.81 10.50 -40.63
CA ALA PA 50 -21.94 11.28 -41.12
C ALA PA 50 -21.76 12.77 -40.80
N SER PA 51 -21.30 13.08 -39.60
CA SER PA 51 -21.03 14.47 -39.25
C SER PA 51 -19.91 15.05 -40.10
N GLY PA 52 -18.86 14.27 -40.35
CA GLY PA 52 -17.75 14.77 -41.13
C GLY PA 52 -18.13 15.13 -42.55
N ASP PA 53 -18.96 14.29 -43.19
CA ASP PA 53 -19.42 14.59 -44.54
C ASP PA 53 -20.29 15.86 -44.56
N LEU PA 54 -21.21 15.98 -43.61
CA LEU PA 54 -22.08 17.15 -43.57
C LEU PA 54 -21.29 18.42 -43.29
N GLN PA 55 -20.25 18.32 -42.46
CA GLN PA 55 -19.41 19.48 -42.21
C GLN PA 55 -18.68 19.93 -43.47
N THR PA 56 -18.07 18.98 -44.19
CA THR PA 56 -17.31 19.35 -45.39
C THR PA 56 -18.23 19.69 -46.56
N ARG PA 57 -19.45 19.13 -46.58
CA ARG PA 57 -20.39 19.51 -47.63
C ARG PA 57 -20.83 20.97 -47.48
N PHE PA 58 -21.11 21.39 -46.25
CA PHE PA 58 -21.47 22.79 -46.02
C PHE PA 58 -20.25 23.70 -46.13
N ASP PA 59 -19.07 23.19 -45.77
CA ASP PA 59 -17.86 24.01 -45.80
C ASP PA 59 -17.37 24.24 -47.23
N ARG PA 60 -17.57 23.25 -48.11
CA ARG PA 60 -17.14 23.42 -49.50
C ARG PA 60 -18.03 24.40 -50.26
N GLY PA 61 -19.27 24.60 -49.79
CA GLY PA 61 -20.15 25.57 -50.40
C GLY PA 61 -21.37 24.97 -51.08
N ASP PA 62 -21.73 23.74 -50.73
CA ASP PA 62 -22.92 23.13 -51.30
C ASP PA 62 -24.17 23.78 -50.70
N ALA PA 63 -25.10 24.16 -51.57
CA ALA PA 63 -26.29 24.91 -51.16
C ALA PA 63 -27.44 24.02 -50.73
N ASP PA 64 -27.29 22.71 -50.80
CA ASP PA 64 -28.34 21.78 -50.38
C ASP PA 64 -28.18 21.36 -48.92
N VAL PA 65 -27.21 21.91 -48.21
CA VAL PA 65 -26.93 21.55 -46.82
C VAL PA 65 -27.27 22.73 -45.94
N SER PA 66 -28.01 22.47 -44.86
CA SER PA 66 -28.45 23.50 -43.93
C SER PA 66 -27.53 23.51 -42.71
N LEU PA 67 -27.23 24.72 -42.23
CA LEU PA 67 -26.39 24.85 -41.05
C LEU PA 67 -27.01 24.15 -39.84
N SER PA 68 -28.35 24.13 -39.77
CA SER PA 68 -29.02 23.45 -38.67
C SER PA 68 -28.72 21.96 -38.67
N ASP PA 69 -28.78 21.33 -39.84
CA ASP PA 69 -28.50 19.90 -39.92
C ASP PA 69 -27.04 19.60 -39.61
N VAL PA 70 -26.13 20.49 -40.03
CA VAL PA 70 -24.71 20.30 -39.72
C VAL PA 70 -24.48 20.36 -38.22
N MET PA 71 -25.05 21.37 -37.55
CA MET PA 71 -24.89 21.49 -36.11
C MET PA 71 -25.54 20.32 -35.38
N ILE PA 72 -26.67 19.84 -35.89
CA ILE PA 72 -27.28 18.63 -35.31
C ILE PA 72 -26.35 17.44 -35.48
N ALA PA 73 -25.75 17.31 -36.67
CA ALA PA 73 -24.89 16.17 -36.95
C ALA PA 73 -23.67 16.14 -36.04
N ARG PA 74 -23.02 17.30 -35.86
CA ARG PA 74 -21.81 17.32 -35.04
C ARG PA 74 -22.16 17.31 -33.54
N ASN PA 75 -23.36 17.75 -33.18
CA ASN PA 75 -23.80 17.60 -31.80
C ASN PA 75 -23.96 16.13 -31.42
N LYS PA 76 -24.57 15.35 -32.31
CA LYS PA 76 -24.78 13.93 -32.02
C LYS PA 76 -23.47 13.16 -32.02
N SER PA 77 -22.58 13.46 -32.98
CA SER PA 77 -21.29 12.78 -33.02
C SER PA 77 -20.46 13.09 -31.79
N SER PA 78 -20.47 14.34 -31.33
CA SER PA 78 -19.72 14.70 -30.13
C SER PA 78 -20.26 13.98 -28.91
N VAL PA 79 -21.59 13.92 -28.77
CA VAL PA 79 -22.19 13.19 -27.66
C VAL PA 79 -21.91 11.70 -27.77
N ALA PA 80 -21.99 11.16 -28.99
CA ALA PA 80 -21.75 9.74 -29.19
C ALA PA 80 -20.32 9.35 -28.82
N PHE PA 81 -19.35 10.17 -29.22
CA PHE PA 81 -17.96 9.88 -28.89
C PHE PA 81 -17.69 10.04 -27.40
N ASP PA 82 -18.32 11.03 -26.77
CA ASP PA 82 -18.16 11.21 -25.33
C ASP PA 82 -18.66 10.00 -24.56
N ALA PA 83 -19.75 9.38 -25.02
CA ALA PA 83 -20.20 8.12 -24.44
C ALA PA 83 -19.17 7.02 -24.65
N THR PA 84 -18.51 7.01 -25.82
CA THR PA 84 -17.48 6.02 -26.07
C THR PA 84 -16.31 6.17 -25.10
N VAL PA 85 -15.91 7.41 -24.81
CA VAL PA 85 -14.81 7.65 -23.90
C VAL PA 85 -15.16 7.15 -22.49
N GLN PA 86 -16.39 7.42 -22.04
CA GLN PA 86 -16.78 7.04 -20.69
C GLN PA 86 -16.75 5.51 -20.51
N ILE PA 87 -17.26 4.78 -21.50
CA ILE PA 87 -17.24 3.32 -21.41
C ILE PA 87 -15.82 2.78 -21.42
N ARG PA 88 -14.96 3.37 -22.26
CA ARG PA 88 -13.56 2.93 -22.32
C ARG PA 88 -12.87 3.11 -20.98
N ASN PA 89 -13.05 4.27 -20.34
CA ASN PA 89 -12.39 4.53 -19.06
C ASN PA 89 -12.86 3.55 -17.99
N LYS PA 90 -14.15 3.24 -17.97
CA LYS PA 90 -14.66 2.28 -16.99
C LYS PA 90 -14.10 0.89 -17.22
N LEU PA 91 -13.97 0.48 -18.49
CA LEU PA 91 -13.39 -0.83 -18.78
C LEU PA 91 -11.94 -0.90 -18.32
N VAL PA 92 -11.15 0.15 -18.58
CA VAL PA 92 -9.75 0.15 -18.16
C VAL PA 92 -9.64 0.20 -16.65
N GLU PA 93 -10.48 1.01 -16.00
CA GLU PA 93 -10.44 1.09 -14.53
C GLU PA 93 -10.80 -0.25 -13.90
N ALA PA 94 -11.78 -0.96 -14.45
CA ALA PA 94 -12.11 -2.28 -13.95
C ALA PA 94 -10.95 -3.24 -14.13
N TYR PA 95 -10.29 -3.20 -15.29
CA TYR PA 95 -9.13 -4.06 -15.52
C TYR PA 95 -7.99 -3.70 -14.57
N LYS PA 96 -7.74 -2.41 -14.37
CA LYS PA 96 -6.71 -2.00 -13.40
C LYS PA 96 -7.09 -2.38 -11.99
N ASP PA 97 -8.38 -2.30 -11.65
CA ASP PA 97 -8.84 -2.83 -10.37
C ASP PA 97 -8.64 -4.34 -10.30
N LEU PA 98 -8.93 -5.03 -11.40
CA LEU PA 98 -8.84 -6.49 -11.41
C LEU PA 98 -7.41 -6.96 -11.17
N MET PA 99 -6.43 -6.33 -11.81
CA MET PA 99 -5.05 -6.78 -11.67
C MET PA 99 -4.49 -6.55 -10.28
N ASN PA 100 -5.08 -5.64 -9.51
CA ASN PA 100 -4.66 -5.43 -8.11
C ASN PA 100 -5.61 -6.20 -7.18
N MET PA 101 -5.47 -7.53 -7.21
CA MET PA 101 -6.28 -8.40 -6.38
C MET PA 101 -5.41 -9.53 -5.85
N PRO PA 102 -5.69 -10.02 -4.64
CA PRO PA 102 -4.98 -11.20 -4.14
C PRO PA 102 -5.32 -12.43 -4.97
N VAL PA 103 -4.30 -13.23 -5.27
CA VAL PA 103 -4.49 -14.41 -6.10
C VAL PA 103 -3.38 -15.41 -5.81
N ALA QA 24 17.81 -9.75 -38.16
CA ALA QA 24 17.03 -9.89 -36.94
C ALA QA 24 17.93 -9.97 -35.72
N SER QA 25 18.66 -8.89 -35.45
CA SER QA 25 19.61 -8.82 -34.35
C SER QA 25 19.10 -7.85 -33.30
N GLY QA 26 19.62 -8.00 -32.08
CA GLY QA 26 19.21 -7.12 -30.99
C GLY QA 26 19.60 -5.68 -31.25
N ALA QA 27 20.80 -5.45 -31.78
CA ALA QA 27 21.23 -4.09 -32.10
C ALA QA 27 20.44 -3.51 -33.25
N LYS QA 28 20.10 -4.34 -34.24
CA LYS QA 28 19.36 -3.86 -35.41
C LYS QA 28 17.97 -3.37 -35.01
N VAL QA 29 17.22 -4.19 -34.26
CA VAL QA 29 15.89 -3.80 -33.85
C VAL QA 29 15.93 -2.65 -32.85
N GLY QA 30 16.92 -2.67 -31.96
CA GLY QA 30 17.08 -1.55 -31.04
C GLY QA 30 17.30 -0.23 -31.76
N ALA QA 31 18.08 -0.25 -32.83
CA ALA QA 31 18.25 0.94 -33.65
C ALA QA 31 16.96 1.28 -34.39
N ASP QA 32 16.24 0.25 -34.87
CA ASP QA 32 15.03 0.50 -35.65
C ASP QA 32 13.95 1.17 -34.81
N PHE QA 33 13.70 0.66 -33.60
CA PHE QA 33 12.71 1.30 -32.73
C PHE QA 33 13.20 2.65 -32.24
N ASN QA 34 14.52 2.80 -32.05
CA ASN QA 34 15.06 4.12 -31.74
C ASN QA 34 14.83 5.09 -32.90
N ASP QA 35 15.03 4.62 -34.13
CA ASP QA 35 14.74 5.45 -35.29
C ASP QA 35 13.26 5.79 -35.38
N LEU QA 36 12.40 4.82 -35.09
CA LEU QA 36 10.96 5.09 -35.04
C LEU QA 36 10.64 6.08 -33.93
N LEU QA 37 11.25 5.92 -32.76
CA LEU QA 37 10.98 6.81 -31.64
C LEU QA 37 11.51 8.22 -31.90
N THR QA 38 12.73 8.32 -32.42
CA THR QA 38 13.30 9.64 -32.67
C THR QA 38 12.61 10.36 -33.81
N LYS QA 39 11.96 9.62 -34.72
CA LYS QA 39 11.22 10.26 -35.79
C LYS QA 39 9.98 10.97 -35.25
N ALA QA 40 9.26 10.34 -34.33
CA ALA QA 40 8.10 10.98 -33.73
C ALA QA 40 8.52 12.19 -32.90
N ILE QA 41 9.62 12.09 -32.16
CA ILE QA 41 10.10 13.21 -31.38
C ILE QA 41 10.48 14.37 -32.29
N ASN QA 42 11.17 14.08 -33.39
CA ASN QA 42 11.49 15.14 -34.35
C ASN QA 42 10.25 15.72 -34.98
N ASN QA 43 9.24 14.90 -35.26
CA ASN QA 43 7.99 15.40 -35.81
C ASN QA 43 7.31 16.37 -34.84
N VAL QA 44 7.28 16.02 -33.55
CA VAL QA 44 6.73 16.92 -32.55
C VAL QA 44 7.56 18.20 -32.47
N ASN QA 45 8.89 18.06 -32.50
CA ASN QA 45 9.76 19.23 -32.46
C ASN QA 45 9.55 20.13 -33.67
N THR QA 46 9.31 19.54 -34.84
CA THR QA 46 9.07 20.34 -36.04
C THR QA 46 7.78 21.14 -35.90
N LEU QA 47 6.72 20.53 -35.37
CA LEU QA 47 5.46 21.23 -35.21
C LEU QA 47 5.60 22.38 -34.22
N GLN QA 48 6.33 22.16 -33.12
CA GLN QA 48 6.49 23.21 -32.12
C GLN QA 48 7.34 24.36 -32.63
N LYS QA 49 8.43 24.05 -33.35
CA LYS QA 49 9.25 25.10 -33.92
C LYS QA 49 8.49 25.89 -34.98
N ALA QA 50 7.74 25.19 -35.83
CA ALA QA 50 6.93 25.88 -36.84
C ALA QA 50 5.85 26.74 -36.18
N SER QA 51 5.22 26.22 -35.13
CA SER QA 51 4.23 27.01 -34.41
C SER QA 51 4.87 28.24 -33.77
N GLY QA 52 6.03 28.08 -33.15
CA GLY QA 52 6.71 29.21 -32.54
C GLY QA 52 7.18 30.22 -33.57
N ASP QA 53 7.65 29.73 -34.73
CA ASP QA 53 8.11 30.63 -35.77
C ASP QA 53 6.97 31.48 -36.33
N LEU QA 54 5.80 30.85 -36.54
CA LEU QA 54 4.64 31.61 -37.03
C LEU QA 54 4.18 32.63 -36.00
N GLN QA 55 4.20 32.26 -34.71
CA GLN QA 55 3.77 33.19 -33.67
C GLN QA 55 4.68 34.40 -33.59
N THR QA 56 6.00 34.19 -33.68
CA THR QA 56 6.93 35.30 -33.49
C THR QA 56 6.96 36.23 -34.70
N ARG QA 57 6.67 35.73 -35.90
CA ARG QA 57 6.63 36.60 -37.06
C ARG QA 57 5.37 37.47 -37.04
N PHE QA 58 4.22 36.87 -36.71
CA PHE QA 58 2.99 37.65 -36.59
C PHE QA 58 3.09 38.65 -35.43
N ASP QA 59 3.69 38.22 -34.32
CA ASP QA 59 3.78 39.09 -33.15
C ASP QA 59 4.73 40.25 -33.38
N ARG QA 60 5.78 40.05 -34.17
CA ARG QA 60 6.75 41.12 -34.43
C ARG QA 60 6.22 42.17 -35.40
N GLY QA 61 5.18 41.86 -36.16
CA GLY QA 61 4.58 42.82 -37.06
C GLY QA 61 4.67 42.50 -38.54
N ASP QA 62 5.11 41.29 -38.90
CA ASP QA 62 5.17 40.92 -40.31
C ASP QA 62 3.78 40.94 -40.93
N ALA QA 63 3.67 41.60 -42.08
CA ALA QA 63 2.37 41.78 -42.71
C ALA QA 63 1.89 40.50 -43.41
N ASP QA 64 2.81 39.72 -43.97
CA ASP QA 64 2.45 38.53 -44.72
C ASP QA 64 2.38 37.29 -43.83
N VAL QA 65 1.67 37.43 -42.70
CA VAL QA 65 1.40 36.31 -41.81
C VAL QA 65 -0.03 36.46 -41.31
N SER QA 66 -0.87 35.45 -41.58
CA SER QA 66 -2.26 35.49 -41.21
C SER QA 66 -2.48 34.86 -39.84
N LEU QA 67 -3.46 35.39 -39.11
CA LEU QA 67 -3.78 34.84 -37.80
C LEU QA 67 -4.26 33.40 -37.90
N SER QA 68 -4.90 33.04 -39.01
CA SER QA 68 -5.34 31.66 -39.19
C SER QA 68 -4.16 30.70 -39.22
N ASP QA 69 -3.10 31.05 -39.94
CA ASP QA 69 -1.92 30.20 -39.97
C ASP QA 69 -1.28 30.09 -38.58
N VAL QA 70 -1.26 31.19 -37.83
CA VAL QA 70 -0.71 31.17 -36.48
C VAL QA 70 -1.56 30.27 -35.59
N MET QA 71 -2.88 30.40 -35.67
CA MET QA 71 -3.76 29.63 -34.79
C MET QA 71 -3.78 28.15 -35.18
N ILE QA 72 -3.70 27.85 -36.47
CA ILE QA 72 -3.68 26.46 -36.92
C ILE QA 72 -2.42 25.77 -36.42
N ALA QA 73 -1.27 26.44 -36.55
CA ALA QA 73 0.00 25.82 -36.17
C ALA QA 73 0.06 25.57 -34.66
N ARG QA 74 -0.37 26.55 -33.86
CA ARG QA 74 -0.26 26.39 -32.41
C ARG QA 74 -1.28 25.38 -31.87
N ASN QA 75 -2.39 25.19 -32.58
CA ASN QA 75 -3.31 24.11 -32.22
C ASN QA 75 -2.68 22.76 -32.53
N LYS QA 76 -1.97 22.65 -33.65
CA LYS QA 76 -1.28 21.41 -34.00
C LYS QA 76 -0.22 21.06 -32.95
N SER QA 77 0.57 22.05 -32.53
CA SER QA 77 1.63 21.79 -31.57
C SER QA 77 1.06 21.33 -30.23
N SER QA 78 -0.04 21.94 -29.79
CA SER QA 78 -0.65 21.55 -28.52
C SER QA 78 -1.12 20.10 -28.57
N VAL QA 79 -1.76 19.70 -29.67
CA VAL QA 79 -2.20 18.32 -29.81
C VAL QA 79 -1.00 17.38 -29.87
N ALA QA 80 0.04 17.77 -30.61
CA ALA QA 80 1.23 16.93 -30.73
C ALA QA 80 1.93 16.78 -29.38
N PHE QA 81 2.05 17.87 -28.63
CA PHE QA 81 2.71 17.80 -27.32
C PHE QA 81 1.84 17.06 -26.31
N ASP QA 82 0.52 17.20 -26.41
CA ASP QA 82 -0.38 16.47 -25.53
C ASP QA 82 -0.24 14.96 -25.75
N ALA QA 83 -0.12 14.53 -27.00
CA ALA QA 83 0.11 13.12 -27.28
C ALA QA 83 1.46 12.66 -26.73
N THR QA 84 2.48 13.51 -26.82
CA THR QA 84 3.79 13.15 -26.32
C THR QA 84 3.77 12.92 -24.82
N VAL QA 85 3.05 13.77 -24.08
CA VAL QA 85 2.96 13.59 -22.62
C VAL QA 85 2.16 12.35 -22.28
N GLN QA 86 1.03 12.14 -22.97
CA GLN QA 86 0.19 11.00 -22.67
C GLN QA 86 0.89 9.68 -23.00
N ILE QA 87 1.61 9.63 -24.13
CA ILE QA 87 2.35 8.43 -24.47
C ILE QA 87 3.44 8.18 -23.43
N ARG QA 88 4.11 9.24 -22.99
CA ARG QA 88 5.13 9.09 -21.95
C ARG QA 88 4.53 8.53 -20.67
N ASN QA 89 3.36 9.02 -20.27
CA ASN QA 89 2.73 8.52 -19.06
C ASN QA 89 2.40 7.04 -19.18
N LYS QA 90 1.91 6.61 -20.35
CA LYS QA 90 1.64 5.19 -20.56
C LYS QA 90 2.91 4.36 -20.43
N LEU QA 91 4.01 4.83 -21.02
CA LEU QA 91 5.27 4.08 -20.96
C LEU QA 91 5.83 4.05 -19.55
N VAL QA 92 5.78 5.18 -18.84
CA VAL QA 92 6.31 5.22 -17.48
C VAL QA 92 5.47 4.35 -16.55
N GLU QA 93 4.14 4.41 -16.69
CA GLU QA 93 3.28 3.54 -15.89
C GLU QA 93 3.52 2.06 -16.22
N ALA QA 94 3.68 1.75 -17.52
CA ALA QA 94 3.96 0.38 -17.91
C ALA QA 94 5.30 -0.08 -17.34
N TYR QA 95 6.31 0.78 -17.37
CA TYR QA 95 7.60 0.44 -16.77
C TYR QA 95 7.46 0.22 -15.27
N LYS QA 96 6.70 1.08 -14.58
CA LYS QA 96 6.52 0.91 -13.15
C LYS QA 96 5.74 -0.35 -12.83
N ASP QA 97 4.76 -0.70 -13.66
CA ASP QA 97 3.99 -1.91 -13.43
C ASP QA 97 4.87 -3.15 -13.49
N LEU QA 98 5.80 -3.21 -14.44
CA LEU QA 98 6.67 -4.37 -14.58
C LEU QA 98 7.74 -4.41 -13.50
N MET QA 99 8.22 -3.26 -13.04
CA MET QA 99 9.26 -3.20 -12.02
C MET QA 99 8.73 -3.42 -10.60
N ASN QA 100 7.51 -2.99 -10.32
CA ASN QA 100 6.94 -3.09 -8.99
C ASN QA 100 6.12 -4.37 -8.78
N MET QA 101 6.07 -5.25 -9.78
CA MET QA 101 5.30 -6.48 -9.64
C MET QA 101 5.91 -7.36 -8.55
N PRO QA 102 5.08 -8.10 -7.81
CA PRO QA 102 5.58 -8.92 -6.69
C PRO QA 102 6.17 -10.25 -7.16
N VAL QA 103 7.39 -10.18 -7.67
CA VAL QA 103 8.10 -11.39 -8.09
C VAL QA 103 8.51 -12.21 -6.88
N ASP RA 32 30.33 20.53 -5.83
CA ASP RA 32 29.71 21.47 -6.75
C ASP RA 32 28.21 21.18 -6.87
N PHE RA 33 27.82 19.95 -6.53
CA PHE RA 33 26.40 19.60 -6.56
C PHE RA 33 25.62 20.36 -5.50
N ASN RA 34 26.25 20.63 -4.36
CA ASN RA 34 25.61 21.49 -3.36
C ASN RA 34 25.38 22.89 -3.91
N ASP RA 35 26.36 23.42 -4.65
CA ASP RA 35 26.20 24.73 -5.27
C ASP RA 35 25.08 24.72 -6.30
N LEU RA 36 24.97 23.64 -7.07
CA LEU RA 36 23.94 23.56 -8.10
C LEU RA 36 22.54 23.59 -7.49
N LEU RA 37 22.34 22.89 -6.38
CA LEU RA 37 21.02 22.85 -5.75
C LEU RA 37 20.67 24.20 -5.14
N THR RA 38 21.63 24.83 -4.45
CA THR RA 38 21.35 26.12 -3.82
C THR RA 38 21.13 27.21 -4.86
N LYS RA 39 21.89 27.18 -5.97
CA LYS RA 39 21.72 28.18 -7.00
C LYS RA 39 20.33 28.11 -7.64
N ALA RA 40 19.84 26.89 -7.87
CA ALA RA 40 18.49 26.73 -8.40
C ALA RA 40 17.45 27.25 -7.43
N ILE RA 41 17.61 26.95 -6.13
CA ILE RA 41 16.69 27.45 -5.12
C ILE RA 41 16.76 28.96 -5.03
N ASN RA 42 17.98 29.52 -5.07
CA ASN RA 42 18.12 30.98 -5.04
C ASN RA 42 17.45 31.63 -6.24
N ASN RA 43 17.48 30.96 -7.40
CA ASN RA 43 16.78 31.48 -8.57
C ASN RA 43 15.27 31.49 -8.34
N VAL RA 44 14.73 30.42 -7.76
CA VAL RA 44 13.29 30.37 -7.47
C VAL RA 44 12.93 31.41 -6.43
N ASN RA 45 13.75 31.54 -5.39
CA ASN RA 45 13.48 32.54 -4.35
C ASN RA 45 13.60 33.95 -4.90
N THR RA 46 14.54 34.19 -5.82
CA THR RA 46 14.68 35.52 -6.41
C THR RA 46 13.46 35.87 -7.25
N LEU RA 47 12.95 34.91 -8.02
CA LEU RA 47 11.75 35.17 -8.82
C LEU RA 47 10.55 35.48 -7.95
N GLN RA 48 10.39 34.75 -6.84
CA GLN RA 48 9.25 34.98 -5.95
C GLN RA 48 9.33 36.36 -5.31
N LYS RA 49 10.53 36.78 -4.91
CA LYS RA 49 10.68 38.12 -4.33
C LYS RA 49 10.33 39.20 -5.34
N ALA RA 50 10.74 39.02 -6.60
CA ALA RA 50 10.39 39.98 -7.64
C ALA RA 50 8.89 40.02 -7.88
N SER RA 51 8.24 38.85 -7.87
CA SER RA 51 6.79 38.80 -8.07
C SER RA 51 6.05 39.53 -6.95
N GLY RA 52 6.40 39.22 -5.69
CA GLY RA 52 5.76 39.90 -4.58
C GLY RA 52 6.06 41.38 -4.53
N ASP RA 53 7.27 41.76 -4.95
CA ASP RA 53 7.66 43.16 -4.95
C ASP RA 53 6.79 43.98 -5.89
N LEU RA 54 6.54 43.47 -7.09
CA LEU RA 54 5.73 44.20 -8.06
C LEU RA 54 4.27 44.24 -7.64
N GLN RA 55 3.77 43.15 -7.05
CA GLN RA 55 2.39 43.13 -6.58
C GLN RA 55 2.17 44.15 -5.47
N THR RA 56 3.13 44.26 -4.55
CA THR RA 56 3.01 45.25 -3.48
C THR RA 56 3.06 46.67 -4.04
N ARG RA 57 3.98 46.92 -4.98
CA ARG RA 57 4.06 48.26 -5.58
C ARG RA 57 2.80 48.59 -6.37
N PHE RA 58 2.30 47.63 -7.15
CA PHE RA 58 1.09 47.87 -7.93
C PHE RA 58 -0.12 48.08 -7.03
N ASP RA 59 -0.23 47.28 -5.97
CA ASP RA 59 -1.39 47.39 -5.08
C ASP RA 59 -1.35 48.69 -4.27
N ARG RA 60 -0.15 49.15 -3.93
CA ARG RA 60 -0.02 50.43 -3.24
C ARG RA 60 -0.48 51.60 -4.10
N GLY RA 61 -0.55 51.43 -5.41
CA GLY RA 61 -0.94 52.49 -6.31
C GLY RA 61 0.20 53.21 -7.00
N ASP RA 62 1.39 52.60 -7.07
CA ASP RA 62 2.51 53.24 -7.74
C ASP RA 62 2.19 53.47 -9.22
N ALA RA 63 2.54 54.66 -9.71
CA ALA RA 63 2.21 55.01 -11.09
C ALA RA 63 3.11 54.31 -12.09
N ASP RA 64 4.38 54.09 -11.75
CA ASP RA 64 5.34 53.50 -12.68
C ASP RA 64 5.37 51.98 -12.58
N VAL RA 65 4.18 51.36 -12.60
CA VAL RA 65 4.06 49.90 -12.60
C VAL RA 65 2.94 49.52 -13.55
N SER RA 66 3.23 48.63 -14.49
CA SER RA 66 2.26 48.14 -15.45
C SER RA 66 1.76 46.76 -15.06
N LEU RA 67 0.47 46.52 -15.30
CA LEU RA 67 -0.12 45.24 -14.95
C LEU RA 67 0.53 44.09 -15.69
N SER RA 68 1.01 44.34 -16.92
CA SER RA 68 1.66 43.28 -17.69
C SER RA 68 2.91 42.79 -16.99
N ASP RA 69 3.72 43.70 -16.46
CA ASP RA 69 4.92 43.29 -15.73
C ASP RA 69 4.57 42.50 -14.49
N VAL RA 70 3.52 42.91 -13.78
CA VAL RA 70 3.08 42.19 -12.58
C VAL RA 70 2.62 40.77 -12.96
N MET RA 71 1.82 40.66 -14.02
CA MET RA 71 1.34 39.35 -14.44
C MET RA 71 2.47 38.48 -14.98
N ILE RA 72 3.41 39.08 -15.69
CA ILE RA 72 4.57 38.34 -16.17
C ILE RA 72 5.41 37.85 -14.99
N ALA RA 73 5.63 38.72 -14.01
CA ALA RA 73 6.46 38.36 -12.87
C ALA RA 73 5.84 37.24 -12.05
N ARG RA 74 4.53 37.30 -11.80
CA ARG RA 74 3.89 36.28 -10.96
C ARG RA 74 3.71 34.97 -11.71
N ASN RA 75 3.61 35.02 -13.05
CA ASN RA 75 3.56 33.78 -13.82
C ASN RA 75 4.91 33.08 -13.81
N LYS RA 76 6.01 33.84 -13.87
CA LYS RA 76 7.33 33.25 -13.74
C LYS RA 76 7.51 32.61 -12.37
N SER RA 77 7.05 33.28 -11.32
CA SER RA 77 7.15 32.73 -9.97
C SER RA 77 6.33 31.46 -9.83
N SER RA 78 5.13 31.43 -10.44
CA SER RA 78 4.29 30.24 -10.36
C SER RA 78 4.95 29.06 -11.06
N VAL RA 79 5.55 29.28 -12.23
CA VAL RA 79 6.20 28.20 -12.95
C VAL RA 79 7.42 27.70 -12.19
N ALA RA 80 8.21 28.62 -11.64
CA ALA RA 80 9.40 28.22 -10.89
C ALA RA 80 9.05 27.41 -9.65
N PHE RA 81 8.01 27.84 -8.92
CA PHE RA 81 7.63 27.13 -7.71
C PHE RA 81 6.98 25.79 -8.04
N ASP RA 82 6.25 25.71 -9.16
CA ASP RA 82 5.72 24.43 -9.60
C ASP RA 82 6.84 23.46 -9.93
N ALA RA 83 7.90 23.94 -10.57
CA ALA RA 83 9.07 23.10 -10.81
C ALA RA 83 9.72 22.65 -9.51
N THR RA 84 9.82 23.56 -8.54
CA THR RA 84 10.45 23.21 -7.26
C THR RA 84 9.67 22.12 -6.54
N VAL RA 85 8.35 22.21 -6.55
CA VAL RA 85 7.53 21.20 -5.89
C VAL RA 85 7.66 19.85 -6.59
N GLN RA 86 7.57 19.84 -7.92
CA GLN RA 86 7.61 18.59 -8.65
C GLN RA 86 8.96 17.91 -8.53
N ILE RA 87 10.05 18.67 -8.59
CA ILE RA 87 11.38 18.10 -8.41
C ILE RA 87 11.52 17.52 -7.01
N ARG RA 88 11.02 18.23 -6.01
CA ARG RA 88 11.06 17.72 -4.64
C ARG RA 88 10.25 16.43 -4.52
N ASN RA 89 9.07 16.38 -5.13
CA ASN RA 89 8.26 15.17 -5.08
C ASN RA 89 8.96 13.99 -5.75
N LYS RA 90 9.64 14.25 -6.87
CA LYS RA 90 10.37 13.18 -7.56
C LYS RA 90 11.50 12.64 -6.70
N LEU RA 91 12.26 13.54 -6.06
CA LEU RA 91 13.36 13.09 -5.20
C LEU RA 91 12.86 12.34 -3.98
N VAL RA 92 11.77 12.82 -3.37
CA VAL RA 92 11.21 12.14 -2.21
C VAL RA 92 10.65 10.78 -2.60
N GLU RA 93 9.98 10.69 -3.75
CA GLU RA 93 9.51 9.40 -4.24
C GLU RA 93 10.66 8.45 -4.52
N ALA RA 94 11.76 8.97 -5.09
CA ALA RA 94 12.93 8.15 -5.30
C ALA RA 94 13.53 7.69 -3.97
N TYR RA 95 13.55 8.57 -2.97
CA TYR RA 95 14.06 8.18 -1.67
C TYR RA 95 13.23 7.08 -1.03
N LYS RA 96 11.89 7.20 -1.10
CA LYS RA 96 11.03 6.22 -0.46
C LYS RA 96 11.15 4.86 -1.14
N ASP RA 97 11.32 4.84 -2.46
CA ASP RA 97 11.47 3.56 -3.16
C ASP RA 97 12.73 2.84 -2.72
N LEU RA 98 13.83 3.57 -2.56
CA LEU RA 98 15.09 2.94 -2.16
C LEU RA 98 15.04 2.44 -0.73
N MET RA 99 14.50 3.24 0.19
CA MET RA 99 14.50 2.87 1.60
C MET RA 99 13.58 1.70 1.87
N ASN RA 100 12.48 1.56 1.14
CA ASN RA 100 11.54 0.47 1.33
C ASN RA 100 11.97 -0.81 0.63
N MET RA 101 13.09 -0.79 -0.07
CA MET RA 101 13.56 -1.98 -0.77
C MET RA 101 13.99 -3.05 0.23
N PRO RA 102 13.48 -4.28 0.12
CA PRO RA 102 13.94 -5.36 1.00
C PRO RA 102 15.34 -5.82 0.66
N VAL RA 103 16.28 -5.61 1.57
CA VAL RA 103 17.66 -6.03 1.35
C VAL RA 103 17.82 -7.51 1.69
N ASP SA 32 -24.77 1.91 28.57
CA ASP SA 32 -23.38 2.04 29.00
C ASP SA 32 -22.44 2.12 27.80
N PHE SA 33 -21.21 1.64 27.98
CA PHE SA 33 -20.23 1.69 26.90
C PHE SA 33 -20.62 0.77 25.75
N ASN SA 34 -21.27 -0.35 26.06
CA ASN SA 34 -21.73 -1.25 25.00
C ASN SA 34 -22.78 -0.58 24.13
N ASP SA 35 -23.67 0.20 24.75
CA ASP SA 35 -24.74 0.86 24.00
C ASP SA 35 -24.23 2.03 23.17
N LEU SA 36 -22.98 2.44 23.38
CA LEU SA 36 -22.45 3.58 22.64
C LEU SA 36 -22.38 3.30 21.15
N LEU SA 37 -21.92 2.09 20.79
CA LEU SA 37 -21.87 1.71 19.38
C LEU SA 37 -23.28 1.56 18.81
N THR SA 38 -24.21 1.00 19.58
CA THR SA 38 -25.57 0.82 19.10
C THR SA 38 -26.24 2.16 18.81
N LYS SA 39 -26.05 3.14 19.69
CA LYS SA 39 -26.65 4.45 19.47
C LYS SA 39 -26.07 5.12 18.23
N ALA SA 40 -24.76 4.99 18.02
CA ALA SA 40 -24.12 5.64 16.89
C ALA SA 40 -24.65 5.10 15.57
N ILE SA 41 -24.81 3.77 15.48
CA ILE SA 41 -25.32 3.16 14.25
C ILE SA 41 -26.75 3.56 14.00
N ASN SA 42 -27.57 3.62 15.06
CA ASN SA 42 -28.97 4.01 14.90
C ASN SA 42 -29.09 5.45 14.39
N ASN SA 43 -28.24 6.35 14.89
CA ASN SA 43 -28.27 7.73 14.41
C ASN SA 43 -27.93 7.81 12.92
N VAL SA 44 -26.91 7.05 12.49
CA VAL SA 44 -26.56 7.01 11.08
C VAL SA 44 -27.72 6.44 10.25
N ASN SA 45 -28.35 5.38 10.76
CA ASN SA 45 -29.49 4.80 10.06
C ASN SA 45 -30.65 5.79 9.98
N THR SA 46 -30.89 6.53 11.07
CA THR SA 46 -31.96 7.53 11.06
C THR SA 46 -31.64 8.66 10.09
N LEU SA 47 -30.39 9.11 10.06
CA LEU SA 47 -29.99 10.17 9.12
C LEU SA 47 -30.13 9.68 7.67
N GLN SA 48 -29.73 8.44 7.40
CA GLN SA 48 -29.90 7.89 6.06
C GLN SA 48 -31.38 7.71 5.73
N LYS SA 49 -32.19 7.27 6.70
CA LYS SA 49 -33.61 7.08 6.45
C LYS SA 49 -34.30 8.39 6.15
N ALA SA 50 -34.02 9.43 6.93
CA ALA SA 50 -34.62 10.74 6.68
C ALA SA 50 -34.14 11.32 5.36
N SER SA 51 -32.86 11.15 5.04
CA SER SA 51 -32.33 11.66 3.78
C SER SA 51 -32.98 10.96 2.59
N GLY SA 52 -33.15 9.64 2.67
CA GLY SA 52 -33.77 8.91 1.58
C GLY SA 52 -35.24 9.27 1.40
N ASP SA 53 -35.95 9.45 2.52
CA ASP SA 53 -37.37 9.77 2.44
C ASP SA 53 -37.60 11.13 1.81
N LEU SA 54 -36.78 12.12 2.15
CA LEU SA 54 -36.92 13.45 1.55
C LEU SA 54 -36.64 13.41 0.06
N GLN SA 55 -35.65 12.62 -0.37
CA GLN SA 55 -35.34 12.50 -1.78
C GLN SA 55 -36.51 11.88 -2.55
N THR SA 56 -37.12 10.83 -1.99
CA THR SA 56 -38.23 10.19 -2.68
C THR SA 56 -39.45 11.11 -2.76
N ARG SA 57 -39.72 11.86 -1.69
CA ARG SA 57 -40.86 12.78 -1.71
C ARG SA 57 -40.64 13.88 -2.75
N PHE SA 58 -39.45 14.48 -2.76
CA PHE SA 58 -39.18 15.56 -3.70
C PHE SA 58 -39.15 15.05 -5.14
N ASP SA 59 -38.58 13.87 -5.36
CA ASP SA 59 -38.40 13.39 -6.72
C ASP SA 59 -39.72 12.99 -7.37
N ARG SA 60 -40.69 12.55 -6.58
CA ARG SA 60 -41.96 12.08 -7.15
C ARG SA 60 -42.98 13.19 -7.34
N GLY SA 61 -42.63 14.44 -7.02
CA GLY SA 61 -43.46 15.57 -7.34
C GLY SA 61 -44.17 16.24 -6.17
N ASP SA 62 -43.81 15.92 -4.93
CA ASP SA 62 -44.41 16.59 -3.79
C ASP SA 62 -44.08 18.08 -3.81
N ALA SA 63 -45.07 18.91 -3.51
CA ALA SA 63 -44.93 20.35 -3.63
C ALA SA 63 -44.30 20.99 -2.40
N ASP SA 64 -44.62 20.50 -1.21
CA ASP SA 64 -44.14 21.10 0.02
C ASP SA 64 -42.82 20.50 0.49
N VAL SA 65 -41.86 20.40 -0.43
CA VAL SA 65 -40.50 19.96 -0.12
C VAL SA 65 -39.53 20.86 -0.87
N SER SA 66 -38.53 21.38 -0.17
CA SER SA 66 -37.56 22.29 -0.75
C SER SA 66 -36.23 21.58 -0.95
N LEU SA 67 -35.49 22.02 -1.98
CA LEU SA 67 -34.18 21.43 -2.25
C LEU SA 67 -33.20 21.69 -1.12
N SER SA 68 -33.34 22.81 -0.41
CA SER SA 68 -32.46 23.08 0.72
C SER SA 68 -32.64 22.03 1.81
N ASP SA 69 -33.89 21.66 2.10
CA ASP SA 69 -34.14 20.59 3.07
C ASP SA 69 -33.59 19.26 2.56
N VAL SA 70 -33.72 18.99 1.26
CA VAL SA 70 -33.19 17.76 0.69
C VAL SA 70 -31.67 17.77 0.73
N MET SA 71 -31.07 18.88 0.29
CA MET SA 71 -29.60 18.94 0.22
C MET SA 71 -28.96 18.91 1.59
N ILE SA 72 -29.59 19.57 2.58
CA ILE SA 72 -29.06 19.54 3.94
C ILE SA 72 -29.09 18.11 4.49
N ALA SA 73 -30.21 17.41 4.26
CA ALA SA 73 -30.36 16.07 4.80
C ALA SA 73 -29.38 15.09 4.16
N ARG SA 74 -29.22 15.15 2.83
CA ARG SA 74 -28.36 14.17 2.16
C ARG SA 74 -26.88 14.47 2.43
N ASN SA 75 -26.52 15.74 2.55
CA ASN SA 75 -25.16 16.07 2.98
C ASN SA 75 -24.94 15.68 4.44
N LYS SA 76 -25.99 15.80 5.26
CA LYS SA 76 -25.89 15.37 6.65
C LYS SA 76 -25.66 13.87 6.75
N SER SA 77 -26.37 13.09 5.96
CA SER SA 77 -26.19 11.64 5.97
C SER SA 77 -24.86 11.25 5.34
N SER SA 78 -24.40 12.01 4.35
CA SER SA 78 -23.13 11.71 3.70
C SER SA 78 -21.97 11.83 4.68
N VAL SA 79 -21.95 12.89 5.49
CA VAL SA 79 -20.90 13.05 6.49
C VAL SA 79 -21.00 11.96 7.54
N ALA SA 80 -22.22 11.59 7.93
CA ALA SA 80 -22.41 10.55 8.93
C ALA SA 80 -21.90 9.20 8.44
N PHE SA 81 -22.19 8.86 7.18
CA PHE SA 81 -21.73 7.59 6.64
C PHE SA 81 -20.21 7.58 6.42
N ASP SA 82 -19.65 8.72 6.07
CA ASP SA 82 -18.19 8.81 5.98
C ASP SA 82 -17.55 8.56 7.34
N ALA SA 83 -18.18 9.05 8.41
CA ALA SA 83 -17.65 8.84 9.75
C ALA SA 83 -17.63 7.36 10.12
N THR SA 84 -18.72 6.65 9.85
CA THR SA 84 -18.79 5.25 10.25
C THR SA 84 -17.90 4.36 9.40
N VAL SA 85 -17.62 4.77 8.15
CA VAL SA 85 -16.66 4.03 7.33
C VAL SA 85 -15.25 4.21 7.87
N GLN SA 86 -14.88 5.46 8.21
CA GLN SA 86 -13.54 5.71 8.72
C GLN SA 86 -13.34 5.10 10.10
N ILE SA 87 -14.38 5.15 10.94
CA ILE SA 87 -14.28 4.54 12.27
C ILE SA 87 -14.12 3.03 12.16
N ARG SA 88 -14.88 2.41 11.25
CA ARG SA 88 -14.74 0.97 11.03
C ARG SA 88 -13.34 0.61 10.56
N ASN SA 89 -12.80 1.38 9.62
CA ASN SA 89 -11.47 1.09 9.08
C ASN SA 89 -10.41 1.21 10.16
N LYS SA 90 -10.53 2.20 11.04
CA LYS SA 90 -9.58 2.34 12.14
C LYS SA 90 -9.63 1.15 13.08
N LEU SA 91 -10.84 0.66 13.39
CA LEU SA 91 -10.97 -0.47 14.29
C LEU SA 91 -10.44 -1.75 13.66
N VAL SA 92 -10.79 -1.99 12.39
CA VAL SA 92 -10.28 -3.18 11.71
C VAL SA 92 -8.77 -3.11 11.56
N GLU SA 93 -8.24 -1.95 11.19
CA GLU SA 93 -6.79 -1.79 11.10
C GLU SA 93 -6.12 -2.00 12.46
N ALA SA 94 -6.72 -1.45 13.51
CA ALA SA 94 -6.19 -1.66 14.86
C ALA SA 94 -6.28 -3.12 15.27
N TYR SA 95 -7.40 -3.77 14.96
CA TYR SA 95 -7.54 -5.19 15.29
C TYR SA 95 -6.54 -6.04 14.52
N LYS SA 96 -6.42 -5.81 13.20
CA LYS SA 96 -5.50 -6.60 12.39
C LYS SA 96 -4.05 -6.39 12.83
N ASP SA 97 -3.73 -5.18 13.29
CA ASP SA 97 -2.38 -4.93 13.81
C ASP SA 97 -2.10 -5.77 15.04
N LEU SA 98 -3.07 -5.88 15.95
CA LEU SA 98 -2.84 -6.63 17.19
C LEU SA 98 -2.75 -8.12 16.95
N MET SA 99 -3.46 -8.65 15.95
CA MET SA 99 -3.45 -10.07 15.67
C MET SA 99 -2.23 -10.52 14.88
N ASN SA 100 -1.47 -9.59 14.30
CA ASN SA 100 -0.29 -9.93 13.51
C ASN SA 100 1.00 -9.71 14.29
N MET SA 101 0.96 -9.87 15.61
CA MET SA 101 2.13 -9.70 16.45
C MET SA 101 2.54 -11.05 17.04
N PRO SA 102 3.79 -11.46 16.88
CA PRO SA 102 4.23 -12.71 17.48
C PRO SA 102 4.17 -12.65 19.00
N VAL SA 103 3.85 -13.80 19.61
CA VAL SA 103 3.84 -13.93 21.06
C VAL SA 103 4.61 -15.19 21.43
N ASP TA 64 -34.30 2.61 -29.68
CA ASP TA 64 -35.18 2.10 -28.64
C ASP TA 64 -34.56 2.29 -27.25
N VAL TA 65 -33.25 2.54 -27.23
CA VAL TA 65 -32.52 2.76 -25.99
C VAL TA 65 -32.13 4.22 -25.89
N SER TA 66 -31.86 4.68 -24.68
CA SER TA 66 -31.47 6.05 -24.40
C SER TA 66 -30.19 6.06 -23.58
N LEU TA 67 -29.64 7.26 -23.38
CA LEU TA 67 -28.42 7.40 -22.60
C LEU TA 67 -28.65 7.07 -21.13
N SER TA 68 -29.87 7.29 -20.62
CA SER TA 68 -30.16 6.93 -19.24
C SER TA 68 -30.03 5.44 -19.02
N ASP TA 69 -30.56 4.63 -19.94
CA ASP TA 69 -30.42 3.18 -19.83
C ASP TA 69 -28.96 2.75 -19.95
N VAL TA 70 -28.21 3.37 -20.85
CA VAL TA 70 -26.80 3.04 -21.02
C VAL TA 70 -26.02 3.38 -19.76
N MET TA 71 -26.25 4.57 -19.20
CA MET TA 71 -25.53 4.98 -18.00
C MET TA 71 -25.92 4.14 -16.80
N ILE TA 72 -27.20 3.82 -16.66
CA ILE TA 72 -27.63 2.94 -15.58
C ILE TA 72 -27.03 1.56 -15.74
N ALA TA 73 -27.00 1.05 -16.98
CA ALA TA 73 -26.36 -0.25 -17.23
C ALA TA 73 -24.87 -0.21 -16.91
N ARG TA 74 -24.20 0.89 -17.28
CA ARG TA 74 -22.79 1.03 -16.95
C ARG TA 74 -22.57 1.08 -15.45
N ASN TA 75 -23.39 1.86 -14.74
CA ASN TA 75 -23.22 1.97 -13.29
C ASN TA 75 -23.54 0.66 -12.59
N LYS TA 76 -24.60 -0.04 -13.03
CA LYS TA 76 -24.93 -1.32 -12.42
C LYS TA 76 -23.84 -2.34 -12.65
N SER TA 77 -23.25 -2.37 -13.84
CA SER TA 77 -22.15 -3.29 -14.11
C SER TA 77 -20.93 -2.95 -13.26
N SER TA 78 -20.63 -1.65 -13.10
CA SER TA 78 -19.48 -1.25 -12.30
C SER TA 78 -19.67 -1.62 -10.84
N VAL TA 79 -20.87 -1.41 -10.30
CA VAL TA 79 -21.12 -1.75 -8.90
C VAL TA 79 -21.10 -3.26 -8.71
N ALA TA 80 -21.70 -4.00 -9.64
CA ALA TA 80 -21.71 -5.46 -9.52
C ALA TA 80 -20.29 -6.02 -9.64
N PHE TA 81 -19.50 -5.52 -10.58
CA PHE TA 81 -18.13 -6.00 -10.73
C PHE TA 81 -17.28 -5.64 -9.51
N ASP TA 82 -17.44 -4.43 -8.98
CA ASP TA 82 -16.68 -4.04 -7.80
C ASP TA 82 -17.10 -4.86 -6.58
N ALA TA 83 -18.37 -5.26 -6.52
CA ALA TA 83 -18.84 -6.05 -5.39
C ALA TA 83 -18.22 -7.43 -5.38
N THR TA 84 -18.21 -8.10 -6.54
CA THR TA 84 -17.73 -9.48 -6.59
C THR TA 84 -16.22 -9.56 -6.41
N VAL TA 85 -15.50 -8.53 -6.87
CA VAL TA 85 -14.05 -8.53 -6.73
C VAL TA 85 -13.65 -8.40 -5.26
N GLN TA 86 -14.26 -7.46 -4.54
CA GLN TA 86 -13.88 -7.23 -3.16
C GLN TA 86 -14.21 -8.43 -2.28
N ILE TA 87 -15.38 -9.04 -2.47
CA ILE TA 87 -15.74 -10.23 -1.69
C ILE TA 87 -14.79 -11.38 -1.99
N ARG TA 88 -14.44 -11.56 -3.26
CA ARG TA 88 -13.43 -12.56 -3.61
C ARG TA 88 -12.11 -12.24 -2.93
N ASN TA 89 -11.72 -10.97 -2.92
CA ASN TA 89 -10.49 -10.57 -2.25
C ASN TA 89 -10.55 -10.84 -0.75
N LYS TA 90 -11.68 -10.54 -0.12
CA LYS TA 90 -11.81 -10.76 1.32
C LYS TA 90 -11.72 -12.23 1.68
N LEU TA 91 -12.38 -13.09 0.91
CA LEU TA 91 -12.35 -14.52 1.19
C LEU TA 91 -10.95 -15.09 1.01
N VAL TA 92 -10.25 -14.68 -0.06
CA VAL TA 92 -8.90 -15.18 -0.30
C VAL TA 92 -7.96 -14.73 0.80
N GLU TA 93 -8.06 -13.46 1.22
CA GLU TA 93 -7.23 -12.99 2.32
C GLU TA 93 -7.53 -13.75 3.60
N ALA TA 94 -8.81 -14.09 3.83
CA ALA TA 94 -9.16 -14.94 4.97
C ALA TA 94 -8.53 -16.32 4.84
N TYR TA 95 -8.54 -16.89 3.63
CA TYR TA 95 -7.92 -18.18 3.41
C TYR TA 95 -6.41 -18.11 3.63
N LYS TA 96 -5.77 -17.07 3.11
CA LYS TA 96 -4.32 -16.95 3.24
C LYS TA 96 -3.91 -16.74 4.70
N ASP TA 97 -4.73 -16.03 5.47
CA ASP TA 97 -4.43 -15.85 6.89
C ASP TA 97 -4.49 -17.17 7.63
N LEU TA 98 -5.48 -18.02 7.32
CA LEU TA 98 -5.60 -19.30 8.00
C LEU TA 98 -4.44 -20.23 7.64
N MET TA 99 -4.02 -20.21 6.38
CA MET TA 99 -2.91 -21.09 5.95
C MET TA 99 -1.61 -20.72 6.65
N ASN TA 100 -1.35 -19.44 6.87
CA ASN TA 100 -0.09 -19.01 7.47
C ASN TA 100 -0.25 -18.81 8.98
N MET TA 101 -0.48 -19.92 9.68
CA MET TA 101 -0.58 -19.89 11.13
C MET TA 101 0.28 -20.99 11.74
N PRO TA 102 0.80 -20.76 12.95
CA PRO TA 102 1.61 -21.79 13.61
C PRO TA 102 0.75 -22.93 14.15
N VAL TA 103 0.95 -24.12 13.63
CA VAL TA 103 0.22 -25.29 14.11
C VAL TA 103 0.84 -25.77 15.42
N ALA UA 36 25.65 -62.63 23.91
CA ALA UA 36 25.21 -63.12 22.61
C ALA UA 36 23.96 -63.98 22.74
N SER UA 37 23.93 -64.82 23.77
CA SER UA 37 22.81 -65.71 23.97
C SER UA 37 21.56 -64.95 24.38
N VAL UA 38 21.71 -63.88 25.17
CA VAL UA 38 20.56 -63.14 25.67
C VAL UA 38 19.77 -62.51 24.52
N LEU UA 39 20.46 -61.93 23.55
CA LEU UA 39 19.78 -61.27 22.45
C LEU UA 39 19.07 -62.28 21.55
N ILE UA 40 19.65 -63.48 21.40
CA ILE UA 40 19.03 -64.50 20.55
C ILE UA 40 17.70 -64.95 21.14
N VAL UA 41 17.69 -65.25 22.45
CA VAL UA 41 16.47 -65.74 23.09
C VAL UA 41 15.40 -64.66 23.08
N GLY UA 42 15.79 -63.40 23.21
CA GLY UA 42 14.83 -62.31 23.09
C GLY UA 42 14.18 -62.29 21.71
N ALA UA 43 14.97 -62.46 20.66
CA ALA UA 43 14.41 -62.57 19.32
C ALA UA 43 13.50 -63.79 19.21
N ILE UA 44 13.92 -64.91 19.81
CA ILE UA 44 13.08 -66.10 19.82
C ILE UA 44 11.79 -65.83 20.59
N SER UA 45 11.88 -65.12 21.71
CA SER UA 45 10.70 -64.76 22.47
C SER UA 45 9.80 -63.81 21.67
N LEU UA 46 10.39 -62.88 20.94
CA LEU UA 46 9.61 -61.97 20.11
C LEU UA 46 8.86 -62.70 19.01
N MET UA 47 9.26 -63.93 18.67
CA MET UA 47 8.54 -64.69 17.65
C MET UA 47 7.13 -65.03 18.13
N TRP UA 48 6.99 -65.46 19.37
CA TRP UA 48 5.69 -65.87 19.92
C TRP UA 48 5.14 -64.84 20.91
N PHE UA 49 5.93 -64.45 21.90
CA PHE UA 49 5.48 -63.43 22.84
C PHE UA 49 5.29 -62.08 22.15
N GLY UA 50 6.10 -61.79 21.14
CA GLY UA 50 5.97 -60.52 20.43
C GLY UA 50 4.62 -60.36 19.75
N GLU UA 51 4.08 -61.44 19.19
CA GLU UA 51 2.77 -61.38 18.56
C GLU UA 51 1.70 -61.01 19.58
N ALA UA 52 1.75 -61.62 20.77
CA ALA UA 52 0.84 -61.21 21.83
C ALA UA 52 1.10 -59.79 22.30
N LEU UA 53 2.38 -59.39 22.35
CA LEU UA 53 2.71 -58.01 22.69
C LEU UA 53 2.18 -57.05 21.63
N ALA UA 54 2.19 -57.47 20.36
CA ALA UA 54 1.57 -56.67 19.31
C ALA UA 54 0.07 -56.55 19.52
N ARG UA 55 -0.57 -57.64 19.97
CA ARG UA 55 -1.99 -57.57 20.31
C ARG UA 55 -2.24 -56.64 21.47
N SER UA 56 -1.34 -56.65 22.47
CA SER UA 56 -1.48 -55.75 23.60
C SER UA 56 -1.40 -54.30 23.18
N LEU UA 57 -0.44 -53.97 22.29
CA LEU UA 57 -0.33 -52.61 21.79
C LEU UA 57 -1.51 -52.25 20.92
N PHE UA 58 -2.06 -53.22 20.18
CA PHE UA 58 -3.24 -52.96 19.34
C PHE UA 58 -4.43 -52.54 20.19
N SER UA 59 -4.66 -53.24 21.31
CA SER UA 59 -5.82 -52.94 22.14
C SER UA 59 -5.68 -51.59 22.82
N ILE UA 60 -4.48 -51.24 23.27
CA ILE UA 60 -4.28 -49.98 23.98
C ILE UA 60 -4.52 -48.80 23.05
N MET UA 61 -3.99 -48.87 21.83
CA MET UA 61 -4.20 -47.79 20.86
C MET UA 61 -5.67 -47.70 20.46
N SER UA 62 -6.32 -48.84 20.26
CA SER UA 62 -7.72 -48.84 19.84
C SER UA 62 -8.62 -48.21 20.89
N ARG UA 63 -8.40 -48.55 22.16
CA ARG UA 63 -9.24 -48.02 23.22
C ARG UA 63 -8.99 -46.54 23.46
N LEU UA 64 -7.72 -46.14 23.52
CA LEU UA 64 -7.38 -44.75 23.81
C LEU UA 64 -7.72 -43.82 22.65
N PHE UA 65 -7.94 -44.35 21.46
CA PHE UA 65 -8.36 -43.54 20.33
C PHE UA 65 -9.88 -43.41 20.24
N ASP UA 66 -10.61 -44.47 20.57
CA ASP UA 66 -12.07 -44.46 20.53
C ASP UA 66 -12.59 -43.98 21.88
N LEU UA 67 -12.82 -42.68 21.97
CA LEU UA 67 -13.35 -42.06 23.18
C LEU UA 67 -14.75 -41.52 22.92
N GLN UA 68 -15.60 -41.58 23.94
CA GLN UA 68 -16.93 -41.03 23.89
C GLN UA 68 -16.96 -39.62 24.50
N ARG UA 69 -18.09 -38.94 24.34
CA ARG UA 69 -18.24 -37.60 24.93
C ARG UA 69 -18.17 -37.66 26.45
N GLU UA 70 -18.78 -38.68 27.06
CA GLU UA 70 -18.75 -38.80 28.51
C GLU UA 70 -17.36 -39.06 29.04
N GLU UA 71 -16.55 -39.87 28.35
CA GLU UA 71 -15.22 -40.19 28.82
C GLU UA 71 -14.29 -38.99 28.76
N ILE UA 72 -14.40 -38.18 27.70
CA ILE UA 72 -13.50 -37.05 27.53
C ILE UA 72 -13.74 -36.01 28.61
N PHE UA 73 -15.00 -35.72 28.93
CA PHE UA 73 -15.33 -34.64 29.84
C PHE UA 73 -15.11 -35.00 31.31
N ASP UA 74 -14.74 -36.25 31.61
CA ASP UA 74 -14.51 -36.69 32.98
C ASP UA 74 -13.02 -36.96 33.15
N THR UA 75 -12.38 -36.25 34.09
CA THR UA 75 -10.96 -36.42 34.33
C THR UA 75 -10.67 -37.74 35.01
N ALA UA 76 -11.53 -38.17 35.94
CA ALA UA 76 -11.30 -39.41 36.67
C ALA UA 76 -11.33 -40.61 35.72
N LYS UA 77 -12.26 -40.61 34.77
CA LYS UA 77 -12.36 -41.73 33.83
C LYS UA 77 -11.12 -41.83 32.96
N LEU UA 78 -10.54 -40.70 32.58
CA LEU UA 78 -9.31 -40.73 31.78
C LEU UA 78 -8.17 -41.38 32.56
N PHE UA 79 -8.03 -41.05 33.84
CA PHE UA 79 -6.95 -41.63 34.64
C PHE UA 79 -7.16 -43.12 34.85
N ASP UA 80 -8.42 -43.55 34.99
CA ASP UA 80 -8.70 -44.98 35.15
C ASP UA 80 -8.27 -45.78 33.93
N ILE UA 81 -8.58 -45.27 32.74
CA ILE UA 81 -8.14 -45.95 31.51
C ILE UA 81 -6.63 -45.88 31.39
N ALA UA 82 -6.04 -44.77 31.83
CA ALA UA 82 -4.59 -44.64 31.81
C ALA UA 82 -3.93 -45.70 32.69
N LEU UA 83 -4.48 -45.91 33.89
CA LEU UA 83 -4.00 -47.00 34.73
C LEU UA 83 -4.32 -48.36 34.11
N GLY UA 84 -5.50 -48.51 33.53
CA GLY UA 84 -5.86 -49.78 32.91
C GLY UA 84 -4.98 -50.13 31.74
N ALA UA 85 -4.68 -49.15 30.88
CA ALA UA 85 -3.76 -49.38 29.77
C ALA UA 85 -2.35 -49.64 30.29
N MET UA 86 -1.98 -48.98 31.38
CA MET UA 86 -0.66 -49.20 31.99
C MET UA 86 -0.51 -50.63 32.48
N THR UA 87 -1.47 -51.10 33.27
CA THR UA 87 -1.35 -52.43 33.87
C THR UA 87 -1.46 -53.53 32.83
N ASP UA 88 -2.37 -53.37 31.86
CA ASP UA 88 -2.51 -54.39 30.81
C ASP UA 88 -1.23 -54.51 29.98
N LEU UA 89 -0.44 -53.44 29.92
CA LEU UA 89 0.85 -53.52 29.25
C LEU UA 89 1.86 -54.33 30.05
N LEU UA 90 1.81 -54.21 31.38
CA LEU UA 90 2.87 -54.75 32.22
C LEU UA 90 2.99 -56.27 32.09
N PHE UA 91 1.85 -56.97 32.09
CA PHE UA 91 1.89 -58.43 32.11
C PHE UA 91 2.59 -59.02 30.89
N PRO UA 92 2.23 -58.66 29.64
CA PRO UA 92 3.00 -59.19 28.50
C PRO UA 92 4.45 -58.73 28.46
N LEU UA 93 4.72 -57.48 28.84
CA LEU UA 93 6.10 -56.99 28.85
C LEU UA 93 6.94 -57.74 29.87
N PHE UA 94 6.37 -58.02 31.05
CA PHE UA 94 7.11 -58.74 32.09
C PHE UA 94 7.49 -60.13 31.63
N LEU UA 95 6.59 -60.82 30.90
CA LEU UA 95 6.90 -62.15 30.42
C LEU UA 95 8.07 -62.15 29.46
N VAL UA 96 8.10 -61.18 28.53
CA VAL UA 96 9.19 -61.12 27.57
C VAL UA 96 10.51 -60.83 28.26
N LEU UA 97 10.52 -59.87 29.19
CA LEU UA 97 11.74 -59.55 29.92
C LEU UA 97 12.17 -60.71 30.82
N ALA UA 98 11.20 -61.43 31.39
CA ALA UA 98 11.54 -62.63 32.16
C ALA UA 98 12.19 -63.68 31.28
N THR UA 99 11.70 -63.84 30.04
CA THR UA 99 12.34 -64.75 29.09
C THR UA 99 13.76 -64.30 28.78
N LEU UA 100 14.02 -63.00 28.82
CA LEU UA 100 15.39 -62.50 28.66
C LEU UA 100 16.22 -62.79 29.90
N PHE UA 101 15.64 -62.61 31.09
CA PHE UA 101 16.38 -62.82 32.33
C PHE UA 101 16.72 -64.28 32.54
N THR UA 102 15.76 -65.18 32.26
CA THR UA 102 15.98 -66.60 32.52
C THR UA 102 17.11 -67.15 31.68
N ALA UA 103 17.18 -66.77 30.40
CA ALA UA 103 18.27 -67.23 29.54
C ALA UA 103 19.59 -66.58 29.92
N ALA UA 104 19.54 -65.36 30.46
CA ALA UA 104 20.77 -64.67 30.84
C ALA UA 104 21.50 -65.41 31.95
N MET UA 105 20.76 -65.87 32.97
CA MET UA 105 21.39 -66.64 34.04
C MET UA 105 21.91 -67.98 33.53
N ILE UA 106 21.15 -68.64 32.67
CA ILE UA 106 21.54 -69.93 32.13
C ILE UA 106 22.57 -69.74 31.03
N GLU VA 81 -13.83 28.32 25.86
CA GLU VA 81 -13.52 28.17 24.43
C GLU VA 81 -13.01 26.76 24.12
N ASP VA 82 -13.92 25.80 24.14
CA ASP VA 82 -13.56 24.42 23.84
C ASP VA 82 -13.15 24.30 22.38
N TYR VA 83 -12.43 23.22 22.08
CA TYR VA 83 -11.99 22.96 20.71
C TYR VA 83 -13.19 22.90 19.77
N SER VA 84 -13.02 23.46 18.58
CA SER VA 84 -14.08 23.46 17.58
C SER VA 84 -14.40 22.02 17.16
N VAL VA 85 -15.57 21.85 16.56
CA VAL VA 85 -16.04 20.52 16.19
C VAL VA 85 -15.07 19.87 15.21
N THR VA 86 -14.53 20.66 14.28
CA THR VA 86 -13.57 20.11 13.32
C THR VA 86 -12.31 19.62 14.00
N LEU VA 87 -11.81 20.36 15.00
CA LEU VA 87 -10.62 19.92 15.72
C LEU VA 87 -10.94 18.76 16.66
N GLN VA 88 -12.15 18.74 17.24
CA GLN VA 88 -12.53 17.64 18.11
C GLN VA 88 -12.57 16.32 17.35
N ILE VA 89 -13.09 16.34 16.12
CA ILE VA 89 -13.09 15.14 15.29
C ILE VA 89 -11.67 14.74 14.92
N LEU VA 90 -10.82 15.73 14.61
CA LEU VA 90 -9.45 15.44 14.23
C LEU VA 90 -8.69 14.79 15.39
N ALA VA 91 -8.97 15.22 16.61
CA ALA VA 91 -8.33 14.61 17.77
C ALA VA 91 -8.80 13.18 17.98
N LEU VA 92 -10.10 12.93 17.84
CA LEU VA 92 -10.63 11.60 18.09
C LEU VA 92 -10.15 10.61 17.02
N MET VA 93 -10.06 11.04 15.77
CA MET VA 93 -9.56 10.18 14.71
C MET VA 93 -8.09 9.83 14.94
N THR VA 94 -7.34 10.74 15.54
CA THR VA 94 -5.94 10.47 15.85
C THR VA 94 -5.82 9.42 16.96
N MET VA 95 -6.71 9.46 17.94
CA MET VA 95 -6.68 8.48 19.02
C MET VA 95 -6.98 7.08 18.51
N LEU VA 96 -7.91 6.97 17.56
CA LEU VA 96 -8.17 5.67 16.95
C LEU VA 96 -6.96 5.19 16.16
N GLY VA 97 -6.17 6.12 15.61
CA GLY VA 97 -4.97 5.73 14.90
C GLY VA 97 -3.94 5.10 15.81
N PHE VA 98 -3.85 5.57 17.06
CA PHE VA 98 -2.93 5.04 18.04
C PHE VA 98 -3.57 3.96 18.91
N LEU VA 99 -4.72 3.43 18.52
CA LEU VA 99 -5.40 2.40 19.32
C LEU VA 99 -4.53 1.18 19.59
N PRO VA 100 -3.79 0.61 18.63
CA PRO VA 100 -2.88 -0.49 19.00
C PRO VA 100 -1.84 -0.09 20.02
N ALA VA 101 -1.33 1.14 19.96
CA ALA VA 101 -0.35 1.60 20.94
C ALA VA 101 -0.98 1.71 22.33
N MET VA 102 -2.21 2.21 22.41
CA MET VA 102 -2.88 2.33 23.70
C MET VA 102 -3.10 0.97 24.34
N VAL VA 103 -3.51 -0.02 23.53
CA VAL VA 103 -3.76 -1.35 24.08
C VAL VA 103 -2.46 -2.03 24.50
N ILE VA 104 -1.41 -1.91 23.69
CA ILE VA 104 -0.19 -2.66 23.96
C ILE VA 104 0.71 -1.98 24.99
N LEU VA 105 0.45 -0.71 25.32
CA LEU VA 105 1.28 0.01 26.26
C LEU VA 105 0.54 0.50 27.49
N MET VA 106 -0.66 1.03 27.33
CA MET VA 106 -1.40 1.65 28.44
C MET VA 106 -2.39 0.70 29.10
N THR VA 107 -2.46 -0.56 28.68
CA THR VA 107 -3.46 -1.48 29.22
C THR VA 107 -2.82 -2.72 29.81
N SER VA 108 -3.66 -3.71 30.12
CA SER VA 108 -3.24 -4.98 30.70
C SER VA 108 -2.88 -6.01 29.65
N PHE VA 109 -2.89 -5.64 28.37
CA PHE VA 109 -2.67 -6.61 27.31
C PHE VA 109 -1.28 -7.23 27.38
N THR VA 110 -0.26 -6.42 27.67
CA THR VA 110 1.12 -6.91 27.61
C THR VA 110 1.38 -7.99 28.65
N ARG VA 111 0.94 -7.77 29.89
CA ARG VA 111 1.25 -8.72 30.95
C ARG VA 111 0.59 -10.07 30.68
N ILE VA 112 -0.67 -10.07 30.25
CA ILE VA 112 -1.36 -11.32 29.96
C ILE VA 112 -0.68 -12.06 28.81
N VAL VA 113 -0.28 -11.31 27.77
CA VAL VA 113 0.35 -11.93 26.60
C VAL VA 113 1.68 -12.57 26.98
N VAL VA 114 2.48 -11.89 27.80
CA VAL VA 114 3.79 -12.44 28.18
C VAL VA 114 3.62 -13.68 29.05
N VAL VA 115 2.71 -13.65 30.01
CA VAL VA 115 2.51 -14.80 30.90
C VAL VA 115 2.04 -16.01 30.10
N MET VA 116 1.14 -15.81 29.14
CA MET VA 116 0.74 -16.90 28.26
C MET VA 116 1.91 -17.40 27.44
N SER VA 117 2.81 -16.50 27.01
CA SER VA 117 3.96 -16.90 26.24
C SER VA 117 4.92 -17.76 27.05
N ILE VA 118 5.16 -17.38 28.31
CA ILE VA 118 6.04 -18.18 29.17
C ILE VA 118 5.43 -19.56 29.43
N LEU VA 119 4.12 -19.60 29.70
CA LEU VA 119 3.46 -20.87 29.96
C LEU VA 119 3.53 -21.79 28.76
N ARG VA 120 3.34 -21.26 27.55
CA ARG VA 120 3.40 -22.08 26.35
C ARG VA 120 4.79 -22.68 26.17
N GLN VA 121 5.84 -21.87 26.40
CA GLN VA 121 7.20 -22.39 26.29
C GLN VA 121 7.57 -23.27 27.48
N ALA VA 122 6.88 -23.13 28.61
CA ALA VA 122 7.16 -23.98 29.76
C ALA VA 122 6.88 -25.44 29.44
N MET VA 123 5.77 -25.71 28.75
CA MET VA 123 5.45 -27.07 28.35
C MET VA 123 6.24 -27.46 27.10
N GLY VA 124 6.05 -28.71 26.67
CA GLY VA 124 6.74 -29.19 25.49
C GLY VA 124 6.17 -28.66 24.19
N LEU VA 125 4.98 -28.08 24.22
CA LEU VA 125 4.36 -27.55 23.02
C LEU VA 125 5.01 -26.23 22.63
N GLN VA 126 5.45 -26.13 21.37
CA GLN VA 126 6.12 -24.92 20.93
C GLN VA 126 5.11 -23.80 20.64
N GLN VA 127 4.24 -24.02 19.66
CA GLN VA 127 3.21 -23.07 19.29
C GLN VA 127 1.88 -23.77 19.02
N THR VA 128 1.57 -24.78 19.84
CA THR VA 128 0.28 -25.46 19.72
C THR VA 128 -0.91 -24.54 20.00
N PRO VA 129 -0.92 -23.73 21.06
CA PRO VA 129 -2.06 -22.80 21.25
C PRO VA 129 -2.20 -21.76 20.16
N SER VA 130 -1.15 -21.54 19.35
CA SER VA 130 -1.16 -20.59 18.24
C SER VA 130 -1.21 -19.15 18.71
N ASN VA 131 -0.62 -18.24 17.94
CA ASN VA 131 -0.49 -16.84 18.36
C ASN VA 131 -1.82 -16.10 18.33
N GLN VA 132 -2.67 -16.38 17.33
CA GLN VA 132 -3.93 -15.66 17.22
C GLN VA 132 -4.86 -15.99 18.39
N VAL VA 133 -4.87 -17.24 18.83
CA VAL VA 133 -5.72 -17.63 19.96
C VAL VA 133 -5.23 -16.98 21.24
N ILE VA 134 -3.91 -16.93 21.44
CA ILE VA 134 -3.35 -16.33 22.64
C ILE VA 134 -3.72 -14.85 22.72
N ILE VA 135 -3.57 -14.13 21.61
CA ILE VA 135 -3.94 -12.72 21.58
C ILE VA 135 -5.46 -12.57 21.69
N GLY VA 136 -6.21 -13.48 21.07
CA GLY VA 136 -7.66 -13.42 21.18
C GLY VA 136 -8.15 -13.59 22.61
N ILE VA 137 -7.54 -14.51 23.35
CA ILE VA 137 -7.89 -14.67 24.76
C ILE VA 137 -7.50 -13.43 25.55
N ALA VA 138 -6.31 -12.89 25.28
CA ALA VA 138 -5.83 -11.72 26.02
C ALA VA 138 -6.70 -10.50 25.75
N LEU VA 139 -7.18 -10.34 24.52
CA LEU VA 139 -8.02 -9.18 24.20
C LEU VA 139 -9.32 -9.19 24.99
N PHE VA 140 -9.95 -10.36 25.12
CA PHE VA 140 -11.16 -10.44 25.94
C PHE VA 140 -10.84 -10.24 27.41
N LEU VA 141 -9.72 -10.80 27.89
CA LEU VA 141 -9.36 -10.62 29.29
C LEU VA 141 -9.03 -9.17 29.60
N THR VA 142 -8.26 -8.51 28.73
CA THR VA 142 -7.91 -7.12 28.98
C THR VA 142 -9.11 -6.19 28.85
N PHE VA 143 -10.15 -6.61 28.13
CA PHE VA 143 -11.38 -5.82 28.08
C PHE VA 143 -12.19 -5.97 29.35
N PHE VA 144 -12.20 -7.18 29.93
CA PHE VA 144 -13.00 -7.43 31.13
C PHE VA 144 -12.38 -6.77 32.35
N VAL VA 145 -11.06 -6.88 32.52
CA VAL VA 145 -10.40 -6.31 33.69
C VAL VA 145 -10.41 -4.79 33.65
N MET VA 146 -10.52 -4.19 32.46
CA MET VA 146 -10.55 -2.75 32.33
C MET VA 146 -11.97 -2.22 32.09
N SER VA 147 -12.98 -3.07 32.24
CA SER VA 147 -14.35 -2.56 32.22
C SER VA 147 -14.64 -1.53 33.30
N PRO VA 148 -14.17 -1.68 34.56
CA PRO VA 148 -14.42 -0.62 35.55
C PRO VA 148 -13.88 0.74 35.13
N VAL VA 149 -12.62 0.81 34.67
CA VAL VA 149 -12.09 2.09 34.24
C VAL VA 149 -12.77 2.55 32.96
N LEU VA 150 -13.12 1.62 32.06
CA LEU VA 150 -13.87 2.00 30.86
C LEU VA 150 -15.22 2.61 31.22
N ASN VA 151 -15.92 2.02 32.19
CA ASN VA 151 -17.19 2.60 32.63
C ASN VA 151 -16.97 3.95 33.31
N GLU VA 152 -15.91 4.08 34.10
CA GLU VA 152 -15.64 5.35 34.77
C GLU VA 152 -15.38 6.46 33.76
N ILE VA 153 -14.70 6.14 32.66
CA ILE VA 153 -14.54 7.10 31.57
C ILE VA 153 -15.90 7.50 31.00
N ASN VA 154 -16.76 6.51 30.77
CA ASN VA 154 -18.08 6.77 30.20
C ASN VA 154 -18.93 7.62 31.14
N ASP VA 155 -18.92 7.28 32.43
CA ASP VA 155 -19.82 7.92 33.38
C ASP VA 155 -19.34 9.31 33.79
N LYS VA 156 -18.08 9.64 33.55
CA LYS VA 156 -17.53 10.93 33.97
C LYS VA 156 -17.05 11.81 32.83
N ALA VA 157 -16.82 11.25 31.65
CA ALA VA 157 -16.24 12.02 30.55
C ALA VA 157 -17.04 11.91 29.26
N VAL VA 158 -17.77 10.82 29.05
CA VAL VA 158 -18.51 10.66 27.80
C VAL VA 158 -19.94 11.17 27.95
N GLN VA 159 -20.68 10.66 28.94
CA GLN VA 159 -22.06 11.08 29.12
C GLN VA 159 -22.18 12.57 29.44
N PRO VA 160 -21.40 13.17 30.34
CA PRO VA 160 -21.45 14.64 30.47
C PRO VA 160 -21.11 15.36 29.18
N TYR VA 161 -20.19 14.81 28.39
CA TYR VA 161 -19.84 15.44 27.12
C TYR VA 161 -20.99 15.38 26.13
N LEU VA 162 -21.66 14.23 26.02
CA LEU VA 162 -22.78 14.10 25.11
C LEU VA 162 -24.00 14.89 25.57
N ASN VA 163 -24.18 15.06 26.86
CA ASN VA 163 -25.30 15.80 27.41
C ASN VA 163 -25.05 17.31 27.45
N GLU VA 164 -23.94 17.77 26.87
CA GLU VA 164 -23.58 19.18 26.85
C GLU VA 164 -23.50 19.75 28.27
N GLN VA 165 -22.61 19.15 29.06
CA GLN VA 165 -22.40 19.56 30.44
C GLN VA 165 -20.96 19.91 30.76
N VAL VA 166 -19.99 19.46 29.96
CA VAL VA 166 -18.59 19.72 30.22
C VAL VA 166 -17.92 20.16 28.93
N THR VA 167 -16.99 21.11 29.06
CA THR VA 167 -16.15 21.53 27.96
C THR VA 167 -15.35 20.34 27.43
N ALA VA 168 -15.20 20.28 26.10
CA ALA VA 168 -14.49 19.16 25.48
C ALA VA 168 -13.09 19.01 26.06
N ARG VA 169 -12.44 20.12 26.39
CA ARG VA 169 -11.14 20.05 27.08
C ARG VA 169 -11.29 19.40 28.45
N GLU VA 170 -12.35 19.74 29.18
CA GLU VA 170 -12.58 19.12 30.48
C GLU VA 170 -12.90 17.64 30.34
N ALA VA 171 -13.68 17.27 29.32
CA ALA VA 171 -14.04 15.87 29.13
C ALA VA 171 -12.82 15.02 28.82
N PHE VA 172 -11.87 15.57 28.05
CA PHE VA 172 -10.63 14.84 27.79
C PHE VA 172 -9.86 14.60 29.07
N ASP VA 173 -9.78 15.60 29.95
CA ASP VA 173 -9.14 15.41 31.24
C ASP VA 173 -9.90 14.41 32.09
N ALA VA 174 -11.23 14.45 32.05
CA ALA VA 174 -12.03 13.52 32.85
C ALA VA 174 -11.87 12.09 32.38
N ALA VA 175 -11.57 11.88 31.10
CA ALA VA 175 -11.30 10.54 30.60
C ALA VA 175 -9.90 10.07 30.94
N GLN VA 176 -8.92 10.99 30.97
CA GLN VA 176 -7.54 10.61 31.22
C GLN VA 176 -7.29 10.30 32.68
N ALA VA 177 -8.05 10.90 33.59
CA ALA VA 177 -7.80 10.72 35.02
C ALA VA 177 -7.96 9.27 35.49
N PRO VA 178 -9.06 8.56 35.19
CA PRO VA 178 -9.13 7.15 35.63
C PRO VA 178 -8.07 6.27 35.00
N MET VA 179 -7.68 6.56 33.76
CA MET VA 179 -6.63 5.76 33.11
C MET VA 179 -5.30 5.94 33.83
N LYS VA 180 -4.97 7.17 34.22
CA LYS VA 180 -3.74 7.43 34.96
C LYS VA 180 -3.77 6.73 36.32
N ALA VA 181 -4.93 6.77 37.00
CA ALA VA 181 -5.04 6.14 38.31
C ALA VA 181 -4.84 4.63 38.22
N PHE VA 182 -5.42 4.00 37.19
CA PHE VA 182 -5.26 2.56 37.03
C PHE VA 182 -3.81 2.18 36.79
N MET VA 183 -3.12 2.95 35.94
CA MET VA 183 -1.72 2.66 35.66
C MET VA 183 -0.84 2.84 36.88
N LEU VA 184 -1.21 3.75 37.79
CA LEU VA 184 -0.42 3.96 38.99
C LEU VA 184 -0.60 2.83 39.99
N LYS VA 185 -1.76 2.16 39.98
CA LYS VA 185 -1.97 1.06 40.91
C LYS VA 185 -1.13 -0.17 40.54
N GLN VA 186 -0.70 -0.27 39.29
CA GLN VA 186 0.04 -1.44 38.80
C GLN VA 186 1.47 -1.08 38.43
N THR VA 187 1.99 0.01 38.96
CA THR VA 187 3.35 0.44 38.67
C THR VA 187 4.20 0.34 39.94
N ARG VA 188 5.51 0.34 39.74
CA ARG VA 188 6.47 0.25 40.83
C ARG VA 188 7.14 1.60 41.04
N ILE VA 189 7.33 1.97 42.31
CA ILE VA 189 7.89 3.28 42.61
C ILE VA 189 9.30 3.42 42.05
N LYS VA 190 10.04 2.32 41.97
CA LYS VA 190 11.37 2.38 41.36
C LYS VA 190 11.29 2.77 39.89
N ASP VA 191 10.27 2.28 39.17
CA ASP VA 191 10.09 2.64 37.78
C ASP VA 191 9.78 4.12 37.63
N LEU VA 192 8.92 4.65 38.50
CA LEU VA 192 8.64 6.09 38.48
C LEU VA 192 9.89 6.89 38.82
N GLU VA 193 10.67 6.43 39.79
CA GLU VA 193 11.83 7.18 40.24
C GLU VA 193 12.86 7.34 39.13
N THR VA 194 13.12 6.27 38.37
CA THR VA 194 14.14 6.34 37.34
C THR VA 194 13.68 7.16 36.14
N PHE VA 195 12.39 7.07 35.78
CA PHE VA 195 11.90 7.83 34.63
C PHE VA 195 11.71 9.31 34.96
N VAL VA 196 11.31 9.63 36.19
CA VAL VA 196 11.20 11.04 36.58
C VAL VA 196 12.57 11.71 36.53
N THR VA 197 13.59 11.03 37.07
CA THR VA 197 14.96 11.55 36.95
C THR VA 197 15.41 11.59 35.49
N MET VA 198 15.01 10.60 34.70
CA MET VA 198 15.36 10.59 33.29
C MET VA 198 14.74 11.77 32.56
N SER VA 199 13.48 12.08 32.85
CA SER VA 199 12.84 13.24 32.23
C SER VA 199 13.39 14.55 32.80
N GLY VA 200 13.95 14.52 34.00
CA GLY VA 200 14.50 15.71 34.61
C GLY VA 200 13.46 16.76 34.99
N GLU VA 201 12.32 16.33 35.52
CA GLU VA 201 11.29 17.25 36.00
C GLU VA 201 11.18 17.14 37.52
N GLN VA 202 10.97 18.29 38.17
CA GLN VA 202 10.92 18.35 39.63
C GLN VA 202 9.48 18.12 40.07
N VAL VA 203 9.13 16.85 40.28
CA VAL VA 203 7.81 16.47 40.76
C VAL VA 203 7.99 15.50 41.93
N ASP VA 204 7.21 15.71 42.99
CA ASP VA 204 7.34 14.95 44.21
C ASP VA 204 6.21 13.94 44.42
N ASN VA 205 4.96 14.39 44.33
CA ASN VA 205 3.84 13.49 44.55
C ASN VA 205 3.73 12.50 43.39
N PRO VA 206 3.53 11.20 43.65
CA PRO VA 206 3.41 10.21 42.58
C PRO VA 206 2.00 10.09 42.00
N GLU VA 207 1.35 11.23 41.79
CA GLU VA 207 0.04 11.27 41.15
C GLU VA 207 -0.09 12.32 40.06
N ASP VA 208 0.77 13.32 40.00
CA ASP VA 208 0.71 14.38 39.00
C ASP VA 208 1.89 14.28 38.04
N VAL VA 209 2.27 13.06 37.69
CA VAL VA 209 3.35 12.81 36.74
C VAL VA 209 2.74 12.72 35.35
N SER VA 210 3.51 13.15 34.34
CA SER VA 210 3.01 13.21 32.99
C SER VA 210 2.84 11.80 32.41
N MET VA 211 1.94 11.69 31.43
CA MET VA 211 1.76 10.43 30.72
C MET VA 211 3.01 10.03 29.98
N ALA VA 212 3.82 11.00 29.54
CA ALA VA 212 5.08 10.69 28.87
C ALA VA 212 6.01 9.91 29.81
N VAL VA 213 5.92 10.17 31.11
CA VAL VA 213 6.76 9.47 32.08
C VAL VA 213 6.05 8.24 32.63
N LEU VA 214 4.73 8.30 32.78
CA LEU VA 214 3.99 7.21 33.40
C LEU VA 214 3.97 5.97 32.52
N ILE VA 215 3.74 6.16 31.22
CA ILE VA 215 3.58 5.01 30.32
C ILE VA 215 4.82 4.13 30.27
N PRO VA 216 6.04 4.66 30.06
CA PRO VA 216 7.22 3.77 30.11
C PRO VA 216 7.41 3.12 31.47
N ALA VA 217 7.07 3.82 32.55
CA ALA VA 217 7.15 3.22 33.88
C ALA VA 217 6.14 2.10 34.04
N PHE VA 218 4.94 2.28 33.49
CA PHE VA 218 3.90 1.25 33.61
C PHE VA 218 4.26 0.00 32.82
N ILE VA 219 4.68 0.17 31.57
CA ILE VA 219 5.00 -0.99 30.75
C ILE VA 219 6.21 -1.73 31.29
N THR VA 220 7.18 -1.00 31.86
CA THR VA 220 8.31 -1.65 32.51
C THR VA 220 7.87 -2.48 33.71
N SER VA 221 6.93 -1.96 34.50
CA SER VA 221 6.43 -2.71 35.65
C SER VA 221 5.64 -3.93 35.19
N GLU VA 222 4.90 -3.82 34.09
CA GLU VA 222 4.12 -4.95 33.61
C GLU VA 222 5.02 -6.08 33.11
N LEU VA 223 6.12 -5.72 32.43
CA LEU VA 223 7.06 -6.75 31.98
C LEU VA 223 7.70 -7.48 33.16
N LYS VA 224 8.11 -6.74 34.18
CA LYS VA 224 8.73 -7.38 35.35
C LYS VA 224 7.73 -8.24 36.10
N THR VA 225 6.48 -7.76 36.24
CA THR VA 225 5.46 -8.56 36.92
C THR VA 225 5.15 -9.82 36.14
N ALA VA 226 5.10 -9.73 34.80
CA ALA VA 226 4.82 -10.91 33.99
C ALA VA 226 5.92 -11.95 34.14
N PHE VA 227 7.18 -11.51 34.23
CA PHE VA 227 8.28 -12.46 34.42
C PHE VA 227 8.14 -13.19 35.75
N GLN VA 228 7.75 -12.48 36.81
CA GLN VA 228 7.58 -13.11 38.11
C GLN VA 228 6.48 -14.17 38.05
N ILE VA 229 5.35 -13.86 37.42
CA ILE VA 229 4.28 -14.83 37.29
C ILE VA 229 4.70 -15.97 36.36
N GLY VA 230 5.47 -15.64 35.31
CA GLY VA 230 5.93 -16.68 34.40
C GLY VA 230 6.87 -17.66 35.08
N PHE VA 231 7.77 -17.16 35.93
CA PHE VA 231 8.64 -18.03 36.70
C PHE VA 231 7.83 -18.89 37.66
N MET VA 232 6.79 -18.32 38.26
CA MET VA 232 5.96 -19.06 39.21
C MET VA 232 5.30 -20.26 38.54
N LEU VA 233 4.76 -20.05 37.34
CA LEU VA 233 4.09 -21.14 36.63
C LEU VA 233 5.08 -22.12 36.03
N PHE VA 234 6.32 -21.68 35.78
CA PHE VA 234 7.32 -22.55 35.15
C PHE VA 234 7.81 -23.63 36.10
N LEU VA 235 7.90 -23.33 37.39
CA LEU VA 235 8.50 -24.25 38.36
C LEU VA 235 7.86 -25.63 38.38
N PRO VA 236 6.52 -25.79 38.44
CA PRO VA 236 5.96 -27.15 38.44
C PRO VA 236 6.33 -27.95 37.20
N PHE VA 237 6.41 -27.30 36.03
CA PHE VA 237 6.80 -28.01 34.83
C PHE VA 237 8.28 -28.38 34.84
N LEU VA 238 9.11 -27.56 35.50
CA LEU VA 238 10.51 -27.93 35.69
C LEU VA 238 10.62 -29.13 36.64
N ILE VA 239 9.75 -29.20 37.64
CA ILE VA 239 9.78 -30.32 38.58
C ILE VA 239 9.47 -31.62 37.86
N ILE VA 240 8.45 -31.61 36.99
CA ILE VA 240 8.11 -32.82 36.24
C ILE VA 240 9.26 -33.22 35.33
N ASP VA 241 9.86 -32.24 34.65
CA ASP VA 241 10.93 -32.55 33.71
C ASP VA 241 12.13 -33.19 34.41
N LEU VA 242 12.49 -32.67 35.59
CA LEU VA 242 13.62 -33.24 36.32
C LEU VA 242 13.30 -34.63 36.84
N VAL VA 243 12.08 -34.85 37.32
CA VAL VA 243 11.71 -36.17 37.85
C VAL VA 243 11.76 -37.23 36.75
N VAL VA 244 11.20 -36.90 35.59
CA VAL VA 244 11.18 -37.86 34.49
C VAL VA 244 12.60 -38.17 34.02
N ALA VA 245 13.45 -37.14 33.91
CA ALA VA 245 14.84 -37.38 33.53
C ALA VA 245 15.56 -38.21 34.58
N SER VA 246 15.32 -37.92 35.87
CA SER VA 246 15.98 -38.67 36.94
C SER VA 246 15.54 -40.12 36.95
N VAL VA 247 14.24 -40.37 36.78
CA VAL VA 247 13.73 -41.74 36.77
C VAL VA 247 14.30 -42.52 35.60
N LEU VA 248 14.34 -41.91 34.42
CA LEU VA 248 14.91 -42.58 33.25
C LEU VA 248 16.39 -42.87 33.45
N MET VA 249 17.13 -41.92 34.03
CA MET VA 249 18.54 -42.15 34.31
C MET VA 249 18.75 -43.21 35.39
N ALA VA 250 17.76 -43.39 36.27
CA ALA VA 250 17.86 -44.44 37.28
C ALA VA 250 17.87 -45.82 36.65
N MET VA 251 17.09 -46.02 35.60
CA MET VA 251 17.02 -47.31 34.91
C MET VA 251 18.17 -47.51 33.93
N GLY VA 252 19.02 -46.51 33.74
CA GLY VA 252 20.16 -46.63 32.86
C GLY VA 252 19.87 -46.37 31.40
N MET VA 253 18.64 -46.02 31.04
CA MET VA 253 18.29 -45.69 29.66
C MET VA 253 18.58 -44.21 29.42
N MET VA 254 19.87 -43.89 29.38
CA MET VA 254 20.29 -42.51 29.16
C MET VA 254 20.00 -42.05 27.74
N MET VA 255 19.92 -42.98 26.79
CA MET VA 255 19.67 -42.62 25.40
C MET VA 255 18.24 -42.11 25.18
N LEU VA 256 17.30 -42.47 26.05
CA LEU VA 256 15.92 -42.07 25.87
C LEU VA 256 15.75 -40.59 26.18
N SER VA 257 15.09 -39.86 25.29
CA SER VA 257 14.92 -38.43 25.47
C SER VA 257 13.84 -38.16 26.53
N PRO VA 258 14.15 -37.41 27.59
CA PRO VA 258 13.13 -37.13 28.62
C PRO VA 258 11.99 -36.26 28.13
N MET VA 259 12.20 -35.46 27.07
CA MET VA 259 11.16 -34.49 26.68
C MET VA 259 9.92 -35.18 26.12
N ILE VA 260 10.10 -36.25 25.34
CA ILE VA 260 8.96 -36.91 24.71
C ILE VA 260 8.06 -37.55 25.76
N VAL VA 261 8.68 -38.13 26.80
CA VAL VA 261 7.90 -38.77 27.86
C VAL VA 261 7.37 -37.74 28.85
N SER VA 262 8.10 -36.63 29.05
CA SER VA 262 7.67 -35.63 30.03
C SER VA 262 6.38 -34.93 29.59
N LEU VA 263 6.21 -34.69 28.30
CA LEU VA 263 5.11 -33.87 27.81
C LEU VA 263 3.73 -34.36 28.22
N PRO VA 264 3.37 -35.65 28.09
CA PRO VA 264 2.02 -36.05 28.52
C PRO VA 264 1.76 -35.81 29.99
N PHE VA 265 2.78 -35.90 30.84
CA PHE VA 265 2.60 -35.58 32.25
C PHE VA 265 2.40 -34.08 32.46
N LYS VA 266 3.08 -33.26 31.66
CA LYS VA 266 2.86 -31.82 31.73
C LYS VA 266 1.43 -31.47 31.33
N LEU VA 267 0.92 -32.09 30.28
CA LEU VA 267 -0.49 -31.94 29.93
C LEU VA 267 -1.38 -32.51 31.04
N MET VA 268 -0.97 -33.63 31.64
CA MET VA 268 -1.77 -34.27 32.68
C MET VA 268 -1.93 -33.34 33.87
N LEU VA 269 -0.83 -32.79 34.39
CA LEU VA 269 -0.91 -31.94 35.56
C LEU VA 269 -1.73 -30.68 35.29
N PHE VA 270 -1.54 -30.08 34.12
CA PHE VA 270 -2.20 -28.82 33.81
C PHE VA 270 -3.71 -28.98 33.64
N VAL VA 271 -4.17 -30.19 33.32
CA VAL VA 271 -5.59 -30.37 33.02
C VAL VA 271 -6.38 -30.85 34.24
N LEU VA 272 -5.78 -31.66 35.12
CA LEU VA 272 -6.46 -32.04 36.34
C LEU VA 272 -6.38 -30.96 37.40
N VAL VA 273 -5.48 -29.99 37.24
CA VAL VA 273 -5.47 -28.80 38.09
C VAL VA 273 -6.39 -27.71 37.55
N ASP VA 274 -7.02 -27.95 36.40
CA ASP VA 274 -7.88 -26.96 35.74
C ASP VA 274 -7.09 -25.68 35.45
N GLY VA 275 -6.00 -25.86 34.70
CA GLY VA 275 -5.04 -24.78 34.53
C GLY VA 275 -5.60 -23.58 33.78
N TRP VA 276 -6.30 -23.83 32.67
CA TRP VA 276 -6.74 -22.72 31.81
C TRP VA 276 -7.69 -21.78 32.56
N ASN VA 277 -8.66 -22.35 33.28
CA ASN VA 277 -9.55 -21.52 34.08
C ASN VA 277 -8.79 -20.88 35.24
N LEU VA 278 -7.82 -21.60 35.81
CA LEU VA 278 -7.09 -21.08 36.96
C LEU VA 278 -6.22 -19.89 36.57
N ILE VA 279 -5.46 -20.01 35.48
CA ILE VA 279 -4.50 -18.96 35.13
C ILE VA 279 -5.23 -17.69 34.71
N LEU VA 280 -6.31 -17.82 33.93
CA LEU VA 280 -7.04 -16.65 33.48
C LEU VA 280 -7.74 -15.95 34.65
N SER VA 281 -8.19 -16.73 35.64
CA SER VA 281 -8.76 -16.13 36.83
C SER VA 281 -7.71 -15.37 37.64
N THR VA 282 -6.52 -15.96 37.80
CA THR VA 282 -5.45 -15.29 38.54
C THR VA 282 -4.98 -14.04 37.80
N LEU VA 283 -4.85 -14.13 36.47
CA LEU VA 283 -4.46 -12.96 35.69
C LEU VA 283 -5.51 -11.86 35.81
N ALA VA 284 -6.79 -12.23 35.80
CA ALA VA 284 -7.84 -11.24 36.02
C ALA VA 284 -7.75 -10.65 37.42
N GLY VA 285 -7.50 -11.49 38.43
CA GLY VA 285 -7.41 -11.00 39.79
C GLY VA 285 -6.10 -10.29 40.10
N SER VA 286 -5.09 -10.50 39.25
CA SER VA 286 -3.79 -9.89 39.49
C SER VA 286 -3.86 -8.37 39.43
N PHE VA 287 -4.64 -7.83 38.48
CA PHE VA 287 -4.76 -6.38 38.31
C PHE VA 287 -5.70 -5.83 39.38
N ALA VA 288 -5.09 -5.39 40.48
CA ALA VA 288 -5.85 -4.83 41.59
C ALA VA 288 -4.97 -3.92 42.44
N GLU WA 81 17.18 37.69 -0.16
CA GLU WA 81 18.06 36.81 0.60
C GLU WA 81 17.26 35.80 1.41
N ASP WA 82 16.45 36.29 2.33
CA ASP WA 82 15.65 35.42 3.18
C ASP WA 82 14.63 34.66 2.34
N TYR WA 83 14.48 33.37 2.62
CA TYR WA 83 13.55 32.54 1.86
C TYR WA 83 12.12 33.03 2.04
N SER WA 84 11.33 32.95 0.97
CA SER WA 84 9.94 33.37 1.02
C SER WA 84 9.13 32.44 1.91
N VAL WA 85 7.94 32.90 2.28
CA VAL WA 85 7.08 32.12 3.16
C VAL WA 85 6.72 30.79 2.51
N THR WA 86 6.47 30.81 1.20
CA THR WA 86 6.12 29.57 0.49
C THR WA 86 7.29 28.58 0.51
N LEU WA 87 8.52 29.09 0.37
CA LEU WA 87 9.68 28.21 0.40
C LEU WA 87 9.96 27.68 1.80
N GLN WA 88 9.73 28.52 2.83
CA GLN WA 88 9.94 28.06 4.20
C GLN WA 88 9.00 26.93 4.57
N ILE WA 89 7.75 27.00 4.12
CA ILE WA 89 6.81 25.91 4.36
C ILE WA 89 7.26 24.66 3.62
N LEU WA 90 7.73 24.82 2.39
CA LEU WA 90 8.16 23.67 1.60
C LEU WA 90 9.34 22.96 2.24
N ALA WA 91 10.30 23.72 2.76
CA ALA WA 91 11.43 23.10 3.47
C ALA WA 91 10.97 22.40 4.73
N LEU WA 92 10.10 23.04 5.52
CA LEU WA 92 9.64 22.43 6.75
C LEU WA 92 8.82 21.17 6.49
N MET WA 93 7.93 21.22 5.50
CA MET WA 93 7.16 20.02 5.16
C MET WA 93 8.06 18.91 4.63
N THR WA 94 9.20 19.27 4.03
CA THR WA 94 10.14 18.27 3.55
C THR WA 94 10.77 17.51 4.71
N MET WA 95 11.12 18.22 5.79
CA MET WA 95 11.79 17.56 6.91
C MET WA 95 10.87 16.60 7.65
N LEU WA 96 9.55 16.84 7.61
CA LEU WA 96 8.62 15.89 8.21
C LEU WA 96 8.65 14.56 7.46
N GLY WA 97 8.86 14.60 6.15
CA GLY WA 97 8.98 13.36 5.39
C GLY WA 97 10.19 12.55 5.77
N PHE WA 98 11.29 13.22 6.13
CA PHE WA 98 12.53 12.55 6.53
C PHE WA 98 12.62 12.35 8.03
N LEU WA 99 11.55 12.64 8.78
CA LEU WA 99 11.55 12.44 10.23
C LEU WA 99 11.86 11.00 10.64
N PRO WA 100 11.27 9.96 10.03
CA PRO WA 100 11.69 8.59 10.41
C PRO WA 100 13.17 8.33 10.19
N ALA WA 101 13.74 8.88 9.12
CA ALA WA 101 15.16 8.68 8.84
C ALA WA 101 16.03 9.33 9.91
N MET WA 102 15.66 10.53 10.35
CA MET WA 102 16.46 11.23 11.37
C MET WA 102 16.37 10.53 12.71
N VAL WA 103 15.27 9.83 12.99
CA VAL WA 103 15.13 9.13 14.26
C VAL WA 103 16.09 7.94 14.33
N ILE WA 104 16.15 7.14 13.25
CA ILE WA 104 16.97 5.93 13.28
C ILE WA 104 18.42 6.18 12.92
N LEU WA 105 18.78 7.38 12.48
CA LEU WA 105 20.15 7.68 12.10
C LEU WA 105 20.79 8.76 12.95
N MET WA 106 20.05 9.79 13.35
CA MET WA 106 20.62 10.94 14.03
C MET WA 106 20.26 11.04 15.50
N THR WA 107 19.60 10.03 16.07
CA THR WA 107 19.21 10.04 17.47
C THR WA 107 19.69 8.76 18.17
N SER WA 108 19.22 8.57 19.39
CA SER WA 108 19.56 7.43 20.21
C SER WA 108 18.65 6.23 19.99
N PHE WA 109 17.76 6.30 18.99
CA PHE WA 109 16.80 5.22 18.76
C PHE WA 109 17.51 3.93 18.35
N THR WA 110 18.55 4.03 17.52
CA THR WA 110 19.17 2.83 16.97
C THR WA 110 19.92 2.04 18.04
N ARG WA 111 20.72 2.72 18.85
CA ARG WA 111 21.51 2.00 19.86
C ARG WA 111 20.60 1.30 20.87
N ILE WA 112 19.56 2.00 21.34
CA ILE WA 112 18.64 1.40 22.29
C ILE WA 112 17.90 0.22 21.66
N VAL WA 113 17.54 0.36 20.38
CA VAL WA 113 16.85 -0.72 19.68
C VAL WA 113 17.74 -1.96 19.59
N VAL WA 114 19.02 -1.75 19.24
CA VAL WA 114 19.93 -2.88 19.08
C VAL WA 114 20.17 -3.59 20.40
N VAL WA 115 20.38 -2.82 21.47
CA VAL WA 115 20.72 -3.41 22.77
C VAL WA 115 19.59 -4.31 23.26
N MET WA 116 18.34 -3.85 23.14
CA MET WA 116 17.21 -4.67 23.58
C MET WA 116 17.10 -5.95 22.78
N SER WA 117 17.40 -5.88 21.48
CA SER WA 117 17.39 -7.10 20.66
C SER WA 117 18.44 -8.10 21.13
N ILE WA 118 19.64 -7.62 21.44
CA ILE WA 118 20.68 -8.50 21.96
C ILE WA 118 20.30 -9.02 23.34
N LEU WA 119 19.76 -8.14 24.19
CA LEU WA 119 19.33 -8.56 25.51
C LEU WA 119 18.22 -9.60 25.43
N ARG WA 120 17.29 -9.42 24.48
CA ARG WA 120 16.25 -10.42 24.28
C ARG WA 120 16.84 -11.74 23.78
N GLN WA 121 17.82 -11.66 22.88
CA GLN WA 121 18.48 -12.87 22.40
C GLN WA 121 19.21 -13.59 23.53
N ALA WA 122 19.80 -12.83 24.46
CA ALA WA 122 20.53 -13.44 25.57
C ALA WA 122 19.62 -14.30 26.41
N MET WA 123 18.42 -13.79 26.73
CA MET WA 123 17.44 -14.61 27.42
C MET WA 123 16.81 -15.62 26.45
N GLY WA 124 16.17 -16.64 27.02
CA GLY WA 124 15.63 -17.71 26.20
C GLY WA 124 14.45 -17.30 25.34
N LEU WA 125 13.74 -16.25 25.73
CA LEU WA 125 12.59 -15.79 24.96
C LEU WA 125 13.06 -14.93 23.79
N GLN WA 126 12.57 -15.25 22.59
CA GLN WA 126 12.97 -14.54 21.39
C GLN WA 126 11.96 -13.50 20.93
N GLN WA 127 10.70 -13.60 21.36
CA GLN WA 127 9.67 -12.64 20.93
C GLN WA 127 8.74 -12.29 22.08
N THR WA 128 9.19 -12.39 23.32
CA THR WA 128 8.34 -12.11 24.46
C THR WA 128 8.22 -10.62 24.74
N PRO WA 129 9.32 -9.84 24.79
CA PRO WA 129 9.16 -8.39 24.92
C PRO WA 129 8.35 -7.76 23.80
N SER WA 130 8.34 -8.38 22.61
CA SER WA 130 7.55 -7.96 21.47
C SER WA 130 8.15 -6.73 20.79
N ASN WA 131 8.19 -6.73 19.46
CA ASN WA 131 8.82 -5.64 18.72
C ASN WA 131 8.14 -4.30 19.01
N GLN WA 132 6.82 -4.29 19.07
CA GLN WA 132 6.09 -3.03 19.27
C GLN WA 132 6.42 -2.42 20.62
N VAL WA 133 6.49 -3.23 21.67
CA VAL WA 133 6.82 -2.71 22.99
C VAL WA 133 8.25 -2.19 23.02
N ILE WA 134 9.19 -2.93 22.42
CA ILE WA 134 10.59 -2.51 22.43
C ILE WA 134 10.77 -1.18 21.72
N ILE WA 135 10.14 -1.03 20.55
CA ILE WA 135 10.21 0.24 19.83
C ILE WA 135 9.49 1.33 20.61
N GLY WA 136 8.39 0.98 21.29
CA GLY WA 136 7.69 1.96 22.10
C GLY WA 136 8.54 2.48 23.24
N ILE WA 137 9.27 1.60 23.92
CA ILE WA 137 10.19 2.03 24.97
C ILE WA 137 11.34 2.82 24.37
N ALA WA 138 11.81 2.41 23.18
CA ALA WA 138 12.89 3.14 22.53
C ALA WA 138 12.45 4.56 22.15
N LEU WA 139 11.20 4.71 21.73
CA LEU WA 139 10.70 6.04 21.38
C LEU WA 139 10.56 6.93 22.61
N PHE WA 140 10.09 6.36 23.72
CA PHE WA 140 9.98 7.14 24.95
C PHE WA 140 11.36 7.53 25.46
N LEU WA 141 12.31 6.59 25.45
CA LEU WA 141 13.65 6.90 25.94
C LEU WA 141 14.37 7.90 25.05
N THR WA 142 14.24 7.77 23.73
CA THR WA 142 14.90 8.72 22.84
C THR WA 142 14.29 10.10 22.97
N PHE WA 143 13.05 10.21 23.45
CA PHE WA 143 12.48 11.50 23.75
C PHE WA 143 13.10 12.08 25.02
N PHE WA 144 13.43 11.22 25.99
CA PHE WA 144 14.01 11.70 27.24
C PHE WA 144 15.48 12.06 27.07
N VAL WA 145 16.22 11.29 26.28
CA VAL WA 145 17.66 11.53 26.16
C VAL WA 145 17.98 12.63 25.16
N MET WA 146 17.08 12.93 24.23
CA MET WA 146 17.26 14.03 23.29
C MET WA 146 16.61 15.32 23.75
N SER WA 147 16.01 15.33 24.95
CA SER WA 147 15.40 16.54 25.46
C SER WA 147 16.39 17.70 25.61
N PRO WA 148 17.59 17.52 26.18
CA PRO WA 148 18.54 18.65 26.19
C PRO WA 148 18.84 19.20 24.80
N VAL WA 149 18.92 18.33 23.79
CA VAL WA 149 19.16 18.80 22.43
C VAL WA 149 17.93 19.52 21.89
N LEU WA 150 16.74 18.95 22.11
CA LEU WA 150 15.51 19.55 21.61
C LEU WA 150 15.25 20.91 22.25
N ASN WA 151 15.49 21.02 23.57
CA ASN WA 151 15.31 22.30 24.24
C ASN WA 151 16.28 23.34 23.70
N GLU WA 152 17.52 22.94 23.43
CA GLU WA 152 18.48 23.86 22.81
C GLU WA 152 18.02 24.28 21.42
N ILE WA 153 17.45 23.35 20.66
CA ILE WA 153 16.89 23.68 19.36
C ILE WA 153 15.75 24.69 19.52
N ASN WA 154 14.88 24.46 20.49
CA ASN WA 154 13.77 25.38 20.75
C ASN WA 154 14.27 26.78 21.12
N ASP WA 155 15.21 26.83 22.07
CA ASP WA 155 15.73 28.11 22.56
C ASP WA 155 16.57 28.83 21.50
N LYS WA 156 17.51 28.13 20.88
CA LYS WA 156 18.42 28.79 19.94
C LYS WA 156 17.74 29.08 18.61
N ALA WA 157 16.96 28.14 18.09
CA ALA WA 157 16.43 28.29 16.73
C ALA WA 157 15.02 28.84 16.73
N VAL WA 158 14.08 28.13 17.37
CA VAL WA 158 12.66 28.42 17.17
C VAL WA 158 12.29 29.77 17.77
N GLN WA 159 12.72 30.04 19.00
CA GLN WA 159 12.30 31.27 19.66
C GLN WA 159 12.78 32.52 18.93
N PRO WA 160 14.04 32.65 18.51
CA PRO WA 160 14.39 33.78 17.65
C PRO WA 160 13.65 33.77 16.33
N TYR WA 161 13.33 32.58 15.80
CA TYR WA 161 12.61 32.50 14.53
C TYR WA 161 11.18 32.98 14.67
N LEU WA 162 10.48 32.53 15.71
CA LEU WA 162 9.07 32.92 15.87
C LEU WA 162 8.94 34.39 16.25
N ASN WA 163 9.94 34.97 16.89
CA ASN WA 163 9.94 36.37 17.26
C ASN WA 163 10.56 37.26 16.19
N GLU WA 164 10.90 36.69 15.03
CA GLU WA 164 11.49 37.44 13.92
C GLU WA 164 12.78 38.14 14.33
N GLN WA 165 13.59 37.43 15.12
CA GLN WA 165 14.91 37.92 15.50
C GLN WA 165 16.02 37.40 14.60
N VAL WA 166 15.80 36.25 13.94
CA VAL WA 166 16.73 35.70 12.97
C VAL WA 166 15.95 35.34 11.72
N THR WA 167 16.65 35.28 10.60
CA THR WA 167 16.03 34.90 9.33
C THR WA 167 15.79 33.40 9.30
N ALA WA 168 15.21 32.93 8.19
CA ALA WA 168 15.03 31.49 8.02
C ALA WA 168 16.37 30.79 7.81
N ARG WA 169 17.34 31.48 7.20
CA ARG WA 169 18.66 30.91 7.02
C ARG WA 169 19.34 30.67 8.37
N GLU WA 170 19.34 31.69 9.23
CA GLU WA 170 20.03 31.59 10.51
C GLU WA 170 19.34 30.58 11.42
N ALA WA 171 18.00 30.52 11.38
CA ALA WA 171 17.27 29.61 12.24
C ALA WA 171 17.61 28.16 11.93
N PHE WA 172 17.68 27.82 10.64
CA PHE WA 172 18.02 26.45 10.26
C PHE WA 172 19.44 26.08 10.67
N ASP WA 173 20.38 27.00 10.48
CA ASP WA 173 21.76 26.75 10.91
C ASP WA 173 21.85 26.66 12.43
N ALA WA 174 21.10 27.51 13.14
CA ALA WA 174 21.12 27.47 14.60
C ALA WA 174 20.47 26.19 15.13
N ALA WA 175 19.54 25.60 14.37
CA ALA WA 175 18.95 24.34 14.78
C ALA WA 175 19.90 23.18 14.54
N GLN WA 176 20.73 23.27 13.50
CA GLN WA 176 21.60 22.16 13.13
C GLN WA 176 22.75 21.99 14.12
N ALA WA 177 23.23 23.10 14.69
CA ALA WA 177 24.42 23.05 15.55
C ALA WA 177 24.24 22.15 16.78
N PRO WA 178 23.18 22.29 17.58
CA PRO WA 178 23.05 21.35 18.72
C PRO WA 178 22.91 19.90 18.30
N MET WA 179 22.23 19.64 17.17
CA MET WA 179 22.11 18.27 16.69
C MET WA 179 23.45 17.73 16.23
N LYS WA 180 24.24 18.57 15.55
CA LYS WA 180 25.58 18.15 15.15
C LYS WA 180 26.48 17.94 16.35
N ALA WA 181 26.34 18.78 17.38
CA ALA WA 181 27.14 18.63 18.59
C ALA WA 181 26.84 17.32 19.29
N PHE WA 182 25.57 16.92 19.33
CA PHE WA 182 25.21 15.65 19.95
C PHE WA 182 25.83 14.47 19.21
N MET WA 183 25.79 14.51 17.88
CA MET WA 183 26.34 13.40 17.10
C MET WA 183 27.87 13.37 17.16
N LEU WA 184 28.50 14.54 17.25
CA LEU WA 184 29.95 14.58 17.36
C LEU WA 184 30.43 14.03 18.70
N LYS WA 185 29.62 14.17 19.75
CA LYS WA 185 30.05 13.75 21.07
C LYS WA 185 29.99 12.23 21.22
N GLN WA 186 29.12 11.57 20.47
CA GLN WA 186 28.94 10.13 20.57
C GLN WA 186 29.65 9.36 19.46
N THR WA 187 30.41 10.03 18.61
CA THR WA 187 31.08 9.38 17.50
C THR WA 187 32.49 8.95 17.91
N ARG WA 188 33.17 8.25 17.00
CA ARG WA 188 34.54 7.81 17.21
C ARG WA 188 35.47 8.48 16.21
N ILE WA 189 36.70 8.73 16.62
CA ILE WA 189 37.63 9.46 15.73
C ILE WA 189 37.85 8.59 14.50
N LYS WA 190 38.18 7.31 14.69
CA LYS WA 190 38.51 6.48 13.54
C LYS WA 190 37.36 6.44 12.53
N ASP WA 191 36.12 6.37 13.02
CA ASP WA 191 34.98 6.41 12.11
C ASP WA 191 34.90 7.73 11.37
N LEU WA 192 35.15 8.85 12.07
CA LEU WA 192 35.23 10.14 11.39
C LEU WA 192 36.40 10.16 10.41
N GLU WA 193 37.54 9.61 10.82
CA GLU WA 193 38.70 9.57 9.93
C GLU WA 193 38.43 8.73 8.69
N THR WA 194 37.69 7.63 8.86
CA THR WA 194 37.41 6.75 7.73
C THR WA 194 36.59 7.46 6.64
N PHE WA 195 35.53 8.15 7.05
CA PHE WA 195 34.66 8.79 6.06
C PHE WA 195 35.24 10.09 5.54
N VAL WA 196 36.06 10.79 6.32
CA VAL WA 196 36.70 12.01 5.85
C VAL WA 196 37.64 11.70 4.70
N THR WA 197 38.46 10.66 4.84
CA THR WA 197 39.33 10.24 3.74
C THR WA 197 38.51 9.72 2.57
N MET WA 198 37.35 9.14 2.84
CA MET WA 198 36.50 8.63 1.76
C MET WA 198 35.81 9.77 1.01
N SER WA 199 35.40 10.82 1.73
CA SER WA 199 34.71 11.93 1.11
C SER WA 199 35.65 12.85 0.34
N GLY WA 200 36.96 12.75 0.59
CA GLY WA 200 37.92 13.54 -0.17
C GLY WA 200 37.93 15.01 0.16
N GLU WA 201 37.46 15.40 1.34
CA GLU WA 201 37.44 16.79 1.75
C GLU WA 201 38.59 17.08 2.71
N GLN WA 202 38.98 18.35 2.75
CA GLN WA 202 40.07 18.81 3.60
C GLN WA 202 39.48 19.32 4.91
N VAL WA 203 39.63 18.53 5.96
CA VAL WA 203 39.08 18.83 7.28
C VAL WA 203 40.24 19.00 8.26
N ASP WA 204 40.22 20.11 9.00
CA ASP WA 204 41.26 20.38 10.00
C ASP WA 204 40.87 19.88 11.38
N ASN WA 205 39.62 20.08 11.79
CA ASN WA 205 39.18 19.66 13.11
C ASN WA 205 37.86 18.89 13.00
N PRO WA 206 37.65 17.91 13.87
CA PRO WA 206 36.40 17.13 13.81
C PRO WA 206 35.14 17.95 14.04
N GLU WA 207 35.24 19.01 14.84
CA GLU WA 207 34.07 19.79 15.24
C GLU WA 207 33.53 20.68 14.13
N ASP WA 208 34.03 20.55 12.89
CA ASP WA 208 33.52 21.33 11.77
C ASP WA 208 33.31 20.47 10.52
N VAL WA 209 33.20 19.15 10.68
CA VAL WA 209 32.97 18.29 9.54
C VAL WA 209 31.57 18.50 8.98
N SER WA 210 31.39 18.17 7.71
CA SER WA 210 30.10 18.32 7.06
C SER WA 210 29.10 17.31 7.63
N MET WA 211 27.81 17.64 7.48
CA MET WA 211 26.76 16.76 7.96
C MET WA 211 26.74 15.45 7.19
N ALA WA 212 26.97 15.51 5.88
CA ALA WA 212 26.94 14.30 5.06
C ALA WA 212 28.07 13.34 5.40
N VAL WA 213 29.15 13.80 6.03
CA VAL WA 213 30.23 12.93 6.44
C VAL WA 213 30.12 12.51 7.91
N LEU WA 214 29.19 13.11 8.67
CA LEU WA 214 29.02 12.79 10.07
C LEU WA 214 27.94 11.74 10.31
N ILE WA 215 26.83 11.81 9.55
CA ILE WA 215 25.74 10.87 9.75
C ILE WA 215 26.18 9.42 9.52
N PRO WA 216 26.87 9.07 8.43
CA PRO WA 216 27.36 7.68 8.32
C PRO WA 216 28.34 7.29 9.41
N ALA WA 217 29.15 8.25 9.88
CA ALA WA 217 30.12 7.94 10.93
C ALA WA 217 29.42 7.77 12.27
N PHE WA 218 28.41 8.60 12.55
CA PHE WA 218 27.72 8.52 13.84
C PHE WA 218 26.97 7.20 13.98
N ILE WA 219 26.26 6.78 12.93
CA ILE WA 219 25.51 5.54 13.01
C ILE WA 219 26.45 4.35 13.07
N THR WA 220 27.63 4.46 12.44
CA THR WA 220 28.62 3.40 12.51
C THR WA 220 29.12 3.21 13.95
N SER WA 221 29.43 4.32 14.63
CA SER WA 221 29.90 4.24 16.01
C SER WA 221 28.80 3.73 16.95
N GLU WA 222 27.55 4.14 16.70
CA GLU WA 222 26.45 3.68 17.54
C GLU WA 222 26.26 2.18 17.44
N LEU WA 223 26.38 1.62 16.23
CA LEU WA 223 26.25 0.17 16.07
C LEU WA 223 27.38 -0.56 16.81
N LYS WA 224 28.61 -0.05 16.70
CA LYS WA 224 29.73 -0.67 17.40
C LYS WA 224 29.55 -0.56 18.91
N THR WA 225 29.14 0.62 19.39
CA THR WA 225 28.92 0.80 20.82
C THR WA 225 27.78 -0.08 21.32
N ALA WA 226 26.76 -0.27 20.49
CA ALA WA 226 25.65 -1.14 20.87
C ALA WA 226 26.10 -2.58 21.07
N PHE WA 227 27.01 -3.05 20.20
CA PHE WA 227 27.48 -4.42 20.32
C PHE WA 227 28.26 -4.63 21.62
N GLN WA 228 29.06 -3.65 22.02
CA GLN WA 228 29.82 -3.77 23.26
C GLN WA 228 28.90 -3.87 24.46
N ILE WA 229 27.86 -3.05 24.51
CA ILE WA 229 26.91 -3.12 25.62
C ILE WA 229 26.15 -4.44 25.60
N GLY WA 230 25.81 -4.92 24.40
CA GLY WA 230 25.11 -6.19 24.30
C GLY WA 230 25.95 -7.36 24.79
N PHE WA 231 27.25 -7.33 24.50
CA PHE WA 231 28.13 -8.40 24.98
C PHE WA 231 28.20 -8.41 26.51
N MET WA 232 28.15 -7.25 27.14
CA MET WA 232 28.14 -7.19 28.59
C MET WA 232 26.92 -7.91 29.17
N LEU WA 233 25.75 -7.67 28.58
CA LEU WA 233 24.52 -8.27 29.10
C LEU WA 233 24.42 -9.75 28.73
N PHE WA 234 25.07 -10.16 27.64
CA PHE WA 234 24.95 -11.55 27.20
C PHE WA 234 25.68 -12.50 28.14
N LEU WA 235 26.80 -12.06 28.72
CA LEU WA 235 27.62 -12.94 29.55
C LEU WA 235 26.89 -13.52 30.75
N PRO WA 236 26.18 -12.75 31.59
CA PRO WA 236 25.53 -13.35 32.76
C PRO WA 236 24.53 -14.44 32.41
N PHE WA 237 23.79 -14.27 31.31
CA PHE WA 237 22.85 -15.33 30.91
C PHE WA 237 23.59 -16.51 30.29
N LEU WA 238 24.71 -16.24 29.61
CA LEU WA 238 25.53 -17.32 29.08
C LEU WA 238 26.13 -18.15 30.19
N ILE WA 239 26.58 -17.50 31.27
CA ILE WA 239 27.16 -18.23 32.40
C ILE WA 239 26.12 -19.16 33.02
N ILE WA 240 24.90 -18.67 33.21
CA ILE WA 240 23.84 -19.51 33.77
C ILE WA 240 23.59 -20.71 32.86
N ASP WA 241 23.54 -20.48 31.55
CA ASP WA 241 23.33 -21.59 30.62
C ASP WA 241 24.46 -22.60 30.69
N LEU WA 242 25.70 -22.14 30.77
CA LEU WA 242 26.83 -23.06 30.89
C LEU WA 242 26.81 -23.81 32.22
N VAL WA 243 26.45 -23.11 33.31
CA VAL WA 243 26.44 -23.75 34.62
C VAL WA 243 25.40 -24.87 34.65
N VAL WA 244 24.19 -24.59 34.20
CA VAL WA 244 23.12 -25.59 34.28
C VAL WA 244 23.38 -26.72 33.30
N ALA WA 245 24.02 -26.44 32.17
CA ALA WA 245 24.33 -27.50 31.21
C ALA WA 245 25.34 -28.48 31.77
N SER WA 246 26.34 -27.98 32.48
CA SER WA 246 27.37 -28.86 33.05
C SER WA 246 26.84 -29.65 34.23
N VAL WA 247 25.95 -29.06 35.03
CA VAL WA 247 25.37 -29.77 36.16
C VAL WA 247 24.52 -30.94 35.68
N LEU WA 248 23.71 -30.71 34.64
CA LEU WA 248 22.92 -31.80 34.07
C LEU WA 248 23.82 -32.89 33.48
N MET WA 249 24.91 -32.49 32.82
CA MET WA 249 25.82 -33.48 32.25
C MET WA 249 26.55 -34.27 33.33
N ALA WA 250 26.83 -33.65 34.47
CA ALA WA 250 27.49 -34.37 35.55
C ALA WA 250 26.64 -35.52 36.06
N MET WA 251 25.33 -35.32 36.18
CA MET WA 251 24.43 -36.36 36.66
C MET WA 251 24.11 -37.41 35.60
N GLY WA 252 24.69 -37.30 34.40
CA GLY WA 252 24.61 -38.34 33.40
C GLY WA 252 23.48 -38.22 32.41
N MET WA 253 22.63 -37.19 32.50
CA MET WA 253 21.50 -37.03 31.59
C MET WA 253 21.96 -36.13 30.44
N MET WA 254 22.41 -36.77 29.36
CA MET WA 254 22.91 -36.05 28.18
C MET WA 254 21.83 -35.79 27.15
N MET WA 255 20.57 -36.11 27.44
CA MET WA 255 19.48 -35.89 26.51
C MET WA 255 18.55 -34.76 26.92
N LEU WA 256 18.65 -34.25 28.14
CA LEU WA 256 17.81 -33.15 28.60
C LEU WA 256 18.41 -31.84 28.11
N SER WA 257 17.58 -31.03 27.45
CA SER WA 257 18.04 -29.78 26.88
C SER WA 257 18.26 -28.75 27.99
N PRO WA 258 19.46 -28.18 28.11
CA PRO WA 258 19.69 -27.16 29.15
C PRO WA 258 18.87 -25.89 28.95
N MET WA 259 18.41 -25.61 27.73
CA MET WA 259 17.69 -24.37 27.47
C MET WA 259 16.38 -24.30 28.25
N ILE WA 260 15.66 -25.42 28.33
CA ILE WA 260 14.41 -25.44 29.10
C ILE WA 260 14.69 -25.23 30.57
N VAL WA 261 15.71 -25.90 31.11
CA VAL WA 261 16.02 -25.79 32.54
C VAL WA 261 16.57 -24.41 32.86
N SER WA 262 17.36 -23.83 31.96
CA SER WA 262 18.02 -22.55 32.25
C SER WA 262 17.04 -21.39 32.22
N LEU WA 263 15.97 -21.51 31.44
CA LEU WA 263 15.06 -20.38 31.22
C LEU WA 263 14.48 -19.79 32.50
N PRO WA 264 13.97 -20.57 33.46
CA PRO WA 264 13.46 -19.94 34.70
C PRO WA 264 14.51 -19.14 35.45
N PHE WA 265 15.76 -19.61 35.44
CA PHE WA 265 16.81 -18.89 36.15
C PHE WA 265 17.26 -17.65 35.39
N LYS WA 266 17.22 -17.70 34.06
CA LYS WA 266 17.51 -16.51 33.26
C LYS WA 266 16.50 -15.40 33.57
N LEU WA 267 15.23 -15.76 33.64
CA LEU WA 267 14.20 -14.78 33.97
C LEU WA 267 14.39 -14.23 35.39
N MET WA 268 14.68 -15.12 36.35
CA MET WA 268 14.83 -14.66 37.73
C MET WA 268 16.01 -13.72 37.89
N LEU WA 269 17.13 -14.01 37.22
CA LEU WA 269 18.29 -13.13 37.29
C LEU WA 269 17.93 -11.73 36.82
N PHE WA 270 17.12 -11.63 35.76
CA PHE WA 270 16.68 -10.33 35.27
C PHE WA 270 15.68 -9.68 36.21
N VAL WA 271 15.07 -10.43 37.14
CA VAL WA 271 14.02 -9.87 37.99
C VAL WA 271 14.63 -9.32 39.28
N LEU WA 272 15.30 -10.17 40.06
CA LEU WA 272 15.82 -9.72 41.35
C LEU WA 272 16.96 -8.71 41.20
N VAL WA 273 17.58 -8.61 40.01
CA VAL WA 273 18.51 -7.53 39.73
C VAL WA 273 17.78 -6.28 39.25
N ASP WA 274 16.48 -6.38 38.99
CA ASP WA 274 15.66 -5.28 38.46
C ASP WA 274 16.20 -4.83 37.11
N GLY WA 275 16.18 -5.78 36.16
CA GLY WA 275 16.82 -5.55 34.87
C GLY WA 275 16.20 -4.43 34.07
N TRP WA 276 14.87 -4.40 33.99
CA TRP WA 276 14.19 -3.41 33.15
C TRP WA 276 14.38 -1.99 33.65
N ASN WA 277 14.87 -1.80 34.88
CA ASN WA 277 15.25 -0.47 35.34
C ASN WA 277 16.76 -0.25 35.22
N LEU WA 278 17.55 -1.30 35.46
CA LEU WA 278 19.00 -1.18 35.38
C LEU WA 278 19.46 -0.98 33.94
N ILE WA 279 18.90 -1.75 33.00
CA ILE WA 279 19.35 -1.68 31.62
C ILE WA 279 18.99 -0.33 31.00
N LEU WA 280 17.75 0.12 31.22
CA LEU WA 280 17.31 1.37 30.61
C LEU WA 280 18.06 2.57 31.19
N SER WA 281 18.33 2.55 32.50
CA SER WA 281 19.08 3.65 33.11
C SER WA 281 20.50 3.72 32.55
N THR WA 282 21.14 2.56 32.35
CA THR WA 282 22.47 2.55 31.76
C THR WA 282 22.45 3.05 30.32
N LEU WA 283 21.44 2.64 29.55
CA LEU WA 283 21.33 3.10 28.16
C LEU WA 283 21.13 4.61 28.11
N ALA WA 284 20.26 5.14 28.96
CA ALA WA 284 20.10 6.58 29.04
C ALA WA 284 21.37 7.26 29.54
N GLY WA 285 22.03 6.64 30.52
CA GLY WA 285 23.26 7.20 31.06
C GLY WA 285 24.46 7.02 30.15
N SER WA 286 24.35 6.20 29.11
CA SER WA 286 25.46 6.00 28.19
C SER WA 286 25.66 7.17 27.24
N PHE WA 287 24.76 8.14 27.23
CA PHE WA 287 24.89 9.34 26.41
C PHE WA 287 25.26 10.57 27.23
N ALA WA 288 25.88 10.35 28.38
CA ALA WA 288 26.29 11.44 29.26
C ALA WA 288 27.74 11.28 29.69
N ALA XA 255 61.78 8.16 -22.02
CA ALA XA 255 61.81 8.60 -23.42
C ALA XA 255 63.23 8.94 -23.86
N SER XA 256 64.11 9.25 -22.91
CA SER XA 256 65.49 9.54 -23.27
C SER XA 256 66.19 8.32 -23.83
N ALA XA 257 65.79 7.13 -23.38
CA ALA XA 257 66.29 5.91 -24.02
C ALA XA 257 65.85 5.85 -25.48
N ALA XA 258 64.62 6.29 -25.77
CA ALA XA 258 64.17 6.37 -27.14
C ALA XA 258 65.03 7.34 -27.95
N ARG XA 259 65.38 8.48 -27.35
CA ARG XA 259 66.25 9.43 -28.03
C ARG XA 259 67.63 8.84 -28.30
N ARG XA 260 68.16 8.09 -27.34
CA ARG XA 260 69.42 7.40 -27.53
C ARG XA 260 69.36 6.44 -28.72
N LYS XA 261 68.27 5.66 -28.79
CA LYS XA 261 68.14 4.72 -29.90
C LYS XA 261 67.93 5.45 -31.23
N GLU XA 262 67.33 6.64 -31.20
CA GLU XA 262 67.24 7.45 -32.42
C GLU XA 262 68.63 7.88 -32.89
N GLN XA 263 69.48 8.30 -31.94
CA GLN XA 263 70.86 8.60 -32.30
C GLN XA 263 71.55 7.38 -32.90
N GLU XA 264 71.30 6.21 -32.32
CA GLU XA 264 71.86 4.97 -32.85
C GLU XA 264 71.40 4.72 -34.27
N LEU XA 265 70.12 4.96 -34.54
CA LEU XA 265 69.60 4.79 -35.90
C LEU XA 265 70.30 5.72 -36.88
N GLU XA 266 70.46 6.99 -36.50
CA GLU XA 266 71.13 7.94 -37.38
C GLU XA 266 72.56 7.49 -37.66
N ARG XA 267 73.28 7.07 -36.61
CA ARG XA 267 74.66 6.63 -36.81
C ARG XA 267 74.73 5.39 -37.68
N SER XA 268 73.78 4.47 -37.53
CA SER XA 268 73.74 3.27 -38.36
C SER XA 268 73.53 3.62 -39.82
N GLN XA 269 72.62 4.56 -40.09
CA GLN XA 269 72.40 5.02 -41.47
C GLN XA 269 73.67 5.61 -42.04
N GLU XA 270 74.35 6.46 -41.27
CA GLU XA 270 75.59 7.06 -41.74
C GLU XA 270 76.63 5.99 -42.04
N GLN XA 271 76.73 4.99 -41.18
CA GLN XA 271 77.70 3.92 -41.39
C GLN XA 271 77.39 3.13 -42.66
N ALA XA 272 76.11 2.84 -42.90
CA ALA XA 272 75.73 2.11 -44.11
C ALA XA 272 76.07 2.90 -45.36
N LEU XA 273 75.78 4.21 -45.34
CA LEU XA 273 76.12 5.04 -46.49
C LEU XA 273 77.63 5.10 -46.71
N ARG XA 274 78.40 5.17 -45.62
CA ARG XA 274 79.85 5.15 -45.75
C ARG XA 274 80.32 3.83 -46.35
N GLU XA 275 79.71 2.72 -45.94
CA GLU XA 275 80.07 1.42 -46.51
C GLU XA 275 79.82 1.39 -48.01
N LYS XA 276 78.67 1.90 -48.44
CA LYS XA 276 78.38 1.96 -49.87
C LYS XA 276 79.38 2.84 -50.61
N ILE XA 277 79.73 3.99 -50.02
CA ILE XA 277 80.71 4.88 -50.63
C ILE XA 277 82.04 4.16 -50.81
N ASP XA 278 82.46 3.42 -49.78
CA ASP XA 278 83.69 2.65 -49.90
C ASP XA 278 83.58 1.59 -50.98
N SER XA 279 82.44 0.88 -51.03
CA SER XA 279 82.27 -0.19 -52.00
C SER XA 279 82.35 0.34 -53.43
N VAL XA 280 81.98 1.59 -53.63
CA VAL XA 280 82.08 2.20 -54.96
C VAL XA 280 83.47 2.77 -55.23
N LEU XA 281 84.07 3.46 -54.26
CA LEU XA 281 85.28 4.22 -54.56
C LEU XA 281 86.56 3.40 -54.40
N LEU XA 282 86.54 2.34 -53.58
CA LEU XA 282 87.74 1.54 -53.38
C LEU XA 282 88.27 0.94 -54.68
N PRO XA 283 87.45 0.31 -55.54
CA PRO XA 283 87.96 -0.12 -56.84
C PRO XA 283 88.40 1.04 -57.73
N ILE XA 284 87.58 2.09 -57.79
CA ILE XA 284 87.82 3.18 -58.73
C ILE XA 284 89.09 3.94 -58.37
N LEU XA 285 89.22 4.34 -57.11
CA LEU XA 285 90.33 5.20 -56.70
C LEU XA 285 91.48 4.42 -56.08
N GLY XA 286 91.18 3.42 -55.27
CA GLY XA 286 92.19 2.64 -54.58
C GLY XA 286 92.08 2.81 -53.08
N TYR XA 287 93.00 2.13 -52.38
CA TYR XA 287 93.00 2.12 -50.92
C TYR XA 287 93.84 3.29 -50.42
N GLY XA 288 93.22 4.14 -49.61
CA GLY XA 288 93.93 5.27 -49.02
C GLY XA 288 94.07 6.48 -49.92
N ASN XA 289 93.49 6.47 -51.12
CA ASN XA 289 93.55 7.61 -52.01
C ASN XA 289 92.36 8.55 -51.85
N TYR XA 290 91.46 8.27 -50.91
CA TYR XA 290 90.27 9.09 -50.72
C TYR XA 290 89.87 9.05 -49.26
N THR XA 291 89.08 10.03 -48.86
CA THR XA 291 88.42 10.03 -47.56
C THR XA 291 87.03 10.62 -47.73
N ALA XA 292 86.06 10.05 -47.04
CA ALA XA 292 84.68 10.49 -47.17
C ALA XA 292 83.96 10.34 -45.84
N GLN XA 293 83.11 11.32 -45.52
CA GLN XA 293 82.28 11.27 -44.34
C GLN XA 293 80.87 11.70 -44.71
N VAL XA 294 79.89 11.17 -43.97
CA VAL XA 294 78.48 11.34 -44.28
C VAL XA 294 77.75 11.83 -43.04
N ASP XA 295 76.94 12.87 -43.19
CA ASP XA 295 76.07 13.34 -42.14
C ASP XA 295 74.61 13.12 -42.55
N ILE XA 296 73.85 12.46 -41.70
CA ILE XA 296 72.44 12.20 -41.95
C ILE XA 296 71.63 12.76 -40.80
N GLN XA 297 70.70 13.68 -41.11
CA GLN XA 297 69.80 14.25 -40.13
C GLN XA 297 68.42 13.63 -40.36
N MET XA 298 67.83 13.06 -39.32
CA MET XA 298 66.57 12.36 -39.41
C MET XA 298 65.54 13.00 -38.50
N ASP XA 299 64.37 13.30 -39.05
CA ASP XA 299 63.25 13.81 -38.27
C ASP XA 299 62.49 12.65 -37.67
N PHE XA 300 62.01 12.83 -36.44
CA PHE XA 300 61.27 11.81 -35.72
C PHE XA 300 59.95 12.36 -35.21
N SER XA 301 59.31 13.20 -36.00
CA SER XA 301 58.00 13.73 -35.62
C SER XA 301 56.96 12.62 -35.71
N ALA XA 302 55.73 12.95 -35.30
CA ALA XA 302 54.62 12.00 -35.27
C ALA XA 302 53.41 12.59 -35.99
N VAL XA 303 53.63 13.05 -37.22
CA VAL XA 303 52.55 13.65 -38.00
C VAL XA 303 51.45 12.63 -38.26
N GLU XA 304 50.21 13.11 -38.22
CA GLU XA 304 49.04 12.26 -38.46
C GLU XA 304 47.94 13.16 -39.00
N GLN XA 305 47.66 13.04 -40.30
CA GLN XA 305 46.83 14.00 -41.02
C GLN XA 305 45.53 13.35 -41.49
N THR XA 306 44.46 14.14 -41.49
CA THR XA 306 43.17 13.71 -42.02
C THR XA 306 42.65 14.78 -42.96
N ARG XA 307 42.41 14.41 -44.21
CA ARG XA 307 41.99 15.34 -45.25
C ARG XA 307 40.61 14.95 -45.74
N LYS XA 308 39.72 15.94 -45.83
CA LYS XA 308 38.37 15.75 -46.36
C LYS XA 308 38.18 16.71 -47.52
N ARG XA 309 38.23 16.19 -48.74
CA ARG XA 309 38.22 16.99 -49.95
C ARG XA 309 36.94 16.76 -50.73
N PHE XA 310 36.44 17.82 -51.35
CA PHE XA 310 35.23 17.79 -52.15
C PHE XA 310 35.57 18.16 -53.60
N ASP XA 311 34.55 18.14 -54.45
CA ASP XA 311 34.71 18.46 -55.87
C ASP XA 311 33.67 19.50 -56.24
N PRO XA 312 34.00 20.79 -56.15
CA PRO XA 312 32.99 21.83 -56.37
C PRO XA 312 32.40 21.84 -57.77
N ASN XA 313 33.15 21.44 -58.78
CA ASN XA 313 32.77 21.66 -60.17
C ASN XA 313 31.92 20.56 -60.78
N THR XA 314 31.64 19.48 -60.04
CA THR XA 314 30.76 18.41 -60.53
C THR XA 314 29.73 18.04 -59.47
N PRO XA 315 28.76 18.92 -59.21
CA PRO XA 315 27.68 18.57 -58.29
C PRO XA 315 26.60 17.77 -58.99
N ALA XA 316 25.87 16.97 -58.19
CA ALA XA 316 24.77 16.16 -58.69
C ALA XA 316 23.50 16.54 -57.93
N THR XA 317 22.51 17.03 -58.64
CA THR XA 317 21.29 17.48 -57.98
C THR XA 317 20.49 16.29 -57.46
N ARG XA 318 20.17 16.30 -56.16
CA ARG XA 318 19.41 15.25 -55.52
C ARG XA 318 17.91 15.52 -55.54
N SER XA 319 17.51 16.67 -55.04
CA SER XA 319 16.12 17.14 -55.11
C SER XA 319 16.14 18.56 -55.63
N GLU XA 320 15.02 18.99 -56.20
CA GLU XA 320 14.96 20.30 -56.81
C GLU XA 320 13.53 20.82 -56.80
N TYR XA 321 13.38 22.09 -56.43
CA TYR XA 321 12.12 22.80 -56.52
C TYR XA 321 12.34 24.08 -57.30
N ALA XA 322 11.39 24.42 -58.17
CA ALA XA 322 11.53 25.59 -59.02
C ALA XA 322 10.16 26.18 -59.30
N LEU XA 323 9.88 27.35 -58.74
CA LEU XA 323 8.65 28.08 -58.98
C LEU XA 323 8.97 29.31 -59.81
N GLU XA 324 8.23 29.52 -60.89
CA GLU XA 324 8.48 30.60 -61.83
C GLU XA 324 7.16 31.12 -62.37
N ASP XA 325 6.63 32.17 -61.75
CA ASP XA 325 5.36 32.75 -62.16
C ASP XA 325 5.55 34.16 -62.69
N TYR XA 326 4.68 34.55 -63.62
CA TYR XA 326 4.71 35.86 -64.25
C TYR XA 326 3.36 36.53 -64.07
N ASN XA 327 3.26 37.78 -64.52
CA ASN XA 327 2.00 38.51 -64.51
C ASN XA 327 2.01 39.59 -65.58
N GLY XA 365 5.98 43.11 -66.31
CA GLY XA 365 5.18 42.89 -65.11
C GLY XA 365 5.93 42.12 -64.03
N SER XA 366 5.17 41.60 -63.07
CA SER XA 366 5.77 40.83 -62.00
C SER XA 366 6.41 39.55 -62.52
N VAL XA 367 7.62 39.27 -62.05
CA VAL XA 367 8.34 38.05 -62.41
C VAL XA 367 9.00 37.52 -61.14
N ARG XA 368 8.47 36.43 -60.60
CA ARG XA 368 8.97 35.81 -59.38
C ARG XA 368 9.61 34.48 -59.72
N LYS XA 369 10.87 34.30 -59.32
CA LYS XA 369 11.64 33.10 -59.66
C LYS XA 369 12.19 32.50 -58.36
N GLU XA 370 11.40 31.68 -57.70
CA GLU XA 370 11.88 30.97 -56.53
C GLU XA 370 12.54 29.66 -56.95
N SER XA 371 13.49 29.21 -56.13
CA SER XA 371 14.23 28.00 -56.45
C SER XA 371 14.87 27.45 -55.19
N THR XA 372 14.84 26.13 -55.05
CA THR XA 372 15.50 25.42 -53.97
C THR XA 372 16.18 24.20 -54.56
N ARG XA 373 17.41 23.94 -54.12
CA ARG XA 373 18.20 22.88 -54.74
C ARG XA 373 19.08 22.22 -53.69
N ASN XA 374 19.14 20.89 -53.74
CA ASN XA 374 20.02 20.10 -52.88
C ASN XA 374 21.01 19.34 -53.73
N PHE XA 375 22.26 19.27 -53.30
CA PHE XA 375 23.32 18.70 -54.10
C PHE XA 375 24.00 17.55 -53.37
N GLU XA 376 24.63 16.69 -54.16
CA GLU XA 376 25.52 15.64 -53.72
C GLU XA 376 26.86 15.84 -54.40
N LEU XA 377 27.94 15.70 -53.63
CA LEU XA 377 29.27 16.06 -54.09
C LEU XA 377 30.23 14.91 -53.88
N ASP XA 378 31.25 14.83 -54.74
CA ASP XA 378 32.30 13.84 -54.58
C ASP XA 378 33.05 14.11 -53.29
N THR XA 379 33.19 13.10 -52.44
CA THR XA 379 33.78 13.25 -51.12
C THR XA 379 34.90 12.25 -50.95
N THR XA 380 36.12 12.75 -50.80
CA THR XA 380 37.28 11.92 -50.51
C THR XA 380 37.74 12.19 -49.09
N ILE XA 381 37.94 11.12 -48.31
CA ILE XA 381 38.38 11.23 -46.92
C ILE XA 381 39.60 10.34 -46.77
N SER XA 382 40.78 10.96 -46.68
CA SER XA 382 42.04 10.23 -46.60
C SER XA 382 42.71 10.49 -45.27
N HIS XA 383 43.04 9.41 -44.56
CA HIS XA 383 43.75 9.49 -43.29
C HIS XA 383 45.15 8.93 -43.49
N GLU XA 384 46.15 9.79 -43.35
CA GLU XA 384 47.55 9.43 -43.55
C GLU XA 384 48.29 9.50 -42.23
N ARG XA 385 49.23 8.58 -42.03
CA ARG XA 385 50.06 8.57 -40.83
C ARG XA 385 51.50 8.37 -41.25
N LYS XA 386 52.30 9.44 -41.20
CA LYS XA 386 53.65 9.39 -41.71
C LYS XA 386 54.54 8.52 -40.82
N GLN XA 387 55.54 7.92 -41.43
CA GLN XA 387 56.54 7.19 -40.67
C GLN XA 387 57.36 8.16 -39.83
N THR XA 388 57.71 7.72 -38.62
CA THR XA 388 58.38 8.58 -37.65
C THR XA 388 59.73 9.08 -38.15
N GLY XA 389 60.70 8.19 -38.28
CA GLY XA 389 62.05 8.60 -38.64
C GLY XA 389 62.27 8.68 -40.14
N THR XA 390 62.41 9.89 -40.67
CA THR XA 390 62.64 10.10 -42.10
C THR XA 390 63.86 10.98 -42.28
N VAL XA 391 64.70 10.63 -43.26
CA VAL XA 391 65.89 11.42 -43.55
C VAL XA 391 65.46 12.77 -44.09
N ALA XA 392 65.64 13.82 -43.30
CA ALA XA 392 65.25 15.17 -43.70
C ALA XA 392 66.32 15.88 -44.50
N ARG XA 393 67.59 15.56 -44.26
CA ARG XA 393 68.69 16.17 -44.98
C ARG XA 393 69.89 15.23 -44.92
N GLN XA 394 70.62 15.16 -46.03
CA GLN XA 394 71.78 14.29 -46.14
C GLN XA 394 72.94 15.07 -46.72
N THR XA 395 74.09 14.99 -46.05
CA THR XA 395 75.30 15.70 -46.46
C THR XA 395 76.41 14.68 -46.64
N VAL XA 396 77.05 14.70 -47.81
CA VAL XA 396 78.17 13.81 -48.11
C VAL XA 396 79.32 14.64 -48.65
N SER XA 397 80.52 14.42 -48.13
CA SER XA 397 81.72 15.08 -48.62
C SER XA 397 82.79 14.03 -48.88
N VAL XA 398 83.44 14.11 -50.04
CA VAL XA 398 84.48 13.19 -50.44
C VAL XA 398 85.70 14.01 -50.84
N ALA XA 399 86.86 13.64 -50.31
CA ALA XA 399 88.13 14.29 -50.63
C ALA XA 399 89.06 13.27 -51.27
N ILE XA 400 89.62 13.65 -52.42
CA ILE XA 400 90.46 12.75 -53.21
C ILE XA 400 91.90 13.23 -53.11
N LYS XA 401 92.81 12.30 -52.83
CA LYS XA 401 94.22 12.64 -52.71
C LYS XA 401 94.78 13.09 -54.06
N ASP XA 402 95.55 14.17 -54.04
CA ASP XA 402 96.20 14.65 -55.24
C ASP XA 402 97.40 13.78 -55.59
N ARG XA 403 97.74 13.77 -56.88
CA ARG XA 403 98.88 13.01 -57.38
C ARG XA 403 98.78 11.54 -57.02
N PRO XA 417 96.84 16.67 -58.64
CA PRO XA 417 95.38 16.86 -58.55
C PRO XA 417 94.61 15.98 -59.52
N MET XA 418 93.29 16.18 -59.58
CA MET XA 418 92.41 15.41 -60.45
C MET XA 418 91.64 16.37 -61.35
N SER XA 419 91.49 15.98 -62.61
CA SER XA 419 90.86 16.84 -63.60
C SER XA 419 89.38 17.03 -63.28
N GLU XA 420 88.82 18.11 -63.83
CA GLU XA 420 87.41 18.42 -63.60
C GLU XA 420 86.50 17.34 -64.15
N SER XA 421 86.86 16.76 -65.31
CA SER XA 421 86.02 15.74 -65.92
C SER XA 421 85.89 14.52 -65.02
N GLU XA 422 87.00 14.05 -64.46
CA GLU XA 422 86.94 12.88 -63.59
C GLU XA 422 86.26 13.22 -62.26
N ILE XA 423 86.43 14.44 -61.77
CA ILE XA 423 85.72 14.86 -60.56
C ILE XA 423 84.21 14.80 -60.79
N ASN XA 424 83.76 15.31 -61.94
CA ASN XA 424 82.34 15.28 -62.25
C ASN XA 424 81.84 13.86 -62.49
N ALA XA 425 82.68 13.00 -63.07
CA ALA XA 425 82.29 11.60 -63.24
C ALA XA 425 82.12 10.91 -61.89
N ILE XA 426 83.05 11.15 -60.96
CA ILE XA 426 82.91 10.59 -59.61
C ILE XA 426 81.66 11.13 -58.95
N ARG XA 427 81.37 12.42 -59.13
CA ARG XA 427 80.15 13.00 -58.59
C ARG XA 427 78.92 12.33 -59.17
N GLN XA 428 78.94 12.03 -60.47
CA GLN XA 428 77.81 11.35 -61.10
C GLN XA 428 77.63 9.94 -60.54
N VAL XA 429 78.73 9.22 -60.29
CA VAL XA 429 78.63 7.89 -59.71
C VAL XA 429 78.04 7.99 -58.31
N LEU XA 430 78.53 8.94 -57.50
CA LEU XA 430 78.01 9.11 -56.15
C LEU XA 430 76.52 9.44 -56.17
N ILE XA 431 76.09 10.25 -57.12
CA ILE XA 431 74.67 10.52 -57.33
C ILE XA 431 74.04 9.25 -57.87
N GLY XA 432 73.38 8.49 -57.00
CA GLY XA 432 72.96 7.15 -57.36
C GLY XA 432 73.62 6.14 -56.46
N THR XA 433 74.91 6.32 -56.16
CA THR XA 433 75.52 5.54 -55.09
C THR XA 433 74.88 5.87 -53.75
N VAL XA 434 74.64 7.15 -53.47
CA VAL XA 434 74.06 7.57 -52.21
C VAL XA 434 72.57 7.86 -52.30
N GLY XA 435 72.05 8.14 -53.49
CA GLY XA 435 70.67 8.54 -53.63
C GLY XA 435 70.50 10.03 -53.44
N PHE XA 436 71.33 10.81 -54.14
CA PHE XA 436 71.32 12.26 -53.99
C PHE XA 436 69.95 12.83 -54.34
N ASP XA 437 69.43 13.70 -53.46
CA ASP XA 437 68.10 14.28 -53.60
C ASP XA 437 68.22 15.77 -53.26
N GLN XA 438 68.45 16.59 -54.30
CA GLN XA 438 68.64 18.02 -54.09
C GLN XA 438 67.37 18.67 -53.56
N GLY XA 439 66.21 18.23 -54.04
CA GLY XA 439 64.96 18.79 -53.57
C GLY XA 439 64.72 18.60 -52.09
N ARG XA 440 65.36 17.60 -51.49
CA ARG XA 440 65.29 17.38 -50.05
C ARG XA 440 66.22 18.31 -49.28
N GLY XA 441 67.11 19.01 -49.97
CA GLY XA 441 68.12 19.82 -49.32
C GLY XA 441 69.46 19.13 -49.15
N ASP XA 442 69.65 17.97 -49.75
CA ASP XA 442 70.90 17.23 -49.62
C ASP XA 442 72.04 17.98 -50.30
N LEU XA 443 73.25 17.67 -49.87
CA LEU XA 443 74.44 18.34 -50.36
C LEU XA 443 75.54 17.32 -50.58
N LEU XA 444 76.26 17.45 -51.69
CA LEU XA 444 77.31 16.52 -52.07
C LEU XA 444 78.52 17.33 -52.54
N ASN XA 445 79.59 17.29 -51.76
CA ASN XA 445 80.83 17.96 -52.11
C ASN XA 445 81.89 16.93 -52.50
N VAL XA 446 82.55 17.16 -53.63
CA VAL XA 446 83.68 16.34 -54.05
C VAL XA 446 84.85 17.27 -54.32
N LEU XA 447 85.93 17.10 -53.57
CA LEU XA 447 87.08 17.98 -53.67
C LEU XA 447 88.34 17.16 -53.91
N SER XA 448 89.35 17.81 -54.47
CA SER XA 448 90.67 17.21 -54.65
C SER XA 448 91.64 17.96 -53.74
N VAL XA 449 92.10 17.28 -52.69
CA VAL XA 449 92.94 17.90 -51.66
C VAL XA 449 94.27 17.16 -51.59
N LYS XA 450 95.23 17.77 -50.89
CA LYS XA 450 96.56 17.22 -50.74
C LYS XA 450 96.66 16.50 -49.41
N PHE XA 451 96.75 15.18 -49.46
CA PHE XA 451 96.92 14.40 -48.25
C PHE XA 451 98.36 14.53 -47.74
N ALA XA 452 98.51 14.56 -46.43
CA ALA XA 452 99.83 14.68 -45.81
C ALA XA 452 100.39 13.30 -45.49
N ALA YA 255 63.26 14.54 -11.94
CA ALA YA 255 63.46 15.11 -13.27
C ALA YA 255 64.89 15.57 -13.47
N SER YA 256 65.60 15.86 -12.38
CA SER YA 256 66.98 16.29 -12.51
C SER YA 256 67.86 15.17 -13.07
N ALA YA 257 67.51 13.92 -12.78
CA ALA YA 257 68.18 12.81 -13.44
C ALA YA 257 67.96 12.85 -14.94
N ALA YA 258 66.75 13.22 -15.37
CA ALA YA 258 66.49 13.40 -16.79
C ALA YA 258 67.36 14.50 -17.37
N ARG YA 259 67.53 15.61 -16.63
CA ARG YA 259 68.40 16.67 -17.11
C ARG YA 259 69.85 16.21 -17.22
N ARG YA 260 70.30 15.40 -16.26
CA ARG YA 260 71.65 14.84 -16.32
C ARG YA 260 71.81 13.99 -17.58
N LYS YA 261 70.83 13.14 -17.87
CA LYS YA 261 70.93 12.29 -19.06
C LYS YA 261 70.84 13.13 -20.34
N GLU YA 262 70.15 14.26 -20.30
CA GLU YA 262 70.16 15.18 -21.45
C GLU YA 262 71.56 15.75 -21.68
N GLN YA 263 72.23 16.13 -20.59
CA GLN YA 263 73.62 16.57 -20.70
C GLN YA 263 74.49 15.46 -21.29
N GLU YA 264 74.25 14.22 -20.86
CA GLU YA 264 74.99 13.09 -21.40
C GLU YA 264 74.76 12.93 -22.89
N LEU YA 265 73.50 13.10 -23.33
CA LEU YA 265 73.19 13.03 -24.76
C LEU YA 265 73.93 14.09 -25.54
N GLU YA 266 73.94 15.32 -25.04
CA GLU YA 266 74.65 16.39 -25.72
C GLU YA 266 76.14 16.09 -25.84
N ARG YA 267 76.74 15.62 -24.74
CA ARG YA 267 78.16 15.29 -24.76
C ARG YA 267 78.46 14.15 -25.71
N SER YA 268 77.57 13.16 -25.77
CA SER YA 268 77.75 12.04 -26.70
C SER YA 268 77.71 12.51 -28.15
N GLN YA 269 76.78 13.40 -28.47
CA GLN YA 269 76.71 13.96 -29.81
C GLN YA 269 77.99 14.70 -30.15
N GLU YA 270 78.48 15.51 -29.22
CA GLU YA 270 79.73 16.24 -29.46
C GLU YA 270 80.88 15.29 -29.69
N GLN YA 271 80.94 14.21 -28.91
CA GLN YA 271 82.02 13.23 -29.06
C GLN YA 271 81.96 12.56 -30.42
N ALA YA 272 80.76 12.19 -30.86
CA ALA YA 272 80.60 11.56 -32.18
C ALA YA 272 81.05 12.49 -33.29
N LEU YA 273 80.65 13.76 -33.21
CA LEU YA 273 81.07 14.72 -34.23
C LEU YA 273 82.59 14.90 -34.22
N ARG YA 274 83.19 14.93 -33.03
CA ARG YA 274 84.65 15.02 -32.94
C ARG YA 274 85.31 13.79 -33.58
N GLU YA 275 84.73 12.61 -33.36
CA GLU YA 275 85.27 11.40 -33.96
C GLU YA 275 85.24 11.48 -35.48
N LYS YA 276 84.12 11.96 -36.03
CA LYS YA 276 84.04 12.12 -37.48
C LYS YA 276 85.05 13.14 -38.00
N ILE YA 277 85.22 14.25 -37.27
CA ILE YA 277 86.19 15.26 -37.65
C ILE YA 277 87.59 14.66 -37.70
N ASP YA 278 87.93 13.87 -36.68
CA ASP YA 278 89.22 13.19 -36.68
C ASP YA 278 89.34 12.23 -37.85
N SER YA 279 88.29 11.45 -38.12
CA SER YA 279 88.35 10.46 -39.18
C SER YA 279 88.58 11.12 -40.54
N VAL YA 280 88.14 12.37 -40.69
CA VAL YA 280 88.36 13.10 -41.94
C VAL YA 280 89.73 13.78 -41.96
N LEU YA 281 90.14 14.42 -40.87
CA LEU YA 281 91.31 15.29 -40.90
C LEU YA 281 92.61 14.55 -40.63
N LEU YA 282 92.57 13.43 -39.91
CA LEU YA 282 93.80 12.70 -39.61
C LEU YA 282 94.55 12.25 -40.86
N PRO YA 283 93.90 11.66 -41.89
CA PRO YA 283 94.64 11.39 -43.13
C PRO YA 283 95.08 12.65 -43.85
N ILE YA 284 94.20 13.65 -43.94
CA ILE YA 284 94.48 14.83 -44.75
C ILE YA 284 95.62 15.64 -44.13
N LEU YA 285 95.54 15.92 -42.84
CA LEU YA 285 96.51 16.82 -42.21
C LEU YA 285 97.62 16.07 -41.49
N GLY YA 286 97.29 14.99 -40.82
CA GLY YA 286 98.25 14.22 -40.06
C GLY YA 286 97.93 14.23 -38.58
N TYR YA 287 98.79 13.57 -37.81
CA TYR YA 287 98.59 13.42 -36.38
C TYR YA 287 99.25 14.59 -35.66
N GLY YA 288 98.46 15.33 -34.89
CA GLY YA 288 98.98 16.44 -34.11
C GLY YA 288 99.15 17.73 -34.87
N ASN YA 289 98.75 17.79 -36.14
CA ASN YA 289 98.83 19.02 -36.92
C ASN YA 289 97.56 19.84 -36.86
N TYR YA 290 96.56 19.41 -36.09
CA TYR YA 290 95.30 20.13 -36.01
C TYR YA 290 94.70 19.92 -34.62
N THR YA 291 93.78 20.82 -34.27
CA THR YA 291 92.95 20.64 -33.09
C THR YA 291 91.56 21.15 -33.42
N ALA YA 292 90.54 20.45 -32.91
CA ALA YA 292 89.16 20.80 -33.21
C ALA YA 292 88.28 20.47 -32.01
N GLN YA 293 87.32 21.36 -31.74
CA GLN YA 293 86.33 21.14 -30.70
C GLN YA 293 84.96 21.50 -31.24
N VAL YA 294 83.94 20.83 -30.69
CA VAL YA 294 82.58 20.93 -31.19
C VAL YA 294 81.65 21.26 -30.04
N ASP YA 295 80.78 22.24 -30.22
CA ASP YA 295 79.73 22.56 -29.26
C ASP YA 295 78.38 22.28 -29.91
N ILE YA 296 77.55 21.48 -29.23
CA ILE YA 296 76.22 21.13 -29.71
C ILE YA 296 75.21 21.55 -28.64
N GLN YA 297 74.27 22.40 -29.01
CA GLN YA 297 73.18 22.83 -28.13
C GLN YA 297 71.91 22.13 -28.61
N MET YA 298 71.24 21.43 -27.70
CA MET YA 298 70.06 20.65 -28.03
C MET YA 298 68.86 21.14 -27.23
N ASP YA 299 67.77 21.39 -27.93
CA ASP YA 299 66.50 21.75 -27.29
C ASP YA 299 65.76 20.48 -26.90
N PHE YA 300 65.11 20.52 -25.74
CA PHE YA 300 64.37 19.39 -25.22
C PHE YA 300 62.95 19.79 -24.86
N SER YA 301 62.34 20.66 -25.67
CA SER YA 301 60.97 21.05 -25.45
C SER YA 301 60.03 19.89 -25.77
N ALA YA 302 58.74 20.09 -25.53
CA ALA YA 302 57.72 19.07 -25.73
C ALA YA 302 56.58 19.63 -26.57
N VAL YA 303 56.93 20.22 -27.71
CA VAL YA 303 55.93 20.81 -28.59
C VAL YA 303 54.96 19.74 -29.08
N GLU YA 304 53.69 20.12 -29.19
CA GLU YA 304 52.64 19.22 -29.67
C GLU YA 304 51.55 20.08 -30.29
N GLN YA 305 51.46 20.07 -31.62
CA GLN YA 305 50.67 21.03 -32.37
C GLN YA 305 49.51 20.34 -33.08
N THR YA 306 48.38 21.04 -33.18
CA THR YA 306 47.21 20.57 -33.91
C THR YA 306 46.75 21.69 -34.83
N ARG YA 307 46.71 21.41 -36.13
CA ARG YA 307 46.37 22.41 -37.13
C ARG YA 307 45.10 21.96 -37.85
N LYS YA 308 44.17 22.89 -38.00
CA LYS YA 308 42.92 22.65 -38.73
C LYS YA 308 42.82 23.71 -39.82
N ARG YA 309 43.08 23.31 -41.06
CA ARG YA 309 43.16 24.23 -42.18
C ARG YA 309 42.03 23.97 -43.17
N PHE YA 310 41.53 25.05 -43.76
CA PHE YA 310 40.45 25.01 -44.74
C PHE YA 310 40.95 25.53 -46.07
N ASP YA 311 40.08 25.51 -47.07
CA ASP YA 311 40.40 25.98 -48.41
C ASP YA 311 39.34 26.97 -48.85
N PRO YA 312 39.55 28.27 -48.61
CA PRO YA 312 38.49 29.25 -48.89
C PRO YA 312 38.09 29.35 -50.35
N ASN YA 313 39.02 29.08 -51.27
CA ASN YA 313 38.81 29.42 -52.67
C ASN YA 313 38.16 28.31 -53.49
N THR YA 314 37.86 27.16 -52.90
CA THR YA 314 37.16 26.08 -53.58
C THR YA 314 36.02 25.53 -52.72
N PRO YA 315 34.96 26.32 -52.53
CA PRO YA 315 33.79 25.81 -51.81
C PRO YA 315 32.88 24.99 -52.73
N ALA YA 316 32.13 24.09 -52.11
CA ALA YA 316 31.17 23.24 -52.83
C ALA YA 316 29.79 23.46 -52.23
N THR YA 317 28.86 23.95 -53.04
CA THR YA 317 27.53 24.24 -52.52
C THR YA 317 26.77 22.96 -52.23
N ARG YA 318 26.27 22.83 -51.00
CA ARG YA 318 25.53 21.67 -50.56
C ARG YA 318 24.03 21.83 -50.79
N SER YA 319 23.45 22.91 -50.25
CA SER YA 319 22.07 23.27 -50.48
C SER YA 319 22.03 24.74 -50.88
N GLU YA 320 20.97 25.13 -51.56
CA GLU YA 320 20.89 26.50 -52.07
C GLU YA 320 19.44 26.90 -52.22
N TYR YA 321 19.13 28.11 -51.78
CA TYR YA 321 17.83 28.74 -52.00
C TYR YA 321 18.06 30.10 -52.63
N ALA YA 322 17.21 30.44 -53.60
CA ALA YA 322 17.37 31.71 -54.32
C ALA YA 322 16.00 32.20 -54.74
N LEU YA 323 15.55 33.30 -54.13
CA LEU YA 323 14.32 33.97 -54.50
C LEU YA 323 14.64 35.29 -55.15
N GLU YA 324 14.05 35.54 -56.33
CA GLU YA 324 14.34 36.73 -57.13
C GLU YA 324 13.05 37.20 -57.81
N ASP YA 325 12.36 38.15 -57.18
CA ASP YA 325 11.12 38.66 -57.73
C ASP YA 325 11.26 40.13 -58.11
N TYR YA 326 10.50 40.54 -59.13
CA TYR YA 326 10.51 41.90 -59.63
C TYR YA 326 9.09 42.45 -59.60
N ASN YA 327 8.95 43.73 -59.96
CA ASN YA 327 7.65 44.37 -60.07
C ASN YA 327 7.72 45.54 -61.04
N GLY YA 365 11.45 49.39 -60.89
CA GLY YA 365 10.51 49.00 -59.84
C GLY YA 365 11.15 48.19 -58.74
N SER YA 366 10.33 47.53 -57.94
CA SER YA 366 10.83 46.71 -56.85
C SER YA 366 11.64 45.54 -57.38
N VAL YA 367 12.79 45.29 -56.76
CA VAL YA 367 13.66 44.17 -57.11
C VAL YA 367 14.16 43.57 -55.80
N ARG YA 368 13.66 42.40 -55.44
CA ARG YA 368 14.04 41.71 -54.21
C ARG YA 368 14.83 40.46 -54.57
N LYS YA 369 16.04 40.34 -54.00
CA LYS YA 369 16.94 39.23 -54.32
C LYS YA 369 17.36 38.56 -53.02
N GLU YA 370 16.55 37.62 -52.54
CA GLU YA 370 16.91 36.83 -51.37
C GLU YA 370 17.74 35.63 -51.80
N SER YA 371 18.60 35.18 -50.89
CA SER YA 371 19.48 34.05 -51.20
C SER YA 371 19.97 33.43 -49.90
N THR YA 372 20.04 32.11 -49.88
CA THR YA 372 20.59 31.35 -48.77
C THR YA 372 21.46 30.25 -49.36
N ARG YA 373 22.63 30.03 -48.77
CA ARG YA 373 23.58 29.09 -49.35
C ARG YA 373 24.37 28.40 -48.24
N ASN YA 374 24.54 27.10 -48.38
CA ASN YA 374 25.36 26.30 -47.47
C ASN YA 374 26.51 25.68 -48.24
N PHE YA 375 27.69 25.65 -47.62
CA PHE YA 375 28.90 25.24 -48.31
C PHE YA 375 29.56 24.08 -47.58
N GLU YA 376 30.36 23.34 -48.35
CA GLU YA 376 31.27 22.32 -47.86
C GLU YA 376 32.67 22.67 -48.32
N LEU YA 377 33.64 22.55 -47.42
CA LEU YA 377 34.98 23.05 -47.65
C LEU YA 377 36.00 21.94 -47.40
N ASP YA 378 37.13 22.02 -48.10
CA ASP YA 378 38.22 21.09 -47.87
C ASP YA 378 38.77 21.30 -46.46
N THR YA 379 38.87 20.22 -45.70
CA THR YA 379 39.25 20.30 -44.29
C THR YA 379 40.43 19.37 -44.05
N THR YA 380 41.57 19.94 -43.67
CA THR YA 380 42.74 19.16 -43.29
C THR YA 380 42.97 19.33 -41.80
N ILE YA 381 43.15 18.22 -41.10
CA ILE YA 381 43.38 18.23 -39.65
C ILE YA 381 44.64 17.42 -39.40
N SER YA 382 45.73 18.10 -39.08
CA SER YA 382 47.02 17.47 -38.88
C SER YA 382 47.48 17.64 -37.44
N HIS YA 383 47.81 16.53 -36.79
CA HIS YA 383 48.32 16.54 -35.42
C HIS YA 383 49.78 16.11 -35.47
N GLU YA 384 50.67 17.02 -35.11
CA GLU YA 384 52.11 16.78 -35.13
C GLU YA 384 52.65 16.77 -33.71
N ARG YA 385 53.64 15.91 -33.45
CA ARG YA 385 54.28 15.84 -32.15
C ARG YA 385 55.78 15.79 -32.38
N LYS YA 386 56.46 16.90 -32.13
CA LYS YA 386 57.88 17.00 -32.42
C LYS YA 386 58.70 16.11 -31.50
N GLN YA 387 59.83 15.64 -32.01
CA GLN YA 387 60.77 14.92 -31.16
C GLN YA 387 61.38 15.86 -30.14
N THR YA 388 61.60 15.34 -28.93
CA THR YA 388 62.05 16.15 -27.81
C THR YA 388 63.40 16.79 -28.07
N GLY YA 389 64.46 15.99 -28.12
CA GLY YA 389 65.80 16.53 -28.25
C GLY YA 389 66.23 16.75 -29.68
N THR YA 390 66.34 18.02 -30.09
CA THR YA 390 66.75 18.37 -31.44
C THR YA 390 67.90 19.35 -31.37
N VAL YA 391 68.89 19.15 -32.24
CA VAL YA 391 70.04 20.05 -32.30
C VAL YA 391 69.58 21.41 -32.79
N ALA YA 392 69.56 22.39 -31.88
CA ALA YA 392 69.12 23.73 -32.24
C ALA YA 392 70.23 24.60 -32.80
N ARG YA 393 71.47 24.35 -32.41
CA ARG YA 393 72.61 25.10 -32.92
C ARG YA 393 73.86 24.25 -32.76
N GLN YA 394 74.74 24.34 -33.76
CA GLN YA 394 75.97 23.56 -33.77
C GLN YA 394 77.14 24.48 -34.10
N THR YA 395 78.18 24.41 -33.28
CA THR YA 395 79.37 25.24 -33.45
C THR YA 395 80.59 24.33 -33.54
N VAL YA 396 81.37 24.49 -34.60
CA VAL YA 396 82.60 23.72 -34.81
C VAL YA 396 83.74 24.68 -35.12
N SER YA 397 84.86 24.50 -34.43
CA SER YA 397 86.07 25.28 -34.69
C SER YA 397 87.24 24.34 -34.88
N VAL YA 398 88.03 24.57 -35.92
CA VAL YA 398 89.20 23.77 -36.24
C VAL YA 398 90.39 24.70 -36.38
N ALA YA 399 91.50 24.37 -35.73
CA ALA YA 399 92.73 25.13 -35.80
C ALA YA 399 93.82 24.25 -36.39
N ILE YA 400 94.51 24.76 -37.40
CA ILE YA 400 95.53 24.01 -38.14
C ILE YA 400 96.89 24.59 -37.78
N LYS YA 401 97.82 23.69 -37.46
CA LYS YA 401 99.17 24.13 -37.10
C LYS YA 401 99.87 24.73 -38.31
N ASP YA 402 100.54 25.85 -38.09
CA ASP YA 402 101.30 26.49 -39.15
C ASP YA 402 102.61 25.74 -39.39
N ARG YA 403 103.13 25.88 -40.61
CA ARG YA 403 104.38 25.25 -41.01
C ARG YA 403 104.37 23.74 -40.77
N PRO YA 417 102.23 28.85 -42.25
CA PRO YA 417 100.78 28.94 -42.35
C PRO YA 417 100.22 28.09 -43.49
N MET YA 418 98.91 28.20 -43.72
CA MET YA 418 98.23 27.46 -44.76
C MET YA 418 97.52 28.44 -45.69
N SER YA 419 97.57 28.15 -46.99
CA SER YA 419 97.01 29.06 -47.99
C SER YA 419 95.49 29.11 -47.87
N GLU YA 420 94.93 30.19 -48.41
CA GLU YA 420 93.48 30.38 -48.36
C GLU YA 420 92.75 29.30 -49.13
N SER YA 421 93.31 28.86 -50.26
CA SER YA 421 92.65 27.84 -51.07
C SER YA 421 92.49 26.54 -50.30
N GLU YA 422 93.57 26.10 -49.63
CA GLU YA 422 93.47 24.85 -48.87
C GLU YA 422 92.60 25.01 -47.64
N ILE YA 423 92.58 26.19 -47.03
CA ILE YA 423 91.68 26.44 -45.91
C ILE YA 423 90.23 26.31 -46.35
N ASN YA 424 89.90 26.89 -47.51
CA ASN YA 424 88.54 26.78 -48.02
C ASN YA 424 88.21 25.36 -48.44
N ALA YA 425 89.19 24.62 -48.97
CA ALA YA 425 88.95 23.22 -49.31
C ALA YA 425 88.65 22.38 -48.06
N ILE YA 426 89.41 22.61 -46.99
CA ILE YA 426 89.14 21.93 -45.73
C ILE YA 426 87.76 22.31 -45.21
N ARG YA 427 87.40 23.59 -45.33
CA ARG YA 427 86.07 24.02 -44.91
C ARG YA 427 85.00 23.32 -45.72
N GLN YA 428 85.22 23.15 -47.03
CA GLN YA 428 84.25 22.45 -47.87
C GLN YA 428 84.11 20.98 -47.45
N VAL YA 429 85.22 20.33 -47.12
CA VAL YA 429 85.15 18.95 -46.66
C VAL YA 429 84.37 18.86 -45.35
N LEU YA 430 84.66 19.78 -44.42
CA LEU YA 430 83.94 19.78 -43.15
C LEU YA 430 82.45 20.00 -43.35
N ILE YA 431 82.09 20.88 -44.30
CA ILE YA 431 80.70 21.05 -44.68
C ILE YA 431 80.27 19.79 -45.41
N GLY YA 432 79.55 18.92 -44.71
CA GLY YA 432 79.29 17.59 -45.23
C GLY YA 432 79.90 16.54 -44.32
N THR YA 433 81.12 16.80 -43.84
CA THR YA 433 81.63 15.97 -42.76
C THR YA 433 80.79 16.12 -41.50
N VAL YA 434 80.41 17.36 -41.16
CA VAL YA 434 79.63 17.62 -39.96
C VAL YA 434 78.15 17.80 -40.25
N GLY YA 435 77.78 18.16 -41.48
CA GLY YA 435 76.40 18.47 -41.77
C GLY YA 435 76.09 19.92 -41.49
N PHE YA 436 76.94 20.82 -42.00
CA PHE YA 436 76.78 22.24 -41.73
C PHE YA 436 75.44 22.74 -42.22
N ASP YA 437 74.73 23.48 -41.37
CA ASP YA 437 73.38 23.98 -41.65
C ASP YA 437 73.33 25.44 -41.19
N GLN YA 438 73.63 26.35 -42.11
CA GLN YA 438 73.67 27.77 -41.75
C GLN YA 438 72.29 28.29 -41.36
N GLY YA 439 71.25 27.81 -42.03
CA GLY YA 439 69.90 28.24 -41.71
C GLY YA 439 69.47 27.89 -40.30
N ARG YA 440 70.10 26.89 -39.70
CA ARG YA 440 69.86 26.54 -38.31
C ARG YA 440 70.59 27.44 -37.34
N GLY YA 441 71.51 28.28 -37.83
CA GLY YA 441 72.34 29.08 -36.98
C GLY YA 441 73.70 28.48 -36.67
N ASP YA 442 74.07 27.39 -37.34
CA ASP YA 442 75.34 26.75 -37.08
C ASP YA 442 76.50 27.62 -37.53
N LEU YA 443 77.66 27.36 -36.95
CA LEU YA 443 78.85 28.16 -37.20
C LEU YA 443 80.05 27.25 -37.34
N LEU YA 444 80.90 27.53 -38.33
CA LEU YA 444 82.07 26.71 -38.61
C LEU YA 444 83.26 27.65 -38.83
N ASN YA 445 84.22 27.61 -37.92
CA ASN YA 445 85.43 28.41 -38.03
C ASN YA 445 86.61 27.50 -38.35
N VAL YA 446 87.40 27.86 -39.34
CA VAL YA 446 88.65 27.17 -39.67
C VAL YA 446 89.76 28.20 -39.69
N LEU YA 447 90.74 28.04 -38.81
CA LEU YA 447 91.82 29.00 -38.66
C LEU YA 447 93.16 28.29 -38.78
N SER YA 448 94.18 29.07 -39.13
CA SER YA 448 95.55 28.59 -39.15
C SER YA 448 96.32 29.31 -38.06
N VAL YA 449 96.69 28.57 -37.01
CA VAL YA 449 97.32 29.16 -35.83
C VAL YA 449 98.69 28.51 -35.63
N LYS YA 450 99.47 29.11 -34.75
CA LYS YA 450 100.83 28.66 -34.45
C LYS YA 450 100.79 27.82 -33.18
N PHE YA 451 100.99 26.52 -33.33
CA PHE YA 451 101.08 25.65 -32.16
C PHE YA 451 102.41 25.84 -31.45
N ALA YA 452 102.37 25.75 -30.13
CA ALA YA 452 103.57 25.90 -29.31
C ALA YA 452 104.21 24.54 -29.03
N ALA ZA 255 62.80 20.05 -1.27
CA ALA ZA 255 63.12 20.74 -2.50
C ALA ZA 255 64.53 21.32 -2.45
N SER ZA 256 65.05 21.56 -1.24
CA SER ZA 256 66.41 22.10 -1.14
C SER ZA 256 67.44 21.10 -1.65
N ALA ZA 257 67.15 19.80 -1.52
CA ALA ZA 257 68.01 18.81 -2.16
C ALA ZA 257 67.99 18.97 -3.67
N ALA ZA 258 66.82 19.30 -4.24
CA ALA ZA 258 66.75 19.59 -5.67
C ALA ZA 258 67.60 20.80 -6.02
N ARG ZA 259 67.58 21.83 -5.18
CA ARG ZA 259 68.41 23.00 -5.44
C ARG ZA 259 69.89 22.65 -5.37
N ARG ZA 260 70.27 21.80 -4.42
CA ARG ZA 260 71.65 21.33 -4.33
C ARG ZA 260 72.07 20.62 -5.61
N LYS ZA 261 71.20 19.73 -6.11
CA LYS ZA 261 71.53 19.02 -7.35
C LYS ZA 261 71.56 19.95 -8.56
N GLU ZA 262 70.78 21.03 -8.53
CA GLU ZA 262 70.88 22.04 -9.58
C GLU ZA 262 72.24 22.73 -9.55
N GLN ZA 263 72.71 23.06 -8.35
CA GLN ZA 263 74.07 23.60 -8.23
C GLN ZA 263 75.10 22.61 -8.78
N GLU ZA 264 74.90 21.33 -8.48
CA GLU ZA 264 75.80 20.30 -9.00
C GLU ZA 264 75.79 20.27 -10.52
N LEU ZA 265 74.60 20.39 -11.11
CA LEU ZA 265 74.50 20.42 -12.57
C LEU ZA 265 75.26 21.61 -13.15
N GLU ZA 266 75.09 22.78 -12.56
CA GLU ZA 266 75.79 23.97 -13.05
C GLU ZA 266 77.31 23.77 -12.96
N ARG ZA 267 77.78 23.26 -11.83
CA ARG ZA 267 79.22 23.04 -11.66
C ARG ZA 267 79.74 22.01 -12.66
N SER ZA 268 78.96 20.96 -12.93
CA SER ZA 268 79.36 19.96 -13.90
C SER ZA 268 79.48 20.55 -15.30
N GLN ZA 269 78.52 21.39 -15.68
CA GLN ZA 269 78.60 22.07 -16.96
C GLN ZA 269 79.85 22.93 -17.06
N GLU ZA 270 80.14 23.68 -16.00
CA GLU ZA 270 81.34 24.52 -15.99
C GLU ZA 270 82.59 23.67 -16.14
N GLN ZA 271 82.63 22.53 -15.44
CA GLN ZA 271 83.79 21.66 -15.51
C GLN ZA 271 83.99 21.10 -16.92
N ALA ZA 272 82.89 20.70 -17.56
CA ALA ZA 272 82.97 20.18 -18.93
C ALA ZA 272 83.48 21.24 -19.89
N LEU ZA 273 82.98 22.47 -19.76
CA LEU ZA 273 83.46 23.54 -20.62
C LEU ZA 273 84.93 23.83 -20.38
N ARG ZA 274 85.37 23.79 -19.12
CA ARG ZA 274 86.78 23.97 -18.82
C ARG ZA 274 87.62 22.86 -19.44
N GLU ZA 275 87.12 21.63 -19.41
CA GLU ZA 275 87.84 20.52 -20.02
C GLU ZA 275 88.01 20.74 -21.52
N LYS ZA 276 86.94 21.19 -22.18
CA LYS ZA 276 87.05 21.47 -23.62
C LYS ZA 276 88.04 22.60 -23.89
N ILE ZA 277 88.00 23.65 -23.06
CA ILE ZA 277 88.94 24.76 -23.22
C ILE ZA 277 90.36 24.26 -23.10
N ASP ZA 278 90.63 23.41 -22.11
CA ASP ZA 278 91.96 22.83 -21.98
C ASP ZA 278 92.33 21.99 -23.20
N SER ZA 279 91.39 21.17 -23.68
CA SER ZA 279 91.68 20.29 -24.80
C SER ZA 279 92.04 21.09 -26.05
N VAL ZA 280 91.53 22.30 -26.16
CA VAL ZA 280 91.86 23.16 -27.30
C VAL ZA 280 93.15 23.94 -27.06
N LEU ZA 281 93.34 24.50 -25.86
CA LEU ZA 281 94.43 25.45 -25.68
C LEU ZA 281 95.75 24.79 -25.27
N LEU ZA 282 95.70 23.60 -24.66
CA LEU ZA 282 96.93 22.94 -24.25
C LEU ZA 282 97.87 22.66 -25.40
N PRO ZA 283 97.44 22.12 -26.55
CA PRO ZA 283 98.35 22.02 -27.69
C PRO ZA 283 98.79 23.38 -28.24
N ILE ZA 284 97.85 24.31 -28.38
CA ILE ZA 284 98.14 25.57 -29.03
C ILE ZA 284 99.10 26.41 -28.20
N LEU ZA 285 98.82 26.56 -26.91
CA LEU ZA 285 99.61 27.47 -26.08
C LEU ZA 285 100.67 26.73 -25.27
N GLY ZA 286 100.35 25.57 -24.74
CA GLY ZA 286 101.26 24.81 -23.91
C GLY ZA 286 100.73 24.66 -22.50
N TYR ZA 287 101.53 23.99 -21.67
CA TYR ZA 287 101.15 23.69 -20.30
C TYR ZA 287 101.61 24.84 -19.40
N GLY ZA 288 100.65 25.44 -18.69
CA GLY ZA 288 100.97 26.51 -17.77
C GLY ZA 288 101.13 27.88 -18.38
N ASN ZA 289 100.90 28.03 -19.68
CA ASN ZA 289 100.99 29.32 -20.34
C ASN ZA 289 99.66 30.04 -20.40
N TYR ZA 290 98.60 29.48 -19.82
CA TYR ZA 290 97.29 30.09 -19.87
C TYR ZA 290 96.53 29.72 -18.61
N THR ZA 291 95.49 30.50 -18.31
CA THR ZA 291 94.52 30.16 -17.29
C THR ZA 291 93.15 30.59 -17.77
N ALA ZA 292 92.13 29.78 -17.48
CA ALA ZA 292 90.79 30.06 -17.94
C ALA ZA 292 89.78 29.57 -16.93
N GLN ZA 293 88.73 30.35 -16.72
CA GLN ZA 293 87.62 29.96 -15.85
C GLN ZA 293 86.31 30.27 -16.56
N VAL ZA 294 85.28 29.49 -16.22
CA VAL ZA 294 84.00 29.54 -16.91
C VAL ZA 294 82.90 29.68 -15.88
N ASP ZA 295 81.98 30.62 -16.11
CA ASP ZA 295 80.78 30.77 -15.29
C ASP ZA 295 79.56 30.46 -16.14
N ILE ZA 296 78.72 29.55 -15.66
CA ILE ZA 296 77.50 29.16 -16.35
C ILE ZA 296 76.33 29.39 -15.41
N GLN ZA 297 75.38 30.22 -15.84
CA GLN ZA 297 74.14 30.46 -15.11
C GLN ZA 297 73.01 29.74 -15.82
N MET ZA 298 72.28 28.91 -15.07
CA MET ZA 298 71.23 28.08 -15.65
C MET ZA 298 69.90 28.41 -14.99
N ASP ZA 299 68.89 28.65 -15.81
CA ASP ZA 299 67.53 28.85 -15.33
C ASP ZA 299 66.85 27.51 -15.16
N PHE ZA 300 66.04 27.39 -14.11
CA PHE ZA 300 65.33 26.16 -13.80
C PHE ZA 300 63.84 26.43 -13.62
N SER ZA 301 63.29 27.33 -14.43
CA SER ZA 301 61.86 27.59 -14.38
C SER ZA 301 61.09 26.40 -14.93
N ALA ZA 302 59.77 26.48 -14.86
CA ALA ZA 302 58.87 25.42 -15.29
C ALA ZA 302 57.82 25.98 -16.25
N VAL ZA 303 58.27 26.69 -17.28
CA VAL ZA 303 57.35 27.28 -18.24
C VAL ZA 303 56.55 26.21 -18.95
N GLU ZA 304 55.28 26.51 -19.21
CA GLU ZA 304 54.39 25.58 -19.91
C GLU ZA 304 53.33 26.42 -20.61
N GLN ZA 305 53.43 26.52 -21.93
CA GLN ZA 305 52.66 27.49 -22.71
C GLN ZA 305 51.68 26.78 -23.64
N THR ZA 306 50.52 27.41 -23.84
CA THR ZA 306 49.51 26.93 -24.78
C THR ZA 306 49.09 28.09 -25.65
N ARG ZA 307 49.25 27.93 -26.96
CA ARG ZA 307 48.97 28.99 -27.92
C ARG ZA 307 47.86 28.53 -28.85
N LYS ZA 308 46.87 29.40 -29.06
CA LYS ZA 308 45.78 29.14 -29.98
C LYS ZA 308 45.73 30.28 -30.97
N ARG ZA 309 46.19 30.01 -32.20
CA ARG ZA 309 46.36 31.03 -33.22
C ARG ZA 309 45.40 30.79 -34.37
N PHE ZA 310 44.90 31.88 -34.94
CA PHE ZA 310 43.98 31.86 -36.06
C PHE ZA 310 44.61 32.54 -37.28
N ASP ZA 311 43.88 32.54 -38.39
CA ASP ZA 311 44.35 33.16 -39.63
C ASP ZA 311 43.28 34.10 -40.13
N PRO ZA 312 43.35 35.38 -39.76
CA PRO ZA 312 42.26 36.31 -40.10
C PRO ZA 312 42.07 36.52 -41.59
N ASN ZA 313 43.13 36.41 -42.39
CA ASN ZA 313 43.10 36.85 -43.77
C ASN ZA 313 42.64 35.79 -44.77
N THR ZA 314 42.37 34.56 -44.32
CA THR ZA 314 41.87 33.50 -45.19
C THR ZA 314 40.67 32.81 -44.54
N PRO ZA 315 39.53 33.50 -44.45
CA PRO ZA 315 38.31 32.83 -43.95
C PRO ZA 315 37.62 32.05 -45.05
N ALA ZA 316 36.86 31.04 -44.64
CA ALA ZA 316 36.09 30.19 -45.55
C ALA ZA 316 34.62 30.26 -45.14
N THR ZA 317 33.78 30.75 -46.04
CA THR ZA 317 32.37 30.90 -45.70
C THR ZA 317 31.69 29.54 -45.62
N ARG ZA 318 31.04 29.27 -44.49
CA ARG ZA 318 30.33 28.02 -44.26
C ARG ZA 318 28.87 28.10 -44.68
N SER ZA 319 28.14 29.07 -44.15
CA SER ZA 319 26.78 29.36 -44.56
C SER ZA 319 26.67 30.85 -44.82
N GLU ZA 320 25.69 31.23 -45.63
CA GLU ZA 320 25.57 32.62 -46.03
C GLU ZA 320 24.12 32.94 -46.36
N TYR ZA 321 23.65 34.08 -45.88
CA TYR ZA 321 22.35 34.63 -46.22
C TYR ZA 321 22.55 36.05 -46.70
N ALA ZA 322 21.82 36.43 -47.75
CA ALA ZA 322 21.97 37.76 -48.33
C ALA ZA 322 20.64 38.20 -48.91
N LEU ZA 323 20.02 39.19 -48.29
CA LEU ZA 323 18.79 39.80 -48.77
C LEU ZA 323 19.09 41.21 -49.27
N GLU ZA 324 18.64 41.52 -50.49
CA GLU ZA 324 18.95 42.79 -51.14
C GLU ZA 324 17.74 43.23 -51.95
N ASP ZA 325 16.89 44.07 -51.37
CA ASP ZA 325 15.69 44.54 -52.03
C ASP ZA 325 15.77 46.04 -52.27
N TYR ZA 326 15.12 46.49 -53.35
CA TYR ZA 326 15.09 47.89 -53.74
C TYR ZA 326 13.63 48.33 -53.88
N ASN ZA 327 13.44 49.62 -54.14
CA ASN ZA 327 12.12 50.18 -54.39
C ASN ZA 327 12.23 51.44 -55.24
N GLY ZA 365 15.56 55.50 -54.23
CA GLY ZA 365 14.53 54.96 -53.37
C GLY ZA 365 15.08 54.10 -52.25
N SER ZA 366 14.20 53.31 -51.64
CA SER ZA 366 14.61 52.43 -50.56
C SER ZA 366 15.59 51.37 -51.06
N VAL ZA 367 16.66 51.14 -50.29
CA VAL ZA 367 17.65 50.13 -50.60
C VAL ZA 367 18.02 49.45 -49.30
N ARG ZA 368 17.57 48.21 -49.11
CA ARG ZA 368 17.83 47.44 -47.90
C ARG ZA 368 18.77 46.29 -48.23
N LYS ZA 369 19.89 46.21 -47.52
CA LYS ZA 369 20.92 45.20 -47.78
C LYS ZA 369 21.21 44.44 -46.49
N GLU ZA 370 20.41 43.42 -46.22
CA GLU ZA 370 20.68 42.55 -45.08
C GLU ZA 370 21.66 41.45 -45.48
N SER ZA 371 22.41 40.97 -44.50
CA SER ZA 371 23.43 39.95 -44.76
C SER ZA 371 23.79 39.25 -43.46
N THR ZA 372 23.95 37.94 -43.53
CA THR ZA 372 24.41 37.13 -42.43
C THR ZA 372 25.44 36.14 -42.97
N ARG ZA 373 26.53 35.95 -42.23
CA ARG ZA 373 27.63 35.15 -42.74
C ARG ZA 373 28.30 34.41 -41.59
N ASN ZA 374 28.60 33.13 -41.81
CA ASN ZA 374 29.35 32.31 -40.86
C ASN ZA 374 30.64 31.86 -41.50
N PHE ZA 375 31.73 31.86 -40.72
CA PHE ZA 375 33.05 31.59 -41.26
C PHE ZA 375 33.70 30.43 -40.53
N GLU ZA 376 34.65 29.82 -41.24
CA GLU ZA 376 35.57 28.82 -40.71
C GLU ZA 376 36.98 29.32 -40.93
N LEU ZA 377 37.82 29.18 -39.91
CA LEU ZA 377 39.14 29.79 -39.90
C LEU ZA 377 40.20 28.74 -39.59
N ASP ZA 378 41.41 28.97 -40.12
CA ASP ZA 378 42.53 28.10 -39.79
C ASP ZA 378 42.86 28.22 -38.32
N THR ZA 379 42.95 27.08 -37.64
CA THR ZA 379 43.12 27.05 -36.19
C THR ZA 379 44.32 26.18 -35.85
N THR ZA 380 45.35 26.80 -35.27
CA THR ZA 380 46.52 26.08 -34.79
C THR ZA 380 46.52 26.12 -33.26
N ILE ZA 381 46.70 24.96 -32.63
CA ILE ZA 381 46.72 24.86 -31.18
C ILE ZA 381 47.99 24.12 -30.81
N SER ZA 382 48.97 24.85 -30.28
CA SER ZA 382 50.28 24.28 -29.95
C SER ZA 382 50.51 24.36 -28.46
N HIS ZA 383 50.83 23.23 -27.85
CA HIS ZA 383 51.15 23.14 -26.43
C HIS ZA 383 52.64 22.82 -26.30
N GLU ZA 384 53.39 23.75 -25.73
CA GLU ZA 384 54.83 23.62 -25.58
C GLU ZA 384 55.17 23.53 -24.10
N ARG ZA 385 56.17 22.71 -23.77
CA ARG ZA 385 56.63 22.57 -22.40
C ARG ZA 385 58.16 22.64 -22.40
N LYS ZA 386 58.70 23.77 -21.96
CA LYS ZA 386 60.13 24.00 -22.05
C LYS ZA 386 60.88 23.09 -21.09
N GLN ZA 387 62.11 22.75 -21.46
CA GLN ZA 387 62.98 22.03 -20.55
C GLN ZA 387 63.36 22.90 -19.37
N THR ZA 388 63.45 22.29 -18.19
CA THR ZA 388 63.67 23.03 -16.95
C THR ZA 388 64.99 23.78 -16.96
N GLY ZA 389 66.11 23.06 -16.92
CA GLY ZA 389 67.40 23.70 -16.81
C GLY ZA 389 68.00 24.09 -18.14
N THR ZA 390 68.06 25.39 -18.43
CA THR ZA 390 68.63 25.90 -19.67
C THR ZA 390 69.68 26.95 -19.36
N VAL ZA 391 70.79 26.90 -20.08
CA VAL ZA 391 71.86 27.87 -19.89
C VAL ZA 391 71.37 29.24 -20.33
N ALA ZA 392 71.13 30.14 -19.37
CA ALA ZA 392 70.63 31.47 -19.67
C ALA ZA 392 71.74 32.46 -20.00
N ARG ZA 393 72.93 32.27 -19.45
CA ARG ZA 393 74.05 33.13 -19.72
C ARG ZA 393 75.33 32.36 -19.46
N GLN ZA 394 76.34 32.60 -20.30
CA GLN ZA 394 77.62 31.92 -20.19
C GLN ZA 394 78.74 32.94 -20.28
N THR ZA 395 79.67 32.87 -19.33
CA THR ZA 395 80.79 33.79 -19.25
C THR ZA 395 82.08 32.98 -19.25
N VAL ZA 396 83.00 33.31 -20.16
CA VAL ZA 396 84.29 32.65 -20.25
C VAL ZA 396 85.38 33.71 -20.30
N SER ZA 397 86.41 33.54 -19.49
CA SER ZA 397 87.56 34.43 -19.50
C SER ZA 397 88.83 33.59 -19.59
N VAL ZA 398 89.73 33.98 -20.48
CA VAL ZA 398 91.01 33.29 -20.68
C VAL ZA 398 92.12 34.32 -20.59
N ALA ZA 399 93.15 34.00 -19.80
CA ALA ZA 399 94.31 34.86 -19.63
C ALA ZA 399 95.54 34.12 -20.12
N ILE ZA 400 96.32 34.76 -20.98
CA ILE ZA 400 97.48 34.16 -21.61
C ILE ZA 400 98.74 34.79 -21.02
N LYS ZA 401 99.68 33.95 -20.63
CA LYS ZA 401 100.93 34.43 -20.06
C LYS ZA 401 101.74 35.19 -21.10
N ASP ZA 402 102.28 36.34 -20.69
CA ASP ZA 402 103.13 37.12 -21.57
C ASP ZA 402 104.51 36.49 -21.68
N ARG ZA 403 105.17 36.79 -22.79
CA ARG ZA 403 106.53 36.28 -23.05
C ARG ZA 403 106.60 34.76 -22.95
N PRO ZA 417 104.28 39.82 -24.30
CA PRO ZA 417 102.84 39.82 -24.61
C PRO ZA 417 102.52 39.04 -25.87
N MET ZA 418 101.25 39.07 -26.28
CA MET ZA 418 100.78 38.39 -27.48
C MET ZA 418 100.13 39.40 -28.42
N SER ZA 419 100.39 39.24 -29.72
CA SER ZA 419 99.90 40.19 -30.70
C SER ZA 419 98.38 40.12 -30.81
N GLU ZA 420 97.81 41.21 -31.33
CA GLU ZA 420 96.36 41.29 -31.48
C GLU ZA 420 95.83 40.23 -32.43
N SER ZA 421 96.58 39.94 -33.50
CA SER ZA 421 96.12 38.95 -34.48
C SER ZA 421 95.98 37.57 -33.85
N GLU ZA 422 96.97 37.15 -33.07
CA GLU ZA 422 96.87 35.84 -32.44
C GLU ZA 422 95.83 35.81 -31.33
N ILE ZA 423 95.64 36.94 -30.63
CA ILE ZA 423 94.57 37.02 -29.64
C ILE ZA 423 93.21 36.83 -30.30
N ASN ZA 424 93.01 37.49 -31.45
CA ASN ZA 424 91.74 37.33 -32.15
C ASN ZA 424 91.59 35.93 -32.73
N ALA ZA 425 92.69 35.31 -33.17
CA ALA ZA 425 92.62 33.93 -33.65
C ALA ZA 425 92.22 32.97 -32.53
N ILE ZA 426 92.80 33.15 -31.35
CA ILE ZA 426 92.41 32.34 -30.20
C ILE ZA 426 90.95 32.57 -29.85
N ARG ZA 427 90.50 33.83 -29.93
CA ARG ZA 427 89.10 34.12 -29.68
C ARG ZA 427 88.20 33.42 -30.68
N GLN ZA 428 88.62 33.40 -31.95
CA GLN ZA 428 87.84 32.70 -32.98
C GLN ZA 428 87.77 31.21 -32.71
N VAL ZA 429 88.88 30.60 -32.28
CA VAL ZA 429 88.85 29.18 -31.95
C VAL ZA 429 87.91 28.92 -30.78
N LEU ZA 430 87.99 29.76 -29.73
CA LEU ZA 430 87.11 29.60 -28.58
C LEU ZA 430 85.65 29.73 -28.99
N ILE ZA 431 85.34 30.66 -29.90
CA ILE ZA 431 84.01 30.77 -30.47
C ILE ZA 431 83.78 29.55 -31.36
N GLY ZA 432 83.06 28.57 -30.84
CA GLY ZA 432 82.98 27.29 -31.49
C GLY ZA 432 83.56 26.21 -30.60
N THR ZA 433 84.66 26.50 -29.92
CA THR ZA 433 85.09 25.61 -28.85
C THR ZA 433 84.07 25.59 -27.73
N VAL ZA 434 83.55 26.76 -27.34
CA VAL ZA 434 82.59 26.85 -26.25
C VAL ZA 434 81.15 26.95 -26.74
N GLY ZA 435 80.92 27.40 -27.97
CA GLY ZA 435 79.57 27.63 -28.45
C GLY ZA 435 79.11 29.03 -28.09
N PHE ZA 436 79.94 30.02 -28.40
CA PHE ZA 436 79.63 31.40 -28.03
C PHE ZA 436 78.33 31.84 -28.68
N ASP ZA 437 77.45 32.46 -27.88
CA ASP ZA 437 76.12 32.89 -28.31
C ASP ZA 437 75.89 34.29 -27.74
N GLN ZA 438 76.24 35.30 -28.53
CA GLN ZA 438 76.11 36.68 -28.06
C GLN ZA 438 74.65 37.05 -27.83
N GLY ZA 439 73.75 36.57 -28.69
CA GLY ZA 439 72.34 36.87 -28.53
C GLY ZA 439 71.76 36.37 -27.24
N ARG ZA 440 72.38 35.36 -26.63
CA ARG ZA 440 71.96 34.86 -25.32
C ARG ZA 440 72.49 35.72 -24.18
N GLY ZA 441 73.38 36.66 -24.47
CA GLY ZA 441 74.03 37.45 -23.44
C GLY ZA 441 75.37 36.91 -22.99
N ASP ZA 442 75.91 35.92 -23.68
CA ASP ZA 442 77.19 35.34 -23.30
C ASP ZA 442 78.32 36.34 -23.50
N LEU ZA 443 79.41 36.12 -22.77
CA LEU ZA 443 80.55 37.02 -22.79
C LEU ZA 443 81.84 36.20 -22.82
N LEU ZA 444 82.79 36.64 -23.65
CA LEU ZA 444 84.05 35.93 -23.82
C LEU ZA 444 85.17 36.97 -23.80
N ASN ZA 445 86.00 36.91 -22.76
CA ASN ZA 445 87.15 37.80 -22.63
C ASN ZA 445 88.42 37.00 -22.84
N VAL ZA 446 89.32 37.52 -23.68
CA VAL ZA 446 90.65 36.95 -23.87
C VAL ZA 446 91.66 38.06 -23.64
N LEU ZA 447 92.52 37.89 -22.65
CA LEU ZA 447 93.47 38.90 -22.26
C LEU ZA 447 94.88 38.30 -22.25
N SER ZA 448 95.87 39.17 -22.38
CA SER ZA 448 97.28 38.80 -22.24
C SER ZA 448 97.82 39.47 -20.99
N VAL ZA 449 98.09 38.67 -19.96
CA VAL ZA 449 98.50 39.18 -18.66
C VAL ZA 449 99.88 38.61 -18.32
N LYS ZA 450 100.49 39.19 -17.28
CA LYS ZA 450 101.82 38.81 -16.84
C LYS ZA 450 101.68 37.86 -15.65
N PHE ZA 451 102.01 36.59 -15.87
CA PHE ZA 451 102.00 35.62 -14.79
C PHE ZA 451 103.20 35.84 -13.87
N ALA ZA 452 102.98 35.63 -12.58
CA ALA ZA 452 104.04 35.78 -11.59
C ALA ZA 452 104.74 34.46 -11.33
N ALA AB 255 60.40 24.48 9.65
CA ALA AB 255 60.84 25.31 8.53
C ALA AB 255 62.16 25.99 8.83
N SER AB 256 62.49 26.15 10.12
CA SER AB 256 63.77 26.78 10.46
C SER AB 256 64.94 25.91 10.03
N ALA AB 257 64.75 24.57 10.01
CA ALA AB 257 65.76 23.71 9.42
C ALA AB 257 65.94 24.02 7.94
N ALA AB 258 64.84 24.30 7.24
CA ALA AB 258 64.95 24.72 5.85
C ALA AB 258 65.73 26.02 5.72
N ARG AB 259 65.50 26.97 6.62
CA ARG AB 259 66.27 28.21 6.60
C ARG AB 259 67.75 27.96 6.84
N ARG AB 260 68.07 27.05 7.77
CA ARG AB 260 69.46 26.68 8.01
C ARG AB 260 70.10 26.12 6.76
N LYS AB 261 69.39 25.23 6.06
CA LYS AB 261 69.95 24.65 4.84
C LYS AB 261 70.06 25.70 3.73
N GLU AB 262 69.19 26.70 3.73
CA GLU AB 262 69.35 27.82 2.79
C GLU AB 262 70.64 28.59 3.07
N GLN AB 263 70.92 28.84 4.35
CA GLN AB 263 72.19 29.46 4.71
C GLN AB 263 73.36 28.61 4.24
N GLU AB 264 73.24 27.29 4.40
CA GLU AB 264 74.28 26.38 3.94
C GLU AB 264 74.49 26.48 2.43
N LEU AB 265 73.38 26.58 1.68
CA LEU AB 265 73.48 26.74 0.23
C LEU AB 265 74.22 28.03 -0.13
N GLU AB 266 73.86 29.12 0.53
CA GLU AB 266 74.53 30.39 0.24
C GLU AB 266 76.02 30.30 0.53
N ARG AB 267 76.38 29.71 1.67
CA ARG AB 267 77.79 29.58 2.03
C ARG AB 267 78.54 28.69 1.05
N SER AB 268 77.88 27.62 0.57
CA SER AB 268 78.50 26.73 -0.41
C SER AB 268 78.77 27.47 -1.72
N GLN AB 269 77.80 28.28 -2.16
CA GLN AB 269 78.01 29.07 -3.37
C GLN AB 269 79.18 30.03 -3.21
N GLU AB 270 79.25 30.70 -2.06
CA GLU AB 270 80.36 31.61 -1.81
C GLU AB 270 81.69 30.86 -1.84
N GLN AB 271 81.73 29.68 -1.23
CA GLN AB 271 82.96 28.90 -1.21
C GLN AB 271 83.38 28.49 -2.62
N ALA AB 272 82.43 28.07 -3.44
CA ALA AB 272 82.74 27.69 -4.82
C ALA AB 272 83.30 28.86 -5.61
N LEU AB 273 82.68 30.04 -5.46
CA LEU AB 273 83.18 31.21 -6.15
C LEU AB 273 84.58 31.58 -5.66
N ARG AB 274 84.83 31.45 -4.36
CA ARG AB 274 86.17 31.71 -3.85
C ARG AB 274 87.19 30.73 -4.43
N GLU AB 275 86.79 29.46 -4.57
CA GLU AB 275 87.68 28.47 -5.16
C GLU AB 275 88.03 28.84 -6.59
N LYS AB 276 87.04 29.28 -7.37
CA LYS AB 276 87.31 29.70 -8.74
C LYS AB 276 88.23 30.91 -8.78
N ILE AB 277 88.00 31.87 -7.88
CA ILE AB 277 88.85 33.06 -7.80
C ILE AB 277 90.29 32.65 -7.53
N ASP AB 278 90.48 31.73 -6.58
CA ASP AB 278 91.82 31.24 -6.30
C ASP AB 278 92.43 30.55 -7.51
N SER AB 279 91.63 29.70 -8.19
CA SER AB 279 92.15 28.96 -9.34
C SER AB 279 92.61 29.89 -10.44
N VAL AB 280 92.02 31.07 -10.53
CA VAL AB 280 92.43 32.05 -11.53
C VAL AB 280 93.61 32.89 -11.05
N LEU AB 281 93.59 33.36 -9.79
CA LEU AB 281 94.56 34.36 -9.37
C LEU AB 281 95.84 33.76 -8.84
N LEU AB 282 95.82 32.53 -8.34
CA LEU AB 282 97.03 31.91 -7.79
C LEU AB 282 98.15 31.81 -8.83
N PRO AB 283 97.92 31.35 -10.07
CA PRO AB 283 98.99 31.42 -11.07
C PRO AB 283 99.39 32.84 -11.44
N ILE AB 284 98.40 33.71 -11.64
CA ILE AB 284 98.67 35.05 -12.14
C ILE AB 284 99.44 35.88 -11.11
N LEU AB 285 98.97 35.89 -9.86
CA LEU AB 285 99.56 36.76 -8.85
C LEU AB 285 100.55 36.03 -7.96
N GLY AB 286 100.26 34.81 -7.58
CA GLY AB 286 101.11 34.04 -6.69
C GLY AB 286 100.39 33.72 -5.38
N TYR AB 287 101.13 33.04 -4.51
CA TYR AB 287 100.59 32.59 -3.23
C TYR AB 287 100.82 33.67 -2.19
N GLY AB 288 99.73 34.15 -1.58
CA GLY AB 288 99.82 35.14 -0.53
C GLY AB 288 99.95 36.57 -1.01
N ASN AB 289 99.89 36.82 -2.31
CA ASN AB 289 99.97 38.17 -2.84
C ASN AB 289 98.60 38.80 -3.04
N TYR AB 290 97.52 38.11 -2.67
CA TYR AB 290 96.18 38.63 -2.86
C TYR AB 290 95.28 38.09 -1.76
N THR AB 291 94.15 38.77 -1.55
CA THR AB 291 93.09 38.26 -0.71
C THR AB 291 91.76 38.65 -1.35
N ALA AB 292 90.79 37.73 -1.28
CA ALA AB 292 89.49 37.96 -1.90
C ALA AB 292 88.40 37.31 -1.09
N GLN AB 293 87.27 37.99 -0.98
CA GLN AB 293 86.09 37.45 -0.32
C GLN AB 293 84.87 37.73 -1.17
N VAL AB 294 83.88 36.85 -1.06
CA VAL AB 294 82.70 36.87 -1.91
C VAL AB 294 81.45 36.84 -1.05
N ASP AB 295 80.51 37.73 -1.34
CA ASP AB 295 79.20 37.71 -0.69
C ASP AB 295 78.14 37.40 -1.73
N ILE AB 296 77.31 36.39 -1.45
CA ILE AB 296 76.24 35.98 -2.35
C ILE AB 296 74.93 36.03 -1.57
N GLN AB 297 73.99 36.83 -2.07
CA GLN AB 297 72.65 36.93 -1.50
C GLN AB 297 71.69 36.20 -2.42
N MET AB 298 70.94 35.24 -1.86
CA MET AB 298 70.05 34.39 -2.65
C MET AB 298 68.62 34.56 -2.17
N ASP AB 299 67.71 34.81 -3.11
CA ASP AB 299 66.29 34.87 -2.82
C ASP AB 299 65.70 33.47 -2.86
N PHE AB 300 64.76 33.20 -1.95
CA PHE AB 300 64.13 31.90 -1.84
C PHE AB 300 62.62 32.05 -1.86
N SER AB 301 62.11 32.98 -2.67
CA SER AB 301 60.67 33.14 -2.81
C SER AB 301 60.08 31.94 -3.56
N ALA AB 302 58.76 31.93 -3.68
CA ALA AB 302 58.02 30.84 -4.33
C ALA AB 302 57.07 31.41 -5.36
N VAL AB 303 57.60 32.25 -6.26
CA VAL AB 303 56.77 32.87 -7.30
C VAL AB 303 56.18 31.80 -8.20
N GLU AB 304 54.93 32.04 -8.62
CA GLU AB 304 54.23 31.12 -9.51
C GLU AB 304 53.22 31.93 -10.29
N GLN AB 305 53.48 32.16 -11.57
CA GLN AB 305 52.76 33.15 -12.37
C GLN AB 305 51.98 32.46 -13.48
N THR AB 306 50.80 33.02 -13.80
CA THR AB 306 49.98 32.56 -14.91
C THR AB 306 49.58 33.76 -15.74
N ARG AB 307 49.94 33.74 -17.02
CA ARG AB 307 49.72 34.86 -17.92
C ARG AB 307 48.79 34.41 -19.04
N LYS AB 308 47.76 35.22 -19.31
CA LYS AB 308 46.82 34.97 -20.40
C LYS AB 308 46.83 36.20 -21.31
N ARG AB 309 47.47 36.08 -22.46
CA ARG AB 309 47.70 37.19 -23.36
C ARG AB 309 46.93 36.99 -24.66
N PHE AB 310 46.43 38.09 -25.21
CA PHE AB 310 45.67 38.10 -26.45
C PHE AB 310 46.41 38.93 -27.49
N ASP AB 311 45.84 39.00 -28.69
CA ASP AB 311 46.44 39.75 -29.80
C ASP AB 311 45.36 40.67 -30.37
N PRO AB 312 45.27 41.90 -29.89
CA PRO AB 312 44.18 42.78 -30.32
C PRO AB 312 44.17 43.11 -31.79
N ASN AB 313 45.33 43.15 -32.44
CA ASN AB 313 45.46 43.73 -33.77
C ASN AB 313 45.25 42.72 -34.90
N THR AB 314 45.01 41.44 -34.60
CA THR AB 314 44.72 40.43 -35.62
C THR AB 314 43.51 39.60 -35.21
N PRO AB 315 42.32 40.18 -35.23
CA PRO AB 315 41.11 39.40 -34.97
C PRO AB 315 40.64 38.67 -36.22
N ALA AB 316 39.91 37.58 -36.00
CA ALA AB 316 39.35 36.78 -37.08
C ALA AB 316 37.85 36.70 -36.89
N THR AB 317 37.09 37.20 -37.85
CA THR AB 317 35.64 37.22 -37.71
C THR AB 317 35.07 35.82 -37.85
N ARG AB 318 34.29 35.40 -36.85
CA ARG AB 318 33.67 34.08 -36.83
C ARG AB 318 32.28 34.10 -37.46
N SER AB 319 31.41 34.97 -36.95
CA SER AB 319 30.10 35.19 -37.53
C SER AB 319 29.89 36.69 -37.69
N GLU AB 320 29.00 37.07 -38.59
CA GLU AB 320 28.83 38.48 -38.89
C GLU AB 320 27.42 38.73 -39.40
N TYR AB 321 26.79 39.78 -38.90
CA TYR AB 321 25.51 40.26 -39.38
C TYR AB 321 25.66 41.74 -39.72
N ALA AB 322 25.05 42.16 -40.83
CA ALA AB 322 25.18 43.54 -41.26
C ALA AB 322 23.90 43.94 -42.00
N LEU AB 323 23.12 44.83 -41.39
CA LEU AB 323 21.92 45.39 -42.00
C LEU AB 323 22.17 46.85 -42.33
N GLU AB 324 21.88 47.24 -43.57
CA GLU AB 324 22.17 48.58 -44.07
C GLU AB 324 21.04 49.01 -45.01
N ASP AB 325 20.05 49.72 -44.49
CA ASP AB 325 18.93 50.18 -45.28
C ASP AB 325 18.91 51.69 -45.39
N TYR AB 326 18.39 52.19 -46.50
CA TYR AB 326 18.30 53.62 -46.79
C TYR AB 326 16.84 53.96 -47.08
N ASN AB 327 16.58 55.26 -47.27
CA ASN AB 327 15.26 55.73 -47.67
C ASN AB 327 15.37 57.07 -48.39
N GLY AB 365 18.19 61.26 -46.57
CA GLY AB 365 17.10 60.56 -45.92
C GLY AB 365 17.56 59.64 -44.80
N SER AB 366 16.68 58.74 -44.40
CA SER AB 366 17.00 57.79 -43.34
C SER AB 366 18.12 56.86 -43.78
N VAL AB 367 19.08 56.65 -42.89
CA VAL AB 367 20.20 55.73 -43.13
C VAL AB 367 20.44 54.96 -41.85
N ARG AB 368 20.08 53.69 -41.82
CA ARG AB 368 20.23 52.83 -40.66
C ARG AB 368 21.30 51.78 -40.94
N LYS AB 369 22.31 51.71 -40.08
CA LYS AB 369 23.44 50.81 -40.28
C LYS AB 369 23.61 49.96 -39.02
N GLU AB 370 22.87 48.85 -38.95
CA GLU AB 370 23.05 47.90 -37.86
C GLU AB 370 24.15 46.92 -38.20
N SER AB 371 24.81 46.41 -37.16
CA SER AB 371 25.93 45.49 -37.36
C SER AB 371 26.16 44.71 -36.08
N THR AB 372 26.44 43.42 -36.24
CA THR AB 372 26.82 42.54 -35.14
C THR AB 372 27.98 41.68 -35.60
N ARG AB 373 28.97 41.50 -34.74
CA ARG AB 373 30.20 40.83 -35.14
C ARG AB 373 30.76 40.04 -33.98
N ASN AB 374 31.20 38.81 -34.25
CA ASN AB 374 31.87 37.97 -33.27
C ASN AB 374 33.28 37.67 -33.75
N PHE AB 375 34.23 37.67 -32.83
CA PHE AB 375 35.64 37.55 -33.18
C PHE AB 375 36.28 36.37 -32.47
N GLU AB 376 37.37 35.89 -33.07
CA GLU AB 376 38.27 34.92 -32.50
C GLU AB 376 39.66 35.54 -32.47
N LEU AB 377 40.36 35.36 -31.35
CA LEU AB 377 41.62 36.06 -31.10
C LEU AB 377 42.70 35.07 -30.73
N ASP AB 378 43.95 35.43 -31.05
CA ASP AB 378 45.08 34.61 -30.64
C ASP AB 378 45.18 34.62 -29.13
N THR AB 379 45.28 33.43 -28.53
CA THR AB 379 45.25 33.28 -27.08
C THR AB 379 46.46 32.47 -26.65
N THR AB 380 47.34 33.10 -25.87
CA THR AB 380 48.48 32.43 -25.28
C THR AB 380 48.27 32.33 -23.78
N ILE AB 381 48.46 31.14 -23.23
CA ILE AB 381 48.29 30.89 -21.80
C ILE AB 381 49.56 30.22 -21.30
N SER AB 382 50.39 30.97 -20.59
CA SER AB 382 51.67 30.47 -20.11
C SER AB 382 51.69 30.42 -18.59
N HIS AB 383 52.02 29.26 -18.05
CA HIS AB 383 52.14 29.06 -16.61
C HIS AB 383 53.61 28.84 -16.29
N GLU AB 384 54.21 29.77 -15.56
CA GLU AB 384 55.62 29.72 -15.20
C GLU AB 384 55.76 29.52 -13.69
N ARG AB 385 56.76 28.75 -13.29
CA ARG AB 385 57.04 28.51 -11.88
C ARG AB 385 58.54 28.70 -11.66
N LYS AB 386 58.91 29.81 -11.06
CA LYS AB 386 60.32 30.15 -10.91
C LYS AB 386 61.00 29.21 -9.93
N GLN AB 387 62.30 28.99 -10.14
CA GLN AB 387 63.10 28.25 -9.18
C GLN AB 387 63.23 29.05 -7.89
N THR AB 388 63.21 28.33 -6.77
CA THR AB 388 63.19 28.96 -5.45
C THR AB 388 64.44 29.81 -5.20
N GLY AB 389 65.58 29.17 -5.07
CA GLY AB 389 66.80 29.88 -4.72
C GLY AB 389 67.54 30.44 -5.91
N THR AB 390 67.53 31.76 -6.07
CA THR AB 390 68.21 32.42 -7.18
C THR AB 390 69.12 33.51 -6.63
N VAL AB 391 70.33 33.61 -7.18
CA VAL AB 391 71.28 34.63 -6.77
C VAL AB 391 70.73 36.00 -7.15
N ALA AB 392 70.30 36.78 -6.17
CA ALA AB 392 69.73 38.09 -6.43
C ALA AB 392 70.78 39.18 -6.51
N ARG AB 393 71.90 39.02 -5.81
CA ARG AB 393 72.98 40.00 -5.85
C ARG AB 393 74.27 39.29 -5.47
N GLN AB 394 75.36 39.68 -6.12
CA GLN AB 394 76.67 39.08 -5.89
C GLN AB 394 77.70 40.18 -5.73
N THR AB 395 78.49 40.10 -4.67
CA THR AB 395 79.51 41.08 -4.34
C THR AB 395 80.85 40.37 -4.22
N VAL AB 396 81.84 40.84 -4.96
CA VAL AB 396 83.19 40.27 -4.91
C VAL AB 396 84.19 41.42 -4.72
N SER AB 397 85.11 41.25 -3.78
CA SER AB 397 86.17 42.22 -3.55
C SER AB 397 87.50 41.48 -3.52
N VAL AB 398 88.49 42.02 -4.24
CA VAL AB 398 89.82 41.44 -4.32
C VAL AB 398 90.82 42.53 -3.97
N ALA AB 399 91.75 42.22 -3.07
CA ALA AB 399 92.81 43.13 -2.67
C ALA AB 399 94.16 42.53 -3.02
N ILE AB 400 94.98 43.31 -3.71
CA ILE AB 400 96.27 42.85 -4.21
C ILE AB 400 97.38 43.51 -3.40
N LYS AB 401 98.33 42.70 -2.95
CA LYS AB 401 99.44 43.22 -2.16
C LYS AB 401 100.31 44.13 -3.00
N ASP AB 402 100.69 45.27 -2.43
CA ASP AB 402 101.59 46.18 -3.11
C ASP AB 402 103.03 45.67 -3.06
N ARG AB 403 103.81 46.11 -4.04
CA ARG AB 403 105.22 45.73 -4.14
C ARG AB 403 105.41 44.21 -4.16
N PRO AB 417 102.88 49.20 -5.42
CA PRO AB 417 101.52 49.12 -5.92
C PRO AB 417 101.43 48.44 -7.29
N MET AB 418 100.24 48.43 -7.88
CA MET AB 418 100.00 47.83 -9.17
C MET AB 418 99.40 48.86 -10.11
N SER AB 419 99.85 48.85 -11.36
CA SER AB 419 99.42 49.84 -12.34
C SER AB 419 97.94 49.68 -12.67
N GLU AB 420 97.35 50.77 -13.18
CA GLU AB 420 95.94 50.76 -13.53
C GLU AB 420 95.65 49.75 -14.63
N SER AB 421 96.55 49.62 -15.60
CA SER AB 421 96.33 48.70 -16.71
C SER AB 421 96.20 47.27 -16.22
N GLU AB 422 97.11 46.84 -15.34
CA GLU AB 422 97.04 45.47 -14.84
C GLU AB 422 95.86 45.28 -13.90
N ILE AB 423 95.47 46.31 -13.15
CA ILE AB 423 94.27 46.22 -12.32
C ILE AB 423 93.05 45.99 -13.19
N ASN AB 424 92.94 46.74 -14.29
CA ASN AB 424 91.81 46.57 -15.19
C ASN AB 424 91.86 45.21 -15.90
N ALA AB 425 93.05 44.72 -16.21
CA ALA AB 425 93.16 43.39 -16.81
C ALA AB 425 92.70 42.31 -15.85
N ILE AB 426 93.09 42.41 -14.58
CA ILE AB 426 92.62 41.47 -13.57
C ILE AB 426 91.11 41.57 -13.42
N ARG AB 427 90.57 42.79 -13.45
CA ARG AB 427 89.13 42.96 -13.39
C ARG AB 427 88.44 42.29 -14.58
N GLN AB 428 89.03 42.42 -15.77
CA GLN AB 428 88.46 41.77 -16.95
C GLN AB 428 88.48 40.25 -16.81
N VAL AB 429 89.56 39.70 -16.27
CA VAL AB 429 89.61 38.24 -16.06
C VAL AB 429 88.54 37.82 -15.07
N LEU AB 430 88.40 38.56 -13.97
CA LEU AB 430 87.39 38.23 -12.98
C LEU AB 430 85.99 38.29 -13.58
N ILE AB 431 85.75 39.28 -14.44
CA ILE AB 431 84.49 39.35 -15.19
C ILE AB 431 84.49 38.21 -16.19
N GLY AB 432 83.80 37.13 -15.86
CA GLY AB 432 83.92 35.91 -16.63
C GLY AB 432 84.44 34.80 -15.76
N THR AB 433 85.42 35.10 -14.90
CA THR AB 433 85.77 34.15 -13.86
C THR AB 433 84.60 33.95 -12.88
N VAL AB 434 83.94 35.04 -12.50
CA VAL AB 434 82.83 34.96 -11.56
C VAL AB 434 81.46 35.00 -12.24
N GLY AB 435 81.39 35.54 -13.45
CA GLY AB 435 80.11 35.73 -14.09
C GLY AB 435 79.47 37.05 -13.69
N PHE AB 436 80.25 38.12 -13.79
CA PHE AB 436 79.79 39.44 -13.38
C PHE AB 436 78.55 39.84 -14.16
N ASP AB 437 77.52 40.31 -13.44
CA ASP AB 437 76.24 40.69 -14.03
C ASP AB 437 75.81 42.01 -13.39
N GLN AB 438 76.17 43.11 -14.03
CA GLN AB 438 75.87 44.43 -13.47
C GLN AB 438 74.37 44.68 -13.44
N GLY AB 439 73.63 44.22 -14.45
CA GLY AB 439 72.20 44.40 -14.48
C GLY AB 439 71.48 43.73 -13.32
N ARG AB 440 72.10 42.72 -12.72
CA ARG AB 440 71.55 42.08 -11.53
C ARG AB 440 71.83 42.87 -10.26
N GLY AB 441 72.68 43.89 -10.34
CA GLY AB 441 73.11 44.61 -9.17
C GLY AB 441 74.41 44.14 -8.57
N ASP AB 442 75.13 43.26 -9.25
CA ASP AB 442 76.39 42.74 -8.73
C ASP AB 442 77.45 43.83 -8.69
N LEU AB 443 78.45 43.62 -7.83
CA LEU AB 443 79.50 44.59 -7.61
C LEU AB 443 80.83 43.88 -7.53
N LEU AB 444 81.85 44.46 -8.16
CA LEU AB 444 83.18 43.86 -8.21
C LEU AB 444 84.20 44.96 -7.93
N ASN AB 445 84.87 44.87 -6.80
CA ASN AB 445 85.92 45.82 -6.42
C ASN AB 445 87.27 45.14 -6.51
N VAL AB 446 88.22 45.80 -7.16
CA VAL AB 446 89.61 45.34 -7.21
C VAL AB 446 90.48 46.49 -6.75
N LEU AB 447 91.21 46.29 -5.65
CA LEU AB 447 92.02 47.34 -5.05
C LEU AB 447 93.44 46.83 -4.88
N SER AB 448 94.37 47.78 -4.79
CA SER AB 448 95.78 47.50 -4.49
C SER AB 448 96.08 48.09 -3.11
N VAL AB 449 96.27 47.21 -2.13
CA VAL AB 449 96.45 47.64 -0.75
C VAL AB 449 97.81 47.14 -0.25
N LYS AB 450 98.22 47.66 0.90
CA LYS AB 450 99.51 47.33 1.51
C LYS AB 450 99.28 46.27 2.58
N PHE AB 451 99.74 45.05 2.31
CA PHE AB 451 99.66 43.98 3.29
C PHE AB 451 100.69 44.21 4.38
N ALA AB 452 100.32 43.86 5.62
CA ALA AB 452 101.22 44.00 6.75
C ALA AB 452 101.98 42.71 7.01
N ALA BB 255 56.14 27.72 20.42
CA ALA BB 255 56.66 28.68 19.44
C ALA BB 255 57.88 29.42 19.99
N SER BB 256 58.01 29.48 21.32
CA SER BB 256 59.16 30.16 21.89
C SER BB 256 60.45 29.42 21.57
N ALA BB 257 60.39 28.08 21.41
CA ALA BB 257 61.53 27.35 20.91
C ALA BB 257 61.90 27.80 19.50
N ALA BB 258 60.88 28.08 18.68
CA ALA BB 258 61.14 28.63 17.35
C ALA BB 258 61.83 29.98 17.44
N ARG BB 259 61.40 30.83 18.39
CA ARG BB 259 62.05 32.12 18.57
C ARG BB 259 63.50 31.95 19.01
N ARG BB 260 63.76 30.99 19.89
CA ARG BB 260 65.12 30.69 20.31
C ARG BB 260 65.98 30.30 19.11
N LYS BB 261 65.46 29.42 18.24
CA LYS BB 261 66.23 29.00 17.08
C LYS BB 261 66.40 30.16 16.08
N GLU BB 262 65.46 31.10 16.05
CA GLU BB 262 65.65 32.30 15.23
C GLU BB 262 66.82 33.13 15.76
N GLN BB 263 66.90 33.27 17.08
CA GLN BB 263 68.05 33.96 17.67
C GLN BB 263 69.35 33.23 17.31
N GLU BB 264 69.31 31.90 17.34
CA GLU BB 264 70.48 31.11 16.96
C GLU BB 264 70.88 31.38 15.51
N LEU BB 265 69.90 31.46 14.62
CA LEU BB 265 70.17 31.75 13.23
C LEU BB 265 70.84 33.11 13.08
N GLU BB 266 70.31 34.13 13.76
CA GLU BB 266 70.90 35.46 13.68
C GLU BB 266 72.34 35.44 14.17
N ARG BB 267 72.59 34.78 15.31
CA ARG BB 267 73.94 34.71 15.85
C ARG BB 267 74.89 33.98 14.91
N SER BB 268 74.40 32.91 14.27
CA SER BB 268 75.22 32.17 13.32
C SER BB 268 75.60 33.04 12.13
N GLN BB 269 74.65 33.81 11.62
CA GLN BB 269 74.94 34.73 10.52
C GLN BB 269 76.00 35.74 10.93
N GLU BB 270 75.86 36.31 12.13
CA GLU BB 270 76.84 37.27 12.61
C GLU BB 270 78.21 36.63 12.71
N GLN BB 271 78.27 35.40 13.21
CA GLN BB 271 79.55 34.70 13.36
C GLN BB 271 80.20 34.46 12.00
N ALA BB 272 79.40 34.05 11.01
CA ALA BB 272 79.94 33.82 9.67
C ALA BB 272 80.50 35.10 9.07
N LEU BB 273 79.77 36.21 9.23
CA LEU BB 273 80.26 37.47 8.71
C LEU BB 273 81.54 37.90 9.42
N ARG BB 274 81.62 37.67 10.73
CA ARG BB 274 82.85 37.97 11.46
C ARG BB 274 84.01 37.13 10.95
N GLU BB 275 83.74 35.85 10.65
CA GLU BB 275 84.79 34.98 10.12
C GLU BB 275 85.30 35.50 8.78
N LYS BB 276 84.40 35.93 7.91
CA LYS BB 276 84.82 36.51 6.63
C LYS BB 276 85.63 37.79 6.83
N ILE BB 277 85.20 38.64 7.77
CA ILE BB 277 85.93 39.86 8.05
C ILE BB 277 87.35 39.53 8.50
N ASP BB 278 87.48 38.55 9.39
CA ASP BB 278 88.81 38.13 9.82
C ASP BB 278 89.62 37.60 8.65
N SER BB 279 89.01 36.76 7.81
CA SER BB 279 89.74 36.16 6.69
C SER BB 279 90.27 37.23 5.74
N VAL BB 280 89.60 38.37 5.66
CA VAL BB 280 90.07 39.47 4.82
C VAL BB 280 91.09 40.34 5.54
N LEU BB 281 90.86 40.68 6.80
CA LEU BB 281 91.67 41.71 7.44
C LEU BB 281 92.92 41.15 8.11
N LEU BB 282 92.92 39.88 8.49
CA LEU BB 282 94.09 39.30 9.16
C LEU BB 282 95.35 39.37 8.29
N PRO BB 283 95.33 39.02 7.00
CA PRO BB 283 96.53 39.26 6.17
C PRO BB 283 96.85 40.73 5.99
N ILE BB 284 95.83 41.54 5.72
CA ILE BB 284 96.05 42.95 5.37
C ILE BB 284 96.60 43.72 6.56
N LEU BB 285 95.96 43.59 7.73
CA LEU BB 285 96.33 44.39 8.88
C LEU BB 285 97.26 43.67 9.85
N GLY BB 286 97.01 42.38 10.08
CA GLY BB 286 97.78 41.61 11.01
C GLY BB 286 96.93 41.12 12.17
N TYR BB 287 97.58 40.41 13.09
CA TYR BB 287 96.91 39.81 14.23
C TYR BB 287 96.90 40.81 15.38
N GLY BB 288 95.71 41.14 15.86
CA GLY BB 288 95.56 42.04 16.99
C GLY BB 288 95.65 43.51 16.65
N ASN BB 289 95.75 43.87 15.38
CA ASN BB 289 95.79 45.27 14.98
C ASN BB 289 94.41 45.82 14.64
N TYR BB 290 93.35 45.03 14.79
CA TYR BB 290 92.01 45.46 14.46
C TYR BB 290 91.02 44.76 15.36
N THR BB 291 89.82 45.33 15.45
CA THR BB 291 88.69 44.68 16.09
C THR BB 291 87.44 45.01 15.30
N ALA BB 292 86.55 44.05 15.15
CA ALA BB 292 85.35 44.24 14.36
C ALA BB 292 84.20 43.44 14.96
N GLN BB 293 83.01 44.02 14.96
CA GLN BB 293 81.81 43.34 15.39
C GLN BB 293 80.69 43.61 14.39
N VAL BB 294 79.78 42.65 14.29
CA VAL BB 294 78.72 42.67 13.27
C VAL BB 294 77.38 42.47 13.94
N ASP BB 295 76.41 43.31 13.60
CA ASP BB 295 75.03 43.15 14.04
C ASP BB 295 74.15 42.85 12.83
N ILE BB 296 73.39 41.77 12.91
CA ILE BB 296 72.49 41.36 11.84
C ILE BB 296 71.09 41.26 12.41
N GLN BB 297 70.16 42.03 11.85
CA GLN BB 297 68.74 41.98 12.21
C GLN BB 297 67.99 41.26 11.11
N MET BB 298 67.25 40.22 11.48
CA MET BB 298 66.55 39.39 10.50
C MET BB 298 65.05 39.41 10.79
N ASP BB 299 64.27 39.67 9.74
CA ASP BB 299 62.82 39.61 9.83
C ASP BB 299 62.36 38.17 9.59
N PHE BB 300 61.35 37.76 10.33
CA PHE BB 300 60.80 36.42 10.23
C PHE BB 300 59.29 36.45 10.01
N SER BB 301 58.83 37.41 9.21
CA SER BB 301 57.42 37.49 8.87
C SER BB 301 57.04 36.33 7.95
N ALA BB 302 55.75 36.23 7.65
CA ALA BB 302 55.20 35.17 6.81
C ALA BB 302 54.36 35.75 5.70
N VAL BB 303 54.94 36.70 4.95
CA VAL BB 303 54.22 37.35 3.87
C VAL BB 303 53.84 36.34 2.80
N GLU BB 304 52.66 36.52 2.22
CA GLU BB 304 52.16 35.64 1.17
C GLU BB 304 51.20 36.45 0.31
N GLN BB 305 51.62 36.82 -0.89
CA GLN BB 305 50.94 37.81 -1.70
C GLN BB 305 50.38 37.18 -2.97
N THR BB 306 49.23 37.68 -3.41
CA THR BB 306 48.60 37.27 -4.65
C THR BB 306 48.23 38.52 -5.44
N ARG BB 307 48.75 38.64 -6.65
CA ARG BB 307 48.56 39.82 -7.48
C ARG BB 307 47.84 39.40 -8.75
N LYS BB 308 46.80 40.16 -9.11
CA LYS BB 308 46.05 39.95 -10.34
C LYS BB 308 46.08 41.25 -11.13
N ARG BB 309 46.88 41.28 -12.18
CA ARG BB 309 47.14 42.49 -12.95
C ARG BB 309 46.57 42.36 -14.36
N PHE BB 310 46.06 43.46 -14.88
CA PHE BB 310 45.49 43.54 -16.22
C PHE BB 310 46.30 44.51 -17.07
N ASP BB 311 45.90 44.65 -18.33
CA ASP BB 311 46.57 45.54 -19.27
C ASP BB 311 45.52 46.42 -19.91
N PRO BB 312 45.26 47.61 -19.35
CA PRO BB 312 44.15 48.44 -19.86
C PRO BB 312 44.34 48.90 -21.30
N ASN BB 313 45.57 49.09 -21.75
CA ASN BB 313 45.84 49.78 -23.00
C ASN BB 313 45.86 48.87 -24.23
N THR BB 314 45.69 47.56 -24.07
CA THR BB 314 45.64 46.63 -25.20
C THR BB 314 44.45 45.68 -25.05
N PRO BB 315 43.22 46.18 -25.19
CA PRO BB 315 42.06 45.30 -25.17
C PRO BB 315 41.83 44.66 -26.54
N ALA BB 316 41.18 43.49 -26.51
CA ALA BB 316 40.84 42.75 -27.72
C ALA BB 316 39.33 42.55 -27.76
N THR BB 317 38.69 43.09 -28.78
CA THR BB 317 37.23 42.99 -28.85
C THR BB 317 36.81 41.57 -29.18
N ARG BB 318 35.94 41.01 -28.34
CA ARG BB 318 35.42 39.66 -28.52
C ARG BB 318 34.14 39.63 -29.34
N SER BB 319 33.13 40.38 -28.90
CA SER BB 319 31.90 40.57 -29.64
C SER BB 319 31.60 42.06 -29.71
N GLU BB 320 30.82 42.45 -30.70
CA GLU BB 320 30.57 43.87 -30.90
C GLU BB 320 29.23 44.06 -31.59
N TYR BB 321 28.46 45.02 -31.10
CA TYR BB 321 27.21 45.45 -31.73
C TYR BB 321 27.28 46.96 -31.91
N ALA BB 322 26.80 47.44 -33.06
CA ALA BB 322 26.87 48.86 -33.37
C ALA BB 322 25.68 49.23 -34.24
N LEU BB 323 24.75 50.00 -33.69
CA LEU BB 323 23.61 50.53 -34.41
C LEU BB 323 23.79 52.02 -34.59
N GLU BB 324 23.63 52.51 -35.82
CA GLU BB 324 23.87 53.92 -36.16
C GLU BB 324 22.86 54.34 -37.22
N ASP BB 325 21.76 54.93 -36.78
CA ASP BB 325 20.72 55.38 -37.70
C ASP BB 325 20.59 56.89 -37.68
N TYR BB 326 20.18 57.46 -38.81
CA TYR BB 326 20.00 58.88 -38.99
C TYR BB 326 18.58 59.16 -39.46
N ASN BB 327 18.25 60.44 -39.58
CA ASN BB 327 16.96 60.86 -40.12
C ASN BB 327 17.07 62.27 -40.71
N GLY BB 365 19.24 66.45 -38.18
CA GLY BB 365 18.13 65.62 -37.75
C GLY BB 365 18.51 64.65 -36.65
N SER BB 366 17.65 63.64 -36.46
CA SER BB 366 17.91 62.63 -35.44
C SER BB 366 19.15 61.83 -35.79
N VAL BB 367 20.00 61.60 -34.79
CA VAL BB 367 21.20 60.79 -34.94
C VAL BB 367 21.32 59.92 -33.69
N ARG BB 368 21.06 58.63 -33.83
CA ARG BB 368 21.12 57.68 -32.73
C ARG BB 368 22.31 56.74 -32.94
N LYS BB 369 23.19 56.66 -31.95
CA LYS BB 369 24.41 55.86 -32.05
C LYS BB 369 24.47 54.92 -30.85
N GLU BB 370 23.84 53.76 -30.99
CA GLU BB 370 23.93 52.73 -29.96
C GLU BB 370 25.16 51.86 -30.22
N SER BB 371 25.70 51.30 -29.14
CA SER BB 371 26.90 50.49 -29.24
C SER BB 371 27.03 49.61 -28.01
N THR BB 372 27.43 48.36 -28.23
CA THR BB 372 27.72 47.42 -27.17
C THR BB 372 29.01 46.69 -27.53
N ARG BB 373 29.89 46.50 -26.54
CA ARG BB 373 31.20 45.95 -26.82
C ARG BB 373 31.66 45.10 -25.65
N ASN BB 374 32.24 43.94 -25.96
CA ASN BB 374 32.83 43.05 -24.96
C ASN BB 374 34.31 42.90 -25.26
N PHE BB 375 35.12 42.88 -24.21
CA PHE BB 375 36.57 42.90 -24.35
C PHE BB 375 37.21 41.71 -23.66
N GLU BB 376 38.40 41.37 -24.13
CA GLU BB 376 39.30 40.41 -23.52
C GLU BB 376 40.61 41.12 -23.23
N LEU BB 377 41.16 40.90 -22.04
CA LEU BB 377 42.31 41.66 -21.55
C LEU BB 377 43.42 40.71 -21.11
N ASP BB 378 44.65 41.18 -21.22
CA ASP BB 378 45.79 40.42 -20.72
C ASP BB 378 45.68 40.28 -19.21
N THR BB 379 45.78 39.07 -18.71
CA THR BB 379 45.56 38.78 -17.29
C THR BB 379 46.76 38.03 -16.76
N THR BB 380 47.47 38.64 -15.81
CA THR BB 380 48.58 37.99 -15.11
C THR BB 380 48.17 37.75 -13.66
N ILE BB 381 48.37 36.53 -13.20
CA ILE BB 381 48.02 36.14 -11.84
C ILE BB 381 49.27 35.52 -11.22
N SER BB 382 49.92 36.25 -10.33
CA SER BB 382 51.17 35.80 -9.72
C SER BB 382 50.98 35.61 -8.22
N HIS BB 383 51.32 34.43 -7.73
CA HIS BB 383 51.26 34.11 -6.31
C HIS BB 383 52.69 33.96 -5.79
N GLU BB 384 53.09 34.86 -4.91
CA GLU BB 384 54.44 34.87 -4.34
C GLU BB 384 54.38 34.54 -2.86
N ARG BB 385 55.39 33.82 -2.38
CA ARG BB 385 55.49 33.47 -0.97
C ARG BB 385 56.91 33.74 -0.52
N LYS BB 386 57.11 34.83 0.22
CA LYS BB 386 58.45 35.24 0.59
C LYS BB 386 59.07 34.26 1.58
N GLN BB 387 60.39 34.17 1.55
CA GLN BB 387 61.10 33.40 2.55
C GLN BB 387 60.99 34.06 3.90
N THR BB 388 60.87 33.25 4.95
CA THR BB 388 60.62 33.77 6.30
C THR BB 388 61.74 34.67 6.79
N GLY BB 389 62.92 34.10 7.05
CA GLY BB 389 64.01 34.87 7.62
C GLY BB 389 64.86 35.58 6.60
N THR BB 390 64.76 36.90 6.55
CA THR BB 390 65.53 37.71 5.62
C THR BB 390 66.26 38.80 6.37
N VAL BB 391 67.52 39.04 6.01
CA VAL BB 391 68.31 40.08 6.65
C VAL BB 391 67.72 41.44 6.29
N ALA BB 392 67.08 42.09 7.27
CA ALA BB 392 66.45 43.38 7.03
C ALA BB 392 67.42 44.55 7.19
N ARG BB 393 68.43 44.40 8.03
CA ARG BB 393 69.42 45.45 8.24
C ARG BB 393 70.71 44.81 8.74
N GLN BB 394 71.83 45.34 8.28
CA GLN BB 394 73.14 44.81 8.66
C GLN BB 394 74.05 45.96 9.06
N THR BB 395 74.68 45.83 10.22
CA THR BB 395 75.56 46.86 10.75
C THR BB 395 76.92 46.23 11.02
N VAL BB 396 77.98 46.84 10.47
CA VAL BB 396 79.34 46.37 10.67
C VAL BB 396 80.20 47.55 11.09
N SER BB 397 80.99 47.37 12.14
CA SER BB 397 81.93 48.38 12.60
C SER BB 397 83.30 47.74 12.77
N VAL BB 398 84.33 48.41 12.24
CA VAL BB 398 85.70 47.94 12.32
C VAL BB 398 86.55 49.06 12.89
N ALA BB 399 87.38 48.73 13.89
CA ALA BB 399 88.28 49.68 14.51
C ALA BB 399 89.71 49.21 14.31
N ILE BB 400 90.56 50.09 13.82
CA ILE BB 400 91.94 49.78 13.47
C ILE BB 400 92.86 50.44 14.49
N LYS BB 401 93.81 49.66 15.01
CA LYS BB 401 94.74 50.18 15.99
C LYS BB 401 95.65 51.23 15.36
N ASP BB 402 95.85 52.33 16.07
CA ASP BB 402 96.75 53.37 15.61
C ASP BB 402 98.20 52.96 15.82
N ARG BB 403 99.09 53.54 15.00
CA ARG BB 403 100.52 53.27 15.08
C ARG BB 403 100.83 51.78 14.97
N PRO BB 417 98.10 56.67 13.78
CA PRO BB 417 96.82 56.54 13.06
C PRO BB 417 96.99 55.99 11.65
N MET BB 418 95.89 55.94 10.89
CA MET BB 418 95.88 55.45 9.53
C MET BB 418 95.34 56.52 8.60
N SER BB 419 95.96 56.66 7.43
CA SER BB 419 95.58 57.70 6.50
C SER BB 419 94.19 57.47 5.93
N GLU BB 420 93.60 58.55 5.44
CA GLU BB 420 92.24 58.48 4.89
C GLU BB 420 92.19 57.56 3.67
N SER BB 421 93.24 57.58 2.84
CA SER BB 421 93.24 56.76 1.64
C SER BB 421 93.17 55.27 1.98
N GLU BB 422 93.98 54.83 2.95
CA GLU BB 422 93.96 53.42 3.32
C GLU BB 422 92.67 53.06 4.06
N ILE BB 423 92.11 54.00 4.82
CA ILE BB 423 90.82 53.75 5.46
C ILE BB 423 89.74 53.51 4.40
N ASN BB 424 89.73 54.34 3.37
CA ASN BB 424 88.75 54.17 2.30
C ASN BB 424 89.01 52.90 1.50
N ALA BB 425 90.27 52.52 1.32
CA ALA BB 425 90.58 51.27 0.64
C ALA BB 425 90.07 50.07 1.44
N ILE BB 426 90.28 50.09 2.76
CA ILE BB 426 89.75 49.02 3.60
C ILE BB 426 88.23 49.00 3.54
N ARG BB 427 87.60 50.17 3.53
CA ARG BB 427 86.15 50.24 3.39
C ARG BB 427 85.69 49.64 2.06
N GLN BB 428 86.43 49.91 0.99
CA GLN BB 428 86.09 49.33 -0.31
C GLN BB 428 86.22 47.81 -0.30
N VAL BB 429 87.25 47.28 0.35
CA VAL BB 429 87.40 45.84 0.44
C VAL BB 429 86.23 45.24 1.23
N LEU BB 430 85.88 45.87 2.35
CA LEU BB 430 84.77 45.38 3.16
C LEU BB 430 83.47 45.40 2.37
N ILE BB 431 83.27 46.43 1.56
CA ILE BB 431 82.13 46.48 0.65
C ILE BB 431 82.36 45.45 -0.43
N GLY BB 432 81.72 44.30 -0.31
CA GLY BB 432 82.05 43.17 -1.14
C GLY BB 432 82.54 42.01 -0.29
N THR BB 433 83.35 42.30 0.72
CA THR BB 433 83.63 41.29 1.73
C THR BB 433 82.37 40.92 2.49
N VAL BB 434 81.58 41.91 2.87
CA VAL BB 434 80.35 41.67 3.63
C VAL BB 434 79.09 41.68 2.77
N GLY BB 435 79.14 42.32 1.60
CA GLY BB 435 77.95 42.48 0.80
C GLY BB 435 77.16 43.71 1.21
N PHE BB 436 77.85 44.84 1.31
CA PHE BB 436 77.23 46.07 1.76
C PHE BB 436 76.08 46.47 0.84
N ASP BB 437 74.93 46.79 1.43
CA ASP BB 437 73.71 47.13 0.70
C ASP BB 437 73.09 48.35 1.37
N GLN BB 438 73.45 49.54 0.88
CA GLN BB 438 72.96 50.77 1.49
C GLN BB 438 71.45 50.91 1.33
N GLY BB 439 70.91 50.48 0.19
CA GLY BB 439 69.48 50.56 -0.03
C GLY BB 439 68.67 49.75 0.95
N ARG BB 440 69.28 48.73 1.55
CA ARG BB 440 68.63 47.94 2.59
C ARG BB 440 68.66 48.63 3.94
N GLY BB 441 69.43 49.71 4.08
CA GLY BB 441 69.63 50.35 5.35
C GLY BB 441 70.87 49.92 6.09
N ASP BB 442 71.74 49.16 5.46
CA ASP BB 442 72.95 48.68 6.11
C ASP BB 442 73.90 49.84 6.40
N LEU BB 443 74.78 49.62 7.36
CA LEU BB 443 75.71 50.65 7.82
C LEU BB 443 77.08 50.01 8.05
N LEU BB 444 78.12 50.72 7.61
CA LEU BB 444 79.49 50.24 7.71
C LEU BB 444 80.37 51.37 8.21
N ASN BB 445 80.88 51.23 9.42
CA ASN BB 445 81.78 52.21 10.02
C ASN BB 445 83.19 51.63 10.08
N VAL BB 446 84.16 52.42 9.62
CA VAL BB 446 85.57 52.06 9.75
C VAL BB 446 86.28 53.22 10.42
N LEU BB 447 86.86 52.97 11.60
CA LEU BB 447 87.48 54.02 12.39
C LEU BB 447 88.91 53.61 12.73
N SER BB 448 89.74 54.61 13.02
CA SER BB 448 91.10 54.39 13.50
C SER BB 448 91.16 54.87 14.95
N VAL BB 449 91.28 53.93 15.88
CA VAL BB 449 91.23 54.23 17.31
C VAL BB 449 92.55 53.78 17.95
N LYS BB 450 92.75 54.23 19.19
CA LYS BB 450 93.96 53.94 19.95
C LYS BB 450 93.67 52.76 20.88
N PHE BB 451 94.27 51.61 20.58
CA PHE BB 451 94.15 50.46 21.46
C PHE BB 451 95.00 50.65 22.71
N ALA BB 452 94.48 50.16 23.83
CA ALA BB 452 95.20 50.27 25.09
C ALA BB 452 96.02 49.01 25.36
N ALA CB 255 50.18 29.64 30.68
CA ALA CB 255 50.74 30.71 29.87
C ALA CB 255 51.80 31.48 30.65
N SER CB 256 51.75 31.44 31.98
CA SER CB 256 52.75 32.13 32.77
C SER CB 256 54.12 31.51 32.58
N ALA CB 257 54.19 30.21 32.31
CA ALA CB 257 55.46 29.61 31.91
C ALA CB 257 55.97 30.21 30.62
N ALA CB 258 55.07 30.48 29.68
CA ALA CB 258 55.46 31.18 28.46
C ALA CB 258 56.02 32.55 28.76
N ARG CB 259 55.39 33.28 29.69
CA ARG CB 259 55.90 34.60 30.07
C ARG CB 259 57.28 34.49 30.71
N ARG CB 260 57.49 33.47 31.53
CA ARG CB 260 58.80 33.23 32.12
C ARG CB 260 59.85 33.01 31.03
N LYS CB 261 59.53 32.19 30.04
CA LYS CB 261 60.48 31.93 28.97
C LYS CB 261 60.70 33.18 28.10
N GLU CB 262 59.70 34.05 27.99
CA GLU CB 262 59.90 35.33 27.33
C GLU CB 262 60.91 36.20 28.08
N GLN CB 263 60.80 36.23 29.41
CA GLN CB 263 61.80 36.93 30.21
C GLN CB 263 63.18 36.34 29.99
N GLU CB 264 63.25 35.00 29.90
CA GLU CB 264 64.52 34.34 29.64
C GLU CB 264 65.10 34.76 28.29
N LEU CB 265 64.24 34.86 27.28
CA LEU CB 265 64.69 35.30 25.96
C LEU CB 265 65.25 36.72 26.02
N GLU CB 266 64.55 37.61 26.70
CA GLU CB 266 65.03 38.99 26.81
C GLU CB 266 66.39 39.04 27.52
N ARG CB 267 66.52 38.29 28.61
CA ARG CB 267 67.80 38.27 29.34
C ARG CB 267 68.92 37.68 28.50
N SER CB 268 68.62 36.65 27.70
CA SER CB 268 69.62 36.06 26.82
C SER CB 268 70.09 37.06 25.77
N GLN CB 269 69.15 37.81 25.19
CA GLN CB 269 69.52 38.84 24.23
C GLN CB 269 70.43 39.88 24.87
N GLU CB 270 70.07 40.33 26.07
CA GLU CB 270 70.90 41.31 26.77
C GLU CB 270 72.30 40.76 27.02
N GLN CB 271 72.38 39.49 27.43
CA GLN CB 271 73.67 38.89 27.69
C GLN CB 271 74.52 38.82 26.43
N ALA CB 272 73.91 38.45 25.30
CA ALA CB 272 74.64 38.38 24.05
C ALA CB 272 75.17 39.74 23.64
N LEU CB 273 74.33 40.77 23.77
CA LEU CB 273 74.79 42.12 23.44
C LEU CB 273 75.92 42.55 24.36
N ARG CB 274 75.84 42.22 25.65
CA ARG CB 274 76.93 42.54 26.57
C ARG CB 274 78.20 41.82 26.17
N GLU CB 275 78.10 40.57 25.74
CA GLU CB 275 79.27 39.83 25.28
C GLU CB 275 79.92 40.51 24.10
N LYS CB 276 79.11 40.95 23.13
CA LYS CB 276 79.66 41.67 21.98
C LYS CB 276 80.32 42.98 22.40
N ILE CB 277 79.69 43.70 23.32
CA ILE CB 277 80.27 44.95 23.82
C ILE CB 277 81.64 44.69 24.44
N ASP CB 278 81.73 43.63 25.25
CA ASP CB 278 83.02 43.27 25.84
C ASP CB 278 84.03 42.91 24.76
N SER CB 279 83.61 42.12 23.77
CA SER CB 279 84.53 41.67 22.73
C SER CB 279 85.10 42.86 21.95
N VAL CB 280 84.36 43.95 21.87
CA VAL CB 280 84.84 45.15 21.20
C VAL CB 280 85.68 46.03 22.12
N LEU CB 281 85.24 46.23 23.37
CA LEU CB 281 85.88 47.25 24.21
C LEU CB 281 87.07 46.72 25.00
N LEU CB 282 87.12 45.42 25.28
CA LEU CB 282 88.23 44.87 26.05
C LEU CB 282 89.58 45.11 25.39
N PRO CB 283 89.78 44.87 24.08
CA PRO CB 283 91.06 45.27 23.46
C PRO CB 283 91.27 46.78 23.44
N ILE CB 284 90.22 47.54 23.10
CA ILE CB 284 90.39 48.97 22.90
C ILE CB 284 90.70 49.67 24.22
N LEU CB 285 89.91 49.39 25.26
CA LEU CB 285 90.05 50.11 26.52
C LEU CB 285 90.89 49.36 27.54
N GLY CB 286 90.71 48.05 27.63
CA GLY CB 286 91.42 47.25 28.60
C GLY CB 286 90.46 46.59 29.58
N TYR CB 287 91.04 45.85 30.53
CA TYR CB 287 90.26 45.11 31.50
C TYR CB 287 90.01 45.98 32.73
N GLY CB 288 88.73 46.19 33.05
CA GLY CB 288 88.37 46.97 34.21
C GLY CB 288 88.37 48.47 34.01
N ASN CB 289 88.62 48.95 32.80
CA ASN CB 289 88.58 50.38 32.52
C ASN CB 289 87.23 50.86 32.04
N TYR CB 290 86.24 49.98 31.97
CA TYR CB 290 84.92 50.35 31.47
C TYR CB 290 83.87 49.50 32.16
N THR CB 291 82.63 49.97 32.13
CA THR CB 291 81.48 49.19 32.54
C THR CB 291 80.33 49.51 31.60
N ALA CB 292 79.55 48.50 31.24
CA ALA CB 292 78.46 48.67 30.31
C ALA CB 292 77.31 47.73 30.66
N GLN CB 293 76.09 48.23 30.53
CA GLN CB 293 74.90 47.44 30.73
C GLN CB 293 73.92 47.71 29.60
N VAL CB 294 73.10 46.71 29.30
CA VAL CB 294 72.21 46.74 28.14
C VAL CB 294 70.80 46.39 28.59
N ASP CB 295 69.82 47.19 28.18
CA ASP CB 295 68.42 46.89 28.39
C ASP CB 295 67.75 46.64 27.05
N ILE CB 296 67.07 45.51 26.93
CA ILE CB 296 66.36 45.14 25.71
C ILE CB 296 64.91 44.87 26.06
N GLN CB 297 64.00 45.63 25.44
CA GLN CB 297 62.56 45.44 25.59
C GLN CB 297 62.03 44.78 24.33
N MET CB 298 61.34 43.66 24.49
CA MET CB 298 60.85 42.87 23.37
C MET CB 298 59.34 42.76 23.43
N ASP CB 299 58.68 43.06 22.31
CA ASP CB 299 57.25 42.89 22.18
C ASP CB 299 56.95 41.47 21.76
N PHE CB 300 55.87 40.91 22.30
CA PHE CB 300 55.47 39.54 22.02
C PHE CB 300 54.01 39.50 21.58
N SER CB 301 53.58 40.49 20.81
CA SER CB 301 52.23 40.49 20.28
C SER CB 301 52.08 39.40 19.22
N ALA CB 302 50.86 39.24 18.72
CA ALA CB 302 50.52 38.22 17.73
C ALA CB 302 49.80 38.84 16.56
N VAL CB 303 50.40 39.90 15.99
CA VAL CB 303 49.78 40.60 14.86
C VAL CB 303 49.64 39.66 13.68
N GLU CB 304 48.53 39.81 12.95
CA GLU CB 304 48.27 39.00 11.76
C GLU CB 304 47.37 39.82 10.85
N GLN CB 305 47.92 40.33 9.76
CA GLN CB 305 47.27 41.33 8.94
C GLN CB 305 46.95 40.79 7.55
N THR CB 306 45.83 41.24 7.00
CA THR CB 306 45.42 40.90 5.63
C THR CB 306 45.06 42.19 4.91
N ARG CB 307 45.75 42.46 3.80
CA ARG CB 307 45.57 43.69 3.05
C ARG CB 307 45.06 43.35 1.66
N LYS CB 308 44.03 44.05 1.22
CA LYS CB 308 43.47 43.92 -0.12
C LYS CB 308 43.50 45.28 -0.79
N ARG CB 309 44.43 45.46 -1.71
CA ARG CB 309 44.70 46.75 -2.33
C ARG CB 309 44.35 46.71 -3.81
N PHE CB 310 43.83 47.82 -4.30
CA PHE CB 310 43.44 47.98 -5.70
C PHE CB 310 44.27 49.09 -6.35
N ASP CB 311 44.04 49.30 -7.64
CA ASP CB 311 44.76 50.32 -8.40
C ASP CB 311 43.75 51.20 -9.11
N PRO CB 312 43.31 52.29 -8.50
CA PRO CB 312 42.23 53.09 -9.10
C PRO CB 312 42.56 53.69 -10.44
N ASN CB 313 43.82 54.01 -10.70
CA ASN CB 313 44.20 54.83 -11.84
C ASN CB 313 44.47 54.05 -13.12
N THR CB 314 44.39 52.71 -13.09
CA THR CB 314 44.57 51.90 -14.29
C THR CB 314 43.46 50.85 -14.39
N PRO CB 315 42.23 51.27 -14.67
CA PRO CB 315 41.15 50.31 -14.90
C PRO CB 315 41.16 49.78 -16.32
N ALA CB 316 40.62 48.57 -16.49
CA ALA CB 316 40.51 47.94 -17.79
C ALA CB 316 39.05 47.63 -18.07
N THR CB 317 38.50 48.21 -19.12
CA THR CB 317 37.10 48.02 -19.41
C THR CB 317 36.83 46.61 -19.91
N ARG CB 318 35.90 45.91 -19.26
CA ARG CB 318 35.54 44.54 -19.62
C ARG CB 318 34.39 44.51 -20.62
N SER CB 319 33.27 45.14 -20.28
CA SER CB 319 32.14 45.31 -21.16
C SER CB 319 31.73 46.76 -21.15
N GLU CB 320 31.06 47.20 -22.21
CA GLU CB 320 30.73 48.61 -22.34
C GLU CB 320 29.48 48.77 -23.19
N TYR CB 321 28.57 49.62 -22.74
CA TYR CB 321 27.40 50.01 -23.50
C TYR CB 321 27.37 51.53 -23.56
N ALA CB 322 27.01 52.09 -24.71
CA ALA CB 322 27.00 53.53 -24.89
C ALA CB 322 25.92 53.89 -25.90
N LEU CB 323 24.87 54.54 -25.42
CA LEU CB 323 23.79 55.05 -26.26
C LEU CB 323 23.86 56.57 -26.29
N GLU CB 324 23.84 57.15 -27.49
CA GLU CB 324 24.01 58.60 -27.67
C GLU CB 324 23.12 59.05 -28.83
N ASP CB 325 21.91 59.51 -28.52
CA ASP CB 325 20.99 59.97 -29.53
C ASP CB 325 20.72 61.46 -29.41
N TYR CB 326 20.44 62.09 -30.54
CA TYR CB 326 20.17 63.52 -30.62
C TYR CB 326 18.81 63.74 -31.28
N ASN CB 327 18.39 65.00 -31.34
CA ASN CB 327 17.16 65.37 -32.03
C ASN CB 327 17.23 66.83 -32.47
N GLY CB 365 18.68 70.91 -29.32
CA GLY CB 365 17.59 69.96 -29.13
C GLY CB 365 17.88 68.92 -28.07
N SER CB 366 17.10 67.84 -28.08
CA SER CB 366 17.30 66.76 -27.13
C SER CB 366 18.64 66.08 -27.36
N VAL CB 367 19.35 65.82 -26.27
CA VAL CB 367 20.63 65.12 -26.30
C VAL CB 367 20.66 64.16 -25.13
N ARG CB 368 20.53 62.86 -25.40
CA ARG CB 368 20.51 61.82 -24.39
C ARG CB 368 21.78 60.99 -24.50
N LYS CB 369 22.53 60.88 -23.40
CA LYS CB 369 23.81 60.19 -23.38
C LYS CB 369 23.79 59.14 -22.28
N GLU CB 370 23.27 57.96 -22.58
CA GLU CB 370 23.31 56.85 -21.65
C GLU CB 370 24.63 56.10 -21.79
N SER CB 371 25.06 55.48 -20.69
CA SER CB 371 26.33 54.77 -20.69
C SER CB 371 26.35 53.79 -19.53
N THR CB 372 26.88 52.60 -19.79
CA THR CB 372 27.11 51.58 -18.78
C THR CB 372 28.48 50.99 -19.01
N ARG CB 373 29.22 50.77 -17.92
CA ARG CB 373 30.61 50.35 -18.04
C ARG CB 373 30.97 49.43 -16.89
N ASN CB 374 31.67 48.34 -17.21
CA ASN CB 374 32.20 47.41 -16.21
C ASN CB 374 33.71 47.39 -16.30
N PHE CB 375 34.37 47.33 -15.14
CA PHE CB 375 35.81 47.47 -15.09
C PHE CB 375 36.44 46.27 -14.40
N GLU CB 376 37.72 46.06 -14.72
CA GLU CB 376 38.60 45.11 -14.06
C GLU CB 376 39.80 45.89 -13.53
N LEU CB 377 40.20 45.58 -12.30
CA LEU CB 377 41.19 46.37 -11.59
C LEU CB 377 42.30 45.48 -11.06
N ASP CB 378 43.50 46.04 -10.95
CA ASP CB 378 44.61 45.32 -10.35
C ASP CB 378 44.31 45.04 -8.89
N THR CB 379 44.45 43.79 -8.49
CA THR CB 379 44.05 43.36 -7.15
C THR CB 379 45.23 42.65 -6.50
N THR CB 380 45.75 43.21 -5.41
CA THR CB 380 46.79 42.59 -4.62
C THR CB 380 46.21 42.19 -3.28
N ILE CB 381 46.45 40.93 -2.88
CA ILE CB 381 45.94 40.41 -1.62
C ILE CB 381 47.14 39.81 -0.89
N SER CB 382 47.60 40.50 0.16
CA SER CB 382 48.78 40.09 0.90
C SER CB 382 48.41 39.76 2.33
N HIS CB 383 48.77 38.56 2.77
CA HIS CB 383 48.54 38.11 4.13
C HIS CB 383 49.89 38.01 4.85
N GLU CB 384 50.09 38.85 5.85
CA GLU CB 384 51.34 38.92 6.60
C GLU CB 384 51.11 38.45 8.03
N ARG CB 385 52.09 37.74 8.58
CA ARG CB 385 52.02 37.28 9.97
C ARG CB 385 53.35 37.61 10.63
N LYS CB 386 53.35 38.63 11.49
CA LYS CB 386 54.58 39.11 12.08
C LYS CB 386 55.13 38.08 13.07
N GLN CB 387 56.45 38.08 13.21
CA GLN CB 387 57.08 37.27 14.25
C GLN CB 387 56.73 37.81 15.63
N THR CB 388 56.53 36.90 16.57
CA THR CB 388 56.06 37.26 17.91
C THR CB 388 57.02 38.19 18.63
N GLY CB 389 58.19 37.69 19.00
CA GLY CB 389 59.12 38.47 19.80
C GLY CB 389 60.05 39.34 18.97
N THR CB 390 59.84 40.65 19.00
CA THR CB 390 60.67 41.59 18.26
C THR CB 390 61.19 42.66 19.21
N VAL CB 391 62.47 43.02 19.05
CA VAL CB 391 63.07 44.05 19.88
C VAL CB 391 62.42 45.38 19.55
N ALA CB 392 61.60 45.90 20.48
CA ALA CB 392 60.91 47.16 20.26
C ALA CB 392 61.74 48.37 20.65
N ARG CB 393 62.64 48.22 21.62
CA ARG CB 393 63.49 49.31 22.04
C ARG CB 393 64.74 48.72 22.67
N GLN CB 394 65.87 49.36 22.43
CA GLN CB 394 67.16 48.90 22.94
C GLN CB 394 67.90 50.08 23.56
N THR CB 395 68.38 49.88 24.79
CA THR CB 395 69.09 50.91 25.54
C THR CB 395 70.45 50.36 25.95
N VAL CB 396 71.51 51.09 25.61
CA VAL CB 396 72.87 50.70 25.97
C VAL CB 396 73.56 51.90 26.60
N SER CB 397 74.22 51.68 27.74
CA SER CB 397 74.99 52.70 28.41
C SER CB 397 76.37 52.15 28.72
N VAL CB 398 77.41 52.93 28.41
CA VAL CB 398 78.78 52.56 28.64
C VAL CB 398 79.45 53.68 29.43
N ALA CB 399 80.16 53.31 30.50
CA ALA CB 399 80.88 54.27 31.33
C ALA CB 399 82.36 53.91 31.30
N ILE CB 400 83.19 54.91 31.01
CA ILE CB 400 84.63 54.73 30.84
C ILE CB 400 85.34 55.35 32.03
N LYS CB 401 86.27 54.60 32.62
CA LYS CB 401 87.01 55.09 33.77
C LYS CB 401 87.91 56.25 33.36
N ASP CB 402 87.91 57.29 34.18
CA ASP CB 402 88.78 58.44 33.94
C ASP CB 402 90.22 58.11 34.33
N ARG CB 403 91.15 58.82 33.70
CA ARG CB 403 92.58 58.65 33.96
C ARG CB 403 93.03 57.21 33.78
N PRO CB 417 90.08 61.98 32.60
CA PRO CB 417 88.93 61.83 31.70
C PRO CB 417 89.34 61.43 30.29
N MET CB 418 88.37 61.37 29.38
CA MET CB 418 88.60 61.00 27.99
C MET CB 418 88.10 62.11 27.08
N SER CB 419 88.86 62.40 26.03
CA SER CB 419 88.54 63.50 25.14
C SER CB 419 87.26 63.22 24.36
N GLU CB 420 86.65 64.30 23.88
CA GLU CB 420 85.40 64.18 23.13
C GLU CB 420 85.59 63.38 21.85
N SER CB 421 86.73 63.56 21.18
CA SER CB 421 86.97 62.85 19.93
C SER CB 421 86.99 61.33 20.14
N GLU CB 422 87.68 60.86 21.17
CA GLU CB 422 87.73 59.43 21.43
C GLU CB 422 86.38 58.91 21.94
N ILE CB 423 85.64 59.72 22.69
CA ILE CB 423 84.30 59.32 23.10
C ILE CB 423 83.41 59.11 21.89
N ASN CB 424 83.47 60.04 20.93
CA ASN CB 424 82.66 59.90 19.72
C ASN CB 424 83.14 58.73 18.86
N ALA CB 425 84.45 58.45 18.84
CA ALA CB 425 84.94 57.30 18.11
C ALA CB 425 84.44 55.99 18.72
N ILE CB 426 84.45 55.90 20.05
CA ILE CB 426 83.90 54.73 20.73
C ILE CB 426 82.42 54.60 20.44
N ARG CB 427 81.70 55.73 20.44
CA ARG CB 427 80.28 55.71 20.10
C ARG CB 427 80.06 55.20 18.68
N GLN CB 428 80.92 55.61 17.75
CA GLN CB 428 80.81 55.14 16.36
C GLN CB 428 81.06 53.64 16.27
N VAL CB 429 82.03 53.13 17.02
CA VAL CB 429 82.28 51.69 17.01
C VAL CB 429 81.07 50.95 17.57
N LEU CB 430 80.52 51.44 18.69
CA LEU CB 430 79.36 50.80 19.28
C LEU CB 430 78.18 50.79 18.30
N ILE CB 431 78.00 51.89 17.57
CA ILE CB 431 77.01 51.94 16.50
C ILE CB 431 77.48 51.03 15.38
N GLY CB 432 76.91 49.83 15.33
CA GLY CB 432 77.45 48.81 14.46
C GLY CB 432 77.90 47.61 15.27
N THR CB 433 78.55 47.87 16.41
CA THR CB 433 78.77 46.79 17.36
C THR CB 433 77.45 46.26 17.90
N VAL CB 434 76.52 47.16 18.23
CA VAL CB 434 75.24 46.76 18.79
C VAL CB 434 74.12 46.76 17.76
N GLY CB 435 74.26 47.51 16.67
CA GLY CB 435 73.19 47.65 15.71
C GLY CB 435 72.26 48.78 16.10
N PHE CB 436 72.83 49.95 16.39
CA PHE CB 436 72.05 51.08 16.85
C PHE CB 436 71.01 51.47 15.80
N ASP CB 437 69.77 51.67 16.25
CA ASP CB 437 68.64 51.98 15.38
C ASP CB 437 67.83 53.08 16.05
N GLN CB 438 68.16 54.33 15.71
CA GLN CB 438 67.48 55.47 16.34
C GLN CB 438 66.01 55.51 15.98
N GLY CB 439 65.66 55.16 14.74
CA GLY CB 439 64.27 55.16 14.32
C GLY CB 439 63.40 54.20 15.10
N ARG CB 440 64.01 53.17 15.70
CA ARG CB 440 63.28 52.25 16.57
C ARG CB 440 63.08 52.81 17.97
N GLY CB 441 63.72 53.93 18.30
CA GLY CB 441 63.69 54.47 19.63
C GLY CB 441 64.85 54.05 20.52
N ASP CB 442 65.87 53.42 19.95
CA ASP CB 442 67.01 52.97 20.73
C ASP CB 442 67.80 54.16 21.24
N LEU CB 443 68.56 53.92 22.31
CA LEU CB 443 69.33 54.96 22.97
C LEU CB 443 70.70 54.40 23.35
N LEU CB 444 71.73 55.22 23.12
CA LEU CB 444 73.11 54.83 23.38
C LEU CB 444 73.80 55.97 24.10
N ASN CB 445 74.16 55.75 25.36
CA ASN CB 445 74.88 56.73 26.17
C ASN CB 445 76.31 56.26 26.37
N VAL CB 446 77.27 57.14 26.13
CA VAL CB 446 78.67 56.89 26.43
C VAL CB 446 79.18 58.03 27.30
N LEU CB 447 79.61 57.71 28.51
CA LEU CB 447 80.03 58.71 29.47
C LEU CB 447 81.43 58.38 29.98
N SER CB 448 82.12 59.41 30.47
CA SER CB 448 83.41 59.25 31.13
C SER CB 448 83.23 59.59 32.60
N VAL CB 449 83.30 58.58 33.46
CA VAL CB 449 83.03 58.74 34.88
C VAL CB 449 84.27 58.34 35.67
N LYS CB 450 84.26 58.67 36.95
CA LYS CB 450 85.37 58.40 37.86
C LYS CB 450 85.07 57.13 38.65
N PHE CB 451 85.78 56.05 38.34
CA PHE CB 451 85.63 54.82 39.09
C PHE CB 451 86.29 54.95 40.46
N ALA CB 452 85.67 54.33 41.46
CA ALA CB 452 86.19 54.36 42.82
C ALA CB 452 87.07 53.15 43.09
N ALA DB 255 42.70 30.16 40.08
CA ALA DB 255 43.28 31.35 39.46
C ALA DB 255 44.16 32.12 40.44
N SER DB 256 43.92 31.95 41.74
CA SER DB 256 44.75 32.64 42.72
C SER DB 256 46.18 32.14 42.68
N ALA DB 257 46.40 30.87 42.32
CA ALA DB 257 47.75 30.39 42.07
C ALA DB 257 48.38 31.16 40.91
N ALA DB 258 47.60 31.46 39.88
CA ALA DB 258 48.10 32.27 38.79
C ALA DB 258 48.48 33.66 39.28
N ARG DB 259 47.68 34.25 40.17
CA ARG DB 259 48.02 35.55 40.72
C ARG DB 259 49.31 35.49 41.53
N ARG DB 260 49.49 34.41 42.30
CA ARG DB 260 50.72 34.22 43.05
C ARG DB 260 51.92 34.17 42.12
N LYS DB 261 51.81 33.42 41.02
CA LYS DB 261 52.92 33.34 40.08
C LYS DB 261 53.15 34.67 39.37
N GLU DB 262 52.10 35.48 39.18
CA GLU DB 262 52.29 36.83 38.65
C GLU DB 262 53.11 37.68 39.62
N GLN DB 263 52.81 37.58 40.91
CA GLN DB 263 53.62 38.28 41.91
C GLN DB 263 55.07 37.80 41.85
N GLU DB 264 55.26 36.50 41.66
CA GLU DB 264 56.61 35.95 41.53
C GLU DB 264 57.33 36.53 40.32
N LEU DB 265 56.62 36.66 39.20
CA LEU DB 265 57.21 37.26 38.01
C LEU DB 265 57.64 38.70 38.26
N GLU DB 266 56.78 39.48 38.92
CA GLU DB 266 57.12 40.87 39.20
C GLU DB 266 58.36 40.95 40.09
N ARG DB 267 58.41 40.11 41.13
CA ARG DB 267 59.56 40.11 42.03
C ARG DB 267 60.83 39.69 41.31
N SER DB 268 60.72 38.72 40.40
CA SER DB 268 61.89 38.29 39.63
C SER DB 268 62.41 39.40 38.75
N GLN DB 269 61.51 40.14 38.11
CA GLN DB 269 61.93 41.28 37.29
C GLN DB 269 62.64 42.32 38.14
N GLU DB 270 62.08 42.63 39.31
CA GLU DB 270 62.72 43.59 40.20
C GLU DB 270 64.11 43.12 40.60
N GLN DB 271 64.24 41.83 40.91
CA GLN DB 271 65.54 41.29 41.32
C GLN DB 271 66.56 41.40 40.20
N ALA DB 272 66.14 41.09 38.96
CA ALA DB 272 67.04 41.20 37.82
C ALA DB 272 67.51 42.63 37.61
N LEU DB 273 66.58 43.58 37.70
CA LEU DB 273 66.96 44.98 37.56
C LEU DB 273 67.92 45.41 38.66
N ARG DB 274 67.67 44.96 39.89
CA ARG DB 274 68.59 45.25 40.98
C ARG DB 274 69.98 44.68 40.71
N GLU DB 275 70.03 43.46 40.16
CA GLU DB 275 71.31 42.85 39.83
C GLU DB 275 72.06 43.69 38.81
N LYS DB 276 71.36 44.16 37.77
CA LYS DB 276 72.00 45.02 36.78
C LYS DB 276 72.49 46.32 37.40
N ILE DB 277 71.69 46.91 38.28
CA ILE DB 277 72.08 48.14 38.95
C ILE DB 277 73.36 47.92 39.74
N ASP DB 278 73.43 46.81 40.47
CA ASP DB 278 74.65 46.48 41.20
C ASP DB 278 75.83 46.29 40.26
N SER DB 279 75.61 45.57 39.16
CA SER DB 279 76.71 45.30 38.23
C SER DB 279 77.27 46.58 37.65
N VAL DB 280 76.46 47.62 37.54
CA VAL DB 280 76.93 48.91 37.05
C VAL DB 280 77.56 49.75 38.15
N LEU DB 281 76.95 49.81 39.33
CA LEU DB 281 77.36 50.79 40.34
C LEU DB 281 78.47 50.28 41.25
N LEU DB 282 78.60 48.96 41.42
CA LEU DB 282 79.63 48.42 42.30
C LEU DB 282 81.03 48.82 41.87
N PRO DB 283 81.42 48.72 40.59
CA PRO DB 283 82.74 49.26 40.19
C PRO DB 283 82.83 50.77 40.33
N ILE DB 284 81.79 51.48 39.90
CA ILE DB 284 81.85 52.94 39.84
C ILE DB 284 81.92 53.53 41.25
N LEU DB 285 81.01 53.10 42.14
CA LEU DB 285 80.92 53.72 43.46
C LEU DB 285 81.66 52.93 44.53
N GLY DB 286 81.60 51.62 44.48
CA GLY DB 286 82.22 50.78 45.49
C GLY DB 286 81.19 49.96 46.25
N TYR DB 287 81.69 49.18 47.20
CA TYR DB 287 80.85 48.30 47.99
C TYR DB 287 80.36 49.03 49.23
N GLY DB 288 79.04 49.12 49.38
CA GLY DB 288 78.45 49.76 50.53
C GLY DB 288 78.36 51.26 50.47
N ASN DB 289 78.73 51.88 49.35
CA ASN DB 289 78.62 53.33 49.18
C ASN DB 289 77.31 53.75 48.54
N TYR DB 290 76.41 52.81 48.26
CA TYR DB 290 75.15 53.13 47.60
C TYR DB 290 74.10 52.15 48.07
N THR DB 291 72.84 52.53 47.89
CA THR DB 291 71.71 51.63 48.06
C THR DB 291 70.67 51.95 46.99
N ALA DB 292 70.04 50.92 46.46
CA ALA DB 292 69.07 51.11 45.39
C ALA DB 292 67.98 50.06 45.49
N GLN DB 293 66.75 50.49 45.22
CA GLN DB 293 65.61 49.59 45.19
C GLN DB 293 64.77 49.90 43.95
N VAL DB 294 64.10 48.87 43.44
CA VAL DB 294 63.38 48.96 42.19
C VAL DB 294 61.95 48.46 42.39
N ASP DB 295 60.98 49.22 41.91
CA ASP DB 295 59.58 48.80 41.89
C ASP DB 295 59.13 48.64 40.45
N ILE DB 296 58.57 47.47 40.14
CA ILE DB 296 58.07 47.17 38.80
C ILE DB 296 56.61 46.78 38.91
N GLN DB 297 55.74 47.51 38.23
CA GLN DB 297 54.32 47.21 38.16
C GLN DB 297 54.02 46.64 36.78
N MET DB 298 53.41 45.46 36.75
CA MET DB 298 53.15 44.75 35.51
C MET DB 298 51.66 44.52 35.34
N ASP DB 299 51.14 44.89 34.17
CA ASP DB 299 49.76 44.62 33.81
C ASP DB 299 49.64 43.22 33.24
N PHE DB 300 48.55 42.54 33.58
CA PHE DB 300 48.30 41.18 33.13
C PHE DB 300 46.93 41.07 32.48
N SER DB 301 46.53 42.10 31.73
CA SER DB 301 45.26 42.05 31.01
C SER DB 301 45.36 41.06 29.85
N ALA DB 302 44.24 40.86 29.17
CA ALA DB 302 44.13 39.92 28.06
C ALA DB 302 43.53 40.60 26.84
N VAL DB 303 44.11 41.73 26.47
CA VAL DB 303 43.60 42.49 25.33
C VAL DB 303 43.70 41.66 24.06
N GLU DB 304 42.70 41.80 23.19
CA GLU DB 304 42.67 41.08 21.92
C GLU DB 304 41.84 41.92 20.95
N GLN DB 305 42.49 42.56 19.99
CA GLN DB 305 41.89 43.59 19.17
C GLN DB 305 41.81 43.15 17.72
N THR DB 306 40.74 43.57 17.05
CA THR DB 306 40.55 43.33 15.61
C THR DB 306 40.19 44.65 14.95
N ARG DB 307 41.00 45.07 13.98
CA ARG DB 307 40.82 46.35 13.32
C ARG DB 307 40.55 46.11 11.85
N LYS DB 308 39.53 46.78 11.32
CA LYS DB 308 39.18 46.72 9.90
C LYS DB 308 39.18 48.14 9.36
N ARG DB 309 40.23 48.48 8.60
CA ARG DB 309 40.45 49.83 8.13
C ARG DB 309 40.33 49.90 6.62
N PHE DB 310 39.78 51.01 6.14
CA PHE DB 310 39.58 51.27 4.72
C PHE DB 310 40.40 52.48 4.30
N ASP DB 311 40.34 52.81 3.01
CA ASP DB 311 41.07 53.94 2.44
C ASP DB 311 40.09 54.80 1.66
N PRO DB 312 39.48 55.80 2.30
CA PRO DB 312 38.43 56.57 1.62
C PRO DB 312 38.90 57.32 0.39
N ASN DB 313 40.15 57.75 0.34
CA ASN DB 313 40.61 58.70 -0.66
C ASN DB 313 41.12 58.05 -1.95
N THR DB 314 41.15 56.73 -2.04
CA THR DB 314 41.57 56.04 -3.26
C THR DB 314 40.57 54.92 -3.61
N PRO DB 315 39.36 55.29 -4.02
CA PRO DB 315 38.41 54.27 -4.48
C PRO DB 315 38.67 53.88 -5.93
N ALA DB 316 38.25 52.66 -6.27
CA ALA DB 316 38.38 52.14 -7.63
C ALA DB 316 37.00 51.76 -8.13
N THR DB 317 36.55 52.39 -9.20
CA THR DB 317 35.22 52.14 -9.72
C THR DB 317 35.15 50.75 -10.36
N ARG DB 318 34.20 49.93 -9.92
CA ARG DB 318 34.01 48.59 -10.43
C ARG DB 318 33.01 48.56 -11.59
N SER DB 319 31.81 49.08 -11.36
CA SER DB 319 30.81 49.25 -12.39
C SER DB 319 30.28 50.67 -12.31
N GLU DB 320 29.73 51.15 -13.42
CA GLU DB 320 29.30 52.53 -13.47
C GLU DB 320 28.17 52.69 -14.50
N TYR DB 321 27.14 53.42 -14.11
CA TYR DB 321 26.06 53.81 -15.00
C TYR DB 321 25.91 55.32 -14.93
N ALA DB 322 25.67 55.94 -16.09
CA ALA DB 322 25.57 57.40 -16.14
C ALA DB 322 24.61 57.77 -17.26
N LEU DB 323 23.44 58.30 -16.89
CA LEU DB 323 22.47 58.80 -17.84
C LEU DB 323 22.41 60.32 -17.73
N GLU DB 324 22.51 61.01 -18.86
CA GLU DB 324 22.58 62.47 -18.90
C GLU DB 324 21.83 62.95 -20.14
N ASP DB 325 20.55 63.31 -19.97
CA ASP DB 325 19.74 63.79 -21.07
C ASP DB 325 19.34 65.24 -20.86
N TYR DB 326 19.16 65.96 -21.97
CA TYR DB 326 18.79 67.37 -21.98
C TYR DB 326 17.52 67.54 -22.80
N ASN DB 327 17.01 68.77 -22.82
CA ASN DB 327 15.86 69.12 -23.65
C ASN DB 327 15.86 70.61 -23.96
N GLY DB 365 16.51 74.48 -20.30
CA GLY DB 365 15.50 73.44 -20.35
C GLY DB 365 15.73 72.33 -19.35
N SER DB 366 15.05 71.20 -19.57
CA SER DB 366 15.20 70.05 -18.69
C SER DB 366 16.61 69.49 -18.77
N VAL DB 367 17.19 69.19 -17.60
CA VAL DB 367 18.51 68.59 -17.52
C VAL DB 367 18.45 67.51 -16.43
N ARG DB 368 18.47 66.24 -16.83
CA ARG DB 368 18.40 65.12 -15.91
C ARG DB 368 19.73 64.40 -15.90
N LYS DB 369 20.33 64.25 -14.73
CA LYS DB 369 21.66 63.65 -14.58
C LYS DB 369 21.56 62.49 -13.57
N GLU DB 370 21.19 61.31 -14.05
CA GLU DB 370 21.20 60.13 -13.21
C GLU DB 370 22.58 59.49 -13.22
N SER DB 371 22.91 58.81 -12.13
CA SER DB 371 24.22 58.19 -12.00
C SER DB 371 24.16 57.11 -10.93
N THR DB 372 24.82 55.99 -11.21
CA THR DB 372 24.98 54.89 -10.26
C THR DB 372 26.42 54.43 -10.32
N ARG DB 373 27.02 54.17 -9.17
CA ARG DB 373 28.44 53.86 -9.12
C ARG DB 373 28.71 52.86 -8.00
N ASN DB 374 29.54 51.86 -8.31
CA ASN DB 374 29.99 50.88 -7.33
C ASN DB 374 31.50 50.98 -7.19
N PHE DB 375 32.00 50.86 -5.96
CA PHE DB 375 33.41 51.09 -5.68
C PHE DB 375 34.04 49.88 -5.01
N GLU DB 376 35.36 49.80 -5.16
CA GLU DB 376 36.21 48.86 -4.45
C GLU DB 376 37.25 49.66 -3.69
N LEU DB 377 37.50 49.27 -2.45
CA LEU DB 377 38.32 50.07 -1.54
C LEU DB 377 39.41 49.20 -0.94
N ASP DB 378 40.53 49.84 -0.60
CA ASP DB 378 41.61 49.14 0.09
C ASP DB 378 41.12 48.71 1.47
N THR DB 379 41.31 47.43 1.79
CA THR DB 379 40.77 46.86 3.01
C THR DB 379 41.90 46.17 3.76
N THR DB 380 42.22 46.68 4.95
CA THR DB 380 43.19 46.06 5.84
C THR DB 380 42.47 45.48 7.05
N ILE DB 381 42.74 44.23 7.37
CA ILE DB 381 42.12 43.55 8.50
C ILE DB 381 43.25 42.98 9.36
N SER DB 382 43.50 43.60 10.49
CA SER DB 382 44.59 43.21 11.37
C SER DB 382 44.05 42.71 12.70
N HIS DB 383 44.45 41.51 13.08
CA HIS DB 383 44.07 40.92 14.37
C HIS DB 383 45.32 40.85 15.25
N GLU DB 384 45.30 41.61 16.34
CA GLU DB 384 46.43 41.69 17.26
C GLU DB 384 46.04 41.08 18.60
N ARG DB 385 46.98 40.40 19.23
CA ARG DB 385 46.76 39.80 20.55
C ARG DB 385 47.95 40.16 21.44
N LYS DB 386 47.75 41.10 22.35
CA LYS DB 386 48.84 41.60 23.16
C LYS DB 386 49.34 40.54 24.13
N GLN DB 387 50.62 40.61 24.47
CA GLN DB 387 51.16 39.76 25.51
C GLN DB 387 50.58 40.15 26.86
N THR DB 388 50.33 39.13 27.70
CA THR DB 388 49.64 39.33 28.97
C THR DB 388 50.42 40.27 29.89
N GLY DB 389 51.56 39.81 30.39
CA GLY DB 389 52.30 40.58 31.37
C GLY DB 389 53.26 41.58 30.76
N THR DB 390 52.94 42.86 30.88
CA THR DB 390 53.78 43.93 30.35
C THR DB 390 54.08 44.95 31.43
N VAL DB 391 55.33 45.40 31.50
CA VAL DB 391 55.73 46.40 32.49
C VAL DB 391 55.01 47.71 32.18
N ALA DB 392 54.04 48.08 33.02
CA ALA DB 392 53.28 49.29 32.80
C ALA DB 392 53.94 50.52 33.41
N ARG DB 393 54.70 50.35 34.48
CA ARG DB 393 55.40 51.45 35.12
C ARG DB 393 56.60 50.90 35.87
N GLN DB 394 57.70 51.63 35.84
CA GLN DB 394 58.93 51.22 36.51
C GLN DB 394 59.48 52.38 37.32
N THR DB 395 59.79 52.10 38.58
CA THR DB 395 60.31 53.11 39.50
C THR DB 395 61.63 52.63 40.06
N VAL DB 396 62.67 53.45 39.94
CA VAL DB 396 63.99 53.13 40.46
C VAL DB 396 64.49 54.31 41.28
N SER DB 397 65.00 54.03 42.48
CA SER DB 397 65.58 55.05 43.34
C SER DB 397 66.95 54.57 43.81
N VAL DB 398 67.95 55.44 43.71
CA VAL DB 398 69.31 55.15 44.11
C VAL DB 398 69.76 56.24 45.07
N ALA DB 399 70.34 55.83 46.20
CA ALA DB 399 70.86 56.75 47.20
C ALA DB 399 72.36 56.51 47.35
N ILE DB 400 73.14 57.58 47.27
CA ILE DB 400 74.59 57.51 47.30
C ILE DB 400 75.07 58.08 48.63
N LYS DB 401 75.97 57.33 49.29
CA LYS DB 401 76.50 57.77 50.56
C LYS DB 401 77.34 59.03 50.39
N ASP DB 402 77.15 59.99 51.29
CA ASP DB 402 77.94 61.20 51.27
C ASP DB 402 79.34 60.95 51.82
N ARG DB 403 80.28 61.78 51.41
CA ARG DB 403 81.68 61.69 51.85
C ARG DB 403 82.26 60.29 51.62
N PRO DB 417 79.13 64.94 50.42
CA PRO DB 417 78.13 64.79 49.36
C PRO DB 417 78.76 64.55 47.99
N MET DB 418 77.93 64.51 46.95
CA MET DB 418 78.38 64.29 45.58
C MET DB 418 77.92 65.44 44.70
N SER DB 419 78.80 65.87 43.80
CA SER DB 419 78.51 67.03 42.97
C SER DB 419 77.37 66.73 42.00
N GLU DB 420 76.74 67.81 41.51
CA GLU DB 420 75.63 67.67 40.58
C GLU DB 420 76.06 67.00 39.29
N SER DB 421 77.27 67.32 38.81
CA SER DB 421 77.74 66.75 37.54
C SER DB 421 77.85 65.23 37.64
N GLU DB 422 78.43 64.72 38.72
CA GLU DB 422 78.56 63.27 38.86
C GLU DB 422 77.21 62.61 39.12
N ILE DB 423 76.30 63.30 39.82
CA ILE DB 423 74.96 62.78 40.00
C ILE DB 423 74.26 62.60 38.65
N ASN DB 424 74.38 63.62 37.79
CA ASN DB 424 73.76 63.53 36.48
C ASN DB 424 74.45 62.49 35.61
N ALA DB 425 75.76 62.31 35.75
CA ALA DB 425 76.45 61.26 35.00
C ALA DB 425 75.97 59.88 35.44
N ILE DB 426 75.82 59.67 36.74
CA ILE DB 426 75.27 58.40 37.23
C ILE DB 426 73.85 58.20 36.71
N ARG DB 427 73.05 59.27 36.70
CA ARG DB 427 71.71 59.16 36.16
C ARG DB 427 71.74 58.78 34.68
N GLN DB 428 72.67 59.34 33.92
CA GLN DB 428 72.79 58.99 32.51
C GLN DB 428 73.18 57.54 32.33
N VAL DB 429 74.08 57.02 33.17
CA VAL DB 429 74.45 55.61 33.08
C VAL DB 429 73.24 54.73 33.39
N LEU DB 430 72.50 55.08 34.44
CA LEU DB 430 71.32 54.30 34.81
C LEU DB 430 70.29 54.31 33.68
N ILE DB 431 70.14 55.45 33.02
CA ILE DB 431 69.29 55.54 31.83
C ILE DB 431 69.98 54.77 30.72
N GLY DB 432 69.54 53.54 30.48
CA GLY DB 432 70.28 52.64 29.62
C GLY DB 432 70.71 51.42 30.40
N THR DB 433 71.17 51.61 31.63
CA THR DB 433 71.34 50.46 32.52
C THR DB 433 70.00 49.79 32.82
N VAL DB 434 68.97 50.59 33.08
CA VAL DB 434 67.65 50.04 33.41
C VAL DB 434 66.70 50.06 32.22
N GLY DB 435 66.93 50.91 31.23
CA GLY DB 435 65.99 51.08 30.15
C GLY DB 435 64.92 52.09 30.48
N PHE DB 436 65.35 53.27 30.95
CA PHE DB 436 64.41 54.30 31.38
C PHE DB 436 63.51 54.70 30.23
N ASP DB 437 62.20 54.77 30.51
CA ASP DB 437 61.18 55.08 29.49
C ASP DB 437 60.20 56.06 30.14
N GLN DB 438 60.46 57.35 29.96
CA GLN DB 438 59.62 58.38 30.58
C GLN DB 438 58.20 58.34 30.01
N GLY DB 439 58.08 58.09 28.70
CA GLY DB 439 56.76 58.04 28.09
C GLY DB 439 55.88 56.94 28.65
N ARG DB 440 56.47 55.91 29.25
CA ARG DB 440 55.72 54.86 29.92
C ARG DB 440 55.27 55.27 31.32
N GLY DB 441 55.77 56.40 31.83
CA GLY DB 441 55.50 56.81 33.19
C GLY DB 441 56.56 56.40 34.18
N ASP DB 442 57.69 55.89 33.72
CA ASP DB 442 58.75 55.45 34.63
C ASP DB 442 59.37 56.65 35.35
N LEU DB 443 59.98 56.36 36.48
CA LEU DB 443 60.56 57.38 37.33
C LEU DB 443 61.91 56.90 37.85
N LEU DB 444 62.89 57.80 37.85
CA LEU DB 444 64.25 57.49 38.28
C LEU DB 444 64.74 58.60 39.18
N ASN DB 445 64.93 58.29 40.46
CA ASN DB 445 65.44 59.25 41.43
C ASN DB 445 66.87 58.86 41.81
N VAL DB 446 67.78 59.83 41.79
CA VAL DB 446 69.15 59.64 42.26
C VAL DB 446 69.42 60.74 43.28
N LEU DB 447 69.71 60.33 44.52
CA LEU DB 447 69.91 61.27 45.61
C LEU DB 447 71.24 60.99 46.28
N SER DB 448 71.78 62.01 46.95
CA SER DB 448 72.96 61.88 47.78
C SER DB 448 72.55 62.08 49.23
N VAL DB 449 72.59 61.00 50.01
CA VAL DB 449 72.11 61.01 51.38
C VAL DB 449 73.26 60.63 52.31
N LYS DB 450 73.04 60.84 53.61
CA LYS DB 450 74.04 60.55 54.63
C LYS DB 450 73.73 59.20 55.26
N PHE DB 451 74.58 58.22 54.97
CA PHE DB 451 74.42 56.91 55.59
C PHE DB 451 74.86 56.97 57.05
N ALA DB 452 74.17 56.21 57.90
CA ALA DB 452 74.49 56.16 59.31
C ALA DB 452 75.42 54.99 59.61
N ALA EB 255 33.98 29.30 48.31
CA ALA EB 255 34.54 30.56 47.87
C ALA EB 255 35.21 31.30 49.04
N SER EB 256 34.80 30.99 50.27
CA SER EB 256 35.42 31.64 51.42
C SER EB 256 36.89 31.26 51.54
N ALA EB 257 37.25 30.05 51.11
CA ALA EB 257 38.66 29.69 51.03
C ALA EB 257 39.38 30.60 50.04
N ALA EB 258 38.73 30.93 48.93
CA ALA EB 258 39.31 31.89 47.99
C ALA EB 258 39.50 33.25 48.64
N ARG EB 259 38.54 33.70 49.44
CA ARG EB 259 38.69 34.96 50.15
C ARG EB 259 39.85 34.92 51.13
N ARG EB 260 40.01 33.79 51.83
CA ARG EB 260 41.14 33.61 52.73
C ARG EB 260 42.46 33.74 51.98
N LYS EB 261 42.56 33.08 50.82
CA LYS EB 261 43.80 33.17 50.05
C LYS EB 261 44.01 34.58 49.49
N GLU EB 262 42.94 35.32 49.23
CA GLU EB 262 43.09 36.72 48.84
C GLU EB 262 43.69 37.54 49.98
N GLN EB 263 43.22 37.30 51.20
CA GLN EB 263 43.82 37.95 52.36
C GLN EB 263 45.30 37.59 52.47
N GLU EB 264 45.63 36.33 52.21
CA GLU EB 264 47.02 35.90 52.24
C GLU EB 264 47.85 36.63 51.19
N LEU EB 265 47.29 36.81 49.99
CA LEU EB 265 47.99 37.56 48.95
C LEU EB 265 48.26 39.00 49.39
N GLU EB 266 47.25 39.65 49.96
CA GLU EB 266 47.44 41.03 50.42
C GLU EB 266 48.53 41.11 51.47
N ARG EB 267 48.50 40.19 52.44
CA ARG EB 267 49.51 40.19 53.50
C ARG EB 267 50.90 39.93 52.93
N SER EB 268 51.01 39.03 51.95
CA SER EB 268 52.30 38.75 51.32
C SER EB 268 52.85 39.98 50.62
N GLN EB 269 51.98 40.72 49.91
CA GLN EB 269 52.40 41.95 49.26
C GLN EB 269 52.91 42.95 50.29
N GLU EB 270 52.17 43.11 51.39
CA GLU EB 270 52.60 44.03 52.43
C GLU EB 270 53.94 43.63 53.00
N GLN EB 271 54.14 42.33 53.21
CA GLN EB 271 55.41 41.85 53.76
C GLN EB 271 56.56 42.13 52.81
N ALA EB 272 56.35 41.91 51.51
CA ALA EB 272 57.39 42.18 50.52
C ALA EB 272 57.76 43.66 50.49
N LEU EB 273 56.75 44.52 50.53
CA LEU EB 273 57.03 45.96 50.55
C LEU EB 273 57.78 46.35 51.82
N ARG EB 274 57.41 45.77 52.95
CA ARG EB 274 58.14 46.03 54.19
C ARG EB 274 59.59 45.58 54.08
N GLU EB 275 59.82 44.42 53.45
CA GLU EB 275 61.18 43.94 53.26
C GLU EB 275 62.00 44.91 52.43
N LYS EB 276 61.41 45.43 51.35
CA LYS EB 276 62.11 46.42 50.52
C LYS EB 276 62.40 47.69 51.31
N ILE EB 277 61.43 48.14 52.11
CA ILE EB 277 61.63 49.33 52.94
C ILE EB 277 62.80 49.13 53.88
N ASP EB 278 62.86 47.96 54.52
CA ASP EB 278 63.98 47.65 55.40
C ASP EB 278 65.29 47.64 54.62
N SER EB 279 65.30 47.01 53.44
CA SER EB 279 66.53 46.90 52.67
C SER EB 279 67.06 48.27 52.28
N VAL EB 280 66.19 49.25 52.14
CA VAL EB 280 66.62 50.61 51.82
C VAL EB 280 67.01 51.39 53.08
N LEU EB 281 66.23 51.30 54.15
CA LEU EB 281 66.43 52.20 55.29
C LEU EB 281 67.43 51.69 56.30
N LEU EB 282 67.64 50.38 56.39
CA LEU EB 282 68.58 49.83 57.36
C LEU EB 282 69.99 50.37 57.17
N PRO EB 283 70.57 50.42 55.96
CA PRO EB 283 71.88 51.08 55.80
C PRO EB 283 71.83 52.58 56.08
N ILE EB 284 70.80 53.26 55.56
CA ILE EB 284 70.74 54.71 55.63
C ILE EB 284 70.56 55.18 57.07
N LEU EB 285 69.60 54.60 57.78
CA LEU EB 285 69.26 55.08 59.11
C LEU EB 285 69.91 54.26 60.22
N GLY EB 286 69.96 52.95 60.06
CA GLY EB 286 70.51 52.06 61.07
C GLY EB 286 69.45 51.12 61.61
N TYR EB 287 69.88 50.28 62.56
CA TYR EB 287 69.02 49.27 63.14
C TYR EB 287 68.29 49.86 64.35
N GLY EB 288 66.97 49.83 64.31
CA GLY EB 288 66.17 50.33 65.42
C GLY EB 288 65.96 51.81 65.46
N ASN EB 289 66.43 52.55 64.46
CA ASN EB 289 66.23 54.00 64.40
C ASN EB 289 64.99 54.38 63.61
N TYR EB 290 64.22 53.41 63.12
CA TYR EB 290 63.04 53.70 62.33
C TYR EB 290 62.01 52.61 62.55
N THR EB 291 60.76 52.92 62.23
CA THR EB 291 59.71 51.93 62.15
C THR EB 291 58.81 52.28 60.97
N ALA EB 292 58.34 51.25 60.27
CA ALA EB 292 57.52 51.47 59.09
C ALA EB 292 56.52 50.35 58.94
N GLN EB 293 55.30 50.71 58.54
CA GLN EB 293 54.25 49.74 58.26
C GLN EB 293 53.57 50.10 56.95
N VAL EB 294 53.06 49.07 56.26
CA VAL EB 294 52.52 49.22 54.92
C VAL EB 294 51.13 48.61 54.88
N ASP EB 295 50.17 49.35 54.32
CA ASP EB 295 48.83 48.84 54.06
C ASP EB 295 48.59 48.77 52.57
N ILE EB 296 48.19 47.60 52.08
CA ILE EB 296 47.91 47.39 50.67
C ILE EB 296 46.48 46.88 50.54
N GLN EB 297 45.66 47.62 49.80
CA GLN EB 297 44.29 47.23 49.49
C GLN EB 297 44.23 46.76 48.04
N MET EB 298 43.73 45.55 47.83
CA MET EB 298 43.71 44.94 46.51
C MET EB 298 42.28 44.62 46.10
N ASP EB 299 41.90 45.06 44.91
CA ASP EB 299 40.61 44.73 44.33
C ASP EB 299 40.69 43.38 43.63
N PHE EB 300 39.62 42.60 43.75
CA PHE EB 300 39.55 41.27 43.15
C PHE EB 300 38.30 41.13 42.31
N SER EB 301 37.92 42.19 41.60
CA SER EB 301 36.78 42.12 40.70
C SER EB 301 37.11 41.24 39.50
N ALA EB 302 36.11 41.04 38.64
CA ALA EB 302 36.24 40.19 37.46
C ALA EB 302 35.76 40.93 36.23
N VAL EB 303 36.29 42.14 36.03
CA VAL EB 303 35.88 42.96 34.89
C VAL EB 303 36.24 42.26 33.58
N GLU EB 304 35.36 42.41 32.60
CA GLU EB 304 35.56 41.81 31.28
C GLU EB 304 34.80 42.67 30.28
N GLN EB 305 35.53 43.44 29.48
CA GLN EB 305 34.96 44.51 28.67
C GLN EB 305 35.12 44.20 27.18
N THR EB 306 34.12 44.60 26.40
CA THR EB 306 34.16 44.49 24.94
C THR EB 306 33.78 45.82 24.35
N ARG EB 307 34.68 46.39 23.54
CA ARG EB 307 34.49 47.71 22.96
C ARG EB 307 34.45 47.59 21.45
N LYS EB 308 33.46 48.23 20.84
CA LYS EB 308 33.32 48.27 19.39
C LYS EB 308 33.29 49.74 18.96
N ARG EB 309 34.38 50.21 18.40
CA ARG EB 309 34.56 51.62 18.08
C ARG EB 309 34.63 51.82 16.57
N PHE EB 310 34.07 52.94 16.11
CA PHE EB 310 34.05 53.30 14.70
C PHE EB 310 34.82 54.60 14.51
N ASP EB 311 34.91 55.05 13.25
CA ASP EB 311 35.61 56.27 12.90
C ASP EB 311 34.68 57.12 12.05
N PRO EB 312 33.92 58.02 12.67
CA PRO EB 312 32.90 58.77 11.90
C PRO EB 312 33.47 59.66 10.82
N ASN EB 313 34.69 60.18 10.99
CA ASN EB 313 35.20 61.25 10.15
C ASN EB 313 35.93 60.77 8.91
N THR EB 314 36.09 59.46 8.71
CA THR EB 314 36.72 58.92 7.51
C THR EB 314 35.88 57.77 6.93
N PRO EB 315 34.72 58.09 6.37
CA PRO EB 315 33.92 57.05 5.70
C PRO EB 315 34.41 56.82 4.28
N ALA EB 316 34.14 55.61 3.79
CA ALA EB 316 34.50 55.22 2.43
C ALA EB 316 33.25 54.79 1.69
N THR EB 317 32.91 55.50 0.63
CA THR EB 317 31.68 55.19 -0.10
C THR EB 317 31.82 53.87 -0.86
N ARG EB 318 30.89 52.95 -0.62
CA ARG EB 318 30.88 51.65 -1.27
C ARG EB 318 30.06 51.65 -2.55
N SER EB 319 28.80 52.06 -2.46
CA SER EB 319 27.94 52.25 -3.60
C SER EB 319 27.29 53.62 -3.49
N GLU EB 320 26.86 54.16 -4.63
CA GLU EB 320 26.32 55.52 -4.63
C GLU EB 320 25.34 55.67 -5.78
N TYR EB 321 24.22 56.30 -5.50
CA TYR EB 321 23.24 56.69 -6.50
C TYR EB 321 22.95 58.18 -6.33
N ALA EB 322 22.84 58.88 -7.45
CA ALA EB 322 22.61 60.32 -7.41
C ALA EB 322 21.79 60.73 -8.62
N LEU EB 323 20.55 61.14 -8.39
CA LEU EB 323 19.66 61.66 -9.42
C LEU EB 323 19.48 63.15 -9.20
N GLU EB 324 19.67 63.94 -10.24
CA GLU EB 324 19.62 65.41 -10.15
C GLU EB 324 19.01 65.95 -11.44
N ASP EB 325 17.71 66.20 -11.43
CA ASP EB 325 17.01 66.72 -12.60
C ASP EB 325 16.47 68.11 -12.33
N TYR EB 326 16.39 68.91 -13.39
CA TYR EB 326 15.91 70.28 -13.33
C TYR EB 326 14.76 70.45 -14.31
N ASN EB 327 14.15 71.63 -14.32
CA ASN EB 327 13.09 71.97 -15.26
C ASN EB 327 13.03 73.48 -15.45
N GLY EB 365 12.84 77.03 -11.44
CA GLY EB 365 11.93 75.94 -11.71
C GLY EB 365 12.11 74.75 -10.79
N SER EB 366 11.56 73.61 -11.19
CA SER EB 366 11.68 72.40 -10.39
C SER EB 366 13.13 71.95 -10.31
N VAL EB 367 13.56 71.58 -9.11
CA VAL EB 367 14.91 71.07 -8.88
C VAL EB 367 14.79 69.90 -7.91
N ARG EB 368 14.97 68.68 -8.41
CA ARG EB 368 14.86 67.46 -7.60
C ARG EB 368 16.25 66.84 -7.46
N LYS EB 369 16.68 66.63 -6.21
CA LYS EB 369 18.01 66.11 -5.93
C LYS EB 369 17.88 64.87 -5.04
N GLU EB 370 17.68 63.71 -5.66
CA GLU EB 370 17.66 62.46 -4.93
C GLU EB 370 19.08 61.92 -4.79
N SER EB 371 19.31 61.16 -3.73
CA SER EB 371 20.64 60.63 -3.46
C SER EB 371 20.52 59.46 -2.50
N THR EB 372 21.31 58.42 -2.76
CA THR EB 372 21.42 57.26 -1.89
C THR EB 372 22.89 56.90 -1.79
N ARG EB 373 23.34 56.57 -0.59
CA ARG EB 373 24.77 56.36 -0.36
C ARG EB 373 24.97 55.29 0.70
N ASN EB 374 25.91 54.38 0.45
CA ASN EB 374 26.29 53.35 1.40
C ASN EB 374 27.76 53.55 1.76
N PHE EB 375 28.09 53.34 3.03
CA PHE EB 375 29.42 53.65 3.54
C PHE EB 375 30.05 52.43 4.19
N GLU EB 376 31.38 52.45 4.23
CA GLU EB 376 32.20 51.51 4.97
C GLU EB 376 33.05 52.31 5.94
N LEU EB 377 33.16 51.84 7.17
CA LEU EB 377 33.78 52.59 8.26
C LEU EB 377 34.85 51.76 8.94
N ASP EB 378 35.85 52.44 9.48
CA ASP EB 378 36.88 51.75 10.26
C ASP EB 378 36.24 51.17 11.52
N THR EB 379 36.48 49.89 11.76
CA THR EB 379 35.83 49.17 12.85
C THR EB 379 36.90 48.49 13.68
N THR EB 380 37.01 48.90 14.94
CA THR EB 380 37.89 48.28 15.90
C THR EB 380 37.06 47.55 16.95
N ILE EB 381 37.39 46.29 17.20
CA ILE EB 381 36.67 45.46 18.17
C ILE EB 381 37.72 44.90 19.13
N SER EB 382 37.76 45.43 20.34
CA SER EB 382 38.75 45.04 21.34
C SER EB 382 38.07 44.38 22.53
N HIS EB 383 38.51 43.18 22.87
CA HIS EB 383 38.01 42.45 24.03
C HIS EB 383 39.11 42.39 25.07
N GLU EB 384 38.90 43.04 26.21
CA GLU EB 384 39.86 43.11 27.29
C GLU EB 384 39.35 42.35 28.50
N ARG EB 385 40.25 41.69 29.21
CA ARG EB 385 39.91 40.96 30.43
C ARG EB 385 40.93 41.31 31.50
N LYS EB 386 40.51 42.15 32.45
CA LYS EB 386 41.44 42.65 33.45
C LYS EB 386 41.88 41.54 34.39
N GLN EB 387 43.09 41.67 34.91
CA GLN EB 387 43.56 40.77 35.96
C GLN EB 387 42.76 40.98 37.23
N THR EB 388 42.48 39.88 37.93
CA THR EB 388 41.61 39.93 39.10
C THR EB 388 42.16 40.81 40.21
N GLY EB 389 43.27 40.40 40.83
CA GLY EB 389 43.79 41.12 41.97
C GLY EB 389 44.75 42.24 41.58
N THR EB 390 44.31 43.49 41.76
CA THR EB 390 45.13 44.65 41.44
C THR EB 390 45.18 45.57 42.64
N VAL EB 391 46.36 46.11 42.92
CA VAL EB 391 46.53 47.04 44.04
C VAL EB 391 45.77 48.31 43.73
N ALA EB 392 44.66 48.53 44.45
CA ALA EB 392 43.84 49.72 44.22
C ALA EB 392 44.30 50.92 45.02
N ARG EB 393 44.92 50.70 46.17
CA ARG EB 393 45.43 51.79 46.99
C ARG EB 393 46.54 51.26 47.86
N GLN EB 394 47.58 52.07 48.06
CA GLN EB 394 48.73 51.69 48.85
C GLN EB 394 49.06 52.80 49.84
N THR EB 395 49.22 52.44 51.10
CA THR EB 395 49.52 53.39 52.16
C THR EB 395 50.79 52.94 52.87
N VAL EB 396 51.77 53.85 52.97
CA VAL EB 396 53.02 53.57 53.65
C VAL EB 396 53.30 54.71 54.64
N SER EB 397 53.65 54.35 55.86
CA SER EB 397 54.03 55.33 56.88
C SER EB 397 55.36 54.90 57.50
N VAL EB 398 56.28 55.85 57.62
CA VAL EB 398 57.60 55.62 58.19
C VAL EB 398 57.82 56.65 59.29
N ALA EB 399 58.26 56.17 60.46
CA ALA EB 399 58.56 57.03 61.59
C ALA EB 399 60.03 56.89 61.95
N ILE EB 400 60.72 58.01 62.06
CA ILE EB 400 62.16 58.05 62.30
C ILE EB 400 62.41 58.51 63.72
N LYS EB 401 63.26 57.78 64.44
CA LYS EB 401 63.57 58.14 65.82
C LYS EB 401 64.32 59.46 65.87
N ASP EB 402 63.93 60.32 66.80
CA ASP EB 402 64.61 61.58 67.00
C ASP EB 402 65.93 61.37 67.73
N ARG EB 403 66.86 62.30 67.52
CA ARG EB 403 68.17 62.27 68.16
C ARG EB 403 68.90 60.95 67.90
N PRO EB 417 65.58 65.45 66.64
CA PRO EB 417 64.77 65.33 65.43
C PRO EB 417 65.59 65.27 64.15
N MET EB 418 64.93 65.26 63.01
CA MET EB 418 65.58 65.20 61.71
C MET EB 418 65.14 66.40 60.87
N SER EB 419 66.10 66.97 60.14
CA SER EB 419 65.83 68.18 59.37
C SER EB 419 64.88 67.89 58.23
N GLU EB 420 64.24 68.96 57.74
CA GLU EB 420 63.27 68.83 56.66
C GLU EB 420 63.93 68.32 55.38
N SER EB 421 65.17 68.76 55.11
CA SER EB 421 65.86 68.35 53.89
C SER EB 421 66.08 66.84 53.87
N GLU EB 422 66.54 66.27 54.99
CA GLU EB 422 66.77 64.83 55.02
C GLU EB 422 65.46 64.05 55.02
N ILE EB 423 64.41 64.61 55.64
CA ILE EB 423 63.10 63.97 55.58
C ILE EB 423 62.62 63.88 54.15
N ASN EB 424 62.77 64.98 53.39
CA ASN EB 424 62.35 64.97 52.00
C ASN EB 424 63.23 64.06 51.15
N ALA EB 425 64.52 63.97 51.47
CA ALA EB 425 65.40 63.03 50.75
C ALA EB 425 64.98 61.59 50.99
N ILE EB 426 64.65 61.24 52.24
CA ILE EB 426 64.17 59.90 52.54
C ILE EB 426 62.86 59.65 51.81
N ARG EB 427 61.98 60.66 51.76
CA ARG EB 427 60.73 60.52 51.03
C ARG EB 427 61.00 60.27 49.55
N GLN EB 428 61.97 60.97 48.97
CA GLN EB 428 62.32 60.76 47.57
C GLN EB 428 62.85 59.35 47.33
N VAL EB 429 63.67 58.83 48.25
CA VAL EB 429 64.15 57.46 48.10
C VAL EB 429 63.00 56.48 48.16
N LEU EB 430 62.09 56.67 49.12
CA LEU EB 430 60.94 55.78 49.25
C LEU EB 430 60.08 55.82 47.99
N ILE EB 431 59.91 57.00 47.39
CA ILE EB 431 59.24 57.14 46.11
C ILE EB 431 60.15 56.51 45.05
N GLY EB 432 59.85 55.30 44.65
CA GLY EB 432 60.77 54.54 43.84
C GLY EB 432 61.20 53.27 44.57
N THR EB 433 61.45 53.38 45.87
CA THR EB 433 61.60 52.17 46.67
C THR EB 433 60.30 51.39 46.72
N VAL EB 434 59.17 52.09 46.90
CA VAL EB 434 57.87 51.42 46.98
C VAL EB 434 57.09 51.48 45.68
N GLY EB 435 57.38 52.44 44.80
CA GLY EB 435 56.60 52.63 43.61
C GLY EB 435 55.41 53.54 43.87
N PHE EB 436 55.67 54.68 44.49
CA PHE EB 436 54.61 55.60 44.85
C PHE EB 436 53.83 56.06 43.62
N ASP EB 437 52.50 55.99 43.71
CA ASP EB 437 51.61 56.33 42.60
C ASP EB 437 50.47 57.18 43.16
N GLN EB 438 50.65 58.49 43.13
CA GLN EB 438 49.64 59.39 43.70
C GLN EB 438 48.33 59.32 42.92
N GLY EB 439 48.40 59.16 41.60
CA GLY EB 439 47.20 59.08 40.80
C GLY EB 439 46.34 57.88 41.13
N ARG EB 440 46.92 56.84 41.73
CA ARG EB 440 46.17 55.68 42.20
C ARG EB 440 45.50 55.94 43.54
N GLY EB 441 45.83 57.04 44.21
CA GLY EB 441 45.35 57.30 45.54
C GLY EB 441 46.28 56.87 46.64
N ASP EB 442 47.52 56.50 46.31
CA ASP EB 442 48.47 56.06 47.32
C ASP EB 442 48.87 57.21 48.22
N LEU EB 443 49.35 56.87 49.41
CA LEU EB 443 49.72 57.84 50.42
C LEU EB 443 51.01 57.41 51.09
N LEU EB 444 51.90 58.37 51.31
CA LEU EB 444 53.21 58.12 51.90
C LEU EB 444 53.48 59.19 52.94
N ASN EB 445 53.52 58.77 54.21
CA ASN EB 445 53.81 59.66 55.33
C ASN EB 445 55.19 59.34 55.86
N VAL EB 446 56.01 60.38 56.06
CA VAL EB 446 57.30 60.24 56.71
C VAL EB 446 57.35 61.25 57.84
N LEU EB 447 57.49 60.76 59.07
CA LEU EB 447 57.46 61.61 60.25
C LEU EB 447 58.71 61.36 61.09
N SER EB 448 59.05 62.35 61.91
CA SER EB 448 60.13 62.23 62.88
C SER EB 448 59.51 62.26 64.27
N VAL EB 449 59.52 61.12 64.96
CA VAL EB 449 58.86 60.97 66.26
C VAL EB 449 59.90 60.58 67.30
N LYS EB 450 59.48 60.65 68.55
CA LYS EB 450 60.35 60.35 69.69
C LYS EB 450 60.07 58.93 70.16
N PHE EB 451 61.03 58.04 69.92
CA PHE EB 451 60.90 56.66 70.40
C PHE EB 451 61.13 56.62 71.91
N ALA EB 452 60.39 55.74 72.58
CA ALA EB 452 60.51 55.59 74.02
C ALA EB 452 61.49 54.46 74.35
N ALA FB 255 24.30 27.05 55.07
CA ALA FB 255 24.81 28.39 54.84
C ALA FB 255 25.24 29.06 56.13
N SER FB 256 24.70 28.61 57.26
CA SER FB 256 25.10 29.20 58.54
C SER FB 256 26.56 28.91 58.84
N ALA FB 257 27.08 27.77 58.38
CA ALA FB 257 28.51 27.53 58.47
C ALA FB 257 29.28 28.57 57.67
N ALA FB 258 28.77 28.96 56.52
CA ALA FB 258 29.38 30.03 55.75
C ALA FB 258 29.38 31.34 56.53
N ARG FB 259 28.27 31.64 57.22
CA ARG FB 259 28.22 32.84 58.04
C ARG FB 259 29.23 32.79 59.18
N ARG FB 260 29.39 31.62 59.79
CA ARG FB 260 30.39 31.44 60.83
C ARG FB 260 31.78 31.72 60.30
N LYS FB 261 32.10 31.19 59.11
CA LYS FB 261 33.43 31.44 58.54
C LYS FB 261 33.60 32.89 58.14
N GLU FB 262 32.51 33.58 57.77
CA GLU FB 262 32.59 35.02 57.53
C GLU FB 262 32.96 35.77 58.80
N GLN FB 263 32.35 35.39 59.92
CA GLN FB 263 32.73 35.97 61.21
C GLN FB 263 34.21 35.71 61.50
N GLU FB 264 34.67 34.50 61.19
CA GLU FB 264 36.08 34.16 61.38
C GLU FB 264 36.98 35.06 60.54
N LEU FB 265 36.57 35.31 59.29
CA LEU FB 265 37.34 36.19 58.42
C LEU FB 265 37.44 37.60 59.00
N GLU FB 266 36.30 38.13 59.48
CA GLU FB 266 36.31 39.46 60.07
C GLU FB 266 37.23 39.52 61.28
N ARG FB 267 37.15 38.50 62.15
CA ARG FB 267 38.00 38.49 63.34
C ARG FB 267 39.47 38.38 62.97
N SER FB 268 39.78 37.59 61.94
CA SER FB 268 41.17 37.47 61.48
C SER FB 268 41.70 38.80 60.97
N GLN FB 269 40.89 39.52 60.21
CA GLN FB 269 41.29 40.84 59.73
C GLN FB 269 41.57 41.78 60.89
N GLU FB 270 40.67 41.78 61.88
CA GLU FB 270 40.87 42.62 63.06
C GLU FB 270 42.16 42.27 63.78
N GLN FB 271 42.43 40.97 63.92
CA GLN FB 271 43.64 40.53 64.60
C GLN FB 271 44.89 40.98 63.84
N ALA FB 272 44.88 40.87 62.51
CA ALA FB 272 46.03 41.30 61.72
C ALA FB 272 46.27 42.80 61.87
N LEU FB 273 45.18 43.59 61.83
CA LEU FB 273 45.35 45.03 62.00
C LEU FB 273 45.88 45.35 63.40
N ARG FB 274 45.40 44.64 64.42
CA ARG FB 274 45.93 44.84 65.76
C ARG FB 274 47.42 44.50 65.83
N GLU FB 275 47.83 43.44 65.15
CA GLU FB 275 49.24 43.07 65.12
C GLU FB 275 50.08 44.17 64.49
N LYS FB 276 49.60 44.74 63.39
CA LYS FB 276 50.33 45.84 62.77
C LYS FB 276 50.39 47.06 63.68
N ILE FB 277 49.29 47.36 64.37
CA ILE FB 277 49.27 48.48 65.30
C ILE FB 277 50.31 48.28 66.39
N ASP FB 278 50.38 47.06 66.93
CA ASP FB 278 51.40 46.76 67.93
C ASP FB 278 52.80 46.91 67.35
N SER FB 279 53.02 46.39 66.15
CA SER FB 279 54.35 46.43 65.55
C SER FB 279 54.82 47.87 65.36
N VAL FB 280 53.89 48.80 65.17
CA VAL FB 280 54.24 50.21 65.04
C VAL FB 280 54.39 50.90 66.39
N LEU FB 281 53.48 50.65 67.34
CA LEU FB 281 53.44 51.46 68.55
C LEU FB 281 54.34 50.92 69.66
N LEU FB 282 54.64 49.63 69.66
CA LEU FB 282 55.48 49.07 70.72
C LEU FB 282 56.86 49.72 70.79
N PRO FB 283 57.60 49.92 69.67
CA PRO FB 283 58.84 50.68 69.75
C PRO FB 283 58.62 52.14 70.15
N ILE FB 284 57.63 52.78 69.55
CA ILE FB 284 57.44 54.22 69.72
C ILE FB 284 57.03 54.53 71.15
N LEU FB 285 56.01 53.83 71.67
CA LEU FB 285 55.46 54.16 72.98
C LEU FB 285 56.02 53.28 74.09
N GLY FB 286 56.20 52.00 73.84
CA GLY FB 286 56.67 51.07 74.83
C GLY FB 286 55.64 50.00 75.13
N TYR FB 287 55.99 49.13 76.06
CA TYR FB 287 55.15 48.00 76.44
C TYR FB 287 54.22 48.42 77.57
N GLY FB 288 52.92 48.30 77.34
CA GLY FB 288 51.94 48.63 78.34
C GLY FB 288 51.60 50.09 78.47
N ASN FB 289 52.14 50.95 77.63
CA ASN FB 289 51.83 52.37 77.66
C ASN FB 289 50.68 52.75 76.72
N TYR FB 290 50.07 51.77 76.06
CA TYR FB 290 48.99 52.05 75.12
C TYR FB 290 48.04 50.87 75.10
N THR FB 291 46.83 51.12 74.62
CA THR FB 291 45.88 50.07 74.32
C THR FB 291 45.12 50.47 73.05
N ALA FB 292 44.85 49.48 72.20
CA ALA FB 292 44.19 49.75 70.94
C ALA FB 292 43.30 48.57 70.56
N GLN FB 293 42.12 48.88 70.01
CA GLN FB 293 41.22 47.87 69.50
C GLN FB 293 40.71 48.30 68.14
N VAL FB 294 40.37 47.32 67.31
CA VAL FB 294 40.01 47.55 65.92
C VAL FB 294 38.70 46.84 65.62
N ASP FB 295 37.77 47.56 65.00
CA ASP FB 295 36.52 46.98 64.51
C ASP FB 295 36.50 47.03 62.99
N ILE FB 296 36.27 45.89 62.36
CA ILE FB 296 36.21 45.80 60.91
C ILE FB 296 34.85 45.20 60.53
N GLN FB 297 34.08 45.94 59.73
CA GLN FB 297 32.81 45.48 59.21
C GLN FB 297 33.00 45.15 57.73
N MET FB 298 32.63 43.92 57.35
CA MET FB 298 32.84 43.44 55.99
C MET FB 298 31.52 43.07 55.36
N ASP FB 299 31.28 43.58 54.16
CA ASP FB 299 30.11 43.22 53.37
C ASP FB 299 30.39 41.95 52.59
N PHE FB 300 29.39 41.09 52.48
CA PHE FB 300 29.52 39.82 51.79
C PHE FB 300 28.41 39.66 50.75
N SER FB 301 28.05 40.75 50.09
CA SER FB 301 27.05 40.68 49.03
C SER FB 301 27.62 39.95 47.82
N ALA FB 302 26.78 39.75 46.82
CA ALA FB 302 27.13 39.04 45.60
C ALA FB 302 26.77 39.86 44.37
N VAL FB 303 27.22 41.11 44.35
CA VAL FB 303 26.91 42.00 43.24
C VAL FB 303 27.49 41.45 41.94
N GLU FB 304 26.75 41.63 40.86
CA GLU FB 304 27.18 41.16 39.54
C GLU FB 304 26.50 42.06 38.51
N GLN FB 305 27.27 42.95 37.89
CA GLN FB 305 26.73 44.04 37.09
C GLN FB 305 27.12 43.88 35.63
N THR FB 306 26.21 44.29 34.74
CA THR FB 306 26.46 44.31 33.30
C THR FB 306 26.06 45.67 32.77
N ARG FB 307 27.01 46.37 32.15
CA ARG FB 307 26.79 47.73 31.66
C ARG FB 307 26.97 47.74 30.15
N LYS FB 308 26.03 48.36 29.46
CA LYS FB 308 26.09 48.53 28.01
C LYS FB 308 25.99 50.02 27.71
N ARG FB 309 27.11 50.62 27.35
CA ARG FB 309 27.21 52.06 27.18
C ARG FB 309 27.48 52.40 25.72
N PHE FB 310 26.90 53.51 25.27
CA PHE FB 310 27.04 54.00 23.91
C PHE FB 310 27.71 55.37 23.94
N ASP FB 311 27.94 55.92 22.74
CA ASP FB 311 28.59 57.24 22.60
C ASP FB 311 27.72 58.10 21.70
N PRO FB 312 26.79 58.87 22.27
CA PRO FB 312 25.84 59.61 21.43
C PRO FB 312 26.48 60.64 20.52
N ASN FB 313 27.61 61.22 20.91
CA ASN FB 313 28.15 62.40 20.23
C ASN FB 313 29.09 62.09 19.07
N THR FB 314 29.37 60.82 18.79
CA THR FB 314 30.21 60.42 17.66
C THR FB 314 29.55 59.29 16.88
N PRO FB 315 28.45 59.58 16.18
CA PRO FB 315 27.85 58.55 15.32
C PRO FB 315 28.55 58.49 13.96
N ALA FB 316 28.45 57.32 13.35
CA ALA FB 316 29.04 57.08 12.03
C ALA FB 316 27.94 56.63 11.08
N THR FB 317 27.68 57.40 10.04
CA THR FB 317 26.60 57.08 9.12
C THR FB 317 26.96 55.85 8.29
N ARG FB 318 26.08 54.84 8.31
CA ARG FB 318 26.27 53.61 7.57
C ARG FB 318 25.64 53.68 6.18
N SER FB 319 24.34 53.99 6.12
CA SER FB 319 23.64 54.23 4.88
C SER FB 319 22.87 55.53 5.00
N GLU FB 320 22.56 56.14 3.88
CA GLU FB 320 21.91 57.44 3.90
C GLU FB 320 21.10 57.64 2.63
N TYR FB 321 19.89 58.16 2.80
CA TYR FB 321 19.03 58.56 1.69
C TYR FB 321 18.60 60.00 1.94
N ALA FB 322 18.58 60.80 0.88
CA ALA FB 322 18.24 62.21 1.01
C ALA FB 322 17.56 62.68 -0.27
N LEU FB 323 16.27 62.97 -0.18
CA LEU FB 323 15.50 63.52 -1.30
C LEU FB 323 15.16 64.96 -0.98
N GLU FB 324 15.43 65.87 -1.92
CA GLU FB 324 15.25 67.30 -1.71
C GLU FB 324 14.78 67.92 -3.02
N ASP FB 325 13.47 68.07 -3.19
CA ASP FB 325 12.90 68.64 -4.40
C ASP FB 325 12.21 69.98 -4.10
N TYR FB 326 12.22 70.86 -5.10
CA TYR FB 326 11.61 72.18 -5.00
C TYR FB 326 10.60 72.35 -6.13
N ASN FB 327 9.90 73.49 -6.11
CA ASN FB 327 8.97 73.83 -7.18
C ASN FB 327 8.80 75.34 -7.24
N GLY FB 365 7.76 78.48 -3.03
CA GLY FB 365 6.99 77.36 -3.52
C GLY FB 365 7.14 76.11 -2.68
N SER FB 366 6.75 74.97 -3.25
CA SER FB 366 6.86 73.70 -2.54
C SER FB 366 8.32 73.35 -2.29
N VAL FB 367 8.61 72.90 -1.07
CA VAL FB 367 9.94 72.47 -0.69
C VAL FB 367 9.79 71.22 0.16
N ARG FB 368 10.14 70.06 -0.40
CA ARG FB 368 10.03 68.78 0.28
C ARG FB 368 11.41 68.24 0.57
N LYS FB 369 11.69 67.94 1.83
CA LYS FB 369 13.01 67.49 2.27
C LYS FB 369 12.86 66.17 3.02
N GLU FB 370 12.84 65.07 2.29
CA GLU FB 370 12.83 63.76 2.91
C GLU FB 370 14.26 63.31 3.21
N SER FB 371 14.40 62.47 4.23
CA SER FB 371 15.72 62.02 4.65
C SER FB 371 15.57 60.74 5.47
N THR FB 372 16.47 59.80 5.24
CA THR FB 372 16.55 58.57 6.02
C THR FB 372 18.02 58.31 6.32
N ARG FB 373 18.33 57.91 7.54
CA ARG FB 373 19.72 57.77 7.96
C ARG FB 373 19.86 56.63 8.94
N ASN FB 374 20.89 55.81 8.75
CA ASN FB 374 21.24 54.74 9.67
C ASN FB 374 22.61 54.99 10.25
N PHE FB 375 22.77 54.71 11.54
CA PHE FB 375 24.00 55.06 12.25
C PHE FB 375 24.63 53.83 12.89
N GLU FB 376 25.92 53.93 13.12
CA GLU FB 376 26.72 53.00 13.90
C GLU FB 376 27.36 53.76 15.04
N LEU FB 377 27.33 53.18 16.23
CA LEU FB 377 27.72 53.88 17.45
C LEU FB 377 28.75 53.06 18.21
N ASP FB 378 29.61 53.76 18.95
CA ASP FB 378 30.57 53.09 19.82
C ASP FB 378 29.82 52.34 20.91
N THR FB 379 30.14 51.06 21.07
CA THR FB 379 29.40 50.19 21.99
C THR FB 379 30.40 49.52 22.93
N THR FB 380 30.29 49.83 24.22
CA THR FB 380 31.08 49.18 25.25
C THR FB 380 30.18 48.30 26.09
N ILE FB 381 30.58 47.05 26.29
CA ILE FB 381 29.80 46.08 27.07
C ILE FB 381 30.74 45.51 28.12
N SER FB 382 30.57 45.93 29.38
CA SER FB 382 31.44 45.52 30.46
C SER FB 382 30.66 44.71 31.48
N HIS FB 383 31.15 43.51 31.79
CA HIS FB 383 30.55 42.65 32.79
C HIS FB 383 31.50 42.57 33.98
N GLU FB 384 31.08 43.09 35.13
CA GLU FB 384 31.88 43.13 36.33
C GLU FB 384 31.26 42.23 37.40
N ARG FB 385 32.11 41.57 38.17
CA ARG FB 385 31.65 40.71 39.26
C ARG FB 385 32.48 41.04 40.49
N LYS FB 386 31.88 41.74 41.44
CA LYS FB 386 32.61 42.22 42.61
C LYS FB 386 33.00 41.05 43.51
N GLN FB 387 34.12 41.23 44.20
CA GLN FB 387 34.51 40.27 45.22
C GLN FB 387 33.53 40.30 46.38
N THR FB 388 33.25 39.13 46.95
CA THR FB 388 32.22 38.99 47.98
C THR FB 388 32.55 39.81 49.22
N GLY FB 389 33.57 39.43 49.96
CA GLY FB 389 33.88 40.08 51.21
C GLY FB 389 34.78 41.29 51.07
N THR FB 390 34.21 42.49 51.28
CA THR FB 390 34.97 43.73 51.17
C THR FB 390 34.77 44.53 52.45
N VAL FB 391 35.86 45.13 52.94
CA VAL FB 391 35.81 45.96 54.14
C VAL FB 391 34.98 47.20 53.84
N ALA FB 392 33.77 47.27 54.39
CA ALA FB 392 32.89 48.41 54.14
C ALA FB 392 33.14 49.57 55.10
N ARG FB 393 33.61 49.28 56.31
CA ARG FB 393 33.90 50.33 57.28
C ARG FB 393 34.93 49.79 58.27
N GLN FB 394 35.85 50.65 58.67
CA GLN FB 394 36.92 50.28 59.59
C GLN FB 394 37.02 51.32 60.70
N THR FB 395 37.03 50.85 61.93
CA THR FB 395 37.09 51.72 63.11
C THR FB 395 38.29 51.30 63.95
N VAL FB 396 39.16 52.27 64.27
CA VAL FB 396 40.33 52.02 65.10
C VAL FB 396 40.37 53.07 66.19
N SER FB 397 40.58 52.63 67.44
CA SER FB 397 40.73 53.53 68.56
C SER FB 397 41.98 53.15 69.34
N VAL FB 398 42.80 54.15 69.67
CA VAL FB 398 44.04 53.95 70.40
C VAL FB 398 44.02 54.89 71.61
N ALA FB 399 44.33 54.34 72.78
CA ALA FB 399 44.39 55.11 74.02
C ALA FB 399 45.82 55.03 74.56
N ILE FB 400 46.38 56.19 74.88
CA ILE FB 400 47.77 56.31 75.32
C ILE FB 400 47.77 56.65 76.80
N LYS FB 401 48.57 55.93 77.57
CA LYS FB 401 48.67 56.18 79.00
C LYS FB 401 49.29 57.54 79.27
N ASP FB 402 48.69 58.28 80.20
CA ASP FB 402 49.25 59.56 80.60
C ASP FB 402 50.45 59.38 81.50
N ARG FB 403 51.32 60.39 81.50
CA ARG FB 403 52.53 60.40 82.32
C ARG FB 403 53.40 59.16 82.06
N PRO FB 417 49.93 63.51 80.69
CA PRO FB 417 49.29 63.44 79.37
C PRO FB 417 50.30 63.55 78.24
N MET FB 418 49.80 63.61 77.01
CA MET FB 418 50.62 63.71 75.82
C MET FB 418 50.21 64.94 75.02
N SER FB 419 51.21 65.65 74.49
CA SER FB 419 50.96 66.90 73.79
C SER FB 419 50.19 66.65 72.49
N GLU FB 420 49.54 67.71 72.01
CA GLU FB 420 48.76 67.62 70.79
C GLU FB 420 49.63 67.28 69.59
N SER FB 421 50.85 67.83 69.54
CA SER FB 421 51.73 67.58 68.41
C SER FB 421 52.07 66.10 68.29
N GLU FB 422 52.42 65.46 69.41
CA GLU FB 422 52.76 64.05 69.36
C GLU FB 422 51.53 63.18 69.12
N ILE FB 423 50.37 63.60 69.61
CA ILE FB 423 49.13 62.87 69.31
C ILE FB 423 48.86 62.89 67.81
N ASN FB 424 49.03 64.06 67.18
CA ASN FB 424 48.81 64.15 65.75
C ASN FB 424 49.87 63.38 64.97
N ALA FB 425 51.11 63.35 65.46
CA ALA FB 425 52.15 62.56 64.80
C ALA FB 425 51.83 61.07 64.87
N ILE FB 426 51.36 60.60 66.03
CA ILE FB 426 50.95 59.20 66.14
C ILE FB 426 49.78 58.92 65.21
N ARG FB 427 48.84 59.87 65.12
CA ARG FB 427 47.72 59.70 64.20
C ARG FB 427 48.20 59.62 62.76
N GLN FB 428 49.19 60.43 62.39
CA GLN FB 428 49.74 60.38 61.04
C GLN FB 428 50.42 59.04 60.77
N VAL FB 429 51.14 58.49 61.75
CA VAL FB 429 51.76 57.18 61.56
C VAL FB 429 50.69 56.11 61.38
N LEU FB 430 49.64 56.16 62.20
CA LEU FB 430 48.56 55.18 62.08
C LEU FB 430 47.89 55.28 60.72
N ILE FB 431 47.71 56.49 60.21
CA ILE FB 431 47.21 56.69 58.86
C ILE FB 431 48.31 56.24 57.90
N GLY FB 432 48.16 55.04 57.36
CA GLY FB 432 49.25 54.42 56.63
C GLY FB 432 49.68 53.14 57.30
N THR FB 433 49.74 53.15 58.64
CA THR FB 433 49.88 51.89 59.35
C THR FB 433 48.65 51.01 59.14
N VAL FB 434 47.46 51.60 59.21
CA VAL FB 434 46.22 50.85 59.06
C VAL FB 434 45.62 50.97 57.66
N GLY FB 435 45.95 52.02 56.91
CA GLY FB 435 45.33 52.26 55.64
C GLY FB 435 44.05 53.05 55.79
N PHE FB 436 44.12 54.15 56.54
CA PHE FB 436 42.94 54.96 56.82
C PHE FB 436 42.31 55.46 55.53
N ASP FB 437 41.00 55.31 55.41
CA ASP FB 437 40.24 55.68 54.21
C ASP FB 437 38.97 56.38 54.67
N GLN FB 438 39.03 57.71 54.77
CA GLN FB 438 37.89 58.47 55.26
C GLN FB 438 36.71 58.38 54.30
N GLY FB 439 36.98 58.36 52.99
CA GLY FB 439 35.90 58.26 52.02
C GLY FB 439 35.11 56.97 52.14
N ARG FB 440 35.69 55.93 52.72
CA ARG FB 440 34.98 54.69 52.98
C ARG FB 440 34.11 54.77 54.22
N GLY FB 441 34.25 55.82 55.02
CA GLY FB 441 33.57 55.92 56.29
C GLY FB 441 34.37 55.46 57.48
N ASP FB 442 35.67 55.21 57.30
CA ASP FB 442 36.50 54.74 58.39
C ASP FB 442 36.68 55.84 59.44
N LEU FB 443 37.02 55.42 60.65
CA LEU FB 443 37.16 56.32 61.78
C LEU FB 443 38.38 55.93 62.59
N LEU FB 444 39.14 56.93 63.01
CA LEU FB 444 40.38 56.71 63.75
C LEU FB 444 40.40 57.69 64.92
N ASN FB 445 40.30 57.17 66.14
CA ASN FB 445 40.36 57.97 67.35
C ASN FB 445 41.68 57.69 68.07
N VAL FB 446 42.37 58.76 68.45
CA VAL FB 446 43.57 58.66 69.28
C VAL FB 446 43.37 59.56 70.49
N LEU FB 447 43.38 58.97 71.68
CA LEU FB 447 43.12 59.70 72.91
C LEU FB 447 44.25 59.46 73.89
N SER FB 448 44.40 60.40 74.83
CA SER FB 448 45.33 60.27 75.94
C SER FB 448 44.52 60.12 77.22
N VAL FB 449 44.54 58.93 77.80
CA VAL FB 449 43.72 58.61 78.96
C VAL FB 449 44.63 58.20 80.12
N LYS FB 450 44.04 58.13 81.31
CA LYS FB 450 44.76 57.79 82.54
C LYS FB 450 44.54 56.31 82.84
N PHE FB 451 45.59 55.51 82.67
CA PHE FB 451 45.52 54.11 83.01
C PHE FB 451 45.53 53.93 84.52
N ALA FB 452 44.78 52.94 85.00
CA ALA FB 452 44.71 52.66 86.43
C ALA FB 452 45.73 51.58 86.82
N ALA GB 255 13.99 23.51 60.16
CA ALA GB 255 14.42 24.90 60.10
C ALA GB 255 14.61 25.48 61.49
N SER GB 256 13.96 24.89 62.50
CA SER GB 256 14.12 25.38 63.87
C SER GB 256 15.55 25.17 64.35
N ALA GB 257 16.22 24.12 63.87
CA ALA GB 257 17.64 23.97 64.15
C ALA GB 257 18.43 25.13 63.57
N ALA GB 258 18.04 25.59 62.38
CA ALA GB 258 18.67 26.77 61.80
C ALA GB 258 18.45 27.99 62.68
N ARG GB 259 17.24 28.15 63.22
CA ARG GB 259 16.97 29.26 64.12
C ARG GB 259 17.81 29.18 65.38
N ARG GB 260 17.98 27.97 65.91
CA ARG GB 260 18.84 27.77 67.07
C ARG GB 260 20.26 28.19 66.78
N LYS GB 261 20.79 27.80 65.61
CA LYS GB 261 22.15 28.18 65.26
C LYS GB 261 22.26 29.69 65.00
N GLU GB 262 21.18 30.33 64.55
CA GLU GB 262 21.18 31.78 64.44
C GLU GB 262 21.29 32.44 65.81
N GLN GB 263 20.57 31.91 66.79
CA GLN GB 263 20.72 32.40 68.16
C GLN GB 263 22.16 32.22 68.64
N GLU GB 264 22.75 31.07 68.30
CA GLU GB 264 24.15 30.82 68.67
C GLU GB 264 25.07 31.85 68.04
N LEU GB 265 24.83 32.19 66.77
CA LEU GB 265 25.65 33.21 66.10
C LEU GB 265 25.53 34.55 66.81
N GLU GB 266 24.30 34.95 67.14
CA GLU GB 266 24.12 36.23 67.84
C GLU GB 266 24.86 36.23 69.17
N ARG GB 267 24.74 35.14 69.94
CA ARG GB 267 25.41 35.08 71.23
C ARG GB 267 26.92 35.11 71.07
N SER GB 268 27.45 34.44 70.04
CA SER GB 268 28.88 34.46 69.78
C SER GB 268 29.37 35.86 69.46
N GLN GB 269 28.60 36.59 68.65
CA GLN GB 269 28.96 37.97 68.34
C GLN GB 269 28.99 38.82 69.61
N GLU GB 270 27.98 38.66 70.46
CA GLU GB 270 27.94 39.41 71.71
C GLU GB 270 29.14 39.08 72.58
N GLN GB 271 29.50 37.80 72.64
CA GLN GB 271 30.64 37.39 73.47
C GLN GB 271 31.93 37.99 72.93
N ALA GB 272 32.11 38.00 71.61
CA ALA GB 272 33.32 38.59 71.03
C ALA GB 272 33.41 40.08 71.33
N LEU GB 273 32.30 40.79 71.20
CA LEU GB 273 32.30 42.21 71.52
C LEU GB 273 32.61 42.45 72.99
N ARG GB 274 32.06 41.61 73.87
CA ARG GB 274 32.37 41.72 75.30
C ARG GB 274 33.86 41.48 75.55
N GLU GB 275 34.45 40.51 74.85
CA GLU GB 275 35.87 40.25 74.99
C GLU GB 275 36.70 41.47 74.59
N LYS GB 276 36.34 42.11 73.48
CA LYS GB 276 37.04 43.31 73.06
C LYS GB 276 36.88 44.44 74.07
N ILE GB 277 35.67 44.59 74.61
CA ILE GB 277 35.43 45.62 75.62
C ILE GB 277 36.32 45.39 76.83
N ASP GB 278 36.42 44.13 77.27
CA ASP GB 278 37.30 43.82 78.38
C ASP GB 278 38.75 44.11 78.03
N SER GB 279 39.19 43.73 76.83
CA SER GB 279 40.58 43.93 76.44
C SER GB 279 40.95 45.40 76.43
N VAL GB 280 39.97 46.27 76.20
CA VAL GB 280 40.23 47.71 76.22
C VAL GB 280 40.13 48.27 77.64
N LEU GB 281 39.12 47.88 78.42
CA LEU GB 281 38.84 48.57 79.67
C LEU GB 281 39.62 48.00 80.85
N LEU GB 282 40.02 46.73 80.80
CA LEU GB 282 40.76 46.14 81.91
C LEU GB 282 42.05 46.88 82.23
N PRO GB 283 42.92 47.22 81.26
CA PRO GB 283 44.07 48.07 81.59
C PRO GB 283 43.68 49.47 82.06
N ILE GB 284 42.72 50.09 81.37
CA ILE GB 284 42.40 51.49 81.64
C ILE GB 284 41.76 51.64 83.01
N LEU GB 285 40.75 50.82 83.32
CA LEU GB 285 40.00 50.98 84.55
C LEU GB 285 40.47 50.06 85.66
N GLY GB 286 40.79 48.82 85.33
CA GLY GB 286 41.19 47.83 86.31
C GLY GB 286 40.21 46.67 86.37
N TYR GB 287 40.52 45.74 87.27
CA TYR GB 287 39.72 44.53 87.42
C TYR GB 287 38.61 44.77 88.43
N GLY GB 288 37.37 44.59 88.00
CA GLY GB 288 36.24 44.75 88.89
C GLY GB 288 35.76 46.17 89.09
N ASN GB 289 36.35 47.14 88.39
CA ASN GB 289 35.91 48.52 88.49
C ASN GB 289 34.88 48.90 87.44
N TYR GB 290 34.45 47.95 86.61
CA TYR GB 290 33.49 48.24 85.55
C TYR GB 290 32.65 47.00 85.29
N THR GB 291 31.50 47.21 84.67
CA THR GB 291 30.69 46.12 84.15
C THR GB 291 30.09 46.57 82.82
N ALA GB 292 30.02 45.66 81.87
CA ALA GB 292 29.52 45.99 80.54
C ALA GB 292 28.80 44.80 79.94
N GLN GB 293 27.69 45.07 79.26
CA GLN GB 293 26.94 44.05 78.54
C GLN GB 293 26.59 44.56 77.16
N VAL GB 294 26.47 43.65 76.21
CA VAL GB 294 26.29 43.97 74.80
C VAL GB 294 25.09 43.21 74.26
N ASP GB 295 24.20 43.91 73.57
CA ASP GB 295 23.09 43.29 72.86
C ASP GB 295 23.27 43.49 71.37
N ILE GB 296 23.23 42.39 70.61
CA ILE GB 296 23.38 42.43 69.16
C ILE GB 296 22.15 41.78 68.55
N GLN GB 297 21.43 42.54 67.71
CA GLN GB 297 20.28 42.04 66.97
C GLN GB 297 20.70 41.85 65.52
N MET GB 298 20.50 40.65 64.98
CA MET GB 298 20.93 40.31 63.64
C MET GB 298 19.74 39.90 62.79
N ASP GB 299 19.63 40.50 61.61
CA ASP GB 299 18.62 40.13 60.64
C ASP GB 299 19.12 38.97 59.81
N PHE GB 300 18.21 38.05 59.48
CA PHE GB 300 18.53 36.87 58.71
C PHE GB 300 17.60 36.73 57.52
N SER GB 301 17.25 37.85 56.89
CA SER GB 301 16.42 37.81 55.70
C SER GB 301 17.21 37.24 54.54
N ALA GB 302 16.53 37.06 53.41
CA ALA GB 302 17.11 36.49 52.20
C ALA GB 302 16.85 37.39 51.00
N VAL GB 303 17.19 38.67 51.15
CA VAL GB 303 16.97 39.63 50.08
C VAL GB 303 17.77 39.25 48.85
N GLU GB 304 17.18 39.47 47.68
CA GLU GB 304 17.83 39.17 46.40
C GLU GB 304 17.23 40.10 45.37
N GLN GB 305 17.99 41.09 44.94
CA GLN GB 305 17.48 42.22 44.16
C GLN GB 305 18.07 42.23 42.76
N THR GB 306 17.27 42.65 41.78
CA THR GB 306 17.71 42.81 40.41
C THR GB 306 17.28 44.19 39.93
N ARG GB 307 18.24 45.01 39.53
CA ARG GB 307 17.98 46.38 39.12
C ARG GB 307 18.37 46.55 37.66
N LYS GB 308 17.49 47.16 36.88
CA LYS GB 308 17.72 47.47 35.47
C LYS GB 308 17.55 48.97 35.28
N ARG GB 309 18.65 49.68 35.15
CA ARG GB 309 18.67 51.13 35.11
C ARG GB 309 19.10 51.63 33.74
N PHE GB 310 18.49 52.72 33.31
CA PHE GB 310 18.78 53.36 32.02
C PHE GB 310 19.33 54.76 32.25
N ASP GB 311 19.68 55.44 31.16
CA ASP GB 311 20.23 56.79 31.21
C ASP GB 311 19.41 57.67 30.27
N PRO GB 312 18.36 58.32 30.76
CA PRO GB 312 17.47 59.08 29.86
C PRO GB 312 18.15 60.22 29.13
N ASN GB 313 19.16 60.84 29.73
CA ASN GB 313 19.68 62.11 29.24
C ASN GB 313 20.80 61.97 28.21
N THR GB 314 21.23 60.76 27.88
CA THR GB 314 22.24 60.54 26.84
C THR GB 314 21.80 59.44 25.89
N PRO GB 315 20.79 59.70 25.06
CA PRO GB 315 20.40 58.72 24.04
C PRO GB 315 21.28 58.83 22.81
N ALA GB 316 21.38 57.72 22.08
CA ALA GB 316 22.15 57.65 20.84
C ALA GB 316 21.22 57.21 19.72
N THR GB 317 21.07 58.06 18.71
CA THR GB 317 20.14 57.75 17.63
C THR GB 317 20.71 56.63 16.75
N ARG GB 318 19.93 55.57 16.57
CA ARG GB 318 20.33 54.42 15.76
C ARG GB 318 19.88 54.57 14.31
N SER GB 319 18.60 54.80 14.09
CA SER GB 319 18.05 55.09 12.78
C SER GB 319 17.17 56.32 12.90
N GLU GB 320 16.97 57.01 11.79
CA GLU GB 320 16.22 58.26 11.83
C GLU GB 320 15.57 58.51 10.47
N TYR GB 321 14.31 58.92 10.50
CA TYR GB 321 13.59 59.37 9.33
C TYR GB 321 13.00 60.74 9.62
N ALA GB 322 13.07 61.63 8.64
CA ALA GB 322 12.59 63.00 8.83
C ALA GB 322 12.07 63.53 7.51
N LEU GB 323 10.76 63.73 7.43
CA LEU GB 323 10.11 64.32 6.26
C LEU GB 323 9.59 65.70 6.64
N GLU GB 324 9.93 66.70 5.82
CA GLU GB 324 9.59 68.10 6.11
C GLU GB 324 9.27 68.80 4.80
N ASP GB 325 7.98 68.87 4.47
CA ASP GB 325 7.54 69.51 3.24
C ASP GB 325 6.71 70.75 3.54
N TYR GB 326 6.78 71.73 2.63
CA TYR GB 326 6.06 72.99 2.75
C TYR GB 326 5.20 73.19 1.51
N ASN GB 327 4.42 74.26 1.51
CA ASN GB 327 3.62 74.64 0.35
C ASN GB 327 3.33 76.15 0.39
N GLY GB 365 1.46 78.80 4.65
CA GLY GB 365 0.86 77.67 3.95
C GLY GB 365 1.00 76.36 4.71
N SER GB 366 0.78 75.25 3.99
CA SER GB 366 0.91 73.94 4.60
C SER GB 366 2.33 73.67 5.04
N VAL GB 367 2.49 73.13 6.24
CA VAL GB 367 3.79 72.76 6.78
C VAL GB 367 3.63 71.42 7.49
N ARG GB 368 4.14 70.35 6.89
CA ARG GB 368 4.04 69.01 7.45
C ARG GB 368 5.42 68.55 7.89
N LYS GB 369 5.54 68.15 9.15
CA LYS GB 369 6.82 67.76 9.74
C LYS GB 369 6.68 66.37 10.35
N GLU GB 370 6.86 65.34 9.53
CA GLU GB 370 6.87 63.97 10.04
C GLU GB 370 8.28 63.60 10.50
N SER GB 371 8.33 62.69 11.46
CA SER GB 371 9.62 62.29 12.03
C SER GB 371 9.46 60.94 12.72
N THR GB 372 10.46 60.08 12.55
CA THR GB 372 10.54 58.81 13.23
C THR GB 372 11.97 58.62 13.71
N ARG GB 373 12.14 58.13 14.93
CA ARG GB 373 13.46 58.06 15.53
C ARG GB 373 13.56 56.83 16.43
N ASN GB 374 14.67 56.13 16.33
CA ASN GB 374 14.97 54.98 17.19
C ASN GB 374 16.23 55.29 18.00
N PHE GB 375 16.24 54.90 19.26
CA PHE GB 375 17.31 55.26 20.17
C PHE GB 375 17.94 54.03 20.78
N GLU GB 376 19.19 54.20 21.22
CA GLU GB 376 19.94 53.25 22.02
C GLU GB 376 20.35 53.96 23.30
N LEU GB 377 20.20 53.27 24.43
CA LEU GB 377 20.37 53.87 25.74
C LEU GB 377 21.34 53.07 26.58
N ASP GB 378 22.03 53.75 27.48
CA ASP GB 378 22.91 53.07 28.42
C ASP GB 378 22.09 52.18 29.34
N THR GB 379 22.48 50.91 29.44
CA THR GB 379 21.70 49.91 30.17
C THR GB 379 22.60 49.24 31.18
N THR GB 380 22.29 49.41 32.46
CA THR GB 380 22.99 48.72 33.54
C THR GB 380 22.05 47.71 34.17
N ILE GB 381 22.52 46.47 34.32
CA ILE GB 381 21.73 45.39 34.90
C ILE GB 381 22.56 44.79 36.02
N SER GB 382 22.18 45.08 37.27
CA SER GB 382 22.92 44.63 38.43
C SER GB 382 22.08 43.68 39.26
N HIS GB 383 22.62 42.50 39.52
CA HIS GB 383 21.96 41.50 40.37
C HIS GB 383 22.75 41.38 41.67
N GLU GB 384 22.12 41.76 42.78
CA GLU GB 384 22.73 41.75 44.10
C GLU GB 384 22.05 40.71 44.97
N ARG GB 385 22.84 40.05 45.81
CA ARG GB 385 22.32 39.06 46.74
C ARG GB 385 22.93 39.33 48.11
N LYS GB 386 22.14 39.89 49.01
CA LYS GB 386 22.67 40.32 50.30
C LYS GB 386 23.03 39.11 51.15
N GLN GB 387 24.01 39.30 52.02
CA GLN GB 387 24.34 38.27 53.01
C GLN GB 387 23.20 38.13 54.01
N THR GB 388 22.95 36.89 54.43
CA THR GB 388 21.80 36.59 55.28
C THR GB 388 21.88 37.31 56.62
N GLY GB 389 22.83 36.93 57.47
CA GLY GB 389 22.90 37.48 58.81
C GLY GB 389 23.70 38.77 58.90
N THR GB 390 23.02 39.89 59.11
CA THR GB 390 23.67 41.19 59.22
C THR GB 390 23.24 41.85 60.52
N VAL GB 391 24.20 42.48 61.21
CA VAL GB 391 23.91 43.19 62.45
C VAL GB 391 23.03 44.39 62.13
N ALA GB 392 21.75 44.33 62.51
CA ALA GB 392 20.82 45.42 62.23
C ALA GB 392 20.84 46.49 63.29
N ARG GB 393 21.15 46.14 64.54
CA ARG GB 393 21.23 47.10 65.62
C ARG GB 393 22.15 46.55 66.70
N GLN GB 394 22.93 47.44 67.30
CA GLN GB 394 23.89 47.06 68.33
C GLN GB 394 23.74 48.00 69.52
N THR GB 395 23.61 47.42 70.71
CA THR GB 395 23.44 48.17 71.95
C THR GB 395 24.55 47.76 72.92
N VAL GB 396 25.28 48.75 73.44
CA VAL GB 396 26.34 48.52 74.41
C VAL GB 396 26.13 49.46 75.58
N SER GB 397 26.21 48.92 76.79
CA SER GB 397 26.12 49.72 78.01
C SER GB 397 27.28 49.36 78.92
N VAL GB 398 27.96 50.37 79.44
CA VAL GB 398 29.09 50.21 80.34
C VAL GB 398 28.84 51.02 81.59
N ALA GB 399 29.02 50.40 82.75
CA ALA GB 399 28.85 51.05 84.04
C ALA GB 399 30.18 51.03 84.78
N ILE GB 400 30.60 52.18 85.27
CA ILE GB 400 31.89 52.36 85.92
C ILE GB 400 31.67 52.56 87.40
N LYS GB 401 32.42 51.83 88.22
CA LYS GB 401 32.29 51.95 89.67
C LYS GB 401 32.75 53.32 90.13
N ASP GB 402 31.97 53.92 91.03
CA ASP GB 402 32.35 55.21 91.60
C ASP GB 402 33.44 55.03 92.65
N ARG GB 403 34.22 56.09 92.86
CA ARG GB 403 35.29 56.11 93.84
C ARG GB 403 36.28 54.96 93.61
N PRO GB 417 32.68 59.17 92.13
CA PRO GB 417 32.25 59.17 90.72
C PRO GB 417 33.39 59.46 89.75
N MET GB 418 33.06 59.59 88.47
CA MET GB 418 34.04 59.87 87.43
C MET GB 418 33.63 61.13 86.69
N SER GB 419 34.63 61.96 86.36
CA SER GB 419 34.38 63.25 85.73
C SER GB 419 33.82 63.07 84.33
N GLU GB 420 33.16 64.13 83.84
CA GLU GB 420 32.56 64.08 82.52
C GLU GB 420 33.62 63.91 81.43
N SER GB 421 34.78 64.55 81.61
CA SER GB 421 35.82 64.46 80.60
C SER GB 421 36.31 63.03 80.41
N GLU GB 422 36.55 62.33 81.51
CA GLU GB 422 37.01 60.95 81.41
C GLU GB 422 35.90 60.02 80.91
N ILE GB 423 34.65 60.31 81.26
CA ILE GB 423 33.54 59.54 80.73
C ILE GB 423 33.48 59.67 79.21
N ASN GB 424 33.63 60.89 78.71
CA ASN GB 424 33.60 61.10 77.27
C ASN GB 424 34.83 60.49 76.60
N ALA GB 425 35.98 60.51 77.26
CA ALA GB 425 37.16 59.85 76.70
C ALA GB 425 36.96 58.35 76.59
N ILE GB 426 36.38 57.73 77.63
CA ILE GB 426 36.07 56.30 77.56
C ILE GB 426 35.07 56.03 76.45
N ARG GB 427 34.07 56.91 76.30
CA ARG GB 427 33.11 56.75 75.22
C ARG GB 427 33.80 56.83 73.86
N GLN GB 428 34.76 57.74 73.71
CA GLN GB 428 35.50 57.86 72.47
C GLN GB 428 36.31 56.60 72.17
N VAL GB 429 36.93 56.02 73.21
CA VAL GB 429 37.68 54.78 73.00
C VAL GB 429 36.73 53.66 72.57
N LEU GB 430 35.59 53.55 73.25
CA LEU GB 430 34.62 52.51 72.89
C LEU GB 430 34.14 52.69 71.46
N ILE GB 431 33.93 53.93 71.03
CA ILE GB 431 33.61 54.23 69.64
C ILE GB 431 34.86 53.94 68.82
N GLY GB 432 34.89 52.79 68.17
CA GLY GB 432 36.12 52.32 67.55
C GLY GB 432 36.55 51.01 68.18
N THR GB 433 36.42 50.91 69.50
CA THR GB 433 36.57 49.59 70.12
C THR GB 433 35.46 48.65 69.67
N VAL GB 434 34.22 49.14 69.60
CA VAL GB 434 33.09 48.33 69.20
C VAL GB 434 32.68 48.54 67.76
N GLY GB 435 33.03 49.67 67.16
CA GLY GB 435 32.56 49.99 65.82
C GLY GB 435 31.22 50.67 65.86
N PHE GB 436 31.10 51.70 66.69
CA PHE GB 436 29.82 52.38 66.86
C PHE GB 436 29.34 52.97 65.54
N ASP GB 437 28.07 52.73 65.22
CA ASP GB 437 27.46 53.15 63.95
C ASP GB 437 26.08 53.72 64.28
N GLN GB 438 26.03 55.03 64.50
CA GLN GB 438 24.76 55.66 64.87
C GLN GB 438 23.73 55.57 63.75
N GLY GB 439 24.18 55.70 62.50
CA GLY GB 439 23.27 55.60 61.38
C GLY GB 439 22.58 54.27 61.26
N ARG GB 440 23.16 53.22 61.85
CA ARG GB 440 22.52 51.91 61.89
C ARG GB 440 21.49 51.80 63.01
N GLY GB 441 21.43 52.79 63.89
CA GLY GB 441 20.57 52.72 65.05
C GLY GB 441 21.23 52.22 66.30
N ASP GB 442 22.56 52.07 66.30
CA ASP GB 442 23.26 51.57 67.46
C ASP GB 442 23.21 52.57 68.60
N LEU GB 443 23.40 52.07 69.81
CA LEU GB 443 23.31 52.87 71.02
C LEU GB 443 24.44 52.49 71.96
N LEU GB 444 25.06 53.50 72.57
CA LEU GB 444 26.18 53.30 73.47
C LEU GB 444 25.96 54.17 74.71
N ASN GB 445 25.73 53.53 75.85
CA ASN GB 445 25.57 54.22 77.12
C ASN GB 445 26.78 53.98 77.99
N VAL GB 446 27.33 55.05 78.56
CA VAL GB 446 28.41 54.96 79.54
C VAL GB 446 27.97 55.72 80.77
N LEU GB 447 27.86 55.03 81.90
CA LEU GB 447 27.37 55.62 83.13
C LEU GB 447 28.37 55.37 84.25
N SER GB 448 28.30 56.22 85.28
CA SER GB 448 29.09 56.06 86.50
C SER GB 448 28.12 55.74 87.63
N VAL GB 449 28.15 54.50 88.11
CA VAL GB 449 27.21 54.02 89.12
C VAL GB 449 27.98 53.57 90.35
N LYS GB 450 27.24 53.35 91.43
CA LYS GB 450 27.80 52.95 92.72
C LYS GB 450 27.67 51.43 92.86
N PHE GB 451 28.80 50.73 92.78
CA PHE GB 451 28.79 49.30 93.00
C PHE GB 451 28.61 48.99 94.48
N ALA GB 452 27.89 47.91 94.75
CA ALA GB 452 27.65 47.49 96.12
C ALA GB 452 28.68 46.46 96.56
N ALA HB 255 3.42 18.78 63.37
CA ALA HB 255 3.73 20.21 63.50
C ALA HB 255 3.67 20.66 64.94
N SER HB 256 2.94 19.94 65.79
CA SER HB 256 2.87 20.31 67.20
C SER HB 256 4.23 20.16 67.87
N ALA HB 257 5.04 19.21 67.41
CA ALA HB 257 6.42 19.14 67.89
C ALA HB 257 7.18 20.40 67.52
N ALA HB 258 6.93 20.94 66.32
CA ALA HB 258 7.52 22.20 65.95
C ALA HB 258 7.09 23.32 66.88
N ARG HB 259 5.80 23.34 67.24
CA ARG HB 259 5.32 24.35 68.18
C ARG HB 259 5.99 24.21 69.55
N ARG HB 260 6.18 22.96 70.00
CA ARG HB 260 6.88 22.72 71.25
C ARG HB 260 8.29 23.27 71.20
N LYS HB 261 9.01 23.03 70.09
CA LYS HB 261 10.37 23.54 69.98
C LYS HB 261 10.38 25.07 69.86
N GLU HB 262 9.33 25.66 69.30
CA GLU HB 262 9.22 27.12 69.31
C GLU HB 262 9.09 27.65 70.74
N GLN HB 263 8.29 26.99 71.56
CA GLN HB 263 8.19 27.35 72.97
C GLN HB 263 9.57 27.24 73.63
N GLU HB 264 10.30 26.17 73.30
CA GLU HB 264 11.63 25.99 73.85
C GLU HB 264 12.56 27.13 73.44
N LEU HB 265 12.47 27.56 72.19
CA LEU HB 265 13.27 28.69 71.72
C LEU HB 265 12.96 29.96 72.51
N GLU HB 266 11.66 30.23 72.70
CA GLU HB 266 11.28 31.42 73.46
C GLU HB 266 11.82 31.36 74.88
N ARG HB 267 11.68 30.20 75.53
CA ARG HB 267 12.18 30.07 76.90
C ARG HB 267 13.69 30.22 76.97
N SER HB 268 14.40 29.69 75.97
CA SER HB 268 15.86 29.83 75.93
C SER HB 268 16.27 31.29 75.80
N GLN HB 269 15.57 32.03 74.95
CA GLN HB 269 15.85 33.47 74.81
C GLN HB 269 15.63 34.18 76.13
N GLU HB 270 14.52 33.88 76.80
CA GLU HB 270 14.24 34.50 78.09
C GLU HB 270 15.34 34.18 79.10
N GLN HB 271 15.79 32.93 79.11
CA GLN HB 271 16.84 32.53 80.05
C GLN HB 271 18.14 33.26 79.77
N ALA HB 272 18.49 33.41 78.49
CA ALA HB 272 19.71 34.13 78.14
C ALA HB 272 19.65 35.59 78.58
N LEU HB 273 18.50 36.22 78.34
CA LEU HB 273 18.35 37.61 78.77
C LEU HB 273 18.42 37.73 80.29
N ARG HB 274 17.83 36.78 81.01
CA ARG HB 274 17.93 36.78 82.46
C ARG HB 274 19.38 36.63 82.91
N GLU HB 275 20.14 35.78 82.23
CA GLU HB 275 21.55 35.60 82.56
C GLU HB 275 22.31 36.90 82.38
N LYS HB 276 22.06 37.61 81.27
CA LYS HB 276 22.72 38.90 81.06
C LYS HB 276 22.32 39.91 82.14
N ILE HB 277 21.04 39.93 82.50
CA ILE HB 277 20.58 40.84 83.54
C ILE HB 277 21.31 40.56 84.85
N ASP HB 278 21.44 39.28 85.19
CA ASP HB 278 22.19 38.92 86.39
C ASP HB 278 23.64 39.36 86.28
N SER HB 279 24.27 39.11 85.13
CA SER HB 279 25.68 39.45 84.96
C SER HB 279 25.92 40.94 85.13
N VAL HB 280 24.93 41.76 84.83
CA VAL HB 280 25.05 43.20 85.02
C VAL HB 280 24.71 43.63 86.43
N LEU HB 281 23.64 43.09 87.02
CA LEU HB 281 23.13 43.64 88.28
C LEU HB 281 23.78 43.02 89.50
N LEU HB 282 24.30 41.79 89.41
CA LEU HB 282 24.91 41.15 90.57
C LEU HB 282 26.08 41.95 91.13
N PRO HB 283 27.04 42.45 90.32
CA PRO HB 283 28.06 43.33 90.90
C PRO HB 283 27.50 44.64 91.41
N ILE HB 284 26.60 45.27 90.64
CA ILE HB 284 26.13 46.60 90.97
C ILE HB 284 25.29 46.58 92.25
N LEU HB 285 24.33 45.66 92.33
CA LEU HB 285 23.39 45.66 93.46
C LEU HB 285 23.79 44.67 94.54
N GLY HB 286 24.25 43.50 94.16
CA GLY HB 286 24.60 42.45 95.10
C GLY HB 286 23.72 41.23 94.93
N TYR HB 287 23.97 40.24 95.78
CA TYR HB 287 23.26 38.97 95.72
C TYR HB 287 22.01 39.04 96.58
N GLY HB 288 20.85 38.81 95.96
CA GLY HB 288 19.60 38.81 96.67
C GLY HB 288 18.98 40.16 96.92
N ASN HB 289 19.58 41.23 96.40
CA ASN HB 289 19.02 42.57 96.54
C ASN HB 289 18.12 42.96 95.39
N TYR HB 290 17.89 42.07 94.43
CA TYR HB 290 17.07 42.39 93.27
C TYR HB 290 16.37 41.12 92.79
N THR HB 291 15.31 41.31 92.03
CA THR HB 291 14.67 40.22 91.30
C THR HB 291 14.24 40.74 89.95
N ALA HB 292 14.37 39.92 88.91
CA ALA HB 292 14.03 40.34 87.57
C ALA HB 292 13.50 39.16 86.78
N GLN HB 293 12.48 39.41 85.96
CA GLN HB 293 11.94 38.41 85.06
C GLN HB 293 11.73 39.03 83.69
N VAL HB 294 11.81 38.19 82.66
CA VAL HB 294 11.80 38.64 81.28
C VAL HB 294 10.76 37.84 80.51
N ASP HB 295 9.92 38.54 79.76
CA ASP HB 295 8.97 37.91 78.84
C ASP HB 295 9.35 38.25 77.41
N ILE HB 296 9.49 37.24 76.57
CA ILE HB 296 9.84 37.41 75.16
C ILE HB 296 8.77 36.74 74.32
N GLN HB 297 8.13 37.51 73.46
CA GLN HB 297 7.13 37.01 72.52
C GLN HB 297 7.76 36.99 71.13
N MET HB 298 7.73 35.83 70.48
CA MET HB 298 8.38 35.65 69.19
C MET HB 298 7.35 35.24 68.14
N ASP HB 299 7.35 35.94 67.02
CA ASP HB 299 6.52 35.59 65.88
C ASP HB 299 7.23 34.54 65.03
N PHE HB 300 6.46 33.59 64.51
CA PHE HB 300 6.98 32.51 63.69
C PHE HB 300 6.23 32.42 62.38
N SER HB 301 5.88 33.56 61.80
CA SER HB 301 5.23 33.57 60.51
C SER HB 301 6.22 33.17 59.42
N ALA HB 302 5.72 33.06 58.19
CA ALA HB 302 6.52 32.64 57.04
C ALA HB 302 6.35 33.63 55.90
N VAL HB 303 6.56 34.91 56.19
CA VAL HB 303 6.41 35.95 55.19
C VAL HB 303 7.40 35.74 54.05
N GLU HB 304 6.95 36.02 52.83
CA GLU HB 304 7.80 35.89 51.65
C GLU HB 304 7.27 36.86 50.61
N GLN HB 305 8.01 37.95 50.39
CA GLN HB 305 7.51 39.10 49.63
C GLN HB 305 8.30 39.28 48.34
N THR HB 306 7.61 39.73 47.30
CA THR HB 306 8.22 40.05 46.02
C THR HB 306 7.74 41.43 45.59
N ARG HB 307 8.68 42.36 45.40
CA ARG HB 307 8.37 43.74 45.07
C ARG HB 307 8.93 44.06 43.70
N LYS HB 308 8.12 44.69 42.86
CA LYS HB 308 8.53 45.13 41.53
C LYS HB 308 8.25 46.63 41.44
N ARG HB 309 9.31 47.43 41.52
CA ARG HB 309 9.20 48.88 41.61
C ARG HB 309 9.79 49.52 40.36
N PHE HB 310 9.15 50.61 39.94
CA PHE HB 310 9.56 51.38 38.76
C PHE HB 310 9.95 52.79 39.19
N ASP HB 311 10.39 53.59 38.21
CA ASP HB 311 10.81 54.96 38.46
C ASP HB 311 10.07 55.86 37.48
N PRO HB 312 8.91 56.39 37.87
CA PRO HB 312 8.10 57.16 36.91
C PRO HB 312 8.76 58.42 36.38
N ASN HB 313 9.63 59.05 37.17
CA ASN HB 313 10.10 60.39 36.87
C ASN HB 313 11.36 60.43 36.00
N THR HB 314 11.93 59.29 35.64
CA THR HB 314 13.09 59.23 34.75
C THR HB 314 12.88 58.20 33.65
N PRO HB 315 11.98 58.47 32.71
CA PRO HB 315 11.82 57.56 31.57
C PRO HB 315 12.85 57.84 30.49
N ALA HB 316 13.14 56.81 29.69
CA ALA HB 316 14.07 56.91 28.58
C ALA HB 316 13.36 56.52 27.30
N THR HB 317 13.27 57.44 26.36
CA THR HB 317 12.54 57.16 25.12
C THR HB 317 13.32 56.18 24.26
N ARG HB 318 12.65 55.08 23.87
CA ARG HB 318 13.26 54.05 23.04
C ARG HB 318 13.01 54.30 21.56
N SER HB 319 11.75 54.45 21.17
CA SER HB 319 11.37 54.82 19.82
C SER HB 319 10.38 55.97 19.91
N GLU HB 320 10.28 56.74 18.84
CA GLU HB 320 9.43 57.93 18.87
C GLU HB 320 8.96 58.26 17.47
N TYR HB 321 7.69 58.57 17.35
CA TYR HB 321 7.09 59.08 16.12
C TYR HB 321 6.36 60.38 16.43
N ALA HB 322 6.48 61.36 15.55
CA ALA HB 322 5.88 62.66 15.78
C ALA HB 322 5.49 63.28 14.44
N LEU HB 323 4.20 63.38 14.18
CA LEU HB 323 3.66 64.02 12.99
C LEU HB 323 3.00 65.33 13.41
N GLU HB 324 3.35 66.42 12.73
CA GLU HB 324 2.86 67.76 13.08
C GLU HB 324 2.67 68.56 11.80
N ASP HB 325 1.44 68.57 11.28
CA ASP HB 325 1.13 69.29 10.07
C ASP HB 325 0.16 70.43 10.34
N TYR HB 326 0.27 71.48 9.54
CA TYR HB 326 -0.56 72.68 9.65
C TYR HB 326 -1.25 72.93 8.31
N ASN HB 327 -2.11 73.94 8.29
CA ASN HB 327 -2.78 74.38 7.06
C ASN HB 327 -3.19 75.84 7.17
N GLY HB 365 -5.85 77.94 11.32
CA GLY HB 365 -6.25 76.85 10.46
C GLY HB 365 -6.11 75.49 11.10
N SER HB 366 -6.13 74.44 10.29
CA SER HB 366 -5.99 73.08 10.80
C SER HB 366 -4.61 72.88 11.41
N VAL HB 367 -4.59 72.25 12.58
CA VAL HB 367 -3.34 71.92 13.27
C VAL HB 367 -3.49 70.51 13.84
N ARG HB 368 -2.81 69.54 13.24
CA ARG HB 368 -2.87 68.15 13.65
C ARG HB 368 -1.53 67.75 14.26
N LYS HB 369 -1.55 67.25 15.49
CA LYS HB 369 -0.34 66.89 16.23
C LYS HB 369 -0.46 65.44 16.69
N GLU HB 370 -0.07 64.51 15.83
CA GLU HB 370 -0.02 63.12 16.22
C GLU HB 370 1.33 62.80 16.85
N SER HB 371 1.33 61.81 17.73
CA SER HB 371 2.55 61.45 18.44
C SER HB 371 2.41 60.04 18.99
N THR HB 372 3.49 59.27 18.90
CA THR HB 372 3.58 57.94 19.48
C THR HB 372 4.95 57.81 20.14
N ARG HB 373 4.98 57.22 21.33
CA ARG HB 373 6.21 57.19 22.11
C ARG HB 373 6.28 55.90 22.91
N ASN HB 374 7.46 55.28 22.91
CA ASN HB 374 7.73 54.10 23.72
C ASN HB 374 8.83 54.41 24.72
N PHE HB 375 8.69 53.90 25.93
CA PHE HB 375 9.59 54.26 27.02
C PHE HB 375 10.24 53.02 27.62
N GLU HB 376 11.40 53.25 28.24
CA GLU HB 376 12.10 52.28 29.06
C GLU HB 376 12.27 52.90 30.44
N LEU HB 377 12.02 52.09 31.48
CA LEU HB 377 11.95 52.59 32.84
C LEU HB 377 12.87 51.78 33.75
N ASP HB 378 13.37 52.42 34.79
CA ASP HB 378 14.16 51.72 35.79
C ASP HB 378 13.30 50.69 36.50
N THR HB 379 13.77 49.45 36.56
CA THR HB 379 12.99 48.34 37.08
C THR HB 379 13.79 47.63 38.16
N THR HB 380 13.29 47.66 39.38
CA THR HB 380 13.89 46.94 40.50
C THR HB 380 12.96 45.80 40.89
N ILE HB 381 13.50 44.60 41.01
CA ILE HB 381 12.73 43.42 41.38
C ILE HB 381 13.44 42.77 42.56
N SER HB 382 12.88 42.91 43.75
CA SER HB 382 13.48 42.41 44.97
C SER HB 382 12.62 41.33 45.59
N HIS HB 383 13.21 40.17 45.84
CA HIS HB 383 12.53 39.05 46.49
C HIS HB 383 13.12 38.87 47.88
N GLU HB 384 12.32 39.11 48.91
CA GLU HB 384 12.75 39.02 50.29
C GLU HB 384 12.05 37.85 50.97
N ARG HB 385 12.76 37.17 51.87
CA ARG HB 385 12.20 36.07 52.62
C ARG HB 385 12.59 36.25 54.09
N LYS HB 386 11.64 36.68 54.91
CA LYS HB 386 11.94 37.01 56.29
C LYS HB 386 12.28 35.75 57.09
N GLN HB 387 13.12 35.93 58.10
CA GLN HB 387 13.38 34.85 59.03
C GLN HB 387 12.14 34.53 59.85
N THR HB 388 11.93 33.24 60.13
CA THR HB 388 10.71 32.79 60.78
C THR HB 388 10.54 33.39 62.16
N GLY HB 389 11.38 32.99 63.11
CA GLY HB 389 11.22 33.43 64.48
C GLY HB 389 11.90 34.75 64.78
N THR HB 390 11.10 35.79 65.00
CA THR HB 390 11.62 37.12 65.31
C THR HB 390 10.96 37.64 66.58
N VAL HB 391 11.76 38.25 67.45
CA VAL HB 391 11.23 38.83 68.68
C VAL HB 391 10.32 40.00 68.33
N ALA HB 392 9.01 39.81 68.52
CA ALA HB 392 8.04 40.84 68.19
C ALA HB 392 7.82 41.82 69.34
N ARG HB 393 7.99 41.37 70.58
CA ARG HB 393 7.82 42.23 71.74
C ARG HB 393 8.63 41.65 72.89
N GLN HB 394 9.25 42.53 73.67
CA GLN HB 394 10.07 42.12 74.79
C GLN HB 394 9.69 42.93 76.02
N THR HB 395 9.45 42.25 77.13
CA THR HB 395 9.05 42.86 78.38
C THR HB 395 10.03 42.45 79.47
N VAL HB 396 10.60 43.44 80.17
CA VAL HB 396 11.53 43.18 81.25
C VAL HB 396 11.09 44.00 82.46
N SER HB 397 11.03 43.36 83.63
CA SER HB 397 10.71 44.04 84.88
C SER HB 397 11.77 43.68 85.91
N VAL HB 398 12.28 44.69 86.62
CA VAL HB 398 13.29 44.51 87.65
C VAL HB 398 12.79 45.18 88.91
N ALA HB 399 12.87 44.47 90.03
CA ALA HB 399 12.46 44.99 91.33
C ALA HB 399 13.67 44.98 92.25
N ILE HB 400 13.92 46.13 92.89
CA ILE HB 400 15.10 46.33 93.74
C ILE HB 400 14.65 46.39 95.19
N LYS HB 401 15.33 45.63 96.04
CA LYS HB 401 15.00 45.60 97.45
C LYS HB 401 15.28 46.96 98.09
N ASP HB 402 14.34 47.42 98.91
CA ASP HB 402 14.51 48.66 99.63
C ASP HB 402 15.46 48.47 100.81
N ARG HB 403 16.10 49.56 101.22
CA ARG HB 403 17.03 49.56 102.35
C ARG HB 403 18.13 48.52 102.18
N PRO HB 417 14.44 52.57 100.52
CA PRO HB 417 14.21 52.68 99.07
C PRO HB 417 15.45 53.13 98.31
N MET HB 418 15.28 53.36 97.01
CA MET HB 418 16.37 53.80 96.14
C MET HB 418 15.98 55.10 95.46
N SER HB 419 16.93 56.02 95.35
CA SER HB 419 16.66 57.33 94.80
C SER HB 419 16.33 57.25 93.31
N GLU HB 420 15.66 58.29 92.83
CA GLU HB 420 15.25 58.34 91.43
C GLU HB 420 16.46 58.34 90.50
N SER HB 421 17.52 59.05 90.89
CA SER HB 421 18.71 59.12 90.05
C SER HB 421 19.32 57.75 89.81
N GLU HB 422 19.47 56.97 90.88
CA GLU HB 422 20.06 55.64 90.73
C GLU HB 422 19.11 54.69 90.00
N ILE HB 423 17.80 54.85 90.20
CA ILE HB 423 16.84 54.05 89.44
C ILE HB 423 16.97 54.32 87.94
N ASN HB 424 17.10 55.60 87.58
CA ASN HB 424 17.25 55.94 86.17
C ASN HB 424 18.60 55.48 85.63
N ALA HB 425 19.65 55.51 86.46
CA ALA HB 425 20.95 54.99 86.03
C ALA HB 425 20.89 53.50 85.76
N ILE HB 426 20.23 52.75 86.65
CA ILE HB 426 20.04 51.31 86.42
C ILE HB 426 19.24 51.08 85.17
N ARG HB 427 18.21 51.89 84.94
CA ARG HB 427 17.41 51.78 83.72
C ARG HB 427 18.28 52.02 82.49
N GLN HB 428 19.16 53.01 82.56
CA GLN HB 428 20.06 53.29 81.44
C GLN HB 428 21.00 52.13 81.17
N VAL HB 429 21.53 51.50 82.23
CA VAL HB 429 22.39 50.33 82.04
C VAL HB 429 21.62 49.19 81.39
N LEU HB 430 20.40 48.95 81.88
CA LEU HB 430 19.58 47.88 81.29
C LEU HB 430 19.29 48.15 79.83
N ILE HB 431 19.04 49.41 79.48
CA ILE HB 431 18.90 49.81 78.08
C ILE HB 431 20.26 49.70 77.43
N GLY HB 432 20.48 48.62 76.70
CA GLY HB 432 21.81 48.29 76.24
C GLY HB 432 22.27 46.97 76.80
N THR HB 433 21.97 46.72 78.09
CA THR HB 433 22.13 45.37 78.61
C THR HB 433 21.18 44.41 77.93
N VAL HB 434 19.93 44.81 77.73
CA VAL HB 434 18.93 43.95 77.10
C VAL HB 434 18.72 44.27 75.63
N GLY HB 435 19.05 45.48 75.18
CA GLY HB 435 18.75 45.88 73.83
C GLY HB 435 17.35 46.45 73.72
N PHE HB 436 17.02 47.40 74.60
CA PHE HB 436 15.70 47.97 74.64
C PHE HB 436 15.36 48.64 73.32
N ASP HB 437 14.16 48.34 72.79
CA ASP HB 437 13.70 48.83 71.50
C ASP HB 437 12.25 49.27 71.66
N GLN HB 438 12.05 50.55 71.97
CA GLN HB 438 10.71 51.05 72.22
C GLN HB 438 9.86 51.00 70.95
N GLY HB 439 10.47 51.27 69.79
CA GLY HB 439 9.73 51.22 68.54
C GLY HB 439 9.16 49.85 68.22
N ARG HB 440 9.75 48.80 68.79
CA ARG HB 440 9.22 47.44 68.64
C ARG HB 440 8.06 47.16 69.58
N GLY HB 441 7.79 48.06 70.52
CA GLY HB 441 6.78 47.82 71.53
C GLY HB 441 7.31 47.25 72.82
N ASP HB 442 8.63 47.20 73.00
CA ASP HB 442 9.21 46.65 74.21
C ASP HB 442 8.92 47.53 75.42
N LEU HB 443 8.98 46.92 76.59
CA LEU HB 443 8.65 47.61 77.83
C LEU HB 443 9.66 47.22 78.90
N LEU HB 444 10.10 48.21 79.67
CA LEU HB 444 11.11 48.02 80.71
C LEU HB 444 10.65 48.74 81.96
N ASN HB 445 10.32 47.98 83.00
CA ASN HB 445 9.91 48.54 84.29
C ASN HB 445 11.02 48.30 85.31
N VAL HB 446 11.38 49.36 86.03
CA VAL HB 446 12.32 49.25 87.15
C VAL HB 446 11.65 49.87 88.37
N LEU HB 447 11.45 49.07 89.41
CA LEU HB 447 10.74 49.51 90.60
C LEU HB 447 11.60 49.23 91.83
N SER HB 448 11.32 49.98 92.89
CA SER HB 448 11.93 49.75 94.19
C SER HB 448 10.85 49.27 95.15
N VAL HB 449 10.92 47.99 95.52
CA VAL HB 449 9.89 47.36 96.33
C VAL HB 449 10.52 46.84 97.63
N LYS HB 450 9.65 46.47 98.58
CA LYS HB 450 10.07 46.00 99.88
C LYS HB 450 10.04 44.47 99.88
N PHE HB 451 11.22 43.86 99.92
CA PHE HB 451 11.30 42.41 100.00
C PHE HB 451 10.95 41.96 101.42
N ALA HB 452 10.29 40.81 101.50
CA ALA HB 452 9.90 40.25 102.79
C ALA HB 452 10.94 39.26 103.28
N ALA IB 255 -7.07 13.05 64.62
CA ALA IB 255 -6.90 14.48 64.90
C ALA IB 255 -7.20 14.79 66.36
N SER IB 256 -7.98 13.94 67.03
CA SER IB 256 -8.27 14.18 68.44
C SER IB 256 -7.01 14.05 69.29
N ALA IB 257 -6.07 13.21 68.87
CA ALA IB 257 -4.77 13.20 69.54
C ALA IB 257 -4.08 14.55 69.39
N ALA IB 258 -4.20 15.17 68.22
CA ALA IB 258 -3.67 16.50 68.03
C ALA IB 258 -4.32 17.49 68.98
N ARG IB 259 -5.64 17.39 69.16
CA ARG IB 259 -6.33 18.27 70.10
C ARG IB 259 -5.85 18.05 71.53
N ARG IB 260 -5.62 16.79 71.89
CA ARG IB 260 -5.08 16.48 73.21
C ARG IB 260 -3.72 17.14 73.41
N LYS IB 261 -2.85 17.04 72.41
CA LYS IB 261 -1.53 17.67 72.53
C LYS IB 261 -1.62 19.18 72.54
N GLU IB 262 -2.65 19.76 71.90
CA GLU IB 262 -2.87 21.20 72.01
C GLU IB 262 -3.24 21.58 73.43
N GLN IB 263 -4.09 20.79 74.07
CA GLN IB 263 -4.40 21.01 75.48
C GLN IB 263 -3.14 20.93 76.32
N GLU IB 264 -2.28 19.96 76.02
CA GLU IB 264 -1.02 19.82 76.73
C GLU IB 264 -0.15 21.06 76.56
N LEU IB 265 -0.10 21.60 75.34
CA LEU IB 265 0.67 22.82 75.10
C LEU IB 265 0.14 23.98 75.93
N GLU IB 266 -1.19 24.15 75.96
CA GLU IB 266 -1.77 25.23 76.74
C GLU IB 266 -1.43 25.08 78.22
N ARG IB 267 -1.55 23.86 78.75
CA ARG IB 267 -1.25 23.63 80.15
C ARG IB 267 0.22 23.87 80.45
N SER IB 268 1.11 23.49 79.53
CA SER IB 268 2.54 23.74 79.71
C SER IB 268 2.84 25.23 79.76
N GLN IB 269 2.20 26.00 78.88
CA GLN IB 269 2.38 27.45 78.90
C GLN IB 269 1.92 28.03 80.23
N GLU IB 270 0.76 27.59 80.71
CA GLU IB 270 0.25 28.08 81.99
C GLU IB 270 1.22 27.74 83.11
N GLN IB 271 1.77 26.52 83.10
CA GLN IB 271 2.70 26.11 84.13
C GLN IB 271 3.97 26.96 84.11
N ALA IB 272 4.48 27.25 82.92
CA ALA IB 272 5.67 28.08 82.80
C ALA IB 272 5.42 29.48 83.34
N LEU IB 273 4.28 30.05 82.99
CA LEU IB 273 3.94 31.39 83.50
C LEU IB 273 3.80 31.37 85.02
N ARG IB 274 3.20 30.31 85.57
CA ARG IB 274 3.09 30.19 87.02
C ARG IB 274 4.47 30.10 87.66
N GLU IB 275 5.38 29.36 87.03
CA GLU IB 275 6.75 29.26 87.55
C GLU IB 275 7.42 30.63 87.59
N LYS IB 276 7.27 31.41 86.52
CA LYS IB 276 7.84 32.76 86.51
C LYS IB 276 7.22 33.64 87.60
N ILE IB 277 5.90 33.54 87.77
CA ILE IB 277 5.21 34.31 88.81
C ILE IB 277 5.79 33.96 90.17
N ASP IB 278 5.97 32.67 90.43
CA ASP IB 278 6.57 32.25 91.69
C ASP IB 278 7.98 32.80 91.83
N SER IB 279 8.79 32.71 90.77
CA SER IB 279 10.17 33.15 90.84
C SER IB 279 10.26 34.64 91.16
N VAL IB 280 9.25 35.41 90.79
CA VAL IB 280 9.23 36.83 91.10
C VAL IB 280 8.67 37.10 92.49
N LEU IB 281 7.57 36.43 92.86
CA LEU IB 281 6.85 36.83 94.07
C LEU IB 281 7.37 36.15 95.33
N LEU IB 282 7.99 34.98 95.20
CA LEU IB 282 8.49 34.27 96.39
C LEU IB 282 9.50 35.10 97.18
N PRO IB 283 10.52 35.73 96.57
CA PRO IB 283 11.38 36.64 97.34
C PRO IB 283 10.64 37.85 97.88
N ILE IB 284 9.81 38.47 97.04
CA ILE IB 284 9.18 39.74 97.40
C ILE IB 284 8.18 39.54 98.55
N LEU IB 285 7.30 38.56 98.41
CA LEU IB 285 6.22 38.38 99.38
C LEU IB 285 6.53 37.33 100.43
N GLY IB 286 7.14 36.22 100.02
CA GLY IB 286 7.44 35.12 100.92
C GLY IB 286 6.70 33.87 100.52
N TYR IB 287 6.91 32.82 101.31
CA TYR IB 287 6.33 31.52 101.04
C TYR IB 287 4.97 31.41 101.71
N GLY IB 288 3.93 31.17 100.92
CA GLY IB 288 2.60 31.00 101.44
C GLY IB 288 1.85 32.29 101.71
N ASN IB 289 2.40 33.44 101.36
CA ASN IB 289 1.72 34.71 101.54
C ASN IB 289 0.96 35.15 100.29
N TYR IB 290 0.95 34.33 99.25
CA TYR IB 290 0.28 34.69 98.01
C TYR IB 290 -0.24 33.43 97.34
N THR IB 291 -1.20 33.62 96.44
CA THR IB 291 -1.64 32.55 95.54
C THR IB 291 -1.93 33.17 94.19
N ALA IB 292 -1.58 32.45 93.13
CA ALA IB 292 -1.76 32.97 91.78
C ALA IB 292 -2.08 31.83 90.82
N GLN IB 293 -2.99 32.09 89.89
CA GLN IB 293 -3.32 31.14 88.85
C GLN IB 293 -3.39 31.87 87.51
N VAL IB 294 -3.09 31.13 86.44
CA VAL IB 294 -2.94 31.70 85.10
C VAL IB 294 -3.80 30.91 84.14
N ASP IB 295 -4.59 31.61 83.32
CA ASP IB 295 -5.34 31.01 82.23
C ASP IB 295 -4.79 31.51 80.90
N ILE IB 296 -4.45 30.59 80.02
CA ILE IB 296 -3.93 30.91 78.70
C ILE IB 296 -4.81 30.25 77.65
N GLN IB 297 -5.40 31.05 76.78
CA GLN IB 297 -6.19 30.57 75.66
C GLN IB 297 -5.39 30.71 74.38
N MET IB 298 -5.23 29.63 73.64
CA MET IB 298 -4.39 29.62 72.45
C MET IB 298 -5.22 29.23 71.24
N ASP IB 299 -5.13 30.02 70.18
CA ASP IB 299 -5.76 29.73 68.91
C ASP IB 299 -4.85 28.81 68.10
N PHE IB 300 -5.47 27.87 67.39
CA PHE IB 300 -4.75 26.90 66.58
C PHE IB 300 -5.29 26.88 65.16
N SER IB 301 -5.65 28.05 64.64
CA SER IB 301 -6.13 28.14 63.26
C SER IB 301 -4.96 27.90 62.30
N ALA IB 302 -5.27 27.87 61.01
CA ALA IB 302 -4.30 27.62 59.95
C ALA IB 302 -4.38 28.69 58.89
N VAL IB 303 -4.33 29.95 59.31
CA VAL IB 303 -4.42 31.07 58.38
C VAL IB 303 -3.27 31.03 57.39
N GLU IB 304 -3.56 31.39 56.15
CA GLU IB 304 -2.55 31.43 55.09
C GLU IB 304 -3.01 32.47 54.07
N GLN IB 305 -2.34 33.62 54.05
CA GLN IB 305 -2.81 34.79 53.33
C GLN IB 305 -1.87 35.14 52.18
N THR IB 306 -2.45 35.63 51.09
CA THR IB 306 -1.69 36.12 49.94
C THR IB 306 -2.23 37.50 49.56
N ARG IB 307 -1.35 38.49 49.58
CA ARG IB 307 -1.72 39.88 49.34
C ARG IB 307 -1.00 40.37 48.08
N LYS IB 308 -1.74 41.01 47.19
CA LYS IB 308 -1.19 41.61 45.98
C LYS IB 308 -1.57 43.08 45.97
N ARG IB 309 -0.61 43.94 46.27
CA ARG IB 309 -0.85 45.37 46.45
C ARG IB 309 -0.16 46.16 45.35
N PHE IB 310 -0.82 47.24 44.93
CA PHE IB 310 -0.31 48.13 43.90
C PHE IB 310 -0.10 49.53 44.49
N ASP IB 311 0.41 50.43 43.66
CA ASP IB 311 0.66 51.81 44.07
C ASP IB 311 -0.01 52.75 43.08
N PRO IB 312 -1.25 53.16 43.33
CA PRO IB 312 -1.97 53.95 42.33
C PRO IB 312 -1.36 55.29 42.01
N ASN IB 313 -0.66 55.91 42.97
CA ASN IB 313 -0.26 57.31 42.85
C ASN IB 313 1.10 57.52 42.18
N THR IB 314 1.80 56.44 41.81
CA THR IB 314 3.08 56.56 41.10
C THR IB 314 3.11 55.61 39.90
N PRO IB 315 2.32 55.91 38.86
CA PRO IB 315 2.40 55.10 37.64
C PRO IB 315 3.55 55.55 36.75
N ALA IB 316 4.03 54.63 35.93
CA ALA IB 316 5.10 54.89 34.98
C ALA IB 316 4.61 54.56 33.57
N THR IB 317 4.57 55.56 32.70
CA THR IB 317 4.04 55.35 31.37
C THR IB 317 5.01 54.51 30.54
N ARG IB 318 4.51 53.41 29.98
CA ARG IB 318 5.29 52.50 29.16
C ARG IB 318 5.24 52.88 27.68
N SER IB 319 4.04 52.97 27.13
CA SER IB 319 3.82 53.44 25.78
C SER IB 319 2.74 54.50 25.82
N GLU IB 320 2.72 55.36 24.80
CA GLU IB 320 1.78 56.47 24.81
C GLU IB 320 1.48 56.90 23.39
N TYR IB 321 0.21 57.13 23.10
CA TYR IB 321 -0.24 57.70 21.84
C TYR IB 321 -1.12 58.91 22.15
N ALA IB 322 -0.95 59.97 21.38
CA ALA IB 322 -1.69 61.21 21.63
C ALA IB 322 -1.93 61.91 20.29
N LEU IB 323 -3.19 61.94 19.87
CA LEU IB 323 -3.60 62.67 18.67
C LEU IB 323 -4.43 63.87 19.08
N GLU IB 324 -4.07 65.04 18.56
CA GLU IB 324 -4.72 66.31 18.94
C GLU IB 324 -4.80 67.20 17.71
N ASP IB 325 -5.94 67.17 17.03
CA ASP IB 325 -6.14 67.97 15.83
C ASP IB 325 -7.23 69.02 16.06
N TYR IB 326 -7.09 70.15 15.37
CA TYR IB 326 -8.02 71.26 15.46
C TYR IB 326 -8.54 71.59 14.06
N ASN IB 327 -9.48 72.53 14.00
CA ASN IB 327 -9.99 73.03 12.72
C ASN IB 327 -10.53 74.45 12.89
N GLY IB 365 -13.92 75.97 16.76
CA GLY IB 365 -14.10 74.93 15.76
C GLY IB 365 -13.94 73.53 16.31
N SER IB 366 -13.76 72.56 15.41
CA SER IB 366 -13.58 71.17 15.84
C SER IB 366 -12.29 71.02 16.62
N VAL IB 367 -12.36 70.28 17.73
CA VAL IB 367 -11.21 69.97 18.56
C VAL IB 367 -11.32 68.52 18.98
N ARG IB 368 -10.49 67.66 18.41
CA ARG IB 368 -10.49 66.23 18.70
C ARG IB 368 -9.21 65.88 19.46
N LYS IB 369 -9.37 65.26 20.63
CA LYS IB 369 -8.25 64.92 21.50
C LYS IB 369 -8.30 63.44 21.83
N GLU IB 370 -7.73 62.62 20.95
CA GLU IB 370 -7.61 61.19 21.23
C GLU IB 370 -6.34 60.92 22.02
N SER IB 371 -6.38 59.85 22.81
CA SER IB 371 -5.24 59.52 23.67
C SER IB 371 -5.34 58.06 24.07
N THR IB 372 -4.19 57.38 24.08
CA THR IB 372 -4.07 56.01 24.55
C THR IB 372 -2.82 55.92 25.40
N ARG IB 373 -2.90 55.22 26.52
CA ARG IB 373 -1.79 55.21 27.47
C ARG IB 373 -1.72 53.86 28.17
N ASN IB 374 -0.51 53.33 28.29
CA ASN IB 374 -0.25 52.10 29.02
C ASN IB 374 0.67 52.40 30.20
N PHE IB 375 0.41 51.76 31.33
CA PHE IB 375 1.12 52.08 32.56
C PHE IB 375 1.77 50.85 33.15
N GLU IB 376 2.80 51.09 33.94
CA GLU IB 376 3.47 50.11 34.79
C GLU IB 376 3.40 50.60 36.22
N LEU IB 377 3.08 49.69 37.14
CA LEU IB 377 2.78 50.05 38.51
C LEU IB 377 3.62 49.22 39.47
N ASP IB 378 3.91 49.81 40.63
CA ASP IB 378 4.62 49.08 41.67
C ASP IB 378 3.75 47.92 42.16
N THR IB 379 4.32 46.72 42.19
CA THR IB 379 3.56 45.52 42.50
C THR IB 379 4.26 44.77 43.61
N THR IB 380 3.60 44.66 44.76
CA THR IB 380 4.09 43.87 45.88
C THR IB 380 3.21 42.64 46.04
N ILE IB 381 3.83 41.47 46.14
CA ILE IB 381 3.12 40.21 46.29
C ILE IB 381 3.72 39.51 47.51
N SER IB 382 2.97 39.49 48.62
CA SER IB 382 3.44 38.93 49.87
C SER IB 382 2.60 37.73 50.26
N HIS IB 383 3.24 36.61 50.51
CA HIS IB 383 2.58 35.39 50.95
C HIS IB 383 2.99 35.12 52.39
N GLU IB 384 2.03 35.20 53.31
CA GLU IB 384 2.27 35.01 54.73
C GLU IB 384 1.57 33.75 55.20
N ARG IB 385 2.21 33.04 56.13
CA ARG IB 385 1.63 31.83 56.71
C ARG IB 385 1.81 31.91 58.22
N LYS IB 386 0.72 32.19 58.92
CA LYS IB 386 0.80 32.41 60.36
C LYS IB 386 1.13 31.11 61.09
N GLN IB 387 1.80 31.26 62.24
CA GLN IB 387 2.03 30.11 63.10
C GLN IB 387 0.71 29.64 63.70
N THR IB 388 0.57 28.32 63.84
CA THR IB 388 -0.68 27.72 64.27
C THR IB 388 -1.10 28.17 65.66
N GLY IB 389 -0.36 27.75 66.67
CA GLY IB 389 -0.74 28.05 68.04
C GLY IB 389 -0.24 29.37 68.55
N THR IB 390 -1.14 30.34 68.72
CA THR IB 390 -0.77 31.67 69.22
C THR IB 390 -1.65 32.01 70.41
N VAL IB 391 -1.04 32.61 71.44
CA VAL IB 391 -1.77 33.02 72.62
C VAL IB 391 -2.73 34.15 72.24
N ALA IB 392 -4.03 33.85 72.22
CA ALA IB 392 -5.02 34.84 71.84
C ALA IB 392 -5.49 35.68 73.02
N ARG IB 393 -5.45 35.14 74.23
CA ARG IB 393 -5.84 35.87 75.42
C ARG IB 393 -5.15 35.25 76.62
N GLN IB 394 -4.73 36.10 77.56
CA GLN IB 394 -4.04 35.65 78.75
C GLN IB 394 -4.65 36.31 79.97
N THR IB 395 -4.99 35.51 80.97
CA THR IB 395 -5.61 35.98 82.20
C THR IB 395 -4.76 35.54 83.38
N VAL IB 396 -4.38 36.49 84.23
CA VAL IB 396 -3.59 36.21 85.42
C VAL IB 396 -4.26 36.88 86.62
N SER IB 397 -4.42 36.13 87.70
CA SER IB 397 -4.96 36.66 88.94
C SER IB 397 -4.05 36.28 90.09
N VAL IB 398 -3.72 37.25 90.94
CA VAL IB 398 -2.85 37.06 92.09
C VAL IB 398 -3.58 37.58 93.32
N ALA IB 399 -3.60 36.77 94.37
CA ALA IB 399 -4.21 37.13 95.64
C ALA IB 399 -3.15 37.13 96.73
N ILE IB 400 -3.08 38.22 97.48
CA ILE IB 400 -2.06 38.43 98.50
C ILE IB 400 -2.71 38.31 99.87
N LYS IB 401 -2.09 37.54 100.75
CA LYS IB 401 -2.62 37.35 102.10
C LYS IB 401 -2.55 38.66 102.87
N ASP IB 402 -3.62 38.98 103.58
CA ASP IB 402 -3.65 40.16 104.42
C ASP IB 402 -2.86 39.92 105.70
N ARG IB 403 -2.39 41.02 106.29
CA ARG IB 403 -1.62 40.97 107.54
C ARG IB 403 -0.42 40.04 107.45
N PRO IB 417 -4.17 43.95 105.60
CA PRO IB 417 -4.22 44.18 104.15
C PRO IB 417 -2.93 44.78 103.61
N MET IB 418 -2.92 45.12 102.32
CA MET IB 418 -1.76 45.71 101.67
C MET IB 418 -2.16 47.04 101.04
N SER IB 419 -1.28 48.03 101.16
CA SER IB 419 -1.59 49.37 100.68
C SER IB 419 -1.71 49.40 99.16
N GLU IB 420 -2.39 50.43 98.66
CA GLU IB 420 -2.60 50.58 97.23
C GLU IB 420 -1.27 50.75 96.50
N SER IB 421 -0.34 51.49 97.09
CA SER IB 421 0.94 51.74 96.43
C SER IB 421 1.70 50.44 96.18
N GLU IB 422 1.76 49.57 97.19
CA GLU IB 422 2.47 48.30 97.02
C GLU IB 422 1.72 47.36 96.09
N ILE IB 423 0.38 47.41 96.09
CA ILE IB 423 -0.40 46.62 95.15
C ILE IB 423 -0.07 47.03 93.72
N ASN IB 424 -0.01 48.35 93.48
CA ASN IB 424 0.31 48.82 92.13
C ASN IB 424 1.76 48.52 91.77
N ALA IB 425 2.67 48.54 92.74
CA ALA IB 425 4.05 48.16 92.46
C ALA IB 425 4.17 46.69 92.07
N ILE IB 426 3.44 45.83 92.78
CA ILE IB 426 3.42 44.41 92.43
C ILE IB 426 2.82 44.23 91.04
N ARG IB 427 1.76 44.99 90.74
CA ARG IB 427 1.17 44.93 89.41
C ARG IB 427 2.17 45.35 88.34
N GLN IB 428 2.95 46.39 88.62
CA GLN IB 428 3.97 46.83 87.66
C GLN IB 428 5.03 45.76 87.44
N VAL IB 429 5.44 45.09 88.52
CA VAL IB 429 6.42 44.01 88.36
C VAL IB 429 5.85 42.88 87.51
N LEU IB 430 4.60 42.50 87.80
CA LEU IB 430 3.96 41.44 87.02
C LEU IB 430 3.85 41.83 85.55
N ILE IB 431 3.55 43.09 85.27
CA ILE IB 431 3.57 43.61 83.90
C ILE IB 431 5.02 43.65 83.45
N GLY IB 432 5.43 42.66 82.68
CA GLY IB 432 6.83 42.47 82.39
C GLY IB 432 7.31 41.13 82.91
N THR IB 433 6.86 40.76 84.10
CA THR IB 433 7.06 39.37 84.54
C THR IB 433 6.29 38.41 83.65
N VAL IB 434 5.05 38.75 83.30
CA VAL IB 434 4.22 37.88 82.47
C VAL IB 434 4.19 38.32 81.01
N GLY IB 435 4.48 39.58 80.72
CA GLY IB 435 4.34 40.09 79.37
C GLY IB 435 2.93 40.57 79.10
N PHE IB 436 2.42 41.40 80.00
CA PHE IB 436 1.04 41.87 79.90
C PHE IB 436 0.83 42.63 78.59
N ASP IB 437 -0.25 42.29 77.88
CA ASP IB 437 -0.56 42.87 76.58
C ASP IB 437 -2.06 43.18 76.56
N GLN IB 438 -2.39 44.42 76.95
CA GLN IB 438 -3.80 44.80 77.03
C GLN IB 438 -4.46 44.80 75.65
N GLY IB 439 -3.72 45.22 74.62
CA GLY IB 439 -4.27 45.23 73.27
C GLY IB 439 -4.67 43.86 72.77
N ARG IB 440 -4.08 42.81 73.33
CA ARG IB 440 -4.47 41.44 72.99
C ARG IB 440 -5.72 41.00 73.73
N GLY IB 441 -6.19 41.78 74.69
CA GLY IB 441 -7.30 41.38 75.52
C GLY IB 441 -6.92 40.73 76.83
N ASP IB 442 -5.64 40.75 77.19
CA ASP IB 442 -5.19 40.13 78.42
C ASP IB 442 -5.72 40.88 79.62
N LEU IB 443 -5.77 40.17 80.75
CA LEU IB 443 -6.32 40.72 81.98
C LEU IB 443 -5.44 40.30 83.15
N LEU IB 444 -5.20 41.25 84.06
CA LEU IB 444 -4.33 41.02 85.21
C LEU IB 444 -5.02 41.60 86.44
N ASN IB 445 -5.43 40.73 87.35
CA ASN IB 445 -6.05 41.13 88.61
C ASN IB 445 -5.08 40.88 89.76
N VAL IB 446 -4.91 41.88 90.62
CA VAL IB 446 -4.13 41.75 91.84
C VAL IB 446 -5.01 42.19 92.99
N LEU IB 447 -5.29 41.29 93.92
CA LEU IB 447 -6.19 41.56 95.03
C LEU IB 447 -5.50 41.24 96.34
N SER IB 448 -5.99 41.86 97.41
CA SER IB 448 -5.54 41.56 98.77
C SER IB 448 -6.70 40.91 99.51
N VAL IB 449 -6.58 39.61 99.79
CA VAL IB 449 -7.65 38.84 100.39
C VAL IB 449 -7.17 38.26 101.71
N LYS IB 450 -8.13 37.74 102.48
CA LYS IB 450 -7.86 37.17 103.81
C LYS IB 450 -7.75 35.66 103.67
N PHE IB 451 -6.54 35.14 103.83
CA PHE IB 451 -6.35 33.70 103.82
C PHE IB 451 -6.86 33.08 105.12
N ALA IB 452 -7.43 31.89 105.01
CA ALA IB 452 -7.95 31.19 106.18
C ALA IB 452 -6.90 30.23 106.74
N ALA JB 255 -17.12 6.50 63.86
CA ALA JB 255 -17.12 7.90 64.27
C ALA JB 255 -17.64 8.05 65.70
N SER JB 256 -18.43 7.09 66.17
CA SER JB 256 -18.93 7.18 67.53
C SER JB 256 -17.80 7.07 68.55
N ALA JB 257 -16.74 6.34 68.21
CA ALA JB 257 -15.54 6.35 69.04
C ALA JB 257 -14.94 7.75 69.12
N ALA JB 258 -14.96 8.47 68.00
CA ALA JB 258 -14.51 9.86 68.00
C ALA JB 258 -15.38 10.71 68.92
N ARG JB 259 -16.70 10.49 68.90
CA ARG JB 259 -17.58 11.23 69.79
C ARG JB 259 -17.29 10.90 71.25
N ARG JB 260 -17.02 9.64 71.54
CA ARG JB 260 -16.63 9.25 72.90
C ARG JB 260 -15.38 9.98 73.35
N LYS JB 261 -14.37 10.05 72.47
CA LYS JB 261 -13.14 10.73 72.84
C LYS JB 261 -13.35 12.25 72.96
N GLU JB 262 -14.31 12.80 72.22
CA GLU JB 262 -14.68 14.20 72.41
C GLU JB 262 -15.27 14.42 73.79
N GLN JB 263 -16.15 13.52 74.24
CA GLN JB 263 -16.66 13.59 75.60
C GLN JB 263 -15.53 13.52 76.61
N GLU JB 264 -14.55 12.65 76.35
CA GLU JB 264 -13.39 12.53 77.23
C GLU JB 264 -12.62 13.84 77.29
N LEU JB 265 -12.44 14.50 76.14
CA LEU JB 265 -11.75 15.79 76.11
C LEU JB 265 -12.49 16.82 76.94
N GLU JB 266 -13.82 16.89 76.79
CA GLU JB 266 -14.59 17.86 77.57
C GLU JB 266 -14.44 17.59 79.06
N ARG JB 267 -14.54 16.31 79.46
CA ARG JB 267 -14.42 15.98 80.88
C ARG JB 267 -13.03 16.30 81.40
N SER JB 268 -11.99 16.07 80.60
CA SER JB 268 -10.63 16.40 81.00
C SER JB 268 -10.47 17.90 81.22
N GLN JB 269 -11.03 18.71 80.31
CA GLN JB 269 -10.98 20.15 80.49
C GLN JB 269 -11.67 20.57 81.78
N GLU JB 270 -12.85 20.01 82.04
CA GLU JB 270 -13.56 20.33 83.27
C GLU JB 270 -12.73 19.96 84.49
N GLN JB 271 -12.08 18.80 84.46
CA GLN JB 271 -11.27 18.36 85.58
C GLN JB 271 -10.10 19.30 85.82
N ALA JB 272 -9.44 19.72 84.74
CA ALA JB 272 -8.33 20.65 84.87
C ALA JB 272 -8.76 21.98 85.48
N LEU JB 273 -9.89 22.50 85.02
CA LEU JB 273 -10.40 23.74 85.57
C LEU JB 273 -10.75 23.58 87.05
N ARG JB 274 -11.34 22.43 87.41
CA ARG JB 274 -11.64 22.17 88.82
C ARG JB 274 -10.35 22.12 89.64
N GLU JB 275 -9.30 21.51 89.10
CA GLU JB 275 -8.02 21.46 89.80
C GLU JB 275 -7.48 22.86 90.04
N LYS JB 276 -7.55 23.72 89.03
CA LYS JB 276 -7.10 25.11 89.22
C LYS JB 276 -7.94 25.83 90.26
N ILE JB 277 -9.25 25.62 90.24
CA ILE JB 277 -10.13 26.25 91.22
C ILE JB 277 -9.73 25.81 92.63
N ASP JB 278 -9.47 24.51 92.80
CA ASP JB 278 -9.02 24.04 94.10
C ASP JB 278 -7.69 24.66 94.49
N SER JB 279 -6.75 24.73 93.55
CA SER JB 279 -5.43 25.27 93.86
C SER JB 279 -5.51 26.71 94.31
N VAL JB 280 -6.51 27.44 93.85
CA VAL JB 280 -6.70 28.83 94.27
C VAL JB 280 -7.47 28.93 95.59
N LEU JB 281 -8.54 28.15 95.74
CA LEU JB 281 -9.45 28.38 96.86
C LEU JB 281 -9.06 27.62 98.12
N LEU JB 282 -8.33 26.51 97.99
CA LEU JB 282 -7.95 25.74 99.17
C LEU JB 282 -7.13 26.56 100.17
N PRO JB 283 -6.09 27.31 99.76
CA PRO JB 283 -5.42 28.21 100.73
C PRO JB 283 -6.33 29.31 101.25
N ILE JB 284 -7.09 29.94 100.35
CA ILE JB 284 -7.87 31.12 100.73
C ILE JB 284 -8.98 30.75 101.68
N LEU JB 285 -9.77 29.72 101.34
CA LEU JB 285 -10.95 29.39 102.13
C LEU JB 285 -10.70 28.26 103.12
N GLY JB 286 -9.95 27.25 102.71
CA GLY JB 286 -9.68 26.10 103.56
C GLY JB 286 -10.25 24.83 102.95
N TYR JB 287 -10.07 23.73 103.68
CA TYR JB 287 -10.49 22.41 103.22
C TYR JB 287 -11.92 22.17 103.68
N GLY JB 288 -12.82 21.91 102.72
CA GLY JB 288 -14.19 21.61 103.03
C GLY JB 288 -15.08 22.81 103.29
N ASN JB 289 -14.57 24.02 103.12
CA ASN JB 289 -15.37 25.22 103.30
C ASN JB 289 -16.00 25.72 102.00
N TYR JB 290 -15.79 25.00 100.89
CA TYR JB 290 -16.31 25.43 99.60
C TYR JB 290 -16.62 24.19 98.77
N THR JB 291 -17.45 24.39 97.75
CA THR JB 291 -17.68 23.39 96.73
C THR JB 291 -17.83 24.11 95.39
N ALA JB 292 -17.28 23.53 94.33
CA ALA JB 292 -17.31 24.15 93.02
C ALA JB 292 -17.39 23.09 91.94
N GLN JB 293 -18.19 23.35 90.91
CA GLN JB 293 -18.30 22.49 89.75
C GLN JB 293 -18.23 23.33 88.49
N VAL JB 294 -17.73 22.73 87.42
CA VAL JB 294 -17.45 23.42 86.18
C VAL JB 294 -18.09 22.66 85.03
N ASP JB 295 -18.81 23.38 84.17
CA ASP JB 295 -19.35 22.83 82.94
C ASP JB 295 -18.67 23.49 81.75
N ILE JB 296 -18.14 22.67 80.85
CA ILE JB 296 -17.46 23.16 79.65
C ILE JB 296 -18.13 22.53 78.44
N GLN JB 297 -18.65 23.37 77.55
CA GLN JB 297 -19.25 22.94 76.29
C GLN JB 297 -18.29 23.26 75.17
N MET JB 298 -17.94 22.26 74.37
CA MET JB 298 -16.95 22.42 73.31
C MET JB 298 -17.56 22.08 71.97
N ASP JB 299 -17.39 22.98 71.01
CA ASP JB 299 -17.81 22.76 69.63
C ASP JB 299 -16.73 21.99 68.89
N PHE JB 300 -17.16 21.07 68.03
CA PHE JB 300 -16.25 20.24 67.25
C PHE JB 300 -16.59 20.31 65.77
N SER JB 301 -16.97 21.49 65.30
CA SER JB 301 -17.25 21.67 63.88
C SER JB 301 -15.95 21.61 63.08
N ALA JB 302 -16.08 21.68 61.76
CA ALA JB 302 -14.94 21.59 60.85
C ALA JB 302 -14.97 22.75 59.87
N VAL JB 303 -15.08 23.97 60.40
CA VAL JB 303 -15.14 25.15 59.56
C VAL JB 303 -13.86 25.29 58.75
N GLU JB 304 -14.00 25.75 57.51
CA GLU JB 304 -12.86 25.95 56.62
C GLU JB 304 -13.26 27.05 55.63
N GLN JB 305 -12.69 28.24 55.79
CA GLN JB 305 -13.16 29.43 55.11
C GLN JB 305 -12.11 29.96 54.14
N THR JB 306 -12.57 30.51 53.03
CA THR JB 306 -11.70 31.15 52.04
C THR JB 306 -12.28 32.51 51.71
N ARG JB 307 -11.50 33.56 51.94
CA ARG JB 307 -11.95 34.93 51.74
C ARG JB 307 -11.11 35.59 50.66
N LYS JB 308 -11.77 36.25 49.72
CA LYS JB 308 -11.11 37.00 48.66
C LYS JB 308 -11.61 38.43 48.71
N ARG JB 309 -10.78 39.33 49.22
CA ARG JB 309 -11.15 40.71 49.48
C ARG JB 309 -10.38 41.65 48.57
N PHE JB 310 -11.06 42.72 48.15
CA PHE JB 310 -10.50 43.73 47.27
C PHE JB 310 -10.49 45.08 48.00
N ASP JB 311 -9.96 46.09 47.33
CA ASP JB 311 -9.87 47.45 47.88
C ASP JB 311 -10.46 48.42 46.87
N PRO JB 312 -11.76 48.72 46.97
CA PRO JB 312 -12.41 49.54 45.95
C PRO JB 312 -11.85 50.94 45.84
N ASN JB 313 -11.35 51.53 46.93
CA ASN JB 313 -11.06 52.95 46.99
C ASN JB 313 -9.65 53.32 46.54
N THR JB 314 -8.80 52.34 46.19
CA THR JB 314 -7.45 52.60 45.69
C THR JB 314 -7.19 51.79 44.43
N PRO JB 315 -7.84 52.11 43.32
CA PRO JB 315 -7.53 51.43 42.05
C PRO JB 315 -6.31 52.04 41.39
N ALA JB 316 -5.65 51.23 40.57
CA ALA JB 316 -4.47 51.66 39.81
C ALA JB 316 -4.75 51.44 38.33
N THR JB 317 -4.74 52.50 37.55
CA THR JB 317 -5.05 52.38 36.13
C THR JB 317 -3.93 51.68 35.39
N ARG JB 318 -4.24 50.61 34.67
CA ARG JB 318 -3.27 49.84 33.91
C ARG JB 318 -3.16 50.34 32.47
N SER JB 319 -4.27 50.40 31.76
CA SER JB 319 -4.34 50.98 30.44
C SER JB 319 -5.51 51.96 30.40
N GLU JB 320 -5.45 52.90 29.47
CA GLU JB 320 -6.47 53.93 29.43
C GLU JB 320 -6.60 54.47 28.01
N TYR JB 321 -7.84 54.64 27.57
CA TYR JB 321 -8.16 55.29 26.30
C TYR JB 321 -9.16 56.39 26.59
N ALA JB 322 -8.99 57.53 25.93
CA ALA JB 322 -9.86 58.68 26.16
C ALA JB 322 -9.97 59.49 24.88
N LEU JB 323 -11.14 59.47 24.27
CA LEU JB 323 -11.45 60.26 23.10
C LEU JB 323 -12.42 61.37 23.48
N GLU JB 324 -12.10 62.61 23.11
CA GLU JB 324 -12.89 63.79 23.50
C GLU JB 324 -12.87 64.79 22.34
N ASP JB 325 -13.90 64.74 21.50
CA ASP JB 325 -14.00 65.63 20.36
C ASP JB 325 -15.19 66.57 20.51
N TYR JB 326 -15.05 67.76 19.94
CA TYR JB 326 -16.08 68.79 19.99
C TYR JB 326 -16.43 69.21 18.56
N ASN JB 327 -17.42 70.09 18.43
CA ASN JB 327 -17.80 70.66 17.14
C ASN JB 327 -18.47 72.01 17.35
N GLY JB 365 -22.47 72.93 20.79
CA GLY JB 365 -22.43 71.97 19.70
C GLY JB 365 -22.23 70.54 20.15
N SER JB 366 -21.84 69.68 19.22
CA SER JB 366 -21.60 68.28 19.54
C SER JB 366 -20.43 68.14 20.50
N VAL JB 367 -20.60 67.30 21.50
CA VAL JB 367 -19.55 67.00 22.48
C VAL JB 367 -19.60 65.50 22.75
N ARG JB 368 -18.62 64.77 22.24
CA ARG JB 368 -18.54 63.32 22.41
C ARG JB 368 -17.36 62.99 23.32
N LYS JB 369 -17.63 62.25 24.40
CA LYS JB 369 -16.61 61.93 25.39
C LYS JB 369 -16.59 60.40 25.59
N GLU JB 370 -15.83 59.72 24.74
CA GLU JB 370 -15.64 58.29 24.92
C GLU JB 370 -14.47 58.03 25.86
N SER JB 371 -14.53 56.90 26.55
CA SER JB 371 -13.51 56.56 27.52
C SER JB 371 -13.52 55.07 27.80
N THR JB 372 -12.34 54.48 27.91
CA THR JB 372 -12.18 53.08 28.28
C THR JB 372 -11.05 53.01 29.29
N ARG JB 373 -11.23 52.21 30.34
CA ARG JB 373 -10.26 52.18 31.43
C ARG JB 373 -10.17 50.78 32.02
N ASN JB 374 -8.95 50.33 32.28
CA ASN JB 374 -8.70 49.05 32.93
C ASN JB 374 -7.97 49.30 34.25
N PHE JB 375 -8.35 48.55 35.28
CA PHE JB 375 -7.84 48.81 36.62
C PHE JB 375 -7.17 47.57 37.20
N GLU JB 376 -6.28 47.82 38.14
CA GLU JB 376 -5.66 46.82 38.99
C GLU JB 376 -5.97 47.16 40.44
N LEU JB 377 -6.34 46.15 41.22
CA LEU JB 377 -6.86 46.36 42.56
C LEU JB 377 -6.10 45.51 43.56
N ASP JB 378 -6.02 46.00 44.80
CA ASP JB 378 -5.40 45.22 45.87
C ASP JB 378 -6.23 43.98 46.12
N THR JB 379 -5.57 42.82 46.13
CA THR JB 379 -6.26 41.53 46.23
C THR JB 379 -5.66 40.75 47.38
N THR JB 380 -6.47 40.48 48.39
CA THR JB 380 -6.07 39.63 49.51
C THR JB 380 -6.86 38.33 49.45
N ILE JB 381 -6.16 37.20 49.54
CA ILE JB 381 -6.78 35.88 49.49
C ILE JB 381 -6.31 35.12 50.71
N SER JB 382 -7.19 34.95 51.69
CA SER JB 382 -6.84 34.31 52.95
C SER JB 382 -7.65 33.03 53.11
N HIS JB 383 -6.95 31.93 53.36
CA HIS JB 383 -7.57 30.63 53.60
C HIS JB 383 -7.34 30.26 55.07
N GLU JB 384 -8.41 30.19 55.84
CA GLU JB 384 -8.36 29.88 57.25
C GLU JB 384 -9.01 28.53 57.52
N ARG JB 385 -8.45 27.79 58.47
CA ARG JB 385 -8.99 26.50 58.85
C ARG JB 385 -9.04 26.44 60.37
N LYS JB 386 -10.24 26.59 60.94
CA LYS JB 386 -10.37 26.67 62.39
C LYS JB 386 -10.05 25.35 63.05
N GLN JB 387 -9.55 25.43 64.27
CA GLN JB 387 -9.35 24.22 65.07
C GLN JB 387 -10.70 23.61 65.42
N THR JB 388 -10.74 22.28 65.43
CA THR JB 388 -12.00 21.55 65.63
C THR JB 388 -12.63 21.84 66.97
N GLY JB 389 -12.01 21.38 68.06
CA GLY JB 389 -12.61 21.53 69.37
C GLY JB 389 -12.29 22.84 70.05
N THR JB 390 -13.27 23.71 70.17
CA THR JB 390 -13.10 25.01 70.82
C THR JB 390 -14.15 25.18 71.90
N VAL JB 391 -13.74 25.72 73.04
CA VAL JB 391 -14.67 25.97 74.14
C VAL JB 391 -15.64 27.05 73.72
N ALA JB 392 -16.90 26.67 73.48
CA ALA JB 392 -17.92 27.61 73.05
C ALA JB 392 -18.60 28.32 74.21
N ARG JB 393 -18.69 27.67 75.36
CA ARG JB 393 -19.32 28.26 76.54
C ARG JB 393 -18.75 27.58 77.77
N GLN JB 394 -18.53 28.36 78.83
CA GLN JB 394 -17.98 27.85 80.07
C GLN JB 394 -18.81 28.35 81.23
N THR JB 395 -19.21 27.43 82.11
CA THR JB 395 -20.04 27.75 83.27
C THR JB 395 -19.32 27.26 84.52
N VAL JB 396 -19.14 28.16 85.48
CA VAL JB 396 -18.51 27.82 86.76
C VAL JB 396 -19.39 28.33 87.90
N SER JB 397 -19.64 27.47 88.87
CA SER JB 397 -20.39 27.85 90.07
C SER JB 397 -19.61 27.43 91.30
N VAL JB 398 -19.49 28.34 92.26
CA VAL JB 398 -18.78 28.11 93.51
C VAL JB 398 -19.71 28.45 94.66
N ALA JB 399 -19.80 27.55 95.63
CA ALA JB 399 -20.62 27.75 96.82
C ALA JB 399 -19.72 27.73 98.04
N ILE JB 400 -19.85 28.74 98.89
CA ILE JB 400 -19.00 28.92 100.06
C ILE JB 400 -19.83 28.64 101.30
N LYS JB 401 -19.27 27.83 102.20
CA LYS JB 401 -19.95 27.49 103.43
C LYS JB 401 -20.11 28.71 104.32
N ASP JB 402 -21.29 28.89 104.88
CA ASP JB 402 -21.54 29.99 105.80
C ASP JB 402 -20.92 29.69 107.16
N ARG JB 403 -20.61 30.76 107.91
CA ARG JB 403 -20.04 30.65 109.24
C ARG JB 403 -18.76 29.81 109.24
N PRO JB 417 -22.52 33.61 107.20
CA PRO JB 417 -22.39 33.96 105.78
C PRO JB 417 -21.09 34.71 105.49
N MET JB 418 -20.93 35.16 104.25
CA MET JB 418 -19.75 35.89 103.82
C MET JB 418 -20.17 37.24 103.24
N SER JB 419 -19.40 38.27 103.57
CA SER JB 419 -19.74 39.62 103.17
C SER JB 419 -19.66 39.78 101.65
N GLU JB 420 -20.34 40.81 101.14
CA GLU JB 420 -20.36 41.07 99.71
C GLU JB 420 -18.98 41.41 99.19
N SER JB 421 -18.19 42.15 99.98
CA SER JB 421 -16.86 42.55 99.54
C SER JB 421 -15.97 41.33 99.30
N GLU JB 422 -15.97 40.38 100.23
CA GLU JB 422 -15.15 39.19 100.06
C GLU JB 422 -15.68 38.29 98.95
N ILE JB 423 -17.00 38.25 98.77
CA ILE JB 423 -17.58 37.49 97.66
C ILE JB 423 -17.09 38.06 96.33
N ASN JB 424 -17.11 39.38 96.21
CA ASN JB 424 -16.64 40.00 94.97
C ASN JB 424 -15.14 39.84 94.79
N ALA JB 425 -14.36 39.84 95.88
CA ALA JB 425 -12.93 39.59 95.78
C ALA JB 425 -12.65 38.17 95.30
N ILE JB 426 -13.38 37.19 95.82
CA ILE JB 426 -13.25 35.82 95.35
C ILE JB 426 -13.64 35.73 93.88
N ARG JB 427 -14.70 36.43 93.49
CA ARG JB 427 -15.09 36.45 92.09
C ARG JB 427 -14.00 37.03 91.21
N GLN JB 428 -13.34 38.10 91.69
CA GLN JB 428 -12.25 38.70 90.93
C GLN JB 428 -11.08 37.74 90.79
N VAL JB 429 -10.76 36.99 91.84
CA VAL JB 429 -9.68 36.01 91.75
C VAL JB 429 -10.04 34.92 90.74
N LEU JB 430 -11.28 34.43 90.79
CA LEU JB 430 -11.71 33.41 89.86
C LEU JB 430 -11.65 33.92 88.43
N ILE JB 431 -12.01 35.18 88.21
CA ILE JB 431 -11.85 35.82 86.91
C ILE JB 431 -10.36 36.00 86.68
N GLY JB 432 -9.76 35.12 85.89
CA GLY JB 432 -8.32 35.06 85.80
C GLY JB 432 -7.81 33.72 86.26
N THR JB 433 -8.39 33.20 87.35
CA THR JB 433 -8.14 31.80 87.69
C THR JB 433 -8.69 30.87 86.62
N VAL JB 434 -9.90 31.16 86.13
CA VAL JB 434 -10.52 30.31 85.12
C VAL JB 434 -10.39 30.88 83.71
N GLY JB 435 -10.18 32.18 83.57
CA GLY JB 435 -10.16 32.79 82.26
C GLY JB 435 -11.56 33.20 81.83
N PHE JB 436 -12.26 33.90 82.71
CA PHE JB 436 -13.64 34.28 82.45
C PHE JB 436 -13.72 35.15 81.19
N ASP JB 437 -14.66 34.80 80.31
CA ASP JB 437 -14.84 35.47 79.02
C ASP JB 437 -16.34 35.68 78.81
N GLN JB 438 -16.83 36.84 79.24
CA GLN JB 438 -18.26 37.12 79.14
C GLN JB 438 -18.72 37.20 77.69
N GLY JB 439 -17.89 37.76 76.82
CA GLY JB 439 -18.25 37.86 75.42
C GLY JB 439 -18.45 36.52 74.75
N ARG JB 440 -17.86 35.45 75.30
CA ARG JB 440 -18.07 34.10 74.81
C ARG JB 440 -19.38 33.50 75.31
N GLY JB 441 -20.05 34.16 76.25
CA GLY JB 441 -21.23 33.61 76.87
C GLY JB 441 -20.97 32.87 78.16
N ASP JB 442 -19.76 32.95 78.71
CA ASP JB 442 -19.43 32.25 79.94
C ASP JB 442 -20.19 32.85 81.12
N LEU JB 443 -20.34 32.04 82.16
CA LEU JB 443 -21.10 32.42 83.34
C LEU JB 443 -20.36 31.97 84.58
N LEU JB 444 -20.32 32.83 85.59
CA LEU JB 444 -19.61 32.57 86.84
C LEU JB 444 -20.50 32.98 87.99
N ASN JB 445 -20.96 32.00 88.76
CA ASN JB 445 -21.79 32.24 89.95
C ASN JB 445 -20.97 31.96 91.19
N VAL JB 446 -21.01 32.89 92.15
CA VAL JB 446 -20.39 32.68 93.45
C VAL JB 446 -21.46 32.97 94.50
N LEU JB 447 -21.78 31.97 95.30
CA LEU JB 447 -22.86 32.07 96.29
C LEU JB 447 -22.32 31.68 97.66
N SER JB 448 -23.01 32.15 98.69
CA SER JB 448 -22.72 31.76 100.08
C SER JB 448 -23.92 30.97 100.58
N VAL JB 449 -23.73 29.66 100.76
CA VAL JB 449 -24.81 28.76 101.14
C VAL JB 449 -24.48 28.10 102.47
N LYS JB 450 -25.48 27.44 103.05
CA LYS JB 450 -25.35 26.78 104.33
C LYS JB 450 -25.11 25.29 104.11
N PHE JB 451 -23.88 24.84 104.39
CA PHE JB 451 -23.57 23.43 104.29
C PHE JB 451 -24.21 22.67 105.44
N ALA JB 452 -24.66 21.45 105.16
CA ALA JB 452 -25.27 20.61 106.17
C ALA JB 452 -24.24 19.68 106.81
N ALA KB 255 -26.39 -0.64 61.11
CA ALA KB 255 -26.55 0.70 61.63
C ALA KB 255 -27.27 0.69 62.97
N SER KB 256 -28.04 -0.37 63.24
CA SER KB 256 -28.74 -0.44 64.53
C SER KB 256 -27.75 -0.57 65.67
N ALA KB 257 -26.59 -1.19 65.44
CA ALA KB 257 -25.54 -1.17 66.44
C ALA KB 257 -25.08 0.26 66.71
N ALA KB 258 -25.00 1.08 65.65
CA ALA KB 258 -24.67 2.48 65.84
C ALA KB 258 -25.72 3.17 66.69
N ARG KB 259 -27.00 2.87 66.45
CA ARG KB 259 -28.06 3.47 67.27
C ARG KB 259 -27.95 3.03 68.73
N ARG KB 260 -27.61 1.76 68.96
CA ARG KB 260 -27.39 1.28 70.31
C ARG KB 260 -26.27 2.05 71.01
N LYS KB 261 -25.16 2.27 70.29
CA LYS KB 261 -24.05 3.01 70.89
C LYS KB 261 -24.42 4.48 71.10
N GLU KB 262 -25.30 5.03 70.26
CA GLU KB 262 -25.80 6.38 70.52
C GLU KB 262 -26.60 6.43 71.81
N GLN KB 263 -27.45 5.43 72.04
CA GLN KB 263 -28.15 5.35 73.32
C GLN KB 263 -27.17 5.26 74.49
N GLU KB 264 -26.10 4.48 74.29
CA GLU KB 264 -25.07 4.36 75.32
C GLU KB 264 -24.42 5.71 75.60
N LEU KB 265 -24.14 6.49 74.55
CA LEU KB 265 -23.57 7.81 74.72
C LEU KB 265 -24.49 8.72 75.52
N GLU KB 266 -25.79 8.70 75.19
CA GLU KB 266 -26.74 9.53 75.91
C GLU KB 266 -26.78 9.14 77.39
N ARG KB 267 -26.83 7.84 77.67
CA ARG KB 267 -26.87 7.38 79.06
C ARG KB 267 -25.60 7.75 79.80
N SER KB 268 -24.45 7.68 79.13
CA SER KB 268 -23.19 8.06 79.76
C SER KB 268 -23.17 9.54 80.12
N GLN KB 269 -23.68 10.38 79.22
CA GLN KB 269 -23.77 11.80 79.51
C GLN KB 269 -24.67 12.06 80.72
N GLU KB 270 -25.82 11.39 80.76
CA GLU KB 270 -26.73 11.54 81.89
C GLU KB 270 -26.04 11.12 83.19
N GLN KB 271 -25.30 10.01 83.15
CA GLN KB 271 -24.63 9.53 84.34
C GLN KB 271 -23.57 10.52 84.82
N ALA KB 272 -22.81 11.10 83.88
CA ALA KB 272 -21.80 12.08 84.25
C ALA KB 272 -22.43 13.32 84.90
N LEU KB 273 -23.53 13.80 84.31
CA LEU KB 273 -24.20 14.94 84.90
C LEU KB 273 -24.75 14.61 86.28
N ARG KB 274 -25.28 13.41 86.47
CA ARG KB 274 -25.74 13.00 87.79
C ARG KB 274 -24.59 12.97 88.79
N GLU KB 275 -23.42 12.48 88.35
CA GLU KB 275 -22.25 12.45 89.22
C GLU KB 275 -21.87 13.86 89.66
N LYS KB 276 -21.87 14.81 88.73
CA LYS KB 276 -21.56 16.19 89.09
C LYS KB 276 -22.60 16.76 90.05
N ILE KB 277 -23.88 16.46 89.82
CA ILE KB 277 -24.94 16.93 90.71
C ILE KB 277 -24.69 16.40 92.12
N ASP KB 278 -24.37 15.11 92.22
CA ASP KB 278 -24.06 14.54 93.54
C ASP KB 278 -22.85 15.23 94.16
N SER KB 279 -21.79 15.44 93.38
CA SER KB 279 -20.57 16.04 93.91
C SER KB 279 -20.84 17.43 94.46
N VAL KB 280 -21.82 18.12 93.93
CA VAL KB 280 -22.18 19.45 94.43
C VAL KB 280 -23.14 19.37 95.62
N LEU KB 281 -24.16 18.51 95.56
CA LEU KB 281 -25.23 18.57 96.54
C LEU KB 281 -24.95 17.73 97.78
N LEU KB 282 -24.12 16.69 97.68
CA LEU KB 282 -23.84 15.84 98.83
C LEU KB 282 -23.23 16.62 100.00
N PRO KB 283 -22.22 17.48 99.81
CA PRO KB 283 -21.78 18.33 100.93
C PRO KB 283 -22.84 19.32 101.40
N ILE KB 284 -23.51 19.97 100.46
CA ILE KB 284 -24.43 21.06 100.81
C ILE KB 284 -25.64 20.51 101.56
N LEU KB 285 -26.27 19.47 101.03
CA LEU KB 285 -27.52 18.97 101.60
C LEU KB 285 -27.31 17.79 102.52
N GLY KB 286 -26.44 16.87 102.16
CA GLY KB 286 -26.19 15.67 102.92
C GLY KB 286 -26.57 14.42 102.14
N TYR KB 287 -26.39 13.28 102.80
CA TYR KB 287 -26.64 11.99 102.18
C TYR KB 287 -28.10 11.60 102.39
N GLY KB 288 -28.81 11.37 101.30
CA GLY KB 288 -30.20 10.94 101.38
C GLY KB 288 -31.20 12.04 101.60
N ASN KB 289 -30.78 13.30 101.62
CA ASN KB 289 -31.70 14.43 101.77
C ASN KB 289 -32.17 14.98 100.44
N TYR KB 290 -31.76 14.39 99.33
CA TYR KB 290 -32.14 14.90 98.01
C TYR KB 290 -32.22 13.74 97.05
N THR KB 291 -32.92 13.96 95.94
CA THR KB 291 -32.91 13.05 94.81
C THR KB 291 -32.93 13.87 93.53
N ALA KB 292 -32.20 13.43 92.53
CA ALA KB 292 -32.10 14.16 91.27
C ALA KB 292 -31.95 13.21 90.11
N GLN KB 293 -32.61 13.51 89.01
CA GLN KB 293 -32.47 12.75 87.78
C GLN KB 293 -32.31 13.71 86.61
N VAL KB 294 -31.61 13.24 85.57
CA VAL KB 294 -31.22 14.07 84.44
C VAL KB 294 -31.63 13.38 83.16
N ASP KB 295 -32.28 14.12 82.26
CA ASP KB 295 -32.60 13.64 80.92
C ASP KB 295 -31.82 14.46 79.91
N ILE KB 296 -31.09 13.77 79.03
CA ILE KB 296 -30.31 14.41 77.99
C ILE KB 296 -30.75 13.85 76.64
N GLN KB 297 -31.21 14.73 75.76
CA GLN KB 297 -31.59 14.37 74.39
C GLN KB 297 -30.50 14.87 73.45
N MET KB 298 -29.96 13.98 72.63
CA MET KB 298 -28.86 14.29 71.75
C MET KB 298 -29.25 14.05 70.31
N ASP KB 299 -29.02 15.04 69.46
CA ASP KB 299 -29.22 14.91 68.02
C ASP KB 299 -27.99 14.29 67.39
N PHE KB 300 -28.22 13.44 66.40
CA PHE KB 300 -27.15 12.75 65.69
C PHE KB 300 -27.28 12.93 64.20
N SER KB 301 -27.70 14.12 63.76
CA SER KB 301 -27.78 14.41 62.35
C SER KB 301 -26.38 14.51 61.75
N ALA KB 302 -26.33 14.69 60.44
CA ALA KB 302 -25.08 14.77 59.68
C ALA KB 302 -25.07 16.01 58.81
N VAL KB 303 -25.34 17.16 59.42
CA VAL KB 303 -25.39 18.42 58.67
C VAL KB 303 -24.02 18.72 58.07
N GLU KB 304 -24.03 19.29 56.87
CA GLU KB 304 -22.80 19.65 56.17
C GLU KB 304 -23.15 20.79 55.22
N GLN KB 305 -22.70 22.00 55.57
CA GLN KB 305 -23.18 23.21 54.92
C GLN KB 305 -22.05 23.90 54.17
N THR KB 306 -22.38 24.52 53.04
CA THR KB 306 -21.44 25.31 52.25
C THR KB 306 -22.08 26.65 51.95
N ARG KB 307 -21.44 27.73 52.38
CA ARG KB 307 -21.98 29.08 52.23
C ARG KB 307 -21.05 29.88 51.34
N LYS KB 308 -21.62 30.59 50.37
CA LYS KB 308 -20.88 31.47 49.47
C LYS KB 308 -21.50 32.85 49.57
N ARG KB 309 -20.82 33.76 50.27
CA ARG KB 309 -21.35 35.08 50.59
C ARG KB 309 -20.54 36.16 49.87
N PHE KB 310 -21.24 37.20 49.45
CA PHE KB 310 -20.65 38.34 48.75
C PHE KB 310 -20.85 39.60 49.57
N ASP KB 311 -20.32 40.72 49.08
CA ASP KB 311 -20.42 42.01 49.74
C ASP KB 311 -20.95 43.03 48.75
N PRO KB 312 -22.27 43.22 48.68
CA PRO KB 312 -22.83 44.08 47.63
C PRO KB 312 -22.39 45.53 47.73
N ASN KB 313 -22.09 46.04 48.92
CA ASN KB 313 -21.93 47.47 49.14
C ASN KB 313 -20.51 47.97 48.93
N THR KB 314 -19.55 47.10 48.63
CA THR KB 314 -18.17 47.51 48.34
C THR KB 314 -17.66 46.82 47.08
N PRO KB 315 -18.18 47.20 45.92
CA PRO KB 315 -17.64 46.67 44.66
C PRO KB 315 -16.39 47.43 44.23
N ALA KB 316 -15.56 46.74 43.46
CA ALA KB 316 -14.33 47.32 42.91
C ALA KB 316 -14.38 47.22 41.40
N THR KB 317 -14.35 48.35 40.71
CA THR KB 317 -14.45 48.33 39.26
C THR KB 317 -13.17 47.79 38.64
N ARG KB 318 -13.31 46.76 37.79
CA ARG KB 318 -12.18 46.14 37.12
C ARG KB 318 -11.90 46.78 35.76
N SER KB 319 -12.91 46.82 34.90
CA SER KB 319 -12.84 47.52 33.63
C SER KB 319 -14.07 48.41 33.50
N GLU KB 320 -13.96 49.43 32.67
CA GLU KB 320 -15.04 50.40 32.57
C GLU KB 320 -15.02 51.05 31.20
N TYR KB 321 -16.20 51.17 30.60
CA TYR KB 321 -16.39 51.92 29.36
C TYR KB 321 -17.52 52.91 29.58
N ALA KB 322 -17.34 54.12 29.05
CA ALA KB 322 -18.33 55.17 29.25
C ALA KB 322 -18.33 56.09 28.03
N LEU KB 323 -19.40 56.05 27.26
CA LEU KB 323 -19.60 56.92 26.12
C LEU KB 323 -20.71 57.91 26.45
N GLU KB 324 -20.45 59.20 26.23
CA GLU KB 324 -21.38 60.27 26.59
C GLU KB 324 -21.29 61.38 25.54
N ASP KB 325 -22.17 61.33 24.55
CA ASP KB 325 -22.19 62.32 23.49
C ASP KB 325 -23.47 63.15 23.54
N TYR KB 326 -23.35 64.40 23.09
CA TYR KB 326 -24.45 65.35 23.07
C TYR KB 326 -24.63 65.87 21.64
N ASN KB 327 -25.66 66.69 21.45
CA ASN KB 327 -25.91 67.34 20.17
C ASN KB 327 -26.72 68.62 20.38
N GLY KB 365 -31.22 68.93 23.28
CA GLY KB 365 -30.94 68.09 22.12
C GLY KB 365 -30.69 66.64 22.48
N SER KB 366 -30.11 65.89 21.55
CA SER KB 366 -29.80 64.49 21.78
C SER KB 366 -28.76 64.35 22.89
N VAL KB 367 -29.00 63.41 23.79
CA VAL KB 367 -28.07 63.09 24.88
C VAL KB 367 -28.03 61.59 25.02
N ARG KB 368 -26.94 60.96 24.60
CA ARG KB 368 -26.77 59.51 24.66
C ARG KB 368 -25.70 59.19 25.70
N LYS KB 369 -26.05 58.34 26.66
CA LYS KB 369 -25.16 57.99 27.77
C LYS KB 369 -25.03 56.47 27.84
N GLU KB 370 -24.11 55.91 27.06
CA GLU KB 370 -23.83 54.49 27.14
C GLU KB 370 -22.79 54.23 28.22
N SER KB 371 -22.84 53.04 28.80
CA SER KB 371 -21.94 52.68 29.89
C SER KB 371 -21.88 51.18 30.03
N THR KB 372 -20.68 50.66 30.27
CA THR KB 372 -20.45 49.25 30.55
C THR KB 372 -19.46 49.17 31.70
N ARG KB 373 -19.72 48.27 32.64
CA ARG KB 373 -18.92 48.21 33.85
C ARG KB 373 -18.79 46.76 34.32
N ASN KB 374 -17.59 46.38 34.73
CA ASN KB 374 -17.33 45.07 35.30
C ASN KB 374 -16.81 45.25 36.73
N PHE KB 375 -17.26 44.39 37.63
CA PHE KB 375 -16.97 44.55 39.05
C PHE KB 375 -16.29 43.31 39.61
N GLU KB 376 -15.56 43.54 40.71
CA GLU KB 376 -14.98 42.50 41.54
C GLU KB 376 -15.52 42.69 42.94
N LEU KB 377 -15.91 41.59 43.58
CA LEU KB 377 -16.63 41.64 44.85
C LEU KB 377 -15.93 40.75 45.87
N ASP KB 378 -16.08 41.14 47.15
CA ASP KB 378 -15.55 40.31 48.22
C ASP KB 378 -16.31 38.98 48.26
N THR KB 379 -15.56 37.88 48.27
CA THR KB 379 -16.14 36.55 48.16
C THR KB 379 -15.64 35.70 49.32
N THR KB 380 -16.55 35.28 50.18
CA THR KB 380 -16.25 34.37 51.27
C THR KB 380 -16.91 33.02 50.98
N ILE KB 381 -16.14 31.94 51.09
CA ILE KB 381 -16.63 30.59 50.84
C ILE KB 381 -16.27 29.76 52.05
N SER KB 382 -17.27 29.44 52.87
CA SER KB 382 -17.05 28.70 54.11
C SER KB 382 -17.76 27.36 54.06
N HIS KB 383 -17.00 26.30 54.31
CA HIS KB 383 -17.54 24.95 54.34
C HIS KB 383 -17.49 24.46 55.79
N GLU KB 384 -18.65 24.24 56.40
CA GLU KB 384 -18.78 23.81 57.77
C GLU KB 384 -19.33 22.40 57.83
N ARG KB 385 -18.86 21.61 58.78
CA ARG KB 385 -19.35 20.25 58.98
C ARG KB 385 -19.59 20.06 60.47
N LYS KB 386 -20.86 20.05 60.86
CA LYS KB 386 -21.20 20.00 62.28
C LYS KB 386 -20.86 18.64 62.87
N GLN KB 387 -20.55 18.64 64.16
CA GLN KB 387 -20.36 17.40 64.87
C GLN KB 387 -21.69 16.65 64.98
N THR KB 388 -21.62 15.32 64.88
CA THR KB 388 -22.82 14.50 64.82
C THR KB 388 -23.67 14.62 66.08
N GLY KB 389 -23.16 14.10 67.20
CA GLY KB 389 -23.95 14.08 68.42
C GLY KB 389 -23.83 15.34 69.25
N THR KB 390 -24.90 16.13 69.29
CA THR KB 390 -24.92 17.37 70.07
C THR KB 390 -26.13 17.37 70.99
N VAL KB 391 -25.93 17.83 72.23
CA VAL KB 391 -27.01 17.91 73.19
C VAL KB 391 -28.02 18.96 72.72
N ALA KB 392 -29.19 18.51 72.27
CA ALA KB 392 -30.21 19.41 71.78
C ALA KB 392 -31.11 19.96 72.87
N ARG KB 393 -31.30 19.19 73.95
CA ARG KB 393 -32.12 19.63 75.06
C ARG KB 393 -31.68 18.88 76.31
N GLN KB 394 -31.68 19.57 77.44
CA GLN KB 394 -31.26 19.00 78.70
C GLN KB 394 -32.29 19.33 79.77
N THR KB 395 -32.73 18.31 80.50
CA THR KB 395 -33.73 18.45 81.56
C THR KB 395 -33.16 17.90 82.84
N VAL KB 396 -33.19 18.71 83.90
CA VAL KB 396 -32.71 18.31 85.22
C VAL KB 396 -33.78 18.65 86.25
N SER KB 397 -34.10 17.68 87.12
CA SER KB 397 -35.04 17.90 88.21
C SER KB 397 -34.39 17.43 89.51
N VAL KB 398 -34.49 18.25 90.54
CA VAL KB 398 -33.94 17.94 91.85
C VAL KB 398 -35.04 18.12 92.88
N ALA KB 399 -35.20 17.12 93.75
CA ALA KB 399 -36.19 17.16 94.82
C ALA KB 399 -35.47 17.08 96.17
N ILE KB 400 -35.80 18.00 97.05
CA ILE KB 400 -35.14 18.14 98.35
C ILE KB 400 -36.10 17.68 99.43
N LYS KB 401 -35.61 16.84 100.33
CA LYS KB 401 -36.44 16.34 101.42
C LYS KB 401 -36.80 17.47 102.37
N ASP KB 402 -38.07 17.50 102.77
CA ASP KB 402 -38.53 18.49 103.74
C ASP KB 402 -38.08 18.10 105.14
N ARG KB 403 -37.97 19.11 106.00
CA ARG KB 403 -37.58 18.93 107.39
C ARG KB 403 -36.26 18.19 107.52
N PRO KB 417 -40.00 21.89 105.26
CA PRO KB 417 -39.70 22.37 103.91
C PRO KB 417 -38.44 23.24 103.88
N MET KB 418 -38.15 23.81 102.71
CA MET KB 418 -36.99 24.66 102.52
C MET KB 418 -37.43 26.02 102.00
N SER KB 419 -36.80 27.07 102.51
CA SER KB 419 -37.19 28.43 102.18
C SER KB 419 -36.91 28.73 100.70
N GLU KB 420 -37.61 29.76 100.20
CA GLU KB 420 -37.45 30.13 98.80
C GLU KB 420 -36.03 30.62 98.52
N SER KB 421 -35.43 31.34 99.46
CA SER KB 421 -34.09 31.88 99.26
C SER KB 421 -33.07 30.75 99.05
N GLU KB 422 -33.13 29.72 99.90
CA GLU KB 422 -32.19 28.62 99.75
C GLU KB 422 -32.49 27.78 98.50
N ILE KB 423 -33.76 27.65 98.13
CA ILE KB 423 -34.12 26.97 96.89
C ILE KB 423 -33.50 27.69 95.70
N ASN KB 424 -33.61 29.02 95.68
CA ASN KB 424 -33.03 29.78 94.58
C ASN KB 424 -31.50 29.74 94.61
N ALA KB 425 -30.90 29.69 95.80
CA ALA KB 425 -29.45 29.56 95.89
C ALA KB 425 -28.98 28.22 95.33
N ILE KB 426 -29.70 27.14 95.67
CA ILE KB 426 -29.38 25.83 95.10
C ILE KB 426 -29.55 25.85 93.60
N ARG KB 427 -30.60 26.51 93.12
CA ARG KB 427 -30.81 26.62 91.67
C ARG KB 427 -29.65 27.37 91.02
N GLN KB 428 -29.16 28.43 91.67
CA GLN KB 428 -28.02 29.17 91.14
C GLN KB 428 -26.77 28.31 91.09
N VAL KB 429 -26.54 27.50 92.11
CA VAL KB 429 -25.38 26.60 92.09
C VAL KB 429 -25.51 25.60 90.96
N LEU KB 430 -26.69 25.01 90.80
CA LEU KB 430 -26.91 24.06 89.72
C LEU KB 430 -26.68 24.70 88.36
N ILE KB 431 -27.12 25.94 88.19
CA ILE KB 431 -26.83 26.71 86.99
C ILE KB 431 -25.34 27.02 86.99
N GLY KB 432 -24.57 26.25 86.23
CA GLY KB 432 -23.13 26.31 86.34
C GLY KB 432 -22.58 24.97 86.78
N THR KB 433 -23.26 24.31 87.72
CA THR KB 433 -22.94 22.91 87.97
C THR KB 433 -23.26 22.05 86.76
N VAL KB 434 -24.41 22.29 86.12
CA VAL KB 434 -24.82 21.50 84.97
C VAL KB 434 -24.53 22.20 83.65
N GLY KB 435 -24.41 23.52 83.64
CA GLY KB 435 -24.27 24.26 82.40
C GLY KB 435 -25.62 24.60 81.82
N PHE KB 436 -26.49 25.16 82.63
CA PHE KB 436 -27.85 25.47 82.20
C PHE KB 436 -27.83 26.43 81.02
N ASP KB 437 -28.61 26.10 79.99
CA ASP KB 437 -28.66 26.89 78.74
C ASP KB 437 -30.13 27.00 78.34
N GLN KB 438 -30.77 28.08 78.79
CA GLN KB 438 -32.20 28.26 78.51
C GLN KB 438 -32.45 28.44 77.01
N GLY KB 439 -31.55 29.14 76.32
CA GLY KB 439 -31.71 29.35 74.90
C GLY KB 439 -31.71 28.06 74.10
N ARG KB 440 -31.12 27.00 74.63
CA ARG KB 440 -31.14 25.68 74.01
C ARG KB 440 -32.47 24.95 74.26
N GLY KB 441 -33.30 25.46 75.15
CA GLY KB 441 -34.50 24.78 75.55
C GLY KB 441 -34.37 23.94 76.80
N ASP KB 442 -33.26 24.05 77.52
CA ASP KB 442 -33.05 23.27 78.72
C ASP KB 442 -34.01 23.70 79.82
N LEU KB 443 -34.23 22.79 80.76
CA LEU KB 443 -35.18 23.01 81.85
C LEU KB 443 -34.58 22.50 83.14
N LEU KB 444 -34.76 23.27 84.21
CA LEU KB 444 -34.21 22.94 85.52
C LEU KB 444 -35.28 23.18 86.57
N ASN KB 445 -35.76 22.10 87.18
CA ASN KB 445 -36.76 22.17 88.24
C ASN KB 445 -36.10 21.83 89.56
N VAL KB 446 -36.34 22.66 90.58
CA VAL KB 446 -35.91 22.39 91.94
C VAL KB 446 -37.13 22.50 92.85
N LEU KB 447 -37.48 21.40 93.51
CA LEU KB 447 -38.68 21.34 94.33
C LEU KB 447 -38.31 20.86 95.73
N SER KB 448 -39.17 21.19 96.69
CA SER KB 448 -39.06 20.70 98.05
C SER KB 448 -40.24 19.78 98.32
N VAL KB 449 -39.97 18.47 98.42
CA VAL KB 449 -41.01 17.47 98.55
C VAL KB 449 -40.80 16.71 99.86
N LYS KB 450 -41.82 15.93 100.24
CA LYS KB 450 -41.82 15.17 101.47
C LYS KB 450 -41.42 13.73 101.16
N PHE KB 451 -40.22 13.34 101.58
CA PHE KB 451 -39.78 11.96 101.40
C PHE KB 451 -40.50 11.05 102.40
N ALA KB 452 -40.80 9.84 101.95
CA ALA KB 452 -41.48 8.86 102.78
C ALA KB 452 -40.48 7.96 103.49
N ALA LB 255 -34.55 -8.15 56.45
CA ALA LB 255 -34.90 -6.87 57.07
C ALA LB 255 -35.80 -7.06 58.28
N SER LB 256 -36.50 -8.18 58.35
CA SER LB 256 -37.36 -8.43 59.50
C SER LB 256 -36.54 -8.60 60.77
N ALA LB 257 -35.32 -9.10 60.66
CA ALA LB 257 -34.41 -9.10 61.80
C ALA LB 257 -34.12 -7.68 62.25
N ALA LB 258 -33.95 -6.76 61.29
CA ALA LB 258 -33.77 -5.36 61.64
C ALA LB 258 -34.99 -4.82 62.37
N ARG LB 259 -36.19 -5.20 61.93
CA ARG LB 259 -37.40 -4.75 62.64
C ARG LB 259 -37.45 -5.31 64.05
N ARG LB 260 -37.04 -6.57 64.22
CA ARG LB 260 -36.98 -7.16 65.55
C ARG LB 260 -36.03 -6.37 66.45
N LYS LB 261 -34.86 -6.02 65.93
CA LYS LB 261 -33.92 -5.26 66.74
C LYS LB 261 -34.42 -3.84 67.01
N GLU LB 262 -35.24 -3.28 66.11
CA GLU LB 262 -35.87 -2.00 66.40
C GLU LB 262 -36.85 -2.12 67.57
N GLN LB 263 -37.62 -3.20 67.59
CA GLN LB 263 -38.49 -3.46 68.74
C GLN LB 263 -37.67 -3.58 70.01
N GLU LB 264 -36.53 -4.26 69.93
CA GLU LB 264 -35.64 -4.39 71.08
C GLU LB 264 -35.16 -3.03 71.56
N LEU LB 265 -34.80 -2.15 70.62
CA LEU LB 265 -34.36 -0.81 70.99
C LEU LB 265 -35.47 -0.05 71.72
N GLU LB 266 -36.69 -0.12 71.20
CA GLU LB 266 -37.80 0.58 71.84
C GLU LB 266 -38.02 0.04 73.26
N ARG LB 267 -38.00 -1.29 73.42
CA ARG LB 267 -38.19 -1.87 74.74
C ARG LB 267 -37.07 -1.49 75.70
N SER LB 268 -35.84 -1.42 75.20
CA SER LB 268 -34.71 -1.00 76.03
C SER LB 268 -34.87 0.43 76.51
N GLN LB 269 -35.31 1.32 75.62
CA GLN LB 269 -35.57 2.70 76.00
C GLN LB 269 -36.63 2.77 77.08
N GLU LB 270 -37.72 2.03 76.89
CA GLU LB 270 -38.79 2.02 77.90
C GLU LB 270 -38.26 1.52 79.24
N GLN LB 271 -37.44 0.48 79.22
CA GLN LB 271 -36.89 -0.06 80.46
C GLN LB 271 -36.00 0.95 81.16
N ALA LB 272 -35.17 1.66 80.40
CA ALA LB 272 -34.30 2.67 80.99
C ALA LB 272 -35.11 3.79 81.63
N LEU LB 273 -36.16 4.25 80.95
CA LEU LB 273 -37.01 5.29 81.52
C LEU LB 273 -37.71 4.80 82.77
N ARG LB 274 -38.16 3.54 82.77
CA ARG LB 274 -38.76 2.97 83.98
C ARG LB 274 -37.76 2.93 85.12
N GLU LB 275 -36.51 2.58 84.82
CA GLU LB 275 -35.47 2.55 85.85
C GLU LB 275 -35.27 3.93 86.46
N LYS LB 276 -35.22 4.97 85.61
CA LYS LB 276 -35.08 6.33 86.12
C LYS LB 276 -36.29 6.73 86.98
N ILE LB 277 -37.49 6.37 86.53
CA ILE LB 277 -38.70 6.66 87.29
C ILE LB 277 -38.62 6.03 88.67
N ASP LB 278 -38.19 4.76 88.72
CA ASP LB 278 -38.02 4.10 90.01
C ASP LB 278 -36.97 4.81 90.85
N SER LB 279 -35.84 5.18 90.26
CA SER LB 279 -34.76 5.79 91.01
C SER LB 279 -35.22 7.11 91.63
N VAL LB 280 -36.18 7.78 91.01
CA VAL LB 280 -36.71 9.02 91.57
C VAL LB 280 -37.81 8.77 92.59
N LEU LB 281 -38.74 7.85 92.31
CA LEU LB 281 -39.94 7.74 93.13
C LEU LB 281 -39.77 6.81 94.33
N LEU LB 282 -38.84 5.85 94.25
CA LEU LB 282 -38.65 4.92 95.37
C LEU LB 282 -38.28 5.63 96.67
N PRO LB 283 -37.33 6.58 96.70
CA PRO LB 283 -37.12 7.34 97.94
C PRO LB 283 -38.31 8.19 98.33
N ILE LB 284 -38.90 8.90 97.35
CA ILE LB 284 -39.94 9.87 97.65
C ILE LB 284 -41.20 9.18 98.17
N LEU LB 285 -41.66 8.15 97.48
CA LEU LB 285 -42.93 7.51 97.82
C LEU LB 285 -42.76 6.26 98.66
N GLY LB 286 -41.77 5.45 98.35
CA GLY LB 286 -41.53 4.20 99.06
C GLY LB 286 -41.69 3.01 98.12
N TYR LB 287 -41.52 1.82 98.71
CA TYR LB 287 -41.56 0.58 97.95
C TYR LB 287 -43.00 0.06 97.92
N GLY LB 288 -43.53 -0.11 96.72
CA GLY LB 288 -44.87 -0.63 96.56
C GLY LB 288 -45.99 0.37 96.72
N ASN LB 289 -45.68 1.64 96.90
CA ASN LB 289 -46.70 2.68 97.01
C ASN LB 289 -47.03 3.33 95.68
N TYR LB 290 -46.42 2.87 94.58
CA TYR LB 290 -46.65 3.47 93.28
C TYR LB 290 -46.50 2.40 92.22
N THR LB 291 -47.06 2.68 91.04
CA THR LB 291 -46.81 1.87 89.85
C THR LB 291 -46.74 2.81 88.66
N ALA LB 292 -45.82 2.52 87.74
CA ALA LB 292 -45.61 3.37 86.58
C ALA LB 292 -45.21 2.53 85.37
N GLN LB 293 -45.74 2.90 84.21
CA GLN LB 293 -45.38 2.26 82.96
C GLN LB 293 -45.13 3.33 81.91
N VAL LB 294 -44.26 3.01 80.96
CA VAL LB 294 -43.78 3.97 79.96
C VAL LB 294 -43.96 3.37 78.57
N ASP LB 295 -44.54 4.15 77.67
CA ASP LB 295 -44.62 3.77 76.27
C ASP LB 295 -43.78 4.73 75.44
N ILE LB 296 -42.89 4.18 74.62
CA ILE LB 296 -42.02 4.97 73.76
C ILE LB 296 -42.23 4.51 72.33
N GLN LB 297 -42.63 5.43 71.45
CA GLN LB 297 -42.78 5.17 70.03
C GLN LB 297 -41.62 5.83 69.30
N MET LB 298 -40.90 5.05 68.50
CA MET LB 298 -39.71 5.53 67.82
C MET LB 298 -39.88 5.39 66.31
N ASP LB 299 -39.61 6.47 65.60
CA ASP LB 299 -39.61 6.47 64.14
C ASP LB 299 -38.25 5.99 63.63
N PHE LB 300 -38.27 5.21 62.56
CA PHE LB 300 -37.06 4.68 61.96
C PHE LB 300 -37.00 4.99 60.49
N SER LB 301 -37.44 6.17 60.10
CA SER LB 301 -37.36 6.59 58.71
C SER LB 301 -35.89 6.85 58.33
N ALA LB 302 -35.68 7.15 57.05
CA ALA LB 302 -34.34 7.39 56.50
C ALA LB 302 -34.32 8.70 55.74
N VAL LB 303 -34.77 9.77 56.40
CA VAL LB 303 -34.82 11.08 55.76
C VAL LB 303 -33.41 11.53 55.39
N GLU LB 304 -33.30 12.20 54.25
CA GLU LB 304 -32.02 12.72 53.76
C GLU LB 304 -32.32 13.91 52.88
N GLN LB 305 -32.04 15.11 53.38
CA GLN LB 305 -32.52 16.35 52.78
C GLN LB 305 -31.35 17.18 52.25
N THR LB 306 -31.59 17.88 51.14
CA THR LB 306 -30.61 18.79 50.56
C THR LB 306 -31.31 20.12 50.29
N ARG LB 307 -30.83 21.19 50.88
CA ARG LB 307 -31.44 22.50 50.77
C ARG LB 307 -30.47 23.45 50.10
N LYS LB 308 -30.95 24.20 49.11
CA LYS LB 308 -30.18 25.22 48.41
C LYS LB 308 -30.92 26.54 48.53
N ARG LB 309 -30.43 27.42 49.39
CA ARG LB 309 -31.09 28.66 49.73
C ARG LB 309 -30.29 29.86 49.23
N PHE LB 310 -31.01 30.88 48.79
CA PHE LB 310 -30.42 32.12 48.29
C PHE LB 310 -30.84 33.28 49.17
N ASP LB 311 -30.33 34.47 48.85
CA ASP LB 311 -30.64 35.69 49.61
C ASP LB 311 -31.11 36.75 48.62
N PRO LB 312 -32.42 36.85 48.38
CA PRO LB 312 -32.90 37.77 47.34
C PRO LB 312 -32.59 39.24 47.61
N ASN LB 313 -32.52 39.64 48.87
CA ASN LB 313 -32.50 41.06 49.22
C ASN LB 313 -31.12 41.68 49.27
N THR LB 314 -30.06 40.91 49.04
CA THR LB 314 -28.69 41.43 49.00
C THR LB 314 -27.95 40.91 47.78
N PRO LB 315 -28.33 41.36 46.58
CA PRO LB 315 -27.57 40.98 45.38
C PRO LB 315 -26.35 41.87 45.20
N ALA LB 316 -25.36 41.32 44.49
CA ALA LB 316 -24.13 42.02 44.18
C ALA LB 316 -23.95 42.06 42.68
N THR LB 317 -23.92 43.25 42.10
CA THR LB 317 -23.82 43.36 40.65
C THR LB 317 -22.42 42.97 40.17
N ARG LB 318 -22.35 42.02 39.24
CA ARG LB 318 -21.09 41.55 38.69
C ARG LB 318 -20.69 42.33 37.45
N SER LB 319 -21.56 42.38 36.45
CA SER LB 319 -21.38 43.19 35.26
C SER LB 319 -22.65 44.00 35.04
N GLU LB 320 -22.52 45.10 34.32
CA GLU LB 320 -23.66 45.99 34.14
C GLU LB 320 -23.49 46.77 32.84
N TYR LB 321 -24.57 46.86 32.08
CA TYR LB 321 -24.66 47.69 30.90
C TYR LB 321 -25.88 48.59 31.03
N ALA LB 322 -25.74 49.85 30.64
CA ALA LB 322 -26.83 50.81 30.77
C ALA LB 322 -26.73 51.82 29.64
N LEU LB 323 -27.68 51.79 28.73
CA LEU LB 323 -27.79 52.74 27.64
C LEU LB 323 -29.01 53.62 27.88
N GLU LB 324 -28.83 54.94 27.81
CA GLU LB 324 -29.89 55.90 28.12
C GLU LB 324 -29.74 57.10 27.18
N ASP LB 325 -30.49 57.08 26.08
CA ASP LB 325 -30.43 58.16 25.11
C ASP LB 325 -31.77 58.90 25.04
N TYR LB 326 -31.70 60.19 24.72
CA TYR LB 326 -32.86 61.06 24.61
C TYR LB 326 -32.88 61.69 23.22
N ASN LB 327 -33.94 62.44 22.95
CA ASN LB 327 -34.06 63.20 21.71
C ASN LB 327 -34.99 64.39 21.90
N GLY LB 365 -39.86 64.11 24.11
CA GLY LB 365 -39.36 63.40 22.96
C GLY LB 365 -39.04 61.94 23.23
N SER LB 366 -38.27 61.33 22.33
CA SER LB 366 -37.88 59.94 22.49
C SER LB 366 -37.00 59.77 23.72
N VAL LB 367 -37.28 58.73 24.50
CA VAL LB 367 -36.49 58.39 25.68
C VAL LB 367 -36.35 56.87 25.71
N ARG LB 368 -35.16 56.37 25.40
CA ARG LB 368 -34.88 54.94 25.37
C ARG LB 368 -33.94 54.59 26.52
N LYS LB 369 -34.35 53.64 27.36
CA LYS LB 369 -33.59 53.26 28.54
C LYS LB 369 -33.35 51.75 28.51
N GLU LB 370 -32.29 51.34 27.83
CA GLU LB 370 -31.90 49.93 27.83
C GLU LB 370 -31.00 49.65 29.04
N SER LB 371 -31.03 48.41 29.50
CA SER LB 371 -30.27 48.03 30.67
C SER LB 371 -30.10 46.52 30.69
N THR LB 372 -28.90 46.07 31.07
CA THR LB 372 -28.60 44.66 31.26
C THR LB 372 -27.78 44.53 32.53
N ARG LB 373 -28.09 43.54 33.34
CA ARG LB 373 -27.47 43.42 34.66
C ARG LB 373 -27.29 41.95 35.02
N ASN LB 374 -26.13 41.61 35.56
CA ASN LB 374 -25.84 40.28 36.07
C ASN LB 374 -25.53 40.37 37.55
N PHE LB 375 -26.04 39.39 38.31
CA PHE LB 375 -25.96 39.45 39.77
C PHE LB 375 -25.26 38.21 40.32
N GLU LB 376 -24.72 38.38 41.51
CA GLU LB 376 -24.17 37.32 42.34
C GLU LB 376 -24.91 37.34 43.67
N LEU LB 377 -25.29 36.16 44.15
CA LEU LB 377 -26.18 36.03 45.30
C LEU LB 377 -25.57 35.12 46.34
N ASP LB 378 -25.92 35.36 47.61
CA ASP LB 378 -25.49 34.49 48.67
C ASP LB 378 -26.12 33.11 48.49
N THR LB 379 -25.30 32.07 48.52
CA THR LB 379 -25.75 30.72 48.22
C THR LB 379 -25.34 29.80 49.36
N THR LB 380 -26.33 29.24 50.05
CA THR LB 380 -26.10 28.25 51.09
C THR LB 380 -26.59 26.90 50.61
N ILE LB 381 -25.76 25.88 50.73
CA ILE LB 381 -26.10 24.51 50.29
C ILE LB 381 -25.85 23.60 51.48
N SER LB 382 -26.92 23.14 52.12
CA SER LB 382 -26.82 22.32 53.32
C SER LB 382 -27.38 20.93 53.05
N HIS LB 383 -26.59 19.91 53.31
CA HIS LB 383 -27.02 18.52 53.17
C HIS LB 383 -27.12 17.90 54.56
N GLU LB 384 -28.34 17.54 54.96
CA GLU LB 384 -28.61 16.99 56.28
C GLU LB 384 -29.06 15.55 56.14
N ARG LB 385 -28.65 14.70 57.08
CA ARG LB 385 -29.04 13.30 57.10
C ARG LB 385 -29.47 12.95 58.51
N LYS LB 386 -30.78 12.83 58.71
CA LYS LB 386 -31.32 12.62 60.05
C LYS LB 386 -30.95 11.24 60.58
N GLN LB 387 -30.83 11.14 61.89
CA GLN LB 387 -30.64 9.84 62.52
C GLN LB 387 -31.90 9.00 62.38
N THR LB 388 -31.71 7.70 62.17
CA THR LB 388 -32.81 6.80 61.88
C THR LB 388 -33.83 6.74 63.01
N GLY LB 389 -33.45 6.17 64.15
CA GLY LB 389 -34.38 5.97 65.23
C GLY LB 389 -34.49 7.16 66.16
N THR LB 390 -35.62 7.86 66.12
CA THR LB 390 -35.85 9.02 66.98
C THR LB 390 -37.17 8.85 67.71
N VAL LB 391 -37.19 9.20 68.99
CA VAL LB 391 -38.40 9.11 69.79
C VAL LB 391 -39.41 10.12 69.27
N ALA LB 392 -40.46 9.64 68.62
CA ALA LB 392 -41.48 10.51 68.05
C ALA LB 392 -42.56 10.88 69.06
N ARG LB 393 -42.83 10.02 70.02
CA ARG LB 393 -43.84 10.29 71.03
C ARG LB 393 -43.52 9.46 72.27
N GLN LB 394 -43.73 10.05 73.44
CA GLN LB 394 -43.44 9.38 74.70
C GLN LB 394 -44.64 9.54 75.64
N THR LB 395 -45.08 8.43 76.21
CA THR LB 395 -46.23 8.40 77.10
C THR LB 395 -45.80 7.78 78.42
N VAL LB 396 -46.05 8.49 79.52
CA VAL LB 396 -45.72 8.00 80.87
C VAL LB 396 -46.94 8.16 81.74
N SER LB 397 -47.30 7.10 82.48
CA SER LB 397 -48.39 7.15 83.44
C SER LB 397 -47.90 6.60 84.77
N VAL LB 398 -48.21 7.32 85.84
CA VAL LB 398 -47.82 6.94 87.20
C VAL LB 398 -49.08 6.94 88.06
N ALA LB 399 -49.26 5.86 88.81
CA ALA LB 399 -50.39 5.72 89.73
C ALA LB 399 -49.86 5.57 91.15
N ILE LB 400 -50.39 6.39 92.06
CA ILE LB 400 -49.93 6.45 93.44
C ILE LB 400 -51.00 5.83 94.33
N LYS LB 401 -50.56 4.93 95.22
CA LYS LB 401 -51.49 4.28 96.12
C LYS LB 401 -52.07 5.28 97.10
N ASP LB 402 -53.38 5.19 97.31
CA ASP LB 402 -54.05 6.05 98.28
C ASP LB 402 -53.77 5.57 99.69
N ARG LB 403 -53.87 6.50 100.65
CA ARG LB 403 -53.66 6.22 102.06
C ARG LB 403 -52.30 5.56 102.31
N PRO LB 417 -56.00 9.17 99.85
CA PRO LB 417 -55.56 9.81 98.60
C PRO LB 417 -54.38 10.76 98.81
N MET LB 418 -53.98 11.46 97.76
CA MET LB 418 -52.87 12.40 97.80
C MET LB 418 -53.36 13.77 97.35
N SER LB 419 -52.90 14.81 98.03
CA SER LB 419 -53.35 16.16 97.74
C SER LB 419 -52.89 16.62 96.37
N GLU LB 420 -53.59 17.63 95.84
CA GLU LB 420 -53.27 18.15 94.52
C GLU LB 420 -51.87 18.77 94.48
N SER LB 421 -51.47 19.44 95.58
CA SER LB 421 -50.16 20.07 95.60
C SER LB 421 -49.04 19.05 95.46
N GLU LB 422 -49.13 17.94 96.20
CA GLU LB 422 -48.08 16.93 96.09
C GLU LB 422 -48.14 16.19 94.77
N ILE LB 423 -49.34 16.02 94.20
CA ILE LB 423 -49.44 15.42 92.87
C ILE LB 423 -48.74 16.29 91.84
N ASN LB 424 -48.95 17.60 91.91
CA ASN LB 424 -48.29 18.51 90.98
C ASN LB 424 -46.79 18.57 91.23
N ALA LB 425 -46.35 18.46 92.49
CA ALA LB 425 -44.92 18.42 92.76
C ALA LB 425 -44.28 17.17 92.18
N ILE LB 426 -44.94 16.02 92.32
CA ILE LB 426 -44.43 14.78 91.71
C ILE LB 426 -44.40 14.93 90.18
N ARG LB 427 -45.42 15.56 89.61
CA ARG LB 427 -45.43 15.80 88.18
C ARG LB 427 -44.26 16.68 87.76
N GLN LB 428 -43.96 17.70 88.56
CA GLN LB 428 -42.82 18.57 88.26
C GLN LB 428 -41.51 17.82 88.32
N VAL LB 429 -41.35 16.92 89.30
CA VAL LB 429 -40.13 16.12 89.38
C VAL LB 429 -40.01 15.22 88.16
N LEU LB 430 -41.12 14.57 87.78
CA LEU LB 430 -41.10 13.70 86.61
C LEU LB 430 -40.75 14.48 85.35
N ILE LB 431 -41.25 15.70 85.24
CA ILE LB 431 -40.86 16.60 84.15
C ILE LB 431 -39.42 17.01 84.38
N GLY LB 432 -38.49 16.37 83.69
CA GLY LB 432 -37.09 16.52 84.02
C GLY LB 432 -36.50 15.18 84.41
N THR LB 433 -37.25 14.39 85.19
CA THR LB 433 -36.85 13.01 85.37
C THR LB 433 -36.92 12.24 84.07
N VAL LB 434 -37.98 12.46 83.29
CA VAL LB 434 -38.16 11.75 82.02
C VAL LB 434 -37.76 12.59 80.82
N GLY LB 435 -37.74 13.91 80.93
CA GLY LB 435 -37.49 14.76 79.80
C GLY LB 435 -38.77 15.06 79.04
N PHE LB 436 -39.80 15.48 79.78
CA PHE LB 436 -41.10 15.73 79.17
C PHE LB 436 -41.01 16.80 78.09
N ASP LB 437 -41.59 16.52 76.94
CA ASP LB 437 -41.54 17.40 75.76
C ASP LB 437 -42.94 17.45 75.16
N GLN LB 438 -43.73 18.43 75.59
CA GLN LB 438 -45.11 18.54 75.12
C GLN LB 438 -45.17 18.85 73.64
N GLY LB 439 -44.25 19.66 73.13
CA GLY LB 439 -44.22 19.98 71.72
C GLY LB 439 -44.01 18.78 70.83
N ARG LB 440 -43.40 17.72 71.36
CA ARG LB 440 -43.24 16.48 70.63
C ARG LB 440 -44.50 15.63 70.63
N GLY LB 441 -45.50 15.99 71.43
CA GLY LB 441 -46.69 15.19 71.59
C GLY LB 441 -46.66 14.25 72.77
N ASP LB 442 -45.67 14.38 73.65
CA ASP LB 442 -45.56 13.51 74.81
C ASP LB 442 -46.70 13.77 75.78
N LEU LB 443 -46.98 12.75 76.61
CA LEU LB 443 -48.08 12.80 77.55
C LEU LB 443 -47.63 12.22 78.88
N LEU LB 444 -48.02 12.87 79.97
CA LEU LB 444 -47.63 12.46 81.32
C LEU LB 444 -48.85 12.52 82.21
N ASN LB 445 -49.32 11.37 82.66
CA ASN LB 445 -50.46 11.27 83.56
C ASN LB 445 -49.97 10.85 84.94
N VAL LB 446 -50.41 11.57 85.97
CA VAL LB 446 -50.15 11.20 87.35
C VAL LB 446 -51.49 11.14 88.07
N LEU LB 447 -51.84 9.97 88.58
CA LEU LB 447 -53.13 9.74 89.22
C LEU LB 447 -52.92 9.16 90.60
N SER LB 448 -53.93 9.34 91.46
CA SER LB 448 -53.96 8.73 92.78
C SER LB 448 -55.09 7.71 92.79
N VAL LB 449 -54.73 6.43 92.83
CA VAL LB 449 -55.69 5.34 92.73
C VAL LB 449 -55.61 4.48 93.98
N LYS LB 450 -56.60 3.60 94.14
CA LYS LB 450 -56.70 2.72 95.31
C LYS LB 450 -56.15 1.36 94.93
N PHE LB 451 -54.99 1.01 95.48
CA PHE LB 451 -54.42 -0.30 95.27
C PHE LB 451 -55.19 -1.34 96.07
N ALA LB 452 -55.33 -2.53 95.48
CA ALA LB 452 -56.03 -3.62 96.13
C ALA LB 452 -55.05 -4.52 96.89
N ALA MB 255 -41.33 -15.75 50.08
CA ALA MB 255 -41.87 -14.56 50.73
C ALA MB 255 -42.91 -14.93 51.78
N SER MB 256 -43.53 -16.10 51.66
CA SER MB 256 -44.52 -16.51 52.65
C SER MB 256 -43.86 -16.73 54.01
N ALA MB 257 -42.60 -17.14 54.03
CA ALA MB 257 -41.86 -17.18 55.29
C ALA MB 257 -41.75 -15.79 55.89
N ALA MB 258 -41.53 -14.78 55.05
CA ALA MB 258 -41.53 -13.40 55.53
C ALA MB 258 -42.87 -13.02 56.12
N ARG MB 259 -43.96 -13.44 55.48
CA ARG MB 259 -45.29 -13.15 56.03
C ARG MB 259 -45.50 -13.84 57.37
N ARG MB 260 -45.01 -15.07 57.49
CA ARG MB 260 -45.08 -15.78 58.77
C ARG MB 260 -44.34 -15.02 59.85
N LYS MB 261 -43.13 -14.53 59.55
CA LYS MB 261 -42.38 -13.78 60.55
C LYS MB 261 -43.03 -12.44 60.85
N GLU MB 262 -43.75 -11.85 59.90
CA GLU MB 262 -44.54 -10.65 60.19
C GLU MB 262 -45.65 -10.96 61.19
N GLN MB 263 -46.33 -12.09 61.01
CA GLN MB 263 -47.33 -12.50 62.00
C GLN MB 263 -46.68 -12.69 63.37
N GLU MB 264 -45.48 -13.27 63.39
CA GLU MB 264 -44.76 -13.45 64.64
C GLU MB 264 -44.46 -12.10 65.30
N LEU MB 265 -44.05 -11.12 64.50
CA LEU MB 265 -43.79 -9.79 65.03
C LEU MB 265 -45.04 -9.18 65.65
N GLU MB 266 -46.17 -9.29 64.95
CA GLU MB 266 -47.41 -8.75 65.48
C GLU MB 266 -47.78 -9.42 66.81
N ARG MB 267 -47.66 -10.75 66.86
CA ARG MB 267 -47.99 -11.47 68.08
C ARG MB 267 -47.06 -11.08 69.22
N SER MB 268 -45.77 -10.89 68.92
CA SER MB 268 -44.81 -10.47 69.93
C SER MB 268 -45.16 -9.10 70.49
N GLN MB 269 -45.54 -8.17 69.62
CA GLN MB 269 -45.96 -6.86 70.08
C GLN MB 269 -47.17 -6.95 71.00
N GLU MB 270 -48.15 -7.77 70.60
CA GLU MB 270 -49.34 -7.94 71.43
C GLU MB 270 -48.97 -8.52 72.79
N GLN MB 271 -48.06 -9.50 72.80
CA GLN MB 271 -47.65 -10.11 74.06
C GLN MB 271 -46.96 -9.10 74.97
N ALA MB 272 -46.09 -8.27 74.39
CA ALA MB 272 -45.40 -7.25 75.18
C ALA MB 272 -46.39 -6.26 75.78
N LEU MB 273 -47.36 -5.81 74.99
CA LEU MB 273 -48.36 -4.90 75.51
C LEU MB 273 -49.19 -5.55 76.62
N ARG MB 274 -49.53 -6.84 76.45
CA ARG MB 274 -50.24 -7.54 77.50
C ARG MB 274 -49.41 -7.62 78.78
N GLU MB 275 -48.10 -7.86 78.63
CA GLU MB 275 -47.22 -7.90 79.79
C GLU MB 275 -47.22 -6.57 80.54
N LYS MB 276 -47.14 -5.47 79.80
CA LYS MB 276 -47.18 -4.15 80.43
C LYS MB 276 -48.53 -3.92 81.13
N ILE MB 277 -49.63 -4.33 80.48
CA ILE MB 277 -50.95 -4.18 81.09
C ILE MB 277 -51.01 -4.94 82.40
N ASP MB 278 -50.49 -6.17 82.41
CA ASP MB 278 -50.44 -6.93 83.65
C ASP MB 278 -49.59 -6.24 84.70
N SER MB 279 -48.42 -5.73 84.30
CA SER MB 279 -47.52 -5.11 85.26
C SER MB 279 -48.15 -3.89 85.90
N VAL MB 280 -49.07 -3.24 85.21
CA VAL MB 280 -49.78 -2.09 85.78
C VAL MB 280 -50.98 -2.52 86.61
N LEU MB 281 -51.78 -3.47 86.11
CA LEU MB 281 -53.07 -3.74 86.75
C LEU MB 281 -52.99 -4.76 87.88
N LEU MB 282 -51.99 -5.65 87.86
CA LEU MB 282 -51.88 -6.66 88.91
C LEU MB 282 -51.75 -6.05 90.30
N PRO MB 283 -50.90 -5.04 90.55
CA PRO MB 283 -50.92 -4.39 91.86
C PRO MB 283 -52.23 -3.66 92.15
N ILE MB 284 -52.73 -2.91 91.16
CA ILE MB 284 -53.89 -2.05 91.38
C ILE MB 284 -55.13 -2.87 91.65
N LEU MB 285 -55.41 -3.86 90.81
CA LEU MB 285 -56.66 -4.61 90.92
C LEU MB 285 -56.50 -5.93 91.67
N GLY MB 286 -55.40 -6.63 91.44
CA GLY MB 286 -55.17 -7.92 92.06
C GLY MB 286 -55.10 -9.03 91.02
N TYR MB 287 -54.91 -10.24 91.53
CA TYR MB 287 -54.75 -11.41 90.67
C TYR MB 287 -56.11 -12.03 90.40
N GLY MB 288 -56.47 -12.13 89.12
CA GLY MB 288 -57.72 -12.73 88.72
C GLY MB 288 -58.93 -11.83 88.80
N ASN MB 289 -58.75 -10.55 89.13
CA ASN MB 289 -59.86 -9.60 89.17
C ASN MB 289 -60.05 -8.85 87.86
N TYR MB 290 -59.26 -9.17 86.83
CA TYR MB 290 -59.36 -8.47 85.56
C TYR MB 290 -58.97 -9.43 84.45
N THR MB 291 -59.38 -9.09 83.23
CA THR MB 291 -58.91 -9.76 82.03
C THR MB 291 -58.75 -8.71 80.94
N ALA MB 292 -57.69 -8.85 80.14
CA ALA MB 292 -57.39 -7.88 79.10
C ALA MB 292 -56.77 -8.57 77.90
N GLN MB 293 -57.16 -8.13 76.71
CA GLN MB 293 -56.57 -8.63 75.47
C GLN MB 293 -56.27 -7.45 74.57
N VAL MB 294 -55.26 -7.62 73.73
CA VAL MB 294 -54.73 -6.54 72.90
C VAL MB 294 -54.65 -7.02 71.46
N ASP MB 295 -55.16 -6.21 70.53
CA ASP MB 295 -55.02 -6.45 69.10
C ASP MB 295 -54.16 -5.37 68.49
N ILE MB 296 -53.12 -5.78 67.78
CA ILE MB 296 -52.20 -4.85 67.11
C ILE MB 296 -52.17 -5.20 65.63
N GLN MB 297 -52.52 -4.23 64.79
CA GLN MB 297 -52.46 -4.36 63.34
C GLN MB 297 -51.26 -3.56 62.84
N MET MB 298 -50.37 -4.20 62.09
CA MET MB 298 -49.14 -3.58 61.64
C MET MB 298 -49.09 -3.59 60.12
N ASP MB 299 -48.81 -2.43 59.53
CA ASP MB 299 -48.62 -2.31 58.10
C ASP MB 299 -47.16 -2.63 57.77
N PHE MB 300 -46.97 -3.30 56.64
CA PHE MB 300 -45.64 -3.70 56.19
C PHE MB 300 -45.40 -3.25 54.76
N SER MB 301 -45.88 -2.07 54.41
CA SER MB 301 -45.64 -1.52 53.08
C SER MB 301 -44.18 -1.12 52.94
N ALA MB 302 -43.81 -0.69 51.75
CA ALA MB 302 -42.43 -0.31 51.41
C ALA MB 302 -42.41 1.07 50.78
N VAL MB 303 -43.04 2.04 51.44
CA VAL MB 303 -43.10 3.39 50.91
C VAL MB 303 -41.70 3.98 50.79
N GLU MB 304 -41.49 4.75 49.74
CA GLU MB 304 -40.20 5.40 49.49
C GLU MB 304 -40.48 6.65 48.67
N GLN MB 305 -40.38 7.82 49.30
CA GLN MB 305 -40.86 9.06 48.73
C GLN MB 305 -39.70 10.02 48.46
N THR MB 306 -39.83 10.80 47.39
CA THR MB 306 -38.87 11.84 47.04
C THR MB 306 -39.63 13.12 46.76
N ARG MB 307 -39.33 14.17 47.51
CA ARG MB 307 -40.03 15.44 47.42
C ARG MB 307 -39.05 16.52 46.97
N LYS MB 308 -39.47 17.32 45.99
CA LYS MB 308 -38.68 18.44 45.50
C LYS MB 308 -39.54 19.70 45.62
N ARG MB 309 -39.24 20.52 46.60
CA ARG MB 309 -40.06 21.68 46.94
C ARG MB 309 -39.29 22.96 46.67
N PHE MB 310 -40.02 23.97 46.21
CA PHE MB 310 -39.48 25.29 45.90
C PHE MB 310 -40.11 26.33 46.81
N ASP MB 311 -39.67 27.58 46.66
CA ASP MB 311 -40.18 28.70 47.45
C ASP MB 311 -40.59 29.81 46.51
N PRO MB 312 -41.85 29.84 46.09
CA PRO MB 312 -42.26 30.82 45.07
C PRO MB 312 -42.13 32.26 45.50
N ASN MB 313 -42.26 32.57 46.79
CA ASN MB 313 -42.41 33.94 47.25
C ASN MB 313 -41.10 34.65 47.55
N THR MB 314 -39.96 33.98 47.42
CA THR MB 314 -38.65 34.60 47.62
C THR MB 314 -37.70 34.24 46.47
N PRO MB 315 -37.95 34.78 45.27
CA PRO MB 315 -37.01 34.56 44.17
C PRO MB 315 -35.85 35.55 44.23
N ALA MB 316 -34.73 35.13 43.65
CA ALA MB 316 -33.52 35.95 43.57
C ALA MB 316 -33.15 36.14 42.12
N THR MB 317 -33.14 37.38 41.65
CA THR MB 317 -32.84 37.63 40.25
C THR MB 317 -31.37 37.39 39.96
N ARG MB 318 -31.09 36.54 38.97
CA ARG MB 318 -29.73 36.20 38.57
C ARG MB 318 -29.22 37.12 37.47
N SER MB 319 -29.95 37.20 36.36
CA SER MB 319 -29.67 38.13 35.28
C SER MB 319 -30.96 38.86 34.94
N GLU MB 320 -30.82 40.04 34.34
CA GLU MB 320 -31.99 40.86 34.06
C GLU MB 320 -31.72 41.76 32.87
N TYR MB 321 -32.69 41.85 31.97
CA TYR MB 321 -32.68 42.78 30.86
C TYR MB 321 -33.97 43.57 30.89
N ALA MB 322 -33.88 44.87 30.62
CA ALA MB 322 -35.07 45.73 30.68
C ALA MB 322 -34.89 46.85 29.66
N LEU MB 323 -35.70 46.82 28.62
CA LEU MB 323 -35.74 47.88 27.61
C LEU MB 323 -37.05 48.63 27.74
N GLU MB 324 -36.97 49.95 27.80
CA GLU MB 324 -38.14 50.82 28.03
C GLU MB 324 -37.96 52.09 27.23
N ASP MB 325 -38.54 52.14 26.03
CA ASP MB 325 -38.44 53.30 25.17
C ASP MB 325 -39.80 53.94 24.96
N TYR MB 326 -39.81 55.26 24.77
CA TYR MB 326 -41.02 56.04 24.56
C TYR MB 326 -40.89 56.81 23.24
N ASN MB 327 -41.96 57.51 22.87
CA ASN MB 327 -41.97 58.36 21.69
C ASN MB 327 -43.01 59.46 21.84
N GLY MB 365 -48.10 58.63 23.30
CA GLY MB 365 -47.39 58.06 22.17
C GLY MB 365 -46.98 56.61 22.37
N SER MB 366 -46.06 56.15 21.55
CA SER MB 366 -45.58 54.78 21.65
C SER MB 366 -44.86 54.55 22.97
N VAL MB 367 -45.16 53.43 23.62
CA VAL MB 367 -44.52 53.04 24.87
C VAL MB 367 -44.26 51.55 24.79
N ARG MB 368 -43.00 51.16 24.62
CA ARG MB 368 -42.60 49.77 24.52
C ARG MB 368 -41.81 49.38 25.75
N LYS MB 369 -42.24 48.32 26.44
CA LYS MB 369 -41.63 47.89 27.70
C LYS MB 369 -41.27 46.41 27.57
N GLU MB 370 -40.08 46.14 27.02
CA GLU MB 370 -39.59 44.77 26.97
C GLU MB 370 -38.84 44.44 28.26
N SER MB 371 -38.83 43.16 28.61
CA SER MB 371 -38.21 42.73 29.84
C SER MB 371 -37.92 41.24 29.77
N THR MB 372 -36.76 40.85 30.27
CA THR MB 372 -36.36 39.45 30.40
C THR MB 372 -35.72 39.27 31.76
N ARG MB 373 -36.05 38.18 32.44
CA ARG MB 373 -35.61 37.98 33.81
C ARG MB 373 -35.37 36.51 34.08
N ASN MB 374 -34.26 36.21 34.75
CA ASN MB 374 -33.95 34.86 35.18
C ASN MB 374 -33.87 34.82 36.70
N PHE MB 375 -34.37 33.75 37.29
CA PHE MB 375 -34.50 33.67 38.74
C PHE MB 375 -33.79 32.45 39.29
N GLU MB 376 -33.43 32.55 40.57
CA GLU MB 376 -32.93 31.45 41.37
C GLU MB 376 -33.85 31.29 42.57
N LEU MB 377 -34.19 30.05 42.90
CA LEU MB 377 -35.21 29.76 43.89
C LEU MB 377 -34.67 28.80 44.94
N ASP MB 378 -35.21 28.90 46.15
CA ASP MB 378 -34.86 27.96 47.20
C ASP MB 378 -35.35 26.57 46.81
N THR MB 379 -34.45 25.59 46.87
CA THR MB 379 -34.74 24.24 46.40
C THR MB 379 -34.42 23.25 47.51
N THR MB 380 -35.45 22.56 48.00
CA THR MB 380 -35.28 21.50 48.98
C THR MB 380 -35.60 20.17 48.32
N ILE MB 381 -34.70 19.19 48.48
CA ILE MB 381 -34.87 17.87 47.90
C ILE MB 381 -34.70 16.86 49.03
N SER MB 382 -35.81 16.27 49.46
CA SER MB 382 -35.81 15.35 50.59
C SER MB 382 -36.22 13.96 50.12
N HIS MB 383 -35.39 12.96 50.42
CA HIS MB 383 -35.67 11.57 50.11
C HIS MB 383 -35.91 10.83 51.42
N GLU MB 384 -37.14 10.35 51.61
CA GLU MB 384 -37.55 9.66 52.81
C GLU MB 384 -37.84 8.19 52.49
N ARG MB 385 -37.50 7.31 53.41
CA ARG MB 385 -37.77 5.88 53.26
C ARG MB 385 -38.38 5.37 54.56
N LYS MB 386 -39.68 5.14 54.56
CA LYS MB 386 -40.38 4.77 55.78
C LYS MB 386 -39.97 3.38 56.24
N GLN MB 387 -40.03 3.17 57.55
CA GLN MB 387 -39.81 1.84 58.10
C GLN MB 387 -40.97 0.93 57.70
N THR MB 388 -40.64 -0.34 57.41
CA THR MB 388 -41.62 -1.28 56.89
C THR MB 388 -42.78 -1.51 57.86
N GLY MB 389 -42.51 -2.16 58.98
CA GLY MB 389 -43.57 -2.52 59.90
C GLY MB 389 -43.91 -1.44 60.91
N THR MB 390 -45.07 -0.82 60.75
CA THR MB 390 -45.51 0.24 61.66
C THR MB 390 -46.90 -0.09 62.17
N VAL MB 391 -47.12 0.13 63.47
CA VAL MB 391 -48.42 -0.11 64.07
C VAL MB 391 -49.43 0.87 63.48
N ALA MB 392 -50.35 0.37 62.65
CA ALA MB 392 -51.34 1.22 62.02
C ALA MB 392 -52.58 1.42 62.88
N ARG MB 393 -52.91 0.45 63.73
CA ARG MB 393 -54.06 0.56 64.60
C ARG MB 393 -53.85 -0.36 65.79
N GLN MB 394 -54.27 0.10 66.96
CA GLN MB 394 -54.11 -0.65 68.19
C GLN MB 394 -55.43 -0.67 68.95
N THR MB 395 -55.85 -1.86 69.36
CA THR MB 395 -57.11 -2.04 70.08
C THR MB 395 -56.81 -2.76 71.39
N VAL MB 396 -57.27 -2.17 72.50
CA VAL MB 396 -57.09 -2.76 73.83
C VAL MB 396 -58.44 -2.77 74.53
N SER MB 397 -58.80 -3.91 75.11
CA SER MB 397 -60.02 -4.04 75.90
C SER MB 397 -59.67 -4.67 77.24
N VAL MB 398 -60.19 -4.08 78.31
CA VAL MB 398 -59.97 -4.55 79.68
C VAL MB 398 -61.31 -4.73 80.35
N ALA MB 399 -61.52 -5.88 80.98
CA ALA MB 399 -62.75 -6.17 81.70
C ALA MB 399 -62.41 -6.41 83.16
N ILE MB 400 -63.12 -5.73 84.05
CA ILE MB 400 -62.87 -5.76 85.48
C ILE MB 400 -63.98 -6.54 86.16
N LYS MB 401 -63.61 -7.48 87.02
CA LYS MB 401 -64.60 -8.27 87.73
C LYS MB 401 -65.40 -7.41 88.69
N ASP MB 402 -66.71 -7.61 88.70
CA ASP MB 402 -67.57 -6.90 89.63
C ASP MB 402 -67.45 -7.48 91.03
N ARG MB 403 -67.75 -6.65 92.02
CA ARG MB 403 -67.73 -7.05 93.43
C ARG MB 403 -66.37 -7.63 93.82
N PRO MB 417 -69.98 -4.07 91.14
CA PRO MB 417 -69.41 -3.29 90.03
C PRO MB 417 -68.36 -2.29 90.49
N MET MB 418 -67.87 -1.47 89.56
CA MET MB 418 -66.87 -0.46 89.84
C MET MB 418 -67.40 0.90 89.43
N SER MB 419 -67.12 1.91 90.26
CA SER MB 419 -67.65 3.24 90.03
C SER MB 419 -67.04 3.87 88.77
N GLU MB 420 -67.75 4.86 88.23
CA GLU MB 420 -67.28 5.53 87.02
C GLU MB 420 -65.96 6.23 87.24
N SER MB 421 -65.76 6.83 88.42
CA SER MB 421 -64.53 7.55 88.70
C SER MB 421 -63.32 6.63 88.63
N GLU MB 422 -63.41 5.46 89.26
CA GLU MB 422 -62.29 4.53 89.23
C GLU MB 422 -62.10 3.92 87.85
N ILE MB 423 -63.19 3.71 87.10
CA ILE MB 423 -63.06 3.24 85.73
C ILE MB 423 -62.28 4.25 84.89
N ASN MB 424 -62.61 5.53 85.04
CA ASN MB 424 -61.91 6.56 84.28
C ASN MB 424 -60.47 6.70 84.75
N ALA MB 425 -60.20 6.50 86.05
CA ALA MB 425 -58.83 6.54 86.53
C ALA MB 425 -58.01 5.40 85.94
N ILE MB 426 -58.58 4.19 85.88
CA ILE MB 426 -57.89 3.07 85.26
C ILE MB 426 -57.66 3.35 83.78
N ARG MB 427 -58.65 3.95 83.11
CA ARG MB 427 -58.48 4.33 81.72
C ARG MB 427 -57.34 5.33 81.55
N GLN MB 428 -57.24 6.29 82.47
CA GLN MB 428 -56.15 7.26 82.40
C GLN MB 428 -54.78 6.60 82.59
N VAL MB 429 -54.70 5.63 83.51
CA VAL MB 429 -53.45 4.92 83.70
C VAL MB 429 -53.08 4.14 82.44
N LEU MB 430 -54.06 3.45 81.85
CA LEU MB 430 -53.81 2.70 80.63
C LEU MB 430 -53.35 3.62 79.50
N ILE MB 431 -53.93 4.81 79.41
CA ILE MB 431 -53.47 5.81 78.47
C ILE MB 431 -52.12 6.31 78.95
N GLY MB 432 -51.05 5.81 78.34
CA GLY MB 432 -49.73 6.02 78.88
C GLY MB 432 -49.09 4.71 79.26
N THR MB 433 -49.87 3.80 79.85
CA THR MB 433 -49.39 2.43 79.98
C THR MB 433 -49.21 1.79 78.62
N VAL MB 434 -50.16 1.99 77.70
CA VAL MB 434 -50.10 1.39 76.38
C VAL MB 434 -49.61 2.36 75.31
N GLY MB 435 -49.72 3.67 75.54
CA GLY MB 435 -49.39 4.64 74.52
C GLY MB 435 -50.58 4.91 73.62
N PHE MB 436 -51.72 5.19 74.23
CA PHE MB 436 -52.95 5.41 73.47
C PHE MB 436 -52.79 6.57 72.50
N ASP MB 437 -53.19 6.36 71.25
CA ASP MB 437 -53.04 7.34 70.18
C ASP MB 437 -54.35 7.34 69.38
N GLN MB 438 -55.27 8.23 69.77
CA GLN MB 438 -56.57 8.28 69.12
C GLN MB 438 -56.45 8.71 67.66
N GLY MB 439 -55.53 9.64 67.38
CA GLY MB 439 -55.34 10.10 66.00
C GLY MB 439 -54.90 9.00 65.06
N ARG MB 440 -54.30 7.94 65.59
CA ARG MB 440 -53.93 6.78 64.79
C ARG MB 440 -55.11 5.85 64.54
N GLY MB 441 -56.23 6.07 65.20
CA GLY MB 441 -57.36 5.17 65.13
C GLY MB 441 -57.42 4.13 66.22
N ASP MB 442 -56.57 4.25 67.24
CA ASP MB 442 -56.56 3.28 68.33
C ASP MB 442 -57.83 3.36 69.14
N LEU MB 443 -58.14 2.27 69.83
CA LEU MB 443 -59.37 2.15 70.61
C LEU MB 443 -59.05 1.47 71.93
N LEU MB 444 -59.65 2.00 73.01
CA LEU MB 444 -59.40 1.50 74.36
C LEU MB 444 -60.75 1.39 75.07
N ASN MB 445 -61.18 0.17 75.35
CA ASN MB 445 -62.42 -0.10 76.07
C ASN MB 445 -62.09 -0.61 77.46
N VAL MB 446 -62.73 -0.02 78.46
CA VAL MB 446 -62.64 -0.50 79.84
C VAL MB 446 -64.05 -0.71 80.35
N LEU MB 447 -64.37 -1.96 80.71
CA LEU MB 447 -65.71 -2.33 81.13
C LEU MB 447 -65.65 -3.01 82.48
N SER MB 448 -66.77 -2.99 83.19
CA SER MB 448 -66.94 -3.72 84.44
C SER MB 448 -67.98 -4.81 84.19
N VAL MB 449 -67.51 -6.06 84.18
CA VAL MB 449 -68.36 -7.21 83.85
C VAL MB 449 -68.39 -8.17 85.04
N LYS MB 450 -69.31 -9.13 84.97
CA LYS MB 450 -69.50 -10.11 86.03
C LYS MB 450 -68.79 -11.40 85.63
N PHE MB 451 -67.70 -11.70 86.33
CA PHE MB 451 -66.99 -12.96 86.09
C PHE MB 451 -67.78 -14.11 86.68
N ALA MB 452 -67.73 -15.26 85.98
CA ALA MB 452 -68.43 -16.44 86.44
C ALA MB 452 -67.49 -17.33 87.25
N ALA NB 255 -46.51 -23.19 42.18
CA ALA NB 255 -47.23 -22.11 42.83
C ALA NB 255 -48.37 -22.64 43.69
N SER NB 256 -48.86 -23.84 43.38
CA SER NB 256 -49.93 -24.41 44.19
C SER NB 256 -49.46 -24.71 45.61
N ALA NB 257 -48.19 -25.03 45.78
CA ALA NB 257 -47.63 -25.13 47.13
C ALA NB 257 -47.72 -23.79 47.85
N ALA NB 258 -47.48 -22.69 47.13
CA ALA NB 258 -47.65 -21.37 47.71
C ALA NB 258 -49.09 -21.15 48.13
N ARG NB 259 -50.05 -21.58 47.31
CA ARG NB 259 -51.46 -21.44 47.68
C ARG NB 259 -51.79 -22.26 48.91
N ARG NB 260 -51.22 -23.47 49.02
CA ARG NB 260 -51.41 -24.29 50.20
C ARG NB 260 -50.89 -23.58 51.45
N LYS NB 261 -49.71 -22.98 51.35
CA LYS NB 261 -49.16 -22.28 52.51
C LYS NB 261 -49.96 -21.03 52.83
N GLU NB 262 -50.59 -20.40 51.83
CA GLU NB 262 -51.50 -19.29 52.09
C GLU NB 262 -52.71 -19.76 52.90
N GLN NB 263 -53.27 -20.91 52.53
CA GLN NB 263 -54.35 -21.50 53.32
C GLN NB 263 -53.89 -21.76 54.75
N GLU NB 264 -52.66 -22.25 54.90
CA GLU NB 264 -52.10 -22.49 56.23
C GLU NB 264 -52.00 -21.19 57.03
N LEU NB 265 -51.58 -20.12 56.38
CA LEU NB 265 -51.50 -18.82 57.05
C LEU NB 265 -52.87 -18.36 57.53
N GLU NB 266 -53.88 -18.49 56.66
CA GLU NB 266 -55.23 -18.09 57.05
C GLU NB 266 -55.72 -18.90 58.25
N ARG NB 267 -55.50 -20.22 58.20
CA ARG NB 267 -55.94 -21.07 59.31
C ARG NB 267 -55.19 -20.74 60.60
N SER NB 268 -53.91 -20.42 60.50
CA SER NB 268 -53.14 -20.03 61.69
C SER NB 268 -53.68 -18.75 62.30
N GLN NB 269 -54.01 -17.78 61.46
CA GLN NB 269 -54.60 -16.53 61.95
C GLN NB 269 -55.91 -16.81 62.67
N GLU NB 270 -56.76 -17.63 62.07
CA GLU NB 270 -58.02 -17.97 62.69
C GLU NB 270 -57.79 -18.65 64.05
N GLN NB 271 -56.83 -19.56 64.11
CA GLN NB 271 -56.55 -20.25 65.36
C GLN NB 271 -56.08 -19.29 66.44
N ALA NB 272 -55.21 -18.34 66.07
CA ALA NB 272 -54.72 -17.35 67.03
C ALA NB 272 -55.86 -16.49 67.57
N LEU NB 273 -56.75 -16.05 66.67
CA LEU NB 273 -57.89 -15.26 67.12
C LEU NB 273 -58.79 -16.08 68.03
N ARG NB 274 -59.00 -17.35 67.72
CA ARG NB 274 -59.79 -18.20 68.60
C ARG NB 274 -59.14 -18.34 69.96
N GLU NB 275 -57.81 -18.48 69.99
CA GLU NB 275 -57.10 -18.57 71.26
C GLU NB 275 -57.31 -17.30 72.10
N LYS NB 276 -57.23 -16.14 71.46
CA LYS NB 276 -57.48 -14.89 72.20
C LYS NB 276 -58.91 -14.82 72.70
N ILE NB 277 -59.87 -15.24 71.88
CA ILE NB 277 -61.27 -15.25 72.30
C ILE NB 277 -61.45 -16.13 73.52
N ASP NB 278 -60.83 -17.30 73.51
CA ASP NB 278 -60.90 -18.18 74.67
C ASP NB 278 -60.26 -17.53 75.88
N SER NB 279 -59.08 -16.91 75.71
CA SER NB 279 -58.38 -16.31 76.83
C SER NB 279 -59.20 -15.21 77.47
N VAL NB 280 -60.07 -14.56 76.71
CA VAL NB 280 -60.94 -13.52 77.26
C VAL NB 280 -62.21 -14.11 77.87
N LEU NB 281 -62.85 -15.07 77.19
CA LEU NB 281 -64.19 -15.49 77.60
C LEU NB 281 -64.17 -16.60 78.64
N LEU NB 282 -63.11 -17.40 78.70
CA LEU NB 282 -63.07 -18.50 79.67
C LEU NB 282 -63.19 -18.02 81.11
N PRO NB 283 -62.46 -16.98 81.57
CA PRO NB 283 -62.73 -16.45 82.91
C PRO NB 283 -64.11 -15.84 83.05
N ILE NB 284 -64.53 -15.05 82.07
CA ILE NB 284 -65.77 -14.29 82.20
C ILE NB 284 -66.98 -15.23 82.21
N LEU NB 285 -67.05 -16.15 81.26
CA LEU NB 285 -68.24 -16.99 81.11
C LEU NB 285 -68.07 -18.35 81.78
N GLY NB 286 -66.91 -18.96 81.66
CA GLY NB 286 -66.65 -20.28 82.19
C GLY NB 286 -66.35 -21.28 81.10
N TYR NB 287 -66.12 -22.52 81.52
CA TYR NB 287 -65.75 -23.59 80.61
C TYR NB 287 -67.01 -24.27 80.09
N GLY NB 288 -67.17 -24.27 78.77
CA GLY NB 288 -68.30 -24.92 78.14
C GLY NB 288 -69.58 -24.13 78.11
N ASN NB 289 -69.56 -22.88 78.57
CA ASN NB 289 -70.74 -22.01 78.53
C ASN NB 289 -70.80 -21.16 77.26
N TYR NB 290 -69.85 -21.32 76.35
CA TYR NB 290 -69.83 -20.52 75.13
C TYR NB 290 -69.21 -21.34 74.02
N THR NB 291 -69.48 -20.91 72.79
CA THR NB 291 -68.79 -21.43 71.62
C THR NB 291 -68.56 -20.28 70.65
N ALA NB 292 -67.40 -20.28 70.00
CA ALA NB 292 -67.04 -19.20 69.10
C ALA NB 292 -66.20 -19.73 67.95
N GLN NB 293 -66.46 -19.22 66.75
CA GLN NB 293 -65.67 -19.54 65.58
C GLN NB 293 -65.34 -18.27 64.82
N VAL NB 294 -64.20 -18.28 64.13
CA VAL NB 294 -63.67 -17.11 63.47
C VAL NB 294 -63.35 -17.44 62.03
N ASP NB 295 -63.79 -16.59 61.11
CA ASP NB 295 -63.43 -16.69 59.70
C ASP NB 295 -62.58 -15.49 59.31
N ILE NB 296 -61.42 -15.76 58.72
CA ILE NB 296 -60.51 -14.71 58.28
C ILE NB 296 -60.24 -14.91 56.80
N GLN NB 297 -60.55 -13.90 55.99
CA GLN NB 297 -60.27 -13.89 54.57
C GLN NB 297 -59.10 -12.96 54.31
N MET NB 298 -58.06 -13.47 53.65
CA MET NB 298 -56.83 -12.73 53.43
C MET NB 298 -56.57 -12.59 51.94
N ASP NB 299 -56.31 -11.37 51.50
CA ASP NB 299 -55.93 -11.10 50.12
C ASP NB 299 -54.43 -11.28 49.98
N PHE NB 300 -54.01 -11.83 48.84
CA PHE NB 300 -52.61 -12.09 48.57
C PHE NB 300 -52.22 -11.50 47.22
N SER NB 301 -52.74 -10.32 46.90
CA SER NB 301 -52.36 -9.64 45.68
C SER NB 301 -50.93 -9.13 45.78
N ALA NB 302 -50.44 -8.56 44.69
CA ALA NB 302 -49.07 -8.05 44.59
C ALA NB 302 -49.07 -6.63 44.08
N VAL NB 303 -49.87 -5.77 44.73
CA VAL NB 303 -49.97 -4.38 44.31
C VAL NB 303 -48.62 -3.69 44.44
N GLU NB 304 -48.33 -2.81 43.49
CA GLU NB 304 -47.07 -2.05 43.49
C GLU NB 304 -47.34 -0.76 42.74
N GLN NB 305 -47.41 0.35 43.47
CA GLN NB 305 -47.92 1.62 42.95
C GLN NB 305 -46.83 2.67 42.92
N THR NB 306 -46.87 3.53 41.90
CA THR NB 306 -45.95 4.67 41.78
C THR NB 306 -46.79 5.91 41.51
N ARG NB 307 -46.67 6.91 42.38
CA ARG NB 307 -47.45 8.13 42.28
C ARG NB 307 -46.52 9.31 42.07
N LYS NB 308 -46.86 10.15 41.12
CA LYS NB 308 -46.11 11.38 40.83
C LYS NB 308 -47.08 12.55 40.93
N ARG NB 309 -46.99 13.30 42.01
CA ARG NB 309 -47.94 14.36 42.32
C ARG NB 309 -47.26 15.72 42.27
N PHE NB 310 -47.99 16.72 41.80
CA PHE NB 310 -47.52 18.08 41.68
C PHE NB 310 -48.35 19.00 42.56
N ASP NB 311 -48.01 20.28 42.58
CA ASP NB 311 -48.71 21.28 43.39
C ASP NB 311 -49.07 22.44 42.48
N PRO NB 312 -50.28 22.43 41.88
CA PRO NB 312 -50.62 23.46 40.89
C PRO NB 312 -50.66 24.87 41.46
N ASN NB 313 -50.99 25.04 42.73
CA ASN NB 313 -51.32 26.35 43.28
C ASN NB 313 -50.13 27.11 43.82
N THR NB 314 -48.92 26.54 43.81
CA THR NB 314 -47.71 27.24 44.24
C THR NB 314 -46.59 27.06 43.22
N PRO NB 315 -46.71 27.68 42.05
CA PRO NB 315 -45.61 27.63 41.08
C PRO NB 315 -44.56 28.69 41.39
N ALA NB 316 -43.34 28.41 40.95
CA ALA NB 316 -42.21 29.32 41.12
C ALA NB 316 -41.65 29.66 39.75
N THR NB 317 -41.68 30.94 39.39
CA THR NB 317 -41.22 31.34 38.07
C THR NB 317 -39.70 31.22 37.97
N ARG NB 318 -39.22 30.50 36.98
CA ARG NB 318 -37.78 30.30 36.75
C ARG NB 318 -37.21 31.35 35.81
N SER NB 319 -37.79 31.48 34.63
CA SER NB 319 -37.44 32.52 33.68
C SER NB 319 -38.72 33.18 33.21
N GLU NB 320 -38.60 34.42 32.73
CA GLU NB 320 -39.79 35.17 32.36
C GLU NB 320 -39.42 36.19 31.30
N TYR NB 321 -40.26 36.30 30.28
CA TYR NB 321 -40.18 37.33 29.26
C TYR NB 321 -41.52 38.02 29.16
N ALA NB 322 -41.50 39.34 29.01
CA ALA NB 322 -42.74 40.11 28.98
C ALA NB 322 -42.53 41.33 28.09
N LEU NB 323 -43.19 41.34 26.93
CA LEU NB 323 -43.17 42.48 26.02
C LEU NB 323 -44.54 43.12 26.02
N GLU NB 324 -44.58 44.44 26.20
CA GLU NB 324 -45.84 45.19 26.33
C GLU NB 324 -45.66 46.55 25.67
N ASP NB 325 -46.07 46.66 24.40
CA ASP NB 325 -45.95 47.90 23.66
C ASP NB 325 -47.32 48.46 23.32
N TYR NB 326 -47.40 49.78 23.23
CA TYR NB 326 -48.63 50.49 22.91
C TYR NB 326 -48.39 51.38 21.69
N ASN NB 327 -49.45 52.03 21.22
CA ASN NB 327 -49.37 53.00 20.13
C ASN NB 327 -50.51 54.00 20.22
N GLY NB 365 -55.67 52.68 20.84
CA GLY NB 365 -54.76 52.27 19.79
C GLY NB 365 -54.27 50.85 19.92
N SER NB 366 -53.20 50.52 19.21
CA SER NB 366 -52.63 49.19 19.27
C SER NB 366 -52.08 48.90 20.66
N VAL NB 367 -52.38 47.70 21.17
CA VAL NB 367 -51.89 47.23 22.46
C VAL NB 367 -51.49 45.78 22.30
N ARG NB 368 -50.19 45.51 22.28
CA ARG NB 368 -49.66 44.16 22.13
C ARG NB 368 -49.02 43.71 23.43
N LYS NB 369 -49.47 42.57 23.95
CA LYS NB 369 -48.99 42.06 25.25
C LYS NB 369 -48.50 40.63 25.06
N GLU NB 370 -47.23 40.49 24.66
CA GLU NB 370 -46.62 39.18 24.58
C GLU NB 370 -46.03 38.79 25.93
N SER NB 371 -45.98 37.49 26.18
CA SER NB 371 -45.49 36.98 27.45
C SER NB 371 -45.07 35.53 27.30
N THR NB 372 -43.96 35.18 27.93
CA THR NB 372 -43.47 33.81 27.99
C THR NB 372 -43.01 33.55 29.41
N ARG NB 373 -43.35 32.38 29.95
CA ARG NB 373 -43.08 32.09 31.35
C ARG NB 373 -42.77 30.62 31.53
N ASN NB 374 -41.74 30.33 32.32
CA ASN NB 374 -41.36 28.97 32.69
C ASN NB 374 -41.50 28.80 34.19
N PHE NB 375 -41.99 27.66 34.62
CA PHE NB 375 -42.32 27.43 36.03
C PHE NB 375 -41.58 26.21 36.57
N GLU NB 376 -41.41 26.22 37.88
CA GLU NB 376 -40.94 25.09 38.67
C GLU NB 376 -42.00 24.76 39.70
N LEU NB 377 -42.28 23.47 39.87
CA LEU NB 377 -43.40 23.01 40.67
C LEU NB 377 -42.94 22.00 41.70
N ASP NB 378 -43.65 21.95 42.83
CA ASP NB 378 -43.36 20.94 43.84
C ASP NB 378 -43.67 19.57 43.28
N THR NB 379 -42.72 18.65 43.39
CA THR NB 379 -42.83 17.33 42.77
C THR NB 379 -42.58 16.27 43.83
N THR NB 380 -43.60 15.47 44.11
CA THR NB 380 -43.49 14.33 45.01
C THR NB 380 -43.60 13.04 44.21
N ILE NB 381 -42.66 12.14 44.41
CA ILE NB 381 -42.63 10.85 43.71
C ILE NB 381 -42.54 9.77 44.76
N SER NB 382 -43.64 9.06 44.98
CA SER NB 382 -43.71 8.03 46.02
C SER NB 382 -43.94 6.67 45.39
N HIS NB 383 -43.08 5.72 45.73
CA HIS NB 383 -43.20 4.35 45.26
C HIS NB 383 -43.57 3.46 46.45
N GLU NB 384 -44.76 2.89 46.42
CA GLU NB 384 -45.28 2.06 47.50
C GLU NB 384 -45.39 0.62 47.02
N ARG NB 385 -45.11 -0.33 47.91
CA ARG NB 385 -45.24 -1.74 47.59
C ARG NB 385 -45.97 -2.41 48.75
N LYS NB 386 -47.25 -2.74 48.54
CA LYS NB 386 -48.08 -3.27 49.61
C LYS NB 386 -47.61 -4.67 50.01
N GLN NB 387 -47.83 -4.99 51.28
CA GLN NB 387 -47.59 -6.36 51.73
C GLN NB 387 -48.60 -7.30 51.10
N THR NB 388 -48.14 -8.51 50.77
CA THR NB 388 -48.94 -9.47 50.04
C THR NB 388 -50.20 -9.87 50.79
N GLY NB 389 -50.04 -10.60 51.89
CA GLY NB 389 -51.19 -11.12 52.62
C GLY NB 389 -51.75 -10.16 53.64
N THR NB 390 -52.92 -9.61 53.38
CA THR NB 390 -53.58 -8.67 54.29
C THR NB 390 -55.00 -9.15 54.57
N VAL NB 391 -55.40 -9.06 55.83
CA VAL NB 391 -56.75 -9.45 56.22
C VAL NB 391 -57.75 -8.50 55.58
N ALA NB 392 -58.49 -8.98 54.58
CA ALA NB 392 -59.45 -8.15 53.88
C ALA NB 392 -60.81 -8.11 54.57
N ARG NB 393 -61.18 -9.18 55.27
CA ARG NB 393 -62.45 -9.24 55.97
C ARG NB 393 -62.32 -10.24 57.10
N GLN NB 394 -62.94 -9.93 58.23
CA GLN NB 394 -62.89 -10.78 59.41
C GLN NB 394 -64.30 -10.95 59.97
N THR NB 395 -64.67 -12.20 60.21
CA THR NB 395 -66.00 -12.55 60.72
C THR NB 395 -65.83 -13.35 61.99
N VAL NB 396 -66.49 -12.91 63.07
CA VAL NB 396 -66.44 -13.60 64.35
C VAL NB 396 -67.87 -13.77 64.86
N SER NB 397 -68.21 -14.98 65.28
CA SER NB 397 -69.51 -15.27 65.88
C SER NB 397 -69.31 -15.99 67.20
N VAL NB 398 -70.01 -15.54 68.23
CA VAL NB 398 -69.94 -16.13 69.56
C VAL NB 398 -71.35 -16.45 70.01
N ALA NB 399 -71.54 -17.67 70.51
CA ALA NB 399 -72.84 -18.12 71.02
C ALA NB 399 -72.68 -18.47 72.49
N ILE NB 400 -73.57 -17.92 73.31
CA ILE NB 400 -73.51 -18.07 74.77
C ILE NB 400 -74.64 -18.98 75.20
N LYS NB 401 -74.31 -19.97 76.04
CA LYS NB 401 -75.31 -20.90 76.52
C LYS NB 401 -76.32 -20.19 77.43
N ASP NB 402 -77.59 -20.48 77.23
CA ASP NB 402 -78.63 -19.92 78.07
C ASP NB 402 -78.67 -20.62 79.42
N ARG NB 403 -79.17 -19.90 80.42
CA ARG NB 403 -79.30 -20.43 81.79
C ARG NB 403 -77.97 -20.94 82.33
N PRO NB 417 -81.45 -17.42 79.44
CA PRO NB 417 -80.81 -16.51 78.49
C PRO NB 417 -79.91 -15.48 79.19
N MET NB 418 -79.38 -14.54 78.40
CA MET NB 418 -78.51 -13.49 78.91
C MET NB 418 -79.09 -12.13 78.54
N SER NB 419 -79.02 -11.19 79.48
CA SER NB 419 -79.61 -9.89 79.28
C SER NB 419 -78.88 -9.11 78.18
N GLU NB 420 -79.60 -8.12 77.63
CA GLU NB 420 -79.02 -7.31 76.55
C GLU NB 420 -77.80 -6.54 77.03
N SER NB 421 -77.83 -6.05 78.27
CA SER NB 421 -76.71 -5.26 78.77
C SER NB 421 -75.42 -6.09 78.81
N GLU NB 422 -75.51 -7.32 79.32
CA GLU NB 422 -74.32 -8.15 79.37
C GLU NB 422 -73.88 -8.62 77.99
N ILE NB 423 -74.84 -8.83 77.08
CA ILE NB 423 -74.48 -9.17 75.71
C ILE NB 423 -73.69 -8.03 75.08
N ASN NB 424 -74.14 -6.79 75.27
CA ASN NB 424 -73.42 -5.66 74.72
C ASN NB 424 -72.08 -5.45 75.41
N ALA NB 425 -71.98 -5.75 76.70
CA ALA NB 425 -70.69 -5.66 77.38
C ALA NB 425 -69.70 -6.68 76.83
N ILE NB 426 -70.17 -7.91 76.60
CA ILE NB 426 -69.31 -8.92 75.98
C ILE NB 426 -68.90 -8.49 74.59
N ARG NB 427 -69.83 -7.89 73.83
CA ARG NB 427 -69.49 -7.39 72.51
C ARG NB 427 -68.43 -6.30 72.59
N GLN NB 428 -68.54 -5.42 73.59
CA GLN NB 428 -67.53 -4.37 73.76
C GLN NB 428 -66.17 -4.95 74.10
N VAL NB 429 -66.13 -5.99 74.93
CA VAL NB 429 -64.85 -6.63 75.25
C VAL NB 429 -64.25 -7.26 73.99
N LEU NB 430 -65.09 -7.96 73.22
CA LEU NB 430 -64.60 -8.57 71.99
C LEU NB 430 -64.06 -7.54 71.02
N ILE NB 431 -64.73 -6.38 70.94
CA ILE NB 431 -64.23 -5.26 70.16
C ILE NB 431 -63.00 -4.72 70.88
N GLY NB 432 -61.83 -5.09 70.40
CA GLY NB 432 -60.61 -4.82 71.13
C GLY NB 432 -59.92 -6.12 71.48
N THR NB 433 -60.69 -7.13 71.88
CA THR NB 433 -60.12 -8.47 71.96
C THR NB 433 -59.71 -8.97 70.60
N VAL NB 434 -60.54 -8.75 69.57
CA VAL NB 434 -60.24 -9.22 68.23
C VAL NB 434 -59.69 -8.12 67.33
N GLY NB 435 -59.95 -6.85 67.65
CA GLY NB 435 -59.56 -5.77 66.77
C GLY NB 435 -60.62 -5.49 65.73
N PHE NB 436 -61.87 -5.36 66.18
CA PHE NB 436 -62.99 -5.17 65.27
C PHE NB 436 -62.79 -3.90 64.44
N ASP NB 437 -63.00 -4.04 63.13
CA ASP NB 437 -62.78 -2.93 62.17
C ASP NB 437 -63.96 -2.95 61.20
N GLN NB 438 -65.00 -2.18 61.52
CA GLN NB 438 -66.19 -2.16 60.69
C GLN NB 438 -65.91 -1.59 59.31
N GLY NB 439 -65.04 -0.57 59.23
CA GLY NB 439 -64.70 0.01 57.94
C GLY NB 439 -64.04 -0.96 56.99
N ARG NB 440 -63.44 -2.02 57.51
CA ARG NB 440 -62.86 -3.07 56.68
C ARG NB 440 -63.91 -4.05 56.19
N GLY NB 441 -65.13 -3.97 56.70
CA GLY NB 441 -66.16 -4.94 56.39
C GLY NB 441 -66.28 -6.07 57.37
N ASP NB 442 -65.60 -5.99 58.51
CA ASP NB 442 -65.66 -7.06 59.50
C ASP NB 442 -67.04 -7.14 60.13
N LEU NB 443 -67.34 -8.31 60.68
CA LEU NB 443 -68.65 -8.59 61.25
C LEU NB 443 -68.47 -9.36 62.54
N LEU NB 444 -69.24 -8.98 63.57
CA LEU NB 444 -69.16 -9.59 64.89
C LEU NB 444 -70.56 -9.86 65.38
N ASN NB 445 -70.93 -11.13 65.49
CA ASN NB 445 -72.23 -11.54 66.00
C ASN NB 445 -72.06 -12.15 67.39
N VAL NB 446 -72.88 -11.70 68.33
CA VAL NB 446 -72.94 -12.30 69.67
C VAL NB 446 -74.39 -12.67 69.94
N LEU NB 447 -74.64 -13.95 70.14
CA LEU NB 447 -76.00 -14.46 70.33
C LEU NB 447 -76.07 -15.27 71.62
N SER NB 448 -77.28 -15.38 72.15
CA SER NB 448 -77.56 -16.24 73.30
C SER NB 448 -78.45 -17.38 72.83
N VAL NB 449 -77.89 -18.59 72.78
CA VAL NB 449 -78.59 -19.74 72.24
C VAL NB 449 -78.69 -20.80 73.32
N LYS NB 450 -79.51 -21.82 73.05
CA LYS NB 450 -79.77 -22.91 73.98
C LYS NB 450 -78.90 -24.10 73.59
N PHE NB 451 -77.90 -24.39 74.40
CA PHE NB 451 -77.06 -25.56 74.18
C PHE NB 451 -77.82 -26.83 74.53
N ALA NB 452 -77.59 -27.89 73.78
CA ALA NB 452 -78.23 -29.17 74.02
C ALA NB 452 -77.36 -30.06 74.89
N ALA OB 137 72.72 -7.48 18.28
CA ALA OB 137 72.50 -7.84 19.69
C ALA OB 137 71.10 -7.44 20.13
N GLY OB 138 70.39 -6.70 19.27
CA GLY OB 138 69.01 -6.37 19.53
C GLY OB 138 68.07 -7.44 19.02
N ASP OB 139 68.49 -8.14 17.96
CA ASP OB 139 67.62 -9.04 17.22
C ASP OB 139 67.22 -10.28 18.00
N ASP OB 140 67.71 -10.42 19.23
CA ASP OB 140 67.33 -11.58 20.04
C ASP OB 140 65.82 -11.62 20.27
N ILE OB 141 65.23 -10.46 20.60
CA ILE OB 141 63.81 -10.41 20.86
C ILE OB 141 63.02 -10.84 19.62
N LEU OB 142 63.40 -10.32 18.47
CA LEU OB 142 62.69 -10.66 17.24
C LEU OB 142 62.89 -12.12 16.89
N LEU OB 143 64.14 -12.58 16.94
CA LEU OB 143 64.43 -13.94 16.45
C LEU OB 143 64.25 -14.97 17.56
N GLN OB 144 63.45 -14.65 18.56
CA GLN OB 144 63.15 -15.68 19.58
C GLN OB 144 61.71 -16.13 19.31
N ASP OB 145 60.90 -16.25 20.35
CA ASP OB 145 59.46 -16.58 20.15
C ASP OB 145 58.73 -16.30 21.47
N MET OB 146 57.40 -16.24 21.42
CA MET OB 146 56.66 -15.87 22.65
C MET OB 146 55.48 -16.83 22.81
N GLY OB 147 55.36 -17.44 23.98
CA GLY OB 147 54.32 -18.46 24.20
C GLY OB 147 52.93 -17.87 24.32
N PHE OB 148 51.93 -18.57 23.78
CA PHE OB 148 50.53 -18.11 23.93
C PHE OB 148 50.42 -17.50 25.32
N GLY OB 149 50.38 -16.17 25.40
CA GLY OB 149 50.37 -15.50 26.72
C GLY OB 149 50.83 -14.07 26.59
N VAL OB 150 51.59 -13.77 25.54
CA VAL OB 150 51.99 -12.35 25.30
C VAL OB 150 50.84 -11.68 24.54
N SER OB 151 50.17 -10.71 25.17
CA SER OB 151 48.99 -10.06 24.55
C SER OB 151 49.44 -9.01 23.53
N GLN OB 152 48.50 -8.20 23.04
CA GLN OB 152 48.89 -7.26 22.00
C GLN OB 152 49.71 -6.10 22.57
N ARG OB 153 49.31 -5.59 23.74
CA ARG OB 153 50.11 -4.56 24.38
C ARG OB 153 51.55 -5.00 24.55
N LEU OB 154 51.73 -6.21 25.09
CA LEU OB 154 53.09 -6.70 25.33
C LEU OB 154 53.84 -6.87 24.03
N GLU OB 155 53.16 -7.31 22.98
CA GLU OB 155 53.81 -7.47 21.69
C GLU OB 155 54.34 -6.12 21.19
N GLN OB 156 53.49 -5.10 21.24
CA GLN OB 156 53.91 -3.79 20.76
C GLN OB 156 55.06 -3.25 21.60
N GLU OB 157 54.99 -3.43 22.92
CA GLU OB 157 56.07 -2.94 23.78
C GLU OB 157 57.38 -3.66 23.48
N ARG OB 158 57.33 -4.98 23.26
CA ARG OB 158 58.55 -5.71 22.98
C ARG OB 158 59.14 -5.28 21.64
N LEU OB 159 58.30 -5.05 20.65
CA LEU OB 159 58.82 -4.57 19.37
C LEU OB 159 59.50 -3.22 19.52
N LYS OB 160 58.88 -2.32 20.28
CA LYS OB 160 59.51 -1.03 20.55
C LYS OB 160 60.84 -1.21 21.27
N LEU OB 161 60.90 -2.17 22.19
CA LEU OB 161 62.15 -2.42 22.91
C LEU OB 161 63.23 -2.92 21.97
N SER OB 162 62.85 -3.77 21.01
CA SER OB 162 63.82 -4.20 20.01
C SER OB 162 64.35 -3.01 19.24
N ARG OB 163 63.46 -2.09 18.87
CA ARG OB 163 63.90 -0.87 18.19
C ARG OB 163 64.92 -0.13 19.04
N GLU OB 164 64.59 0.10 20.31
CA GLU OB 164 65.49 0.84 21.19
C GLU OB 164 66.86 0.17 21.27
N ARG OB 165 66.86 -1.14 21.52
CA ARG OB 165 68.12 -1.84 21.72
C ARG OB 165 68.97 -1.82 20.47
N GLN OB 166 68.36 -2.02 19.29
CA GLN OB 166 69.18 -2.04 18.09
C GLN OB 166 69.67 -0.65 17.71
N LEU OB 167 68.89 0.40 18.01
CA LEU OB 167 69.42 1.74 17.78
C LEU OB 167 70.59 2.03 18.70
N ALA OB 168 70.51 1.60 19.95
CA ALA OB 168 71.66 1.75 20.84
C ALA OB 168 72.85 0.98 20.29
N GLN OB 169 72.63 -0.22 19.77
CA GLN OB 169 73.69 -0.99 19.15
C GLN OB 169 74.33 -0.21 18.01
N ALA OB 170 73.51 0.42 17.17
CA ALA OB 170 74.06 1.20 16.08
C ALA OB 170 74.88 2.37 16.58
N ILE OB 171 74.46 2.99 17.68
CA ILE OB 171 75.17 4.17 18.17
C ILE OB 171 76.44 3.82 18.92
N GLU OB 172 76.55 2.62 19.49
CA GLU OB 172 77.77 2.26 20.21
C GLU OB 172 78.99 2.35 19.31
N GLU OB 173 78.85 1.94 18.05
CA GLU OB 173 79.97 1.92 17.12
C GLU OB 173 80.47 3.32 16.77
N MET OB 174 79.74 4.37 17.12
CA MET OB 174 80.24 5.71 16.90
C MET OB 174 81.57 5.89 17.62
N LYS OB 175 82.54 6.46 16.90
CA LYS OB 175 83.89 6.57 17.45
C LYS OB 175 83.92 7.45 18.69
N GLN OB 176 83.18 8.56 18.66
CA GLN OB 176 83.18 9.47 19.81
C GLN OB 176 82.40 8.91 20.99
N VAL OB 177 81.33 8.17 20.71
CA VAL OB 177 80.35 7.81 21.72
C VAL OB 177 80.72 6.48 22.35
N ARG OB 178 80.47 6.36 23.66
CA ARG OB 178 80.70 5.09 24.36
C ARG OB 178 79.42 4.38 24.74
N LYS OB 179 78.37 5.10 25.16
CA LYS OB 179 77.12 4.45 25.52
C LYS OB 179 75.96 5.36 25.16
N ALA OB 180 74.87 4.75 24.69
CA ALA OB 180 73.66 5.51 24.40
C ALA OB 180 72.44 4.67 24.75
N ARG OB 181 71.47 5.30 25.42
CA ARG OB 181 70.21 4.68 25.77
C ARG OB 181 69.07 5.45 25.12
N VAL OB 182 68.23 4.76 24.35
CA VAL OB 182 67.21 5.39 23.54
C VAL OB 182 65.84 4.96 24.03
N LEU OB 183 64.93 5.93 24.15
CA LEU OB 183 63.54 5.67 24.46
C LEU OB 183 62.68 6.18 23.32
N LEU OB 184 61.54 5.52 23.10
CA LEU OB 184 60.67 5.84 21.99
C LEU OB 184 59.28 6.20 22.48
N ALA OB 185 58.45 6.64 21.54
CA ALA OB 185 57.02 6.86 21.79
C ALA OB 185 56.31 6.87 20.45
N LEU OB 186 55.45 5.88 20.25
CA LEU OB 186 54.80 5.71 18.96
C LEU OB 186 53.69 6.74 18.75
N PRO OB 187 53.41 7.11 17.51
CA PRO OB 187 52.40 8.14 17.24
C PRO OB 187 50.99 7.60 17.13
N LYS OB 188 50.05 8.45 16.74
CA LYS OB 188 48.66 8.07 16.53
C LYS OB 188 48.14 8.36 15.13
N HIS OB 189 48.55 9.46 14.51
CA HIS OB 189 48.23 9.78 13.13
C HIS OB 189 46.72 9.86 12.89
N SER OB 190 46.09 10.81 13.57
CA SER OB 190 44.72 11.19 13.29
C SER OB 190 44.72 12.48 12.48
N VAL OB 191 43.89 12.53 11.44
CA VAL OB 191 43.83 13.71 10.59
C VAL OB 191 43.42 14.92 11.40
N PHE OB 192 42.55 14.69 12.37
CA PHE OB 192 42.10 15.80 13.26
C PHE OB 192 43.31 16.27 14.07
N VAL OB 193 43.83 17.46 13.77
CA VAL OB 193 45.07 17.91 14.40
C VAL OB 193 44.90 18.01 15.91
N ARG OB 194 43.73 18.45 16.36
CA ARG OB 194 43.50 18.54 17.80
C ARG OB 194 43.54 17.19 18.47
N HIS OB 195 43.42 16.11 17.70
CA HIS OB 195 43.48 14.76 18.24
C HIS OB 195 44.78 14.03 17.94
N ASN OB 196 45.62 14.56 17.05
CA ASN OB 196 46.87 13.89 16.74
C ASN OB 196 47.83 13.98 17.93
N GLN OB 197 48.64 12.93 18.09
CA GLN OB 197 49.60 12.87 19.18
C GLN OB 197 51.04 12.95 18.72
N GLU OB 198 51.36 12.38 17.55
CA GLU OB 198 52.65 12.51 16.90
C GLU OB 198 53.78 11.78 17.62
N ALA OB 199 54.72 11.26 16.86
CA ALA OB 199 55.76 10.38 17.38
C ALA OB 199 56.81 11.18 18.14
N SER OB 200 57.53 10.47 19.02
CA SER OB 200 58.54 11.11 19.84
C SER OB 200 59.67 10.13 20.12
N ALA OB 201 60.84 10.68 20.44
CA ALA OB 201 61.99 9.88 20.82
C ALA OB 201 62.81 10.67 21.81
N SER OB 202 63.69 9.97 22.53
CA SER OB 202 64.55 10.61 23.52
C SER OB 202 65.81 9.78 23.67
N VAL OB 203 66.94 10.31 23.23
CA VAL OB 203 68.19 9.57 23.23
C VAL OB 203 69.15 10.22 24.22
N PHE OB 204 69.53 9.47 25.24
CA PHE OB 204 70.49 9.90 26.24
C PHE OB 204 71.85 9.29 25.91
N LEU OB 205 72.92 10.06 26.14
CA LEU OB 205 74.25 9.62 25.77
C LEU OB 205 75.22 9.78 26.92
N THR OB 206 76.23 8.91 26.96
CA THR OB 206 77.42 9.07 27.77
C THR OB 206 78.61 8.83 26.84
N LEU OB 207 79.30 9.93 26.48
CA LEU OB 207 80.43 9.87 25.59
C LEU OB 207 81.68 9.49 26.37
N SER OB 208 82.85 9.68 25.77
CA SER OB 208 84.09 9.40 26.47
C SER OB 208 84.23 10.32 27.69
N THR OB 209 85.26 10.07 28.49
CA THR OB 209 85.49 10.88 29.67
C THR OB 209 85.74 12.33 29.29
N GLY OB 210 86.36 12.56 28.14
CA GLY OB 210 86.49 13.88 27.57
C GLY OB 210 85.59 14.08 26.37
N THR OB 211 85.97 15.05 25.53
CA THR OB 211 85.30 15.38 24.27
C THR OB 211 83.92 15.98 24.49
N ASN OB 212 83.55 16.93 23.64
CA ASN OB 212 82.20 17.49 23.62
C ASN OB 212 81.72 17.49 22.18
N LEU OB 213 80.46 17.12 21.99
CA LEU OB 213 79.96 16.90 20.64
C LEU OB 213 79.72 18.22 19.92
N LYS OB 214 80.32 18.35 18.74
CA LYS OB 214 80.02 19.49 17.88
C LYS OB 214 78.65 19.32 17.26
N GLN OB 215 77.99 20.46 17.00
CA GLN OB 215 76.59 20.43 16.60
C GLN OB 215 76.37 19.63 15.32
N GLN OB 216 77.38 19.54 14.46
CA GLN OB 216 77.27 18.68 13.29
C GLN OB 216 77.07 17.23 13.70
N GLU OB 217 77.82 16.79 14.72
CA GLU OB 217 77.71 15.41 15.18
C GLU OB 217 76.32 15.13 15.76
N VAL OB 218 75.82 16.05 16.58
CA VAL OB 218 74.51 15.83 17.18
C VAL OB 218 73.42 15.84 16.10
N ASP OB 219 73.58 16.69 15.08
CA ASP OB 219 72.61 16.69 13.99
C ASP OB 219 72.64 15.39 13.20
N SER OB 220 73.84 14.86 12.94
CA SER OB 220 73.91 13.58 12.25
C SER OB 220 73.25 12.48 13.06
N ILE OB 221 73.50 12.46 14.37
CA ILE OB 221 72.90 11.44 15.23
C ILE OB 221 71.39 11.55 15.24
N VAL OB 222 70.88 12.77 15.40
CA VAL OB 222 69.43 12.94 15.48
C VAL OB 222 68.79 12.62 14.14
N ASP OB 223 69.48 12.89 13.03
CA ASP OB 223 68.93 12.50 11.73
C ASP OB 223 68.88 10.99 11.59
N MET OB 224 69.92 10.29 12.06
CA MET OB 224 69.87 8.83 12.02
C MET OB 224 68.71 8.29 12.83
N VAL OB 225 68.52 8.81 14.03
CA VAL OB 225 67.42 8.34 14.88
C VAL OB 225 66.08 8.65 14.21
N ALA OB 226 65.94 9.86 13.68
CA ALA OB 226 64.67 10.27 13.10
C ALA OB 226 64.30 9.41 11.90
N SER OB 227 65.28 9.07 11.07
CA SER OB 227 64.96 8.17 9.97
C SER OB 227 64.79 6.73 10.42
N ALA OB 228 65.34 6.35 11.58
CA ALA OB 228 65.27 4.97 12.01
C ALA OB 228 63.83 4.54 12.27
N VAL OB 229 63.04 5.38 12.92
CA VAL OB 229 61.68 5.05 13.31
C VAL OB 229 60.70 5.69 12.34
N PRO OB 230 59.64 4.99 11.92
CA PRO OB 230 58.61 5.65 11.12
C PRO OB 230 58.01 6.83 11.87
N GLY OB 231 57.81 7.94 11.17
CA GLY OB 231 57.35 9.16 11.80
C GLY OB 231 58.46 9.91 12.50
N MET OB 232 58.12 10.57 13.61
CA MET OB 232 59.04 11.35 14.44
C MET OB 232 59.97 12.22 13.59
N LYS OB 233 59.35 13.27 13.03
CA LYS OB 233 60.08 14.31 12.32
C LYS OB 233 61.30 14.76 13.11
N THR OB 234 62.37 15.11 12.41
CA THR OB 234 63.70 15.28 13.00
C THR OB 234 63.73 16.27 14.17
N SER OB 235 62.70 17.06 14.37
CA SER OB 235 62.67 18.00 15.48
C SER OB 235 61.93 17.45 16.69
N ARG OB 236 61.53 16.19 16.66
CA ARG OB 236 60.81 15.55 17.75
C ARG OB 236 61.69 14.55 18.48
N ILE OB 237 62.98 14.86 18.58
CA ILE OB 237 63.94 13.98 19.27
C ILE OB 237 64.73 14.83 20.24
N THR OB 238 64.83 14.36 21.48
CA THR OB 238 65.59 15.05 22.51
C THR OB 238 66.91 14.33 22.72
N VAL OB 239 68.01 15.07 22.72
CA VAL OB 239 69.34 14.52 22.89
C VAL OB 239 69.97 15.15 24.13
N THR OB 240 70.48 14.31 25.03
CA THR OB 240 71.15 14.80 26.23
C THR OB 240 72.50 14.13 26.41
N ASP OB 241 73.14 14.34 27.56
CA ASP OB 241 74.48 13.84 27.79
C ASP OB 241 74.68 13.53 29.27
N GLN OB 242 75.89 13.11 29.61
CA GLN OB 242 76.22 12.80 31.00
C GLN OB 242 76.14 14.03 31.89
N HIS OB 243 76.59 15.19 31.38
CA HIS OB 243 76.55 16.40 32.18
C HIS OB 243 75.19 17.07 32.17
N GLY OB 244 74.30 16.70 31.25
CA GLY OB 244 72.97 17.28 31.22
C GLY OB 244 72.81 18.51 30.36
N ARG OB 245 73.74 18.77 29.44
CA ARG OB 245 73.58 19.89 28.53
C ARG OB 245 72.62 19.50 27.41
N LEU OB 246 71.58 20.31 27.21
CA LEU OB 246 70.62 20.01 26.18
C LEU OB 246 71.29 20.11 24.81
N LEU OB 247 71.02 19.13 23.95
CA LEU OB 247 71.63 19.09 22.64
C LEU OB 247 70.64 19.10 21.49
N SER OB 248 69.34 19.06 21.76
CA SER OB 248 68.34 19.10 20.69
C SER OB 248 67.02 19.61 21.27
N SER OB 249 66.17 20.09 20.38
CA SER OB 249 64.88 20.62 20.79
C SER OB 249 63.92 19.52 21.18
N GLY OB 250 62.99 19.84 22.07
CA GLY OB 250 61.99 18.90 22.52
C GLY OB 250 60.60 19.49 22.59
N ALA PB 137 68.17 -1.23 33.49
CA ALA PB 137 67.63 -2.58 33.50
C ALA PB 137 66.14 -2.58 33.81
N GLY PB 138 65.43 -1.64 33.21
CA GLY PB 138 63.99 -1.60 33.31
C GLY PB 138 63.36 -2.72 32.49
N ASP PB 139 64.13 -3.24 31.54
CA ASP PB 139 63.66 -4.23 30.57
C ASP PB 139 63.26 -5.54 31.21
N ASP PB 140 63.37 -5.65 32.53
CA ASP PB 140 62.99 -6.89 33.21
C ASP PB 140 61.52 -7.21 32.99
N ILE PB 141 60.65 -6.24 33.25
CA ILE PB 141 59.21 -6.50 33.19
C ILE PB 141 58.79 -6.86 31.77
N LEU PB 142 59.31 -6.12 30.80
CA LEU PB 142 58.91 -6.35 29.40
C LEU PB 142 59.33 -7.74 28.93
N LEU PB 143 60.60 -8.08 29.12
CA LEU PB 143 61.05 -9.39 28.66
C LEU PB 143 60.59 -10.53 29.55
N GLN PB 144 60.00 -10.24 30.71
CA GLN PB 144 59.32 -11.28 31.44
C GLN PB 144 57.97 -11.58 30.82
N ASP PB 145 57.40 -12.72 31.17
CA ASP PB 145 56.13 -13.18 30.63
C ASP PB 145 55.13 -13.29 31.76
N MET PB 146 53.97 -12.64 31.61
CA MET PB 146 52.95 -12.62 32.65
C MET PB 146 52.11 -13.89 32.57
N GLY PB 147 52.08 -14.66 33.65
CA GLY PB 147 51.18 -15.78 33.72
C GLY PB 147 49.73 -15.31 33.71
N PHE PB 148 48.85 -16.16 33.21
CA PHE PB 148 47.44 -15.78 33.11
C PHE PB 148 46.88 -15.51 34.50
N GLY PB 149 46.11 -14.43 34.60
CA GLY PB 149 45.62 -13.93 35.87
C GLY PB 149 45.86 -12.46 36.08
N VAL PB 150 46.74 -11.84 35.30
CA VAL PB 150 46.91 -10.40 35.34
C VAL PB 150 45.79 -9.73 34.56
N SER PB 151 45.27 -8.64 35.10
CA SER PB 151 44.20 -7.91 34.46
C SER PB 151 44.77 -6.78 33.59
N GLN PB 152 43.91 -6.19 32.77
CA GLN PB 152 44.33 -5.12 31.88
C GLN PB 152 44.88 -3.94 32.66
N ARG PB 153 44.21 -3.56 33.75
CA ARG PB 153 44.73 -2.48 34.58
C ARG PB 153 46.13 -2.79 35.08
N LEU PB 154 46.31 -4.01 35.60
CA LEU PB 154 47.62 -4.38 36.12
C LEU PB 154 48.66 -4.39 35.01
N GLU PB 155 48.27 -4.82 33.81
CA GLU PB 155 49.22 -4.82 32.71
C GLU PB 155 49.67 -3.42 32.37
N GLN PB 156 48.73 -2.48 32.30
CA GLN PB 156 49.11 -1.10 32.03
C GLN PB 156 50.00 -0.56 33.13
N GLU PB 157 49.68 -0.89 34.39
CA GLU PB 157 50.52 -0.43 35.49
C GLU PB 157 51.93 -0.98 35.39
N ARG PB 158 52.06 -2.25 35.01
CA ARG PB 158 53.39 -2.85 34.90
C ARG PB 158 54.18 -2.22 33.76
N LEU PB 159 53.52 -1.94 32.64
CA LEU PB 159 54.23 -1.25 31.57
C LEU PB 159 54.69 0.13 32.02
N LYS PB 160 53.83 0.85 32.72
CA LYS PB 160 54.19 2.17 33.23
C LYS PB 160 55.36 2.07 34.18
N LEU PB 161 55.36 1.06 35.05
CA LEU PB 161 56.48 0.86 35.97
C LEU PB 161 57.76 0.57 35.21
N SER PB 162 57.67 -0.23 34.15
CA SER PB 162 58.86 -0.51 33.35
C SER PB 162 59.44 0.77 32.77
N ARG PB 163 58.57 1.61 32.22
CA ARG PB 163 59.05 2.87 31.63
C ARG PB 163 59.66 3.77 32.70
N GLU PB 164 59.02 3.83 33.87
CA GLU PB 164 59.56 4.65 34.95
C GLU PB 164 60.93 4.15 35.41
N ARG PB 165 61.09 2.83 35.55
CA ARG PB 165 62.38 2.29 35.97
C ARG PB 165 63.44 2.62 34.95
N GLN PB 166 63.15 2.43 33.65
CA GLN PB 166 64.19 2.68 32.67
C GLN PB 166 64.52 4.16 32.56
N LEU PB 167 63.52 5.04 32.70
CA LEU PB 167 63.81 6.47 32.65
C LEU PB 167 64.62 6.91 33.86
N ALA PB 168 64.29 6.39 35.05
CA ALA PB 168 65.09 6.74 36.22
C ALA PB 168 66.52 6.25 36.06
N GLN PB 169 66.71 5.05 35.52
CA GLN PB 169 68.06 4.55 35.28
C GLN PB 169 68.80 5.45 34.31
N ALA PB 170 68.13 5.89 33.24
CA ALA PB 170 68.78 6.79 32.29
C ALA PB 170 69.17 8.10 32.95
N ILE PB 171 68.33 8.61 33.84
CA ILE PB 171 68.66 9.83 34.57
C ILE PB 171 69.84 9.60 35.50
N GLU PB 172 70.01 8.38 36.01
CA GLU PB 172 71.09 8.11 36.95
C GLU PB 172 72.47 8.31 36.33
N GLU PB 173 72.59 8.14 35.02
CA GLU PB 173 73.88 8.30 34.38
C GLU PB 173 74.41 9.72 34.44
N MET PB 174 73.58 10.68 34.80
CA MET PB 174 74.02 12.07 34.86
C MET PB 174 74.95 12.30 36.05
N LYS PB 175 75.81 13.30 35.92
CA LYS PB 175 76.87 13.53 36.91
C LYS PB 175 76.30 13.96 38.25
N GLN PB 176 75.40 14.94 38.25
CA GLN PB 176 75.03 15.63 39.48
C GLN PB 176 74.13 14.81 40.37
N VAL PB 177 73.42 13.85 39.82
CA VAL PB 177 72.36 13.15 40.53
C VAL PB 177 72.92 11.88 41.16
N ARG PB 178 72.42 11.55 42.35
CA ARG PB 178 72.73 10.28 43.00
C ARG PB 178 71.60 9.27 42.87
N LYS PB 179 70.35 9.71 42.98
CA LYS PB 179 69.22 8.81 42.78
C LYS PB 179 68.03 9.60 42.27
N ALA PB 180 67.26 8.98 41.38
CA ALA PB 180 66.12 9.65 40.77
C ALA PB 180 64.93 8.71 40.74
N ARG PB 181 63.75 9.24 41.05
CA ARG PB 181 62.51 8.48 41.03
C ARG PB 181 61.48 9.24 40.23
N VAL PB 182 61.01 8.63 39.14
CA VAL PB 182 60.06 9.26 38.23
C VAL PB 182 58.72 8.55 38.39
N LEU PB 183 57.67 9.33 38.58
CA LEU PB 183 56.31 8.82 38.64
C LEU PB 183 55.51 9.47 37.51
N LEU PB 184 54.56 8.73 36.97
CA LEU PB 184 53.83 9.19 35.81
C LEU PB 184 52.34 9.28 36.12
N ALA PB 185 51.60 9.81 35.16
CA ALA PB 185 50.14 9.80 35.22
C ALA PB 185 49.63 9.90 33.80
N LEU PB 186 49.10 8.82 33.27
CA LEU PB 186 48.64 8.78 31.89
C LEU PB 186 47.16 8.43 31.84
N PRO PB 187 46.29 9.34 31.42
CA PRO PB 187 44.89 8.98 31.22
C PRO PB 187 44.70 8.03 30.05
N LYS PB 188 43.46 7.66 29.76
CA LYS PB 188 43.19 6.56 28.85
C LYS PB 188 43.02 6.98 27.40
N HIS PB 189 43.14 8.28 27.10
CA HIS PB 189 42.98 8.77 25.73
C HIS PB 189 41.63 8.33 25.15
N SER PB 190 40.53 8.93 25.63
CA SER PB 190 39.16 8.54 25.18
C SER PB 190 39.07 8.34 23.67
N VAL PB 191 38.16 7.47 23.22
CA VAL PB 191 38.05 7.13 21.77
C VAL PB 191 37.21 8.17 21.04
N PHE PB 192 35.99 8.40 21.49
CA PHE PB 192 35.09 9.35 20.79
C PHE PB 192 35.67 10.76 20.81
N VAL PB 193 34.96 11.70 20.19
CA VAL PB 193 35.46 13.11 20.06
C VAL PB 193 35.34 13.85 21.41
N ARG PB 194 35.57 13.18 22.53
CA ARG PB 194 35.62 13.87 23.83
C ARG PB 194 37.05 14.34 24.06
N HIS PB 195 37.25 15.38 24.86
CA HIS PB 195 38.57 15.90 25.18
C HIS PB 195 39.26 15.02 26.22
N ASN PB 196 40.58 14.92 26.09
CA ASN PB 196 41.35 14.03 26.95
C ASN PB 196 41.85 14.80 28.18
N GLN PB 197 42.78 14.21 28.92
CA GLN PB 197 43.19 14.74 30.21
C GLN PB 197 44.65 15.14 30.31
N GLU PB 198 45.41 15.11 29.20
CA GLU PB 198 46.71 15.77 29.14
C GLU PB 198 47.67 15.24 30.20
N ALA PB 199 48.13 14.01 29.94
CA ALA PB 199 48.96 13.27 30.88
C ALA PB 199 50.06 14.12 31.50
N SER PB 200 50.42 13.77 32.74
CA SER PB 200 51.38 14.53 33.53
C SER PB 200 52.45 13.61 34.09
N ALA PB 201 53.44 14.21 34.74
CA ALA PB 201 54.56 13.45 35.31
C ALA PB 201 55.05 14.16 36.56
N SER PB 202 55.95 13.49 37.27
CA SER PB 202 56.56 14.05 38.48
C SER PB 202 57.89 13.36 38.70
N VAL PB 203 58.99 14.11 38.67
CA VAL PB 203 60.32 13.54 38.85
C VAL PB 203 60.93 14.11 40.12
N PHE PB 204 61.39 13.21 41.00
CA PHE PB 204 62.02 13.58 42.26
C PHE PB 204 63.47 13.15 42.22
N LEU PB 205 64.36 13.98 42.73
CA LEU PB 205 65.79 13.69 42.70
C LEU PB 205 66.41 13.85 44.08
N THR PB 206 67.48 13.09 44.30
CA THR PB 206 68.49 13.39 45.31
C THR PB 206 69.83 13.45 44.59
N LEU PB 207 70.47 14.60 44.65
CA LEU PB 207 71.64 14.91 43.83
C LEU PB 207 72.93 14.53 44.57
N SER PB 208 74.05 15.04 44.08
CA SER PB 208 75.30 14.91 44.81
C SER PB 208 75.19 15.62 46.15
N THR PB 209 76.17 15.34 47.02
CA THR PB 209 76.15 15.92 48.36
C THR PB 209 76.19 17.45 48.30
N GLY PB 210 77.01 17.98 47.40
CA GLY PB 210 76.99 19.40 47.07
C GLY PB 210 76.24 19.65 45.78
N THR PB 211 76.58 20.76 45.13
CA THR PB 211 76.04 21.16 43.83
C THR PB 211 74.56 21.50 43.89
N ASN PB 212 74.13 22.39 43.01
CA ASN PB 212 72.72 22.72 42.82
C ASN PB 212 72.48 22.84 41.33
N LEU PB 213 71.35 22.30 40.87
CA LEU PB 213 71.08 22.27 39.45
C LEU PB 213 70.84 23.67 38.92
N LYS PB 214 71.49 23.99 37.81
CA LYS PB 214 71.21 25.22 37.09
C LYS PB 214 70.03 25.01 36.15
N GLN PB 215 69.46 26.13 35.71
CA GLN PB 215 68.23 26.06 34.92
C GLN PB 215 68.43 25.27 33.63
N GLN PB 216 69.61 25.35 33.03
CA GLN PB 216 69.87 24.59 31.82
C GLN PB 216 69.76 23.09 32.05
N GLU PB 217 70.33 22.61 33.15
CA GLU PB 217 70.32 21.17 33.41
C GLU PB 217 68.92 20.67 33.69
N VAL PB 218 68.15 21.39 34.51
CA VAL PB 218 66.79 20.97 34.77
C VAL PB 218 65.95 21.02 33.50
N ASP PB 219 66.21 22.00 32.62
CA ASP PB 219 65.51 22.04 31.35
C ASP PB 219 65.81 20.80 30.52
N SER PB 220 67.07 20.41 30.45
CA SER PB 220 67.40 19.21 29.69
C SER PB 220 66.75 17.97 30.29
N ILE PB 221 66.75 17.87 31.63
CA ILE PB 221 66.13 16.72 32.28
C ILE PB 221 64.64 16.65 31.95
N VAL PB 222 63.93 17.76 32.15
CA VAL PB 222 62.49 17.75 31.95
C VAL PB 222 62.16 17.54 30.48
N ASP PB 223 63.00 18.05 29.58
CA ASP PB 223 62.73 17.85 28.16
C ASP PB 223 62.94 16.39 27.76
N MET PB 224 63.99 15.74 28.28
CA MET PB 224 64.14 14.33 28.00
C MET PB 224 62.96 13.53 28.51
N VAL PB 225 62.53 13.80 29.75
CA VAL PB 225 61.41 13.06 30.32
C VAL PB 225 60.15 13.28 29.50
N ALA PB 226 59.87 14.54 29.16
CA ALA PB 226 58.65 14.84 28.44
C ALA PB 226 58.65 14.22 27.05
N SER PB 227 59.80 14.19 26.38
CA SER PB 227 59.82 13.60 25.06
C SER PB 227 59.75 12.08 25.11
N ALA PB 228 60.22 11.47 26.21
CA ALA PB 228 60.19 10.02 26.29
C ALA PB 228 58.77 9.48 26.29
N VAL PB 229 57.90 10.06 27.11
CA VAL PB 229 56.54 9.57 27.26
C VAL PB 229 55.67 10.15 26.15
N PRO PB 230 54.90 9.32 25.44
CA PRO PB 230 53.96 9.87 24.46
C PRO PB 230 52.98 10.82 25.12
N GLY PB 231 52.65 11.91 24.43
CA GLY PB 231 51.86 12.96 25.02
C GLY PB 231 52.69 13.85 25.93
N MET PB 232 52.03 14.43 26.94
CA MET PB 232 52.64 15.25 27.98
C MET PB 232 53.63 16.27 27.41
N LYS PB 233 53.05 17.31 26.80
CA LYS PB 233 53.80 18.49 26.44
C LYS PB 233 54.68 18.95 27.60
N THR PB 234 55.85 19.51 27.29
CA THR PB 234 56.95 19.64 28.25
C THR PB 234 56.63 20.52 29.45
N SER PB 235 55.47 21.16 29.49
CA SER PB 235 55.14 22.03 30.62
C SER PB 235 54.43 21.29 31.73
N ARG PB 236 54.30 19.96 31.63
CA ARG PB 236 53.47 19.22 32.58
C ARG PB 236 54.29 18.27 33.43
N ILE PB 237 55.44 18.72 33.93
CA ILE PB 237 56.30 17.92 34.78
C ILE PB 237 56.71 18.76 35.98
N THR PB 238 56.76 18.14 37.15
CA THR PB 238 57.30 18.78 38.35
C THR PB 238 58.65 18.15 38.66
N VAL PB 239 59.65 18.98 38.88
CA VAL PB 239 60.99 18.54 39.22
C VAL PB 239 61.30 19.01 40.63
N THR PB 240 61.73 18.09 41.49
CA THR PB 240 62.08 18.45 42.85
C THR PB 240 63.46 17.91 43.20
N ASP PB 241 63.87 18.05 44.45
CA ASP PB 241 65.20 17.62 44.88
C ASP PB 241 65.14 17.16 46.33
N GLN PB 242 66.30 16.80 46.86
CA GLN PB 242 66.38 16.39 48.27
C GLN PB 242 65.94 17.52 49.19
N HIS PB 243 66.30 18.76 48.85
CA HIS PB 243 65.84 19.90 49.65
C HIS PB 243 64.40 20.28 49.37
N GLY PB 244 63.90 20.02 48.17
CA GLY PB 244 62.56 20.42 47.81
C GLY PB 244 62.44 21.69 46.99
N ARG PB 245 63.50 22.11 46.31
CA ARG PB 245 63.39 23.29 45.47
C ARG PB 245 62.58 22.97 44.21
N LEU PB 246 61.50 23.72 44.02
CA LEU PB 246 60.61 23.51 42.89
C LEU PB 246 61.31 23.96 41.62
N LEU PB 247 61.31 23.09 40.60
CA LEU PB 247 62.08 23.35 39.39
C LEU PB 247 61.24 23.37 38.12
N SER PB 248 59.91 23.24 38.23
CA SER PB 248 59.05 23.35 37.06
C SER PB 248 57.60 23.44 37.51
N SER PB 249 56.82 24.25 36.80
CA SER PB 249 55.43 24.47 37.18
C SER PB 249 54.59 23.24 36.84
N GLY PB 250 53.42 23.17 37.46
CA GLY PB 250 52.49 22.08 37.24
C GLY PB 250 51.08 22.48 37.61
N ALA QB 137 60.13 -0.07 47.07
CA ALA QB 137 59.40 -0.92 48.02
C ALA QB 137 57.89 -0.79 47.82
N GLY QB 138 57.48 0.27 47.13
CA GLY QB 138 56.09 0.39 46.75
C GLY QB 138 55.75 -0.49 45.57
N ASP QB 139 56.76 -0.76 44.74
CA ASP QB 139 56.59 -1.49 43.49
C ASP QB 139 56.24 -2.96 43.70
N ASP QB 140 56.19 -3.41 44.94
CA ASP QB 140 55.87 -4.81 45.21
C ASP QB 140 54.47 -5.15 44.73
N ILE QB 141 53.50 -4.27 44.97
CA ILE QB 141 52.11 -4.57 44.65
C ILE QB 141 51.93 -4.78 43.15
N LEU QB 142 52.52 -3.89 42.35
CA LEU QB 142 52.39 -4.02 40.90
C LEU QB 142 53.10 -5.27 40.40
N LEU QB 143 54.32 -5.50 40.86
CA LEU QB 143 55.05 -6.70 40.44
C LEU QB 143 54.44 -7.97 41.00
N GLN QB 144 53.52 -7.87 41.96
CA GLN QB 144 52.87 -9.05 42.47
C GLN QB 144 51.83 -9.56 41.46
N ASP QB 145 51.38 -10.78 41.68
CA ASP QB 145 50.39 -11.40 40.82
C ASP QB 145 49.10 -11.62 41.60
N MET QB 146 48.00 -11.11 41.07
CA MET QB 146 46.69 -11.22 41.70
C MET QB 146 46.00 -12.46 41.14
N GLY QB 147 45.92 -13.50 41.96
CA GLY QB 147 45.17 -14.67 41.57
C GLY QB 147 43.68 -14.37 41.50
N PHE QB 148 42.94 -15.29 40.89
CA PHE QB 148 41.50 -15.11 40.77
C PHE QB 148 40.88 -14.96 42.15
N GLY QB 149 40.03 -13.95 42.31
CA GLY QB 149 39.41 -13.68 43.58
C GLY QB 149 39.53 -12.25 44.03
N VAL QB 150 40.17 -11.41 43.21
CA VAL QB 150 40.32 -9.99 43.51
C VAL QB 150 39.27 -9.24 42.70
N SER QB 151 38.38 -8.54 43.40
CA SER QB 151 37.35 -7.78 42.74
C SER QB 151 37.95 -6.61 41.98
N GLN QB 152 37.14 -5.96 41.15
CA GLN QB 152 37.55 -4.73 40.52
C GLN QB 152 37.90 -3.70 41.58
N ARG QB 153 37.04 -3.59 42.61
CA ARG QB 153 37.26 -2.58 43.64
C ARG QB 153 38.53 -2.84 44.43
N LEU QB 154 38.78 -4.10 44.81
CA LEU QB 154 39.97 -4.41 45.57
C LEU QB 154 41.22 -4.13 44.74
N GLU QB 155 41.18 -4.43 43.45
CA GLU QB 155 42.33 -4.14 42.61
C GLU QB 155 42.56 -2.63 42.50
N GLN QB 156 41.48 -1.86 42.38
CA GLN QB 156 41.65 -0.42 42.36
C GLN QB 156 42.27 0.09 43.65
N GLU QB 157 41.82 -0.44 44.79
CA GLU QB 157 42.37 -0.03 46.06
C GLU QB 157 43.85 -0.38 46.17
N ARG QB 158 44.23 -1.56 45.67
CA ARG QB 158 45.64 -1.95 45.76
C ARG QB 158 46.51 -1.10 44.84
N LEU QB 159 46.00 -0.73 43.67
CA LEU QB 159 46.75 0.20 42.84
C LEU QB 159 46.94 1.54 43.53
N LYS QB 160 45.88 2.04 44.17
CA LYS QB 160 46.01 3.29 44.91
C LYS QB 160 47.01 3.14 46.05
N LEU QB 161 47.03 1.98 46.69
CA LEU QB 161 47.98 1.75 47.77
C LEU QB 161 49.41 1.78 47.24
N SER QB 162 49.63 1.19 46.06
CA SER QB 162 50.97 1.25 45.48
C SER QB 162 51.38 2.69 45.19
N ARG QB 163 50.45 3.48 44.66
CA ARG QB 163 50.76 4.88 44.39
C ARG QB 163 51.09 5.61 45.68
N GLU QB 164 50.31 5.38 46.73
CA GLU QB 164 50.57 6.03 48.01
C GLU QB 164 51.92 5.61 48.58
N ARG QB 165 52.25 4.32 48.48
CA ARG QB 165 53.50 3.84 49.03
C ARG QB 165 54.69 4.47 48.30
N GLN QB 166 54.62 4.54 46.98
CA GLN QB 166 55.75 5.14 46.26
C GLN QB 166 55.81 6.65 46.49
N LEU QB 167 54.68 7.33 46.65
CA LEU QB 167 54.73 8.74 46.99
C LEU QB 167 55.36 8.95 48.36
N ALA QB 168 55.00 8.11 49.33
CA ALA QB 168 55.61 8.21 50.65
C ALA QB 168 57.11 7.96 50.58
N GLN QB 169 57.51 6.94 49.81
CA GLN QB 169 58.93 6.67 49.66
C GLN QB 169 59.65 7.86 49.04
N ALA QB 170 59.03 8.49 48.04
CA ALA QB 170 59.65 9.66 47.43
C ALA QB 170 59.79 10.81 48.43
N ILE QB 171 58.77 11.02 49.25
CA ILE QB 171 58.82 12.12 50.21
C ILE QB 171 59.80 11.81 51.35
N GLU QB 172 60.11 10.54 51.59
CA GLU QB 172 61.12 10.22 52.59
C GLU QB 172 62.47 10.79 52.21
N GLU QB 173 62.76 10.89 50.91
CA GLU QB 173 64.04 11.42 50.47
C GLU QB 173 64.26 12.86 50.87
N MET QB 174 63.22 13.60 51.22
CA MET QB 174 63.39 14.97 51.65
C MET QB 174 64.07 15.03 53.01
N LYS QB 175 65.01 15.96 53.15
CA LYS QB 175 65.83 16.03 54.36
C LYS QB 175 64.98 16.30 55.60
N GLN QB 176 64.15 17.33 55.54
CA GLN QB 176 63.39 17.76 56.71
C GLN QB 176 62.24 16.80 57.03
N VAL QB 177 61.93 15.88 56.13
CA VAL QB 177 60.83 14.94 56.31
C VAL QB 177 61.39 13.59 56.77
N ARG QB 178 60.83 13.06 57.84
CA ARG QB 178 61.28 11.78 58.38
C ARG QB 178 60.35 10.62 58.03
N LYS QB 179 59.04 10.85 58.01
CA LYS QB 179 58.09 9.82 57.58
C LYS QB 179 56.94 10.49 56.86
N ALA QB 180 56.44 9.82 55.82
CA ALA QB 180 55.32 10.34 55.05
C ALA QB 180 54.26 9.27 54.89
N ARG QB 181 52.99 9.67 55.05
CA ARG QB 181 51.86 8.80 54.77
C ARG QB 181 50.86 9.58 53.94
N VAL QB 182 50.50 9.03 52.79
CA VAL QB 182 49.69 9.74 51.81
C VAL QB 182 48.39 8.99 51.62
N LEU QB 183 47.28 9.73 51.57
CA LEU QB 183 45.96 9.19 51.31
C LEU QB 183 45.42 9.82 50.04
N LEU QB 184 44.78 9.01 49.21
CA LEU QB 184 44.24 9.49 47.95
C LEU QB 184 42.73 9.34 47.95
N ALA QB 185 42.08 10.09 47.06
CA ALA QB 185 40.64 9.97 46.84
C ALA QB 185 40.43 10.14 45.34
N LEU QB 186 40.26 9.03 44.63
CA LEU QB 186 40.02 9.06 43.21
C LEU QB 186 38.55 8.83 42.95
N PRO QB 187 37.83 9.79 42.39
CA PRO QB 187 36.39 9.62 42.18
C PRO QB 187 36.12 8.50 41.19
N LYS QB 188 34.97 7.84 41.38
CA LYS QB 188 34.63 6.72 40.51
C LYS QB 188 34.23 7.25 39.14
N HIS QB 189 35.24 7.54 38.33
CA HIS QB 189 35.07 8.22 37.04
C HIS QB 189 34.15 9.42 37.18
N SER QB 190 32.92 9.28 36.71
CA SER QB 190 31.96 10.37 36.75
C SER QB 190 30.56 9.80 36.56
N VAL QB 191 29.61 10.29 37.35
CA VAL QB 191 28.22 9.89 37.23
C VAL QB 191 27.68 10.46 35.91
N PHE QB 192 26.53 9.95 35.47
CA PHE QB 192 25.93 10.50 34.25
C PHE QB 192 25.56 11.96 34.43
N VAL QB 193 25.33 12.41 35.67
CA VAL QB 193 25.09 13.81 35.95
C VAL QB 193 26.44 14.52 35.97
N ARG QB 194 26.41 15.85 35.96
CA ARG QB 194 27.64 16.62 36.06
C ARG QB 194 28.27 16.53 37.44
N HIS QB 195 27.59 15.95 38.43
CA HIS QB 195 28.08 15.91 39.80
C HIS QB 195 29.21 14.89 39.96
N ASN QB 196 30.31 15.17 39.26
CA ASN QB 196 31.51 14.38 39.46
C ASN QB 196 32.10 14.70 40.83
N GLN QB 197 32.66 13.68 41.48
CA GLN QB 197 33.20 13.88 42.82
C GLN QB 197 34.50 14.67 42.78
N GLU QB 198 35.24 14.58 41.69
CA GLU QB 198 36.55 15.22 41.52
C GLU QB 198 37.58 14.61 42.49
N ALA QB 199 38.85 14.68 42.13
CA ALA QB 199 39.89 13.98 42.87
C ALA QB 199 40.34 14.78 44.08
N SER QB 200 41.12 14.13 44.94
CA SER QB 200 41.63 14.78 46.14
C SER QB 200 42.78 13.97 46.72
N ALA QB 201 43.55 14.60 47.60
CA ALA QB 201 44.65 13.94 48.27
C ALA QB 201 44.84 14.55 49.65
N SER QB 202 45.61 13.86 50.49
CA SER QB 202 45.95 14.36 51.81
C SER QB 202 47.23 13.69 52.26
N VAL QB 203 48.29 14.48 52.45
CA VAL QB 203 49.60 13.97 52.80
C VAL QB 203 49.94 14.41 54.21
N PHE QB 204 50.35 13.46 55.05
CA PHE QB 204 50.71 13.72 56.43
C PHE QB 204 52.18 13.38 56.63
N LEU QB 205 52.91 14.27 57.29
CA LEU QB 205 54.35 14.10 57.45
C LEU QB 205 54.75 14.18 58.91
N THR QB 206 55.65 13.28 59.31
CA THR QB 206 56.45 13.42 60.52
C THR QB 206 57.78 14.03 60.08
N LEU QB 207 57.99 15.28 60.44
CA LEU QB 207 59.13 16.06 59.95
C LEU QB 207 60.37 15.74 60.78
N SER QB 208 61.36 16.64 60.72
CA SER QB 208 62.51 16.53 61.61
C SER QB 208 62.08 16.81 63.04
N THR QB 209 63.04 16.79 63.97
CA THR QB 209 62.71 16.96 65.38
C THR QB 209 62.00 18.29 65.63
N GLY QB 210 62.52 19.36 65.05
CA GLY QB 210 61.88 20.66 65.14
C GLY QB 210 61.58 21.22 63.78
N THR QB 211 61.92 22.50 63.57
CA THR QB 211 61.86 23.17 62.27
C THR QB 211 60.43 23.36 61.77
N ASN QB 212 60.21 24.45 61.03
CA ASN QB 212 58.95 24.72 60.36
C ASN QB 212 59.21 24.84 58.87
N LEU QB 213 58.40 24.14 58.08
CA LEU QB 213 58.58 24.15 56.64
C LEU QB 213 58.29 25.53 56.08
N LYS QB 214 59.14 25.99 55.18
CA LYS QB 214 58.88 27.25 54.50
C LYS QB 214 57.73 27.08 53.52
N GLN QB 215 57.20 28.21 53.05
CA GLN QB 215 56.14 28.15 52.07
C GLN QB 215 56.61 27.50 50.78
N GLN QB 216 57.85 27.77 50.37
CA GLN QB 216 58.35 27.23 49.11
C GLN QB 216 58.40 25.71 49.12
N GLU QB 217 58.91 25.13 50.20
CA GLU QB 217 59.07 23.68 50.24
C GLU QB 217 57.72 22.97 50.26
N VAL QB 218 56.79 23.45 51.09
CA VAL QB 218 55.47 22.81 51.13
C VAL QB 218 54.76 23.00 49.80
N ASP QB 219 54.95 24.14 49.15
CA ASP QB 219 54.34 24.34 47.84
C ASP QB 219 54.92 23.37 46.82
N SER QB 220 56.24 23.13 46.88
CA SER QB 220 56.83 22.15 45.98
C SER QB 220 56.27 20.75 46.24
N ILE QB 221 56.10 20.40 47.51
CA ILE QB 221 55.58 19.09 47.86
C ILE QB 221 54.17 18.91 47.31
N VAL QB 222 53.31 19.89 47.54
CA VAL QB 222 51.94 19.75 47.06
C VAL QB 222 51.91 19.75 45.53
N ASP QB 223 52.77 20.53 44.90
CA ASP QB 223 52.79 20.55 43.44
C ASP QB 223 53.21 19.20 42.87
N MET QB 224 54.27 18.60 43.42
CA MET QB 224 54.71 17.30 42.92
C MET QB 224 53.66 16.22 43.19
N VAL QB 225 53.06 16.23 44.38
CA VAL QB 225 52.01 15.26 44.68
C VAL QB 225 50.87 15.41 43.71
N ALA QB 226 50.45 16.66 43.45
CA ALA QB 226 49.33 16.89 42.56
C ALA QB 226 49.64 16.42 41.15
N SER QB 227 50.87 16.63 40.68
CA SER QB 227 51.20 16.16 39.35
C SER QB 227 51.39 14.66 39.27
N ALA QB 228 51.59 14.00 40.43
CA ALA QB 228 51.80 12.55 40.40
C ALA QB 228 50.55 11.81 39.90
N VAL QB 229 49.37 12.22 40.36
CA VAL QB 229 48.13 11.50 40.10
C VAL QB 229 47.40 12.18 38.94
N PRO QB 230 46.72 11.44 38.07
CA PRO QB 230 45.90 12.11 37.05
C PRO QB 230 44.83 12.98 37.70
N GLY QB 231 44.59 14.13 37.09
CA GLY QB 231 43.62 15.06 37.65
C GLY QB 231 44.14 15.69 38.93
N MET QB 232 43.26 15.80 39.92
CA MET QB 232 43.54 16.34 41.25
C MET QB 232 44.38 17.61 41.20
N LYS QB 233 43.79 18.67 40.64
CA LYS QB 233 44.49 19.94 40.55
C LYS QB 233 45.04 20.36 41.91
N THR QB 234 46.13 21.12 41.89
CA THR QB 234 46.97 21.31 43.06
C THR QB 234 46.26 21.99 44.21
N SER QB 235 45.14 22.65 43.96
CA SER QB 235 44.43 23.33 45.04
C SER QB 235 43.61 22.38 45.90
N ARG QB 236 43.68 21.08 45.65
CA ARG QB 236 42.89 20.10 46.39
C ARG QB 236 43.77 19.10 47.12
N ILE QB 237 44.80 19.59 47.81
CA ILE QB 237 45.66 18.76 48.65
C ILE QB 237 45.86 19.46 49.98
N THR QB 238 45.67 18.74 51.07
CA THR QB 238 45.84 19.29 52.41
C THR QB 238 47.05 18.65 53.08
N VAL QB 239 47.97 19.49 53.55
CA VAL QB 239 49.23 19.04 54.14
C VAL QB 239 49.22 19.41 55.61
N THR QB 240 49.53 18.45 56.46
CA THR QB 240 49.59 18.73 57.90
C THR QB 240 50.91 18.26 58.50
N ASP QB 241 50.97 18.21 59.83
CA ASP QB 241 52.22 17.98 60.53
C ASP QB 241 51.94 17.30 61.85
N GLN QB 242 53.01 16.93 62.55
CA GLN QB 242 52.89 16.36 63.88
C GLN QB 242 52.30 17.37 64.86
N HIS QB 243 52.72 18.62 64.76
CA HIS QB 243 52.23 19.64 65.69
C HIS QB 243 50.82 20.10 65.37
N GLY QB 244 50.28 19.73 64.20
CA GLY QB 244 48.88 20.00 63.91
C GLY QB 244 48.59 21.28 63.16
N ARG QB 245 49.58 21.87 62.50
CA ARG QB 245 49.33 23.02 61.65
C ARG QB 245 48.94 22.57 60.25
N LEU QB 246 48.14 23.40 59.59
CA LEU QB 246 47.73 23.15 58.22
C LEU QB 246 48.55 24.01 57.27
N LEU QB 247 49.03 23.41 56.18
CA LEU QB 247 49.88 24.12 55.25
C LEU QB 247 49.31 24.22 53.84
N SER QB 248 48.07 23.81 53.63
CA SER QB 248 47.51 23.84 52.28
C SER QB 248 46.00 23.65 52.35
N SER QB 249 45.30 24.16 51.33
CA SER QB 249 43.85 24.19 51.32
C SER QB 249 43.27 22.83 50.90
N GLY QB 250 41.99 22.66 51.20
CA GLY QB 250 41.27 21.46 50.82
C GLY QB 250 39.77 21.63 50.94
N ALA RB 137 49.84 0.16 59.25
CA ALA RB 137 49.27 -1.04 59.87
C ALA RB 137 47.79 -1.16 59.57
N GLY RB 138 47.21 -0.13 58.96
CA GLY RB 138 45.85 -0.20 58.49
C GLY RB 138 45.76 -0.96 57.19
N ASP RB 139 46.83 -0.94 56.41
CA ASP RB 139 46.86 -1.50 55.05
C ASP RB 139 46.81 -3.02 55.02
N ASP RB 140 46.73 -3.67 56.19
CA ASP RB 140 46.69 -5.12 56.21
C ASP RB 140 45.47 -5.65 55.46
N ILE RB 141 44.32 -5.00 55.65
CA ILE RB 141 43.08 -5.48 55.05
C ILE RB 141 43.19 -5.49 53.53
N LEU RB 142 43.73 -4.40 52.97
CA LEU RB 142 43.79 -4.30 51.52
C LEU RB 142 44.70 -5.36 50.93
N LEU RB 143 45.90 -5.51 51.49
CA LEU RB 143 46.84 -6.48 50.95
C LEU RB 143 46.41 -7.91 51.17
N GLN RB 144 45.41 -8.17 52.00
CA GLN RB 144 44.96 -9.53 52.19
C GLN RB 144 44.20 -10.02 50.97
N ASP RB 145 43.96 -11.32 50.93
CA ASP RB 145 43.17 -11.93 49.87
C ASP RB 145 41.86 -12.40 50.46
N MET RB 146 40.76 -11.78 50.03
CA MET RB 146 39.44 -12.13 50.54
C MET RB 146 39.02 -13.47 49.95
N GLY RB 147 38.66 -14.41 50.81
CA GLY RB 147 38.18 -15.70 50.36
C GLY RB 147 36.72 -15.62 49.95
N PHE RB 148 36.17 -16.78 49.61
CA PHE RB 148 34.76 -16.85 49.29
C PHE RB 148 33.93 -16.49 50.51
N GLY RB 149 32.67 -16.17 50.26
CA GLY RB 149 31.73 -15.88 51.31
C GLY RB 149 31.55 -14.41 51.59
N VAL RB 150 32.51 -13.59 51.21
CA VAL RB 150 32.35 -12.15 51.30
C VAL RB 150 31.66 -11.66 50.03
N SER RB 151 30.82 -10.65 50.20
CA SER RB 151 30.03 -10.11 49.11
C SER RB 151 30.54 -8.74 48.72
N GLN RB 152 29.88 -8.15 47.74
CA GLN RB 152 30.12 -6.76 47.41
C GLN RB 152 29.94 -5.89 48.64
N ARG RB 153 28.87 -6.16 49.40
CA ARG RB 153 28.58 -5.35 50.58
C ARG RB 153 29.70 -5.45 51.61
N LEU RB 154 30.07 -6.67 51.97
CA LEU RB 154 31.11 -6.85 52.98
C LEU RB 154 32.44 -6.31 52.48
N GLU RB 155 32.72 -6.47 51.19
CA GLU RB 155 33.95 -5.90 50.65
C GLU RB 155 33.98 -4.39 50.78
N GLN RB 156 32.86 -3.73 50.47
CA GLN RB 156 32.80 -2.28 50.60
C GLN RB 156 32.99 -1.85 52.05
N GLU RB 157 32.35 -2.57 52.98
CA GLU RB 157 32.51 -2.23 54.38
C GLU RB 157 33.95 -2.39 54.82
N ARG RB 158 34.63 -3.43 54.33
CA ARG RB 158 36.01 -3.63 54.74
C ARG RB 158 36.94 -2.59 54.13
N LEU RB 159 36.66 -2.14 52.90
CA LEU RB 159 37.44 -1.06 52.34
C LEU RB 159 37.28 0.21 53.18
N LYS RB 160 36.04 0.53 53.55
CA LYS RB 160 35.82 1.68 54.41
C LYS RB 160 36.54 1.52 55.73
N LEU RB 161 36.54 0.32 56.28
CA LEU RB 161 37.25 0.08 57.54
C LEU RB 161 38.74 0.32 57.37
N SER RB 162 39.31 -0.11 56.25
CA SER RB 162 40.73 0.14 56.02
C SER RB 162 41.02 1.63 55.98
N ARG RB 163 40.19 2.39 55.27
CA ARG RB 163 40.41 3.83 55.22
C ARG RB 163 40.27 4.46 56.60
N GLU RB 164 39.29 4.01 57.38
CA GLU RB 164 39.11 4.54 58.72
C GLU RB 164 40.32 4.24 59.60
N ARG RB 165 40.83 3.02 59.51
CA ARG RB 165 41.98 2.65 60.34
C ARG RB 165 43.20 3.48 59.96
N GLN RB 166 43.44 3.68 58.67
CA GLN RB 166 44.63 4.43 58.30
C GLN RB 166 44.47 5.91 58.63
N LEU RB 167 43.25 6.45 58.53
CA LEU RB 167 43.05 7.84 58.93
C LEU RB 167 43.25 8.01 60.43
N ALA RB 168 42.73 7.09 61.23
CA ALA RB 168 42.96 7.17 62.67
C ALA RB 168 44.44 7.04 62.99
N GLN RB 169 45.14 6.15 62.28
CA GLN RB 169 46.57 5.98 62.51
C GLN RB 169 47.34 7.26 62.20
N ALA RB 170 46.97 7.93 61.11
CA ALA RB 170 47.63 9.19 60.79
C ALA RB 170 47.28 10.29 61.78
N ILE RB 171 46.06 10.28 62.31
CA ILE RB 171 45.67 11.27 63.32
C ILE RB 171 46.46 11.06 64.60
N GLU RB 172 46.68 9.80 64.98
CA GLU RB 172 47.42 9.52 66.21
C GLU RB 172 48.84 10.06 66.14
N GLU RB 173 49.34 10.34 64.95
CA GLU RB 173 50.69 10.88 64.81
C GLU RB 173 50.80 12.30 65.35
N MET RB 174 49.68 12.95 65.65
CA MET RB 174 49.74 14.27 66.26
C MET RB 174 49.86 14.16 67.78
N LYS RB 175 50.70 15.02 68.35
CA LYS RB 175 51.05 14.90 69.76
C LYS RB 175 49.84 15.09 70.67
N GLN RB 176 48.96 16.02 70.32
CA GLN RB 176 47.80 16.30 71.17
C GLN RB 176 46.84 15.13 71.23
N VAL RB 177 46.80 14.32 70.17
CA VAL RB 177 45.86 13.22 70.06
C VAL RB 177 46.49 11.96 70.65
N ARG RB 178 45.74 11.24 71.49
CA ARG RB 178 46.21 10.00 72.07
C ARG RB 178 45.51 8.77 71.49
N LYS RB 179 44.18 8.76 71.46
CA LYS RB 179 43.44 7.63 70.90
C LYS RB 179 42.33 8.18 70.01
N ALA RB 180 42.05 7.51 68.89
CA ALA RB 180 41.08 8.01 67.94
C ALA RB 180 40.37 6.85 67.25
N ARG RB 181 39.13 7.12 66.82
CA ARG RB 181 38.37 6.23 65.97
C ARG RB 181 37.49 7.06 65.04
N VAL RB 182 37.45 6.68 63.77
CA VAL RB 182 36.74 7.43 62.75
C VAL RB 182 35.63 6.59 62.17
N LEU RB 183 34.47 7.20 61.95
CA LEU RB 183 33.35 6.57 61.29
C LEU RB 183 33.00 7.33 60.03
N LEU RB 184 32.63 6.62 58.98
CA LEU RB 184 32.28 7.23 57.71
C LEU RB 184 30.88 6.79 57.30
N ALA RB 185 30.23 7.61 56.49
CA ALA RB 185 28.89 7.33 55.99
C ALA RB 185 28.90 7.66 54.49
N LEU RB 186 29.11 6.63 53.67
CA LEU RB 186 29.22 6.78 52.23
C LEU RB 186 28.06 6.09 51.55
N PRO RB 187 27.34 6.77 50.66
CA PRO RB 187 26.25 6.12 49.94
C PRO RB 187 26.77 5.09 48.94
N LYS RB 188 25.84 4.35 48.35
CA LYS RB 188 26.22 3.33 47.38
C LYS RB 188 26.86 3.96 46.14
N HIS RB 189 26.46 5.18 45.80
CA HIS RB 189 27.00 5.91 44.64
C HIS RB 189 26.66 5.11 43.38
N SER RB 190 27.64 4.65 42.61
CA SER RB 190 27.46 4.00 41.31
C SER RB 190 26.95 5.01 40.29
N VAL RB 191 27.53 5.02 39.09
CA VAL RB 191 27.02 5.91 38.05
C VAL RB 191 25.63 5.44 37.63
N PHE RB 192 24.91 6.34 36.94
CA PHE RB 192 23.56 6.06 36.45
C PHE RB 192 22.59 5.81 37.60
N VAL RB 193 22.64 6.66 38.62
CA VAL RB 193 21.73 6.58 39.75
C VAL RB 193 21.19 7.96 40.06
N ARG RB 194 20.29 8.01 41.04
CA ARG RB 194 19.64 9.25 41.44
C ARG RB 194 19.96 9.54 42.90
N HIS RB 195 21.25 9.49 43.24
CA HIS RB 195 21.68 9.59 44.63
C HIS RB 195 21.10 10.83 45.30
N ASN RB 196 20.63 10.67 46.52
CA ASN RB 196 20.19 11.80 47.33
C ASN RB 196 20.64 11.63 48.77
N GLN RB 197 21.87 11.16 48.95
CA GLN RB 197 22.42 10.91 50.28
C GLN RB 197 23.54 11.86 50.64
N GLU RB 198 24.57 11.93 49.81
CA GLU RB 198 25.80 12.68 50.07
C GLU RB 198 26.57 12.08 51.25
N ALA RB 199 27.86 12.38 51.33
CA ALA RB 199 28.76 11.70 52.25
C ALA RB 199 28.74 12.33 53.63
N SER RB 200 29.36 11.66 54.58
CA SER RB 200 29.46 12.20 55.94
C SER RB 200 30.60 11.52 56.68
N ALA RB 201 31.08 12.19 57.72
CA ALA RB 201 32.18 11.68 58.54
C ALA RB 201 31.96 12.03 60.00
N SER RB 202 32.65 11.31 60.87
CA SER RB 202 32.62 11.62 62.30
C SER RB 202 33.88 11.05 62.93
N VAL RB 203 34.79 11.91 63.36
CA VAL RB 203 36.03 11.50 63.98
C VAL RB 203 35.93 11.78 65.48
N PHE RB 204 36.17 10.75 66.28
CA PHE RB 204 36.21 10.89 67.73
C PHE RB 204 37.64 10.64 68.20
N LEU RB 205 38.09 11.43 69.16
CA LEU RB 205 39.41 11.22 69.72
C LEU RB 205 39.44 11.63 71.19
N THR RB 206 40.20 10.88 71.98
CA THR RB 206 40.55 11.27 73.33
C THR RB 206 42.01 11.73 73.33
N LEU RB 207 42.23 12.94 73.86
CA LEU RB 207 43.51 13.62 73.80
C LEU RB 207 44.39 13.24 74.99
N SER RB 208 45.42 14.04 75.24
CA SER RB 208 46.31 13.82 76.35
C SER RB 208 45.59 14.13 77.67
N THR RB 209 46.34 14.05 78.77
CA THR RB 209 45.76 14.27 80.09
C THR RB 209 45.18 15.67 80.22
N GLY RB 210 45.90 16.68 79.72
CA GLY RB 210 45.38 18.03 79.74
C GLY RB 210 45.14 18.55 78.34
N THR RB 211 45.46 19.82 78.11
CA THR RB 211 45.43 20.47 76.80
C THR RB 211 44.03 20.61 76.24
N ASN RB 212 43.80 21.67 75.46
CA ASN RB 212 42.55 21.88 74.75
C ASN RB 212 42.86 22.21 73.30
N LEU RB 213 42.12 21.62 72.38
CA LEU RB 213 42.36 21.84 70.97
C LEU RB 213 41.95 23.25 70.58
N LYS RB 214 42.81 23.92 69.81
CA LYS RB 214 42.45 25.21 69.25
C LYS RB 214 41.64 25.00 67.97
N GLN RB 215 41.05 26.10 67.50
CA GLN RB 215 40.29 26.02 66.25
C GLN RB 215 41.20 25.65 65.09
N GLN RB 216 42.47 26.06 65.13
CA GLN RB 216 43.39 25.70 64.06
C GLN RB 216 43.57 24.19 63.98
N GLU RB 217 43.71 23.54 65.13
CA GLU RB 217 43.95 22.10 65.15
C GLU RB 217 42.76 21.36 64.56
N VAL RB 218 41.55 21.69 65.02
CA VAL RB 218 40.37 21.02 64.51
C VAL RB 218 40.20 21.32 63.04
N ASP RB 219 40.59 22.52 62.60
CA ASP RB 219 40.51 22.81 61.17
C ASP RB 219 41.44 21.91 60.38
N SER RB 220 42.66 21.68 60.88
CA SER RB 220 43.57 20.77 60.19
C SER RB 220 42.99 19.37 60.13
N ILE RB 221 42.42 18.91 61.25
CA ILE RB 221 41.82 17.59 61.31
C ILE RB 221 40.74 17.46 60.25
N VAL RB 222 39.82 18.42 60.23
CA VAL RB 222 38.68 18.32 59.32
C VAL RB 222 39.14 18.40 57.88
N ASP RB 223 40.15 19.24 57.60
CA ASP RB 223 40.57 19.38 56.21
C ASP RB 223 41.21 18.09 55.71
N MET RB 224 42.09 17.47 56.50
CA MET RB 224 42.67 16.22 56.05
C MET RB 224 41.61 15.12 55.94
N VAL RB 225 40.69 15.06 56.91
CA VAL RB 225 39.65 14.04 56.86
C VAL RB 225 38.79 14.21 55.60
N ALA RB 226 38.40 15.45 55.31
CA ALA RB 226 37.55 15.70 54.16
C ALA RB 226 38.28 15.42 52.85
N SER RB 227 39.55 15.81 52.76
CA SER RB 227 40.26 15.64 51.51
C SER RB 227 40.73 14.20 51.29
N ALA RB 228 40.80 13.39 52.34
CA ALA RB 228 41.23 12.01 52.17
C ALA RB 228 40.16 11.17 51.48
N VAL RB 229 38.90 11.37 51.82
CA VAL RB 229 37.81 10.52 51.40
C VAL RB 229 37.03 11.19 50.28
N PRO RB 230 36.70 10.48 49.19
CA PRO RB 230 36.00 11.13 48.07
C PRO RB 230 34.66 11.70 48.51
N GLY RB 231 34.29 12.83 47.91
CA GLY RB 231 33.09 13.51 48.33
C GLY RB 231 33.31 14.19 49.67
N MET RB 232 32.31 14.09 50.54
CA MET RB 232 32.33 14.60 51.92
C MET RB 232 32.91 16.01 52.02
N LYS RB 233 32.24 16.98 51.40
CA LYS RB 233 32.61 18.37 51.55
C LYS RB 233 32.82 18.72 53.02
N THR RB 234 33.76 19.62 53.27
CA THR RB 234 34.28 19.84 54.61
C THR RB 234 33.23 20.30 55.61
N SER RB 235 32.01 20.55 55.19
CA SER RB 235 30.97 21.03 56.09
C SER RB 235 30.22 19.89 56.76
N ARG RB 236 30.65 18.65 56.56
CA ARG RB 236 29.93 17.48 57.04
C ARG RB 236 30.84 16.62 57.90
N ILE RB 237 31.46 17.22 58.90
CA ILE RB 237 32.34 16.52 59.82
C ILE RB 237 31.93 16.88 61.25
N THR RB 238 31.77 15.87 62.09
CA THR RB 238 31.51 16.07 63.51
C THR RB 238 32.73 15.58 64.29
N VAL RB 239 33.38 16.49 64.99
CA VAL RB 239 34.57 16.18 65.77
C VAL RB 239 34.25 16.37 67.25
N THR RB 240 34.46 15.33 68.03
CA THR RB 240 34.25 15.39 69.46
C THR RB 240 35.57 15.15 70.17
N ASP RB 241 35.52 15.10 71.50
CA ASP RB 241 36.70 14.89 72.31
C ASP RB 241 36.37 13.85 73.37
N GLN RB 242 37.32 13.64 74.29
CA GLN RB 242 37.06 12.75 75.41
C GLN RB 242 36.00 13.30 76.33
N HIS RB 243 36.00 14.61 76.55
CA HIS RB 243 35.10 15.22 77.53
C HIS RB 243 33.81 15.75 76.93
N GLY RB 244 33.61 15.62 75.62
CA GLY RB 244 32.32 15.90 75.03
C GLY RB 244 32.13 17.28 74.45
N ARG RB 245 33.20 18.07 74.27
CA ARG RB 245 33.05 19.36 73.63
C ARG RB 245 33.00 19.18 72.12
N LEU RB 246 31.91 19.66 71.52
CA LEU RB 246 31.72 19.56 70.08
C LEU RB 246 32.63 20.55 69.37
N LEU RB 247 33.30 20.10 68.31
CA LEU RB 247 34.25 20.94 67.61
C LEU RB 247 33.94 21.19 66.15
N SER RB 248 32.91 20.56 65.60
CA SER RB 248 32.53 20.79 64.21
C SER RB 248 31.11 20.29 63.98
N SER RB 249 30.27 21.14 63.42
CA SER RB 249 28.86 20.82 63.25
C SER RB 249 28.65 19.95 62.01
N GLY RB 250 27.43 19.45 61.88
CA GLY RB 250 27.04 18.67 60.72
C GLY RB 250 25.77 19.21 60.11
N ALA SB 137 73.96 -14.72 3.88
CA ALA SB 137 73.64 -15.48 5.08
C ALA SB 137 72.43 -14.88 5.79
N GLY SB 138 71.77 -13.94 5.13
CA GLY SB 138 70.55 -13.37 5.66
C GLY SB 138 69.35 -14.25 5.37
N ASP SB 139 69.40 -14.98 4.27
CA ASP SB 139 68.27 -15.79 3.81
C ASP SB 139 67.95 -16.92 4.77
N ASP SB 140 68.73 -17.06 5.84
CA ASP SB 140 68.47 -18.10 6.82
C ASP SB 140 67.10 -17.93 7.46
N ILE SB 141 66.72 -16.68 7.74
CA ILE SB 141 65.41 -16.41 8.33
C ILE SB 141 64.31 -16.89 7.38
N LEU SB 142 64.43 -16.56 6.10
CA LEU SB 142 63.40 -16.92 5.14
C LEU SB 142 63.28 -18.44 4.99
N LEU SB 143 64.41 -19.12 4.78
CA LEU SB 143 64.35 -20.56 4.60
C LEU SB 143 64.04 -21.31 5.89
N GLN SB 144 64.05 -20.63 7.03
CA GLN SB 144 63.60 -21.26 8.26
C GLN SB 144 62.08 -21.39 8.25
N ASP SB 145 61.56 -22.08 9.27
CA ASP SB 145 60.12 -22.25 9.43
C ASP SB 145 59.74 -21.82 10.85
N MET SB 146 59.00 -20.73 10.95
CA MET SB 146 58.55 -20.23 12.23
C MET SB 146 57.58 -21.20 12.88
N GLY SB 147 57.75 -21.42 14.19
CA GLY SB 147 56.83 -22.26 14.92
C GLY SB 147 55.56 -21.53 15.31
N PHE SB 148 54.62 -22.29 15.88
CA PHE SB 148 53.35 -21.73 16.30
C PHE SB 148 53.56 -20.64 17.35
N GLY SB 149 52.74 -19.59 17.28
CA GLY SB 149 52.84 -18.49 18.21
C GLY SB 149 53.38 -17.20 17.62
N VAL SB 150 53.91 -17.22 16.40
CA VAL SB 150 54.40 -16.01 15.75
C VAL SB 150 53.22 -15.34 15.08
N SER SB 151 52.81 -14.19 15.61
CA SER SB 151 51.71 -13.47 15.01
C SER SB 151 52.16 -12.83 13.70
N GLN SB 152 51.18 -12.33 12.95
CA GLN SB 152 51.44 -11.62 11.71
C GLN SB 152 52.46 -10.51 11.92
N ARG SB 153 52.35 -9.80 13.05
CA ARG SB 153 53.23 -8.67 13.33
C ARG SB 153 54.69 -9.07 13.48
N LEU SB 154 54.95 -10.03 14.35
CA LEU SB 154 56.31 -10.49 14.55
C LEU SB 154 56.86 -11.02 13.23
N GLU SB 155 55.99 -11.65 12.44
CA GLU SB 155 56.44 -12.17 11.15
C GLU SB 155 56.88 -11.05 10.23
N GLN SB 156 56.11 -9.96 10.18
CA GLN SB 156 56.50 -8.84 9.35
C GLN SB 156 57.82 -8.26 9.82
N GLU SB 157 58.00 -8.13 11.13
CA GLU SB 157 59.24 -7.62 11.66
C GLU SB 157 60.41 -8.49 11.25
N ARG SB 158 60.23 -9.81 11.31
CA ARG SB 158 61.32 -10.71 10.93
C ARG SB 158 61.60 -10.64 9.44
N LEU SB 159 60.57 -10.43 8.62
CA LEU SB 159 60.83 -10.23 7.19
C LEU SB 159 61.69 -9.00 6.97
N LYS SB 160 61.35 -7.90 7.64
CA LYS SB 160 62.17 -6.69 7.53
C LYS SB 160 63.60 -6.96 7.99
N LEU SB 161 63.74 -7.70 9.08
CA LEU SB 161 65.08 -8.00 9.58
C LEU SB 161 65.88 -8.81 8.58
N SER SB 162 65.23 -9.77 7.91
CA SER SB 162 65.93 -10.56 6.91
C SER SB 162 66.43 -9.69 5.77
N ARG SB 163 65.57 -8.80 5.27
CA ARG SB 163 66.00 -7.95 4.16
C ARG SB 163 67.12 -7.02 4.60
N GLU SB 164 67.03 -6.49 5.82
CA GLU SB 164 68.10 -5.65 6.32
C GLU SB 164 69.41 -6.42 6.40
N ARG SB 165 69.36 -7.67 6.87
CA ARG SB 165 70.57 -8.48 6.96
C ARG SB 165 71.19 -8.66 5.60
N GLN SB 166 70.39 -9.03 4.60
CA GLN SB 166 70.98 -9.28 3.29
C GLN SB 166 71.49 -7.99 2.65
N LEU SB 167 70.83 -6.87 2.91
CA LEU SB 167 71.34 -5.60 2.41
C LEU SB 167 72.69 -5.28 3.01
N ALA SB 168 72.83 -5.44 4.33
CA ALA SB 168 74.12 -5.18 4.96
C ALA SB 168 75.19 -6.11 4.42
N GLN SB 169 74.85 -7.38 4.23
CA GLN SB 169 75.80 -8.33 3.67
C GLN SB 169 76.26 -7.89 2.28
N ALA SB 170 75.32 -7.43 1.45
CA ALA SB 170 75.70 -6.95 0.13
C ALA SB 170 76.58 -5.71 0.21
N ILE SB 171 76.26 -4.80 1.12
CA ILE SB 171 77.06 -3.58 1.24
C ILE SB 171 78.48 -3.92 1.68
N GLU SB 172 78.66 -4.98 2.46
CA GLU SB 172 80.01 -5.36 2.88
C GLU SB 172 80.92 -5.64 1.69
N GLU SB 173 80.37 -5.92 0.51
CA GLU SB 173 81.17 -6.14 -0.68
C GLU SB 173 81.84 -4.87 -1.18
N MET SB 174 81.48 -3.70 -0.64
CA MET SB 174 82.16 -2.47 -1.01
C MET SB 174 83.62 -2.55 -0.59
N LYS SB 175 84.50 -2.05 -1.47
CA LYS SB 175 85.92 -2.09 -1.17
C LYS SB 175 86.27 -1.21 0.02
N GLN SB 176 85.62 -0.05 0.13
CA GLN SB 176 85.96 0.89 1.19
C GLN SB 176 85.48 0.42 2.55
N VAL SB 177 84.25 -0.06 2.64
CA VAL SB 177 83.60 -0.28 3.92
C VAL SB 177 84.00 -1.62 4.49
N ARG SB 178 84.18 -1.66 5.81
CA ARG SB 178 84.37 -2.91 6.53
C ARG SB 178 83.10 -3.41 7.19
N LYS SB 179 82.25 -2.51 7.69
CA LYS SB 179 81.01 -2.91 8.34
C LYS SB 179 79.90 -1.95 7.97
N ALA SB 180 78.71 -2.48 7.74
CA ALA SB 180 77.55 -1.64 7.48
C ALA SB 180 76.34 -2.23 8.21
N ARG SB 181 75.48 -1.35 8.70
CA ARG SB 181 74.32 -1.76 9.48
C ARG SB 181 73.10 -1.01 8.97
N VAL SB 182 72.11 -1.75 8.50
CA VAL SB 182 70.95 -1.17 7.83
C VAL SB 182 69.74 -1.31 8.74
N LEU SB 183 69.04 -0.20 8.95
CA LEU SB 183 67.75 -0.21 9.62
C LEU SB 183 66.70 0.27 8.63
N LEU SB 184 65.52 -0.31 8.70
CA LEU SB 184 64.42 0.12 7.86
C LEU SB 184 63.34 0.77 8.73
N ALA SB 185 62.42 1.46 8.06
CA ALA SB 185 61.25 2.03 8.72
C ALA SB 185 60.12 1.96 7.70
N LEU SB 186 59.18 1.06 7.92
CA LEU SB 186 58.14 0.82 6.95
C LEU SB 186 56.76 1.05 7.57
N PRO SB 187 55.84 1.65 6.82
CA PRO SB 187 54.48 1.83 7.34
C PRO SB 187 53.69 0.53 7.28
N LYS SB 188 52.52 0.54 7.91
CA LYS SB 188 51.66 -0.64 7.89
C LYS SB 188 51.18 -0.96 6.48
N HIS SB 189 50.97 0.07 5.67
CA HIS SB 189 50.49 -0.06 4.29
C HIS SB 189 49.12 -0.74 4.31
N SER SB 190 48.93 -1.88 3.64
CA SER SB 190 47.63 -2.45 3.31
C SER SB 190 46.88 -1.53 2.36
N VAL SB 191 46.37 -2.07 1.25
CA VAL SB 191 45.61 -1.24 0.34
C VAL SB 191 44.31 -0.78 1.01
N PHE SB 192 43.66 0.19 0.37
CA PHE SB 192 42.44 0.80 0.90
C PHE SB 192 42.69 1.51 2.24
N VAL SB 193 43.71 2.36 2.25
CA VAL SB 193 44.05 3.16 3.43
C VAL SB 193 44.34 4.59 2.99
N ARG SB 194 44.66 5.42 3.98
CA ARG SB 194 45.01 6.81 3.77
C ARG SB 194 46.41 7.05 4.31
N HIS SB 195 47.35 6.15 3.98
CA HIS SB 195 48.66 6.14 4.60
C HIS SB 195 49.30 7.53 4.59
N ASN SB 196 49.88 7.91 5.73
CA ASN SB 196 50.52 9.21 5.87
C ASN SB 196 51.84 9.05 6.61
N GLN SB 197 52.59 8.01 6.28
CA GLN SB 197 53.85 7.72 6.96
C GLN SB 197 55.05 7.85 6.04
N GLU SB 198 55.05 7.14 4.91
CA GLU SB 198 56.15 7.03 3.97
C GLU SB 198 57.35 6.32 4.60
N ALA SB 199 58.18 5.70 3.77
CA ALA SB 199 59.20 4.78 4.24
C ALA SB 199 60.49 5.52 4.57
N SER SB 200 61.44 4.79 5.15
CA SER SB 200 62.71 5.37 5.54
C SER SB 200 63.75 4.28 5.70
N ALA SB 201 65.01 4.68 5.63
CA ALA SB 201 66.13 3.80 5.92
C ALA SB 201 67.15 4.58 6.74
N SER SB 202 67.99 3.84 7.46
CA SER SB 202 69.06 4.45 8.25
C SER SB 202 70.24 3.49 8.23
N VAL SB 203 71.29 3.83 7.50
CA VAL SB 203 72.43 2.94 7.34
C VAL SB 203 73.64 3.58 8.01
N PHE SB 204 74.23 2.83 8.94
CA PHE SB 204 75.33 3.28 9.78
C PHE SB 204 76.57 2.48 9.37
N LEU SB 205 77.65 3.17 9.00
CA LEU SB 205 78.79 2.52 8.39
C LEU SB 205 80.06 2.68 9.23
N THR SB 206 80.95 1.69 9.10
CA THR SB 206 82.32 1.77 9.59
C THR SB 206 83.23 1.40 8.42
N LEU SB 207 84.06 2.35 8.01
CA LEU SB 207 84.97 2.18 6.89
C LEU SB 207 86.29 1.62 7.39
N SER SB 208 87.31 1.60 6.52
CA SER SB 208 88.62 1.13 6.91
C SER SB 208 89.25 2.11 7.89
N THR SB 209 90.46 1.77 8.35
CA THR SB 209 91.14 2.59 9.35
C THR SB 209 91.34 4.01 8.84
N GLY SB 210 91.75 4.16 7.59
CA GLY SB 210 91.75 5.45 6.93
C GLY SB 210 90.62 5.52 5.92
N THR SB 211 90.83 6.27 4.84
CA THR SB 211 89.93 6.35 3.69
C THR SB 211 88.61 7.05 4.02
N ASN SB 212 88.09 7.77 3.05
CA ASN SB 212 86.81 8.45 3.18
C ASN SB 212 86.00 8.22 1.91
N LEU SB 213 84.68 8.16 2.05
CA LEU SB 213 83.82 7.93 0.90
C LEU SB 213 83.66 9.22 0.10
N LYS SB 214 83.85 9.11 -1.20
CA LYS SB 214 83.53 10.24 -2.08
C LYS SB 214 82.03 10.30 -2.30
N GLN SB 215 81.56 11.48 -2.71
CA GLN SB 215 80.12 11.67 -2.86
C GLN SB 215 79.52 10.72 -3.89
N GLN SB 216 80.30 10.35 -4.91
CA GLN SB 216 79.79 9.38 -5.87
C GLN SB 216 79.56 8.02 -5.24
N GLU SB 217 80.46 7.60 -4.35
CA GLU SB 217 80.31 6.31 -3.70
C GLU SB 217 79.06 6.28 -2.82
N VAL SB 218 78.85 7.34 -2.04
CA VAL SB 218 77.69 7.37 -1.18
C VAL SB 218 76.41 7.50 -2.00
N ASP SB 219 76.47 8.18 -3.15
CA ASP SB 219 75.33 8.20 -4.05
C ASP SB 219 75.00 6.80 -4.53
N SER SB 220 76.03 6.03 -4.89
CA SER SB 220 75.79 4.66 -5.32
C SER SB 220 75.19 3.83 -4.20
N ILE SB 221 75.68 4.03 -2.97
CA ILE SB 221 75.15 3.28 -1.83
C ILE SB 221 73.69 3.62 -1.60
N VAL SB 222 73.35 4.90 -1.60
CA VAL SB 222 71.98 5.30 -1.32
C VAL SB 222 71.06 4.86 -2.46
N ASP SB 223 71.54 4.86 -3.70
CA ASP SB 223 70.73 4.36 -4.79
C ASP SB 223 70.45 2.88 -4.62
N MET SB 224 71.46 2.11 -4.23
CA MET SB 224 71.23 0.69 -4.01
C MET SB 224 70.22 0.46 -2.88
N VAL SB 225 70.36 1.20 -1.79
CA VAL SB 225 69.43 1.03 -0.67
C VAL SB 225 68.02 1.38 -1.09
N ALA SB 226 67.85 2.52 -1.74
CA ALA SB 226 66.52 2.97 -2.13
C ALA SB 226 65.88 2.01 -3.12
N SER SB 227 66.67 1.45 -4.03
CA SER SB 227 66.11 0.50 -4.97
C SER SB 227 65.88 -0.87 -4.36
N ALA SB 228 66.50 -1.17 -3.22
CA ALA SB 228 66.32 -2.49 -2.63
C ALA SB 228 64.94 -2.63 -1.99
N VAL SB 229 64.45 -1.58 -1.36
CA VAL SB 229 63.18 -1.62 -0.63
C VAL SB 229 62.08 -1.05 -1.53
N PRO SB 230 60.89 -1.67 -1.58
CA PRO SB 230 59.79 -1.03 -2.28
C PRO SB 230 59.43 0.30 -1.62
N GLY SB 231 59.22 1.31 -2.44
CA GLY SB 231 58.98 2.65 -1.93
C GLY SB 231 60.25 3.37 -1.51
N MET SB 232 60.19 4.09 -0.39
CA MET SB 232 61.30 4.86 0.18
C MET SB 232 62.09 5.63 -0.88
N LYS SB 233 61.48 6.69 -1.41
CA LYS SB 233 62.18 7.58 -2.33
C LYS SB 233 63.54 7.97 -1.77
N THR SB 234 64.50 8.15 -2.68
CA THR SB 234 65.91 8.22 -2.30
C THR SB 234 66.22 9.37 -1.35
N SER SB 235 65.37 10.38 -1.28
CA SER SB 235 65.60 11.50 -0.39
C SER SB 235 65.18 11.20 1.04
N ARG SB 236 65.02 9.93 1.40
CA ARG SB 236 64.58 9.56 2.74
C ARG SB 236 65.50 8.50 3.33
N ILE SB 237 66.80 8.68 3.19
CA ILE SB 237 67.80 7.80 3.78
C ILE SB 237 68.80 8.66 4.54
N THR SB 238 69.07 8.28 5.78
CA THR SB 238 70.12 8.92 6.55
C THR SB 238 71.34 8.01 6.56
N VAL SB 239 72.47 8.53 6.09
CA VAL SB 239 73.72 7.78 6.04
C VAL SB 239 74.73 8.47 6.96
N THR SB 240 75.32 7.70 7.88
CA THR SB 240 76.37 8.24 8.71
C THR SB 240 77.60 7.34 8.64
N ASP SB 241 78.58 7.57 9.50
CA ASP SB 241 79.78 6.76 9.52
C ASP SB 241 80.24 6.61 10.97
N GLN SB 242 81.45 6.08 11.15
CA GLN SB 242 81.96 5.83 12.49
C GLN SB 242 82.28 7.13 13.23
N HIS SB 243 82.64 8.18 12.49
CA HIS SB 243 82.95 9.46 13.11
C HIS SB 243 81.76 10.40 13.18
N GLY SB 244 80.71 10.15 12.40
CA GLY SB 244 79.53 10.98 12.45
C GLY SB 244 79.41 12.01 11.36
N ARG SB 245 80.25 11.96 10.34
CA ARG SB 245 80.04 12.85 9.20
C ARG SB 245 78.87 12.33 8.39
N LEU SB 246 77.75 13.04 8.45
CA LEU SB 246 76.56 12.64 7.70
C LEU SB 246 76.86 12.74 6.21
N LEU SB 247 76.34 11.78 5.45
CA LEU SB 247 76.57 11.77 4.01
C LEU SB 247 75.28 11.97 3.22
N SER SB 248 74.12 11.96 3.85
CA SER SB 248 72.86 12.28 3.18
C SER SB 248 71.80 12.59 4.23
N SER SB 249 70.91 13.52 3.90
CA SER SB 249 69.91 14.02 4.83
C SER SB 249 68.62 13.20 4.75
N GLY SB 250 67.65 13.60 5.55
CA GLY SB 250 66.34 12.96 5.57
C GLY SB 250 65.34 13.77 6.35
N ALA TB 137 70.55 -24.40 -10.27
CA ALA TB 137 70.49 -24.86 -8.88
C ALA TB 137 69.79 -23.83 -8.00
N GLY TB 138 69.12 -22.87 -8.63
CA GLY TB 138 68.31 -21.93 -7.90
C GLY TB 138 66.95 -22.51 -7.57
N ASP TB 139 66.53 -23.49 -8.37
CA ASP TB 139 65.18 -24.03 -8.31
C ASP TB 139 64.94 -24.95 -7.12
N ASP TB 140 65.93 -25.14 -6.26
CA ASP TB 140 65.75 -26.05 -5.14
C ASP TB 140 64.62 -25.59 -4.23
N ILE TB 141 64.50 -24.27 -4.03
CA ILE TB 141 63.41 -23.74 -3.21
C ILE TB 141 62.06 -24.11 -3.80
N LEU TB 142 61.91 -23.94 -5.11
CA LEU TB 142 60.63 -24.22 -5.76
C LEU TB 142 60.27 -25.69 -5.65
N LEU TB 143 61.24 -26.58 -5.87
CA LEU TB 143 60.93 -28.00 -5.86
C LEU TB 143 60.76 -28.56 -4.46
N GLN TB 144 61.08 -27.81 -3.42
CA GLN TB 144 60.77 -28.25 -2.07
C GLN TB 144 59.32 -27.95 -1.72
N ASP TB 145 58.88 -28.50 -0.60
CA ASP TB 145 57.53 -28.26 -0.09
C ASP TB 145 57.66 -27.44 1.18
N MET TB 146 57.16 -26.21 1.14
CA MET TB 146 57.19 -25.32 2.29
C MET TB 146 56.62 -26.01 3.52
N GLY TB 147 57.39 -26.06 4.60
CA GLY TB 147 56.91 -26.62 5.85
C GLY TB 147 55.68 -25.90 6.34
N PHE TB 148 54.66 -26.66 6.73
CA PHE TB 148 53.38 -26.06 7.11
C PHE TB 148 53.55 -25.16 8.31
N GLY TB 149 53.04 -23.94 8.19
CA GLY TB 149 53.37 -22.88 9.12
C GLY TB 149 53.74 -21.62 8.34
N VAL TB 150 54.12 -21.81 7.08
CA VAL TB 150 54.26 -20.66 6.20
C VAL TB 150 52.88 -20.02 5.98
N SER TB 151 52.88 -18.71 5.77
CA SER TB 151 51.63 -17.96 5.79
C SER TB 151 51.69 -16.87 4.73
N GLN TB 152 51.23 -17.20 3.53
CA GLN TB 152 51.05 -16.20 2.48
C GLN TB 152 52.31 -15.36 2.29
N ARG TB 153 52.47 -14.33 3.12
CA ARG TB 153 53.63 -13.43 3.03
C ARG TB 153 54.91 -14.20 2.80
N LEU TB 154 55.23 -15.12 3.72
CA LEU TB 154 56.49 -15.85 3.61
C LEU TB 154 56.63 -16.50 2.26
N GLU TB 155 55.56 -17.18 1.80
CA GLU TB 155 55.60 -17.81 0.49
C GLU TB 155 56.06 -16.83 -0.57
N GLN TB 156 55.42 -15.65 -0.63
CA GLN TB 156 55.82 -14.66 -1.61
C GLN TB 156 57.30 -14.34 -1.48
N GLU TB 157 57.75 -14.06 -0.25
CA GLU TB 157 59.16 -13.75 -0.06
C GLU TB 157 60.04 -14.86 -0.60
N ARG TB 158 59.69 -16.12 -0.28
CA ARG TB 158 60.51 -17.22 -0.75
C ARG TB 158 60.57 -17.23 -2.28
N LEU TB 159 59.44 -17.02 -2.93
CA LEU TB 159 59.46 -16.95 -4.39
C LEU TB 159 60.41 -15.86 -4.86
N LYS TB 160 60.32 -14.68 -4.25
CA LYS TB 160 61.28 -13.63 -4.58
C LYS TB 160 62.70 -14.14 -4.45
N LEU TB 161 63.01 -14.78 -3.31
CA LEU TB 161 64.35 -15.30 -3.11
C LEU TB 161 64.77 -16.14 -4.29
N SER TB 162 63.91 -17.06 -4.72
CA SER TB 162 64.27 -17.93 -5.83
C SER TB 162 64.71 -17.11 -7.03
N ARG TB 163 63.88 -16.14 -7.45
CA ARG TB 163 64.25 -15.34 -8.60
C ARG TB 163 65.64 -14.75 -8.40
N GLU TB 164 65.84 -14.08 -7.26
CA GLU TB 164 67.11 -13.44 -7.01
C GLU TB 164 68.24 -14.44 -7.23
N ARG TB 165 68.12 -15.61 -6.58
CA ARG TB 165 69.20 -16.57 -6.67
C ARG TB 165 69.49 -16.92 -8.12
N GLN TB 166 68.46 -17.31 -8.88
CA GLN TB 166 68.75 -17.76 -10.23
C GLN TB 166 69.25 -16.61 -11.09
N LEU TB 167 68.79 -15.38 -10.83
CA LEU TB 167 69.32 -14.26 -11.57
C LEU TB 167 70.81 -14.13 -11.33
N ALA TB 168 71.23 -14.24 -10.06
CA ALA TB 168 72.66 -14.22 -9.78
C ALA TB 168 73.37 -15.29 -10.57
N GLN TB 169 72.77 -16.48 -10.66
CA GLN TB 169 73.39 -17.55 -11.43
C GLN TB 169 73.64 -17.10 -12.86
N ALA TB 170 72.65 -16.48 -13.50
CA ALA TB 170 72.82 -16.08 -14.89
C ALA TB 170 73.91 -15.04 -15.03
N ILE TB 171 74.13 -14.25 -13.98
CA ILE TB 171 75.17 -13.23 -14.05
C ILE TB 171 76.55 -13.86 -13.90
N GLU TB 172 76.64 -15.00 -13.19
CA GLU TB 172 77.95 -15.59 -12.95
C GLU TB 172 78.59 -16.11 -14.21
N GLU TB 173 77.79 -16.53 -15.19
CA GLU TB 173 78.35 -16.99 -16.45
C GLU TB 173 78.97 -15.85 -17.26
N MET TB 174 78.77 -14.61 -16.85
CA MET TB 174 79.47 -13.50 -17.48
C MET TB 174 80.96 -13.63 -17.25
N LYS TB 175 81.75 -13.40 -18.31
CA LYS TB 175 83.19 -13.53 -18.20
C LYS TB 175 83.76 -12.52 -17.21
N GLN TB 176 83.28 -11.28 -17.28
CA GLN TB 176 83.84 -10.21 -16.46
C GLN TB 176 83.41 -10.31 -15.01
N VAL TB 177 82.33 -11.02 -14.72
CA VAL TB 177 81.74 -11.07 -13.38
C VAL TB 177 82.16 -12.36 -12.71
N ARG TB 178 82.64 -12.26 -11.48
CA ARG TB 178 82.99 -13.44 -10.69
C ARG TB 178 81.96 -13.76 -9.62
N LYS TB 179 81.42 -12.75 -8.93
CA LYS TB 179 80.38 -12.98 -7.95
C LYS TB 179 79.30 -11.93 -8.11
N ALA TB 180 78.04 -12.31 -7.87
CA ALA TB 180 76.94 -11.40 -8.05
C ALA TB 180 75.88 -11.65 -6.99
N ARG TB 181 75.07 -10.62 -6.74
CA ARG TB 181 73.95 -10.68 -5.83
C ARG TB 181 72.83 -9.82 -6.39
N VAL TB 182 71.59 -10.28 -6.26
CA VAL TB 182 70.44 -9.56 -6.76
C VAL TB 182 69.45 -9.38 -5.61
N LEU TB 183 68.94 -8.16 -5.46
CA LEU TB 183 67.89 -7.86 -4.50
C LEU TB 183 66.70 -7.32 -5.26
N LEU TB 184 65.51 -7.73 -4.87
CA LEU TB 184 64.30 -7.39 -5.60
C LEU TB 184 63.35 -6.61 -4.69
N ALA TB 185 62.37 -5.95 -5.32
CA ALA TB 185 61.35 -5.23 -4.56
C ALA TB 185 60.10 -5.16 -5.43
N LEU TB 186 59.10 -5.94 -5.08
CA LEU TB 186 57.83 -5.94 -5.78
C LEU TB 186 56.74 -5.38 -4.87
N PRO TB 187 56.06 -4.31 -5.26
CA PRO TB 187 55.08 -3.70 -4.36
C PRO TB 187 53.89 -4.60 -4.13
N LYS TB 188 53.22 -4.37 -2.99
CA LYS TB 188 52.02 -5.11 -2.62
C LYS TB 188 50.88 -4.68 -3.54
N HIS TB 189 50.61 -5.50 -4.54
CA HIS TB 189 49.63 -5.16 -5.59
C HIS TB 189 49.97 -3.84 -6.27
N HIS TB 195 48.65 5.66 -5.14
CA HIS TB 195 50.09 5.79 -4.91
C HIS TB 195 50.78 4.45 -5.08
N ASN TB 196 50.76 3.92 -6.29
CA ASN TB 196 51.44 2.65 -6.57
C ASN TB 196 52.93 2.83 -6.48
N GLN TB 197 53.60 1.88 -5.83
CA GLN TB 197 55.03 2.01 -5.56
C GLN TB 197 55.87 1.73 -6.79
N GLU TB 198 55.40 0.87 -7.70
CA GLU TB 198 56.16 0.38 -8.84
C GLU TB 198 57.36 -0.45 -8.39
N ALA TB 199 57.83 -1.35 -9.24
CA ALA TB 199 58.81 -2.35 -8.87
C ALA TB 199 60.22 -1.78 -8.93
N SER TB 200 61.16 -2.53 -8.37
CA SER TB 200 62.55 -2.10 -8.35
C SER TB 200 63.48 -3.30 -8.14
N ALA TB 201 64.74 -3.12 -8.49
CA ALA TB 201 65.75 -4.14 -8.28
C ALA TB 201 67.11 -3.50 -8.13
N SER TB 202 68.02 -4.22 -7.48
CA SER TB 202 69.39 -3.74 -7.28
C SER TB 202 70.32 -4.93 -7.43
N VAL TB 203 71.22 -4.87 -8.39
CA VAL TB 203 72.15 -5.96 -8.65
C VAL TB 203 73.55 -5.46 -8.32
N PHE TB 204 74.21 -6.14 -7.39
CA PHE TB 204 75.54 -5.80 -6.93
C PHE TB 204 76.51 -6.87 -7.41
N LEU TB 205 77.58 -6.44 -8.09
CA LEU TB 205 78.52 -7.38 -8.68
C LEU TB 205 79.92 -7.13 -8.16
N THR TB 206 80.66 -8.21 -7.93
CA THR TB 206 82.11 -8.17 -7.82
C THR TB 206 82.67 -8.84 -9.06
N LEU TB 207 83.38 -8.06 -9.87
CA LEU TB 207 83.92 -8.53 -11.13
C LEU TB 207 85.21 -9.29 -10.88
N SER TB 208 85.95 -9.60 -11.94
CA SER TB 208 87.23 -10.26 -11.78
C SER TB 208 88.24 -9.30 -11.17
N THR TB 209 89.49 -9.77 -11.06
CA THR TB 209 90.52 -9.00 -10.38
C THR TB 209 90.68 -7.61 -10.98
N GLY TB 210 90.66 -7.51 -12.30
CA GLY TB 210 90.73 -6.22 -12.96
C GLY TB 210 89.47 -5.93 -13.75
N THR TB 211 89.62 -5.17 -14.84
CA THR TB 211 88.57 -4.86 -15.79
C THR TB 211 87.48 -3.96 -15.20
N ASN TB 212 86.87 -3.13 -16.03
CA ASN TB 212 85.70 -2.36 -15.66
C ASN TB 212 84.67 -2.48 -16.78
N LEU TB 213 83.40 -2.52 -16.39
CA LEU TB 213 82.33 -2.82 -17.32
C LEU TB 213 82.08 -1.68 -18.28
N LYS TB 214 81.93 -2.00 -19.56
CA LYS TB 214 81.53 -1.02 -20.56
C LYS TB 214 80.02 -0.83 -20.53
N GLN TB 215 79.56 0.25 -21.16
CA GLN TB 215 78.15 0.58 -21.16
C GLN TB 215 77.32 -0.50 -21.83
N GLN TB 216 77.89 -1.19 -22.82
CA GLN TB 216 77.18 -2.30 -23.44
C GLN TB 216 76.87 -3.39 -22.42
N GLU TB 217 77.83 -3.70 -21.56
CA GLU TB 217 77.65 -4.77 -20.59
C GLU TB 217 76.60 -4.41 -19.55
N VAL TB 218 76.68 -3.19 -19.00
CA VAL TB 218 75.69 -2.78 -18.01
C VAL TB 218 74.32 -2.68 -18.66
N ASP TB 219 74.27 -2.30 -19.93
CA ASP TB 219 73.01 -2.29 -20.65
C ASP TB 219 72.43 -3.69 -20.73
N SER TB 220 73.27 -4.68 -21.04
CA SER TB 220 72.79 -6.06 -21.09
C SER TB 220 72.29 -6.51 -19.73
N ILE TB 221 73.05 -6.20 -18.68
CA ILE TB 221 72.68 -6.67 -17.33
C ILE TB 221 71.35 -6.06 -16.92
N VAL TB 222 71.19 -4.75 -17.13
CA VAL TB 222 69.97 -4.10 -16.69
C VAL TB 222 68.79 -4.56 -17.54
N ASP TB 223 69.00 -4.81 -18.83
CA ASP TB 223 67.91 -5.33 -19.65
C ASP TB 223 67.47 -6.70 -19.15
N MET TB 224 68.44 -7.57 -18.86
CA MET TB 224 68.10 -8.91 -18.37
C MET TB 224 67.34 -8.84 -17.05
N VAL TB 225 67.83 -8.03 -16.12
CA VAL TB 225 67.17 -7.92 -14.82
C VAL TB 225 65.76 -7.37 -14.99
N ALA TB 226 65.61 -6.32 -15.81
CA ALA TB 226 64.30 -5.71 -15.96
C ALA TB 226 63.31 -6.66 -16.59
N SER TB 227 63.73 -7.41 -17.61
CA SER TB 227 62.78 -8.29 -18.28
C SER TB 227 62.57 -9.60 -17.56
N ALA TB 228 63.42 -9.94 -16.60
CA ALA TB 228 63.23 -11.18 -15.85
C ALA TB 228 62.10 -11.04 -14.84
N VAL TB 229 62.00 -9.90 -14.18
CA VAL TB 229 60.97 -9.63 -13.19
C VAL TB 229 59.83 -8.89 -13.88
N PRO TB 230 58.59 -9.38 -13.80
CA PRO TB 230 57.49 -8.68 -14.45
C PRO TB 230 57.35 -7.26 -13.92
N GLY TB 231 57.08 -6.33 -14.83
CA GLY TB 231 57.09 -4.92 -14.51
C GLY TB 231 58.49 -4.34 -14.54
N MET TB 232 58.77 -3.43 -13.62
CA MET TB 232 60.08 -2.80 -13.42
C MET TB 232 60.70 -2.37 -14.76
N LYS TB 233 60.12 -1.31 -15.31
CA LYS TB 233 60.72 -0.64 -16.44
C LYS TB 233 62.20 -0.36 -16.19
N THR TB 234 62.98 -0.36 -17.26
CA THR TB 234 64.43 -0.48 -17.17
C THR TB 234 65.09 0.64 -16.39
N SER TB 235 64.43 1.79 -16.22
CA SER TB 235 65.04 2.94 -15.59
C SER TB 235 65.02 2.86 -14.07
N ARG TB 236 64.68 1.71 -13.50
CA ARG TB 236 64.49 1.58 -12.06
C ARG TB 236 65.36 0.46 -11.49
N ILE TB 237 66.50 0.19 -12.09
CA ILE TB 237 67.40 -0.84 -11.59
C ILE TB 237 68.73 -0.18 -11.25
N THR TB 238 69.19 -0.39 -10.02
CA THR TB 238 70.44 0.18 -9.56
C THR TB 238 71.53 -0.88 -9.64
N VAL TB 239 72.56 -0.63 -10.45
CA VAL TB 239 73.64 -1.56 -10.65
C VAL TB 239 74.91 -0.94 -10.10
N THR TB 240 75.57 -1.63 -9.18
CA THR TB 240 76.83 -1.15 -8.64
C THR TB 240 77.88 -2.24 -8.70
N ASP TB 241 79.09 -1.96 -8.21
CA ASP TB 241 80.19 -2.91 -8.27
C ASP TB 241 80.96 -2.84 -6.96
N GLN TB 242 82.04 -3.63 -6.90
CA GLN TB 242 82.79 -3.78 -5.66
C GLN TB 242 83.44 -2.48 -5.23
N HIS TB 243 84.00 -1.73 -6.18
CA HIS TB 243 84.67 -0.47 -5.85
C HIS TB 243 83.67 0.61 -5.49
N GLY TB 244 82.41 0.47 -5.90
CA GLY TB 244 81.38 1.43 -5.57
C GLY TB 244 81.04 2.42 -6.65
N ARG TB 245 81.57 2.26 -7.85
CA ARG TB 245 81.21 3.17 -8.92
C ARG TB 245 79.82 2.82 -9.45
N LEU TB 246 78.90 3.78 -9.34
CA LEU TB 246 77.52 3.54 -9.74
C LEU TB 246 77.44 3.32 -11.24
N LEU TB 247 76.67 2.31 -11.65
CA LEU TB 247 76.54 2.00 -13.05
C LEU TB 247 75.13 2.23 -13.60
N SER TB 248 74.19 2.64 -12.76
CA SER TB 248 72.83 2.89 -13.22
C SER TB 248 72.09 3.69 -12.17
N SER TB 249 71.25 4.62 -12.63
CA SER TB 249 70.50 5.48 -11.73
C SER TB 249 69.39 4.70 -11.04
N GLY TB 250 68.55 5.42 -10.30
CA GLY TB 250 67.42 4.82 -9.61
C GLY TB 250 66.58 5.81 -8.84
N ALA UB 137 63.93 -33.89 -20.67
CA ALA UB 137 63.67 -34.23 -19.28
C ALA UB 137 63.22 -33.00 -18.51
N GLY UB 138 62.44 -32.15 -19.16
CA GLY UB 138 61.84 -31.03 -18.48
C GLY UB 138 60.53 -31.40 -17.81
N ASP UB 139 59.83 -32.36 -18.41
CA ASP UB 139 58.48 -32.71 -18.00
C ASP UB 139 58.39 -33.39 -16.65
N ASP UB 140 59.53 -33.58 -15.98
CA ASP UB 140 59.53 -34.31 -14.71
C ASP UB 140 58.61 -33.66 -13.70
N ILE UB 141 58.60 -32.32 -13.65
CA ILE UB 141 57.70 -31.61 -12.75
C ILE UB 141 56.25 -31.93 -13.13
N LEU UB 142 55.94 -31.90 -14.42
CA LEU UB 142 54.56 -32.05 -14.84
C LEU UB 142 54.00 -33.41 -14.46
N LEU UB 143 54.75 -34.48 -14.74
CA LEU UB 143 54.27 -35.81 -14.42
C LEU UB 143 54.31 -36.09 -12.93
N GLN UB 144 54.99 -35.27 -12.14
CA GLN UB 144 55.07 -35.51 -10.71
C GLN UB 144 53.72 -35.22 -10.05
N ASP UB 145 53.57 -35.73 -8.83
CA ASP UB 145 52.32 -35.60 -8.09
C ASP UB 145 52.50 -34.51 -7.05
N MET UB 146 51.82 -33.38 -7.25
CA MET UB 146 51.89 -32.27 -6.30
C MET UB 146 51.09 -32.64 -5.06
N GLY UB 147 51.79 -33.02 -4.02
CA GLY UB 147 51.13 -33.39 -2.78
C GLY UB 147 50.53 -32.19 -2.08
N PHE UB 148 49.69 -32.48 -1.09
CA PHE UB 148 49.07 -31.44 -0.30
C PHE UB 148 50.13 -30.57 0.36
N GLY UB 149 50.02 -29.27 0.14
CA GLY UB 149 51.01 -28.32 0.60
C GLY UB 149 51.32 -27.25 -0.43
N VAL UB 150 51.23 -27.61 -1.70
CA VAL UB 150 51.35 -26.61 -2.75
C VAL UB 150 50.17 -25.67 -2.69
N SER UB 151 50.38 -24.42 -3.09
CA SER UB 151 49.37 -23.39 -2.86
C SER UB 151 49.42 -22.39 -4.00
N GLN UB 152 48.59 -22.60 -5.02
CA GLN UB 152 48.39 -21.62 -6.08
C GLN UB 152 49.70 -21.09 -6.63
N ARG UB 153 50.23 -20.03 -6.01
CA ARG UB 153 51.46 -19.41 -6.48
C ARG UB 153 52.50 -20.44 -6.86
N LEU UB 154 52.89 -21.27 -5.89
CA LEU UB 154 53.94 -22.24 -6.12
C LEU UB 154 53.68 -23.04 -7.38
N GLU UB 155 52.44 -23.52 -7.53
CA GLU UB 155 52.11 -24.32 -8.70
C GLU UB 155 52.44 -23.59 -9.98
N GLN UB 156 51.95 -22.35 -10.13
CA GLN UB 156 52.29 -21.56 -11.31
C GLN UB 156 53.79 -21.52 -11.49
N GLU UB 157 54.52 -21.18 -10.43
CA GLU UB 157 55.97 -21.12 -10.53
C GLU UB 157 56.52 -22.42 -11.09
N ARG UB 158 56.13 -23.54 -10.49
CA ARG UB 158 56.66 -24.82 -10.97
C ARG UB 158 56.28 -25.03 -12.42
N LEU UB 159 55.02 -24.74 -12.77
CA LEU UB 159 54.63 -24.84 -14.17
C LEU UB 159 55.53 -23.97 -15.03
N LYS UB 160 55.70 -22.70 -14.64
CA LYS UB 160 56.63 -21.85 -15.37
C LYS UB 160 57.99 -22.50 -15.44
N LEU UB 161 58.52 -22.95 -14.30
CA LEU UB 161 59.83 -23.56 -14.28
C LEU UB 161 59.90 -24.68 -15.30
N SER UB 162 58.83 -25.47 -15.40
CA SER UB 162 58.82 -26.58 -16.34
C SER UB 162 59.15 -26.10 -17.74
N ARG UB 163 58.39 -25.10 -18.23
CA ARG UB 163 58.68 -24.61 -19.57
C ARG UB 163 60.12 -24.14 -19.67
N GLU UB 164 60.57 -23.40 -18.66
CA GLU UB 164 61.95 -22.92 -18.69
C GLU UB 164 62.89 -24.07 -18.98
N ARG UB 165 62.76 -25.16 -18.23
CA ARG UB 165 63.66 -26.28 -18.43
C ARG UB 165 63.65 -26.73 -19.88
N GLN UB 166 62.46 -27.01 -20.42
CA GLN UB 166 62.44 -27.54 -21.78
C GLN UB 166 62.88 -26.49 -22.78
N LEU UB 167 62.64 -25.21 -22.49
CA LEU UB 167 63.15 -24.18 -23.40
C LEU UB 167 64.66 -24.25 -23.47
N ALA UB 168 65.32 -24.39 -22.31
CA ALA UB 168 66.76 -24.57 -22.33
C ALA UB 168 67.12 -25.74 -23.24
N GLN UB 169 66.38 -26.84 -23.12
CA GLN UB 169 66.65 -28.00 -23.97
C GLN UB 169 66.61 -27.62 -25.44
N ALA UB 170 65.59 -26.89 -25.85
CA ALA UB 170 65.46 -26.56 -27.26
C ALA UB 170 66.66 -25.75 -27.74
N ILE UB 171 67.24 -24.93 -26.85
CA ILE UB 171 68.39 -24.12 -27.27
C ILE UB 171 69.66 -24.96 -27.28
N GLU UB 172 69.74 -25.98 -26.42
CA GLU UB 172 70.99 -26.73 -26.31
C GLU UB 172 71.31 -27.47 -27.59
N GLU UB 173 70.28 -28.04 -28.24
CA GLU UB 173 70.52 -28.87 -29.42
C GLU UB 173 71.15 -28.10 -30.56
N MET UB 174 71.09 -26.77 -30.55
CA MET UB 174 71.80 -26.00 -31.54
C MET UB 174 73.30 -26.14 -31.34
N LYS UB 175 74.01 -26.18 -32.47
CA LYS UB 175 75.44 -26.46 -32.43
C LYS UB 175 76.19 -25.39 -31.66
N GLN UB 176 75.84 -24.12 -31.88
CA GLN UB 176 76.62 -23.02 -31.33
C GLN UB 176 76.47 -22.92 -29.82
N VAL UB 177 75.31 -23.26 -29.29
CA VAL UB 177 75.02 -23.08 -27.88
C VAL UB 177 75.48 -24.30 -27.10
N ARG UB 178 76.19 -24.06 -26.00
CA ARG UB 178 76.54 -25.11 -25.05
C ARG UB 178 75.61 -25.13 -23.85
N LYS UB 179 75.28 -23.96 -23.30
CA LYS UB 179 74.37 -23.86 -22.18
C LYS UB 179 73.38 -22.74 -22.43
N ALA UB 180 72.15 -22.93 -22.00
CA ALA UB 180 71.15 -21.88 -22.11
C ALA UB 180 70.31 -21.87 -20.86
N ARG UB 181 70.06 -20.67 -20.33
CA ARG UB 181 69.22 -20.50 -19.14
C ARG UB 181 68.14 -19.50 -19.45
N VAL UB 182 66.88 -19.89 -19.24
CA VAL UB 182 65.74 -19.08 -19.63
C VAL UB 182 64.99 -18.64 -18.38
N LEU UB 183 64.58 -17.38 -18.34
CA LEU UB 183 63.74 -16.87 -17.28
C LEU UB 183 62.54 -16.18 -17.92
N LEU UB 184 61.38 -16.34 -17.29
CA LEU UB 184 60.13 -15.81 -17.83
C LEU UB 184 59.55 -14.79 -16.88
N ALA UB 185 58.55 -14.07 -17.36
CA ALA UB 185 57.81 -13.13 -16.51
C ALA UB 185 56.41 -13.03 -17.10
N LEU UB 186 55.45 -13.64 -16.42
CA LEU UB 186 54.07 -13.70 -16.91
C LEU UB 186 53.15 -13.00 -15.94
N PRO UB 187 52.58 -11.86 -16.31
CA PRO UB 187 51.65 -11.17 -15.41
C PRO UB 187 50.28 -11.83 -15.34
N LYS UB 188 49.33 -11.17 -14.67
CA LYS UB 188 48.04 -11.76 -14.33
C LYS UB 188 47.03 -11.78 -15.46
N HIS UB 189 47.03 -10.78 -16.33
CA HIS UB 189 46.00 -10.63 -17.37
C HIS UB 189 44.61 -10.60 -16.73
N SER UB 190 44.37 -9.52 -15.98
CA SER UB 190 43.17 -9.33 -15.16
C SER UB 190 41.88 -9.59 -15.92
N VAL UB 191 40.83 -9.97 -15.19
CA VAL UB 191 39.56 -10.33 -15.78
C VAL UB 191 38.73 -9.10 -16.13
N PHE UB 192 38.80 -8.04 -15.33
CA PHE UB 192 38.10 -6.82 -15.66
C PHE UB 192 38.63 -6.23 -16.95
N VAL UB 193 37.94 -5.21 -17.46
CA VAL UB 193 38.35 -4.58 -18.71
C VAL UB 193 39.42 -3.55 -18.42
N ARG UB 194 40.68 -3.99 -18.38
CA ARG UB 194 41.79 -3.10 -18.06
C ARG UB 194 42.98 -3.39 -18.97
N HIS UB 195 44.15 -2.88 -18.61
CA HIS UB 195 45.38 -3.12 -19.35
C HIS UB 195 46.16 -4.25 -18.69
N ASN UB 196 46.81 -5.06 -19.52
CA ASN UB 196 47.68 -6.11 -19.03
C ASN UB 196 49.12 -5.58 -18.99
N GLN UB 197 50.07 -6.48 -18.71
CA GLN UB 197 51.44 -6.04 -18.47
C GLN UB 197 52.45 -6.59 -19.46
N GLU UB 198 52.02 -7.12 -20.60
CA GLU UB 198 52.89 -7.37 -21.75
C GLU UB 198 54.04 -8.32 -21.37
N ALA UB 199 53.66 -9.58 -21.18
CA ALA UB 199 54.55 -10.64 -20.71
C ALA UB 199 55.93 -10.60 -21.33
N SER UB 200 56.96 -10.90 -20.53
CA SER UB 200 58.35 -10.67 -20.94
C SER UB 200 59.20 -11.89 -20.65
N ALA UB 201 60.44 -11.86 -21.15
CA ALA UB 201 61.35 -12.99 -21.03
C ALA UB 201 62.78 -12.47 -20.96
N SER UB 202 63.69 -13.35 -20.57
CA SER UB 202 65.11 -13.03 -20.51
C SER UB 202 65.90 -14.32 -20.63
N VAL UB 203 66.65 -14.47 -21.71
CA VAL UB 203 67.37 -15.71 -21.98
C VAL UB 203 68.86 -15.41 -22.04
N PHE UB 204 69.64 -16.21 -21.32
CA PHE UB 204 71.08 -16.10 -21.31
C PHE UB 204 71.68 -17.32 -22.00
N LEU UB 205 72.73 -17.09 -22.78
CA LEU UB 205 73.35 -18.15 -23.56
C LEU UB 205 74.84 -18.23 -23.28
N THR UB 206 75.38 -19.43 -23.28
CA THR UB 206 76.81 -19.69 -23.23
C THR UB 206 77.15 -20.54 -24.45
N LEU UB 207 77.89 -19.97 -25.38
CA LEU UB 207 78.17 -20.57 -26.67
C LEU UB 207 79.44 -21.43 -26.60
N SER UB 208 79.92 -21.86 -27.76
CA SER UB 208 81.17 -22.59 -27.84
C SER UB 208 82.34 -21.68 -27.51
N THR UB 209 83.55 -22.24 -27.54
CA THR UB 209 84.74 -21.47 -27.19
C THR UB 209 84.93 -20.28 -28.12
N GLY UB 210 84.70 -20.49 -29.42
CA GLY UB 210 84.77 -19.41 -30.37
C GLY UB 210 83.42 -19.09 -30.99
N THR UB 211 83.44 -18.63 -32.23
CA THR UB 211 82.24 -18.42 -33.05
C THR UB 211 81.35 -17.29 -32.54
N ASN UB 212 80.65 -16.64 -33.46
CA ASN UB 212 79.65 -15.64 -33.14
C ASN UB 212 78.37 -15.97 -33.88
N LEU UB 213 77.23 -15.78 -33.20
CA LEU UB 213 75.95 -16.01 -33.84
C LEU UB 213 75.62 -14.86 -34.78
N LYS UB 214 75.29 -15.18 -36.02
CA LYS UB 214 74.81 -14.15 -36.92
C LYS UB 214 73.35 -13.84 -36.59
N GLN UB 215 72.90 -12.66 -37.04
CA GLN UB 215 71.61 -12.14 -36.60
C GLN UB 215 70.47 -13.09 -36.94
N GLN UB 216 70.64 -13.91 -37.98
CA GLN UB 216 69.63 -14.90 -38.29
C GLN UB 216 69.42 -15.85 -37.12
N GLU UB 217 70.50 -16.29 -36.50
CA GLU UB 217 70.39 -17.24 -35.39
C GLU UB 217 69.67 -16.61 -34.21
N VAL UB 218 70.02 -15.38 -33.83
CA VAL UB 218 69.37 -14.77 -32.69
C VAL UB 218 67.91 -14.50 -33.00
N ASP UB 219 67.59 -14.14 -34.24
CA ASP UB 219 66.19 -13.94 -34.59
C ASP UB 219 65.42 -15.26 -34.47
N SER UB 220 66.03 -16.36 -34.90
CA SER UB 220 65.37 -17.66 -34.72
C SER UB 220 65.18 -17.97 -33.25
N ILE UB 221 66.18 -17.67 -32.42
CA ILE UB 221 66.07 -17.95 -30.99
C ILE UB 221 64.93 -17.16 -30.38
N VAL UB 222 64.87 -15.86 -30.66
CA VAL UB 222 63.84 -15.04 -30.04
C VAL UB 222 62.47 -15.42 -30.55
N ASP UB 223 62.35 -15.76 -31.84
CA ASP UB 223 61.06 -16.19 -32.34
C ASP UB 223 60.61 -17.48 -31.68
N MET UB 224 61.52 -18.45 -31.53
CA MET UB 224 61.14 -19.70 -30.89
C MET UB 224 60.71 -19.46 -29.44
N VAL UB 225 61.49 -18.68 -28.70
CA VAL UB 225 61.18 -18.46 -27.29
C VAL UB 225 59.86 -17.72 -27.15
N ALA UB 226 59.64 -16.68 -27.95
CA ALA UB 226 58.43 -15.89 -27.85
C ALA UB 226 57.20 -16.69 -28.24
N SER UB 227 57.32 -17.52 -29.28
CA SER UB 227 56.18 -18.33 -29.68
C SER UB 227 55.89 -19.49 -28.74
N ALA UB 228 56.89 -19.94 -27.98
CA ALA UB 228 56.64 -21.03 -27.05
C ALA UB 228 55.73 -20.60 -25.90
N VAL UB 229 55.86 -19.36 -25.45
CA VAL UB 229 55.13 -18.87 -24.28
C VAL UB 229 53.92 -18.07 -24.74
N PRO UB 230 52.75 -18.28 -24.14
CA PRO UB 230 51.58 -17.48 -24.54
C PRO UB 230 51.82 -15.99 -24.33
N GLY UB 231 51.33 -15.19 -25.28
CA GLY UB 231 51.57 -13.77 -25.27
C GLY UB 231 52.98 -13.41 -25.75
N MET UB 232 53.58 -12.39 -25.13
CA MET UB 232 54.96 -11.97 -25.37
C MET UB 232 55.27 -11.90 -26.87
N LYS UB 233 54.73 -10.86 -27.49
CA LYS UB 233 55.20 -10.45 -28.80
C LYS UB 233 56.73 -10.41 -28.82
N THR UB 234 57.31 -10.84 -29.93
CA THR UB 234 58.74 -11.14 -29.98
C THR UB 234 59.63 -9.97 -29.64
N SER UB 235 59.09 -8.75 -29.58
CA SER UB 235 59.88 -7.58 -29.28
C SER UB 235 60.02 -7.34 -27.78
N ARG UB 236 59.76 -8.35 -26.96
CA ARG UB 236 59.79 -8.21 -25.52
C ARG UB 236 60.71 -9.24 -24.88
N ILE UB 237 61.80 -9.59 -25.56
CA ILE UB 237 62.70 -10.64 -25.10
C ILE UB 237 64.12 -10.08 -25.06
N THR UB 238 64.81 -10.32 -23.95
CA THR UB 238 66.20 -9.93 -23.80
C THR UB 238 67.07 -11.17 -23.99
N VAL UB 239 67.98 -11.10 -24.96
CA VAL UB 239 68.87 -12.21 -25.29
C VAL UB 239 70.30 -11.74 -25.08
N THR UB 240 71.06 -12.49 -24.30
CA THR UB 240 72.46 -12.16 -24.09
C THR UB 240 73.34 -13.38 -24.37
N ASP UB 241 74.65 -13.24 -24.15
CA ASP UB 241 75.59 -14.30 -24.46
C ASP UB 241 76.54 -14.49 -23.29
N GLN UB 242 77.47 -15.43 -23.46
CA GLN UB 242 78.45 -15.70 -22.41
C GLN UB 242 79.36 -14.51 -22.18
N HIS UB 243 79.74 -13.80 -23.25
CA HIS UB 243 80.58 -12.63 -23.10
C HIS UB 243 79.81 -11.37 -22.69
N GLY UB 244 78.49 -11.39 -22.77
CA GLY UB 244 77.70 -10.27 -22.32
C GLY UB 244 77.33 -9.25 -23.37
N ARG UB 245 77.41 -9.59 -24.65
CA ARG UB 245 77.00 -8.66 -25.68
C ARG UB 245 75.50 -8.77 -25.91
N LEU UB 246 74.81 -7.63 -25.89
CA LEU UB 246 73.36 -7.57 -25.98
C LEU UB 246 72.90 -7.97 -27.37
N LEU UB 247 71.78 -8.69 -27.45
CA LEU UB 247 71.26 -9.16 -28.72
C LEU UB 247 69.83 -8.72 -29.02
N SER UB 248 69.13 -8.20 -28.01
CA SER UB 248 67.76 -7.71 -28.26
C SER UB 248 67.41 -6.74 -27.14
N SER UB 249 66.13 -6.43 -26.98
CA SER UB 249 65.73 -5.58 -25.84
C SER UB 249 64.23 -5.31 -25.88
N GLY UB 250 63.48 -5.91 -24.96
CA GLY UB 250 62.07 -5.54 -24.91
C GLY UB 250 62.03 -4.03 -24.79
N ALA VB 137 53.87 -43.61 -28.49
CA ALA VB 137 54.11 -43.80 -27.06
C ALA VB 137 53.79 -42.53 -26.28
N GLY VB 138 53.01 -41.65 -26.90
CA GLY VB 138 52.56 -40.45 -26.23
C GLY VB 138 51.34 -40.69 -25.38
N ASP VB 139 50.54 -41.69 -25.77
CA ASP VB 139 49.24 -41.92 -25.18
C ASP VB 139 49.31 -42.41 -23.74
N ASP VB 140 50.51 -42.73 -23.26
CA ASP VB 140 50.63 -43.30 -21.92
C ASP VB 140 50.07 -42.35 -20.87
N ILE VB 141 50.28 -41.04 -21.07
CA ILE VB 141 49.76 -40.06 -20.13
C ILE VB 141 48.24 -40.13 -20.05
N LEU VB 142 47.60 -40.23 -21.21
CA LEU VB 142 46.14 -40.30 -21.23
C LEU VB 142 45.65 -41.57 -20.54
N LEU VB 143 46.25 -42.71 -20.87
CA LEU VB 143 45.78 -43.97 -20.32
C LEU VB 143 46.05 -44.09 -18.82
N GLN VB 144 46.91 -43.25 -18.26
CA GLN VB 144 47.11 -43.29 -16.82
C GLN VB 144 45.91 -42.64 -16.13
N ASP VB 145 45.81 -42.90 -14.83
CA ASP VB 145 44.76 -42.32 -14.00
C ASP VB 145 45.42 -41.34 -13.05
N MET VB 146 45.23 -40.06 -13.31
CA MET VB 146 45.77 -39.03 -12.42
C MET VB 146 45.24 -39.22 -11.01
N GLY VB 147 46.16 -39.24 -10.05
CA GLY VB 147 45.80 -39.41 -8.66
C GLY VB 147 44.90 -38.29 -8.16
N PHE VB 148 44.03 -38.61 -7.21
CA PHE VB 148 43.21 -37.59 -6.58
C PHE VB 148 44.10 -36.52 -5.96
N GLY VB 149 43.73 -35.26 -6.18
CA GLY VB 149 44.48 -34.16 -5.64
C GLY VB 149 45.30 -33.38 -6.65
N VAL VB 150 45.18 -33.66 -7.93
CA VAL VB 150 45.81 -32.83 -8.95
C VAL VB 150 44.83 -31.75 -9.36
N SER VB 151 45.28 -30.50 -9.31
CA SER VB 151 44.43 -29.38 -9.66
C SER VB 151 44.10 -29.40 -11.15
N GLN VB 152 43.06 -28.65 -11.52
CA GLN VB 152 42.64 -28.61 -12.91
C GLN VB 152 43.74 -28.09 -13.82
N ARG VB 153 44.48 -27.07 -13.37
CA ARG VB 153 45.57 -26.52 -14.16
C ARG VB 153 46.57 -27.59 -14.53
N LEU VB 154 46.99 -28.38 -13.55
CA LEU VB 154 47.96 -29.42 -13.82
C LEU VB 154 47.39 -30.45 -14.79
N GLU VB 155 46.08 -30.70 -14.70
CA GLU VB 155 45.47 -31.64 -15.63
C GLU VB 155 45.55 -31.12 -17.07
N GLN VB 156 45.23 -29.84 -17.27
CA GLN VB 156 45.36 -29.27 -18.61
C GLN VB 156 46.80 -29.32 -19.08
N GLU VB 157 47.74 -29.04 -18.19
CA GLU VB 157 49.15 -29.09 -18.57
C GLU VB 157 49.54 -30.48 -19.02
N ARG VB 158 49.08 -31.51 -18.31
CA ARG VB 158 49.47 -32.87 -18.66
C ARG VB 158 48.82 -33.33 -19.96
N LEU VB 159 47.57 -32.91 -20.19
CA LEU VB 159 46.96 -33.22 -21.49
C LEU VB 159 47.74 -32.58 -22.63
N LYS VB 160 48.09 -31.30 -22.47
CA LYS VB 160 48.86 -30.61 -23.50
C LYS VB 160 50.20 -31.30 -23.72
N LEU VB 161 50.86 -31.70 -22.64
CA LEU VB 161 52.15 -32.37 -22.76
C LEU VB 161 52.01 -33.69 -23.51
N SER VB 162 50.94 -34.43 -23.25
CA SER VB 162 50.70 -35.66 -24.00
C SER VB 162 50.57 -35.36 -25.48
N ARG VB 163 49.85 -34.30 -25.82
CA ARG VB 163 49.71 -33.97 -27.23
C ARG VB 163 51.05 -33.59 -27.85
N GLU VB 164 51.86 -32.84 -27.11
CA GLU VB 164 53.18 -32.47 -27.61
C GLU VB 164 54.03 -33.70 -27.87
N ARG VB 165 54.00 -34.65 -26.93
CA ARG VB 165 54.78 -35.87 -27.09
C ARG VB 165 54.34 -36.66 -28.31
N GLN VB 166 53.03 -36.79 -28.51
CA GLN VB 166 52.58 -37.60 -29.64
C GLN VB 166 52.88 -36.92 -30.96
N LEU VB 167 52.80 -35.58 -31.01
CA LEU VB 167 53.18 -34.87 -32.22
C LEU VB 167 54.66 -35.08 -32.53
N ALA VB 168 55.51 -34.98 -31.52
CA ALA VB 168 56.93 -35.19 -31.74
C ALA VB 168 57.20 -36.61 -32.21
N GLN VB 169 56.50 -37.58 -31.61
CA GLN VB 169 56.67 -38.97 -32.02
C GLN VB 169 56.28 -39.15 -33.48
N ALA VB 170 55.18 -38.51 -33.90
CA ALA VB 170 54.78 -38.59 -35.30
C ALA VB 170 55.85 -38.00 -36.21
N ILE VB 171 56.42 -36.86 -35.81
CA ILE VB 171 57.46 -36.26 -36.61
C ILE VB 171 58.71 -37.13 -36.68
N GLU VB 172 58.95 -37.95 -35.65
CA GLU VB 172 60.12 -38.81 -35.65
C GLU VB 172 60.18 -39.68 -36.91
N GLU VB 173 59.04 -40.14 -37.40
CA GLU VB 173 59.02 -41.00 -38.58
C GLU VB 173 59.30 -40.25 -39.88
N MET VB 174 59.56 -38.95 -39.82
CA MET VB 174 59.98 -38.23 -41.01
C MET VB 174 61.29 -38.81 -41.54
N LYS VB 175 61.43 -38.84 -42.85
CA LYS VB 175 62.64 -39.40 -43.46
C LYS VB 175 63.87 -38.58 -43.08
N GLN VB 176 63.74 -37.26 -43.04
CA GLN VB 176 64.87 -36.39 -42.78
C GLN VB 176 65.06 -36.07 -41.30
N VAL VB 177 64.01 -36.21 -40.49
CA VAL VB 177 64.07 -35.83 -39.09
C VAL VB 177 64.52 -37.03 -38.27
N ARG VB 178 65.52 -36.82 -37.41
CA ARG VB 178 65.95 -37.84 -36.47
C ARG VB 178 65.49 -37.54 -35.05
N LYS VB 179 65.31 -36.28 -34.69
CA LYS VB 179 64.78 -35.93 -33.38
C LYS VB 179 63.98 -34.64 -33.52
N ALA VB 180 62.98 -34.49 -32.65
CA ALA VB 180 62.14 -33.31 -32.70
C ALA VB 180 61.57 -33.04 -31.32
N ARG VB 181 61.34 -31.76 -31.04
CA ARG VB 181 60.67 -31.33 -29.81
C ARG VB 181 59.65 -30.26 -30.16
N VAL VB 182 58.49 -30.32 -29.53
CA VAL VB 182 57.40 -29.39 -29.80
C VAL VB 182 57.02 -28.70 -28.51
N LEU VB 183 56.72 -27.41 -28.60
CA LEU VB 183 56.22 -26.65 -27.47
C LEU VB 183 54.95 -25.93 -27.90
N LEU VB 184 53.96 -25.87 -27.01
CA LEU VB 184 52.66 -25.31 -27.34
C LEU VB 184 52.32 -24.16 -26.41
N ALA VB 185 51.35 -23.35 -26.84
CA ALA VB 185 50.83 -22.27 -26.01
C ALA VB 185 49.36 -22.10 -26.35
N LEU VB 186 48.50 -22.29 -25.35
CA LEU VB 186 47.07 -22.38 -25.59
C LEU VB 186 46.46 -21.02 -25.87
N PRO VB 187 45.37 -20.97 -26.63
CA PRO VB 187 44.71 -19.70 -26.92
C PRO VB 187 43.69 -19.29 -25.87
N LYS VB 188 43.01 -18.18 -26.10
CA LYS VB 188 41.98 -17.69 -25.20
C LYS VB 188 40.66 -17.38 -25.90
N HIS VB 189 40.71 -16.82 -27.11
CA HIS VB 189 39.53 -16.63 -27.95
C HIS VB 189 38.47 -15.78 -27.27
N SER VB 190 38.80 -14.49 -27.09
CA SER VB 190 37.81 -13.52 -26.56
C SER VB 190 37.53 -12.51 -27.67
N VAL VB 191 36.29 -12.42 -28.15
CA VAL VB 191 35.97 -11.54 -29.30
C VAL VB 191 36.80 -10.25 -29.23
N PHE VB 192 36.58 -9.43 -28.20
CA PHE VB 192 37.30 -8.12 -28.10
C PHE VB 192 38.75 -8.32 -28.54
N VAL VB 193 39.12 -7.79 -29.71
CA VAL VB 193 40.48 -8.06 -30.26
C VAL VB 193 41.54 -7.73 -29.23
N ARG VB 194 41.49 -6.53 -28.67
CA ARG VB 194 42.56 -6.12 -27.74
C ARG VB 194 42.77 -7.20 -26.68
N HIS VB 195 41.89 -8.20 -26.59
CA HIS VB 195 42.05 -9.17 -25.52
C HIS VB 195 42.33 -10.59 -25.99
N ASN VB 196 42.03 -10.92 -27.25
CA ASN VB 196 42.30 -12.27 -27.71
C ASN VB 196 43.80 -12.52 -27.72
N GLN VB 197 44.21 -13.74 -27.37
CA GLN VB 197 45.62 -14.06 -27.23
C GLN VB 197 46.14 -14.98 -28.32
N GLU VB 198 45.33 -15.91 -28.80
CA GLU VB 198 45.65 -16.79 -29.92
C GLU VB 198 46.72 -17.81 -29.56
N ALA VB 199 46.62 -19.01 -30.13
CA ALA VB 199 47.52 -20.10 -29.83
C ALA VB 199 48.85 -19.91 -30.54
N SER VB 200 49.83 -20.70 -30.12
CA SER VB 200 51.16 -20.60 -30.71
C SER VB 200 51.90 -21.92 -30.53
N ALA VB 201 52.93 -22.12 -31.34
CA ALA VB 201 53.76 -23.31 -31.25
C ALA VB 201 55.20 -22.94 -31.54
N SER VB 202 56.09 -23.84 -31.15
CA SER VB 202 57.51 -23.68 -31.42
C SER VB 202 58.12 -25.07 -31.50
N VAL VB 203 58.60 -25.46 -32.68
CA VAL VB 203 59.09 -26.81 -32.89
C VAL VB 203 60.57 -26.74 -33.26
N PHE VB 204 61.38 -27.51 -32.56
CA PHE VB 204 62.80 -27.63 -32.84
C PHE VB 204 63.07 -29.00 -33.46
N LEU VB 205 63.88 -29.00 -34.52
CA LEU VB 205 64.18 -30.22 -35.26
C LEU VB 205 65.68 -30.45 -35.31
N THR VB 206 66.08 -31.71 -35.10
CA THR VB 206 67.44 -32.17 -35.36
C THR VB 206 67.34 -33.22 -36.47
N LEU VB 207 67.73 -32.85 -37.67
CA LEU VB 207 67.52 -33.67 -38.85
C LEU VB 207 68.61 -34.73 -38.96
N SER VB 208 68.72 -35.33 -40.14
CA SER VB 208 69.74 -36.35 -40.38
C SER VB 208 71.13 -35.73 -40.28
N THR VB 209 72.14 -36.58 -40.50
CA THR VB 209 73.52 -36.09 -40.46
C THR VB 209 73.75 -35.00 -41.50
N GLY VB 210 73.23 -35.20 -42.71
CA GLY VB 210 73.27 -34.21 -43.75
C GLY VB 210 71.88 -33.75 -44.15
N THR VB 211 71.78 -33.29 -45.40
CA THR VB 211 70.54 -32.88 -46.05
C THR VB 211 69.95 -31.61 -45.44
N ASN VB 212 69.31 -30.81 -46.28
CA ASN VB 212 68.60 -29.61 -45.84
C ASN VB 212 67.15 -29.74 -46.26
N LEU VB 213 66.24 -29.40 -45.35
CA LEU VB 213 64.82 -29.52 -45.65
C LEU VB 213 64.41 -28.49 -46.69
N LYS VB 214 63.73 -28.96 -47.73
CA LYS VB 214 63.22 -28.05 -48.74
C LYS VB 214 62.03 -27.27 -48.22
N GLN VB 215 61.64 -26.25 -48.96
CA GLN VB 215 60.49 -25.45 -48.58
C GLN VB 215 59.23 -26.29 -48.48
N GLN VB 216 59.08 -27.27 -49.38
CA GLN VB 216 57.91 -28.13 -49.34
C GLN VB 216 57.83 -28.92 -48.03
N GLU VB 217 58.96 -29.45 -47.57
CA GLU VB 217 58.95 -30.29 -46.39
C GLU VB 217 58.59 -29.48 -45.14
N VAL VB 218 59.18 -28.30 -44.99
CA VAL VB 218 58.86 -27.47 -43.84
C VAL VB 218 57.42 -26.97 -43.92
N ASP VB 219 56.93 -26.70 -45.14
CA ASP VB 219 55.52 -26.33 -45.28
C ASP VB 219 54.61 -27.47 -44.83
N SER VB 220 54.95 -28.70 -45.19
CA SER VB 220 54.17 -29.84 -44.70
C SER VB 220 54.25 -29.95 -43.19
N ILE VB 221 55.44 -29.70 -42.63
CA ILE VB 221 55.60 -29.76 -41.18
C ILE VB 221 54.66 -28.77 -40.50
N VAL VB 222 54.68 -27.52 -40.95
CA VAL VB 222 53.88 -26.49 -40.28
C VAL VB 222 52.40 -26.76 -40.49
N ASP VB 223 52.00 -27.23 -41.68
CA ASP VB 223 50.59 -27.54 -41.90
C ASP VB 223 50.12 -28.67 -40.98
N MET VB 224 50.91 -29.72 -40.85
CA MET VB 224 50.53 -30.83 -39.97
C MET VB 224 50.40 -30.37 -38.54
N VAL VB 225 51.40 -29.63 -38.05
CA VAL VB 225 51.36 -29.17 -36.67
C VAL VB 225 50.18 -28.24 -36.43
N ALA VB 226 49.93 -27.32 -37.36
CA ALA VB 226 48.83 -26.37 -37.20
C ALA VB 226 47.48 -27.09 -37.18
N SER VB 227 47.31 -28.07 -38.06
CA SER VB 227 46.04 -28.78 -38.07
C SER VB 227 45.86 -29.66 -36.85
N ALA VB 228 46.94 -30.20 -36.29
CA ALA VB 228 46.79 -31.12 -35.17
C ALA VB 228 46.21 -30.42 -33.94
N VAL VB 229 46.61 -29.19 -33.69
CA VAL VB 229 46.14 -28.42 -32.54
C VAL VB 229 44.97 -27.56 -32.97
N PRO VB 230 43.86 -27.54 -32.24
CA PRO VB 230 42.71 -26.73 -32.67
C PRO VB 230 43.09 -25.27 -32.79
N GLY VB 231 42.55 -24.61 -33.82
CA GLY VB 231 42.93 -23.25 -34.08
C GLY VB 231 44.38 -23.16 -34.52
N MET VB 232 45.10 -22.21 -33.95
CA MET VB 232 46.51 -21.93 -34.21
C MET VB 232 46.81 -21.94 -35.72
N LYS VB 233 46.29 -20.91 -36.36
CA LYS VB 233 46.54 -20.64 -37.77
C LYS VB 233 47.99 -20.90 -38.12
N THR VB 234 48.21 -21.49 -39.30
CA THR VB 234 49.53 -21.95 -39.70
C THR VB 234 50.56 -20.84 -39.76
N SER VB 235 50.14 -19.59 -39.83
CA SER VB 235 51.07 -18.47 -39.83
C SER VB 235 51.59 -18.15 -38.45
N ARG VB 236 51.34 -19.02 -37.47
CA ARG VB 236 51.84 -18.84 -36.11
C ARG VB 236 52.50 -20.13 -35.63
N ILE VB 237 53.39 -20.69 -36.44
CA ILE VB 237 54.20 -21.83 -36.03
C ILE VB 237 55.66 -21.48 -36.28
N THR VB 238 56.47 -21.54 -35.23
CA THR VB 238 57.88 -21.18 -35.30
C THR VB 238 58.71 -22.45 -35.40
N VAL VB 239 59.51 -22.55 -36.47
CA VAL VB 239 60.31 -23.73 -36.75
C VAL VB 239 61.77 -23.33 -36.82
N THR VB 240 62.63 -24.08 -36.14
CA THR VB 240 64.06 -23.90 -36.28
C THR VB 240 64.71 -25.23 -36.64
N ASP VB 241 66.04 -25.30 -36.53
CA ASP VB 241 66.77 -26.51 -36.89
C ASP VB 241 67.96 -26.65 -35.95
N GLN VB 242 68.83 -27.62 -36.25
CA GLN VB 242 70.06 -27.78 -35.47
C GLN VB 242 71.01 -26.62 -35.69
N HIS VB 243 71.22 -26.22 -36.94
CA HIS VB 243 72.11 -25.10 -37.22
C HIS VB 243 71.51 -23.77 -36.79
N GLY VB 244 70.23 -23.74 -36.46
CA GLY VB 244 69.59 -22.52 -36.03
C GLY VB 244 69.01 -21.66 -37.13
N ARG VB 245 69.05 -22.11 -38.38
CA ARG VB 245 68.49 -21.30 -39.46
C ARG VB 245 66.98 -21.29 -39.35
N LEU VB 246 66.40 -20.09 -39.41
CA LEU VB 246 64.96 -19.95 -39.23
C LEU VB 246 64.21 -20.56 -40.40
N LEU VB 247 63.09 -21.22 -40.10
CA LEU VB 247 62.34 -21.96 -41.09
C LEU VB 247 60.88 -21.53 -41.22
N SER VB 248 60.36 -20.74 -40.29
CA SER VB 248 58.97 -20.29 -40.34
C SER VB 248 58.79 -19.13 -39.39
N SER VB 249 58.02 -18.12 -39.80
CA SER VB 249 57.80 -16.96 -38.96
C SER VB 249 56.97 -17.34 -37.73
N GLY VB 250 56.91 -16.42 -36.79
CA GLY VB 250 56.15 -16.63 -35.58
C GLY VB 250 54.98 -15.68 -35.43
N ALA WB 137 41.73 -51.59 -32.94
CA ALA WB 137 42.38 -51.90 -31.66
C ALA WB 137 42.16 -50.79 -30.66
N GLY WB 138 41.51 -49.71 -31.11
CA GLY WB 138 41.21 -48.61 -30.23
C GLY WB 138 40.02 -48.89 -29.34
N ASP WB 139 39.15 -49.78 -29.81
CA ASP WB 139 37.87 -50.04 -29.15
C ASP WB 139 38.04 -50.67 -27.77
N ASP WB 140 39.29 -50.99 -27.41
CA ASP WB 140 39.55 -51.51 -26.08
C ASP WB 140 39.24 -50.47 -25.01
N ILE WB 141 39.57 -49.20 -25.30
CA ILE WB 141 39.41 -48.15 -24.30
C ILE WB 141 37.95 -48.02 -23.87
N LEU WB 142 37.04 -48.00 -24.84
CA LEU WB 142 35.62 -47.92 -24.50
C LEU WB 142 35.18 -49.16 -23.74
N LEU WB 143 35.66 -50.34 -24.17
CA LEU WB 143 35.27 -51.58 -23.51
C LEU WB 143 35.86 -51.72 -22.11
N GLN WB 144 36.93 -51.01 -21.80
CA GLN WB 144 37.41 -51.00 -20.42
C GLN WB 144 36.59 -50.02 -19.59
N ASP WB 145 36.59 -50.24 -18.29
CA ASP WB 145 35.73 -49.48 -17.38
C ASP WB 145 36.54 -48.39 -16.71
N MET WB 146 36.08 -47.15 -16.84
CA MET WB 146 36.75 -46.01 -16.22
C MET WB 146 36.44 -46.05 -14.73
N GLY WB 147 37.40 -46.51 -13.95
CA GLY WB 147 37.21 -46.50 -12.52
C GLY WB 147 37.25 -45.09 -11.95
N PHE WB 148 37.00 -44.99 -10.65
CA PHE WB 148 37.06 -43.70 -10.00
C PHE WB 148 38.44 -43.09 -10.15
N GLY WB 149 38.48 -41.81 -10.51
CA GLY WB 149 39.74 -41.10 -10.63
C GLY WB 149 39.89 -40.32 -11.92
N VAL WB 150 38.98 -40.51 -12.87
CA VAL WB 150 39.05 -39.84 -14.15
C VAL WB 150 37.94 -38.80 -14.21
N SER WB 151 38.31 -37.57 -14.58
CA SER WB 151 37.37 -36.48 -14.70
C SER WB 151 36.80 -36.43 -16.11
N GLN WB 152 35.85 -35.52 -16.30
CA GLN WB 152 35.17 -35.41 -17.58
C GLN WB 152 36.15 -35.03 -18.67
N ARG WB 153 37.11 -34.14 -18.35
CA ARG WB 153 38.15 -33.80 -19.31
C ARG WB 153 38.90 -35.05 -19.75
N LEU WB 154 39.35 -35.84 -18.78
CA LEU WB 154 40.10 -37.04 -19.11
C LEU WB 154 39.23 -38.05 -19.85
N GLU WB 155 37.94 -38.11 -19.52
CA GLU WB 155 37.04 -39.03 -20.22
C GLU WB 155 36.93 -38.66 -21.69
N GLN WB 156 36.69 -37.38 -21.97
CA GLN WB 156 36.59 -36.95 -23.36
C GLN WB 156 37.90 -37.17 -24.10
N GLU WB 157 39.02 -36.87 -23.45
CA GLU WB 157 40.30 -37.08 -24.11
C GLU WB 157 40.54 -38.56 -24.40
N ARG WB 158 40.14 -39.44 -23.48
CA ARG WB 158 40.24 -40.87 -23.74
C ARG WB 158 39.39 -41.28 -24.93
N LEU WB 159 38.18 -40.73 -25.02
CA LEU WB 159 37.32 -41.06 -26.16
C LEU WB 159 37.96 -40.61 -27.46
N LYS WB 160 38.52 -39.40 -27.48
CA LYS WB 160 39.20 -38.92 -28.67
C LYS WB 160 40.36 -39.85 -29.03
N LEU WB 161 41.10 -40.28 -28.02
CA LEU WB 161 42.24 -41.18 -28.24
C LEU WB 161 41.74 -42.48 -28.86
N SER WB 162 40.62 -42.98 -28.37
CA SER WB 162 40.05 -44.20 -28.92
C SER WB 162 39.69 -44.02 -30.38
N ARG WB 163 39.10 -42.87 -30.72
CA ARG WB 163 38.74 -42.62 -32.11
C ARG WB 163 39.99 -42.52 -32.98
N GLU WB 164 41.03 -41.85 -32.49
CA GLU WB 164 42.29 -41.79 -33.22
C GLU WB 164 42.80 -43.19 -33.51
N ARG WB 165 42.85 -44.03 -32.47
CA ARG WB 165 43.39 -45.37 -32.62
C ARG WB 165 42.58 -46.19 -33.61
N GLN WB 166 41.24 -46.11 -33.53
CA GLN WB 166 40.44 -46.96 -34.41
C GLN WB 166 40.49 -46.46 -35.85
N LEU WB 167 40.52 -45.14 -36.07
CA LEU WB 167 40.67 -44.65 -37.43
C LEU WB 167 42.03 -45.05 -38.01
N ALA WB 168 43.08 -44.94 -37.20
CA ALA WB 168 44.39 -45.40 -37.66
C ALA WB 168 44.35 -46.88 -38.00
N GLN WB 169 43.67 -47.68 -37.17
CA GLN WB 169 43.57 -49.10 -37.42
C GLN WB 169 42.86 -49.37 -38.74
N ALA WB 170 41.76 -48.63 -39.00
CA ALA WB 170 41.05 -48.83 -40.25
C ALA WB 170 41.91 -48.46 -41.45
N ILE WB 171 42.68 -47.37 -41.34
CA ILE WB 171 43.56 -46.99 -42.44
C ILE WB 171 44.68 -48.02 -42.63
N GLU WB 172 45.06 -48.72 -41.55
CA GLU WB 172 46.11 -49.74 -41.67
C GLU WB 172 45.76 -50.78 -42.72
N GLU WB 173 44.47 -51.04 -42.93
CA GLU WB 173 44.04 -52.04 -43.90
C GLU WB 173 44.28 -51.62 -45.33
N MET WB 174 44.70 -50.38 -45.57
CA MET WB 174 45.00 -49.96 -46.93
C MET WB 174 46.18 -50.76 -47.49
N LYS WB 175 46.12 -51.01 -48.80
CA LYS WB 175 47.16 -51.78 -49.46
C LYS WB 175 48.50 -51.04 -49.43
N GLN WB 176 48.50 -49.78 -49.86
CA GLN WB 176 49.77 -49.07 -49.98
C GLN WB 176 50.36 -48.72 -48.62
N VAL WB 177 49.54 -48.19 -47.71
CA VAL WB 177 50.04 -47.62 -46.47
C VAL WB 177 50.51 -48.73 -45.55
N ARG WB 178 51.69 -48.54 -44.96
CA ARG WB 178 52.22 -49.48 -43.98
C ARG WB 178 51.94 -49.04 -42.56
N LYS WB 179 52.01 -47.74 -42.27
CA LYS WB 179 51.76 -47.23 -40.93
C LYS WB 179 51.05 -45.89 -41.03
N ALA WB 180 50.15 -45.64 -40.09
CA ALA WB 180 49.45 -44.36 -40.05
C ALA WB 180 49.17 -43.97 -38.61
N ARG WB 181 49.25 -42.66 -38.35
CA ARG WB 181 48.94 -42.10 -37.04
C ARG WB 181 48.04 -40.90 -37.24
N VAL WB 182 46.96 -40.83 -36.46
CA VAL WB 182 45.94 -39.80 -36.61
C VAL WB 182 45.86 -38.99 -35.34
N LEU WB 183 45.92 -37.67 -35.48
CA LEU WB 183 45.66 -36.76 -34.39
C LEU WB 183 44.38 -35.99 -34.67
N LEU WB 184 43.58 -35.78 -33.64
CA LEU WB 184 42.32 -35.07 -33.76
C LEU WB 184 42.41 -33.75 -33.02
N ALA WB 185 41.51 -32.84 -33.38
CA ALA WB 185 41.36 -31.56 -32.69
C ALA WB 185 39.89 -31.19 -32.77
N LEU WB 186 39.17 -31.42 -31.69
CA LEU WB 186 37.76 -31.12 -31.60
C LEU WB 186 37.50 -30.19 -30.43
N PRO WB 187 36.94 -29.02 -30.65
CA PRO WB 187 36.58 -28.14 -29.53
C PRO WB 187 35.26 -28.56 -28.92
N LYS WB 188 35.10 -28.19 -27.64
CA LYS WB 188 33.84 -28.41 -26.96
C LYS WB 188 32.74 -27.71 -27.72
N HIS WB 189 31.77 -28.47 -28.23
CA HIS WB 189 30.78 -27.92 -29.15
C HIS WB 189 30.03 -26.77 -28.52
N SER WB 190 29.69 -26.89 -27.24
CA SER WB 190 29.02 -25.84 -26.49
C SER WB 190 27.72 -25.39 -27.17
N VAL WB 191 26.75 -26.29 -27.26
CA VAL WB 191 25.46 -25.99 -27.88
C VAL WB 191 24.81 -24.87 -27.06
N PHE WB 192 23.77 -24.26 -27.62
CA PHE WB 192 23.10 -23.06 -27.09
C PHE WB 192 23.93 -21.81 -27.39
N VAL WB 193 25.15 -21.99 -27.89
CA VAL WB 193 26.00 -20.87 -28.25
C VAL WB 193 26.43 -21.06 -29.70
N ARG WB 194 26.83 -19.96 -30.33
CA ARG WB 194 27.35 -20.02 -31.69
C ARG WB 194 28.70 -20.72 -31.69
N HIS WB 195 28.79 -21.85 -32.39
CA HIS WB 195 30.00 -22.65 -32.36
C HIS WB 195 31.16 -21.90 -33.01
N ASN WB 196 32.37 -22.32 -32.68
CA ASN WB 196 33.56 -21.64 -33.13
C ASN WB 196 34.74 -22.61 -33.10
N GLN WB 197 35.88 -22.14 -33.58
CA GLN WB 197 37.18 -22.79 -33.50
C GLN WB 197 37.33 -23.98 -34.44
N GLU WB 198 36.23 -24.45 -35.03
CA GLU WB 198 36.24 -25.47 -36.08
C GLU WB 198 36.88 -26.78 -35.63
N ALA WB 199 36.71 -27.83 -36.42
CA ALA WB 199 37.35 -29.11 -36.17
C ALA WB 199 38.57 -29.28 -37.08
N SER WB 200 39.42 -30.22 -36.72
CA SER WB 200 40.61 -30.45 -37.53
C SER WB 200 41.17 -31.84 -37.26
N ALA WB 201 41.92 -32.36 -38.23
CA ALA WB 201 42.60 -33.63 -38.07
C ALA WB 201 43.92 -33.57 -38.82
N SER WB 202 44.85 -34.43 -38.39
CA SER WB 202 46.16 -34.50 -39.03
C SER WB 202 46.57 -35.97 -39.08
N VAL WB 203 46.70 -36.52 -40.28
CA VAL WB 203 47.03 -37.93 -40.45
C VAL WB 203 48.40 -38.03 -41.10
N PHE WB 204 49.29 -38.77 -40.44
CA PHE WB 204 50.65 -38.98 -40.90
C PHE WB 204 50.79 -40.41 -41.40
N LEU WB 205 51.44 -40.59 -42.55
CA LEU WB 205 51.55 -41.89 -43.19
C LEU WB 205 53.01 -42.23 -43.42
N THR WB 206 53.36 -43.48 -43.17
CA THR WB 206 54.58 -44.09 -43.70
C THR WB 206 54.13 -45.17 -44.66
N LEU WB 207 54.37 -44.95 -45.95
CA LEU WB 207 53.86 -45.82 -47.00
C LEU WB 207 54.79 -47.02 -47.17
N SER WB 208 54.59 -47.78 -48.25
CA SER WB 208 55.46 -48.90 -48.55
C SER WB 208 56.84 -48.40 -48.96
N THR WB 209 57.74 -49.34 -49.22
CA THR WB 209 59.10 -48.97 -49.60
C THR WB 209 59.10 -48.16 -50.89
N GLY WB 210 58.35 -48.61 -51.89
CA GLY WB 210 58.12 -47.82 -53.07
C GLY WB 210 56.74 -47.18 -52.99
N THR WB 211 56.12 -46.97 -54.15
CA THR WB 211 54.75 -46.46 -54.28
C THR WB 211 54.65 -45.00 -53.85
N ASN WB 212 53.82 -44.25 -54.56
CA ASN WB 212 53.45 -42.90 -54.16
C ASN WB 212 51.96 -42.74 -54.38
N LEU WB 213 51.30 -42.10 -53.42
CA LEU WB 213 49.85 -42.04 -53.42
C LEU WB 213 49.36 -41.21 -54.60
N LYS WB 214 48.48 -41.80 -55.40
CA LYS WB 214 47.82 -41.05 -56.45
C LYS WB 214 46.71 -40.20 -55.85
N GLN WB 215 46.39 -39.09 -56.54
CA GLN WB 215 45.52 -38.09 -55.96
C GLN WB 215 44.16 -38.66 -55.58
N GLN WB 216 43.66 -39.63 -56.34
CA GLN WB 216 42.40 -40.26 -55.98
C GLN WB 216 42.48 -40.98 -54.64
N GLU WB 217 43.59 -41.68 -54.40
CA GLU WB 217 43.73 -42.42 -53.16
C GLU WB 217 43.73 -41.49 -51.95
N VAL WB 218 44.47 -40.38 -52.04
CA VAL WB 218 44.52 -39.46 -50.91
C VAL WB 218 43.19 -38.75 -50.75
N ASP WB 219 42.46 -38.51 -51.85
CA ASP WB 219 41.11 -38.00 -51.72
C ASP WB 219 40.24 -38.98 -50.96
N SER WB 220 40.37 -40.28 -51.26
CA SER WB 220 39.62 -41.27 -50.51
C SER WB 220 39.97 -41.23 -49.03
N ILE WB 221 41.27 -41.13 -48.73
CA ILE WB 221 41.72 -41.09 -47.34
C ILE WB 221 41.09 -39.91 -46.62
N VAL WB 222 41.19 -38.72 -47.21
CA VAL WB 222 40.70 -37.54 -46.51
C VAL WB 222 39.19 -37.60 -46.35
N ASP WB 223 38.48 -38.06 -47.38
CA ASP WB 223 37.03 -38.13 -47.27
C ASP WB 223 36.61 -39.09 -46.16
N MET WB 224 37.25 -40.25 -46.11
CA MET WB 224 36.90 -41.21 -45.07
C MET WB 224 37.19 -40.67 -43.67
N VAL WB 225 38.39 -40.10 -43.49
CA VAL WB 225 38.77 -39.59 -42.18
C VAL WB 225 37.85 -38.46 -41.74
N ALA WB 226 37.55 -37.53 -42.65
CA ALA WB 226 36.66 -36.43 -42.32
C ALA WB 226 35.26 -36.90 -41.99
N SER WB 227 34.73 -37.83 -42.78
CA SER WB 227 33.36 -38.28 -42.55
C SER WB 227 33.23 -39.14 -41.31
N ALA WB 228 34.32 -39.78 -40.87
CA ALA WB 228 34.22 -40.65 -39.70
C ALA WB 228 33.92 -39.86 -38.43
N VAL WB 229 34.47 -38.66 -38.31
CA VAL WB 229 34.36 -37.85 -37.10
C VAL WB 229 33.28 -36.78 -37.29
N PRO WB 230 32.45 -36.50 -36.29
CA PRO WB 230 31.45 -35.43 -36.45
C PRO WB 230 32.11 -34.10 -36.72
N GLY WB 231 31.48 -33.32 -37.60
CA GLY WB 231 32.06 -32.06 -38.02
C GLY WB 231 33.17 -32.28 -39.02
N MET WB 232 34.20 -31.42 -38.93
CA MET WB 232 35.40 -31.46 -39.77
C MET WB 232 35.11 -31.75 -41.23
N LYS WB 233 34.51 -30.78 -41.92
CA LYS WB 233 34.39 -30.84 -43.37
C LYS WB 233 35.75 -31.15 -43.99
N THR WB 234 35.71 -31.82 -45.14
CA THR WB 234 36.91 -32.37 -45.77
C THR WB 234 37.89 -31.31 -46.23
N SER WB 235 37.65 -30.06 -45.88
CA SER WB 235 38.56 -28.98 -46.25
C SER WB 235 39.62 -28.69 -45.20
N ARG WB 236 39.65 -29.46 -44.11
CA ARG WB 236 40.57 -29.22 -43.01
C ARG WB 236 41.23 -30.50 -42.54
N ILE WB 237 41.85 -31.23 -43.46
CA ILE WB 237 42.59 -32.43 -43.12
C ILE WB 237 43.96 -32.36 -43.76
N THR WB 238 45.00 -32.61 -42.97
CA THR WB 238 46.38 -32.60 -43.44
C THR WB 238 46.87 -34.03 -43.60
N VAL WB 239 47.30 -34.37 -44.81
CA VAL WB 239 47.81 -35.71 -45.11
C VAL WB 239 49.24 -35.58 -45.56
N THR WB 240 50.15 -36.23 -44.84
CA THR WB 240 51.57 -36.19 -45.14
C THR WB 240 52.11 -37.61 -45.25
N ASP WB 241 53.36 -37.72 -45.69
CA ASP WB 241 54.01 -39.01 -45.88
C ASP WB 241 55.36 -38.97 -45.17
N GLN WB 242 56.04 -40.12 -45.16
CA GLN WB 242 57.33 -40.20 -44.48
C GLN WB 242 58.38 -39.33 -45.15
N HIS WB 243 58.21 -39.04 -46.44
CA HIS WB 243 59.14 -38.18 -47.15
C HIS WB 243 58.71 -36.73 -47.15
N GLY WB 244 57.55 -36.41 -46.56
CA GLY WB 244 57.16 -35.04 -46.30
C GLY WB 244 56.44 -34.33 -47.42
N ARG WB 245 56.13 -35.00 -48.52
CA ARG WB 245 55.39 -34.32 -49.57
C ARG WB 245 53.96 -34.10 -49.11
N LEU WB 246 53.52 -32.84 -49.16
CA LEU WB 246 52.22 -32.47 -48.65
C LEU WB 246 51.14 -32.89 -49.65
N LEU WB 247 50.09 -33.52 -49.14
CA LEU WB 247 49.03 -34.04 -50.01
C LEU WB 247 47.71 -33.28 -49.89
N SER WB 248 47.48 -32.58 -48.79
CA SER WB 248 46.26 -31.78 -48.66
C SER WB 248 46.47 -30.77 -47.52
N SER WB 249 46.21 -29.51 -47.81
CA SER WB 249 46.55 -28.43 -46.89
C SER WB 249 45.59 -28.39 -45.71
N GLY WB 250 45.66 -27.31 -44.95
CA GLY WB 250 44.78 -27.08 -43.82
C GLY WB 250 44.43 -25.62 -43.67
N PHE XB 148 28.35 -50.72 -13.83
CA PHE XB 148 28.52 -49.46 -13.13
C PHE XB 148 29.90 -48.85 -13.41
N GLY XB 149 30.11 -47.63 -12.94
CA GLY XB 149 31.33 -46.90 -13.21
C GLY XB 149 31.31 -46.24 -14.58
N VAL XB 150 30.20 -46.38 -15.28
CA VAL XB 150 30.00 -45.83 -16.61
C VAL XB 150 28.99 -44.70 -16.51
N SER XB 151 29.26 -43.60 -17.21
CA SER XB 151 28.48 -42.39 -17.05
C SER XB 151 28.14 -41.80 -18.40
N GLN XB 152 26.91 -41.99 -18.84
CA GLN XB 152 26.37 -41.27 -19.98
C GLN XB 152 27.23 -41.42 -21.22
N ARG XB 153 28.14 -40.46 -21.45
CA ARG XB 153 28.94 -40.43 -22.66
C ARG XB 153 29.50 -41.81 -23.01
N LEU XB 154 30.32 -42.36 -22.11
CA LEU XB 154 30.89 -43.67 -22.36
C LEU XB 154 29.82 -44.68 -22.72
N GLU XB 155 28.77 -44.74 -21.91
CA GLU XB 155 27.66 -45.65 -22.19
C GLU XB 155 27.13 -45.43 -23.60
N GLN XB 156 26.81 -44.17 -23.94
CA GLN XB 156 26.37 -43.88 -25.30
C GLN XB 156 27.37 -44.39 -26.31
N GLU XB 157 28.64 -44.07 -26.11
CA GLU XB 157 29.68 -44.56 -27.00
C GLU XB 157 29.61 -46.07 -27.14
N ARG XB 158 29.48 -46.78 -26.01
CA ARG XB 158 29.40 -48.23 -26.07
C ARG XB 158 28.28 -48.66 -26.98
N LEU XB 159 27.10 -48.06 -26.84
CA LEU XB 159 25.99 -48.42 -27.70
C LEU XB 159 26.37 -48.24 -29.17
N LYS XB 160 26.95 -47.09 -29.50
CA LYS XB 160 27.41 -46.90 -30.88
C LYS XB 160 28.29 -48.06 -31.30
N LEU XB 161 29.32 -48.35 -30.50
CA LEU XB 161 30.22 -49.44 -30.85
C LEU XB 161 29.44 -50.71 -31.14
N SER XB 162 28.47 -51.02 -30.28
CA SER XB 162 27.70 -52.23 -30.49
C SER XB 162 27.11 -52.25 -31.88
N ARG XB 163 26.40 -51.19 -32.25
CA ARG XB 163 25.82 -51.13 -33.58
C ARG XB 163 26.90 -51.27 -34.64
N GLU XB 164 27.99 -50.51 -34.48
CA GLU XB 164 29.08 -50.62 -35.43
C GLU XB 164 29.48 -52.07 -35.60
N ARG XB 165 29.72 -52.77 -34.48
CA ARG XB 165 30.14 -54.16 -34.59
C ARG XB 165 29.13 -54.95 -35.41
N GLN XB 166 27.85 -54.88 -35.02
CA GLN XB 166 26.88 -55.71 -35.72
C GLN XB 166 26.72 -55.24 -37.15
N LEU XB 167 26.85 -53.93 -37.39
CA LEU XB 167 26.81 -53.47 -38.77
C LEU XB 167 27.92 -54.12 -39.57
N ALA XB 168 29.14 -54.12 -39.04
CA ALA XB 168 30.22 -54.81 -39.72
C ALA XB 168 29.85 -56.27 -39.94
N GLN XB 169 29.24 -56.88 -38.92
CA GLN XB 169 28.81 -58.27 -39.05
C GLN XB 169 27.93 -58.45 -40.28
N ALA XB 170 26.94 -57.57 -40.45
CA ALA XB 170 26.05 -57.69 -41.59
C ALA XB 170 26.82 -57.55 -42.88
N ILE XB 171 27.81 -56.66 -42.92
CA ILE XB 171 28.59 -56.49 -44.13
C ILE XB 171 29.58 -57.65 -44.31
N GLU XB 172 29.90 -58.36 -43.23
CA GLU XB 172 30.81 -59.49 -43.38
C GLU XB 172 30.22 -60.57 -44.28
N GLU XB 173 28.93 -60.86 -44.11
CA GLU XB 173 28.27 -61.87 -44.92
C GLU XB 173 28.12 -61.46 -46.37
N MET XB 174 28.56 -60.27 -46.75
CA MET XB 174 28.59 -59.91 -48.16
C MET XB 174 29.50 -60.88 -48.91
N LYS XB 175 29.01 -61.38 -50.04
CA LYS XB 175 29.79 -62.35 -50.80
C LYS XB 175 31.08 -61.73 -51.30
N GLN XB 176 31.02 -60.48 -51.78
CA GLN XB 176 32.20 -59.84 -52.31
C GLN XB 176 33.13 -59.33 -51.22
N VAL XB 177 32.58 -58.92 -50.08
CA VAL XB 177 33.37 -58.29 -49.02
C VAL XB 177 33.92 -59.37 -48.11
N ARG XB 178 35.23 -59.32 -47.85
CA ARG XB 178 35.82 -60.26 -46.90
C ARG XB 178 35.79 -59.72 -45.48
N LYS XB 179 36.11 -58.44 -45.29
CA LYS XB 179 36.09 -57.83 -43.97
C LYS XB 179 35.59 -56.40 -44.10
N ALA XB 180 34.93 -55.92 -43.06
CA ALA XB 180 34.43 -54.55 -43.05
C ALA XB 180 34.58 -53.94 -41.67
N ARG XB 181 34.96 -52.67 -41.62
CA ARG XB 181 35.09 -51.91 -40.39
C ARG XB 181 34.30 -50.63 -40.54
N VAL XB 182 33.46 -50.33 -39.55
CA VAL XB 182 32.48 -49.26 -39.64
C VAL XB 182 32.73 -48.24 -38.53
N LEU XB 183 32.63 -46.96 -38.87
CA LEU XB 183 32.71 -45.89 -37.90
C LEU XB 183 31.49 -45.00 -38.07
N LEU XB 184 30.94 -44.55 -36.95
CA LEU XB 184 29.77 -43.67 -36.94
C LEU XB 184 30.14 -42.31 -36.37
N ALA XB 185 29.28 -41.33 -36.64
CA ALA XB 185 29.45 -39.98 -36.12
C ALA XB 185 28.07 -39.38 -35.88
N LEU XB 186 27.66 -39.35 -34.62
CA LEU XB 186 26.34 -38.85 -34.23
C LEU XB 186 26.52 -37.70 -33.26
N PRO XB 187 25.92 -36.54 -33.50
CA PRO XB 187 26.03 -35.39 -32.61
C PRO XB 187 25.36 -35.62 -31.27
N GLN XB 197 25.24 -30.20 -36.89
CA GLN XB 197 26.41 -31.08 -36.96
C GLN XB 197 26.16 -32.21 -37.94
N GLU XB 198 25.00 -32.87 -37.78
CA GLU XB 198 24.53 -33.94 -38.65
C GLU XB 198 25.37 -35.21 -38.51
N ALA XB 199 24.77 -36.35 -38.83
CA ALA XB 199 25.38 -37.67 -38.65
C ALA XB 199 26.09 -38.12 -39.92
N SER XB 200 27.04 -39.02 -39.74
CA SER XB 200 27.81 -39.55 -40.86
C SER XB 200 28.32 -40.93 -40.51
N ALA XB 201 28.77 -41.64 -41.54
CA ALA XB 201 29.37 -42.95 -41.36
C ALA XB 201 30.48 -43.14 -42.36
N SER XB 202 31.47 -43.96 -41.99
CA SER XB 202 32.60 -44.24 -42.85
C SER XB 202 33.00 -45.69 -42.66
N VAL XB 203 32.95 -46.47 -43.72
CA VAL XB 203 33.23 -47.89 -43.64
C VAL XB 203 34.37 -48.22 -44.60
N PHE XB 204 35.39 -48.91 -44.07
CA PHE XB 204 36.50 -49.39 -44.87
C PHE XB 204 36.37 -50.90 -45.02
N LEU XB 205 36.45 -51.38 -46.26
CA LEU XB 205 36.19 -52.78 -46.57
C LEU XB 205 37.41 -53.42 -47.22
N THR XB 206 37.83 -54.55 -46.66
CA THR XB 206 38.79 -55.42 -47.29
C THR XB 206 38.02 -56.37 -48.19
N LEU XB 207 38.21 -56.23 -49.49
CA LEU XB 207 37.44 -57.00 -50.47
C LEU XB 207 37.99 -58.42 -50.52
N SER XB 208 37.48 -59.22 -51.46
CA SER XB 208 37.91 -60.60 -51.62
C SER XB 208 39.27 -60.61 -52.31
N THR XB 209 39.70 -61.79 -52.76
CA THR XB 209 41.00 -61.93 -53.41
C THR XB 209 41.08 -61.04 -54.64
N GLY XB 210 40.02 -61.02 -55.46
CA GLY XB 210 39.94 -60.15 -56.60
C GLY XB 210 38.65 -59.35 -56.57
N THR XB 211 38.13 -59.08 -57.77
CA THR XB 211 36.82 -58.45 -57.99
C THR XB 211 36.79 -57.00 -57.54
N ASN XB 212 35.99 -56.19 -58.23
CA ASN XB 212 35.76 -54.80 -57.86
C ASN XB 212 34.26 -54.57 -57.74
N LEU XB 213 33.87 -53.76 -56.76
CA LEU XB 213 32.46 -53.56 -56.46
C LEU XB 213 31.78 -52.76 -57.56
N LYS XB 214 30.66 -53.29 -58.05
CA LYS XB 214 29.82 -52.56 -58.97
C LYS XB 214 29.03 -51.50 -58.19
N GLN XB 215 28.60 -50.46 -58.92
CA GLN XB 215 27.91 -49.36 -58.27
C GLN XB 215 26.62 -49.81 -57.60
N GLN XB 216 26.00 -50.87 -58.11
CA GLN XB 216 24.81 -51.40 -57.46
C GLN XB 216 25.13 -51.93 -56.07
N GLU XB 217 26.26 -52.63 -55.94
CA GLU XB 217 26.66 -53.16 -54.64
C GLU XB 217 26.92 -52.04 -53.64
N VAL XB 218 27.64 -51.01 -54.07
CA VAL XB 218 27.92 -49.90 -53.15
C VAL XB 218 26.64 -49.16 -52.82
N ASP XB 219 25.70 -49.07 -53.76
CA ASP XB 219 24.42 -48.45 -53.46
C ASP XB 219 23.68 -49.25 -52.39
N SER XB 220 23.69 -50.57 -52.52
CA SER XB 220 23.04 -51.40 -51.50
C SER XB 220 23.70 -51.21 -50.14
N ILE XB 221 25.03 -51.18 -50.12
CA ILE XB 221 25.75 -51.03 -48.85
C ILE XB 221 25.43 -49.69 -48.21
N VAL XB 222 25.47 -48.62 -49.00
CA VAL XB 222 25.26 -47.28 -48.43
C VAL XB 222 23.83 -47.13 -47.96
N ASP XB 223 22.87 -47.69 -48.70
CA ASP XB 223 21.49 -47.61 -48.24
C ASP XB 223 21.29 -48.39 -46.96
N MET XB 224 21.90 -49.58 -46.86
CA MET XB 224 21.80 -50.36 -45.64
C MET XB 224 22.35 -49.59 -44.46
N VAL XB 225 23.55 -49.02 -44.62
CA VAL XB 225 24.18 -48.29 -43.52
C VAL XB 225 23.34 -47.08 -43.14
N ALA XB 226 22.90 -46.31 -44.13
CA ALA XB 226 22.15 -45.09 -43.85
C ALA XB 226 20.86 -45.41 -43.12
N SER XB 227 20.15 -46.44 -43.55
CA SER XB 227 18.92 -46.81 -42.86
C SER XB 227 19.18 -47.50 -41.53
N ALA XB 228 20.43 -47.92 -41.27
CA ALA XB 228 20.73 -48.55 -39.99
C ALA XB 228 20.73 -47.54 -38.85
N VAL XB 229 21.14 -46.30 -39.12
CA VAL XB 229 21.31 -45.29 -38.09
C VAL XB 229 20.23 -44.23 -38.24
N PRO XB 230 19.60 -43.77 -37.16
CA PRO XB 230 18.58 -42.72 -37.29
C PRO XB 230 19.17 -41.46 -37.90
N GLY XB 231 18.38 -40.82 -38.78
CA GLY XB 231 18.89 -39.69 -39.52
C GLY XB 231 19.85 -40.13 -40.61
N MET XB 232 20.92 -39.36 -40.78
CA MET XB 232 22.02 -39.62 -41.71
C MET XB 232 21.48 -40.06 -43.09
N LYS XB 233 20.92 -39.08 -43.78
CA LYS XB 233 20.61 -39.22 -45.20
C LYS XB 233 21.80 -39.79 -45.96
N THR XB 234 21.49 -40.58 -46.99
CA THR XB 234 22.48 -41.44 -47.63
C THR XB 234 23.63 -40.71 -48.32
N SER XB 235 23.61 -39.38 -48.34
CA SER XB 235 24.65 -38.63 -49.03
C SER XB 235 25.87 -38.36 -48.16
N ARG XB 236 25.88 -38.88 -46.93
CA ARG XB 236 26.95 -38.62 -45.97
C ARG XB 236 27.54 -39.93 -45.48
N ILE XB 237 27.85 -40.83 -46.42
CA ILE XB 237 28.49 -42.10 -46.10
C ILE XB 237 29.69 -42.26 -47.01
N THR XB 238 30.82 -42.64 -46.44
CA THR XB 238 32.03 -42.92 -47.21
C THR XB 238 32.29 -44.42 -47.19
N VAL XB 239 32.42 -45.02 -48.37
CA VAL XB 239 32.67 -46.44 -48.51
C VAL XB 239 33.93 -46.61 -49.34
N THR XB 240 34.87 -47.42 -48.84
CA THR XB 240 36.16 -47.56 -49.50
C THR XB 240 36.58 -49.02 -49.64
N ASP XB 241 37.81 -49.24 -50.10
CA ASP XB 241 38.32 -50.56 -50.37
C ASP XB 241 39.78 -50.63 -49.91
N GLN XB 242 40.32 -51.85 -49.87
CA GLN XB 242 41.70 -52.02 -49.43
C GLN XB 242 42.69 -51.39 -50.40
N HIS XB 243 42.39 -51.42 -51.69
CA HIS XB 243 43.25 -50.75 -52.66
C HIS XB 243 43.23 -49.24 -52.48
N GLY XB 244 42.16 -48.70 -51.90
CA GLY XB 244 42.12 -47.29 -51.58
C GLY XB 244 41.40 -46.41 -52.56
N ARG XB 245 40.68 -46.96 -53.54
CA ARG XB 245 39.88 -46.13 -54.43
C ARG XB 245 38.53 -45.83 -53.78
N LEU XB 246 38.13 -44.58 -53.82
CA LEU XB 246 36.93 -44.13 -53.15
C LEU XB 246 35.70 -44.62 -53.88
N LEU XB 247 34.72 -45.16 -53.15
CA LEU XB 247 33.51 -45.67 -53.74
C LEU XB 247 32.28 -44.84 -53.41
N SER XB 248 32.38 -43.87 -52.50
CA SER XB 248 31.23 -43.04 -52.16
C SER XB 248 31.74 -41.73 -51.57
N SER XB 249 31.04 -40.64 -51.90
CA SER XB 249 31.51 -39.30 -51.61
C SER XB 249 31.21 -38.92 -50.15
N GLY XB 250 31.53 -37.67 -49.81
CA GLY XB 250 31.26 -37.13 -48.49
C GLY XB 250 31.09 -35.63 -48.52
N PHE YB 148 20.13 -54.70 -12.22
CA PHE YB 148 20.13 -53.38 -11.59
C PHE YB 148 21.30 -52.55 -12.09
N GLY YB 149 21.00 -51.35 -12.59
CA GLY YB 149 22.02 -50.52 -13.21
C GLY YB 149 21.60 -50.12 -14.61
N VAL YB 150 20.64 -50.83 -15.18
CA VAL YB 150 20.08 -50.45 -16.47
C VAL YB 150 19.44 -49.07 -16.34
N SER YB 151 19.55 -48.27 -17.40
CA SER YB 151 19.20 -46.86 -17.34
C SER YB 151 18.49 -46.44 -18.63
N GLN YB 152 17.17 -46.59 -18.64
CA GLN YB 152 16.33 -46.09 -19.72
C GLN YB 152 16.90 -46.42 -21.09
N ARG YB 153 17.88 -45.64 -21.54
CA ARG YB 153 18.47 -45.83 -22.87
C ARG YB 153 18.85 -47.28 -23.11
N LEU YB 154 19.56 -47.88 -22.16
CA LEU YB 154 19.94 -49.27 -22.31
C LEU YB 154 18.71 -50.16 -22.40
N GLU YB 155 17.67 -49.84 -21.61
CA GLU YB 155 16.45 -50.63 -21.67
C GLU YB 155 15.81 -50.56 -23.04
N GLN YB 156 15.76 -49.37 -23.64
CA GLN YB 156 15.19 -49.24 -24.98
C GLN YB 156 16.04 -49.98 -26.02
N GLU YB 157 17.37 -49.89 -25.89
CA GLU YB 157 18.24 -50.60 -26.82
C GLU YB 157 18.01 -52.10 -26.72
N ARG YB 158 17.87 -52.61 -25.50
CA ARG YB 158 17.65 -54.04 -25.35
C ARG YB 158 16.27 -54.47 -25.82
N LEU YB 159 15.26 -53.60 -25.68
CA LEU YB 159 13.96 -53.93 -26.24
C LEU YB 159 14.00 -53.98 -27.76
N LYS YB 160 14.70 -53.02 -28.38
CA LYS YB 160 14.91 -53.09 -29.82
C LYS YB 160 15.64 -54.38 -30.19
N LEU YB 161 16.61 -54.78 -29.38
CA LEU YB 161 17.33 -56.01 -29.63
C LEU YB 161 16.39 -57.21 -29.58
N SER YB 162 15.50 -57.23 -28.59
CA SER YB 162 14.54 -58.34 -28.49
C SER YB 162 13.63 -58.39 -29.70
N ARG YB 163 13.14 -57.23 -30.13
CA ARG YB 163 12.25 -57.22 -31.29
C ARG YB 163 12.99 -57.65 -32.54
N GLU YB 164 14.25 -57.25 -32.69
CA GLU YB 164 15.04 -57.70 -33.83
C GLU YB 164 15.23 -59.20 -33.79
N ARG YB 165 15.50 -59.74 -32.60
CA ARG YB 165 15.70 -61.18 -32.47
C ARG YB 165 14.44 -61.94 -32.88
N GLN YB 166 13.28 -61.49 -32.40
CA GLN YB 166 12.05 -62.21 -32.73
C GLN YB 166 11.67 -62.04 -34.20
N LEU YB 167 11.93 -60.86 -34.78
CA LEU YB 167 11.67 -60.71 -36.21
C LEU YB 167 12.57 -61.60 -37.04
N ALA YB 168 13.85 -61.68 -36.69
CA ALA YB 168 14.75 -62.58 -37.42
C ALA YB 168 14.32 -64.03 -37.27
N GLN YB 169 13.92 -64.42 -36.06
CA GLN YB 169 13.44 -65.78 -35.85
C GLN YB 169 12.22 -66.06 -36.70
N ALA YB 170 11.32 -65.08 -36.84
CA ALA YB 170 10.16 -65.27 -37.70
C ALA YB 170 10.57 -65.39 -39.17
N ILE YB 171 11.48 -64.51 -39.62
CA ILE YB 171 11.87 -64.51 -41.03
C ILE YB 171 12.58 -65.79 -41.41
N GLU YB 172 13.26 -66.43 -40.45
CA GLU YB 172 14.00 -67.64 -40.77
C GLU YB 172 13.11 -68.76 -41.29
N GLU YB 173 11.81 -68.70 -41.00
CA GLU YB 173 10.90 -69.75 -41.44
C GLU YB 173 10.72 -69.79 -42.96
N MET YB 174 11.15 -68.76 -43.68
CA MET YB 174 10.96 -68.77 -45.13
C MET YB 174 11.78 -69.87 -45.78
N LYS YB 175 11.24 -70.41 -46.87
CA LYS YB 175 11.96 -71.44 -47.61
C LYS YB 175 13.24 -70.90 -48.21
N GLN YB 176 13.19 -69.69 -48.77
CA GLN YB 176 14.38 -69.10 -49.36
C GLN YB 176 15.36 -68.62 -48.29
N VAL YB 177 14.84 -68.11 -47.18
CA VAL YB 177 15.67 -67.46 -46.17
C VAL YB 177 16.41 -68.50 -45.36
N ARG YB 178 17.74 -68.42 -45.36
CA ARG YB 178 18.58 -69.27 -44.54
C ARG YB 178 19.09 -68.56 -43.29
N LYS YB 179 19.34 -67.25 -43.38
CA LYS YB 179 19.65 -66.44 -42.21
C LYS YB 179 19.20 -65.02 -42.49
N ALA YB 180 18.80 -64.31 -41.45
CA ALA YB 180 18.41 -62.91 -41.59
C ALA YB 180 18.66 -62.17 -40.30
N ARG YB 181 19.06 -60.90 -40.42
CA ARG YB 181 19.35 -60.06 -39.27
C ARG YB 181 18.79 -58.66 -39.53
N VAL YB 182 18.14 -58.10 -38.52
CA VAL YB 182 17.41 -56.85 -38.65
C VAL YB 182 18.07 -55.78 -37.80
N LEU YB 183 18.20 -54.58 -38.35
CA LEU YB 183 18.64 -53.42 -37.60
C LEU YB 183 17.60 -52.32 -37.75
N LEU YB 184 17.41 -51.53 -36.70
CA LEU YB 184 16.36 -50.53 -36.69
C LEU YB 184 16.94 -49.16 -36.40
N ALA YB 185 16.08 -48.15 -36.52
CA ALA YB 185 16.43 -46.78 -36.18
C ALA YB 185 15.15 -46.07 -35.74
N LEU YB 186 14.96 -46.00 -34.43
CA LEU YB 186 13.80 -45.31 -33.86
C LEU YB 186 14.27 -44.03 -33.18
N PRO YB 187 14.00 -42.87 -33.74
CA PRO YB 187 14.35 -41.62 -33.04
C PRO YB 187 13.41 -41.37 -31.87
N LYS YB 188 13.59 -40.24 -31.19
CA LYS YB 188 12.79 -39.91 -30.02
C LYS YB 188 11.73 -38.89 -30.41
N HIS YB 189 10.50 -39.09 -29.94
CA HIS YB 189 9.45 -38.12 -30.19
C HIS YB 189 9.82 -36.78 -29.59
N SER YB 190 9.67 -35.72 -30.38
CA SER YB 190 9.83 -34.39 -29.82
C SER YB 190 8.61 -34.04 -28.99
N VAL YB 191 8.83 -33.72 -27.72
CA VAL YB 191 7.70 -33.35 -26.81
C VAL YB 191 7.15 -32.02 -27.30
N PHE YB 192 7.85 -31.37 -28.24
CA PHE YB 192 7.43 -30.02 -28.71
C PHE YB 192 6.68 -30.12 -30.04
N VAL YB 193 5.94 -29.07 -30.39
CA VAL YB 193 5.10 -29.10 -31.62
C VAL YB 193 6.01 -28.92 -32.84
N ARG YB 194 6.78 -29.95 -33.17
CA ARG YB 194 7.70 -29.86 -34.33
C ARG YB 194 7.62 -31.15 -35.16
N HIS YB 195 8.67 -31.47 -35.91
CA HIS YB 195 8.66 -32.64 -36.77
C HIS YB 195 9.67 -33.65 -36.25
N ASN YB 196 9.30 -34.93 -36.31
CA ASN YB 196 10.15 -36.01 -35.82
C ASN YB 196 11.02 -36.54 -36.95
N GLN YB 197 12.18 -37.08 -36.57
CA GLN YB 197 13.11 -37.61 -37.56
C GLN YB 197 12.57 -38.85 -38.26
N GLU YB 198 11.57 -39.52 -37.67
CA GLU YB 198 10.92 -40.71 -38.22
C GLU YB 198 11.87 -41.91 -38.24
N ALA YB 199 11.29 -43.11 -38.25
CA ALA YB 199 12.05 -44.34 -38.07
C ALA YB 199 12.56 -44.87 -39.40
N SER YB 200 13.37 -45.93 -39.31
CA SER YB 200 13.93 -46.58 -40.48
C SER YB 200 14.39 -47.98 -40.10
N ALA YB 201 14.67 -48.80 -41.10
CA ALA YB 201 15.09 -50.17 -40.84
C ALA YB 201 15.98 -50.67 -41.95
N SER YB 202 16.77 -51.69 -41.64
CA SER YB 202 17.62 -52.37 -42.62
C SER YB 202 17.66 -53.84 -42.26
N VAL YB 203 17.09 -54.68 -43.10
CA VAL YB 203 17.05 -56.12 -42.85
C VAL YB 203 17.89 -56.81 -43.91
N PHE YB 204 18.90 -57.55 -43.47
CA PHE YB 204 19.79 -58.27 -44.35
C PHE YB 204 19.45 -59.74 -44.30
N LEU YB 205 19.47 -60.39 -45.45
CA LEU YB 205 19.13 -61.81 -45.54
C LEU YB 205 20.17 -62.53 -46.38
N THR YB 206 20.71 -63.61 -45.83
CA THR YB 206 21.46 -64.60 -46.60
C THR YB 206 20.50 -65.70 -46.96
N LEU YB 207 20.21 -65.83 -48.25
CA LEU YB 207 19.16 -66.71 -48.73
C LEU YB 207 19.63 -68.16 -48.67
N SER YB 208 18.86 -69.06 -49.28
CA SER YB 208 19.29 -70.45 -49.39
C SER YB 208 20.45 -70.55 -50.39
N THR YB 209 20.86 -71.79 -50.67
CA THR YB 209 21.99 -72.00 -51.58
C THR YB 209 21.76 -71.31 -52.92
N GLY YB 210 20.58 -71.51 -53.51
CA GLY YB 210 20.24 -70.85 -54.74
C GLY YB 210 19.09 -69.88 -54.57
N THR YB 211 18.20 -69.84 -55.56
CA THR YB 211 16.96 -69.06 -55.54
C THR YB 211 17.21 -67.56 -55.55
N ASN YB 212 16.27 -66.82 -56.13
CA ASN YB 212 16.27 -65.36 -56.10
C ASN YB 212 14.89 -64.90 -55.65
N LEU YB 213 14.88 -63.87 -54.80
CA LEU YB 213 13.62 -63.42 -54.21
C LEU YB 213 12.73 -62.77 -55.26
N LYS YB 214 11.49 -63.24 -55.34
CA LYS YB 214 10.53 -62.59 -56.20
C LYS YB 214 9.92 -61.40 -55.48
N GLN YB 215 9.42 -60.44 -56.27
CA GLN YB 215 8.96 -59.18 -55.71
C GLN YB 215 7.84 -59.38 -54.70
N GLN YB 216 7.01 -60.41 -54.90
CA GLN YB 216 5.96 -60.69 -53.93
C GLN YB 216 6.54 -61.04 -52.57
N GLU YB 217 7.62 -61.83 -52.56
CA GLU YB 217 8.23 -62.25 -51.30
C GLU YB 217 8.84 -61.06 -50.57
N VAL YB 218 9.60 -60.22 -51.28
CA VAL YB 218 10.21 -59.07 -50.64
C VAL YB 218 9.13 -58.09 -50.18
N ASP YB 219 8.04 -57.98 -50.94
CA ASP YB 219 6.95 -57.11 -50.52
C ASP YB 219 6.32 -57.62 -49.23
N SER YB 220 6.11 -58.93 -49.13
CA SER YB 220 5.59 -59.50 -47.90
C SER YB 220 6.53 -59.22 -46.73
N ILE YB 221 7.83 -59.40 -46.96
CA ILE YB 221 8.80 -59.20 -45.89
C ILE YB 221 8.80 -57.76 -45.42
N VAL YB 222 8.78 -56.80 -46.36
CA VAL YB 222 8.84 -55.41 -45.97
C VAL YB 222 7.56 -55.00 -45.25
N ASP YB 223 6.40 -55.50 -45.70
CA ASP YB 223 5.17 -55.17 -44.99
C ASP YB 223 5.19 -55.74 -43.57
N MET YB 224 5.64 -56.99 -43.41
CA MET YB 224 5.67 -57.59 -42.09
C MET YB 224 6.62 -56.82 -41.18
N VAL YB 225 7.80 -56.48 -41.67
CA VAL YB 225 8.77 -55.74 -40.86
C VAL YB 225 8.21 -54.37 -40.48
N ALA YB 226 7.63 -53.66 -41.45
CA ALA YB 226 7.11 -52.33 -41.16
C ALA YB 226 6.01 -52.37 -40.11
N SER YB 227 5.10 -53.34 -40.22
CA SER YB 227 4.03 -53.42 -39.23
C SER YB 227 4.47 -53.99 -37.90
N ALA YB 228 5.60 -54.71 -37.88
CA ALA YB 228 6.02 -55.38 -36.64
C ALA YB 228 6.42 -54.38 -35.57
N VAL YB 229 7.11 -53.32 -35.96
CA VAL YB 229 7.60 -52.31 -35.02
C VAL YB 229 6.80 -51.03 -35.24
N PRO YB 230 6.35 -50.37 -34.18
CA PRO YB 230 5.56 -49.14 -34.36
C PRO YB 230 6.32 -48.11 -35.17
N GLY YB 231 5.60 -47.42 -36.05
CA GLY YB 231 6.23 -46.48 -36.95
C GLY YB 231 6.86 -47.19 -38.14
N MET YB 232 7.99 -46.64 -38.58
CA MET YB 232 8.77 -47.12 -39.73
C MET YB 232 7.87 -47.51 -40.89
N LYS YB 233 7.28 -46.52 -41.54
CA LYS YB 233 6.47 -46.75 -42.74
C LYS YB 233 7.24 -47.56 -43.77
N THR YB 234 6.49 -48.24 -44.64
CA THR YB 234 7.05 -49.29 -45.49
C THR YB 234 8.13 -48.80 -46.43
N SER YB 235 8.22 -47.50 -46.69
CA SER YB 235 9.21 -46.98 -47.62
C SER YB 235 10.57 -46.76 -46.98
N ARG YB 236 10.70 -47.02 -45.67
CA ARG YB 236 11.94 -46.79 -44.93
C ARG YB 236 12.61 -48.10 -44.56
N ILE YB 237 12.29 -49.17 -45.29
CA ILE YB 237 12.86 -50.48 -45.03
C ILE YB 237 13.78 -50.82 -46.19
N THR YB 238 15.04 -51.11 -45.88
CA THR YB 238 16.02 -51.50 -46.88
C THR YB 238 16.27 -52.99 -46.75
N VAL YB 239 16.00 -53.73 -47.82
CA VAL YB 239 16.12 -55.18 -47.85
C VAL YB 239 17.22 -55.55 -48.84
N THR YB 240 18.16 -56.37 -48.41
CA THR YB 240 19.24 -56.81 -49.28
C THR YB 240 19.40 -58.32 -49.21
N ASP YB 241 20.42 -58.85 -49.89
CA ASP YB 241 20.62 -60.29 -49.93
C ASP YB 241 22.11 -60.60 -49.75
N GLN YB 242 22.41 -61.89 -49.62
CA GLN YB 242 23.80 -62.32 -49.45
C GLN YB 242 24.66 -61.93 -50.64
N HIS YB 243 24.07 -61.91 -51.84
CA HIS YB 243 24.81 -61.49 -53.02
C HIS YB 243 24.90 -59.97 -53.13
N GLY YB 244 24.06 -59.24 -52.42
CA GLY YB 244 24.09 -57.79 -52.46
C GLY YB 244 23.14 -57.14 -53.42
N ARG YB 245 22.14 -57.85 -53.92
CA ARG YB 245 21.13 -57.23 -54.76
C ARG YB 245 20.24 -56.33 -53.91
N LEU YB 246 20.13 -55.07 -54.28
CA LEU YB 246 19.32 -54.11 -53.54
C LEU YB 246 17.86 -54.35 -53.87
N LEU YB 247 17.04 -54.51 -52.84
CA LEU YB 247 15.65 -54.85 -53.05
C LEU YB 247 14.68 -53.76 -52.61
N SER YB 248 15.12 -52.81 -51.79
CA SER YB 248 14.28 -51.70 -51.38
C SER YB 248 15.16 -50.57 -50.89
N SER YB 249 14.99 -49.38 -51.45
CA SER YB 249 15.84 -48.25 -51.15
C SER YB 249 15.47 -47.64 -49.81
N GLY YB 250 16.08 -46.50 -49.50
CA GLY YB 250 15.81 -45.77 -48.28
C GLY YB 250 16.12 -44.29 -48.45
N PHE ZB 148 10.28 -57.34 -8.85
CA PHE ZB 148 10.55 -56.01 -8.36
C PHE ZB 148 11.55 -55.26 -9.22
N GLY ZB 149 11.40 -53.93 -9.28
CA GLY ZB 149 12.36 -53.07 -9.92
C GLY ZB 149 12.15 -52.83 -11.40
N VAL ZB 150 11.34 -53.66 -12.07
CA VAL ZB 150 11.13 -53.48 -13.50
C VAL ZB 150 10.38 -52.17 -13.76
N SER ZB 151 10.84 -51.42 -14.75
CA SER ZB 151 10.16 -50.20 -15.13
C SER ZB 151 8.87 -50.50 -15.88
N GLN ZB 152 8.01 -49.48 -15.99
CA GLN ZB 152 6.68 -49.66 -16.58
C GLN ZB 152 6.75 -50.20 -18.00
N ARG ZB 153 7.69 -49.69 -18.81
CA ARG ZB 153 7.79 -50.16 -20.18
C ARG ZB 153 8.04 -51.66 -20.23
N LEU ZB 154 8.90 -52.16 -19.34
CA LEU ZB 154 9.15 -53.60 -19.31
C LEU ZB 154 7.90 -54.36 -18.90
N GLU ZB 155 7.10 -53.78 -18.01
CA GLU ZB 155 5.83 -54.39 -17.62
C GLU ZB 155 4.91 -54.53 -18.83
N GLN ZB 156 4.78 -53.46 -19.60
CA GLN ZB 156 3.95 -53.51 -20.80
C GLN ZB 156 4.49 -54.56 -21.77
N GLU ZB 157 5.82 -54.62 -21.93
CA GLU ZB 157 6.40 -55.59 -22.84
C GLU ZB 157 6.10 -57.02 -22.38
N ARG ZB 158 6.17 -57.28 -21.08
CA ARG ZB 158 5.86 -58.61 -20.59
C ARG ZB 158 4.40 -58.95 -20.81
N LEU ZB 159 3.50 -57.98 -20.59
CA LEU ZB 159 2.10 -58.23 -20.90
C LEU ZB 159 1.89 -58.54 -22.37
N LYS ZB 160 2.57 -57.79 -23.23
CA LYS ZB 160 2.48 -58.06 -24.66
C LYS ZB 160 2.99 -59.45 -24.99
N LEU ZB 161 4.09 -59.85 -24.37
CA LEU ZB 161 4.63 -61.18 -24.62
C LEU ZB 161 3.64 -62.25 -24.21
N SER ZB 162 3.01 -62.07 -23.05
CA SER ZB 162 2.03 -63.06 -22.58
C SER ZB 162 0.85 -63.17 -23.54
N ARG ZB 163 0.28 -62.02 -23.94
CA ARG ZB 163 -0.87 -62.06 -24.83
C ARG ZB 163 -0.49 -62.61 -26.20
N GLU ZB 164 0.70 -62.27 -26.71
CA GLU ZB 164 1.15 -62.81 -27.98
C GLU ZB 164 1.32 -64.31 -27.92
N ARG ZB 165 1.88 -64.81 -26.81
CA ARG ZB 165 2.07 -66.24 -26.66
C ARG ZB 165 0.73 -66.97 -26.64
N GLN ZB 166 -0.24 -66.42 -25.90
CA GLN ZB 166 -1.53 -67.10 -25.84
C GLN ZB 166 -2.29 -67.01 -27.17
N LEU ZB 167 -2.11 -65.91 -27.92
CA LEU ZB 167 -2.68 -65.84 -29.25
C LEU ZB 167 -2.04 -66.88 -30.18
N ALA ZB 168 -0.72 -67.03 -30.11
CA ALA ZB 168 -0.06 -68.05 -30.91
C ALA ZB 168 -0.58 -69.43 -30.55
N GLN ZB 169 -0.74 -69.69 -29.24
CA GLN ZB 169 -1.29 -70.97 -28.81
C GLN ZB 169 -2.69 -71.19 -29.37
N ALA ZB 170 -3.51 -70.14 -29.39
CA ALA ZB 170 -4.85 -70.26 -29.97
C ALA ZB 170 -4.78 -70.58 -31.45
N ILE ZB 171 -3.84 -69.96 -32.17
CA ILE ZB 171 -3.71 -70.26 -33.59
C ILE ZB 171 -3.14 -71.66 -33.83
N GLU ZB 172 -2.46 -72.23 -32.82
CA GLU ZB 172 -1.92 -73.57 -32.98
C GLU ZB 172 -3.02 -74.59 -33.25
N GLU ZB 173 -4.15 -74.47 -32.54
CA GLU ZB 173 -5.23 -75.44 -32.64
C GLU ZB 173 -5.91 -75.45 -33.99
N MET ZB 174 -5.67 -74.45 -34.83
CA MET ZB 174 -6.21 -74.48 -36.19
C MET ZB 174 -5.62 -75.65 -36.96
N LYS ZB 175 -6.47 -76.29 -37.77
CA LYS ZB 175 -6.03 -77.48 -38.50
C LYS ZB 175 -4.97 -77.15 -39.54
N GLN ZB 176 -5.14 -76.02 -40.25
CA GLN ZB 176 -4.17 -75.64 -41.25
C GLN ZB 176 -2.89 -75.10 -40.63
N VAL ZB 177 -2.98 -74.57 -39.40
CA VAL ZB 177 -1.85 -73.92 -38.76
C VAL ZB 177 -1.08 -74.93 -37.93
N ARG ZB 178 0.24 -74.98 -38.13
CA ARG ZB 178 1.09 -75.76 -37.26
C ARG ZB 178 1.84 -74.91 -36.25
N LYS ZB 179 2.43 -73.80 -36.67
CA LYS ZB 179 3.14 -72.91 -35.77
C LYS ZB 179 2.75 -71.47 -36.05
N ALA ZB 180 2.68 -70.65 -35.01
CA ALA ZB 180 2.28 -69.26 -35.15
C ALA ZB 180 3.16 -68.37 -34.28
N ARG ZB 181 3.57 -67.23 -34.85
CA ARG ZB 181 4.33 -66.24 -34.10
C ARG ZB 181 3.67 -64.88 -34.26
N VAL ZB 182 3.57 -64.14 -33.16
CA VAL ZB 182 2.76 -62.93 -33.07
C VAL ZB 182 3.65 -61.75 -32.70
N LEU ZB 183 3.40 -60.60 -33.34
CA LEU ZB 183 4.05 -59.35 -33.00
C LEU ZB 183 3.01 -58.24 -32.96
N LEU ZB 184 3.11 -57.36 -31.97
CA LEU ZB 184 2.17 -56.27 -31.77
C LEU ZB 184 2.87 -54.93 -31.94
N ALA ZB 185 2.07 -53.88 -32.17
CA ALA ZB 185 2.60 -52.53 -32.33
C ALA ZB 185 1.67 -51.57 -31.63
N LEU ZB 186 2.17 -50.96 -30.53
CA LEU ZB 186 1.41 -50.14 -29.59
C LEU ZB 186 1.05 -48.78 -30.17
N PRO ZB 187 -0.04 -48.18 -29.70
CA PRO ZB 187 -0.49 -46.89 -30.21
C PRO ZB 187 0.06 -45.71 -29.41
N LYS ZB 188 -0.30 -44.50 -29.87
CA LYS ZB 188 0.07 -43.27 -29.18
C LYS ZB 188 -1.11 -42.41 -28.76
N HIS ZB 189 -2.21 -42.41 -29.51
CA HIS ZB 189 -3.45 -41.71 -29.14
C HIS ZB 189 -3.21 -40.21 -28.93
N SER ZB 190 -2.87 -39.55 -30.04
CA SER ZB 190 -2.72 -38.10 -30.08
C SER ZB 190 -3.84 -37.49 -30.91
N VAL ZB 191 -4.38 -36.37 -30.44
CA VAL ZB 191 -5.49 -35.73 -31.14
C VAL ZB 191 -5.06 -35.27 -32.52
N PHE ZB 192 -3.86 -34.69 -32.59
CA PHE ZB 192 -3.32 -34.20 -33.89
C PHE ZB 192 -3.23 -35.38 -34.87
N VAL ZB 193 -3.77 -35.20 -36.08
CA VAL ZB 193 -3.74 -36.28 -37.06
C VAL ZB 193 -2.31 -36.57 -37.49
N ARG ZB 194 -1.45 -35.55 -37.52
CA ARG ZB 194 -0.08 -35.73 -37.96
C ARG ZB 194 0.77 -36.53 -36.98
N HIS ZB 195 0.27 -36.82 -35.78
CA HIS ZB 195 1.07 -37.48 -34.77
C HIS ZB 195 0.49 -38.80 -34.27
N ASN ZB 196 -0.82 -39.02 -34.38
CA ASN ZB 196 -1.40 -40.28 -33.93
C ASN ZB 196 -0.93 -41.42 -34.82
N GLN ZB 197 -0.74 -42.60 -34.21
CA GLN ZB 197 -0.16 -43.74 -34.91
C GLN ZB 197 -1.08 -44.95 -34.96
N GLU ZB 198 -1.79 -45.24 -33.87
CA GLU ZB 198 -2.66 -46.41 -33.74
C GLU ZB 198 -1.85 -47.70 -33.73
N ALA ZB 199 -2.48 -48.82 -33.40
CA ALA ZB 199 -1.81 -50.09 -33.24
C ALA ZB 199 -1.71 -50.84 -34.57
N SER ZB 200 -0.96 -51.93 -34.55
CA SER ZB 200 -0.88 -52.82 -35.71
C SER ZB 200 -0.41 -54.19 -35.25
N ALA ZB 201 -0.42 -55.15 -36.16
CA ALA ZB 201 0.00 -56.50 -35.85
C ALA ZB 201 0.78 -57.09 -37.01
N SER ZB 202 1.60 -58.08 -36.70
CA SER ZB 202 2.37 -58.82 -37.70
C SER ZB 202 2.47 -60.26 -37.22
N VAL ZB 203 1.84 -61.19 -37.92
CA VAL ZB 203 1.78 -62.58 -37.50
C VAL ZB 203 2.29 -63.46 -38.62
N PHE ZB 204 3.14 -64.43 -38.26
CA PHE ZB 204 3.73 -65.37 -39.20
C PHE ZB 204 3.21 -66.77 -38.90
N LEU ZB 205 2.75 -67.45 -39.95
CA LEU ZB 205 2.15 -68.78 -39.82
C LEU ZB 205 2.98 -69.79 -40.58
N THR ZB 206 3.33 -70.88 -39.91
CA THR ZB 206 3.87 -72.08 -40.55
C THR ZB 206 2.73 -73.07 -40.63
N LEU ZB 207 2.22 -73.27 -41.84
CA LEU ZB 207 1.01 -74.06 -42.05
C LEU ZB 207 1.36 -75.53 -42.07
N SER ZB 208 0.42 -76.36 -42.49
CA SER ZB 208 0.71 -77.77 -42.72
C SER ZB 208 1.62 -77.92 -43.93
N THR ZB 209 2.07 -79.15 -44.17
CA THR ZB 209 3.00 -79.41 -45.26
C THR ZB 209 2.39 -79.02 -46.60
N GLY ZB 210 1.13 -79.36 -46.82
CA GLY ZB 210 0.43 -78.94 -48.00
C GLY ZB 210 -0.59 -77.87 -47.68
N THR ZB 211 -1.71 -77.86 -48.41
CA THR ZB 211 -2.85 -76.97 -48.18
C THR ZB 211 -2.54 -75.52 -48.53
N ASN ZB 212 -3.54 -74.81 -49.01
CA ASN ZB 212 -3.44 -73.40 -49.36
C ASN ZB 212 -4.50 -72.62 -48.61
N LEU ZB 213 -4.12 -71.46 -48.07
CA LEU ZB 213 -5.05 -70.67 -47.29
C LEU ZB 213 -6.08 -70.00 -48.19
N LYS ZB 214 -7.35 -70.10 -47.80
CA LYS ZB 214 -8.41 -69.40 -48.51
C LYS ZB 214 -8.59 -68.00 -47.93
N GLN ZB 215 -9.29 -67.16 -48.70
CA GLN ZB 215 -9.54 -65.80 -48.25
C GLN ZB 215 -10.38 -65.78 -46.97
N GLN ZB 216 -11.32 -66.71 -46.85
CA GLN ZB 216 -12.08 -66.84 -45.61
C GLN ZB 216 -11.15 -67.12 -44.43
N GLU ZB 217 -10.14 -67.96 -44.65
CA GLU ZB 217 -9.22 -68.31 -43.57
C GLU ZB 217 -8.47 -67.09 -43.08
N VAL ZB 218 -7.88 -66.32 -44.00
CA VAL ZB 218 -7.10 -65.17 -43.59
C VAL ZB 218 -7.99 -64.11 -42.97
N ASP ZB 219 -9.21 -63.96 -43.47
CA ASP ZB 219 -10.13 -63.00 -42.85
C ASP ZB 219 -10.50 -63.43 -41.43
N SER ZB 220 -10.73 -64.72 -41.22
CA SER ZB 220 -11.02 -65.19 -39.87
C SER ZB 220 -9.83 -64.95 -38.94
N ILE ZB 221 -8.62 -65.20 -39.43
CA ILE ZB 221 -7.43 -65.00 -38.61
C ILE ZB 221 -7.28 -63.53 -38.22
N VAL ZB 222 -7.44 -62.64 -39.20
CA VAL ZB 222 -7.25 -61.21 -38.91
C VAL ZB 222 -8.36 -60.71 -38.00
N ASP ZB 223 -9.58 -61.24 -38.15
CA ASP ZB 223 -10.66 -60.83 -37.26
C ASP ZB 223 -10.38 -61.26 -35.82
N MET ZB 224 -9.89 -62.49 -35.64
CA MET ZB 224 -9.55 -62.93 -34.29
C MET ZB 224 -8.43 -62.07 -33.71
N VAL ZB 225 -7.42 -61.76 -34.52
CA VAL ZB 225 -6.32 -60.93 -34.04
C VAL ZB 225 -6.83 -59.55 -33.63
N ALA ZB 226 -7.67 -58.95 -34.48
CA ALA ZB 226 -8.17 -57.61 -34.19
C ALA ZB 226 -9.00 -57.59 -32.91
N SER ZB 227 -9.86 -58.58 -32.73
CA SER ZB 227 -10.70 -58.59 -31.54
C SER ZB 227 -9.91 -58.96 -30.29
N ALA ZB 228 -8.76 -59.63 -30.44
CA ALA ZB 228 -7.99 -60.04 -29.28
C ALA ZB 228 -7.42 -58.84 -28.52
N VAL ZB 229 -6.88 -57.88 -29.24
CA VAL ZB 229 -6.12 -56.77 -28.67
C VAL ZB 229 -6.87 -55.48 -28.97
N PRO ZB 230 -7.07 -54.59 -27.99
CA PRO ZB 230 -7.86 -53.38 -28.23
C PRO ZB 230 -7.23 -52.54 -29.32
N GLY ZB 231 -8.08 -51.91 -30.12
CA GLY ZB 231 -7.60 -51.15 -31.25
C GLY ZB 231 -7.24 -52.05 -32.40
N MET ZB 232 -6.09 -51.81 -33.02
CA MET ZB 232 -5.55 -52.60 -34.12
C MET ZB 232 -6.64 -52.97 -35.12
N LYS ZB 233 -7.24 -51.93 -35.71
CA LYS ZB 233 -8.32 -52.15 -36.67
C LYS ZB 233 -7.84 -53.03 -37.82
N THR ZB 234 -8.68 -53.98 -38.22
CA THR ZB 234 -8.27 -54.99 -39.22
C THR ZB 234 -7.40 -54.37 -40.31
N SER ZB 235 -7.64 -53.12 -40.67
CA SER ZB 235 -6.90 -52.53 -41.82
C SER ZB 235 -5.39 -52.64 -41.62
N ARG ZB 236 -4.91 -52.76 -40.39
CA ARG ZB 236 -3.44 -52.73 -40.14
C ARG ZB 236 -2.94 -54.08 -39.59
N ILE ZB 237 -3.20 -55.19 -40.30
CA ILE ZB 237 -2.66 -56.50 -39.84
C ILE ZB 237 -1.95 -57.18 -41.02
N THR ZB 238 -0.66 -57.53 -40.87
CA THR ZB 238 0.09 -58.16 -41.93
C THR ZB 238 0.29 -59.63 -41.62
N VAL ZB 239 -0.19 -60.50 -42.50
CA VAL ZB 239 -0.14 -61.94 -42.32
C VAL ZB 239 0.57 -62.55 -43.52
N THR ZB 240 1.52 -63.43 -43.25
CA THR ZB 240 2.24 -64.13 -44.32
C THR ZB 240 2.41 -65.61 -43.99
N ASP ZB 241 3.15 -66.34 -44.81
CA ASP ZB 241 3.23 -67.79 -44.70
C ASP ZB 241 4.67 -68.24 -44.88
N GLN ZB 242 4.85 -69.56 -44.84
CA GLN ZB 242 6.18 -70.14 -44.99
C GLN ZB 242 6.78 -69.83 -46.34
N HIS ZB 243 5.99 -69.96 -47.41
CA HIS ZB 243 6.47 -69.65 -48.75
C HIS ZB 243 6.54 -68.15 -49.01
N GLY ZB 244 5.91 -67.34 -48.16
CA GLY ZB 244 6.06 -65.90 -48.23
C GLY ZB 244 5.03 -65.16 -49.04
N ARG ZB 245 3.91 -65.78 -49.38
CA ARG ZB 245 2.90 -65.09 -50.17
C ARG ZB 245 2.14 -64.10 -49.29
N LEU ZB 246 1.76 -62.97 -49.91
CA LEU ZB 246 1.05 -61.93 -49.18
C LEU ZB 246 -0.38 -62.37 -48.90
N LEU ZB 247 -0.81 -62.21 -47.64
CA LEU ZB 247 -2.17 -62.56 -47.24
C LEU ZB 247 -2.95 -61.39 -46.68
N SER ZB 248 -2.29 -60.36 -46.16
CA SER ZB 248 -2.97 -59.20 -45.61
C SER ZB 248 -1.98 -58.06 -45.49
N SER ZB 249 -2.40 -56.86 -45.88
CA SER ZB 249 -1.55 -55.69 -45.77
C SER ZB 249 -1.68 -55.02 -44.41
N GLY ZB 250 -0.70 -54.20 -44.08
CA GLY ZB 250 -0.72 -53.43 -42.85
C GLY ZB 250 -0.85 -51.95 -43.11
N PHE AC 148 2.58 -61.17 -2.44
CA PHE AC 148 2.93 -59.77 -2.36
C PHE AC 148 3.85 -59.40 -3.53
N GLY AC 149 4.18 -58.12 -3.63
CA GLY AC 149 5.04 -57.63 -4.68
C GLY AC 149 4.36 -57.38 -6.01
N VAL AC 150 3.05 -57.60 -6.10
CA VAL AC 150 2.30 -57.43 -7.34
C VAL AC 150 1.70 -56.04 -7.35
N SER AC 151 1.84 -55.35 -8.48
CA SER AC 151 1.58 -53.93 -8.56
C SER AC 151 0.43 -53.66 -9.52
N GLN AC 152 -0.77 -53.47 -8.97
CA GLN AC 152 -1.86 -52.84 -9.69
C GLN AC 152 -2.14 -53.53 -11.02
N ARG AC 153 -1.51 -53.03 -12.09
CA ARG AC 153 -1.76 -53.56 -13.42
C ARG AC 153 -1.65 -55.08 -13.47
N LEU AC 154 -0.54 -55.61 -12.95
CA LEU AC 154 -0.36 -57.05 -12.91
C LEU AC 154 -1.55 -57.72 -12.22
N GLU AC 155 -1.94 -57.20 -11.06
CA GLU AC 155 -3.08 -57.73 -10.34
C GLU AC 155 -4.30 -57.81 -11.25
N GLN AC 156 -4.56 -56.73 -12.01
CA GLN AC 156 -5.71 -56.73 -12.90
C GLN AC 156 -5.65 -57.89 -13.87
N GLU AC 157 -4.49 -58.13 -14.47
CA GLU AC 157 -4.36 -59.28 -15.36
C GLU AC 157 -4.70 -60.57 -14.62
N ARG AC 158 -4.14 -60.73 -13.43
CA ARG AC 158 -4.38 -61.95 -12.66
C ARG AC 158 -5.87 -62.12 -12.36
N LEU AC 159 -6.62 -61.02 -12.39
CA LEU AC 159 -8.07 -61.15 -12.34
C LEU AC 159 -8.60 -61.62 -13.68
N LYS AC 160 -8.39 -60.82 -14.73
CA LYS AC 160 -9.06 -61.05 -16.00
C LYS AC 160 -8.74 -62.43 -16.55
N LEU AC 161 -7.45 -62.78 -16.62
CA LEU AC 161 -7.06 -64.10 -17.09
C LEU AC 161 -7.82 -65.18 -16.34
N SER AC 162 -7.87 -65.09 -15.01
CA SER AC 162 -8.56 -66.11 -14.24
C SER AC 162 -10.01 -66.21 -14.68
N ARG AC 163 -10.67 -65.06 -14.85
CA ARG AC 163 -12.05 -65.08 -15.34
C ARG AC 163 -12.14 -65.88 -16.63
N GLU AC 164 -11.24 -65.62 -17.58
CA GLU AC 164 -11.25 -66.38 -18.82
C GLU AC 164 -11.27 -67.88 -18.54
N ARG AC 165 -10.39 -68.33 -17.64
CA ARG AC 165 -10.36 -69.75 -17.31
C ARG AC 165 -11.73 -70.23 -16.90
N GLN AC 166 -12.36 -69.56 -15.93
CA GLN AC 166 -13.64 -70.05 -15.47
C GLN AC 166 -14.70 -69.91 -16.56
N LEU AC 167 -14.63 -68.84 -17.35
CA LEU AC 167 -15.52 -68.77 -18.50
C LEU AC 167 -15.20 -69.89 -19.48
N ALA AC 168 -13.92 -70.14 -19.71
CA ALA AC 168 -13.55 -71.33 -20.47
C ALA AC 168 -14.12 -72.58 -19.81
N GLN AC 169 -14.08 -72.62 -18.48
CA GLN AC 169 -14.69 -73.73 -17.75
C GLN AC 169 -16.17 -73.84 -18.08
N ALA AC 170 -16.87 -72.71 -18.13
CA ALA AC 170 -18.29 -72.73 -18.42
C ALA AC 170 -18.57 -73.30 -19.80
N ILE AC 171 -17.58 -73.21 -20.70
CA ILE AC 171 -17.78 -73.73 -22.04
C ILE AC 171 -17.37 -75.19 -22.15
N GLU AC 172 -16.66 -75.72 -21.15
CA GLU AC 172 -16.30 -77.13 -21.18
C GLU AC 172 -17.52 -78.02 -21.01
N GLU AC 173 -18.45 -77.63 -20.13
CA GLU AC 173 -19.64 -78.43 -19.87
C GLU AC 173 -20.60 -78.50 -21.05
N MET AC 174 -20.45 -77.62 -22.03
CA MET AC 174 -21.28 -77.71 -23.22
C MET AC 174 -20.95 -78.99 -24.00
N LYS AC 175 -22.00 -79.58 -24.58
CA LYS AC 175 -21.81 -80.82 -25.32
C LYS AC 175 -20.91 -80.62 -26.53
N GLN AC 176 -21.06 -79.47 -27.20
CA GLN AC 176 -20.39 -79.25 -28.47
C GLN AC 176 -18.90 -78.93 -28.32
N VAL AC 177 -18.54 -78.20 -27.26
CA VAL AC 177 -17.18 -77.69 -27.12
C VAL AC 177 -16.36 -78.62 -26.25
N ARG AC 178 -15.16 -78.95 -26.70
CA ARG AC 178 -14.21 -79.71 -25.91
C ARG AC 178 -13.29 -78.82 -25.08
N LYS AC 179 -12.74 -77.76 -25.69
CA LYS AC 179 -11.82 -76.87 -25.01
C LYS AC 179 -12.12 -75.43 -25.40
N ALA AC 180 -11.98 -74.52 -24.45
CA ALA AC 180 -12.28 -73.10 -24.67
C ALA AC 180 -11.13 -72.24 -24.20
N ARG AC 181 -10.86 -71.18 -24.94
CA ARG AC 181 -9.88 -70.17 -24.55
C ARG AC 181 -10.42 -68.81 -24.94
N VAL AC 182 -10.65 -67.95 -23.96
CA VAL AC 182 -11.24 -66.64 -24.17
C VAL AC 182 -10.14 -65.60 -24.09
N LEU AC 183 -10.16 -64.65 -25.02
CA LEU AC 183 -9.23 -63.54 -25.05
C LEU AC 183 -10.03 -62.25 -24.89
N LEU AC 184 -9.64 -61.44 -23.92
CA LEU AC 184 -10.34 -60.20 -23.60
C LEU AC 184 -9.45 -59.00 -23.93
N ALA AC 185 -10.10 -57.88 -24.22
CA ALA AC 185 -9.42 -56.62 -24.51
C ALA AC 185 -10.19 -55.54 -23.77
N LEU AC 186 -9.73 -55.22 -22.56
CA LEU AC 186 -10.42 -54.26 -21.69
C LEU AC 186 -9.55 -53.03 -21.48
N PRO AC 187 -9.79 -51.93 -22.18
CA PRO AC 187 -9.07 -50.69 -21.91
C PRO AC 187 -9.59 -50.06 -20.62
N LYS AC 188 -8.97 -48.95 -20.23
CA LYS AC 188 -9.39 -48.20 -19.07
C LYS AC 188 -10.36 -47.09 -19.47
N HIS AC 189 -11.14 -46.62 -18.49
CA HIS AC 189 -12.09 -45.55 -18.75
C HIS AC 189 -11.38 -44.32 -19.31
N SER AC 190 -10.35 -43.85 -18.61
CA SER AC 190 -9.49 -42.78 -19.09
C SER AC 190 -10.31 -41.56 -19.51
N VAL AC 191 -10.88 -40.90 -18.51
CA VAL AC 191 -11.73 -39.74 -18.75
C VAL AC 191 -11.00 -38.66 -19.54
N PHE AC 192 -9.67 -38.65 -19.50
CA PHE AC 192 -8.87 -37.59 -20.11
C PHE AC 192 -8.63 -37.80 -21.60
N VAL AC 193 -8.99 -38.96 -22.15
CA VAL AC 193 -8.91 -39.22 -23.58
C VAL AC 193 -10.33 -39.33 -24.12
N ARG AC 194 -10.62 -38.59 -25.18
CA ARG AC 194 -11.95 -38.57 -25.76
C ARG AC 194 -12.22 -39.75 -26.68
N HIS AC 195 -11.21 -40.53 -27.04
CA HIS AC 195 -11.36 -41.65 -27.97
C HIS AC 195 -10.90 -42.92 -27.26
N ASN AC 196 -11.84 -43.73 -26.79
CA ASN AC 196 -11.53 -45.04 -26.25
C ASN AC 196 -11.70 -46.08 -27.36
N GLN AC 197 -10.70 -46.94 -27.52
CA GLN AC 197 -10.77 -47.98 -28.53
C GLN AC 197 -11.79 -49.06 -28.20
N GLU AC 198 -12.34 -49.06 -26.98
CA GLU AC 198 -13.45 -49.90 -26.58
C GLU AC 198 -13.03 -51.36 -26.42
N ALA AC 199 -13.73 -52.09 -25.56
CA ALA AC 199 -13.38 -53.46 -25.24
C ALA AC 199 -13.67 -54.38 -26.43
N SER AC 200 -13.17 -55.61 -26.34
CA SER AC 200 -13.43 -56.61 -27.37
C SER AC 200 -13.15 -57.99 -26.79
N ALA AC 201 -13.58 -59.01 -27.53
CA ALA AC 201 -13.35 -60.39 -27.13
C ALA AC 201 -13.17 -61.27 -28.34
N SER AC 202 -12.41 -62.35 -28.17
CA SER AC 202 -12.23 -63.35 -29.21
C SER AC 202 -12.07 -64.70 -28.53
N VAL AC 203 -12.91 -65.66 -28.90
CA VAL AC 203 -12.96 -66.95 -28.22
C VAL AC 203 -12.59 -68.04 -29.21
N PHE AC 204 -11.62 -68.87 -28.83
CA PHE AC 204 -11.20 -70.02 -29.62
C PHE AC 204 -11.71 -71.29 -28.97
N LEU AC 205 -12.40 -72.13 -29.72
CA LEU AC 205 -13.00 -73.35 -29.21
C LEU AC 205 -12.57 -74.54 -30.03
N THR AC 206 -12.17 -75.61 -29.35
CA THR AC 206 -12.04 -76.94 -29.95
C THR AC 206 -13.34 -77.67 -29.65
N LEU AC 207 -14.09 -78.00 -30.69
CA LEU AC 207 -15.39 -78.63 -30.54
C LEU AC 207 -15.24 -80.15 -30.48
N SER AC 208 -16.34 -80.86 -30.68
CA SER AC 208 -16.35 -82.31 -30.71
C SER AC 208 -15.73 -82.80 -32.02
N THR AC 209 -15.78 -84.12 -32.22
CA THR AC 209 -15.32 -84.70 -33.47
C THR AC 209 -16.15 -84.20 -34.65
N GLY AC 210 -17.47 -84.12 -34.47
CA GLY AC 210 -18.33 -83.62 -35.51
C GLY AC 210 -19.16 -82.43 -35.07
N THR AC 211 -20.46 -82.45 -35.40
CA THR AC 211 -21.44 -81.46 -34.98
C THR AC 211 -21.23 -80.11 -35.66
N ASN AC 212 -22.32 -79.37 -35.86
CA ASN AC 212 -22.25 -78.04 -36.42
C ASN AC 212 -23.36 -77.20 -35.81
N LEU AC 213 -23.14 -75.88 -35.79
CA LEU AC 213 -24.08 -74.92 -35.25
C LEU AC 213 -24.45 -73.93 -36.34
N LYS AC 214 -25.76 -73.76 -36.57
CA LYS AC 214 -26.19 -72.89 -37.67
C LYS AC 214 -26.13 -71.43 -37.26
N GLN AC 215 -27.01 -70.99 -36.37
CA GLN AC 215 -26.93 -69.63 -35.83
C GLN AC 215 -27.24 -69.61 -34.34
N GLN AC 216 -28.00 -70.61 -33.86
CA GLN AC 216 -28.53 -70.55 -32.51
C GLN AC 216 -27.42 -70.62 -31.46
N GLU AC 217 -26.55 -71.62 -31.57
CA GLU AC 217 -25.58 -71.85 -30.50
C GLU AC 217 -24.57 -70.71 -30.43
N VAL AC 218 -24.10 -70.25 -31.58
CA VAL AC 218 -23.11 -69.16 -31.59
C VAL AC 218 -23.70 -67.91 -30.96
N ASP AC 219 -24.96 -67.60 -31.28
CA ASP AC 219 -25.60 -66.42 -30.71
C ASP AC 219 -25.78 -66.57 -29.21
N SER AC 220 -26.21 -67.74 -28.75
CA SER AC 220 -26.37 -67.96 -27.32
C SER AC 220 -25.05 -67.78 -26.59
N ILE AC 221 -23.99 -68.35 -27.14
CA ILE AC 221 -22.69 -68.29 -26.48
C ILE AC 221 -22.16 -66.86 -26.47
N VAL AC 222 -22.31 -66.15 -27.59
CA VAL AC 222 -21.78 -64.78 -27.65
C VAL AC 222 -22.52 -63.90 -26.67
N ASP AC 223 -23.84 -64.10 -26.53
CA ASP AC 223 -24.58 -63.33 -25.53
C ASP AC 223 -24.14 -63.67 -24.13
N MET AC 224 -23.91 -64.95 -23.84
CA MET AC 224 -23.49 -65.34 -22.50
C MET AC 224 -22.15 -64.71 -22.15
N VAL AC 225 -21.20 -64.77 -23.08
CA VAL AC 225 -19.88 -64.18 -22.84
C VAL AC 225 -20.00 -62.67 -22.69
N ALA AC 226 -20.79 -62.03 -23.54
CA ALA AC 226 -20.94 -60.58 -23.46
C ALA AC 226 -21.53 -60.15 -22.12
N SER AC 227 -22.53 -60.88 -21.63
CA SER AC 227 -23.10 -60.55 -20.34
C SER AC 227 -22.20 -60.99 -19.19
N ALA AC 228 -21.20 -61.83 -19.46
CA ALA AC 228 -20.28 -62.24 -18.41
C ALA AC 228 -19.33 -61.10 -18.04
N VAL AC 229 -18.84 -60.36 -19.02
CA VAL AC 229 -17.82 -59.33 -18.82
C VAL AC 229 -18.49 -57.97 -18.82
N PRO AC 230 -18.22 -57.10 -17.84
CA PRO AC 230 -18.86 -55.78 -17.82
C PRO AC 230 -18.52 -54.97 -19.07
N GLY AC 231 -19.50 -54.22 -19.54
CA GLY AC 231 -19.32 -53.50 -20.80
C GLY AC 231 -19.26 -54.48 -21.95
N MET AC 232 -18.41 -54.15 -22.93
CA MET AC 232 -18.08 -55.01 -24.08
C MET AC 232 -19.33 -55.63 -24.71
N LYS AC 233 -20.20 -54.79 -25.27
CA LYS AC 233 -21.50 -55.22 -25.77
C LYS AC 233 -21.38 -56.37 -26.79
N THR AC 234 -22.50 -57.05 -27.03
CA THR AC 234 -22.49 -58.35 -27.68
C THR AC 234 -21.93 -58.30 -29.10
N SER AC 235 -21.94 -57.14 -29.75
CA SER AC 235 -21.50 -57.05 -31.14
C SER AC 235 -19.98 -56.99 -31.28
N ARG AC 236 -19.24 -57.10 -30.19
CA ARG AC 236 -17.79 -56.97 -30.21
C ARG AC 236 -17.11 -58.26 -29.77
N ILE AC 237 -17.58 -59.39 -30.28
CA ILE AC 237 -16.97 -60.69 -30.00
C ILE AC 237 -16.75 -61.43 -31.31
N THR AC 238 -15.55 -61.91 -31.52
CA THR AC 238 -15.24 -62.77 -32.66
C THR AC 238 -15.09 -64.20 -32.16
N VAL AC 239 -15.82 -65.13 -32.77
CA VAL AC 239 -15.82 -66.52 -32.37
C VAL AC 239 -15.15 -67.33 -33.48
N THR AC 240 -14.19 -68.18 -33.10
CA THR AC 240 -13.49 -69.02 -34.04
C THR AC 240 -13.47 -70.45 -33.53
N ASP AC 241 -13.30 -71.39 -34.45
CA ASP AC 241 -13.39 -72.81 -34.16
C ASP AC 241 -12.10 -73.47 -34.66
N GLN AC 242 -12.09 -74.80 -34.64
CA GLN AC 242 -10.94 -75.52 -35.18
C GLN AC 242 -10.89 -75.41 -36.70
N HIS AC 243 -12.05 -75.38 -37.36
CA HIS AC 243 -12.09 -75.31 -38.82
C HIS AC 243 -11.94 -73.89 -39.34
N GLY AC 244 -12.06 -72.88 -38.50
CA GLY AC 244 -11.77 -71.52 -38.91
C GLY AC 244 -12.87 -70.81 -39.65
N ARG AC 245 -14.08 -71.36 -39.70
CA ARG AC 245 -15.18 -70.63 -40.30
C ARG AC 245 -15.59 -69.48 -39.40
N LEU AC 246 -15.77 -68.30 -40.00
CA LEU AC 246 -16.07 -67.10 -39.24
C LEU AC 246 -17.42 -67.24 -38.55
N LEU AC 247 -17.47 -66.93 -37.26
CA LEU AC 247 -18.70 -67.11 -36.50
C LEU AC 247 -19.27 -65.82 -35.95
N SER AC 248 -18.49 -64.75 -35.86
CA SER AC 248 -19.00 -63.47 -35.38
C SER AC 248 -17.98 -62.38 -35.64
N SER AC 249 -18.45 -61.19 -36.01
CA SER AC 249 -17.58 -60.05 -36.25
C SER AC 249 -17.34 -59.28 -34.95
N GLY AC 250 -16.44 -58.31 -35.02
CA GLY AC 250 -16.11 -57.47 -33.89
C GLY AC 250 -15.15 -56.37 -34.26
N VAL BC 150 -3.06 -59.53 1.10
CA VAL BC 150 -4.34 -59.32 0.44
C VAL BC 150 -4.99 -58.05 0.98
N SER BC 151 -5.54 -57.24 0.07
CA SER BC 151 -6.19 -56.00 0.45
C SER BC 151 -7.06 -55.50 -0.69
N GLN BC 152 -8.20 -54.90 -0.34
CA GLN BC 152 -9.08 -54.21 -1.29
C GLN BC 152 -9.57 -55.14 -2.39
N ARG BC 153 -8.94 -55.09 -3.56
CA ARG BC 153 -9.48 -55.75 -4.73
C ARG BC 153 -9.60 -57.26 -4.52
N LEU BC 154 -8.58 -57.88 -3.94
CA LEU BC 154 -8.67 -59.31 -3.68
C LEU BC 154 -9.75 -59.61 -2.66
N GLU BC 155 -9.93 -58.72 -1.68
CA GLU BC 155 -10.98 -58.92 -0.69
C GLU BC 155 -12.37 -58.87 -1.33
N GLN BC 156 -12.60 -57.88 -2.19
CA GLN BC 156 -13.88 -57.78 -2.88
C GLN BC 156 -14.10 -58.96 -3.81
N GLU BC 157 -13.06 -59.39 -4.51
CA GLU BC 157 -13.18 -60.55 -5.39
C GLU BC 157 -13.51 -61.81 -4.60
N ARG BC 158 -12.88 -61.99 -3.44
CA ARG BC 158 -13.20 -63.14 -2.60
C ARG BC 158 -14.63 -63.06 -2.08
N LEU BC 159 -15.10 -61.87 -1.74
CA LEU BC 159 -16.48 -61.72 -1.31
C LEU BC 159 -17.44 -62.09 -2.43
N LYS BC 160 -17.14 -61.65 -3.66
CA LYS BC 160 -17.98 -62.01 -4.78
C LYS BC 160 -17.93 -63.51 -5.04
N LEU BC 161 -16.77 -64.13 -4.84
CA LEU BC 161 -16.68 -65.58 -4.95
C LEU BC 161 -17.57 -66.26 -3.91
N SER BC 162 -17.59 -65.72 -2.69
CA SER BC 162 -18.44 -66.27 -1.66
C SER BC 162 -19.91 -66.16 -2.05
N ARG BC 163 -20.29 -65.01 -2.63
CA ARG BC 163 -21.66 -64.85 -3.11
C ARG BC 163 -21.99 -65.87 -4.19
N GLU BC 164 -21.06 -66.07 -5.13
CA GLU BC 164 -21.29 -67.05 -6.18
C GLU BC 164 -21.44 -68.46 -5.60
N ARG BC 165 -20.59 -68.81 -4.64
CA ARG BC 165 -20.65 -70.13 -4.05
C ARG BC 165 -21.95 -70.36 -3.31
N GLN BC 166 -22.40 -69.35 -2.55
CA GLN BC 166 -23.65 -69.53 -1.81
C GLN BC 166 -24.87 -69.54 -2.73
N LEU BC 167 -24.87 -68.74 -3.80
CA LEU BC 167 -25.97 -68.82 -4.75
C LEU BC 167 -25.99 -70.16 -5.47
N ALA BC 168 -24.82 -70.67 -5.85
CA ALA BC 168 -24.77 -71.98 -6.48
C ALA BC 168 -25.25 -73.06 -5.53
N GLN BC 169 -24.84 -72.99 -4.25
CA GLN BC 169 -25.31 -73.96 -3.27
C GLN BC 169 -26.82 -73.91 -3.12
N ALA BC 170 -27.38 -72.69 -3.07
CA ALA BC 170 -28.84 -72.57 -2.96
C ALA BC 170 -29.52 -73.15 -4.19
N ILE BC 171 -28.98 -72.89 -5.38
CA ILE BC 171 -29.57 -73.40 -6.61
C ILE BC 171 -29.44 -74.92 -6.71
N GLU BC 172 -28.45 -75.51 -6.03
CA GLU BC 172 -28.29 -76.97 -6.10
C GLU BC 172 -29.55 -77.71 -5.66
N GLU BC 173 -30.37 -77.08 -4.81
CA GLU BC 173 -31.57 -77.73 -4.30
C GLU BC 173 -32.63 -77.94 -5.37
N MET BC 174 -32.49 -77.34 -6.54
CA MET BC 174 -33.51 -77.49 -7.58
C MET BC 174 -33.59 -78.92 -8.06
N LYS BC 175 -34.81 -79.37 -8.35
CA LYS BC 175 -35.02 -80.74 -8.78
C LYS BC 175 -34.37 -81.02 -10.12
N GLN BC 176 -34.50 -80.08 -11.07
CA GLN BC 176 -34.03 -80.32 -12.43
C GLN BC 176 -32.52 -80.14 -12.56
N VAL BC 177 -31.97 -79.14 -11.89
CA VAL BC 177 -30.58 -78.73 -12.08
C VAL BC 177 -29.67 -79.63 -11.26
N ARG BC 178 -28.62 -80.14 -11.89
CA ARG BC 178 -27.64 -80.96 -11.18
C ARG BC 178 -26.48 -80.13 -10.63
N LYS BC 179 -26.03 -79.14 -11.38
CA LYS BC 179 -24.90 -78.31 -10.97
C LYS BC 179 -25.15 -76.87 -11.40
N ALA BC 180 -24.60 -75.92 -10.64
CA ALA BC 180 -24.76 -74.51 -10.95
C ALA BC 180 -23.40 -73.81 -10.85
N ARG BC 181 -23.13 -72.94 -11.81
CA ARG BC 181 -21.94 -72.10 -11.79
C ARG BC 181 -22.32 -70.72 -12.32
N VAL BC 182 -22.21 -69.70 -11.47
CA VAL BC 182 -22.64 -68.35 -11.81
C VAL BC 182 -21.42 -67.44 -11.79
N LEU BC 183 -21.23 -66.67 -12.85
CA LEU BC 183 -20.16 -65.68 -12.94
C LEU BC 183 -20.76 -64.29 -12.80
N LEU BC 184 -20.18 -63.51 -11.91
CA LEU BC 184 -20.68 -62.19 -11.56
C LEU BC 184 -19.79 -61.12 -12.18
N ALA BC 201 -24.36 -60.76 -15.15
CA ALA BC 201 -23.94 -62.09 -14.75
C ALA BC 201 -24.19 -63.07 -15.88
N SER BC 202 -23.51 -64.20 -15.82
CA SER BC 202 -23.74 -65.32 -16.73
C SER BC 202 -23.80 -66.59 -15.90
N VAL BC 203 -24.94 -67.25 -15.87
CA VAL BC 203 -25.17 -68.40 -15.01
C VAL BC 203 -25.37 -69.61 -15.89
N PHE BC 204 -24.50 -70.61 -15.72
CA PHE BC 204 -24.55 -71.86 -16.46
C PHE BC 204 -24.93 -72.98 -15.53
N LEU BC 205 -25.96 -73.75 -15.90
CA LEU BC 205 -26.47 -74.83 -15.07
C LEU BC 205 -26.46 -76.13 -15.86
N THR BC 206 -26.05 -77.20 -15.18
CA THR BC 206 -26.18 -78.56 -15.68
C THR BC 206 -27.44 -79.15 -15.08
N LEU BC 207 -28.40 -79.50 -15.94
CA LEU BC 207 -29.72 -79.95 -15.52
C LEU BC 207 -29.71 -81.47 -15.32
N SER BC 208 -30.90 -82.06 -15.21
CA SER BC 208 -31.01 -83.50 -15.10
C SER BC 208 -30.68 -84.16 -16.44
N THR BC 209 -30.85 -85.49 -16.49
CA THR BC 209 -30.48 -86.24 -17.69
C THR BC 209 -31.30 -85.78 -18.89
N GLY BC 210 -32.59 -85.55 -18.70
CA GLY BC 210 -33.43 -84.99 -19.76
C GLY BC 210 -33.98 -83.64 -19.37
N THR BC 211 -35.28 -83.43 -19.60
CA THR BC 211 -36.03 -82.26 -19.15
C THR BC 211 -35.59 -80.97 -19.85
N ASN BC 212 -36.53 -80.03 -19.99
CA ASN BC 212 -36.26 -78.67 -20.43
C ASN BC 212 -36.95 -77.70 -19.47
N LEU BC 213 -36.27 -76.61 -19.16
CA LEU BC 213 -36.84 -75.63 -18.24
C LEU BC 213 -37.99 -74.88 -18.90
N LYS BC 214 -39.03 -74.63 -18.13
CA LYS BC 214 -40.15 -73.82 -18.56
C LYS BC 214 -39.86 -72.35 -18.31
N GLN BC 215 -40.75 -71.49 -18.80
CA GLN BC 215 -40.56 -70.06 -18.62
C GLN BC 215 -40.62 -69.67 -17.15
N GLN BC 216 -41.52 -70.29 -16.39
CA GLN BC 216 -41.66 -69.94 -14.98
C GLN BC 216 -40.39 -70.26 -14.19
N GLU BC 217 -39.76 -71.40 -14.50
CA GLU BC 217 -38.54 -71.79 -13.78
C GLU BC 217 -37.43 -70.77 -13.97
N VAL BC 218 -37.14 -70.43 -15.23
CA VAL BC 218 -36.07 -69.48 -15.51
C VAL BC 218 -36.43 -68.10 -14.98
N ASP BC 219 -37.71 -67.72 -15.03
CA ASP BC 219 -38.12 -66.44 -14.46
C ASP BC 219 -37.87 -66.40 -12.95
N SER BC 220 -38.21 -67.48 -12.25
CA SER BC 220 -37.93 -67.54 -10.83
C SER BC 220 -36.42 -67.46 -10.55
N ILE BC 221 -35.63 -68.16 -11.37
CA ILE BC 221 -34.19 -68.18 -11.18
C ILE BC 221 -33.61 -66.78 -11.35
N VAL BC 222 -34.04 -66.08 -12.41
CA VAL BC 222 -33.49 -64.75 -12.67
C VAL BC 222 -33.94 -63.77 -11.59
N ASP BC 223 -35.18 -63.90 -11.10
CA ASP BC 223 -35.60 -63.03 -10.01
C ASP BC 223 -34.78 -63.28 -8.76
N MET BC 224 -34.52 -64.55 -8.43
CA MET BC 224 -33.70 -64.87 -7.26
C MET BC 224 -32.29 -64.30 -7.41
N VAL BC 225 -31.69 -64.48 -8.58
CA VAL BC 225 -30.33 -63.98 -8.81
C VAL BC 225 -30.29 -62.47 -8.70
N ALA BC 226 -31.27 -61.79 -9.28
CA ALA BC 226 -31.31 -60.34 -9.21
C ALA BC 226 -31.45 -59.87 -7.77
N SER BC 227 -32.30 -60.54 -6.98
CA SER BC 227 -32.47 -60.13 -5.59
C SER BC 227 -31.27 -60.49 -4.73
N ALA BC 228 -30.43 -61.42 -5.17
CA ALA BC 228 -29.28 -61.83 -4.35
C ALA BC 228 -28.20 -60.75 -4.33
N VAL BC 229 -27.84 -60.21 -5.49
CA VAL BC 229 -26.70 -59.30 -5.61
C VAL BC 229 -27.21 -57.87 -5.67
N PRO BC 230 -26.55 -56.91 -5.00
CA PRO BC 230 -27.01 -55.51 -5.10
C PRO BC 230 -26.76 -54.91 -6.47
N GLY BC 231 -27.44 -55.46 -7.48
CA GLY BC 231 -27.28 -54.99 -8.84
C GLY BC 231 -27.86 -55.99 -9.81
N MET BC 232 -27.34 -55.96 -11.05
CA MET BC 232 -27.68 -56.92 -12.09
C MET BC 232 -29.20 -56.97 -12.29
N LYS BC 233 -29.73 -55.86 -12.80
CA LYS BC 233 -31.14 -55.79 -13.13
C LYS BC 233 -31.54 -56.98 -13.99
N THR BC 234 -32.67 -57.62 -13.61
CA THR BC 234 -33.09 -58.91 -14.13
C THR BC 234 -32.92 -59.06 -15.63
N SER BC 235 -33.11 -57.98 -16.37
CA SER BC 235 -33.04 -58.00 -17.83
C SER BC 235 -31.61 -58.26 -18.32
N ARG BC 236 -30.63 -58.17 -17.43
CA ARG BC 236 -29.22 -58.30 -17.77
C ARG BC 236 -28.63 -59.60 -17.24
N ILE BC 237 -29.40 -60.69 -17.31
CA ILE BC 237 -28.94 -62.00 -16.88
C ILE BC 237 -29.06 -62.95 -18.05
N THR BC 238 -27.99 -63.71 -18.32
CA THR BC 238 -27.99 -64.72 -19.36
C THR BC 238 -27.94 -66.10 -18.72
N VAL BC 239 -28.87 -66.97 -19.11
CA VAL BC 239 -29.00 -68.30 -18.55
C VAL BC 239 -28.75 -69.32 -19.65
N THR BC 240 -27.86 -70.27 -19.38
CA THR BC 240 -27.49 -71.30 -20.34
C THR BC 240 -27.65 -72.67 -19.69
N ASP BC 241 -27.37 -73.71 -20.48
CA ASP BC 241 -27.56 -75.08 -20.02
C ASP BC 241 -26.64 -75.99 -20.83
N GLN BC 242 -26.77 -77.30 -20.59
CA GLN BC 242 -25.86 -78.27 -21.21
C GLN BC 242 -26.03 -78.30 -22.72
N HIS BC 243 -27.26 -78.23 -23.21
CA HIS BC 243 -27.48 -78.26 -24.65
C HIS BC 243 -27.17 -76.93 -25.32
N GLY BC 244 -27.02 -75.85 -24.55
CA GLY BC 244 -26.57 -74.58 -25.09
C GLY BC 244 -27.66 -73.61 -25.49
N ARG BC 245 -28.90 -73.81 -25.05
CA ARG BC 245 -29.98 -72.90 -25.38
C ARG BC 245 -29.97 -71.69 -24.46
N LEU BC 246 -30.26 -70.52 -25.02
CA LEU BC 246 -30.30 -69.28 -24.25
C LEU BC 246 -31.72 -69.06 -23.73
N LEU BC 247 -31.81 -68.66 -22.46
CA LEU BC 247 -33.11 -68.47 -21.83
C LEU BC 247 -33.44 -67.03 -21.51
N SER BC 248 -32.45 -66.13 -21.50
CA SER BC 248 -32.70 -64.74 -21.18
C SER BC 248 -31.62 -63.88 -21.79
N SER BC 249 -32.02 -62.73 -22.32
CA SER BC 249 -31.10 -61.87 -23.05
C SER BC 249 -30.27 -61.03 -22.08
N GLY BC 250 -29.36 -60.25 -22.65
CA GLY BC 250 -28.48 -59.39 -21.88
C GLY BC 250 -27.40 -58.79 -22.75
N GLY CC 149 -5.55 -59.27 12.59
CA GLY CC 149 -6.52 -60.34 12.48
C GLY CC 149 -7.56 -60.08 11.41
N VAL CC 150 -8.81 -60.50 11.68
CA VAL CC 150 -9.89 -60.28 10.73
C VAL CC 150 -10.13 -58.80 10.54
N SER CC 151 -10.50 -58.43 9.31
CA SER CC 151 -10.66 -57.02 8.95
C SER CC 151 -12.12 -56.62 9.02
N GLN CC 152 -12.42 -55.39 8.61
CA GLN CC 152 -13.74 -54.81 8.72
C GLN CC 152 -14.75 -55.46 7.77
N ARG CC 153 -14.38 -55.59 6.50
CA ARG CC 153 -15.27 -56.16 5.49
C ARG CC 153 -15.66 -57.58 5.85
N LEU CC 154 -14.68 -58.38 6.26
CA LEU CC 154 -14.97 -59.75 6.66
C LEU CC 154 -15.90 -59.78 7.86
N GLU CC 155 -15.73 -58.84 8.79
CA GLU CC 155 -16.60 -58.81 9.96
C GLU CC 155 -18.03 -58.46 9.58
N GLN CC 156 -18.21 -57.52 8.64
CA GLN CC 156 -19.55 -57.21 8.17
C GLN CC 156 -20.19 -58.41 7.48
N GLU CC 157 -19.43 -59.11 6.64
CA GLU CC 157 -19.97 -60.28 5.97
C GLU CC 157 -20.31 -61.38 6.97
N ARG CC 158 -19.48 -61.55 8.00
CA ARG CC 158 -19.77 -62.55 9.03
C ARG CC 158 -20.99 -62.18 9.84
N LEU CC 159 -21.18 -60.89 10.12
CA LEU CC 159 -22.40 -60.46 10.81
C LEU CC 159 -23.62 -60.74 9.95
N LYS CC 160 -23.54 -60.47 8.64
CA LYS CC 160 -24.66 -60.77 7.76
C LYS CC 160 -24.95 -62.27 7.74
N LEU CC 161 -23.90 -63.10 7.68
CA LEU CC 161 -24.10 -64.53 7.69
C LEU CC 161 -24.72 -65.00 9.00
N SER CC 162 -24.29 -64.42 10.13
CA SER CC 162 -24.87 -64.80 11.42
C SER CC 162 -26.35 -64.42 11.46
N ARG CC 163 -26.69 -63.24 10.94
CA ARG CC 163 -28.10 -62.85 10.88
C ARG CC 163 -28.91 -63.82 10.03
N GLU CC 164 -28.37 -64.21 8.87
CA GLU CC 164 -29.08 -65.13 8.01
C GLU CC 164 -29.23 -66.50 8.68
N ARG CC 165 -28.20 -66.94 9.39
CA ARG CC 165 -28.27 -68.23 10.09
C ARG CC 165 -29.33 -68.20 11.19
N GLN CC 166 -29.37 -67.12 11.98
CA GLN CC 166 -30.36 -67.06 13.05
C GLN CC 166 -31.77 -66.92 12.48
N LEU CC 167 -31.92 -66.18 11.36
CA LEU CC 167 -33.23 -66.11 10.73
C LEU CC 167 -33.68 -67.47 10.19
N ALA CC 168 -32.76 -68.22 9.56
CA ALA CC 168 -33.12 -69.54 9.08
C ALA CC 168 -33.50 -70.46 10.23
N GLN CC 169 -32.73 -70.41 11.33
CA GLN CC 169 -33.07 -71.21 12.50
C GLN CC 169 -34.45 -70.84 13.04
N ALA CC 170 -34.79 -69.55 13.03
CA ALA CC 170 -36.12 -69.14 13.43
C ALA CC 170 -37.18 -69.70 12.48
N ILE CC 171 -36.85 -69.75 11.19
CA ILE CC 171 -37.80 -70.26 10.19
C ILE CC 171 -38.06 -71.75 10.37
N GLU CC 172 -37.03 -72.51 10.78
CA GLU CC 172 -37.15 -73.96 10.81
C GLU CC 172 -38.31 -74.44 11.69
N GLU CC 173 -38.65 -73.68 12.73
CA GLU CC 173 -39.70 -74.10 13.66
C GLU CC 173 -41.09 -74.08 13.03
N MET CC 174 -41.23 -73.51 11.82
CA MET CC 174 -42.55 -73.43 11.20
C MET CC 174 -43.04 -74.82 10.81
N LYS CC 175 -44.37 -74.95 10.74
CA LYS CC 175 -44.98 -76.25 10.49
C LYS CC 175 -44.74 -76.70 9.05
N GLN CC 176 -44.96 -75.81 8.08
CA GLN CC 176 -44.96 -76.22 6.68
C GLN CC 176 -43.54 -76.45 6.16
N VAL CC 177 -42.60 -75.58 6.51
CA VAL CC 177 -41.28 -75.58 5.91
C VAL CC 177 -40.36 -76.55 6.63
N ARG CC 178 -39.39 -77.09 5.91
CA ARG CC 178 -38.38 -77.98 6.49
C ARG CC 178 -37.03 -77.30 6.64
N LYS CC 179 -36.53 -76.65 5.59
CA LYS CC 179 -35.22 -76.02 5.64
C LYS CC 179 -35.24 -74.71 4.85
N ALA CC 180 -34.48 -73.73 5.33
CA ALA CC 180 -34.48 -72.40 4.75
C ALA CC 180 -33.07 -71.83 4.66
N ARG CC 181 -32.84 -71.02 3.62
CA ARG CC 181 -31.57 -70.33 3.41
C ARG CC 181 -31.86 -68.90 3.02
N VAL CC 182 -31.28 -67.95 3.74
CA VAL CC 182 -31.51 -66.53 3.53
C VAL CC 182 -30.21 -65.89 3.06
N LEU CC 183 -30.31 -65.04 2.04
CA LEU CC 183 -29.21 -64.25 1.54
C LEU CC 183 -29.56 -62.77 1.62
N LEU CC 184 -28.58 -61.95 1.99
CA LEU CC 184 -28.80 -60.53 2.18
C LEU CC 184 -27.82 -59.75 1.31
N ALA CC 185 -28.18 -58.50 1.04
CA ALA CC 185 -27.31 -57.59 0.29
C ALA CC 185 -27.51 -56.19 0.88
N LEU CC 186 -26.56 -55.76 1.69
CA LEU CC 186 -26.65 -54.48 2.39
C LEU CC 186 -25.56 -53.55 1.90
N PRO CC 187 -25.91 -52.42 1.25
CA PRO CC 187 -24.93 -51.44 0.76
C PRO CC 187 -24.20 -50.73 1.90
N GLU CC 198 -30.11 -49.63 -2.33
CA GLU CC 198 -31.19 -50.21 -1.57
C GLU CC 198 -30.88 -51.64 -1.15
N ALA CC 199 -31.14 -51.95 0.13
CA ALA CC 199 -30.94 -53.28 0.67
C ALA CC 199 -31.83 -54.29 -0.05
N SER CC 200 -31.33 -55.51 -0.24
CA SER CC 200 -32.06 -56.54 -0.94
C SER CC 200 -31.95 -57.85 -0.15
N ALA CC 201 -32.92 -58.73 -0.34
CA ALA CC 201 -32.90 -60.00 0.37
C ALA CC 201 -33.48 -61.08 -0.52
N SER CC 202 -33.09 -62.31 -0.24
CA SER CC 202 -33.58 -63.47 -0.98
C SER CC 202 -33.76 -64.61 0.01
N VAL CC 203 -34.89 -65.31 -0.10
CA VAL CC 203 -35.22 -66.42 0.78
C VAL CC 203 -35.51 -67.65 -0.06
N PHE CC 204 -34.87 -68.77 0.28
CA PHE CC 204 -35.07 -70.03 -0.39
C PHE CC 204 -35.55 -71.04 0.64
N LEU CC 205 -36.61 -71.79 0.30
CA LEU CC 205 -37.20 -72.74 1.24
C LEU CC 205 -37.47 -74.07 0.57
N THR CC 206 -37.15 -75.15 1.28
CA THR CC 206 -37.66 -76.47 0.97
C THR CC 206 -38.66 -76.84 2.06
N LEU CC 207 -39.90 -77.09 1.67
CA LEU CC 207 -41.02 -77.23 2.58
C LEU CC 207 -41.15 -78.67 3.04
N SER CC 208 -42.33 -79.02 3.55
CA SER CC 208 -42.64 -80.40 3.92
C SER CC 208 -42.72 -81.26 2.65
N THR CC 209 -43.04 -82.54 2.86
CA THR CC 209 -43.05 -83.49 1.75
C THR CC 209 -43.95 -83.03 0.62
N GLY CC 210 -45.15 -82.54 0.95
CA GLY CC 210 -46.04 -82.02 -0.06
C GLY CC 210 -46.37 -80.56 0.13
N THR CC 211 -47.66 -80.21 0.03
CA THR CC 211 -48.22 -78.91 0.39
C THR CC 211 -47.76 -77.78 -0.51
N ASN CC 212 -48.60 -76.76 -0.65
CA ASN CC 212 -48.26 -75.50 -1.30
C ASN CC 212 -48.59 -74.37 -0.35
N LEU CC 213 -47.69 -73.41 -0.24
CA LEU CC 213 -47.91 -72.28 0.66
C LEU CC 213 -48.91 -71.30 0.06
N LYS CC 214 -49.93 -70.96 0.84
CA LYS CC 214 -50.88 -69.94 0.41
C LYS CC 214 -50.24 -68.56 0.53
N GLN CC 215 -50.90 -67.58 -0.08
CA GLN CC 215 -50.33 -66.24 -0.15
C GLN CC 215 -50.12 -65.64 1.24
N GLN CC 216 -50.97 -66.00 2.20
CA GLN CC 216 -50.78 -65.53 3.57
C GLN CC 216 -49.46 -66.01 4.15
N GLU CC 217 -49.11 -67.27 3.92
CA GLU CC 217 -47.90 -67.82 4.53
C GLU CC 217 -46.65 -67.16 3.97
N VAL CC 218 -46.56 -67.06 2.65
CA VAL CC 218 -45.40 -66.41 2.03
C VAL CC 218 -45.38 -64.93 2.38
N ASP CC 219 -46.55 -64.29 2.49
CA ASP CC 219 -46.59 -62.89 2.86
C ASP CC 219 -46.08 -62.67 4.28
N SER CC 220 -46.47 -63.54 5.22
CA SER CC 220 -45.96 -63.44 6.58
C SER CC 220 -44.45 -63.66 6.62
N ILE CC 221 -43.97 -64.64 5.84
CA ILE CC 221 -42.54 -64.89 5.78
C ILE CC 221 -41.79 -63.65 5.30
N VAL CC 222 -42.25 -63.07 4.18
CA VAL CC 222 -41.53 -61.95 3.60
C VAL CC 222 -41.62 -60.73 4.51
N ASP CC 223 -42.76 -60.53 5.17
CA ASP CC 223 -42.90 -59.39 6.07
C ASP CC 223 -41.96 -59.52 7.27
N MET CC 224 -41.88 -60.72 7.86
CA MET CC 224 -40.94 -60.93 8.97
C MET CC 224 -39.50 -60.75 8.51
N VAL CC 225 -39.17 -61.25 7.33
CA VAL CC 225 -37.81 -61.09 6.81
C VAL CC 225 -37.49 -59.62 6.63
N ALA CC 226 -38.39 -58.87 6.00
CA ALA CC 226 -38.16 -57.45 5.75
C ALA CC 226 -38.01 -56.69 7.04
N SER CC 227 -38.84 -56.99 8.04
CA SER CC 227 -38.71 -56.32 9.32
C SER CC 227 -37.42 -56.70 10.03
N ALA CC 228 -36.90 -57.89 9.77
CA ALA CC 228 -35.70 -58.35 10.47
C ALA CC 228 -34.47 -57.52 10.12
N VAL CC 229 -34.31 -57.18 8.84
CA VAL CC 229 -33.10 -56.53 8.35
C VAL CC 229 -33.38 -55.05 8.10
N PRO CC 230 -32.51 -54.14 8.51
CA PRO CC 230 -32.78 -52.71 8.30
C PRO CC 230 -32.95 -52.37 6.84
N GLY CC 231 -33.86 -51.44 6.56
CA GLY CC 231 -34.17 -51.11 5.18
C GLY CC 231 -34.99 -52.22 4.54
N MET CC 232 -34.76 -52.42 3.24
CA MET CC 232 -35.38 -53.48 2.44
C MET CC 232 -36.88 -53.60 2.71
N LYS CC 233 -37.60 -52.58 2.23
CA LYS CC 233 -39.05 -52.60 2.26
C LYS CC 233 -39.58 -53.91 1.71
N THR CC 234 -40.73 -54.35 2.25
CA THR CC 234 -41.27 -55.69 2.03
C THR CC 234 -41.45 -56.06 0.56
N SER CC 235 -41.35 -55.09 -0.35
CA SER CC 235 -41.48 -55.36 -1.78
C SER CC 235 -40.14 -55.70 -2.43
N ARG CC 236 -39.08 -55.84 -1.66
CA ARG CC 236 -37.74 -56.05 -2.20
C ARG CC 236 -37.15 -57.38 -1.72
N ILE CC 237 -37.96 -58.44 -1.70
CA ILE CC 237 -37.49 -59.78 -1.38
C ILE CC 237 -38.13 -60.75 -2.36
N THR CC 238 -37.34 -61.68 -2.86
CA THR CC 238 -37.82 -62.73 -3.74
C THR CC 238 -37.90 -64.04 -2.96
N VAL CC 239 -39.07 -64.69 -3.01
CA VAL CC 239 -39.31 -65.94 -2.30
C VAL CC 239 -39.37 -67.05 -3.34
N THR CC 240 -38.48 -68.03 -3.20
CA THR CC 240 -38.36 -69.14 -4.14
C THR CC 240 -38.44 -70.46 -3.39
N ASP CC 241 -38.27 -71.55 -4.12
CA ASP CC 241 -38.36 -72.88 -3.54
C ASP CC 241 -37.55 -73.86 -4.39
N GLN CC 242 -37.50 -75.11 -3.93
CA GLN CC 242 -36.79 -76.16 -4.64
C GLN CC 242 -37.42 -76.44 -6.00
N HIS CC 243 -38.76 -76.48 -6.05
CA HIS CC 243 -39.44 -76.86 -7.28
C HIS CC 243 -39.30 -75.81 -8.37
N GLY CC 244 -39.04 -74.57 -8.01
CA GLY CC 244 -38.92 -73.49 -8.97
C GLY CC 244 -40.16 -72.63 -9.16
N ARG CC 245 -41.18 -72.80 -8.33
CA ARG CC 245 -42.33 -71.91 -8.39
C ARG CC 245 -41.99 -70.57 -7.77
N LEU CC 246 -42.43 -69.50 -8.42
CA LEU CC 246 -42.17 -68.15 -7.96
C LEU CC 246 -43.31 -67.69 -7.05
N LEU CC 247 -42.95 -67.00 -5.97
CA LEU CC 247 -43.92 -66.59 -4.97
C LEU CC 247 -44.01 -65.09 -4.73
N SER CC 248 -43.04 -64.30 -5.17
CA SER CC 248 -43.09 -62.87 -4.93
C SER CC 248 -42.22 -62.13 -5.94
N SER CC 249 -42.46 -60.81 -6.04
CA SER CC 249 -41.74 -59.97 -6.98
C SER CC 249 -40.48 -59.38 -6.33
N GLY CC 250 -39.80 -58.53 -7.07
CA GLY CC 250 -38.60 -57.88 -6.58
C GLY CC 250 -37.63 -57.53 -7.70
N GLY DC 149 -9.42 -58.79 22.04
CA GLY DC 149 -10.18 -58.23 23.15
C GLY DC 149 -11.66 -58.08 22.85
N VAL DC 150 -12.13 -56.84 22.79
CA VAL DC 150 -13.53 -56.53 22.55
C VAL DC 150 -13.60 -55.50 21.43
N SER DC 151 -14.30 -55.82 20.34
CA SER DC 151 -14.47 -54.91 19.23
C SER DC 151 -15.78 -54.13 19.38
N GLN DC 152 -15.81 -52.93 18.78
CA GLN DC 152 -16.95 -52.02 18.92
C GLN DC 152 -18.26 -52.61 18.40
N ARG DC 153 -18.31 -52.86 17.09
CA ARG DC 153 -19.50 -53.43 16.48
C ARG DC 153 -19.81 -54.80 17.08
N LEU DC 154 -18.76 -55.56 17.40
CA LEU DC 154 -18.96 -56.84 18.06
C LEU DC 154 -19.62 -56.63 19.42
N GLU DC 155 -19.21 -55.61 20.17
CA GLU DC 155 -19.84 -55.33 21.45
C GLU DC 155 -21.30 -54.94 21.28
N GLN DC 156 -21.60 -54.12 20.27
CA GLN DC 156 -22.99 -53.75 20.04
C GLN DC 156 -23.85 -54.95 19.67
N GLU DC 157 -23.32 -55.83 18.84
CA GLU DC 157 -24.05 -57.04 18.49
C GLU DC 157 -24.25 -57.93 19.71
N ARG DC 158 -23.25 -58.00 20.59
CA ARG DC 158 -23.40 -58.77 21.82
C ARG DC 158 -24.50 -58.19 22.69
N LEU DC 159 -24.57 -56.86 22.78
CA LEU DC 159 -25.64 -56.22 23.54
C LEU DC 159 -27.01 -56.53 22.95
N LYS DC 160 -27.13 -56.45 21.62
CA LYS DC 160 -28.39 -56.79 20.98
C LYS DC 160 -28.78 -58.24 21.25
N LEU DC 161 -27.81 -59.14 21.19
CA LEU DC 161 -28.09 -60.54 21.46
C LEU DC 161 -28.54 -60.74 22.90
N SER DC 162 -27.92 -60.03 23.84
CA SER DC 162 -28.35 -60.12 25.23
C SER DC 162 -29.78 -59.64 25.39
N ARG DC 163 -30.14 -58.53 24.72
CA ARG DC 163 -31.51 -58.05 24.80
C ARG DC 163 -32.48 -59.06 24.22
N GLU DC 164 -32.13 -59.68 23.10
CA GLU DC 164 -33.02 -60.67 22.48
C GLU DC 164 -33.19 -61.88 23.39
N ARG DC 165 -32.11 -62.36 23.99
CA ARG DC 165 -32.20 -63.51 24.88
C ARG DC 165 -33.04 -63.20 26.11
N GLN DC 166 -32.84 -62.03 26.71
CA GLN DC 166 -33.65 -61.69 27.88
C GLN DC 166 -35.11 -61.46 27.51
N LEU DC 167 -35.39 -60.94 26.32
CA LEU DC 167 -36.76 -60.87 25.85
C LEU DC 167 -37.37 -62.26 25.70
N ALA DC 168 -36.61 -63.20 25.14
CA ALA DC 168 -37.10 -64.57 25.00
C ALA DC 168 -37.41 -65.17 26.36
N GLN DC 169 -36.52 -64.96 27.33
CA GLN DC 169 -36.79 -65.45 28.69
C GLN DC 169 -38.04 -64.81 29.27
N ALA DC 170 -38.24 -63.52 29.02
CA ALA DC 170 -39.45 -62.85 29.50
C ALA DC 170 -40.69 -63.47 28.88
N ILE DC 171 -40.64 -63.79 27.59
CA ILE DC 171 -41.78 -64.39 26.91
C ILE DC 171 -42.01 -65.83 27.35
N GLU DC 172 -40.98 -66.50 27.87
CA GLU DC 172 -41.10 -67.92 28.20
C GLU DC 172 -42.21 -68.18 29.23
N GLU DC 173 -42.47 -67.22 30.11
CA GLU DC 173 -43.47 -67.43 31.15
C GLU DC 173 -44.89 -67.44 30.61
N MET DC 174 -45.09 -67.06 29.34
CA MET DC 174 -46.44 -67.06 28.77
C MET DC 174 -47.02 -68.47 28.74
N LYS DC 175 -48.27 -68.58 29.18
CA LYS DC 175 -48.94 -69.89 29.14
C LYS DC 175 -49.09 -70.38 27.72
N GLN DC 176 -49.41 -69.47 26.80
CA GLN DC 176 -49.68 -69.83 25.41
C GLN DC 176 -48.40 -70.09 24.63
N VAL DC 177 -47.30 -69.43 24.99
CA VAL DC 177 -46.06 -69.49 24.24
C VAL DC 177 -45.08 -70.42 24.95
N ARG DC 178 -44.43 -71.29 24.17
CA ARG DC 178 -43.39 -72.17 24.67
C ARG DC 178 -41.99 -71.66 24.36
N LYS DC 179 -41.78 -71.07 23.19
CA LYS DC 179 -40.47 -70.52 22.83
C LYS DC 179 -40.68 -69.28 21.96
N ALA DC 180 -39.77 -68.32 22.08
CA ALA DC 180 -39.80 -67.12 21.24
C ALA DC 180 -38.38 -66.72 20.88
N ARG DC 181 -38.17 -66.36 19.62
CA ARG DC 181 -36.88 -65.89 19.14
C ARG DC 181 -37.08 -64.57 18.42
N VAL DC 182 -36.41 -63.52 18.89
CA VAL DC 182 -36.59 -62.17 18.39
C VAL DC 182 -35.32 -61.75 17.65
N LEU DC 183 -35.49 -61.06 16.53
CA LEU DC 183 -34.38 -60.47 15.80
C LEU DC 183 -34.65 -58.98 15.59
N LEU DC 184 -33.66 -58.16 15.91
CA LEU DC 184 -33.84 -56.71 15.92
C LEU DC 184 -32.97 -56.08 14.83
N ALA DC 185 -33.24 -54.81 14.56
CA ALA DC 185 -32.48 -54.05 13.58
C ALA DC 185 -32.48 -52.60 14.02
N LEU DC 186 -31.39 -52.17 14.64
CA LEU DC 186 -31.26 -50.79 15.06
C LEU DC 186 -30.94 -49.90 13.85
N PRO DC 187 -31.43 -48.65 13.86
CA PRO DC 187 -31.21 -47.75 12.73
C PRO DC 187 -29.85 -47.05 12.78
N ALA DC 199 -36.28 -47.95 14.48
CA ALA DC 199 -35.73 -49.31 14.47
C ALA DC 199 -36.77 -50.31 13.95
N SER DC 200 -36.41 -51.58 13.94
CA SER DC 200 -37.29 -52.63 13.46
C SER DC 200 -37.08 -53.89 14.29
N ALA DC 201 -38.11 -54.74 14.32
CA ALA DC 201 -38.04 -55.98 15.08
C ALA DC 201 -38.94 -57.03 14.44
N SER DC 202 -38.57 -58.30 14.62
CA SER DC 202 -39.36 -59.41 14.11
C SER DC 202 -39.24 -60.56 15.10
N VAL DC 203 -40.35 -61.00 15.66
CA VAL DC 203 -40.36 -62.03 16.68
C VAL DC 203 -41.09 -63.26 16.15
N PHE DC 204 -40.42 -64.40 16.19
CA PHE DC 204 -40.97 -65.69 15.82
C PHE DC 204 -41.35 -66.43 17.10
N LEU DC 205 -42.48 -67.13 17.06
CA LEU DC 205 -42.97 -67.83 18.23
C LEU DC 205 -43.31 -69.27 17.91
N THR DC 206 -42.99 -70.16 18.87
CA THR DC 206 -43.49 -71.52 18.90
C THR DC 206 -44.39 -71.64 20.13
N LEU DC 207 -45.69 -71.71 19.88
CA LEU DC 207 -46.70 -71.62 20.92
C LEU DC 207 -46.90 -73.00 21.57
N SER DC 208 -47.99 -73.15 22.32
CA SER DC 208 -48.33 -74.45 22.88
C SER DC 208 -48.77 -75.40 21.76
N THR DC 209 -49.22 -76.60 22.15
CA THR DC 209 -49.60 -77.61 21.16
C THR DC 209 -50.63 -77.07 20.19
N GLY DC 210 -51.70 -76.50 20.71
CA GLY DC 210 -52.70 -75.84 19.88
C GLY DC 210 -52.77 -74.36 20.18
N THR DC 211 -53.99 -73.82 20.25
CA THR DC 211 -54.28 -72.45 20.69
C THR DC 211 -53.77 -71.41 19.70
N ASN DC 212 -54.50 -70.31 19.58
CA ASN DC 212 -54.13 -69.20 18.71
C ASN DC 212 -54.14 -67.92 19.52
N LEU DC 213 -53.09 -67.13 19.38
CA LEU DC 213 -52.92 -65.97 20.23
C LEU DC 213 -53.97 -64.91 19.92
N LYS DC 214 -54.59 -64.39 20.96
CA LYS DC 214 -55.62 -63.37 20.79
C LYS DC 214 -54.98 -62.04 20.39
N GLN DC 215 -55.82 -61.14 19.85
CA GLN DC 215 -55.36 -59.81 19.50
C GLN DC 215 -54.92 -59.05 20.75
N GLN DC 216 -55.65 -59.20 21.86
CA GLN DC 216 -55.27 -58.51 23.09
C GLN DC 216 -53.92 -58.99 23.59
N GLU DC 217 -53.70 -60.30 23.59
CA GLU DC 217 -52.44 -60.84 24.07
C GLU DC 217 -51.26 -60.40 23.21
N VAL DC 218 -51.42 -60.49 21.88
CA VAL DC 218 -50.33 -60.09 21.01
C VAL DC 218 -50.07 -58.59 21.10
N ASP DC 219 -51.12 -57.79 21.27
CA ASP DC 219 -50.91 -56.35 21.47
C ASP DC 219 -50.16 -56.07 22.75
N SER DC 220 -50.50 -56.77 23.84
CA SER DC 220 -49.75 -56.61 25.08
C SER DC 220 -48.30 -56.99 24.90
N ILE DC 221 -48.04 -58.11 24.21
CA ILE DC 221 -46.67 -58.56 23.99
C ILE DC 221 -45.90 -57.53 23.17
N VAL DC 222 -46.52 -57.02 22.10
CA VAL DC 222 -45.82 -56.11 21.21
C VAL DC 222 -45.57 -54.78 21.89
N ASP DC 223 -46.50 -54.31 22.72
CA ASP DC 223 -46.27 -53.08 23.45
C ASP DC 223 -45.14 -53.25 24.47
N MET DC 224 -45.10 -54.40 25.14
CA MET DC 224 -43.99 -54.67 26.05
C MET DC 224 -42.67 -54.69 25.30
N VAL DC 225 -42.65 -55.32 24.12
CA VAL DC 225 -41.43 -55.41 23.33
C VAL DC 225 -40.95 -54.03 22.92
N ALA DC 226 -41.86 -53.21 22.39
CA ALA DC 226 -41.49 -51.88 21.94
C ALA DC 226 -41.04 -51.00 23.08
N SER DC 227 -41.65 -51.16 24.26
CA SER DC 227 -41.21 -50.39 25.43
C SER DC 227 -39.89 -50.92 25.97
N ALA DC 228 -39.55 -52.18 25.63
CA ALA DC 228 -38.32 -52.76 26.16
C ALA DC 228 -37.08 -52.23 25.47
N VAL DC 229 -37.18 -51.92 24.18
CA VAL DC 229 -36.06 -51.48 23.36
C VAL DC 229 -36.31 -50.05 22.92
N PRO DC 230 -35.35 -49.12 23.07
CA PRO DC 230 -35.58 -47.74 22.64
C PRO DC 230 -35.81 -47.67 21.14
N GLY DC 231 -36.65 -46.71 20.73
CA GLY DC 231 -37.01 -46.61 19.33
C GLY DC 231 -38.07 -47.62 18.94
N MET DC 232 -38.04 -48.02 17.66
CA MET DC 232 -38.94 -49.00 17.06
C MET DC 232 -40.38 -48.82 17.54
N LYS DC 233 -41.02 -47.72 17.10
CA LYS DC 233 -42.40 -47.47 17.46
C LYS DC 233 -43.27 -48.69 17.16
N THR DC 234 -44.30 -48.87 17.99
CA THR DC 234 -45.01 -50.13 18.14
C THR DC 234 -45.51 -50.73 16.84
N SER DC 235 -45.60 -49.96 15.76
CA SER DC 235 -46.08 -50.47 14.49
C SER DC 235 -44.94 -51.02 13.62
N ARG DC 236 -43.73 -51.08 14.15
CA ARG DC 236 -42.55 -51.52 13.40
C ARG DC 236 -42.08 -52.89 13.85
N ILE DC 237 -43.02 -53.75 14.25
CA ILE DC 237 -42.70 -55.10 14.70
C ILE DC 237 -43.58 -56.08 13.93
N THR DC 238 -42.96 -57.13 13.40
CA THR DC 238 -43.68 -58.23 12.77
C THR DC 238 -43.69 -59.42 13.71
N VAL DC 239 -44.88 -59.88 14.08
CA VAL DC 239 -45.04 -60.98 15.03
C VAL DC 239 -45.68 -62.14 14.30
N THR DC 240 -45.01 -63.29 14.31
CA THR DC 240 -45.52 -64.48 13.63
C THR DC 240 -45.53 -65.68 14.57
N ASP DC 241 -45.78 -66.86 14.03
CA ASP DC 241 -45.82 -68.10 14.81
C ASP DC 241 -45.43 -69.25 13.89
N GLN DC 242 -45.61 -70.48 14.39
CA GLN DC 242 -45.23 -71.65 13.60
C GLN DC 242 -46.05 -71.74 12.32
N HIS DC 243 -47.35 -71.45 12.41
CA HIS DC 243 -48.24 -71.67 11.27
C HIS DC 243 -48.10 -70.60 10.20
N GLY DC 244 -47.60 -69.41 10.54
CA GLY DC 244 -47.40 -68.37 9.56
C GLY DC 244 -48.50 -67.33 9.46
N ARG DC 245 -49.23 -67.08 10.54
CA ARG DC 245 -50.23 -66.03 10.56
C ARG DC 245 -49.67 -64.74 11.14
N LEU DC 246 -49.90 -63.64 10.44
CA LEU DC 246 -49.35 -62.35 10.84
C LEU DC 246 -50.19 -61.75 11.95
N LEU DC 247 -49.52 -61.12 12.92
CA LEU DC 247 -50.20 -60.49 14.04
C LEU DC 247 -49.93 -59.00 14.19
N SER DC 248 -49.03 -58.42 13.38
CA SER DC 248 -48.79 -56.98 13.38
C SER DC 248 -48.05 -56.61 12.11
N SER DC 249 -48.53 -55.58 11.42
CA SER DC 249 -47.96 -55.19 10.13
C SER DC 249 -46.61 -54.50 10.32
N GLY DC 250 -45.82 -54.53 9.26
CA GLY DC 250 -44.52 -53.87 9.24
C GLY DC 250 -44.31 -53.03 8.00
N VAL EC 150 -12.65 -51.88 32.20
CA VAL EC 150 -14.03 -52.23 31.89
C VAL EC 150 -14.57 -51.30 30.80
N SER EC 151 -15.19 -51.89 29.78
CA SER EC 151 -15.72 -51.12 28.66
C SER EC 151 -16.81 -50.16 29.13
N GLN EC 152 -16.88 -49.00 28.50
CA GLN EC 152 -17.86 -47.98 28.86
C GLN EC 152 -19.28 -48.47 28.67
N ARG EC 153 -19.57 -49.01 27.48
CA ARG EC 153 -20.90 -49.53 27.19
C ARG EC 153 -21.27 -50.62 28.19
N LEU EC 154 -20.34 -51.52 28.48
CA LEU EC 154 -20.59 -52.56 29.46
C LEU EC 154 -20.85 -51.95 30.83
N GLU EC 155 -20.14 -50.86 31.16
CA GLU EC 155 -20.40 -50.19 32.43
C GLU EC 155 -21.83 -49.67 32.51
N GLN EC 156 -22.29 -49.03 31.43
CA GLN EC 156 -23.65 -48.52 31.40
C GLN EC 156 -24.66 -49.66 31.55
N GLU EC 157 -24.44 -50.74 30.79
CA GLU EC 157 -25.38 -51.86 30.82
C GLU EC 157 -25.41 -52.52 32.19
N ARG EC 158 -24.26 -52.63 32.84
CA ARG EC 158 -24.23 -53.27 34.15
C ARG EC 158 -24.88 -52.39 35.21
N LEU EC 159 -24.70 -51.07 35.12
CA LEU EC 159 -25.45 -50.19 36.01
C LEU EC 159 -26.95 -50.34 35.80
N LYS EC 160 -27.39 -50.40 34.54
CA LYS EC 160 -28.81 -50.59 34.25
C LYS EC 160 -29.30 -51.92 34.81
N LEU EC 161 -28.52 -52.98 34.65
CA LEU EC 161 -28.93 -54.29 35.13
C LEU EC 161 -29.04 -54.30 36.65
N SER EC 162 -28.10 -53.67 37.34
CA SER EC 162 -28.17 -53.59 38.79
C SER EC 162 -29.42 -52.84 39.23
N ARG EC 163 -29.73 -51.73 38.55
CA ARG EC 163 -30.93 -50.98 38.90
C ARG EC 163 -32.19 -51.81 38.68
N GLU EC 164 -32.24 -52.53 37.55
CA GLU EC 164 -33.41 -53.36 37.26
C GLU EC 164 -33.56 -54.46 38.30
N ARG EC 165 -32.45 -55.08 38.71
CA ARG EC 165 -32.52 -56.14 39.71
C ARG EC 165 -33.00 -55.61 41.05
N GLN EC 166 -32.51 -54.45 41.46
CA GLN EC 166 -32.98 -53.90 42.72
C GLN EC 166 -34.45 -53.52 42.65
N LEU EC 167 -34.91 -53.04 41.50
CA LEU EC 167 -36.34 -52.75 41.33
C LEU EC 167 -37.17 -54.02 41.42
N ALA EC 168 -36.70 -55.09 40.80
CA ALA EC 168 -37.40 -56.37 40.88
C ALA EC 168 -37.48 -56.86 42.33
N GLN EC 169 -36.37 -56.76 43.06
CA GLN EC 169 -36.35 -57.16 44.46
C GLN EC 169 -37.34 -56.34 45.26
N ALA EC 170 -37.42 -55.04 44.99
CA ALA EC 170 -38.40 -54.21 45.66
C ALA EC 170 -39.82 -54.64 45.31
N ILE EC 171 -40.06 -55.00 44.06
CA ILE EC 171 -41.39 -55.38 43.62
C ILE EC 171 -41.85 -56.66 44.30
N GLU EC 172 -40.92 -57.61 44.50
CA GLU EC 172 -41.31 -58.88 45.10
C GLU EC 172 -41.89 -58.73 46.50
N GLU EC 173 -41.66 -57.59 47.16
CA GLU EC 173 -42.20 -57.39 48.51
C GLU EC 173 -43.72 -57.29 48.53
N MET EC 174 -44.35 -57.00 47.40
CA MET EC 174 -45.80 -56.98 47.37
C MET EC 174 -46.36 -58.40 47.36
N LYS EC 175 -47.45 -58.58 48.11
CA LYS EC 175 -48.05 -59.91 48.23
C LYS EC 175 -48.56 -60.41 46.89
N GLN EC 176 -49.05 -59.49 46.05
CA GLN EC 176 -49.78 -59.87 44.85
C GLN EC 176 -48.89 -60.58 43.84
N VAL EC 177 -47.64 -60.14 43.71
CA VAL EC 177 -46.73 -60.67 42.70
C VAL EC 177 -45.79 -61.68 43.34
N ARG EC 178 -45.43 -62.70 42.57
CA ARG EC 178 -44.47 -63.72 43.01
C ARG EC 178 -43.07 -63.50 42.44
N LYS EC 179 -42.97 -63.29 41.13
CA LYS EC 179 -41.70 -62.99 40.50
C LYS EC 179 -41.89 -61.85 39.51
N ALA EC 180 -40.88 -60.99 39.40
CA ALA EC 180 -40.94 -59.89 38.46
C ALA EC 180 -39.61 -59.75 37.74
N ARG EC 181 -39.66 -59.21 36.53
CA ARG EC 181 -38.47 -58.88 35.76
C ARG EC 181 -38.67 -57.52 35.14
N VAL EC 182 -37.71 -56.62 35.34
CA VAL EC 182 -37.78 -55.25 34.87
C VAL EC 182 -36.75 -55.08 33.75
N LEU EC 183 -37.18 -54.51 32.64
CA LEU EC 183 -36.30 -54.21 31.52
C LEU EC 183 -36.41 -52.73 31.19
N LEU EC 184 -35.31 -52.15 30.72
CA LEU EC 184 -35.28 -50.74 30.40
C LEU EC 184 -34.90 -50.51 28.94
N ALA EC 185 -35.20 -49.30 28.47
CA ALA EC 185 -34.95 -48.90 27.09
C ALA EC 185 -34.35 -47.49 27.16
N LEU EC 186 -33.04 -47.41 27.01
CA LEU EC 186 -32.33 -46.14 27.12
C LEU EC 186 -31.31 -45.97 26.01
N ALA EC 199 -36.35 -43.58 26.39
CA ALA EC 199 -36.54 -43.65 27.84
C ALA EC 199 -37.83 -44.39 28.16
N SER EC 200 -37.73 -45.71 28.38
CA SER EC 200 -38.92 -46.52 28.59
C SER EC 200 -38.59 -47.67 29.53
N ALA EC 201 -39.65 -48.25 30.10
CA ALA EC 201 -39.51 -49.38 30.99
C ALA EC 201 -40.58 -50.41 30.66
N SER EC 202 -40.28 -51.67 30.98
CA SER EC 202 -41.21 -52.78 30.75
C SER EC 202 -41.07 -53.75 31.90
N VAL EC 203 -42.14 -53.90 32.68
CA VAL EC 203 -42.14 -54.78 33.84
C VAL EC 203 -43.03 -55.97 33.54
N PHE EC 204 -42.43 -57.16 33.54
CA PHE EC 204 -43.14 -58.41 33.25
C PHE EC 204 -43.19 -59.23 34.53
N LEU EC 205 -44.40 -59.62 34.94
CA LEU EC 205 -44.61 -60.21 36.25
C LEU EC 205 -45.31 -61.55 36.13
N THR EC 206 -44.88 -62.51 36.95
CA THR EC 206 -45.64 -63.71 37.25
C THR EC 206 -46.24 -63.52 38.63
N LEU EC 207 -47.56 -63.41 38.70
CA LEU EC 207 -48.26 -63.00 39.90
C LEU EC 207 -48.46 -64.19 40.83
N SER EC 208 -49.20 -63.98 41.91
CA SER EC 208 -49.43 -65.03 42.90
C SER EC 208 -50.45 -66.03 42.34
N THR EC 209 -50.87 -66.98 43.19
CA THR EC 209 -51.75 -68.06 42.74
C THR EC 209 -53.07 -67.50 42.22
N GLY EC 210 -53.71 -66.65 43.00
CA GLY EC 210 -54.95 -66.02 42.57
C GLY EC 210 -54.79 -64.53 42.46
N THR EC 211 -55.90 -63.79 42.64
CA THR EC 211 -55.91 -62.34 42.71
C THR EC 211 -55.55 -61.67 41.38
N ASN EC 212 -56.11 -60.50 41.14
CA ASN EC 212 -55.80 -59.70 39.96
C ASN EC 212 -55.38 -58.31 40.40
N LEU EC 213 -54.41 -57.75 39.69
CA LEU EC 213 -53.93 -56.41 40.00
C LEU EC 213 -54.96 -55.38 39.55
N LYS EC 214 -55.46 -54.59 40.49
CA LYS EC 214 -56.36 -53.51 40.14
C LYS EC 214 -55.58 -52.37 39.48
N GLN EC 215 -56.32 -51.48 38.82
CA GLN EC 215 -55.68 -50.34 38.18
C GLN EC 215 -54.93 -49.49 39.19
N GLN EC 216 -55.40 -49.46 40.44
CA GLN EC 216 -54.69 -48.73 41.49
C GLN EC 216 -53.31 -49.32 41.74
N GLU EC 217 -53.21 -50.64 41.85
CA GLU EC 217 -51.94 -51.27 42.18
C GLU EC 217 -50.94 -51.10 41.04
N VAL EC 218 -51.37 -51.35 39.80
CA VAL EC 218 -50.46 -51.19 38.67
C VAL EC 218 -50.10 -49.72 38.49
N ASP EC 219 -51.03 -48.81 38.79
CA ASP EC 219 -50.71 -47.38 38.73
C ASP EC 219 -49.62 -47.03 39.73
N SER EC 220 -49.71 -47.56 40.95
CA SER EC 220 -48.67 -47.34 41.94
C SER EC 220 -47.34 -47.95 41.48
N ILE EC 221 -47.39 -49.14 40.90
CA ILE EC 221 -46.17 -49.81 40.44
C ILE EC 221 -45.48 -48.98 39.37
N VAL EC 222 -46.22 -48.55 38.36
CA VAL EC 222 -45.61 -47.78 37.27
C VAL EC 222 -45.15 -46.42 37.77
N ASP EC 223 -45.87 -45.83 38.73
CA ASP EC 223 -45.42 -44.58 39.30
C ASP EC 223 -44.07 -44.74 39.98
N MET EC 224 -43.91 -45.81 40.76
CA MET EC 224 -42.63 -46.05 41.41
C MET EC 224 -41.53 -46.34 40.39
N VAL EC 225 -41.84 -47.12 39.35
CA VAL EC 225 -40.83 -47.44 38.35
C VAL EC 225 -40.36 -46.18 37.64
N ALA EC 226 -41.30 -45.33 37.23
CA ALA EC 226 -40.94 -44.09 36.54
C ALA EC 226 -40.16 -43.16 37.47
N SER EC 227 -40.56 -43.07 38.73
CA SER EC 227 -39.84 -42.21 39.66
C SER EC 227 -38.49 -42.81 40.07
N ALA EC 228 -38.26 -44.09 39.77
CA ALA EC 228 -36.97 -44.70 40.09
C ALA EC 228 -35.89 -44.26 39.11
N VAL EC 229 -36.26 -44.03 37.86
CA VAL EC 229 -35.30 -43.76 36.79
C VAL EC 229 -35.45 -42.31 36.35
N PRO EC 230 -34.36 -41.59 36.06
CA PRO EC 230 -34.50 -40.26 35.47
C PRO EC 230 -35.15 -40.34 34.10
N GLY EC 231 -35.99 -39.35 33.79
CA GLY EC 231 -36.71 -39.37 32.53
C GLY EC 231 -37.80 -40.44 32.53
N MET EC 232 -38.06 -40.99 31.35
CA MET EC 232 -39.06 -42.03 31.10
C MET EC 232 -40.37 -41.74 31.84
N LYS EC 233 -41.04 -40.65 31.46
CA LYS EC 233 -42.31 -40.27 32.06
C LYS EC 233 -43.29 -41.45 32.02
N THR EC 234 -44.25 -41.42 32.95
CA THR EC 234 -45.04 -42.60 33.26
C THR EC 234 -45.89 -43.09 32.09
N SER EC 235 -46.09 -42.27 31.06
CA SER EC 235 -46.96 -42.66 29.96
C SER EC 235 -46.30 -43.63 28.99
N ARG EC 236 -45.06 -44.03 29.24
CA ARG EC 236 -44.34 -44.89 28.31
C ARG EC 236 -43.77 -46.10 29.03
N ILE EC 237 -44.55 -46.72 29.91
CA ILE EC 237 -44.16 -47.96 30.56
C ILE EC 237 -45.26 -48.98 30.32
N THR EC 238 -44.88 -50.14 29.80
CA THR EC 238 -45.83 -51.19 29.44
C THR EC 238 -45.75 -52.32 30.46
N VAL EC 239 -46.90 -52.74 30.97
CA VAL EC 239 -46.99 -53.74 32.02
C VAL EC 239 -47.83 -54.90 31.53
N THR EC 240 -47.34 -56.13 31.73
CA THR EC 240 -48.11 -57.33 31.44
C THR EC 240 -48.14 -58.22 32.67
N ASP EC 241 -48.61 -59.46 32.53
CA ASP EC 241 -48.64 -60.39 33.65
C ASP EC 241 -48.29 -61.79 33.12
N GLN EC 242 -48.38 -62.78 34.00
CA GLN EC 242 -48.04 -64.15 33.64
C GLN EC 242 -48.97 -64.69 32.56
N HIS EC 243 -50.21 -64.23 32.54
CA HIS EC 243 -51.12 -64.54 31.45
C HIS EC 243 -51.05 -63.51 30.33
N GLY EC 244 -50.33 -62.41 30.53
CA GLY EC 244 -50.09 -61.44 29.47
C GLY EC 244 -51.14 -60.37 29.31
N ARG EC 245 -51.96 -60.11 30.31
CA ARG EC 245 -52.95 -59.04 30.18
C ARG EC 245 -52.28 -57.68 30.33
N LEU EC 246 -52.51 -56.81 29.37
CA LEU EC 246 -51.89 -55.48 29.38
C LEU EC 246 -52.53 -54.61 30.43
N LEU EC 247 -51.71 -53.80 31.10
CA LEU EC 247 -52.21 -52.89 32.12
C LEU EC 247 -51.87 -51.43 31.86
N SER EC 248 -51.01 -51.14 30.88
CA SER EC 248 -50.54 -49.77 30.66
C SER EC 248 -50.07 -49.61 29.23
N SER EC 249 -50.37 -48.47 28.64
CA SER EC 249 -49.99 -48.17 27.27
C SER EC 249 -48.57 -47.60 27.21
N GLY EC 250 -48.02 -47.57 26.00
CA GLY EC 250 -46.68 -47.05 25.78
C GLY EC 250 -46.64 -45.83 24.89
N GLY FC 149 -8.70 -50.99 42.62
CA GLY FC 149 -9.65 -51.44 41.63
C GLY FC 149 -10.95 -50.66 41.62
N VAL FC 150 -10.85 -49.34 41.79
CA VAL FC 150 -12.01 -48.46 41.77
C VAL FC 150 -12.03 -47.69 40.46
N SER FC 151 -13.12 -46.98 40.20
CA SER FC 151 -13.24 -46.21 38.97
C SER FC 151 -14.07 -44.97 39.24
N GLN FC 152 -14.53 -44.31 38.17
CA GLN FC 152 -15.28 -43.06 38.31
C GLN FC 152 -16.75 -43.31 38.58
N ARG FC 153 -17.44 -43.99 37.66
CA ARG FC 153 -18.85 -44.26 37.81
C ARG FC 153 -19.11 -45.12 39.05
N LEU FC 154 -18.24 -46.10 39.26
CA LEU FC 154 -18.44 -47.05 40.36
C LEU FC 154 -18.47 -46.33 41.71
N GLU FC 155 -17.57 -45.36 41.90
CA GLU FC 155 -17.50 -44.69 43.19
C GLU FC 155 -18.74 -43.84 43.46
N GLN FC 156 -19.24 -43.14 42.43
CA GLN FC 156 -20.46 -42.37 42.61
C GLN FC 156 -21.65 -43.28 42.87
N GLU FC 157 -21.68 -44.43 42.20
CA GLU FC 157 -22.73 -45.40 42.47
C GLU FC 157 -22.67 -45.88 43.91
N ARG FC 158 -21.46 -46.13 44.42
CA ARG FC 158 -21.33 -46.58 45.80
C ARG FC 158 -21.71 -45.49 46.78
N LEU FC 159 -21.43 -44.22 46.45
CA LEU FC 159 -21.90 -43.14 47.30
C LEU FC 159 -23.42 -43.09 47.33
N LYS FC 160 -24.06 -43.24 46.17
CA LYS FC 160 -25.52 -43.28 46.14
C LYS FC 160 -26.04 -44.46 46.94
N LEU FC 161 -25.37 -45.61 46.85
CA LEU FC 161 -25.77 -46.78 47.62
C LEU FC 161 -25.66 -46.52 49.12
N SER FC 162 -24.59 -45.85 49.54
CA SER FC 162 -24.45 -45.50 50.95
C SER FC 162 -25.57 -44.57 51.38
N ARG FC 163 -25.92 -43.60 50.53
CA ARG FC 163 -27.04 -42.74 50.85
C ARG FC 163 -28.33 -43.54 51.01
N GLU FC 164 -28.58 -44.47 50.09
CA GLU FC 164 -29.78 -45.28 50.17
C GLU FC 164 -29.82 -46.09 51.47
N ARG FC 165 -28.69 -46.69 51.82
CA ARG FC 165 -28.64 -47.52 53.02
C ARG FC 165 -28.86 -46.70 54.28
N GLN FC 166 -28.24 -45.52 54.36
CA GLN FC 166 -28.44 -44.70 55.56
C GLN FC 166 -29.85 -44.14 55.62
N LEU FC 167 -30.45 -43.83 54.46
CA LEU FC 167 -31.86 -43.43 54.46
C LEU FC 167 -32.75 -44.55 54.99
N ALA FC 168 -32.53 -45.77 54.51
CA ALA FC 168 -33.33 -46.90 54.99
C ALA FC 168 -33.15 -47.11 56.48
N GLN FC 169 -31.90 -47.08 56.95
CA GLN FC 169 -31.62 -47.28 58.37
C GLN FC 169 -32.30 -46.20 59.22
N ALA FC 170 -32.32 -44.96 58.72
CA ALA FC 170 -33.02 -43.89 59.43
C ALA FC 170 -34.53 -44.16 59.45
N ILE FC 171 -35.08 -44.66 58.34
CA ILE FC 171 -36.52 -44.87 58.25
C ILE FC 171 -36.96 -45.99 59.18
N GLU FC 172 -36.12 -47.02 59.36
CA GLU FC 172 -36.52 -48.18 60.16
C GLU FC 172 -36.96 -47.78 61.56
N GLU FC 173 -36.31 -46.76 62.14
CA GLU FC 173 -36.58 -46.39 63.53
C GLU FC 173 -37.99 -45.88 63.75
N MET FC 174 -38.73 -45.55 62.69
CA MET FC 174 -40.13 -45.18 62.88
C MET FC 174 -40.94 -46.40 63.32
N LYS FC 175 -41.82 -46.18 64.29
CA LYS FC 175 -42.52 -47.29 64.93
C LYS FC 175 -43.38 -48.05 63.93
N GLN FC 176 -44.07 -47.34 63.05
CA GLN FC 176 -44.98 -47.98 62.10
C GLN FC 176 -44.24 -48.73 61.01
N VAL FC 177 -42.93 -48.52 60.86
CA VAL FC 177 -42.16 -49.10 59.77
C VAL FC 177 -41.34 -50.27 60.30
N ARG FC 178 -41.39 -51.40 59.60
CA ARG FC 178 -40.56 -52.56 59.91
C ARG FC 178 -39.39 -52.72 58.96
N LYS FC 179 -39.58 -52.44 57.67
CA LYS FC 179 -38.52 -52.53 56.68
C LYS FC 179 -38.69 -51.41 55.67
N ALA FC 180 -37.56 -50.82 55.26
CA ALA FC 180 -37.60 -49.73 54.30
C ALA FC 180 -36.50 -49.91 53.26
N ARG FC 181 -36.81 -49.56 52.02
CA ARG FC 181 -35.83 -49.51 50.94
C ARG FC 181 -36.03 -48.21 50.18
N VAL FC 182 -34.92 -47.56 49.83
CA VAL FC 182 -34.95 -46.30 49.10
C VAL FC 182 -34.17 -46.45 47.81
N LEU FC 183 -34.70 -45.92 46.72
CA LEU FC 183 -34.00 -45.84 45.46
C LEU FC 183 -33.96 -44.39 44.99
N LEU FC 184 -32.81 -43.98 44.48
CA LEU FC 184 -32.58 -42.60 44.06
C LEU FC 184 -32.27 -42.55 42.57
N ALA FC 185 -32.52 -41.39 41.98
CA ALA FC 185 -32.19 -41.13 40.58
C ALA FC 185 -31.60 -39.72 40.53
N LEU FC 186 -30.28 -39.64 40.54
CA LEU FC 186 -29.56 -38.36 40.54
C LEU FC 186 -28.71 -38.25 39.30
N PRO FC 187 -29.07 -37.39 38.34
CA PRO FC 187 -28.25 -37.25 37.12
C PRO FC 187 -27.09 -36.28 37.36
N GLU FC 198 -33.78 -34.07 35.80
CA GLU FC 198 -34.15 -33.82 37.17
C GLU FC 198 -34.12 -35.12 37.96
N ALA FC 199 -33.82 -35.01 39.25
CA ALA FC 199 -33.69 -36.16 40.13
C ALA FC 199 -35.07 -36.69 40.53
N SER FC 200 -35.07 -37.86 41.14
CA SER FC 200 -36.32 -38.47 41.61
C SER FC 200 -35.99 -39.51 42.67
N ALA FC 201 -37.02 -39.97 43.36
CA ALA FC 201 -36.86 -40.94 44.43
C ALA FC 201 -38.04 -41.89 44.46
N SER FC 202 -37.81 -43.07 45.05
CA SER FC 202 -38.85 -44.08 45.15
C SER FC 202 -38.58 -44.92 46.39
N VAL FC 203 -39.50 -44.89 47.36
CA VAL FC 203 -39.31 -45.54 48.65
C VAL FC 203 -40.37 -46.63 48.81
N PHE FC 204 -39.92 -47.83 49.16
CA PHE FC 204 -40.80 -48.96 49.41
C PHE FC 204 -40.75 -49.31 50.90
N LEU FC 205 -41.90 -49.60 51.48
CA LEU FC 205 -42.02 -49.89 52.90
C LEU FC 205 -42.72 -51.22 53.13
N THR FC 206 -42.30 -51.92 54.17
CA THR FC 206 -43.08 -52.97 54.82
C THR FC 206 -43.34 -52.48 56.24
N LEU FC 207 -44.59 -52.16 56.53
CA LEU FC 207 -44.98 -51.61 57.82
C LEU FC 207 -45.08 -52.74 58.85
N SER FC 208 -45.76 -52.47 59.97
CA SER FC 208 -46.04 -53.52 60.92
C SER FC 208 -47.01 -54.54 60.32
N THR FC 209 -47.40 -55.53 61.14
CA THR FC 209 -48.25 -56.61 60.66
C THR FC 209 -49.52 -56.07 60.00
N GLY FC 210 -50.05 -54.96 60.50
CA GLY FC 210 -51.14 -54.28 59.85
C GLY FC 210 -50.87 -52.79 59.77
N THR FC 211 -51.87 -51.99 60.16
CA THR FC 211 -51.77 -50.54 60.32
C THR FC 211 -51.56 -49.81 59.00
N ASN FC 212 -52.07 -48.59 58.92
CA ASN FC 212 -51.98 -47.77 57.73
C ASN FC 212 -51.30 -46.45 58.06
N LEU FC 213 -50.44 -45.99 57.16
CA LEU FC 213 -49.81 -44.69 57.32
C LEU FC 213 -50.78 -43.58 56.93
N LYS FC 214 -50.93 -42.59 57.80
CA LYS FC 214 -51.82 -41.47 57.53
C LYS FC 214 -51.19 -40.51 56.52
N GLN FC 215 -51.93 -39.45 56.21
CA GLN FC 215 -51.40 -38.38 55.38
C GLN FC 215 -50.21 -37.70 56.06
N GLN FC 216 -50.31 -37.50 57.37
CA GLN FC 216 -49.22 -36.89 58.12
C GLN FC 216 -47.95 -37.70 58.00
N GLU FC 217 -48.04 -39.02 58.18
CA GLU FC 217 -46.85 -39.85 58.19
C GLU FC 217 -46.16 -39.84 56.84
N VAL FC 218 -46.95 -40.02 55.77
CA VAL FC 218 -46.34 -40.05 54.44
C VAL FC 218 -45.77 -38.69 54.07
N ASP FC 219 -46.43 -37.60 54.47
CA ASP FC 219 -45.88 -36.29 54.18
C ASP FC 219 -44.55 -36.08 54.90
N SER FC 220 -44.47 -36.49 56.17
CA SER FC 220 -43.21 -36.37 56.89
C SER FC 220 -42.13 -37.22 56.23
N ILE FC 221 -42.48 -38.43 55.80
CA ILE FC 221 -41.49 -39.30 55.17
C ILE FC 221 -40.97 -38.70 53.87
N VAL FC 222 -41.88 -38.19 53.04
CA VAL FC 222 -41.45 -37.65 51.75
C VAL FC 222 -40.65 -36.37 51.93
N ASP FC 223 -41.03 -35.54 52.91
CA ASP FC 223 -40.24 -34.35 53.21
C ASP FC 223 -38.84 -34.71 53.66
N MET FC 224 -38.72 -35.70 54.54
CA MET FC 224 -37.41 -36.13 54.99
C MET FC 224 -36.57 -36.64 53.83
N VAL FC 225 -37.18 -37.46 52.96
CA VAL FC 225 -36.44 -38.01 51.82
C VAL FC 225 -35.98 -36.90 50.89
N ALA FC 226 -36.87 -35.95 50.58
CA ALA FC 226 -36.51 -34.90 49.64
C ALA FC 226 -35.41 -34.01 50.20
N SER FC 227 -35.51 -33.63 51.47
CA SER FC 227 -34.50 -32.74 52.03
C SER FC 227 -33.21 -33.46 52.41
N ALA FC 228 -33.22 -34.80 52.41
CA ALA FC 228 -31.98 -35.53 52.67
C ALA FC 228 -31.05 -35.50 51.47
N VAL FC 229 -31.60 -35.44 50.27
CA VAL FC 229 -30.81 -35.53 49.05
C VAL FC 229 -30.94 -34.24 48.25
N PRO FC 230 -29.85 -33.69 47.73
CA PRO FC 230 -29.94 -32.48 46.91
C PRO FC 230 -30.74 -32.74 45.65
N GLY FC 231 -31.43 -31.71 45.17
CA GLY FC 231 -32.36 -31.90 44.08
C GLY FC 231 -33.60 -32.60 44.58
N MET FC 232 -34.25 -33.36 43.68
CA MET FC 232 -35.45 -34.15 43.98
C MET FC 232 -36.42 -33.39 44.89
N LYS FC 233 -36.89 -32.26 44.37
CA LYS FC 233 -37.88 -31.46 45.08
C LYS FC 233 -39.04 -32.33 45.55
N THR FC 234 -39.64 -31.94 46.68
CA THR FC 234 -40.57 -32.82 47.39
C THR FC 234 -41.77 -33.24 46.54
N SER FC 235 -41.87 -32.79 45.31
CA SER FC 235 -42.97 -33.14 44.43
C SER FC 235 -42.62 -34.25 43.45
N ARG FC 236 -41.51 -34.93 43.65
CA ARG FC 236 -41.04 -35.95 42.71
C ARG FC 236 -40.50 -37.17 43.44
N ILE FC 237 -41.28 -37.69 44.38
CA ILE FC 237 -40.94 -38.92 45.08
C ILE FC 237 -42.18 -39.81 45.07
N THR FC 238 -41.98 -41.10 44.79
CA THR FC 238 -43.06 -42.07 44.87
C THR FC 238 -42.91 -42.88 46.15
N VAL FC 239 -43.99 -42.96 46.92
CA VAL FC 239 -44.02 -43.74 48.15
C VAL FC 239 -45.05 -44.84 47.99
N THR FC 240 -44.62 -46.09 48.19
CA THR FC 240 -45.51 -47.22 48.17
C THR FC 240 -45.38 -47.98 49.48
N ASP FC 241 -46.01 -49.14 49.59
CA ASP FC 241 -45.90 -49.95 50.79
C ASP FC 241 -46.14 -51.42 50.44
N GLN FC 242 -46.23 -52.24 51.47
CA GLN FC 242 -46.45 -53.67 51.27
C GLN FC 242 -47.78 -53.92 50.53
N HIS FC 243 -48.84 -53.22 50.94
CA HIS FC 243 -50.13 -53.38 50.29
C HIS FC 243 -50.17 -52.83 48.88
N GLY FC 244 -49.18 -52.02 48.49
CA GLY FC 244 -49.15 -51.44 47.17
C GLY FC 244 -49.94 -50.17 47.00
N ARG FC 245 -50.40 -49.57 48.09
CA ARG FC 245 -51.15 -48.32 47.99
C ARG FC 245 -50.20 -47.16 47.69
N LEU FC 246 -50.48 -46.44 46.61
CA LEU FC 246 -49.68 -45.29 46.21
C LEU FC 246 -49.91 -44.14 47.18
N LEU FC 247 -48.86 -43.38 47.48
CA LEU FC 247 -48.95 -42.30 48.44
C LEU FC 247 -48.39 -40.98 47.95
N SER FC 248 -47.88 -40.90 46.72
CA SER FC 248 -47.37 -39.65 46.19
C SER FC 248 -47.22 -39.77 44.68
N SER FC 249 -47.26 -38.63 43.99
CA SER FC 249 -47.17 -38.61 42.53
C SER FC 249 -45.73 -38.82 42.09
N GLY FC 250 -45.48 -38.54 40.82
CA GLY FC 250 -44.14 -38.66 40.25
C GLY FC 250 -44.12 -38.60 38.74
N ALA GC 137 36.48 -2.96 68.39
CA ALA GC 137 36.00 -4.24 68.91
C ALA GC 137 34.65 -4.62 68.30
N GLY GC 138 33.94 -3.61 67.80
CA GLY GC 138 32.73 -3.88 67.06
C GLY GC 138 33.06 -4.46 65.69
N ASP GC 139 34.28 -4.21 65.24
CA ASP GC 139 34.73 -4.62 63.91
C ASP GC 139 34.89 -6.12 63.77
N ASP GC 140 34.54 -6.88 64.80
CA ASP GC 140 34.63 -8.34 64.69
C ASP GC 140 33.74 -8.84 63.56
N ILE GC 141 32.54 -8.29 63.44
CA ILE GC 141 31.60 -8.75 62.42
C ILE GC 141 32.15 -8.51 61.04
N LEU GC 142 32.71 -7.33 60.80
CA LEU GC 142 33.18 -6.97 59.47
C LEU GC 142 34.36 -7.84 59.04
N LEU GC 143 35.35 -7.98 59.92
CA LEU GC 143 36.52 -8.76 59.56
C LEU GC 143 36.24 -10.26 59.48
N GLN GC 144 35.10 -10.72 59.98
CA GLN GC 144 34.78 -12.13 59.92
C GLN GC 144 34.33 -12.51 58.51
N ASP GC 145 34.08 -13.79 58.33
CA ASP GC 145 33.58 -14.33 57.07
C ASP GC 145 32.18 -14.87 57.31
N MET GC 146 31.21 -14.39 56.54
CA MET GC 146 29.85 -14.90 56.64
C MET GC 146 29.78 -16.29 56.05
N GLY GC 147 29.23 -17.23 56.80
CA GLY GC 147 29.07 -18.57 56.29
C GLY GC 147 28.08 -18.61 55.12
N PHE GC 148 28.30 -19.56 54.22
CA PHE GC 148 27.41 -19.72 53.08
C PHE GC 148 26.00 -19.99 53.56
N GLY GC 149 25.03 -19.27 53.02
CA GLY GC 149 23.66 -19.40 53.44
C GLY GC 149 23.11 -18.25 54.28
N VAL GC 150 23.82 -17.13 54.37
CA VAL GC 150 23.29 -15.97 55.07
C VAL GC 150 22.44 -15.16 54.10
N SER GC 151 21.14 -15.09 54.37
CA SER GC 151 20.23 -14.30 53.54
C SER GC 151 20.67 -12.84 53.51
N GLN GC 152 20.44 -12.20 52.37
CA GLN GC 152 20.82 -10.81 52.17
C GLN GC 152 20.31 -9.93 53.30
N ARG GC 153 19.06 -10.13 53.70
CA ARG GC 153 18.47 -9.41 54.82
C ARG GC 153 19.34 -9.56 56.05
N LEU GC 154 19.78 -10.80 56.32
CA LEU GC 154 20.63 -11.01 57.49
C LEU GC 154 21.92 -10.22 57.37
N GLU GC 155 22.46 -10.10 56.15
CA GLU GC 155 23.66 -9.31 55.97
C GLU GC 155 23.43 -7.85 56.27
N GLN GC 156 22.30 -7.29 55.81
CA GLN GC 156 22.00 -5.91 56.14
C GLN GC 156 21.85 -5.73 57.65
N GLU GC 157 21.18 -6.67 58.30
CA GLU GC 157 21.00 -6.58 59.74
C GLU GC 157 22.35 -6.62 60.46
N ARG GC 158 23.26 -7.46 59.98
CA ARG GC 158 24.57 -7.55 60.63
C ARG GC 158 25.41 -6.30 60.39
N LEU GC 159 25.27 -5.69 59.21
CA LEU GC 159 25.94 -4.41 58.99
C LEU GC 159 25.40 -3.34 59.94
N LYS GC 160 24.08 -3.27 60.08
CA LYS GC 160 23.49 -2.34 61.03
C LYS GC 160 24.00 -2.60 62.44
N LEU GC 161 24.05 -3.88 62.82
CA LEU GC 161 24.54 -4.23 64.15
C LEU GC 161 25.99 -3.81 64.34
N SER GC 162 26.81 -3.98 63.31
CA SER GC 162 28.21 -3.57 63.40
C SER GC 162 28.32 -2.07 63.60
N ARG GC 163 27.53 -1.29 62.85
CA ARG GC 163 27.55 0.16 63.03
C ARG GC 163 27.08 0.54 64.42
N GLU GC 164 26.06 -0.16 64.93
CA GLU GC 164 25.61 0.08 66.29
C GLU GC 164 26.72 -0.19 67.29
N ARG GC 165 27.46 -1.29 67.10
CA ARG GC 165 28.51 -1.63 68.04
C ARG GC 165 29.62 -0.59 68.04
N GLN GC 166 30.04 -0.14 66.86
CA GLN GC 166 31.11 0.86 66.86
C GLN GC 166 30.62 2.21 67.36
N LEU GC 167 29.37 2.57 67.12
CA LEU GC 167 28.84 3.79 67.71
C LEU GC 167 28.81 3.70 69.23
N ALA GC 168 28.37 2.56 69.76
CA ALA GC 168 28.36 2.38 71.21
C ALA GC 168 29.77 2.45 71.77
N GLN GC 169 30.74 1.86 71.06
CA GLN GC 169 32.12 1.94 71.52
C GLN GC 169 32.63 3.36 71.53
N ALA GC 170 32.27 4.14 70.51
CA ALA GC 170 32.68 5.55 70.49
C ALA GC 170 32.04 6.33 71.63
N ILE GC 171 30.76 6.07 71.90
CA ILE GC 171 30.08 6.77 72.98
C ILE GC 171 30.67 6.38 74.34
N GLU GC 172 31.06 5.12 74.50
CA GLU GC 172 31.59 4.67 75.78
C GLU GC 172 32.89 5.40 76.14
N GLU GC 173 33.53 6.02 75.16
CA GLU GC 173 34.69 6.85 75.47
C GLU GC 173 34.31 8.15 76.17
N MET GC 174 33.03 8.50 76.21
CA MET GC 174 32.61 9.71 76.91
C MET GC 174 32.81 9.55 78.41
N LYS GC 175 33.30 10.62 79.04
CA LYS GC 175 33.60 10.56 80.47
C LYS GC 175 32.32 10.35 81.28
N GLN GC 176 31.25 11.03 80.92
CA GLN GC 176 30.00 10.91 81.67
C GLN GC 176 29.30 9.59 81.37
N VAL GC 177 29.54 9.00 80.21
CA VAL GC 177 28.81 7.83 79.76
C VAL GC 177 29.54 6.58 80.23
N ARG GC 178 28.80 5.70 80.90
CA ARG GC 178 29.33 4.40 81.32
C ARG GC 178 28.84 3.25 80.47
N LYS GC 179 27.57 3.28 80.06
CA LYS GC 179 27.02 2.25 79.19
C LYS GC 179 26.19 2.90 78.09
N ALA GC 180 26.31 2.39 76.87
CA ALA GC 180 25.60 2.94 75.73
C ALA GC 180 25.01 1.83 74.89
N ARG GC 181 23.80 2.05 74.40
CA ARG GC 181 23.13 1.12 73.52
C ARG GC 181 22.49 1.89 72.38
N VAL GC 182 22.72 1.46 71.14
CA VAL GC 182 22.33 2.21 69.96
C VAL GC 182 21.44 1.34 69.08
N LEU GC 183 20.32 1.90 68.63
CA LEU GC 183 19.43 1.24 67.69
C LEU GC 183 19.22 2.16 66.50
N LEU GC 184 19.14 1.59 65.30
CA LEU GC 184 19.07 2.38 64.08
C LEU GC 184 17.84 2.01 63.26
N ALA GC 185 17.52 2.88 62.30
CA ALA GC 185 16.41 2.63 61.38
C ALA GC 185 16.77 3.27 60.05
N LEU GC 186 16.99 2.43 59.03
CA LEU GC 186 17.51 2.82 57.74
C LEU GC 186 16.43 3.45 56.85
N PRO GC 187 16.83 4.30 55.89
CA PRO GC 187 15.84 4.98 55.04
C PRO GC 187 15.51 4.23 53.76
N LYS GC 188 14.68 4.87 52.92
CA LYS GC 188 14.40 4.41 51.57
C LYS GC 188 14.73 5.45 50.51
N HIS GC 189 14.48 6.73 50.79
CA HIS GC 189 14.84 7.85 49.91
C HIS GC 189 14.22 7.70 48.51
N SER GC 190 12.89 7.68 48.49
CA SER GC 190 12.15 7.81 47.25
C SER GC 190 11.88 9.28 47.00
N VAL GC 191 11.99 9.70 45.74
CA VAL GC 191 11.80 11.10 45.40
C VAL GC 191 10.41 11.55 45.81
N PHE GC 192 9.42 10.68 45.65
CA PHE GC 192 8.09 10.97 46.17
C PHE GC 192 8.14 11.14 47.68
N VAL GC 193 7.51 12.21 48.16
CA VAL GC 193 7.50 12.47 49.59
C VAL GC 193 6.65 11.44 50.32
N ARG GC 194 5.47 11.12 49.77
CA ARG GC 194 4.52 10.28 50.49
C ARG GC 194 5.06 8.87 50.72
N HIS GC 195 6.09 8.47 49.98
CA HIS GC 195 6.68 7.15 50.18
C HIS GC 195 8.05 7.20 50.82
N ASN GC 196 8.65 8.38 50.96
CA ASN GC 196 9.95 8.47 51.60
C ASN GC 196 9.83 8.08 53.07
N GLN GC 197 10.84 7.36 53.56
CA GLN GC 197 10.81 6.82 54.91
C GLN GC 197 11.70 7.56 55.88
N GLU GC 198 12.90 7.92 55.44
CA GLU GC 198 13.86 8.72 56.22
C GLU GC 198 14.41 7.94 57.40
N ALA GC 199 15.68 8.18 57.72
CA ALA GC 199 16.38 7.40 58.73
C ALA GC 199 16.15 7.97 60.12
N SER GC 200 16.47 7.17 61.12
CA SER GC 200 16.35 7.61 62.51
C SER GC 200 17.22 6.73 63.40
N ALA GC 201 17.33 7.13 64.66
CA ALA GC 201 18.11 6.39 65.63
C ALA GC 201 17.49 6.54 67.01
N SER GC 202 17.97 5.72 67.93
CA SER GC 202 17.57 5.81 69.33
C SER GC 202 18.72 5.28 70.17
N VAL GC 203 19.30 6.13 71.02
CA VAL GC 203 20.46 5.76 71.81
C VAL GC 203 20.12 5.94 73.28
N PHE GC 204 20.29 4.86 74.04
CA PHE GC 204 20.13 4.88 75.49
C PHE GC 204 21.49 4.90 76.14
N LEU GC 205 21.59 5.56 77.28
CA LEU GC 205 22.84 5.66 78.02
C LEU GC 205 22.59 5.52 79.51
N THR GC 206 23.47 4.77 80.17
CA THR GC 206 23.59 4.79 81.63
C THR GC 206 24.83 5.62 81.94
N LEU GC 207 24.62 6.77 82.58
CA LEU GC 207 25.68 7.72 82.83
C LEU GC 207 26.48 7.30 84.06
N SER GC 208 27.33 8.19 84.55
CA SER GC 208 28.02 7.93 85.81
C SER GC 208 27.02 7.99 86.97
N THR GC 209 27.53 7.75 88.18
CA THR GC 209 26.66 7.73 89.35
C THR GC 209 25.99 9.08 89.56
N GLY GC 210 26.75 10.17 89.46
CA GLY GC 210 26.21 11.51 89.49
C GLY GC 210 26.23 12.16 88.13
N THR GC 211 26.16 13.49 88.13
CA THR GC 211 26.28 14.32 86.94
C THR GC 211 25.13 14.12 85.97
N ASN GC 212 24.80 15.16 85.21
CA ASN GC 212 23.77 15.08 84.19
C ASN GC 212 24.27 15.76 82.92
N LEU GC 213 23.79 15.27 81.78
CA LEU GC 213 24.25 15.78 80.50
C LEU GC 213 23.82 17.22 80.31
N LYS GC 214 24.76 18.06 79.89
CA LYS GC 214 24.45 19.42 79.53
C LYS GC 214 23.92 19.50 78.11
N GLN GC 215 23.54 20.71 77.70
CA GLN GC 215 23.08 20.91 76.33
C GLN GC 215 24.22 20.67 75.34
N GLN GC 216 25.44 21.08 75.69
CA GLN GC 216 26.58 20.82 74.82
C GLN GC 216 26.83 19.33 74.67
N GLU GC 217 26.73 18.57 75.76
CA GLU GC 217 26.99 17.13 75.71
C GLU GC 217 26.01 16.44 74.78
N VAL GC 218 24.71 16.70 74.96
CA VAL GC 218 23.72 16.07 74.11
C VAL GC 218 23.87 16.53 72.67
N ASP GC 219 24.25 17.79 72.45
CA ASP GC 219 24.49 18.24 71.09
C ASP GC 219 25.63 17.48 70.44
N SER GC 220 26.72 17.26 71.19
CA SER GC 220 27.83 16.49 70.65
C SER GC 220 27.42 15.07 70.34
N ILE GC 221 26.66 14.45 71.24
CA ILE GC 221 26.20 13.08 71.03
C ILE GC 221 25.37 12.99 69.76
N VAL GC 222 24.38 13.87 69.63
CA VAL GC 222 23.48 13.78 68.50
C VAL GC 222 24.22 14.07 67.21
N ASP GC 223 25.16 15.02 67.24
CA ASP GC 223 25.89 15.32 66.01
C ASP GC 223 26.75 14.15 65.59
N MET GC 224 27.42 13.49 66.55
CA MET GC 224 28.24 12.33 66.20
C MET GC 224 27.39 11.22 65.61
N VAL GC 225 26.27 10.90 66.27
CA VAL GC 225 25.42 9.84 65.76
C VAL GC 225 24.89 10.20 64.38
N ALA GC 226 24.47 11.45 64.21
CA ALA GC 226 23.88 11.86 62.94
C ALA GC 226 24.88 11.74 61.82
N SER GC 227 26.08 12.28 62.00
CA SER GC 227 27.03 12.30 60.91
C SER GC 227 27.73 10.95 60.71
N ALA GC 228 27.60 10.03 61.66
CA ALA GC 228 28.23 8.72 61.48
C ALA GC 228 27.47 7.87 60.48
N VAL GC 229 26.16 8.08 60.36
CA VAL GC 229 25.29 7.20 59.58
C VAL GC 229 24.69 7.96 58.41
N PRO GC 230 24.59 7.36 57.22
CA PRO GC 230 24.05 8.09 56.06
C PRO GC 230 22.63 8.57 56.32
N GLY GC 231 22.32 9.74 55.78
CA GLY GC 231 21.01 10.33 56.03
C GLY GC 231 20.89 10.75 57.48
N MET GC 232 19.73 10.42 58.08
CA MET GC 232 19.42 10.63 59.49
C MET GC 232 19.86 12.00 59.98
N LYS GC 233 19.25 13.06 59.45
CA LYS GC 233 19.58 14.40 59.90
C LYS GC 233 19.34 14.54 61.39
N THR GC 234 20.01 15.53 61.99
CA THR GC 234 20.10 15.67 63.43
C THR GC 234 18.75 15.81 64.12
N SER GC 235 17.65 15.90 63.39
CA SER GC 235 16.36 16.18 63.99
C SER GC 235 15.59 14.92 64.38
N ARG GC 236 16.15 13.73 64.18
CA ARG GC 236 15.41 12.50 64.41
C ARG GC 236 16.21 11.53 65.26
N ILE GC 237 16.96 12.05 66.23
CA ILE GC 237 17.77 11.23 67.12
C ILE GC 237 17.19 11.33 68.52
N THR GC 238 16.85 10.19 69.10
CA THR GC 238 16.28 10.16 70.45
C THR GC 238 17.37 9.73 71.43
N VAL GC 239 17.66 10.59 72.39
CA VAL GC 239 18.65 10.31 73.43
C VAL GC 239 17.94 10.33 74.78
N THR GC 240 18.02 9.21 75.48
CA THR GC 240 17.45 9.09 76.82
C THR GC 240 18.56 8.74 77.80
N ASP GC 241 18.17 8.45 79.04
CA ASP GC 241 19.13 8.24 80.11
C ASP GC 241 18.60 7.16 81.04
N GLN GC 242 19.41 6.82 82.05
CA GLN GC 242 18.99 5.86 83.05
C GLN GC 242 17.80 6.37 83.84
N HIS GC 243 17.84 7.63 84.27
CA HIS GC 243 16.71 8.19 84.99
C HIS GC 243 15.49 8.35 84.09
N GLY GC 244 15.70 8.44 82.78
CA GLY GC 244 14.60 8.52 81.86
C GLY GC 244 14.15 9.91 81.48
N ARG GC 245 14.97 10.93 81.74
CA ARG GC 245 14.62 12.27 81.30
C ARG GC 245 14.92 12.41 79.81
N LEU GC 246 13.95 12.93 79.07
CA LEU GC 246 14.10 13.04 77.62
C LEU GC 246 15.16 14.08 77.28
N LEU GC 247 16.09 13.71 76.40
CA LEU GC 247 17.12 14.64 75.98
C LEU GC 247 17.03 15.03 74.51
N SER GC 248 16.26 14.29 73.71
CA SER GC 248 16.03 14.66 72.32
C SER GC 248 14.87 13.87 71.75
N SER GC 249 13.86 14.54 71.20
CA SER GC 249 12.72 13.86 70.61
C SER GC 249 13.03 13.48 69.17
N GLY GC 250 12.01 13.06 68.44
CA GLY GC 250 12.16 12.71 67.05
C GLY GC 250 10.98 13.14 66.21
N ALA HC 137 22.52 -8.61 74.14
CA ALA HC 137 21.84 -9.85 74.52
C ALA HC 137 20.72 -10.18 73.53
N GLY HC 138 20.22 -9.16 72.85
CA GLY HC 138 19.23 -9.39 71.82
C GLY HC 138 19.84 -9.92 70.54
N ASP HC 139 21.09 -9.55 70.29
CA ASP HC 139 21.77 -9.84 69.04
C ASP HC 139 22.06 -11.31 68.83
N ASP HC 140 21.66 -12.16 69.78
CA ASP HC 140 21.91 -13.59 69.64
C ASP HC 140 21.29 -14.13 68.36
N ILE HC 141 20.10 -13.64 68.02
CA ILE HC 141 19.42 -14.12 66.82
C ILE HC 141 20.17 -13.73 65.57
N LEU HC 142 20.58 -12.46 65.48
CA LEU HC 142 21.25 -11.97 64.28
C LEU HC 142 22.56 -12.71 64.05
N LEU HC 143 23.40 -12.78 65.07
CA LEU HC 143 24.67 -13.47 64.94
C LEU HC 143 24.52 -14.97 64.82
N GLN HC 144 23.31 -15.50 65.04
CA GLN HC 144 23.04 -16.90 64.75
C GLN HC 144 22.84 -17.09 63.26
N ASP HC 145 22.88 -18.34 62.83
CA ASP HC 145 22.74 -18.69 61.42
C ASP HC 145 21.49 -19.55 61.24
N MET HC 146 20.56 -19.07 60.41
CA MET HC 146 19.38 -19.86 60.09
C MET HC 146 19.74 -21.01 59.17
N GLY HC 147 19.15 -22.17 59.43
CA GLY HC 147 19.31 -23.29 58.53
C GLY HC 147 18.40 -23.16 57.33
N PHE HC 148 18.53 -24.12 56.41
CA PHE HC 148 17.71 -24.04 55.20
C PHE HC 148 16.26 -24.42 55.48
N GLY HC 149 15.93 -24.77 56.72
CA GLY HC 149 14.54 -24.99 57.07
C GLY HC 149 13.69 -23.74 57.05
N VAL HC 150 14.23 -22.59 57.47
CA VAL HC 150 13.43 -21.38 57.59
C VAL HC 150 12.93 -20.95 56.21
N SER HC 151 11.96 -20.03 56.22
CA SER HC 151 11.31 -19.66 54.96
C SER HC 151 10.73 -18.25 55.09
N GLN HC 152 11.46 -17.26 54.54
CA GLN HC 152 10.90 -15.95 54.28
C GLN HC 152 10.18 -15.36 55.49
N ARG HC 153 8.87 -15.60 55.57
CA ARG HC 153 8.06 -15.01 56.63
C ARG HC 153 8.67 -15.26 57.99
N LEU HC 154 9.00 -16.53 58.28
CA LEU HC 154 9.58 -16.85 59.57
C LEU HC 154 10.81 -16.01 59.84
N GLU HC 155 11.69 -15.88 58.83
CA GLU HC 155 12.85 -15.02 58.99
C GLU HC 155 12.46 -13.64 59.47
N GLN HC 156 11.48 -13.02 58.78
CA GLN HC 156 11.03 -11.70 59.19
C GLN HC 156 10.70 -11.69 60.66
N GLU HC 157 9.89 -12.64 61.12
CA GLU HC 157 9.48 -12.65 62.51
C GLU HC 157 10.69 -12.58 63.42
N ARG HC 158 11.69 -13.44 63.17
CA ARG HC 158 12.82 -13.47 64.07
C ARG HC 158 13.53 -12.13 64.09
N LEU HC 159 13.68 -11.48 62.94
CA LEU HC 159 14.26 -10.14 62.93
C LEU HC 159 13.51 -9.22 63.85
N LYS HC 160 12.18 -9.16 63.71
CA LYS HC 160 11.39 -8.32 64.60
C LYS HC 160 11.66 -8.69 66.04
N LEU HC 161 11.65 -9.99 66.34
CA LEU HC 161 11.86 -10.41 67.72
C LEU HC 161 13.13 -9.80 68.27
N SER HC 162 14.21 -9.82 67.49
CA SER HC 162 15.47 -9.25 67.95
C SER HC 162 15.26 -7.81 68.40
N ARG HC 163 14.66 -6.99 67.54
CA ARG HC 163 14.39 -5.61 67.95
C ARG HC 163 13.66 -5.57 69.28
N GLU HC 164 12.56 -6.32 69.38
CA GLU HC 164 11.82 -6.36 70.64
C GLU HC 164 12.77 -6.60 71.79
N ARG HC 165 13.57 -7.67 71.69
CA ARG HC 165 14.44 -8.02 72.78
C ARG HC 165 15.36 -6.86 73.13
N GLN HC 166 16.06 -6.32 72.13
CA GLN HC 166 16.99 -5.25 72.46
C GLN HC 166 16.23 -4.03 72.96
N LEU HC 167 15.06 -3.75 72.38
CA LEU HC 167 14.25 -2.66 72.90
C LEU HC 167 13.88 -2.91 74.35
N ALA HC 168 13.48 -4.15 74.67
CA ALA HC 168 13.23 -4.48 76.06
C ALA HC 168 14.46 -4.18 76.90
N GLN HC 169 15.64 -4.56 76.40
CA GLN HC 169 16.86 -4.27 77.13
C GLN HC 169 17.00 -2.78 77.40
N ALA HC 170 16.71 -1.96 76.40
CA ALA HC 170 16.86 -0.52 76.57
C ALA HC 170 15.97 -0.01 77.68
N ILE HC 171 14.82 -0.64 77.88
CA ILE HC 171 13.92 -0.16 78.92
C ILE HC 171 14.36 -0.66 80.28
N GLU HC 172 15.04 -1.79 80.33
CA GLU HC 172 15.33 -2.42 81.62
C GLU HC 172 16.27 -1.56 82.44
N GLU HC 173 17.25 -0.92 81.81
CA GLU HC 173 18.25 -0.16 82.54
C GLU HC 173 17.68 1.09 83.20
N MET HC 174 16.44 1.46 82.89
CA MET HC 174 15.79 2.55 83.60
C MET HC 174 15.58 2.17 85.06
N LYS HC 175 15.76 3.15 85.94
CA LYS HC 175 15.54 2.91 87.37
C LYS HC 175 14.09 2.56 87.65
N GLN HC 176 13.16 3.22 86.95
CA GLN HC 176 11.75 3.05 87.24
C GLN HC 176 11.22 1.72 86.74
N VAL HC 177 11.64 1.29 85.56
CA VAL HC 177 11.13 0.08 84.94
C VAL HC 177 11.88 -1.12 85.50
N ARG HC 178 11.15 -2.11 86.01
CA ARG HC 178 11.74 -3.35 86.47
C ARG HC 178 11.68 -4.44 85.41
N LYS HC 179 10.65 -4.46 84.58
CA LYS HC 179 10.56 -5.41 83.49
C LYS HC 179 9.83 -4.75 82.33
N ALA HC 180 10.21 -5.12 81.12
CA ALA HC 180 9.58 -4.58 79.92
C ALA HC 180 9.31 -5.69 78.93
N ARG HC 181 8.29 -5.49 78.10
CA ARG HC 181 7.94 -6.45 77.07
C ARG HC 181 7.34 -5.70 75.90
N VAL HC 182 7.90 -5.90 74.70
CA VAL HC 182 7.53 -5.11 73.54
C VAL HC 182 6.87 -6.01 72.51
N LEU HC 183 5.79 -5.52 71.91
CA LEU HC 183 5.18 -6.17 70.77
C LEU HC 183 5.09 -5.18 69.62
N LEU HC 184 5.47 -5.60 68.43
CA LEU HC 184 5.51 -4.73 67.28
C LEU HC 184 4.54 -5.22 66.22
N ALA HC 185 4.20 -4.32 65.30
CA ALA HC 185 3.38 -4.68 64.15
C ALA HC 185 3.87 -3.83 63.00
N LEU HC 186 4.74 -4.41 62.17
CA LEU HC 186 5.29 -3.72 61.01
C LEU HC 186 4.68 -4.33 59.75
N PRO HC 187 3.81 -3.63 59.06
CA PRO HC 187 3.31 -4.14 57.78
C PRO HC 187 4.39 -4.11 56.71
N LYS HC 188 4.04 -4.51 55.49
CA LYS HC 188 5.03 -4.71 54.45
C LYS HC 188 5.54 -3.41 53.85
N HIS HC 189 4.76 -2.32 53.90
CA HIS HC 189 5.08 -1.10 53.17
C HIS HC 189 5.31 -1.41 51.69
N SER HC 190 4.22 -1.85 51.07
CA SER HC 190 4.28 -2.49 49.77
C SER HC 190 4.84 -1.58 48.69
N VAL HC 191 5.53 -2.20 47.73
CA VAL HC 191 5.93 -1.55 46.49
C VAL HC 191 4.67 -1.29 45.68
N PHE HC 192 4.81 -0.58 44.55
CA PHE HC 192 3.74 0.07 43.81
C PHE HC 192 3.30 1.33 44.54
N VAL HC 193 2.13 1.85 44.21
CA VAL HC 193 1.73 3.17 44.68
C VAL HC 193 0.48 3.05 45.53
N ARG HC 194 0.34 1.95 46.25
CA ARG HC 194 -0.83 1.84 47.14
C ARG HC 194 -0.50 2.47 48.50
N HIS HC 195 -1.51 2.66 49.34
CA HIS HC 195 -1.31 3.19 50.68
C HIS HC 195 -0.95 2.07 51.64
N ASN HC 196 -0.11 2.39 52.61
CA ASN HC 196 0.43 1.42 53.54
C ASN HC 196 -0.38 1.43 54.84
N GLN HC 197 0.10 0.69 55.84
CA GLN HC 197 -0.73 0.33 56.98
C GLN HC 197 -0.31 0.95 58.31
N GLU HC 198 0.70 1.83 58.33
CA GLU HC 198 0.97 2.67 59.50
C GLU HC 198 1.29 1.82 60.74
N ALA HC 199 2.49 1.23 60.72
CA ALA HC 199 2.95 0.31 61.74
C ALA HC 199 2.66 0.79 63.15
N SER HC 200 2.53 -0.17 64.07
CA SER HC 200 2.11 0.11 65.45
C SER HC 200 2.97 -0.69 66.44
N ALA HC 201 2.83 -0.34 67.72
CA ALA HC 201 3.58 -1.00 68.78
C ALA HC 201 2.79 -0.96 70.07
N SER HC 202 3.17 -1.83 70.99
CA SER HC 202 2.59 -1.86 72.33
C SER HC 202 3.64 -2.37 73.30
N VAL HC 203 4.00 -1.55 74.29
CA VAL HC 203 5.04 -1.90 75.24
C VAL HC 203 4.42 -1.96 76.63
N PHE HC 204 4.57 -3.11 77.28
CA PHE HC 204 4.06 -3.33 78.63
C PHE HC 204 5.22 -3.21 79.60
N LEU HC 205 4.97 -2.55 80.73
CA LEU HC 205 6.01 -2.30 81.72
C LEU HC 205 5.53 -2.76 83.09
N THR HC 206 6.39 -3.46 83.80
CA THR HC 206 6.23 -3.69 85.23
C THR HC 206 7.24 -2.78 85.92
N LEU HC 207 6.73 -1.76 86.61
CA LEU HC 207 7.57 -0.72 87.15
C LEU HC 207 8.23 -1.20 88.44
N SER HC 208 8.83 -0.29 89.19
CA SER HC 208 9.40 -0.65 90.48
C SER HC 208 8.30 -1.07 91.45
N THR HC 209 8.70 -1.45 92.65
CA THR HC 209 7.73 -1.93 93.64
C THR HC 209 6.67 -0.88 93.93
N GLY HC 210 7.08 0.37 94.08
CA GLY HC 210 6.14 1.48 94.17
C GLY HC 210 6.22 2.33 92.92
N THR HC 211 6.25 3.64 93.11
CA THR HC 211 6.53 4.61 92.06
C THR HC 211 5.44 4.70 91.00
N ASN HC 212 5.28 5.89 90.43
CA ASN HC 212 4.38 6.13 89.31
C ASN HC 212 5.13 6.97 88.29
N LEU HC 213 5.16 6.50 87.04
CA LEU HC 213 5.94 7.17 86.01
C LEU HC 213 5.39 8.56 85.72
N LYS HC 214 6.30 9.49 85.48
CA LYS HC 214 5.89 10.85 85.13
C LYS HC 214 5.61 10.96 83.65
N GLN HC 215 5.01 12.08 83.26
CA GLN HC 215 4.76 12.33 81.85
C GLN HC 215 6.05 12.42 81.06
N GLN HC 216 7.10 12.96 81.67
CA GLN HC 216 8.40 13.00 81.01
C GLN HC 216 8.91 11.59 80.72
N GLU HC 217 8.74 10.68 81.69
CA GLU HC 217 9.24 9.32 81.52
C GLU HC 217 8.51 8.59 80.40
N VAL HC 218 7.17 8.68 80.39
CA VAL HC 218 6.42 8.01 79.33
C VAL HC 218 6.74 8.66 77.99
N ASP HC 219 6.98 9.96 77.98
CA ASP HC 219 7.37 10.63 76.75
C ASP HC 219 8.70 10.09 76.24
N SER HC 220 9.66 9.90 77.14
CA SER HC 220 10.95 9.33 76.73
C SER HC 220 10.78 7.91 76.19
N ILE HC 221 9.95 7.12 76.87
CA ILE HC 221 9.71 5.75 76.42
C ILE HC 221 9.15 5.75 75.00
N VAL HC 222 8.11 6.53 74.76
CA VAL HC 222 7.46 6.50 73.46
C VAL HC 222 8.38 7.06 72.39
N ASP HC 223 9.15 8.10 72.71
CA ASP HC 223 10.06 8.65 71.72
C ASP HC 223 11.13 7.63 71.33
N MET HC 224 11.72 6.96 72.31
CA MET HC 224 12.74 5.97 71.98
C MET HC 224 12.17 4.84 71.15
N VAL HC 225 11.00 4.33 71.53
CA VAL HC 225 10.41 3.22 70.78
C VAL HC 225 10.07 3.65 69.37
N ALA HC 226 9.47 4.83 69.21
CA ALA HC 226 9.07 5.29 67.89
C ALA HC 226 10.26 5.53 66.99
N SER HC 227 11.33 6.14 67.51
CA SER HC 227 12.49 6.40 66.67
C SER HC 227 13.34 5.16 66.47
N ALA HC 228 13.13 4.10 67.25
CA ALA HC 228 13.95 2.91 67.11
C ALA HC 228 13.52 2.08 65.90
N VAL HC 229 12.25 2.14 65.53
CA VAL HC 229 11.67 1.26 64.52
C VAL HC 229 11.23 2.11 63.34
N PRO HC 230 11.56 1.72 62.10
CA PRO HC 230 11.27 2.59 60.96
C PRO HC 230 9.78 2.88 60.81
N GLY HC 231 9.48 4.10 60.39
CA GLY HC 231 8.09 4.52 60.33
C GLY HC 231 7.54 4.66 61.73
N MET HC 232 6.28 4.26 61.89
CA MET HC 232 5.59 4.21 63.18
C MET HC 232 5.83 5.48 64.00
N LYS HC 233 5.24 6.56 63.50
CA LYS HC 233 5.23 7.85 64.18
C LYS HC 233 4.75 7.71 65.62
N THR HC 234 5.16 8.63 66.48
CA THR HC 234 4.98 8.48 67.92
C THR HC 234 3.54 8.33 68.36
N SER HC 235 2.57 8.49 67.47
CA SER HC 235 1.17 8.40 67.83
C SER HC 235 0.58 7.01 67.61
N ARG HC 236 1.41 5.98 67.61
CA ARG HC 236 0.97 4.60 67.45
C ARG HC 236 1.54 3.69 68.53
N ILE HC 237 1.74 4.24 69.72
CA ILE HC 237 2.37 3.51 70.81
C ILE HC 237 1.40 3.45 71.98
N THR HC 238 1.14 2.24 72.47
CA THR HC 238 0.34 2.04 73.66
C THR HC 238 1.26 1.60 74.79
N VAL HC 239 1.30 2.38 75.85
CA VAL HC 239 2.14 2.10 77.02
C VAL HC 239 1.23 1.86 78.20
N THR HC 240 1.36 0.69 78.81
CA THR HC 240 0.58 0.32 79.98
C THR HC 240 1.52 -0.07 81.09
N ASP HC 241 0.95 -0.34 82.26
CA ASP HC 241 1.74 -0.66 83.45
C ASP HC 241 1.14 -1.89 84.13
N GLN HC 242 1.82 -2.36 85.16
CA GLN HC 242 1.35 -3.52 85.89
C GLN HC 242 0.01 -3.24 86.57
N HIS HC 243 -0.15 -2.04 87.13
CA HIS HC 243 -1.40 -1.68 87.79
C HIS HC 243 -2.54 -1.46 86.81
N GLY HC 244 -2.23 -1.24 85.54
CA GLY HC 244 -3.24 -1.17 84.51
C GLY HC 244 -3.65 0.20 84.04
N ARG HC 245 -3.03 1.26 84.54
CA ARG HC 245 -3.37 2.58 84.06
C ARG HC 245 -2.75 2.84 82.69
N LEU HC 246 -3.59 3.22 81.74
CA LEU HC 246 -3.15 3.45 80.37
C LEU HC 246 -2.31 4.71 80.30
N LEU HC 247 -1.17 4.64 79.62
CA LEU HC 247 -0.25 5.77 79.59
C LEU HC 247 -0.11 6.43 78.22
N SER HC 248 -0.62 5.82 77.16
CA SER HC 248 -0.54 6.43 75.84
C SER HC 248 -1.54 5.77 74.90
N SER HC 249 -2.42 6.57 74.32
CA SER HC 249 -3.48 6.05 73.47
C SER HC 249 -2.92 5.47 72.18
N GLY HC 250 -3.79 4.85 71.40
CA GLY HC 250 -3.40 4.28 70.13
C GLY HC 250 -4.36 4.64 69.01
N ALA IC 137 8.00 -16.59 77.55
CA ALA IC 137 8.21 -17.87 76.90
C ALA IC 137 7.16 -18.11 75.81
N GLY IC 138 6.74 -17.04 75.16
CA GLY IC 138 5.84 -17.17 74.04
C GLY IC 138 6.58 -17.41 72.74
N ASP IC 139 7.69 -16.71 72.56
CA ASP IC 139 8.41 -16.68 71.29
C ASP IC 139 9.12 -17.99 70.97
N ASP IC 140 8.92 -19.02 71.78
CA ASP IC 140 9.58 -20.30 71.53
C ASP IC 140 9.25 -20.82 70.13
N ILE IC 141 8.02 -20.57 69.67
CA ILE IC 141 7.61 -21.06 68.35
C ILE IC 141 8.48 -20.44 67.27
N LEU IC 142 8.72 -19.13 67.36
CA LEU IC 142 9.53 -18.45 66.35
C LEU IC 142 10.95 -18.99 66.34
N LEU IC 143 11.53 -19.21 67.53
CA LEU IC 143 12.91 -19.64 67.61
C LEU IC 143 13.09 -21.12 67.28
N GLN IC 144 12.02 -21.87 67.11
CA GLN IC 144 12.17 -23.21 66.56
C GLN IC 144 12.36 -23.14 65.05
N ASP IC 145 12.79 -24.25 64.47
CA ASP IC 145 13.09 -24.29 63.05
C ASP IC 145 11.88 -24.65 62.20
N MET IC 146 10.73 -24.95 62.81
CA MET IC 146 9.47 -25.11 62.11
C MET IC 146 9.54 -26.19 61.05
N GLY IC 147 10.51 -27.11 61.19
CA GLY IC 147 10.68 -28.20 60.26
C GLY IC 147 10.71 -27.78 58.81
N PHE IC 148 10.01 -28.53 57.97
CA PHE IC 148 9.94 -28.21 56.54
C PHE IC 148 8.72 -28.89 55.95
N GLY IC 149 8.22 -28.31 54.87
CA GLY IC 149 7.01 -28.78 54.24
C GLY IC 149 5.72 -28.21 54.82
N VAL IC 150 5.82 -27.43 55.90
CA VAL IC 150 4.64 -26.81 56.50
C VAL IC 150 4.03 -25.85 55.49
N SER IC 151 2.73 -26.06 55.20
CA SER IC 151 2.05 -25.25 54.21
C SER IC 151 1.90 -23.82 54.71
N GLN IC 152 1.66 -22.90 53.77
CA GLN IC 152 1.52 -21.49 54.09
C GLN IC 152 0.42 -21.26 55.12
N ARG IC 153 -0.72 -21.93 54.96
CA ARG IC 153 -1.81 -21.78 55.91
C ARG IC 153 -1.33 -22.14 57.32
N LEU IC 154 -0.64 -23.26 57.44
CA LEU IC 154 -0.17 -23.71 58.74
C LEU IC 154 0.82 -22.72 59.34
N GLU IC 155 1.70 -22.15 58.50
CA GLU IC 155 2.66 -21.19 59.00
C GLU IC 155 1.97 -19.93 59.53
N GLN IC 156 0.97 -19.43 58.79
CA GLN IC 156 0.23 -18.28 59.28
C GLN IC 156 -0.44 -18.60 60.60
N GLU IC 157 -1.02 -19.80 60.70
CA GLU IC 157 -1.69 -20.18 61.94
C GLU IC 157 -0.72 -20.20 63.10
N ARG IC 158 0.48 -20.76 62.89
CA ARG IC 158 1.42 -20.85 63.99
C ARG IC 158 1.95 -19.48 64.39
N LEU IC 159 2.12 -18.59 63.42
CA LEU IC 159 2.53 -17.23 63.76
C LEU IC 159 1.46 -16.54 64.60
N LYS IC 160 0.19 -16.68 64.19
CA LYS IC 160 -0.88 -16.09 65.00
C LYS IC 160 -0.90 -16.70 66.39
N LEU IC 161 -0.64 -18.00 66.49
CA LEU IC 161 -0.61 -18.64 67.80
C LEU IC 161 0.47 -18.03 68.67
N SER IC 162 1.65 -17.81 68.11
CA SER IC 162 2.73 -17.19 68.88
C SER IC 162 2.33 -15.78 69.33
N ARG IC 163 1.68 -15.03 68.45
CA ARG IC 163 1.23 -13.70 68.80
C ARG IC 163 0.26 -13.75 69.98
N GLU IC 164 -0.69 -14.68 69.91
CA GLU IC 164 -1.64 -14.83 71.01
C GLU IC 164 -0.93 -15.20 72.30
N ARG IC 165 0.06 -16.08 72.22
CA ARG IC 165 0.76 -16.53 73.41
C ARG IC 165 1.48 -15.37 74.09
N GLN IC 166 2.20 -14.56 73.30
CA GLN IC 166 2.93 -13.46 73.92
C GLN IC 166 1.99 -12.38 74.43
N LEU IC 167 0.86 -12.14 73.74
CA LEU IC 167 -0.10 -11.19 74.28
C LEU IC 167 -0.66 -11.67 75.61
N ALA IC 168 -1.02 -12.94 75.70
CA ALA IC 168 -1.54 -13.48 76.96
C ALA IC 168 -0.49 -13.40 78.06
N GLN IC 169 0.76 -13.70 77.71
CA GLN IC 169 1.84 -13.58 78.69
C GLN IC 169 1.96 -12.16 79.21
N ALA IC 170 1.85 -11.18 78.32
CA ALA IC 170 1.91 -9.78 78.76
C ALA IC 170 0.73 -9.45 79.66
N ILE IC 171 -0.47 -9.90 79.31
CA ILE IC 171 -1.65 -9.57 80.11
C ILE IC 171 -1.58 -10.20 81.49
N GLU IC 172 -0.94 -11.38 81.60
CA GLU IC 172 -0.84 -12.02 82.90
C GLU IC 172 -0.16 -11.13 83.92
N GLU IC 173 0.76 -10.26 83.48
CA GLU IC 173 1.42 -9.36 84.40
C GLU IC 173 0.47 -8.32 84.99
N MET IC 174 -0.74 -8.19 84.46
CA MET IC 174 -1.73 -7.34 85.10
C MET IC 174 -2.04 -7.87 86.49
N LYS IC 175 -2.09 -6.96 87.46
CA LYS IC 175 -2.36 -7.37 88.83
C LYS IC 175 -3.76 -7.97 88.95
N GLN IC 176 -4.71 -7.45 88.18
CA GLN IC 176 -6.10 -7.85 88.36
C GLN IC 176 -6.37 -9.24 87.81
N VAL IC 177 -5.82 -9.55 86.65
CA VAL IC 177 -6.17 -10.77 85.95
C VAL IC 177 -5.35 -11.94 86.49
N ARG IC 178 -5.97 -13.10 86.56
CA ARG IC 178 -5.24 -14.33 86.88
C ARG IC 178 -4.93 -15.15 85.64
N LYS IC 179 -5.90 -15.33 84.75
CA LYS IC 179 -5.68 -16.11 83.53
C LYS IC 179 -6.24 -15.35 82.34
N ALA IC 180 -5.56 -15.44 81.21
CA ALA IC 180 -5.98 -14.75 79.99
C ALA IC 180 -5.88 -15.70 78.82
N ARG IC 181 -6.86 -15.63 77.93
CA ARG IC 181 -6.85 -16.39 76.69
C ARG IC 181 -7.21 -15.46 75.54
N VAL IC 182 -6.34 -15.40 74.54
CA VAL IC 182 -6.44 -14.41 73.47
C VAL IC 182 -6.65 -15.13 72.15
N LEU IC 183 -7.62 -14.68 71.37
CA LEU IC 183 -7.90 -15.24 70.06
C LEU IC 183 -7.88 -14.12 69.03
N LEU IC 184 -7.25 -14.39 67.89
CA LEU IC 184 -7.07 -13.41 66.83
C LEU IC 184 -7.84 -13.83 65.59
N ALA IC 185 -8.19 -12.86 64.76
CA ALA IC 185 -8.88 -13.12 63.51
C ALA IC 185 -8.37 -12.10 62.50
N LEU IC 186 -7.41 -12.51 61.69
CA LEU IC 186 -6.81 -11.65 60.69
C LEU IC 186 -7.19 -12.14 59.31
N PRO IC 187 -7.97 -11.41 58.55
CA PRO IC 187 -8.37 -11.88 57.22
C PRO IC 187 -7.23 -11.80 56.22
N LYS IC 188 -7.53 -12.09 54.95
CA LYS IC 188 -6.52 -12.19 53.91
C LYS IC 188 -6.23 -10.86 53.20
N HIS IC 189 -6.90 -9.78 53.59
CA HIS IC 189 -6.67 -8.47 52.98
C HIS IC 189 -6.88 -8.56 51.48
N SER IC 190 -5.80 -8.77 50.72
CA SER IC 190 -5.86 -9.12 49.30
C SER IC 190 -6.56 -8.02 48.48
N VAL IC 191 -5.83 -6.91 48.33
CA VAL IC 191 -6.34 -5.75 47.59
C VAL IC 191 -6.78 -6.08 46.18
N PHE IC 192 -6.46 -7.26 45.66
CA PHE IC 192 -6.90 -7.65 44.32
C PHE IC 192 -8.39 -7.95 44.27
N VAL IC 193 -9.00 -8.29 45.39
CA VAL IC 193 -10.45 -8.43 45.51
C VAL IC 193 -10.92 -7.43 46.55
N ARG IC 194 -12.10 -6.86 46.32
CA ARG IC 194 -12.58 -5.73 47.11
C ARG IC 194 -13.33 -6.14 48.37
N HIS IC 195 -13.59 -7.44 48.57
CA HIS IC 195 -14.30 -7.90 49.76
C HIS IC 195 -13.31 -8.07 50.89
N ASN IC 196 -12.96 -6.95 51.51
CA ASN IC 196 -12.15 -6.99 52.72
C ASN IC 196 -13.02 -7.33 53.92
N GLN IC 197 -12.40 -7.93 54.94
CA GLN IC 197 -13.13 -8.37 56.13
C GLN IC 197 -12.74 -7.64 57.40
N GLU IC 198 -11.53 -7.10 57.47
CA GLU IC 198 -10.99 -6.42 58.65
C GLU IC 198 -10.78 -7.41 59.80
N ALA IC 199 -9.90 -7.06 60.73
CA ALA IC 199 -9.45 -7.99 61.76
C ALA IC 199 -10.29 -7.86 63.02
N SER IC 200 -10.03 -8.75 63.97
CA SER IC 200 -10.73 -8.75 65.24
C SER IC 200 -9.94 -9.56 66.26
N ALA IC 201 -10.28 -9.36 67.53
CA ALA IC 201 -9.67 -10.12 68.60
C ALA IC 201 -10.67 -10.29 69.73
N SER IC 202 -10.49 -11.36 70.50
CA SER IC 202 -11.32 -11.65 71.66
C SER IC 202 -10.43 -12.12 72.79
N VAL IC 203 -10.47 -11.40 73.91
CA VAL IC 203 -9.63 -11.72 75.06
C VAL IC 203 -10.52 -12.06 76.23
N PHE IC 204 -10.36 -13.26 76.76
CA PHE IC 204 -11.10 -13.73 77.92
C PHE IC 204 -10.19 -13.63 79.14
N LEU IC 205 -10.69 -13.05 80.22
CA LEU IC 205 -9.89 -12.78 81.41
C LEU IC 205 -10.55 -13.38 82.63
N THR IC 206 -10.04 -14.51 83.09
CA THR IC 206 -10.45 -15.07 84.37
C THR IC 206 -9.74 -14.27 85.46
N LEU IC 207 -10.50 -13.42 86.15
CA LEU IC 207 -9.95 -12.43 87.04
C LEU IC 207 -9.72 -13.03 88.42
N SER IC 208 -9.41 -12.18 89.40
CA SER IC 208 -9.17 -12.64 90.76
C SER IC 208 -10.48 -13.07 91.40
N THR IC 209 -10.38 -13.54 92.65
CA THR IC 209 -11.56 -14.03 93.36
C THR IC 209 -12.59 -12.92 93.53
N GLY IC 210 -12.15 -11.74 93.93
CA GLY IC 210 -12.99 -10.57 93.95
C GLY IC 210 -12.50 -9.57 92.94
N THR IC 211 -12.78 -8.28 93.19
CA THR IC 211 -12.28 -7.16 92.39
C THR IC 211 -12.89 -7.15 90.99
N ASN IC 212 -13.04 -5.95 90.42
CA ASN IC 212 -13.59 -5.79 89.08
C ASN IC 212 -12.79 -4.74 88.33
N LEU IC 213 -12.75 -4.88 87.02
CA LEU IC 213 -12.00 -3.95 86.19
C LEU IC 213 -12.77 -2.66 86.00
N LYS IC 214 -12.11 -1.53 86.23
CA LYS IC 214 -12.72 -0.25 85.96
C LYS IC 214 -12.64 0.06 84.46
N GLN IC 215 -13.22 1.19 84.07
CA GLN IC 215 -13.24 1.56 82.67
C GLN IC 215 -11.83 1.79 82.14
N GLN IC 216 -10.97 2.39 82.95
CA GLN IC 216 -9.60 2.64 82.52
C GLN IC 216 -8.87 1.34 82.23
N GLU IC 217 -9.05 0.33 83.08
CA GLU IC 217 -8.32 -0.92 82.92
C GLU IC 217 -8.71 -1.64 81.63
N VAL IC 218 -10.01 -1.76 81.38
CA VAL IC 218 -10.47 -2.43 80.16
C VAL IC 218 -10.08 -1.62 78.94
N ASP IC 219 -10.11 -0.29 79.03
CA ASP IC 219 -9.68 0.51 77.89
C ASP IC 219 -8.19 0.31 77.61
N SER IC 220 -7.38 0.21 78.66
CA SER IC 220 -5.96 -0.07 78.45
C SER IC 220 -5.76 -1.44 77.83
N ILE IC 221 -6.54 -2.42 78.27
CA ILE IC 221 -6.44 -3.76 77.70
C ILE IC 221 -6.74 -3.73 76.21
N VAL IC 222 -7.85 -3.10 75.83
CA VAL IC 222 -8.22 -3.09 74.42
C VAL IC 222 -7.21 -2.29 73.61
N ASP IC 223 -6.69 -1.19 74.17
CA ASP IC 223 -5.70 -0.42 73.44
C ASP IC 223 -4.44 -1.25 73.18
N MET IC 224 -3.98 -1.99 74.19
CA MET IC 224 -2.79 -2.81 74.01
C MET IC 224 -3.03 -3.90 72.97
N VAL IC 225 -4.14 -4.63 73.10
CA VAL IC 225 -4.41 -5.73 72.17
C VAL IC 225 -4.55 -5.20 70.75
N ALA IC 226 -5.16 -4.02 70.59
CA ALA IC 226 -5.33 -3.45 69.26
C ALA IC 226 -3.99 -3.04 68.67
N SER IC 227 -3.18 -2.31 69.43
CA SER IC 227 -1.96 -1.79 68.86
C SER IC 227 -0.88 -2.84 68.70
N ALA IC 228 -1.03 -4.01 69.34
CA ALA IC 228 -0.02 -5.05 69.21
C ALA IC 228 -0.12 -5.75 67.86
N VAL IC 229 -1.32 -5.88 67.31
CA VAL IC 229 -1.54 -6.65 66.09
C VAL IC 229 -1.79 -5.70 64.93
N PRO IC 230 -1.23 -5.95 63.74
CA PRO IC 230 -1.47 -5.04 62.62
C PRO IC 230 -2.94 -4.98 62.24
N GLY IC 231 -3.37 -3.79 61.80
CA GLY IC 231 -4.78 -3.60 61.50
C GLY IC 231 -5.60 -3.61 62.78
N MET IC 232 -6.71 -4.35 62.74
CA MET IC 232 -7.63 -4.53 63.86
C MET IC 232 -7.91 -3.24 64.63
N LYS IC 233 -8.65 -2.34 63.98
CA LYS IC 233 -9.09 -1.11 64.65
C LYS IC 233 -9.71 -1.44 66.01
N THR IC 234 -9.45 -0.58 66.98
CA THR IC 234 -9.72 -0.86 68.38
C THR IC 234 -11.20 -1.01 68.70
N SER IC 235 -12.06 -0.88 67.70
CA SER IC 235 -13.50 -1.03 67.92
C SER IC 235 -14.01 -2.43 67.62
N ARG IC 236 -13.12 -3.38 67.37
CA ARG IC 236 -13.50 -4.76 67.10
C ARG IC 236 -12.76 -5.70 68.03
N ILE IC 237 -12.78 -5.38 69.32
CA ILE IC 237 -12.18 -6.22 70.36
C ILE IC 237 -13.27 -6.59 71.35
N THR IC 238 -13.41 -7.88 71.62
CA THR IC 238 -14.36 -8.38 72.60
C THR IC 238 -13.63 -8.78 73.87
N VAL IC 239 -14.06 -8.23 74.99
CA VAL IC 239 -13.44 -8.49 76.28
C VAL IC 239 -14.49 -9.10 77.20
N THR IC 240 -14.25 -10.32 77.66
CA THR IC 240 -15.16 -11.01 78.54
C THR IC 240 -14.38 -11.54 79.75
N ASP IC 241 -15.12 -12.18 80.66
CA ASP IC 241 -14.53 -12.75 81.86
C ASP IC 241 -15.38 -13.94 82.30
N GLN IC 242 -14.98 -14.55 83.41
CA GLN IC 242 -15.66 -15.75 83.89
C GLN IC 242 -17.09 -15.44 84.34
N HIS IC 243 -17.32 -14.26 84.90
CA HIS IC 243 -18.64 -13.89 85.36
C HIS IC 243 -19.64 -13.75 84.22
N GLY IC 244 -19.17 -13.68 82.97
CA GLY IC 244 -20.04 -13.60 81.83
C GLY IC 244 -20.49 -12.21 81.46
N ARG IC 245 -19.96 -11.17 82.09
CA ARG IC 245 -20.29 -9.81 81.71
C ARG IC 245 -19.43 -9.37 80.54
N LEU IC 246 -20.07 -8.77 79.55
CA LEU IC 246 -19.39 -8.29 78.35
C LEU IC 246 -18.81 -6.92 78.62
N LEU IC 247 -17.57 -6.68 78.19
CA LEU IC 247 -16.88 -5.45 78.50
C LEU IC 247 -16.61 -4.57 77.29
N SER IC 248 -16.68 -5.10 76.07
CA SER IC 248 -16.39 -4.30 74.88
C SER IC 248 -17.13 -4.88 73.69
N SER IC 249 -17.76 -4.01 72.91
CA SER IC 249 -18.67 -4.43 71.86
C SER IC 249 -17.91 -5.10 70.72
N GLY IC 250 -18.65 -5.46 69.68
CA GLY IC 250 -18.10 -6.07 68.49
C GLY IC 250 -18.95 -5.78 67.27
N ALA JC 137 -5.25 -26.17 75.11
CA ALA JC 137 -5.11 -27.60 74.88
C ALA JC 137 -5.65 -27.98 73.50
N GLY JC 138 -6.41 -27.06 72.90
CA GLY JC 138 -6.85 -27.25 71.54
C GLY JC 138 -5.73 -27.01 70.55
N ASP JC 139 -4.73 -26.23 70.97
CA ASP JC 139 -3.64 -25.83 70.09
C ASP JC 139 -2.77 -27.02 69.72
N ASP JC 140 -2.98 -28.16 70.37
CA ASP JC 140 -2.16 -29.32 70.07
C ASP JC 140 -2.30 -29.73 68.61
N ILE JC 141 -3.42 -29.37 67.98
CA ILE JC 141 -3.54 -29.58 66.54
C ILE JC 141 -2.52 -28.73 65.80
N LEU JC 142 -2.40 -27.46 66.17
CA LEU JC 142 -1.46 -26.57 65.49
C LEU JC 142 -0.02 -27.02 65.69
N LEU JC 143 0.38 -27.24 66.93
CA LEU JC 143 1.76 -27.61 67.21
C LEU JC 143 2.09 -29.02 66.76
N GLN JC 144 1.10 -29.86 66.52
CA GLN JC 144 1.41 -31.16 65.97
C GLN JC 144 1.83 -31.00 64.52
N ASP JC 145 2.63 -31.94 64.04
CA ASP JC 145 3.18 -31.90 62.69
C ASP JC 145 2.39 -32.87 61.81
N MET JC 146 1.78 -32.35 60.76
CA MET JC 146 0.97 -33.16 59.87
C MET JC 146 1.87 -33.97 58.96
N GLY JC 147 1.59 -35.26 58.85
CA GLY JC 147 2.28 -36.09 57.88
C GLY JC 147 1.98 -35.64 56.46
N PHE JC 148 2.81 -36.03 55.51
CA PHE JC 148 2.61 -35.67 54.12
C PHE JC 148 1.28 -36.21 53.60
N GLY JC 149 0.73 -37.23 54.27
CA GLY JC 149 -0.52 -37.84 53.86
C GLY JC 149 -1.69 -36.89 53.79
N VAL JC 150 -1.71 -35.86 54.63
CA VAL JC 150 -2.80 -34.90 54.66
C VAL JC 150 -2.64 -33.94 53.50
N SER JC 151 -3.75 -33.41 53.01
CA SER JC 151 -3.74 -32.61 51.80
C SER JC 151 -4.79 -31.51 51.89
N GLN JC 152 -4.34 -30.29 52.19
CA GLN JC 152 -5.16 -29.09 52.05
C GLN JC 152 -6.50 -29.16 52.78
N ARG JC 153 -7.51 -29.72 52.12
CA ARG JC 153 -8.85 -29.72 52.68
C ARG JC 153 -8.87 -30.29 54.09
N LEU JC 154 -8.20 -31.43 54.28
CA LEU JC 154 -8.08 -31.97 55.63
C LEU JC 154 -7.37 -30.98 56.54
N GLU JC 155 -6.35 -30.30 56.01
CA GLU JC 155 -5.63 -29.32 56.83
C GLU JC 155 -6.53 -28.16 57.22
N GLN JC 156 -7.32 -27.66 56.29
CA GLN JC 156 -8.24 -26.57 56.63
C GLN JC 156 -9.24 -27.01 57.68
N GLU JC 157 -9.78 -28.22 57.52
CA GLU JC 157 -10.72 -28.74 58.51
C GLU JC 157 -10.07 -28.87 59.87
N ARG JC 158 -8.81 -29.30 59.90
CA ARG JC 158 -8.11 -29.44 61.18
C ARG JC 158 -7.87 -28.08 61.81
N LEU JC 159 -7.56 -27.06 61.01
CA LEU JC 159 -7.44 -25.71 61.55
C LEU JC 159 -8.75 -25.27 62.20
N LYS JC 160 -9.86 -25.48 61.49
CA LYS JC 160 -11.16 -25.11 62.06
C LYS JC 160 -11.42 -25.88 63.34
N LEU JC 161 -11.07 -27.16 63.37
CA LEU JC 161 -11.30 -27.98 64.56
C LEU JC 161 -10.50 -27.45 65.73
N SER JC 162 -9.26 -27.04 65.48
CA SER JC 162 -8.45 -26.43 66.54
C SER JC 162 -9.12 -25.17 67.06
N ARG JC 163 -9.64 -24.34 66.15
CA ARG JC 163 -10.35 -23.14 66.57
C ARG JC 163 -11.53 -23.50 67.46
N GLU JC 164 -12.30 -24.51 67.05
CA GLU JC 164 -13.47 -24.90 67.84
C GLU JC 164 -13.07 -25.36 69.22
N ARG JC 165 -12.04 -26.20 69.30
CA ARG JC 165 -11.61 -26.72 70.60
C ARG JC 165 -11.13 -25.60 71.51
N GLN JC 166 -10.35 -24.66 70.98
CA GLN JC 166 -9.85 -23.59 71.84
C GLN JC 166 -10.97 -22.64 72.27
N LEU JC 167 -11.93 -22.40 71.38
CA LEU JC 167 -13.09 -21.60 71.78
C LEU JC 167 -13.86 -22.26 72.91
N ALA JC 168 -14.11 -23.57 72.78
CA ALA JC 168 -14.82 -24.27 73.84
C ALA JC 168 -14.05 -24.21 75.15
N GLN JC 169 -12.74 -24.40 75.08
CA GLN JC 169 -11.92 -24.35 76.29
C GLN JC 169 -12.01 -22.98 76.95
N ALA JC 170 -11.99 -21.91 76.15
CA ALA JC 170 -12.15 -20.58 76.70
C ALA JC 170 -13.50 -20.40 77.36
N ILE JC 171 -14.56 -20.90 76.72
CA ILE JC 171 -15.90 -20.71 77.24
C ILE JC 171 -16.08 -21.42 78.57
N GLU JC 172 -15.45 -22.59 78.71
CA GLU JC 172 -15.62 -23.38 79.94
C GLU JC 172 -15.27 -22.57 81.18
N GLU JC 173 -14.32 -21.64 81.07
CA GLU JC 173 -13.85 -20.90 82.24
C GLU JC 173 -14.93 -20.02 82.85
N MET JC 174 -16.03 -19.80 82.15
CA MET JC 174 -17.15 -19.09 82.75
C MET JC 174 -17.72 -19.89 83.91
N LYS JC 175 -18.23 -19.16 84.90
CA LYS JC 175 -18.74 -19.81 86.11
C LYS JC 175 -19.98 -20.65 85.81
N GLN JC 176 -20.86 -20.14 84.94
CA GLN JC 176 -22.17 -20.74 84.77
C GLN JC 176 -22.12 -22.01 83.93
N VAL JC 177 -21.27 -22.04 82.91
CA VAL JC 177 -21.27 -23.12 81.94
C VAL JC 177 -20.30 -24.20 82.38
N ARG JC 178 -20.74 -25.45 82.32
CA ARG JC 178 -19.89 -26.59 82.64
C ARG JC 178 -19.31 -27.25 81.40
N LYS JC 179 -20.10 -27.38 80.33
CA LYS JC 179 -19.61 -27.96 79.09
C LYS JC 179 -20.06 -27.09 77.93
N ALA JC 180 -19.21 -26.96 76.91
CA ALA JC 180 -19.56 -26.22 75.72
C ALA JC 180 -19.07 -26.98 74.50
N ARG JC 181 -19.89 -26.97 73.45
CA ARG JC 181 -19.53 -27.54 72.16
C ARG JC 181 -19.79 -26.50 71.08
N VAL JC 182 -18.78 -26.22 70.27
CA VAL JC 182 -18.85 -25.16 69.28
C VAL JC 182 -18.70 -25.77 67.89
N LEU JC 183 -19.53 -25.33 66.96
CA LEU JC 183 -19.42 -25.72 65.57
C LEU JC 183 -19.38 -24.46 64.71
N LEU JC 184 -18.63 -24.53 63.62
CA LEU JC 184 -18.47 -23.40 62.72
C LEU JC 184 -18.88 -23.78 61.31
N ALA JC 185 -19.30 -22.77 60.55
CA ALA JC 185 -19.68 -22.92 59.15
C ALA JC 185 -18.98 -21.79 58.41
N LEU JC 186 -17.76 -22.05 57.95
CA LEU JC 186 -16.94 -21.04 57.30
C LEU JC 186 -16.82 -21.37 55.82
N PRO JC 187 -17.32 -20.52 54.93
CA PRO JC 187 -17.23 -20.81 53.50
C PRO JC 187 -15.78 -20.77 53.02
N LYS JC 188 -15.50 -21.57 52.00
CA LYS JC 188 -14.15 -21.63 51.45
C LYS JC 188 -13.88 -20.41 50.57
N GLU JC 198 -21.72 -17.49 53.73
CA GLU JC 198 -21.33 -16.66 54.85
C GLU JC 198 -21.11 -17.50 56.11
N ALA JC 199 -20.11 -17.11 56.90
CA ALA JC 199 -19.70 -17.83 58.10
C ALA JC 199 -20.75 -17.70 59.19
N SER JC 200 -20.83 -18.73 60.02
CA SER JC 200 -21.77 -18.76 61.13
C SER JC 200 -21.26 -19.70 62.20
N ALA JC 201 -21.86 -19.63 63.39
CA ALA JC 201 -21.45 -20.46 64.49
C ALA JC 201 -22.68 -21.04 65.17
N SER JC 202 -22.46 -22.16 65.86
CA SER JC 202 -23.52 -22.81 66.63
C SER JC 202 -22.87 -23.33 67.90
N VAL JC 203 -23.21 -22.73 69.04
CA VAL JC 203 -22.58 -23.08 70.31
C VAL JC 203 -23.65 -23.63 71.24
N PHE JC 204 -23.48 -24.89 71.64
CA PHE JC 204 -24.35 -25.53 72.61
C PHE JC 204 -23.67 -25.52 73.97
N LEU JC 205 -24.43 -25.26 75.01
CA LEU JC 205 -23.91 -25.18 76.36
C LEU JC 205 -24.68 -26.11 77.28
N THR JC 206 -23.96 -26.90 78.05
CA THR JC 206 -24.50 -27.60 79.20
C THR JC 206 -24.11 -26.78 80.42
N LEU JC 207 -25.11 -26.15 81.03
CA LEU JC 207 -24.91 -25.27 82.17
C LEU JC 207 -24.76 -26.10 83.44
N SER JC 208 -24.81 -25.43 84.59
CA SER JC 208 -24.81 -26.14 85.85
C SER JC 208 -26.14 -26.86 86.04
N THR JC 209 -26.30 -27.49 87.21
CA THR JC 209 -27.53 -28.21 87.49
C THR JC 209 -28.74 -27.29 87.44
N GLY JC 210 -28.61 -26.09 88.02
CA GLY JC 210 -29.63 -25.08 87.90
C GLY JC 210 -29.14 -23.89 87.10
N THR JC 211 -29.70 -22.71 87.37
CA THR JC 211 -29.31 -21.44 86.76
C THR JC 211 -29.68 -21.39 85.29
N ASN JC 212 -30.03 -20.20 84.80
CA ASN JC 212 -30.31 -19.97 83.40
C ASN JC 212 -29.63 -18.69 82.95
N LEU JC 213 -29.15 -18.68 81.72
CA LEU JC 213 -28.40 -17.54 81.21
C LEU JC 213 -29.34 -16.40 80.87
N LYS JC 214 -29.08 -15.24 81.47
CA LYS JC 214 -29.82 -14.03 81.13
C LYS JC 214 -29.36 -13.53 79.76
N GLN JC 215 -30.00 -12.45 79.31
CA GLN JC 215 -29.62 -11.89 78.01
C GLN JC 215 -28.19 -11.39 78.01
N GLN JC 216 -27.70 -10.89 79.15
CA GLN JC 216 -26.35 -10.36 79.20
C GLN JC 216 -25.30 -11.44 78.99
N GLU JC 217 -25.46 -12.58 79.65
CA GLU JC 217 -24.46 -13.64 79.55
C GLU JC 217 -24.40 -14.18 78.12
N VAL JC 218 -25.56 -14.45 77.53
CA VAL JC 218 -25.59 -14.96 76.17
C VAL JC 218 -25.07 -13.89 75.20
N ASP JC 219 -25.31 -12.61 75.50
CA ASP JC 219 -24.73 -11.54 74.68
C ASP JC 219 -23.22 -11.61 74.72
N SER JC 220 -22.65 -11.78 75.92
CA SER JC 220 -21.20 -11.88 76.03
C SER JC 220 -20.68 -13.09 75.26
N ILE JC 221 -21.35 -14.22 75.38
CA ILE JC 221 -20.91 -15.44 74.70
C ILE JC 221 -20.93 -15.24 73.18
N VAL JC 222 -22.06 -14.77 72.66
CA VAL JC 222 -22.20 -14.66 71.22
C VAL JC 222 -21.26 -13.61 70.66
N ASP JC 223 -21.05 -12.51 71.39
CA ASP JC 223 -20.11 -11.50 70.93
C ASP JC 223 -18.69 -12.03 70.92
N MET JC 224 -18.32 -12.80 71.95
CA MET JC 224 -16.99 -13.37 71.98
C MET JC 224 -16.76 -14.32 70.81
N VAL JC 225 -17.73 -15.18 70.52
CA VAL JC 225 -17.57 -16.09 69.39
C VAL JC 225 -17.53 -15.32 68.08
N ALA JC 226 -18.41 -14.33 67.93
CA ALA JC 226 -18.47 -13.58 66.69
C ALA JC 226 -17.19 -12.82 66.42
N SER JC 227 -16.60 -12.22 67.47
CA SER JC 227 -15.39 -11.46 67.27
C SER JC 227 -14.16 -12.36 67.13
N ALA JC 228 -14.18 -13.54 67.74
CA ALA JC 228 -13.00 -14.40 67.70
C ALA JC 228 -12.74 -14.93 66.29
N VAL JC 229 -13.80 -15.22 65.53
CA VAL JC 229 -13.64 -15.83 64.21
C VAL JC 229 -13.75 -14.76 63.13
N PRO JC 230 -12.88 -14.78 62.12
CA PRO JC 230 -12.96 -13.76 61.07
C PRO JC 230 -14.28 -13.82 60.33
N GLY JC 231 -14.81 -12.64 60.01
CA GLY JC 231 -16.15 -12.58 59.46
C GLY JC 231 -17.18 -12.85 60.54
N MET JC 232 -18.23 -13.59 60.17
CA MET JC 232 -19.31 -14.03 61.06
C MET JC 232 -19.80 -12.88 61.94
N LYS JC 233 -20.43 -11.92 61.27
CA LYS JC 233 -21.13 -10.85 61.96
C LYS JC 233 -22.07 -11.43 63.03
N THR JC 234 -22.22 -10.69 64.12
CA THR JC 234 -22.84 -11.20 65.33
C THR JC 234 -24.31 -11.57 65.19
N SER JC 235 -24.86 -11.48 63.99
CA SER JC 235 -26.27 -11.79 63.76
C SER JC 235 -26.49 -13.19 63.20
N ARG JC 236 -25.45 -14.02 63.12
CA ARG JC 236 -25.57 -15.34 62.52
C ARG JC 236 -24.96 -16.40 63.43
N ILE JC 237 -25.34 -16.40 64.70
CA ILE JC 237 -24.90 -17.39 65.66
C ILE JC 237 -26.11 -17.99 66.34
N THR JC 238 -26.17 -19.32 66.39
CA THR JC 238 -27.22 -20.03 67.09
C THR JC 238 -26.67 -20.47 68.44
N VAL JC 239 -27.32 -20.05 69.52
CA VAL JC 239 -26.95 -20.44 70.88
C VAL JC 239 -28.12 -21.18 71.49
N THR JC 240 -27.87 -22.39 71.98
CA THR JC 240 -28.90 -23.17 72.66
C THR JC 240 -28.42 -23.58 74.04
N ASP JC 241 -29.19 -24.41 74.73
CA ASP JC 241 -28.80 -24.93 76.03
C ASP JC 241 -29.21 -26.40 76.09
N GLN JC 242 -28.96 -27.04 77.23
CA GLN JC 242 -29.26 -28.46 77.34
C GLN JC 242 -30.75 -28.71 77.43
N HIS JC 243 -31.52 -27.73 77.87
CA HIS JC 243 -32.96 -27.86 77.96
C HIS JC 243 -33.68 -27.43 76.69
N GLY JC 244 -32.93 -27.00 75.67
CA GLY JC 244 -33.53 -26.70 74.39
C GLY JC 244 -34.10 -25.32 74.22
N ARG JC 245 -34.03 -24.47 75.25
CA ARG JC 245 -34.50 -23.11 75.08
C ARG JC 245 -33.48 -22.32 74.26
N LEU JC 246 -33.97 -21.60 73.24
CA LEU JC 246 -33.11 -20.90 72.32
C LEU JC 246 -32.58 -19.63 72.95
N LEU JC 247 -31.33 -19.28 72.65
CA LEU JC 247 -30.72 -18.08 73.16
C LEU JC 247 -30.24 -17.12 72.09
N SER JC 248 -30.20 -17.54 70.83
CA SER JC 248 -29.79 -16.65 69.74
C SER JC 248 -30.29 -17.22 68.43
N SER JC 249 -31.14 -16.49 67.73
CA SER JC 249 -31.68 -16.95 66.46
C SER JC 249 -30.64 -16.74 65.35
N GLY JC 250 -31.00 -17.17 64.14
CA GLY JC 250 -30.11 -17.03 63.00
C GLY JC 250 -30.84 -16.68 61.72
N ALA KC 137 -16.98 -37.63 69.94
CA ALA KC 137 -15.95 -38.32 69.17
C ALA KC 137 -16.22 -38.21 67.67
N GLY KC 138 -16.81 -37.11 67.26
CA GLY KC 138 -17.04 -36.86 65.85
C GLY KC 138 -15.76 -36.47 65.14
N ASP KC 139 -14.84 -35.90 65.90
CA ASP KC 139 -13.58 -35.38 65.35
C ASP KC 139 -12.63 -36.50 64.94
N ASP KC 140 -12.98 -37.74 65.30
CA ASP KC 140 -12.06 -38.85 65.07
C ASP KC 140 -11.80 -39.04 63.58
N ILE KC 141 -12.78 -38.75 62.73
CA ILE KC 141 -12.57 -38.83 61.29
C ILE KC 141 -11.50 -37.82 60.86
N LEU KC 142 -11.60 -36.59 61.35
CA LEU KC 142 -10.71 -35.53 60.89
C LEU KC 142 -9.28 -35.78 61.36
N LEU KC 143 -9.08 -36.03 62.65
CA LEU KC 143 -7.72 -36.21 63.14
C LEU KC 143 -7.07 -37.48 62.63
N GLN KC 144 -7.84 -38.41 62.08
CA GLN KC 144 -7.23 -39.54 61.41
C GLN KC 144 -6.67 -39.11 60.07
N ASP KC 145 -5.67 -39.86 59.59
CA ASP KC 145 -5.01 -39.54 58.34
C ASP KC 145 -5.47 -40.53 57.28
N MET KC 146 -5.94 -39.99 56.16
CA MET KC 146 -6.53 -40.80 55.09
C MET KC 146 -5.42 -41.57 54.39
N GLY KC 147 -5.52 -42.90 54.42
CA GLY KC 147 -4.55 -43.75 53.79
C GLY KC 147 -4.74 -43.80 52.29
N PHE KC 148 -3.87 -44.57 51.63
CA PHE KC 148 -3.94 -44.71 50.19
C PHE KC 148 -5.23 -45.40 49.79
N GLY KC 149 -5.88 -44.85 48.78
CA GLY KC 149 -7.20 -45.31 48.36
C GLY KC 149 -8.29 -44.28 48.51
N VAL KC 150 -8.00 -43.12 49.07
CA VAL KC 150 -8.95 -42.01 49.12
C VAL KC 150 -8.66 -41.12 47.91
N SER KC 151 -9.72 -40.53 47.36
CA SER KC 151 -9.55 -39.75 46.15
C SER KC 151 -10.62 -38.68 46.02
N GLN KC 152 -10.29 -37.46 46.44
CA GLN KC 152 -11.20 -36.33 46.28
C GLN KC 152 -12.57 -36.61 46.85
N ARG KC 153 -13.46 -37.16 46.02
CA ARG KC 153 -14.87 -37.27 46.38
C ARG KC 153 -15.07 -37.92 47.74
N LEU KC 154 -14.49 -39.10 47.94
CA LEU KC 154 -14.64 -39.79 49.23
C LEU KC 154 -14.27 -38.86 50.37
N GLU KC 155 -13.14 -38.17 50.25
CA GLU KC 155 -12.72 -37.24 51.29
C GLU KC 155 -13.82 -36.23 51.58
N GLN KC 156 -14.34 -35.59 50.54
CA GLN KC 156 -15.44 -34.65 50.73
C GLN KC 156 -16.57 -35.30 51.49
N GLU KC 157 -16.98 -36.50 51.05
CA GLU KC 157 -18.04 -37.21 51.74
C GLU KC 157 -17.74 -37.35 53.21
N ARG KC 158 -16.51 -37.77 53.53
CA ARG KC 158 -16.17 -38.00 54.93
C ARG KC 158 -16.35 -36.72 55.74
N LEU KC 159 -15.98 -35.57 55.17
CA LEU KC 159 -16.21 -34.33 55.89
C LEU KC 159 -17.67 -34.21 56.31
N LYS KC 160 -18.59 -34.39 55.36
CA LYS KC 160 -20.01 -34.38 55.71
C LYS KC 160 -20.28 -35.35 56.84
N LEU KC 161 -19.79 -36.58 56.71
CA LEU KC 161 -20.02 -37.57 57.75
C LEU KC 161 -19.54 -37.04 59.09
N SER KC 162 -18.31 -36.50 59.12
CA SER KC 162 -17.80 -35.93 60.37
C SER KC 162 -18.78 -34.90 60.91
N ARG KC 163 -19.19 -33.95 60.06
CA ARG KC 163 -20.14 -32.93 60.50
C ARG KC 163 -21.35 -33.58 61.13
N GLU KC 164 -21.94 -34.56 60.43
CA GLU KC 164 -23.15 -35.19 60.94
C GLU KC 164 -22.92 -35.65 62.37
N ARG KC 165 -21.83 -36.39 62.60
CA ARG KC 165 -21.58 -36.91 63.93
C ARG KC 165 -21.56 -35.80 64.96
N GLN KC 166 -20.76 -34.75 64.72
CA GLN KC 166 -20.69 -33.72 65.74
C GLN KC 166 -22.03 -33.06 65.95
N LEU KC 167 -22.79 -32.87 64.86
CA LEU KC 167 -24.14 -32.34 65.02
C LEU KC 167 -24.94 -33.19 65.98
N ALA KC 168 -24.98 -34.51 65.73
CA ALA KC 168 -25.76 -35.38 66.58
C ALA KC 168 -25.30 -35.28 68.02
N GLN KC 169 -24.01 -35.04 68.24
CA GLN KC 169 -23.50 -34.98 69.60
C GLN KC 169 -24.17 -33.86 70.37
N ALA KC 170 -24.34 -32.69 69.75
CA ALA KC 170 -25.00 -31.58 70.44
C ALA KC 170 -26.44 -31.94 70.78
N ILE KC 171 -27.05 -32.79 69.96
CA ILE KC 171 -28.43 -33.20 70.22
C ILE KC 171 -28.48 -34.20 71.38
N GLU KC 172 -27.38 -34.88 71.65
CA GLU KC 172 -27.39 -35.92 72.68
C GLU KC 172 -27.62 -35.30 74.06
N GLU KC 173 -26.97 -34.18 74.35
CA GLU KC 173 -27.12 -33.56 75.66
C GLU KC 173 -28.49 -32.93 75.86
N MET KC 174 -29.38 -33.01 74.87
CA MET KC 174 -30.75 -32.61 75.09
C MET KC 174 -31.40 -33.46 76.17
N LYS KC 175 -32.17 -32.83 77.04
CA LYS KC 175 -32.97 -33.60 77.99
C LYS KC 175 -33.99 -34.46 77.26
N GLN KC 176 -34.64 -33.88 76.24
CA GLN KC 176 -35.70 -34.58 75.52
C GLN KC 176 -35.14 -35.66 74.59
N VAL KC 177 -34.06 -35.36 73.88
CA VAL KC 177 -33.56 -36.26 72.85
C VAL KC 177 -32.67 -37.30 73.49
N ARG KC 178 -32.90 -38.57 73.15
CA ARG KC 178 -32.02 -39.65 73.55
C ARG KC 178 -31.09 -40.07 72.42
N LYS KC 179 -31.53 -39.98 71.16
CA LYS KC 179 -30.65 -40.27 70.04
C LYS KC 179 -31.10 -39.45 68.85
N ALA KC 180 -30.16 -39.18 67.93
CA ALA KC 180 -30.45 -38.39 66.75
C ALA KC 180 -29.63 -38.91 65.58
N ARG KC 181 -30.14 -38.69 64.38
CA ARG KC 181 -29.46 -39.05 63.15
C ARG KC 181 -29.70 -37.96 62.12
N VAL KC 182 -28.63 -37.38 61.59
CA VAL KC 182 -28.72 -36.24 60.70
C VAL KC 182 -28.20 -36.63 59.33
N LEU KC 183 -28.90 -36.18 58.29
CA LEU KC 183 -28.45 -36.35 56.92
C LEU KC 183 -28.33 -34.98 56.28
N LEU KC 184 -27.25 -34.76 55.54
CA LEU KC 184 -26.91 -33.45 55.01
C LEU KC 184 -26.89 -33.47 53.49
N ALA KC 185 -27.03 -32.30 52.89
CA ALA KC 185 -26.96 -32.15 51.44
C ALA KC 185 -26.32 -30.80 51.15
N LEU KC 186 -25.05 -30.83 50.73
CA LEU KC 186 -24.29 -29.60 50.53
C LEU KC 186 -24.67 -28.94 49.20
N PRO KC 187 -24.61 -27.61 49.15
CA PRO KC 187 -25.02 -26.88 47.94
C PRO KC 187 -23.89 -26.70 46.94
N LYS KC 188 -24.15 -25.92 45.89
CA LYS KC 188 -23.17 -25.59 44.88
C LYS KC 188 -22.92 -24.10 44.75
N HIS KC 189 -23.95 -23.27 44.92
CA HIS KC 189 -23.86 -21.82 44.78
C HIS KC 189 -23.40 -21.42 43.37
N SER KC 190 -24.23 -21.75 42.38
CA SER KC 190 -23.99 -21.32 41.02
C SER KC 190 -24.73 -20.00 40.76
N VAL KC 191 -24.12 -19.16 39.93
CA VAL KC 191 -24.68 -17.83 39.70
C VAL KC 191 -26.04 -17.93 39.01
N PHE KC 192 -26.16 -18.78 38.01
CA PHE KC 192 -27.43 -18.99 37.34
C PHE KC 192 -28.42 -19.57 38.34
N VAL KC 193 -29.62 -19.00 38.40
CA VAL KC 193 -30.63 -19.49 39.33
C VAL KC 193 -31.03 -20.91 38.97
N ARG KC 194 -31.24 -21.18 37.69
CA ARG KC 194 -31.76 -22.48 37.28
C ARG KC 194 -30.83 -23.62 37.68
N HIS KC 195 -29.53 -23.37 37.71
CA HIS KC 195 -28.57 -24.39 38.08
C HIS KC 195 -28.14 -24.31 39.54
N ASN KC 196 -28.67 -23.36 40.29
CA ASN KC 196 -28.41 -23.33 41.73
C ASN KC 196 -29.07 -24.54 42.39
N GLN KC 197 -28.35 -25.17 43.32
CA GLN KC 197 -28.82 -26.42 43.90
C GLN KC 197 -29.28 -26.29 45.34
N GLU KC 198 -28.76 -25.32 46.09
CA GLU KC 198 -29.24 -24.98 47.42
C GLU KC 198 -28.90 -26.05 48.46
N ALA KC 199 -28.67 -25.65 49.70
CA ALA KC 199 -28.31 -26.57 50.77
C ALA KC 199 -29.57 -27.18 51.39
N SER KC 200 -29.37 -28.30 52.08
CA SER KC 200 -30.50 -29.02 52.66
C SER KC 200 -30.05 -29.90 53.81
N ALA KC 201 -31.00 -30.25 54.66
CA ALA KC 201 -30.74 -31.14 55.80
C ALA KC 201 -32.02 -31.88 56.16
N SER KC 202 -31.85 -32.96 56.91
CA SER KC 202 -32.97 -33.71 57.46
C SER KC 202 -32.51 -34.39 58.73
N VAL KC 203 -33.12 -34.05 59.86
CA VAL KC 203 -32.70 -34.55 61.15
C VAL KC 203 -33.82 -35.39 61.74
N PHE KC 204 -33.48 -36.62 62.14
CA PHE KC 204 -34.39 -37.60 62.69
C PHE KC 204 -34.09 -37.75 64.18
N LEU KC 205 -35.12 -37.68 65.02
CA LEU KC 205 -34.92 -37.64 66.46
C LEU KC 205 -35.67 -38.78 67.13
N THR KC 206 -34.96 -39.52 67.98
CA THR KC 206 -35.56 -40.52 68.84
C THR KC 206 -35.52 -39.96 70.26
N LEU KC 207 -36.68 -39.48 70.72
CA LEU KC 207 -36.77 -38.80 71.99
C LEU KC 207 -36.89 -39.82 73.12
N SER KC 208 -37.19 -39.35 74.33
CA SER KC 208 -37.41 -40.24 75.45
C SER KC 208 -38.75 -40.96 75.29
N THR KC 209 -39.07 -41.80 76.28
CA THR KC 209 -40.32 -42.53 76.25
C THR KC 209 -41.52 -41.58 76.27
N GLY KC 210 -41.45 -40.55 77.11
CA GLY KC 210 -42.49 -39.54 77.14
C GLY KC 210 -42.01 -38.20 76.61
N THR KC 211 -42.66 -37.12 77.05
CA THR KC 211 -42.32 -35.75 76.71
C THR KC 211 -42.60 -35.44 75.24
N ASN KC 212 -43.01 -34.21 74.95
CA ASN KC 212 -43.29 -33.78 73.60
C ASN KC 212 -42.54 -32.49 73.32
N LEU KC 213 -41.95 -32.40 72.13
CA LEU KC 213 -41.19 -31.21 71.76
C LEU KC 213 -42.14 -30.09 71.39
N LYS KC 214 -42.06 -28.99 72.14
CA LYS KC 214 -42.84 -27.81 71.81
C LYS KC 214 -42.26 -27.11 70.59
N GLN KC 215 -43.04 -26.17 70.05
CA GLN KC 215 -42.59 -25.42 68.88
C GLN KC 215 -41.31 -24.67 69.18
N GLN KC 216 -41.12 -24.23 70.42
CA GLN KC 216 -39.84 -23.62 70.80
C GLN KC 216 -38.70 -24.61 70.65
N GLU KC 217 -38.91 -25.85 71.07
CA GLU KC 217 -37.84 -26.84 71.02
C GLU KC 217 -37.43 -27.12 69.57
N VAL KC 218 -38.41 -27.33 68.69
CA VAL KC 218 -38.08 -27.60 67.30
C VAL KC 218 -37.46 -26.36 66.65
N ASP KC 219 -37.91 -25.16 67.03
CA ASP KC 219 -37.27 -23.95 66.51
C ASP KC 219 -35.81 -23.91 66.90
N SER KC 220 -35.51 -24.23 68.16
CA SER KC 220 -34.10 -24.26 68.59
C SER KC 220 -33.31 -25.28 67.80
N ILE KC 221 -33.87 -26.48 67.60
CA ILE KC 221 -33.17 -27.53 66.88
C ILE KC 221 -32.89 -27.11 65.45
N VAL KC 222 -33.89 -26.54 64.78
CA VAL KC 222 -33.73 -26.19 63.38
C VAL KC 222 -32.74 -25.03 63.23
N ASP KC 223 -32.77 -24.07 64.15
CA ASP KC 223 -31.79 -23.00 64.11
C ASP KC 223 -30.37 -23.54 64.31
N MET KC 224 -30.21 -24.47 65.26
CA MET KC 224 -28.89 -25.06 65.48
C MET KC 224 -28.38 -25.75 64.23
N VAL KC 225 -29.21 -26.62 63.64
CA VAL KC 225 -28.75 -27.38 62.48
C VAL KC 225 -28.50 -26.46 61.29
N ALA KC 226 -29.35 -25.46 61.10
CA ALA KC 226 -29.17 -24.55 59.97
C ALA KC 226 -27.88 -23.75 60.12
N SER KC 227 -27.58 -23.28 61.33
CA SER KC 227 -26.37 -22.47 61.51
C SER KC 227 -25.11 -23.31 61.44
N ALA KC 228 -25.14 -24.54 61.94
CA ALA KC 228 -23.92 -25.33 62.01
C ALA KC 228 -23.38 -25.70 60.64
N VAL KC 229 -24.18 -25.53 59.59
CA VAL KC 229 -23.73 -25.85 58.24
C VAL KC 229 -23.82 -24.58 57.40
N PRO KC 230 -22.85 -24.31 56.53
CA PRO KC 230 -22.91 -23.09 55.73
C PRO KC 230 -24.13 -23.06 54.84
N GLY KC 231 -24.73 -21.87 54.71
CA GLY KC 231 -25.96 -21.73 53.96
C GLY KC 231 -27.15 -22.36 54.66
N MET KC 232 -27.91 -23.16 53.93
CA MET KC 232 -29.08 -23.89 54.42
C MET KC 232 -29.97 -23.01 55.29
N LYS KC 233 -30.60 -22.04 54.62
CA LYS KC 233 -31.67 -21.29 55.24
C LYS KC 233 -32.64 -22.22 55.94
N THR KC 234 -33.12 -21.78 57.10
CA THR KC 234 -33.87 -22.64 58.01
C THR KC 234 -35.18 -23.16 57.42
N SER KC 235 -35.47 -22.80 56.17
CA SER KC 235 -36.72 -23.22 55.54
C SER KC 235 -36.57 -24.55 54.80
N ARG KC 236 -35.41 -25.18 54.86
CA ARG KC 236 -35.18 -26.44 54.14
C ARG KC 236 -34.57 -27.47 55.06
N ILE KC 237 -35.01 -27.50 56.32
CA ILE KC 237 -34.62 -28.52 57.28
C ILE KC 237 -35.87 -29.31 57.62
N THR KC 238 -35.81 -30.63 57.41
CA THR KC 238 -36.94 -31.50 57.73
C THR KC 238 -36.65 -32.22 59.04
N VAL KC 239 -37.53 -32.03 60.01
CA VAL KC 239 -37.39 -32.60 61.34
C VAL KC 239 -38.49 -33.64 61.53
N THR KC 240 -38.09 -34.87 61.84
CA THR KC 240 -39.03 -35.95 62.11
C THR KC 240 -38.69 -36.58 63.45
N ASP KC 241 -39.53 -37.53 63.87
CA ASP KC 241 -39.36 -38.17 65.17
C ASP KC 241 -39.68 -39.65 65.01
N GLN KC 242 -39.71 -40.38 66.14
CA GLN KC 242 -39.99 -41.80 66.10
C GLN KC 242 -41.38 -42.07 65.56
N HIS KC 243 -42.37 -41.28 66.00
CA HIS KC 243 -43.73 -41.45 65.51
C HIS KC 243 -43.90 -40.91 64.10
N GLY KC 244 -43.00 -40.06 63.64
CA GLY KC 244 -43.10 -39.50 62.30
C GLY KC 244 -43.93 -38.26 62.18
N ARG KC 245 -44.15 -37.52 63.27
CA ARG KC 245 -44.91 -36.29 63.19
C ARG KC 245 -44.02 -35.16 62.69
N LEU KC 246 -44.51 -34.44 61.69
CA LEU KC 246 -43.73 -33.39 61.04
C LEU KC 246 -43.49 -32.24 62.01
N LEU KC 247 -42.28 -31.68 61.97
CA LEU KC 247 -41.93 -30.59 62.84
C LEU KC 247 -41.32 -29.39 62.13
N SER KC 248 -41.09 -29.47 60.82
CA SER KC 248 -40.42 -28.39 60.13
C SER KC 248 -40.74 -28.44 58.64
N SER KC 249 -40.73 -27.28 58.01
CA SER KC 249 -41.12 -27.17 56.60
C SER KC 249 -39.99 -27.67 55.70
N GLY KC 250 -40.14 -27.42 54.40
CA GLY KC 250 -39.15 -27.81 53.43
C GLY KC 250 -39.73 -27.84 52.02
N ALA LC 255 -49.90 -30.22 33.04
CA ALA LC 255 -50.79 -29.26 33.67
C ALA LC 255 -51.99 -29.94 34.30
N SER LC 256 -52.34 -31.14 33.83
CA SER LC 256 -53.46 -31.86 34.41
C SER LC 256 -53.16 -32.25 35.86
N ALA LC 257 -51.90 -32.49 36.19
CA ALA LC 257 -51.53 -32.68 37.59
C ALA LC 257 -51.84 -31.43 38.40
N ALA LC 258 -51.58 -30.25 37.81
CA ALA LC 258 -51.94 -29.01 38.47
C ALA LC 258 -53.44 -28.92 38.70
N ARG LC 259 -54.24 -29.34 37.71
CA ARG LC 259 -55.68 -29.33 37.88
C ARG LC 259 -56.12 -30.30 38.99
N ARG LC 260 -55.47 -31.46 39.06
CA ARG LC 260 -55.76 -32.39 40.14
C ARG LC 260 -55.48 -31.77 41.50
N LYS LC 261 -54.34 -31.09 41.63
CA LYS LC 261 -54.02 -30.46 42.91
C LYS LC 261 -54.96 -29.29 43.20
N GLU LC 262 -55.49 -28.62 42.18
CA GLU LC 262 -56.52 -27.61 42.40
C GLU LC 262 -57.79 -28.24 42.97
N GLN LC 263 -58.19 -29.39 42.44
CA GLN LC 263 -59.32 -30.12 43.02
C GLN LC 263 -59.04 -30.48 44.47
N GLU LC 264 -57.81 -30.89 44.75
CA GLU LC 264 -57.43 -31.22 46.12
C GLU LC 264 -57.55 -30.01 47.03
N LEU LC 265 -57.13 -28.83 46.55
CA LEU LC 265 -57.25 -27.61 47.32
C LEU LC 265 -58.71 -27.30 47.63
N GLU LC 266 -59.58 -27.41 46.62
CA GLU LC 266 -61.00 -27.14 46.84
C GLU LC 266 -61.58 -28.10 47.88
N ARG LC 267 -61.25 -29.38 47.77
CA ARG LC 267 -61.76 -30.37 48.72
C ARG LC 267 -61.24 -30.10 50.12
N SER LC 268 -59.98 -29.68 50.25
CA SER LC 268 -59.41 -29.35 51.55
C SER LC 268 -60.13 -28.17 52.18
N GLN LC 269 -60.42 -27.15 51.38
CA GLN LC 269 -61.17 -26.01 51.89
C GLN LC 269 -62.56 -26.43 52.38
N GLU LC 270 -63.23 -27.27 51.60
CA GLU LC 270 -64.54 -27.75 52.01
C GLU LC 270 -64.45 -28.53 53.32
N GLN LC 271 -63.43 -29.36 53.45
CA GLN LC 271 -63.27 -30.15 54.67
C GLN LC 271 -63.03 -29.25 55.88
N ALA LC 272 -62.20 -28.22 55.72
CA ALA LC 272 -61.94 -27.31 56.82
C ALA LC 272 -63.21 -26.58 57.25
N LEU LC 273 -64.00 -26.12 56.28
CA LEU LC 273 -65.25 -25.45 56.61
C LEU LC 273 -66.21 -26.41 57.31
N ARG LC 274 -66.26 -27.67 56.87
CA ARG LC 274 -67.09 -28.65 57.54
C ARG LC 274 -66.62 -28.87 58.98
N GLU LC 275 -65.31 -28.91 59.19
CA GLU LC 275 -64.78 -29.06 60.54
C GLU LC 275 -65.20 -27.91 61.44
N LYS LC 276 -65.13 -26.68 60.92
CA LYS LC 276 -65.58 -25.53 61.70
C LYS LC 276 -67.08 -25.61 62.01
N ILE LC 277 -67.87 -26.02 61.01
CA ILE LC 277 -69.31 -26.16 61.22
C ILE LC 277 -69.58 -27.16 62.34
N ASP LC 278 -68.88 -28.28 62.31
CA ASP LC 278 -69.03 -29.26 63.38
C ASP LC 278 -68.62 -28.68 64.72
N SER LC 279 -67.49 -27.98 64.76
CA SER LC 279 -67.00 -27.42 66.03
C SER LC 279 -67.99 -26.45 66.64
N VAL LC 280 -68.80 -25.80 65.81
CA VAL LC 280 -69.82 -24.88 66.31
C VAL LC 280 -71.11 -25.61 66.67
N LEU LC 281 -71.57 -26.55 65.84
CA LEU LC 281 -72.91 -27.10 66.00
C LEU LC 281 -72.95 -28.29 66.95
N LEU LC 282 -71.85 -29.02 67.10
CA LEU LC 282 -71.84 -30.20 67.96
C LEU LC 282 -72.20 -29.86 69.41
N PRO LC 283 -71.63 -28.82 70.04
CA PRO LC 283 -72.12 -28.43 71.38
C PRO LC 283 -73.55 -27.94 71.37
N ILE LC 284 -73.90 -27.10 70.39
CA ILE LC 284 -75.21 -26.44 70.40
C ILE LC 284 -76.33 -27.46 70.17
N LEU LC 285 -76.18 -28.30 69.15
CA LEU LC 285 -77.26 -29.20 68.77
C LEU LC 285 -77.08 -30.60 69.32
N GLY LC 286 -75.86 -31.11 69.33
CA GLY LC 286 -75.58 -32.46 69.79
C GLY LC 286 -75.03 -33.33 68.67
N TYR LC 287 -74.77 -34.58 69.02
CA TYR LC 287 -74.19 -35.53 68.09
C TYR LC 287 -75.31 -36.24 67.33
N GLY LC 288 -75.27 -36.14 66.01
CA GLY LC 288 -76.25 -36.81 65.17
C GLY LC 288 -77.58 -36.10 65.03
N ASN LC 289 -77.73 -34.90 65.58
CA ASN LC 289 -78.95 -34.14 65.43
C ASN LC 289 -78.92 -33.17 64.25
N TYR LC 290 -77.85 -33.18 63.47
CA TYR LC 290 -77.71 -32.27 62.34
C TYR LC 290 -76.88 -32.94 61.26
N THR LC 291 -77.02 -32.41 60.04
CA THR LC 291 -76.13 -32.78 58.95
C THR LC 291 -75.85 -31.53 58.13
N ALA LC 292 -74.62 -31.38 57.65
CA ALA LC 292 -74.24 -30.20 56.90
C ALA LC 292 -73.20 -30.56 55.86
N GLN LC 293 -73.33 -29.95 54.68
CA GLN LC 293 -72.36 -30.12 53.61
C GLN LC 293 -72.04 -28.76 53.01
N VAL LC 294 -70.82 -28.64 52.49
CA VAL LC 294 -70.29 -27.36 52.02
C VAL LC 294 -69.75 -27.54 50.62
N ASP LC 295 -70.13 -26.63 49.72
CA ASP LC 295 -69.58 -26.58 48.37
C ASP LC 295 -68.78 -25.30 48.20
N ILE LC 296 -67.53 -25.42 47.77
CA ILE LC 296 -66.66 -24.28 47.56
C ILE LC 296 -66.17 -24.32 46.12
N GLN LC 297 -66.45 -23.26 45.36
CA GLN LC 297 -65.98 -23.10 44.00
C GLN LC 297 -64.86 -22.08 43.99
N MET LC 298 -63.70 -22.45 43.46
CA MET LC 298 -62.53 -21.60 43.47
C MET LC 298 -62.07 -21.31 42.05
N ASP LC 299 -61.85 -20.03 41.75
CA ASP LC 299 -61.30 -19.61 40.48
C ASP LC 299 -59.79 -19.67 40.53
N PHE LC 300 -59.18 -20.09 39.43
CA PHE LC 300 -57.74 -20.21 39.34
C PHE LC 300 -57.20 -19.48 38.13
N SER LC 301 -57.78 -18.32 37.83
CA SER LC 301 -57.29 -17.50 36.73
C SER LC 301 -55.93 -16.91 37.09
N ALA LC 302 -55.34 -16.20 36.13
CA ALA LC 302 -54.02 -15.59 36.28
C ALA LC 302 -54.07 -14.12 35.89
N VAL LC 303 -55.02 -13.39 36.48
CA VAL LC 303 -55.17 -11.97 36.16
C VAL LC 303 -53.92 -11.21 36.54
N GLU LC 304 -53.57 -10.22 35.72
CA GLU LC 304 -52.40 -9.38 35.96
C GLU LC 304 -52.67 -8.04 35.30
N GLN LC 305 -52.93 -7.02 36.09
CA GLN LC 305 -53.46 -5.75 35.60
C GLN LC 305 -52.46 -4.62 35.83
N THR LC 306 -52.45 -3.67 34.89
CA THR LC 306 -51.62 -2.47 34.99
C THR LC 306 -52.50 -1.26 34.70
N ARG LC 307 -52.59 -0.35 35.66
CA ARG LC 307 -53.46 0.81 35.55
C ARG LC 307 -52.60 2.07 35.58
N LYS LC 308 -52.87 2.98 34.64
CA LYS LC 308 -52.20 4.27 34.58
C LYS LC 308 -53.27 5.36 34.62
N ARG LC 309 -53.39 6.01 35.77
CA ARG LC 309 -54.45 6.97 36.03
C ARG LC 309 -53.89 8.38 36.18
N PHE LC 310 -54.64 9.35 35.69
CA PHE LC 310 -54.27 10.76 35.74
C PHE LC 310 -55.29 11.52 36.58
N ASP LC 311 -55.05 12.82 36.75
CA ASP LC 311 -55.94 13.69 37.52
C ASP LC 311 -56.28 14.89 36.67
N PRO LC 312 -57.38 14.85 35.90
CA PRO LC 312 -57.66 15.95 34.96
C PRO LC 312 -57.90 17.29 35.62
N ASN LC 313 -58.42 17.31 36.86
CA ASN LC 313 -58.93 18.54 37.45
C ASN LC 313 -57.88 19.34 38.22
N THR LC 314 -56.65 18.85 38.33
CA THR LC 314 -55.57 19.59 39.00
C THR LC 314 -54.31 19.58 38.14
N PRO LC 315 -54.32 20.30 37.02
CA PRO LC 315 -53.10 20.43 36.22
C PRO LC 315 -52.19 21.52 36.76
N ALA LC 316 -50.90 21.38 36.48
CA ALA LC 316 -49.89 22.35 36.89
C ALA LC 316 -49.17 22.85 35.64
N THR LC 317 -49.25 24.15 35.39
CA THR LC 317 -48.65 24.69 34.19
C THR LC 317 -47.12 24.70 34.31
N ARG LC 318 -46.45 24.10 33.34
CA ARG LC 318 -44.99 24.03 33.31
C ARG LC 318 -44.39 25.20 32.55
N SER LC 319 -44.79 25.39 31.30
CA SER LC 319 -44.40 26.54 30.51
C SER LC 319 -45.66 27.16 29.92
N GLU LC 320 -45.58 28.43 29.56
CA GLU LC 320 -46.76 29.14 29.08
C GLU LC 320 -46.35 30.28 28.17
N TYR LC 321 -47.04 30.41 27.06
CA TYR LC 321 -46.90 31.53 26.14
C TYR LC 321 -48.27 32.13 25.91
N ALA LC 322 -48.34 33.46 25.88
CA ALA LC 322 -49.62 34.15 25.71
C ALA LC 322 -49.40 35.45 24.97
N LEU LC 323 -49.88 35.52 23.73
CA LEU LC 323 -49.83 36.74 22.93
C LEU LC 323 -51.25 37.28 22.78
N GLU LC 324 -51.42 38.57 23.06
CA GLU LC 324 -52.74 39.21 23.07
C GLU LC 324 -52.58 40.64 22.55
N ASP LC 325 -52.81 40.83 21.26
CA ASP LC 325 -52.70 42.14 20.64
C ASP LC 325 -54.05 42.63 20.14
N TYR LC 326 -54.23 43.95 20.16
CA TYR LC 326 -55.46 44.60 19.72
C TYR LC 326 -55.12 45.61 18.63
N ASN LC 327 -56.17 46.22 18.07
CA ASN LC 327 -56.01 47.29 17.08
C ASN LC 327 -57.23 48.19 17.08
N GLY LC 365 -62.29 46.46 16.84
CA GLY LC 365 -61.21 46.22 15.90
C GLY LC 365 -60.64 44.82 15.99
N SER LC 366 -59.45 44.64 15.41
CA SER LC 366 -58.79 43.35 15.44
C SER LC 366 -58.42 42.97 16.88
N VAL LC 367 -58.68 41.72 17.23
CA VAL LC 367 -58.34 41.18 18.54
C VAL LC 367 -57.80 39.77 18.32
N ARG LC 368 -56.49 39.59 18.48
CA ARG LC 368 -55.83 38.30 18.28
C ARG LC 368 -55.35 37.78 19.62
N LYS LC 369 -55.77 36.57 19.99
CA LYS LC 369 -55.44 35.99 21.29
C LYS LC 369 -54.80 34.62 21.06
N GLU LC 370 -53.49 34.60 20.84
CA GLU LC 370 -52.76 33.35 20.74
C GLU LC 370 -52.34 32.88 22.13
N SER LC 371 -52.20 31.57 22.27
CA SER LC 371 -51.86 30.99 23.56
C SER LC 371 -51.30 29.59 23.35
N THR LC 372 -50.26 29.26 24.11
CA THR LC 372 -49.68 27.92 24.13
C THR LC 372 -49.40 27.56 25.58
N ARG LC 373 -49.71 26.32 25.96
CA ARG LC 373 -49.62 25.93 27.35
C ARG LC 373 -49.20 24.47 27.45
N ASN LC 374 -48.28 24.19 28.37
CA ASN LC 374 -47.85 22.83 28.67
C ASN LC 374 -48.17 22.52 30.12
N PHE LC 375 -48.63 21.30 30.37
CA PHE LC 375 -49.12 20.92 31.69
C PHE LC 375 -48.37 19.72 32.23
N GLU LC 376 -48.39 19.61 33.57
CA GLU LC 376 -47.94 18.46 34.31
C GLU LC 376 -49.10 17.96 35.15
N LEU LC 377 -49.29 16.64 35.18
CA LEU LC 377 -50.47 16.04 35.76
C LEU LC 377 -50.08 14.96 36.76
N ASP LC 378 -50.92 14.76 37.77
CA ASP LC 378 -50.70 13.69 38.72
C ASP LC 378 -50.82 12.35 38.01
N THR LC 379 -49.81 11.49 38.18
CA THR LC 379 -49.73 10.24 37.45
C THR LC 379 -49.54 9.11 38.45
N THR LC 380 -50.52 8.21 38.51
CA THR LC 380 -50.44 7.01 39.32
C THR LC 380 -50.32 5.80 38.40
N ILE LC 381 -49.35 4.94 38.67
CA ILE LC 381 -49.12 3.74 37.88
C ILE LC 381 -49.09 2.56 38.84
N SER LC 382 -50.14 1.76 38.84
CA SER LC 382 -50.28 0.65 39.77
C SER LC 382 -50.30 -0.67 39.01
N HIS LC 383 -49.42 -1.59 39.38
CA HIS LC 383 -49.36 -2.92 38.80
C HIS LC 383 -49.81 -3.93 39.85
N GLU LC 384 -50.93 -4.58 39.58
CA GLU LC 384 -51.52 -5.55 40.51
C GLU LC 384 -51.46 -6.94 39.90
N ARG LC 385 -51.22 -7.94 40.75
CA ARG LC 385 -51.19 -9.33 40.30
C ARG LC 385 -52.02 -10.15 41.28
N LYS LC 386 -53.21 -10.54 40.86
CA LYS LC 386 -54.13 -11.23 41.76
C LYS LC 386 -53.62 -12.62 42.10
N GLN LC 387 -53.98 -13.08 43.29
CA GLN LC 387 -53.70 -14.45 43.67
C GLN LC 387 -54.52 -15.41 42.83
N THR LC 388 -53.92 -16.54 42.46
CA THR LC 388 -54.54 -17.49 41.54
C THR LC 388 -55.84 -18.05 42.07
N GLY LC 389 -55.78 -18.86 43.12
CA GLY LC 389 -56.97 -19.52 43.63
C GLY LC 389 -57.74 -18.70 44.63
N THR LC 390 -58.92 -18.21 44.24
CA THR LC 390 -59.76 -17.42 45.12
C THR LC 390 -61.16 -18.02 45.15
N VAL LC 391 -61.75 -18.07 46.34
CA VAL LC 391 -63.10 -18.59 46.51
C VAL LC 391 -64.07 -17.66 45.80
N ALA LC 392 -64.62 -18.10 44.67
CA ALA LC 392 -65.56 -17.28 43.90
C ALA LC 392 -66.99 -17.41 44.39
N ARG LC 393 -67.36 -18.55 44.93
CA ARG LC 393 -68.70 -18.76 45.45
C ARG LC 393 -68.66 -19.86 46.50
N GLN LC 394 -69.45 -19.69 47.55
CA GLN LC 394 -69.49 -20.64 48.65
C GLN LC 394 -70.94 -20.97 48.98
N THR LC 395 -71.24 -22.26 49.06
CA THR LC 395 -72.59 -22.74 49.34
C THR LC 395 -72.54 -23.65 50.56
N VAL LC 396 -73.37 -23.36 51.56
CA VAL LC 396 -73.45 -24.16 52.78
C VAL LC 396 -74.91 -24.47 53.04
N SER LC 397 -75.21 -25.73 53.32
CA SER LC 397 -76.55 -26.17 53.69
C SER LC 397 -76.47 -26.99 54.96
N VAL LC 398 -77.35 -26.69 55.91
CA VAL LC 398 -77.41 -27.39 57.20
C VAL LC 398 -78.84 -27.86 57.40
N ALA LC 399 -79.00 -29.13 57.76
CA ALA LC 399 -80.30 -29.71 58.05
C ALA LC 399 -80.33 -30.19 59.49
N ILE LC 400 -81.36 -29.78 60.22
CA ILE LC 400 -81.49 -30.06 61.64
C ILE LC 400 -82.60 -31.09 61.83
N LYS LC 401 -82.31 -32.11 62.62
CA LYS LC 401 -83.28 -33.16 62.89
C LYS LC 401 -84.46 -32.60 63.69
N ASP LC 402 -85.66 -32.97 63.28
CA ASP LC 402 -86.86 -32.55 64.01
C ASP LC 402 -87.02 -33.39 65.28
N ARG LC 403 -87.72 -32.81 66.25
CA ARG LC 403 -87.99 -33.46 67.53
C ARG LC 403 -86.70 -33.93 68.22
N PRO LC 417 -90.03 -30.41 65.15
CA PRO LC 417 -89.35 -29.37 64.38
C PRO LC 417 -88.65 -28.34 65.27
N MET LC 418 -88.09 -27.31 64.66
CA MET LC 418 -87.39 -26.25 65.38
C MET LC 418 -88.02 -24.90 65.03
N SER LC 419 -88.15 -24.05 66.05
CA SER LC 419 -88.83 -22.78 65.88
C SER LC 419 -88.02 -21.85 64.96
N GLU LC 420 -88.73 -20.87 64.39
CA GLU LC 420 -88.09 -19.94 63.48
C GLU LC 420 -87.01 -19.11 64.18
N SER LC 421 -87.25 -18.74 65.44
CA SER LC 421 -86.27 -17.93 66.18
C SER LC 421 -84.95 -18.67 66.33
N GLU LC 422 -85.00 -19.94 66.72
CA GLU LC 422 -83.76 -20.70 66.88
C GLU LC 422 -83.10 -21.00 65.55
N ILE LC 423 -83.90 -21.19 64.49
CA ILE LC 423 -83.33 -21.37 63.16
C ILE LC 423 -82.55 -20.14 62.75
N ASN LC 424 -83.13 -18.96 62.97
CA ASN LC 424 -82.45 -17.72 62.63
C ASN LC 424 -81.23 -17.48 63.51
N ALA LC 425 -81.29 -17.89 64.78
CA ALA LC 425 -80.11 -17.77 65.64
C ALA LC 425 -78.98 -18.67 65.16
N ILE LC 426 -79.30 -19.91 64.76
CA ILE LC 426 -78.29 -20.79 64.20
C ILE LC 426 -77.72 -20.20 62.92
N ARG LC 427 -78.59 -19.61 62.09
CA ARG LC 427 -78.11 -18.96 60.88
C ARG LC 427 -77.17 -17.81 61.20
N GLN LC 428 -77.48 -17.04 62.24
CA GLN LC 428 -76.60 -15.94 62.64
C GLN LC 428 -75.26 -16.45 63.12
N VAL LC 429 -75.24 -17.56 63.86
CA VAL LC 429 -73.97 -18.13 64.32
C VAL LC 429 -73.15 -18.60 63.11
N LEU LC 430 -73.81 -19.27 62.17
CA LEU LC 430 -73.11 -19.75 60.98
C LEU LC 430 -72.53 -18.58 60.18
N ILE LC 431 -73.27 -17.48 60.10
CA ILE LC 431 -72.77 -16.25 59.50
C ILE LC 431 -71.70 -15.69 60.42
N GLY LC 432 -70.44 -15.93 60.09
CA GLY LC 432 -69.36 -15.65 61.02
C GLY LC 432 -68.63 -16.93 61.36
N THR LC 433 -69.37 -18.02 61.55
CA THR LC 433 -68.70 -19.31 61.62
C THR LC 433 -68.05 -19.66 60.28
N VAL LC 434 -68.76 -19.40 59.18
CA VAL LC 434 -68.25 -19.72 57.85
C VAL LC 434 -67.66 -18.51 57.14
N GLY LC 435 -68.05 -17.30 57.52
CA GLY LC 435 -67.64 -16.11 56.79
C GLY LC 435 -68.57 -15.82 55.64
N PHE LC 436 -69.87 -15.81 55.91
CA PHE LC 436 -70.87 -15.62 54.87
C PHE LC 436 -70.66 -14.28 54.18
N ASP LC 437 -70.67 -14.29 52.84
CA ASP LC 437 -70.42 -13.10 52.02
C ASP LC 437 -71.44 -13.11 50.89
N GLN LC 438 -72.58 -12.44 51.12
CA GLN LC 438 -73.65 -12.43 50.13
C GLN LC 438 -73.22 -11.72 48.85
N GLY LC 439 -72.44 -10.65 48.99
CA GLY LC 439 -71.98 -9.92 47.82
C GLY LC 439 -71.11 -10.74 46.90
N ARG LC 440 -70.50 -11.81 47.41
CA ARG LC 440 -69.73 -12.73 46.59
C ARG LC 440 -70.61 -13.74 45.87
N GLY LC 441 -71.90 -13.80 46.21
CA GLY LC 441 -72.79 -14.80 45.66
C GLY LC 441 -72.95 -16.02 46.52
N ASP LC 442 -72.45 -16.00 47.75
CA ASP LC 442 -72.54 -17.15 48.64
C ASP LC 442 -73.99 -17.39 49.05
N LEU LC 443 -74.26 -18.63 49.45
CA LEU LC 443 -75.61 -19.04 49.80
C LEU LC 443 -75.55 -19.91 51.05
N LEU LC 444 -76.49 -19.69 51.96
CA LEU LC 444 -76.54 -20.41 53.23
C LEU LC 444 -77.98 -20.82 53.49
N ASN LC 445 -78.25 -22.12 53.45
CA ASN LC 445 -79.56 -22.67 53.73
C ASN LC 445 -79.53 -23.39 55.07
N VAL LC 446 -80.52 -23.11 55.91
CA VAL LC 446 -80.71 -23.82 57.17
C VAL LC 446 -82.14 -24.31 57.20
N LEU LC 447 -82.32 -25.63 57.26
CA LEU LC 447 -83.64 -26.23 57.21
C LEU LC 447 -83.82 -27.17 58.40
N SER LC 448 -85.08 -27.42 58.74
CA SER LC 448 -85.44 -28.39 59.77
C SER LC 448 -86.16 -29.53 59.07
N VAL LC 449 -85.51 -30.70 59.01
CA VAL LC 449 -86.02 -31.84 58.28
C VAL LC 449 -86.18 -33.01 59.24
N LYS LC 450 -86.87 -34.04 58.78
CA LYS LC 450 -87.16 -35.23 59.57
C LYS LC 450 -86.15 -36.32 59.21
N PHE LC 451 -85.25 -36.62 60.14
CA PHE LC 451 -84.29 -37.69 59.93
C PHE LC 451 -84.99 -39.04 60.08
N ALA LC 452 -84.56 -40.01 59.27
CA ALA LC 452 -85.13 -41.34 59.32
C ALA LC 452 -84.31 -42.25 60.23
N ALA MC 255 -51.39 -36.59 22.95
CA ALA MC 255 -52.43 -35.76 23.53
C ALA MC 255 -53.65 -36.59 23.92
N SER MC 256 -53.82 -37.76 23.30
CA SER MC 256 -54.96 -38.60 23.65
C SER MC 256 -54.83 -39.10 25.09
N ALA MC 257 -53.61 -39.28 25.59
CA ALA MC 257 -53.42 -39.57 27.01
C ALA MC 257 -53.94 -38.42 27.85
N ALA MC 258 -53.70 -37.19 27.41
CA ALA MC 258 -54.26 -36.03 28.11
C ALA MC 258 -55.78 -36.08 28.11
N ARG MC 259 -56.39 -36.46 26.99
CA ARG MC 259 -57.84 -36.57 26.95
C ARG MC 259 -58.35 -37.66 27.90
N ARG MC 260 -57.62 -38.77 27.98
CA ARG MC 260 -57.97 -39.83 28.92
C ARG MC 260 -57.94 -39.31 30.35
N LYS MC 261 -56.90 -38.56 30.71
CA LYS MC 261 -56.81 -38.03 32.07
C LYS MC 261 -57.87 -36.97 32.32
N GLU MC 262 -58.31 -36.25 31.28
CA GLU MC 262 -59.44 -35.34 31.44
C GLU MC 262 -60.72 -36.10 31.76
N GLN MC 263 -60.94 -37.23 31.08
CA GLN MC 263 -62.08 -38.08 31.43
C GLN MC 263 -61.98 -38.56 32.87
N GLU MC 264 -60.76 -38.91 33.30
CA GLU MC 264 -60.55 -39.33 34.67
C GLU MC 264 -60.90 -38.22 35.65
N LEU MC 265 -60.51 -36.98 35.33
CA LEU MC 265 -60.85 -35.85 36.18
C LEU MC 265 -62.35 -35.67 36.30
N GLU MC 266 -63.06 -35.75 35.17
CA GLU MC 266 -64.50 -35.60 35.20
C GLU MC 266 -65.15 -36.68 36.06
N ARG MC 267 -64.70 -37.93 35.89
CA ARG MC 267 -65.26 -39.03 36.68
C ARG MC 267 -64.96 -38.86 38.16
N SER MC 268 -63.77 -38.37 38.49
CA SER MC 268 -63.42 -38.12 39.89
C SER MC 268 -64.31 -37.06 40.51
N GLN MC 269 -64.58 -35.98 39.76
CA GLN MC 269 -65.49 -34.95 40.24
C GLN MC 269 -66.87 -35.52 40.50
N GLU MC 270 -67.37 -36.32 39.55
CA GLU MC 270 -68.68 -36.94 39.73
C GLU MC 270 -68.72 -37.82 40.96
N GLN MC 271 -67.65 -38.59 41.17
CA GLN MC 271 -67.59 -39.47 42.34
C GLN MC 271 -67.60 -38.68 43.64
N ALA MC 272 -66.84 -37.58 43.68
CA ALA MC 272 -66.81 -36.75 44.88
C ALA MC 272 -68.18 -36.16 45.18
N LEU MC 273 -68.87 -35.67 44.14
CA LEU MC 273 -70.20 -35.12 44.34
C LEU MC 273 -71.17 -36.21 44.82
N ARG MC 274 -71.05 -37.42 44.27
CA ARG MC 274 -71.89 -38.52 44.74
C ARG MC 274 -71.61 -38.83 46.21
N GLU MC 275 -70.33 -38.79 46.60
CA GLU MC 275 -69.99 -39.04 48.00
C GLU MC 275 -70.64 -38.00 48.91
N LYS MC 276 -70.59 -36.74 48.51
CA LYS MC 276 -71.24 -35.70 49.31
C LYS MC 276 -72.74 -35.90 49.38
N ILE MC 277 -73.36 -36.27 48.26
CA ILE MC 277 -74.79 -36.54 48.24
C ILE MC 277 -75.13 -37.65 49.22
N ASP MC 278 -74.33 -38.72 49.21
CA ASP MC 278 -74.57 -39.81 50.16
C ASP MC 278 -74.39 -39.33 51.59
N SER MC 279 -73.34 -38.54 51.85
CA SER MC 279 -73.08 -38.09 53.21
C SER MC 279 -74.22 -37.24 53.75
N VAL MC 280 -74.95 -36.57 52.88
CA VAL MC 280 -76.10 -35.78 53.29
C VAL MC 280 -77.37 -36.63 53.40
N LEU MC 281 -77.63 -37.51 52.43
CA LEU MC 281 -78.93 -38.16 52.36
C LEU MC 281 -79.00 -39.44 53.18
N LEU MC 282 -77.87 -40.11 53.43
CA LEU MC 282 -77.89 -41.36 54.19
C LEU MC 282 -78.48 -41.18 55.59
N PRO MC 283 -78.08 -40.16 56.39
CA PRO MC 283 -78.80 -39.94 57.66
C PRO MC 283 -80.26 -39.55 57.49
N ILE MC 284 -80.53 -38.65 56.54
CA ILE MC 284 -81.87 -38.09 56.41
C ILE MC 284 -82.85 -39.15 55.94
N LEU MC 285 -82.50 -39.89 54.88
CA LEU MC 285 -83.45 -40.82 54.27
C LEU MC 285 -83.22 -42.25 54.74
N GLY MC 286 -81.98 -42.67 54.88
CA GLY MC 286 -81.65 -44.03 55.26
C GLY MC 286 -80.88 -44.75 54.17
N TYR MC 287 -80.58 -46.00 54.45
CA TYR MC 287 -79.79 -46.83 53.54
C TYR MC 287 -80.71 -47.55 52.57
N GLY MC 288 -80.52 -47.32 51.27
CA GLY MC 288 -81.31 -47.98 50.27
C GLY MC 288 -82.65 -47.36 49.98
N ASN MC 289 -82.97 -46.22 50.60
CA ASN MC 289 -84.24 -45.53 50.34
C ASN MC 289 -84.11 -44.47 49.26
N TYR MC 290 -82.95 -44.32 48.65
CA TYR MC 290 -82.73 -43.31 47.63
C TYR MC 290 -81.71 -43.81 46.63
N THR MC 291 -81.71 -43.19 45.46
CA THR MC 291 -80.65 -43.39 44.47
C THR MC 291 -80.38 -42.05 43.80
N ALA MC 292 -79.11 -41.77 43.52
CA ALA MC 292 -78.73 -40.50 42.94
C ALA MC 292 -77.52 -40.69 42.03
N GLN MC 293 -77.54 -39.99 40.89
CA GLN MC 293 -76.42 -39.99 39.98
C GLN MC 293 -76.13 -38.56 39.54
N VAL MC 294 -74.87 -38.30 39.22
CA VAL MC 294 -74.38 -36.95 38.93
C VAL MC 294 -73.65 -36.96 37.61
N ASP MC 295 -73.97 -36.01 36.74
CA ASP MC 295 -73.24 -35.79 35.51
C ASP MC 295 -72.54 -34.44 35.55
N ILE MC 296 -71.23 -34.44 35.30
CA ILE MC 296 -70.44 -33.22 35.32
C ILE MC 296 -69.75 -33.10 33.96
N GLN MC 297 -70.01 -32.00 33.26
CA GLN MC 297 -69.37 -31.68 31.99
C GLN MC 297 -68.35 -30.58 32.24
N MET MC 298 -67.10 -30.81 31.84
CA MET MC 298 -66.02 -29.88 32.11
C MET MC 298 -65.39 -29.43 30.79
N ASP MC 299 -65.25 -28.13 30.63
CA ASP MC 299 -64.56 -27.55 29.49
C ASP MC 299 -63.07 -27.51 29.77
N PHE MC 300 -62.28 -27.78 28.73
CA PHE MC 300 -60.82 -27.80 28.84
C PHE MC 300 -60.20 -26.91 27.78
N SER MC 301 -60.82 -25.77 27.50
CA SER MC 301 -60.26 -24.82 26.56
C SER MC 301 -59.02 -24.17 27.15
N ALA MC 302 -58.36 -23.34 26.35
CA ALA MC 302 -57.12 -22.65 26.73
C ALA MC 302 -57.24 -21.17 26.46
N VAL MC 303 -58.32 -20.56 26.97
CA VAL MC 303 -58.54 -19.13 26.75
C VAL MC 303 -57.42 -18.32 27.37
N GLU MC 304 -57.05 -17.24 26.69
CA GLU MC 304 -56.00 -16.35 27.17
C GLU MC 304 -56.28 -14.97 26.58
N GLN MC 305 -56.74 -14.04 27.41
CA GLN MC 305 -57.30 -12.79 26.96
C GLN MC 305 -56.45 -11.61 27.41
N THR MC 306 -56.37 -10.58 26.57
CA THR MC 306 -55.67 -9.34 26.88
C THR MC 306 -56.60 -8.18 26.57
N ARG MC 307 -56.90 -7.36 27.57
CA ARG MC 307 -57.84 -6.26 27.44
C ARG MC 307 -57.10 -4.95 27.69
N LYS MC 308 -57.31 -3.98 26.81
CA LYS MC 308 -56.74 -2.64 26.94
C LYS MC 308 -57.90 -1.65 26.92
N ARG MC 309 -58.23 -1.11 28.09
CA ARG MC 309 -59.40 -0.26 28.26
C ARG MC 309 -58.97 1.16 28.61
N PHE MC 310 -59.72 2.13 28.09
CA PHE MC 310 -59.49 3.54 28.33
C PHE MC 310 -60.68 4.15 29.05
N ASP MC 311 -60.57 5.44 29.37
CA ASP MC 311 -61.63 6.17 30.06
C ASP MC 311 -61.95 7.43 29.27
N PRO MC 312 -62.92 7.38 28.36
CA PRO MC 312 -63.16 8.53 27.48
C PRO MC 312 -63.60 9.78 28.21
N ASN MC 313 -64.29 9.66 29.34
CA ASN MC 313 -64.98 10.79 29.96
C ASN MC 313 -64.12 11.58 30.93
N THR MC 314 -62.87 11.18 31.18
CA THR MC 314 -61.97 11.93 32.06
C THR MC 314 -60.61 12.09 31.39
N PRO MC 315 -60.51 12.91 30.35
CA PRO MC 315 -59.21 13.19 29.75
C PRO MC 315 -58.48 14.29 30.50
N ALA MC 316 -57.15 14.26 30.40
CA ALA MC 316 -56.29 15.25 31.03
C ALA MC 316 -55.46 15.92 29.96
N THR MC 317 -55.61 17.22 29.79
CA THR MC 317 -54.89 17.93 28.74
C THR MC 317 -53.41 18.04 29.08
N ARG MC 318 -52.56 17.58 28.17
CA ARG MC 318 -51.11 17.61 28.36
C ARG MC 318 -50.49 18.88 27.78
N SER MC 319 -50.75 19.17 26.51
CA SER MC 319 -50.35 20.41 25.89
C SER MC 319 -51.56 20.98 25.16
N GLU MC 320 -51.54 22.29 24.93
CA GLU MC 320 -52.69 22.94 24.34
C GLU MC 320 -52.25 24.19 23.60
N TYR MC 321 -52.78 24.38 22.40
CA TYR MC 321 -52.62 25.59 21.62
C TYR MC 321 -53.99 26.11 21.24
N ALA MC 322 -54.17 27.43 21.30
CA ALA MC 322 -55.46 28.03 21.01
C ALA MC 322 -55.24 29.41 20.42
N LEU MC 323 -55.55 29.56 19.14
CA LEU MC 323 -55.50 30.85 18.45
C LEU MC 323 -56.91 31.30 18.14
N GLU MC 324 -57.23 32.55 18.50
CA GLU MC 324 -58.59 33.09 18.37
C GLU MC 324 -58.48 34.57 17.99
N ASP MC 325 -58.55 34.86 16.69
CA ASP MC 325 -58.46 36.22 16.22
C ASP MC 325 -59.77 36.66 15.56
N TYR MC 326 -60.05 37.95 15.65
CA TYR MC 326 -61.26 38.56 15.10
C TYR MC 326 -60.86 39.68 14.15
N ASN MC 327 -61.86 40.27 13.50
CA ASN MC 327 -61.66 41.43 12.64
C ASN MC 327 -62.94 42.24 12.54
N GLY MC 365 -67.76 40.18 11.42
CA GLY MC 365 -66.55 40.11 10.63
C GLY MC 365 -65.87 38.75 10.68
N SER MC 366 -64.60 38.72 10.28
CA SER MC 366 -63.85 37.48 10.30
C SER MC 366 -63.65 36.99 11.74
N VAL MC 367 -63.85 35.69 11.94
CA VAL MC 367 -63.65 35.05 13.24
C VAL MC 367 -62.97 33.72 12.99
N ARG MC 368 -61.69 33.61 13.32
CA ARG MC 368 -60.90 32.41 13.12
C ARG MC 368 -60.57 31.81 14.48
N LYS MC 369 -60.93 30.54 14.68
CA LYS MC 369 -60.74 29.85 15.95
C LYS MC 369 -59.96 28.56 15.71
N GLU MC 370 -58.63 28.66 15.69
CA GLU MC 370 -57.80 27.48 15.59
C GLU MC 370 -57.54 26.91 16.98
N SER MC 371 -57.31 25.60 17.03
CA SER MC 371 -57.10 24.93 18.30
C SER MC 371 -56.41 23.60 18.07
N THR MC 372 -55.47 23.28 18.94
CA THR MC 372 -54.78 21.99 18.94
C THR MC 372 -54.68 21.52 20.37
N ARG MC 373 -54.92 20.24 20.60
CA ARG MC 373 -55.00 19.72 21.96
C ARG MC 373 -54.49 18.30 22.00
N ASN MC 374 -53.68 18.00 23.01
CA ASN MC 374 -53.18 16.65 23.27
C ASN MC 374 -53.68 16.18 24.62
N PHE MC 375 -54.06 14.91 24.71
CA PHE MC 375 -54.69 14.39 25.90
C PHE MC 375 -53.93 13.19 26.45
N GLU MC 376 -54.13 12.96 27.75
CA GLU MC 376 -53.69 11.77 28.46
C GLU MC 376 -54.90 11.12 29.07
N LEU MC 377 -54.99 9.80 28.95
CA LEU MC 377 -56.19 9.05 29.32
C LEU MC 377 -55.84 7.93 30.28
N ASP MC 378 -56.81 7.57 31.13
CA ASP MC 378 -56.63 6.43 32.01
C ASP MC 378 -56.52 5.17 31.18
N THR MC 379 -55.49 4.37 31.43
CA THR MC 379 -55.20 3.19 30.63
C THR MC 379 -55.06 1.99 31.53
N THR MC 380 -55.96 1.02 31.38
CA THR MC 380 -55.89 -0.24 32.09
C THR MC 380 -55.56 -1.35 31.11
N ILE MC 381 -54.56 -2.16 31.45
CA ILE MC 381 -54.11 -3.27 30.60
C ILE MC 381 -54.12 -4.51 31.46
N SER MC 382 -55.10 -5.38 31.25
CA SER MC 382 -55.27 -6.59 32.05
C SER MC 382 -55.07 -7.83 31.19
N HIS MC 383 -54.18 -8.70 31.61
CA HIS MC 383 -53.92 -9.97 30.93
C HIS MC 383 -54.43 -11.10 31.82
N GLU MC 384 -55.45 -11.81 31.35
CA GLU MC 384 -56.08 -12.89 32.09
C GLU MC 384 -55.82 -14.22 31.39
N ARG MC 385 -55.62 -15.27 32.17
CA ARG MC 385 -55.41 -16.61 31.63
C ARG MC 385 -56.29 -17.57 32.40
N LYS MC 386 -57.38 -18.02 31.78
CA LYS MC 386 -58.35 -18.83 32.48
C LYS MC 386 -57.79 -20.21 32.78
N GLN MC 387 -58.26 -20.81 33.86
CA GLN MC 387 -57.93 -22.19 34.17
C GLN MC 387 -58.55 -23.12 33.13
N THR MC 388 -57.80 -24.17 32.77
CA THR MC 388 -58.21 -25.06 31.69
C THR MC 388 -59.53 -25.76 31.99
N GLY MC 389 -59.54 -26.67 32.96
CA GLY MC 389 -60.73 -27.45 33.23
C GLY MC 389 -61.70 -26.78 34.18
N THR MC 390 -62.84 -26.34 33.67
CA THR MC 390 -63.87 -25.70 34.47
C THR MC 390 -65.20 -26.39 34.25
N VAL MC 391 -65.94 -26.60 35.33
CA VAL MC 391 -67.26 -27.23 35.25
C VAL MC 391 -68.20 -26.30 34.49
N ALA MC 392 -68.55 -26.67 33.26
CA ALA MC 392 -69.42 -25.85 32.44
C ALA MC 392 -70.89 -26.12 32.69
N ARG MC 393 -71.24 -27.34 33.09
CA ARG MC 393 -72.63 -27.70 33.38
C ARG MC 393 -72.63 -28.88 34.34
N GLN MC 394 -73.57 -28.86 35.27
CA GLN MC 394 -73.69 -29.91 36.27
C GLN MC 394 -75.13 -30.37 36.36
N THR MC 395 -75.34 -31.68 36.28
CA THR MC 395 -76.67 -32.28 36.33
C THR MC 395 -76.71 -33.29 37.47
N VAL MC 396 -77.69 -33.15 38.35
CA VAL MC 396 -77.87 -34.06 39.47
C VAL MC 396 -79.33 -34.51 39.50
N SER MC 397 -79.55 -35.81 39.63
CA SER MC 397 -80.89 -36.37 39.76
C SER MC 397 -80.93 -37.30 40.96
N VAL MC 398 -81.95 -37.15 41.80
CA VAL MC 398 -82.13 -37.96 42.99
C VAL MC 398 -83.53 -38.56 42.95
N ALA MC 399 -83.63 -39.85 43.18
CA ALA MC 399 -84.90 -40.56 43.22
C ALA MC 399 -85.09 -41.16 44.61
N ILE MC 400 -86.25 -40.90 45.21
CA ILE MC 400 -86.55 -41.32 46.56
C ILE MC 400 -87.58 -42.43 46.51
N LYS MC 401 -87.31 -43.51 47.25
CA LYS MC 401 -88.23 -44.64 47.28
C LYS MC 401 -89.55 -44.24 47.94
N ASP MC 402 -90.65 -44.66 47.33
CA ASP MC 402 -91.96 -44.40 47.91
C ASP MC 402 -92.23 -45.35 49.07
N ARG MC 403 -93.10 -44.91 49.98
CA ARG MC 403 -93.49 -45.69 51.14
C ARG MC 403 -92.28 -46.14 51.97
N PRO MC 417 -95.44 -42.60 48.75
CA PRO MC 417 -94.74 -41.44 48.18
C PRO MC 417 -94.26 -40.46 49.24
N MET MC 418 -93.71 -39.33 48.81
CA MET MC 418 -93.21 -38.30 49.70
C MET MC 418 -93.89 -36.98 49.38
N SER MC 419 -94.24 -36.23 50.43
CA SER MC 419 -94.98 -35.00 50.26
C SER MC 419 -94.14 -33.94 49.55
N GLU MC 420 -94.84 -32.96 48.97
CA GLU MC 420 -94.15 -31.90 48.24
C GLU MC 420 -93.25 -31.08 49.16
N SER MC 421 -93.70 -30.83 50.39
CA SER MC 421 -92.92 -30.03 51.32
C SER MC 421 -91.56 -30.67 51.61
N GLU MC 422 -91.56 -31.99 51.89
CA GLU MC 422 -90.30 -32.66 52.17
C GLU MC 422 -89.43 -32.79 50.92
N ILE MC 423 -90.05 -32.94 49.75
CA ILE MC 423 -89.30 -32.96 48.49
C ILE MC 423 -88.58 -31.64 48.30
N ASN MC 424 -89.27 -30.53 48.54
CA ASN MC 424 -88.66 -29.22 48.40
C ASN MC 424 -87.59 -28.99 49.47
N ALA MC 425 -87.80 -29.51 50.68
CA ALA MC 425 -86.78 -29.39 51.72
C ALA MC 425 -85.51 -30.15 51.33
N ILE MC 426 -85.67 -31.36 50.79
CA ILE MC 426 -84.52 -32.12 50.31
C ILE MC 426 -83.83 -31.37 49.18
N ARG MC 427 -84.61 -30.78 48.29
CA ARG MC 427 -84.03 -29.99 47.20
C ARG MC 427 -83.24 -28.81 47.76
N GLN MC 428 -83.76 -28.15 48.80
CA GLN MC 428 -83.04 -27.04 49.41
C GLN MC 428 -81.74 -27.49 50.04
N VAL MC 429 -81.74 -28.66 50.70
CA VAL MC 429 -80.50 -29.19 51.26
C VAL MC 429 -79.49 -29.47 50.16
N LEU MC 430 -79.94 -30.11 49.08
CA LEU MC 430 -79.05 -30.42 47.97
C LEU MC 430 -78.46 -29.14 47.37
N ILE MC 431 -79.27 -28.09 47.27
CA ILE MC 431 -78.79 -26.78 46.84
C ILE MC 431 -77.92 -26.24 47.97
N GLY MC 432 -76.61 -26.35 47.79
CA GLY MC 432 -75.70 -26.09 48.89
C GLY MC 432 -74.91 -27.33 49.23
N THR MC 433 -75.56 -28.49 49.23
CA THR MC 433 -74.82 -29.74 49.28
C THR MC 433 -73.97 -29.91 48.03
N VAL MC 434 -74.52 -29.60 46.86
CA VAL MC 434 -73.81 -29.76 45.60
C VAL MC 434 -73.24 -28.45 45.09
N GLY MC 435 -73.79 -27.31 45.50
CA GLY MC 435 -73.37 -26.04 44.94
C GLY MC 435 -74.15 -25.70 43.69
N PHE MC 436 -75.48 -25.82 43.77
CA PHE MC 436 -76.33 -25.59 42.61
C PHE MC 436 -76.14 -24.18 42.07
N ASP MC 437 -75.96 -24.08 40.75
CA ASP MC 437 -75.70 -22.81 40.08
C ASP MC 437 -76.56 -22.78 38.81
N GLN MC 438 -77.76 -22.22 38.93
CA GLN MC 438 -78.68 -22.19 37.79
C GLN MC 438 -78.13 -21.34 36.65
N GLY MC 439 -77.48 -20.23 36.99
CA GLY MC 439 -76.92 -19.36 35.96
C GLY MC 439 -75.87 -20.04 35.10
N ARG MC 440 -75.24 -21.09 35.61
CA ARG MC 440 -74.30 -21.88 34.84
C ARG MC 440 -74.98 -22.88 33.92
N GLY MC 441 -76.29 -23.06 34.06
CA GLY MC 441 -77.01 -24.06 33.32
C GLY MC 441 -77.19 -25.38 34.04
N ASP MC 442 -76.86 -25.43 35.34
CA ASP MC 442 -76.98 -26.66 36.10
C ASP MC 442 -78.45 -27.04 36.27
N LEU MC 443 -78.67 -28.33 36.52
CA LEU MC 443 -80.02 -28.87 36.64
C LEU MC 443 -80.06 -29.84 37.80
N LEU MC 444 -81.13 -29.77 38.60
CA LEU MC 444 -81.29 -30.60 39.78
C LEU MC 444 -82.72 -31.14 39.79
N ASN MC 445 -82.86 -32.44 39.61
CA ASN MC 445 -84.16 -33.11 39.64
C ASN MC 445 -84.26 -33.95 40.90
N VAL MC 446 -85.37 -33.81 41.62
CA VAL MC 446 -85.68 -34.65 42.78
C VAL MC 446 -87.05 -35.24 42.56
N LEU MC 447 -87.13 -36.56 42.49
CA LEU MC 447 -88.37 -37.26 42.19
C LEU MC 447 -88.64 -38.31 43.26
N SER MC 448 -89.91 -38.68 43.40
CA SER MC 448 -90.33 -39.77 44.28
C SER MC 448 -90.85 -40.89 43.39
N VAL MC 449 -90.09 -41.99 43.33
CA VAL MC 449 -90.40 -43.11 42.44
C VAL MC 449 -90.59 -44.36 43.28
N LYS MC 450 -91.12 -45.39 42.63
CA LYS MC 450 -91.43 -46.67 43.27
C LYS MC 450 -90.28 -47.64 42.97
N PHE MC 451 -89.50 -47.95 44.00
CA PHE MC 451 -88.44 -48.95 43.85
C PHE MC 451 -89.04 -50.34 43.79
N ALA MC 452 -88.42 -51.20 42.98
CA ALA MC 452 -88.88 -52.58 42.83
C ALA MC 452 -88.11 -53.49 43.78
N ALA NC 255 -50.92 -42.10 12.27
CA ALA NC 255 -52.11 -41.39 12.75
C ALA NC 255 -53.29 -42.33 12.90
N SER NC 256 -53.28 -43.46 12.17
CA SER NC 256 -54.37 -44.40 12.29
C SER NC 256 -54.42 -45.03 13.68
N ALA NC 257 -53.26 -45.16 14.32
CA ALA NC 257 -53.25 -45.57 15.72
C ALA NC 257 -53.97 -44.55 16.59
N ALA NC 258 -53.78 -43.26 16.28
CA ALA NC 258 -54.52 -42.22 16.99
C ALA NC 258 -56.02 -42.37 16.77
N ARG NC 259 -56.43 -42.69 15.54
CA ARG NC 259 -57.85 -42.91 15.28
C ARG NC 259 -58.39 -44.10 16.05
N ARG NC 260 -57.60 -45.17 16.14
CA ARG NC 260 -57.98 -46.32 16.93
C ARG NC 260 -58.19 -45.94 18.39
N LYS NC 261 -57.27 -45.16 18.95
CA LYS NC 261 -57.42 -44.75 20.35
C LYS NC 261 -58.59 -43.79 20.53
N GLU NC 262 -58.94 -43.02 19.50
CA GLU NC 262 -60.16 -42.21 19.57
C GLU NC 262 -61.40 -43.09 19.64
N GLN NC 263 -61.43 -44.16 18.84
CA GLN NC 263 -62.53 -45.12 18.95
C GLN NC 263 -62.59 -45.71 20.35
N GLU NC 264 -61.42 -46.02 20.91
CA GLU NC 264 -61.37 -46.54 22.28
C GLU NC 264 -61.94 -45.55 23.28
N LEU NC 265 -61.61 -44.26 23.12
CA LEU NC 265 -62.16 -43.24 23.99
C LEU NC 265 -63.68 -43.18 23.91
N GLU NC 266 -64.21 -43.21 22.68
CA GLU NC 266 -65.66 -43.17 22.51
C GLU NC 266 -66.32 -44.37 23.19
N ARG NC 267 -65.75 -45.57 22.98
CA ARG NC 267 -66.31 -46.77 23.58
C ARG NC 267 -66.24 -46.71 25.11
N SER NC 268 -65.15 -46.17 25.65
CA SER NC 268 -65.02 -46.03 27.09
C SER NC 268 -66.08 -45.09 27.66
N GLN NC 269 -66.32 -43.97 26.97
CA GLN NC 269 -67.38 -43.06 27.40
C GLN NC 269 -68.73 -43.75 27.40
N GLU NC 270 -69.03 -44.50 26.33
CA GLU NC 270 -70.29 -45.21 26.26
C GLU NC 270 -70.42 -46.21 27.41
N GLN NC 271 -69.34 -46.92 27.71
CA GLN NC 271 -69.37 -47.90 28.79
C GLN NC 271 -69.62 -47.23 30.14
N ALA NC 272 -68.98 -46.09 30.38
CA ALA NC 272 -69.19 -45.37 31.63
C ALA NC 272 -70.63 -44.91 31.77
N LEU NC 273 -71.20 -44.38 30.69
CA LEU NC 273 -72.59 -43.95 30.75
C LEU NC 273 -73.51 -45.14 30.98
N ARG NC 274 -73.23 -46.28 30.36
CA ARG NC 274 -74.02 -47.47 30.61
C ARG NC 274 -73.93 -47.91 32.06
N GLU NC 275 -72.73 -47.81 32.65
CA GLU NC 275 -72.55 -48.16 34.06
C GLU NC 275 -73.40 -47.27 34.95
N LYS NC 276 -73.40 -45.96 34.67
CA LYS NC 276 -74.25 -45.05 35.44
C LYS NC 276 -75.73 -45.37 35.28
N ILE NC 277 -76.15 -45.68 34.05
CA ILE NC 277 -77.54 -46.04 33.80
C ILE NC 277 -77.92 -47.27 34.62
N ASP NC 278 -77.04 -48.27 34.64
CA ASP NC 278 -77.30 -49.45 35.46
C ASP NC 278 -77.38 -49.09 36.94
N SER NC 279 -76.44 -48.26 37.41
CA SER NC 279 -76.41 -47.91 38.82
C SER NC 279 -77.68 -47.20 39.26
N VAL NC 280 -78.34 -46.51 38.34
CA VAL NC 280 -79.60 -45.84 38.64
C VAL NC 280 -80.80 -46.79 38.50
N LEU NC 281 -80.84 -47.59 37.44
CA LEU NC 281 -82.06 -48.33 37.12
C LEU NC 281 -82.14 -49.69 37.82
N LEU NC 282 -81.00 -50.29 38.18
CA LEU NC 282 -81.02 -51.60 38.83
C LEU NC 282 -81.81 -51.59 40.13
N PRO NC 283 -81.63 -50.63 41.06
CA PRO NC 283 -82.51 -50.57 42.23
C PRO NC 283 -83.95 -50.27 41.88
N ILE NC 284 -84.17 -49.30 40.98
CA ILE NC 284 -85.52 -48.83 40.70
C ILE NC 284 -86.34 -49.92 40.00
N LEU NC 285 -85.79 -50.52 38.95
CA LEU NC 285 -86.55 -51.47 38.14
C LEU NC 285 -86.28 -52.91 38.52
N GLY NC 286 -85.04 -53.25 38.80
CA GLY NC 286 -84.66 -54.61 39.12
C GLY NC 286 -83.69 -55.17 38.09
N TYR NC 287 -83.31 -56.43 38.31
CA TYR NC 287 -82.34 -57.10 37.45
C TYR NC 287 -83.07 -57.79 36.31
N GLY NC 288 -82.71 -57.43 35.08
CA GLY NC 288 -83.29 -58.05 33.91
C GLY NC 288 -84.64 -57.50 33.49
N ASN NC 289 -85.14 -56.46 34.14
CA ASN NC 289 -86.39 -55.84 33.76
C ASN NC 289 -86.21 -54.67 32.80
N TYR NC 290 -84.98 -54.39 32.38
CA TYR NC 290 -84.73 -53.27 31.50
C TYR NC 290 -83.53 -53.60 30.61
N THR NC 291 -83.42 -52.88 29.50
CA THR NC 291 -82.23 -52.91 28.68
C THR NC 291 -81.97 -51.50 28.16
N ALA NC 292 -80.71 -51.10 28.10
CA ALA NC 292 -80.35 -49.76 27.68
C ALA NC 292 -79.02 -49.78 26.94
N GLN NC 293 -78.94 -48.99 25.88
CA GLN NC 293 -77.71 -48.82 25.13
C GLN NC 293 -77.48 -47.34 24.87
N VAL NC 294 -76.21 -46.96 24.75
CA VAL NC 294 -75.81 -45.56 24.65
C VAL NC 294 -74.90 -45.39 23.45
N ASP NC 295 -75.17 -44.39 22.63
CA ASP NC 295 -74.30 -44.01 21.53
C ASP NC 295 -73.73 -42.62 21.79
N ILE NC 296 -72.40 -42.50 21.73
CA ILE NC 296 -71.72 -41.24 21.96
C ILE NC 296 -70.87 -40.94 20.74
N GLN NC 297 -71.12 -39.80 20.10
CA GLN NC 297 -70.34 -39.33 18.97
C GLN NC 297 -69.46 -38.18 19.45
N MET NC 298 -68.15 -38.29 19.22
CA MET NC 298 -67.18 -37.32 19.71
C MET NC 298 -66.42 -36.70 18.54
N ASP NC 299 -66.37 -35.38 18.51
CA ASP NC 299 -65.58 -34.66 17.54
C ASP NC 299 -64.15 -34.53 18.03
N PHE NC 300 -63.21 -34.64 17.10
CA PHE NC 300 -61.79 -34.58 17.41
C PHE NC 300 -61.09 -33.55 16.54
N SER NC 301 -61.76 -32.43 16.26
CA SER NC 301 -61.15 -31.36 15.49
C SER NC 301 -60.07 -30.68 16.32
N ALA NC 302 -59.38 -29.74 15.68
CA ALA NC 302 -58.27 -29.01 16.30
C ALA NC 302 -58.47 -27.51 16.13
N VAL NC 303 -59.66 -27.03 16.53
CA VAL NC 303 -59.97 -25.61 16.39
C VAL NC 303 -59.02 -24.79 17.24
N GLU NC 304 -58.65 -23.62 16.71
CA GLU NC 304 -57.74 -22.71 17.40
C GLU NC 304 -58.05 -21.30 16.89
N GLN NC 305 -58.70 -20.49 17.73
CA GLN NC 305 -59.30 -19.24 17.30
C GLN NC 305 -58.61 -18.05 17.96
N THR NC 306 -58.51 -16.95 17.23
CA THR NC 306 -57.97 -15.69 17.75
C THR NC 306 -58.94 -14.58 17.40
N ARG NC 307 -59.43 -13.88 18.41
CA ARG NC 307 -60.43 -12.84 18.23
C ARG NC 307 -59.86 -11.51 18.69
N LYS NC 308 -60.02 -10.48 17.87
CA LYS NC 308 -59.60 -9.12 18.19
C LYS NC 308 -60.81 -8.21 18.09
N ARG NC 309 -61.34 -7.81 19.23
CA ARG NC 309 -62.59 -7.07 19.30
C ARG NC 309 -62.34 -5.66 19.82
N PHE NC 310 -63.09 -4.71 19.29
CA PHE NC 310 -63.01 -3.30 19.66
C PHE NC 310 -64.34 -2.85 20.25
N ASP NC 311 -64.38 -1.59 20.68
CA ASP NC 311 -65.58 -1.01 21.28
C ASP NC 311 -65.89 0.30 20.55
N PRO NC 312 -66.71 0.26 19.50
CA PRO NC 312 -66.93 1.47 18.69
C PRO NC 312 -67.57 2.61 19.45
N ASN NC 313 -68.39 2.34 20.46
CA ASN NC 313 -69.25 3.35 21.05
C ASN NC 313 -68.61 4.11 22.22
N THR NC 314 -67.39 3.78 22.61
CA THR NC 314 -66.67 4.50 23.66
C THR NC 314 -65.25 4.82 23.22
N PRO NC 315 -65.08 5.74 22.26
CA PRO NC 315 -63.74 6.17 21.89
C PRO NC 315 -63.21 7.24 22.83
N ALA NC 316 -61.88 7.31 22.92
CA ALA NC 316 -61.21 8.30 23.74
C ALA NC 316 -60.28 9.12 22.86
N THR NC 317 -60.53 10.43 22.78
CA THR NC 317 -59.73 11.28 21.91
C THR NC 317 -58.32 11.45 22.47
N ARG NC 318 -57.32 11.14 21.66
CA ARG NC 318 -55.92 11.26 22.05
C ARG NC 318 -55.34 12.62 21.68
N SER NC 319 -55.44 13.00 20.41
CA SER NC 319 -55.05 14.32 19.95
C SER NC 319 -56.19 14.88 19.12
N GLU NC 320 -56.25 16.20 18.99
CA GLU NC 320 -57.36 16.82 18.30
C GLU NC 320 -56.93 18.16 17.74
N TYR NC 321 -57.31 18.41 16.49
CA TYR NC 321 -57.13 19.70 15.84
C TYR NC 321 -58.48 20.16 15.31
N ALA NC 322 -58.77 21.45 15.45
CA ALA NC 322 -60.06 21.97 15.03
C ALA NC 322 -59.87 23.42 14.59
N LEU NC 323 -60.02 23.67 13.29
CA LEU NC 323 -59.97 25.01 12.73
C LEU NC 323 -61.37 25.39 12.25
N GLU NC 324 -61.83 26.57 12.67
CA GLU NC 324 -63.20 27.02 12.37
C GLU NC 324 -63.17 28.53 12.14
N ASP NC 325 -63.07 28.94 10.87
CA ASP NC 325 -63.04 30.35 10.53
C ASP NC 325 -64.28 30.75 9.74
N TYR NC 326 -64.67 32.01 9.89
CA TYR NC 326 -65.84 32.57 9.22
C TYR NC 326 -65.41 33.81 8.43
N ASN NC 327 -66.35 34.38 7.69
CA ASN NC 327 -66.13 35.62 6.96
C ASN NC 327 -67.45 36.35 6.74
N GLY NC 365 -71.87 34.07 4.77
CA GLY NC 365 -70.56 34.15 4.16
C GLY NC 365 -69.79 32.84 4.20
N SER NC 366 -68.48 32.93 3.98
CA SER NC 366 -67.63 31.76 4.01
C SER NC 366 -67.60 31.16 5.41
N VAL NC 367 -67.72 29.83 5.48
CA VAL NC 367 -67.65 29.10 6.74
C VAL NC 367 -66.83 27.84 6.49
N ARG NC 368 -65.60 27.80 6.98
CA ARG NC 368 -64.71 26.67 6.81
C ARG NC 368 -64.51 25.96 8.14
N LYS NC 369 -64.78 24.66 8.19
CA LYS NC 369 -64.72 23.88 9.42
C LYS NC 369 -63.81 22.68 9.18
N GLU NC 370 -62.51 22.88 9.37
CA GLU NC 370 -61.57 21.76 9.29
C GLU NC 370 -61.45 21.09 10.66
N SER NC 371 -61.13 19.80 10.63
CA SER NC 371 -61.05 19.03 11.86
C SER NC 371 -60.23 17.79 11.62
N THR NC 372 -59.37 17.45 12.59
CA THR NC 372 -58.59 16.22 12.59
C THR NC 372 -58.66 15.63 13.98
N ARG NC 373 -58.82 14.32 14.07
CA ARG NC 373 -59.04 13.67 15.35
C ARG NC 373 -58.42 12.29 15.36
N ASN NC 374 -57.74 11.95 16.44
CA ASN NC 374 -57.17 10.63 16.65
C ASN NC 374 -57.81 10.00 17.88
N PHE NC 375 -58.09 8.70 17.81
CA PHE NC 375 -58.85 8.03 18.85
C PHE NC 375 -58.07 6.85 19.40
N GLU NC 376 -58.42 6.48 20.63
CA GLU NC 376 -57.98 5.27 21.30
C GLU NC 376 -59.22 4.48 21.68
N LEU NC 377 -59.18 3.17 21.45
CA LEU NC 377 -60.35 2.31 21.57
C LEU NC 377 -60.05 1.13 22.47
N ASP NC 378 -61.08 0.63 23.14
CA ASP NC 378 -60.94 -0.58 23.95
C ASP NC 378 -60.62 -1.75 23.04
N THR NC 379 -59.57 -2.49 23.37
CA THR NC 379 -59.07 -3.55 22.52
C THR NC 379 -58.96 -4.83 23.34
N THR NC 380 -59.75 -5.84 22.98
CA THR NC 380 -59.67 -7.16 23.59
C THR NC 380 -59.10 -8.14 22.59
N ILE NC 381 -58.11 -8.91 23.00
CA ILE NC 381 -57.45 -9.89 22.13
C ILE NC 381 -57.48 -11.22 22.87
N SER NC 382 -58.34 -12.13 22.45
CA SER NC 382 -58.52 -13.42 23.12
C SER NC 382 -58.11 -14.55 22.19
N HIS NC 383 -57.20 -15.40 22.67
CA HIS NC 383 -56.76 -16.57 21.94
C HIS NC 383 -57.28 -17.81 22.64
N GLU NC 384 -58.17 -18.55 21.98
CA GLU NC 384 -58.80 -19.74 22.54
C GLU NC 384 -58.33 -20.96 21.76
N ARG NC 385 -58.16 -22.06 22.49
CA ARG NC 385 -57.76 -23.33 21.87
C ARG NC 385 -58.66 -24.43 22.43
N LYS NC 386 -59.61 -24.88 21.62
CA LYS NC 386 -60.61 -25.83 22.10
C LYS NC 386 -59.97 -27.19 22.37
N GLN NC 387 -60.55 -27.91 23.32
CA GLN NC 387 -60.14 -29.29 23.55
C GLN NC 387 -60.53 -30.16 22.36
N THR NC 388 -59.65 -31.12 22.03
CA THR NC 388 -59.82 -31.93 20.84
C THR NC 388 -61.11 -32.74 20.88
N GLY NC 389 -61.18 -33.73 21.76
CA GLY NC 389 -62.33 -34.62 21.79
C GLY NC 389 -63.47 -34.13 22.64
N THR NC 390 -64.57 -33.72 22.00
CA THR NC 390 -65.74 -33.23 22.70
C THR NC 390 -66.97 -33.99 22.23
N VAL NC 391 -67.84 -34.35 23.17
CA VAL NC 391 -69.07 -35.05 22.85
C VAL NC 391 -69.97 -34.14 22.04
N ALA NC 392 -70.12 -34.41 20.75
CA ALA NC 392 -70.94 -33.58 19.88
C ALA NC 392 -72.40 -33.98 19.89
N ARG NC 393 -72.69 -35.25 20.13
CA ARG NC 393 -74.07 -35.72 20.19
C ARG NC 393 -74.10 -36.99 21.03
N GLN NC 394 -75.18 -37.13 21.81
CA GLN NC 394 -75.33 -38.27 22.70
C GLN NC 394 -76.74 -38.83 22.53
N THR NC 395 -76.82 -40.15 22.33
CA THR NC 395 -78.09 -40.84 22.13
C THR NC 395 -78.20 -41.95 23.16
N VAL NC 396 -79.31 -41.97 23.90
CA VAL NC 396 -79.57 -42.99 24.91
C VAL NC 396 -80.97 -43.53 24.69
N SER NC 397 -81.10 -44.86 24.68
CA SER NC 397 -82.39 -45.51 24.57
C SER NC 397 -82.51 -46.56 25.66
N VAL NC 398 -83.65 -46.56 26.35
CA VAL NC 398 -83.93 -47.49 27.44
C VAL NC 398 -85.25 -48.17 27.15
N ALA NC 399 -85.28 -49.49 27.25
CA ALA NC 399 -86.49 -50.28 27.05
C ALA NC 399 -86.81 -51.03 28.34
N ILE NC 400 -88.06 -50.90 28.78
CA ILE NC 400 -88.52 -51.46 30.05
C ILE NC 400 -89.43 -52.64 29.76
N LYS NC 401 -89.18 -53.76 30.43
CA LYS NC 401 -90.00 -54.95 30.23
C LYS NC 401 -91.42 -54.70 30.73
N ASP NC 402 -92.39 -55.15 29.94
CA ASP NC 402 -93.79 -55.03 30.33
C ASP NC 402 -94.13 -56.10 31.36
N ARG NC 403 -95.15 -55.81 32.16
CA ARG NC 403 -95.63 -56.73 33.20
C ARG NC 403 -94.51 -57.16 34.15
N PRO NC 417 -97.48 -53.57 30.80
CA PRO NC 417 -96.81 -52.32 30.44
C PRO NC 417 -96.56 -51.41 31.63
N MET NC 418 -96.05 -50.21 31.38
CA MET NC 418 -95.76 -49.22 32.41
C MET NC 418 -96.51 -47.93 32.11
N SER NC 419 -97.06 -47.31 33.14
CA SER NC 419 -97.87 -46.12 32.98
C SER NC 419 -97.03 -44.95 32.49
N GLU NC 420 -97.72 -43.98 31.89
CA GLU NC 420 -97.03 -42.79 31.36
C GLU NC 420 -96.34 -42.01 32.46
N SER NC 421 -96.97 -41.91 33.63
CA SER NC 421 -96.39 -41.14 34.73
C SER NC 421 -95.05 -41.72 35.16
N GLU NC 422 -94.97 -43.04 35.32
CA GLU NC 422 -93.71 -43.65 35.73
C GLU NC 422 -92.67 -43.60 34.61
N ILE NC 423 -93.11 -43.69 33.35
CA ILE NC 423 -92.19 -43.53 32.24
C ILE NC 423 -91.56 -42.15 32.25
N ASN NC 424 -92.37 -41.12 32.48
CA ASN NC 424 -91.85 -39.77 32.53
C ASN NC 424 -90.97 -39.55 33.76
N ALA NC 425 -91.30 -40.20 34.88
CA ALA NC 425 -90.44 -40.11 36.06
C ALA NC 425 -89.07 -40.74 35.81
N ILE NC 426 -89.05 -41.91 35.15
CA ILE NC 426 -87.79 -42.53 34.79
C ILE NC 426 -87.01 -41.63 33.83
N ARG NC 427 -87.72 -41.01 32.88
CA ARG NC 427 -87.06 -40.09 31.97
C ARG NC 427 -86.46 -38.91 32.72
N GLN NC 428 -87.16 -38.40 33.73
CA GLN NC 428 -86.63 -37.30 34.53
C GLN NC 428 -85.40 -37.71 35.30
N VAL NC 429 -85.39 -38.93 35.85
CA VAL NC 429 -84.20 -39.42 36.55
C VAL NC 429 -83.02 -39.54 35.59
N LEU NC 430 -83.27 -40.10 34.40
CA LEU NC 430 -82.21 -40.24 33.41
C LEU NC 430 -81.66 -38.87 33.01
N ILE NC 431 -82.53 -37.88 32.87
CA ILE NC 431 -82.10 -36.51 32.65
C ILE NC 431 -81.44 -36.00 33.91
N GLY NC 432 -80.12 -36.01 33.93
CA GLY NC 432 -79.39 -35.79 35.16
C GLY NC 432 -78.56 -37.00 35.52
N THR NC 433 -79.11 -38.20 35.32
CA THR NC 433 -78.27 -39.39 35.37
C THR NC 433 -77.24 -39.38 34.25
N VAL NC 434 -77.66 -39.00 33.04
CA VAL NC 434 -76.77 -38.99 31.89
C VAL NC 434 -76.23 -37.60 31.57
N GLY NC 435 -76.93 -36.55 31.99
CA GLY NC 435 -76.55 -35.20 31.61
C GLY NC 435 -77.17 -34.81 30.29
N PHE NC 436 -78.49 -35.02 30.16
CA PHE NC 436 -79.18 -34.76 28.92
C PHE NC 436 -79.04 -33.29 28.52
N ASP NC 437 -78.69 -33.06 27.26
CA ASP NC 437 -78.44 -31.71 26.73
C ASP NC 437 -79.11 -31.63 25.36
N GLN NC 438 -80.36 -31.17 25.35
CA GLN NC 438 -81.12 -31.10 24.09
C GLN NC 438 -80.49 -30.10 23.13
N GLY NC 439 -79.98 -28.99 23.64
CA GLY NC 439 -79.36 -27.99 22.78
C GLY NC 439 -78.15 -28.51 22.03
N ARG NC 440 -77.52 -29.56 22.55
CA ARG NC 440 -76.41 -30.20 21.86
C ARG NC 440 -76.88 -31.16 20.76
N GLY NC 441 -78.16 -31.44 20.70
CA GLY NC 441 -78.69 -32.43 19.79
C GLY NC 441 -78.86 -33.81 20.37
N ASP NC 442 -78.71 -33.96 21.68
CA ASP NC 442 -78.84 -35.27 22.31
C ASP NC 442 -80.27 -35.76 22.24
N LEU NC 443 -80.43 -37.08 22.36
CA LEU NC 443 -81.73 -37.72 22.23
C LEU NC 443 -81.84 -38.80 23.29
N LEU NC 444 -83.01 -38.88 23.92
CA LEU NC 444 -83.28 -39.82 25.00
C LEU NC 444 -84.63 -40.45 24.75
N ASN NC 445 -84.64 -41.75 24.44
CA ASN NC 445 -85.87 -42.50 24.24
C ASN NC 445 -86.07 -43.45 25.40
N VAL NC 446 -87.28 -43.47 25.96
CA VAL NC 446 -87.68 -44.42 26.99
C VAL NC 446 -88.96 -45.09 26.51
N LEU NC 447 -88.91 -46.41 26.33
CA LEU NC 447 -90.03 -47.15 25.80
C LEU NC 447 -90.36 -48.31 26.73
N SER NC 448 -91.61 -48.78 26.65
CA SER NC 448 -92.05 -49.98 27.36
C SER NC 448 -92.34 -51.06 26.33
N VAL NC 449 -91.50 -52.08 26.29
CA VAL NC 449 -91.59 -53.13 25.28
C VAL NC 449 -91.79 -54.47 25.97
N LYS NC 450 -92.14 -55.47 25.16
CA LYS NC 450 -92.41 -56.82 25.65
C LYS NC 450 -91.17 -57.67 25.44
N PHE NC 451 -90.51 -58.02 26.55
CA PHE NC 451 -89.37 -58.92 26.47
C PHE NC 451 -89.82 -60.35 26.20
N ALA NC 452 -89.03 -61.08 25.43
CA ALA NC 452 -89.35 -62.46 25.11
C ALA NC 452 -88.65 -63.41 26.07
N ALA OC 255 -48.52 -46.54 1.36
CA ALA OC 255 -49.81 -45.96 1.72
C ALA OC 255 -50.93 -47.00 1.61
N SER OC 256 -50.72 -48.05 0.81
CA SER OC 256 -51.74 -49.08 0.69
C SER OC 256 -51.91 -49.83 2.00
N ALA OC 257 -50.86 -49.94 2.79
CA ALA OC 257 -51.01 -50.48 4.14
C ALA OC 257 -51.92 -49.59 4.98
N ALA OC 258 -51.80 -48.27 4.81
CA ALA OC 258 -52.72 -47.35 5.47
C ALA OC 258 -54.15 -47.58 5.03
N ARG OC 259 -54.37 -47.83 3.74
CA ARG OC 259 -55.71 -48.11 3.25
C ARG OC 259 -56.25 -49.41 3.84
N ARG OC 260 -55.39 -50.42 3.95
CA ARG OC 260 -55.78 -51.67 4.59
C ARG OC 260 -56.23 -51.44 6.02
N LYS OC 261 -55.46 -50.65 6.78
CA LYS OC 261 -55.84 -50.38 8.17
C LYS OC 261 -57.10 -49.53 8.25
N GLU OC 262 -57.35 -48.69 7.25
CA GLU OC 262 -58.63 -47.98 7.20
C GLU OC 262 -59.80 -48.95 7.02
N GLN OC 263 -59.63 -49.93 6.14
CA GLN OC 263 -60.65 -50.98 6.01
C GLN OC 263 -60.86 -51.70 7.33
N GLU OC 264 -59.76 -51.98 8.03
CA GLU OC 264 -59.85 -52.63 9.34
C GLU OC 264 -60.64 -51.78 10.33
N LEU OC 265 -60.40 -50.46 10.32
CA LEU OC 265 -61.14 -49.56 11.20
C LEU OC 265 -62.63 -49.60 10.89
N GLU OC 266 -62.98 -49.56 9.60
CA GLU OC 266 -64.40 -49.60 9.23
C GLU OC 266 -65.04 -50.90 9.70
N ARG OC 267 -64.35 -52.03 9.47
CA ARG OC 267 -64.90 -53.31 9.90
C ARG OC 267 -65.04 -53.40 11.41
N SER OC 268 -64.08 -52.83 12.15
CA SER OC 268 -64.17 -52.82 13.61
C SER OC 268 -65.37 -52.02 14.08
N GLN OC 269 -65.61 -50.86 13.46
CA GLN OC 269 -66.78 -50.06 13.80
C GLN OC 269 -68.06 -50.84 13.55
N GLU OC 270 -68.14 -51.50 12.39
CA GLU OC 270 -69.33 -52.30 12.08
C GLU OC 270 -69.52 -53.40 13.11
N GLN OC 271 -68.44 -54.06 13.51
CA GLN OC 271 -68.53 -55.14 14.49
C GLN OC 271 -69.02 -54.62 15.83
N ALA OC 272 -68.52 -53.46 16.26
CA ALA OC 272 -68.96 -52.87 17.53
C ALA OC 272 -70.44 -52.54 17.49
N LEU OC 273 -70.90 -51.94 16.39
CA LEU OC 273 -72.31 -51.62 16.27
C LEU OC 273 -73.16 -52.89 16.27
N ARG OC 274 -72.69 -53.95 15.60
CA ARG OC 274 -73.42 -55.22 15.64
C ARG OC 274 -73.49 -55.77 17.05
N GLU OC 275 -72.39 -55.64 17.81
CA GLU OC 275 -72.39 -56.12 19.20
C GLU OC 275 -73.43 -55.36 20.02
N LYS OC 276 -73.50 -54.04 19.85
CA LYS OC 276 -74.52 -53.27 20.57
C LYS OC 276 -75.92 -53.67 20.17
N ILE OC 277 -76.14 -53.90 18.88
CA ILE OC 277 -77.45 -54.34 18.39
C ILE OC 277 -77.84 -55.65 19.05
N ASP OC 278 -76.89 -56.59 19.11
CA ASP OC 278 -77.16 -57.85 19.78
C ASP OC 278 -77.47 -57.64 21.26
N SER OC 279 -76.68 -56.79 21.93
CA SER OC 279 -76.87 -56.58 23.36
C SER OC 279 -78.25 -56.01 23.65
N VAL OC 280 -78.84 -55.28 22.71
CA VAL OC 280 -80.17 -54.74 22.88
C VAL OC 280 -81.25 -55.74 22.49
N LEU OC 281 -81.08 -56.45 21.37
CA LEU OC 281 -82.18 -57.24 20.83
C LEU OC 281 -82.24 -58.65 21.38
N LEU OC 282 -81.12 -59.20 21.86
CA LEU OC 282 -81.12 -60.56 22.38
C LEU OC 282 -82.08 -60.73 23.57
N PRO OC 283 -82.11 -59.85 24.58
CA PRO OC 283 -83.15 -59.97 25.61
C PRO OC 283 -84.55 -59.75 25.07
N ILE OC 284 -84.72 -58.71 24.24
CA ILE OC 284 -86.06 -58.31 23.80
C ILE OC 284 -86.67 -59.38 22.91
N LEU OC 285 -85.93 -59.84 21.90
CA LEU OC 285 -86.49 -60.76 20.92
C LEU OC 285 -86.15 -62.22 21.21
N GLY OC 286 -84.95 -62.49 21.64
CA GLY OC 286 -84.49 -63.84 21.90
C GLY OC 286 -83.35 -64.24 20.98
N TYR OC 287 -82.91 -65.48 21.15
CA TYR OC 287 -81.77 -66.00 20.39
C TYR OC 287 -82.28 -66.63 19.10
N GLY OC 288 -81.78 -66.13 17.97
CA GLY OC 288 -82.15 -66.68 16.69
C GLY OC 288 -83.45 -66.19 16.12
N ASN OC 289 -84.12 -65.25 16.78
CA ASN OC 289 -85.37 -64.68 16.27
C ASN OC 289 -85.15 -63.43 15.44
N TYR OC 290 -83.91 -63.02 15.23
CA TYR OC 290 -83.62 -61.81 14.48
C TYR OC 290 -82.30 -61.98 13.76
N THR OC 291 -82.08 -61.15 12.74
CA THR OC 291 -80.78 -61.01 12.09
C THR OC 291 -80.59 -59.55 11.74
N ALA OC 292 -79.36 -59.06 11.89
CA ALA OC 292 -79.06 -57.67 11.64
C ALA OC 292 -77.65 -57.53 11.10
N GLN OC 293 -77.48 -56.63 10.13
CA GLN OC 293 -76.18 -56.30 9.59
C GLN OC 293 -76.04 -54.79 9.48
N VAL OC 294 -74.81 -54.31 9.58
CA VAL OC 294 -74.51 -52.89 9.66
C VAL OC 294 -73.45 -52.55 8.62
N ASP OC 295 -73.70 -51.50 7.85
CA ASP OC 295 -72.72 -50.95 6.93
C ASP OC 295 -72.30 -49.56 7.39
N ILE OC 296 -71.00 -49.34 7.54
CA ILE OC 296 -70.47 -48.06 7.95
C ILE OC 296 -69.47 -47.58 6.90
N GLN OC 297 -69.73 -46.41 6.32
CA GLN OC 297 -68.84 -45.78 5.36
C GLN OC 297 -68.13 -44.63 6.06
N MET OC 298 -66.81 -44.62 6.01
CA MET OC 298 -66.01 -43.64 6.71
C MET OC 298 -65.14 -42.86 5.73
N ASP OC 299 -65.20 -41.54 5.82
CA ASP OC 299 -64.34 -40.67 5.02
C ASP OC 299 -63.00 -40.49 5.73
N PHE OC 300 -61.93 -40.45 4.94
CA PHE OC 300 -60.58 -40.31 5.47
C PHE OC 300 -59.86 -39.16 4.78
N SER OC 301 -60.58 -38.08 4.50
CA SER OC 301 -59.96 -36.91 3.91
C SER OC 301 -59.06 -36.22 4.94
N ALA OC 302 -58.37 -35.18 4.50
CA ALA OC 302 -57.43 -34.44 5.33
C ALA OC 302 -57.72 -32.95 5.26
N VAL OC 303 -58.99 -32.59 5.51
CA VAL OC 303 -59.39 -31.20 5.45
C VAL OC 303 -58.64 -30.38 6.48
N GLU OC 304 -58.30 -29.15 6.12
CA GLU OC 304 -57.59 -28.23 7.01
C GLU OC 304 -57.93 -26.82 6.58
N GLN OC 305 -58.76 -26.14 7.36
CA GLN OC 305 -59.39 -24.90 6.96
C GLN OC 305 -58.90 -23.73 7.81
N THR OC 306 -58.79 -22.56 7.20
CA THR OC 306 -58.44 -21.32 7.89
C THR OC 306 -59.43 -20.25 7.49
N ARG OC 307 -60.12 -19.69 8.47
CA ARG OC 307 -61.18 -18.71 8.23
C ARG OC 307 -60.77 -17.39 8.88
N LYS OC 308 -60.92 -16.30 8.13
CA LYS OC 308 -60.65 -14.96 8.63
C LYS OC 308 -61.90 -14.13 8.42
N ARG OC 309 -62.63 -13.87 9.50
CA ARG OC 309 -63.93 -13.22 9.44
C ARG OC 309 -63.88 -11.86 10.11
N PHE OC 310 -64.63 -10.92 9.54
CA PHE OC 310 -64.71 -9.55 10.04
C PHE OC 310 -66.14 -9.25 10.47
N ASP OC 311 -66.35 -8.05 10.98
CA ASP OC 311 -67.66 -7.60 11.45
C ASP OC 311 -67.97 -6.27 10.79
N PRO OC 312 -68.65 -6.26 9.64
CA PRO OC 312 -68.85 -5.00 8.91
C PRO OC 312 -69.68 -3.98 9.66
N ASN OC 313 -70.60 -4.41 10.51
CA ASN OC 313 -71.62 -3.51 11.05
C ASN OC 313 -71.22 -2.82 12.35
N THR OC 314 -70.03 -3.10 12.89
CA THR OC 314 -69.53 -2.43 14.09
C THR OC 314 -68.09 -1.97 13.89
N PRO OC 315 -67.87 -0.96 13.05
CA PRO OC 315 -66.53 -0.41 12.91
C PRO OC 315 -66.22 0.61 14.00
N ALA OC 316 -64.94 0.77 14.28
CA ALA OC 316 -64.46 1.73 15.28
C ALA OC 316 -63.50 2.69 14.61
N THR OC 317 -63.83 3.97 14.61
CA THR OC 317 -62.99 4.95 13.93
C THR OC 317 -61.71 5.17 14.70
N ARG OC 318 -60.57 5.01 14.01
CA ARG OC 318 -59.25 5.19 14.62
C ARG OC 318 -58.74 6.62 14.45
N SER OC 319 -58.70 7.11 13.22
CA SER OC 319 -58.37 8.49 12.92
C SER OC 319 -59.42 9.04 11.98
N GLU OC 320 -59.57 10.36 11.96
CA GLU OC 320 -60.62 10.96 11.16
C GLU OC 320 -60.23 12.37 10.78
N TYR OC 321 -60.46 12.71 9.52
CA TYR OC 321 -60.29 14.07 9.01
C TYR OC 321 -61.59 14.47 8.32
N ALA OC 322 -62.00 15.72 8.53
CA ALA OC 322 -63.26 16.19 7.96
C ALA OC 322 -63.14 17.68 7.67
N LEU OC 323 -63.12 18.04 6.39
CA LEU OC 323 -63.11 19.43 5.95
C LEU OC 323 -64.45 19.75 5.31
N GLU OC 324 -65.07 20.84 5.75
CA GLU OC 324 -66.41 21.23 5.29
C GLU OC 324 -66.47 22.75 5.20
N ASP OC 325 -66.24 23.28 3.99
CA ASP OC 325 -66.27 24.72 3.78
C ASP OC 325 -67.41 25.10 2.85
N TYR OC 326 -67.94 26.31 3.04
CA TYR OC 326 -69.03 26.85 2.26
C TYR OC 326 -68.61 28.17 1.65
N ASN OC 327 -69.49 28.74 0.82
CA ASN OC 327 -69.27 30.06 0.24
C ASN OC 327 -70.60 30.71 -0.12
N GLY OC 365 -74.50 28.31 -2.89
CA GLY OC 365 -73.13 28.55 -3.29
C GLY OC 365 -72.26 27.30 -3.24
N SER OC 366 -70.95 27.50 -3.26
CA SER OC 366 -70.02 26.38 -3.20
C SER OC 366 -70.13 25.67 -1.86
N VAL OC 367 -70.15 24.33 -1.92
CA VAL OC 367 -70.19 23.50 -0.73
C VAL OC 367 -69.24 22.32 -0.97
N ARG OC 368 -68.10 22.33 -0.30
CA ARG OC 368 -67.09 21.28 -0.44
C ARG OC 368 -67.03 20.48 0.86
N LYS OC 369 -67.20 19.16 0.75
CA LYS OC 369 -67.23 18.27 1.91
C LYS OC 369 -66.21 17.17 1.71
N GLU OC 370 -64.96 17.44 2.10
CA GLU OC 370 -63.94 16.41 2.07
C GLU OC 370 -63.96 15.62 3.38
N SER OC 371 -63.53 14.36 3.30
CA SER OC 371 -63.55 13.50 4.46
C SER OC 371 -62.60 12.34 4.25
N THR OC 372 -61.87 11.97 5.29
CA THR OC 372 -61.00 10.81 5.30
C THR OC 372 -61.20 10.09 6.62
N ARG OC 373 -61.27 8.76 6.57
CA ARG OC 373 -61.62 7.99 7.76
C ARG OC 373 -60.89 6.66 7.74
N ASN OC 374 -60.34 6.27 8.89
CA ASN OC 374 -59.69 4.98 9.07
C ASN OC 374 -60.44 4.19 10.13
N PHE OC 375 -60.60 2.90 9.91
CA PHE OC 375 -61.43 2.07 10.77
C PHE OC 375 -60.64 0.90 11.34
N GLU OC 376 -61.13 0.40 12.47
CA GLU OC 376 -60.69 -0.83 13.10
C GLU OC 376 -61.90 -1.75 13.22
N LEU OC 377 -61.71 -3.02 12.89
CA LEU OC 377 -62.81 -3.96 12.78
C LEU OC 377 -62.54 -5.20 13.61
N ASP OC 378 -63.62 -5.83 14.07
CA ASP OC 378 -63.49 -7.09 14.79
C ASP OC 378 -62.95 -8.15 13.85
N THR OC 379 -61.90 -8.84 14.27
CA THR OC 379 -61.19 -9.79 13.42
C THR OC 379 -61.10 -11.13 14.15
N THR OC 380 -61.74 -12.15 13.59
CA THR OC 380 -61.64 -13.51 14.10
C THR OC 380 -60.87 -14.35 13.10
N ILE OC 381 -59.86 -15.08 13.59
CA ILE OC 381 -59.02 -15.93 12.76
C ILE OC 381 -59.04 -17.32 13.38
N SER OC 382 -59.75 -18.24 12.76
CA SER OC 382 -59.92 -19.59 13.28
C SER OC 382 -59.29 -20.61 12.34
N HIS OC 383 -58.39 -21.43 12.88
CA HIS OC 383 -57.75 -22.49 12.12
C HIS OC 383 -58.26 -23.83 12.64
N GLU OC 384 -58.98 -24.56 11.80
CA GLU OC 384 -59.59 -25.84 12.16
C GLU OC 384 -58.91 -26.96 11.36
N ARG OC 385 -58.75 -28.11 12.01
CA ARG OC 385 -58.17 -29.27 11.36
C ARG OC 385 -59.04 -30.48 11.68
N LYS OC 386 -59.83 -30.92 10.72
CA LYS OC 386 -60.80 -31.98 10.97
C LYS OC 386 -60.09 -33.31 11.21
N GLN OC 387 -60.73 -34.16 12.00
CA GLN OC 387 -60.25 -35.51 12.18
C GLN OC 387 -60.39 -36.31 10.89
N THR OC 388 -59.42 -37.16 10.61
CA THR OC 388 -59.34 -37.88 9.34
C THR OC 388 -60.55 -38.78 9.13
N GLY OC 389 -60.67 -39.85 9.91
CA GLY OC 389 -61.72 -40.81 9.70
C GLY OC 389 -63.02 -40.47 10.40
N THR OC 390 -64.04 -40.09 9.64
CA THR OC 390 -65.34 -39.75 10.21
C THR OC 390 -66.42 -40.55 9.50
N VAL OC 391 -67.37 -41.05 10.27
CA VAL OC 391 -68.48 -41.81 9.72
C VAL OC 391 -69.34 -40.89 8.87
N ALA OC 392 -69.28 -41.06 7.54
CA ALA OC 392 -70.04 -40.21 6.63
C ALA OC 392 -71.45 -40.71 6.40
N ARG OC 393 -71.67 -42.02 6.50
CA ARG OC 393 -73.00 -42.59 6.31
C ARG OC 393 -73.04 -43.92 7.03
N GLN OC 394 -74.19 -44.20 7.65
CA GLN OC 394 -74.38 -45.44 8.40
C GLN OC 394 -75.70 -46.08 7.99
N THR OC 395 -75.64 -47.37 7.66
CA THR OC 395 -76.81 -48.13 7.23
C THR OC 395 -76.96 -49.34 8.14
N VAL OC 396 -78.16 -49.50 8.71
CA VAL OC 396 -78.46 -50.63 9.58
C VAL OC 396 -79.78 -51.25 9.11
N SER OC 397 -79.80 -52.57 8.97
CA SER OC 397 -81.00 -53.31 8.61
C SER OC 397 -81.18 -54.45 9.60
N VAL OC 398 -82.40 -54.59 10.11
CA VAL OC 398 -82.75 -55.64 11.07
C VAL OC 398 -83.96 -56.38 10.54
N ALA OC 399 -83.89 -57.71 10.52
CA ALA OC 399 -84.98 -58.56 10.09
C ALA OC 399 -85.42 -59.44 11.25
N ILE OC 400 -86.72 -59.45 11.51
CA ILE OC 400 -87.30 -60.15 12.65
C ILE OC 400 -88.07 -61.35 12.13
N LYS OC 401 -87.83 -62.52 12.74
CA LYS OC 401 -88.50 -63.74 12.33
C LYS OC 401 -89.99 -63.64 12.64
N ASP OC 402 -90.81 -64.07 11.68
CA ASP OC 402 -92.25 -64.10 11.87
C ASP OC 402 -92.64 -65.29 12.75
N ARG OC 403 -93.78 -65.14 13.42
CA ARG OC 403 -94.33 -66.18 14.29
C ARG OC 403 -93.32 -66.61 15.35
N PRO OC 417 -96.09 -62.94 11.92
CA PRO OC 417 -95.47 -61.62 11.75
C PRO OC 417 -95.47 -60.81 13.05
N MET OC 418 -95.03 -59.56 12.96
CA MET OC 418 -94.97 -58.66 14.10
C MET OC 418 -95.78 -57.40 13.80
N SER OC 419 -96.51 -56.92 14.80
CA SER OC 419 -97.39 -55.78 14.61
C SER OC 419 -96.59 -54.51 14.34
N GLU OC 420 -97.26 -53.53 13.73
CA GLU OC 420 -96.61 -52.28 13.40
C GLU OC 420 -96.16 -51.54 14.65
N SER OC 421 -96.94 -51.60 15.73
CA SER OC 421 -96.58 -50.90 16.96
C SER OC 421 -95.27 -51.41 17.53
N GLU OC 422 -95.11 -52.74 17.59
CA GLU OC 422 -93.87 -53.29 18.13
C GLU OC 422 -92.70 -53.06 17.18
N ILE OC 423 -92.95 -53.06 15.88
CA ILE OC 423 -91.90 -52.74 14.91
C ILE OC 423 -91.39 -51.33 15.14
N ASN OC 424 -92.32 -50.38 15.33
CA ASN OC 424 -91.91 -49.00 15.57
C ASN OC 424 -91.24 -48.84 16.93
N ALA OC 425 -91.66 -49.62 17.93
CA ALA OC 425 -90.99 -49.57 19.22
C ALA OC 425 -89.56 -50.08 19.11
N ILE OC 426 -89.34 -51.17 18.38
CA ILE OC 426 -87.99 -51.67 18.16
C ILE OC 426 -87.17 -50.64 17.40
N ARG OC 427 -87.78 -49.98 16.41
CA ARG OC 427 -87.08 -48.92 15.68
C ARG OC 427 -86.69 -47.78 16.61
N GLN OC 428 -87.57 -47.42 17.54
CA GLN OC 428 -87.25 -46.36 18.50
C GLN OC 428 -86.10 -46.77 19.41
N VAL OC 429 -86.07 -48.02 19.85
CA VAL OC 429 -84.96 -48.48 20.67
C VAL OC 429 -83.65 -48.43 19.88
N LEU OC 430 -83.68 -48.89 18.63
CA LEU OC 430 -82.49 -48.86 17.80
C LEU OC 430 -82.00 -47.43 17.59
N ILE OC 431 -82.93 -46.49 17.42
CA ILE OC 431 -82.59 -45.08 17.36
C ILE OC 431 -82.15 -44.65 18.74
N GLY OC 432 -80.85 -44.56 18.96
CA GLY OC 432 -80.33 -44.41 20.30
C GLY OC 432 -79.45 -45.58 20.67
N THR OC 433 -79.87 -46.80 20.30
CA THR OC 433 -78.95 -47.92 20.37
C THR OC 433 -77.78 -47.74 19.42
N VAL OC 434 -78.05 -47.29 18.20
CA VAL OC 434 -77.01 -47.10 17.20
C VAL OC 434 -76.57 -45.66 17.07
N GLY OC 435 -77.39 -44.69 17.46
CA GLY OC 435 -77.07 -43.30 17.25
C GLY OC 435 -77.54 -42.84 15.89
N PHE OC 436 -78.80 -43.13 15.57
CA PHE OC 436 -79.33 -42.79 14.25
C PHE OC 436 -79.26 -41.29 14.01
N ASP OC 437 -78.76 -40.91 12.83
CA ASP OC 437 -78.55 -39.51 12.46
C ASP OC 437 -79.03 -39.35 11.01
N GLN OC 438 -80.30 -38.98 10.85
CA GLN OC 438 -80.87 -38.86 9.52
C GLN OC 438 -80.21 -37.72 8.73
N GLY OC 439 -79.87 -36.62 9.41
CA GLY OC 439 -79.22 -35.52 8.73
C GLY OC 439 -77.88 -35.88 8.13
N ARG OC 440 -77.23 -36.93 8.65
CA ARG OC 440 -75.99 -37.42 8.07
C ARG OC 440 -76.22 -38.30 6.85
N GLY OC 441 -77.47 -38.67 6.57
CA GLY OC 441 -77.77 -39.60 5.51
C GLY OC 441 -77.90 -41.04 5.95
N ASP OC 442 -77.93 -41.30 7.25
CA ASP OC 442 -78.04 -42.66 7.75
C ASP OC 442 -79.40 -43.25 7.43
N LEU OC 443 -79.46 -44.57 7.41
CA LEU OC 443 -80.67 -45.30 7.05
C LEU OC 443 -80.84 -46.47 7.99
N LEU OC 444 -82.08 -46.69 8.43
CA LEU OC 444 -82.40 -47.75 9.38
C LEU OC 444 -83.66 -48.45 8.89
N ASN OC 445 -83.51 -49.71 8.48
CA ASN OC 445 -84.64 -50.53 8.04
C ASN OC 445 -84.92 -51.60 9.07
N VAL OC 446 -86.19 -51.73 9.45
CA VAL OC 446 -86.64 -52.82 10.32
C VAL OC 446 -87.78 -53.53 9.63
N LEU OC 447 -87.59 -54.82 9.33
CA LEU OC 447 -88.57 -55.59 8.59
C LEU OC 447 -88.93 -56.85 9.37
N SER OC 448 -90.11 -57.39 9.07
CA SER OC 448 -90.55 -58.67 9.61
C SER OC 448 -90.60 -59.67 8.46
N VAL OC 449 -89.68 -60.63 8.46
CA VAL OC 449 -89.53 -61.58 7.36
C VAL OC 449 -89.73 -62.99 7.90
N LYS OC 450 -89.87 -63.95 6.98
CA LYS OC 450 -90.10 -65.35 7.31
C LYS OC 450 -88.77 -66.08 7.22
N PHE OC 451 -88.24 -66.49 8.37
CA PHE OC 451 -87.03 -67.29 8.40
C PHE OC 451 -87.32 -68.71 7.95
N ALA OC 452 -86.37 -69.31 7.24
CA ALA OC 452 -86.53 -70.67 6.76
C ALA OC 452 -85.89 -71.66 7.74
N ALA PC 255 -44.26 -49.77 -9.40
CA ALA PC 255 -45.64 -49.33 -9.20
C ALA PC 255 -46.64 -50.43 -9.55
N SER PC 256 -46.24 -51.37 -10.40
CA SER PC 256 -47.13 -52.46 -10.74
C SER PC 256 -47.43 -53.34 -9.54
N ALA PC 257 -46.48 -53.45 -8.60
CA ALA PC 257 -46.78 -54.12 -7.34
C ALA PC 257 -47.87 -53.37 -6.59
N ALA PC 258 -47.84 -52.05 -6.63
CA ALA PC 258 -48.91 -51.26 -6.03
C ALA PC 258 -50.25 -51.55 -6.69
N ARG PC 259 -50.25 -51.68 -8.02
CA ARG PC 259 -51.50 -52.02 -8.72
C ARG PC 259 -51.99 -53.40 -8.32
N ARG PC 260 -51.07 -54.35 -8.16
CA ARG PC 260 -51.45 -55.68 -7.70
C ARG PC 260 -52.11 -55.62 -6.32
N LYS PC 261 -51.52 -54.85 -5.41
CA LYS PC 261 -52.11 -54.74 -4.07
C LYS PC 261 -53.44 -53.99 -4.11
N GLU PC 262 -53.63 -53.09 -5.06
CA GLU PC 262 -54.94 -52.46 -5.25
C GLU PC 262 -55.99 -53.49 -5.67
N GLN PC 263 -55.62 -54.38 -6.59
CA GLN PC 263 -56.50 -55.48 -6.96
C GLN PC 263 -56.84 -56.33 -5.74
N GLU PC 264 -55.83 -56.58 -4.90
CA GLU PC 264 -56.04 -57.36 -3.68
C GLU PC 264 -57.03 -56.65 -2.75
N LEU PC 265 -56.90 -55.34 -2.62
CA LEU PC 265 -57.84 -54.57 -1.79
C LEU PC 265 -59.26 -54.70 -2.32
N GLU PC 266 -59.43 -54.56 -3.64
CA GLU PC 266 -60.77 -54.66 -4.21
C GLU PC 266 -61.36 -56.05 -3.95
N ARG PC 267 -60.55 -57.09 -4.16
CA ARG PC 267 -61.04 -58.45 -3.93
C ARG PC 267 -61.39 -58.68 -2.46
N SER PC 268 -60.60 -58.12 -1.55
CA SER PC 268 -60.88 -58.25 -0.13
C SER PC 268 -62.20 -57.59 0.24
N GLN PC 269 -62.44 -56.40 -0.32
CA GLN PC 269 -63.72 -55.72 -0.09
C GLN PC 269 -64.88 -56.56 -0.59
N GLU PC 270 -64.75 -57.12 -1.79
CA GLU PC 270 -65.80 -57.96 -2.33
C GLU PC 270 -66.05 -59.16 -1.44
N GLN PC 271 -64.97 -59.77 -0.95
CA GLN PC 271 -65.12 -60.94 -0.07
C GLN PC 271 -65.84 -60.58 1.22
N ALA PC 272 -65.49 -59.44 1.80
CA ALA PC 272 -66.15 -59.01 3.04
C ALA PC 272 -67.64 -58.78 2.81
N LEU PC 273 -67.98 -58.11 1.71
CA LEU PC 273 -69.39 -57.89 1.41
C LEU PC 273 -70.13 -59.21 1.18
N ARG PC 274 -69.48 -60.16 0.51
CA ARG PC 274 -70.09 -61.47 0.34
C ARG PC 274 -70.31 -62.16 1.68
N GLU PC 275 -69.35 -62.03 2.60
CA GLU PC 275 -69.50 -62.62 3.92
C GLU PC 275 -70.70 -62.03 4.64
N LYS PC 276 -70.86 -60.71 4.58
CA LYS PC 276 -72.02 -60.07 5.20
C LYS PC 276 -73.33 -60.54 4.57
N ILE PC 277 -73.34 -60.66 3.23
CA ILE PC 277 -74.52 -61.14 2.53
C ILE PC 277 -74.90 -62.54 3.02
N ASP PC 278 -73.89 -63.41 3.14
CA ASP PC 278 -74.14 -64.75 3.66
C ASP PC 278 -74.68 -64.69 5.09
N SER PC 279 -74.06 -63.86 5.93
CA SER PC 279 -74.46 -63.79 7.33
C SER PC 279 -75.91 -63.34 7.47
N VAL PC 280 -76.41 -62.58 6.51
CA VAL PC 280 -77.81 -62.14 6.53
C VAL PC 280 -78.73 -63.19 5.90
N LEU PC 281 -78.35 -63.78 4.77
CA LEU PC 281 -79.30 -64.59 4.01
C LEU PC 281 -79.31 -66.05 4.44
N LEU PC 282 -78.22 -66.55 5.02
CA LEU PC 282 -78.19 -67.95 5.43
C LEU PC 282 -79.28 -68.31 6.44
N PRO PC 283 -79.52 -67.52 7.51
CA PRO PC 283 -80.69 -67.81 8.36
C PRO PC 283 -82.02 -67.63 7.65
N ILE PC 284 -82.15 -66.54 6.88
CA ILE PC 284 -83.45 -66.21 6.28
C ILE PC 284 -83.84 -67.22 5.24
N LEU PC 285 -82.93 -67.54 4.31
CA LEU PC 285 -83.27 -68.39 3.18
C LEU PC 285 -82.86 -69.85 3.40
N GLY PC 286 -81.69 -70.07 3.98
CA GLY PC 286 -81.18 -71.41 4.19
C GLY PC 286 -79.89 -71.64 3.42
N TYR PC 287 -79.37 -72.84 3.55
CA TYR PC 287 -78.10 -73.21 2.93
C TYR PC 287 -78.36 -73.77 1.53
N GLY PC 288 -77.76 -73.13 0.53
CA GLY PC 288 -77.90 -73.58 -0.83
C GLY PC 288 -79.16 -73.13 -1.55
N ASN PC 289 -79.98 -72.30 -0.92
CA ASN PC 289 -81.19 -71.78 -1.55
C ASN PC 289 -80.97 -70.44 -2.24
N TYR PC 290 -79.73 -69.93 -2.24
CA TYR PC 290 -79.45 -68.64 -2.84
C TYR PC 290 -78.02 -68.65 -3.37
N THR PC 291 -77.75 -67.72 -4.27
CA THR PC 291 -76.39 -67.43 -4.70
C THR PC 291 -76.26 -65.93 -4.91
N ALA PC 292 -75.12 -65.38 -4.53
CA ALA PC 292 -74.90 -63.93 -4.63
C ALA PC 292 -73.45 -63.65 -4.94
N GLN PC 293 -73.23 -62.65 -5.80
CA GLN PC 293 -71.89 -62.18 -6.11
C GLN PC 293 -71.87 -60.67 -6.09
N VAL PC 294 -70.69 -60.12 -5.76
CA VAL PC 294 -70.54 -58.69 -5.53
C VAL PC 294 -69.38 -58.17 -6.37
N ASP PC 295 -69.60 -57.08 -7.08
CA ASP PC 295 -68.54 -56.39 -7.81
C ASP PC 295 -68.32 -55.02 -7.18
N ILE PC 296 -67.07 -54.72 -6.83
CA ILE PC 296 -66.71 -53.45 -6.23
C ILE PC 296 -65.63 -52.81 -7.09
N GLN PC 297 -65.89 -51.62 -7.59
CA GLN PC 297 -64.93 -50.83 -8.35
C GLN PC 297 -64.44 -49.70 -7.48
N MET PC 298 -63.12 -49.60 -7.33
CA MET PC 298 -62.50 -48.62 -6.43
C MET PC 298 -61.58 -47.70 -7.22
N ASP PC 299 -61.75 -46.40 -7.03
CA ASP PC 299 -60.88 -45.40 -7.62
C ASP PC 299 -59.67 -45.20 -6.72
N PHE PC 300 -58.51 -45.01 -7.34
CA PHE PC 300 -57.26 -44.82 -6.61
C PHE PC 300 -56.54 -43.57 -7.09
N SER PC 301 -57.31 -42.52 -7.38
CA SER PC 301 -56.71 -41.25 -7.78
C SER PC 301 -56.03 -40.61 -6.57
N ALA PC 302 -55.37 -39.48 -6.81
CA ALA PC 302 -54.61 -38.76 -5.81
C ALA PC 302 -55.02 -37.29 -5.80
N VAL PC 303 -56.33 -37.05 -5.71
CA VAL PC 303 -56.84 -35.68 -5.71
C VAL PC 303 -56.31 -34.92 -4.51
N GLU PC 304 -56.02 -33.63 -4.73
CA GLU PC 304 -55.52 -32.76 -3.66
C GLU PC 304 -55.92 -31.34 -4.03
N GLN PC 305 -56.91 -30.79 -3.32
CA GLN PC 305 -57.57 -29.56 -3.71
C GLN PC 305 -57.31 -28.46 -2.70
N THR PC 306 -57.21 -27.22 -3.20
CA THR PC 306 -57.06 -26.03 -2.36
C THR PC 306 -58.08 -25.01 -2.82
N ARG PC 307 -58.94 -24.58 -1.91
CA ARG PC 307 -60.03 -23.66 -2.20
C ARG PC 307 -59.84 -22.39 -1.41
N LYS PC 308 -59.95 -21.25 -2.08
CA LYS PC 308 -59.88 -19.93 -1.44
C LYS PC 308 -61.16 -19.18 -1.76
N ARG PC 309 -62.04 -19.08 -0.79
CA ARG PC 309 -63.37 -18.53 -0.97
C ARG PC 309 -63.52 -17.23 -0.19
N PHE PC 310 -64.26 -16.29 -0.79
CA PHE PC 310 -64.53 -14.99 -0.19
C PHE PC 310 -66.03 -14.83 0.05
N ASP PC 311 -66.40 -13.69 0.62
CA ASP PC 311 -67.80 -13.40 0.92
C ASP PC 311 -68.13 -12.02 0.34
N PRO PC 312 -68.63 -11.96 -0.89
CA PRO PC 312 -68.83 -10.66 -1.54
C PRO PC 312 -69.84 -9.77 -0.85
N ASN PC 313 -70.84 -10.34 -0.17
CA ASN PC 313 -71.99 -9.58 0.28
C ASN PC 313 -71.83 -8.98 1.68
N THR PC 314 -70.71 -9.22 2.36
CA THR PC 314 -70.45 -8.63 3.67
C THR PC 314 -69.03 -8.05 3.73
N PRO PC 315 -68.78 -6.96 3.00
CA PRO PC 315 -67.47 -6.29 3.11
C PRO PC 315 -67.42 -5.38 4.31
N ALA PC 316 -66.20 -5.14 4.80
CA ALA PC 316 -65.95 -4.25 5.92
C ALA PC 316 -64.99 -3.16 5.48
N THR PC 317 -65.43 -1.91 5.53
CA THR PC 317 -64.59 -0.82 5.06
C THR PC 317 -63.44 -0.58 6.04
N ARG PC 318 -62.21 -0.60 5.51
CA ARG PC 318 -61.02 -0.38 6.31
C ARG PC 318 -60.60 1.09 6.34
N SER PC 319 -60.43 1.69 5.17
CA SER PC 319 -60.18 3.11 5.04
C SER PC 319 -61.13 3.67 4.00
N GLU PC 320 -61.38 4.96 4.07
CA GLU PC 320 -62.36 5.56 3.17
C GLU PC 320 -62.04 7.03 2.97
N TYR PC 321 -62.11 7.47 1.72
CA TYR PC 321 -62.00 8.87 1.35
C TYR PC 321 -63.21 9.25 0.52
N ALA PC 322 -63.76 10.44 0.77
CA ALA PC 322 -64.95 10.88 0.06
C ALA PC 322 -64.92 12.39 -0.08
N LEU PC 323 -64.75 12.86 -1.31
CA LEU PC 323 -64.79 14.28 -1.64
C LEU PC 323 -66.06 14.57 -2.43
N GLU PC 324 -66.82 15.57 -2.01
CA GLU PC 324 -68.11 15.90 -2.61
C GLU PC 324 -68.29 17.41 -2.60
N ASP PC 325 -67.94 18.07 -3.70
CA ASP PC 325 -68.05 19.51 -3.82
C ASP PC 325 -69.09 19.89 -4.86
N TYR PC 326 -69.73 21.04 -4.65
CA TYR PC 326 -70.75 21.57 -5.54
C TYR PC 326 -70.35 22.98 -5.98
N ASN PC 327 -71.15 23.55 -6.86
CA ASN PC 327 -70.96 24.94 -7.29
C ASN PC 327 -72.29 25.52 -7.79
N GLY PC 365 -75.55 23.12 -11.29
CA GLY PC 365 -74.16 23.49 -11.46
C GLY PC 365 -73.21 22.31 -11.39
N SER PC 366 -71.93 22.60 -11.20
CA SER PC 366 -70.92 21.55 -11.10
C SER PC 366 -71.16 20.71 -9.86
N VAL PC 367 -71.06 19.38 -10.02
CA VAL PC 367 -71.20 18.44 -8.92
C VAL PC 367 -70.14 17.37 -9.12
N ARG PC 368 -69.09 17.39 -8.28
CA ARG PC 368 -67.99 16.44 -8.36
C ARG PC 368 -68.05 15.53 -7.15
N LYS PC 369 -68.09 14.22 -7.39
CA LYS PC 369 -68.21 13.22 -6.32
C LYS PC 369 -67.07 12.21 -6.45
N GLU PC 370 -65.93 12.54 -5.87
CA GLU PC 370 -64.82 11.59 -5.83
C GLU PC 370 -64.96 10.68 -4.60
N SER PC 371 -64.42 9.47 -4.72
CA SER PC 371 -64.53 8.50 -3.65
C SER PC 371 -63.46 7.43 -3.83
N THR PC 372 -62.87 7.03 -2.72
CA THR PC 372 -61.90 5.93 -2.67
C THR PC 372 -62.23 5.08 -1.46
N ARG PC 373 -62.19 3.76 -1.63
CA ARG PC 373 -62.62 2.86 -0.57
C ARG PC 373 -61.78 1.59 -0.59
N ASN PC 374 -61.37 1.15 0.59
CA ASN PC 374 -60.65 -0.11 0.76
C ASN PC 374 -61.47 -1.04 1.63
N PHE PC 375 -61.50 -2.33 1.29
CA PHE PC 375 -62.37 -3.28 1.95
C PHE PC 375 -61.57 -4.44 2.53
N GLU PC 376 -62.17 -5.08 3.53
CA GLU PC 376 -61.72 -6.32 4.11
C GLU PC 376 -62.85 -7.33 3.99
N LEU PC 377 -62.52 -8.55 3.58
CA LEU PC 377 -63.50 -9.55 3.23
C LEU PC 377 -63.25 -10.85 3.99
N ASP PC 378 -64.33 -11.59 4.25
CA ASP PC 378 -64.19 -12.90 4.87
C ASP PC 378 -63.44 -13.83 3.93
N THR PC 379 -62.40 -14.47 4.44
CA THR PC 379 -61.51 -15.29 3.62
C THR PC 379 -61.40 -16.68 4.25
N THR PC 380 -61.87 -17.68 3.52
CA THR PC 380 -61.74 -19.07 3.93
C THR PC 380 -60.76 -19.77 2.99
N ILE PC 381 -59.78 -20.46 3.56
CA ILE PC 381 -58.76 -21.17 2.79
C ILE PC 381 -58.75 -22.60 3.29
N SER PC 382 -59.29 -23.53 2.50
CA SER PC 382 -59.41 -24.92 2.88
C SER PC 382 -58.57 -25.80 1.96
N HIS PC 383 -57.70 -26.59 2.55
CA HIS PC 383 -56.87 -27.55 1.81
C HIS PC 383 -57.34 -28.95 2.14
N GLU PC 384 -57.87 -29.65 1.14
CA GLU PC 384 -58.41 -30.99 1.30
C GLU PC 384 -57.54 -31.99 0.54
N ARG PC 385 -57.37 -33.18 1.09
CA ARG PC 385 -56.62 -34.24 0.45
C ARG PC 385 -57.43 -35.52 0.55
N LYS PC 386 -58.03 -35.93 -0.56
CA LYS PC 386 -58.93 -37.07 -0.55
C LYS PC 386 -58.15 -38.36 -0.31
N GLN PC 387 -58.83 -39.33 0.32
CA GLN PC 387 -58.26 -40.66 0.45
C GLN PC 387 -58.16 -41.32 -0.91
N THR PC 388 -57.08 -42.08 -1.11
CA THR PC 388 -56.78 -42.67 -2.41
C THR PC 388 -57.87 -43.64 -2.87
N GLY PC 389 -57.99 -44.77 -2.21
CA GLY PC 389 -58.92 -45.79 -2.65
C GLY PC 389 -60.33 -45.61 -2.11
N THR PC 390 -61.27 -45.23 -2.98
CA THR PC 390 -62.66 -45.03 -2.58
C THR PC 390 -63.56 -45.84 -3.49
N VAL PC 391 -64.57 -46.48 -2.91
CA VAL PC 391 -65.53 -47.27 -3.69
C VAL PC 391 -66.33 -46.33 -4.58
N ALA PC 392 -66.07 -46.37 -5.89
CA ALA PC 392 -66.76 -45.50 -6.82
C ALA PC 392 -68.08 -46.07 -7.30
N ARG PC 393 -68.20 -47.40 -7.35
CA ARG PC 393 -69.44 -48.04 -7.77
C ARG PC 393 -69.47 -49.44 -7.18
N GLN PC 394 -70.67 -49.85 -6.77
CA GLN PC 394 -70.85 -51.16 -6.15
C GLN PC 394 -72.04 -51.86 -6.80
N THR PC 395 -71.83 -53.10 -7.22
CA THR PC 395 -72.86 -53.90 -7.88
C THR PC 395 -73.05 -55.19 -7.10
N VAL PC 396 -74.29 -55.49 -6.72
CA VAL PC 396 -74.62 -56.71 -6.00
C VAL PC 396 -75.79 -57.38 -6.70
N SER PC 397 -75.67 -58.68 -6.95
CA SER PC 397 -76.76 -59.47 -7.53
C SER PC 397 -76.98 -60.70 -6.69
N VAL PC 398 -78.25 -60.98 -6.37
CA VAL PC 398 -78.63 -62.13 -5.56
C VAL PC 398 -79.70 -62.91 -6.33
N ALA PC 399 -79.51 -64.22 -6.43
CA ALA PC 399 -80.45 -65.10 -7.10
C ALA PC 399 -80.98 -66.11 -6.09
N ILE PC 400 -82.30 -66.24 -6.01
CA ILE PC 400 -82.97 -67.08 -5.04
C ILE PC 400 -83.56 -68.29 -5.76
N LYS PC 401 -83.30 -69.48 -5.21
CA LYS PC 401 -83.82 -70.70 -5.81
C LYS PC 401 -85.33 -70.74 -5.73
N ASP PC 402 -85.97 -71.14 -6.82
CA ASP PC 402 -87.41 -71.28 -6.85
C ASP PC 402 -87.82 -72.57 -6.13
N ARG PC 403 -89.06 -72.57 -5.63
CA ARG PC 403 -89.63 -73.71 -4.93
C ARG PC 403 -88.75 -74.18 -3.77
N PRO PC 417 -91.29 -70.41 -7.27
CA PRO PC 417 -90.78 -69.04 -7.22
C PRO PC 417 -91.03 -68.35 -5.89
N MET PC 418 -90.69 -67.08 -5.81
CA MET PC 418 -90.87 -66.29 -4.60
C MET PC 418 -91.72 -65.06 -4.91
N SER PC 419 -92.62 -64.73 -3.99
CA SER PC 419 -93.56 -63.64 -4.21
C SER PC 419 -92.84 -62.30 -4.26
N GLU PC 420 -93.51 -61.32 -4.88
CA GLU PC 420 -92.92 -59.99 -5.01
C GLU PC 420 -92.70 -59.35 -3.65
N SER PC 421 -93.63 -59.57 -2.70
CA SER PC 421 -93.50 -58.95 -1.39
C SER PC 421 -92.24 -59.42 -0.67
N GLU PC 422 -91.98 -60.73 -0.69
CA GLU PC 422 -90.78 -61.24 -0.03
C GLU PC 422 -89.51 -60.84 -0.78
N ILE PC 423 -89.58 -60.74 -2.11
CA ILE PC 423 -88.43 -60.26 -2.87
C ILE PC 423 -88.09 -58.83 -2.45
N ASN PC 424 -89.11 -57.99 -2.33
CA ASN PC 424 -88.85 -56.61 -1.92
C ASN PC 424 -88.38 -56.53 -0.47
N ALA PC 425 -88.88 -57.41 0.39
CA ALA PC 425 -88.40 -57.45 1.77
C ALA PC 425 -86.92 -57.84 1.83
N ILE PC 426 -86.53 -58.83 1.05
CA ILE PC 426 -85.12 -59.22 0.98
C ILE PC 426 -84.29 -58.06 0.43
N ARG PC 427 -84.82 -57.36 -0.57
CA ARG PC 427 -84.11 -56.20 -1.10
C ARG PC 427 -83.94 -55.12 -0.03
N GLN PC 428 -84.97 -54.91 0.78
CA GLN PC 428 -84.89 -53.92 1.86
C GLN PC 428 -83.84 -54.33 2.89
N VAL PC 429 -83.76 -55.62 3.22
CA VAL PC 429 -82.74 -56.08 4.16
C VAL PC 429 -81.35 -55.85 3.58
N LEU PC 430 -81.16 -56.20 2.30
CA LEU PC 430 -79.87 -56.01 1.66
C LEU PC 430 -79.49 -54.54 1.64
N ILE PC 431 -80.45 -53.66 1.41
CA ILE PC 431 -80.22 -52.22 1.52
C ILE PC 431 -80.02 -51.89 2.99
N GLY PC 432 -78.78 -51.73 3.39
CA GLY PC 432 -78.46 -51.66 4.81
C GLY PC 432 -77.54 -52.80 5.19
N THR PC 433 -77.80 -54.00 4.67
CA THR PC 433 -76.82 -55.06 4.79
C THR PC 433 -75.55 -54.71 4.04
N VAL PC 434 -75.68 -54.17 2.83
CA VAL PC 434 -74.53 -53.81 2.01
C VAL PC 434 -74.19 -52.34 2.06
N GLY PC 435 -75.14 -51.47 2.42
CA GLY PC 435 -74.92 -50.05 2.36
C GLY PC 435 -75.22 -49.49 0.99
N PHE PC 436 -76.39 -49.84 0.46
CA PHE PC 436 -76.78 -49.43 -0.89
C PHE PC 436 -76.80 -47.91 -0.99
N ASP PC 437 -76.17 -47.38 -2.04
CA ASP PC 437 -76.04 -45.95 -2.27
C ASP PC 437 -76.31 -45.69 -3.76
N GLN PC 438 -77.57 -45.39 -4.06
CA GLN PC 438 -77.96 -45.19 -5.45
C GLN PC 438 -77.29 -43.95 -6.04
N GLY PC 439 -77.14 -42.90 -5.23
CA GLY PC 439 -76.51 -41.69 -5.72
C GLY PC 439 -75.06 -41.90 -6.14
N ARG PC 440 -74.42 -42.93 -5.63
CA ARG PC 440 -73.06 -43.29 -6.06
C ARG PC 440 -73.05 -44.06 -7.36
N GLY PC 441 -74.21 -44.49 -7.85
CA GLY PC 441 -74.29 -45.34 -9.01
C GLY PC 441 -74.36 -46.82 -8.72
N ASP PC 442 -74.54 -47.20 -7.45
CA ASP PC 442 -74.60 -48.60 -7.09
C ASP PC 442 -75.86 -49.25 -7.66
N LEU PC 443 -75.80 -50.57 -7.79
CA LEU PC 443 -76.89 -51.34 -8.38
C LEU PC 443 -77.08 -52.62 -7.57
N LEU PC 444 -78.35 -52.96 -7.34
CA LEU PC 444 -78.71 -54.12 -6.54
C LEU PC 444 -79.83 -54.87 -7.26
N ASN PC 445 -79.53 -56.06 -7.75
CA ASN PC 445 -80.49 -56.92 -8.42
C ASN PC 445 -80.84 -58.09 -7.52
N VAL PC 446 -82.12 -58.36 -7.34
CA VAL PC 446 -82.60 -59.53 -6.63
C VAL PC 446 -83.58 -60.26 -7.55
N LEU PC 447 -83.25 -61.50 -7.91
CA LEU PC 447 -84.04 -62.27 -8.85
C LEU PC 447 -84.40 -63.62 -8.24
N SER PC 448 -85.46 -64.21 -8.75
CA SER PC 448 -85.87 -65.57 -8.39
C SER PC 448 -85.68 -66.46 -9.62
N VAL PC 449 -84.69 -67.34 -9.56
CA VAL PC 449 -84.31 -68.17 -10.69
C VAL PC 449 -84.46 -69.64 -10.30
N LYS PC 450 -84.40 -70.51 -11.31
CA LYS PC 450 -84.55 -71.94 -11.13
C LYS PC 450 -83.16 -72.58 -11.08
N PHE PC 451 -82.78 -73.05 -9.91
CA PHE PC 451 -81.51 -73.76 -9.77
C PHE PC 451 -81.62 -75.15 -10.36
N ALA PC 452 -80.54 -75.61 -10.98
CA ALA PC 452 -80.50 -76.94 -11.59
C ALA PC 452 -79.94 -77.96 -10.61
N ALA QC 255 -38.30 -51.69 -19.66
CA ALA QC 255 -39.72 -51.37 -19.62
C ALA QC 255 -40.57 -52.49 -20.20
N SER QC 256 -39.98 -53.33 -21.06
CA SER QC 256 -40.73 -54.44 -21.63
C SER QC 256 -41.11 -55.44 -20.55
N ALA QC 257 -40.29 -55.57 -19.51
CA ALA QC 257 -40.70 -56.37 -18.35
C ALA QC 257 -41.95 -55.78 -17.71
N ALA QC 258 -42.02 -54.45 -17.64
CA ALA QC 258 -43.23 -53.81 -17.13
C ALA QC 258 -44.43 -54.13 -18.01
N ARG QC 259 -44.24 -54.14 -19.32
CA ARG QC 259 -45.34 -54.50 -20.22
C ARG QC 259 -45.77 -55.94 -20.02
N ARG QC 260 -44.82 -56.84 -19.81
CA ARG QC 260 -45.13 -58.23 -19.51
C ARG QC 260 -45.98 -58.33 -18.25
N LYS QC 261 -45.59 -57.61 -17.19
CA LYS QC 261 -46.36 -57.67 -15.96
C LYS QC 261 -47.73 -57.02 -16.12
N GLU QC 262 -47.86 -56.04 -17.02
CA GLU QC 262 -49.18 -55.50 -17.34
C GLU QC 262 -50.07 -56.55 -17.99
N GLN QC 263 -49.51 -57.32 -18.91
CA GLN QC 263 -50.25 -58.44 -19.50
C GLN QC 263 -50.67 -59.43 -18.41
N GLU QC 264 -49.77 -59.70 -17.47
CA GLU QC 264 -50.08 -60.59 -16.36
C GLU QC 264 -51.25 -60.05 -15.52
N LEU QC 265 -51.25 -58.74 -15.27
CA LEU QC 265 -52.35 -58.12 -14.53
C LEU QC 265 -53.67 -58.30 -15.27
N GLU QC 266 -53.66 -58.05 -16.57
CA GLU QC 266 -54.90 -58.20 -17.35
C GLU QC 266 -55.40 -59.63 -17.29
N ARG QC 267 -54.49 -60.60 -17.47
CA ARG QC 267 -54.89 -62.00 -17.42
C ARG QC 267 -55.42 -62.39 -16.04
N SER QC 268 -54.81 -61.87 -14.98
CA SER QC 268 -55.28 -62.14 -13.62
C SER QC 268 -56.69 -61.61 -13.41
N GLN QC 269 -56.95 -60.39 -13.90
CA GLN QC 269 -58.30 -59.83 -13.79
C GLN QC 269 -59.30 -60.71 -14.52
N GLU QC 270 -58.96 -61.14 -15.74
CA GLU QC 270 -59.85 -62.00 -16.50
C GLU QC 270 -60.12 -63.30 -15.76
N GLN QC 271 -59.08 -63.88 -15.16
CA GLN QC 271 -59.25 -65.12 -14.41
C GLN QC 271 -60.16 -64.94 -13.22
N ALA QC 272 -60.00 -63.83 -12.48
CA ALA QC 272 -60.85 -63.56 -11.34
C ALA QC 272 -62.31 -63.42 -11.75
N LEU QC 273 -62.55 -62.69 -12.84
CA LEU QC 273 -63.92 -62.53 -13.32
C LEU QC 273 -64.50 -63.87 -13.75
N ARG QC 274 -63.70 -64.71 -14.40
CA ARG QC 274 -64.16 -66.05 -14.78
C ARG QC 274 -64.51 -66.87 -13.54
N GLU QC 275 -63.70 -66.75 -12.48
CA GLU QC 275 -63.98 -67.47 -11.25
C GLU QC 275 -65.31 -67.03 -10.66
N LYS QC 276 -65.57 -65.73 -10.65
CA LYS QC 276 -66.86 -65.23 -10.15
C LYS QC 276 -68.01 -65.74 -11.01
N ILE QC 277 -67.83 -65.73 -12.33
CA ILE QC 277 -68.87 -66.23 -13.23
C ILE QC 277 -69.18 -67.68 -12.92
N ASP QC 278 -68.14 -68.49 -12.72
CA ASP QC 278 -68.35 -69.89 -12.35
C ASP QC 278 -69.07 -70.00 -11.02
N SER QC 279 -68.66 -69.21 -10.02
CA SER QC 279 -69.26 -69.29 -8.70
C SER QC 279 -70.74 -68.98 -8.75
N VAL QC 280 -71.17 -68.16 -9.70
CA VAL QC 280 -72.58 -67.83 -9.85
C VAL QC 280 -73.32 -68.87 -10.68
N LEU QC 281 -72.74 -69.32 -11.79
CA LEU QC 281 -73.50 -70.13 -12.75
C LEU QC 281 -73.45 -71.62 -12.44
N LEU QC 282 -72.42 -72.10 -11.76
CA LEU QC 282 -72.32 -73.52 -11.46
C LEU QC 282 -73.51 -74.04 -10.66
N PRO QC 283 -73.96 -73.38 -9.57
CA PRO QC 283 -75.21 -73.83 -8.92
C PRO QC 283 -76.43 -73.68 -9.81
N ILE QC 284 -76.55 -72.54 -10.49
CA ILE QC 284 -77.76 -72.24 -11.23
C ILE QC 284 -77.93 -73.18 -12.42
N LEU QC 285 -76.88 -73.35 -13.22
CA LEU QC 285 -76.99 -74.11 -14.46
C LEU QC 285 -76.49 -75.55 -14.30
N GLY QC 286 -75.41 -75.74 -13.57
CA GLY QC 286 -74.81 -77.05 -13.40
C GLY QC 286 -73.41 -77.11 -14.00
N TYR QC 287 -72.82 -78.30 -13.88
CA TYR QC 287 -71.45 -78.51 -14.34
C TYR QC 287 -71.48 -78.94 -15.80
N GLY QC 288 -70.79 -78.18 -16.65
CA GLY QC 288 -70.69 -78.51 -18.06
C GLY QC 288 -71.87 -78.08 -18.90
N ASN QC 289 -72.84 -77.38 -18.33
CA ASN QC 289 -73.99 -76.90 -19.10
C ASN QC 289 -73.78 -75.49 -19.63
N TYR QC 290 -72.62 -74.88 -19.41
CA TYR QC 290 -72.36 -73.53 -19.85
C TYR QC 290 -70.88 -73.38 -20.16
N THR QC 291 -70.56 -72.35 -20.94
CA THR QC 291 -69.18 -71.93 -21.14
C THR QC 291 -69.15 -70.41 -21.21
N ALA QC 292 -68.12 -69.82 -20.63
CA ALA QC 292 -68.02 -68.37 -20.57
C ALA QC 292 -66.56 -67.95 -20.64
N GLN QC 293 -66.30 -66.87 -21.37
CA GLN QC 293 -64.98 -66.28 -21.45
C GLN QC 293 -65.08 -64.77 -21.29
N VAL QC 294 -64.03 -64.18 -20.77
CA VAL QC 294 -64.02 -62.77 -20.40
C VAL QC 294 -62.80 -62.10 -21.01
N ASP QC 295 -63.01 -60.95 -21.66
CA ASP QC 295 -61.93 -60.12 -22.16
C ASP QC 295 -61.91 -58.81 -21.40
N ILE QC 296 -60.75 -58.45 -20.85
CA ILE QC 296 -60.58 -57.22 -20.10
C ILE QC 296 -59.44 -56.43 -20.74
N GLN QC 297 -59.74 -55.21 -21.18
CA GLN QC 297 -58.75 -54.30 -21.73
C GLN QC 297 -58.48 -53.22 -20.70
N MET QC 298 -57.20 -53.04 -20.35
CA MET QC 298 -56.81 -52.11 -19.31
C MET QC 298 -55.86 -51.07 -19.87
N ASP QC 299 -56.17 -49.79 -19.61
CA ASP QC 299 -55.30 -48.69 -19.98
C ASP QC 299 -54.26 -48.50 -18.89
N PHE QC 300 -53.04 -48.16 -19.31
CA PHE QC 300 -51.92 -47.95 -18.40
C PHE QC 300 -51.25 -46.62 -18.67
N SER QC 301 -52.05 -45.60 -18.98
CA SER QC 301 -51.52 -44.26 -19.18
C SER QC 301 -51.06 -43.68 -17.83
N ALA QC 302 -50.47 -42.50 -17.90
CA ALA QC 302 -49.93 -41.81 -16.73
C ALA QC 302 -50.46 -40.39 -16.66
N VAL QC 303 -51.78 -40.24 -16.74
CA VAL QC 303 -52.40 -38.92 -16.71
C VAL QC 303 -52.11 -38.24 -15.38
N GLU QC 304 -51.90 -36.92 -15.45
CA GLU QC 304 -51.62 -36.12 -14.26
C GLU QC 304 -52.09 -34.70 -14.57
N GLN QC 305 -53.20 -34.29 -13.96
CA GLN QC 305 -53.91 -33.08 -14.34
C GLN QC 305 -53.88 -32.06 -13.22
N THR QC 306 -53.82 -30.79 -13.60
CA THR QC 306 -53.88 -29.67 -12.66
C THR QC 306 -54.91 -28.68 -13.17
N ARG QC 307 -55.93 -28.40 -12.36
CA ARG QC 307 -57.04 -27.54 -12.75
C ARG QC 307 -57.06 -26.33 -11.82
N LYS QC 308 -57.18 -25.14 -12.40
CA LYS QC 308 -57.30 -23.90 -11.66
C LYS QC 308 -58.58 -23.21 -12.10
N ARG QC 309 -59.60 -23.25 -11.26
CA ARG QC 309 -60.94 -22.79 -11.60
C ARG QC 309 -61.30 -21.58 -10.74
N PHE QC 310 -62.02 -20.65 -11.36
CA PHE QC 310 -62.47 -19.42 -10.71
C PHE QC 310 -64.00 -19.40 -10.67
N ASP QC 311 -64.55 -18.35 -10.07
CA ASP QC 311 -65.99 -18.18 -9.96
C ASP QC 311 -66.36 -16.79 -10.46
N PRO QC 312 -66.68 -16.65 -11.75
CA PRO QC 312 -66.90 -15.31 -12.31
C PRO QC 312 -68.06 -14.56 -11.70
N ASN QC 313 -69.09 -15.26 -11.22
CA ASN QC 313 -70.36 -14.63 -10.88
C ASN QC 313 -70.43 -14.15 -9.43
N THR QC 314 -69.41 -14.37 -8.62
CA THR QC 314 -69.38 -13.89 -7.24
C THR QC 314 -68.04 -13.21 -6.94
N PRO QC 315 -67.78 -12.05 -7.52
CA PRO QC 315 -66.57 -11.31 -7.18
C PRO QC 315 -66.76 -10.50 -5.90
N ALA QC 316 -65.64 -10.23 -5.23
CA ALA QC 316 -65.63 -9.43 -4.00
C ALA QC 316 -64.71 -8.25 -4.21
N THR QC 317 -65.25 -7.04 -4.12
CA THR QC 317 -64.44 -5.85 -4.37
C THR QC 317 -63.46 -5.62 -3.23
N ARG QC 318 -62.18 -5.50 -3.57
CA ARG QC 318 -61.12 -5.27 -2.59
C ARG QC 318 -60.85 -3.79 -2.39
N SER QC 319 -60.57 -3.07 -3.46
CA SER QC 319 -60.42 -1.63 -3.43
C SER QC 319 -61.26 -1.05 -4.56
N GLU QC 320 -61.63 0.22 -4.42
CA GLU QC 320 -62.52 0.82 -5.39
C GLU QC 320 -62.29 2.33 -5.43
N TYR QC 321 -62.23 2.87 -6.64
CA TYR QC 321 -62.19 4.30 -6.87
C TYR QC 321 -63.29 4.68 -7.84
N ALA QC 322 -63.97 5.79 -7.58
CA ALA QC 322 -65.09 6.21 -8.41
C ALA QC 322 -65.16 7.72 -8.42
N LEU QC 323 -64.87 8.32 -9.58
CA LEU QC 323 -64.97 9.76 -9.78
C LEU QC 323 -66.14 10.02 -10.74
N GLU QC 324 -67.03 10.93 -10.34
CA GLU QC 324 -68.25 11.22 -11.10
C GLU QC 324 -68.55 12.71 -10.99
N ASP QC 325 -68.11 13.49 -11.97
CA ASP QC 325 -68.33 14.93 -11.98
C ASP QC 325 -69.23 15.33 -13.13
N TYR QC 326 -69.99 16.40 -12.93
CA TYR QC 326 -70.92 16.94 -13.91
C TYR QC 326 -70.58 18.40 -14.16
N ASN QC 327 -71.30 19.00 -15.10
CA ASN QC 327 -71.17 20.43 -15.40
C ASN QC 327 -72.45 20.96 -16.03
N GLY QC 365 -74.99 18.66 -20.15
CA GLY QC 365 -73.62 19.14 -20.09
C GLY QC 365 -72.60 18.03 -19.97
N SER QC 366 -71.38 18.39 -19.58
CA SER QC 366 -70.32 17.42 -19.41
C SER QC 366 -70.65 16.44 -18.29
N VAL QC 367 -70.42 15.17 -18.55
CA VAL QC 367 -70.63 14.11 -17.56
C VAL QC 367 -69.46 13.13 -17.69
N ARG QC 368 -68.56 13.16 -16.71
CA ARG QC 368 -67.38 12.30 -16.71
C ARG QC 368 -67.52 11.27 -15.59
N LYS QC 369 -67.42 9.99 -15.94
CA LYS QC 369 -67.61 8.89 -14.98
C LYS QC 369 -66.38 7.99 -15.03
N GLU QC 370 -65.36 8.33 -14.27
CA GLU QC 370 -64.20 7.47 -14.14
C GLU QC 370 -64.43 6.44 -13.03
N SER QC 371 -63.78 5.29 -13.17
CA SER QC 371 -63.96 4.22 -12.20
C SER QC 371 -62.78 3.25 -12.31
N THR QC 372 -62.31 2.79 -11.15
CA THR QC 372 -61.29 1.77 -11.06
C THR QC 372 -61.70 0.78 -9.98
N ARG QC 373 -61.53 -0.50 -10.25
CA ARG QC 373 -62.03 -1.53 -9.35
C ARG QC 373 -61.09 -2.73 -9.35
N ASN QC 374 -60.82 -3.26 -8.16
CA ASN QC 374 -60.02 -4.47 -7.99
C ASN QC 374 -60.88 -5.52 -7.32
N PHE QC 375 -60.75 -6.78 -7.77
CA PHE QC 375 -61.62 -7.85 -7.32
C PHE QC 375 -60.81 -9.00 -6.73
N GLU QC 376 -61.49 -9.76 -5.89
CA GLU QC 376 -61.02 -11.02 -5.35
C GLU QC 376 -62.04 -12.09 -5.72
N LEU QC 377 -61.55 -13.25 -6.16
CA LEU QC 377 -62.40 -14.28 -6.74
C LEU QC 377 -62.15 -15.61 -6.05
N ASP QC 378 -63.18 -16.45 -6.03
CA ASP QC 378 -63.02 -17.80 -5.49
C ASP QC 378 -62.07 -18.58 -6.39
N THR QC 379 -61.06 -19.20 -5.78
CA THR QC 379 -60.00 -19.87 -6.52
C THR QC 379 -59.87 -21.30 -6.01
N THR QC 380 -60.14 -22.26 -6.88
CA THR QC 380 -59.95 -23.67 -6.57
C THR QC 380 -58.79 -24.20 -7.41
N ILE QC 381 -57.85 -24.88 -6.75
CA ILE QC 381 -56.68 -25.44 -7.43
C ILE QC 381 -56.62 -26.91 -7.05
N SER QC 382 -56.97 -27.79 -7.99
CA SER QC 382 -57.03 -29.21 -7.74
C SER QC 382 -55.99 -29.94 -8.59
N HIS QC 383 -55.14 -30.73 -7.95
CA HIS QC 383 -54.15 -31.55 -8.63
C HIS QC 383 -54.54 -33.00 -8.49
N GLU QC 384 -54.88 -33.64 -9.61
CA GLU QC 384 -55.31 -35.03 -9.64
C GLU QC 384 -54.27 -35.88 -10.35
N ARG QC 385 -54.08 -37.10 -9.87
CA ARG QC 385 -53.15 -38.05 -10.48
C ARG QC 385 -53.85 -39.38 -10.60
N LYS QC 386 -54.27 -39.73 -11.83
CA LYS QC 386 -55.05 -40.93 -12.03
C LYS QC 386 -54.22 -42.18 -11.79
N GLN QC 387 -54.89 -43.25 -11.35
CA GLN QC 387 -54.23 -44.54 -11.24
C GLN QC 387 -53.90 -45.07 -12.63
N THR QC 388 -52.74 -45.72 -12.73
CA THR QC 388 -52.21 -46.17 -14.01
C THR QC 388 -53.14 -47.15 -14.70
N GLY QC 389 -53.26 -48.36 -14.16
CA GLY QC 389 -54.04 -49.40 -14.82
C GLY QC 389 -55.52 -49.36 -14.47
N THR QC 390 -56.35 -48.98 -15.43
CA THR QC 390 -57.78 -48.92 -15.23
C THR QC 390 -58.49 -49.70 -16.34
N VAL QC 391 -59.52 -50.46 -15.96
CA VAL QC 391 -60.28 -51.23 -16.92
C VAL QC 391 -61.03 -50.28 -17.84
N ALA QC 392 -60.59 -50.18 -19.10
CA ALA QC 392 -61.21 -49.27 -20.05
C ALA QC 392 -62.40 -49.89 -20.76
N ARG QC 393 -62.40 -51.21 -20.94
CA ARG QC 393 -63.51 -51.90 -21.59
C ARG QC 393 -63.51 -53.34 -21.11
N GLN QC 394 -64.71 -53.89 -20.92
CA GLN QC 394 -64.87 -55.26 -20.44
C GLN QC 394 -65.89 -55.97 -21.31
N THR QC 395 -65.53 -57.15 -21.78
CA THR QC 395 -66.38 -57.96 -22.65
C THR QC 395 -66.57 -59.32 -22.02
N VAL QC 396 -67.82 -59.74 -21.87
CA VAL QC 396 -68.15 -61.05 -21.30
C VAL QC 396 -69.16 -61.73 -22.22
N SER QC 397 -68.90 -62.99 -22.55
CA SER QC 397 -69.82 -63.79 -23.34
C SER QC 397 -70.05 -65.12 -22.63
N VAL QC 398 -71.32 -65.51 -22.53
CA VAL QC 398 -71.72 -66.75 -21.89
C VAL QC 398 -72.59 -67.53 -22.86
N ALA QC 399 -72.29 -68.81 -23.05
CA ALA QC 399 -73.05 -69.69 -23.91
C ALA QC 399 -73.63 -70.82 -23.08
N ILE QC 400 -74.93 -71.05 -23.20
CA ILE QC 400 -75.66 -72.03 -22.41
C ILE QC 400 -76.03 -73.20 -23.31
N LYS QC 401 -75.76 -74.41 -22.82
CA LYS QC 401 -76.08 -75.60 -23.59
C LYS QC 401 -77.59 -75.77 -23.72
N ASP QC 402 -78.03 -76.10 -24.93
CA ASP QC 402 -79.44 -76.35 -25.17
C ASP QC 402 -79.84 -77.71 -24.64
N ARG QC 403 -81.12 -77.85 -24.32
CA ARG QC 403 -81.68 -79.10 -23.81
C ARG QC 403 -80.94 -79.60 -22.58
N PRO QC 417 -83.29 -75.72 -26.09
CA PRO QC 417 -82.89 -74.33 -25.86
C PRO QC 417 -83.38 -73.78 -24.53
N MET QC 418 -83.16 -72.49 -24.29
CA MET QC 418 -83.58 -71.83 -23.05
C MET QC 418 -84.48 -70.65 -23.39
N SER QC 419 -85.52 -70.47 -22.60
CA SER QC 419 -86.51 -69.44 -22.86
C SER QC 419 -85.90 -68.05 -22.69
N GLU QC 420 -86.56 -67.07 -23.32
CA GLU QC 420 -86.07 -65.69 -23.25
C GLU QC 420 -86.09 -65.15 -21.82
N SER QC 421 -87.12 -65.53 -21.05
CA SER QC 421 -87.24 -65.03 -19.68
C SER QC 421 -86.05 -65.48 -18.83
N GLU QC 422 -85.68 -66.75 -18.92
CA GLU QC 422 -84.55 -67.24 -18.14
C GLU QC 422 -83.23 -66.69 -18.65
N ILE QC 423 -83.11 -66.47 -19.97
CA ILE QC 423 -81.91 -65.84 -20.51
C ILE QC 423 -81.75 -64.43 -19.94
N ASN QC 424 -82.84 -63.68 -19.90
CA ASN QC 424 -82.77 -62.33 -19.34
C ASN QC 424 -82.52 -62.36 -17.84
N ALA QC 425 -83.05 -63.35 -17.13
CA ALA QC 425 -82.76 -63.47 -15.71
C ALA QC 425 -81.28 -63.75 -15.46
N ILE QC 426 -80.70 -64.65 -16.26
CA ILE QC 426 -79.27 -64.92 -16.15
C ILE QC 426 -78.47 -63.67 -16.47
N ARG QC 427 -78.91 -62.92 -17.48
CA ARG QC 427 -78.24 -61.66 -17.80
C ARG QC 427 -78.31 -60.69 -16.65
N GLN QC 428 -79.46 -60.62 -15.97
CA GLN QC 428 -79.60 -59.74 -14.82
C GLN QC 428 -78.68 -60.15 -13.68
N VAL QC 429 -78.54 -61.47 -13.45
CA VAL QC 429 -77.62 -61.93 -12.41
C VAL QC 429 -76.19 -61.56 -12.76
N LEU QC 430 -75.81 -61.78 -14.02
CA LEU QC 430 -74.46 -61.43 -14.45
C LEU QC 430 -74.19 -59.93 -14.29
N ILE QC 431 -75.19 -59.11 -14.58
CA ILE QC 431 -75.10 -57.68 -14.34
C ILE QC 431 -75.14 -57.48 -12.83
N GLY QC 432 -73.97 -57.26 -12.23
CA GLY QC 432 -73.86 -57.30 -10.80
C GLY QC 432 -72.91 -58.40 -10.37
N THR QC 433 -73.00 -59.56 -11.02
CA THR QC 433 -71.95 -60.56 -10.84
C THR QC 433 -70.63 -60.05 -11.37
N VAL QC 434 -70.64 -59.41 -12.54
CA VAL QC 434 -69.41 -58.91 -13.15
C VAL QC 434 -69.21 -57.41 -12.92
N GLY QC 435 -70.27 -56.66 -12.65
CA GLY QC 435 -70.16 -55.22 -12.55
C GLY QC 435 -70.32 -54.57 -13.91
N PHE QC 436 -71.37 -54.95 -14.62
CA PHE QC 436 -71.59 -54.44 -15.97
C PHE QC 436 -71.72 -52.92 -15.95
N ASP QC 437 -71.00 -52.26 -16.86
CA ASP QC 437 -70.95 -50.80 -16.95
C ASP QC 437 -71.05 -50.42 -18.42
N GLN QC 438 -72.28 -50.19 -18.90
CA GLN QC 438 -72.49 -49.89 -20.31
C GLN QC 438 -71.85 -48.56 -20.69
N GLY QC 439 -71.89 -47.57 -19.79
CA GLY QC 439 -71.30 -46.28 -20.07
C GLY QC 439 -69.80 -46.34 -20.30
N ARG QC 440 -69.14 -47.38 -19.78
CA ARG QC 440 -67.72 -47.60 -20.02
C ARG QC 440 -67.46 -48.25 -21.38
N GLY QC 441 -68.51 -48.71 -22.06
CA GLY QC 441 -68.35 -49.45 -23.29
C GLY QC 441 -68.34 -50.95 -23.13
N ASP QC 442 -68.66 -51.46 -21.95
CA ASP QC 442 -68.66 -52.89 -21.71
C ASP QC 442 -69.76 -53.57 -22.50
N LEU QC 443 -69.57 -54.87 -22.73
CA LEU QC 443 -70.50 -55.65 -23.53
C LEU QC 443 -70.70 -57.01 -22.87
N LEU QC 444 -71.95 -57.46 -22.85
CA LEU QC 444 -72.32 -58.72 -22.21
C LEU QC 444 -73.27 -59.46 -23.15
N ASN QC 445 -72.80 -60.58 -23.68
CA ASN QC 445 -73.60 -61.44 -24.55
C ASN QC 445 -73.95 -62.72 -23.80
N VAL QC 446 -75.23 -63.09 -23.85
CA VAL QC 446 -75.69 -64.36 -23.32
C VAL QC 446 -76.47 -65.07 -24.42
N LEU QC 447 -76.00 -66.24 -24.83
CA LEU QC 447 -76.58 -66.97 -25.94
C LEU QC 447 -76.91 -68.39 -25.49
N SER QC 448 -77.84 -69.01 -26.20
CA SER QC 448 -78.18 -70.43 -26.01
C SER QC 448 -77.75 -71.18 -27.26
N VAL QC 449 -76.70 -71.99 -27.13
CA VAL QC 449 -76.11 -72.68 -28.26
C VAL QC 449 -76.19 -74.19 -28.02
N LYS QC 450 -75.91 -74.95 -29.07
CA LYS QC 450 -75.97 -76.41 -29.04
C LYS QC 450 -74.55 -76.94 -28.85
N PHE QC 451 -74.29 -77.49 -27.67
CA PHE QC 451 -73.01 -78.11 -27.41
C PHE QC 451 -72.91 -79.46 -28.13
N ALA QC 452 -71.72 -79.78 -28.61
CA ALA QC 452 -71.49 -81.04 -29.30
C ALA QC 452 -70.98 -82.11 -28.35
N ALA RC 255 -30.83 -52.21 -29.07
CA ALA RC 255 -32.26 -52.00 -29.20
C ALA RC 255 -32.92 -53.13 -30.00
N SER RC 256 -32.15 -53.84 -30.82
CA SER RC 256 -32.72 -54.94 -31.58
C SER RC 256 -33.16 -56.07 -30.66
N ALA RC 257 -32.50 -56.23 -29.51
CA ALA RC 257 -32.99 -57.17 -28.51
C ALA RC 257 -34.37 -56.73 -28.00
N ALA RC 258 -34.56 -55.41 -27.83
CA ALA RC 258 -35.87 -54.91 -27.47
C ALA RC 258 -36.91 -55.23 -28.53
N ARG RC 259 -36.54 -55.11 -29.80
CA ARG RC 259 -37.47 -55.45 -30.87
C ARG RC 259 -37.80 -56.94 -30.85
N ARG RC 260 -36.80 -57.78 -30.58
CA ARG RC 260 -37.05 -59.21 -30.45
C ARG RC 260 -38.05 -59.50 -29.34
N LYS RC 261 -37.87 -58.85 -28.18
CA LYS RC 261 -38.80 -59.07 -27.08
C LYS RC 261 -40.18 -58.51 -27.38
N GLU RC 262 -40.27 -57.46 -28.21
CA GLU RC 262 -41.58 -56.98 -28.67
C GLU RC 262 -42.27 -58.04 -29.52
N GLN RC 263 -41.52 -58.68 -30.41
CA GLN RC 263 -42.08 -59.79 -31.19
C GLN RC 263 -42.56 -60.90 -30.26
N GLU RC 264 -41.78 -61.18 -29.22
CA GLU RC 264 -42.18 -62.20 -28.25
C GLU RC 264 -43.48 -61.82 -27.55
N LEU RC 265 -43.63 -60.54 -27.19
CA LEU RC 265 -44.87 -60.08 -26.58
C LEU RC 265 -46.05 -60.28 -27.51
N GLU RC 266 -45.89 -59.90 -28.77
CA GLU RC 266 -46.99 -60.08 -29.73
C GLU RC 266 -47.37 -61.54 -29.86
N ARG RC 267 -46.37 -62.42 -29.98
CA ARG RC 267 -46.66 -63.84 -30.11
C ARG RC 267 -47.33 -64.40 -28.87
N SER RC 268 -46.92 -63.93 -27.68
CA SER RC 268 -47.55 -64.36 -26.45
C SER RC 268 -49.01 -63.96 -26.39
N GLN RC 269 -49.31 -62.73 -26.80
CA GLN RC 269 -50.69 -62.26 -26.86
C GLN RC 269 -51.52 -63.14 -27.80
N GLU RC 270 -50.97 -63.43 -28.98
CA GLU RC 270 -51.68 -64.29 -29.93
C GLU RC 270 -51.93 -65.66 -29.34
N GLN RC 271 -50.95 -66.21 -28.64
CA GLN RC 271 -51.10 -67.53 -28.04
C GLN RC 271 -52.19 -67.53 -26.98
N ALA RC 272 -52.23 -66.48 -26.15
CA ALA RC 272 -53.26 -66.38 -25.11
C ALA RC 272 -54.64 -66.29 -25.72
N LEU RC 273 -54.79 -65.49 -26.78
CA LEU RC 273 -56.09 -65.39 -27.43
C LEU RC 273 -56.48 -66.72 -28.05
N ARG RC 274 -55.53 -67.44 -28.64
CA ARG RC 274 -55.83 -68.76 -29.18
C ARG RC 274 -56.28 -69.72 -28.08
N GLU RC 275 -55.63 -69.65 -26.92
CA GLU RC 275 -56.03 -70.49 -25.79
C GLU RC 275 -57.46 -70.21 -25.37
N LYS RC 276 -57.83 -68.92 -25.29
CA LYS RC 276 -59.21 -68.58 -24.95
C LYS RC 276 -60.18 -69.08 -26.00
N ILE RC 277 -59.82 -68.94 -27.28
CA ILE RC 277 -60.68 -69.42 -28.37
C ILE RC 277 -60.91 -70.91 -28.22
N ASP RC 278 -59.84 -71.67 -27.94
CA ASP RC 278 -59.98 -73.10 -27.72
C ASP RC 278 -60.87 -73.38 -26.52
N SER RC 279 -60.66 -72.66 -25.41
CA SER RC 279 -61.43 -72.92 -24.20
C SER RC 279 -62.92 -72.69 -24.43
N VAL RC 280 -63.28 -71.82 -25.37
CA VAL RC 280 -64.67 -71.59 -25.70
C VAL RC 280 -65.20 -72.59 -26.71
N LEU RC 281 -64.44 -72.90 -27.76
CA LEU RC 281 -64.99 -73.66 -28.88
C LEU RC 281 -64.86 -75.17 -28.70
N LEU RC 282 -63.90 -75.64 -27.90
CA LEU RC 282 -63.72 -77.08 -27.71
C LEU RC 282 -64.97 -77.75 -27.14
N PRO RC 283 -65.62 -77.22 -26.08
CA PRO RC 283 -66.89 -77.82 -25.65
C PRO RC 283 -67.99 -77.68 -26.70
N ILE RC 284 -68.11 -76.49 -27.29
CA ILE RC 284 -69.24 -76.20 -28.18
C ILE RC 284 -69.15 -77.04 -29.45
N LEU RC 285 -67.98 -77.06 -30.10
CA LEU RC 285 -67.86 -77.72 -31.39
C LEU RC 285 -67.26 -79.12 -31.28
N GLY RC 286 -66.28 -79.30 -30.43
CA GLY RC 286 -65.61 -80.58 -30.28
C GLY RC 286 -64.14 -80.48 -30.66
N TYR RC 287 -63.48 -81.62 -30.56
CA TYR RC 287 -62.05 -81.70 -30.83
C TYR RC 287 -61.82 -81.99 -32.32
N GLY RC 288 -61.10 -81.11 -32.98
CA GLY RC 288 -60.78 -81.30 -34.39
C GLY RC 288 -61.86 -80.89 -35.36
N ASN RC 289 -62.96 -80.31 -34.88
CA ASN RC 289 -64.02 -79.84 -35.76
C ASN RC 289 -63.87 -78.37 -36.14
N TYR RC 290 -62.80 -77.72 -35.71
CA TYR RC 290 -62.60 -76.31 -35.99
C TYR RC 290 -61.10 -76.03 -36.07
N THR RC 291 -60.76 -74.91 -36.71
CA THR RC 291 -59.41 -74.37 -36.68
C THR RC 291 -59.50 -72.86 -36.61
N ALA RC 292 -58.61 -72.25 -35.84
CA ALA RC 292 -58.64 -70.81 -35.65
C ALA RC 292 -57.22 -70.28 -35.47
N GLN RC 293 -56.96 -69.12 -36.07
CA GLN RC 293 -55.69 -68.43 -35.91
C GLN RC 293 -55.95 -66.97 -35.65
N VAL RC 294 -55.02 -66.34 -34.92
CA VAL RC 294 -55.19 -64.98 -34.44
C VAL RC 294 -53.95 -64.17 -34.82
N ASP RC 295 -54.17 -62.99 -35.38
CA ASP RC 295 -53.09 -62.04 -35.66
C ASP RC 295 -53.29 -60.80 -34.80
N ILE RC 296 -52.26 -60.42 -34.06
CA ILE RC 296 -52.30 -59.25 -33.19
C ILE RC 296 -51.15 -58.33 -33.60
N GLN RC 297 -51.49 -57.10 -33.97
CA GLN RC 297 -50.51 -56.07 -34.30
C GLN RC 297 -50.46 -55.07 -33.15
N MET RC 298 -49.27 -54.84 -32.61
CA MET RC 298 -49.11 -53.99 -31.44
C MET RC 298 -48.18 -52.83 -31.77
N ASP RC 299 -48.63 -51.62 -31.46
CA ASP RC 299 -47.81 -50.42 -31.61
C ASP RC 299 -46.95 -50.24 -30.37
N PHE RC 300 -45.71 -49.80 -30.58
CA PHE RC 300 -44.76 -49.59 -29.50
C PHE RC 300 -44.17 -48.19 -29.56
N SER RC 301 -45.01 -47.21 -29.90
CA SER RC 301 -44.56 -45.82 -29.91
C SER RC 301 -44.35 -45.34 -28.47
N ALA RC 302 -43.85 -44.12 -28.35
CA ALA RC 302 -43.53 -43.51 -27.06
C ALA RC 302 -44.19 -42.13 -26.95
N VAL RC 303 -45.49 -42.08 -27.22
CA VAL RC 303 -46.22 -40.82 -27.17
C VAL RC 303 -46.17 -40.23 -25.76
N GLU RC 304 -46.06 -38.91 -25.69
CA GLU RC 304 -46.02 -38.20 -24.41
C GLU RC 304 -46.56 -36.80 -24.67
N GLN RC 305 -47.77 -36.53 -24.20
CA GLN RC 305 -48.52 -35.34 -24.59
C GLN RC 305 -48.73 -34.42 -23.39
N THR RC 306 -48.73 -33.12 -23.64
CA THR RC 306 -49.01 -32.10 -22.64
C THR RC 306 -50.04 -31.14 -23.21
N ARG RC 307 -51.18 -31.02 -22.53
CA ARG RC 307 -52.28 -30.20 -23.01
C ARG RC 307 -52.54 -29.09 -22.00
N LYS RC 308 -52.68 -27.87 -22.50
CA LYS RC 308 -53.00 -26.71 -21.68
C LYS RC 308 -54.27 -26.07 -22.25
N ARG RC 309 -55.38 -26.27 -21.58
CA ARG RC 309 -56.69 -25.87 -22.06
C ARG RC 309 -57.28 -24.77 -21.17
N PHE RC 310 -57.98 -23.84 -21.80
CA PHE RC 310 -58.62 -22.73 -21.13
C PHE RC 310 -60.13 -22.80 -21.32
N ASP RC 311 -60.84 -21.86 -20.72
CA ASP RC 311 -62.30 -21.80 -20.80
C ASP RC 311 -62.70 -20.40 -21.25
N PRO RC 312 -62.85 -20.16 -22.55
CA PRO RC 312 -63.10 -18.80 -23.02
C PRO RC 312 -64.40 -18.19 -22.52
N ASN RC 313 -65.43 -19.00 -22.27
CA ASN RC 313 -66.77 -18.49 -22.06
C ASN RC 313 -67.09 -18.16 -20.61
N THR RC 314 -66.17 -18.39 -19.67
CA THR RC 314 -66.37 -18.04 -18.27
C THR RC 314 -65.15 -17.30 -17.72
N PRO RC 315 -64.92 -16.07 -18.16
CA PRO RC 315 -63.83 -15.27 -17.58
C PRO RC 315 -64.25 -14.60 -16.29
N ALA RC 316 -63.26 -14.32 -15.44
CA ALA RC 316 -63.49 -13.63 -14.18
C ALA RC 316 -62.65 -12.37 -14.14
N THR RC 317 -63.31 -11.22 -14.04
CA THR RC 317 -62.57 -9.96 -14.07
C THR RC 317 -61.79 -9.76 -12.78
N ARG RC 318 -60.48 -9.52 -12.92
CA ARG RC 318 -59.59 -9.32 -11.79
C ARG RC 318 -59.48 -7.84 -11.42
N SER RC 319 -59.11 -7.00 -12.37
CA SER RC 319 -59.09 -5.57 -12.22
C SER RC 319 -59.80 -4.95 -13.40
N GLU RC 320 -60.29 -3.73 -13.21
CA GLU RC 320 -61.09 -3.09 -14.25
C GLU RC 320 -60.98 -1.58 -14.14
N TYR RC 321 -60.80 -0.93 -15.26
CA TYR RC 321 -60.84 0.52 -15.37
C TYR RC 321 -61.84 0.89 -16.46
N ALA RC 322 -62.62 1.94 -16.21
CA ALA RC 322 -63.66 2.34 -17.16
C ALA RC 322 -63.85 3.84 -17.06
N LEU RC 323 -63.44 4.56 -18.11
CA LEU RC 323 -63.65 6.00 -18.21
C LEU RC 323 -64.69 6.27 -19.30
N GLU RC 324 -65.69 7.08 -18.96
CA GLU RC 324 -66.82 7.34 -19.86
C GLU RC 324 -67.25 8.80 -19.68
N ASP RC 325 -66.74 9.69 -20.52
CA ASP RC 325 -67.08 11.10 -20.44
C ASP RC 325 -67.85 11.54 -21.68
N TYR RC 326 -68.71 12.54 -21.49
CA TYR RC 326 -69.54 13.09 -22.56
C TYR RC 326 -69.29 14.59 -22.64
N ASN RC 327 -69.91 15.23 -23.62
CA ASN RC 327 -69.87 16.68 -23.78
C ASN RC 327 -71.09 17.18 -24.54
N GLY RC 365 -72.83 15.10 -29.16
CA GLY RC 365 -71.53 15.66 -28.86
C GLY RC 365 -70.44 14.63 -28.70
N SER RC 366 -69.33 15.04 -28.09
CA SER RC 366 -68.21 14.12 -27.86
C SER RC 366 -68.62 13.03 -26.89
N VAL RC 367 -68.25 11.79 -27.21
CA VAL RC 367 -68.51 10.64 -26.35
C VAL RC 367 -67.26 9.77 -26.38
N ARG RC 368 -66.50 9.77 -25.29
CA ARG RC 368 -65.27 8.99 -25.18
C ARG RC 368 -65.47 7.86 -24.18
N LYS RC 369 -65.22 6.63 -24.62
CA LYS RC 369 -65.46 5.44 -23.79
C LYS RC 369 -64.16 4.63 -23.73
N GLU RC 370 -63.28 4.98 -22.80
CA GLU RC 370 -62.08 4.19 -22.58
C GLU RC 370 -62.38 3.05 -21.60
N SER RC 371 -61.63 1.97 -21.73
CA SER RC 371 -61.84 0.80 -20.90
C SER RC 371 -60.60 -0.07 -20.91
N THR RC 372 -60.25 -0.60 -19.74
CA THR RC 372 -59.16 -1.56 -19.58
C THR RC 372 -59.64 -2.66 -18.67
N ARG RC 373 -59.32 -3.90 -19.00
CA ARG RC 373 -59.86 -5.04 -18.26
C ARG RC 373 -58.83 -6.16 -18.23
N ASN RC 374 -58.68 -6.77 -17.06
CA ASN RC 374 -57.82 -7.94 -16.88
C ASN RC 374 -58.67 -9.11 -16.43
N PHE RC 375 -58.37 -10.30 -16.95
CA PHE RC 375 -59.21 -11.47 -16.73
C PHE RC 375 -58.40 -12.61 -16.12
N GLU RC 376 -59.12 -13.49 -15.45
CA GLU RC 376 -58.63 -14.77 -14.95
C GLU RC 376 -59.49 -15.86 -15.55
N LEU RC 377 -58.85 -16.93 -16.02
CA LEU RC 377 -59.52 -17.96 -16.79
C LEU RC 377 -59.25 -19.34 -16.19
N ASP RC 378 -60.21 -20.24 -16.37
CA ASP RC 378 -60.02 -21.62 -15.94
C ASP RC 378 -58.89 -22.25 -16.74
N THR RC 379 -57.93 -22.85 -16.05
CA THR RC 379 -56.72 -23.37 -16.68
C THR RC 379 -56.54 -24.82 -16.27
N THR RC 380 -56.61 -25.72 -17.25
CA THR RC 380 -56.35 -27.13 -17.03
C THR RC 380 -55.05 -27.50 -17.72
N ILE RC 381 -54.15 -28.17 -17.00
CA ILE RC 381 -52.86 -28.58 -17.54
C ILE RC 381 -52.73 -30.07 -17.28
N SER RC 382 -52.86 -30.88 -18.33
CA SER RC 382 -52.84 -32.33 -18.21
C SER RC 382 -51.64 -32.89 -18.96
N HIS RC 383 -50.83 -33.68 -18.26
CA HIS RC 383 -49.68 -34.35 -18.86
C HIS RC 383 -49.97 -35.85 -18.89
N GLU RC 384 -50.08 -36.40 -20.09
CA GLU RC 384 -50.39 -37.80 -20.30
C GLU RC 384 -49.20 -38.51 -20.92
N ARG RC 385 -48.98 -39.77 -20.52
CA ARG RC 385 -47.89 -40.56 -21.07
C ARG RC 385 -48.46 -41.94 -21.40
N LYS RC 386 -48.67 -42.20 -22.69
CA LYS RC 386 -49.32 -43.43 -23.11
C LYS RC 386 -48.43 -44.64 -22.85
N GLN RC 387 -49.07 -45.78 -22.61
CA GLN RC 387 -48.33 -47.03 -22.51
C GLN RC 387 -47.74 -47.40 -23.86
N THR RC 388 -46.53 -47.96 -23.85
CA THR RC 388 -45.81 -48.25 -25.08
C THR RC 388 -46.54 -49.22 -25.97
N GLY RC 389 -46.64 -50.49 -25.55
CA GLY RC 389 -47.22 -51.51 -26.39
C GLY RC 389 -48.72 -51.61 -26.26
N THR RC 390 -49.45 -51.20 -27.30
CA THR RC 390 -50.91 -51.26 -27.31
C THR RC 390 -51.38 -51.99 -28.56
N VAL RC 391 -52.38 -52.84 -28.40
CA VAL RC 391 -52.94 -53.58 -29.53
C VAL RC 391 -53.63 -52.59 -30.47
N ALA RC 392 -53.02 -52.35 -31.63
CA ALA RC 392 -53.59 -51.41 -32.59
C ALA RC 392 -54.60 -52.04 -33.51
N ARG RC 393 -54.47 -53.34 -33.79
CA ARG RC 393 -55.42 -54.03 -34.65
C ARG RC 393 -55.37 -55.52 -34.30
N GLN RC 394 -56.53 -56.16 -34.33
CA GLN RC 394 -56.64 -57.57 -33.99
C GLN RC 394 -57.47 -58.27 -35.06
N THR RC 395 -56.95 -59.38 -35.58
CA THR RC 395 -57.60 -60.16 -36.62
C THR RC 395 -57.76 -61.59 -36.13
N VAL RC 396 -58.98 -62.11 -36.20
CA VAL RC 396 -59.27 -63.47 -35.79
C VAL RC 396 -60.08 -64.14 -36.90
N SER RC 397 -59.68 -65.34 -37.29
CA SER RC 397 -60.41 -66.13 -38.27
C SER RC 397 -60.62 -67.53 -37.72
N VAL RC 398 -61.86 -68.02 -37.83
CA VAL RC 398 -62.24 -69.35 -37.36
C VAL RC 398 -62.90 -70.09 -38.50
N ALA RC 399 -62.47 -71.32 -38.75
CA ALA RC 399 -63.04 -72.17 -39.78
C ALA RC 399 -63.62 -73.42 -39.13
N ILE RC 400 -64.87 -73.72 -39.46
CA ILE RC 400 -65.61 -74.82 -38.87
C ILE RC 400 -65.76 -75.92 -39.90
N LYS RC 401 -65.45 -77.15 -39.49
CA LYS RC 401 -65.56 -78.29 -40.39
C LYS RC 401 -67.02 -78.54 -40.76
N ASP RC 402 -67.26 -78.79 -42.04
CA ASP RC 402 -68.60 -79.12 -42.51
C ASP RC 402 -68.96 -80.55 -42.15
N ARG RC 403 -70.26 -80.81 -42.04
CA ARG RC 403 -70.78 -82.14 -41.71
C ARG RC 403 -70.18 -82.70 -40.43
N PRO RC 417 -72.33 -78.68 -43.91
CA PRO RC 417 -72.09 -77.29 -43.52
C PRO RC 417 -72.80 -76.91 -42.23
N MET RC 418 -72.73 -75.64 -41.86
CA MET RC 418 -73.35 -75.12 -40.65
C MET RC 418 -74.29 -73.98 -41.02
N SER RC 419 -75.45 -73.96 -40.37
CA SER RC 419 -76.48 -72.97 -40.69
C SER RC 419 -76.02 -71.57 -40.32
N GLU RC 420 -76.66 -70.57 -40.96
CA GLU RC 420 -76.30 -69.19 -40.71
C GLU RC 420 -76.57 -68.79 -39.26
N SER RC 421 -77.66 -69.30 -38.67
CA SER RC 421 -77.99 -68.94 -37.30
C SER RC 421 -76.91 -69.37 -36.32
N GLU RC 422 -76.43 -70.61 -36.46
CA GLU RC 422 -75.38 -71.09 -35.56
C GLU RC 422 -74.05 -70.39 -35.83
N ILE RC 423 -73.78 -70.05 -37.10
CA ILE RC 423 -72.58 -69.29 -37.41
C ILE RC 423 -72.61 -67.94 -36.71
N ASN RC 424 -73.75 -67.26 -36.75
CA ASN RC 424 -73.87 -65.97 -36.09
C ASN RC 424 -73.83 -66.11 -34.57
N ALA RC 425 -74.37 -67.21 -34.03
CA ALA RC 425 -74.27 -67.43 -32.60
C ALA RC 425 -72.82 -67.64 -32.17
N ILE RC 426 -72.06 -68.41 -32.94
CA ILE RC 426 -70.65 -68.59 -32.65
C ILE RC 426 -69.91 -67.26 -32.74
N ARG RC 427 -70.27 -66.45 -33.75
CA ARG RC 427 -69.67 -65.13 -33.87
C ARG RC 427 -69.98 -64.27 -32.65
N GLN RC 428 -71.21 -64.35 -32.15
CA GLN RC 428 -71.59 -63.58 -30.96
C GLN RC 428 -70.80 -64.04 -29.74
N VAL RC 429 -70.59 -65.35 -29.60
CA VAL RC 429 -69.79 -65.85 -28.48
C VAL RC 429 -68.36 -65.34 -28.58
N LEU RC 430 -67.78 -65.41 -29.79
CA LEU RC 430 -66.42 -64.94 -29.98
C LEU RC 430 -66.31 -63.45 -29.67
N ILE RC 431 -67.31 -62.67 -30.04
CA ILE RC 431 -67.39 -61.27 -29.67
C ILE RC 431 -67.64 -61.21 -28.17
N GLY RC 432 -66.59 -60.97 -27.39
CA GLY RC 432 -66.68 -61.13 -25.96
C GLY RC 432 -65.72 -62.20 -25.48
N THR RC 433 -65.62 -63.30 -26.24
CA THR RC 433 -64.53 -64.24 -25.99
C THR RC 433 -63.18 -63.58 -26.28
N VAL RC 434 -63.08 -62.84 -27.38
CA VAL RC 434 -61.84 -62.19 -27.76
C VAL RC 434 -61.79 -60.72 -27.39
N GLY RC 435 -62.93 -60.07 -27.21
CA GLY RC 435 -62.97 -58.64 -26.98
C GLY RC 435 -62.99 -57.88 -28.29
N PHE RC 436 -63.89 -58.27 -29.18
CA PHE RC 436 -63.97 -57.66 -30.50
C PHE RC 436 -64.23 -56.16 -30.39
N ASP RC 437 -63.43 -55.36 -31.12
CA ASP RC 437 -63.51 -53.90 -31.07
C ASP RC 437 -63.42 -53.41 -32.52
N GLN RC 438 -64.59 -53.22 -33.14
CA GLN RC 438 -64.63 -52.80 -34.54
C GLN RC 438 -64.05 -51.40 -34.71
N GLY RC 439 -64.31 -50.50 -33.75
CA GLY RC 439 -63.79 -49.15 -33.83
C GLY RC 439 -62.27 -49.08 -33.84
N ARG RC 440 -61.61 -50.12 -33.32
CA ARG RC 440 -60.16 -50.21 -33.38
C ARG RC 440 -59.66 -50.71 -34.73
N GLY RC 441 -60.55 -51.17 -35.59
CA GLY RC 441 -60.17 -51.79 -36.84
C GLY RC 441 -60.05 -53.29 -36.80
N ASP RC 442 -60.49 -53.93 -35.72
CA ASP RC 442 -60.39 -55.38 -35.61
C ASP RC 442 -61.32 -56.06 -36.60
N LEU RC 443 -61.00 -57.31 -36.91
CA LEU RC 443 -61.73 -58.08 -37.89
C LEU RC 443 -61.92 -59.50 -37.38
N LEU RC 444 -63.12 -60.04 -37.59
CA LEU RC 444 -63.47 -61.37 -37.11
C LEU RC 444 -64.20 -62.10 -38.23
N ASN RC 445 -63.57 -63.13 -38.78
CA ASN RC 445 -64.17 -63.95 -39.82
C ASN RC 445 -64.52 -65.32 -39.25
N VAL RC 446 -65.74 -65.77 -39.51
CA VAL RC 446 -66.17 -67.12 -39.15
C VAL RC 446 -66.72 -67.77 -40.41
N LEU RC 447 -66.10 -68.86 -40.84
CA LEU RC 447 -66.46 -69.53 -42.07
C LEU RC 447 -66.72 -71.00 -41.79
N SER RC 448 -67.49 -71.63 -42.69
CA SER RC 448 -67.74 -73.06 -42.66
C SER RC 448 -67.08 -73.66 -43.89
N VAL RC 449 -66.00 -74.41 -43.68
CA VAL RC 449 -65.20 -74.96 -44.77
C VAL RC 449 -65.18 -76.48 -44.66
N LYS RC 450 -64.69 -77.12 -45.73
CA LYS RC 450 -64.64 -78.57 -45.81
C LYS RC 450 -63.22 -79.02 -45.46
N PHE RC 451 -63.08 -79.65 -44.30
CA PHE RC 451 -61.79 -80.21 -43.91
C PHE RC 451 -61.50 -81.46 -44.72
N ALA RC 452 -60.23 -81.66 -45.04
CA ALA RC 452 -59.80 -82.83 -45.80
C ALA RC 452 -59.34 -83.94 -44.86
N ALA SC 255 -22.11 -51.35 -37.30
CA ALA SC 255 -23.52 -51.22 -37.62
C ALA SC 255 -23.97 -52.31 -38.58
N SER SC 256 -23.03 -52.89 -39.35
CA SER SC 256 -23.40 -53.95 -40.27
C SER SC 256 -23.87 -55.18 -39.52
N ALA SC 257 -23.35 -55.41 -38.30
CA ALA SC 257 -23.91 -56.46 -37.45
C ALA SC 257 -25.37 -56.17 -37.12
N ALA SC 258 -25.69 -54.90 -36.88
CA ALA SC 258 -27.08 -54.52 -36.66
C ALA SC 258 -27.92 -54.82 -37.89
N ARG SC 259 -27.39 -54.55 -39.08
CA ARG SC 259 -28.13 -54.86 -40.31
C ARG SC 259 -28.35 -56.37 -40.45
N ARG SC 260 -27.33 -57.16 -40.10
CA ARG SC 260 -27.47 -58.61 -40.13
C ARG SC 260 -28.59 -59.07 -39.20
N LYS SC 261 -28.62 -58.51 -37.99
CA LYS SC 261 -29.68 -58.90 -37.05
C LYS SC 261 -31.05 -58.41 -37.51
N GLU SC 262 -31.11 -57.31 -38.25
CA GLU SC 262 -32.37 -56.88 -38.85
C GLU SC 262 -32.85 -57.90 -39.89
N GLN SC 263 -31.93 -58.40 -40.71
CA GLN SC 263 -32.28 -59.47 -41.64
C GLN SC 263 -32.80 -60.68 -40.89
N GLU SC 264 -32.14 -61.01 -39.78
CA GLU SC 264 -32.58 -62.14 -38.95
C GLU SC 264 -34.01 -61.92 -38.44
N LEU SC 265 -34.30 -60.70 -37.99
CA LEU SC 265 -35.65 -60.38 -37.53
C LEU SC 265 -36.68 -60.58 -38.64
N GLU SC 266 -36.38 -60.07 -39.83
CA GLU SC 266 -37.30 -60.23 -40.94
C GLU SC 266 -37.54 -61.71 -41.25
N ARG SC 267 -36.47 -62.49 -41.29
CA ARG SC 267 -36.61 -63.92 -41.58
C ARG SC 267 -37.40 -64.63 -40.49
N SER SC 268 -37.21 -64.24 -39.23
CA SER SC 268 -37.96 -64.84 -38.13
C SER SC 268 -39.45 -64.54 -38.26
N GLN SC 269 -39.78 -63.29 -38.62
CA GLN SC 269 -41.18 -62.94 -38.83
C GLN SC 269 -41.79 -63.78 -39.95
N GLU SC 270 -41.06 -63.92 -41.05
CA GLU SC 270 -41.55 -64.73 -42.16
C GLU SC 270 -41.77 -66.17 -41.73
N GLN SC 271 -40.85 -66.71 -40.94
CA GLN SC 271 -40.98 -68.09 -40.48
C GLN SC 271 -42.20 -68.26 -39.59
N ALA SC 272 -42.44 -67.30 -38.69
CA ALA SC 272 -43.60 -67.37 -37.81
C ALA SC 272 -44.90 -67.33 -38.61
N LEU SC 273 -44.96 -66.44 -39.60
CA LEU SC 273 -46.16 -66.37 -40.43
C LEU SC 273 -46.36 -67.66 -41.21
N ARG SC 274 -45.28 -68.25 -41.71
CA ARG SC 274 -45.39 -69.54 -42.40
C ARG SC 274 -45.90 -70.62 -41.46
N GLU SC 275 -45.42 -70.61 -40.20
CA GLU SC 275 -45.90 -71.58 -39.22
C GLU SC 275 -47.40 -71.44 -38.99
N LYS SC 276 -47.88 -70.21 -38.87
CA LYS SC 276 -49.31 -69.99 -38.70
C LYS SC 276 -50.09 -70.46 -39.92
N ILE SC 277 -49.57 -70.17 -41.12
CA ILE SC 277 -50.23 -70.61 -42.34
C ILE SC 277 -50.35 -72.13 -42.36
N ASP SC 278 -49.27 -72.82 -41.99
CA ASP SC 278 -49.33 -74.27 -41.91
C ASP SC 278 -50.34 -74.73 -40.89
N SER SC 279 -50.34 -74.10 -39.70
CA SER SC 279 -51.26 -74.52 -38.64
C SER SC 279 -52.70 -74.38 -39.07
N VAL SC 280 -53.00 -73.46 -39.97
CA VAL SC 280 -54.36 -73.30 -40.48
C VAL SC 280 -54.66 -74.24 -41.64
N LEU SC 281 -53.72 -74.39 -42.58
CA LEU SC 281 -54.05 -75.08 -43.83
C LEU SC 281 -53.82 -76.58 -43.75
N LEU SC 282 -52.94 -77.06 -42.87
CA LEU SC 282 -52.68 -78.49 -42.78
C LEU SC 282 -53.93 -79.30 -42.44
N PRO SC 283 -54.76 -78.92 -41.45
CA PRO SC 283 -56.03 -79.64 -41.27
C PRO SC 283 -56.99 -79.49 -42.44
N ILE SC 284 -57.12 -78.25 -42.95
CA ILE SC 284 -58.12 -77.97 -43.97
C ILE SC 284 -57.80 -78.68 -45.28
N LEU SC 285 -56.56 -78.55 -45.75
CA LEU SC 285 -56.19 -79.08 -47.06
C LEU SC 285 -55.51 -80.44 -46.97
N GLY SC 286 -54.64 -80.63 -46.00
CA GLY SC 286 -53.90 -81.87 -45.86
C GLY SC 286 -52.41 -81.63 -46.02
N TYR SC 287 -51.66 -82.73 -45.92
CA TYR SC 287 -50.20 -82.67 -45.98
C TYR SC 287 -49.76 -82.81 -47.43
N GLY SC 288 -49.02 -81.82 -47.92
CA GLY SC 288 -48.50 -81.87 -49.27
C GLY SC 288 -49.46 -81.44 -50.35
N ASN SC 289 -50.66 -80.98 -50.00
CA ASN SC 289 -51.63 -80.51 -50.98
C ASN SC 289 -51.54 -79.01 -51.21
N TYR SC 290 -50.60 -78.32 -50.57
CA TYR SC 290 -50.48 -76.88 -50.71
C TYR SC 290 -49.02 -76.49 -50.55
N THR SC 291 -48.69 -75.30 -51.04
CA THR SC 291 -47.40 -74.68 -50.77
C THR SC 291 -47.64 -73.18 -50.59
N ALA SC 292 -46.91 -72.58 -49.65
CA ALA SC 292 -47.08 -71.18 -49.35
C ALA SC 292 -45.76 -70.57 -48.93
N GLN SC 293 -45.51 -69.34 -49.38
CA GLN SC 293 -44.33 -68.58 -48.99
C GLN SC 293 -44.75 -67.17 -48.64
N VAL SC 294 -43.99 -66.54 -47.74
CA VAL SC 294 -44.33 -65.25 -47.18
C VAL SC 294 -43.13 -64.32 -47.30
N ASP SC 295 -43.36 -63.12 -47.80
CA ASP SC 295 -42.34 -62.07 -47.84
C ASP SC 295 -42.76 -60.93 -46.92
N ILE SC 296 -41.87 -60.56 -46.00
CA ILE SC 296 -42.12 -59.47 -45.06
C ILE SC 296 -41.02 -58.44 -45.22
N GLN SC 297 -41.40 -57.21 -45.54
CA GLN SC 297 -40.47 -56.09 -45.64
C GLN SC 297 -40.68 -55.20 -44.42
N MET SC 298 -39.60 -54.93 -43.69
CA MET SC 298 -39.66 -54.18 -42.44
C MET SC 298 -38.80 -52.93 -42.54
N ASP SC 299 -39.39 -51.79 -42.19
CA ASP SC 299 -38.66 -50.53 -42.12
C ASP SC 299 -37.99 -50.41 -40.76
N PHE SC 300 -36.79 -49.86 -40.76
CA PHE SC 300 -36.01 -49.69 -39.53
C PHE SC 300 -35.55 -48.24 -39.39
N SER SC 301 -36.40 -47.30 -39.77
CA SER SC 301 -36.08 -45.89 -39.60
C SER SC 301 -36.10 -45.52 -38.12
N ALA SC 302 -35.73 -44.28 -37.82
CA ALA SC 302 -35.65 -43.77 -36.46
C ALA SC 302 -36.42 -42.47 -36.34
N VAL SC 303 -37.67 -42.48 -36.78
CA VAL SC 303 -38.50 -41.29 -36.74
C VAL SC 303 -38.70 -40.83 -35.29
N GLU SC 304 -38.72 -39.52 -35.11
CA GLU SC 304 -38.91 -38.94 -33.78
C GLU SC 304 -39.53 -37.56 -33.99
N GLN SC 305 -40.81 -37.41 -33.68
CA GLN SC 305 -41.60 -36.25 -34.07
C GLN SC 305 -42.05 -35.47 -32.85
N THR SC 306 -42.11 -34.14 -33.00
CA THR SC 306 -42.61 -33.25 -31.97
C THR SC 306 -43.64 -32.31 -32.60
N ARG SC 307 -44.86 -32.33 -32.09
CA ARG SC 307 -45.96 -31.56 -32.65
C ARG SC 307 -46.44 -30.56 -31.60
N LYS SC 308 -46.61 -29.32 -32.02
CA LYS SC 308 -47.14 -28.26 -31.17
C LYS SC 308 -48.36 -27.67 -31.86
N ARG SC 309 -49.54 -28.01 -31.36
CA ARG SC 309 -50.80 -27.65 -32.00
C ARG SC 309 -51.58 -26.69 -31.14
N PHE SC 310 -52.27 -25.75 -31.78
CA PHE SC 310 -53.09 -24.75 -31.11
C PHE SC 310 -54.54 -24.93 -31.53
N ASP SC 311 -55.41 -24.09 -30.96
CA ASP SC 311 -56.85 -24.13 -31.26
C ASP SC 311 -57.30 -22.73 -31.63
N PRO SC 312 -57.29 -22.38 -32.92
CA PRO SC 312 -57.57 -21.00 -33.31
C PRO SC 312 -58.98 -20.54 -32.97
N ASN SC 313 -59.95 -21.44 -32.93
CA ASN SC 313 -61.35 -21.05 -32.88
C ASN SC 313 -61.91 -20.87 -31.46
N THR SC 314 -61.10 -21.12 -30.43
CA THR SC 314 -61.53 -20.91 -29.04
C THR SC 314 -60.47 -20.15 -28.26
N PRO SC 315 -60.27 -18.86 -28.56
CA PRO SC 315 -59.34 -18.06 -27.77
C PRO SC 315 -60.00 -17.54 -26.50
N ALA SC 316 -59.17 -17.26 -25.50
CA ALA SC 316 -59.63 -16.72 -24.23
C ALA SC 316 -58.91 -15.41 -23.97
N THR SC 317 -59.65 -14.32 -23.87
CA THR SC 317 -59.04 -13.01 -23.69
C THR SC 317 -58.45 -12.88 -22.29
N ARG SC 318 -57.17 -12.54 -22.22
CA ARG SC 318 -56.47 -12.38 -20.95
C ARG SC 318 -56.53 -10.94 -20.46
N SER SC 319 -56.10 -9.99 -21.28
CA SER SC 319 -56.22 -8.57 -21.00
C SER SC 319 -56.82 -7.91 -22.22
N GLU SC 320 -57.42 -6.74 -22.01
CA GLU SC 320 -58.13 -6.08 -23.09
C GLU SC 320 -58.16 -4.58 -22.84
N TYR SC 321 -57.88 -3.80 -23.88
CA TYR SC 321 -58.02 -2.36 -23.87
C TYR SC 321 -58.88 -1.96 -25.06
N ALA SC 322 -59.78 -1.00 -24.84
CA ALA SC 322 -60.69 -0.58 -25.90
C ALA SC 322 -61.03 0.88 -25.71
N LEU SC 323 -60.55 1.72 -26.62
CA LEU SC 323 -60.85 3.15 -26.64
C LEU SC 323 -61.75 3.45 -27.83
N GLU SC 324 -62.86 4.15 -27.58
CA GLU SC 324 -63.86 4.41 -28.61
C GLU SC 324 -64.44 5.80 -28.38
N ASP SC 325 -63.89 6.79 -29.06
CA ASP SC 325 -64.35 8.17 -28.91
C ASP SC 325 -64.97 8.68 -30.22
N TYR SC 326 -65.94 9.58 -30.08
CA TYR SC 326 -66.65 10.18 -31.19
C TYR SC 326 -66.53 11.69 -31.12
N ASN SC 327 -67.05 12.37 -32.14
CA ASN SC 327 -67.11 13.83 -32.15
C ASN SC 327 -68.25 14.31 -33.05
N GLY SC 365 -69.15 12.54 -38.03
CA GLY SC 365 -67.95 13.17 -37.50
C GLY SC 365 -66.82 12.19 -37.26
N SER SC 366 -65.83 12.64 -36.48
CA SER SC 366 -64.70 11.78 -36.15
C SER SC 366 -65.14 10.58 -35.33
N VAL SC 367 -64.63 9.40 -35.70
CA VAL SC 367 -64.91 8.17 -34.99
C VAL SC 367 -63.60 7.40 -34.91
N ARG SC 368 -62.99 7.34 -33.72
CA ARG SC 368 -61.74 6.64 -33.49
C ARG SC 368 -61.98 5.42 -32.63
N LYS SC 369 -61.56 4.25 -33.12
CA LYS SC 369 -61.81 2.98 -32.44
C LYS SC 369 -60.48 2.26 -32.26
N GLU SC 370 -59.77 2.57 -31.18
CA GLU SC 370 -58.55 1.86 -30.86
C GLU SC 370 -58.89 0.62 -30.03
N SER SC 371 -58.03 -0.39 -30.13
CA SER SC 371 -58.26 -1.64 -29.45
C SER SC 371 -56.96 -2.42 -29.34
N THR SC 372 -56.74 -3.03 -28.18
CA THR SC 372 -55.60 -3.91 -27.95
C THR SC 372 -56.12 -5.13 -27.20
N ARG SC 373 -55.64 -6.30 -27.59
CA ARG SC 373 -56.18 -7.54 -27.03
C ARG SC 373 -55.09 -8.59 -26.94
N ASN SC 374 -55.04 -9.30 -25.81
CA ASN SC 374 -54.13 -10.41 -25.61
C ASN SC 374 -54.93 -11.68 -25.38
N PHE SC 375 -54.46 -12.79 -25.95
CA PHE SC 375 -55.22 -14.03 -25.94
C PHE SC 375 -54.41 -15.15 -25.32
N GLU SC 376 -55.14 -16.15 -24.83
CA GLU SC 376 -54.62 -17.42 -24.38
C GLU SC 376 -55.30 -18.52 -25.19
N LEU SC 377 -54.51 -19.50 -25.63
CA LEU SC 377 -54.97 -20.50 -26.58
C LEU SC 377 -54.69 -21.89 -26.05
N ASP SC 378 -55.53 -22.84 -26.45
CA ASP SC 378 -55.29 -24.24 -26.12
C ASP SC 378 -54.00 -24.71 -26.79
N THR SC 379 -53.10 -25.30 -26.01
CA THR SC 379 -51.78 -25.67 -26.50
C THR SC 379 -51.54 -27.14 -26.19
N THR SC 380 -51.40 -27.95 -27.23
CA THR SC 380 -51.05 -29.35 -27.10
C THR SC 380 -49.64 -29.57 -27.63
N ILE SC 381 -48.80 -30.23 -26.85
CA ILE SC 381 -47.42 -30.49 -27.22
C ILE SC 381 -47.19 -31.99 -27.06
N SER SC 382 -47.12 -32.71 -28.18
CA SER SC 382 -46.99 -34.16 -28.17
C SER SC 382 -45.66 -34.56 -28.79
N HIS SC 383 -44.89 -35.36 -28.05
CA HIS SC 383 -43.61 -35.88 -28.52
C HIS SC 383 -43.77 -37.39 -28.72
N GLU SC 384 -43.67 -37.83 -29.97
CA GLU SC 384 -43.83 -39.23 -30.33
C GLU SC 384 -42.51 -39.78 -30.83
N ARG SC 385 -42.24 -41.05 -30.50
CA ARG SC 385 -41.03 -41.73 -30.95
C ARG SC 385 -41.43 -43.10 -31.47
N LYS SC 386 -41.44 -43.25 -32.79
CA LYS SC 386 -41.92 -44.48 -33.40
C LYS SC 386 -40.97 -45.64 -33.10
N GLN SC 387 -41.54 -46.84 -33.05
CA GLN SC 387 -40.71 -48.03 -32.95
C GLN SC 387 -39.92 -48.24 -34.24
N THR SC 388 -38.68 -48.72 -34.09
CA THR SC 388 -37.77 -48.83 -35.21
C THR SC 388 -38.29 -49.78 -36.28
N GLY SC 389 -38.34 -51.07 -35.99
CA GLY SC 389 -38.71 -52.05 -36.99
C GLY SC 389 -40.21 -52.28 -37.09
N THR SC 390 -40.81 -51.82 -38.19
CA THR SC 390 -42.24 -51.97 -38.41
C THR SC 390 -42.48 -52.61 -39.77
N VAL SC 391 -43.41 -53.56 -39.83
CA VAL SC 391 -43.75 -54.23 -41.08
C VAL SC 391 -44.37 -53.21 -42.03
N ALA SC 392 -43.65 -52.81 -43.07
CA ALA SC 392 -44.14 -51.82 -44.02
C ALA SC 392 -44.97 -52.45 -45.13
N ARG SC 393 -44.69 -53.70 -45.49
CA ARG SC 393 -45.44 -54.39 -46.53
C ARG SC 393 -45.32 -55.88 -46.30
N GLN SC 394 -46.41 -56.60 -46.54
CA GLN SC 394 -46.45 -58.03 -46.35
C GLN SC 394 -47.06 -58.69 -47.58
N THR SC 395 -46.38 -59.71 -48.09
CA THR SC 395 -46.81 -60.43 -49.29
C THR SC 395 -46.91 -61.91 -48.95
N VAL SC 396 -48.07 -62.50 -49.22
CA VAL SC 396 -48.30 -63.92 -48.99
C VAL SC 396 -48.89 -64.53 -50.25
N SER SC 397 -48.34 -65.67 -50.68
CA SER SC 397 -48.86 -66.41 -51.81
C SER SC 397 -49.03 -67.87 -51.41
N VAL SC 398 -50.19 -68.43 -51.74
CA VAL SC 398 -50.52 -69.82 -51.44
C VAL SC 398 -50.96 -70.49 -52.74
N ALA SC 399 -50.39 -71.66 -53.00
CA ALA SC 399 -50.73 -72.45 -54.18
C ALA SC 399 -51.30 -73.79 -53.72
N ILE SC 400 -52.46 -74.15 -54.26
CA ILE SC 400 -53.18 -75.35 -53.87
C ILE SC 400 -53.10 -76.36 -54.99
N LYS SC 401 -52.75 -77.60 -54.64
CA LYS SC 401 -52.64 -78.65 -55.64
C LYS SC 401 -54.00 -78.98 -56.24
N ASP SC 402 -54.04 -79.12 -57.55
CA ASP SC 402 -55.27 -79.49 -58.24
C ASP SC 402 -55.55 -80.97 -58.05
N ARG SC 403 -56.83 -81.34 -58.15
CA ARG SC 403 -57.28 -82.72 -58.03
C ARG SC 403 -56.82 -83.35 -56.71
N PRO SC 417 -58.79 -79.19 -60.13
CA PRO SC 417 -58.72 -77.83 -59.59
C PRO SC 417 -59.64 -77.63 -58.39
N MET SC 418 -59.72 -76.39 -57.92
CA MET SC 418 -60.55 -76.04 -56.77
C MET SC 418 -61.53 -74.93 -57.18
N SER SC 419 -62.76 -75.04 -56.70
CA SER SC 419 -63.80 -74.11 -57.09
C SER SC 419 -63.52 -72.72 -56.55
N GLU SC 420 -64.14 -71.73 -57.18
CA GLU SC 420 -63.94 -70.34 -56.78
C GLU SC 420 -64.45 -70.10 -55.35
N SER SC 421 -65.55 -70.74 -54.98
CA SER SC 421 -66.12 -70.53 -53.64
C SER SC 421 -65.14 -70.98 -52.57
N GLU SC 422 -64.54 -72.16 -52.73
CA GLU SC 422 -63.59 -72.64 -51.73
C GLU SC 422 -62.31 -71.83 -51.75
N ILE SC 423 -61.88 -71.35 -52.92
CA ILE SC 423 -60.71 -70.49 -52.99
C ILE SC 423 -60.95 -69.21 -52.19
N ASN SC 424 -62.13 -68.61 -52.36
CA ASN SC 424 -62.45 -67.40 -51.61
C ASN SC 424 -62.62 -67.68 -50.13
N ALA SC 425 -63.13 -68.86 -49.75
CA ALA SC 425 -63.21 -69.21 -48.34
C ALA SC 425 -61.83 -69.35 -47.72
N ILE SC 426 -60.91 -70.00 -48.43
CA ILE SC 426 -59.53 -70.10 -47.95
C ILE SC 426 -58.91 -68.71 -47.84
N ARG SC 427 -59.19 -67.84 -48.81
CA ARG SC 427 -58.68 -66.47 -48.74
C ARG SC 427 -59.24 -65.75 -47.51
N GLN SC 428 -60.51 -65.97 -47.20
CA GLN SC 428 -61.11 -65.35 -46.02
C GLN SC 428 -60.46 -65.85 -44.75
N VAL SC 429 -60.18 -67.16 -44.67
CA VAL SC 429 -59.50 -67.69 -43.49
C VAL SC 429 -58.11 -67.08 -43.35
N LEU SC 430 -57.37 -67.01 -44.46
CA LEU SC 430 -56.04 -66.42 -44.42
C LEU SC 430 -56.09 -64.96 -43.97
N ILE SC 431 -57.11 -64.22 -44.42
CA ILE SC 431 -57.34 -62.87 -43.94
C ILE SC 431 -57.81 -62.96 -42.49
N GLY SC 432 -56.90 -62.73 -41.56
CA GLY SC 432 -57.18 -63.04 -40.18
C GLY SC 432 -56.20 -64.06 -39.66
N THR SC 433 -55.91 -65.08 -40.47
CA THR SC 433 -54.78 -65.95 -40.15
C THR SC 433 -53.47 -65.18 -40.19
N VAL SC 434 -53.29 -64.33 -41.20
CA VAL SC 434 -52.04 -63.57 -41.34
C VAL SC 434 -52.18 -62.14 -40.84
N GLY SC 435 -53.39 -61.59 -40.78
CA GLY SC 435 -53.57 -60.21 -40.44
C GLY SC 435 -53.48 -59.32 -41.67
N PHE SC 436 -54.21 -59.68 -42.72
CA PHE SC 436 -54.15 -58.96 -43.98
C PHE SC 436 -54.55 -57.50 -43.78
N ASP SC 437 -53.73 -56.60 -44.32
CA ASP SC 437 -53.93 -55.15 -44.17
C ASP SC 437 -53.69 -54.51 -45.54
N GLN SC 438 -54.77 -54.36 -46.31
CA GLN SC 438 -54.65 -53.80 -47.65
C GLN SC 438 -54.17 -52.36 -47.63
N GLY SC 439 -54.63 -51.58 -46.65
CA GLY SC 439 -54.22 -50.19 -46.54
C GLY SC 439 -52.73 -50.02 -46.33
N ARG SC 440 -52.06 -51.05 -45.80
CA ARG SC 440 -50.61 -51.03 -45.66
C ARG SC 440 -49.89 -51.37 -46.95
N GLY SC 441 -50.61 -51.82 -47.96
CA GLY SC 441 -50.01 -52.28 -49.20
C GLY SC 441 -49.77 -53.77 -49.26
N ASP SC 442 -50.31 -54.54 -48.31
CA ASP SC 442 -50.11 -55.97 -48.30
C ASP SC 442 -50.84 -56.63 -49.48
N LEU SC 443 -50.36 -57.82 -49.83
CA LEU SC 443 -50.89 -58.54 -50.98
C LEU SC 443 -51.02 -60.01 -50.62
N LEU SC 444 -52.13 -60.61 -51.03
CA LEU SC 444 -52.43 -62.01 -50.72
C LEU SC 444 -52.94 -62.68 -51.99
N ASN SC 445 -52.16 -63.60 -52.53
CA ASN SC 445 -52.53 -64.37 -53.71
C ASN SC 445 -52.84 -65.80 -53.31
N VAL SC 446 -53.97 -66.32 -53.77
CA VAL SC 446 -54.34 -67.72 -53.60
C VAL SC 446 -54.66 -68.28 -54.97
N LEU SC 447 -53.88 -69.28 -55.39
CA LEU SC 447 -54.02 -69.86 -56.72
C LEU SC 447 -54.19 -71.37 -56.60
N SER SC 448 -54.78 -71.96 -57.65
CA SER SC 448 -54.90 -73.40 -57.77
C SER SC 448 -54.02 -73.85 -58.94
N VAL SC 449 -52.93 -74.53 -58.63
CA VAL SC 449 -51.94 -74.91 -59.64
C VAL SC 449 -51.81 -76.43 -59.64
N LYS SC 450 -51.13 -76.93 -60.67
CA LYS SC 450 -50.94 -78.36 -60.88
C LYS SC 450 -49.56 -78.75 -60.36
N PHE SC 451 -49.53 -79.47 -59.24
CA PHE SC 451 -48.27 -79.97 -58.72
C PHE SC 451 -47.75 -81.12 -59.57
N ALA SC 452 -46.43 -81.19 -59.73
CA ALA SC 452 -45.81 -82.25 -60.50
C ALA SC 452 -45.41 -83.41 -59.61
N ALA TC 255 -12.43 -49.10 -44.06
CA ALA TC 255 -13.79 -49.05 -44.58
C ALA TC 255 -14.00 -50.07 -45.69
N SER TC 256 -12.93 -50.50 -46.34
CA SER TC 256 -13.07 -51.50 -47.39
C SER TC 256 -13.54 -52.84 -46.82
N ALA TC 257 -13.17 -53.14 -45.57
CA ALA TC 257 -13.76 -54.29 -44.90
C ALA TC 257 -15.27 -54.14 -44.76
N ALA TC 258 -15.72 -52.93 -44.47
CA ALA TC 258 -17.16 -52.67 -44.42
C ALA TC 258 -17.79 -52.91 -45.78
N ARG TC 259 -17.13 -52.49 -46.86
CA ARG TC 259 -17.66 -52.74 -48.20
C ARG TC 259 -17.73 -54.23 -48.50
N ARG TC 260 -16.70 -54.98 -48.07
CA ARG TC 260 -16.72 -56.43 -48.23
C ARG TC 260 -17.92 -57.05 -47.51
N LYS TC 261 -18.17 -56.62 -46.27
CA LYS TC 261 -19.30 -57.17 -45.54
C LYS TC 261 -20.63 -56.74 -46.15
N GLU TC 262 -20.69 -55.57 -46.80
CA GLU TC 262 -21.88 -55.18 -47.55
C GLU TC 262 -22.12 -56.13 -48.71
N GLN TC 263 -21.06 -56.49 -49.43
CA GLN TC 263 -21.18 -57.49 -50.49
C GLN TC 263 -21.69 -58.81 -49.92
N GLU TC 264 -21.18 -59.19 -48.76
CA GLU TC 264 -21.64 -60.41 -48.11
C GLU TC 264 -23.12 -60.34 -47.78
N LEU TC 265 -23.59 -59.18 -47.29
CA LEU TC 265 -25.01 -59.02 -47.00
C LEU TC 265 -25.85 -59.18 -48.26
N GLU TC 266 -25.42 -58.54 -49.36
CA GLU TC 266 -26.18 -58.66 -50.60
C GLU TC 266 -26.25 -60.12 -51.06
N ARG TC 267 -25.12 -60.83 -51.00
CA ARG TC 267 -25.10 -62.22 -51.42
C ARG TC 267 -25.98 -63.09 -50.52
N SER TC 268 -25.98 -62.81 -49.21
CA SER TC 268 -26.84 -63.55 -48.29
C SER TC 268 -28.31 -63.34 -48.61
N GLN TC 269 -28.69 -62.10 -48.91
CA GLN TC 269 -30.07 -61.83 -49.29
C GLN TC 269 -30.44 -62.60 -50.56
N GLU TC 270 -29.55 -62.59 -51.55
CA GLU TC 270 -29.83 -63.32 -52.79
C GLU TC 270 -29.99 -64.81 -52.51
N GLN TC 271 -29.14 -65.35 -51.64
CA GLN TC 271 -29.21 -66.77 -51.31
C GLN TC 271 -30.53 -67.11 -50.63
N ALA TC 272 -30.97 -66.26 -49.70
CA ALA TC 272 -32.23 -66.49 -49.00
C ALA TC 272 -33.40 -66.47 -49.98
N LEU TC 273 -33.40 -65.49 -50.90
CA LEU TC 273 -34.47 -65.44 -51.88
C LEU TC 273 -34.46 -66.67 -52.78
N ARG TC 274 -33.27 -67.12 -53.17
CA ARG TC 274 -33.17 -68.35 -53.97
C ARG TC 274 -33.71 -69.54 -53.20
N GLU TC 275 -33.43 -69.61 -51.90
CA GLU TC 275 -33.95 -70.70 -51.08
C GLU TC 275 -35.47 -70.70 -51.06
N LYS TC 276 -36.07 -69.52 -50.90
CA LYS TC 276 -37.53 -69.41 -50.93
C LYS TC 276 -38.09 -69.82 -52.29
N ILE TC 277 -37.43 -69.40 -53.36
CA ILE TC 277 -37.87 -69.76 -54.71
C ILE TC 277 -37.86 -71.28 -54.86
N ASP TC 278 -36.79 -71.92 -54.40
CA ASP TC 278 -36.73 -73.38 -54.45
C ASP TC 278 -37.84 -74.00 -53.61
N SER TC 279 -38.06 -73.48 -52.41
CA SER TC 279 -39.07 -74.06 -51.52
C SER TC 279 -40.46 -73.99 -52.15
N VAL TC 280 -40.70 -73.01 -53.00
CA VAL TC 280 -41.99 -72.89 -53.69
C VAL TC 280 -42.03 -73.74 -54.95
N LEU TC 281 -40.98 -73.74 -55.76
CA LEU TC 281 -41.06 -74.34 -57.09
C LEU TC 281 -40.72 -75.82 -57.10
N LEU TC 282 -39.94 -76.30 -56.14
CA LEU TC 282 -39.57 -77.72 -56.12
C LEU TC 282 -40.78 -78.65 -56.05
N PRO TC 283 -41.78 -78.42 -55.17
CA PRO TC 283 -43.00 -79.24 -55.23
C PRO TC 283 -43.78 -79.04 -56.51
N ILE TC 284 -43.95 -77.79 -56.93
CA ILE TC 284 -44.82 -77.49 -58.06
C ILE TC 284 -44.26 -78.04 -59.36
N LEU TC 285 -42.98 -77.78 -59.63
CA LEU TC 285 -42.40 -78.16 -60.91
C LEU TC 285 -41.62 -79.47 -60.84
N GLY TC 286 -40.89 -79.69 -59.77
CA GLY TC 286 -40.07 -80.87 -59.63
C GLY TC 286 -38.59 -80.52 -59.55
N TYR TC 287 -37.77 -81.56 -59.43
CA TYR TC 287 -36.33 -81.41 -59.27
C TYR TC 287 -35.68 -81.38 -60.65
N GLY TC 288 -34.98 -80.30 -60.94
CA GLY TC 288 -34.27 -80.17 -62.19
C GLY TC 288 -35.10 -79.72 -63.37
N ASN TC 289 -36.37 -79.38 -63.16
CA ASN TC 289 -37.22 -78.89 -64.22
C ASN TC 289 -37.24 -77.37 -64.32
N TYR TC 290 -36.45 -76.69 -63.50
CA TYR TC 290 -36.44 -75.24 -63.50
C TYR TC 290 -35.04 -74.75 -63.10
N THR TC 291 -34.76 -73.50 -63.44
CA THR TC 291 -33.58 -72.82 -62.94
C THR TC 291 -33.95 -71.37 -62.67
N ALA TC 292 -33.41 -70.81 -61.58
CA ALA TC 292 -33.75 -69.45 -61.20
C ALA TC 292 -32.55 -68.79 -60.55
N GLN TC 293 -32.34 -67.51 -60.85
CA GLN TC 293 -31.30 -66.72 -60.23
C GLN TC 293 -31.87 -65.36 -59.83
N VAL TC 294 -31.30 -64.79 -58.79
CA VAL TC 294 -31.82 -63.57 -58.17
C VAL TC 294 -30.70 -62.55 -58.05
N ASP TC 295 -30.96 -61.32 -58.48
CA ASP TC 295 -30.04 -60.21 -58.27
C ASP TC 295 -30.67 -59.19 -57.34
N ILE TC 296 -29.95 -58.84 -56.28
CA ILE TC 296 -30.43 -57.87 -55.30
C ILE TC 296 -29.40 -56.75 -55.21
N GLN TC 297 -29.83 -55.52 -55.48
CA GLN TC 297 -28.99 -54.34 -55.34
C GLN TC 297 -29.44 -53.59 -54.10
N MET TC 298 -28.50 -53.31 -53.20
CA MET TC 298 -28.81 -52.68 -51.92
C MET TC 298 -28.04 -51.37 -51.80
N ASP TC 299 -28.77 -50.31 -51.45
CA ASP TC 299 -28.16 -49.02 -51.17
C ASP TC 299 -27.70 -48.97 -49.71
N PHE TC 300 -26.56 -48.34 -49.49
CA PHE TC 300 -25.98 -48.22 -48.17
C PHE TC 300 -25.66 -46.78 -47.84
N SER TC 301 -26.53 -45.86 -48.26
CA SER TC 301 -26.35 -44.46 -47.92
C SER TC 301 -26.61 -44.23 -46.44
N ALA TC 302 -26.39 -43.00 -45.99
CA ALA TC 302 -26.54 -42.61 -44.60
C ALA TC 302 -27.42 -41.39 -44.47
N VAL TC 303 -28.60 -41.45 -45.10
CA VAL TC 303 -29.53 -40.33 -45.08
C VAL TC 303 -29.95 -40.02 -43.65
N GLU TC 304 -30.11 -38.73 -43.36
CA GLU TC 304 -30.54 -38.28 -42.03
C GLU TC 304 -31.23 -36.94 -42.22
N GLN TC 305 -32.55 -36.92 -42.09
CA GLN TC 305 -33.37 -35.79 -42.50
C GLN TC 305 -34.05 -35.15 -41.29
N THR TC 306 -34.20 -33.84 -41.34
CA THR TC 306 -34.92 -33.07 -40.33
C THR TC 306 -35.92 -32.16 -41.02
N ARG TC 307 -37.19 -32.31 -40.70
CA ARG TC 307 -38.25 -31.57 -41.35
C ARG TC 307 -38.96 -30.71 -40.31
N LYS TC 308 -39.18 -29.45 -40.64
CA LYS TC 308 -39.91 -28.51 -39.79
C LYS TC 308 -41.06 -27.95 -40.60
N ARG TC 309 -42.27 -28.42 -40.32
CA ARG TC 309 -43.45 -28.10 -41.09
C ARG TC 309 -44.43 -27.27 -40.27
N PHE TC 310 -45.09 -26.34 -40.93
CA PHE TC 310 -46.08 -25.45 -40.32
C PHE TC 310 -47.44 -25.69 -40.95
N ASP TC 311 -48.45 -24.97 -40.45
CA ASP TC 311 -49.82 -25.09 -40.95
C ASP TC 311 -50.33 -23.69 -41.27
N PRO TC 312 -50.16 -23.23 -42.52
CA PRO TC 312 -50.51 -21.84 -42.83
C PRO TC 312 -51.98 -21.51 -42.65
N ASN TC 313 -52.88 -22.48 -42.84
CA ASN TC 313 -54.30 -22.20 -42.96
C ASN TC 313 -55.05 -22.19 -41.63
N THR TC 314 -54.39 -22.48 -40.51
CA THR TC 314 -55.02 -22.43 -39.20
C THR TC 314 -54.13 -21.66 -38.21
N PRO TC 315 -54.01 -20.35 -38.37
CA PRO TC 315 -53.27 -19.56 -37.39
C PRO TC 315 -54.14 -19.20 -36.19
N ALA TC 316 -53.48 -18.97 -35.06
CA ALA TC 316 -54.15 -18.58 -33.82
C ALA TC 316 -53.59 -17.25 -33.36
N THR TC 317 -54.44 -16.23 -33.28
CA THR TC 317 -53.96 -14.91 -32.92
C THR TC 317 -53.59 -14.86 -31.44
N ARG TC 318 -52.36 -14.44 -31.14
CA ARG TC 318 -51.86 -14.34 -29.78
C ARG TC 318 -52.11 -12.96 -29.18
N SER TC 319 -51.64 -11.92 -29.86
CA SER TC 319 -51.92 -10.55 -29.48
C SER TC 319 -52.39 -9.80 -30.72
N GLU TC 320 -53.12 -8.71 -30.50
CA GLU TC 320 -53.71 -8.00 -31.63
C GLU TC 320 -53.91 -6.54 -31.26
N TYR TC 321 -53.55 -5.66 -32.18
CA TYR TC 321 -53.82 -4.24 -32.07
C TYR TC 321 -54.54 -3.79 -33.33
N ALA TC 322 -55.53 -2.92 -33.17
CA ALA TC 322 -56.32 -2.47 -34.31
C ALA TC 322 -56.80 -1.05 -34.05
N LEU TC 323 -56.27 -0.10 -34.81
CA LEU TC 323 -56.69 1.30 -34.76
C LEU TC 323 -57.43 1.63 -36.04
N GLU TC 324 -58.62 2.22 -35.90
CA GLU TC 324 -59.49 2.51 -37.04
C GLU TC 324 -60.20 3.84 -36.78
N ASP TC 325 -59.65 4.93 -37.30
CA ASP TC 325 -60.25 6.24 -37.11
C ASP TC 325 -60.71 6.81 -38.44
N TYR TC 326 -61.76 7.64 -38.37
CA TYR TC 326 -62.36 8.28 -39.53
C TYR TC 326 -62.37 9.80 -39.32
N ASN TC 327 -62.82 10.52 -40.34
CA ASN TC 327 -62.97 11.96 -40.25
C ASN TC 327 -64.02 12.44 -41.25
N GLY TC 365 -64.07 11.09 -46.44
CA GLY TC 365 -63.01 11.75 -45.69
C GLY TC 365 -61.85 10.84 -45.37
N SER TC 366 -61.03 11.27 -44.42
CA SER TC 366 -59.88 10.48 -44.00
C SER TC 366 -60.33 9.17 -43.36
N VAL TC 367 -59.68 8.07 -43.74
CA VAL TC 367 -59.94 6.76 -43.17
C VAL TC 367 -58.60 6.08 -42.97
N ARG TC 368 -58.16 5.96 -41.72
CA ARG TC 368 -56.90 5.34 -41.37
C ARG TC 368 -57.16 4.02 -40.66
N LYS TC 369 -56.58 2.94 -41.17
CA LYS TC 369 -56.81 1.59 -40.64
C LYS TC 369 -55.46 0.95 -40.33
N GLU TC 370 -54.94 1.22 -39.14
CA GLU TC 370 -53.72 0.56 -38.69
C GLU TC 370 -54.06 -0.77 -38.02
N SER TC 371 -53.11 -1.70 -38.10
CA SER TC 371 -53.34 -3.03 -37.54
C SER TC 371 -52.00 -3.71 -37.31
N THR TC 372 -51.89 -4.41 -36.20
CA THR TC 372 -50.74 -5.23 -35.86
C THR TC 372 -51.24 -6.54 -35.29
N ARG TC 373 -50.63 -7.65 -35.71
CA ARG TC 373 -51.13 -8.96 -35.34
C ARG TC 373 -49.97 -9.94 -35.18
N ASN TC 374 -50.03 -10.73 -34.12
CA ASN TC 374 -49.07 -11.79 -33.87
C ASN TC 374 -49.78 -13.14 -33.87
N PHE TC 375 -49.15 -14.15 -34.45
CA PHE TC 375 -49.79 -15.43 -34.66
C PHE TC 375 -48.99 -16.55 -34.02
N GLU TC 376 -49.70 -17.63 -33.73
CA GLU TC 376 -49.14 -18.91 -33.30
C GLU TC 376 -49.60 -19.97 -34.29
N LEU TC 377 -48.68 -20.84 -34.70
CA LEU TC 377 -48.93 -21.78 -35.78
C LEU TC 377 -48.59 -23.19 -35.33
N ASP TC 378 -49.29 -24.17 -35.92
CA ASP TC 378 -48.98 -25.56 -35.66
C ASP TC 378 -47.58 -25.88 -36.19
N THR TC 379 -46.76 -26.48 -35.33
CA THR TC 379 -45.35 -26.70 -35.66
C THR TC 379 -45.03 -28.17 -35.44
N THR TC 380 -44.68 -28.88 -36.51
CA THR TC 380 -44.24 -30.26 -36.44
C THR TC 380 -42.76 -30.31 -36.78
N ILE TC 381 -41.98 -30.98 -35.93
CA ILE TC 381 -40.54 -31.12 -36.13
C ILE TC 381 -40.23 -32.60 -36.05
N SER TC 382 -39.94 -33.21 -37.20
CA SER TC 382 -39.69 -34.64 -37.30
C SER TC 382 -38.25 -34.89 -37.74
N HIS TC 383 -37.52 -35.69 -36.97
CA HIS TC 383 -36.17 -36.08 -37.29
C HIS TC 383 -36.16 -37.57 -37.63
N GLU TC 384 -35.85 -37.88 -38.89
CA GLU TC 384 -35.85 -39.25 -39.37
C GLU TC 384 -34.42 -39.66 -39.72
N ARG TC 385 -34.09 -40.93 -39.46
CA ARG TC 385 -32.78 -41.47 -39.78
C ARG TC 385 -32.99 -42.82 -40.46
N LYS TC 386 -32.80 -42.84 -41.78
CA LYS TC 386 -33.09 -44.04 -42.55
C LYS TC 386 -32.10 -45.16 -42.22
N GLN TC 387 -32.56 -46.39 -42.35
CA GLN TC 387 -31.67 -47.53 -42.22
C GLN TC 387 -30.70 -47.56 -43.39
N THR TC 388 -29.45 -47.96 -43.11
CA THR TC 388 -28.39 -47.91 -44.09
C THR TC 388 -28.66 -48.78 -45.30
N GLY TC 389 -28.65 -50.10 -45.12
CA GLY TC 389 -28.80 -51.00 -46.24
C GLY TC 389 -30.25 -51.32 -46.57
N THR TC 390 -30.72 -50.82 -47.71
CA THR TC 390 -32.09 -51.06 -48.15
C THR TC 390 -32.07 -51.57 -49.57
N VAL TC 391 -32.91 -52.57 -49.85
CA VAL TC 391 -33.02 -53.14 -51.19
C VAL TC 391 -33.59 -52.09 -52.13
N ALA TC 392 -32.76 -51.55 -53.01
CA ALA TC 392 -33.20 -50.52 -53.94
C ALA TC 392 -33.81 -51.08 -55.21
N ARG TC 393 -33.38 -52.28 -55.63
CA ARG TC 393 -33.93 -52.92 -56.81
C ARG TC 393 -33.70 -54.41 -56.69
N GLN TC 394 -34.68 -55.18 -57.16
CA GLN TC 394 -34.63 -56.64 -57.08
C GLN TC 394 -35.01 -57.22 -58.43
N THR TC 395 -34.18 -58.13 -58.94
CA THR TC 395 -34.38 -58.76 -60.23
C THR TC 395 -34.40 -60.27 -60.02
N VAL TC 396 -35.46 -60.92 -60.52
CA VAL TC 396 -35.61 -62.37 -60.43
C VAL TC 396 -35.96 -62.90 -61.80
N SER TC 397 -35.26 -63.95 -62.25
CA SER TC 397 -35.55 -64.62 -63.50
C SER TC 397 -35.66 -66.11 -63.25
N VAL TC 398 -36.71 -66.73 -63.80
CA VAL TC 398 -36.96 -68.15 -63.65
C VAL TC 398 -37.15 -68.74 -65.04
N ALA TC 399 -36.47 -69.84 -65.33
CA ALA TC 399 -36.57 -70.53 -66.60
C ALA TC 399 -37.08 -71.94 -66.34
N ILE TC 400 -38.12 -72.33 -67.07
CA ILE TC 400 -38.79 -73.61 -66.89
C ILE TC 400 -38.47 -74.51 -68.07
N LYS TC 401 -38.07 -75.74 -67.78
CA LYS TC 401 -37.73 -76.69 -68.82
C LYS TC 401 -38.97 -77.04 -69.63
N ASP TC 402 -38.81 -77.08 -70.95
CA ASP TC 402 -39.90 -77.47 -71.83
C ASP TC 402 -40.07 -78.98 -71.81
N ARG TC 403 -41.29 -79.42 -72.13
CA ARG TC 403 -41.64 -80.84 -72.18
C ARG TC 403 -41.31 -81.55 -70.87
N PRO TC 417 -43.13 -77.25 -74.19
CA PRO TC 417 -43.26 -75.94 -73.54
C PRO TC 417 -44.34 -75.91 -72.48
N MET TC 418 -44.59 -74.73 -71.91
CA MET TC 418 -45.61 -74.55 -70.88
C MET TC 418 -46.59 -73.48 -71.33
N SER TC 419 -47.88 -73.73 -71.06
CA SER TC 419 -48.92 -72.83 -71.52
C SER TC 419 -48.84 -71.49 -70.82
N GLU TC 420 -49.45 -70.48 -71.46
CA GLU TC 420 -49.43 -69.12 -70.91
C GLU TC 420 -50.13 -69.06 -69.56
N SER TC 421 -51.24 -69.80 -69.41
CA SER TC 421 -51.98 -69.77 -68.16
C SER TC 421 -51.14 -70.24 -66.99
N GLU TC 422 -50.42 -71.36 -67.16
CA GLU TC 422 -49.59 -71.86 -66.07
C GLU TC 422 -48.38 -70.96 -65.84
N ILE TC 423 -47.84 -70.35 -66.89
CA ILE TC 423 -46.75 -69.40 -66.72
C ILE TC 423 -47.21 -68.22 -65.87
N ASN TC 424 -48.40 -67.70 -66.15
CA ASN TC 424 -48.92 -66.59 -65.36
C ASN TC 424 -49.26 -67.01 -63.95
N ALA TC 425 -49.72 -68.24 -63.76
CA ALA TC 425 -49.97 -68.74 -62.41
C ALA TC 425 -48.68 -68.83 -61.60
N ILE TC 426 -47.62 -69.34 -62.22
CA ILE TC 426 -46.31 -69.39 -61.55
C ILE TC 426 -45.84 -67.98 -61.24
N ARG TC 427 -46.04 -67.05 -62.16
CA ARG TC 427 -45.67 -65.67 -61.91
C ARG TC 427 -46.44 -65.10 -60.72
N GLN TC 428 -47.73 -65.43 -60.62
CA GLN TC 428 -48.54 -64.97 -59.50
C GLN TC 428 -48.03 -65.55 -58.18
N VAL TC 429 -47.65 -66.82 -58.17
CA VAL TC 429 -47.10 -67.41 -56.95
C VAL TC 429 -45.80 -66.72 -56.56
N LEU TC 430 -44.93 -66.49 -57.54
CA LEU TC 430 -43.67 -65.81 -57.26
C LEU TC 430 -43.90 -64.42 -56.71
N ILE TC 431 -44.90 -63.71 -57.24
CA ILE TC 431 -45.31 -62.43 -56.69
C ILE TC 431 -45.97 -62.69 -55.35
N GLY TC 432 -45.22 -62.48 -54.27
CA GLY TC 432 -45.66 -62.92 -52.96
C GLY TC 432 -44.68 -63.94 -52.39
N THR TC 433 -44.19 -64.85 -53.25
CA THR TC 433 -43.06 -65.66 -52.83
C THR TC 433 -41.82 -64.80 -52.61
N VAL TC 434 -41.56 -63.85 -53.51
CA VAL TC 434 -40.40 -62.99 -53.41
C VAL TC 434 -40.71 -61.62 -52.82
N GLY TC 435 -41.95 -61.17 -52.89
CA GLY TC 435 -42.30 -59.83 -52.47
C GLY TC 435 -42.11 -58.84 -53.60
N PHE TC 436 -42.67 -59.16 -54.76
CA PHE TC 436 -42.49 -58.32 -55.94
C PHE TC 436 -43.03 -56.92 -55.69
N ASP TC 437 -42.23 -55.90 -56.03
CA ASP TC 437 -42.56 -54.50 -55.79
C ASP TC 437 -42.19 -53.72 -57.05
N GLN TC 438 -43.16 -53.57 -57.96
CA GLN TC 438 -42.89 -52.90 -59.22
C GLN TC 438 -42.55 -51.43 -59.00
N GLY TC 439 -43.21 -50.78 -58.04
CA GLY TC 439 -42.92 -49.38 -57.77
C GLY TC 439 -41.50 -49.12 -57.33
N ARG TC 440 -40.83 -50.14 -56.79
CA ARG TC 440 -39.42 -50.03 -56.44
C ARG TC 440 -38.50 -50.20 -57.63
N GLY TC 441 -39.04 -50.61 -58.78
CA GLY TC 441 -38.22 -50.90 -59.94
C GLY TC 441 -37.88 -52.36 -60.10
N ASP TC 442 -38.46 -53.25 -59.29
CA ASP TC 442 -38.15 -54.66 -59.38
C ASP TC 442 -38.64 -55.26 -60.69
N LEU TC 443 -38.03 -56.37 -61.07
CA LEU TC 443 -38.32 -57.02 -62.33
C LEU TC 443 -38.38 -58.53 -62.12
N LEU TC 444 -39.38 -59.17 -62.73
CA LEU TC 444 -39.60 -60.59 -62.59
C LEU TC 444 -39.87 -61.17 -63.97
N ASN TC 445 -38.95 -61.99 -64.46
CA ASN TC 445 -39.09 -62.68 -65.74
C ASN TC 445 -39.33 -64.16 -65.50
N VAL TC 446 -40.34 -64.71 -66.17
CA VAL TC 446 -40.60 -66.13 -66.16
C VAL TC 446 -40.67 -66.60 -67.61
N LEU TC 447 -39.77 -67.50 -68.00
CA LEU TC 447 -39.67 -67.96 -69.37
C LEU TC 447 -39.73 -69.47 -69.40
N SER TC 448 -40.12 -70.00 -70.56
CA SER TC 448 -40.10 -71.44 -70.83
C SER TC 448 -39.04 -71.71 -71.88
N VAL TC 449 -37.94 -72.34 -71.47
CA VAL TC 449 -36.80 -72.55 -72.34
C VAL TC 449 -36.54 -74.05 -72.47
N LYS TC 450 -35.69 -74.41 -73.43
CA LYS TC 450 -35.36 -75.80 -73.71
C LYS TC 450 -34.03 -76.13 -73.03
N PHE TC 451 -34.09 -76.96 -71.99
CA PHE TC 451 -32.88 -77.40 -71.32
C PHE TC 451 -32.16 -78.43 -72.19
N ALA TC 452 -30.84 -78.39 -72.15
CA ALA TC 452 -30.02 -79.33 -72.92
C ALA TC 452 -29.64 -80.53 -72.06
N ALA UC 255 -2.12 -45.56 -49.15
CA ALA UC 255 -3.40 -45.56 -49.85
C ALA UC 255 -3.37 -46.48 -51.05
N SER UC 256 -2.18 -46.78 -51.58
CA SER UC 256 -2.09 -47.68 -52.72
C SER UC 256 -2.53 -49.09 -52.32
N ALA UC 257 -2.32 -49.48 -51.07
CA ALA UC 257 -2.88 -50.73 -50.59
C ALA UC 257 -4.40 -50.70 -50.66
N ALA UC 258 -5.00 -49.55 -50.33
CA ALA UC 258 -6.44 -49.40 -50.48
C ALA UC 258 -6.86 -49.57 -51.93
N ARG UC 259 -6.09 -49.00 -52.86
CA ARG UC 259 -6.41 -49.16 -54.28
C ARG UC 259 -6.31 -50.63 -54.70
N ARG UC 260 -5.30 -51.33 -54.19
CA ARG UC 260 -5.17 -52.76 -54.47
C ARG UC 260 -6.40 -53.52 -53.99
N LYS UC 261 -6.85 -53.22 -52.77
CA LYS UC 261 -8.03 -53.92 -52.26
C LYS UC 261 -9.29 -53.53 -53.02
N GLU UC 262 -9.34 -52.32 -53.57
CA GLU UC 262 -10.45 -51.95 -54.45
C GLU UC 262 -10.46 -52.80 -55.71
N GLN UC 263 -9.27 -53.00 -56.30
CA GLN UC 263 -9.17 -53.91 -57.44
C GLN UC 263 -9.64 -55.32 -57.07
N GLU UC 264 -9.27 -55.77 -55.87
CA GLU UC 264 -9.71 -57.07 -55.39
C GLU UC 264 -11.23 -57.14 -55.28
N LEU UC 265 -11.84 -56.07 -54.77
CA LEU UC 265 -13.30 -56.03 -54.68
C LEU UC 265 -13.95 -56.13 -56.06
N GLU UC 266 -13.43 -55.37 -57.02
CA GLU UC 266 -13.99 -55.43 -58.37
C GLU UC 266 -13.87 -56.84 -58.95
N ARG UC 267 -12.70 -57.46 -58.79
CA ARG UC 267 -12.51 -58.81 -59.31
C ARG UC 267 -13.43 -59.81 -58.63
N SER UC 268 -13.64 -59.66 -57.32
CA SER UC 268 -14.55 -60.54 -56.60
C SER UC 268 -15.97 -60.41 -57.10
N GLN UC 269 -16.42 -59.18 -57.35
CA GLN UC 269 -17.74 -58.96 -57.91
C GLN UC 269 -17.88 -59.64 -59.27
N GLU UC 270 -16.86 -59.47 -60.12
CA GLU UC 270 -16.89 -60.11 -61.44
C GLU UC 270 -16.97 -61.62 -61.30
N GLN UC 271 -16.21 -62.19 -60.38
CA GLN UC 271 -16.21 -63.63 -60.18
C GLN UC 271 -17.58 -64.12 -59.73
N ALA UC 272 -18.21 -63.39 -58.80
CA ALA UC 272 -19.53 -63.77 -58.32
C ALA UC 272 -20.56 -63.74 -59.45
N LEU UC 273 -20.51 -62.70 -60.28
CA LEU UC 273 -21.43 -62.62 -61.40
C LEU UC 273 -21.18 -63.75 -62.39
N ARG UC 274 -19.92 -64.10 -62.63
CA ARG UC 274 -19.61 -65.22 -63.50
C ARG UC 274 -20.16 -66.53 -62.91
N GLU UC 275 -20.05 -66.70 -61.60
CA GLU UC 275 -20.59 -67.89 -60.96
C GLU UC 275 -22.10 -67.99 -61.16
N LYS UC 276 -22.80 -66.87 -60.99
CA LYS UC 276 -24.24 -66.88 -61.22
C LYS UC 276 -24.58 -67.19 -62.68
N ILE UC 277 -23.81 -66.62 -63.61
CA ILE UC 277 -24.03 -66.90 -65.03
C ILE UC 277 -23.87 -68.39 -65.30
N ASP UC 278 -22.83 -68.99 -64.74
CA ASP UC 278 -22.64 -70.43 -64.90
C ASP UC 278 -23.80 -71.21 -64.29
N SER UC 279 -24.24 -70.82 -63.09
CA SER UC 279 -25.30 -71.55 -62.42
C SER UC 279 -26.59 -71.52 -63.23
N VAL UC 280 -26.79 -70.48 -64.02
CA VAL UC 280 -27.97 -70.39 -64.88
C VAL UC 280 -27.77 -71.13 -66.20
N LEU UC 281 -26.61 -70.97 -66.84
CA LEU UC 281 -26.47 -71.45 -68.22
C LEU UC 281 -26.01 -72.90 -68.30
N LEU UC 282 -25.32 -73.41 -67.28
CA LEU UC 282 -24.84 -74.79 -67.32
C LEU UC 282 -25.97 -75.80 -67.50
N PRO UC 283 -27.10 -75.73 -66.76
CA PRO UC 283 -28.22 -76.62 -67.06
C PRO UC 283 -28.84 -76.37 -68.43
N ILE UC 284 -29.04 -75.09 -68.76
CA ILE UC 284 -29.78 -74.75 -69.98
C ILE UC 284 -29.00 -75.15 -71.22
N LEU UC 285 -27.72 -74.77 -71.28
CA LEU UC 285 -26.94 -74.98 -72.49
C LEU UC 285 -26.07 -76.24 -72.42
N GLY UC 286 -25.47 -76.50 -71.27
CA GLY UC 286 -24.59 -77.64 -71.11
C GLY UC 286 -23.17 -77.18 -70.78
N TYR UC 287 -22.30 -78.18 -70.63
CA TYR UC 287 -20.91 -77.93 -70.25
C TYR UC 287 -20.07 -77.73 -71.51
N GLY UC 288 -19.42 -76.58 -71.61
CA GLY UC 288 -18.56 -76.28 -72.74
C GLY UC 288 -19.26 -75.79 -73.97
N ASN UC 289 -20.58 -75.56 -73.92
CA ASN UC 289 -21.31 -75.03 -75.06
C ASN UC 289 -21.44 -73.52 -75.04
N TYR UC 290 -20.83 -72.86 -74.05
CA TYR UC 290 -20.93 -71.42 -73.93
C TYR UC 290 -19.66 -70.89 -73.30
N THR UC 291 -19.42 -69.59 -73.48
CA THR UC 291 -18.40 -68.87 -72.76
C THR UC 291 -18.92 -67.48 -72.43
N ALA UC 292 -18.59 -66.99 -71.24
CA ALA UC 292 -19.09 -65.69 -70.80
C ALA UC 292 -18.05 -65.01 -69.93
N GLN UC 293 -17.91 -63.71 -70.10
CA GLN UC 293 -17.03 -62.90 -69.27
C GLN UC 293 -17.77 -61.63 -68.85
N VAL UC 294 -17.40 -61.11 -67.68
CA VAL UC 294 -18.10 -59.99 -67.06
C VAL UC 294 -17.09 -58.92 -66.69
N ASP UC 295 -17.39 -57.67 -67.05
CA ASP UC 295 -16.60 -56.52 -66.63
C ASP UC 295 -17.44 -55.65 -65.71
N ILE UC 296 -16.91 -55.35 -64.54
CA ILE UC 296 -17.59 -54.51 -63.57
C ILE UC 296 -16.68 -53.33 -63.23
N GLN UC 297 -17.17 -52.12 -63.46
CA GLN UC 297 -16.47 -50.89 -63.11
C GLN UC 297 -17.15 -50.29 -61.88
N MET UC 298 -16.36 -50.03 -60.84
CA MET UC 298 -16.89 -49.55 -59.57
C MET UC 298 -16.26 -48.20 -59.23
N ASP UC 299 -17.12 -47.23 -58.91
CA ASP UC 299 -16.67 -45.93 -58.44
C ASP UC 299 -16.42 -45.99 -56.94
N PHE UC 300 -15.38 -45.30 -56.49
CA PHE UC 300 -15.00 -45.27 -55.09
C PHE UC 300 -14.85 -43.84 -54.60
N SER UC 301 -15.72 -42.96 -55.07
CA SER UC 301 -15.71 -41.58 -54.61
C SER UC 301 -16.18 -41.51 -53.16
N ALA UC 302 -16.14 -40.32 -52.58
CA ALA UC 302 -16.51 -40.07 -51.20
C ALA UC 302 -17.51 -38.93 -51.11
N VAL UC 303 -18.58 -39.02 -51.91
CA VAL UC 303 -19.59 -37.96 -51.93
C VAL UC 303 -20.23 -37.82 -50.56
N GLU UC 304 -20.54 -36.58 -50.18
CA GLU UC 304 -21.18 -36.29 -48.91
C GLU UC 304 -21.94 -34.99 -49.08
N GLN UC 305 -23.27 -35.08 -49.15
CA GLN UC 305 -24.11 -33.97 -49.57
C GLN UC 305 -25.00 -33.50 -48.43
N THR UC 306 -25.26 -32.19 -48.39
CA THR UC 306 -26.17 -31.58 -47.43
C THR UC 306 -27.13 -30.68 -48.18
N ARG UC 307 -28.43 -30.95 -48.07
CA ARG UC 307 -29.45 -30.23 -48.81
C ARG UC 307 -30.36 -29.53 -47.81
N LYS UC 308 -30.63 -28.25 -48.06
CA LYS UC 308 -31.56 -27.46 -47.25
C LYS UC 308 -32.63 -26.90 -48.18
N ARG UC 309 -33.81 -27.48 -48.11
CA ARG UC 309 -34.90 -27.17 -49.03
C ARG UC 309 -36.05 -26.49 -48.29
N PHE UC 310 -36.69 -25.56 -48.96
CA PHE UC 310 -37.82 -24.81 -48.43
C PHE UC 310 -39.06 -25.08 -49.28
N ASP UC 311 -40.18 -24.49 -48.87
CA ASP UC 311 -41.45 -24.65 -49.57
C ASP UC 311 -42.03 -23.26 -49.85
N PRO UC 312 -41.73 -22.68 -51.01
CA PRO UC 312 -42.15 -21.30 -51.26
C PRO UC 312 -43.65 -21.09 -51.27
N ASN UC 313 -44.43 -22.10 -51.66
CA ASN UC 313 -45.84 -21.91 -51.96
C ASN UC 313 -46.76 -22.08 -50.77
N THR UC 314 -46.24 -22.43 -49.59
CA THR UC 314 -47.05 -22.54 -48.37
C THR UC 314 -46.38 -21.81 -47.21
N PRO UC 315 -46.34 -20.48 -47.25
CA PRO UC 315 -45.82 -19.73 -46.11
C PRO UC 315 -46.87 -19.55 -45.02
N ALA UC 316 -46.40 -19.37 -43.80
CA ALA UC 316 -47.27 -19.15 -42.65
C ALA UC 316 -46.88 -17.83 -41.99
N THR UC 317 -47.81 -16.88 -41.96
CA THR UC 317 -47.51 -15.57 -41.41
C THR UC 317 -47.36 -15.64 -39.90
N ARG UC 318 -46.20 -15.16 -39.40
CA ARG UC 318 -45.91 -15.16 -37.97
C ARG UC 318 -46.36 -13.86 -37.30
N SER UC 319 -45.89 -12.72 -37.82
CA SER UC 319 -46.33 -11.41 -37.38
C SER UC 319 -46.69 -10.60 -38.61
N GLU UC 320 -47.53 -9.58 -38.42
CA GLU UC 320 -48.02 -8.81 -39.55
C GLU UC 320 -48.38 -7.41 -39.10
N TYR UC 321 -47.98 -6.43 -39.88
CA TYR UC 321 -48.37 -5.04 -39.70
C TYR UC 321 -48.94 -4.53 -41.01
N ALA UC 322 -50.02 -3.75 -40.93
CA ALA UC 322 -50.68 -3.26 -42.14
C ALA UC 322 -51.31 -1.91 -41.83
N LEU UC 323 -50.75 -0.86 -42.42
CA LEU UC 323 -51.29 0.49 -42.32
C LEU UC 323 -51.87 0.89 -43.66
N GLU UC 324 -53.11 1.38 -43.65
CA GLU UC 324 -53.84 1.71 -44.88
C GLU UC 324 -54.70 2.96 -44.62
N ASP UC 325 -54.17 4.13 -44.95
CA ASP UC 325 -54.89 5.38 -44.76
C ASP UC 325 -55.22 6.04 -46.09
N TYR UC 326 -56.33 6.77 -46.10
CA TYR UC 326 -56.81 7.47 -47.28
C TYR UC 326 -56.97 8.95 -46.95
N ASN UC 327 -57.33 9.74 -47.95
CA ASN UC 327 -57.62 11.15 -47.78
C ASN UC 327 -58.56 11.65 -48.88
N GLY UC 365 -57.78 10.78 -54.11
CA GLY UC 365 -56.89 11.44 -53.17
C GLY UC 365 -55.70 10.59 -52.75
N SER UC 366 -55.06 10.98 -51.66
CA SER UC 366 -53.93 10.24 -51.14
C SER UC 366 -54.35 8.86 -50.69
N VAL UC 367 -53.55 7.85 -51.05
CA VAL UC 367 -53.79 6.47 -50.65
C VAL UC 367 -52.43 5.87 -50.30
N ARG UC 368 -52.18 5.66 -49.01
CA ARG UC 368 -50.92 5.11 -48.54
C ARG UC 368 -51.16 3.72 -47.98
N LYS UC 369 -50.43 2.73 -48.49
CA LYS UC 369 -50.62 1.33 -48.11
C LYS UC 369 -49.28 0.76 -47.65
N GLU UC 370 -48.94 0.95 -46.39
CA GLU UC 370 -47.76 0.34 -45.82
C GLU UC 370 -48.08 -1.07 -45.32
N SER UC 371 -47.06 -1.92 -45.32
CA SER UC 371 -47.24 -3.30 -44.92
C SER UC 371 -45.90 -3.91 -44.57
N THR UC 372 -45.90 -4.70 -43.49
CA THR UC 372 -44.72 -5.46 -43.07
C THR UC 372 -45.20 -6.85 -42.69
N ARG UC 373 -44.43 -7.87 -43.10
CA ARG UC 373 -44.87 -9.25 -42.92
C ARG UC 373 -43.68 -10.14 -42.67
N ASN UC 374 -43.81 -11.04 -41.69
CA ASN UC 374 -42.80 -12.05 -41.39
C ASN UC 374 -43.40 -13.43 -41.61
N PHE UC 375 -42.61 -14.33 -42.17
CA PHE UC 375 -43.11 -15.64 -42.58
C PHE UC 375 -42.31 -16.75 -41.92
N GLU UC 376 -42.96 -17.91 -41.82
CA GLU UC 376 -42.36 -19.17 -41.43
C GLU UC 376 -42.59 -20.17 -42.55
N LEU UC 377 -41.55 -20.93 -42.89
CA LEU UC 377 -41.57 -21.78 -44.07
C LEU UC 377 -41.19 -23.21 -43.69
N ASP UC 378 -41.70 -24.15 -44.46
CA ASP UC 378 -41.32 -25.55 -44.27
C ASP UC 378 -39.85 -25.72 -44.61
N THR UC 379 -39.09 -26.33 -43.70
CA THR UC 379 -37.65 -26.43 -43.83
C THR UC 379 -37.24 -27.88 -43.69
N THR UC 380 -36.69 -28.45 -44.75
CA THR UC 380 -36.15 -29.80 -44.73
C THR UC 380 -34.63 -29.72 -44.85
N ILE UC 381 -33.93 -30.41 -43.96
CA ILE UC 381 -32.47 -30.43 -43.94
C ILE UC 381 -32.04 -31.88 -43.95
N SER UC 382 -31.55 -32.36 -45.09
CA SER UC 382 -31.17 -33.75 -45.26
C SER UC 382 -29.66 -33.86 -45.51
N HIS UC 383 -28.99 -34.67 -44.71
CA HIS UC 383 -27.57 -34.93 -44.86
C HIS UC 383 -27.40 -36.38 -45.31
N GLU UC 384 -26.90 -36.56 -46.53
CA GLU UC 384 -26.70 -37.87 -47.14
C GLU UC 384 -25.21 -38.15 -47.29
N ARG UC 385 -24.83 -39.41 -47.09
CA ARG UC 385 -23.44 -39.82 -47.27
C ARG UC 385 -23.43 -41.11 -48.08
N LYS UC 386 -23.06 -41.01 -49.35
CA LYS UC 386 -23.15 -42.15 -50.25
C LYS UC 386 -22.11 -43.21 -49.87
N GLN UC 387 -22.46 -44.46 -50.17
CA GLN UC 387 -21.49 -45.53 -50.00
C GLN UC 387 -20.37 -45.39 -51.02
N THR UC 388 -19.16 -45.72 -50.59
CA THR UC 388 -17.95 -45.50 -51.40
C THR UC 388 -18.01 -46.28 -52.71
N GLY UC 389 -17.90 -47.60 -52.63
CA GLY UC 389 -17.82 -48.41 -53.82
C GLY UC 389 -19.17 -48.80 -54.39
N THR UC 390 -19.53 -48.22 -55.54
CA THR UC 390 -20.80 -48.51 -56.20
C THR UC 390 -20.54 -48.90 -57.63
N VAL UC 391 -21.24 -49.93 -58.11
CA VAL UC 391 -21.11 -50.38 -59.49
C VAL UC 391 -21.64 -49.28 -60.42
N ALA UC 392 -20.73 -48.61 -61.13
CA ALA UC 392 -21.13 -47.52 -62.02
C ALA UC 392 -21.51 -48.02 -63.41
N ARG UC 393 -20.93 -49.13 -63.86
CA ARG UC 393 -21.24 -49.69 -65.16
C ARG UC 393 -20.92 -51.18 -65.12
N GLN UC 394 -21.77 -51.97 -65.79
CA GLN UC 394 -21.60 -53.42 -65.83
C GLN UC 394 -21.73 -53.89 -67.27
N THR UC 395 -20.77 -54.69 -67.71
CA THR UC 395 -20.74 -55.22 -69.06
C THR UC 395 -20.66 -56.74 -69.00
N VAL UC 396 -21.59 -57.41 -69.69
CA VAL UC 396 -21.61 -58.87 -69.74
C VAL UC 396 -21.73 -59.29 -71.20
N SER UC 397 -20.89 -60.24 -71.60
CA SER UC 397 -20.95 -60.82 -72.94
C SER UC 397 -20.96 -62.33 -72.83
N VAL UC 398 -21.87 -62.96 -73.57
CA VAL UC 398 -22.02 -64.41 -73.58
C VAL UC 398 -21.98 -64.87 -75.04
N ALA UC 399 -21.16 -65.89 -75.30
CA ALA UC 399 -21.03 -66.47 -76.62
C ALA UC 399 -21.45 -67.94 -76.56
N ILE UC 400 -22.35 -68.32 -77.46
CA ILE UC 400 -22.93 -69.66 -77.49
C ILE UC 400 -22.36 -70.42 -78.67
N LYS UC 401 -21.91 -71.65 -78.43
CA LYS UC 401 -21.36 -72.46 -79.48
C LYS UC 401 -22.43 -72.83 -80.50
N ASP UC 402 -22.09 -72.73 -81.78
CA ASP UC 402 -23.00 -73.12 -82.83
C ASP UC 402 -23.06 -74.63 -82.96
N ARG UC 403 -24.18 -75.12 -83.48
CA ARG UC 403 -24.40 -76.55 -83.70
C ARG UC 403 -24.20 -77.36 -82.43
N PRO UC 417 -25.89 -72.91 -85.61
CA PRO UC 417 -26.21 -71.67 -84.89
C PRO UC 417 -27.44 -71.82 -83.99
N MET UC 418 -27.85 -70.72 -83.37
CA MET UC 418 -29.01 -70.70 -82.49
C MET UC 418 -30.02 -69.68 -83.00
N SER UC 419 -31.30 -70.03 -82.93
CA SER UC 419 -32.35 -69.18 -83.46
C SER UC 419 -32.47 -67.90 -82.65
N GLU UC 420 -33.07 -66.88 -83.28
CA GLU UC 420 -33.23 -65.59 -82.64
C GLU UC 420 -34.12 -65.69 -81.41
N SER UC 421 -35.17 -66.53 -81.48
CA SER UC 421 -36.09 -66.66 -80.35
C SER UC 421 -35.37 -67.18 -79.11
N GLU UC 422 -34.55 -68.22 -79.26
CA GLU UC 422 -33.84 -68.75 -78.11
C GLU UC 422 -32.75 -67.81 -77.63
N ILE UC 423 -32.13 -67.06 -78.54
CA ILE UC 423 -31.15 -66.05 -78.14
C ILE UC 423 -31.82 -65.00 -77.27
N ASN UC 424 -33.00 -64.54 -77.68
CA ASN UC 424 -33.71 -63.54 -76.89
C ASN UC 424 -34.21 -64.12 -75.57
N ALA UC 425 -34.60 -65.40 -75.55
CA ALA UC 425 -34.99 -66.03 -74.29
C ALA UC 425 -33.82 -66.11 -73.32
N ILE UC 426 -32.63 -66.48 -73.82
CA ILE UC 426 -31.45 -66.50 -72.98
C ILE UC 426 -31.13 -65.10 -72.48
N ARG UC 427 -31.28 -64.10 -73.35
CA ARG UC 427 -31.07 -62.72 -72.93
C ARG UC 427 -32.04 -62.32 -71.83
N GLN UC 428 -33.30 -62.75 -71.95
CA GLN UC 428 -34.29 -62.45 -70.91
C GLN UC 428 -33.93 -63.11 -69.58
N VAL UC 429 -33.44 -64.35 -69.63
CA VAL UC 429 -33.02 -65.02 -68.40
C VAL UC 429 -31.85 -64.27 -67.76
N LEU UC 430 -30.87 -63.89 -68.59
CA LEU UC 430 -29.72 -63.16 -68.07
C LEU UC 430 -30.15 -61.84 -67.44
N ILE UC 431 -31.12 -61.16 -68.06
CA ILE UC 431 -31.71 -59.95 -67.47
C ILE UC 431 -32.51 -60.39 -66.26
N GLY UC 432 -31.95 -60.22 -65.07
CA GLY UC 432 -32.52 -60.82 -63.88
C GLY UC 432 -31.56 -61.81 -63.27
N THR UC 433 -30.88 -62.60 -64.11
CA THR UC 433 -29.75 -63.36 -63.60
C THR UC 433 -28.63 -62.44 -63.13
N VAL UC 434 -28.34 -61.40 -63.91
CA VAL UC 434 -27.26 -60.47 -63.56
C VAL UC 434 -27.77 -59.19 -62.92
N GLY UC 435 -29.03 -58.83 -63.14
CA GLY UC 435 -29.54 -57.56 -62.66
C GLY UC 435 -29.27 -56.45 -63.66
N PHE UC 436 -29.64 -56.70 -64.92
CA PHE UC 436 -29.37 -55.74 -65.98
C PHE UC 436 -30.06 -54.41 -65.70
N ASP UC 437 -29.31 -53.32 -65.84
CA ASP UC 437 -29.78 -51.97 -65.54
C ASP UC 437 -29.30 -51.06 -66.66
N GLN UC 438 -30.14 -50.89 -67.68
CA GLN UC 438 -29.76 -50.08 -68.83
C GLN UC 438 -29.59 -48.62 -68.46
N GLY UC 439 -30.41 -48.11 -67.55
CA GLY UC 439 -30.29 -46.72 -67.12
C GLY UC 439 -28.98 -46.42 -66.46
N ARG UC 440 -28.30 -47.43 -65.92
CA ARG UC 440 -26.96 -47.26 -65.35
C ARG UC 440 -25.87 -47.24 -66.41
N GLY UC 441 -26.21 -47.57 -67.66
CA GLY UC 441 -25.23 -47.71 -68.71
C GLY UC 441 -24.73 -49.12 -68.92
N ASP UC 442 -25.35 -50.11 -68.30
CA ASP UC 442 -24.92 -51.49 -68.44
C ASP UC 442 -25.17 -51.99 -69.85
N LEU UC 443 -24.42 -53.02 -70.24
CA LEU UC 443 -24.48 -53.58 -71.58
C LEU UC 443 -24.45 -55.09 -71.50
N LEU UC 444 -25.28 -55.74 -72.30
CA LEU UC 444 -25.41 -57.19 -72.31
C LEU UC 444 -25.43 -57.66 -73.75
N ASN UC 445 -24.38 -58.36 -74.17
CA ASN UC 445 -24.29 -58.92 -75.50
C ASN UC 445 -24.43 -60.44 -75.43
N VAL UC 446 -25.29 -60.99 -76.28
CA VAL UC 446 -25.43 -62.44 -76.43
C VAL UC 446 -25.27 -62.76 -77.90
N LEU UC 447 -24.25 -63.55 -78.23
CA LEU UC 447 -23.93 -63.88 -79.60
C LEU UC 447 -23.86 -65.39 -79.78
N SER UC 448 -24.03 -65.84 -81.01
CA SER UC 448 -23.85 -67.24 -81.38
C SER UC 448 -22.63 -67.33 -82.30
N VAL UC 449 -21.56 -67.91 -81.78
CA VAL UC 449 -20.29 -67.96 -82.50
C VAL UC 449 -19.89 -69.43 -82.70
N LYS UC 450 -18.89 -69.63 -83.55
CA LYS UC 450 -18.40 -70.96 -83.89
C LYS UC 450 -17.16 -71.25 -83.06
N PHE UC 451 -17.30 -72.17 -82.10
CA PHE UC 451 -16.15 -72.60 -81.31
C PHE UC 451 -15.24 -73.49 -82.13
N ALA UC 452 -13.94 -73.36 -81.91
CA ALA UC 452 -12.95 -74.16 -82.62
C ALA UC 452 -12.60 -75.41 -81.82
N ALA VC 255 8.46 -40.85 -52.37
CA ALA VC 255 7.29 -40.87 -53.24
C ALA VC 255 7.57 -41.68 -54.50
N SER VC 256 8.84 -41.84 -54.87
CA SER VC 256 9.16 -42.62 -56.05
C SER VC 256 8.79 -44.08 -55.84
N ALA VC 257 8.86 -44.57 -54.60
CA ALA VC 257 8.34 -45.90 -54.32
C ALA VC 257 6.84 -45.97 -54.60
N ALA VC 258 6.11 -44.90 -54.28
CA ALA VC 258 4.69 -44.84 -54.62
C ALA VC 258 4.50 -44.90 -56.12
N ARG VC 259 5.34 -44.19 -56.89
CA ARG VC 259 5.24 -44.26 -58.34
C ARG VC 259 5.52 -45.66 -58.87
N ARG VC 260 6.50 -46.34 -58.28
CA ARG VC 260 6.79 -47.71 -58.65
C ARG VC 260 5.58 -48.61 -58.42
N LYS VC 261 4.93 -48.46 -57.26
CA LYS VC 261 3.75 -49.28 -56.98
C LYS VC 261 2.58 -48.90 -57.88
N GLU VC 262 2.50 -47.66 -58.33
CA GLU VC 262 1.50 -47.29 -59.32
C GLU VC 262 1.75 -48.01 -60.65
N GLN VC 263 3.01 -48.09 -61.06
CA GLN VC 263 3.35 -48.87 -62.25
C GLN VC 263 2.95 -50.32 -62.06
N GLU VC 264 3.18 -50.86 -60.87
CA GLU VC 264 2.80 -52.24 -60.56
C GLU VC 264 1.29 -52.42 -60.68
N LEU VC 265 0.52 -51.45 -60.18
CA LEU VC 265 -0.93 -51.51 -60.30
C LEU VC 265 -1.37 -51.53 -61.75
N GLU VC 266 -0.79 -50.66 -62.58
CA GLU VC 266 -1.15 -50.63 -63.99
C GLU VC 266 -0.83 -51.97 -64.66
N ARG VC 267 0.35 -52.52 -64.38
CA ARG VC 267 0.73 -53.80 -64.98
C ARG VC 267 -0.20 -54.92 -64.52
N SER VC 268 -0.60 -54.90 -63.25
CA SER VC 268 -1.52 -55.91 -62.73
C SER VC 268 -2.87 -55.84 -63.44
N GLN VC 269 -3.37 -54.62 -63.64
CA GLN VC 269 -4.63 -54.45 -64.38
C GLN VC 269 -4.52 -55.00 -65.79
N GLU VC 270 -3.41 -54.68 -66.46
CA GLU VC 270 -3.20 -55.20 -67.81
C GLU VC 270 -3.17 -56.72 -67.82
N GLN VC 271 -2.49 -57.31 -66.84
CA GLN VC 271 -2.40 -58.77 -66.76
C GLN VC 271 -3.77 -59.40 -66.55
N ALA VC 272 -4.59 -58.79 -65.68
CA ALA VC 272 -5.93 -59.32 -65.43
C ALA VC 272 -6.78 -59.25 -66.69
N LEU VC 273 -6.71 -58.14 -67.41
CA LEU VC 273 -7.47 -58.03 -68.65
C LEU VC 273 -7.00 -59.04 -69.67
N ARG VC 274 -5.68 -59.26 -69.76
CA ARG VC 274 -5.17 -60.28 -70.66
C ARG VC 274 -5.68 -61.66 -70.28
N GLU VC 275 -5.74 -61.95 -68.98
CA GLU VC 275 -6.26 -63.24 -68.52
C GLU VC 275 -7.71 -63.43 -68.94
N LYS VC 276 -8.53 -62.38 -68.79
CA LYS VC 276 -9.91 -62.47 -69.23
C LYS VC 276 -10.02 -62.67 -70.74
N ILE VC 277 -9.18 -61.96 -71.50
CA ILE VC 277 -9.18 -62.12 -72.95
C ILE VC 277 -8.85 -63.56 -73.33
N ASP VC 278 -7.85 -64.14 -72.66
CA ASP VC 278 -7.52 -65.54 -72.91
C ASP VC 278 -8.69 -66.45 -72.55
N SER VC 279 -9.32 -66.20 -71.39
CA SER VC 279 -10.41 -67.07 -70.94
C SER VC 279 -11.57 -67.05 -71.93
N VAL VC 280 -11.74 -65.96 -72.65
CA VAL VC 280 -12.79 -65.88 -73.67
C VAL VC 280 -12.35 -66.48 -74.99
N LEU VC 281 -11.13 -66.18 -75.45
CA LEU VC 281 -10.76 -66.51 -76.82
C LEU VC 281 -10.17 -67.91 -76.96
N LEU VC 282 -9.60 -68.48 -75.89
CA LEU VC 282 -9.01 -69.80 -75.98
C LEU VC 282 -10.01 -70.87 -76.40
N PRO VC 283 -11.23 -70.94 -75.82
CA PRO VC 283 -12.22 -71.89 -76.35
C PRO VC 283 -12.67 -71.55 -77.78
N ILE VC 284 -12.93 -70.26 -78.03
CA ILE VC 284 -13.51 -69.86 -79.31
C ILE VC 284 -12.53 -70.10 -80.45
N LEU VC 285 -11.30 -69.62 -80.29
CA LEU VC 285 -10.33 -69.66 -81.39
C LEU VC 285 -9.39 -70.86 -81.29
N GLY VC 286 -8.93 -71.19 -80.10
CA GLY VC 286 -7.99 -72.26 -79.89
C GLY VC 286 -6.67 -71.74 -79.34
N TYR VC 287 -5.75 -72.68 -79.14
CA TYR VC 287 -4.45 -72.37 -78.55
C TYR VC 287 -3.48 -72.00 -79.65
N GLY VC 288 -2.91 -70.79 -79.56
CA GLY VC 288 -1.93 -70.35 -80.52
C GLY VC 288 -2.49 -69.79 -81.81
N ASN VC 289 -3.80 -69.67 -81.92
CA ASN VC 289 -4.42 -69.08 -83.11
C ASN VC 289 -4.67 -67.59 -82.98
N TYR VC 290 -4.27 -66.98 -81.88
CA TYR VC 290 -4.51 -65.57 -81.65
C TYR VC 290 -3.38 -65.00 -80.80
N THR VC 291 -3.23 -63.68 -80.84
CA THR VC 291 -2.38 -62.96 -79.92
C THR VC 291 -3.06 -61.65 -79.55
N ALA VC 292 -2.94 -61.25 -78.30
CA ALA VC 292 -3.60 -60.04 -77.84
C ALA VC 292 -2.75 -59.37 -76.76
N GLN VC 293 -2.70 -58.04 -76.80
CA GLN VC 293 -2.01 -57.26 -75.78
C GLN VC 293 -2.90 -56.09 -75.38
N VAL VC 294 -2.74 -55.66 -74.13
CA VAL VC 294 -3.61 -54.66 -73.53
C VAL VC 294 -2.76 -53.56 -72.93
N ASP VC 295 -3.11 -52.30 -73.23
CA ASP VC 295 -2.49 -51.14 -72.61
C ASP VC 295 -3.53 -50.42 -71.75
N ILE VC 296 -3.17 -50.19 -70.49
CA ILE VC 296 -4.05 -49.49 -69.56
C ILE VC 296 -3.30 -48.29 -69.00
N GLN VC 297 -3.86 -47.10 -69.20
CA GLN VC 297 -3.32 -45.87 -68.65
C GLN VC 297 -4.20 -45.43 -67.50
N MET VC 298 -3.60 -45.21 -66.33
CA MET VC 298 -4.33 -44.88 -65.12
C MET VC 298 -3.89 -43.54 -64.59
N ASP VC 299 -4.84 -42.67 -64.30
CA ASP VC 299 -4.57 -41.39 -63.68
C ASP VC 299 -4.53 -41.57 -62.17
N PHE VC 300 -3.62 -40.85 -61.52
CA PHE VC 300 -3.44 -40.92 -60.08
C PHE VC 300 -3.48 -39.54 -59.46
N SER VC 301 -4.36 -38.67 -59.98
CA SER VC 301 -4.52 -37.35 -59.40
C SER VC 301 -5.21 -37.45 -58.04
N ALA VC 302 -5.34 -36.31 -57.37
CA ALA VC 302 -5.91 -36.22 -56.04
C ALA VC 302 -7.00 -35.16 -56.01
N VAL VC 303 -7.94 -35.25 -56.95
CA VAL VC 303 -9.02 -34.28 -57.03
C VAL VC 303 -9.87 -34.31 -55.77
N GLU VC 304 -10.32 -33.14 -55.34
CA GLU VC 304 -11.15 -33.01 -54.14
C GLU VC 304 -12.00 -31.75 -54.32
N GLN VC 305 -13.28 -31.93 -54.59
CA GLN VC 305 -14.15 -30.84 -55.05
C GLN VC 305 -15.23 -30.55 -54.01
N THR VC 306 -15.59 -29.27 -53.90
CA THR VC 306 -16.68 -28.82 -53.03
C THR VC 306 -17.60 -27.92 -53.85
N ARG VC 307 -18.87 -28.30 -53.95
CA ARG VC 307 -19.83 -27.58 -54.76
C ARG VC 307 -20.93 -27.04 -53.86
N LYS VC 308 -21.27 -25.77 -54.04
CA LYS VC 308 -22.36 -25.12 -53.32
C LYS VC 308 -23.33 -24.56 -54.34
N ARG VC 309 -24.47 -25.22 -54.49
CA ARG VC 309 -25.43 -24.92 -55.53
C ARG VC 309 -26.73 -24.39 -54.91
N PHE VC 310 -27.35 -23.44 -55.59
CA PHE VC 310 -28.60 -22.83 -55.17
C PHE VC 310 -29.68 -23.11 -56.21
N ASP VC 311 -30.89 -22.64 -55.92
CA ASP VC 311 -32.03 -22.82 -56.81
C ASP VC 311 -32.68 -21.46 -57.05
N PRO VC 312 -32.28 -20.75 -58.11
CA PRO VC 312 -32.77 -19.39 -58.31
C PRO VC 312 -34.27 -19.29 -58.53
N ASN VC 313 -34.89 -20.30 -59.10
CA ASN VC 313 -36.26 -20.19 -59.59
C ASN VC 313 -37.33 -20.54 -58.56
N THR VC 314 -36.95 -20.95 -57.35
CA THR VC 314 -37.90 -21.23 -56.27
C THR VC 314 -37.46 -20.56 -54.97
N PRO VC 315 -37.53 -19.24 -54.90
CA PRO VC 315 -37.24 -18.57 -53.64
C PRO VC 315 -38.44 -18.56 -52.71
N ALA VC 316 -38.16 -18.47 -51.41
CA ALA VC 316 -39.19 -18.41 -50.39
C ALA VC 316 -39.02 -17.13 -49.58
N THR VC 317 -40.02 -16.27 -49.61
CA THR VC 317 -39.90 -14.98 -48.92
C THR VC 317 -39.95 -15.19 -47.41
N ARG VC 318 -38.93 -14.67 -46.71
CA ARG VC 318 -38.84 -14.78 -45.26
C ARG VC 318 -39.48 -13.59 -44.56
N SER VC 319 -39.05 -12.38 -44.90
CA SER VC 319 -39.65 -11.14 -44.43
C SER VC 319 -39.90 -10.25 -45.62
N GLU VC 320 -40.84 -9.32 -45.47
CA GLU VC 320 -41.23 -8.49 -46.60
C GLU VC 320 -41.77 -7.16 -46.09
N TYR VC 321 -41.34 -6.08 -46.73
CA TYR VC 321 -41.87 -4.76 -46.49
C TYR VC 321 -42.29 -4.16 -47.83
N ALA VC 322 -43.43 -3.48 -47.84
CA ALA VC 322 -43.96 -2.92 -49.09
C ALA VC 322 -44.73 -1.65 -48.76
N LEU VC 323 -44.19 -0.52 -49.19
CA LEU VC 323 -44.85 0.77 -49.05
C LEU VC 323 -45.27 1.26 -50.43
N GLU VC 324 -46.54 1.66 -50.55
CA GLU VC 324 -47.11 2.06 -51.85
C GLU VC 324 -48.10 3.20 -51.61
N ASP VC 325 -47.63 4.43 -51.78
CA ASP VC 325 -48.47 5.61 -51.57
C ASP VC 325 -48.66 6.36 -52.88
N TYR VC 326 -49.82 7.01 -53.01
CA TYR VC 326 -50.19 7.78 -54.18
C TYR VC 326 -50.52 9.21 -53.75
N ASN VC 327 -50.80 10.06 -54.73
CA ASN VC 327 -51.23 11.43 -54.48
C ASN VC 327 -52.04 11.95 -55.67
N GLY VC 365 -50.46 11.63 -60.78
CA GLY VC 365 -49.78 12.27 -59.67
C GLY VC 365 -48.60 11.46 -59.16
N SER VC 366 -48.15 11.80 -57.95
CA SER VC 366 -47.03 11.10 -57.34
C SER VC 366 -47.40 9.65 -57.07
N VAL VC 367 -46.48 8.74 -57.40
CA VAL VC 367 -46.65 7.32 -57.14
C VAL VC 367 -45.32 6.78 -56.65
N ARG VC 368 -45.23 6.48 -55.36
CA ARG VC 368 -44.00 5.97 -54.75
C ARG VC 368 -44.20 4.51 -54.35
N LYS VC 369 -43.34 3.62 -54.83
CA LYS VC 369 -43.46 2.19 -54.59
C LYS VC 369 -42.15 1.68 -54.00
N GLU VC 370 -42.01 1.77 -52.68
CA GLU VC 370 -40.87 1.21 -52.00
C GLU VC 370 -41.13 -0.26 -51.67
N SER VC 371 -40.06 -1.04 -51.59
CA SER VC 371 -40.18 -2.47 -51.35
C SER VC 371 -38.85 -3.00 -50.83
N THR VC 372 -38.92 -3.89 -49.85
CA THR VC 372 -37.77 -4.59 -49.32
C THR VC 372 -38.16 -6.05 -49.13
N ARG VC 373 -37.28 -6.96 -49.50
CA ARG VC 373 -37.63 -8.38 -49.49
C ARG VC 373 -36.40 -9.21 -49.15
N ASN VC 374 -36.60 -10.20 -48.28
CA ASN VC 374 -35.56 -11.16 -47.93
C ASN VC 374 -36.00 -12.55 -48.33
N PHE VC 375 -35.06 -13.35 -48.85
CA PHE VC 375 -35.40 -14.64 -49.43
C PHE VC 375 -34.60 -15.75 -48.75
N GLU VC 376 -35.16 -16.95 -48.84
CA GLU VC 376 -34.52 -18.19 -48.46
C GLU VC 376 -34.51 -19.10 -49.69
N LEU VC 377 -33.37 -19.75 -49.93
CA LEU VC 377 -33.16 -20.49 -51.17
C LEU VC 377 -32.71 -21.91 -50.86
N ASP VC 378 -33.04 -22.82 -51.77
CA ASP VC 378 -32.57 -24.19 -51.64
C ASP VC 378 -31.06 -24.23 -51.78
N THR VC 379 -30.39 -24.86 -50.82
CA THR VC 379 -28.93 -24.84 -50.74
C THR VC 379 -28.43 -26.28 -50.66
N THR VC 380 -27.69 -26.71 -51.67
CA THR VC 380 -27.05 -28.01 -51.69
C THR VC 380 -25.55 -27.82 -51.57
N ILE VC 381 -24.91 -28.53 -50.65
CA ILE VC 381 -23.47 -28.44 -50.42
C ILE VC 381 -22.92 -29.86 -50.49
N SER VC 382 -22.24 -30.19 -51.58
CA SER VC 382 -21.73 -31.53 -51.81
C SER VC 382 -20.21 -31.51 -51.85
N HIS VC 383 -19.59 -32.34 -51.02
CA HIS VC 383 -18.14 -32.49 -50.99
C HIS VC 383 -17.78 -33.87 -51.53
N GLU VC 384 -17.10 -33.90 -52.67
CA GLU VC 384 -16.72 -35.14 -53.33
C GLU VC 384 -15.20 -35.29 -53.30
N ARG VC 385 -14.75 -36.53 -53.15
CA ARG VC 385 -13.32 -36.83 -53.15
C ARG VC 385 -13.10 -38.03 -54.05
N LYS VC 386 -12.55 -37.79 -55.25
CA LYS VC 386 -12.42 -38.84 -56.24
C LYS VC 386 -11.38 -39.86 -55.81
N GLN VC 387 -11.56 -41.10 -56.24
CA GLN VC 387 -10.54 -42.11 -56.03
C GLN VC 387 -9.30 -41.79 -56.86
N THR VC 388 -8.13 -42.07 -56.27
CA THR VC 388 -6.87 -41.70 -56.88
C THR VC 388 -6.66 -42.35 -58.24
N GLY VC 389 -6.46 -43.67 -58.26
CA GLY VC 389 -6.14 -44.35 -59.50
C GLY VC 389 -7.37 -44.78 -60.29
N THR VC 390 -7.61 -44.13 -61.42
CA THR VC 390 -8.74 -44.45 -62.28
C THR VC 390 -8.26 -44.68 -63.70
N VAL VC 391 -8.80 -45.70 -64.35
CA VAL VC 391 -8.45 -46.01 -65.73
C VAL VC 391 -8.93 -44.87 -66.62
N ALA VC 392 -7.99 -44.07 -67.14
CA ALA VC 392 -8.34 -42.95 -67.99
C ALA VC 392 -8.49 -43.33 -69.45
N ARG VC 393 -7.76 -44.36 -69.89
CA ARG VC 393 -7.84 -44.82 -71.27
C ARG VC 393 -7.41 -46.28 -71.32
N GLN VC 394 -8.08 -47.06 -72.16
CA GLN VC 394 -7.79 -48.48 -72.29
C GLN VC 394 -7.68 -48.83 -73.76
N THR VC 395 -6.60 -49.51 -74.13
CA THR VC 395 -6.34 -49.91 -75.50
C THR VC 395 -6.15 -51.41 -75.55
N VAL VC 396 -6.90 -52.09 -76.42
CA VAL VC 396 -6.81 -53.53 -76.59
C VAL VC 396 -6.69 -53.84 -78.08
N SER VC 397 -5.72 -54.68 -78.44
CA SER VC 397 -5.54 -55.12 -79.81
C SER VC 397 -5.45 -56.64 -79.83
N VAL VC 398 -6.19 -57.26 -80.74
CA VAL VC 398 -6.21 -58.71 -80.90
C VAL VC 398 -5.93 -59.04 -82.36
N ALA VC 399 -5.00 -59.96 -82.58
CA ALA VC 399 -4.64 -60.41 -83.92
C ALA VC 399 -4.94 -61.90 -84.04
N ILE VC 400 -5.66 -62.27 -85.09
CA ILE VC 400 -6.12 -63.63 -85.30
C ILE VC 400 -5.34 -64.23 -86.45
N LYS VC 401 -4.83 -65.45 -86.24
CA LYS VC 401 -4.06 -66.12 -87.27
C LYS VC 401 -4.96 -66.46 -88.46
N ASP VC 402 -4.45 -66.22 -89.65
CA ASP VC 402 -5.18 -66.57 -90.87
C ASP VC 402 -5.08 -68.08 -91.12
N ARG VC 403 -6.08 -68.59 -91.85
CA ARG VC 403 -6.14 -70.00 -92.21
C ARG VC 403 -6.05 -70.90 -90.98
N PRO VC 417 -7.65 -66.32 -94.01
CA PRO VC 417 -8.17 -65.18 -93.24
C PRO VC 417 -9.49 -65.50 -92.55
N MET VC 418 -10.09 -64.49 -91.91
CA MET VC 418 -11.35 -64.63 -91.21
C MET VC 418 -12.35 -63.64 -91.77
N SER VC 419 -13.60 -64.10 -91.92
CA SER VC 419 -14.64 -63.27 -92.53
C SER VC 419 -14.98 -62.08 -91.64
N GLU VC 420 -15.56 -61.06 -92.27
CA GLU VC 420 -15.92 -59.84 -91.55
C GLU VC 420 -16.96 -60.12 -90.47
N SER VC 421 -17.91 -61.02 -90.76
CA SER VC 421 -18.97 -61.32 -89.80
C SER VC 421 -18.39 -61.90 -88.51
N GLU VC 422 -17.47 -62.86 -88.63
CA GLU VC 422 -16.88 -63.46 -87.43
C GLU VC 422 -15.95 -62.48 -86.72
N ILE VC 423 -15.28 -61.61 -87.47
CA ILE VC 423 -14.45 -60.57 -86.84
C ILE VC 423 -15.32 -59.65 -86.00
N ASN VC 424 -16.47 -59.24 -86.54
CA ASN VC 424 -17.36 -58.37 -85.78
C ASN VC 424 -17.99 -59.11 -84.61
N ALA VC 425 -18.26 -60.40 -84.75
CA ALA VC 425 -18.78 -61.18 -83.62
C ALA VC 425 -17.74 -61.26 -82.49
N ILE VC 426 -16.48 -61.50 -82.85
CA ILE VC 426 -15.42 -61.51 -81.84
C ILE VC 426 -15.30 -60.14 -81.19
N ARG VC 427 -15.41 -59.08 -81.99
CA ARG VC 427 -15.38 -57.73 -81.43
C ARG VC 427 -16.53 -57.51 -80.45
N GLN VC 428 -17.71 -58.02 -80.79
CA GLN VC 428 -18.86 -57.89 -79.88
C GLN VC 428 -18.63 -58.64 -78.58
N VAL VC 429 -18.04 -59.83 -78.66
CA VAL VC 429 -17.74 -60.57 -77.44
C VAL VC 429 -16.74 -59.81 -76.58
N LEU VC 430 -15.69 -59.28 -77.21
CA LEU VC 430 -14.68 -58.52 -76.48
C LEU VC 430 -15.30 -57.29 -75.81
N ILE VC 431 -16.23 -56.63 -76.51
CA ILE VC 431 -16.99 -55.54 -75.92
C ILE VC 431 -17.93 -56.15 -74.88
N GLY VC 432 -17.54 -56.05 -73.61
CA GLY VC 432 -18.23 -56.79 -72.57
C GLY VC 432 -17.27 -57.76 -71.90
N THR VC 433 -16.42 -58.42 -72.69
CA THR VC 433 -15.32 -59.15 -72.09
C THR VC 433 -14.36 -58.20 -71.39
N VAL VC 434 -14.04 -57.06 -72.03
CA VAL VC 434 -13.11 -56.11 -71.46
C VAL VC 434 -13.80 -54.93 -70.80
N GLY VC 435 -15.05 -54.64 -71.16
CA GLY VC 435 -15.72 -53.45 -70.67
C GLY VC 435 -15.41 -52.25 -71.52
N PHE VC 436 -15.57 -52.40 -72.84
CA PHE VC 436 -15.25 -51.33 -73.76
C PHE VC 436 -16.07 -50.08 -73.47
N ASP VC 437 -15.40 -48.94 -73.41
CA ASP VC 437 -16.02 -47.65 -73.08
C ASP VC 437 -15.47 -46.61 -74.04
N GLN VC 438 -16.18 -46.41 -75.16
CA GLN VC 438 -15.71 -45.48 -76.17
C GLN VC 438 -15.70 -44.04 -75.66
N GLY VC 439 -16.69 -43.68 -74.84
CA GLY VC 439 -16.74 -42.34 -74.29
C GLY VC 439 -15.56 -41.99 -73.42
N ARG VC 440 -14.89 -43.01 -72.87
CA ARG VC 440 -13.66 -42.79 -72.10
C ARG VC 440 -12.45 -42.60 -72.99
N GLY VC 441 -12.58 -42.84 -74.30
CA GLY VC 441 -11.45 -42.80 -75.19
C GLY VC 441 -10.81 -44.15 -75.45
N ASP VC 442 -11.42 -45.24 -75.00
CA ASP VC 442 -10.86 -46.56 -75.19
C ASP VC 442 -10.87 -46.94 -76.66
N LEU VC 443 -10.00 -47.88 -77.01
CA LEU VC 443 -9.82 -48.32 -78.39
C LEU VC 443 -9.67 -49.83 -78.43
N LEU VC 444 -10.34 -50.45 -79.40
CA LEU VC 444 -10.33 -51.90 -79.54
C LEU VC 444 -10.11 -52.24 -81.00
N ASN VC 445 -8.96 -52.82 -81.32
CA ASN VC 445 -8.63 -53.25 -82.67
C ASN VC 445 -8.67 -54.76 -82.74
N VAL VC 446 -9.35 -55.29 -83.75
CA VAL VC 446 -9.36 -56.73 -84.03
C VAL VC 446 -8.95 -56.91 -85.49
N LEU VC 447 -7.84 -57.59 -85.73
CA LEU VC 447 -7.30 -57.76 -87.06
C LEU VC 447 -7.08 -59.25 -87.34
N SER VC 448 -7.05 -59.59 -88.62
CA SER VC 448 -6.70 -60.93 -89.08
C SER VC 448 -5.37 -60.85 -89.81
N VAL VC 449 -4.32 -61.40 -89.20
CA VAL VC 449 -2.97 -61.30 -89.72
C VAL VC 449 -2.43 -62.70 -89.98
N LYS VC 450 -1.31 -62.75 -90.69
CA LYS VC 450 -0.66 -64.01 -91.06
C LYS VC 450 0.47 -64.29 -90.09
N PHE VC 451 0.28 -65.30 -89.24
CA PHE VC 451 1.32 -65.71 -88.32
C PHE VC 451 2.42 -66.46 -89.08
N ALA VC 452 3.66 -66.26 -88.65
CA ALA VC 452 4.80 -66.92 -89.27
C ALA VC 452 5.14 -68.21 -88.54
N GLY WC 2 -49.76 -6.03 -25.28
CA GLY WC 2 -49.23 -6.91 -26.34
C GLY WC 2 -48.30 -7.96 -25.71
N LEU WC 3 -48.21 -9.14 -26.32
CA LEU WC 3 -47.37 -10.23 -25.76
C LEU WC 3 -46.27 -10.63 -26.74
N SER WC 4 -45.05 -10.15 -26.53
CA SER WC 4 -43.91 -10.56 -27.38
C SER WC 4 -43.68 -12.06 -27.18
N ARG WC 5 -44.59 -12.72 -26.45
CA ARG WC 5 -44.52 -14.18 -26.22
C ARG WC 5 -44.11 -14.89 -27.51
N THR WC 6 -44.64 -14.45 -28.66
CA THR WC 6 -44.32 -15.09 -29.95
C THR WC 6 -42.80 -15.10 -30.15
N ASP WC 7 -42.23 -16.26 -30.49
CA ASP WC 7 -40.78 -16.37 -30.70
C ASP WC 7 -40.34 -15.41 -31.81
N GLY WC 8 -41.30 -14.94 -32.62
CA GLY WC 8 -40.97 -14.02 -33.74
C GLY WC 8 -41.74 -12.70 -33.57
N ARG WC 9 -42.15 -12.38 -32.34
CA ARG WC 9 -42.91 -11.14 -32.09
C ARG WC 9 -42.10 -9.94 -32.56
N HIS WC 10 -42.73 -9.10 -33.40
CA HIS WC 10 -42.05 -7.90 -33.94
C HIS WC 10 -42.96 -6.70 -33.70
N ILE WC 11 -44.26 -6.90 -33.92
CA ILE WC 11 -45.21 -5.80 -33.65
C ILE WC 11 -44.75 -5.05 -32.40
N PRO WC 12 -44.40 -5.79 -31.35
CA PRO WC 12 -43.92 -5.18 -30.08
C PRO WC 12 -44.99 -4.27 -29.49
N ALA WC 13 -45.13 -3.05 -30.01
CA ALA WC 13 -46.13 -2.08 -29.50
C ALA WC 13 -47.35 -2.85 -28.95
N ARG XC 5 9.93 11.56 -52.00
CA ARG XC 5 9.84 10.09 -52.10
C ARG XC 5 11.24 9.47 -51.96
N THR XC 6 12.28 10.31 -51.95
CA THR XC 6 13.68 9.81 -51.84
C THR XC 6 14.29 10.28 -50.52
N ASP XC 7 15.56 10.70 -50.55
CA ASP XC 7 16.24 11.20 -49.32
C ASP XC 7 15.88 12.66 -49.10
N GLY XC 8 16.72 13.41 -48.35
CA GLY XC 8 16.47 14.86 -48.20
C GLY XC 8 16.02 15.39 -49.56
N ARG XC 9 14.74 15.72 -49.72
CA ARG XC 9 14.28 16.07 -51.08
C ARG XC 9 12.92 16.78 -50.99
N HIS XC 10 12.06 16.58 -51.99
CA HIS XC 10 10.72 17.21 -51.99
C HIS XC 10 9.68 16.17 -52.44
N ILE XC 11 8.86 16.51 -53.44
CA ILE XC 11 7.87 15.56 -53.98
C ILE XC 11 7.07 14.93 -52.84
N PRO XC 12 6.41 15.74 -52.03
CA PRO XC 12 5.57 15.21 -50.93
C PRO XC 12 4.23 14.75 -51.52
N ALA XC 13 4.22 13.60 -52.22
CA ALA XC 13 2.98 13.09 -52.85
C ALA XC 13 1.76 13.69 -52.17
N SER YC 4 23.87 43.85 -16.64
CA SER YC 4 25.07 44.04 -17.47
C SER YC 4 26.08 44.91 -16.72
N ARG YC 5 25.86 45.12 -15.42
CA ARG YC 5 26.81 45.91 -14.61
C ARG YC 5 27.83 44.96 -13.96
N THR YC 6 28.82 45.51 -13.25
CA THR YC 6 29.87 44.68 -12.62
C THR YC 6 29.26 43.82 -11.52
N ASP YC 7 29.91 42.69 -11.22
CA ASP YC 7 29.38 41.77 -10.18
C ASP YC 7 30.05 42.03 -8.83
N GLY YC 8 29.40 42.84 -7.97
CA GLY YC 8 29.94 43.13 -6.63
C GLY YC 8 28.79 43.20 -5.62
N ARG YC 9 29.04 42.83 -4.37
CA ARG YC 9 27.99 42.88 -3.32
C ARG YC 9 27.74 44.34 -2.93
N HIS YC 10 26.56 44.63 -2.36
CA HIS YC 10 26.21 46.00 -1.94
C HIS YC 10 26.37 46.96 -3.12
N ILE YC 11 26.14 46.48 -4.35
CA ILE YC 11 26.19 47.36 -5.54
C ILE YC 11 24.77 47.59 -6.04
N PRO YC 12 24.22 48.78 -5.80
CA PRO YC 12 22.83 49.07 -6.20
C PRO YC 12 22.66 48.88 -7.70
N ALA YC 13 23.60 49.39 -8.50
CA ALA YC 13 23.54 49.26 -9.98
C ALA YC 13 22.52 48.17 -10.36
N SER ZC 4 -4.38 48.68 23.89
CA SER ZC 4 -5.21 48.44 25.10
C SER ZC 4 -5.32 46.93 25.34
N ARG ZC 5 -4.56 46.41 26.30
CA ARG ZC 5 -4.65 44.97 26.65
C ARG ZC 5 -4.06 44.77 28.05
N THR ZC 6 -4.79 44.10 28.94
CA THR ZC 6 -4.28 43.83 30.32
C THR ZC 6 -5.32 43.03 31.10
N ASP ZC 7 -5.00 42.64 32.34
CA ASP ZC 7 -6.00 41.95 33.21
C ASP ZC 7 -6.47 40.65 32.54
N GLY ZC 8 -7.69 40.21 32.86
CA GLY ZC 8 -8.25 39.00 32.22
C GLY ZC 8 -9.65 39.30 31.72
N ARG ZC 9 -10.34 40.26 32.33
CA ARG ZC 9 -11.63 40.72 31.77
C ARG ZC 9 -11.27 41.89 30.86
N HIS ZC 10 -10.97 43.07 31.44
CA HIS ZC 10 -10.49 44.25 30.68
C HIS ZC 10 -11.21 44.48 29.34
N ILE ZC 11 -12.17 45.41 29.31
CA ILE ZC 11 -12.81 45.75 28.02
C ILE ZC 11 -11.72 46.24 27.06
N PRO ZC 12 -11.09 45.33 26.33
CA PRO ZC 12 -9.96 45.70 25.44
C PRO ZC 12 -10.47 46.57 24.28
N ALA ZC 13 -9.64 47.50 23.81
CA ALA ZC 13 -10.05 48.41 22.71
C ALA ZC 13 -11.06 47.70 21.80
N ILE AD 1 -45.14 22.10 19.76
CA ILE AD 1 -45.37 22.81 18.48
C ILE AD 1 -46.53 22.15 17.75
N GLY AD 2 -46.58 20.81 17.80
CA GLY AD 2 -47.63 20.06 17.09
C GLY AD 2 -48.35 19.11 18.05
N LEU AD 3 -49.15 18.20 17.49
CA LEU AD 3 -49.92 17.25 18.34
C LEU AD 3 -49.09 16.01 18.62
N SER AD 4 -49.75 14.94 19.06
CA SER AD 4 -49.05 13.66 19.30
C SER AD 4 -50.09 12.55 19.24
N ARG AD 5 -49.69 11.37 18.77
CA ARG AD 5 -50.64 10.25 18.62
C ARG AD 5 -49.93 8.95 19.02
N THR AD 6 -50.63 8.07 19.72
CA THR AD 6 -50.00 6.82 20.18
C THR AD 6 -49.09 6.29 19.07
N ASP AD 7 -49.68 5.92 17.93
CA ASP AD 7 -48.91 5.43 16.77
C ASP AD 7 -49.91 4.85 15.77
N GLY AD 8 -50.92 4.15 16.26
CA GLY AD 8 -51.88 3.49 15.34
C GLY AD 8 -52.43 4.53 14.37
N ARG AD 9 -52.16 4.37 13.07
CA ARG AD 9 -52.69 5.30 12.06
C ARG AD 9 -52.79 6.69 12.68
N HIS AD 10 -51.66 7.28 13.05
CA HIS AD 10 -51.64 8.59 13.74
C HIS AD 10 -51.73 9.74 12.74
N ILE AD 11 -52.68 10.66 12.91
CA ILE AD 11 -52.74 11.87 12.06
C ILE AD 11 -52.10 13.02 12.85
N PRO AD 12 -51.11 13.71 12.29
CA PRO AD 12 -50.40 14.73 13.11
C PRO AD 12 -50.47 16.12 12.48
N ALA AD 13 -50.28 17.16 13.29
CA ALA AD 13 -50.27 18.56 12.78
C ALA AD 13 -49.56 19.46 13.80
N VAL BD 1 39.51 37.41 13.48
CA VAL BD 1 38.31 36.58 13.72
C VAL BD 1 37.69 36.17 12.38
N ASP BD 2 36.38 36.39 12.23
CA ASP BD 2 35.69 35.99 10.98
C ASP BD 2 36.33 36.69 9.78
N GLY BD 3 36.61 37.99 9.91
CA GLY BD 3 37.21 38.78 8.80
C GLY BD 3 38.59 38.21 8.45
N ILE BD 4 39.40 37.89 9.46
CA ILE BD 4 40.74 37.33 9.21
C ILE BD 4 40.61 35.97 8.50
N GLN BD 5 39.62 35.18 8.90
CA GLN BD 5 39.41 33.85 8.28
C GLN BD 5 39.00 34.06 6.81
N ALA BD 6 38.17 35.07 6.55
CA ALA BD 6 37.75 35.39 5.16
C ALA BD 6 38.99 35.78 4.35
N GLU BD 7 39.88 36.56 4.95
CA GLU BD 7 41.12 36.98 4.26
C GLU BD 7 41.96 35.74 3.94
N MET BD 8 42.05 34.81 4.89
CA MET BD 8 42.84 33.58 4.66
C MET BD 8 42.21 32.78 3.52
N ARG BD 9 40.88 32.72 3.47
CA ARG BD 9 40.17 31.97 2.42
C ARG BD 9 40.44 32.63 1.06
N ALA BD 10 40.48 33.97 1.05
CA ALA BD 10 40.77 34.71 -0.20
C ALA BD 10 42.21 34.40 -0.66
N MET BD 11 43.14 34.31 0.29
CA MET BD 11 44.54 33.97 -0.06
C MET BD 11 44.58 32.54 -0.61
N MET BD 12 43.76 31.65 -0.04
CA MET BD 12 43.70 30.25 -0.52
C MET BD 12 43.16 30.25 -1.95
N VAL BD 13 42.16 31.10 -2.21
CA VAL BD 13 41.60 31.21 -3.57
C VAL BD 13 42.71 31.67 -4.51
N GLU BD 14 43.50 32.65 -4.07
CA GLU BD 14 44.64 33.12 -4.89
C GLU BD 14 45.55 31.93 -5.20
N ALA BD 15 45.92 31.16 -4.18
CA ALA BD 15 46.86 30.04 -4.39
C ALA BD 15 46.26 29.04 -5.39
N THR BD 16 44.96 28.76 -5.28
CA THR BD 16 44.31 27.77 -6.16
C THR BD 16 44.33 28.30 -7.60
N ASN BD 17 44.00 29.58 -7.80
CA ASN BD 17 44.01 30.18 -9.14
C ASN BD 17 45.44 30.08 -9.71
N VAL CD 1 36.90 8.06 -40.45
CA VAL CD 1 36.01 8.47 -39.34
C VAL CD 1 34.55 8.25 -39.74
N ASP CD 2 33.71 9.27 -39.58
CA ASP CD 2 32.28 9.14 -39.90
C ASP CD 2 32.11 8.75 -41.37
N GLY CD 3 32.87 9.39 -42.27
CA GLY CD 3 32.75 9.11 -43.72
C GLY CD 3 33.16 7.67 -44.01
N ILE CD 4 34.24 7.20 -43.38
CA ILE CD 4 34.69 5.80 -43.59
C ILE CD 4 33.61 4.84 -43.08
N GLN CD 5 32.98 5.17 -41.96
CA GLN CD 5 31.92 4.31 -41.38
C GLN CD 5 30.74 4.28 -42.36
N ALA CD 6 30.42 5.41 -42.96
CA ALA CD 6 29.31 5.49 -43.95
C ALA CD 6 29.68 4.60 -45.14
N GLU CD 7 30.94 4.64 -45.57
CA GLU CD 7 31.38 3.79 -46.70
C GLU CD 7 31.22 2.32 -46.33
N MET CD 8 31.59 1.96 -45.10
CA MET CD 8 31.46 0.56 -44.65
C MET CD 8 29.98 0.16 -44.65
N ARG CD 9 29.10 1.06 -44.22
CA ARG CD 9 27.65 0.77 -44.17
C ARG CD 9 27.14 0.58 -45.60
N ALA CD 10 27.65 1.38 -46.54
CA ALA CD 10 27.24 1.25 -47.97
C ALA CD 10 27.70 -0.11 -48.50
N MET CD 11 28.90 -0.54 -48.12
CA MET CD 11 29.40 -1.87 -48.55
C MET CD 11 28.51 -2.96 -47.95
N MET CD 12 28.06 -2.76 -46.71
CA MET CD 12 27.18 -3.74 -46.03
C MET CD 12 25.85 -3.79 -46.79
N VAL CD 13 25.37 -2.63 -47.25
CA VAL CD 13 24.12 -2.56 -48.04
C VAL CD 13 24.34 -3.37 -49.32
N GLU CD 14 25.50 -3.18 -49.95
CA GLU CD 14 25.82 -3.96 -51.17
C GLU CD 14 25.72 -5.44 -50.85
N ALA CD 15 26.37 -5.89 -49.77
CA ALA CD 15 26.39 -7.32 -49.43
C ALA CD 15 24.96 -7.83 -49.21
N THR CD 16 24.12 -7.03 -48.53
CA THR CD 16 22.73 -7.46 -48.23
C THR CD 16 21.95 -7.58 -49.53
N ASN CD 17 22.10 -6.61 -50.44
CA ASN CD 17 21.40 -6.66 -51.74
C ASN CD 17 21.85 -7.91 -52.49
N VAL DD 1 -12.96 -25.29 -47.65
CA VAL DD 1 -12.66 -23.99 -47.02
C VAL DD 1 -13.94 -23.42 -46.38
N ASP DD 2 -14.27 -22.15 -46.70
CA ASP DD 2 -15.46 -21.51 -46.10
C ASP DD 2 -16.71 -22.32 -46.46
N GLY DD 3 -16.83 -22.75 -47.72
CA GLY DD 3 -18.02 -23.52 -48.17
C GLY DD 3 -18.11 -24.84 -47.41
N ILE DD 4 -16.98 -25.53 -47.24
CA ILE DD 4 -16.97 -26.81 -46.50
C ILE DD 4 -17.39 -26.57 -45.05
N GLN DD 5 -16.92 -25.46 -44.46
CA GLN DD 5 -17.28 -25.13 -43.06
C GLN DD 5 -18.78 -24.87 -42.98
N ALA DD 6 -19.33 -24.19 -43.98
CA ALA DD 6 -20.79 -23.91 -44.03
C ALA DD 6 -21.53 -25.24 -44.10
N GLU DD 7 -21.03 -26.18 -44.91
CA GLU DD 7 -21.67 -27.51 -45.03
C GLU DD 7 -21.65 -28.20 -43.67
N MET DD 8 -20.52 -28.12 -42.97
CA MET DD 8 -20.39 -28.77 -41.64
C MET DD 8 -21.40 -28.13 -40.68
N ARG DD 9 -21.56 -26.80 -40.75
CA ARG DD 9 -22.50 -26.09 -39.85
C ARG DD 9 -23.92 -26.54 -40.18
N ALA DD 10 -24.23 -26.74 -41.46
CA ALA DD 10 -25.57 -27.21 -41.87
C ALA DD 10 -25.80 -28.62 -41.33
N MET DD 11 -24.78 -29.47 -41.36
CA MET DD 11 -24.90 -30.83 -40.81
C MET DD 11 -25.13 -30.75 -39.29
N MET DD 12 -24.48 -29.79 -38.64
CA MET DD 12 -24.65 -29.60 -37.19
C MET DD 12 -26.09 -29.15 -36.92
N VAL DD 13 -26.63 -28.30 -37.79
CA VAL DD 13 -28.03 -27.86 -37.65
C VAL DD 13 -28.93 -29.08 -37.78
N GLU DD 14 -28.63 -29.95 -38.75
CA GLU DD 14 -29.41 -31.20 -38.91
C GLU DD 14 -29.38 -31.97 -37.60
N ALA DD 15 -28.19 -32.18 -37.04
CA ALA DD 15 -28.06 -32.98 -35.80
C ALA DD 15 -28.88 -32.34 -34.68
N THR DD 16 -28.84 -31.01 -34.56
CA THR DD 16 -29.56 -30.31 -33.47
C THR DD 16 -31.07 -30.49 -33.66
N ASN DD 17 -31.55 -30.34 -34.89
CA ASN DD 17 -32.99 -30.53 -35.19
C ASN DD 17 -33.38 -31.96 -34.81
N VAL ED 1 -42.62 -30.98 -20.63
CA VAL ED 1 -41.50 -30.02 -20.72
C VAL ED 1 -41.79 -28.81 -19.83
N ASP ED 2 -41.65 -27.60 -20.37
CA ASP ED 2 -41.87 -26.37 -19.58
C ASP ED 2 -43.29 -26.36 -19.02
N GLY ED 3 -44.28 -26.73 -19.84
CA GLY ED 3 -45.70 -26.73 -19.41
C GLY ED 3 -45.90 -27.73 -18.28
N ILE ED 4 -45.31 -28.92 -18.40
CA ILE ED 4 -45.43 -29.95 -17.34
C ILE ED 4 -44.79 -29.43 -16.05
N GLN ED 5 -43.65 -28.74 -16.17
CA GLN ED 5 -42.95 -28.20 -14.98
C GLN ED 5 -43.85 -27.14 -14.34
N ALA ED 6 -44.52 -26.33 -15.15
CA ALA ED 6 -45.44 -25.29 -14.63
C ALA ED 6 -46.58 -25.99 -13.88
N GLU ED 7 -47.09 -27.09 -14.44
CA GLU ED 7 -48.17 -27.83 -13.78
C GLU ED 7 -47.67 -28.36 -12.42
N MET ED 8 -46.45 -28.88 -12.39
CA MET ED 8 -45.89 -29.41 -11.12
C MET ED 8 -45.77 -28.26 -10.11
N ARG ED 9 -45.36 -27.09 -10.57
CA ARG ED 9 -45.19 -25.93 -9.67
C ARG ED 9 -46.56 -25.52 -9.13
N ALA ED 10 -47.59 -25.60 -9.97
CA ALA ED 10 -48.97 -25.26 -9.54
C ALA ED 10 -49.43 -26.27 -8.48
N MET ED 11 -49.10 -27.54 -8.67
CA MET ED 11 -49.45 -28.58 -7.67
C MET ED 11 -48.71 -28.30 -6.37
N MET ED 12 -47.47 -27.82 -6.47
CA MET ED 12 -46.68 -27.50 -5.26
C MET ED 12 -47.34 -26.32 -4.56
N VAL ED 13 -47.85 -25.35 -5.32
CA VAL ED 13 -48.56 -24.19 -4.74
C VAL ED 13 -49.79 -24.72 -4.01
N GLU ED 14 -50.50 -25.67 -4.63
CA GLU ED 14 -51.67 -26.27 -3.97
C GLU ED 14 -51.23 -26.87 -2.63
N ALA ED 15 -50.17 -27.67 -2.63
CA ALA ED 15 -49.72 -28.34 -1.39
C ALA ED 15 -49.38 -27.29 -0.32
N THR ED 16 -48.71 -26.20 -0.73
CA THR ED 16 -48.30 -25.16 0.25
C THR ED 16 -49.53 -24.49 0.83
N ASN ED 17 -50.52 -24.16 -0.01
CA ASN ED 17 -51.76 -23.53 0.47
C ASN ED 17 -52.44 -24.48 1.46
N VAL FD 1 -52.39 -13.54 20.31
CA VAL FD 1 -51.20 -13.97 19.53
C VAL FD 1 -50.08 -12.95 19.70
N ASP FD 2 -49.49 -12.49 18.58
CA ASP FD 2 -48.37 -11.52 18.65
C ASP FD 2 -48.83 -10.26 19.38
N GLY FD 3 -50.02 -9.76 19.07
CA GLY FD 3 -50.54 -8.52 19.69
C GLY FD 3 -50.71 -8.72 21.20
N ILE FD 4 -51.25 -9.87 21.61
CA ILE FD 4 -51.44 -10.17 23.04
C ILE FD 4 -50.07 -10.24 23.73
N GLN FD 5 -49.08 -10.82 23.06
CA GLN FD 5 -47.72 -10.93 23.64
C GLN FD 5 -47.14 -9.52 23.80
N ALA FD 6 -47.38 -8.65 22.81
CA ALA FD 6 -46.91 -7.25 22.89
C ALA FD 6 -47.57 -6.56 24.08
N GLU FD 7 -48.87 -6.82 24.28
CA GLU FD 7 -49.59 -6.22 25.43
C GLU FD 7 -48.96 -6.71 26.74
N MET FD 8 -48.63 -8.00 26.80
CA MET FD 8 -48.02 -8.56 28.03
C MET FD 8 -46.66 -7.89 28.27
N ARG FD 9 -45.90 -7.67 27.19
CA ARG FD 9 -44.56 -7.04 27.31
C ARG FD 9 -44.73 -5.61 27.80
N ALA FD 10 -45.77 -4.91 27.33
CA ALA FD 10 -46.05 -3.54 27.77
C ALA FD 10 -46.40 -3.54 29.26
N MET FD 11 -47.17 -4.53 29.70
CA MET FD 11 -47.52 -4.64 31.14
C MET FD 11 -46.24 -4.90 31.94
N MET FD 12 -45.32 -5.70 31.38
CA MET FD 12 -44.05 -6.00 32.07
C MET FD 12 -43.24 -4.70 32.18
N VAL FD 13 -43.28 -3.88 31.13
CA VAL FD 13 -42.58 -2.58 31.15
C VAL FD 13 -43.19 -1.73 32.26
N GLU FD 14 -44.51 -1.74 32.36
CA GLU FD 14 -45.18 -1.00 33.45
C GLU FD 14 -44.64 -1.48 34.78
N ALA FD 15 -44.61 -2.80 35.00
CA ALA FD 15 -44.16 -3.34 36.31
C ALA FD 15 -42.71 -2.90 36.58
N THR FD 16 -41.84 -2.93 35.56
CA THR FD 16 -40.42 -2.56 35.75
C THR FD 16 -40.32 -1.09 36.12
N ASN FD 17 -41.07 -0.23 35.43
CA ASN FD 17 -41.05 1.22 35.74
C ASN FD 17 -41.53 1.41 37.17
N VAL GD 1 -8.05 26.50 45.82
CA VAL GD 1 -8.85 27.11 44.73
C VAL GD 1 -8.17 28.38 44.25
N ASP GD 2 -8.92 29.48 44.17
CA ASP GD 2 -8.36 30.76 43.68
C ASP GD 2 -7.18 31.17 44.55
N GLY GD 3 -7.32 31.06 45.87
CA GLY GD 3 -6.24 31.48 46.81
C GLY GD 3 -5.00 30.61 46.58
N ILE GD 4 -5.19 29.30 46.42
CA ILE GD 4 -4.04 28.38 46.19
C ILE GD 4 -3.36 28.77 44.86
N GLN GD 5 -4.15 29.11 43.84
CA GLN GD 5 -3.58 29.49 42.53
C GLN GD 5 -2.79 30.78 42.70
N ALA GD 6 -3.29 31.71 43.50
CA ALA GD 6 -2.57 32.98 43.77
C ALA GD 6 -1.25 32.66 44.46
N GLU GD 7 -1.26 31.72 45.41
CA GLU GD 7 -0.03 31.31 46.12
C GLU GD 7 0.96 30.74 45.10
N MET GD 8 0.47 29.90 44.19
CA MET GD 8 1.36 29.29 43.17
C MET GD 8 1.96 30.40 42.29
N ARG GD 9 1.16 31.40 41.94
CA ARG GD 9 1.63 32.51 41.09
C ARG GD 9 2.70 33.30 41.84
N ALA GD 10 2.51 33.48 43.16
CA ALA GD 10 3.51 34.20 43.99
C ALA GD 10 4.81 33.40 44.02
N MET GD 11 4.71 32.07 44.12
CA MET GD 11 5.93 31.21 44.10
C MET GD 11 6.61 31.34 42.75
N MET GD 12 5.82 31.45 41.67
CA MET GD 12 6.38 31.60 40.31
C MET GD 12 7.11 32.94 40.24
N VAL GD 13 6.53 33.98 40.86
CA VAL GD 13 7.18 35.30 40.89
C VAL GD 13 8.51 35.16 41.63
N GLU GD 14 8.50 34.43 42.74
CA GLU GD 14 9.76 34.20 43.49
C GLU GD 14 10.78 33.56 42.55
N ALA GD 15 10.39 32.50 41.84
CA ALA GD 15 11.34 31.79 40.96
C ALA GD 15 11.88 32.75 39.89
N THR GD 16 11.02 33.60 39.33
CA THR GD 16 11.44 34.51 38.25
C THR GD 16 12.44 35.53 38.82
N ASN GD 17 12.15 36.08 40.00
CA ASN GD 17 13.07 37.04 40.65
C ASN GD 17 14.42 36.35 40.88
#